data_9MLI
#
_entry.id   9MLI
#
_cell.length_a   1.00
_cell.length_b   1.00
_cell.length_c   1.00
_cell.angle_alpha   90.00
_cell.angle_beta   90.00
_cell.angle_gamma   90.00
#
_symmetry.space_group_name_H-M   'P 1'
#
_entity_poly.entity_id   1
_entity_poly.type   'polypeptide(L)'
_entity_poly.pdbx_seq_one_letter_code
;MYSTAVLLNKISPTRDGQTMTLADLQYLSFSELRKIFDDQLSWGEARHLYHETIEQKKNNRLLEARIFTRANPQLSGAIR
LGIERDSVSRSYDEMFGARSSSFVKPGSVASMFSPAGYLTELYREAKDLHFSSSAYHLDNRRPDLADLTLSQSNMDTEIS
TLTLSNELLLEHITRKTGGDSDALMESLSTYRQAIDTPYHQPYETIRQVIMTHDSTLSALSRNPEVMGQAEGASLLAILA
NISPELYNILTEEITEKNADALFAQNFSENITPENFASQSWIAKYYGLELSEVQKYLGMLQNGYSDSTSAYVDNISTGLV
VNNESKLEAYKITRVKTDDYDKNINYFDLMYEGNNQFFIRANFKVSREFGATLRKNAGPSGIVGSLSGPLIANTNFKSNY
LSNISDSEYKNGVKIYAYRYTSSTSATNQGGGIFTFESYPLTIFALKLNKAIRLCLTSGLSPNELQTIVRSDNAQGIIND
SVLTKVFYTLFYSHRYALSFDDAQVLNGSVINQYADDDSVSHFNRLFNTPPLKGKIFEADGNTVSIDPDEEQSTFARSAL
MRGLGVNSGELYQLGKLAGVLDAQNTITLSVFVISSLYRLTLLARVHQLTVNELCMLYGLSPFNGKTTASLSSGELPRLV
IWLYQVTQWLTEAEITTEAIWLLCTPEFSGNISPEISNLLNNLRPSISEDMAQSHNRELQAEILAPFIAATLHLASPDMA
RYILLWTDNLRPGGLDIAGFMTLVLKESLNANETTQLVQFCHVMAQLSLSVQTLRLSEAELSVLVISGFAVLGAKNQPAG
QHNIDTLFSLYRFHQWINGLGNPGSDTLDMLRQQTLTADRLASVMGLDISMVTQAMVSAGVNQLQCWQDINTVLQWIDVA
SALHTMPSVIRTLVNIRYVTALNKAESNLPSWDEWQTLAENMEAGLSTQQAQTLADYTAERLSSVLCNWFLANIQPEGVS
LHSRDDLYSYFLIDNQVSSAIKTTRLAEAIAGIQLYINRALNRIEPNARADVSTRQFFTDWTVNNRYSTWGGVSRLVYYP
ENYIDPTQRIGQTRMMDELLENISQSKLSRDTVEDAFKTYLTRFETVADLKVVSAYHDNVNSNTGLTWFVGQTRENLPEY
YWRNVDISRMQAGELAANAWKEWTKIDTAVNPYKDAIRPVIFRERLHLIWVEKEEVAKNGTDPVETYDRFTLKLAFLRHD
GSWSAPWSYDITTQVEAVTDKKPDTERLALAASGFQGEDTLLVFVYKTGKSYSDFGGSNKNVAGMTIYGDGSFKKMENTA
LSRYSQLKNTFDIIHTQGNDLVRKASYRFAQDFEVPASLNMGSAIGDDSLTVMENGNIPQITSKYSSDNLAITLHNAAFT
VRYDGSGNVIRNKQISAMKLTGVDGKSQYGNAFIIANTVKHYGGYSDLGGPITVYNKTKNYIASVQGHLMNADYTRRLIL
TPVENNYYARLFEFPFSPNTILNTVFTVGSNKTSDFKKCSYAVDGNNSQGFQIFSSYQSSGWLDIDTGINNTDIKITVMA
GSKTHTFTASDHIASLPANSFDAMPYTFKPLEIDASSLAFTNNIAPLDIVFETKAKDGRVLGKIKQTLSVKRVNYNPEDI
LFLRETHSGAQYMQLGVYRIRLNTLLASQLVSRANTGIDTILTMETQRLPEPPLGEGFYATFVIPPYNLSTHGDERWFKL
YIKHVVDNNSHIIYSGQLTDTNINITLFIPLDDVPLNQDYHAKVYMTFKKSPSDGTWWGPHFVRDDKGIVTINPKSILTH
FESVNVLNNYSAPMDFNSASALYYWELFYYTPMMCFQRLLQEKQFDEATQWINYVYNPAGYIVNGEIAPWIWNCRPLEET
TSWNANPLDAIDPDAVAQNDPMHYKIATFMRLLDQLILRGDMAYRELTRDALNEAKMWYVRTLELLGDEPEDYGSQQWAA
PSLSGAASQTVQAAYQQDLTMLGRGGVSKNLRTANSLVGLFLPEYNPALTDYWQTLRLRLFNLRHNLSIDGQPLSLAIYA
EPTDPKALLTSMVQASQGGSAVLPGTLSLYRFPVMLERTRNLVAQLTQFGTSLLSMAEHDDADELTTLLLQQGMELATQS
IRIQQRTVDEVDADIAVLAESRRSAQNRLEKYQQLYDEDINHGEQRAMSLLDAAAGQSLAGQVLSIAEGVADLVPNVFGL
ACGGSRWGAALRASASVMSLSATASQYSADKISRSEAYRRRRQEWEIQRDNADGEVKQMDAQLESLKIRREAAQMQVEYQ
ETQQAHTQAQLELLQRKFTNKALYSWMRGKLSAIYYQFFDLTQSFCLMAQEALRRELTDNGVTFIRGGAWNGTTAGLMAG
ETLLLNLAEMEKVWLERDERALEVTRTVSLAQFYQALSSDNFNLTEKLTQFLREGKGNVGASGNELKLSNRQIEASVRLS
DLKIFSDYPESLGNTRQLKQVSVTLPALVGPYEDIRAVLNYGGSIVMPRGCSAIALSHGVNDSGQFMLDFNDSRYLPFEG
ISVNDSGSLTLSFPDATDRQKALLESLSDIILHIRYTIRSENLYFQGDYKDDDDKLEHHHHHH
;
_entity_poly.pdbx_strand_id   A,B,C,D,E
#
# COMPACT_ATOMS: atom_id res chain seq x y z
N MET A 1 -42.24 32.54 62.57
CA MET A 1 -42.98 32.66 63.83
C MET A 1 -42.16 33.37 64.89
N TYR A 2 -40.91 33.66 64.59
CA TYR A 2 -40.05 34.46 65.45
C TYR A 2 -39.93 35.88 64.88
N SER A 3 -39.16 36.71 65.58
CA SER A 3 -38.80 38.04 65.11
C SER A 3 -37.29 38.18 65.17
N THR A 4 -36.66 38.48 64.04
CA THR A 4 -35.21 38.53 63.99
C THR A 4 -34.65 39.64 64.86
N ALA A 5 -35.38 40.76 64.99
CA ALA A 5 -34.90 41.86 65.82
C ALA A 5 -34.76 41.43 67.28
N VAL A 6 -35.75 40.68 67.80
CA VAL A 6 -35.70 40.25 69.18
C VAL A 6 -34.53 39.30 69.41
N LEU A 7 -34.31 38.37 68.49
CA LEU A 7 -33.19 37.44 68.64
C LEU A 7 -31.86 38.16 68.57
N LEU A 8 -31.73 39.12 67.65
CA LEU A 8 -30.50 39.90 67.59
C LEU A 8 -30.27 40.69 68.87
N ASN A 9 -31.34 41.23 69.46
CA ASN A 9 -31.21 41.91 70.74
C ASN A 9 -30.75 40.95 71.82
N LYS A 10 -31.27 39.72 71.81
CA LYS A 10 -30.84 38.73 72.80
C LYS A 10 -29.35 38.42 72.65
N ILE A 11 -28.89 38.27 71.41
CA ILE A 11 -27.47 38.00 71.18
C ILE A 11 -26.63 39.22 71.53
N SER A 12 -27.13 40.42 71.23
CA SER A 12 -26.35 41.63 71.42
C SER A 12 -26.10 41.87 72.91
N PRO A 13 -25.01 42.58 73.26
CA PRO A 13 -24.03 43.25 72.40
C PRO A 13 -22.97 42.29 71.88
N THR A 14 -22.35 42.62 70.74
CA THR A 14 -21.36 41.73 70.12
C THR A 14 -19.95 42.03 70.58
N ARG A 15 -19.76 42.09 71.91
CA ARG A 15 -18.44 42.20 72.53
C ARG A 15 -17.79 43.55 72.19
N ASP A 16 -18.43 44.33 71.32
CA ASP A 16 -17.90 45.62 70.87
C ASP A 16 -18.87 46.76 71.16
N GLY A 17 -19.84 46.54 72.04
CA GLY A 17 -20.81 47.58 72.31
C GLY A 17 -21.75 47.90 71.17
N GLN A 18 -21.90 46.98 70.23
CA GLN A 18 -22.75 47.18 69.07
C GLN A 18 -23.82 46.11 69.02
N THR A 19 -24.90 46.42 68.30
CA THR A 19 -25.96 45.44 68.12
C THR A 19 -25.50 44.38 67.12
N MET A 20 -25.70 43.12 67.48
CA MET A 20 -25.34 42.03 66.59
C MET A 20 -26.15 42.12 65.29
N THR A 21 -25.49 41.94 64.16
CA THR A 21 -26.14 42.03 62.86
C THR A 21 -25.92 40.75 62.08
N LEU A 22 -26.78 40.55 61.07
CA LEU A 22 -26.75 39.31 60.30
C LEU A 22 -25.44 39.15 59.55
N ALA A 23 -24.76 40.25 59.24
CA ALA A 23 -23.50 40.14 58.51
C ALA A 23 -22.42 39.48 59.35
N ASP A 24 -22.40 39.75 60.65
CA ASP A 24 -21.37 39.20 61.51
C ASP A 24 -21.49 37.68 61.64
N LEU A 25 -22.68 37.13 61.43
CA LEU A 25 -22.90 35.69 61.50
C LEU A 25 -22.94 35.05 60.13
N GLN A 26 -22.13 35.54 59.19
CA GLN A 26 -22.20 35.09 57.81
C GLN A 26 -22.03 33.57 57.70
N TYR A 27 -20.89 33.01 58.13
CA TYR A 27 -19.54 33.23 58.66
C TYR A 27 -19.17 31.94 59.34
N LEU A 28 -20.15 31.38 60.05
CA LEU A 28 -19.99 30.19 60.86
C LEU A 28 -21.14 29.23 60.59
N SER A 29 -20.88 27.95 60.77
CA SER A 29 -21.86 26.91 60.47
C SER A 29 -22.95 26.87 61.53
N PHE A 30 -23.98 26.05 61.26
CA PHE A 30 -25.09 25.94 62.19
C PHE A 30 -24.64 25.37 63.52
N SER A 31 -23.76 24.38 63.49
CA SER A 31 -23.27 23.79 64.73
C SER A 31 -22.50 24.82 65.55
N GLU A 32 -21.66 25.62 64.90
CA GLU A 32 -20.95 26.68 65.61
C GLU A 32 -21.91 27.68 66.20
N LEU A 33 -22.94 28.07 65.44
CA LEU A 33 -23.91 29.03 65.94
C LEU A 33 -24.65 28.49 67.15
N ARG A 34 -25.02 27.22 67.12
CA ARG A 34 -25.71 26.64 68.26
C ARG A 34 -24.79 26.49 69.46
N LYS A 35 -23.50 26.21 69.23
CA LYS A 35 -22.57 26.03 70.34
C LYS A 35 -22.24 27.36 71.01
N ILE A 36 -21.98 28.40 70.23
CA ILE A 36 -21.55 29.67 70.80
C ILE A 36 -22.65 30.28 71.66
N PHE A 37 -23.88 30.29 71.15
CA PHE A 37 -25.02 30.88 71.85
C PHE A 37 -25.90 29.82 72.49
N ASP A 38 -25.30 28.77 73.03
CA ASP A 38 -26.08 27.68 73.62
C ASP A 38 -26.86 28.15 74.84
N ASP A 39 -26.39 29.18 75.53
CA ASP A 39 -27.04 29.63 76.76
C ASP A 39 -28.19 30.60 76.51
N GLN A 40 -28.32 31.14 75.30
CA GLN A 40 -29.30 32.17 75.03
C GLN A 40 -30.30 31.82 73.95
N LEU A 41 -30.02 30.84 73.10
CA LEU A 41 -30.89 30.48 72.00
C LEU A 41 -31.24 29.00 72.08
N SER A 42 -32.50 28.68 71.80
CA SER A 42 -32.94 27.30 71.74
C SER A 42 -32.76 26.77 70.32
N TRP A 43 -33.33 25.60 70.04
CA TRP A 43 -33.17 25.00 68.72
C TRP A 43 -33.86 25.82 67.65
N GLY A 44 -35.13 26.19 67.88
CA GLY A 44 -35.88 26.92 66.87
C GLY A 44 -35.27 28.27 66.56
N GLU A 45 -34.82 28.99 67.58
CA GLU A 45 -34.22 30.30 67.36
C GLU A 45 -32.95 30.19 66.54
N ALA A 46 -32.09 29.22 66.87
CA ALA A 46 -30.86 29.05 66.11
C ALA A 46 -31.15 28.66 64.67
N ARG A 47 -32.13 27.78 64.46
CA ARG A 47 -32.49 27.40 63.10
C ARG A 47 -33.00 28.60 62.31
N HIS A 48 -33.85 29.42 62.94
CA HIS A 48 -34.36 30.60 62.25
C HIS A 48 -33.24 31.58 61.92
N LEU A 49 -32.31 31.77 62.85
CA LEU A 49 -31.18 32.68 62.59
C LEU A 49 -30.34 32.17 61.43
N TYR A 50 -30.09 30.87 61.39
CA TYR A 50 -29.30 30.30 60.30
C TYR A 50 -30.00 30.50 58.97
N HIS A 51 -31.30 30.23 58.92
CA HIS A 51 -32.03 30.42 57.67
C HIS A 51 -32.01 31.87 57.22
N GLU A 52 -32.19 32.80 58.16
CA GLU A 52 -32.15 34.22 57.80
C GLU A 52 -30.78 34.61 57.28
N THR A 53 -29.72 34.11 57.90
CA THR A 53 -28.38 34.42 57.42
C THR A 53 -28.16 33.92 56.00
N ILE A 54 -28.59 32.69 55.72
CA ILE A 54 -28.43 32.15 54.38
C ILE A 54 -29.21 32.99 53.37
N GLU A 55 -30.44 33.37 53.72
CA GLU A 55 -31.24 34.16 52.80
C GLU A 55 -30.59 35.51 52.52
N GLN A 56 -30.06 36.15 53.57
CA GLN A 56 -29.40 37.44 53.37
C GLN A 56 -28.17 37.30 52.48
N LYS A 57 -27.39 36.23 52.67
CA LYS A 57 -26.22 36.02 51.83
C LYS A 57 -26.62 35.86 50.37
N LYS A 58 -27.65 35.05 50.12
CA LYS A 58 -28.09 34.84 48.75
C LYS A 58 -28.59 36.14 48.13
N ASN A 59 -29.36 36.92 48.88
CA ASN A 59 -29.88 38.18 48.35
C ASN A 59 -28.75 39.15 48.01
N ASN A 60 -27.74 39.23 48.88
CA ASN A 60 -26.61 40.11 48.59
C ASN A 60 -25.87 39.67 47.35
N ARG A 61 -25.67 38.36 47.19
CA ARG A 61 -25.01 37.86 45.98
C ARG A 61 -25.81 38.23 44.74
N LEU A 62 -27.13 38.05 44.78
CA LEU A 62 -27.96 38.38 43.63
C LEU A 62 -27.89 39.86 43.30
N LEU A 63 -27.94 40.72 44.32
CA LEU A 63 -27.89 42.16 44.07
C LEU A 63 -26.56 42.56 43.43
N GLU A 64 -25.45 42.04 43.96
CA GLU A 64 -24.15 42.38 43.37
C GLU A 64 -24.06 41.89 41.93
N ALA A 65 -24.57 40.69 41.66
CA ALA A 65 -24.52 40.17 40.30
C ALA A 65 -25.33 41.04 39.35
N ARG A 66 -26.52 41.46 39.78
CA ARG A 66 -27.33 42.31 38.92
C ARG A 66 -26.65 43.64 38.64
N ILE A 67 -26.08 44.26 39.67
CA ILE A 67 -25.42 45.55 39.47
C ILE A 67 -24.24 45.41 38.51
N PHE A 68 -23.45 44.34 38.67
CA PHE A 68 -22.33 44.14 37.77
C PHE A 68 -22.80 43.88 36.34
N THR A 69 -23.88 43.11 36.18
CA THR A 69 -24.38 42.81 34.84
C THR A 69 -24.83 44.06 34.11
N ARG A 70 -25.56 44.95 34.81
CA ARG A 70 -26.09 46.12 34.13
C ARG A 70 -25.01 47.11 33.71
N ALA A 71 -23.82 47.04 34.30
CA ALA A 71 -22.77 48.01 34.04
C ALA A 71 -21.64 47.45 33.20
N ASN A 72 -21.88 46.38 32.46
CA ASN A 72 -20.83 45.75 31.67
C ASN A 72 -20.45 46.63 30.50
N PRO A 73 -19.18 47.03 30.35
CA PRO A 73 -18.80 47.84 29.19
C PRO A 73 -18.93 47.12 27.87
N GLN A 74 -19.00 45.79 27.87
CA GLN A 74 -19.06 45.05 26.61
C GLN A 74 -20.35 45.30 25.86
N LEU A 75 -21.43 45.64 26.57
CA LEU A 75 -22.72 45.86 25.93
C LEU A 75 -22.94 47.33 25.59
N SER A 76 -21.98 47.92 24.87
CA SER A 76 -22.09 49.31 24.46
C SER A 76 -21.60 49.52 23.03
N GLY A 77 -22.12 48.74 22.08
CA GLY A 77 -23.22 47.80 22.13
C GLY A 77 -24.49 48.33 21.51
N ALA A 78 -24.99 47.64 20.49
CA ALA A 78 -26.30 47.96 19.95
C ALA A 78 -27.42 47.53 20.89
N ILE A 79 -27.13 46.66 21.85
CA ILE A 79 -28.11 46.26 22.84
C ILE A 79 -28.32 47.33 23.91
N ARG A 80 -27.47 48.36 23.93
CA ARG A 80 -27.56 49.39 24.96
C ARG A 80 -28.89 50.12 24.92
N LEU A 81 -29.62 50.05 23.80
CA LEU A 81 -30.94 50.67 23.73
C LEU A 81 -31.90 50.07 24.74
N GLY A 82 -31.67 48.83 25.17
CA GLY A 82 -32.52 48.19 26.14
C GLY A 82 -31.90 48.12 27.53
N ILE A 83 -31.15 49.16 27.91
CA ILE A 83 -30.48 49.23 29.19
C ILE A 83 -30.99 50.47 29.91
N GLU A 84 -31.52 50.28 31.12
CA GLU A 84 -32.02 51.37 31.95
C GLU A 84 -31.21 51.44 33.24
N ARG A 85 -30.91 52.65 33.67
CA ARG A 85 -30.19 52.88 34.91
C ARG A 85 -31.17 52.96 36.07
N ASP A 86 -30.93 52.19 37.12
CA ASP A 86 -31.81 52.13 38.27
C ASP A 86 -31.27 53.00 39.40
N SER A 87 -32.14 53.27 40.37
CA SER A 87 -31.71 54.03 41.54
C SER A 87 -30.68 53.27 42.35
N VAL A 88 -30.84 51.95 42.45
CA VAL A 88 -29.90 51.13 43.21
C VAL A 88 -28.52 51.18 42.57
N SER A 89 -28.47 51.20 41.23
CA SER A 89 -27.19 51.31 40.55
C SER A 89 -26.51 52.64 40.87
N ARG A 90 -27.28 53.72 40.88
CA ARG A 90 -26.71 55.02 41.23
C ARG A 90 -26.20 55.03 42.66
N SER A 91 -26.96 54.45 43.58
CA SER A 91 -26.52 54.42 44.97
C SER A 91 -25.25 53.61 45.13
N TYR A 92 -25.17 52.47 44.46
CA TYR A 92 -23.96 51.65 44.53
C TYR A 92 -22.76 52.39 43.96
N ASP A 93 -22.94 53.03 42.81
CA ASP A 93 -21.83 53.78 42.21
C ASP A 93 -21.38 54.92 43.11
N GLU A 94 -22.33 55.60 43.75
CA GLU A 94 -21.98 56.69 44.64
C GLU A 94 -21.23 56.18 45.87
N MET A 95 -21.67 55.07 46.45
CA MET A 95 -21.05 54.60 47.68
C MET A 95 -19.69 53.97 47.43
N PHE A 96 -19.57 53.13 46.40
CA PHE A 96 -18.35 52.36 46.18
C PHE A 96 -17.43 52.96 45.14
N GLY A 97 -17.70 54.19 44.70
CA GLY A 97 -16.81 54.81 43.73
C GLY A 97 -16.90 54.11 42.38
N ALA A 98 -15.75 54.04 41.70
CA ALA A 98 -15.68 53.46 40.37
C ALA A 98 -15.42 51.96 40.38
N ARG A 99 -15.80 51.27 41.46
CA ARG A 99 -15.61 49.83 41.51
C ARG A 99 -16.43 49.13 40.45
N SER A 100 -17.69 49.55 40.26
CA SER A 100 -18.58 48.87 39.33
C SER A 100 -18.10 48.97 37.88
N SER A 101 -17.28 49.95 37.56
CA SER A 101 -16.75 50.11 36.21
C SER A 101 -15.35 49.53 36.05
N SER A 102 -14.82 48.88 37.07
CA SER A 102 -13.44 48.41 37.05
C SER A 102 -13.41 46.94 36.65
N PHE A 103 -13.81 46.68 35.41
CA PHE A 103 -13.75 45.34 34.86
C PHE A 103 -12.32 44.98 34.50
N VAL A 104 -12.01 43.68 34.54
CA VAL A 104 -10.68 43.20 34.19
C VAL A 104 -10.81 42.07 33.18
N LYS A 105 -9.73 41.86 32.43
CA LYS A 105 -9.71 40.80 31.45
C LYS A 105 -9.56 39.44 32.14
N PRO A 106 -10.04 38.38 31.52
CA PRO A 106 -9.81 37.04 32.07
C PRO A 106 -8.34 36.70 32.05
N GLY A 107 -7.91 35.89 33.01
CA GLY A 107 -6.53 35.51 33.16
C GLY A 107 -5.71 36.42 34.04
N SER A 108 -6.27 37.54 34.49
CA SER A 108 -5.60 38.43 35.42
C SER A 108 -5.86 38.01 36.85
N VAL A 109 -4.90 38.29 37.73
CA VAL A 109 -5.03 37.87 39.11
C VAL A 109 -6.10 38.64 39.86
N ALA A 110 -6.51 39.79 39.34
CA ALA A 110 -7.52 40.59 40.01
C ALA A 110 -8.94 40.09 39.77
N SER A 111 -9.13 39.18 38.83
CA SER A 111 -10.47 38.69 38.53
C SER A 111 -11.00 37.88 39.70
N MET A 112 -12.31 38.02 39.97
CA MET A 112 -12.90 37.33 41.10
C MET A 112 -12.99 35.83 40.89
N PHE A 113 -12.81 35.35 39.67
CA PHE A 113 -12.78 33.93 39.37
C PHE A 113 -11.37 33.40 39.17
N SER A 114 -10.35 34.23 39.39
CA SER A 114 -8.98 33.80 39.23
C SER A 114 -8.61 32.84 40.36
N PRO A 115 -7.56 32.03 40.14
CA PRO A 115 -7.08 31.15 41.23
C PRO A 115 -6.73 31.90 42.50
N ALA A 116 -6.49 33.21 42.44
CA ALA A 116 -6.32 33.97 43.66
C ALA A 116 -7.59 33.92 44.51
N GLY A 117 -8.75 34.07 43.88
CA GLY A 117 -9.99 33.96 44.62
C GLY A 117 -10.22 32.58 45.18
N TYR A 118 -9.88 31.55 44.40
CA TYR A 118 -10.01 30.18 44.87
C TYR A 118 -9.13 29.93 46.08
N LEU A 119 -7.88 30.40 46.03
CA LEU A 119 -6.97 30.22 47.15
C LEU A 119 -7.46 31.00 48.37
N THR A 120 -8.00 32.20 48.15
CA THR A 120 -8.55 32.96 49.25
C THR A 120 -9.69 32.22 49.93
N GLU A 121 -10.60 31.65 49.13
CA GLU A 121 -11.69 30.88 49.70
C GLU A 121 -11.19 29.69 50.48
N LEU A 122 -10.22 28.97 49.91
CA LEU A 122 -9.68 27.80 50.59
C LEU A 122 -9.05 28.17 51.93
N TYR A 123 -8.25 29.24 51.95
CA TYR A 123 -7.60 29.64 53.19
C TYR A 123 -8.62 30.13 54.20
N ARG A 124 -9.64 30.86 53.75
CA ARG A 124 -10.64 31.37 54.69
C ARG A 124 -11.41 30.22 55.33
N GLU A 125 -11.75 29.19 54.55
CA GLU A 125 -12.56 28.12 55.12
C GLU A 125 -11.74 27.10 55.88
N ALA A 126 -10.46 26.91 55.54
CA ALA A 126 -9.66 25.86 56.14
C ALA A 126 -8.76 26.35 57.27
N LYS A 127 -8.79 27.63 57.59
CA LYS A 127 -7.91 28.15 58.63
C LYS A 127 -8.28 27.59 60.00
N ASP A 128 -9.57 27.38 60.25
CA ASP A 128 -10.06 27.01 61.56
C ASP A 128 -10.43 25.53 61.64
N LEU A 129 -9.84 24.68 60.82
CA LEU A 129 -10.14 23.26 60.90
C LEU A 129 -9.55 22.61 62.15
N HIS A 130 -8.54 23.22 62.75
CA HIS A 130 -7.91 22.69 63.96
C HIS A 130 -7.76 23.80 64.98
N PHE A 131 -7.74 23.42 66.25
CA PHE A 131 -7.52 24.37 67.33
C PHE A 131 -6.11 24.93 67.25
N SER A 132 -5.94 26.14 67.77
CA SER A 132 -4.63 26.79 67.73
C SER A 132 -3.60 26.00 68.54
N SER A 133 -4.04 25.30 69.59
CA SER A 133 -3.12 24.53 70.39
C SER A 133 -2.53 23.36 69.63
N SER A 134 -3.32 22.73 68.76
CA SER A 134 -2.87 21.53 68.08
C SER A 134 -1.74 21.84 67.11
N ALA A 135 -0.79 20.91 67.02
CA ALA A 135 0.33 21.06 66.10
C ALA A 135 -0.06 20.85 64.64
N TYR A 136 -1.27 20.36 64.39
CA TYR A 136 -1.76 20.20 63.03
C TYR A 136 -2.35 21.47 62.46
N HIS A 137 -2.41 22.54 63.24
CA HIS A 137 -3.00 23.79 62.77
C HIS A 137 -2.27 24.30 61.54
N LEU A 138 -3.04 24.84 60.58
CA LEU A 138 -2.44 25.28 59.34
C LEU A 138 -1.42 26.39 59.57
N ASP A 139 -1.73 27.32 60.46
CA ASP A 139 -0.80 28.40 60.75
C ASP A 139 0.42 27.94 61.53
N ASN A 140 0.41 26.71 62.06
CA ASN A 140 1.56 26.20 62.79
C ASN A 140 2.52 25.43 61.91
N ARG A 141 2.00 24.61 60.99
CA ARG A 141 2.88 23.82 60.14
C ARG A 141 3.52 24.66 59.05
N ARG A 142 2.77 25.62 58.50
CA ARG A 142 3.27 26.48 57.43
C ARG A 142 2.95 27.93 57.81
N PRO A 143 3.78 28.54 58.65
CA PRO A 143 3.51 29.92 59.08
C PRO A 143 3.58 30.94 57.96
N ASP A 144 4.26 30.64 56.86
CA ASP A 144 4.44 31.61 55.80
C ASP A 144 3.19 31.81 54.95
N LEU A 145 2.24 30.88 55.01
CA LEU A 145 1.05 30.99 54.16
C LEU A 145 0.28 32.27 54.42
N ALA A 146 0.27 32.75 55.67
CA ALA A 146 -0.46 33.96 55.98
C ALA A 146 0.17 35.20 55.35
N ASP A 147 1.40 35.10 54.87
CA ASP A 147 2.10 36.24 54.31
C ASP A 147 2.31 36.15 52.81
N LEU A 148 1.68 35.19 52.15
CA LEU A 148 1.82 35.07 50.70
C LEU A 148 1.18 36.27 50.02
N THR A 149 1.85 36.80 49.01
CA THR A 149 1.39 37.98 48.29
C THR A 149 0.70 37.56 46.99
N LEU A 150 -0.56 37.96 46.83
CA LEU A 150 -1.33 37.61 45.65
C LEU A 150 -1.07 38.63 44.55
N SER A 151 0.11 38.52 43.95
CA SER A 151 0.54 39.38 42.87
C SER A 151 0.61 38.59 41.57
N GLN A 152 0.66 39.33 40.46
CA GLN A 152 0.68 38.69 39.15
C GLN A 152 1.95 37.87 38.97
N SER A 153 3.08 38.37 39.46
CA SER A 153 4.34 37.66 39.31
C SER A 153 4.30 36.31 40.03
N ASN A 154 3.72 36.28 41.23
CA ASN A 154 3.58 35.02 41.95
C ASN A 154 2.70 34.06 41.19
N MET A 155 1.67 34.58 40.53
CA MET A 155 0.76 33.74 39.77
C MET A 155 1.40 33.16 38.51
N ASP A 156 2.21 33.94 37.80
CA ASP A 156 2.66 33.58 36.47
C ASP A 156 4.05 32.98 36.39
N THR A 157 4.97 33.40 37.27
CA THR A 157 6.35 32.96 37.16
C THR A 157 6.47 31.46 37.38
N GLU A 158 7.20 30.79 36.49
CA GLU A 158 7.46 29.37 36.62
C GLU A 158 8.61 29.12 37.59
N ILE A 159 8.55 27.99 38.28
CA ILE A 159 9.56 27.64 39.27
C ILE A 159 9.45 26.14 39.53
N SER A 160 10.54 25.55 40.03
CA SER A 160 10.58 24.13 40.31
C SER A 160 10.12 23.87 41.74
N THR A 161 9.32 22.80 41.91
CA THR A 161 8.82 22.47 43.24
C THR A 161 9.95 22.16 44.20
N LEU A 162 11.01 21.50 43.71
CA LEU A 162 12.14 21.18 44.56
C LEU A 162 12.75 22.44 45.16
N THR A 163 12.76 23.54 44.40
CA THR A 163 13.28 24.79 44.92
C THR A 163 12.48 25.27 46.12
N LEU A 164 11.15 25.24 46.01
CA LEU A 164 10.31 25.68 47.12
C LEU A 164 10.50 24.78 48.34
N SER A 165 10.52 23.47 48.12
CA SER A 165 10.70 22.54 49.24
C SER A 165 12.04 22.76 49.91
N ASN A 166 13.10 22.93 49.12
CA ASN A 166 14.42 23.17 49.68
C ASN A 166 14.47 24.46 50.47
N GLU A 167 13.84 25.52 49.96
CA GLU A 167 13.88 26.79 50.68
C GLU A 167 13.12 26.69 52.00
N LEU A 168 11.99 25.97 52.01
CA LEU A 168 11.25 25.79 53.25
C LEU A 168 12.06 25.01 54.28
N LEU A 169 12.64 23.89 53.85
CA LEU A 169 13.42 23.08 54.77
C LEU A 169 14.64 23.84 55.27
N LEU A 170 15.30 24.59 54.39
CA LEU A 170 16.45 25.38 54.79
C LEU A 170 16.06 26.43 55.81
N GLU A 171 14.92 27.09 55.61
CA GLU A 171 14.45 28.06 56.59
C GLU A 171 14.24 27.40 57.95
N HIS A 172 13.60 26.23 57.97
CA HIS A 172 13.37 25.55 59.25
C HIS A 172 14.68 25.18 59.93
N ILE A 173 15.63 24.62 59.17
CA ILE A 173 16.88 24.18 59.76
C ILE A 173 17.68 25.38 60.29
N THR A 174 17.74 26.46 59.52
CA THR A 174 18.47 27.64 59.97
C THR A 174 17.81 28.26 61.20
N ARG A 175 16.49 28.26 61.26
CA ARG A 175 15.81 28.74 62.46
C ARG A 175 16.17 27.87 63.67
N LYS A 176 16.24 26.55 63.47
CA LYS A 176 16.56 25.67 64.59
C LYS A 176 17.99 25.88 65.08
N THR A 177 18.97 25.85 64.16
CA THR A 177 20.36 25.96 64.57
C THR A 177 20.80 27.40 64.80
N GLY A 178 20.04 28.38 64.31
CA GLY A 178 20.40 29.76 64.51
C GLY A 178 21.57 30.26 63.71
N GLY A 179 22.04 29.48 62.72
CA GLY A 179 23.19 29.85 61.92
C GLY A 179 22.80 30.31 60.53
N ASP A 180 23.81 30.40 59.69
CA ASP A 180 23.66 30.80 58.29
C ASP A 180 23.65 29.57 57.40
N SER A 181 23.22 29.76 56.15
CA SER A 181 23.19 28.65 55.19
C SER A 181 24.59 28.11 54.94
N ASP A 182 25.57 29.00 54.76
CA ASP A 182 26.94 28.55 54.53
C ASP A 182 27.48 27.80 55.74
N ALA A 183 27.20 28.29 56.94
CA ALA A 183 27.61 27.58 58.14
C ALA A 183 26.94 26.22 58.21
N LEU A 184 25.67 26.14 57.80
CA LEU A 184 24.98 24.85 57.78
C LEU A 184 25.64 23.88 56.82
N MET A 185 26.02 24.35 55.63
CA MET A 185 26.70 23.47 54.68
C MET A 185 28.04 23.01 55.23
N GLU A 186 28.79 23.92 55.84
CA GLU A 186 30.09 23.54 56.40
C GLU A 186 29.92 22.51 57.50
N SER A 187 28.89 22.67 58.34
CA SER A 187 28.61 21.69 59.37
C SER A 187 28.24 20.34 58.76
N LEU A 188 27.41 20.36 57.72
CA LEU A 188 27.01 19.13 57.06
C LEU A 188 28.17 18.44 56.37
N SER A 189 29.24 19.17 56.07
CA SER A 189 30.40 18.55 55.45
C SER A 189 31.08 17.54 56.36
N THR A 190 30.81 17.58 57.66
CA THR A 190 31.44 16.66 58.60
C THR A 190 30.43 15.89 59.45
N TYR A 191 29.14 15.95 59.11
CA TYR A 191 28.14 15.24 59.88
C TYR A 191 28.22 13.74 59.60
N ARG A 192 28.19 12.94 60.66
CA ARG A 192 28.30 11.49 60.54
C ARG A 192 27.10 10.72 61.04
N GLN A 193 26.23 11.33 61.84
CA GLN A 193 25.13 10.61 62.47
C GLN A 193 23.88 10.57 61.59
N ALA A 194 24.06 10.12 60.36
CA ALA A 194 22.96 9.92 59.42
C ALA A 194 23.46 9.04 58.29
N ILE A 195 22.54 8.65 57.42
CA ILE A 195 22.91 7.74 56.34
C ILE A 195 23.29 8.47 55.06
N ASP A 196 22.73 9.65 54.82
CA ASP A 196 23.08 10.42 53.63
C ASP A 196 24.19 11.42 53.88
N THR A 197 24.69 11.51 55.10
CA THR A 197 25.79 12.39 55.45
C THR A 197 27.06 11.57 55.66
N PRO A 198 28.26 12.16 55.51
CA PRO A 198 28.56 13.57 55.23
C PRO A 198 28.26 13.97 53.79
N TYR A 199 28.03 15.26 53.55
CA TYR A 199 27.66 15.78 52.24
C TYR A 199 28.57 16.95 51.92
N HIS A 200 29.66 16.68 51.20
CA HIS A 200 30.60 17.72 50.80
C HIS A 200 30.12 18.28 49.46
N GLN A 201 29.45 19.43 49.51
CA GLN A 201 28.85 19.97 48.29
C GLN A 201 29.86 20.34 47.23
N PRO A 202 30.92 21.11 47.50
CA PRO A 202 31.88 21.40 46.43
C PRO A 202 32.56 20.16 45.88
N TYR A 203 32.84 19.18 46.73
CA TYR A 203 33.44 17.94 46.23
C TYR A 203 32.52 17.23 45.26
N GLU A 204 31.23 17.14 45.59
CA GLU A 204 30.29 16.49 44.69
C GLU A 204 30.15 17.28 43.40
N THR A 205 30.18 18.62 43.49
CA THR A 205 30.14 19.43 42.29
C THR A 205 31.33 19.15 41.39
N ILE A 206 32.53 19.06 41.97
CA ILE A 206 33.73 18.76 41.19
C ILE A 206 33.61 17.40 40.53
N ARG A 207 33.16 16.40 41.29
CA ARG A 207 33.03 15.06 40.75
C ARG A 207 32.02 15.03 39.61
N GLN A 208 30.91 15.74 39.76
CA GLN A 208 29.91 15.77 38.70
C GLN A 208 30.45 16.45 37.45
N VAL A 209 31.22 17.53 37.61
CA VAL A 209 31.81 18.19 36.46
C VAL A 209 32.76 17.25 35.74
N ILE A 210 33.60 16.54 36.50
CA ILE A 210 34.54 15.61 35.89
C ILE A 210 33.80 14.51 35.14
N MET A 211 32.76 13.95 35.74
CA MET A 211 31.99 12.90 35.09
C MET A 211 31.32 13.41 33.82
N THR A 212 30.80 14.63 33.86
CA THR A 212 30.16 15.20 32.68
C THR A 212 31.15 15.39 31.54
N HIS A 213 32.34 15.93 31.86
CA HIS A 213 33.29 16.25 30.80
C HIS A 213 33.89 14.98 30.20
N ASP A 214 34.31 14.04 31.04
CA ASP A 214 34.96 12.83 30.56
C ASP A 214 34.63 11.69 31.51
N SER A 215 33.60 10.92 31.17
CA SER A 215 33.29 9.72 31.92
C SER A 215 34.26 8.61 31.55
N THR A 216 34.27 7.55 32.37
CA THR A 216 35.12 6.39 32.17
C THR A 216 36.60 6.74 32.26
N LEU A 217 36.92 7.99 32.59
CA LEU A 217 38.28 8.45 32.80
C LEU A 217 39.19 8.23 31.60
N SER A 218 38.61 8.10 30.40
CA SER A 218 39.39 7.74 29.22
C SER A 218 40.48 8.78 28.95
N ALA A 219 40.12 10.06 29.00
CA ALA A 219 41.10 11.11 28.75
C ALA A 219 42.24 11.05 29.75
N LEU A 220 41.97 10.57 30.97
CA LEU A 220 43.01 10.43 31.96
C LEU A 220 43.77 9.13 31.80
N SER A 221 43.17 8.12 31.17
CA SER A 221 43.82 6.83 31.03
C SER A 221 44.91 6.85 29.97
N ARG A 222 44.77 7.69 28.95
CA ARG A 222 45.72 7.72 27.84
C ARG A 222 46.93 8.59 28.13
N ASN A 223 47.03 9.18 29.31
CA ASN A 223 48.15 10.04 29.69
C ASN A 223 48.73 9.50 30.99
N PRO A 224 49.53 8.43 30.90
CA PRO A 224 50.03 7.81 32.14
C PRO A 224 50.91 8.72 32.97
N GLU A 225 51.56 9.71 32.36
CA GLU A 225 52.46 10.57 33.10
C GLU A 225 51.71 11.35 34.18
N VAL A 226 50.51 11.81 33.88
CA VAL A 226 49.70 12.50 34.87
C VAL A 226 48.87 11.55 35.72
N MET A 227 48.54 10.36 35.18
CA MET A 227 47.79 9.39 35.96
C MET A 227 48.61 8.85 37.13
N GLY A 228 49.91 8.63 36.90
CA GLY A 228 50.74 8.03 37.93
C GLY A 228 51.00 8.91 39.14
N GLN A 229 50.56 10.16 39.09
CA GLN A 229 50.75 11.09 40.19
C GLN A 229 49.58 11.13 41.16
N ALA A 230 48.55 10.32 40.94
CA ALA A 230 47.35 10.34 41.76
C ALA A 230 47.24 9.03 42.55
N GLU A 231 46.86 9.14 43.81
CA GLU A 231 46.67 7.96 44.64
C GLU A 231 45.43 7.19 44.22
N GLY A 232 45.42 5.90 44.53
CA GLY A 232 44.29 5.06 44.17
C GLY A 232 43.00 5.48 44.85
N ALA A 233 43.10 5.87 46.13
CA ALA A 233 41.91 6.29 46.86
C ALA A 233 41.31 7.56 46.26
N SER A 234 42.16 8.49 45.83
CA SER A 234 41.65 9.69 45.18
C SER A 234 40.92 9.34 43.88
N LEU A 235 41.48 8.41 43.11
CA LEU A 235 40.80 7.98 41.89
C LEU A 235 39.47 7.32 42.21
N LEU A 236 39.41 6.54 43.28
CA LEU A 236 38.13 5.95 43.69
C LEU A 236 37.13 7.04 44.05
N ALA A 237 37.58 8.07 44.77
CA ALA A 237 36.69 9.16 45.10
C ALA A 237 36.20 9.87 43.86
N ILE A 238 37.02 9.93 42.82
CA ILE A 238 36.57 10.48 41.54
C ILE A 238 35.50 9.58 40.93
N LEU A 239 35.72 8.26 40.95
CA LEU A 239 34.79 7.34 40.31
C LEU A 239 33.50 7.17 41.10
N ALA A 240 33.60 7.05 42.43
CA ALA A 240 32.43 6.82 43.27
C ALA A 240 32.37 7.89 44.36
N ASN A 241 31.15 8.19 44.79
CA ASN A 241 30.91 9.27 45.75
C ASN A 241 31.53 8.90 47.09
N ILE A 242 32.66 9.52 47.43
CA ILE A 242 33.35 9.30 48.69
C ILE A 242 33.88 10.65 49.17
N SER A 243 33.25 11.19 50.20
CA SER A 243 33.72 12.43 50.81
C SER A 243 34.93 12.18 51.68
N PRO A 244 35.74 13.21 51.95
CA PRO A 244 36.88 13.02 52.86
C PRO A 244 36.48 12.50 54.23
N GLU A 245 35.35 12.98 54.77
CA GLU A 245 34.89 12.46 56.04
C GLU A 245 34.43 11.01 55.91
N LEU A 246 33.85 10.66 54.77
CA LEU A 246 33.51 9.25 54.53
C LEU A 246 34.78 8.40 54.49
N TYR A 247 35.84 8.94 53.89
CA TYR A 247 37.11 8.22 53.90
C TYR A 247 37.62 8.02 55.32
N ASN A 248 37.53 9.06 56.15
CA ASN A 248 37.97 8.92 57.54
C ASN A 248 37.13 7.88 58.28
N ILE A 249 35.82 7.87 58.02
CA ILE A 249 34.94 6.88 58.64
C ILE A 249 35.34 5.48 58.22
N LEU A 250 35.63 5.29 56.93
CA LEU A 250 35.90 3.94 56.43
C LEU A 250 37.26 3.44 56.91
N THR A 251 38.28 4.28 56.88
CA THR A 251 39.64 3.82 57.12
C THR A 251 40.08 3.90 58.57
N GLU A 252 39.25 4.44 59.47
CA GLU A 252 39.65 4.50 60.87
C GLU A 252 39.71 3.10 61.45
N GLU A 253 40.74 2.87 62.27
CA GLU A 253 40.90 1.57 62.92
C GLU A 253 39.94 1.43 64.08
N ILE A 254 39.63 0.19 64.43
CA ILE A 254 38.74 -0.13 65.53
C ILE A 254 39.49 -1.04 66.49
N THR A 255 39.62 -0.61 67.73
CA THR A 255 40.26 -1.39 68.78
C THR A 255 39.29 -1.57 69.94
N GLU A 256 39.68 -2.41 70.89
CA GLU A 256 38.83 -2.68 72.04
C GLU A 256 38.72 -1.47 72.94
N LYS A 257 39.81 -0.71 73.10
CA LYS A 257 39.83 0.36 74.08
C LYS A 257 39.02 1.58 73.62
N ASN A 258 38.99 1.83 72.31
CA ASN A 258 38.33 3.02 71.78
C ASN A 258 37.00 2.70 71.11
N ALA A 259 36.45 1.50 71.33
CA ALA A 259 35.20 1.13 70.66
C ALA A 259 34.06 2.02 71.13
N ASP A 260 33.97 2.29 72.43
CA ASP A 260 32.86 3.08 72.96
C ASP A 260 32.89 4.51 72.44
N ALA A 261 34.07 5.13 72.45
CA ALA A 261 34.18 6.50 71.96
C ALA A 261 33.83 6.58 70.48
N LEU A 262 34.33 5.63 69.69
CA LEU A 262 34.02 5.61 68.27
C LEU A 262 32.53 5.43 68.03
N PHE A 263 31.88 4.54 68.79
CA PHE A 263 30.45 4.35 68.63
C PHE A 263 29.68 5.62 69.00
N ALA A 264 30.08 6.27 70.09
CA ALA A 264 29.41 7.51 70.48
C ALA A 264 29.58 8.58 69.41
N GLN A 265 30.76 8.66 68.80
CA GLN A 265 31.00 9.65 67.76
C GLN A 265 30.22 9.33 66.49
N ASN A 266 30.08 8.04 66.17
CA ASN A 266 29.52 7.63 64.89
C ASN A 266 28.00 7.47 64.90
N PHE A 267 27.35 7.60 66.05
CA PHE A 267 25.91 7.44 66.13
C PHE A 267 25.32 8.47 67.07
N SER A 268 24.01 8.65 66.96
CA SER A 268 23.32 9.61 67.82
C SER A 268 23.36 9.15 69.26
N GLU A 269 23.13 10.10 70.18
CA GLU A 269 23.19 9.80 71.60
C GLU A 269 22.04 8.92 72.06
N ASN A 270 20.97 8.82 71.29
CA ASN A 270 19.81 8.02 71.65
C ASN A 270 19.81 6.63 71.02
N ILE A 271 20.94 6.21 70.46
CA ILE A 271 21.07 4.90 69.85
C ILE A 271 22.12 4.10 70.61
N THR A 272 21.74 2.93 71.07
CA THR A 272 22.57 2.02 71.84
C THR A 272 22.99 0.84 70.99
N PRO A 273 24.13 0.19 71.30
CA PRO A 273 24.54 -0.98 70.51
C PRO A 273 23.49 -2.07 70.48
N GLU A 274 22.71 -2.25 71.55
CA GLU A 274 21.66 -3.26 71.56
C GLU A 274 20.64 -3.04 70.45
N ASN A 275 20.50 -1.80 69.96
CA ASN A 275 19.59 -1.55 68.86
C ASN A 275 19.95 -2.34 67.62
N PHE A 276 21.20 -2.81 67.51
CA PHE A 276 21.61 -3.61 66.37
C PHE A 276 21.11 -5.05 66.47
N ALA A 277 20.49 -5.43 67.59
CA ALA A 277 19.97 -6.79 67.72
C ALA A 277 18.72 -7.03 66.88
N SER A 278 18.12 -5.98 66.32
CA SER A 278 16.91 -6.12 65.52
C SER A 278 17.23 -5.82 64.06
N GLN A 279 16.87 -6.75 63.18
CA GLN A 279 17.09 -6.53 61.75
C GLN A 279 16.15 -5.47 61.19
N SER A 280 14.92 -5.40 61.70
CA SER A 280 13.98 -4.40 61.21
C SER A 280 14.48 -2.99 61.48
N TRP A 281 15.07 -2.77 62.66
CA TRP A 281 15.62 -1.45 62.96
C TRP A 281 16.76 -1.10 62.03
N ILE A 282 17.63 -2.07 61.73
CA ILE A 282 18.72 -1.80 60.79
C ILE A 282 18.18 -1.47 59.42
N ALA A 283 17.16 -2.20 58.96
CA ALA A 283 16.58 -1.93 57.66
C ALA A 283 15.98 -0.54 57.61
N LYS A 284 15.29 -0.13 58.67
CA LYS A 284 14.71 1.20 58.69
C LYS A 284 15.79 2.28 58.72
N TYR A 285 16.83 2.07 59.54
CA TYR A 285 17.86 3.09 59.69
C TYR A 285 18.67 3.28 58.41
N TYR A 286 19.00 2.19 57.74
CA TYR A 286 19.84 2.26 56.55
C TYR A 286 19.06 2.33 55.25
N GLY A 287 17.73 2.35 55.32
CA GLY A 287 16.92 2.45 54.12
C GLY A 287 17.07 1.27 53.18
N LEU A 288 17.01 0.06 53.73
CA LEU A 288 17.10 -1.16 52.95
C LEU A 288 15.89 -2.03 53.20
N GLU A 289 15.61 -2.91 52.23
CA GLU A 289 14.57 -3.90 52.40
C GLU A 289 15.07 -5.03 53.30
N LEU A 290 14.15 -5.90 53.70
CA LEU A 290 14.51 -7.02 54.57
C LEU A 290 15.48 -7.96 53.88
N SER A 291 15.25 -8.26 52.59
CA SER A 291 16.14 -9.15 51.87
C SER A 291 17.54 -8.56 51.75
N GLU A 292 17.62 -7.26 51.47
CA GLU A 292 18.92 -6.62 51.35
C GLU A 292 19.68 -6.68 52.67
N VAL A 293 18.99 -6.49 53.79
CA VAL A 293 19.65 -6.59 55.09
C VAL A 293 20.10 -8.02 55.34
N GLN A 294 19.25 -8.99 55.05
CA GLN A 294 19.62 -10.39 55.23
C GLN A 294 20.81 -10.78 54.37
N LYS A 295 21.03 -10.09 53.26
CA LYS A 295 22.24 -10.32 52.48
C LYS A 295 23.49 -10.08 53.31
N TYR A 296 23.42 -9.19 54.30
CA TYR A 296 24.57 -8.87 55.14
C TYR A 296 24.64 -9.74 56.39
N LEU A 297 23.50 -9.98 57.04
CA LEU A 297 23.48 -10.63 58.34
C LEU A 297 22.90 -12.03 58.31
N GLY A 298 22.10 -12.37 57.31
CA GLY A 298 21.47 -13.68 57.30
C GLY A 298 20.31 -13.74 58.27
N MET A 299 20.08 -14.92 58.83
CA MET A 299 18.99 -15.16 59.75
C MET A 299 19.48 -15.04 61.18
N LEU A 300 18.76 -14.27 61.99
CA LEU A 300 19.12 -14.09 63.39
C LEU A 300 18.58 -15.24 64.21
N GLN A 301 19.46 -15.96 64.89
CA GLN A 301 19.06 -17.13 65.67
C GLN A 301 18.59 -16.68 67.05
N ASN A 302 17.35 -17.06 67.40
CA ASN A 302 16.81 -16.70 68.71
C ASN A 302 15.99 -17.83 69.34
N GLY A 303 16.22 -19.07 68.93
CA GLY A 303 15.46 -20.18 69.48
C GLY A 303 14.12 -20.38 68.79
N TYR A 304 14.16 -20.60 67.48
CA TYR A 304 12.96 -20.84 66.69
C TYR A 304 12.51 -22.29 66.85
N SER A 305 11.63 -22.74 65.96
CA SER A 305 11.15 -24.12 66.00
C SER A 305 12.28 -25.09 65.69
N ASP A 306 11.94 -26.38 65.65
CA ASP A 306 12.96 -27.42 65.69
C ASP A 306 13.89 -27.36 64.48
N SER A 307 13.35 -27.34 63.25
CA SER A 307 14.27 -27.32 62.12
C SER A 307 14.49 -25.93 61.55
N THR A 308 13.49 -25.40 60.84
CA THR A 308 13.45 -24.02 60.39
C THR A 308 14.65 -23.61 59.55
N SER A 309 15.60 -24.53 59.35
CA SER A 309 16.93 -24.20 58.82
C SER A 309 17.60 -23.12 59.67
N ALA A 310 18.81 -22.72 59.31
CA ALA A 310 19.43 -21.59 59.99
C ALA A 310 20.25 -20.69 59.08
N TYR A 311 20.18 -20.86 57.76
CA TYR A 311 21.09 -20.18 56.85
C TYR A 311 20.30 -19.61 55.68
N VAL A 312 20.48 -18.32 55.41
CA VAL A 312 19.84 -17.68 54.25
C VAL A 312 20.77 -16.85 53.39
N ASP A 313 22.05 -17.21 53.24
CA ASP A 313 22.86 -18.40 53.52
C ASP A 313 23.87 -18.17 54.64
N ASN A 314 23.62 -17.16 55.48
CA ASN A 314 24.46 -16.85 56.62
C ASN A 314 23.64 -16.97 57.89
N ILE A 315 24.33 -17.24 59.00
CA ILE A 315 23.72 -17.24 60.32
C ILE A 315 24.48 -16.27 61.19
N SER A 316 23.78 -15.47 61.98
CA SER A 316 24.44 -14.49 62.81
C SER A 316 23.54 -14.13 63.97
N THR A 317 24.10 -14.05 65.17
CA THR A 317 23.33 -13.63 66.33
C THR A 317 24.27 -13.34 67.48
N GLY A 318 23.69 -12.77 68.54
CA GLY A 318 24.43 -12.38 69.73
C GLY A 318 24.18 -13.34 70.87
N LEU A 319 25.17 -13.45 71.75
CA LEU A 319 25.06 -14.29 72.94
C LEU A 319 25.96 -13.70 74.03
N VAL A 320 25.64 -14.05 75.27
CA VAL A 320 26.40 -13.56 76.41
C VAL A 320 27.64 -14.42 76.60
N VAL A 321 28.80 -13.78 76.66
CA VAL A 321 30.04 -14.52 76.86
C VAL A 321 30.04 -15.14 78.25
N ASN A 322 30.69 -16.30 78.37
CA ASN A 322 30.81 -16.95 79.66
C ASN A 322 31.85 -16.30 80.55
N ASN A 323 32.78 -15.55 79.98
CA ASN A 323 33.83 -14.92 80.77
C ASN A 323 33.27 -13.85 81.70
N GLU A 324 32.37 -13.01 81.20
CA GLU A 324 31.81 -11.92 81.98
C GLU A 324 30.40 -11.63 81.46
N SER A 325 29.87 -10.46 81.79
CA SER A 325 28.49 -10.12 81.47
C SER A 325 28.36 -9.23 80.25
N LYS A 326 29.23 -9.41 79.26
CA LYS A 326 29.17 -8.67 78.01
C LYS A 326 28.61 -9.56 76.91
N LEU A 327 27.94 -8.94 75.94
CA LEU A 327 27.31 -9.66 74.84
C LEU A 327 28.19 -9.54 73.60
N GLU A 328 28.53 -10.67 73.02
CA GLU A 328 29.24 -10.69 71.74
C GLU A 328 28.27 -11.12 70.64
N ALA A 329 28.71 -10.92 69.40
CA ALA A 329 27.93 -11.30 68.23
C ALA A 329 28.81 -12.10 67.29
N TYR A 330 28.26 -13.17 66.75
CA TYR A 330 28.99 -14.06 65.88
C TYR A 330 28.24 -14.25 64.57
N LYS A 331 28.99 -14.58 63.53
CA LYS A 331 28.46 -14.76 62.19
C LYS A 331 29.22 -15.89 61.49
N ILE A 332 28.47 -16.85 60.96
CA ILE A 332 28.99 -18.01 60.27
C ILE A 332 28.41 -18.04 58.86
N THR A 333 29.28 -18.26 57.88
CA THR A 333 28.88 -18.38 56.48
C THR A 333 29.27 -19.74 55.93
N ARG A 334 28.41 -20.29 55.09
CA ARG A 334 28.56 -21.64 54.58
C ARG A 334 28.60 -21.63 53.06
N VAL A 335 29.49 -22.45 52.49
CA VAL A 335 29.57 -22.68 51.05
C VAL A 335 29.32 -24.15 50.80
N LYS A 336 28.24 -24.46 50.09
CA LYS A 336 27.90 -25.85 49.79
C LYS A 336 28.93 -26.48 48.87
N THR A 337 29.08 -27.80 48.99
CA THR A 337 30.08 -28.50 48.19
C THR A 337 29.78 -29.99 48.14
N ASP A 338 30.34 -30.63 47.12
CA ASP A 338 30.27 -32.07 46.85
C ASP A 338 28.84 -32.60 46.98
N ASP A 339 28.00 -32.12 46.07
CA ASP A 339 26.65 -32.65 45.87
C ASP A 339 25.78 -32.45 47.12
N TYR A 340 25.68 -31.18 47.53
CA TYR A 340 24.82 -30.84 48.66
C TYR A 340 23.34 -30.92 48.29
N ASP A 341 23.00 -30.65 47.03
CA ASP A 341 21.60 -30.61 46.63
C ASP A 341 20.95 -31.98 46.76
N LYS A 342 21.56 -33.01 46.19
CA LYS A 342 21.09 -34.36 46.42
C LYS A 342 21.40 -34.75 47.86
N ASN A 343 20.40 -35.34 48.53
CA ASN A 343 20.46 -35.62 49.96
C ASN A 343 20.61 -34.34 50.77
N ILE A 344 20.42 -34.43 52.08
CA ILE A 344 20.59 -33.31 53.00
C ILE A 344 19.61 -32.19 52.67
N ASN A 345 18.48 -32.16 53.38
CA ASN A 345 17.57 -31.03 53.25
C ASN A 345 18.23 -29.74 53.69
N TYR A 346 18.96 -29.79 54.81
CA TYR A 346 19.74 -28.66 55.27
C TYR A 346 20.85 -29.18 56.17
N PHE A 347 21.95 -28.42 56.22
CA PHE A 347 23.11 -28.79 57.03
C PHE A 347 23.61 -27.54 57.73
N ASP A 348 23.35 -27.42 59.02
CA ASP A 348 23.63 -26.20 59.77
C ASP A 348 24.67 -26.46 60.84
N LEU A 349 25.59 -25.51 61.00
CA LEU A 349 26.58 -25.52 62.06
C LEU A 349 26.17 -24.50 63.11
N MET A 350 26.01 -24.95 64.35
CA MET A 350 25.48 -24.12 65.43
C MET A 350 26.57 -23.87 66.47
N TYR A 351 26.57 -22.66 67.00
CA TYR A 351 27.56 -22.19 67.96
C TYR A 351 26.90 -21.90 69.30
N GLU A 352 27.65 -22.09 70.38
CA GLU A 352 27.10 -21.91 71.72
C GLU A 352 27.99 -21.14 72.68
N GLY A 353 29.15 -20.66 72.25
CA GLY A 353 29.97 -19.83 73.12
C GLY A 353 31.42 -20.27 73.22
N ASN A 354 31.64 -21.59 73.27
CA ASN A 354 32.99 -22.12 73.23
C ASN A 354 33.11 -23.39 72.40
N ASN A 355 32.00 -23.91 71.88
CA ASN A 355 32.00 -25.18 71.16
C ASN A 355 30.85 -25.15 70.16
N GLN A 356 30.95 -26.00 69.14
CA GLN A 356 30.00 -26.03 68.05
C GLN A 356 29.46 -27.43 67.85
N PHE A 357 28.28 -27.51 67.24
CA PHE A 357 27.68 -28.80 66.91
C PHE A 357 26.93 -28.68 65.59
N PHE A 358 26.23 -29.75 65.20
CA PHE A 358 25.63 -29.85 63.88
C PHE A 358 24.14 -30.13 63.98
N ILE A 359 23.41 -29.68 62.97
CA ILE A 359 22.00 -29.98 62.80
C ILE A 359 21.79 -30.39 61.35
N ARG A 360 21.05 -31.48 61.13
CA ARG A 360 20.99 -32.05 59.79
C ARG A 360 19.68 -32.79 59.56
N ALA A 361 19.15 -32.65 58.35
CA ALA A 361 17.99 -33.39 57.86
C ALA A 361 18.42 -34.22 56.64
N ASN A 362 17.47 -34.85 55.98
CA ASN A 362 17.80 -35.82 54.95
C ASN A 362 16.73 -35.86 53.87
N PHE A 363 17.12 -36.41 52.72
CA PHE A 363 16.22 -36.66 51.60
C PHE A 363 15.76 -38.12 51.58
N LYS A 364 16.69 -39.05 51.67
CA LYS A 364 16.42 -40.48 51.58
C LYS A 364 16.73 -41.14 52.91
N VAL A 365 15.86 -42.05 53.34
CA VAL A 365 16.03 -42.75 54.61
C VAL A 365 17.06 -43.85 54.43
N SER A 366 17.99 -43.93 55.37
CA SER A 366 18.97 -45.01 55.41
C SER A 366 18.95 -45.67 56.78
N ARG A 367 19.45 -46.90 56.83
CA ARG A 367 19.29 -47.75 58.00
C ARG A 367 20.47 -47.68 58.97
N GLU A 368 21.48 -46.88 58.70
CA GLU A 368 22.70 -46.88 59.49
C GLU A 368 22.97 -45.48 60.05
N PHE A 369 24.13 -45.33 60.68
CA PHE A 369 24.52 -44.08 61.33
C PHE A 369 25.28 -43.20 60.34
N GLY A 370 25.89 -42.13 60.83
CA GLY A 370 26.71 -41.28 59.99
C GLY A 370 27.90 -40.75 60.77
N ALA A 371 28.98 -40.46 60.05
CA ALA A 371 30.18 -39.90 60.66
C ALA A 371 30.54 -38.61 59.95
N THR A 372 30.68 -37.53 60.72
CA THR A 372 31.11 -36.25 60.18
C THR A 372 32.62 -36.16 60.30
N LEU A 373 33.29 -36.13 59.16
CA LEU A 373 34.74 -36.05 59.07
C LEU A 373 35.14 -34.65 58.61
N ARG A 374 36.45 -34.39 58.60
CA ARG A 374 36.97 -33.09 58.21
C ARG A 374 37.86 -33.17 56.99
N LYS A 375 38.81 -34.09 56.95
CA LYS A 375 39.70 -34.25 55.82
C LYS A 375 39.24 -35.42 54.97
N ASN A 376 40.02 -35.73 53.92
CA ASN A 376 39.66 -36.78 52.97
C ASN A 376 39.89 -38.16 53.60
N ALA A 377 39.01 -38.49 54.54
CA ALA A 377 39.02 -39.80 55.20
C ALA A 377 40.38 -40.11 55.81
N GLY A 378 41.03 -39.08 56.36
CA GLY A 378 42.29 -39.27 57.02
C GLY A 378 42.12 -40.01 58.32
N PRO A 379 43.22 -40.55 58.85
CA PRO A 379 43.13 -41.24 60.15
C PRO A 379 42.69 -40.33 61.28
N SER A 380 42.96 -39.03 61.18
CA SER A 380 42.61 -38.06 62.21
C SER A 380 41.47 -37.14 61.78
N GLY A 381 40.75 -37.50 60.73
CA GLY A 381 39.69 -36.64 60.24
C GLY A 381 38.38 -36.74 60.98
N ILE A 382 38.25 -37.70 61.88
CA ILE A 382 36.98 -37.89 62.60
C ILE A 382 36.77 -36.71 63.53
N VAL A 383 35.69 -35.97 63.30
CA VAL A 383 35.34 -34.85 64.18
C VAL A 383 33.99 -35.03 64.86
N GLY A 384 33.12 -35.91 64.37
CA GLY A 384 31.88 -36.17 65.10
C GLY A 384 31.14 -37.34 64.50
N SER A 385 30.07 -37.73 65.20
CA SER A 385 29.25 -38.84 64.75
C SER A 385 27.78 -38.55 65.03
N LEU A 386 26.94 -38.80 64.04
CA LEU A 386 25.49 -38.73 64.17
C LEU A 386 24.95 -40.15 64.32
N SER A 387 24.34 -40.42 65.48
CA SER A 387 23.82 -41.74 65.76
C SER A 387 22.50 -41.96 65.02
N GLY A 388 22.30 -43.19 64.55
CA GLY A 388 21.09 -43.53 63.84
C GLY A 388 19.92 -43.73 64.77
N PRO A 389 18.76 -44.05 64.20
CA PRO A 389 18.49 -44.23 62.76
C PRO A 389 18.35 -42.91 62.02
N LEU A 390 18.66 -42.86 60.73
CA LEU A 390 18.60 -41.63 59.95
C LEU A 390 17.38 -41.69 59.05
N ILE A 391 16.27 -41.18 59.55
CA ILE A 391 15.04 -41.09 58.80
C ILE A 391 14.94 -39.70 58.18
N ALA A 392 14.34 -39.62 57.00
CA ALA A 392 14.28 -38.36 56.27
C ALA A 392 13.37 -37.37 56.98
N ASN A 393 13.68 -36.08 56.78
CA ASN A 393 12.89 -34.98 57.34
C ASN A 393 12.79 -35.06 58.85
N THR A 394 13.94 -35.23 59.51
CA THR A 394 14.00 -35.29 60.95
C THR A 394 15.27 -34.60 61.44
N ASN A 395 15.14 -33.81 62.49
CA ASN A 395 16.28 -33.08 63.04
C ASN A 395 17.22 -34.02 63.78
N PHE A 396 18.51 -33.66 63.79
CA PHE A 396 19.52 -34.46 64.47
C PHE A 396 20.63 -33.54 64.96
N LYS A 397 21.21 -33.90 66.10
CA LYS A 397 22.32 -33.15 66.69
C LYS A 397 23.55 -34.04 66.75
N SER A 398 24.74 -33.42 66.65
CA SER A 398 25.98 -34.18 66.57
C SER A 398 26.95 -33.76 67.66
N ASN A 399 26.73 -34.29 68.86
CA ASN A 399 27.75 -34.59 69.87
C ASN A 399 28.95 -33.64 69.94
N TYR A 400 28.72 -32.33 69.91
CA TYR A 400 29.72 -31.32 70.30
C TYR A 400 31.09 -31.62 69.69
N LEU A 401 31.16 -31.51 68.37
CA LEU A 401 32.38 -31.83 67.64
C LEU A 401 33.59 -31.12 68.25
N SER A 402 34.72 -31.82 68.29
CA SER A 402 35.85 -31.33 69.07
C SER A 402 37.16 -31.26 68.30
N ASN A 403 37.46 -32.24 67.44
CA ASN A 403 38.79 -32.35 66.84
C ASN A 403 39.00 -31.28 65.78
N ILE A 404 39.17 -30.04 66.24
CA ILE A 404 39.48 -28.93 65.36
C ILE A 404 40.03 -27.79 66.19
N SER A 405 40.95 -27.03 65.60
CA SER A 405 41.57 -25.89 66.25
C SER A 405 40.84 -24.61 65.90
N ASP A 406 41.13 -23.56 66.67
CA ASP A 406 40.48 -22.27 66.45
C ASP A 406 41.00 -21.58 65.19
N SER A 407 42.28 -21.76 64.88
CA SER A 407 42.86 -21.10 63.71
C SER A 407 42.19 -21.57 62.43
N GLU A 408 41.90 -22.86 62.32
CA GLU A 408 41.24 -23.40 61.15
C GLU A 408 39.73 -23.19 61.16
N TYR A 409 39.16 -22.70 62.27
CA TYR A 409 37.75 -22.34 62.26
C TYR A 409 37.47 -21.21 61.30
N LYS A 410 38.48 -20.43 60.95
CA LYS A 410 38.36 -19.46 59.86
C LYS A 410 38.71 -20.17 58.57
N ASN A 411 37.83 -20.05 57.57
CA ASN A 411 37.97 -20.70 56.27
C ASN A 411 38.43 -22.15 56.39
N GLY A 412 37.60 -22.95 57.06
CA GLY A 412 37.92 -24.34 57.25
C GLY A 412 36.73 -25.28 57.09
N VAL A 413 36.91 -26.33 56.28
CA VAL A 413 35.83 -27.28 56.03
C VAL A 413 35.48 -27.99 57.32
N LYS A 414 34.19 -28.29 57.49
CA LYS A 414 33.69 -28.87 58.73
C LYS A 414 32.86 -30.13 58.54
N ILE A 415 32.84 -30.71 57.34
CA ILE A 415 31.99 -31.88 57.14
C ILE A 415 32.50 -32.69 55.96
N TYR A 416 32.61 -34.00 56.17
CA TYR A 416 32.82 -35.00 55.14
C TYR A 416 31.81 -36.09 55.50
N ALA A 417 30.57 -35.94 55.06
CA ALA A 417 29.45 -36.72 55.58
C ALA A 417 29.56 -38.17 55.13
N TYR A 418 30.37 -38.93 55.85
CA TYR A 418 30.51 -40.36 55.60
C TYR A 418 29.25 -41.04 56.14
N ARG A 419 28.26 -41.20 55.28
CA ARG A 419 27.00 -41.85 55.64
C ARG A 419 27.04 -43.29 55.16
N TYR A 420 26.66 -44.21 56.04
CA TYR A 420 26.67 -45.64 55.74
C TYR A 420 25.36 -46.02 55.09
N THR A 421 25.41 -46.43 53.81
CA THR A 421 24.23 -47.01 53.19
C THR A 421 23.98 -48.42 53.69
N SER A 422 25.03 -49.20 53.87
CA SER A 422 24.97 -50.55 54.40
C SER A 422 25.77 -50.60 55.70
N SER A 423 25.94 -51.82 56.23
CA SER A 423 26.69 -51.98 57.46
C SER A 423 28.18 -51.70 57.26
N THR A 424 28.68 -51.87 56.04
CA THR A 424 30.09 -51.65 55.75
C THR A 424 30.36 -50.70 54.59
N SER A 425 29.33 -50.29 53.85
CA SER A 425 29.50 -49.39 52.71
C SER A 425 29.07 -47.99 53.12
N ALA A 426 29.93 -47.01 52.85
CA ALA A 426 29.66 -45.63 53.19
C ALA A 426 30.10 -44.73 52.05
N THR A 427 29.52 -43.53 51.99
CA THR A 427 29.84 -42.58 50.94
C THR A 427 29.61 -41.16 51.45
N ASN A 428 30.13 -40.21 50.70
CA ASN A 428 29.98 -38.79 51.02
C ASN A 428 28.70 -38.25 50.38
N GLN A 429 27.78 -37.78 51.21
CA GLN A 429 26.47 -37.35 50.75
C GLN A 429 26.35 -35.83 50.62
N GLY A 430 27.43 -35.09 50.81
CA GLY A 430 27.37 -33.65 50.70
C GLY A 430 28.02 -32.94 51.86
N GLY A 431 28.44 -31.70 51.65
CA GLY A 431 29.07 -30.97 52.73
C GLY A 431 29.11 -29.49 52.48
N GLY A 432 29.86 -28.79 53.32
CA GLY A 432 29.99 -27.35 53.19
C GLY A 432 31.19 -26.84 53.96
N ILE A 433 31.79 -25.79 53.44
CA ILE A 433 32.90 -25.11 54.11
C ILE A 433 32.34 -23.96 54.92
N PHE A 434 32.73 -23.88 56.19
CA PHE A 434 32.18 -22.92 57.14
C PHE A 434 33.26 -21.94 57.58
N THR A 435 32.90 -20.66 57.63
CA THR A 435 33.78 -19.61 58.12
C THR A 435 33.07 -18.87 59.24
N PHE A 436 33.78 -18.67 60.35
CA PHE A 436 33.19 -18.16 61.58
C PHE A 436 33.95 -16.93 62.08
N GLU A 437 33.20 -15.88 62.45
CA GLU A 437 33.77 -14.69 63.04
C GLU A 437 32.97 -14.28 64.26
N SER A 438 33.62 -13.63 65.21
CA SER A 438 32.96 -13.22 66.44
C SER A 438 33.61 -11.95 66.98
N TYR A 439 32.80 -10.98 67.35
CA TYR A 439 33.28 -9.70 67.85
C TYR A 439 32.35 -9.19 68.93
N PRO A 440 32.85 -8.37 69.85
CA PRO A 440 31.96 -7.68 70.78
C PRO A 440 30.99 -6.77 70.02
N LEU A 441 29.86 -6.48 70.67
CA LEU A 441 28.72 -5.92 69.95
C LEU A 441 29.06 -4.58 69.30
N THR A 442 29.77 -3.70 70.01
CA THR A 442 30.08 -2.39 69.44
C THR A 442 30.97 -2.50 68.22
N ILE A 443 32.00 -3.35 68.30
CA ILE A 443 32.90 -3.52 67.16
C ILE A 443 32.15 -4.12 65.97
N PHE A 444 31.26 -5.08 66.24
CA PHE A 444 30.45 -5.65 65.19
C PHE A 444 29.58 -4.60 64.52
N ALA A 445 28.97 -3.72 65.33
CA ALA A 445 28.15 -2.66 64.76
C ALA A 445 28.97 -1.72 63.90
N LEU A 446 30.17 -1.35 64.38
CA LEU A 446 31.01 -0.44 63.60
C LEU A 446 31.43 -1.06 62.27
N LYS A 447 31.84 -2.33 62.29
CA LYS A 447 32.23 -2.99 61.05
C LYS A 447 31.06 -3.10 60.09
N LEU A 448 29.87 -3.43 60.62
CA LEU A 448 28.69 -3.51 59.78
C LEU A 448 28.37 -2.16 59.15
N ASN A 449 28.51 -1.08 59.94
CA ASN A 449 28.28 0.25 59.40
C ASN A 449 29.24 0.56 58.26
N LYS A 450 30.53 0.26 58.46
CA LYS A 450 31.50 0.49 57.40
C LYS A 450 31.13 -0.26 56.13
N ALA A 451 30.82 -1.55 56.28
CA ALA A 451 30.52 -2.37 55.11
C ALA A 451 29.28 -1.86 54.39
N ILE A 452 28.23 -1.50 55.13
CA ILE A 452 27.00 -1.05 54.50
C ILE A 452 27.23 0.25 53.77
N ARG A 453 27.95 1.19 54.38
CA ARG A 453 28.21 2.46 53.69
C ARG A 453 29.01 2.24 52.42
N LEU A 454 30.06 1.41 52.49
CA LEU A 454 30.88 1.18 51.30
C LEU A 454 30.06 0.52 50.19
N CYS A 455 29.28 -0.49 50.52
CA CYS A 455 28.48 -1.18 49.51
C CYS A 455 27.43 -0.26 48.91
N LEU A 456 26.80 0.58 49.73
CA LEU A 456 25.82 1.51 49.21
C LEU A 456 26.45 2.53 48.26
N THR A 457 27.61 3.06 48.63
CA THR A 457 28.21 4.11 47.82
C THR A 457 28.99 3.58 46.62
N SER A 458 29.30 2.28 46.58
CA SER A 458 30.08 1.73 45.47
C SER A 458 29.28 0.88 44.50
N GLY A 459 28.17 0.29 44.94
CA GLY A 459 27.38 -0.59 44.10
C GLY A 459 27.79 -2.03 44.14
N LEU A 460 28.86 -2.37 44.86
CA LEU A 460 29.29 -3.76 44.96
C LEU A 460 28.32 -4.57 45.81
N SER A 461 28.22 -5.86 45.49
CA SER A 461 27.46 -6.78 46.33
C SER A 461 28.22 -7.02 47.63
N PRO A 462 27.49 -7.32 48.72
CA PRO A 462 28.19 -7.55 50.00
C PRO A 462 29.22 -8.67 49.94
N ASN A 463 28.92 -9.75 49.23
CA ASN A 463 29.89 -10.84 49.13
C ASN A 463 31.10 -10.43 48.30
N GLU A 464 30.91 -9.57 47.30
CA GLU A 464 32.05 -9.09 46.53
C GLU A 464 33.01 -8.29 47.40
N LEU A 465 32.48 -7.40 48.24
CA LEU A 465 33.32 -6.69 49.18
C LEU A 465 33.97 -7.66 50.17
N GLN A 466 33.21 -8.67 50.60
CA GLN A 466 33.74 -9.64 51.56
C GLN A 466 34.95 -10.37 50.98
N THR A 467 34.85 -10.82 49.74
CA THR A 467 35.96 -11.52 49.11
C THR A 467 37.08 -10.58 48.69
N ILE A 468 36.78 -9.30 48.48
CA ILE A 468 37.85 -8.33 48.22
C ILE A 468 38.69 -8.14 49.47
N VAL A 469 38.03 -7.94 50.62
CA VAL A 469 38.78 -7.70 51.85
C VAL A 469 39.39 -8.97 52.42
N ARG A 470 38.81 -10.14 52.13
CA ARG A 470 39.37 -11.38 52.66
C ARG A 470 40.67 -11.75 51.98
N SER A 471 40.82 -11.40 50.70
CA SER A 471 42.02 -11.73 49.94
C SER A 471 43.13 -10.72 50.13
N ASP A 472 42.92 -9.68 50.93
CA ASP A 472 43.95 -8.66 51.18
C ASP A 472 44.66 -8.84 52.50
N ASN A 473 43.93 -9.18 53.56
CA ASN A 473 44.55 -9.37 54.87
C ASN A 473 43.71 -10.36 55.67
N ALA A 474 44.34 -10.95 56.69
CA ALA A 474 43.67 -11.96 57.48
C ALA A 474 42.59 -11.36 58.37
N GLN A 475 42.88 -10.23 59.02
CA GLN A 475 41.95 -9.64 59.97
C GLN A 475 40.70 -9.08 59.31
N GLY A 476 40.69 -8.94 57.99
CA GLY A 476 39.52 -8.41 57.30
C GLY A 476 39.21 -6.97 57.64
N ILE A 477 40.21 -6.10 57.67
CA ILE A 477 40.01 -4.70 57.92
C ILE A 477 40.03 -3.94 56.60
N ILE A 478 39.60 -2.69 56.62
CA ILE A 478 39.52 -1.86 55.43
C ILE A 478 40.60 -0.79 55.53
N ASN A 479 41.39 -0.66 54.46
CA ASN A 479 42.48 0.30 54.42
C ASN A 479 42.64 0.79 52.99
N ASP A 480 43.79 1.39 52.69
CA ASP A 480 44.00 1.95 51.36
C ASP A 480 43.99 0.86 50.28
N SER A 481 44.56 -0.30 50.59
CA SER A 481 44.65 -1.36 49.59
C SER A 481 43.27 -1.82 49.15
N VAL A 482 42.33 -1.96 50.09
CA VAL A 482 40.99 -2.39 49.73
C VAL A 482 40.32 -1.37 48.83
N LEU A 483 40.45 -0.08 49.15
CA LEU A 483 39.84 0.95 48.33
C LEU A 483 40.46 0.98 46.94
N THR A 484 41.79 0.80 46.86
CA THR A 484 42.44 0.76 45.56
C THR A 484 41.94 -0.42 44.73
N LYS A 485 41.79 -1.58 45.37
CA LYS A 485 41.28 -2.74 44.66
C LYS A 485 39.85 -2.51 44.17
N VAL A 486 39.03 -1.86 44.99
CA VAL A 486 37.66 -1.56 44.59
C VAL A 486 37.65 -0.63 43.38
N PHE A 487 38.49 0.41 43.42
CA PHE A 487 38.56 1.32 42.28
C PHE A 487 39.00 0.60 41.02
N TYR A 488 39.99 -0.27 41.14
CA TYR A 488 40.46 -0.99 39.96
C TYR A 488 39.40 -1.94 39.43
N THR A 489 38.62 -2.55 40.33
CA THR A 489 37.49 -3.37 39.91
C THR A 489 36.52 -2.55 39.07
N LEU A 490 36.12 -1.39 39.60
CA LEU A 490 35.17 -0.55 38.87
C LEU A 490 35.75 -0.10 37.53
N PHE A 491 37.02 0.29 37.52
CA PHE A 491 37.64 0.79 36.30
C PHE A 491 37.73 -0.29 35.23
N TYR A 492 38.15 -1.50 35.61
CA TYR A 492 38.22 -2.59 34.64
C TYR A 492 36.84 -2.96 34.13
N SER A 493 35.84 -3.00 35.02
CA SER A 493 34.48 -3.30 34.56
C SER A 493 34.01 -2.25 33.56
N HIS A 494 34.30 -0.98 33.82
CA HIS A 494 33.91 0.07 32.88
C HIS A 494 34.65 -0.05 31.55
N ARG A 495 35.94 -0.38 31.60
CA ARG A 495 36.75 -0.32 30.39
C ARG A 495 36.57 -1.53 29.50
N TYR A 496 36.74 -2.73 30.06
CA TYR A 496 36.69 -3.96 29.28
C TYR A 496 35.29 -4.54 29.15
N ALA A 497 34.28 -3.87 29.71
CA ALA A 497 32.90 -4.35 29.66
C ALA A 497 32.78 -5.74 30.28
N LEU A 498 33.47 -5.95 31.39
CA LEU A 498 33.44 -7.22 32.10
C LEU A 498 32.44 -7.17 33.25
N SER A 499 32.01 -8.35 33.68
CA SER A 499 31.17 -8.43 34.86
C SER A 499 31.99 -8.10 36.11
N PHE A 500 31.29 -7.89 37.22
CA PHE A 500 32.00 -7.51 38.44
C PHE A 500 32.89 -8.64 38.94
N ASP A 501 32.47 -9.89 38.76
CA ASP A 501 33.29 -11.01 39.20
C ASP A 501 34.59 -11.09 38.41
N ASP A 502 34.52 -10.92 37.08
CA ASP A 502 35.72 -11.00 36.27
C ASP A 502 36.70 -9.88 36.60
N ALA A 503 36.19 -8.65 36.77
CA ALA A 503 37.05 -7.55 37.14
C ALA A 503 37.65 -7.78 38.53
N GLN A 504 36.86 -8.32 39.44
CA GLN A 504 37.36 -8.63 40.78
C GLN A 504 38.51 -9.62 40.72
N VAL A 505 38.38 -10.64 39.87
CA VAL A 505 39.49 -11.58 39.67
C VAL A 505 40.68 -10.86 39.08
N LEU A 506 40.43 -9.96 38.12
CA LEU A 506 41.53 -9.28 37.44
C LEU A 506 42.35 -8.43 38.39
N ASN A 507 41.69 -7.75 39.33
CA ASN A 507 42.42 -6.84 40.20
C ASN A 507 43.41 -7.57 41.11
N GLY A 508 43.19 -8.85 41.37
CA GLY A 508 44.12 -9.61 42.20
C GLY A 508 43.44 -10.50 43.21
N SER A 509 42.12 -10.50 43.22
CA SER A 509 41.35 -11.32 44.15
C SER A 509 41.18 -12.74 43.62
N VAL A 510 40.75 -13.63 44.50
CA VAL A 510 40.52 -15.03 44.14
C VAL A 510 39.12 -15.18 43.57
N ILE A 511 38.84 -16.33 42.95
CA ILE A 511 37.52 -16.57 42.38
C ILE A 511 36.51 -16.73 43.49
N ASN A 512 35.38 -16.03 43.37
CA ASN A 512 34.34 -16.07 44.39
C ASN A 512 33.60 -17.39 44.36
N GLN A 513 33.46 -18.02 45.52
CA GLN A 513 32.73 -19.27 45.65
C GLN A 513 31.42 -19.16 46.41
N TYR A 514 31.17 -18.05 47.10
CA TYR A 514 29.97 -17.91 47.90
C TYR A 514 28.73 -17.87 47.01
N ALA A 515 27.68 -18.55 47.45
CA ALA A 515 26.42 -18.62 46.73
C ALA A 515 25.37 -17.76 47.41
N ASP A 516 24.40 -17.30 46.63
CA ASP A 516 23.38 -16.38 47.12
C ASP A 516 22.07 -17.05 47.49
N ASP A 517 22.04 -18.39 47.47
CA ASP A 517 20.91 -19.31 47.72
C ASP A 517 19.87 -19.28 46.60
N ASP A 518 20.01 -18.39 45.63
CA ASP A 518 19.14 -18.39 44.47
C ASP A 518 19.90 -18.21 43.16
N SER A 519 21.22 -18.07 43.22
CA SER A 519 22.04 -17.95 42.02
C SER A 519 23.13 -19.00 42.03
N VAL A 520 24.06 -18.92 41.08
CA VAL A 520 25.16 -19.87 40.96
C VAL A 520 26.45 -19.12 41.21
N SER A 521 27.33 -19.71 42.02
CA SER A 521 28.60 -19.08 42.32
C SER A 521 29.47 -19.01 41.07
N HIS A 522 30.42 -18.07 41.10
CA HIS A 522 31.30 -17.90 39.94
C HIS A 522 32.11 -19.15 39.66
N PHE A 523 32.62 -19.80 40.70
CA PHE A 523 33.40 -21.02 40.51
C PHE A 523 32.57 -22.10 39.85
N ASN A 524 31.34 -22.30 40.32
CA ASN A 524 30.48 -23.31 39.72
C ASN A 524 30.09 -22.94 38.29
N ARG A 525 29.89 -21.66 38.03
CA ARG A 525 29.61 -21.23 36.67
C ARG A 525 30.78 -21.53 35.74
N LEU A 526 32.00 -21.35 36.24
CA LEU A 526 33.16 -21.61 35.39
C LEU A 526 33.35 -23.10 35.16
N PHE A 527 33.28 -23.92 36.21
CA PHE A 527 33.74 -25.30 36.12
C PHE A 527 32.65 -26.35 36.21
N ASN A 528 31.42 -25.99 36.57
CA ASN A 528 30.39 -27.00 36.82
C ASN A 528 29.07 -26.59 36.18
N THR A 529 29.11 -26.14 34.93
CA THR A 529 27.90 -25.77 34.20
C THR A 529 28.06 -26.13 32.73
N PRO A 530 27.74 -27.37 32.36
CA PRO A 530 27.35 -28.50 33.21
C PRO A 530 28.57 -29.31 33.61
N PRO A 531 28.49 -30.08 34.69
CA PRO A 531 29.63 -30.92 35.07
C PRO A 531 29.87 -32.01 34.04
N LEU A 532 31.14 -32.42 33.93
CA LEU A 532 31.49 -33.47 32.97
C LEU A 532 30.77 -34.76 33.33
N LYS A 533 31.14 -35.36 34.46
CA LYS A 533 30.35 -36.42 35.08
C LYS A 533 30.23 -36.27 36.59
N GLY A 534 31.18 -35.61 37.26
CA GLY A 534 31.11 -35.33 38.66
C GLY A 534 31.40 -33.87 38.92
N LYS A 535 31.57 -33.47 40.18
CA LYS A 535 31.79 -32.08 40.53
C LYS A 535 33.25 -31.88 40.87
N ILE A 536 33.91 -30.95 40.17
CA ILE A 536 35.26 -30.55 40.54
C ILE A 536 35.16 -29.52 41.64
N PHE A 537 35.77 -29.80 42.79
CA PHE A 537 35.79 -28.87 43.89
C PHE A 537 37.21 -28.73 44.41
N GLU A 538 37.57 -27.50 44.74
CA GLU A 538 38.96 -27.16 45.02
C GLU A 538 39.48 -27.82 46.30
N ALA A 539 38.61 -28.13 47.25
CA ALA A 539 39.10 -28.55 48.55
C ALA A 539 39.70 -29.94 48.49
N ASP A 540 40.74 -30.08 47.67
CA ASP A 540 41.49 -31.33 47.55
C ASP A 540 42.92 -31.19 48.03
N GLY A 541 43.64 -30.18 47.54
CA GLY A 541 45.03 -30.02 47.89
C GLY A 541 45.94 -31.08 47.34
N ASN A 542 45.42 -32.03 46.57
CA ASN A 542 46.25 -33.08 46.00
C ASN A 542 47.00 -32.58 44.78
N THR A 543 48.27 -32.96 44.69
CA THR A 543 49.08 -32.58 43.54
C THR A 543 48.60 -33.34 42.31
N VAL A 544 48.37 -32.60 41.23
CA VAL A 544 47.97 -33.19 39.96
C VAL A 544 49.00 -32.78 38.91
N SER A 545 49.33 -33.70 38.03
CA SER A 545 50.33 -33.46 36.99
C SER A 545 49.66 -32.86 35.77
N ILE A 546 50.23 -31.76 35.27
CA ILE A 546 49.74 -31.12 34.06
C ILE A 546 50.71 -31.32 32.90
N ASP A 547 51.55 -32.33 32.98
CA ASP A 547 52.49 -32.61 31.90
C ASP A 547 51.73 -33.08 30.67
N PRO A 548 51.87 -32.43 29.51
CA PRO A 548 51.13 -32.88 28.32
C PRO A 548 51.47 -34.30 27.90
N ASP A 549 52.71 -34.74 28.11
CA ASP A 549 53.15 -36.06 27.69
C ASP A 549 52.85 -37.14 28.73
N GLU A 550 51.86 -36.92 29.57
CA GLU A 550 51.53 -37.88 30.63
C GLU A 550 50.42 -38.80 30.16
N GLU A 551 50.63 -40.11 30.30
CA GLU A 551 49.59 -41.08 30.02
C GLU A 551 48.55 -41.04 31.13
N GLN A 552 47.34 -41.50 30.80
CA GLN A 552 46.20 -41.58 31.72
C GLN A 552 46.03 -40.29 32.53
N SER A 553 45.70 -39.23 31.80
CA SER A 553 45.53 -37.92 32.41
C SER A 553 44.40 -37.94 33.44
N THR A 554 44.60 -37.20 34.52
CA THR A 554 43.64 -37.13 35.61
C THR A 554 42.41 -36.34 35.18
N PHE A 555 41.25 -36.72 35.73
CA PHE A 555 40.02 -36.01 35.43
C PHE A 555 40.09 -34.54 35.83
N ALA A 556 40.82 -34.24 36.90
CA ALA A 556 40.91 -32.84 37.36
C ALA A 556 41.55 -31.97 36.30
N ARG A 557 42.59 -32.47 35.64
CA ARG A 557 43.23 -31.70 34.59
C ARG A 557 42.29 -31.42 33.44
N SER A 558 41.48 -32.42 33.05
CA SER A 558 40.52 -32.22 31.97
C SER A 558 39.45 -31.19 32.36
N ALA A 559 38.97 -31.27 33.59
CA ALA A 559 37.98 -30.29 34.05
C ALA A 559 38.56 -28.89 34.04
N LEU A 560 39.81 -28.75 34.50
CA LEU A 560 40.45 -27.44 34.50
C LEU A 560 40.63 -26.92 33.08
N MET A 561 41.02 -27.81 32.16
CA MET A 561 41.20 -27.40 30.76
C MET A 561 39.88 -26.91 30.17
N ARG A 562 38.79 -27.63 30.44
CA ARG A 562 37.50 -27.20 29.90
C ARG A 562 37.04 -25.91 30.54
N GLY A 563 37.34 -25.71 31.82
CA GLY A 563 36.96 -24.47 32.46
C GLY A 563 37.70 -23.26 31.90
N LEU A 564 39.01 -23.41 31.68
CA LEU A 564 39.80 -22.28 31.16
C LEU A 564 39.70 -22.14 29.65
N GLY A 565 39.16 -23.13 28.95
CA GLY A 565 39.06 -23.05 27.50
C GLY A 565 40.38 -23.12 26.77
N VAL A 566 41.29 -23.97 27.23
CA VAL A 566 42.59 -24.17 26.58
C VAL A 566 42.87 -25.66 26.51
N ASN A 567 43.81 -26.02 25.63
CA ASN A 567 44.24 -27.40 25.50
C ASN A 567 45.38 -27.68 26.46
N SER A 568 45.99 -28.86 26.35
CA SER A 568 47.04 -29.25 27.30
C SER A 568 48.28 -28.38 27.13
N GLY A 569 48.68 -28.10 25.90
CA GLY A 569 49.89 -27.30 25.69
C GLY A 569 49.75 -25.89 26.23
N GLU A 570 48.61 -25.26 26.00
CA GLU A 570 48.40 -23.92 26.53
C GLU A 570 48.35 -23.95 28.06
N LEU A 571 47.78 -24.99 28.64
CA LEU A 571 47.77 -25.11 30.10
C LEU A 571 49.18 -25.24 30.65
N TYR A 572 50.03 -26.02 29.97
CA TYR A 572 51.42 -26.14 30.40
C TYR A 572 52.14 -24.79 30.28
N GLN A 573 51.88 -24.06 29.20
CA GLN A 573 52.51 -22.75 29.05
C GLN A 573 52.06 -21.80 30.16
N LEU A 574 50.77 -21.80 30.48
CA LEU A 574 50.29 -20.93 31.55
C LEU A 574 50.90 -21.33 32.89
N GLY A 575 51.03 -22.63 33.15
CA GLY A 575 51.67 -23.07 34.38
C GLY A 575 53.11 -22.62 34.48
N LYS A 576 53.86 -22.74 33.38
CA LYS A 576 55.24 -22.27 33.39
C LYS A 576 55.31 -20.76 33.57
N LEU A 577 54.40 -20.03 32.95
CA LEU A 577 54.44 -18.57 33.02
C LEU A 577 54.10 -18.07 34.42
N ALA A 578 53.07 -18.66 35.05
CA ALA A 578 52.66 -18.20 36.37
C ALA A 578 53.62 -18.64 37.47
N GLY A 579 54.43 -19.66 37.22
CA GLY A 579 55.37 -20.13 38.20
C GLY A 579 54.82 -21.06 39.25
N VAL A 580 53.52 -21.40 39.18
CA VAL A 580 52.94 -22.33 40.14
C VAL A 580 53.41 -23.76 39.90
N LEU A 581 54.12 -24.01 38.80
CA LEU A 581 54.61 -25.35 38.52
C LEU A 581 55.67 -25.76 39.52
N ASP A 582 55.68 -27.05 39.84
CA ASP A 582 56.66 -27.65 40.73
C ASP A 582 57.51 -28.63 39.93
N ALA A 583 58.41 -29.31 40.63
CA ALA A 583 59.19 -30.36 39.99
C ALA A 583 58.27 -31.51 39.57
N GLN A 584 58.69 -32.24 38.54
CA GLN A 584 57.91 -33.31 37.93
C GLN A 584 56.58 -32.81 37.36
N ASN A 585 56.46 -31.49 37.16
CA ASN A 585 55.31 -30.87 36.50
C ASN A 585 54.00 -31.24 37.23
N THR A 586 53.92 -30.82 38.49
CA THR A 586 52.73 -31.02 39.30
C THR A 586 52.34 -29.71 39.96
N ILE A 587 51.04 -29.50 40.10
CA ILE A 587 50.51 -28.31 40.76
C ILE A 587 49.55 -28.74 41.86
N THR A 588 49.39 -27.86 42.85
CA THR A 588 48.48 -28.09 43.96
C THR A 588 47.17 -27.38 43.68
N LEU A 589 46.08 -28.15 43.67
CA LEU A 589 44.76 -27.60 43.37
C LEU A 589 44.29 -26.74 44.54
N SER A 590 44.46 -25.43 44.42
CA SER A 590 44.03 -24.49 45.42
C SER A 590 43.31 -23.34 44.73
N VAL A 591 42.58 -22.54 45.52
CA VAL A 591 41.90 -21.39 44.94
C VAL A 591 42.92 -20.40 44.40
N PHE A 592 44.07 -20.29 45.06
CA PHE A 592 45.10 -19.34 44.63
C PHE A 592 45.66 -19.72 43.26
N VAL A 593 45.99 -20.99 43.06
CA VAL A 593 46.59 -21.42 41.81
C VAL A 593 45.59 -21.29 40.66
N ILE A 594 44.36 -21.77 40.87
CA ILE A 594 43.35 -21.69 39.84
C ILE A 594 43.03 -20.23 39.52
N SER A 595 43.01 -19.38 40.54
CA SER A 595 42.78 -17.96 40.33
C SER A 595 43.90 -17.35 39.49
N SER A 596 45.15 -17.74 39.75
CA SER A 596 46.26 -17.22 38.95
C SER A 596 46.13 -17.64 37.50
N LEU A 597 45.82 -18.91 37.25
CA LEU A 597 45.67 -19.37 35.88
C LEU A 597 44.52 -18.66 35.17
N TYR A 598 43.39 -18.50 35.87
CA TYR A 598 42.27 -17.80 35.28
C TYR A 598 42.58 -16.33 35.03
N ARG A 599 43.38 -15.72 35.89
CA ARG A 599 43.80 -14.34 35.67
C ARG A 599 44.63 -14.23 34.40
N LEU A 600 45.55 -15.17 34.19
CA LEU A 600 46.33 -15.15 32.95
C LEU A 600 45.42 -15.32 31.74
N THR A 601 44.45 -16.22 31.81
CA THR A 601 43.54 -16.41 30.69
C THR A 601 42.72 -15.15 30.43
N LEU A 602 42.26 -14.49 31.48
CA LEU A 602 41.51 -13.25 31.32
C LEU A 602 42.37 -12.17 30.68
N LEU A 603 43.62 -12.06 31.12
CA LEU A 603 44.53 -11.08 30.53
C LEU A 603 44.69 -11.33 29.04
N ALA A 604 44.83 -12.60 28.65
CA ALA A 604 44.94 -12.91 27.24
C ALA A 604 43.65 -12.55 26.50
N ARG A 605 42.49 -12.83 27.10
CA ARG A 605 41.24 -12.69 26.38
C ARG A 605 40.85 -11.24 26.18
N VAL A 606 41.02 -10.40 27.20
CA VAL A 606 40.50 -9.04 27.12
C VAL A 606 41.18 -8.22 26.04
N HIS A 607 42.42 -8.55 25.69
CA HIS A 607 43.18 -7.80 24.69
C HIS A 607 43.18 -8.46 23.33
N GLN A 608 42.33 -9.47 23.11
CA GLN A 608 42.25 -10.20 21.85
C GLN A 608 43.61 -10.82 21.49
N LEU A 609 44.17 -11.56 22.44
CA LEU A 609 45.44 -12.24 22.25
C LEU A 609 45.30 -13.71 22.61
N THR A 610 45.90 -14.57 21.81
CA THR A 610 46.02 -15.97 22.17
C THR A 610 47.07 -16.14 23.26
N VAL A 611 47.12 -17.34 23.84
CA VAL A 611 48.05 -17.59 24.94
C VAL A 611 49.49 -17.46 24.47
N ASN A 612 49.80 -17.98 23.28
CA ASN A 612 51.16 -17.87 22.76
C ASN A 612 51.56 -16.42 22.55
N GLU A 613 50.65 -15.61 22.00
CA GLU A 613 50.96 -14.20 21.80
C GLU A 613 51.17 -13.50 23.12
N LEU A 614 50.37 -13.84 24.14
CA LEU A 614 50.56 -13.25 25.46
C LEU A 614 51.91 -13.63 26.04
N CYS A 615 52.32 -14.89 25.86
CA CYS A 615 53.64 -15.30 26.34
C CYS A 615 54.75 -14.53 25.64
N MET A 616 54.62 -14.33 24.32
CA MET A 616 55.63 -13.57 23.61
C MET A 616 55.69 -12.13 24.10
N LEU A 617 54.53 -11.49 24.27
CA LEU A 617 54.51 -10.11 24.74
C LEU A 617 55.08 -10.00 26.14
N TYR A 618 54.77 -10.95 27.01
CA TYR A 618 55.34 -10.95 28.35
C TYR A 618 56.86 -11.12 28.29
N GLY A 619 57.34 -11.96 27.38
CA GLY A 619 58.77 -12.08 27.21
C GLY A 619 59.42 -10.77 26.78
N LEU A 620 58.74 -10.03 25.91
CA LEU A 620 59.24 -8.72 25.50
C LEU A 620 59.01 -7.65 26.54
N SER A 621 58.16 -7.91 27.53
CA SER A 621 57.79 -6.90 28.51
C SER A 621 58.93 -6.67 29.51
N PRO A 622 58.93 -5.52 30.20
CA PRO A 622 59.91 -5.31 31.27
C PRO A 622 59.70 -6.21 32.48
N PHE A 623 58.62 -6.97 32.52
CA PHE A 623 58.36 -7.89 33.62
C PHE A 623 58.88 -9.29 33.36
N ASN A 624 59.59 -9.50 32.26
CA ASN A 624 60.10 -10.83 31.95
C ASN A 624 61.10 -11.28 33.00
N GLY A 625 61.15 -12.58 33.23
CA GLY A 625 61.95 -13.13 34.30
C GLY A 625 61.27 -13.12 35.66
N LYS A 626 60.04 -12.63 35.74
CA LYS A 626 59.28 -12.62 36.98
C LYS A 626 57.97 -13.37 36.77
N THR A 627 57.73 -14.37 37.60
CA THR A 627 56.48 -15.12 37.53
C THR A 627 55.32 -14.24 37.98
N THR A 628 54.18 -14.40 37.31
CA THR A 628 53.03 -13.54 37.61
C THR A 628 52.49 -13.80 39.01
N ALA A 629 52.60 -15.03 39.51
CA ALA A 629 52.12 -15.31 40.85
C ALA A 629 52.90 -14.52 41.90
N SER A 630 54.21 -14.40 41.70
CA SER A 630 55.07 -13.63 42.61
C SER A 630 55.14 -12.16 42.22
N LEU A 631 53.99 -11.54 42.09
CA LEU A 631 53.90 -10.12 41.73
C LEU A 631 53.25 -9.36 42.88
N SER A 632 53.84 -8.23 43.25
CA SER A 632 53.31 -7.42 44.32
C SER A 632 51.97 -6.81 43.89
N SER A 633 51.21 -6.37 44.90
CA SER A 633 49.90 -5.78 44.61
C SER A 633 50.03 -4.50 43.79
N GLY A 634 51.16 -3.82 43.90
CA GLY A 634 51.39 -2.61 43.13
C GLY A 634 51.96 -2.82 41.76
N GLU A 635 52.19 -4.07 41.35
CA GLU A 635 52.79 -4.36 40.05
C GLU A 635 51.79 -4.88 39.03
N LEU A 636 50.76 -5.61 39.48
CA LEU A 636 49.78 -6.15 38.54
C LEU A 636 49.04 -5.07 37.77
N PRO A 637 48.54 -3.99 38.38
CA PRO A 637 47.95 -2.92 37.56
C PRO A 637 48.92 -2.29 36.59
N ARG A 638 50.20 -2.17 36.97
CA ARG A 638 51.18 -1.64 36.04
C ARG A 638 51.34 -2.56 34.84
N LEU A 639 51.39 -3.87 35.08
CA LEU A 639 51.48 -4.82 33.97
C LEU A 639 50.27 -4.73 33.07
N VAL A 640 49.08 -4.62 33.66
CA VAL A 640 47.87 -4.59 32.83
C VAL A 640 47.81 -3.30 32.03
N ILE A 641 48.25 -2.18 32.60
CA ILE A 641 48.25 -0.93 31.85
C ILE A 641 49.28 -0.97 30.73
N TRP A 642 50.42 -1.61 30.99
CA TRP A 642 51.43 -1.77 29.95
C TRP A 642 50.89 -2.61 28.79
N LEU A 643 50.22 -3.71 29.11
CA LEU A 643 49.65 -4.55 28.06
C LEU A 643 48.61 -3.79 27.26
N TYR A 644 47.72 -3.05 27.93
CA TYR A 644 46.68 -2.32 27.23
C TYR A 644 47.29 -1.27 26.31
N GLN A 645 48.27 -0.52 26.81
CA GLN A 645 48.89 0.53 26.00
C GLN A 645 49.60 -0.06 24.79
N VAL A 646 50.36 -1.15 24.99
CA VAL A 646 51.09 -1.75 23.88
C VAL A 646 50.13 -2.28 22.83
N THR A 647 49.08 -2.99 23.25
CA THR A 647 48.13 -3.53 22.29
C THR A 647 47.42 -2.42 21.53
N GLN A 648 47.05 -1.34 22.22
CA GLN A 648 46.41 -0.22 21.53
C GLN A 648 47.34 0.39 20.50
N TRP A 649 48.61 0.58 20.86
CA TRP A 649 49.56 1.13 19.89
C TRP A 649 49.73 0.20 18.69
N LEU A 650 49.82 -1.10 18.93
CA LEU A 650 49.98 -2.04 17.83
C LEU A 650 48.78 -2.02 16.91
N THR A 651 47.57 -1.96 17.48
CA THR A 651 46.37 -1.90 16.64
C THR A 651 46.33 -0.62 15.83
N GLU A 652 46.69 0.50 16.45
CA GLU A 652 46.67 1.78 15.75
C GLU A 652 47.69 1.80 14.61
N ALA A 653 48.89 1.28 14.85
CA ALA A 653 49.97 1.35 13.87
C ALA A 653 49.91 0.24 12.83
N GLU A 654 48.93 -0.66 12.91
CA GLU A 654 48.76 -1.75 11.96
C GLU A 654 49.99 -2.66 11.92
N ILE A 655 50.44 -3.06 13.10
CA ILE A 655 51.54 -4.00 13.24
C ILE A 655 51.03 -5.23 13.98
N THR A 656 51.21 -6.40 13.39
CA THR A 656 50.78 -7.63 14.04
C THR A 656 51.75 -8.00 15.16
N THR A 657 51.28 -8.87 16.06
CA THR A 657 52.12 -9.28 17.19
C THR A 657 53.34 -10.05 16.71
N GLU A 658 53.18 -10.86 15.66
CA GLU A 658 54.32 -11.61 15.13
C GLU A 658 55.40 -10.66 14.60
N ALA A 659 54.99 -9.58 13.95
CA ALA A 659 55.95 -8.63 13.42
C ALA A 659 56.75 -7.98 14.54
N ILE A 660 56.08 -7.57 15.62
CA ILE A 660 56.79 -6.94 16.72
C ILE A 660 57.69 -7.96 17.42
N TRP A 661 57.26 -9.23 17.47
CA TRP A 661 58.12 -10.26 18.04
C TRP A 661 59.39 -10.40 17.22
N LEU A 662 59.25 -10.51 15.90
CA LEU A 662 60.43 -10.61 15.04
C LEU A 662 61.29 -9.36 15.12
N LEU A 663 60.68 -8.22 15.44
CA LEU A 663 61.45 -6.99 15.53
C LEU A 663 62.27 -6.93 16.82
N CYS A 664 61.71 -7.40 17.93
CA CYS A 664 62.33 -7.15 19.23
C CYS A 664 62.78 -8.41 19.96
N THR A 665 62.70 -9.58 19.35
CA THR A 665 63.12 -10.79 20.02
C THR A 665 64.65 -10.84 20.14
N PRO A 666 65.17 -11.45 21.20
CA PRO A 666 66.61 -11.70 21.28
C PRO A 666 67.06 -13.03 20.70
N GLU A 667 66.13 -13.92 20.39
CA GLU A 667 66.49 -15.24 19.89
C GLU A 667 66.86 -15.16 18.41
N PHE A 668 67.80 -16.02 18.01
CA PHE A 668 68.21 -16.11 16.62
C PHE A 668 68.45 -17.57 16.25
N SER A 669 68.45 -17.83 14.94
CA SER A 669 68.61 -19.20 14.47
C SER A 669 69.96 -19.77 14.84
N GLY A 670 71.01 -18.96 14.73
CA GLY A 670 72.36 -19.43 14.98
C GLY A 670 73.06 -20.05 13.80
N ASN A 671 72.42 -20.07 12.63
CA ASN A 671 73.01 -20.61 11.41
C ASN A 671 73.23 -19.50 10.41
N ILE A 672 74.34 -19.57 9.67
CA ILE A 672 74.61 -18.57 8.66
C ILE A 672 73.60 -18.69 7.53
N SER A 673 72.96 -17.58 7.20
CA SER A 673 71.92 -17.52 6.19
C SER A 673 72.53 -17.19 4.83
N PRO A 674 71.84 -17.51 3.73
CA PRO A 674 72.39 -17.18 2.41
C PRO A 674 72.64 -15.70 2.21
N GLU A 675 71.84 -14.82 2.82
CA GLU A 675 72.08 -13.39 2.69
C GLU A 675 73.42 -13.00 3.27
N ILE A 676 73.75 -13.52 4.46
CA ILE A 676 75.04 -13.21 5.06
C ILE A 676 76.17 -13.79 4.21
N SER A 677 75.95 -14.96 3.63
CA SER A 677 76.98 -15.54 2.76
C SER A 677 77.23 -14.65 1.55
N ASN A 678 76.16 -14.15 0.93
CA ASN A 678 76.32 -13.25 -0.20
C ASN A 678 77.03 -11.96 0.22
N LEU A 679 76.67 -11.45 1.40
CA LEU A 679 77.33 -10.23 1.88
C LEU A 679 78.82 -10.45 2.06
N LEU A 680 79.20 -11.57 2.67
CA LEU A 680 80.62 -11.85 2.88
C LEU A 680 81.34 -12.03 1.55
N ASN A 681 80.73 -12.75 0.61
CA ASN A 681 81.37 -13.00 -0.67
C ASN A 681 81.57 -11.70 -1.44
N ASN A 682 80.58 -10.82 -1.43
CA ASN A 682 80.72 -9.54 -2.13
C ASN A 682 81.60 -8.56 -1.38
N LEU A 683 81.80 -8.75 -0.08
CA LEU A 683 82.59 -7.81 0.71
C LEU A 683 84.06 -8.15 0.76
N ARG A 684 84.41 -9.43 0.67
CA ARG A 684 85.81 -9.82 0.78
C ARG A 684 86.72 -9.14 -0.24
N PRO A 685 86.42 -9.12 -1.54
CA PRO A 685 87.35 -8.48 -2.48
C PRO A 685 87.54 -6.99 -2.25
N SER A 686 86.52 -6.27 -1.80
CA SER A 686 86.58 -4.82 -1.68
C SER A 686 87.04 -4.36 -0.30
N ILE A 687 87.78 -5.20 0.41
CA ILE A 687 88.26 -4.88 1.76
C ILE A 687 89.69 -5.36 1.88
N SER A 688 90.40 -4.82 2.87
CA SER A 688 91.77 -5.24 3.12
C SER A 688 92.07 -5.10 4.61
N GLU A 689 93.13 -5.77 5.04
CA GLU A 689 93.48 -5.78 6.46
C GLU A 689 93.88 -4.40 6.96
N ASP A 690 94.35 -3.53 6.07
CA ASP A 690 94.86 -2.23 6.50
C ASP A 690 93.76 -1.39 7.15
N MET A 691 92.59 -1.34 6.55
CA MET A 691 91.49 -0.60 7.16
C MET A 691 90.88 -1.33 8.34
N ALA A 692 91.16 -2.63 8.49
CA ALA A 692 90.66 -3.35 9.65
C ALA A 692 91.35 -2.90 10.93
N GLN A 693 92.62 -2.52 10.84
CA GLN A 693 93.39 -2.12 12.01
C GLN A 693 93.28 -0.64 12.32
N SER A 694 92.70 0.15 11.44
CA SER A 694 92.54 1.58 11.71
C SER A 694 91.53 1.80 12.82
N HIS A 695 91.76 2.86 13.60
CA HIS A 695 90.89 3.18 14.72
C HIS A 695 89.77 4.14 14.35
N ASN A 696 89.68 4.54 13.08
CA ASN A 696 88.66 5.48 12.62
C ASN A 696 87.41 4.68 12.27
N ARG A 697 86.47 4.62 13.21
CA ARG A 697 85.25 3.85 12.98
C ARG A 697 84.34 4.55 11.98
N GLU A 698 84.43 5.88 11.87
CA GLU A 698 83.64 6.58 10.88
C GLU A 698 84.05 6.19 9.47
N LEU A 699 85.35 6.08 9.20
CA LEU A 699 85.81 5.66 7.90
C LEU A 699 85.36 4.24 7.59
N GLN A 700 85.42 3.34 8.57
CA GLN A 700 84.98 1.98 8.34
C GLN A 700 83.49 1.92 8.06
N ALA A 701 82.69 2.73 8.78
CA ALA A 701 81.27 2.78 8.49
C ALA A 701 81.01 3.30 7.08
N GLU A 702 81.75 4.33 6.67
CA GLU A 702 81.60 4.83 5.30
C GLU A 702 81.95 3.76 4.28
N ILE A 703 83.00 2.98 4.55
CA ILE A 703 83.41 1.92 3.63
C ILE A 703 82.34 0.85 3.52
N LEU A 704 81.80 0.42 4.67
CA LEU A 704 80.88 -0.71 4.67
C LEU A 704 79.43 -0.32 4.38
N ALA A 705 79.11 0.97 4.33
CA ALA A 705 77.72 1.37 4.17
C ALA A 705 77.05 0.81 2.92
N PRO A 706 77.63 0.91 1.71
CA PRO A 706 76.87 0.44 0.53
C PRO A 706 76.50 -1.02 0.56
N PHE A 707 77.39 -1.89 1.03
CA PHE A 707 77.08 -3.32 1.04
C PHE A 707 75.99 -3.64 2.06
N ILE A 708 76.05 -2.99 3.23
CA ILE A 708 75.00 -3.17 4.22
C ILE A 708 73.66 -2.69 3.68
N ALA A 709 73.67 -1.56 2.96
CA ALA A 709 72.44 -1.07 2.36
C ALA A 709 71.90 -2.06 1.34
N ALA A 710 72.78 -2.65 0.53
CA ALA A 710 72.34 -3.61 -0.46
C ALA A 710 71.75 -4.85 0.19
N THR A 711 72.37 -5.36 1.24
CA THR A 711 71.92 -6.60 1.85
C THR A 711 70.71 -6.42 2.75
N LEU A 712 70.28 -5.19 3.00
CA LEU A 712 69.13 -4.92 3.85
C LEU A 712 68.04 -4.13 3.14
N HIS A 713 68.18 -3.92 1.83
CA HIS A 713 67.18 -3.21 1.03
C HIS A 713 66.95 -1.80 1.57
N LEU A 714 68.01 -1.16 2.05
CA LEU A 714 67.90 0.18 2.58
C LEU A 714 67.86 1.20 1.44
N ALA A 715 67.34 2.38 1.76
CA ALA A 715 67.11 3.38 0.72
C ALA A 715 68.41 3.95 0.18
N SER A 716 69.31 4.36 1.07
CA SER A 716 70.52 5.06 0.68
C SER A 716 71.67 4.61 1.56
N PRO A 717 72.91 4.76 1.09
CA PRO A 717 74.06 4.37 1.91
C PRO A 717 74.16 5.11 3.23
N ASP A 718 73.67 6.35 3.32
CA ASP A 718 73.75 7.08 4.58
C ASP A 718 72.93 6.40 5.66
N MET A 719 71.74 5.91 5.32
CA MET A 719 70.95 5.17 6.28
C MET A 719 71.69 3.94 6.77
N ALA A 720 72.37 3.24 5.86
CA ALA A 720 73.15 2.08 6.26
C ALA A 720 74.29 2.48 7.19
N ARG A 721 74.95 3.59 6.91
CA ARG A 721 76.04 4.03 7.77
C ARG A 721 75.53 4.33 9.18
N TYR A 722 74.39 5.00 9.29
CA TYR A 722 73.89 5.33 10.62
C TYR A 722 73.40 4.08 11.35
N ILE A 723 72.81 3.14 10.62
CA ILE A 723 72.44 1.87 11.24
C ILE A 723 73.67 1.14 11.76
N LEU A 724 74.76 1.16 10.98
CA LEU A 724 75.99 0.52 11.41
C LEU A 724 76.54 1.19 12.66
N LEU A 725 76.50 2.52 12.71
CA LEU A 725 76.98 3.22 13.90
C LEU A 725 76.15 2.86 15.12
N TRP A 726 74.83 2.80 14.96
CA TRP A 726 73.97 2.42 16.07
C TRP A 726 74.29 1.01 16.55
N THR A 727 74.48 0.08 15.62
CA THR A 727 74.81 -1.30 16.00
C THR A 727 76.15 -1.36 16.72
N ASP A 728 77.13 -0.60 16.24
CA ASP A 728 78.42 -0.56 16.91
C ASP A 728 78.29 -0.02 18.32
N ASN A 729 77.45 0.98 18.52
CA ASN A 729 77.19 1.46 19.87
C ASN A 729 76.54 0.37 20.73
N LEU A 730 75.65 -0.43 20.13
CA LEU A 730 74.99 -1.48 20.89
C LEU A 730 75.96 -2.56 21.32
N ARG A 731 76.93 -2.91 20.47
CA ARG A 731 77.84 -4.02 20.69
C ARG A 731 77.07 -5.30 20.99
N PRO A 732 76.43 -5.90 19.99
CA PRO A 732 75.54 -7.04 20.25
C PRO A 732 76.20 -8.21 20.94
N GLY A 733 77.24 -8.77 20.32
CA GLY A 733 77.92 -9.91 20.91
C GLY A 733 79.33 -9.59 21.32
N GLY A 734 79.54 -8.38 21.82
CA GLY A 734 80.89 -7.93 22.11
C GLY A 734 81.70 -7.60 20.88
N LEU A 735 81.06 -7.49 19.72
CA LEU A 735 81.73 -7.22 18.45
C LEU A 735 81.50 -5.77 18.07
N ASP A 736 82.58 -5.04 17.85
CA ASP A 736 82.49 -3.69 17.30
C ASP A 736 82.58 -3.77 15.78
N ILE A 737 82.74 -2.62 15.13
CA ILE A 737 82.91 -2.61 13.68
C ILE A 737 84.22 -3.31 13.30
N ALA A 738 85.29 -3.03 14.04
CA ALA A 738 86.57 -3.65 13.74
C ALA A 738 86.53 -5.15 13.90
N GLY A 739 85.83 -5.63 14.94
CA GLY A 739 85.71 -7.07 15.12
C GLY A 739 84.97 -7.74 13.98
N PHE A 740 83.88 -7.12 13.52
CA PHE A 740 83.15 -7.64 12.38
C PHE A 740 84.03 -7.66 11.14
N MET A 741 84.78 -6.58 10.92
CA MET A 741 85.61 -6.50 9.72
C MET A 741 86.73 -7.53 9.75
N THR A 742 87.29 -7.80 10.93
CA THR A 742 88.30 -8.84 11.04
C THR A 742 87.69 -10.22 10.84
N LEU A 743 86.50 -10.45 11.39
CA LEU A 743 85.84 -11.74 11.21
C LEU A 743 85.53 -12.02 9.74
N VAL A 744 85.18 -10.96 9.00
CA VAL A 744 84.94 -11.14 7.56
C VAL A 744 86.21 -11.60 6.87
N LEU A 745 87.35 -11.02 7.23
CA LEU A 745 88.63 -11.36 6.62
C LEU A 745 89.22 -12.60 7.29
N LYS A 746 88.53 -13.72 7.09
CA LYS A 746 89.00 -15.00 7.61
C LYS A 746 88.63 -16.09 6.63
N GLU A 747 89.55 -17.03 6.42
CA GLU A 747 89.32 -18.15 5.50
C GLU A 747 88.52 -19.26 6.18
N SER A 748 87.31 -18.90 6.59
CA SER A 748 86.37 -19.81 7.24
C SER A 748 86.94 -20.40 8.52
N LEU A 749 87.89 -19.70 9.14
CA LEU A 749 88.46 -20.15 10.41
C LEU A 749 87.55 -19.72 11.56
N ASN A 750 86.35 -20.29 11.56
CA ASN A 750 85.27 -19.88 12.45
C ASN A 750 84.86 -21.08 13.31
N ALA A 751 85.35 -21.13 14.55
CA ALA A 751 84.98 -22.21 15.45
C ALA A 751 83.65 -21.93 16.13
N ASN A 752 83.60 -20.87 16.95
CA ASN A 752 82.37 -20.43 17.58
C ASN A 752 82.05 -18.99 17.27
N GLU A 753 82.92 -18.28 16.56
CA GLU A 753 82.67 -16.90 16.18
C GLU A 753 81.52 -16.76 15.19
N THR A 754 81.07 -17.87 14.59
CA THR A 754 79.86 -17.82 13.78
C THR A 754 78.69 -17.31 14.61
N THR A 755 78.65 -17.67 15.89
CA THR A 755 77.60 -17.17 16.76
C THR A 755 77.65 -15.65 16.86
N GLN A 756 78.85 -15.09 17.06
CA GLN A 756 78.98 -13.64 17.13
C GLN A 756 78.59 -13.00 15.82
N LEU A 757 79.01 -13.57 14.70
CA LEU A 757 78.71 -12.99 13.39
C LEU A 757 77.22 -12.98 13.13
N VAL A 758 76.55 -14.10 13.38
CA VAL A 758 75.11 -14.16 13.11
C VAL A 758 74.35 -13.29 14.10
N GLN A 759 74.81 -13.16 15.34
CA GLN A 759 74.14 -12.27 16.27
C GLN A 759 74.26 -10.82 15.83
N PHE A 760 75.45 -10.41 15.38
CA PHE A 760 75.62 -9.06 14.86
C PHE A 760 74.71 -8.81 13.67
N CYS A 761 74.68 -9.75 12.73
CA CYS A 761 73.83 -9.59 11.56
C CYS A 761 72.37 -9.54 11.94
N HIS A 762 71.95 -10.37 12.89
CA HIS A 762 70.56 -10.38 13.32
C HIS A 762 70.17 -9.06 13.96
N VAL A 763 71.03 -8.50 14.80
CA VAL A 763 70.72 -7.22 15.42
C VAL A 763 70.63 -6.13 14.35
N MET A 764 71.55 -6.14 13.39
CA MET A 764 71.49 -5.16 12.32
C MET A 764 70.19 -5.27 11.52
N ALA A 765 69.79 -6.50 11.20
CA ALA A 765 68.55 -6.69 10.45
C ALA A 765 67.35 -6.21 11.25
N GLN A 766 67.34 -6.49 12.54
CA GLN A 766 66.24 -6.01 13.40
C GLN A 766 66.16 -4.50 13.37
N LEU A 767 67.30 -3.83 13.52
CA LEU A 767 67.30 -2.37 13.53
C LEU A 767 66.81 -1.81 12.21
N SER A 768 67.32 -2.35 11.09
CA SER A 768 66.92 -1.84 9.79
C SER A 768 65.43 -2.05 9.54
N LEU A 769 64.92 -3.23 9.91
CA LEU A 769 63.50 -3.51 9.71
C LEU A 769 62.64 -2.59 10.57
N SER A 770 63.04 -2.34 11.81
CA SER A 770 62.28 -1.43 12.66
C SER A 770 62.27 -0.03 12.09
N VAL A 771 63.42 0.46 11.62
CA VAL A 771 63.47 1.80 11.04
C VAL A 771 62.59 1.87 9.80
N GLN A 772 62.63 0.85 8.95
CA GLN A 772 61.81 0.85 7.75
C GLN A 772 60.33 0.85 8.10
N THR A 773 59.93 0.06 9.11
CA THR A 773 58.53 0.01 9.51
C THR A 773 58.07 1.35 10.06
N LEU A 774 58.89 1.99 10.89
CA LEU A 774 58.52 3.28 11.43
C LEU A 774 58.56 4.38 10.37
N ARG A 775 59.15 4.10 9.21
CA ARG A 775 59.31 5.10 8.15
C ARG A 775 60.08 6.32 8.64
N LEU A 776 61.09 6.08 9.47
CA LEU A 776 61.89 7.16 10.01
C LEU A 776 62.72 7.80 8.91
N SER A 777 62.70 9.13 8.86
CA SER A 777 63.49 9.85 7.87
C SER A 777 64.97 9.76 8.20
N GLU A 778 65.80 10.03 7.20
CA GLU A 778 67.24 9.97 7.40
C GLU A 778 67.73 11.07 8.34
N ALA A 779 67.11 12.25 8.28
CA ALA A 779 67.56 13.35 9.12
C ALA A 779 67.34 13.05 10.60
N GLU A 780 66.16 12.53 10.96
CA GLU A 780 65.90 12.20 12.35
C GLU A 780 66.86 11.12 12.84
N LEU A 781 67.10 10.10 12.02
CA LEU A 781 68.02 9.05 12.42
C LEU A 781 69.43 9.59 12.62
N SER A 782 69.88 10.48 11.72
CA SER A 782 71.19 11.07 11.87
C SER A 782 71.29 11.87 13.16
N VAL A 783 70.27 12.68 13.44
CA VAL A 783 70.29 13.51 14.64
C VAL A 783 70.33 12.63 15.89
N LEU A 784 69.53 11.56 15.91
CA LEU A 784 69.48 10.71 17.08
C LEU A 784 70.78 9.95 17.29
N VAL A 785 71.31 9.35 16.22
CA VAL A 785 72.49 8.50 16.36
C VAL A 785 73.72 9.32 16.68
N ILE A 786 73.87 10.48 16.03
CA ILE A 786 75.05 11.30 16.27
C ILE A 786 75.10 11.75 17.72
N SER A 787 73.95 12.15 18.27
CA SER A 787 73.89 12.59 19.66
C SER A 787 73.96 11.44 20.65
N GLY A 788 73.93 10.20 20.18
CA GLY A 788 73.93 9.07 21.09
C GLY A 788 72.61 8.83 21.76
N PHE A 789 71.51 9.21 21.12
CA PHE A 789 70.15 9.03 21.62
C PHE A 789 69.90 9.84 22.89
N ALA A 790 70.74 10.82 23.18
CA ALA A 790 70.46 11.72 24.29
C ALA A 790 69.25 12.59 24.01
N VAL A 791 69.00 12.91 22.75
CA VAL A 791 67.84 13.72 22.40
C VAL A 791 66.55 12.99 22.73
N LEU A 792 66.47 11.71 22.36
CA LEU A 792 65.25 10.95 22.63
C LEU A 792 65.03 10.76 24.12
N GLY A 793 66.10 10.48 24.86
CA GLY A 793 65.99 10.26 26.29
C GLY A 793 65.42 8.90 26.62
N ALA A 794 65.44 8.57 27.91
CA ALA A 794 64.92 7.31 28.38
C ALA A 794 64.42 7.46 29.81
N LYS A 795 63.55 6.54 30.21
CA LYS A 795 62.95 6.57 31.54
C LYS A 795 63.72 5.61 32.44
N ASN A 796 64.66 6.14 33.21
CA ASN A 796 65.44 5.41 34.20
C ASN A 796 66.32 4.34 33.58
N GLN A 797 66.57 4.41 32.29
CA GLN A 797 67.44 3.46 31.61
C GLN A 797 68.52 4.21 30.86
N PRO A 798 69.66 3.59 30.60
CA PRO A 798 70.64 4.19 29.69
C PRO A 798 70.03 4.36 28.30
N ALA A 799 70.36 5.47 27.66
CA ALA A 799 69.81 5.77 26.34
C ALA A 799 70.43 4.86 25.29
N GLY A 800 69.71 4.70 24.18
CA GLY A 800 70.20 3.92 23.06
C GLY A 800 69.82 2.46 23.08
N GLN A 801 69.13 2.00 24.12
CA GLN A 801 68.71 0.60 24.17
C GLN A 801 67.67 0.32 23.09
N HIS A 802 67.58 -0.93 22.68
CA HIS A 802 66.64 -1.36 21.65
C HIS A 802 65.65 -2.35 22.26
N ASN A 803 64.56 -1.84 22.80
CA ASN A 803 63.47 -2.67 23.29
C ASN A 803 62.17 -2.09 22.79
N ILE A 804 61.05 -2.69 23.21
CA ILE A 804 59.75 -2.26 22.71
C ILE A 804 59.42 -0.85 23.21
N ASP A 805 59.84 -0.51 24.42
CA ASP A 805 59.53 0.80 24.97
C ASP A 805 60.22 1.91 24.17
N THR A 806 61.49 1.72 23.81
CA THR A 806 62.17 2.72 23.00
C THR A 806 61.53 2.81 21.62
N LEU A 807 61.05 1.69 21.09
CA LEU A 807 60.35 1.73 19.81
C LEU A 807 59.08 2.56 19.90
N PHE A 808 58.32 2.38 20.97
CA PHE A 808 57.11 3.18 21.17
C PHE A 808 57.44 4.66 21.29
N SER A 809 58.48 4.97 22.08
CA SER A 809 58.88 6.37 22.23
C SER A 809 59.32 6.96 20.90
N LEU A 810 60.07 6.20 20.12
CA LEU A 810 60.52 6.67 18.81
C LEU A 810 59.34 6.92 17.88
N TYR A 811 58.35 6.04 17.91
CA TYR A 811 57.17 6.23 17.08
C TYR A 811 56.45 7.52 17.45
N ARG A 812 56.27 7.75 18.76
CA ARG A 812 55.60 8.98 19.19
C ARG A 812 56.41 10.21 18.79
N PHE A 813 57.72 10.15 18.96
CA PHE A 813 58.57 11.27 18.60
C PHE A 813 58.50 11.58 17.12
N HIS A 814 58.50 10.55 16.28
CA HIS A 814 58.38 10.76 14.85
C HIS A 814 57.03 11.35 14.49
N GLN A 815 55.96 10.90 15.16
CA GLN A 815 54.65 11.47 14.92
C GLN A 815 54.64 12.96 15.24
N TRP A 816 55.23 13.34 16.37
CA TRP A 816 55.27 14.74 16.74
C TRP A 816 56.06 15.56 15.72
N ILE A 817 57.22 15.03 15.29
CA ILE A 817 58.03 15.77 14.33
C ILE A 817 57.29 15.94 13.02
N ASN A 818 56.62 14.89 12.55
CA ASN A 818 55.86 14.99 11.31
C ASN A 818 54.74 16.01 11.44
N GLY A 819 54.04 16.01 12.57
CA GLY A 819 52.97 16.96 12.76
C GLY A 819 53.41 18.37 13.03
N LEU A 820 54.71 18.57 13.31
CA LEU A 820 55.19 19.93 13.57
C LEU A 820 55.01 20.84 12.36
N GLY A 821 55.28 20.32 11.17
CA GLY A 821 55.06 21.10 9.97
C GLY A 821 56.33 21.48 9.24
N ASN A 822 56.26 22.58 8.47
CA ASN A 822 57.43 23.02 7.72
C ASN A 822 58.60 23.43 8.60
N PRO A 823 58.44 24.26 9.64
CA PRO A 823 59.60 24.62 10.46
C PRO A 823 60.09 23.51 11.36
N GLY A 824 59.46 22.34 11.32
CA GLY A 824 59.83 21.28 12.26
C GLY A 824 61.30 20.93 12.19
N SER A 825 61.85 20.82 10.99
CA SER A 825 63.27 20.54 10.82
C SER A 825 64.10 21.50 11.66
N ASP A 826 63.83 22.79 11.53
CA ASP A 826 64.57 23.79 12.30
C ASP A 826 64.42 23.51 13.80
N THR A 827 63.19 23.22 14.24
CA THR A 827 62.98 22.91 15.65
C THR A 827 63.85 21.73 16.07
N LEU A 828 63.96 20.72 15.21
CA LEU A 828 64.80 19.58 15.55
C LEU A 828 66.24 20.03 15.81
N ASP A 829 66.74 20.95 14.99
CA ASP A 829 68.07 21.48 15.23
C ASP A 829 68.14 22.17 16.58
N MET A 830 67.13 22.98 16.91
CA MET A 830 67.09 23.60 18.22
C MET A 830 67.04 22.55 19.31
N LEU A 831 66.43 21.40 19.04
CA LEU A 831 66.42 20.32 20.01
C LEU A 831 67.75 19.59 20.06
N ARG A 832 68.50 19.59 18.95
CA ARG A 832 69.82 18.95 18.97
C ARG A 832 70.76 19.69 19.91
N GLN A 833 70.71 21.01 19.90
CA GLN A 833 71.36 21.81 20.92
C GLN A 833 70.40 21.93 22.11
N GLN A 834 70.70 22.81 23.04
CA GLN A 834 69.84 23.02 24.20
C GLN A 834 69.25 24.43 24.20
N THR A 835 68.90 24.92 23.01
CA THR A 835 68.42 26.29 22.84
C THR A 835 66.91 26.36 22.70
N LEU A 836 66.20 25.26 22.82
CA LEU A 836 64.75 25.30 22.69
C LEU A 836 64.13 25.95 23.92
N THR A 837 63.25 26.92 23.69
CA THR A 837 62.59 27.65 24.75
C THR A 837 61.09 27.41 24.71
N ALA A 838 60.43 27.69 25.83
CA ALA A 838 58.99 27.48 25.91
C ALA A 838 58.24 28.38 24.94
N ASP A 839 58.67 29.63 24.80
CA ASP A 839 58.01 30.55 23.88
C ASP A 839 58.11 30.07 22.45
N ARG A 840 59.30 29.59 22.06
CA ARG A 840 59.48 29.11 20.70
C ARG A 840 58.58 27.92 20.40
N LEU A 841 58.52 26.96 21.34
CA LEU A 841 57.67 25.79 21.14
C LEU A 841 56.20 26.18 21.08
N ALA A 842 55.78 27.08 21.96
CA ALA A 842 54.38 27.50 21.97
C ALA A 842 54.01 28.20 20.66
N SER A 843 54.89 29.07 20.17
CA SER A 843 54.61 29.75 18.90
C SER A 843 54.60 28.78 17.74
N VAL A 844 55.51 27.81 17.74
CA VAL A 844 55.62 26.87 16.62
C VAL A 844 54.39 25.97 16.58
N MET A 845 53.99 25.42 17.72
CA MET A 845 52.92 24.44 17.75
C MET A 845 51.53 25.06 17.86
N GLY A 846 51.45 26.39 17.93
CA GLY A 846 50.17 27.05 17.92
C GLY A 846 49.43 27.09 19.24
N LEU A 847 50.08 26.72 20.34
CA LEU A 847 49.43 26.78 21.63
C LEU A 847 49.54 28.19 22.22
N ASP A 848 49.04 28.34 23.44
CA ASP A 848 49.13 29.60 24.17
C ASP A 848 50.31 29.54 25.13
N ILE A 849 51.01 30.67 25.25
CA ILE A 849 52.23 30.70 26.07
C ILE A 849 51.90 30.42 27.54
N SER A 850 50.79 30.97 28.03
CA SER A 850 50.44 30.78 29.43
C SER A 850 50.20 29.32 29.76
N MET A 851 49.47 28.61 28.88
CA MET A 851 49.21 27.20 29.12
C MET A 851 50.50 26.40 29.13
N VAL A 852 51.41 26.68 28.20
CA VAL A 852 52.67 25.95 28.14
C VAL A 852 53.49 26.20 29.40
N THR A 853 53.56 27.46 29.84
CA THR A 853 54.33 27.78 31.04
C THR A 853 53.74 27.09 32.26
N GLN A 854 52.40 27.11 32.39
CA GLN A 854 51.78 26.45 33.53
C GLN A 854 52.02 24.95 33.51
N ALA A 855 51.95 24.34 32.33
CA ALA A 855 52.20 22.91 32.23
C ALA A 855 53.64 22.58 32.60
N MET A 856 54.59 23.40 32.15
CA MET A 856 55.99 23.16 32.51
C MET A 856 56.20 23.29 34.01
N VAL A 857 55.56 24.28 34.63
CA VAL A 857 55.70 24.45 36.07
C VAL A 857 55.10 23.25 36.80
N SER A 858 53.92 22.81 36.39
CA SER A 858 53.24 21.71 37.07
C SER A 858 54.02 20.40 36.93
N ALA A 859 54.53 20.12 35.74
CA ALA A 859 55.22 18.87 35.49
C ALA A 859 56.57 18.78 36.18
N GLY A 860 57.08 19.88 36.71
CA GLY A 860 58.37 19.87 37.37
C GLY A 860 59.56 19.97 36.45
N VAL A 861 59.35 20.29 35.18
CA VAL A 861 60.45 20.43 34.23
C VAL A 861 60.70 21.90 33.98
N ASN A 862 61.96 22.30 34.02
CA ASN A 862 62.34 23.69 33.79
C ASN A 862 63.17 23.89 32.52
N GLN A 863 63.59 22.81 31.87
CA GLN A 863 64.36 22.91 30.64
C GLN A 863 63.98 21.76 29.72
N LEU A 864 63.82 22.06 28.43
CA LEU A 864 63.42 21.04 27.46
C LEU A 864 64.66 20.37 26.89
N GLN A 865 65.30 19.55 27.73
CA GLN A 865 66.54 18.90 27.34
C GLN A 865 66.29 17.79 26.32
N CYS A 866 65.29 16.95 26.56
CA CYS A 866 65.09 15.74 25.79
C CYS A 866 63.64 15.65 25.34
N TRP A 867 63.32 14.56 24.64
CA TRP A 867 61.96 14.35 24.18
C TRP A 867 61.02 14.01 25.33
N GLN A 868 61.55 13.45 26.42
CA GLN A 868 60.70 13.08 27.54
C GLN A 868 60.03 14.31 28.15
N ASP A 869 60.78 15.40 28.31
CA ASP A 869 60.20 16.61 28.89
C ASP A 869 59.09 17.16 28.01
N ILE A 870 59.30 17.20 26.69
CA ILE A 870 58.28 17.68 25.78
C ILE A 870 57.06 16.77 25.84
N ASN A 871 57.27 15.46 25.92
CA ASN A 871 56.16 14.53 26.00
C ASN A 871 55.34 14.76 27.26
N THR A 872 56.01 14.95 28.39
CA THR A 872 55.29 15.21 29.64
C THR A 872 54.50 16.51 29.56
N VAL A 873 55.11 17.55 29.01
CA VAL A 873 54.42 18.84 28.90
C VAL A 873 53.19 18.69 28.01
N LEU A 874 53.32 17.99 26.89
CA LEU A 874 52.19 17.81 25.99
C LEU A 874 51.09 16.99 26.64
N GLN A 875 51.45 15.97 27.42
CA GLN A 875 50.44 15.19 28.12
C GLN A 875 49.67 16.05 29.11
N TRP A 876 50.38 16.90 29.86
CA TRP A 876 49.69 17.78 30.79
C TRP A 876 48.77 18.74 30.05
N ILE A 877 49.23 19.29 28.93
CA ILE A 877 48.40 20.21 28.15
C ILE A 877 47.15 19.51 27.66
N ASP A 878 47.30 18.29 27.17
CA ASP A 878 46.14 17.56 26.64
C ASP A 878 45.15 17.24 27.73
N VAL A 879 45.62 16.81 28.91
CA VAL A 879 44.70 16.53 30.00
C VAL A 879 43.97 17.79 30.43
N ALA A 880 44.68 18.92 30.50
CA ALA A 880 44.02 20.17 30.86
C ALA A 880 42.96 20.56 29.83
N SER A 881 43.27 20.37 28.54
CA SER A 881 42.29 20.72 27.51
C SER A 881 41.11 19.76 27.51
N ALA A 882 41.30 18.52 27.96
CA ALA A 882 40.19 17.57 27.99
C ALA A 882 39.10 18.02 28.95
N LEU A 883 39.48 18.66 30.05
CA LEU A 883 38.53 19.13 31.05
C LEU A 883 38.18 20.60 30.89
N HIS A 884 38.59 21.23 29.79
CA HIS A 884 38.31 22.65 29.54
C HIS A 884 38.85 23.53 30.66
N THR A 885 40.03 23.20 31.15
CA THR A 885 40.63 23.91 32.28
C THR A 885 42.11 24.08 31.98
N MET A 886 42.90 24.41 33.00
CA MET A 886 44.32 24.67 32.84
C MET A 886 45.17 23.82 33.76
N PRO A 887 46.46 23.62 33.42
CA PRO A 887 47.28 22.69 34.19
C PRO A 887 47.42 23.03 35.66
N SER A 888 47.28 24.29 36.05
CA SER A 888 47.33 24.62 37.47
C SER A 888 46.21 23.95 38.23
N VAL A 889 45.00 23.98 37.67
CA VAL A 889 43.86 23.33 38.32
C VAL A 889 44.05 21.83 38.36
N ILE A 890 44.62 21.26 37.29
CA ILE A 890 44.86 19.82 37.27
C ILE A 890 45.88 19.44 38.34
N ARG A 891 46.93 20.24 38.50
CA ARG A 891 47.91 19.98 39.55
C ARG A 891 47.26 20.06 40.92
N THR A 892 46.42 21.08 41.14
CA THR A 892 45.74 21.18 42.43
C THR A 892 44.84 19.97 42.66
N LEU A 893 44.15 19.51 41.62
CA LEU A 893 43.28 18.36 41.74
C LEU A 893 44.06 17.11 42.08
N VAL A 894 45.21 16.90 41.42
CA VAL A 894 46.03 15.72 41.68
C VAL A 894 46.61 15.77 43.08
N ASN A 895 46.95 16.97 43.57
CA ASN A 895 47.60 17.11 44.87
C ASN A 895 46.72 16.63 46.02
N ILE A 896 45.42 16.45 45.81
CA ILE A 896 44.56 15.91 46.86
C ILE A 896 44.84 14.43 47.02
N ARG A 897 45.33 14.05 48.20
CA ARG A 897 45.72 12.67 48.46
C ARG A 897 45.02 12.17 49.71
N TYR A 898 44.68 10.87 49.69
CA TYR A 898 44.15 10.17 50.85
C TYR A 898 45.25 9.25 51.36
N VAL A 899 45.81 9.59 52.51
CA VAL A 899 47.02 8.93 53.00
C VAL A 899 46.67 8.36 54.38
N THR A 900 45.43 7.89 54.50
CA THR A 900 44.92 7.16 55.67
C THR A 900 44.79 8.02 56.92
N ALA A 901 44.81 9.34 56.78
CA ALA A 901 44.52 10.26 57.88
C ALA A 901 45.46 10.02 59.06
N LEU A 902 46.74 10.35 58.81
CA LEU A 902 47.83 10.19 59.77
C LEU A 902 48.23 8.72 59.89
N ASN A 903 48.89 8.37 61.00
CA ASN A 903 49.66 7.14 61.20
C ASN A 903 50.91 7.16 60.35
N LYS A 904 51.19 8.24 59.64
CA LYS A 904 52.35 8.40 58.78
C LYS A 904 52.69 9.89 58.75
N ALA A 905 53.43 10.32 57.74
CA ALA A 905 53.91 11.70 57.70
C ALA A 905 52.76 12.71 57.81
N GLU A 906 51.88 12.74 56.81
CA GLU A 906 50.74 13.66 56.82
C GLU A 906 49.85 13.32 55.64
N SER A 907 48.62 13.84 55.69
CA SER A 907 47.66 13.74 54.61
C SER A 907 47.32 15.14 54.12
N ASN A 908 47.27 15.31 52.80
CA ASN A 908 47.05 16.61 52.18
C ASN A 908 45.59 16.75 51.79
N LEU A 909 44.92 17.76 52.35
CA LEU A 909 43.53 18.04 52.03
C LEU A 909 43.35 19.56 52.02
N PRO A 910 42.72 20.12 51.00
CA PRO A 910 42.48 21.56 50.96
C PRO A 910 41.47 21.98 52.03
N SER A 911 41.55 23.25 52.40
CA SER A 911 40.63 23.81 53.37
C SER A 911 39.26 24.04 52.73
N TRP A 912 38.30 24.49 53.54
CA TRP A 912 36.96 24.72 53.03
C TRP A 912 36.95 25.80 51.95
N ASP A 913 37.64 26.92 52.21
CA ASP A 913 37.69 27.98 51.22
C ASP A 913 38.40 27.54 49.96
N GLU A 914 39.47 26.76 50.11
CA GLU A 914 40.16 26.22 48.95
C GLU A 914 39.25 25.29 48.17
N TRP A 915 38.45 24.49 48.87
CA TRP A 915 37.47 23.65 48.18
C TRP A 915 36.48 24.47 47.39
N GLN A 916 35.99 25.56 47.98
CA GLN A 916 35.06 26.43 47.26
C GLN A 916 35.69 27.03 46.02
N THR A 917 36.93 27.54 46.15
CA THR A 917 37.60 28.13 45.00
C THR A 917 37.85 27.11 43.91
N LEU A 918 38.26 25.90 44.28
CA LEU A 918 38.47 24.85 43.30
C LEU A 918 37.18 24.49 42.59
N ALA A 919 36.07 24.42 43.34
CA ALA A 919 34.79 24.12 42.73
C ALA A 919 34.38 25.20 41.74
N GLU A 920 34.58 26.47 42.10
CA GLU A 920 34.27 27.55 41.17
C GLU A 920 35.11 27.45 39.91
N ASN A 921 36.42 27.21 40.06
CA ASN A 921 37.28 27.12 38.91
C ASN A 921 36.89 25.97 38.00
N MET A 922 36.55 24.81 38.58
CA MET A 922 36.16 23.67 37.77
C MET A 922 34.83 23.91 37.08
N GLU A 923 33.89 24.55 37.77
CA GLU A 923 32.57 24.81 37.20
C GLU A 923 32.60 25.90 36.14
N ALA A 924 33.60 26.78 36.16
CA ALA A 924 33.65 27.86 35.19
C ALA A 924 33.74 27.38 33.75
N GLY A 925 34.14 26.14 33.53
CA GLY A 925 34.31 25.62 32.19
C GLY A 925 33.08 24.98 31.58
N LEU A 926 31.93 25.08 32.21
CA LEU A 926 30.73 24.42 31.72
C LEU A 926 29.94 25.34 30.79
N SER A 927 29.08 24.72 29.98
CA SER A 927 28.14 25.47 29.15
C SER A 927 26.85 25.70 29.92
N THR A 928 25.87 26.30 29.24
CA THR A 928 24.61 26.63 29.92
C THR A 928 23.80 25.38 30.24
N GLN A 929 23.65 24.48 29.26
CA GLN A 929 22.85 23.29 29.49
C GLN A 929 23.49 22.38 30.54
N GLN A 930 24.81 22.24 30.49
CA GLN A 930 25.50 21.46 31.50
C GLN A 930 25.35 22.09 32.88
N ALA A 931 25.39 23.42 32.95
CA ALA A 931 25.18 24.09 34.22
C ALA A 931 23.77 23.83 34.75
N GLN A 932 22.77 23.84 33.86
CA GLN A 932 21.41 23.56 34.30
C GLN A 932 21.28 22.13 34.81
N THR A 933 21.86 21.18 34.10
CA THR A 933 21.79 19.79 34.54
C THR A 933 22.48 19.62 35.89
N LEU A 934 23.64 20.25 36.07
CA LEU A 934 24.33 20.19 37.34
C LEU A 934 23.50 20.80 38.46
N ALA A 935 22.82 21.91 38.16
CA ALA A 935 21.96 22.53 39.17
C ALA A 935 20.82 21.60 39.57
N ASP A 936 20.22 20.92 38.60
CA ASP A 936 19.14 19.98 38.92
C ASP A 936 19.65 18.84 39.81
N TYR A 937 20.81 18.27 39.45
CA TYR A 937 21.36 17.20 40.26
C TYR A 937 21.67 17.67 41.68
N THR A 938 22.25 18.86 41.79
CA THR A 938 22.54 19.40 43.11
C THR A 938 21.28 19.61 43.93
N ALA A 939 20.21 20.10 43.28
CA ALA A 939 18.96 20.30 44.00
C ALA A 939 18.42 18.99 44.52
N GLU A 940 18.46 17.93 43.71
CA GLU A 940 17.96 16.63 44.17
C GLU A 940 18.76 16.12 45.36
N ARG A 941 20.10 16.16 45.24
CA ARG A 941 20.92 15.65 46.33
C ARG A 941 20.71 16.46 47.61
N LEU A 942 20.63 17.78 47.49
CA LEU A 942 20.43 18.62 48.65
C LEU A 942 19.07 18.34 49.29
N SER A 943 18.04 18.11 48.47
CA SER A 943 16.73 17.80 49.01
C SER A 943 16.78 16.53 49.84
N SER A 944 17.41 15.48 49.31
CA SER A 944 17.47 14.23 50.06
C SER A 944 18.23 14.42 51.37
N VAL A 945 19.36 15.13 51.32
CA VAL A 945 20.17 15.33 52.52
C VAL A 945 19.39 16.12 53.57
N LEU A 946 18.72 17.19 53.15
CA LEU A 946 17.98 18.01 54.09
C LEU A 946 16.82 17.25 54.70
N CYS A 947 16.10 16.45 53.90
CA CYS A 947 15.01 15.66 54.45
C CYS A 947 15.52 14.68 55.49
N ASN A 948 16.64 14.02 55.20
CA ASN A 948 17.20 13.08 56.17
C ASN A 948 17.61 13.79 57.46
N TRP A 949 18.28 14.94 57.33
CA TRP A 949 18.71 15.68 58.51
C TRP A 949 17.53 16.13 59.35
N PHE A 950 16.50 16.65 58.72
CA PHE A 950 15.32 17.10 59.47
C PHE A 950 14.64 15.93 60.15
N LEU A 951 14.51 14.80 59.46
CA LEU A 951 13.89 13.64 60.08
C LEU A 951 14.71 13.14 61.26
N ALA A 952 16.03 13.29 61.21
CA ALA A 952 16.87 12.78 62.28
C ALA A 952 16.97 13.71 63.48
N ASN A 953 16.96 15.02 63.28
CA ASN A 953 17.34 15.93 64.35
C ASN A 953 16.19 16.74 64.95
N ILE A 954 15.11 16.96 64.21
CA ILE A 954 14.05 17.86 64.64
C ILE A 954 12.75 17.09 64.72
N GLN A 955 12.04 17.24 65.84
CA GLN A 955 10.69 16.70 66.00
C GLN A 955 9.77 17.83 66.43
N PRO A 956 8.59 17.97 65.82
CA PRO A 956 7.67 19.03 66.23
C PRO A 956 7.08 18.79 67.61
N GLU A 957 6.16 19.66 68.04
CA GLU A 957 5.66 19.60 69.40
C GLU A 957 4.88 18.33 69.67
N GLY A 958 3.91 18.01 68.82
CA GLY A 958 3.05 16.88 69.11
C GLY A 958 2.74 16.01 67.91
N VAL A 959 3.67 15.95 66.95
CA VAL A 959 3.50 15.15 65.74
C VAL A 959 4.70 14.22 65.63
N SER A 960 4.43 12.94 65.39
CA SER A 960 5.47 11.95 65.18
C SER A 960 5.52 11.63 63.69
N LEU A 961 6.71 11.78 63.10
CA LEU A 961 6.92 11.54 61.67
C LEU A 961 8.18 10.72 61.50
N HIS A 962 8.11 9.72 60.63
CA HIS A 962 9.18 8.72 60.52
C HIS A 962 9.64 8.46 59.09
N SER A 963 9.14 9.20 58.12
CA SER A 963 9.48 8.92 56.73
C SER A 963 9.33 10.19 55.90
N ARG A 964 9.85 10.12 54.67
CA ARG A 964 9.74 11.25 53.75
C ARG A 964 8.28 11.54 53.42
N ASP A 965 7.46 10.49 53.26
CA ASP A 965 6.04 10.71 53.00
C ASP A 965 5.37 11.42 54.17
N ASP A 966 5.82 11.16 55.39
CA ASP A 966 5.30 11.91 56.54
C ASP A 966 5.65 13.38 56.41
N LEU A 967 6.86 13.70 55.95
CA LEU A 967 7.22 15.09 55.71
C LEU A 967 6.35 15.71 54.63
N TYR A 968 6.07 14.95 53.57
CA TYR A 968 5.20 15.44 52.51
C TYR A 968 3.81 15.76 53.05
N SER A 969 3.26 14.86 53.87
CA SER A 969 1.94 15.08 54.41
C SER A 969 1.92 16.21 55.43
N TYR A 970 3.05 16.45 56.11
CA TYR A 970 3.08 17.48 57.14
C TYR A 970 3.26 18.88 56.55
N PHE A 971 4.25 19.03 55.66
CA PHE A 971 4.56 20.34 55.11
C PHE A 971 3.78 20.65 53.84
N LEU A 972 2.93 19.74 53.38
CA LEU A 972 2.06 19.97 52.24
C LEU A 972 2.84 20.35 50.99
N ILE A 973 3.98 19.70 50.78
CA ILE A 973 4.78 19.92 49.58
C ILE A 973 5.64 18.69 49.34
N ASP A 974 5.71 18.26 48.08
CA ASP A 974 6.35 17.01 47.73
C ASP A 974 7.85 17.22 47.55
N ASN A 975 8.64 16.59 48.40
CA ASN A 975 10.09 16.68 48.33
C ASN A 975 10.73 15.53 47.55
N GLN A 976 9.94 14.57 47.08
CA GLN A 976 10.44 13.43 46.33
C GLN A 976 10.31 13.61 44.83
N VAL A 977 9.84 14.76 44.36
CA VAL A 977 9.66 14.98 42.93
C VAL A 977 11.01 15.21 42.27
N SER A 978 11.10 14.86 40.98
CA SER A 978 12.28 15.17 40.21
C SER A 978 12.34 16.67 39.92
N SER A 979 13.54 17.14 39.60
CA SER A 979 13.73 18.56 39.35
C SER A 979 13.13 19.03 38.03
N ALA A 980 12.69 18.11 37.18
CA ALA A 980 12.20 18.50 35.86
C ALA A 980 10.88 19.23 35.94
N ILE A 981 10.00 18.85 36.87
CA ILE A 981 8.66 19.42 36.90
C ILE A 981 8.72 20.87 37.37
N LYS A 982 7.76 21.66 36.91
CA LYS A 982 7.70 23.08 37.21
C LYS A 982 6.29 23.43 37.69
N THR A 983 6.20 24.52 38.45
CA THR A 983 4.93 24.96 39.00
C THR A 983 5.07 26.42 39.41
N THR A 984 3.96 27.00 39.85
CA THR A 984 3.91 28.37 40.35
C THR A 984 3.56 28.35 41.83
N ARG A 985 3.87 29.47 42.51
CA ARG A 985 3.65 29.52 43.96
C ARG A 985 2.19 29.35 44.31
N LEU A 986 1.29 30.03 43.58
CA LEU A 986 -0.12 29.92 43.88
C LEU A 986 -0.63 28.50 43.65
N ALA A 987 -0.17 27.84 42.58
CA ALA A 987 -0.62 26.48 42.31
C ALA A 987 -0.19 25.54 43.42
N GLU A 988 1.05 25.65 43.89
CA GLU A 988 1.50 24.75 44.94
C GLU A 988 0.82 25.07 46.27
N ALA A 989 0.52 26.34 46.54
CA ALA A 989 -0.24 26.66 47.74
C ALA A 989 -1.63 26.06 47.68
N ILE A 990 -2.28 26.14 46.52
CA ILE A 990 -3.59 25.54 46.34
C ILE A 990 -3.52 24.03 46.57
N ALA A 991 -2.52 23.38 45.99
CA ALA A 991 -2.38 21.93 46.15
C ALA A 991 -2.17 21.56 47.61
N GLY A 992 -1.33 22.32 48.32
CA GLY A 992 -1.10 22.03 49.72
C GLY A 992 -2.35 22.18 50.56
N ILE A 993 -3.11 23.25 50.32
CA ILE A 993 -4.32 23.46 51.13
C ILE A 993 -5.36 22.39 50.80
N GLN A 994 -5.48 22.00 49.54
CA GLN A 994 -6.40 20.92 49.19
C GLN A 994 -6.00 19.62 49.87
N LEU A 995 -4.71 19.31 49.88
CA LEU A 995 -4.25 18.11 50.56
C LEU A 995 -4.57 18.16 52.05
N TYR A 996 -4.35 19.32 52.68
CA TYR A 996 -4.65 19.44 54.10
C TYR A 996 -6.14 19.24 54.37
N ILE A 997 -7.00 19.83 53.55
CA ILE A 997 -8.43 19.67 53.74
C ILE A 997 -8.83 18.22 53.58
N ASN A 998 -8.30 17.55 52.55
CA ASN A 998 -8.64 16.15 52.33
C ASN A 998 -8.21 15.29 53.51
N ARG A 999 -7.01 15.55 54.05
CA ARG A 999 -6.55 14.77 55.20
C ARG A 999 -7.41 15.03 56.43
N ALA A 1000 -7.78 16.28 56.67
CA ALA A 1000 -8.53 16.60 57.89
C ALA A 1000 -9.96 16.09 57.82
N LEU A 1001 -10.59 16.19 56.65
CA LEU A 1001 -12.00 15.83 56.54
C LEU A 1001 -12.23 14.34 56.76
N ASN A 1002 -11.36 13.49 56.21
CA ASN A 1002 -11.52 12.05 56.28
C ASN A 1002 -11.07 11.46 57.59
N ARG A 1003 -10.89 12.29 58.62
CA ARG A 1003 -10.53 11.83 59.96
C ARG A 1003 -9.19 11.11 59.98
N ILE A 1004 -8.30 11.45 59.06
CA ILE A 1004 -6.95 10.90 59.11
C ILE A 1004 -6.12 11.63 60.16
N GLU A 1005 -6.18 12.95 60.18
CA GLU A 1005 -5.52 13.71 61.23
C GLU A 1005 -6.47 13.85 62.41
N PRO A 1006 -6.07 13.44 63.62
CA PRO A 1006 -7.00 13.45 64.75
C PRO A 1006 -7.29 14.86 65.24
N ASN A 1007 -8.29 14.94 66.10
CA ASN A 1007 -8.66 16.18 66.80
C ASN A 1007 -9.13 17.26 65.83
N ALA A 1008 -9.69 16.87 64.70
CA ALA A 1008 -10.29 17.84 63.80
C ALA A 1008 -11.56 18.42 64.42
N ARG A 1009 -11.80 19.70 64.19
CA ARG A 1009 -12.95 20.36 64.78
C ARG A 1009 -14.22 19.92 64.05
N ALA A 1010 -15.14 19.29 64.78
CA ALA A 1010 -16.35 18.76 64.16
C ALA A 1010 -17.27 19.88 63.67
N ASP A 1011 -17.44 20.92 64.49
CA ASP A 1011 -18.38 21.98 64.12
C ASP A 1011 -17.93 22.72 62.87
N VAL A 1012 -16.64 22.98 62.74
CA VAL A 1012 -16.13 23.71 61.57
C VAL A 1012 -16.31 22.87 60.31
N SER A 1013 -16.14 21.56 60.41
CA SER A 1013 -16.18 20.70 59.24
C SER A 1013 -17.58 20.52 58.66
N THR A 1014 -18.60 21.18 59.20
CA THR A 1014 -19.95 21.10 58.67
C THR A 1014 -20.41 22.40 58.01
N ARG A 1015 -19.46 23.26 57.62
CA ARG A 1015 -19.82 24.50 56.96
C ARG A 1015 -20.38 24.20 55.57
N GLN A 1016 -20.94 25.23 54.94
CA GLN A 1016 -21.49 25.06 53.61
C GLN A 1016 -20.41 24.72 52.61
N PHE A 1017 -19.21 25.29 52.78
CA PHE A 1017 -18.14 25.06 51.83
C PHE A 1017 -17.73 23.60 51.79
N PHE A 1018 -17.54 22.99 52.96
CA PHE A 1018 -17.12 21.60 53.01
C PHE A 1018 -18.25 20.63 52.70
N THR A 1019 -19.50 21.04 52.88
CA THR A 1019 -20.62 20.18 52.51
C THR A 1019 -20.62 19.90 51.02
N ASP A 1020 -20.29 20.91 50.21
CA ASP A 1020 -20.19 20.76 48.77
C ASP A 1020 -18.76 20.47 48.30
N TRP A 1021 -17.98 19.77 49.12
CA TRP A 1021 -16.59 19.50 48.77
C TRP A 1021 -16.48 18.65 47.50
N THR A 1022 -17.55 17.97 47.10
CA THR A 1022 -17.51 17.20 45.86
C THR A 1022 -17.39 18.10 44.64
N VAL A 1023 -17.69 19.39 44.78
CA VAL A 1023 -17.57 20.32 43.67
C VAL A 1023 -16.54 21.43 43.91
N ASN A 1024 -16.07 21.62 45.14
CA ASN A 1024 -15.10 22.65 45.44
C ASN A 1024 -13.68 22.13 45.51
N ASN A 1025 -13.47 20.82 45.33
CA ASN A 1025 -12.13 20.25 45.45
C ASN A 1025 -11.31 20.41 44.19
N ARG A 1026 -11.87 20.95 43.11
CA ARG A 1026 -11.15 21.20 41.89
C ARG A 1026 -11.42 22.63 41.44
N TYR A 1027 -10.40 23.25 40.84
CA TYR A 1027 -10.54 24.64 40.43
C TYR A 1027 -11.60 24.81 39.35
N SER A 1028 -11.65 23.87 38.39
CA SER A 1028 -12.54 24.03 37.26
C SER A 1028 -14.00 24.00 37.68
N THR A 1029 -14.37 23.02 38.51
CA THR A 1029 -15.77 22.90 38.91
C THR A 1029 -16.21 24.10 39.75
N TRP A 1030 -15.37 24.53 40.69
CA TRP A 1030 -15.69 25.70 41.49
C TRP A 1030 -15.83 26.94 40.62
N GLY A 1031 -14.94 27.11 39.65
CA GLY A 1031 -15.04 28.23 38.75
C GLY A 1031 -16.34 28.22 37.96
N GLY A 1032 -16.72 27.06 37.44
CA GLY A 1032 -17.97 26.98 36.69
C GLY A 1032 -19.18 27.29 37.56
N VAL A 1033 -19.22 26.72 38.76
CA VAL A 1033 -20.35 26.96 39.65
C VAL A 1033 -20.45 28.44 40.01
N SER A 1034 -19.31 29.06 40.31
CA SER A 1034 -19.34 30.48 40.65
C SER A 1034 -19.76 31.32 39.46
N ARG A 1035 -19.27 30.98 38.26
CA ARG A 1035 -19.61 31.78 37.07
C ARG A 1035 -21.08 31.66 36.73
N LEU A 1036 -21.71 30.54 37.08
CA LEU A 1036 -23.11 30.33 36.68
C LEU A 1036 -24.02 31.45 37.17
N VAL A 1037 -23.74 32.04 38.33
CA VAL A 1037 -24.60 33.10 38.84
C VAL A 1037 -24.47 34.36 38.01
N TYR A 1038 -23.25 34.73 37.63
CA TYR A 1038 -23.04 36.02 36.99
C TYR A 1038 -23.30 35.99 35.49
N TYR A 1039 -23.03 34.87 34.82
CA TYR A 1039 -23.19 34.77 33.37
C TYR A 1039 -24.00 33.51 33.04
N PRO A 1040 -25.28 33.50 33.38
CA PRO A 1040 -26.10 32.32 33.04
C PRO A 1040 -26.27 32.11 31.56
N GLU A 1041 -26.11 33.15 30.74
CA GLU A 1041 -26.32 33.01 29.31
C GLU A 1041 -25.36 32.03 28.66
N ASN A 1042 -24.22 31.77 29.28
CA ASN A 1042 -23.28 30.79 28.74
C ASN A 1042 -23.76 29.36 28.91
N TYR A 1043 -24.82 29.13 29.70
CA TYR A 1043 -25.33 27.79 29.94
C TYR A 1043 -26.80 27.65 29.58
N ILE A 1044 -27.40 28.65 28.95
CA ILE A 1044 -28.80 28.58 28.56
C ILE A 1044 -28.91 27.77 27.27
N ASP A 1045 -29.64 26.66 27.33
CA ASP A 1045 -29.87 25.83 26.16
C ASP A 1045 -31.33 25.92 25.77
N PRO A 1046 -31.66 26.43 24.58
CA PRO A 1046 -33.07 26.57 24.21
C PRO A 1046 -33.84 25.26 24.20
N THR A 1047 -33.20 24.16 23.82
CA THR A 1047 -33.93 22.91 23.61
C THR A 1047 -34.25 22.18 24.91
N GLN A 1048 -33.56 22.47 26.01
CA GLN A 1048 -33.82 21.79 27.26
C GLN A 1048 -33.77 22.79 28.41
N ARG A 1049 -34.59 22.54 29.42
CA ARG A 1049 -34.70 23.45 30.55
C ARG A 1049 -35.42 22.74 31.68
N ILE A 1050 -34.99 23.00 32.91
CA ILE A 1050 -35.65 22.40 34.07
C ILE A 1050 -37.06 22.97 34.19
N GLY A 1051 -38.04 22.09 34.29
CA GLY A 1051 -39.42 22.50 34.36
C GLY A 1051 -40.14 22.59 33.04
N GLN A 1052 -39.59 22.02 31.98
CA GLN A 1052 -40.22 22.06 30.67
C GLN A 1052 -41.55 21.31 30.70
N THR A 1053 -42.57 21.89 30.08
CA THR A 1053 -43.89 21.28 30.05
C THR A 1053 -43.92 20.13 29.06
N ARG A 1054 -44.91 19.25 29.23
CA ARG A 1054 -45.02 18.06 28.38
C ARG A 1054 -45.26 18.45 26.92
N MET A 1055 -46.13 19.44 26.69
CA MET A 1055 -46.43 19.83 25.32
C MET A 1055 -45.21 20.37 24.59
N MET A 1056 -44.29 21.04 25.30
CA MET A 1056 -43.08 21.52 24.66
C MET A 1056 -42.19 20.35 24.26
N ASP A 1057 -42.11 19.31 25.09
CA ASP A 1057 -41.39 18.11 24.70
C ASP A 1057 -42.03 17.46 23.48
N GLU A 1058 -43.36 17.44 23.44
CA GLU A 1058 -44.04 16.87 22.28
C GLU A 1058 -43.72 17.66 21.01
N LEU A 1059 -43.67 18.99 21.12
CA LEU A 1059 -43.30 19.81 19.96
C LEU A 1059 -41.87 19.52 19.54
N LEU A 1060 -40.95 19.43 20.50
CA LEU A 1060 -39.56 19.13 20.17
C LEU A 1060 -39.45 17.78 19.48
N GLU A 1061 -40.25 16.81 19.91
CA GLU A 1061 -40.28 15.53 19.24
C GLU A 1061 -40.83 15.67 17.82
N ASN A 1062 -41.82 16.53 17.64
CA ASN A 1062 -42.43 16.72 16.33
C ASN A 1062 -41.49 17.40 15.35
N ILE A 1063 -40.51 18.16 15.83
CA ILE A 1063 -39.61 18.85 14.90
C ILE A 1063 -38.19 18.29 15.01
N SER A 1064 -38.06 17.01 15.32
CA SER A 1064 -36.75 16.40 15.52
C SER A 1064 -36.20 15.71 14.27
N GLN A 1065 -36.87 15.81 13.13
CA GLN A 1065 -36.35 15.18 11.93
C GLN A 1065 -35.09 15.91 11.46
N SER A 1066 -34.37 15.26 10.54
CA SER A 1066 -33.10 15.81 10.08
C SER A 1066 -33.30 17.09 9.27
N LYS A 1067 -34.30 17.11 8.40
CA LYS A 1067 -34.55 18.27 7.54
C LYS A 1067 -35.96 18.78 7.79
N LEU A 1068 -36.11 20.10 7.78
CA LEU A 1068 -37.34 20.76 8.19
C LEU A 1068 -37.75 21.78 7.15
N SER A 1069 -39.06 21.90 6.94
CA SER A 1069 -39.63 22.92 6.08
C SER A 1069 -40.47 23.88 6.90
N ARG A 1070 -40.85 24.98 6.27
CA ARG A 1070 -41.70 25.96 6.96
C ARG A 1070 -43.04 25.34 7.33
N ASP A 1071 -43.62 24.55 6.42
CA ASP A 1071 -44.92 23.94 6.68
C ASP A 1071 -44.87 22.96 7.84
N THR A 1072 -43.80 22.19 7.95
CA THR A 1072 -43.68 21.24 9.05
C THR A 1072 -43.63 21.95 10.39
N VAL A 1073 -42.83 23.00 10.48
CA VAL A 1073 -42.74 23.77 11.72
C VAL A 1073 -44.08 24.42 12.04
N GLU A 1074 -44.76 24.93 11.02
CA GLU A 1074 -46.05 25.56 11.25
C GLU A 1074 -47.08 24.54 11.76
N ASP A 1075 -47.08 23.33 11.19
CA ASP A 1075 -48.02 22.32 11.66
C ASP A 1075 -47.71 21.90 13.09
N ALA A 1076 -46.42 21.76 13.42
CA ALA A 1076 -46.06 21.43 14.79
C ALA A 1076 -46.50 22.52 15.75
N PHE A 1077 -46.32 23.79 15.35
CA PHE A 1077 -46.78 24.88 16.20
C PHE A 1077 -48.29 24.89 16.34
N LYS A 1078 -49.01 24.49 15.29
CA LYS A 1078 -50.47 24.41 15.40
C LYS A 1078 -50.89 23.35 16.39
N THR A 1079 -50.21 22.19 16.37
CA THR A 1079 -50.49 21.16 17.37
C THR A 1079 -50.20 21.67 18.78
N TYR A 1080 -49.07 22.37 18.94
CA TYR A 1080 -48.77 22.96 20.24
C TYR A 1080 -49.85 23.94 20.67
N LEU A 1081 -50.39 24.70 19.71
CA LEU A 1081 -51.47 25.63 20.02
C LEU A 1081 -52.71 24.88 20.49
N THR A 1082 -53.00 23.75 19.87
CA THR A 1082 -54.13 22.94 20.32
C THR A 1082 -53.95 22.50 21.76
N ARG A 1083 -52.75 22.01 22.09
CA ARG A 1083 -52.49 21.58 23.46
C ARG A 1083 -52.61 22.75 24.43
N PHE A 1084 -52.07 23.92 24.04
CA PHE A 1084 -52.13 25.08 24.91
C PHE A 1084 -53.56 25.52 25.14
N GLU A 1085 -54.38 25.51 24.10
CA GLU A 1085 -55.78 25.88 24.25
C GLU A 1085 -56.50 24.92 25.18
N THR A 1086 -56.20 23.63 25.06
CA THR A 1086 -56.83 22.66 25.96
C THR A 1086 -56.44 22.91 27.40
N VAL A 1087 -55.16 23.17 27.66
CA VAL A 1087 -54.69 23.32 29.05
C VAL A 1087 -55.19 24.62 29.64
N ALA A 1088 -55.08 25.72 28.89
CA ALA A 1088 -55.35 27.04 29.44
C ALA A 1088 -56.84 27.31 29.69
N ASP A 1089 -57.73 26.46 29.20
CA ASP A 1089 -59.16 26.64 29.39
C ASP A 1089 -59.67 25.99 30.67
N LEU A 1090 -58.78 25.44 31.49
CA LEU A 1090 -59.20 24.77 32.71
C LEU A 1090 -59.83 25.76 33.68
N LYS A 1091 -60.82 25.28 34.42
CA LYS A 1091 -61.46 26.06 35.47
C LYS A 1091 -61.40 25.28 36.76
N VAL A 1092 -60.96 25.94 37.83
CA VAL A 1092 -60.79 25.26 39.11
C VAL A 1092 -62.15 24.90 39.67
N VAL A 1093 -62.32 23.65 40.08
CA VAL A 1093 -63.58 23.19 40.63
C VAL A 1093 -63.50 22.82 42.09
N SER A 1094 -62.34 22.49 42.65
CA SER A 1094 -62.27 22.18 44.07
C SER A 1094 -60.88 22.50 44.61
N ALA A 1095 -60.83 22.71 45.92
CA ALA A 1095 -59.59 23.08 46.60
C ALA A 1095 -59.58 22.49 48.00
N TYR A 1096 -58.36 22.23 48.49
CA TYR A 1096 -58.18 21.71 49.84
C TYR A 1096 -56.89 22.24 50.43
N HIS A 1097 -56.96 22.78 51.64
CA HIS A 1097 -55.80 23.33 52.32
C HIS A 1097 -55.30 22.35 53.37
N ASP A 1098 -54.03 21.99 53.28
CA ASP A 1098 -53.44 20.97 54.16
C ASP A 1098 -52.84 21.60 55.41
N ASN A 1099 -53.72 22.15 56.25
CA ASN A 1099 -53.31 22.70 57.53
C ASN A 1099 -54.55 22.96 58.36
N VAL A 1100 -54.36 23.53 59.54
CA VAL A 1100 -55.47 23.91 60.41
C VAL A 1100 -55.72 25.40 60.40
N ASN A 1101 -54.86 26.19 59.77
CA ASN A 1101 -55.06 27.62 59.61
C ASN A 1101 -54.39 28.07 58.34
N SER A 1102 -54.79 29.23 57.84
CA SER A 1102 -54.34 29.71 56.54
C SER A 1102 -52.94 30.32 56.56
N ASN A 1103 -52.23 30.23 57.70
CA ASN A 1103 -50.92 30.86 57.78
C ASN A 1103 -49.87 30.07 57.01
N THR A 1104 -49.93 28.74 57.08
CA THR A 1104 -48.93 27.90 56.43
C THR A 1104 -49.62 26.71 55.78
N GLY A 1105 -48.84 25.94 55.05
CA GLY A 1105 -49.32 24.75 54.37
C GLY A 1105 -49.37 24.95 52.87
N LEU A 1106 -49.85 23.91 52.19
CA LEU A 1106 -50.01 23.92 50.74
C LEU A 1106 -51.48 23.76 50.39
N THR A 1107 -51.89 24.38 49.30
CA THR A 1107 -53.27 24.31 48.83
C THR A 1107 -53.32 23.53 47.52
N TRP A 1108 -54.17 22.51 47.47
CA TRP A 1108 -54.27 21.64 46.32
C TRP A 1108 -55.56 21.94 45.57
N PHE A 1109 -55.43 22.18 44.26
CA PHE A 1109 -56.55 22.52 43.39
C PHE A 1109 -56.80 21.39 42.39
N VAL A 1110 -58.07 21.18 42.08
CA VAL A 1110 -58.50 20.25 41.05
C VAL A 1110 -59.42 21.01 40.09
N GLY A 1111 -59.12 20.92 38.80
CA GLY A 1111 -59.85 21.66 37.80
C GLY A 1111 -60.28 20.78 36.64
N GLN A 1112 -61.25 21.29 35.89
CA GLN A 1112 -61.97 20.55 34.86
C GLN A 1112 -61.90 21.28 33.52
N THR A 1113 -61.77 20.49 32.45
CA THR A 1113 -61.64 21.07 31.11
C THR A 1113 -62.97 21.65 30.63
N ARG A 1114 -62.87 22.48 29.59
CA ARG A 1114 -64.05 23.11 29.00
C ARG A 1114 -64.84 22.15 28.12
N GLU A 1115 -64.15 21.27 27.40
CA GLU A 1115 -64.81 20.34 26.48
C GLU A 1115 -65.75 19.40 27.24
N ASN A 1116 -66.60 18.72 26.48
CA ASN A 1116 -67.59 17.81 27.05
C ASN A 1116 -66.99 16.42 27.26
N LEU A 1117 -65.94 16.38 28.06
CA LEU A 1117 -65.24 15.14 28.38
C LEU A 1117 -64.93 15.10 29.86
N PRO A 1118 -64.82 13.91 30.45
CA PRO A 1118 -64.40 13.81 31.85
C PRO A 1118 -62.88 13.82 32.01
N GLU A 1119 -62.28 14.97 31.71
CA GLU A 1119 -60.85 15.18 31.83
C GLU A 1119 -60.57 16.12 32.98
N TYR A 1120 -59.65 15.74 33.86
CA TYR A 1120 -59.39 16.49 35.09
C TYR A 1120 -57.91 16.67 35.31
N TYR A 1121 -57.56 17.81 35.91
CA TYR A 1121 -56.16 18.13 36.21
C TYR A 1121 -56.05 18.58 37.66
N TRP A 1122 -54.85 18.49 38.20
CA TRP A 1122 -54.58 18.91 39.57
C TRP A 1122 -53.28 19.69 39.65
N ARG A 1123 -53.17 20.50 40.69
CA ARG A 1123 -51.96 21.29 40.94
C ARG A 1123 -51.95 21.71 42.41
N ASN A 1124 -50.87 22.37 42.83
CA ASN A 1124 -50.82 22.89 44.18
C ASN A 1124 -50.04 24.20 44.20
N VAL A 1125 -50.29 24.99 45.25
CA VAL A 1125 -49.62 26.26 45.48
C VAL A 1125 -49.19 26.33 46.93
N ASP A 1126 -48.19 27.17 47.18
CA ASP A 1126 -47.66 27.40 48.53
C ASP A 1126 -48.11 28.80 48.97
N ILE A 1127 -49.06 28.85 49.89
CA ILE A 1127 -49.64 30.13 50.28
C ILE A 1127 -48.81 30.89 51.30
N SER A 1128 -47.86 30.23 51.95
CA SER A 1128 -47.02 30.92 52.93
C SER A 1128 -46.08 31.92 52.29
N ARG A 1129 -45.87 31.83 50.97
CA ARG A 1129 -44.98 32.74 50.27
C ARG A 1129 -45.60 34.10 50.00
N MET A 1130 -46.88 34.27 50.31
CA MET A 1130 -47.56 35.53 50.04
C MET A 1130 -46.91 36.66 50.82
N GLN A 1131 -46.65 37.78 50.15
CA GLN A 1131 -46.03 38.95 50.77
C GLN A 1131 -46.77 40.19 50.28
N ALA A 1132 -47.50 40.83 51.19
CA ALA A 1132 -48.24 42.06 50.90
C ALA A 1132 -49.26 41.89 49.78
N GLY A 1133 -49.71 40.66 49.55
CA GLY A 1133 -50.70 40.38 48.53
C GLY A 1133 -50.13 39.82 47.25
N GLU A 1134 -48.82 39.92 47.03
CA GLU A 1134 -48.18 39.42 45.82
C GLU A 1134 -47.65 38.02 46.06
N LEU A 1135 -47.92 37.12 45.12
CA LEU A 1135 -47.40 35.76 45.15
C LEU A 1135 -46.44 35.58 43.98
N ALA A 1136 -45.22 35.15 44.27
CA ALA A 1136 -44.25 34.91 43.23
C ALA A 1136 -44.71 33.77 42.32
N ALA A 1137 -44.46 33.92 41.03
CA ALA A 1137 -44.96 32.96 40.05
C ALA A 1137 -44.38 31.57 40.25
N ASN A 1138 -43.23 31.45 40.92
CA ASN A 1138 -42.63 30.15 41.14
C ASN A 1138 -43.27 29.40 42.30
N ALA A 1139 -44.15 30.05 43.06
CA ALA A 1139 -44.83 29.35 44.14
C ALA A 1139 -45.87 28.37 43.65
N TRP A 1140 -46.27 28.47 42.38
CA TRP A 1140 -47.29 27.61 41.83
C TRP A 1140 -46.70 26.30 41.31
N LYS A 1141 -47.53 25.52 40.64
CA LYS A 1141 -47.12 24.25 40.06
C LYS A 1141 -47.97 23.98 38.82
N GLU A 1142 -47.33 23.41 37.81
CA GLU A 1142 -48.00 23.19 36.54
C GLU A 1142 -49.13 22.18 36.70
N TRP A 1143 -50.15 22.30 35.85
CA TRP A 1143 -51.25 21.37 35.86
C TRP A 1143 -50.78 19.98 35.47
N THR A 1144 -51.31 18.96 36.14
CA THR A 1144 -50.98 17.58 35.84
C THR A 1144 -52.26 16.79 35.64
N LYS A 1145 -52.32 16.00 34.56
CA LYS A 1145 -53.53 15.28 34.21
C LYS A 1145 -53.78 14.13 35.18
N ILE A 1146 -55.06 13.77 35.33
CA ILE A 1146 -55.47 12.59 36.09
C ILE A 1146 -56.06 11.60 35.10
N ASP A 1147 -55.54 10.37 35.11
CA ASP A 1147 -55.99 9.32 34.20
C ASP A 1147 -56.31 8.07 35.02
N THR A 1148 -57.54 8.02 35.55
CA THR A 1148 -57.98 6.83 36.28
C THR A 1148 -59.46 6.53 36.03
N ALA A 1149 -60.03 7.04 34.94
CA ALA A 1149 -61.42 6.78 34.57
C ALA A 1149 -62.39 7.26 35.67
N VAL A 1150 -62.43 8.57 35.84
CA VAL A 1150 -63.34 9.21 36.78
C VAL A 1150 -64.57 9.71 36.04
N ASN A 1151 -65.74 9.46 36.60
CA ASN A 1151 -67.01 9.92 36.03
C ASN A 1151 -67.87 10.53 37.13
N PRO A 1152 -67.47 11.69 37.65
CA PRO A 1152 -68.18 12.26 38.79
C PRO A 1152 -69.57 12.74 38.42
N TYR A 1153 -70.41 12.87 39.44
CA TYR A 1153 -71.77 13.35 39.26
C TYR A 1153 -71.78 14.86 39.46
N LYS A 1154 -72.05 15.60 38.38
CA LYS A 1154 -72.03 17.06 38.37
C LYS A 1154 -70.63 17.51 38.76
N ASP A 1155 -70.43 18.17 39.90
CA ASP A 1155 -69.12 18.67 40.29
C ASP A 1155 -68.78 18.25 41.71
N ALA A 1156 -69.11 17.01 42.07
CA ALA A 1156 -68.81 16.50 43.40
C ALA A 1156 -67.54 15.66 43.38
N ILE A 1157 -66.42 16.31 43.07
CA ILE A 1157 -65.11 15.68 43.05
C ILE A 1157 -64.13 16.64 43.71
N ARG A 1158 -63.28 16.12 44.59
CA ARG A 1158 -62.36 17.01 45.28
C ARG A 1158 -61.13 16.25 45.74
N PRO A 1159 -60.01 16.95 45.93
CA PRO A 1159 -58.83 16.31 46.52
C PRO A 1159 -58.86 16.35 48.04
N VAL A 1160 -58.01 15.51 48.63
CA VAL A 1160 -57.86 15.44 50.08
C VAL A 1160 -56.50 14.81 50.35
N ILE A 1161 -56.02 14.94 51.57
CA ILE A 1161 -54.74 14.36 51.95
C ILE A 1161 -54.92 13.71 53.32
N PHE A 1162 -55.01 12.38 53.33
CA PHE A 1162 -54.90 11.63 54.57
C PHE A 1162 -53.93 10.48 54.32
N ARG A 1163 -53.29 10.02 55.39
CA ARG A 1163 -52.09 9.19 55.27
C ARG A 1163 -51.03 9.91 54.45
N GLU A 1164 -51.02 11.24 54.55
CA GLU A 1164 -49.97 12.12 54.02
C GLU A 1164 -49.55 11.75 52.59
N ARG A 1165 -50.54 11.46 51.75
CA ARG A 1165 -50.36 11.38 50.31
C ARG A 1165 -51.68 11.78 49.65
N LEU A 1166 -51.60 12.23 48.41
CA LEU A 1166 -52.76 12.81 47.75
C LEU A 1166 -53.82 11.75 47.48
N HIS A 1167 -55.08 12.12 47.70
CA HIS A 1167 -56.23 11.29 47.40
C HIS A 1167 -57.25 12.11 46.62
N LEU A 1168 -57.99 11.44 45.74
CA LEU A 1168 -59.08 12.03 45.00
C LEU A 1168 -60.36 11.31 45.38
N ILE A 1169 -61.39 12.07 45.76
CA ILE A 1169 -62.63 11.49 46.23
C ILE A 1169 -63.80 12.12 45.48
N TRP A 1170 -64.69 11.29 44.95
CA TRP A 1170 -65.83 11.78 44.19
C TRP A 1170 -67.01 10.86 44.39
N VAL A 1171 -68.14 11.21 43.77
CA VAL A 1171 -69.35 10.39 43.81
C VAL A 1171 -69.83 10.17 42.38
N GLU A 1172 -70.57 9.09 42.19
CA GLU A 1172 -71.09 8.71 40.89
C GLU A 1172 -72.55 8.29 41.04
N LYS A 1173 -73.31 8.45 39.96
CA LYS A 1173 -74.73 8.12 39.97
C LYS A 1173 -75.04 7.09 38.89
N GLU A 1174 -75.85 6.11 39.25
CA GLU A 1174 -76.32 5.11 38.31
C GLU A 1174 -77.83 4.94 38.48
N GLU A 1175 -78.47 4.40 37.45
CA GLU A 1175 -79.91 4.15 37.48
C GLU A 1175 -80.14 2.66 37.65
N VAL A 1176 -80.75 2.27 38.78
CA VAL A 1176 -80.91 0.88 39.15
C VAL A 1176 -82.36 0.64 39.54
N ALA A 1177 -82.88 -0.53 39.21
CA ALA A 1177 -84.23 -0.92 39.58
C ALA A 1177 -84.18 -2.06 40.60
N LYS A 1178 -85.12 -2.04 41.54
CA LYS A 1178 -85.20 -3.09 42.55
C LYS A 1178 -85.76 -4.37 41.92
N ASN A 1179 -85.09 -5.49 42.16
CA ASN A 1179 -85.55 -6.76 41.64
C ASN A 1179 -86.75 -7.27 42.42
N GLY A 1180 -87.51 -8.16 41.79
CA GLY A 1180 -88.64 -8.80 42.45
C GLY A 1180 -89.79 -7.88 42.79
N THR A 1181 -90.14 -6.96 41.89
CA THR A 1181 -91.28 -6.08 42.08
C THR A 1181 -92.11 -6.09 40.80
N ASP A 1182 -93.40 -6.40 40.93
CA ASP A 1182 -94.25 -6.49 39.74
C ASP A 1182 -94.33 -5.17 38.97
N PRO A 1183 -94.61 -4.03 39.60
CA PRO A 1183 -94.39 -2.75 38.90
C PRO A 1183 -92.93 -2.35 39.02
N VAL A 1184 -92.20 -2.45 37.92
CA VAL A 1184 -90.77 -2.20 37.94
C VAL A 1184 -90.55 -0.71 38.15
N GLU A 1185 -90.00 -0.34 39.31
CA GLU A 1185 -89.67 1.03 39.62
C GLU A 1185 -88.15 1.19 39.67
N THR A 1186 -87.67 2.34 39.22
CA THR A 1186 -86.25 2.63 39.18
C THR A 1186 -85.93 3.72 40.19
N TYR A 1187 -84.64 3.84 40.48
CA TYR A 1187 -84.16 4.90 41.36
C TYR A 1187 -82.68 5.13 41.05
N ASP A 1188 -82.11 6.11 41.76
CA ASP A 1188 -80.73 6.51 41.54
C ASP A 1188 -79.88 6.00 42.69
N ARG A 1189 -78.81 5.31 42.34
CA ARG A 1189 -77.84 4.81 43.32
C ARG A 1189 -76.58 5.65 43.25
N PHE A 1190 -76.18 6.20 44.39
CA PHE A 1190 -75.01 7.06 44.48
C PHE A 1190 -73.88 6.30 45.16
N THR A 1191 -72.71 6.30 44.54
CA THR A 1191 -71.56 5.54 45.01
C THR A 1191 -70.40 6.48 45.25
N LEU A 1192 -69.80 6.40 46.43
CA LEU A 1192 -68.64 7.21 46.78
C LEU A 1192 -67.37 6.45 46.45
N LYS A 1193 -66.50 7.07 45.66
CA LYS A 1193 -65.27 6.45 45.20
C LYS A 1193 -64.07 7.25 45.68
N LEU A 1194 -63.05 6.54 46.14
CA LEU A 1194 -61.84 7.17 46.67
C LEU A 1194 -60.61 6.46 46.11
N ALA A 1195 -59.67 7.24 45.59
CA ALA A 1195 -58.43 6.69 45.05
C ALA A 1195 -57.25 7.53 45.53
N PHE A 1196 -56.05 6.98 45.40
CA PHE A 1196 -54.86 7.68 45.85
C PHE A 1196 -53.76 7.58 44.81
N LEU A 1197 -52.85 8.54 44.85
CA LEU A 1197 -51.75 8.64 43.91
C LEU A 1197 -50.54 7.87 44.43
N ARG A 1198 -49.98 7.02 43.58
CA ARG A 1198 -48.87 6.16 43.98
C ARG A 1198 -47.56 6.92 43.82
N HIS A 1199 -46.44 6.21 44.00
CA HIS A 1199 -45.14 6.88 44.00
C HIS A 1199 -44.75 7.35 42.60
N ASP A 1200 -44.88 6.48 41.60
CA ASP A 1200 -44.43 6.78 40.25
C ASP A 1200 -45.41 7.60 39.45
N GLY A 1201 -46.40 8.23 40.09
CA GLY A 1201 -47.34 9.06 39.40
C GLY A 1201 -48.56 8.35 38.85
N SER A 1202 -48.69 7.05 39.07
CA SER A 1202 -49.87 6.33 38.64
C SER A 1202 -50.93 6.35 39.75
N TRP A 1203 -52.17 6.11 39.36
CA TRP A 1203 -53.30 6.14 40.28
C TRP A 1203 -53.79 4.72 40.53
N SER A 1204 -54.08 4.42 41.80
CA SER A 1204 -54.47 3.08 42.19
C SER A 1204 -55.95 2.85 41.91
N ALA A 1205 -56.37 1.60 42.05
CA ALA A 1205 -57.77 1.27 41.90
C ALA A 1205 -58.57 1.86 43.05
N PRO A 1206 -59.81 2.29 42.82
CA PRO A 1206 -60.55 3.03 43.85
C PRO A 1206 -61.41 2.16 44.74
N TRP A 1207 -61.42 2.50 46.03
CA TRP A 1207 -62.38 1.94 46.96
C TRP A 1207 -63.75 2.54 46.70
N SER A 1208 -64.78 1.71 46.87
CA SER A 1208 -66.16 2.08 46.59
C SER A 1208 -67.04 1.83 47.80
N TYR A 1209 -67.96 2.76 48.05
CA TYR A 1209 -68.93 2.63 49.13
C TYR A 1209 -70.29 3.10 48.62
N ASP A 1210 -71.34 2.64 49.28
CA ASP A 1210 -72.71 3.01 48.92
C ASP A 1210 -73.22 4.04 49.91
N ILE A 1211 -73.63 5.21 49.40
CA ILE A 1211 -74.09 6.30 50.25
C ILE A 1211 -75.44 6.81 49.78
N THR A 1212 -76.24 5.93 49.18
CA THR A 1212 -77.54 6.36 48.64
C THR A 1212 -78.46 6.87 49.74
N THR A 1213 -78.51 6.18 50.88
CA THR A 1213 -79.42 6.55 51.94
C THR A 1213 -79.09 7.95 52.48
N GLN A 1214 -77.82 8.25 52.69
CA GLN A 1214 -77.44 9.55 53.21
C GLN A 1214 -77.81 10.66 52.22
N VAL A 1215 -77.56 10.45 50.94
CA VAL A 1215 -77.87 11.47 49.95
C VAL A 1215 -79.37 11.72 49.90
N GLU A 1216 -80.16 10.65 49.88
CA GLU A 1216 -81.61 10.81 49.87
C GLU A 1216 -82.11 11.48 51.13
N ALA A 1217 -81.49 11.20 52.28
CA ALA A 1217 -81.92 11.82 53.51
C ALA A 1217 -81.63 13.32 53.52
N VAL A 1218 -80.41 13.70 53.15
CA VAL A 1218 -80.04 15.12 53.20
C VAL A 1218 -80.64 15.92 52.06
N THR A 1219 -81.12 15.27 51.00
CA THR A 1219 -81.69 16.01 49.89
C THR A 1219 -83.21 15.91 49.83
N ASP A 1220 -83.82 15.09 50.68
CA ASP A 1220 -85.27 14.88 50.70
C ASP A 1220 -85.76 14.32 49.36
N LYS A 1221 -84.95 13.45 48.75
CA LYS A 1221 -85.32 12.75 47.52
C LYS A 1221 -85.62 13.73 46.37
N LYS A 1222 -84.93 14.87 46.36
CA LYS A 1222 -85.01 15.82 45.25
C LYS A 1222 -83.59 16.21 44.85
N PRO A 1223 -82.79 15.26 44.36
CA PRO A 1223 -81.41 15.60 43.99
C PRO A 1223 -81.32 16.52 42.79
N ASP A 1224 -82.37 16.61 41.98
CA ASP A 1224 -82.32 17.46 40.79
C ASP A 1224 -82.47 18.94 41.14
N THR A 1225 -83.30 19.25 42.15
CA THR A 1225 -83.55 20.64 42.51
C THR A 1225 -82.51 21.19 43.46
N GLU A 1226 -82.03 20.38 44.40
CA GLU A 1226 -81.04 20.79 45.36
C GLU A 1226 -79.64 20.44 44.87
N ARG A 1227 -78.67 21.28 45.22
CA ARG A 1227 -77.29 21.05 44.83
C ARG A 1227 -76.60 20.25 45.92
N LEU A 1228 -76.43 18.95 45.66
CA LEU A 1228 -75.69 18.10 46.58
C LEU A 1228 -74.23 18.53 46.62
N ALA A 1229 -73.65 18.57 47.81
CA ALA A 1229 -72.27 19.01 47.97
C ALA A 1229 -71.52 18.04 48.86
N LEU A 1230 -70.23 17.86 48.55
CA LEU A 1230 -69.36 16.92 49.22
C LEU A 1230 -68.17 17.66 49.80
N ALA A 1231 -67.83 17.36 51.06
CA ALA A 1231 -66.67 17.93 51.71
C ALA A 1231 -65.87 16.82 52.37
N ALA A 1232 -64.55 16.98 52.36
CA ALA A 1232 -63.66 15.95 52.89
C ALA A 1232 -62.54 16.59 53.69
N SER A 1233 -62.20 15.97 54.82
CA SER A 1233 -61.13 16.47 55.66
C SER A 1233 -60.35 15.30 56.23
N GLY A 1234 -59.11 15.57 56.62
CA GLY A 1234 -58.25 14.53 57.15
C GLY A 1234 -57.89 14.73 58.61
N PHE A 1235 -58.42 13.89 59.49
CA PHE A 1235 -58.13 13.97 60.92
C PHE A 1235 -56.83 13.22 61.16
N GLN A 1236 -55.72 13.97 61.25
CA GLN A 1236 -54.43 13.34 61.41
C GLN A 1236 -54.21 12.83 62.82
N GLY A 1237 -54.84 13.46 63.82
CA GLY A 1237 -54.64 13.02 65.19
C GLY A 1237 -55.09 11.60 65.41
N GLU A 1238 -56.25 11.23 64.87
CA GLU A 1238 -56.76 9.87 64.97
C GLU A 1238 -56.48 9.05 63.73
N ASP A 1239 -55.79 9.63 62.73
CA ASP A 1239 -55.45 8.94 61.49
C ASP A 1239 -56.70 8.39 60.79
N THR A 1240 -57.57 9.31 60.37
CA THR A 1240 -58.79 8.93 59.70
C THR A 1240 -59.21 10.02 58.73
N LEU A 1241 -60.22 9.72 57.93
CA LEU A 1241 -60.74 10.64 56.91
C LEU A 1241 -62.21 10.87 57.17
N LEU A 1242 -62.62 12.12 57.26
CA LEU A 1242 -64.02 12.48 57.49
C LEU A 1242 -64.62 12.98 56.20
N VAL A 1243 -65.81 12.47 55.86
CA VAL A 1243 -66.53 12.84 54.66
C VAL A 1243 -67.91 13.32 55.06
N PHE A 1244 -68.32 14.46 54.53
CA PHE A 1244 -69.63 15.03 54.81
C PHE A 1244 -70.36 15.28 53.50
N VAL A 1245 -71.64 14.90 53.46
CA VAL A 1245 -72.51 15.15 52.33
C VAL A 1245 -73.63 16.04 52.82
N TYR A 1246 -73.87 17.16 52.14
CA TYR A 1246 -74.84 18.13 52.61
C TYR A 1246 -75.55 18.76 51.43
N LYS A 1247 -76.54 19.60 51.75
CA LYS A 1247 -77.30 20.35 50.76
C LYS A 1247 -76.89 21.81 50.84
N THR A 1248 -76.52 22.39 49.71
CA THR A 1248 -76.01 23.75 49.69
C THR A 1248 -77.09 24.72 50.16
N GLY A 1249 -76.70 25.63 51.05
CA GLY A 1249 -77.62 26.60 51.60
C GLY A 1249 -76.87 27.85 52.01
N LYS A 1250 -77.63 28.84 52.47
CA LYS A 1250 -77.01 30.10 52.87
C LYS A 1250 -76.18 29.95 54.14
N SER A 1251 -76.66 29.16 55.10
CA SER A 1251 -75.96 28.96 56.36
C SER A 1251 -76.33 27.60 56.92
N TYR A 1252 -75.52 27.14 57.87
CA TYR A 1252 -75.71 25.83 58.48
C TYR A 1252 -75.69 25.96 59.99
N SER A 1253 -76.52 25.18 60.65
CA SER A 1253 -76.55 25.12 62.11
C SER A 1253 -75.61 24.02 62.58
N ASP A 1254 -75.66 23.69 63.87
CA ASP A 1254 -74.79 22.65 64.41
C ASP A 1254 -75.18 21.28 63.87
N PHE A 1255 -74.19 20.42 63.67
CA PHE A 1255 -74.42 19.10 63.11
C PHE A 1255 -75.15 18.21 64.12
N GLY A 1256 -75.73 17.15 63.59
CA GLY A 1256 -76.39 16.15 64.42
C GLY A 1256 -77.70 16.64 64.98
N GLY A 1257 -78.35 15.75 65.72
CA GLY A 1257 -79.63 16.09 66.33
C GLY A 1257 -80.69 16.33 65.28
N SER A 1258 -81.36 17.49 65.38
CA SER A 1258 -82.45 17.82 64.49
C SER A 1258 -81.98 18.24 63.10
N ASN A 1259 -80.71 18.59 62.93
CA ASN A 1259 -80.21 19.04 61.64
C ASN A 1259 -80.16 17.86 60.67
N LYS A 1260 -81.09 17.84 59.72
CA LYS A 1260 -81.20 16.76 58.76
C LYS A 1260 -80.49 17.03 57.45
N ASN A 1261 -79.77 18.15 57.36
CA ASN A 1261 -79.16 18.57 56.10
C ASN A 1261 -77.73 18.09 55.93
N VAL A 1262 -77.16 17.42 56.91
CA VAL A 1262 -75.76 17.00 56.87
C VAL A 1262 -75.68 15.54 57.28
N ALA A 1263 -74.96 14.74 56.49
CA ALA A 1263 -74.68 13.35 56.82
C ALA A 1263 -73.19 13.12 56.77
N GLY A 1264 -72.72 12.17 57.57
CA GLY A 1264 -71.30 11.96 57.78
C GLY A 1264 -70.85 10.55 57.45
N MET A 1265 -69.53 10.40 57.38
CA MET A 1265 -68.90 9.12 57.05
C MET A 1265 -67.45 9.18 57.50
N THR A 1266 -66.93 8.06 57.99
CA THR A 1266 -65.57 7.97 58.50
C THR A 1266 -64.85 6.82 57.81
N ILE A 1267 -63.64 7.09 57.32
CA ILE A 1267 -62.85 6.11 56.60
C ILE A 1267 -61.52 5.93 57.33
N TYR A 1268 -61.15 4.67 57.56
CA TYR A 1268 -59.93 4.34 58.28
C TYR A 1268 -58.80 4.06 57.29
N GLY A 1269 -57.63 3.71 57.84
CA GLY A 1269 -56.47 3.51 56.99
C GLY A 1269 -56.59 2.32 56.06
N ASP A 1270 -57.13 1.21 56.57
CA ASP A 1270 -57.23 0.00 55.76
C ASP A 1270 -58.34 0.06 54.73
N GLY A 1271 -59.13 1.12 54.72
CA GLY A 1271 -60.22 1.27 53.77
C GLY A 1271 -61.59 1.01 54.35
N SER A 1272 -61.69 0.40 55.52
CA SER A 1272 -62.98 0.15 56.14
C SER A 1272 -63.62 1.48 56.55
N PHE A 1273 -64.95 1.51 56.50
CA PHE A 1273 -65.71 2.71 56.81
C PHE A 1273 -66.59 2.47 58.03
N LYS A 1274 -67.23 3.55 58.47
CA LYS A 1274 -68.14 3.49 59.60
C LYS A 1274 -69.05 4.70 59.55
N LYS A 1275 -70.35 4.47 59.37
CA LYS A 1275 -71.30 5.58 59.33
C LYS A 1275 -71.40 6.22 60.71
N MET A 1276 -71.35 7.56 60.74
CA MET A 1276 -71.31 8.29 62.00
C MET A 1276 -72.70 8.50 62.56
N GLU A 1277 -72.80 8.48 63.89
CA GLU A 1277 -74.04 8.70 64.60
C GLU A 1277 -74.12 10.14 65.09
N ASN A 1278 -75.21 10.45 65.80
CA ASN A 1278 -75.43 11.82 66.26
C ASN A 1278 -74.35 12.27 67.23
N THR A 1279 -73.97 11.41 68.17
CA THR A 1279 -72.97 11.80 69.15
C THR A 1279 -71.63 12.08 68.49
N ALA A 1280 -71.22 11.24 67.54
CA ALA A 1280 -70.00 11.50 66.80
C ALA A 1280 -70.14 12.67 65.86
N LEU A 1281 -71.33 12.87 65.28
CA LEU A 1281 -71.53 13.96 64.35
C LEU A 1281 -71.41 15.31 65.04
N SER A 1282 -71.96 15.44 66.25
CA SER A 1282 -71.89 16.71 66.96
C SER A 1282 -70.46 17.11 67.30
N ARG A 1283 -69.53 16.16 67.28
CA ARG A 1283 -68.14 16.47 67.61
C ARG A 1283 -67.51 17.39 66.58
N TYR A 1284 -67.90 17.28 65.31
CA TYR A 1284 -67.28 18.03 64.23
C TYR A 1284 -68.14 19.20 63.77
N SER A 1285 -68.89 19.82 64.69
CA SER A 1285 -69.77 20.92 64.29
C SER A 1285 -68.98 22.15 63.87
N GLN A 1286 -67.71 22.25 64.24
CA GLN A 1286 -66.94 23.44 63.92
C GLN A 1286 -66.50 23.49 62.46
N LEU A 1287 -66.67 22.40 61.71
CA LEU A 1287 -66.24 22.37 60.33
C LEU A 1287 -67.23 23.04 59.37
N LYS A 1288 -68.39 23.46 59.86
CA LYS A 1288 -69.39 24.06 58.99
C LYS A 1288 -68.92 25.35 58.36
N ASN A 1289 -67.90 25.99 58.94
CA ASN A 1289 -67.39 27.24 58.37
C ASN A 1289 -66.63 27.03 57.08
N THR A 1290 -66.32 25.78 56.73
CA THR A 1290 -65.61 25.47 55.49
C THR A 1290 -66.50 24.80 54.46
N PHE A 1291 -67.80 25.03 54.51
CA PHE A 1291 -68.72 24.45 53.55
C PHE A 1291 -69.05 25.47 52.46
N ASP A 1292 -69.47 24.97 51.31
CA ASP A 1292 -69.96 25.84 50.25
C ASP A 1292 -71.27 26.47 50.66
N ILE A 1293 -71.43 27.77 50.34
CA ILE A 1293 -72.63 28.51 50.71
C ILE A 1293 -73.09 29.35 49.53
N ILE A 1294 -74.35 29.76 49.60
CA ILE A 1294 -74.92 30.69 48.63
C ILE A 1294 -74.79 32.10 49.19
N HIS A 1295 -74.20 32.99 48.41
CA HIS A 1295 -73.97 34.35 48.89
C HIS A 1295 -75.28 35.06 49.17
N THR A 1296 -75.34 35.74 50.31
CA THR A 1296 -76.55 36.46 50.68
C THR A 1296 -76.84 37.60 49.71
N GLN A 1297 -75.82 38.37 49.34
CA GLN A 1297 -75.97 39.47 48.39
C GLN A 1297 -75.71 38.91 46.99
N GLY A 1298 -76.78 38.56 46.29
CA GLY A 1298 -76.64 37.96 44.98
C GLY A 1298 -76.46 36.47 45.07
N ASN A 1299 -77.33 35.71 44.38
CA ASN A 1299 -77.31 34.26 44.46
C ASN A 1299 -76.11 33.73 43.66
N ASP A 1300 -74.93 33.95 44.23
CA ASP A 1300 -73.68 33.56 43.62
C ASP A 1300 -73.04 32.45 44.46
N LEU A 1301 -72.73 31.33 43.82
CA LEU A 1301 -72.13 30.22 44.54
C LEU A 1301 -70.67 30.51 44.86
N VAL A 1302 -70.28 30.25 46.10
CA VAL A 1302 -68.90 30.39 46.53
C VAL A 1302 -68.45 29.07 47.13
N ARG A 1303 -67.26 28.62 46.74
CA ARG A 1303 -66.70 27.37 47.24
C ARG A 1303 -65.59 27.69 48.23
N LYS A 1304 -65.63 27.04 49.39
CA LYS A 1304 -64.63 27.21 50.43
C LYS A 1304 -63.76 25.97 50.49
N ALA A 1305 -62.44 26.18 50.54
CA ALA A 1305 -61.52 25.05 50.59
C ALA A 1305 -61.61 24.37 51.95
N SER A 1306 -61.60 23.03 51.93
CA SER A 1306 -61.66 22.26 53.16
C SER A 1306 -60.33 22.32 53.90
N TYR A 1307 -60.39 22.05 55.20
CA TYR A 1307 -59.23 22.15 56.07
C TYR A 1307 -59.03 20.85 56.82
N ARG A 1308 -57.78 20.58 57.19
CA ARG A 1308 -57.49 19.48 58.10
C ARG A 1308 -58.07 19.78 59.47
N PHE A 1309 -58.69 18.79 60.09
CA PHE A 1309 -59.42 19.01 61.32
C PHE A 1309 -58.57 18.75 62.54
N ALA A 1310 -58.83 19.51 63.60
CA ALA A 1310 -58.25 19.27 64.92
C ALA A 1310 -59.22 19.81 65.95
N GLN A 1311 -59.09 19.32 67.18
CA GLN A 1311 -60.09 19.65 68.19
C GLN A 1311 -59.99 21.10 68.63
N ASP A 1312 -58.88 21.47 69.23
CA ASP A 1312 -58.62 22.88 69.56
C ASP A 1312 -57.22 23.32 69.19
N PHE A 1313 -56.22 22.46 69.36
CA PHE A 1313 -54.84 22.75 69.01
C PHE A 1313 -54.25 21.53 68.34
N GLU A 1314 -53.31 21.76 67.43
CA GLU A 1314 -52.65 20.69 66.71
C GLU A 1314 -51.21 20.58 67.20
N VAL A 1315 -50.81 19.36 67.57
CA VAL A 1315 -49.45 19.06 67.99
C VAL A 1315 -49.03 17.79 67.26
N PRO A 1316 -47.76 17.67 66.84
CA PRO A 1316 -47.33 16.46 66.15
C PRO A 1316 -47.46 15.24 67.06
N ALA A 1317 -47.75 14.09 66.45
CA ALA A 1317 -47.99 12.88 67.22
C ALA A 1317 -46.72 12.37 67.88
N SER A 1318 -45.57 12.55 67.24
CA SER A 1318 -44.32 12.02 67.77
C SER A 1318 -43.19 12.99 67.45
N LEU A 1319 -42.08 12.85 68.15
CA LEU A 1319 -40.93 13.73 67.95
C LEU A 1319 -39.66 12.94 68.18
N ASN A 1320 -38.77 12.95 67.20
CA ASN A 1320 -37.52 12.21 67.26
C ASN A 1320 -36.40 13.17 67.66
N MET A 1321 -35.86 12.98 68.87
CA MET A 1321 -34.78 13.84 69.35
C MET A 1321 -33.56 13.76 68.44
N GLY A 1322 -33.14 12.53 68.13
CA GLY A 1322 -31.92 12.34 67.36
C GLY A 1322 -30.83 11.71 68.20
N SER A 1323 -29.60 12.23 68.08
CA SER A 1323 -28.48 11.73 68.85
C SER A 1323 -27.52 12.87 69.10
N ALA A 1324 -26.66 12.69 70.10
CA ALA A 1324 -25.69 13.70 70.47
C ALA A 1324 -24.43 13.02 70.99
N ILE A 1325 -23.33 13.76 70.98
CA ILE A 1325 -22.03 13.26 71.42
C ILE A 1325 -21.68 13.96 72.74
N GLY A 1326 -21.24 13.17 73.71
CA GLY A 1326 -20.86 13.70 75.00
C GLY A 1326 -19.51 14.38 74.97
N ASP A 1327 -19.07 14.80 76.16
CA ASP A 1327 -17.80 15.49 76.28
C ASP A 1327 -16.64 14.54 76.05
N ASP A 1328 -15.59 15.05 75.42
CA ASP A 1328 -14.35 14.33 75.16
C ASP A 1328 -14.56 13.07 74.33
N SER A 1329 -15.66 13.02 73.58
CA SER A 1329 -15.98 11.89 72.70
C SER A 1329 -15.93 10.56 73.46
N LEU A 1330 -16.53 10.56 74.65
CA LEU A 1330 -16.55 9.39 75.50
C LEU A 1330 -17.89 8.65 75.46
N THR A 1331 -18.99 9.35 75.65
CA THR A 1331 -20.32 8.75 75.68
C THR A 1331 -21.15 9.26 74.51
N VAL A 1332 -22.35 8.71 74.39
CA VAL A 1332 -23.26 9.09 73.31
C VAL A 1332 -24.68 8.69 73.71
N MET A 1333 -25.62 9.60 73.44
CA MET A 1333 -27.04 9.32 73.64
C MET A 1333 -27.69 9.05 72.29
N GLU A 1334 -28.47 7.99 72.22
CA GLU A 1334 -29.10 7.55 70.98
C GLU A 1334 -30.57 7.26 71.21
N ASN A 1335 -31.29 7.14 70.09
CA ASN A 1335 -32.66 6.63 70.06
C ASN A 1335 -33.61 7.48 70.90
N GLY A 1336 -33.26 8.75 71.13
CA GLY A 1336 -34.15 9.64 71.85
C GLY A 1336 -35.41 9.86 71.05
N ASN A 1337 -36.56 9.53 71.62
CA ASN A 1337 -37.80 9.60 70.87
C ASN A 1337 -38.98 9.72 71.82
N ILE A 1338 -39.95 10.53 71.44
CA ILE A 1338 -41.22 10.63 72.14
C ILE A 1338 -42.30 10.17 71.18
N PRO A 1339 -42.79 8.94 71.31
CA PRO A 1339 -43.69 8.40 70.27
C PRO A 1339 -45.11 8.92 70.34
N GLN A 1340 -45.58 9.40 71.50
CA GLN A 1340 -46.95 9.84 71.65
C GLN A 1340 -47.01 11.19 72.35
N ILE A 1341 -47.70 12.14 71.73
CA ILE A 1341 -47.93 13.46 72.31
C ILE A 1341 -49.41 13.77 72.18
N THR A 1342 -50.06 14.05 73.30
CA THR A 1342 -51.49 14.33 73.31
C THR A 1342 -51.74 15.71 73.91
N SER A 1343 -52.85 16.31 73.50
CA SER A 1343 -53.23 17.64 73.97
C SER A 1343 -54.65 17.60 74.51
N LYS A 1344 -54.92 18.45 75.50
CA LYS A 1344 -56.24 18.54 76.09
C LYS A 1344 -56.51 19.99 76.47
N TYR A 1345 -57.54 20.58 75.87
CA TYR A 1345 -57.92 21.96 76.14
C TYR A 1345 -59.22 21.93 76.95
N SER A 1346 -59.10 22.09 78.26
CA SER A 1346 -60.24 22.04 79.16
C SER A 1346 -60.48 23.45 79.69
N SER A 1347 -61.70 23.95 79.50
CA SER A 1347 -62.05 25.32 79.86
C SER A 1347 -61.13 26.30 79.13
N ASP A 1348 -60.18 26.88 79.85
CA ASP A 1348 -59.19 27.79 79.27
C ASP A 1348 -57.77 27.36 79.58
N ASN A 1349 -57.57 26.09 79.93
CA ASN A 1349 -56.26 25.56 80.28
C ASN A 1349 -55.88 24.48 79.27
N LEU A 1350 -54.68 24.60 78.72
CA LEU A 1350 -54.15 23.65 77.76
C LEU A 1350 -53.09 22.78 78.44
N ALA A 1351 -53.26 21.48 78.35
CA ALA A 1351 -52.33 20.53 78.95
C ALA A 1351 -51.78 19.61 77.87
N ILE A 1352 -50.48 19.36 77.94
CA ILE A 1352 -49.79 18.52 76.97
C ILE A 1352 -49.19 17.32 77.70
N THR A 1353 -49.48 16.13 77.19
CA THR A 1353 -49.00 14.90 77.79
C THR A 1353 -48.02 14.22 76.84
N LEU A 1354 -46.83 13.91 77.34
CA LEU A 1354 -45.82 13.19 76.59
C LEU A 1354 -45.77 11.76 77.12
N HIS A 1355 -45.85 10.78 76.22
CA HIS A 1355 -45.91 9.38 76.61
C HIS A 1355 -44.65 8.67 76.15
N ASN A 1356 -44.02 7.95 77.09
CA ASN A 1356 -42.89 7.06 76.79
C ASN A 1356 -41.70 7.82 76.21
N ALA A 1357 -41.30 8.88 76.90
CA ALA A 1357 -40.08 9.59 76.55
C ALA A 1357 -38.89 8.72 76.91
N ALA A 1358 -38.16 8.24 75.90
CA ALA A 1358 -37.09 7.28 76.11
C ALA A 1358 -35.85 7.67 75.33
N PHE A 1359 -34.70 7.22 75.83
CA PHE A 1359 -33.41 7.45 75.19
C PHE A 1359 -32.37 6.55 75.85
N THR A 1360 -31.38 6.14 75.07
CA THR A 1360 -30.34 5.24 75.57
C THR A 1360 -29.02 5.99 75.68
N VAL A 1361 -28.25 5.67 76.72
CA VAL A 1361 -26.93 6.24 76.94
C VAL A 1361 -25.91 5.11 76.85
N ARG A 1362 -24.88 5.29 76.02
CA ARG A 1362 -23.89 4.26 75.81
C ARG A 1362 -22.50 4.86 75.79
N TYR A 1363 -21.55 4.19 76.44
CA TYR A 1363 -20.15 4.63 76.43
C TYR A 1363 -19.52 4.18 75.12
N ASP A 1364 -19.20 5.14 74.26
CA ASP A 1364 -18.61 4.84 72.96
C ASP A 1364 -18.06 6.14 72.37
N GLY A 1365 -16.89 6.04 71.75
CA GLY A 1365 -16.29 7.18 71.06
C GLY A 1365 -16.57 7.11 69.57
N SER A 1366 -16.78 8.28 68.97
CA SER A 1366 -17.13 8.34 67.56
C SER A 1366 -15.90 8.47 66.67
N GLY A 1367 -14.92 7.61 66.92
CA GLY A 1367 -13.74 7.51 66.08
C GLY A 1367 -12.54 8.26 66.61
N ASN A 1368 -11.65 7.54 67.30
CA ASN A 1368 -10.38 8.07 67.79
C ASN A 1368 -9.62 6.97 68.53
N VAL A 1369 -8.46 7.29 69.07
CA VAL A 1369 -7.73 6.34 69.91
C VAL A 1369 -8.51 6.04 71.18
N ILE A 1370 -9.33 6.99 71.64
CA ILE A 1370 -10.03 6.82 72.91
C ILE A 1370 -10.96 5.61 72.84
N ARG A 1371 -11.83 5.56 71.84
CA ARG A 1371 -12.76 4.44 71.73
C ARG A 1371 -12.02 3.14 71.50
N ASN A 1372 -11.00 3.16 70.65
CA ASN A 1372 -10.29 1.93 70.32
C ASN A 1372 -9.62 1.32 71.53
N LYS A 1373 -9.02 2.14 72.40
CA LYS A 1373 -8.18 1.61 73.45
C LYS A 1373 -8.74 1.84 74.85
N GLN A 1374 -9.03 3.09 75.22
CA GLN A 1374 -9.33 3.39 76.62
C GLN A 1374 -10.68 2.82 77.03
N ILE A 1375 -11.68 2.95 76.18
CA ILE A 1375 -13.01 2.46 76.51
C ILE A 1375 -12.97 0.95 76.71
N SER A 1376 -12.29 0.24 75.82
CA SER A 1376 -12.11 -1.20 76.00
C SER A 1376 -11.29 -1.49 77.26
N ALA A 1377 -10.38 -0.59 77.63
CA ALA A 1377 -9.59 -0.79 78.84
C ALA A 1377 -10.45 -0.75 80.08
N MET A 1378 -11.38 0.22 80.15
CA MET A 1378 -12.24 0.29 81.33
C MET A 1378 -13.40 -0.71 81.28
N LYS A 1379 -13.59 -1.41 80.17
CA LYS A 1379 -14.61 -2.46 80.13
C LYS A 1379 -14.09 -3.81 80.61
N LEU A 1380 -12.80 -3.91 80.91
CA LEU A 1380 -12.23 -5.16 81.38
C LEU A 1380 -12.68 -5.43 82.81
N THR A 1381 -12.63 -6.71 83.20
CA THR A 1381 -13.00 -7.10 84.55
C THR A 1381 -11.79 -7.08 85.46
N GLY A 1382 -11.97 -6.54 86.66
CA GLY A 1382 -10.92 -6.47 87.64
C GLY A 1382 -10.72 -7.79 88.34
N VAL A 1383 -9.77 -7.79 89.28
CA VAL A 1383 -9.47 -9.00 90.04
C VAL A 1383 -10.28 -9.12 91.32
N ASP A 1384 -10.74 -8.00 91.89
CA ASP A 1384 -11.59 -8.05 93.07
C ASP A 1384 -13.02 -8.47 92.75
N GLY A 1385 -13.30 -8.78 91.48
CA GLY A 1385 -14.60 -9.26 91.07
C GLY A 1385 -15.35 -8.31 90.18
N LYS A 1386 -15.24 -8.54 88.87
CA LYS A 1386 -16.08 -7.95 87.83
C LYS A 1386 -16.23 -6.44 87.98
N SER A 1387 -17.42 -5.94 87.65
CA SER A 1387 -17.80 -4.54 87.82
C SER A 1387 -16.92 -3.59 87.00
N GLN A 1388 -16.13 -2.77 87.68
CA GLN A 1388 -15.36 -1.66 87.11
C GLN A 1388 -16.25 -0.57 86.53
N TYR A 1389 -17.54 -0.58 86.86
CA TYR A 1389 -18.44 0.49 86.44
C TYR A 1389 -18.68 1.43 87.62
N GLY A 1390 -18.79 2.72 87.31
CA GLY A 1390 -18.98 3.71 88.35
C GLY A 1390 -17.74 4.09 89.12
N ASN A 1391 -16.58 3.58 88.72
CA ASN A 1391 -15.34 3.91 89.38
C ASN A 1391 -14.76 5.21 88.83
N ALA A 1392 -13.72 5.70 89.49
CA ALA A 1392 -13.01 6.90 89.05
C ALA A 1392 -11.78 6.50 88.25
N PHE A 1393 -11.59 7.12 87.10
CA PHE A 1393 -10.51 6.76 86.19
C PHE A 1393 -9.63 7.97 85.90
N ILE A 1394 -8.37 7.68 85.60
CA ILE A 1394 -7.39 8.67 85.15
C ILE A 1394 -6.96 8.27 83.75
N ILE A 1395 -7.17 9.16 82.78
CA ILE A 1395 -6.87 8.86 81.38
C ILE A 1395 -5.99 9.97 80.81
N ALA A 1396 -5.52 9.76 79.58
CA ALA A 1396 -4.65 10.71 78.91
C ALA A 1396 -5.43 11.51 77.89
N ASN A 1397 -5.05 12.78 77.75
CA ASN A 1397 -5.71 13.64 76.77
C ASN A 1397 -5.46 13.14 75.36
N THR A 1398 -4.20 13.10 74.93
CA THR A 1398 -3.85 12.64 73.59
C THR A 1398 -2.60 11.78 73.69
N VAL A 1399 -2.69 10.56 73.17
CA VAL A 1399 -1.58 9.62 73.16
C VAL A 1399 -1.14 9.41 71.72
N LYS A 1400 0.17 9.46 71.49
CA LYS A 1400 0.72 9.29 70.15
C LYS A 1400 1.91 8.34 70.19
N HIS A 1401 2.04 7.54 69.13
CA HIS A 1401 3.19 6.65 69.02
C HIS A 1401 4.48 7.46 69.02
N TYR A 1402 5.45 7.03 69.82
CA TYR A 1402 6.70 7.78 69.97
C TYR A 1402 7.87 7.07 69.34
N GLY A 1403 8.01 5.76 69.54
CA GLY A 1403 9.12 5.03 68.98
C GLY A 1403 9.09 3.59 69.42
N GLY A 1404 10.19 2.90 69.12
CA GLY A 1404 10.35 1.50 69.44
C GLY A 1404 10.76 0.72 68.21
N TYR A 1405 10.90 -0.60 68.39
CA TYR A 1405 11.28 -1.44 67.27
C TYR A 1405 10.22 -1.45 66.18
N SER A 1406 8.95 -1.49 66.58
CA SER A 1406 7.85 -1.44 65.64
C SER A 1406 6.65 -0.79 66.33
N ASP A 1407 5.73 -0.28 65.52
CA ASP A 1407 4.53 0.38 66.04
C ASP A 1407 3.42 -0.65 66.13
N LEU A 1408 3.26 -1.25 67.30
CA LEU A 1408 2.14 -2.13 67.57
C LEU A 1408 0.91 -1.28 67.87
N GLY A 1409 -0.14 -1.89 68.40
CA GLY A 1409 -1.27 -1.12 68.86
C GLY A 1409 -0.93 -0.19 70.00
N GLY A 1410 0.22 -0.40 70.63
CA GLY A 1410 0.70 0.47 71.69
C GLY A 1410 0.04 0.15 73.01
N PRO A 1411 0.84 0.12 74.07
CA PRO A 1411 0.27 -0.12 75.40
C PRO A 1411 -0.45 1.13 75.90
N ILE A 1412 -1.77 1.11 75.87
CA ILE A 1412 -2.58 2.21 76.39
C ILE A 1412 -3.02 1.84 77.79
N THR A 1413 -2.70 2.69 78.76
CA THR A 1413 -2.90 2.38 80.17
C THR A 1413 -3.89 3.35 80.79
N VAL A 1414 -4.68 2.83 81.73
CA VAL A 1414 -5.66 3.62 82.46
C VAL A 1414 -5.60 3.23 83.93
N TYR A 1415 -5.71 4.23 84.80
CA TYR A 1415 -5.63 4.03 86.24
C TYR A 1415 -7.02 4.08 86.85
N ASN A 1416 -7.32 3.11 87.70
CA ASN A 1416 -8.58 3.06 88.45
C ASN A 1416 -8.26 3.41 89.89
N LYS A 1417 -8.72 4.60 90.32
CA LYS A 1417 -8.39 5.11 91.65
C LYS A 1417 -9.17 4.43 92.76
N THR A 1418 -10.42 4.03 92.50
CA THR A 1418 -11.23 3.45 93.55
C THR A 1418 -10.67 2.12 94.04
N LYS A 1419 -9.96 1.39 93.18
CA LYS A 1419 -9.36 0.12 93.54
C LYS A 1419 -7.87 0.06 93.30
N ASN A 1420 -7.25 1.14 92.84
CA ASN A 1420 -5.82 1.20 92.56
C ASN A 1420 -5.42 0.10 91.57
N TYR A 1421 -6.00 0.18 90.37
CA TYR A 1421 -5.73 -0.77 89.32
C TYR A 1421 -5.07 -0.06 88.14
N ILE A 1422 -4.26 -0.80 87.39
CA ILE A 1422 -3.71 -0.32 86.12
C ILE A 1422 -4.13 -1.30 85.04
N ALA A 1423 -4.88 -0.81 84.06
CA ALA A 1423 -5.36 -1.64 82.96
C ALA A 1423 -4.69 -1.21 81.67
N SER A 1424 -4.10 -2.16 80.96
CA SER A 1424 -3.35 -1.88 79.74
C SER A 1424 -3.94 -2.67 78.58
N VAL A 1425 -3.97 -2.05 77.40
CA VAL A 1425 -4.42 -2.68 76.18
C VAL A 1425 -3.36 -2.50 75.10
N GLN A 1426 -3.45 -3.36 74.08
CA GLN A 1426 -2.47 -3.39 73.00
C GLN A 1426 -3.15 -3.95 71.76
N GLY A 1427 -2.52 -3.72 70.61
CA GLY A 1427 -3.06 -4.19 69.35
C GLY A 1427 -2.54 -5.55 68.93
N HIS A 1428 -1.23 -5.71 68.86
CA HIS A 1428 -0.62 -6.97 68.47
C HIS A 1428 0.64 -7.19 69.31
N LEU A 1429 1.33 -8.29 69.01
CA LEU A 1429 2.61 -8.60 69.61
C LEU A 1429 3.56 -9.10 68.52
N MET A 1430 4.86 -8.84 68.71
CA MET A 1430 5.84 -9.21 67.69
C MET A 1430 6.06 -10.72 67.66
N ASN A 1431 6.52 -11.30 68.77
CA ASN A 1431 6.79 -12.72 68.85
C ASN A 1431 6.60 -13.19 70.28
N ALA A 1432 6.04 -14.39 70.44
CA ALA A 1432 5.68 -14.89 71.76
C ALA A 1432 6.90 -15.29 72.60
N ASP A 1433 8.01 -15.64 71.96
CA ASP A 1433 9.15 -16.15 72.72
C ASP A 1433 9.80 -15.09 73.60
N TYR A 1434 9.81 -13.84 73.17
CA TYR A 1434 10.40 -12.78 74.00
C TYR A 1434 9.57 -12.55 75.25
N THR A 1435 10.25 -12.31 76.36
CA THR A 1435 9.57 -11.90 77.58
C THR A 1435 8.96 -10.52 77.39
N ARG A 1436 7.77 -10.32 77.96
CA ARG A 1436 7.03 -9.08 77.79
C ARG A 1436 6.54 -8.60 79.14
N ARG A 1437 6.69 -7.30 79.40
CA ARG A 1437 6.17 -6.71 80.63
C ARG A 1437 5.92 -5.24 80.41
N LEU A 1438 4.88 -4.73 81.07
CA LEU A 1438 4.55 -3.31 81.01
C LEU A 1438 5.52 -2.53 81.87
N ILE A 1439 6.05 -1.44 81.34
CA ILE A 1439 7.06 -0.64 82.02
C ILE A 1439 6.71 0.84 81.86
N LEU A 1440 6.64 1.55 82.98
CA LEU A 1440 6.27 2.95 83.01
C LEU A 1440 7.43 3.75 83.62
N THR A 1441 8.06 4.59 82.80
CA THR A 1441 9.19 5.43 83.17
C THR A 1441 8.89 6.86 82.72
N PRO A 1442 9.38 7.87 83.44
CA PRO A 1442 9.17 9.25 83.01
C PRO A 1442 10.17 9.73 81.97
N VAL A 1443 11.18 8.96 81.62
CA VAL A 1443 12.21 9.42 80.70
C VAL A 1443 12.30 8.61 79.42
N GLU A 1444 11.74 7.41 79.36
CA GLU A 1444 11.66 6.55 78.18
C GLU A 1444 13.02 6.04 77.71
N ASN A 1445 14.11 6.42 78.36
CA ASN A 1445 15.44 5.99 77.94
C ASN A 1445 16.17 5.18 79.00
N ASN A 1446 16.09 5.59 80.27
CA ASN A 1446 16.79 4.92 81.35
C ASN A 1446 15.88 3.87 81.96
N TYR A 1447 16.29 2.60 81.89
CA TYR A 1447 15.52 1.53 82.50
C TYR A 1447 15.47 1.69 84.01
N TYR A 1448 16.56 2.15 84.62
CA TYR A 1448 16.61 2.30 86.07
C TYR A 1448 15.83 3.50 86.58
N ALA A 1449 15.34 4.36 85.69
CA ALA A 1449 14.49 5.48 86.07
C ALA A 1449 13.02 5.12 86.08
N ARG A 1450 12.68 3.85 85.85
CA ARG A 1450 11.29 3.43 85.79
C ARG A 1450 10.62 3.59 87.15
N LEU A 1451 9.30 3.80 87.12
CA LEU A 1451 8.50 3.83 88.33
C LEU A 1451 7.47 2.72 88.41
N PHE A 1452 7.14 2.05 87.31
CA PHE A 1452 6.19 0.96 87.37
C PHE A 1452 6.66 -0.20 86.51
N GLU A 1453 6.57 -1.41 87.04
CA GLU A 1453 6.91 -2.62 86.29
C GLU A 1453 5.88 -3.71 86.60
N PHE A 1454 5.29 -4.27 85.55
CA PHE A 1454 4.29 -5.32 85.72
C PHE A 1454 4.53 -6.43 84.72
N PRO A 1455 4.85 -7.64 85.18
CA PRO A 1455 5.04 -8.76 84.24
C PRO A 1455 3.71 -9.38 83.84
N PHE A 1456 3.57 -9.65 82.55
CA PHE A 1456 2.38 -10.34 82.06
C PHE A 1456 2.39 -11.78 82.54
N SER A 1457 1.38 -12.16 83.33
CA SER A 1457 1.37 -13.51 83.89
C SER A 1457 1.35 -14.59 82.81
N PRO A 1458 0.46 -14.55 81.81
CA PRO A 1458 0.73 -15.30 80.59
C PRO A 1458 1.47 -14.42 79.59
N ASN A 1459 2.42 -14.98 78.84
CA ASN A 1459 3.19 -14.16 77.92
C ASN A 1459 2.35 -13.67 76.77
N THR A 1460 1.52 -14.54 76.19
CA THR A 1460 0.77 -14.24 74.97
C THR A 1460 -0.68 -13.87 75.29
N ILE A 1461 -0.85 -12.78 76.06
CA ILE A 1461 -2.18 -12.29 76.40
C ILE A 1461 -2.17 -10.78 76.21
N LEU A 1462 -3.35 -10.21 76.01
CA LEU A 1462 -3.51 -8.77 75.88
C LEU A 1462 -4.68 -8.34 76.75
N ASN A 1463 -4.70 -7.05 77.08
CA ASN A 1463 -5.79 -6.43 77.83
C ASN A 1463 -5.95 -7.05 79.22
N THR A 1464 -4.95 -6.79 80.06
CA THR A 1464 -4.95 -7.25 81.44
C THR A 1464 -4.91 -6.08 82.42
N VAL A 1465 -5.20 -6.40 83.68
CA VAL A 1465 -5.09 -5.44 84.78
C VAL A 1465 -3.94 -5.90 85.67
N PHE A 1466 -3.44 -4.98 86.49
CA PHE A 1466 -2.20 -5.23 87.21
C PHE A 1466 -2.23 -4.96 88.70
N THR A 1467 -3.22 -4.24 89.23
CA THR A 1467 -3.46 -4.15 90.67
C THR A 1467 -2.22 -3.61 91.42
N VAL A 1468 -1.95 -2.33 91.18
CA VAL A 1468 -0.83 -1.65 91.84
C VAL A 1468 -0.84 -1.92 93.34
N GLY A 1469 -1.98 -1.72 93.99
CA GLY A 1469 -2.15 -2.03 95.39
C GLY A 1469 -1.99 -0.86 96.34
N SER A 1470 -1.56 0.30 95.86
CA SER A 1470 -1.39 1.47 96.71
C SER A 1470 -1.78 2.72 95.93
N ASN A 1471 -2.11 3.77 96.67
CA ASN A 1471 -2.51 5.04 96.08
C ASN A 1471 -1.28 5.72 95.50
N LYS A 1472 -1.04 5.51 94.21
CA LYS A 1472 0.09 6.09 93.50
C LYS A 1472 -0.39 6.95 92.34
N THR A 1473 -1.43 7.74 92.58
CA THR A 1473 -1.99 8.57 91.52
C THR A 1473 -0.99 9.60 91.02
N SER A 1474 -0.23 10.21 91.93
CA SER A 1474 0.77 11.20 91.53
C SER A 1474 1.85 10.56 90.66
N ASP A 1475 2.32 9.37 91.05
CA ASP A 1475 3.35 8.70 90.27
C ASP A 1475 2.86 8.36 88.87
N PHE A 1476 1.62 7.86 88.76
CA PHE A 1476 1.07 7.58 87.45
C PHE A 1476 0.91 8.87 86.64
N LYS A 1477 0.51 9.95 87.28
CA LYS A 1477 0.32 11.21 86.57
C LYS A 1477 1.63 11.75 86.02
N LYS A 1478 2.71 11.62 86.79
CA LYS A 1478 4.00 12.14 86.32
C LYS A 1478 4.76 11.18 85.43
N CYS A 1479 4.22 9.99 85.16
CA CYS A 1479 4.90 8.99 84.34
C CYS A 1479 4.23 8.91 82.98
N SER A 1480 4.89 9.46 81.97
CA SER A 1480 4.49 9.30 80.59
C SER A 1480 5.22 8.09 80.01
N TYR A 1481 5.17 7.92 78.69
CA TYR A 1481 5.99 6.94 77.98
C TYR A 1481 5.73 5.51 78.47
N ALA A 1482 4.53 5.03 78.21
CA ALA A 1482 4.23 3.62 78.47
C ALA A 1482 5.05 2.75 77.52
N VAL A 1483 5.78 1.80 78.08
CA VAL A 1483 6.70 0.95 77.32
C VAL A 1483 6.24 -0.49 77.41
N ASP A 1484 6.15 -1.15 76.25
CA ASP A 1484 5.67 -2.52 76.17
C ASP A 1484 6.79 -3.54 76.00
N GLY A 1485 8.04 -3.14 76.17
CA GLY A 1485 9.16 -4.06 76.02
C GLY A 1485 9.98 -4.24 77.29
N ASN A 1486 11.16 -3.64 77.30
CA ASN A 1486 12.03 -3.59 78.49
C ASN A 1486 12.41 -5.00 78.97
N ASN A 1487 13.16 -5.69 78.12
CA ASN A 1487 13.70 -6.99 78.48
C ASN A 1487 14.96 -6.82 79.33
N SER A 1488 15.64 -7.94 79.60
CA SER A 1488 16.82 -7.95 80.44
C SER A 1488 18.13 -8.04 79.67
N GLN A 1489 18.07 -7.99 78.34
CA GLN A 1489 19.25 -8.05 77.48
C GLN A 1489 19.60 -6.69 76.90
N GLY A 1490 19.44 -5.64 77.72
CA GLY A 1490 19.58 -4.28 77.26
C GLY A 1490 18.32 -3.50 77.62
N PHE A 1491 17.71 -2.84 76.65
CA PHE A 1491 16.40 -2.25 76.85
C PHE A 1491 15.34 -2.89 75.98
N GLN A 1492 15.51 -2.90 74.66
CA GLN A 1492 14.59 -3.56 73.74
C GLN A 1492 13.17 -3.02 73.89
N ILE A 1493 13.01 -1.75 73.57
CA ILE A 1493 11.70 -1.10 73.64
C ILE A 1493 10.85 -1.55 72.45
N PHE A 1494 9.89 -2.45 72.70
CA PHE A 1494 9.01 -2.92 71.63
C PHE A 1494 8.13 -1.80 71.11
N SER A 1495 7.57 -0.99 72.01
CA SER A 1495 6.70 0.12 71.61
C SER A 1495 6.69 1.14 72.73
N SER A 1496 6.27 2.37 72.38
CA SER A 1496 6.23 3.45 73.35
C SER A 1496 5.23 4.50 72.89
N TYR A 1497 4.47 5.04 73.84
CA TYR A 1497 3.45 6.02 73.54
C TYR A 1497 3.58 7.22 74.46
N GLN A 1498 3.46 8.41 73.88
CA GLN A 1498 3.46 9.66 74.63
C GLN A 1498 2.03 9.97 75.06
N SER A 1499 1.86 10.37 76.32
CA SER A 1499 0.54 10.55 76.92
C SER A 1499 0.05 11.98 76.92
N SER A 1500 0.96 12.96 76.96
CA SER A 1500 0.61 14.39 76.92
C SER A 1500 -0.25 14.70 78.14
N GLY A 1501 -1.47 15.21 77.98
CA GLY A 1501 -2.25 15.70 79.10
C GLY A 1501 -2.88 14.59 79.92
N TRP A 1502 -3.55 15.00 80.99
CA TRP A 1502 -4.17 14.08 81.93
C TRP A 1502 -5.58 14.57 82.26
N LEU A 1503 -6.53 13.63 82.33
CA LEU A 1503 -7.90 13.92 82.68
C LEU A 1503 -8.36 12.92 83.74
N ASP A 1504 -9.27 13.37 84.60
CA ASP A 1504 -9.90 12.53 85.60
C ASP A 1504 -11.39 12.48 85.33
N ILE A 1505 -11.95 11.27 85.30
CA ILE A 1505 -13.37 11.09 85.01
C ILE A 1505 -14.00 10.20 86.08
N ASP A 1506 -15.31 10.33 86.21
CA ASP A 1506 -16.10 9.50 87.12
C ASP A 1506 -17.23 8.88 86.34
N THR A 1507 -17.35 7.55 86.42
CA THR A 1507 -18.38 6.83 85.69
C THR A 1507 -19.69 6.72 86.44
N GLY A 1508 -19.70 7.01 87.74
CA GLY A 1508 -20.93 6.93 88.50
C GLY A 1508 -21.92 8.02 88.09
N ILE A 1509 -23.20 7.75 88.32
CA ILE A 1509 -24.27 8.67 87.96
C ILE A 1509 -25.24 8.78 89.12
N ASN A 1510 -25.98 9.89 89.15
CA ASN A 1510 -27.02 10.14 90.13
C ASN A 1510 -28.36 10.22 89.43
N ASN A 1511 -29.38 9.64 90.04
CA ASN A 1511 -30.71 9.65 89.43
C ASN A 1511 -31.31 11.04 89.38
N THR A 1512 -30.76 12.00 90.12
CA THR A 1512 -31.26 13.36 90.10
C THR A 1512 -30.65 14.21 89.00
N ASP A 1513 -29.64 13.72 88.30
CA ASP A 1513 -28.96 14.48 87.26
C ASP A 1513 -29.39 14.08 85.86
N ILE A 1514 -30.29 13.12 85.72
CA ILE A 1514 -30.82 12.71 84.42
C ILE A 1514 -32.19 13.34 84.31
N LYS A 1515 -32.28 14.49 83.65
CA LYS A 1515 -33.48 15.30 83.69
C LYS A 1515 -33.95 15.68 82.30
N ILE A 1516 -35.23 16.02 82.23
CA ILE A 1516 -35.86 16.57 81.04
C ILE A 1516 -36.47 17.90 81.43
N THR A 1517 -36.08 18.96 80.74
CA THR A 1517 -36.59 20.29 81.03
C THR A 1517 -37.38 20.81 79.84
N VAL A 1518 -38.59 21.29 80.11
CA VAL A 1518 -39.50 21.80 79.10
C VAL A 1518 -39.82 23.25 79.41
N MET A 1519 -39.69 24.10 78.40
CA MET A 1519 -39.99 25.52 78.50
C MET A 1519 -41.21 25.81 77.64
N ALA A 1520 -42.25 26.38 78.26
CA ALA A 1520 -43.48 26.73 77.58
C ALA A 1520 -43.81 28.17 77.95
N GLY A 1521 -43.57 29.10 77.02
CA GLY A 1521 -43.78 30.51 77.30
C GLY A 1521 -42.87 30.99 78.42
N SER A 1522 -43.47 31.27 79.57
CA SER A 1522 -42.72 31.67 80.75
C SER A 1522 -42.53 30.55 81.75
N LYS A 1523 -43.28 29.46 81.63
CA LYS A 1523 -43.19 28.36 82.58
C LYS A 1523 -42.05 27.42 82.21
N THR A 1524 -41.36 26.93 83.24
CA THR A 1524 -40.30 25.94 83.07
C THR A 1524 -40.58 24.77 84.00
N HIS A 1525 -40.59 23.56 83.43
CA HIS A 1525 -40.81 22.35 84.22
C HIS A 1525 -39.61 21.43 84.07
N THR A 1526 -39.15 20.90 85.19
CA THR A 1526 -38.05 19.96 85.22
C THR A 1526 -38.54 18.63 85.79
N PHE A 1527 -38.32 17.56 85.05
CA PHE A 1527 -38.68 16.22 85.49
C PHE A 1527 -37.41 15.39 85.59
N THR A 1528 -37.10 14.90 86.78
CA THR A 1528 -35.92 14.08 87.00
C THR A 1528 -36.31 12.62 87.09
N ALA A 1529 -35.33 11.76 86.79
CA ALA A 1529 -35.56 10.32 86.81
C ALA A 1529 -35.77 9.79 88.22
N SER A 1530 -35.50 10.59 89.25
CA SER A 1530 -35.65 10.11 90.62
C SER A 1530 -37.10 9.74 90.95
N ASP A 1531 -38.06 10.36 90.27
CA ASP A 1531 -39.47 10.12 90.56
C ASP A 1531 -40.34 9.90 89.33
N HIS A 1532 -39.81 10.04 88.12
CA HIS A 1532 -40.61 9.90 86.91
C HIS A 1532 -40.07 8.80 85.99
N ILE A 1533 -39.29 7.87 86.52
CA ILE A 1533 -38.71 6.81 85.71
C ILE A 1533 -39.63 5.60 85.73
N ALA A 1534 -39.82 4.98 84.56
CA ALA A 1534 -40.62 3.77 84.49
C ALA A 1534 -39.88 2.58 85.09
N SER A 1535 -38.60 2.43 84.74
CA SER A 1535 -37.78 1.35 85.26
C SER A 1535 -36.32 1.72 85.04
N LEU A 1536 -35.55 1.76 86.12
CA LEU A 1536 -34.14 2.09 86.01
C LEU A 1536 -33.40 0.93 85.31
N PRO A 1537 -32.62 1.21 84.27
CA PRO A 1537 -31.98 0.13 83.51
C PRO A 1537 -30.82 -0.51 84.25
N ALA A 1538 -30.24 -1.55 83.65
CA ALA A 1538 -29.12 -2.24 84.26
C ALA A 1538 -27.89 -1.36 84.28
N ASN A 1539 -27.19 -1.37 85.42
CA ASN A 1539 -26.00 -0.54 85.60
C ASN A 1539 -24.82 -1.25 84.94
N SER A 1540 -24.52 -0.84 83.70
CA SER A 1540 -23.45 -1.46 82.95
C SER A 1540 -22.85 -0.46 81.97
N PHE A 1541 -21.64 -0.77 81.50
CA PHE A 1541 -20.96 0.09 80.54
C PHE A 1541 -21.62 0.06 79.17
N ASP A 1542 -22.48 -0.93 78.92
CA ASP A 1542 -23.13 -1.06 77.62
C ASP A 1542 -24.30 -0.10 77.53
N ALA A 1543 -25.16 -0.28 76.53
CA ALA A 1543 -26.29 0.62 76.33
C ALA A 1543 -27.26 0.53 77.50
N MET A 1544 -27.62 1.68 78.06
CA MET A 1544 -28.60 1.76 79.14
C MET A 1544 -29.79 2.56 78.65
N PRO A 1545 -30.94 1.93 78.42
CA PRO A 1545 -32.12 2.69 77.97
C PRO A 1545 -32.97 3.18 79.13
N TYR A 1546 -33.29 4.48 79.13
CA TYR A 1546 -34.17 5.09 80.10
C TYR A 1546 -35.51 5.39 79.45
N THR A 1547 -36.59 5.08 80.16
CA THR A 1547 -37.95 5.38 79.70
C THR A 1547 -38.70 6.07 80.83
N PHE A 1548 -39.58 6.98 80.46
CA PHE A 1548 -40.28 7.83 81.42
C PHE A 1548 -41.77 7.57 81.38
N LYS A 1549 -42.41 7.69 82.54
CA LYS A 1549 -43.85 7.65 82.61
C LYS A 1549 -44.43 8.93 82.01
N PRO A 1550 -45.71 8.94 81.64
CA PRO A 1550 -46.29 10.12 81.00
C PRO A 1550 -46.03 11.39 81.79
N LEU A 1551 -45.66 12.44 81.08
CA LEU A 1551 -45.31 13.72 81.66
C LEU A 1551 -46.37 14.76 81.29
N GLU A 1552 -46.77 15.56 82.27
CA GLU A 1552 -47.81 16.56 82.11
C GLU A 1552 -47.19 17.95 82.08
N ILE A 1553 -47.57 18.76 81.11
CA ILE A 1553 -47.10 20.12 80.97
C ILE A 1553 -48.31 21.05 80.93
N ASP A 1554 -48.30 22.08 81.78
CA ASP A 1554 -49.36 23.08 81.80
C ASP A 1554 -48.94 24.22 80.90
N ALA A 1555 -49.30 24.11 79.62
CA ALA A 1555 -48.92 25.11 78.62
C ALA A 1555 -50.05 26.10 78.42
N SER A 1556 -50.36 26.83 79.49
CA SER A 1556 -51.39 27.85 79.47
C SER A 1556 -50.82 29.26 79.34
N SER A 1557 -49.50 29.38 79.09
CA SER A 1557 -48.86 30.68 78.98
C SER A 1557 -48.10 30.81 77.67
N LEU A 1558 -48.53 30.08 76.63
CA LEU A 1558 -47.86 30.17 75.34
C LEU A 1558 -48.18 31.48 74.66
N ALA A 1559 -47.17 32.08 74.04
CA ALA A 1559 -47.33 33.30 73.28
C ALA A 1559 -47.62 32.94 71.82
N PHE A 1560 -48.88 33.09 71.41
CA PHE A 1560 -49.31 32.67 70.09
C PHE A 1560 -49.16 33.83 69.11
N THR A 1561 -48.18 33.72 68.22
CA THR A 1561 -47.98 34.66 67.13
C THR A 1561 -48.26 33.95 65.81
N ASN A 1562 -49.15 34.51 65.00
CA ASN A 1562 -49.59 33.89 63.75
C ASN A 1562 -50.13 32.49 63.99
N ASN A 1563 -50.87 32.33 65.09
CA ASN A 1563 -51.53 31.06 65.43
C ASN A 1563 -50.54 29.91 65.52
N ILE A 1564 -49.36 30.18 66.06
CA ILE A 1564 -48.36 29.14 66.27
C ILE A 1564 -47.39 29.61 67.34
N ALA A 1565 -47.08 28.74 68.29
CA ALA A 1565 -46.20 29.04 69.39
C ALA A 1565 -45.20 27.92 69.58
N PRO A 1566 -43.98 28.23 70.04
CA PRO A 1566 -42.98 27.19 70.24
C PRO A 1566 -43.01 26.62 71.66
N LEU A 1567 -42.48 25.41 71.76
CA LEU A 1567 -42.38 24.70 73.04
C LEU A 1567 -41.07 23.93 73.04
N ASP A 1568 -40.20 24.22 73.99
CA ASP A 1568 -38.83 23.74 73.95
C ASP A 1568 -38.64 22.56 74.90
N ILE A 1569 -37.95 21.53 74.43
CA ILE A 1569 -37.69 20.32 75.19
C ILE A 1569 -36.19 20.04 75.14
N VAL A 1570 -35.59 19.79 76.31
CA VAL A 1570 -34.17 19.51 76.40
C VAL A 1570 -33.94 18.29 77.28
N PHE A 1571 -33.17 17.33 76.78
CA PHE A 1571 -32.74 16.17 77.56
C PHE A 1571 -31.34 16.42 78.07
N GLU A 1572 -31.15 16.40 79.38
CA GLU A 1572 -29.85 16.65 79.98
C GLU A 1572 -29.43 15.47 80.85
N THR A 1573 -28.16 15.13 80.78
CA THR A 1573 -27.61 14.01 81.54
C THR A 1573 -26.16 14.30 81.86
N LYS A 1574 -25.82 14.29 83.14
CA LYS A 1574 -24.45 14.52 83.57
C LYS A 1574 -24.13 13.60 84.74
N ALA A 1575 -22.85 13.24 84.83
CA ALA A 1575 -22.38 12.36 85.90
C ALA A 1575 -22.01 13.17 87.14
N LYS A 1576 -21.54 12.48 88.18
CA LYS A 1576 -21.12 13.16 89.39
C LYS A 1576 -19.92 14.05 89.15
N ASP A 1577 -19.10 13.73 88.14
CA ASP A 1577 -17.93 14.54 87.83
C ASP A 1577 -18.28 15.87 87.18
N GLY A 1578 -19.54 16.06 86.78
CA GLY A 1578 -19.95 17.27 86.09
C GLY A 1578 -19.85 17.18 84.58
N ARG A 1579 -19.29 16.10 84.05
CA ARG A 1579 -19.23 15.92 82.60
C ARG A 1579 -20.63 15.74 82.04
N VAL A 1580 -20.88 16.37 80.89
CA VAL A 1580 -22.17 16.25 80.22
C VAL A 1580 -22.11 15.03 79.31
N LEU A 1581 -22.82 13.96 79.68
CA LEU A 1581 -22.81 12.75 78.87
C LEU A 1581 -23.49 12.95 77.53
N GLY A 1582 -24.29 14.01 77.39
CA GLY A 1582 -24.96 14.32 76.15
C GLY A 1582 -26.10 15.29 76.35
N LYS A 1583 -26.26 16.23 75.43
CA LYS A 1583 -27.31 17.23 75.50
C LYS A 1583 -28.04 17.27 74.17
N ILE A 1584 -29.36 17.15 74.22
CA ILE A 1584 -30.20 17.18 73.03
C ILE A 1584 -31.22 18.28 73.19
N LYS A 1585 -31.31 19.15 72.20
CA LYS A 1585 -32.26 20.25 72.19
C LYS A 1585 -33.24 20.08 71.04
N GLN A 1586 -34.47 20.53 71.26
CA GLN A 1586 -35.50 20.42 70.23
C GLN A 1586 -36.57 21.46 70.50
N THR A 1587 -37.36 21.74 69.47
CA THR A 1587 -38.44 22.71 69.55
C THR A 1587 -39.70 22.09 68.99
N LEU A 1588 -40.80 22.23 69.73
CA LEU A 1588 -42.09 21.73 69.30
C LEU A 1588 -42.97 22.87 68.84
N SER A 1589 -43.79 22.62 67.82
CA SER A 1589 -44.67 23.63 67.26
C SER A 1589 -46.11 23.27 67.59
N VAL A 1590 -46.82 24.21 68.21
CA VAL A 1590 -48.23 24.04 68.57
C VAL A 1590 -49.05 25.00 67.74
N LYS A 1591 -49.96 24.47 66.93
CA LYS A 1591 -50.75 25.28 66.01
C LYS A 1591 -52.15 25.48 66.57
N ARG A 1592 -52.67 26.69 66.43
CA ARG A 1592 -54.01 27.01 66.92
C ARG A 1592 -55.00 26.91 65.77
N VAL A 1593 -56.09 26.17 66.00
CA VAL A 1593 -57.11 26.00 64.97
C VAL A 1593 -57.90 27.30 64.85
N ASN A 1594 -58.01 27.81 63.62
CA ASN A 1594 -58.70 29.07 63.36
C ASN A 1594 -59.61 28.87 62.15
N TYR A 1595 -60.91 28.76 62.40
CA TYR A 1595 -61.90 28.59 61.33
C TYR A 1595 -62.78 29.83 61.19
N ASN A 1596 -62.22 31.01 61.45
CA ASN A 1596 -63.00 32.23 61.35
C ASN A 1596 -63.37 32.49 59.90
N PRO A 1597 -64.57 33.04 59.64
CA PRO A 1597 -65.00 33.24 58.25
C PRO A 1597 -64.07 34.12 57.44
N GLU A 1598 -63.43 35.10 58.07
CA GLU A 1598 -62.55 36.01 57.35
C GLU A 1598 -61.14 35.46 57.17
N ASP A 1599 -60.86 34.26 57.69
CA ASP A 1599 -59.55 33.64 57.55
C ASP A 1599 -59.64 32.36 56.73
N ILE A 1600 -60.71 32.20 55.97
CA ILE A 1600 -60.93 31.01 55.15
C ILE A 1600 -60.86 31.43 53.69
N LEU A 1601 -59.90 30.87 52.96
CA LEU A 1601 -59.79 31.10 51.53
C LEU A 1601 -61.01 30.53 50.82
N PHE A 1602 -61.57 31.27 49.87
CA PHE A 1602 -62.71 30.77 49.12
C PHE A 1602 -62.62 31.23 47.67
N LEU A 1603 -63.28 30.47 46.79
CA LEU A 1603 -63.21 30.69 45.35
C LEU A 1603 -64.49 31.36 44.88
N ARG A 1604 -64.34 32.33 43.97
CA ARG A 1604 -65.51 32.99 43.38
C ARG A 1604 -65.26 33.16 41.88
N GLU A 1605 -66.35 33.31 41.14
CA GLU A 1605 -66.30 33.52 39.70
C GLU A 1605 -67.18 34.70 39.34
N THR A 1606 -66.61 35.65 38.60
CA THR A 1606 -67.36 36.81 38.18
C THR A 1606 -68.24 36.48 36.97
N HIS A 1607 -69.04 37.45 36.56
CA HIS A 1607 -69.88 37.25 35.39
C HIS A 1607 -69.09 37.29 34.09
N SER A 1608 -67.87 37.83 34.11
CA SER A 1608 -67.04 37.86 32.93
C SER A 1608 -66.26 36.57 32.71
N GLY A 1609 -66.32 35.63 33.65
CA GLY A 1609 -65.63 34.37 33.53
C GLY A 1609 -64.31 34.28 34.27
N ALA A 1610 -63.92 35.33 34.99
CA ALA A 1610 -62.67 35.33 35.73
C ALA A 1610 -62.88 34.67 37.09
N GLN A 1611 -62.02 33.72 37.42
CA GLN A 1611 -62.08 33.01 38.69
C GLN A 1611 -61.00 33.57 39.61
N TYR A 1612 -61.40 33.98 40.81
CA TYR A 1612 -60.44 34.51 41.76
C TYR A 1612 -60.62 33.86 43.12
N MET A 1613 -59.49 33.61 43.77
CA MET A 1613 -59.45 33.09 45.12
C MET A 1613 -59.24 34.25 46.07
N GLN A 1614 -59.89 34.20 47.24
CA GLN A 1614 -59.84 35.29 48.19
C GLN A 1614 -59.43 34.76 49.55
N LEU A 1615 -58.49 35.44 50.19
CA LEU A 1615 -58.06 35.14 51.55
C LEU A 1615 -58.00 36.44 52.33
N GLY A 1616 -58.84 36.57 53.34
CA GLY A 1616 -58.90 37.81 54.10
C GLY A 1616 -59.29 38.98 53.22
N VAL A 1617 -58.31 39.84 52.92
CA VAL A 1617 -58.53 40.97 52.04
C VAL A 1617 -57.84 40.81 50.69
N TYR A 1618 -56.97 39.82 50.54
CA TYR A 1618 -56.22 39.66 49.30
C TYR A 1618 -56.95 38.77 48.33
N ARG A 1619 -56.76 39.03 47.04
CA ARG A 1619 -57.36 38.26 45.97
C ARG A 1619 -56.27 37.85 44.98
N ILE A 1620 -56.43 36.66 44.41
CA ILE A 1620 -55.46 36.10 43.48
C ILE A 1620 -56.21 35.51 42.29
N ARG A 1621 -55.78 35.88 41.09
CA ARG A 1621 -56.40 35.34 39.88
C ARG A 1621 -56.02 33.88 39.71
N LEU A 1622 -56.97 33.06 39.26
CA LEU A 1622 -56.78 31.62 39.15
C LEU A 1622 -56.67 31.13 37.71
N ASN A 1623 -57.57 31.54 36.84
CA ASN A 1623 -57.61 31.05 35.47
C ASN A 1623 -57.25 32.16 34.49
N THR A 1624 -57.32 31.83 33.20
CA THR A 1624 -56.98 32.76 32.14
C THR A 1624 -58.01 32.63 31.02
N LEU A 1625 -58.06 33.67 30.17
CA LEU A 1625 -59.03 33.71 29.09
C LEU A 1625 -58.37 34.00 27.75
N LEU A 1626 -57.06 33.78 27.63
CA LEU A 1626 -56.36 34.09 26.38
C LEU A 1626 -56.72 33.12 25.28
N ALA A 1627 -57.11 31.90 25.63
CA ALA A 1627 -57.38 30.88 24.63
C ALA A 1627 -58.54 31.28 23.71
N SER A 1628 -59.59 31.86 24.28
CA SER A 1628 -60.72 32.29 23.47
C SER A 1628 -60.32 33.36 22.48
N GLN A 1629 -59.46 34.28 22.90
CA GLN A 1629 -59.04 35.38 22.05
C GLN A 1629 -57.95 35.00 21.06
N LEU A 1630 -57.31 33.85 21.23
CA LEU A 1630 -56.27 33.45 20.29
C LEU A 1630 -56.81 33.06 18.92
N VAL A 1631 -58.12 32.83 18.80
CA VAL A 1631 -58.66 32.29 17.56
C VAL A 1631 -58.60 33.32 16.43
N SER A 1632 -58.87 34.59 16.75
CA SER A 1632 -58.78 35.63 15.72
C SER A 1632 -57.37 35.72 15.16
N ARG A 1633 -56.38 35.71 16.04
CA ARG A 1633 -55.00 35.75 15.58
C ARG A 1633 -54.63 34.49 14.81
N ALA A 1634 -55.18 33.34 15.21
CA ALA A 1634 -54.85 32.10 14.51
C ALA A 1634 -55.55 31.96 13.17
N ASN A 1635 -56.63 32.72 12.94
CA ASN A 1635 -57.32 32.64 11.66
C ASN A 1635 -56.42 33.12 10.53
N THR A 1636 -55.70 34.22 10.74
CA THR A 1636 -54.67 34.65 9.82
C THR A 1636 -53.40 33.87 10.12
N GLY A 1637 -52.27 34.33 9.59
CA GLY A 1637 -51.02 33.65 9.85
C GLY A 1637 -50.65 33.70 11.31
N ILE A 1638 -49.78 32.76 11.71
CA ILE A 1638 -49.32 32.69 13.08
C ILE A 1638 -48.51 33.90 13.50
N ASP A 1639 -48.06 34.72 12.55
CA ASP A 1639 -47.35 35.94 12.91
C ASP A 1639 -48.24 36.91 13.65
N THR A 1640 -49.56 36.82 13.47
CA THR A 1640 -50.48 37.67 14.21
C THR A 1640 -50.56 37.26 15.67
N ILE A 1641 -50.35 35.99 15.97
CA ILE A 1641 -50.41 35.53 17.35
C ILE A 1641 -49.29 36.12 18.17
N LEU A 1642 -48.07 36.11 17.63
CA LEU A 1642 -46.89 36.58 18.37
C LEU A 1642 -46.62 38.04 18.05
N THR A 1643 -47.44 38.91 18.64
CA THR A 1643 -47.30 40.35 18.50
C THR A 1643 -47.42 40.99 19.87
N MET A 1644 -46.86 42.20 19.99
CA MET A 1644 -46.96 42.92 21.26
C MET A 1644 -48.40 43.28 21.57
N GLU A 1645 -49.20 43.55 20.54
CA GLU A 1645 -50.61 43.86 20.75
C GLU A 1645 -51.34 42.70 21.40
N THR A 1646 -51.04 41.47 20.96
CA THR A 1646 -51.65 40.30 21.58
C THR A 1646 -51.24 40.18 23.04
N GLN A 1647 -49.96 40.41 23.34
CA GLN A 1647 -49.48 40.29 24.71
C GLN A 1647 -49.96 41.44 25.59
N ARG A 1648 -50.49 42.52 25.00
CA ARG A 1648 -51.00 43.65 25.76
C ARG A 1648 -52.51 43.61 25.94
N LEU A 1649 -53.12 42.45 25.76
CA LEU A 1649 -54.58 42.36 25.85
C LEU A 1649 -55.04 42.61 27.27
N PRO A 1650 -56.16 43.30 27.45
CA PRO A 1650 -56.68 43.53 28.80
C PRO A 1650 -57.35 42.28 29.36
N GLU A 1651 -57.62 42.33 30.66
CA GLU A 1651 -58.27 41.23 31.36
C GLU A 1651 -59.44 41.74 32.18
N PRO A 1652 -60.43 40.90 32.44
CA PRO A 1652 -61.57 41.35 33.25
C PRO A 1652 -61.12 41.66 34.66
N PRO A 1653 -61.80 42.60 35.33
CA PRO A 1653 -61.40 42.96 36.69
C PRO A 1653 -61.58 41.79 37.64
N LEU A 1654 -60.72 41.75 38.66
CA LEU A 1654 -60.70 40.67 39.64
C LEU A 1654 -61.77 40.94 40.67
N GLY A 1655 -62.98 40.47 40.40
CA GLY A 1655 -64.05 40.70 41.34
C GLY A 1655 -64.53 42.14 41.32
N GLU A 1656 -65.05 42.58 42.46
CA GLU A 1656 -65.59 43.92 42.60
C GLU A 1656 -64.59 44.83 43.28
N GLY A 1657 -64.34 45.98 42.68
CA GLY A 1657 -63.36 46.91 43.23
C GLY A 1657 -63.10 48.03 42.24
N PHE A 1658 -61.95 48.68 42.40
CA PHE A 1658 -61.59 49.75 41.48
C PHE A 1658 -60.07 49.87 41.44
N TYR A 1659 -59.60 50.80 40.63
CA TYR A 1659 -58.18 51.07 40.46
C TYR A 1659 -57.84 52.45 41.01
N ALA A 1660 -56.59 52.62 41.40
CA ALA A 1660 -56.15 53.90 41.95
C ALA A 1660 -54.69 54.12 41.59
N THR A 1661 -54.31 55.39 41.47
CA THR A 1661 -52.93 55.79 41.19
C THR A 1661 -52.47 56.73 42.28
N PHE A 1662 -51.32 56.43 42.88
CA PHE A 1662 -50.75 57.21 43.96
C PHE A 1662 -49.38 57.71 43.54
N VAL A 1663 -49.08 58.96 43.88
CA VAL A 1663 -47.77 59.54 43.62
C VAL A 1663 -47.09 59.81 44.96
N ILE A 1664 -45.96 59.14 45.17
CA ILE A 1664 -45.17 59.26 46.40
C ILE A 1664 -44.07 60.29 46.19
N PRO A 1665 -43.98 61.30 47.06
CA PRO A 1665 -42.97 62.34 46.90
C PRO A 1665 -41.58 61.82 47.18
N PRO A 1666 -40.54 62.50 46.70
CA PRO A 1666 -39.17 62.05 46.96
C PRO A 1666 -38.80 62.21 48.43
N TYR A 1667 -37.79 61.46 48.83
CA TYR A 1667 -37.36 61.43 50.22
C TYR A 1667 -36.72 62.76 50.63
N ASN A 1668 -37.12 63.25 51.80
CA ASN A 1668 -36.47 64.38 52.43
C ASN A 1668 -36.30 64.07 53.92
N LEU A 1669 -35.16 64.48 54.47
CA LEU A 1669 -34.85 64.14 55.86
C LEU A 1669 -35.78 64.87 56.83
N SER A 1670 -36.21 66.08 56.48
CA SER A 1670 -36.98 66.89 57.42
C SER A 1670 -38.31 66.25 57.77
N THR A 1671 -39.01 65.70 56.78
CA THR A 1671 -40.36 65.20 57.00
C THR A 1671 -40.44 63.69 57.09
N HIS A 1672 -39.55 62.97 56.43
CA HIS A 1672 -39.62 61.52 56.41
C HIS A 1672 -38.78 60.90 57.52
N GLY A 1673 -37.54 61.34 57.69
CA GLY A 1673 -36.76 60.98 58.85
C GLY A 1673 -35.86 59.78 58.66
N ASP A 1674 -34.57 60.02 58.52
CA ASP A 1674 -33.55 58.98 58.49
C ASP A 1674 -33.85 57.88 57.47
N GLU A 1675 -34.41 56.76 57.92
CA GLU A 1675 -34.62 55.61 57.06
C GLU A 1675 -35.62 55.91 55.96
N ARG A 1676 -35.29 55.48 54.75
CA ARG A 1676 -36.14 55.70 53.58
C ARG A 1676 -36.96 54.44 53.27
N TRP A 1677 -37.92 54.17 54.14
CA TRP A 1677 -38.88 53.09 53.91
C TRP A 1677 -40.29 53.59 54.17
N PHE A 1678 -41.24 53.06 53.41
CA PHE A 1678 -42.63 53.46 53.57
C PHE A 1678 -43.53 52.27 53.27
N LYS A 1679 -44.75 52.33 53.80
CA LYS A 1679 -45.73 51.27 53.63
C LYS A 1679 -47.10 51.88 53.38
N LEU A 1680 -47.94 51.16 52.64
CA LEU A 1680 -49.31 51.57 52.35
C LEU A 1680 -50.25 50.50 52.88
N TYR A 1681 -51.17 50.90 53.75
CA TYR A 1681 -52.14 50.04 54.39
C TYR A 1681 -53.55 50.40 53.95
N ILE A 1682 -54.42 49.39 53.96
CA ILE A 1682 -55.84 49.55 53.68
C ILE A 1682 -56.62 49.29 54.95
N LYS A 1683 -57.84 49.81 55.00
CA LYS A 1683 -58.66 49.68 56.19
C LYS A 1683 -60.13 49.83 55.82
N HIS A 1684 -60.99 49.19 56.63
CA HIS A 1684 -62.44 49.24 56.52
C HIS A 1684 -62.96 48.42 55.36
N VAL A 1685 -62.26 47.35 55.02
CA VAL A 1685 -62.75 46.36 54.06
C VAL A 1685 -62.78 45.01 54.78
N VAL A 1686 -63.87 44.27 54.60
CA VAL A 1686 -64.09 42.98 55.24
C VAL A 1686 -64.18 43.18 56.75
N ASP A 1687 -63.05 43.47 57.38
CA ASP A 1687 -63.00 43.78 58.81
C ASP A 1687 -62.61 45.23 59.00
N ASN A 1688 -62.50 45.64 60.26
CA ASN A 1688 -62.19 47.02 60.61
C ASN A 1688 -60.73 47.22 60.99
N ASN A 1689 -59.89 46.20 60.86
CA ASN A 1689 -58.48 46.33 61.17
C ASN A 1689 -57.75 46.88 59.95
N SER A 1690 -56.42 46.85 59.98
CA SER A 1690 -55.59 47.35 58.89
C SER A 1690 -54.67 46.26 58.40
N HIS A 1691 -54.51 46.17 57.09
CA HIS A 1691 -53.60 45.21 56.45
C HIS A 1691 -52.70 45.94 55.48
N ILE A 1692 -51.44 45.51 55.42
CA ILE A 1692 -50.48 46.13 54.52
C ILE A 1692 -50.76 45.66 53.09
N ILE A 1693 -50.85 46.62 52.17
CA ILE A 1693 -51.03 46.30 50.76
C ILE A 1693 -49.85 46.72 49.91
N TYR A 1694 -48.92 47.52 50.43
CA TYR A 1694 -47.73 47.84 49.65
C TYR A 1694 -46.58 48.21 50.58
N SER A 1695 -45.36 47.95 50.13
CA SER A 1695 -44.16 48.32 50.85
C SER A 1695 -43.10 48.78 49.85
N GLY A 1696 -42.25 49.72 50.27
CA GLY A 1696 -41.24 50.18 49.35
C GLY A 1696 -40.26 51.11 50.02
N GLN A 1697 -39.32 51.60 49.20
CA GLN A 1697 -38.25 52.48 49.65
C GLN A 1697 -38.43 53.87 49.04
N LEU A 1698 -38.27 54.90 49.86
CA LEU A 1698 -38.31 56.26 49.36
C LEU A 1698 -37.03 56.56 48.59
N THR A 1699 -37.17 57.22 47.45
CA THR A 1699 -36.04 57.56 46.59
C THR A 1699 -35.99 59.07 46.40
N ASP A 1700 -35.11 59.51 45.50
CA ASP A 1700 -34.91 60.93 45.25
C ASP A 1700 -35.87 61.51 44.23
N THR A 1701 -36.70 60.69 43.60
CA THR A 1701 -37.67 61.15 42.61
C THR A 1701 -39.06 60.67 42.99
N ASN A 1702 -40.06 61.22 42.29
CA ASN A 1702 -41.44 60.81 42.51
C ASN A 1702 -41.64 59.36 42.09
N ILE A 1703 -42.57 58.69 42.76
CA ILE A 1703 -42.89 57.30 42.45
C ILE A 1703 -44.37 57.21 42.09
N ASN A 1704 -44.67 56.47 41.03
CA ASN A 1704 -46.04 56.25 40.59
C ASN A 1704 -46.43 54.81 40.84
N ILE A 1705 -47.53 54.59 41.55
CA ILE A 1705 -47.99 53.25 41.89
C ILE A 1705 -49.45 53.11 41.50
N THR A 1706 -49.77 52.07 40.75
CA THR A 1706 -51.13 51.74 40.38
C THR A 1706 -51.56 50.49 41.14
N LEU A 1707 -52.69 50.57 41.84
CA LEU A 1707 -53.14 49.48 42.68
C LEU A 1707 -54.61 49.19 42.45
N PHE A 1708 -55.01 47.97 42.79
CA PHE A 1708 -56.38 47.50 42.69
C PHE A 1708 -56.94 47.42 44.11
N ILE A 1709 -57.85 48.33 44.43
CA ILE A 1709 -58.47 48.37 45.76
C ILE A 1709 -59.74 47.53 45.71
N PRO A 1710 -59.85 46.48 46.51
CA PRO A 1710 -61.07 45.69 46.54
C PRO A 1710 -62.19 46.44 47.24
N LEU A 1711 -63.41 45.95 47.03
CA LEU A 1711 -64.59 46.55 47.63
C LEU A 1711 -65.63 45.47 47.84
N ASP A 1712 -66.10 45.33 49.09
CA ASP A 1712 -67.13 44.34 49.39
C ASP A 1712 -68.48 44.83 48.88
N ASP A 1713 -69.45 43.91 48.87
CA ASP A 1713 -70.77 44.21 48.34
C ASP A 1713 -71.49 45.26 49.20
N VAL A 1714 -71.53 45.03 50.51
CA VAL A 1714 -72.18 45.94 51.44
C VAL A 1714 -71.09 46.55 52.32
N PRO A 1715 -70.80 47.84 52.20
CA PRO A 1715 -69.74 48.44 53.00
C PRO A 1715 -70.10 48.46 54.48
N LEU A 1716 -69.06 48.35 55.31
CA LEU A 1716 -69.27 48.41 56.76
C LEU A 1716 -69.60 49.82 57.21
N ASN A 1717 -68.71 50.77 56.90
CA ASN A 1717 -68.92 52.17 57.26
C ASN A 1717 -69.60 52.88 56.10
N GLN A 1718 -70.75 53.51 56.38
CA GLN A 1718 -71.51 54.14 55.32
C GLN A 1718 -70.74 55.31 54.70
N ASP A 1719 -70.13 56.15 55.53
CA ASP A 1719 -69.50 57.36 55.04
C ASP A 1719 -68.34 57.05 54.10
N TYR A 1720 -67.40 56.21 54.53
CA TYR A 1720 -66.25 55.86 53.74
C TYR A 1720 -66.26 54.36 53.46
N HIS A 1721 -66.22 53.99 52.17
CA HIS A 1721 -66.25 52.58 51.81
C HIS A 1721 -64.88 51.93 51.95
N ALA A 1722 -63.80 52.68 51.81
CA ALA A 1722 -62.48 52.13 52.06
C ALA A 1722 -61.54 53.27 52.43
N LYS A 1723 -60.49 52.94 53.18
CA LYS A 1723 -59.50 53.94 53.58
C LYS A 1723 -58.12 53.43 53.24
N VAL A 1724 -57.26 54.31 52.73
CA VAL A 1724 -55.88 53.97 52.43
C VAL A 1724 -54.97 55.00 53.09
N TYR A 1725 -53.92 54.53 53.76
CA TYR A 1725 -53.00 55.46 54.39
C TYR A 1725 -51.56 54.98 54.29
N MET A 1726 -50.63 55.92 54.40
CA MET A 1726 -49.21 55.64 54.25
C MET A 1726 -48.48 55.90 55.57
N THR A 1727 -47.56 55.01 55.91
CA THR A 1727 -46.78 55.13 57.13
C THR A 1727 -45.29 55.12 56.79
N PHE A 1728 -44.53 55.93 57.53
CA PHE A 1728 -43.08 55.97 57.44
C PHE A 1728 -42.54 56.16 58.85
N LYS A 1729 -41.25 56.48 58.95
CA LYS A 1729 -40.59 56.55 60.25
C LYS A 1729 -41.18 57.66 61.13
N LYS A 1730 -41.34 58.86 60.56
CA LYS A 1730 -41.81 59.99 61.36
C LYS A 1730 -43.27 59.82 61.78
N SER A 1731 -44.07 59.13 60.97
CA SER A 1731 -45.50 58.96 61.24
C SER A 1731 -45.87 57.49 61.16
N PRO A 1732 -45.48 56.69 62.16
CA PRO A 1732 -45.84 55.28 62.20
C PRO A 1732 -47.15 55.03 62.94
N SER A 1733 -48.21 55.72 62.52
CA SER A 1733 -49.51 55.62 63.17
C SER A 1733 -50.58 55.63 62.09
N ASP A 1734 -51.83 55.85 62.50
CA ASP A 1734 -52.95 55.85 61.58
C ASP A 1734 -53.60 57.23 61.46
N GLY A 1735 -54.04 57.82 62.56
CA GLY A 1735 -54.67 59.11 62.53
C GLY A 1735 -56.11 59.04 62.03
N THR A 1736 -56.80 60.16 62.14
CA THR A 1736 -58.18 60.28 61.71
C THR A 1736 -58.25 61.14 60.45
N TRP A 1737 -58.94 60.63 59.43
CA TRP A 1737 -59.08 61.29 58.13
C TRP A 1737 -57.72 61.54 57.48
N TRP A 1738 -56.69 60.80 57.88
CA TRP A 1738 -55.35 61.03 57.38
C TRP A 1738 -55.05 60.06 56.23
N GLY A 1739 -55.72 60.32 55.10
CA GLY A 1739 -55.53 59.54 53.91
C GLY A 1739 -56.77 59.54 53.04
N PRO A 1740 -56.65 59.03 51.82
CA PRO A 1740 -57.83 58.94 50.95
C PRO A 1740 -58.88 57.99 51.52
N HIS A 1741 -60.13 58.44 51.44
CA HIS A 1741 -61.31 57.67 51.85
C HIS A 1741 -62.21 57.53 50.63
N PHE A 1742 -62.16 56.38 49.98
CA PHE A 1742 -62.94 56.17 48.77
C PHE A 1742 -64.37 55.74 49.10
N VAL A 1743 -65.32 56.32 48.38
CA VAL A 1743 -66.74 55.98 48.50
C VAL A 1743 -67.31 55.77 47.11
N ARG A 1744 -68.11 54.73 46.96
CA ARG A 1744 -68.66 54.32 45.67
C ARG A 1744 -70.14 54.69 45.62
N ASP A 1745 -70.55 55.30 44.50
CA ASP A 1745 -71.94 55.72 44.34
C ASP A 1745 -72.79 54.53 43.91
N ASP A 1746 -74.04 54.80 43.51
CA ASP A 1746 -74.93 53.73 43.11
C ASP A 1746 -74.50 53.11 41.78
N LYS A 1747 -73.83 53.87 40.92
CA LYS A 1747 -73.39 53.40 39.60
C LYS A 1747 -71.90 53.73 39.46
N GLY A 1748 -71.05 52.83 39.97
CA GLY A 1748 -69.62 53.01 39.84
C GLY A 1748 -69.16 54.35 40.39
N ILE A 1749 -68.19 54.95 39.72
CA ILE A 1749 -67.70 56.29 40.02
C ILE A 1749 -67.25 56.37 41.48
N VAL A 1750 -66.09 55.83 41.78
CA VAL A 1750 -65.51 55.96 43.10
C VAL A 1750 -64.97 57.38 43.26
N THR A 1751 -65.28 58.02 44.38
CA THR A 1751 -64.87 59.38 44.65
C THR A 1751 -64.15 59.46 45.98
N ILE A 1752 -63.28 60.44 46.10
CA ILE A 1752 -62.54 60.68 47.34
C ILE A 1752 -63.38 61.59 48.23
N ASN A 1753 -63.53 61.19 49.49
CA ASN A 1753 -64.25 62.01 50.45
C ASN A 1753 -63.53 63.35 50.61
N PRO A 1754 -64.21 64.49 50.46
CA PRO A 1754 -63.52 65.78 50.53
C PRO A 1754 -62.77 66.01 51.84
N LYS A 1755 -63.32 65.57 52.96
CA LYS A 1755 -62.68 65.80 54.26
C LYS A 1755 -61.65 64.70 54.51
N SER A 1756 -60.55 64.77 53.76
CA SER A 1756 -59.48 63.80 53.90
C SER A 1756 -58.15 64.48 53.65
N ILE A 1757 -57.28 64.46 54.66
CA ILE A 1757 -55.99 65.12 54.56
C ILE A 1757 -55.07 64.28 53.67
N LEU A 1758 -54.49 64.93 52.65
CA LEU A 1758 -53.61 64.26 51.71
C LEU A 1758 -52.21 64.84 51.74
N THR A 1759 -51.77 65.33 52.90
CA THR A 1759 -50.45 65.96 53.00
C THR A 1759 -49.34 64.96 52.70
N HIS A 1760 -49.47 63.73 53.19
CA HIS A 1760 -48.43 62.74 52.98
C HIS A 1760 -48.28 62.40 51.50
N PHE A 1761 -49.39 62.24 50.79
CA PHE A 1761 -49.34 61.93 49.38
C PHE A 1761 -49.09 63.19 48.56
N GLU A 1762 -48.58 63.00 47.35
CA GLU A 1762 -48.46 64.11 46.41
C GLU A 1762 -49.72 64.26 45.56
N SER A 1763 -50.27 63.14 45.08
CA SER A 1763 -51.51 63.16 44.32
C SER A 1763 -52.10 61.76 44.28
N VAL A 1764 -53.39 61.66 44.53
CA VAL A 1764 -54.12 60.39 44.53
C VAL A 1764 -55.28 60.54 43.55
N ASN A 1765 -55.30 59.69 42.52
CA ASN A 1765 -56.34 59.72 41.51
C ASN A 1765 -57.00 58.36 41.42
N VAL A 1766 -58.23 58.34 40.93
CA VAL A 1766 -59.01 57.12 40.74
C VAL A 1766 -59.23 56.91 39.26
N LEU A 1767 -59.10 55.67 38.81
CA LEU A 1767 -59.31 55.32 37.41
C LEU A 1767 -60.58 54.49 37.32
N ASN A 1768 -61.63 55.07 36.76
CA ASN A 1768 -62.98 54.52 36.86
C ASN A 1768 -63.30 53.54 35.74
N ASN A 1769 -62.41 53.35 34.78
CA ASN A 1769 -62.71 52.39 33.72
C ASN A 1769 -61.46 51.66 33.27
N TYR A 1770 -60.39 51.75 34.06
CA TYR A 1770 -59.12 51.13 33.70
C TYR A 1770 -59.26 49.61 33.67
N SER A 1771 -58.51 48.99 32.76
CA SER A 1771 -58.46 47.53 32.65
C SER A 1771 -57.01 47.13 32.44
N ALA A 1772 -56.43 46.50 33.45
CA ALA A 1772 -55.01 46.18 33.40
C ALA A 1772 -54.73 45.13 32.33
N PRO A 1773 -53.60 45.20 31.64
CA PRO A 1773 -53.26 44.17 30.67
C PRO A 1773 -52.89 42.85 31.32
N MET A 1774 -52.50 41.87 30.51
CA MET A 1774 -52.14 40.57 31.04
C MET A 1774 -50.94 40.67 31.97
N ASP A 1775 -50.94 39.84 33.00
CA ASP A 1775 -49.87 39.82 33.99
C ASP A 1775 -48.97 38.62 33.75
N PHE A 1776 -47.67 38.89 33.60
CA PHE A 1776 -46.69 37.85 33.39
C PHE A 1776 -46.06 37.36 34.68
N ASN A 1777 -46.63 37.72 35.82
CA ASN A 1777 -46.21 37.21 37.13
C ASN A 1777 -47.34 36.51 37.86
N SER A 1778 -48.40 36.14 37.14
CA SER A 1778 -49.57 35.52 37.75
C SER A 1778 -49.41 34.01 37.77
N ALA A 1779 -50.50 33.30 38.05
CA ALA A 1779 -50.46 31.85 38.13
C ALA A 1779 -50.08 31.22 36.81
N SER A 1780 -50.58 31.78 35.70
CA SER A 1780 -50.31 31.24 34.38
C SER A 1780 -49.10 31.87 33.71
N ALA A 1781 -48.13 32.34 34.50
CA ALA A 1781 -46.96 32.97 33.92
C ALA A 1781 -46.15 31.98 33.08
N LEU A 1782 -46.06 30.73 33.54
CA LEU A 1782 -45.27 29.74 32.83
C LEU A 1782 -45.79 29.51 31.42
N TYR A 1783 -47.11 29.39 31.26
CA TYR A 1783 -47.67 29.15 29.95
C TYR A 1783 -47.48 30.34 29.02
N TYR A 1784 -47.66 31.55 29.55
CA TYR A 1784 -47.44 32.75 28.74
C TYR A 1784 -46.01 32.80 28.25
N TRP A 1785 -45.05 32.58 29.15
CA TRP A 1785 -43.65 32.63 28.78
C TRP A 1785 -43.31 31.55 27.76
N GLU A 1786 -43.86 30.34 27.93
CA GLU A 1786 -43.61 29.29 26.97
C GLU A 1786 -44.17 29.64 25.59
N LEU A 1787 -45.37 30.22 25.57
CA LEU A 1787 -45.98 30.53 24.28
C LEU A 1787 -45.25 31.66 23.57
N PHE A 1788 -44.84 32.69 24.30
CA PHE A 1788 -44.36 33.91 23.67
C PHE A 1788 -42.84 33.98 23.55
N TYR A 1789 -42.09 33.28 24.40
CA TYR A 1789 -40.64 33.35 24.34
C TYR A 1789 -39.97 32.02 24.06
N TYR A 1790 -40.26 30.99 24.85
CA TYR A 1790 -39.49 29.76 24.76
C TYR A 1790 -39.73 29.03 23.44
N THR A 1791 -40.98 28.98 22.99
CA THR A 1791 -41.29 28.24 21.77
C THR A 1791 -40.63 28.83 20.53
N PRO A 1792 -40.72 30.13 20.24
CA PRO A 1792 -39.99 30.65 19.08
C PRO A 1792 -38.48 30.45 19.20
N MET A 1793 -37.93 30.55 20.40
CA MET A 1793 -36.49 30.33 20.56
C MET A 1793 -36.11 28.90 20.23
N MET A 1794 -36.91 27.93 20.70
CA MET A 1794 -36.63 26.53 20.39
C MET A 1794 -36.77 26.26 18.89
N CYS A 1795 -37.79 26.82 18.27
CA CYS A 1795 -37.96 26.62 16.83
C CYS A 1795 -36.79 27.22 16.07
N PHE A 1796 -36.34 28.41 16.46
CA PHE A 1796 -35.19 29.03 15.81
C PHE A 1796 -33.94 28.17 15.98
N GLN A 1797 -33.73 27.64 17.18
CA GLN A 1797 -32.54 26.81 17.41
C GLN A 1797 -32.58 25.55 16.55
N ARG A 1798 -33.73 24.89 16.49
CA ARG A 1798 -33.83 23.67 15.69
C ARG A 1798 -33.62 23.97 14.21
N LEU A 1799 -34.21 25.06 13.71
CA LEU A 1799 -34.00 25.40 12.31
C LEU A 1799 -32.56 25.76 12.02
N LEU A 1800 -31.90 26.47 12.93
CA LEU A 1800 -30.51 26.83 12.73
C LEU A 1800 -29.62 25.60 12.72
N GLN A 1801 -29.92 24.62 13.58
CA GLN A 1801 -29.09 23.42 13.63
C GLN A 1801 -29.13 22.63 12.33
N GLU A 1802 -30.13 22.84 11.48
CA GLU A 1802 -30.24 22.14 10.20
C GLU A 1802 -29.91 23.05 9.02
N LYS A 1803 -29.25 24.18 9.27
CA LYS A 1803 -28.79 25.08 8.21
C LYS A 1803 -29.94 25.58 7.34
N GLN A 1804 -31.04 25.97 7.97
CA GLN A 1804 -32.13 26.67 7.31
C GLN A 1804 -32.14 28.09 7.86
N PHE A 1805 -31.32 28.95 7.26
CA PHE A 1805 -31.03 30.24 7.87
C PHE A 1805 -32.19 31.22 7.73
N ASP A 1806 -32.84 31.25 6.57
CA ASP A 1806 -33.92 32.22 6.36
C ASP A 1806 -35.10 31.94 7.28
N GLU A 1807 -35.50 30.67 7.40
CA GLU A 1807 -36.60 30.32 8.29
C GLU A 1807 -36.24 30.59 9.74
N ALA A 1808 -34.99 30.31 10.12
CA ALA A 1808 -34.56 30.60 11.48
C ALA A 1808 -34.62 32.09 11.77
N THR A 1809 -34.20 32.91 10.81
CA THR A 1809 -34.30 34.36 10.99
C THR A 1809 -35.76 34.79 11.13
N GLN A 1810 -36.64 34.24 10.30
CA GLN A 1810 -38.05 34.59 10.38
C GLN A 1810 -38.60 34.23 11.75
N TRP A 1811 -38.22 33.07 12.29
CA TRP A 1811 -38.75 32.65 13.57
C TRP A 1811 -38.19 33.49 14.72
N ILE A 1812 -36.91 33.83 14.66
CA ILE A 1812 -36.34 34.63 15.75
C ILE A 1812 -36.80 36.08 15.67
N ASN A 1813 -37.28 36.53 14.52
CA ASN A 1813 -37.77 37.90 14.42
C ASN A 1813 -39.02 38.16 15.26
N TYR A 1814 -39.68 37.12 15.76
CA TYR A 1814 -40.84 37.34 16.62
C TYR A 1814 -40.43 37.80 18.01
N VAL A 1815 -39.15 37.73 18.36
CA VAL A 1815 -38.67 38.11 19.67
C VAL A 1815 -37.77 39.33 19.61
N TYR A 1816 -36.85 39.37 18.64
CA TYR A 1816 -35.95 40.50 18.50
C TYR A 1816 -35.64 40.73 17.03
N ASN A 1817 -35.63 42.00 16.64
CA ASN A 1817 -35.31 42.39 15.27
C ASN A 1817 -34.72 43.79 15.29
N PRO A 1818 -33.43 43.95 14.97
CA PRO A 1818 -32.82 45.28 15.03
C PRO A 1818 -33.45 46.29 14.10
N ALA A 1819 -34.11 45.85 13.04
CA ALA A 1819 -34.70 46.75 12.07
C ALA A 1819 -36.06 47.28 12.49
N GLY A 1820 -36.58 46.84 13.63
CA GLY A 1820 -37.90 47.24 14.06
C GLY A 1820 -38.99 46.39 13.47
N TYR A 1821 -40.21 46.60 13.95
CA TYR A 1821 -41.36 45.81 13.57
C TYR A 1821 -42.42 46.69 12.93
N ILE A 1822 -42.96 46.24 11.81
CA ILE A 1822 -43.98 46.97 11.07
C ILE A 1822 -45.34 46.64 11.67
N VAL A 1823 -46.03 47.65 12.18
CA VAL A 1823 -47.37 47.49 12.73
C VAL A 1823 -48.26 48.53 12.07
N ASN A 1824 -49.34 48.07 11.43
CA ASN A 1824 -50.29 48.92 10.74
C ASN A 1824 -49.64 49.78 9.67
N GLY A 1825 -48.47 49.37 9.17
CA GLY A 1825 -47.78 50.13 8.16
C GLY A 1825 -46.76 51.12 8.67
N GLU A 1826 -46.46 51.12 9.96
CA GLU A 1826 -45.47 52.02 10.53
C GLU A 1826 -44.55 51.25 11.48
N ILE A 1827 -43.38 51.82 11.72
CA ILE A 1827 -42.42 51.20 12.63
C ILE A 1827 -42.94 51.30 14.05
N ALA A 1828 -42.96 50.17 14.74
CA ALA A 1828 -43.45 50.16 16.11
C ALA A 1828 -42.47 50.89 17.04
N PRO A 1829 -42.98 51.55 18.07
CA PRO A 1829 -42.07 52.30 18.96
C PRO A 1829 -41.28 51.43 19.92
N TRP A 1830 -41.66 50.17 20.11
CA TRP A 1830 -40.95 49.34 21.07
C TRP A 1830 -39.74 48.66 20.42
N ILE A 1831 -38.80 48.25 21.26
CA ILE A 1831 -37.56 47.64 20.78
C ILE A 1831 -37.64 46.13 20.76
N TRP A 1832 -38.11 45.53 21.86
CA TRP A 1832 -38.20 44.08 21.98
C TRP A 1832 -39.65 43.65 21.83
N ASN A 1833 -39.89 42.69 20.94
CA ASN A 1833 -41.26 42.27 20.67
C ASN A 1833 -41.84 41.45 21.81
N CYS A 1834 -41.02 40.92 22.70
CA CYS A 1834 -41.51 40.15 23.84
C CYS A 1834 -41.80 41.11 24.99
N ARG A 1835 -43.08 41.21 25.36
CA ARG A 1835 -43.47 42.18 26.38
C ARG A 1835 -42.78 41.99 27.72
N PRO A 1836 -42.70 40.78 28.28
CA PRO A 1836 -41.97 40.65 29.56
C PRO A 1836 -40.51 41.07 29.46
N LEU A 1837 -39.85 40.78 28.35
CA LEU A 1837 -38.49 41.27 28.17
C LEU A 1837 -38.45 42.78 28.08
N GLU A 1838 -39.39 43.37 27.35
CA GLU A 1838 -39.41 44.83 27.20
C GLU A 1838 -39.60 45.52 28.54
N GLU A 1839 -40.49 45.00 29.38
CA GLU A 1839 -40.76 45.61 30.67
C GLU A 1839 -39.92 45.02 31.79
N THR A 1840 -39.12 43.99 31.52
CA THR A 1840 -38.26 43.35 32.51
C THR A 1840 -39.06 42.89 33.73
N THR A 1841 -39.98 41.98 33.48
CA THR A 1841 -40.84 41.43 34.53
C THR A 1841 -40.18 40.19 35.12
N SER A 1842 -39.99 40.19 36.44
CA SER A 1842 -39.37 39.07 37.13
C SER A 1842 -40.44 38.16 37.69
N TRP A 1843 -40.28 36.85 37.46
CA TRP A 1843 -41.26 35.87 37.91
C TRP A 1843 -40.57 34.69 38.59
N ASN A 1844 -39.66 35.00 39.51
CA ASN A 1844 -39.01 33.97 40.32
C ASN A 1844 -38.33 34.64 41.50
N ALA A 1845 -38.65 34.19 42.71
CA ALA A 1845 -38.14 34.83 43.91
C ALA A 1845 -37.02 34.07 44.59
N ASN A 1846 -36.83 32.79 44.28
CA ASN A 1846 -35.81 31.97 44.91
C ASN A 1846 -35.00 31.26 43.83
N PRO A 1847 -34.12 32.00 43.14
CA PRO A 1847 -33.37 31.37 42.04
C PRO A 1847 -32.14 30.60 42.48
N LEU A 1848 -31.66 30.82 43.70
CA LEU A 1848 -30.42 30.20 44.15
C LEU A 1848 -30.65 28.98 45.02
N ASP A 1849 -31.88 28.46 45.07
CA ASP A 1849 -32.13 27.25 45.85
C ASP A 1849 -31.42 26.04 45.28
N ALA A 1850 -31.12 26.04 43.97
CA ALA A 1850 -30.41 24.94 43.34
C ALA A 1850 -29.68 25.46 42.12
N ILE A 1851 -28.71 24.68 41.65
CA ILE A 1851 -27.92 25.08 40.49
C ILE A 1851 -28.81 24.97 39.25
N ASP A 1852 -29.24 26.11 38.72
CA ASP A 1852 -30.11 26.14 37.57
C ASP A 1852 -29.99 27.48 36.84
N PRO A 1853 -29.26 27.53 35.74
CA PRO A 1853 -29.11 28.81 35.03
C PRO A 1853 -30.43 29.39 34.56
N ASP A 1854 -31.39 28.55 34.19
CA ASP A 1854 -32.68 29.06 33.75
C ASP A 1854 -33.40 29.80 34.86
N ALA A 1855 -33.31 29.29 36.09
CA ALA A 1855 -33.95 29.98 37.21
C ALA A 1855 -33.33 31.35 37.43
N VAL A 1856 -32.00 31.44 37.36
CA VAL A 1856 -31.33 32.73 37.54
C VAL A 1856 -31.76 33.69 36.46
N ALA A 1857 -31.81 33.23 35.21
CA ALA A 1857 -32.26 34.10 34.13
C ALA A 1857 -33.71 34.52 34.32
N GLN A 1858 -34.53 33.64 34.90
CA GLN A 1858 -35.91 33.99 35.17
C GLN A 1858 -36.01 35.08 36.23
N ASN A 1859 -35.11 35.06 37.22
CA ASN A 1859 -35.14 36.10 38.25
C ASN A 1859 -34.85 37.47 37.66
N ASP A 1860 -33.88 37.56 36.76
CA ASP A 1860 -33.56 38.81 36.07
C ASP A 1860 -33.57 38.54 34.57
N PRO A 1861 -34.66 38.89 33.88
CA PRO A 1861 -34.82 38.45 32.49
C PRO A 1861 -33.92 39.17 31.49
N MET A 1862 -32.98 39.98 31.97
CA MET A 1862 -32.03 40.60 31.06
C MET A 1862 -31.06 39.58 30.48
N HIS A 1863 -30.72 38.56 31.26
CA HIS A 1863 -29.89 37.49 30.74
C HIS A 1863 -30.54 36.82 29.54
N TYR A 1864 -31.88 36.82 29.48
CA TYR A 1864 -32.57 36.33 28.30
C TYR A 1864 -32.28 37.24 27.10
N LYS A 1865 -32.27 38.56 27.32
CA LYS A 1865 -31.90 39.48 26.24
C LYS A 1865 -30.51 39.16 25.71
N ILE A 1866 -29.55 38.97 26.62
CA ILE A 1866 -28.18 38.72 26.19
C ILE A 1866 -28.10 37.38 25.47
N ALA A 1867 -28.84 36.38 25.94
CA ALA A 1867 -28.83 35.07 25.28
C ALA A 1867 -29.38 35.16 23.87
N THR A 1868 -30.49 35.89 23.69
CA THR A 1868 -31.04 36.04 22.35
C THR A 1868 -30.08 36.79 21.44
N PHE A 1869 -29.44 37.83 21.95
CA PHE A 1869 -28.46 38.56 21.15
C PHE A 1869 -27.31 37.65 20.74
N MET A 1870 -26.83 36.83 21.66
CA MET A 1870 -25.73 35.93 21.34
C MET A 1870 -26.15 34.91 20.29
N ARG A 1871 -27.38 34.41 20.37
CA ARG A 1871 -27.86 33.49 19.35
C ARG A 1871 -27.90 34.15 17.98
N LEU A 1872 -28.37 35.40 17.92
CA LEU A 1872 -28.40 36.12 16.64
C LEU A 1872 -27.00 36.29 16.08
N LEU A 1873 -26.03 36.66 16.94
CA LEU A 1873 -24.66 36.80 16.47
C LEU A 1873 -24.10 35.48 15.95
N ASP A 1874 -24.42 34.39 16.64
CA ASP A 1874 -23.98 33.08 16.18
C ASP A 1874 -24.52 32.77 14.80
N GLN A 1875 -25.81 33.07 14.58
CA GLN A 1875 -26.39 32.82 13.26
C GLN A 1875 -25.68 33.64 12.19
N LEU A 1876 -25.40 34.91 12.48
CA LEU A 1876 -24.73 35.75 11.48
C LEU A 1876 -23.33 35.22 11.16
N ILE A 1877 -22.58 34.82 12.19
CA ILE A 1877 -21.23 34.32 11.95
C ILE A 1877 -21.26 33.02 11.16
N LEU A 1878 -22.23 32.15 11.46
CA LEU A 1878 -22.34 30.91 10.70
C LEU A 1878 -22.66 31.18 9.24
N ARG A 1879 -23.56 32.14 8.99
CA ARG A 1879 -23.85 32.52 7.60
C ARG A 1879 -22.59 33.00 6.91
N GLY A 1880 -21.81 33.84 7.59
CA GLY A 1880 -20.58 34.34 7.00
C GLY A 1880 -19.59 33.24 6.68
N ASP A 1881 -19.43 32.28 7.59
CA ASP A 1881 -18.51 31.17 7.34
C ASP A 1881 -18.98 30.32 6.17
N MET A 1882 -20.29 30.05 6.10
CA MET A 1882 -20.81 29.26 5.00
C MET A 1882 -20.56 29.95 3.67
N ALA A 1883 -20.76 31.27 3.61
CA ALA A 1883 -20.48 32.00 2.38
C ALA A 1883 -18.99 31.99 2.07
N TYR A 1884 -18.15 32.11 3.08
CA TYR A 1884 -16.70 32.12 2.87
C TYR A 1884 -16.22 30.81 2.28
N ARG A 1885 -16.78 29.70 2.72
CA ARG A 1885 -16.25 28.41 2.26
C ARG A 1885 -16.52 28.11 0.79
N GLU A 1886 -17.03 29.01 -0.05
CA GLU A 1886 -17.30 28.69 -1.44
C GLU A 1886 -16.23 29.18 -2.40
N LEU A 1887 -15.39 30.13 -1.97
CA LEU A 1887 -14.22 30.63 -2.69
C LEU A 1887 -14.57 31.46 -3.93
N THR A 1888 -15.83 31.59 -4.28
CA THR A 1888 -16.22 32.44 -5.40
C THR A 1888 -16.17 33.90 -4.98
N ARG A 1889 -15.93 34.78 -5.96
CA ARG A 1889 -15.81 36.20 -5.67
C ARG A 1889 -17.09 36.76 -5.04
N ASP A 1890 -18.25 36.41 -5.61
CA ASP A 1890 -19.51 36.85 -5.03
C ASP A 1890 -19.71 36.26 -3.64
N ALA A 1891 -19.31 35.01 -3.46
CA ALA A 1891 -19.39 34.40 -2.14
C ALA A 1891 -18.50 35.15 -1.14
N LEU A 1892 -17.30 35.53 -1.58
CA LEU A 1892 -16.41 36.29 -0.70
C LEU A 1892 -17.01 37.63 -0.33
N ASN A 1893 -17.63 38.31 -1.29
CA ASN A 1893 -18.27 39.59 -0.99
C ASN A 1893 -19.42 39.40 0.00
N GLU A 1894 -20.20 38.34 -0.18
CA GLU A 1894 -21.30 38.08 0.75
C GLU A 1894 -20.78 37.80 2.16
N ALA A 1895 -19.71 37.02 2.26
CA ALA A 1895 -19.12 36.74 3.56
C ALA A 1895 -18.61 38.03 4.21
N LYS A 1896 -17.97 38.88 3.41
CA LYS A 1896 -17.51 40.16 3.93
C LYS A 1896 -18.67 40.99 4.45
N MET A 1897 -19.79 41.00 3.72
CA MET A 1897 -20.96 41.75 4.17
C MET A 1897 -21.48 41.22 5.49
N TRP A 1898 -21.57 39.88 5.62
CA TRP A 1898 -22.07 39.31 6.86
C TRP A 1898 -21.15 39.65 8.04
N TYR A 1899 -19.83 39.53 7.83
CA TYR A 1899 -18.90 39.84 8.92
C TYR A 1899 -18.97 41.31 9.30
N VAL A 1900 -19.07 42.20 8.31
CA VAL A 1900 -19.15 43.63 8.60
C VAL A 1900 -20.42 43.93 9.39
N ARG A 1901 -21.54 43.31 9.00
CA ARG A 1901 -22.79 43.54 9.72
C ARG A 1901 -22.67 43.07 11.17
N THR A 1902 -22.10 41.89 11.39
CA THR A 1902 -21.94 41.41 12.75
C THR A 1902 -21.05 42.33 13.56
N LEU A 1903 -19.95 42.78 12.98
CA LEU A 1903 -19.03 43.67 13.69
C LEU A 1903 -19.71 44.98 14.06
N GLU A 1904 -20.53 45.52 13.15
CA GLU A 1904 -21.23 46.77 13.45
C GLU A 1904 -22.27 46.56 14.54
N LEU A 1905 -22.93 45.40 14.54
CA LEU A 1905 -23.87 45.12 15.62
C LEU A 1905 -23.17 45.02 16.96
N LEU A 1906 -22.01 44.36 17.01
CA LEU A 1906 -21.33 44.15 18.28
C LEU A 1906 -20.81 45.47 18.86
N GLY A 1907 -20.23 46.31 18.02
CA GLY A 1907 -19.56 47.51 18.50
C GLY A 1907 -18.06 47.32 18.58
N ASP A 1908 -17.42 48.17 19.36
CA ASP A 1908 -15.97 48.14 19.56
C ASP A 1908 -15.68 47.58 20.94
N GLU A 1909 -14.80 46.59 21.00
CA GLU A 1909 -14.51 45.93 22.26
C GLU A 1909 -13.70 46.84 23.18
N PRO A 1910 -13.89 46.74 24.49
CA PRO A 1910 -13.15 47.59 25.42
C PRO A 1910 -11.85 46.96 25.86
N GLU A 1911 -11.09 47.66 26.69
CA GLU A 1911 -9.80 47.20 27.18
C GLU A 1911 -9.84 47.05 28.70
N ASP A 1912 -8.77 46.48 29.24
CA ASP A 1912 -8.68 46.27 30.67
C ASP A 1912 -8.55 47.60 31.40
N TYR A 1913 -9.27 47.73 32.51
CA TYR A 1913 -9.28 48.97 33.28
C TYR A 1913 -8.69 48.81 34.67
N GLY A 1914 -9.21 47.87 35.46
CA GLY A 1914 -8.81 47.74 36.84
C GLY A 1914 -7.61 46.86 37.12
N SER A 1915 -6.94 46.36 36.09
CA SER A 1915 -5.80 45.48 36.32
C SER A 1915 -4.66 46.22 37.02
N GLN A 1916 -4.37 47.45 36.60
CA GLN A 1916 -3.27 48.21 37.17
C GLN A 1916 -3.67 49.00 38.40
N GLN A 1917 -4.95 49.03 38.75
CA GLN A 1917 -5.41 49.75 39.93
C GLN A 1917 -5.50 48.85 41.16
N TRP A 1918 -5.13 47.58 41.04
CA TRP A 1918 -5.30 46.63 42.12
C TRP A 1918 -4.02 46.52 42.92
N ALA A 1919 -4.13 46.74 44.23
CA ALA A 1919 -3.00 46.59 45.15
C ALA A 1919 -3.02 45.18 45.71
N ALA A 1920 -1.93 44.45 45.50
CA ALA A 1920 -1.90 43.04 45.87
C ALA A 1920 -1.91 42.88 47.39
N PRO A 1921 -2.90 42.22 47.97
CA PRO A 1921 -2.95 42.06 49.41
C PRO A 1921 -2.35 40.73 49.86
N SER A 1922 -2.08 40.65 51.15
CA SER A 1922 -1.61 39.41 51.73
C SER A 1922 -2.74 38.38 51.75
N LEU A 1923 -2.35 37.11 51.80
CA LEU A 1923 -3.36 36.06 51.82
C LEU A 1923 -4.23 36.15 53.06
N SER A 1924 -3.63 36.43 54.21
CA SER A 1924 -4.41 36.61 55.43
C SER A 1924 -5.31 37.84 55.33
N GLY A 1925 -4.80 38.92 54.73
CA GLY A 1925 -5.60 40.12 54.61
C GLY A 1925 -6.81 39.94 53.71
N ALA A 1926 -6.63 39.24 52.58
CA ALA A 1926 -7.74 39.02 51.68
C ALA A 1926 -8.81 38.13 52.29
N ALA A 1927 -8.41 37.18 53.12
CA ALA A 1927 -9.33 36.25 53.76
C ALA A 1927 -9.82 36.75 55.12
N SER A 1928 -9.48 37.98 55.49
CA SER A 1928 -9.90 38.50 56.78
C SER A 1928 -11.42 38.53 56.89
N GLN A 1929 -11.93 38.20 58.08
CA GLN A 1929 -13.37 38.17 58.27
C GLN A 1929 -13.94 39.58 58.37
N THR A 1930 -13.17 40.53 58.90
CA THR A 1930 -13.68 41.88 59.06
C THR A 1930 -14.02 42.52 57.72
N VAL A 1931 -13.17 42.31 56.71
CA VAL A 1931 -13.42 42.91 55.40
C VAL A 1931 -14.71 42.38 54.80
N GLN A 1932 -14.88 41.06 54.84
CA GLN A 1932 -16.09 40.46 54.30
C GLN A 1932 -17.33 40.91 55.06
N ALA A 1933 -17.23 40.98 56.39
CA ALA A 1933 -18.36 41.44 57.18
C ALA A 1933 -18.74 42.88 56.85
N ALA A 1934 -17.73 43.75 56.69
CA ALA A 1934 -18.02 45.14 56.35
C ALA A 1934 -18.67 45.24 54.98
N TYR A 1935 -18.16 44.49 54.00
CA TYR A 1935 -18.76 44.53 52.66
C TYR A 1935 -20.19 44.03 52.69
N GLN A 1936 -20.45 42.94 53.38
CA GLN A 1936 -21.81 42.41 53.46
C GLN A 1936 -22.74 43.37 54.17
N GLN A 1937 -22.26 44.02 55.24
CA GLN A 1937 -23.07 45.00 55.93
C GLN A 1937 -23.42 46.17 55.02
N ASP A 1938 -22.45 46.65 54.24
CA ASP A 1938 -22.73 47.74 53.31
C ASP A 1938 -23.74 47.31 52.26
N LEU A 1939 -23.60 46.09 51.74
CA LEU A 1939 -24.54 45.61 50.74
C LEU A 1939 -25.96 45.52 51.30
N THR A 1940 -26.09 45.01 52.53
CA THR A 1940 -27.42 44.92 53.13
C THR A 1940 -28.01 46.30 53.40
N MET A 1941 -27.18 47.23 53.88
CA MET A 1941 -27.64 48.60 54.06
C MET A 1941 -28.14 49.19 52.76
N LEU A 1942 -27.42 48.92 51.67
CA LEU A 1942 -27.82 49.43 50.36
C LEU A 1942 -29.13 48.82 49.91
N GLY A 1943 -29.25 47.49 50.03
CA GLY A 1943 -30.41 46.81 49.51
C GLY A 1943 -31.68 47.11 50.27
N ARG A 1944 -31.63 46.99 51.60
CA ARG A 1944 -32.86 47.08 52.39
C ARG A 1944 -33.14 48.50 52.88
N GLY A 1945 -32.10 49.26 53.21
CA GLY A 1945 -32.31 50.63 53.63
C GLY A 1945 -31.98 51.64 52.54
N GLY A 1946 -30.81 52.24 52.62
CA GLY A 1946 -30.43 53.27 51.66
C GLY A 1946 -29.62 54.37 52.32
N VAL A 1947 -29.39 54.24 53.62
CA VAL A 1947 -28.58 55.21 54.35
C VAL A 1947 -27.16 55.21 53.80
N SER A 1948 -26.60 56.39 53.60
CA SER A 1948 -25.30 56.55 52.95
C SER A 1948 -24.27 57.15 53.91
N LYS A 1949 -24.23 56.66 55.15
CA LYS A 1949 -23.20 57.09 56.10
C LYS A 1949 -21.83 56.71 55.55
N ASN A 1950 -20.88 57.65 55.68
CA ASN A 1950 -19.53 57.50 55.12
C ASN A 1950 -19.62 57.27 53.61
N LEU A 1951 -20.13 58.30 52.93
CA LEU A 1951 -20.46 58.19 51.51
C LEU A 1951 -19.27 57.70 50.70
N ARG A 1952 -18.12 58.34 50.86
CA ARG A 1952 -16.91 57.88 50.20
C ARG A 1952 -16.36 56.66 50.94
N THR A 1953 -16.02 55.62 50.19
CA THR A 1953 -15.58 54.38 50.83
C THR A 1953 -14.11 54.38 51.20
N ALA A 1954 -13.35 55.41 50.80
CA ALA A 1954 -11.93 55.55 51.15
C ALA A 1954 -11.14 54.32 50.68
N ASN A 1955 -11.02 54.23 49.35
CA ASN A 1955 -10.59 53.02 48.65
C ASN A 1955 -9.31 52.38 49.20
N SER A 1956 -8.57 53.11 50.04
CA SER A 1956 -7.41 52.54 50.69
C SER A 1956 -7.77 51.37 51.60
N LEU A 1957 -9.05 51.24 51.98
CA LEU A 1957 -9.53 50.11 52.77
C LEU A 1957 -10.25 49.07 51.91
N VAL A 1958 -9.82 48.89 50.67
CA VAL A 1958 -10.42 47.92 49.77
C VAL A 1958 -9.38 46.85 49.46
N GLY A 1959 -9.73 45.60 49.70
CA GLY A 1959 -8.89 44.47 49.37
C GLY A 1959 -9.68 43.36 48.71
N LEU A 1960 -10.76 43.73 48.03
CA LEU A 1960 -11.66 42.78 47.39
C LEU A 1960 -11.22 42.52 45.95
N PHE A 1961 -11.94 41.63 45.27
CA PHE A 1961 -11.65 41.28 43.89
C PHE A 1961 -12.61 42.00 42.95
N LEU A 1962 -12.19 42.09 41.70
CA LEU A 1962 -12.88 42.86 40.67
C LEU A 1962 -13.63 41.95 39.72
N PRO A 1963 -14.69 42.44 39.08
CA PRO A 1963 -15.43 41.61 38.13
C PRO A 1963 -14.61 41.30 36.89
N GLU A 1964 -15.12 40.36 36.10
CA GLU A 1964 -14.41 39.83 34.95
C GLU A 1964 -15.28 39.90 33.70
N TYR A 1965 -14.63 40.07 32.56
CA TYR A 1965 -15.35 40.14 31.28
C TYR A 1965 -15.95 38.79 30.93
N ASN A 1966 -16.85 38.81 29.95
CA ASN A 1966 -17.47 37.58 29.46
C ASN A 1966 -16.59 36.97 28.37
N PRO A 1967 -16.08 35.76 28.55
CA PRO A 1967 -15.20 35.18 27.53
C PRO A 1967 -15.86 34.98 26.17
N ALA A 1968 -17.17 34.73 26.13
CA ALA A 1968 -17.83 34.45 24.85
C ALA A 1968 -17.80 35.65 23.92
N LEU A 1969 -18.06 36.85 24.45
CA LEU A 1969 -18.04 38.03 23.60
C LEU A 1969 -16.63 38.31 23.08
N THR A 1970 -15.62 38.13 23.93
CA THR A 1970 -14.25 38.32 23.47
C THR A 1970 -13.91 37.30 22.39
N ASP A 1971 -14.43 36.08 22.52
CA ASP A 1971 -14.25 35.08 21.48
C ASP A 1971 -14.88 35.56 20.17
N TYR A 1972 -16.07 36.15 20.24
CA TYR A 1972 -16.71 36.69 19.04
C TYR A 1972 -15.84 37.75 18.40
N TRP A 1973 -15.32 38.69 19.20
CA TRP A 1973 -14.49 39.74 18.63
C TRP A 1973 -13.23 39.17 17.99
N GLN A 1974 -12.59 38.21 18.66
CA GLN A 1974 -11.38 37.62 18.11
C GLN A 1974 -11.66 36.92 16.79
N THR A 1975 -12.75 36.16 16.72
CA THR A 1975 -13.09 35.47 15.49
C THR A 1975 -13.37 36.45 14.36
N LEU A 1976 -14.10 37.53 14.66
CA LEU A 1976 -14.39 38.52 13.64
C LEU A 1976 -13.12 39.18 13.13
N ARG A 1977 -12.22 39.54 14.04
CA ARG A 1977 -10.96 40.17 13.62
C ARG A 1977 -10.16 39.24 12.74
N LEU A 1978 -10.05 37.97 13.13
CA LEU A 1978 -9.28 37.01 12.32
C LEU A 1978 -9.90 36.83 10.94
N ARG A 1979 -11.22 36.70 10.88
CA ARG A 1979 -11.86 36.50 9.58
C ARG A 1979 -11.68 37.71 8.68
N LEU A 1980 -11.84 38.91 9.23
CA LEU A 1980 -11.67 40.11 8.42
C LEU A 1980 -10.24 40.23 7.92
N PHE A 1981 -9.27 39.94 8.79
CA PHE A 1981 -7.87 40.01 8.37
C PHE A 1981 -7.57 39.00 7.27
N ASN A 1982 -8.12 37.78 7.38
CA ASN A 1982 -7.91 36.80 6.33
C ASN A 1982 -8.55 37.25 5.02
N LEU A 1983 -9.75 37.86 5.10
CA LEU A 1983 -10.42 38.31 3.90
C LEU A 1983 -9.64 39.42 3.20
N ARG A 1984 -9.10 40.36 3.97
CA ARG A 1984 -8.48 41.52 3.37
C ARG A 1984 -7.14 41.20 2.71
N HIS A 1985 -6.47 40.15 3.16
CA HIS A 1985 -5.14 39.82 2.66
C HIS A 1985 -5.15 38.69 1.65
N ASN A 1986 -6.29 38.41 1.04
CA ASN A 1986 -6.40 37.41 -0.04
C ASN A 1986 -5.91 36.03 0.42
N LEU A 1987 -6.52 35.53 1.48
CA LEU A 1987 -6.20 34.21 2.00
C LEU A 1987 -7.49 33.42 2.18
N SER A 1988 -7.35 32.09 2.19
CA SER A 1988 -8.48 31.22 2.42
C SER A 1988 -8.91 31.32 3.89
N ILE A 1989 -10.00 30.62 4.22
CA ILE A 1989 -10.53 30.68 5.58
C ILE A 1989 -9.55 30.08 6.59
N ASP A 1990 -8.66 29.20 6.15
CA ASP A 1990 -7.69 28.56 7.03
C ASP A 1990 -6.34 29.27 7.03
N GLY A 1991 -6.20 30.39 6.32
CA GLY A 1991 -4.94 31.08 6.23
C GLY A 1991 -4.05 30.66 5.07
N GLN A 1992 -4.46 29.68 4.28
CA GLN A 1992 -3.68 29.29 3.12
C GLN A 1992 -3.72 30.40 2.07
N PRO A 1993 -2.57 30.81 1.55
CA PRO A 1993 -2.57 31.85 0.51
C PRO A 1993 -3.25 31.37 -0.75
N LEU A 1994 -3.90 32.31 -1.45
CA LEU A 1994 -4.65 32.01 -2.65
C LEU A 1994 -3.93 32.40 -3.93
N SER A 1995 -2.68 32.85 -3.83
CA SER A 1995 -1.93 33.32 -4.98
C SER A 1995 -0.59 32.59 -5.05
N LEU A 1996 -0.16 32.31 -6.27
CA LEU A 1996 1.11 31.62 -6.49
C LEU A 1996 2.27 32.61 -6.44
N ALA A 1997 3.39 32.16 -5.89
CA ALA A 1997 4.57 32.99 -5.75
C ALA A 1997 5.45 32.83 -6.99
N ILE A 1998 6.68 33.35 -6.93
CA ILE A 1998 7.64 33.24 -8.01
C ILE A 1998 8.94 32.66 -7.44
N TYR A 1999 9.76 32.11 -8.33
CA TYR A 1999 10.96 31.39 -7.92
C TYR A 1999 12.23 32.22 -7.99
N ALA A 2000 12.33 33.16 -8.92
CA ALA A 2000 13.52 34.00 -9.11
C ALA A 2000 14.76 33.13 -9.35
N GLU A 2001 14.72 32.44 -10.48
CA GLU A 2001 15.77 31.47 -10.81
C GLU A 2001 17.13 32.16 -10.87
N PRO A 2002 18.17 31.57 -10.29
CA PRO A 2002 19.51 32.17 -10.35
C PRO A 2002 20.04 32.19 -11.78
N THR A 2003 20.86 33.20 -12.07
CA THR A 2003 21.38 33.41 -13.41
C THR A 2003 22.82 32.89 -13.51
N ASP A 2004 22.92 31.56 -13.57
CA ASP A 2004 24.09 30.74 -13.93
C ASP A 2004 25.31 30.98 -13.04
N PRO A 2005 26.26 30.05 -13.00
CA PRO A 2005 27.52 30.28 -12.29
C PRO A 2005 28.58 30.83 -13.22
N LYS A 2006 29.73 31.17 -12.63
CA LYS A 2006 30.85 31.74 -13.35
C LYS A 2006 31.96 30.70 -13.40
N ALA A 2007 32.40 30.36 -14.61
CA ALA A 2007 33.49 29.42 -14.81
C ALA A 2007 34.78 30.17 -15.11
N LEU A 2008 35.84 29.82 -14.40
CA LEU A 2008 37.13 30.49 -14.51
C LEU A 2008 37.97 29.85 -15.60
N LEU A 2009 39.04 30.56 -15.98
CA LEU A 2009 39.99 30.07 -16.96
C LEU A 2009 41.35 30.68 -16.68
N THR A 2010 42.39 30.05 -17.23
CA THR A 2010 43.75 30.49 -17.01
C THR A 2010 44.52 30.44 -18.32
N SER A 2011 45.61 31.21 -18.39
CA SER A 2011 46.40 31.31 -19.60
C SER A 2011 47.85 31.57 -19.24
N MET A 2012 48.73 31.30 -20.20
CA MET A 2012 50.15 31.56 -20.01
C MET A 2012 50.46 33.03 -20.31
N VAL A 2013 51.53 33.52 -19.68
CA VAL A 2013 51.99 34.89 -19.85
C VAL A 2013 53.46 34.84 -20.22
N GLN A 2014 53.86 35.68 -21.18
CA GLN A 2014 55.24 35.77 -21.63
C GLN A 2014 55.73 37.20 -21.51
N ALA A 2015 57.04 37.35 -21.32
CA ALA A 2015 57.67 38.65 -21.17
C ALA A 2015 58.87 38.73 -22.09
N SER A 2016 59.29 39.96 -22.37
CA SER A 2016 60.44 40.19 -23.25
C SER A 2016 61.71 39.63 -22.62
N GLN A 2017 62.51 38.95 -23.44
CA GLN A 2017 63.75 38.34 -22.99
C GLN A 2017 64.89 38.74 -23.90
N GLY A 2018 66.07 38.90 -23.30
CA GLY A 2018 67.25 39.33 -24.03
C GLY A 2018 68.20 38.19 -24.34
N GLY A 2019 69.35 38.56 -24.91
CA GLY A 2019 70.36 37.59 -25.27
C GLY A 2019 71.75 38.06 -24.85
N SER A 2020 72.71 37.15 -24.97
CA SER A 2020 74.07 37.44 -24.58
C SER A 2020 74.75 38.34 -25.62
N ALA A 2021 75.90 38.88 -25.23
CA ALA A 2021 76.70 39.76 -26.09
C ALA A 2021 78.07 39.13 -26.31
N VAL A 2022 78.87 39.77 -27.16
CA VAL A 2022 80.19 39.27 -27.54
C VAL A 2022 81.23 40.32 -27.20
N LEU A 2023 82.26 39.91 -26.48
CA LEU A 2023 83.42 40.73 -26.18
C LEU A 2023 84.48 40.53 -27.25
N PRO A 2024 85.41 41.47 -27.40
CA PRO A 2024 86.52 41.26 -28.33
C PRO A 2024 87.35 40.05 -27.93
N GLY A 2025 87.79 39.29 -28.93
CA GLY A 2025 88.53 38.07 -28.68
C GLY A 2025 90.00 38.32 -28.43
N THR A 2026 90.71 37.26 -28.06
CA THR A 2026 92.14 37.30 -27.81
C THR A 2026 92.86 36.33 -28.74
N LEU A 2027 94.16 36.55 -28.89
CA LEU A 2027 94.99 35.76 -29.80
C LEU A 2027 95.77 34.73 -29.01
N SER A 2028 95.62 33.47 -29.39
CA SER A 2028 96.33 32.38 -28.74
C SER A 2028 97.65 32.12 -29.46
N LEU A 2029 98.29 30.99 -29.14
CA LEU A 2029 99.58 30.66 -29.72
C LEU A 2029 99.53 29.53 -30.74
N TYR A 2030 98.50 28.70 -30.71
CA TYR A 2030 98.41 27.55 -31.60
C TYR A 2030 97.72 27.93 -32.89
N ARG A 2031 97.93 27.09 -33.92
CA ARG A 2031 97.31 27.33 -35.21
C ARG A 2031 95.83 26.99 -35.15
N PHE A 2032 95.15 27.16 -36.28
CA PHE A 2032 93.69 27.04 -36.29
C PHE A 2032 93.18 25.64 -35.94
N PRO A 2033 93.65 24.55 -36.57
CA PRO A 2033 93.00 23.24 -36.32
C PRO A 2033 93.02 22.79 -34.87
N VAL A 2034 94.10 23.07 -34.15
CA VAL A 2034 94.18 22.62 -32.76
C VAL A 2034 93.12 23.33 -31.92
N MET A 2035 92.99 24.65 -32.09
CA MET A 2035 91.97 25.39 -31.37
C MET A 2035 90.57 24.91 -31.78
N LEU A 2036 90.39 24.61 -33.07
CA LEU A 2036 89.10 24.11 -33.53
C LEU A 2036 88.72 22.83 -32.79
N GLU A 2037 89.66 21.89 -32.69
CA GLU A 2037 89.36 20.63 -32.02
C GLU A 2037 89.11 20.83 -30.53
N ARG A 2038 89.88 21.71 -29.88
CA ARG A 2038 89.67 21.95 -28.46
C ARG A 2038 88.28 22.54 -28.20
N THR A 2039 87.91 23.56 -28.97
CA THR A 2039 86.60 24.15 -28.81
C THR A 2039 85.49 23.16 -29.13
N ARG A 2040 85.73 22.27 -30.09
CA ARG A 2040 84.74 21.23 -30.38
C ARG A 2040 84.51 20.33 -29.17
N ASN A 2041 85.60 19.90 -28.53
CA ASN A 2041 85.43 19.08 -27.32
C ASN A 2041 84.66 19.83 -26.25
N LEU A 2042 85.00 21.10 -26.04
CA LEU A 2042 84.32 21.87 -25.00
C LEU A 2042 82.83 22.01 -25.28
N VAL A 2043 82.47 22.30 -26.54
CA VAL A 2043 81.06 22.49 -26.84
C VAL A 2043 80.31 21.17 -26.77
N ALA A 2044 80.96 20.05 -27.09
CA ALA A 2044 80.31 18.75 -26.88
C ALA A 2044 80.00 18.54 -25.41
N GLN A 2045 80.95 18.87 -24.53
CA GLN A 2045 80.68 18.77 -23.10
C GLN A 2045 79.51 19.64 -22.69
N LEU A 2046 79.46 20.87 -23.21
CA LEU A 2046 78.37 21.78 -22.87
C LEU A 2046 77.02 21.22 -23.30
N THR A 2047 76.97 20.61 -24.50
CA THR A 2047 75.72 20.03 -24.97
C THR A 2047 75.27 18.89 -24.06
N GLN A 2048 76.22 18.06 -23.61
CA GLN A 2048 75.85 16.99 -22.69
C GLN A 2048 75.27 17.57 -21.40
N PHE A 2049 75.88 18.63 -20.87
CA PHE A 2049 75.35 19.26 -19.68
C PHE A 2049 73.91 19.73 -19.89
N GLY A 2050 73.66 20.37 -21.03
CA GLY A 2050 72.31 20.84 -21.30
C GLY A 2050 71.29 19.73 -21.36
N THR A 2051 71.65 18.62 -22.02
CA THR A 2051 70.72 17.49 -22.09
C THR A 2051 70.40 16.94 -20.71
N SER A 2052 71.43 16.80 -19.86
CA SER A 2052 71.18 16.32 -18.50
C SER A 2052 70.25 17.25 -17.75
N LEU A 2053 70.46 18.56 -17.90
CA LEU A 2053 69.59 19.53 -17.24
C LEU A 2053 68.14 19.35 -17.66
N LEU A 2054 67.91 19.19 -18.97
CA LEU A 2054 66.54 19.04 -19.45
C LEU A 2054 65.88 17.79 -18.87
N SER A 2055 66.62 16.68 -18.87
CA SER A 2055 66.03 15.44 -18.36
C SER A 2055 65.67 15.56 -16.88
N MET A 2056 66.57 16.15 -16.08
CA MET A 2056 66.29 16.27 -14.66
C MET A 2056 65.09 17.16 -14.41
N ALA A 2057 64.98 18.26 -15.18
CA ALA A 2057 63.81 19.13 -15.02
C ALA A 2057 62.52 18.38 -15.32
N GLU A 2058 62.52 17.57 -16.39
CA GLU A 2058 61.32 16.81 -16.72
C GLU A 2058 60.91 15.89 -15.57
N HIS A 2059 61.87 15.15 -15.03
CA HIS A 2059 61.55 14.21 -13.95
C HIS A 2059 61.01 14.94 -12.73
N ASP A 2060 61.62 16.08 -12.37
CA ASP A 2060 61.14 16.84 -11.23
C ASP A 2060 59.70 17.30 -11.43
N ASP A 2061 59.38 17.78 -12.63
CA ASP A 2061 58.03 18.25 -12.89
C ASP A 2061 57.01 17.12 -12.76
N ALA A 2062 57.36 15.93 -13.27
CA ALA A 2062 56.44 14.80 -13.12
C ALA A 2062 56.20 14.46 -11.66
N ASP A 2063 57.27 14.47 -10.85
CA ASP A 2063 57.11 14.17 -9.43
C ASP A 2063 56.20 15.18 -8.75
N GLU A 2064 56.37 16.47 -9.08
CA GLU A 2064 55.52 17.49 -8.47
C GLU A 2064 54.05 17.28 -8.83
N LEU A 2065 53.77 16.93 -10.08
CA LEU A 2065 52.39 16.65 -10.46
C LEU A 2065 51.82 15.49 -9.65
N THR A 2066 52.61 14.43 -9.47
CA THR A 2066 52.12 13.29 -8.70
C THR A 2066 51.78 13.70 -7.26
N THR A 2067 52.63 14.51 -6.64
CA THR A 2067 52.36 14.95 -5.27
C THR A 2067 51.05 15.74 -5.19
N LEU A 2068 50.84 16.64 -6.15
CA LEU A 2068 49.60 17.41 -6.15
C LEU A 2068 48.38 16.50 -6.26
N LEU A 2069 48.45 15.51 -7.15
CA LEU A 2069 47.36 14.56 -7.28
C LEU A 2069 47.07 13.87 -5.96
N LEU A 2070 48.12 13.45 -5.24
CA LEU A 2070 47.91 12.76 -3.97
C LEU A 2070 47.20 13.64 -2.95
N GLN A 2071 47.62 14.90 -2.84
CA GLN A 2071 46.98 15.79 -1.87
C GLN A 2071 45.48 15.98 -2.18
N GLN A 2072 45.17 16.21 -3.45
CA GLN A 2072 43.77 16.38 -3.82
C GLN A 2072 42.96 15.13 -3.48
N GLY A 2073 43.51 13.96 -3.78
CA GLY A 2073 42.81 12.72 -3.43
C GLY A 2073 42.57 12.61 -1.93
N MET A 2074 43.53 13.06 -1.12
CA MET A 2074 43.35 13.02 0.32
C MET A 2074 42.13 13.81 0.76
N GLU A 2075 42.03 15.06 0.32
CA GLU A 2075 40.90 15.86 0.80
C GLU A 2075 39.57 15.35 0.27
N LEU A 2076 39.56 14.83 -0.96
CA LEU A 2076 38.34 14.20 -1.47
C LEU A 2076 37.94 13.01 -0.60
N ALA A 2077 38.92 12.23 -0.13
CA ALA A 2077 38.61 11.10 0.73
C ALA A 2077 37.97 11.56 2.04
N THR A 2078 38.45 12.67 2.59
CA THR A 2078 37.82 13.21 3.80
C THR A 2078 36.33 13.52 3.56
N GLN A 2079 36.04 14.19 2.45
CA GLN A 2079 34.64 14.49 2.15
C GLN A 2079 33.81 13.22 2.00
N SER A 2080 34.40 12.18 1.39
CA SER A 2080 33.68 10.92 1.26
C SER A 2080 33.37 10.30 2.61
N ILE A 2081 34.30 10.43 3.57
CA ILE A 2081 34.04 9.95 4.93
C ILE A 2081 32.78 10.59 5.47
N ARG A 2082 32.69 11.92 5.32
CA ARG A 2082 31.52 12.61 5.86
C ARG A 2082 30.23 12.14 5.18
N ILE A 2083 30.27 11.95 3.86
CA ILE A 2083 29.09 11.51 3.13
C ILE A 2083 28.60 10.17 3.66
N GLN A 2084 29.53 9.23 3.86
CA GLN A 2084 29.14 7.90 4.33
C GLN A 2084 28.54 7.96 5.72
N GLN A 2085 29.09 8.78 6.61
CA GLN A 2085 28.48 8.92 7.93
C GLN A 2085 27.05 9.41 7.82
N ARG A 2086 26.80 10.35 6.92
CA ARG A 2086 25.44 10.84 6.74
C ARG A 2086 24.50 9.73 6.26
N THR A 2087 25.00 8.86 5.37
CA THR A 2087 24.19 7.72 4.93
C THR A 2087 23.81 6.82 6.11
N VAL A 2088 24.77 6.54 6.99
CA VAL A 2088 24.45 5.73 8.17
C VAL A 2088 23.35 6.38 9.00
N ASP A 2089 23.43 7.69 9.19
CA ASP A 2089 22.40 8.39 9.94
C ASP A 2089 21.03 8.22 9.30
N GLU A 2090 20.98 8.28 7.96
CA GLU A 2090 19.71 8.08 7.26
C GLU A 2090 19.13 6.70 7.54
N VAL A 2091 19.99 5.68 7.53
CA VAL A 2091 19.49 4.32 7.81
C VAL A 2091 18.92 4.25 9.23
N ASP A 2092 19.58 4.92 10.18
CA ASP A 2092 19.05 4.93 11.54
C ASP A 2092 17.66 5.57 11.59
N ALA A 2093 17.48 6.67 10.86
CA ALA A 2093 16.17 7.30 10.82
C ALA A 2093 15.10 6.34 10.27
N ASP A 2094 15.46 5.58 9.24
CA ASP A 2094 14.53 4.59 8.71
C ASP A 2094 14.14 3.56 9.76
N ILE A 2095 15.12 3.11 10.55
CA ILE A 2095 14.81 2.18 11.64
C ILE A 2095 13.81 2.79 12.61
N ALA A 2096 13.99 4.08 12.93
CA ALA A 2096 13.05 4.74 13.84
C ALA A 2096 11.63 4.75 13.26
N VAL A 2097 11.51 5.03 11.96
CA VAL A 2097 10.20 5.01 11.31
C VAL A 2097 9.55 3.64 11.47
N LEU A 2098 10.34 2.58 11.25
CA LEU A 2098 9.80 1.24 11.39
C LEU A 2098 9.32 0.98 12.82
N ALA A 2099 10.07 1.47 13.81
CA ALA A 2099 9.66 1.29 15.19
C ALA A 2099 8.31 1.93 15.46
N GLU A 2100 8.10 3.15 14.94
CA GLU A 2100 6.81 3.80 15.14
C GLU A 2100 5.67 3.00 14.51
N SER A 2101 5.89 2.50 13.29
CA SER A 2101 4.86 1.70 12.64
C SER A 2101 4.53 0.45 13.45
N ARG A 2102 5.56 -0.20 14.00
CA ARG A 2102 5.32 -1.39 14.80
C ARG A 2102 4.51 -1.05 16.06
N ARG A 2103 4.77 0.10 16.66
CA ARG A 2103 3.99 0.51 17.82
C ARG A 2103 2.52 0.63 17.46
N SER A 2104 2.21 1.26 16.33
CA SER A 2104 0.82 1.40 15.93
C SER A 2104 0.16 0.04 15.70
N ALA A 2105 0.88 -0.87 15.03
CA ALA A 2105 0.32 -2.19 14.77
C ALA A 2105 0.05 -2.94 16.06
N GLN A 2106 0.96 -2.83 17.03
CA GLN A 2106 0.77 -3.50 18.32
C GLN A 2106 -0.47 -2.95 19.02
N ASN A 2107 -0.67 -1.63 18.97
CA ASN A 2107 -1.89 -1.07 19.57
C ASN A 2107 -3.14 -1.64 18.93
N ARG A 2108 -3.14 -1.74 17.60
CA ARG A 2108 -4.31 -2.30 16.91
C ARG A 2108 -4.56 -3.73 17.36
N LEU A 2109 -3.50 -4.54 17.46
CA LEU A 2109 -3.65 -5.92 17.88
C LEU A 2109 -4.23 -6.01 19.28
N GLU A 2110 -3.74 -5.18 20.20
CA GLU A 2110 -4.26 -5.22 21.56
C GLU A 2110 -5.75 -4.87 21.59
N LYS A 2111 -6.14 -3.83 20.85
CA LYS A 2111 -7.54 -3.43 20.83
C LYS A 2111 -8.43 -4.56 20.32
N TYR A 2112 -8.05 -5.16 19.19
CA TYR A 2112 -8.90 -6.20 18.61
C TYR A 2112 -8.93 -7.44 19.47
N GLN A 2113 -7.80 -7.81 20.09
CA GLN A 2113 -7.80 -8.96 20.98
C GLN A 2113 -8.71 -8.73 22.17
N GLN A 2114 -8.68 -7.52 22.74
CA GLN A 2114 -9.57 -7.23 23.86
C GLN A 2114 -11.03 -7.33 23.43
N LEU A 2115 -11.36 -6.78 22.26
CA LEU A 2115 -12.73 -6.85 21.78
C LEU A 2115 -13.18 -8.29 21.58
N TYR A 2116 -12.31 -9.11 20.97
CA TYR A 2116 -12.67 -10.51 20.72
C TYR A 2116 -12.83 -11.28 22.02
N ASP A 2117 -11.98 -11.02 23.00
CA ASP A 2117 -12.08 -11.73 24.27
C ASP A 2117 -13.34 -11.33 25.03
N GLU A 2118 -13.70 -10.05 24.99
CA GLU A 2118 -14.88 -9.60 25.72
C GLU A 2118 -16.15 -10.29 25.21
N ASP A 2119 -16.28 -10.41 23.89
CA ASP A 2119 -17.39 -11.11 23.24
C ASP A 2119 -18.68 -10.38 23.57
N ILE A 2120 -19.71 -11.05 24.09
CA ILE A 2120 -21.01 -10.43 24.33
C ILE A 2120 -21.02 -9.83 25.73
N ASN A 2121 -21.30 -8.53 25.81
CA ASN A 2121 -21.36 -7.85 27.10
C ASN A 2121 -22.71 -8.15 27.76
N HIS A 2122 -23.01 -7.44 28.84
CA HIS A 2122 -24.21 -7.75 29.61
C HIS A 2122 -25.49 -7.21 28.96
N GLY A 2123 -25.43 -6.06 28.30
CA GLY A 2123 -26.63 -5.49 27.74
C GLY A 2123 -27.29 -6.38 26.69
N GLU A 2124 -26.47 -6.98 25.82
CA GLU A 2124 -27.01 -7.88 24.81
C GLU A 2124 -27.62 -9.12 25.45
N GLN A 2125 -26.98 -9.66 26.49
CA GLN A 2125 -27.56 -10.78 27.22
C GLN A 2125 -28.93 -10.40 27.78
N ARG A 2126 -29.03 -9.22 28.36
CA ARG A 2126 -30.30 -8.77 28.92
C ARG A 2126 -31.35 -8.64 27.83
N ALA A 2127 -30.97 -8.11 26.67
CA ALA A 2127 -31.93 -7.96 25.57
C ALA A 2127 -32.45 -9.32 25.11
N MET A 2128 -31.55 -10.29 24.94
CA MET A 2128 -31.99 -11.62 24.52
C MET A 2128 -32.89 -12.28 25.56
N SER A 2129 -32.53 -12.12 26.85
CA SER A 2129 -33.38 -12.67 27.89
C SER A 2129 -34.75 -12.02 27.89
N LEU A 2130 -34.82 -10.72 27.62
CA LEU A 2130 -36.10 -10.04 27.55
C LEU A 2130 -36.94 -10.57 26.41
N LEU A 2131 -36.32 -10.79 25.25
CA LEU A 2131 -37.08 -11.34 24.12
C LEU A 2131 -37.62 -12.73 24.45
N ASP A 2132 -36.81 -13.57 25.09
CA ASP A 2132 -37.28 -14.88 25.48
C ASP A 2132 -38.44 -14.80 26.46
N ALA A 2133 -38.33 -13.90 27.45
CA ALA A 2133 -39.40 -13.74 28.43
C ALA A 2133 -40.67 -13.24 27.77
N ALA A 2134 -40.53 -12.35 26.78
CA ALA A 2134 -41.70 -11.87 26.04
C ALA A 2134 -42.37 -13.01 25.30
N ALA A 2135 -41.59 -13.89 24.66
CA ALA A 2135 -42.18 -15.03 23.97
C ALA A 2135 -42.94 -15.91 24.95
N GLY A 2136 -42.34 -16.20 26.10
CA GLY A 2136 -43.02 -17.02 27.09
C GLY A 2136 -44.31 -16.39 27.59
N GLN A 2137 -44.27 -15.10 27.89
CA GLN A 2137 -45.46 -14.41 28.38
C GLN A 2137 -46.57 -14.39 27.35
N SER A 2138 -46.20 -14.17 26.08
CA SER A 2138 -47.20 -14.21 25.02
C SER A 2138 -47.83 -15.59 24.90
N LEU A 2139 -47.02 -16.63 25.00
CA LEU A 2139 -47.55 -17.99 24.94
C LEU A 2139 -48.41 -18.35 26.16
N ALA A 2140 -48.20 -17.66 27.29
CA ALA A 2140 -48.87 -18.06 28.53
C ALA A 2140 -50.37 -17.80 28.54
N GLY A 2141 -50.92 -17.09 27.56
CA GLY A 2141 -52.33 -16.74 27.60
C GLY A 2141 -53.30 -17.66 26.90
N GLN A 2142 -52.82 -18.71 26.24
CA GLN A 2142 -53.71 -19.56 25.45
C GLN A 2142 -54.71 -20.31 26.33
N VAL A 2143 -54.25 -20.85 27.46
CA VAL A 2143 -55.15 -21.60 28.34
C VAL A 2143 -56.23 -20.66 28.89
N LEU A 2144 -55.85 -19.45 29.26
CA LEU A 2144 -56.83 -18.48 29.74
C LEU A 2144 -57.84 -18.11 28.66
N SER A 2145 -57.39 -17.95 27.41
CA SER A 2145 -58.31 -17.65 26.33
C SER A 2145 -59.31 -18.79 26.13
N ILE A 2146 -58.82 -20.04 26.15
CA ILE A 2146 -59.72 -21.18 26.01
C ILE A 2146 -60.71 -21.24 27.15
N ALA A 2147 -60.25 -20.96 28.37
CA ALA A 2147 -61.14 -20.98 29.53
C ALA A 2147 -62.22 -19.91 29.41
N GLU A 2148 -61.84 -18.72 28.96
CA GLU A 2148 -62.84 -17.66 28.76
C GLU A 2148 -63.86 -18.08 27.72
N GLY A 2149 -63.39 -18.67 26.62
CA GLY A 2149 -64.32 -19.11 25.59
C GLY A 2149 -65.30 -20.15 26.09
N VAL A 2150 -64.82 -21.14 26.84
CA VAL A 2150 -65.72 -22.18 27.33
C VAL A 2150 -66.65 -21.63 28.40
N ALA A 2151 -66.19 -20.63 29.17
CA ALA A 2151 -67.03 -20.10 30.24
C ALA A 2151 -68.13 -19.20 29.69
N ASP A 2152 -67.87 -18.48 28.61
CA ASP A 2152 -68.86 -17.53 28.10
C ASP A 2152 -70.08 -18.19 27.49
N LEU A 2153 -70.04 -19.50 27.24
CA LEU A 2153 -71.17 -20.17 26.61
C LEU A 2153 -72.34 -20.41 27.53
N VAL A 2154 -72.15 -20.29 28.84
CA VAL A 2154 -73.25 -20.51 29.79
C VAL A 2154 -74.19 -19.33 29.75
N PRO A 2155 -75.51 -19.54 29.76
CA PRO A 2155 -76.44 -18.41 29.75
C PRO A 2155 -76.29 -17.54 30.99
N ASN A 2156 -76.58 -16.25 30.83
CA ASN A 2156 -76.36 -15.29 31.90
C ASN A 2156 -77.56 -14.42 32.23
N VAL A 2157 -78.74 -14.69 31.67
CA VAL A 2157 -79.95 -14.00 32.07
C VAL A 2157 -80.97 -15.03 32.52
N PHE A 2158 -81.77 -14.66 33.50
CA PHE A 2158 -82.74 -15.58 34.09
C PHE A 2158 -84.06 -14.83 34.25
N GLY A 2159 -84.97 -15.41 35.01
CA GLY A 2159 -86.30 -14.84 35.15
C GLY A 2159 -87.26 -15.49 34.18
N LEU A 2160 -88.15 -14.70 33.59
CA LEU A 2160 -89.05 -15.20 32.57
C LEU A 2160 -88.62 -14.78 31.17
N ALA A 2161 -87.35 -14.40 30.99
CA ALA A 2161 -86.77 -14.14 29.67
C ALA A 2161 -85.33 -14.63 29.73
N CYS A 2162 -85.13 -15.89 29.39
CA CYS A 2162 -83.84 -16.54 29.55
C CYS A 2162 -83.03 -16.50 28.26
N GLY A 2163 -81.76 -16.89 28.37
CA GLY A 2163 -80.86 -16.86 27.24
C GLY A 2163 -79.56 -16.15 27.55
N GLY A 2164 -79.01 -15.44 26.58
CA GLY A 2164 -77.81 -14.67 26.78
C GLY A 2164 -76.51 -15.36 26.42
N SER A 2165 -76.56 -16.63 26.03
CA SER A 2165 -75.34 -17.35 25.68
C SER A 2165 -74.69 -16.71 24.46
N ARG A 2166 -73.36 -16.64 24.47
CA ARG A 2166 -72.61 -16.13 23.33
C ARG A 2166 -72.21 -17.32 22.46
N TRP A 2167 -72.88 -17.46 21.31
CA TRP A 2167 -72.73 -18.68 20.52
C TRP A 2167 -71.30 -18.85 20.01
N GLY A 2168 -70.67 -17.76 19.57
CA GLY A 2168 -69.38 -17.88 18.92
C GLY A 2168 -68.18 -17.60 19.80
N ALA A 2169 -68.23 -18.02 21.07
CA ALA A 2169 -67.12 -17.76 21.96
C ALA A 2169 -65.93 -18.66 21.65
N ALA A 2170 -66.19 -19.95 21.42
CA ALA A 2170 -65.10 -20.91 21.25
C ALA A 2170 -64.26 -20.59 20.02
N LEU A 2171 -64.91 -20.22 18.92
CA LEU A 2171 -64.18 -19.92 17.70
C LEU A 2171 -63.29 -18.69 17.89
N ARG A 2172 -63.81 -17.66 18.55
CA ARG A 2172 -62.99 -16.49 18.83
C ARG A 2172 -61.81 -16.84 19.72
N ALA A 2173 -62.03 -17.69 20.71
CA ALA A 2173 -60.93 -18.12 21.56
C ALA A 2173 -59.85 -18.83 20.76
N SER A 2174 -60.26 -19.72 19.85
CA SER A 2174 -59.28 -20.43 19.03
C SER A 2174 -58.49 -19.47 18.15
N ALA A 2175 -59.18 -18.50 17.54
CA ALA A 2175 -58.47 -17.50 16.74
C ALA A 2175 -57.47 -16.74 17.59
N SER A 2176 -57.85 -16.38 18.82
CA SER A 2176 -56.95 -15.65 19.69
C SER A 2176 -55.71 -16.47 20.03
N VAL A 2177 -55.90 -17.76 20.34
CA VAL A 2177 -54.73 -18.56 20.71
C VAL A 2177 -53.80 -18.74 19.53
N MET A 2178 -54.36 -18.85 18.31
CA MET A 2178 -53.48 -18.98 17.16
C MET A 2178 -52.71 -17.70 16.89
N SER A 2179 -53.35 -16.54 17.08
CA SER A 2179 -52.63 -15.28 16.94
C SER A 2179 -51.52 -15.17 17.98
N LEU A 2180 -51.78 -15.61 19.21
CA LEU A 2180 -50.76 -15.59 20.25
C LEU A 2180 -49.57 -16.47 19.86
N SER A 2181 -49.86 -17.65 19.30
CA SER A 2181 -48.78 -18.52 18.85
C SER A 2181 -47.95 -17.86 17.78
N ALA A 2182 -48.61 -17.18 16.84
CA ALA A 2182 -47.85 -16.47 15.80
C ALA A 2182 -46.94 -15.41 16.39
N THR A 2183 -47.45 -14.63 17.35
CA THR A 2183 -46.62 -13.61 17.98
C THR A 2183 -45.42 -14.21 18.70
N ALA A 2184 -45.63 -15.31 19.42
CA ALA A 2184 -44.53 -15.96 20.12
C ALA A 2184 -43.47 -16.45 19.15
N SER A 2185 -43.91 -17.04 18.03
CA SER A 2185 -42.96 -17.49 17.02
C SER A 2185 -42.14 -16.32 16.49
N GLN A 2186 -42.79 -15.19 16.24
CA GLN A 2186 -42.07 -14.01 15.76
C GLN A 2186 -41.00 -13.57 16.76
N TYR A 2187 -41.35 -13.53 18.04
CA TYR A 2187 -40.38 -13.11 19.06
C TYR A 2187 -39.19 -14.06 19.11
N SER A 2188 -39.44 -15.36 19.07
CA SER A 2188 -38.35 -16.31 19.10
C SER A 2188 -37.44 -16.16 17.88
N ALA A 2189 -38.03 -15.93 16.71
CA ALA A 2189 -37.23 -15.72 15.51
C ALA A 2189 -36.34 -14.50 15.66
N ASP A 2190 -36.88 -13.41 16.21
CA ASP A 2190 -36.07 -12.21 16.41
C ASP A 2190 -34.89 -12.48 17.33
N LYS A 2191 -35.14 -13.19 18.45
CA LYS A 2191 -34.05 -13.47 19.38
C LYS A 2191 -32.96 -14.30 18.72
N ILE A 2192 -33.34 -15.34 17.99
CA ILE A 2192 -32.34 -16.20 17.36
C ILE A 2192 -31.54 -15.43 16.32
N SER A 2193 -32.21 -14.57 15.54
CA SER A 2193 -31.51 -13.78 14.54
C SER A 2193 -30.49 -12.86 15.18
N ARG A 2194 -30.86 -12.20 16.29
CA ARG A 2194 -29.90 -11.34 16.97
C ARG A 2194 -28.69 -12.12 17.44
N SER A 2195 -28.92 -13.30 18.02
CA SER A 2195 -27.80 -14.11 18.50
C SER A 2195 -26.85 -14.47 17.36
N GLU A 2196 -27.41 -14.89 16.22
CA GLU A 2196 -26.56 -15.27 15.10
C GLU A 2196 -25.76 -14.07 14.57
N ALA A 2197 -26.38 -12.89 14.54
CA ALA A 2197 -25.65 -11.71 14.11
C ALA A 2197 -24.47 -11.44 15.02
N TYR A 2198 -24.67 -11.57 16.33
CA TYR A 2198 -23.57 -11.37 17.27
C TYR A 2198 -22.44 -12.37 17.01
N ARG A 2199 -22.79 -13.63 16.75
CA ARG A 2199 -21.75 -14.62 16.48
C ARG A 2199 -20.94 -14.26 15.25
N ARG A 2200 -21.61 -13.85 14.17
CA ARG A 2200 -20.88 -13.47 12.96
C ARG A 2200 -19.96 -12.29 13.22
N ARG A 2201 -20.44 -11.31 13.98
CA ARG A 2201 -19.59 -10.16 14.30
C ARG A 2201 -18.34 -10.60 15.06
N ARG A 2202 -18.49 -11.53 15.99
CA ARG A 2202 -17.32 -12.03 16.72
C ARG A 2202 -16.33 -12.70 15.78
N GLN A 2203 -16.83 -13.46 14.81
CA GLN A 2203 -15.92 -14.09 13.85
C GLN A 2203 -15.14 -13.04 13.06
N GLU A 2204 -15.82 -11.97 12.65
CA GLU A 2204 -15.12 -10.89 11.95
C GLU A 2204 -14.02 -10.30 12.82
N TRP A 2205 -14.31 -10.09 14.11
CA TRP A 2205 -13.30 -9.56 15.01
C TRP A 2205 -12.09 -10.48 15.09
N GLU A 2206 -12.33 -11.79 15.14
CA GLU A 2206 -11.23 -12.74 15.19
C GLU A 2206 -10.34 -12.62 13.96
N ILE A 2207 -10.96 -12.49 12.78
CA ILE A 2207 -10.16 -12.35 11.55
C ILE A 2207 -9.30 -11.09 11.62
N GLN A 2208 -9.88 -9.98 12.11
CA GLN A 2208 -9.10 -8.75 12.23
C GLN A 2208 -7.91 -8.94 13.17
N ARG A 2209 -8.12 -9.66 14.28
CA ARG A 2209 -7.03 -9.90 15.21
C ARG A 2209 -5.90 -10.67 14.55
N ASP A 2210 -6.25 -11.69 13.76
CA ASP A 2210 -5.22 -12.45 13.06
C ASP A 2210 -4.44 -11.56 12.10
N ASN A 2211 -5.14 -10.68 11.38
CA ASN A 2211 -4.44 -9.77 10.47
C ASN A 2211 -3.44 -8.90 11.22
N ALA A 2212 -3.85 -8.35 12.36
CA ALA A 2212 -2.95 -7.48 13.12
C ALA A 2212 -1.73 -8.24 13.60
N ASP A 2213 -1.93 -9.47 14.07
CA ASP A 2213 -0.79 -10.27 14.53
C ASP A 2213 0.20 -10.52 13.40
N GLY A 2214 -0.31 -10.88 12.22
CA GLY A 2214 0.58 -11.08 11.09
C GLY A 2214 1.36 -9.82 10.74
N GLU A 2215 0.70 -8.67 10.80
CA GLU A 2215 1.38 -7.41 10.54
C GLU A 2215 2.52 -7.18 11.52
N VAL A 2216 2.27 -7.44 12.81
CA VAL A 2216 3.32 -7.23 13.80
C VAL A 2216 4.51 -8.14 13.53
N LYS A 2217 4.26 -9.40 13.21
CA LYS A 2217 5.37 -10.32 12.94
C LYS A 2217 6.18 -9.85 11.73
N GLN A 2218 5.50 -9.42 10.67
CA GLN A 2218 6.21 -8.96 9.48
C GLN A 2218 7.09 -7.75 9.81
N MET A 2219 6.58 -6.82 10.60
CA MET A 2219 7.38 -5.65 10.96
C MET A 2219 8.59 -6.06 11.80
N ASP A 2220 8.41 -7.05 12.68
CA ASP A 2220 9.54 -7.52 13.47
C ASP A 2220 10.65 -8.08 12.58
N ALA A 2221 10.28 -8.81 11.52
CA ALA A 2221 11.31 -9.31 10.61
C ALA A 2221 11.98 -8.18 9.82
N GLN A 2222 11.19 -7.18 9.40
CA GLN A 2222 11.78 -6.05 8.70
C GLN A 2222 12.81 -5.33 9.57
N LEU A 2223 12.62 -5.35 10.89
CA LEU A 2223 13.61 -4.74 11.78
C LEU A 2223 14.98 -5.40 11.62
N GLU A 2224 15.00 -6.73 11.58
CA GLU A 2224 16.26 -7.45 11.40
C GLU A 2224 16.90 -7.10 10.07
N SER A 2225 16.09 -7.05 9.01
CA SER A 2225 16.65 -6.65 7.72
C SER A 2225 17.31 -5.27 7.80
N LEU A 2226 16.63 -4.32 8.45
CA LEU A 2226 17.16 -2.96 8.52
C LEU A 2226 18.46 -2.92 9.31
N LYS A 2227 18.55 -3.65 10.42
CA LYS A 2227 19.78 -3.57 11.19
C LYS A 2227 20.95 -4.22 10.45
N ILE A 2228 20.69 -5.27 9.66
CA ILE A 2228 21.75 -5.82 8.81
C ILE A 2228 22.24 -4.76 7.84
N ARG A 2229 21.31 -4.02 7.22
CA ARG A 2229 21.73 -2.97 6.29
C ARG A 2229 22.57 -1.91 7.00
N ARG A 2230 22.20 -1.56 8.23
CA ARG A 2230 22.97 -0.58 8.99
C ARG A 2230 24.39 -1.06 9.23
N GLU A 2231 24.54 -2.34 9.59
CA GLU A 2231 25.88 -2.90 9.78
C GLU A 2231 26.69 -2.80 8.50
N ALA A 2232 26.07 -3.09 7.35
CA ALA A 2232 26.77 -2.97 6.08
C ALA A 2232 27.25 -1.55 5.83
N ALA A 2233 26.39 -0.56 6.12
CA ALA A 2233 26.80 0.83 5.92
C ALA A 2233 27.96 1.21 6.82
N GLN A 2234 27.95 0.75 8.08
CA GLN A 2234 29.07 1.04 8.97
C GLN A 2234 30.37 0.45 8.43
N MET A 2235 30.31 -0.79 7.94
CA MET A 2235 31.51 -1.37 7.35
C MET A 2235 31.98 -0.58 6.14
N GLN A 2236 31.06 -0.02 5.37
CA GLN A 2236 31.45 0.85 4.25
C GLN A 2236 32.21 2.08 4.74
N VAL A 2237 31.75 2.67 5.84
CA VAL A 2237 32.47 3.83 6.39
C VAL A 2237 33.88 3.45 6.79
N GLU A 2238 34.04 2.29 7.44
CA GLU A 2238 35.37 1.83 7.81
C GLU A 2238 36.24 1.62 6.58
N TYR A 2239 35.66 1.10 5.50
CA TYR A 2239 36.40 0.92 4.26
C TYR A 2239 36.90 2.25 3.72
N GLN A 2240 36.07 3.28 3.75
CA GLN A 2240 36.49 4.60 3.29
C GLN A 2240 37.63 5.14 4.14
N GLU A 2241 37.55 4.97 5.46
CA GLU A 2241 38.63 5.43 6.33
C GLU A 2241 39.94 4.71 6.01
N THR A 2242 39.86 3.41 5.75
CA THR A 2242 41.06 2.66 5.36
C THR A 2242 41.66 3.22 4.07
N GLN A 2243 40.80 3.57 3.11
CA GLN A 2243 41.31 4.17 1.87
C GLN A 2243 42.06 5.47 2.16
N GLN A 2244 41.51 6.31 3.02
CA GLN A 2244 42.19 7.55 3.36
C GLN A 2244 43.56 7.28 4.00
N ALA A 2245 43.61 6.31 4.91
CA ALA A 2245 44.89 5.99 5.53
C ALA A 2245 45.89 5.48 4.51
N HIS A 2246 45.43 4.70 3.53
CA HIS A 2246 46.31 4.23 2.48
C HIS A 2246 46.89 5.37 1.67
N THR A 2247 46.05 6.36 1.33
CA THR A 2247 46.55 7.53 0.61
C THR A 2247 47.60 8.26 1.42
N GLN A 2248 47.36 8.42 2.73
CA GLN A 2248 48.34 9.07 3.58
C GLN A 2248 49.67 8.32 3.57
N ALA A 2249 49.61 6.98 3.66
CA ALA A 2249 50.84 6.19 3.64
C ALA A 2249 51.57 6.35 2.31
N GLN A 2250 50.82 6.41 1.21
CA GLN A 2250 51.45 6.61 -0.10
C GLN A 2250 52.21 7.93 -0.13
N LEU A 2251 51.58 9.01 0.34
CA LEU A 2251 52.27 10.30 0.35
C LEU A 2251 53.50 10.27 1.24
N GLU A 2252 53.38 9.64 2.41
CA GLU A 2252 54.52 9.54 3.32
C GLU A 2252 55.68 8.80 2.67
N LEU A 2253 55.39 7.71 1.97
CA LEU A 2253 56.46 6.99 1.26
C LEU A 2253 57.07 7.87 0.19
N LEU A 2254 56.24 8.64 -0.52
CA LEU A 2254 56.76 9.51 -1.56
C LEU A 2254 57.74 10.53 -0.99
N GLN A 2255 57.48 11.00 0.23
CA GLN A 2255 58.36 12.01 0.82
C GLN A 2255 59.69 11.44 1.29
N ARG A 2256 59.71 10.18 1.71
CA ARG A 2256 60.91 9.55 2.25
C ARG A 2256 61.76 8.89 1.17
N LYS A 2257 61.42 9.09 -0.11
CA LYS A 2257 62.15 8.48 -1.21
C LYS A 2257 63.60 8.96 -1.22
N PHE A 2258 64.46 8.16 -1.86
CA PHE A 2258 65.83 8.62 -2.06
C PHE A 2258 65.89 9.80 -3.01
N THR A 2259 65.15 9.72 -4.11
CA THR A 2259 65.09 10.81 -5.10
C THR A 2259 63.92 11.73 -4.80
N ASN A 2260 63.92 12.32 -3.62
CA ASN A 2260 62.84 13.21 -3.22
C ASN A 2260 63.01 14.56 -3.91
N LYS A 2261 62.18 15.53 -3.51
CA LYS A 2261 62.23 16.85 -4.14
C LYS A 2261 63.56 17.55 -3.86
N ALA A 2262 64.07 17.42 -2.64
CA ALA A 2262 65.28 18.16 -2.27
C ALA A 2262 66.48 17.75 -3.11
N LEU A 2263 66.65 16.44 -3.33
CA LEU A 2263 67.77 15.97 -4.13
C LEU A 2263 67.71 16.54 -5.54
N TYR A 2264 66.55 16.46 -6.18
CA TYR A 2264 66.42 16.96 -7.54
C TYR A 2264 66.68 18.46 -7.60
N SER A 2265 66.14 19.21 -6.63
CA SER A 2265 66.35 20.64 -6.62
C SER A 2265 67.84 20.98 -6.51
N TRP A 2266 68.54 20.31 -5.60
CA TRP A 2266 69.95 20.62 -5.41
C TRP A 2266 70.76 20.23 -6.65
N MET A 2267 70.47 19.07 -7.23
CA MET A 2267 71.21 18.65 -8.42
C MET A 2267 71.00 19.62 -9.56
N ARG A 2268 69.76 20.05 -9.81
CA ARG A 2268 69.55 20.95 -10.94
C ARG A 2268 70.11 22.33 -10.67
N GLY A 2269 70.10 22.80 -9.42
CA GLY A 2269 70.74 24.07 -9.13
C GLY A 2269 72.24 24.03 -9.38
N LYS A 2270 72.90 22.98 -8.88
CA LYS A 2270 74.34 22.87 -9.11
C LYS A 2270 74.65 22.76 -10.58
N LEU A 2271 73.88 21.97 -11.33
CA LEU A 2271 74.13 21.85 -12.76
C LEU A 2271 73.89 23.16 -13.47
N SER A 2272 72.89 23.93 -13.04
CA SER A 2272 72.64 25.23 -13.65
C SER A 2272 73.84 26.16 -13.46
N ALA A 2273 74.40 26.19 -12.26
CA ALA A 2273 75.58 27.02 -12.03
C ALA A 2273 76.75 26.57 -12.89
N ILE A 2274 76.98 25.25 -12.95
CA ILE A 2274 78.09 24.73 -13.75
C ILE A 2274 77.90 25.10 -15.21
N TYR A 2275 76.68 24.94 -15.72
CA TYR A 2275 76.39 25.30 -17.11
C TYR A 2275 76.63 26.78 -17.36
N TYR A 2276 76.22 27.63 -16.42
CA TYR A 2276 76.39 29.06 -16.59
C TYR A 2276 77.86 29.43 -16.72
N GLN A 2277 78.73 28.82 -15.91
CA GLN A 2277 80.15 29.16 -16.03
C GLN A 2277 80.78 28.53 -17.27
N PHE A 2278 80.39 27.29 -17.57
CA PHE A 2278 80.97 26.61 -18.73
C PHE A 2278 80.64 27.32 -20.02
N PHE A 2279 79.46 27.96 -20.10
CA PHE A 2279 79.11 28.69 -21.31
C PHE A 2279 80.08 29.83 -21.56
N ASP A 2280 80.41 30.58 -20.51
CA ASP A 2280 81.38 31.67 -20.67
C ASP A 2280 82.73 31.12 -21.10
N LEU A 2281 83.17 30.03 -20.48
CA LEU A 2281 84.47 29.46 -20.84
C LEU A 2281 84.50 29.06 -22.31
N THR A 2282 83.47 28.36 -22.77
CA THR A 2282 83.49 27.86 -24.15
C THR A 2282 83.30 28.99 -25.15
N GLN A 2283 82.56 30.04 -24.80
CA GLN A 2283 82.46 31.18 -25.70
C GLN A 2283 83.80 31.87 -25.85
N SER A 2284 84.54 32.01 -24.75
CA SER A 2284 85.89 32.57 -24.86
C SER A 2284 86.77 31.72 -25.75
N PHE A 2285 86.67 30.40 -25.61
CA PHE A 2285 87.44 29.50 -26.48
C PHE A 2285 87.08 29.71 -27.95
N CYS A 2286 85.79 29.80 -28.25
CA CYS A 2286 85.37 30.00 -29.63
C CYS A 2286 85.88 31.33 -30.16
N LEU A 2287 85.90 32.36 -29.32
CA LEU A 2287 86.41 33.66 -29.76
C LEU A 2287 87.89 33.59 -30.11
N MET A 2288 88.70 32.91 -29.28
CA MET A 2288 90.12 32.82 -29.64
C MET A 2288 90.32 31.98 -30.88
N ALA A 2289 89.50 30.94 -31.09
CA ALA A 2289 89.59 30.17 -32.33
C ALA A 2289 89.27 31.04 -33.53
N GLN A 2290 88.24 31.88 -33.43
CA GLN A 2290 87.89 32.77 -34.54
C GLN A 2290 89.00 33.76 -34.81
N GLU A 2291 89.63 34.29 -33.77
CA GLU A 2291 90.76 35.19 -33.96
C GLU A 2291 91.91 34.49 -34.67
N ALA A 2292 92.18 33.24 -34.30
CA ALA A 2292 93.21 32.48 -34.99
C ALA A 2292 92.89 32.31 -36.47
N LEU A 2293 91.62 32.01 -36.78
CA LEU A 2293 91.22 31.89 -38.18
C LEU A 2293 91.41 33.20 -38.92
N ARG A 2294 91.01 34.31 -38.31
CA ARG A 2294 91.17 35.61 -38.94
C ARG A 2294 92.63 35.89 -39.25
N ARG A 2295 93.52 35.59 -38.30
CA ARG A 2295 94.94 35.76 -38.56
C ARG A 2295 95.42 34.87 -39.69
N GLU A 2296 94.91 33.63 -39.75
CA GLU A 2296 95.35 32.71 -40.79
C GLU A 2296 94.94 33.19 -42.17
N LEU A 2297 93.71 33.66 -42.32
CA LEU A 2297 93.23 34.12 -43.62
C LEU A 2297 93.61 35.56 -43.93
N THR A 2298 94.17 36.29 -42.97
CA THR A 2298 94.53 37.70 -43.14
C THR A 2298 93.33 38.52 -43.61
N ASP A 2299 92.17 38.24 -43.03
CA ASP A 2299 90.93 38.96 -43.36
C ASP A 2299 90.18 39.19 -42.05
N ASN A 2300 90.23 40.44 -41.57
CA ASN A 2300 89.58 40.76 -40.30
C ASN A 2300 88.08 40.95 -40.42
N GLY A 2301 87.53 40.91 -41.64
CA GLY A 2301 86.12 41.15 -41.83
C GLY A 2301 85.20 39.98 -41.56
N VAL A 2302 85.74 38.77 -41.49
CA VAL A 2302 84.90 37.59 -41.29
C VAL A 2302 84.47 37.53 -39.83
N THR A 2303 83.17 37.34 -39.61
CA THR A 2303 82.61 37.21 -38.27
C THR A 2303 81.63 36.05 -38.27
N PHE A 2304 81.82 35.12 -37.33
CA PHE A 2304 80.98 33.94 -37.25
C PHE A 2304 80.30 33.75 -35.91
N ILE A 2305 80.92 34.16 -34.81
CA ILE A 2305 80.27 34.17 -33.51
C ILE A 2305 79.56 35.52 -33.39
N ARG A 2306 78.27 35.53 -33.69
CA ARG A 2306 77.50 36.76 -33.79
C ARG A 2306 76.72 37.08 -32.51
N GLY A 2307 76.89 36.30 -31.46
CA GLY A 2307 76.17 36.55 -30.23
C GLY A 2307 74.74 36.04 -30.29
N GLY A 2308 74.06 36.21 -29.17
CA GLY A 2308 72.70 35.72 -29.06
C GLY A 2308 72.61 34.22 -28.85
N ALA A 2309 73.73 33.54 -28.61
CA ALA A 2309 73.68 32.10 -28.39
C ALA A 2309 72.89 31.77 -27.13
N TRP A 2310 73.10 32.52 -26.05
CA TRP A 2310 72.37 32.34 -24.81
C TRP A 2310 71.12 33.19 -24.87
N ASN A 2311 70.00 32.60 -25.28
CA ASN A 2311 68.74 33.31 -25.40
C ASN A 2311 67.85 33.00 -24.21
N GLY A 2312 67.24 34.05 -23.65
CA GLY A 2312 66.42 33.88 -22.47
C GLY A 2312 65.16 33.08 -22.72
N THR A 2313 64.70 33.00 -23.97
CA THR A 2313 63.48 32.24 -24.26
C THR A 2313 63.64 30.77 -23.92
N THR A 2314 64.79 30.19 -24.25
CA THR A 2314 65.07 28.78 -23.96
C THR A 2314 65.81 28.60 -22.65
N ALA A 2315 65.95 29.65 -21.85
CA ALA A 2315 66.62 29.60 -20.55
C ALA A 2315 68.06 29.12 -20.68
N GLY A 2316 68.69 29.43 -21.80
CA GLY A 2316 70.08 29.09 -22.01
C GLY A 2316 70.33 27.71 -22.55
N LEU A 2317 69.30 26.88 -22.69
CA LEU A 2317 69.48 25.56 -23.26
C LEU A 2317 69.78 25.68 -24.75
N MET A 2318 70.40 24.63 -25.29
CA MET A 2318 70.85 24.61 -26.68
C MET A 2318 71.73 25.81 -27.01
N ALA A 2319 72.56 26.19 -26.05
CA ALA A 2319 73.60 27.17 -26.36
C ALA A 2319 74.71 26.54 -27.17
N GLY A 2320 75.06 25.30 -26.87
CA GLY A 2320 76.18 24.65 -27.53
C GLY A 2320 75.95 24.35 -28.99
N GLU A 2321 74.69 24.18 -29.41
CA GLU A 2321 74.41 23.89 -30.81
C GLU A 2321 74.79 25.05 -31.71
N THR A 2322 74.52 26.28 -31.27
CA THR A 2322 74.90 27.44 -32.05
C THR A 2322 76.42 27.55 -32.18
N LEU A 2323 77.14 27.27 -31.11
CA LEU A 2323 78.60 27.26 -31.20
C LEU A 2323 79.08 26.18 -32.15
N LEU A 2324 78.45 25.01 -32.12
CA LEU A 2324 78.83 23.94 -33.04
C LEU A 2324 78.61 24.35 -34.48
N LEU A 2325 77.47 24.98 -34.77
CA LEU A 2325 77.19 25.43 -36.13
C LEU A 2325 78.19 26.49 -36.57
N ASN A 2326 78.51 27.43 -35.68
CA ASN A 2326 79.49 28.46 -36.03
C ASN A 2326 80.86 27.85 -36.31
N LEU A 2327 81.26 26.87 -35.51
CA LEU A 2327 82.54 26.21 -35.74
C LEU A 2327 82.54 25.45 -37.06
N ALA A 2328 81.43 24.81 -37.39
CA ALA A 2328 81.34 24.12 -38.68
C ALA A 2328 81.47 25.11 -39.83
N GLU A 2329 80.81 26.26 -39.73
CA GLU A 2329 80.93 27.28 -40.77
C GLU A 2329 82.37 27.77 -40.88
N MET A 2330 83.03 27.98 -39.75
CA MET A 2330 84.42 28.43 -39.78
C MET A 2330 85.31 27.39 -40.46
N GLU A 2331 85.11 26.12 -40.14
CA GLU A 2331 85.90 25.07 -40.76
C GLU A 2331 85.66 25.03 -42.27
N LYS A 2332 84.41 25.15 -42.69
CA LYS A 2332 84.12 25.13 -44.12
C LYS A 2332 84.77 26.30 -44.84
N VAL A 2333 84.70 27.50 -44.24
CA VAL A 2333 85.32 28.67 -44.86
C VAL A 2333 86.82 28.48 -44.97
N TRP A 2334 87.45 27.94 -43.91
CA TRP A 2334 88.88 27.70 -43.97
C TRP A 2334 89.23 26.68 -45.05
N LEU A 2335 88.44 25.62 -45.18
CA LEU A 2335 88.73 24.60 -46.18
C LEU A 2335 88.60 25.15 -47.59
N GLU A 2336 87.55 25.94 -47.86
CA GLU A 2336 87.31 26.37 -49.22
C GLU A 2336 88.35 27.38 -49.69
N ARG A 2337 88.77 28.29 -48.82
CA ARG A 2337 89.68 29.35 -49.20
C ARG A 2337 91.14 29.03 -48.89
N ASP A 2338 91.43 27.80 -48.51
CA ASP A 2338 92.81 27.42 -48.25
C ASP A 2338 93.60 27.35 -49.55
N GLU A 2339 94.92 27.51 -49.43
CA GLU A 2339 95.78 27.53 -50.60
C GLU A 2339 97.20 27.15 -50.17
N ARG A 2340 97.93 26.53 -51.09
CA ARG A 2340 99.33 26.21 -50.87
C ARG A 2340 100.17 27.40 -51.35
N ALA A 2341 100.86 28.03 -50.41
CA ALA A 2341 101.56 29.28 -50.71
C ALA A 2341 102.90 29.02 -51.37
N LEU A 2342 103.28 29.91 -52.28
CA LEU A 2342 104.60 29.85 -52.88
C LEU A 2342 105.66 30.21 -51.86
N GLU A 2343 106.83 29.59 -51.99
CA GLU A 2343 107.93 29.76 -51.06
C GLU A 2343 109.03 30.60 -51.69
N VAL A 2344 109.56 31.56 -50.94
CA VAL A 2344 110.70 32.35 -51.40
C VAL A 2344 111.68 32.50 -50.24
N THR A 2345 112.97 32.43 -50.55
CA THR A 2345 114.04 32.69 -49.60
C THR A 2345 114.90 33.83 -50.12
N ARG A 2346 115.26 34.75 -49.24
CA ARG A 2346 116.04 35.93 -49.61
C ARG A 2346 117.20 36.09 -48.64
N THR A 2347 118.39 36.33 -49.18
CA THR A 2347 119.58 36.58 -48.39
C THR A 2347 119.97 38.04 -48.49
N VAL A 2348 120.14 38.69 -47.34
CA VAL A 2348 120.42 40.12 -47.27
C VAL A 2348 121.77 40.30 -46.58
N SER A 2349 122.65 41.07 -47.21
CA SER A 2349 123.92 41.45 -46.62
C SER A 2349 123.82 42.89 -46.11
N LEU A 2350 124.03 43.07 -44.80
CA LEU A 2350 123.82 44.38 -44.21
C LEU A 2350 124.81 45.41 -44.73
N ALA A 2351 126.06 45.00 -44.94
CA ALA A 2351 127.05 45.94 -45.45
C ALA A 2351 126.67 46.45 -46.84
N GLN A 2352 126.25 45.55 -47.72
CA GLN A 2352 125.82 45.94 -49.05
C GLN A 2352 124.57 46.82 -48.99
N PHE A 2353 123.63 46.47 -48.12
CA PHE A 2353 122.41 47.25 -48.00
C PHE A 2353 122.71 48.67 -47.53
N TYR A 2354 123.60 48.81 -46.55
CA TYR A 2354 123.94 50.14 -46.05
C TYR A 2354 124.71 50.94 -47.10
N GLN A 2355 125.61 50.28 -47.83
CA GLN A 2355 126.38 50.99 -48.85
C GLN A 2355 125.51 51.44 -50.02
N ALA A 2356 124.42 50.72 -50.29
CA ALA A 2356 123.57 51.02 -51.43
C ALA A 2356 122.43 51.98 -51.10
N LEU A 2357 122.35 52.47 -49.87
CA LEU A 2357 121.29 53.41 -49.52
C LEU A 2357 121.47 54.71 -50.29
N SER A 2358 120.37 55.20 -50.87
CA SER A 2358 120.44 56.40 -51.69
C SER A 2358 120.64 57.65 -50.84
N SER A 2359 119.89 57.77 -49.74
CA SER A 2359 119.91 59.00 -48.96
C SER A 2359 121.12 59.06 -48.04
N ASP A 2360 121.22 58.11 -47.11
CA ASP A 2360 122.28 58.11 -46.11
C ASP A 2360 122.99 56.76 -46.17
N ASN A 2361 124.19 56.74 -46.74
CA ASN A 2361 124.98 55.54 -46.87
C ASN A 2361 126.27 55.67 -46.08
N PHE A 2362 126.75 54.54 -45.58
CA PHE A 2362 127.98 54.52 -44.79
C PHE A 2362 128.60 53.14 -44.87
N ASN A 2363 129.89 53.08 -44.56
CA ASN A 2363 130.63 51.82 -44.53
C ASN A 2363 130.41 51.16 -43.18
N LEU A 2364 129.90 49.93 -43.19
CA LEU A 2364 129.50 49.29 -41.95
C LEU A 2364 130.69 48.98 -41.05
N THR A 2365 131.72 48.33 -41.60
CA THR A 2365 132.82 47.88 -40.74
C THR A 2365 133.66 49.05 -40.27
N GLU A 2366 133.87 50.06 -41.11
CA GLU A 2366 134.64 51.23 -40.69
C GLU A 2366 133.92 51.96 -39.57
N LYS A 2367 132.61 52.16 -39.71
CA LYS A 2367 131.85 52.83 -38.66
C LYS A 2367 131.83 52.01 -37.38
N LEU A 2368 131.74 50.68 -37.51
CA LEU A 2368 131.75 49.82 -36.33
C LEU A 2368 133.08 49.94 -35.59
N THR A 2369 134.19 49.90 -36.32
CA THR A 2369 135.50 50.03 -35.67
C THR A 2369 135.64 51.41 -35.01
N GLN A 2370 135.19 52.46 -35.71
CA GLN A 2370 135.30 53.80 -35.14
C GLN A 2370 134.48 53.94 -33.87
N PHE A 2371 133.25 53.41 -33.87
CA PHE A 2371 132.40 53.51 -32.69
C PHE A 2371 132.87 52.59 -31.58
N LEU A 2372 133.62 51.54 -31.91
CA LEU A 2372 134.21 50.72 -30.85
C LEU A 2372 135.42 51.40 -30.23
N ARG A 2373 136.19 52.13 -31.03
CA ARG A 2373 137.37 52.80 -30.50
C ARG A 2373 137.00 53.86 -29.47
N GLU A 2374 135.97 54.66 -29.76
CA GLU A 2374 135.50 55.69 -28.85
C GLU A 2374 134.04 55.44 -28.50
N GLY A 2375 133.71 55.54 -27.22
CA GLY A 2375 132.40 55.11 -26.75
C GLY A 2375 131.25 56.03 -27.13
N LYS A 2376 131.22 56.47 -28.38
CA LYS A 2376 130.11 57.24 -28.91
C LYS A 2376 129.87 56.80 -30.35
N GLY A 2377 128.66 57.03 -30.83
CA GLY A 2377 128.35 56.69 -32.21
C GLY A 2377 126.90 56.84 -32.60
N ASN A 2378 126.68 57.37 -33.80
CA ASN A 2378 125.34 57.50 -34.37
C ASN A 2378 125.49 57.78 -35.85
N VAL A 2379 124.97 56.89 -36.69
CA VAL A 2379 125.05 57.07 -38.14
C VAL A 2379 123.79 56.51 -38.78
N GLY A 2380 123.39 57.11 -39.89
CA GLY A 2380 122.21 56.69 -40.62
C GLY A 2380 120.99 57.50 -40.23
N ALA A 2381 119.87 57.09 -40.81
CA ALA A 2381 118.59 57.77 -40.59
C ALA A 2381 117.63 56.85 -39.84
N SER A 2382 116.52 57.43 -39.39
CA SER A 2382 115.53 56.66 -38.64
C SER A 2382 114.99 55.53 -39.50
N GLY A 2383 115.14 54.31 -39.01
CA GLY A 2383 114.74 53.14 -39.76
C GLY A 2383 115.92 52.36 -40.30
N ASN A 2384 116.97 53.07 -40.69
CA ASN A 2384 118.21 52.46 -41.17
C ASN A 2384 119.34 53.17 -40.42
N GLU A 2385 119.71 52.61 -39.28
CA GLU A 2385 120.58 53.32 -38.35
C GLU A 2385 121.55 52.35 -37.68
N LEU A 2386 122.70 52.89 -37.28
CA LEU A 2386 123.69 52.16 -36.49
C LEU A 2386 124.15 53.07 -35.37
N LYS A 2387 124.00 52.62 -34.13
CA LYS A 2387 124.25 53.48 -32.98
C LYS A 2387 124.82 52.68 -31.83
N LEU A 2388 125.39 53.41 -30.88
CA LEU A 2388 125.91 52.86 -29.62
C LEU A 2388 125.10 53.47 -28.49
N SER A 2389 124.21 52.69 -27.90
CA SER A 2389 123.36 53.15 -26.82
C SER A 2389 123.80 52.49 -25.52
N ASN A 2390 124.04 53.29 -24.49
CA ASN A 2390 124.55 52.82 -23.21
C ASN A 2390 125.89 52.14 -23.49
N ARG A 2391 126.01 50.81 -23.34
CA ARG A 2391 127.22 50.09 -23.69
C ARG A 2391 126.92 48.98 -24.69
N GLN A 2392 125.89 49.15 -25.50
CA GLN A 2392 125.48 48.13 -26.46
C GLN A 2392 125.37 48.73 -27.85
N ILE A 2393 125.53 47.86 -28.85
CA ILE A 2393 125.50 48.26 -30.25
C ILE A 2393 124.14 47.88 -30.84
N GLU A 2394 123.51 48.83 -31.51
CA GLU A 2394 122.20 48.60 -32.14
C GLU A 2394 122.28 48.90 -33.62
N ALA A 2395 121.73 48.00 -34.43
CA ALA A 2395 121.65 48.17 -35.88
C ALA A 2395 120.21 47.92 -36.29
N SER A 2396 119.55 48.95 -36.80
CA SER A 2396 118.14 48.88 -37.16
C SER A 2396 117.99 49.01 -38.67
N VAL A 2397 117.20 48.13 -39.26
CA VAL A 2397 116.95 48.10 -40.69
C VAL A 2397 115.44 48.11 -40.93
N ARG A 2398 114.96 49.07 -41.71
CA ARG A 2398 113.53 49.13 -42.02
C ARG A 2398 113.15 48.01 -42.98
N LEU A 2399 111.99 47.40 -42.75
CA LEU A 2399 111.57 46.28 -43.57
C LEU A 2399 111.24 46.72 -45.00
N SER A 2400 110.44 47.76 -45.14
CA SER A 2400 109.99 48.17 -46.47
C SER A 2400 111.12 48.69 -47.35
N ASP A 2401 112.25 49.07 -46.76
CA ASP A 2401 113.37 49.58 -47.53
C ASP A 2401 114.10 48.49 -48.30
N LEU A 2402 113.81 47.22 -48.03
CA LEU A 2402 114.46 46.12 -48.74
C LEU A 2402 113.89 45.92 -50.13
N LYS A 2403 112.70 46.46 -50.41
CA LYS A 2403 112.05 46.32 -51.71
C LYS A 2403 111.90 44.86 -52.10
N ILE A 2404 111.52 44.03 -51.13
CA ILE A 2404 111.31 42.61 -51.42
C ILE A 2404 110.12 42.44 -52.36
N PHE A 2405 109.11 43.28 -52.22
CA PHE A 2405 107.91 43.18 -53.04
C PHE A 2405 108.23 43.33 -54.52
N SER A 2406 109.34 44.00 -54.85
CA SER A 2406 109.73 44.21 -56.24
C SER A 2406 110.58 43.08 -56.80
N ASP A 2407 110.88 42.05 -56.00
CA ASP A 2407 111.73 40.96 -56.48
C ASP A 2407 110.97 39.99 -57.38
N TYR A 2408 109.65 40.07 -57.41
CA TYR A 2408 108.83 39.16 -58.20
C TYR A 2408 107.72 39.97 -58.87
N PRO A 2409 107.15 39.46 -59.95
CA PRO A 2409 106.11 40.22 -60.66
C PRO A 2409 104.89 40.47 -59.79
N GLU A 2410 104.13 41.50 -60.17
CA GLU A 2410 102.96 41.89 -59.40
C GLU A 2410 101.93 40.78 -59.31
N SER A 2411 101.91 39.88 -60.29
CA SER A 2411 101.01 38.74 -60.25
C SER A 2411 101.56 37.72 -59.25
N LEU A 2412 101.04 36.49 -59.31
CA LEU A 2412 101.36 35.39 -58.39
C LEU A 2412 100.83 35.62 -56.99
N GLY A 2413 100.15 36.74 -56.74
CA GLY A 2413 99.62 37.01 -55.41
C GLY A 2413 100.22 38.26 -54.80
N ASN A 2414 99.42 38.97 -54.00
CA ASN A 2414 99.85 40.20 -53.37
C ASN A 2414 100.01 40.08 -51.86
N THR A 2415 99.50 39.01 -51.24
CA THR A 2415 99.61 38.81 -49.80
C THR A 2415 100.90 38.07 -49.52
N ARG A 2416 101.96 38.83 -49.22
CA ARG A 2416 103.28 38.27 -48.95
C ARG A 2416 103.64 38.59 -47.51
N GLN A 2417 103.88 37.56 -46.71
CA GLN A 2417 104.19 37.72 -45.30
C GLN A 2417 105.38 36.85 -44.92
N LEU A 2418 106.13 37.30 -43.93
CA LEU A 2418 107.29 36.54 -43.46
C LEU A 2418 106.86 35.23 -42.84
N LYS A 2419 107.72 34.23 -42.94
CA LYS A 2419 107.52 32.95 -42.28
C LYS A 2419 108.61 32.61 -41.28
N GLN A 2420 109.87 32.89 -41.61
CA GLN A 2420 110.96 32.58 -40.71
C GLN A 2420 112.14 33.50 -41.00
N VAL A 2421 112.92 33.79 -39.96
CA VAL A 2421 114.10 34.64 -40.07
C VAL A 2421 115.25 33.95 -39.36
N SER A 2422 116.39 33.84 -40.04
CA SER A 2422 117.63 33.36 -39.46
C SER A 2422 118.73 34.36 -39.77
N VAL A 2423 119.87 34.21 -39.11
CA VAL A 2423 120.93 35.21 -39.23
C VAL A 2423 122.27 34.52 -38.99
N THR A 2424 123.25 34.92 -39.80
CA THR A 2424 124.61 34.40 -39.75
C THR A 2424 125.58 35.55 -39.55
N LEU A 2425 126.55 35.34 -38.65
CA LEU A 2425 127.57 36.33 -38.33
C LEU A 2425 128.94 35.77 -38.66
N PRO A 2426 129.50 36.09 -39.81
CA PRO A 2426 130.83 35.57 -40.15
C PRO A 2426 131.95 36.26 -39.38
N ALA A 2427 132.15 35.86 -38.13
CA ALA A 2427 133.16 36.45 -37.27
C ALA A 2427 133.96 35.35 -36.58
N LEU A 2428 135.19 35.70 -36.22
CA LEU A 2428 136.06 34.76 -35.51
C LEU A 2428 135.72 34.77 -34.03
N VAL A 2429 135.28 33.62 -33.52
CA VAL A 2429 134.89 33.46 -32.12
C VAL A 2429 135.79 32.42 -31.48
N GLY A 2430 136.33 32.75 -30.31
CA GLY A 2430 137.20 31.85 -29.59
C GLY A 2430 136.49 30.61 -29.09
N PRO A 2431 137.24 29.54 -28.86
CA PRO A 2431 136.62 28.30 -28.37
C PRO A 2431 136.01 28.49 -26.99
N TYR A 2432 134.94 27.74 -26.74
CA TYR A 2432 134.20 27.77 -25.48
C TYR A 2432 133.64 29.17 -25.19
N GLU A 2433 133.41 29.96 -26.23
CA GLU A 2433 132.85 31.30 -26.10
C GLU A 2433 131.61 31.41 -26.98
N ASP A 2434 130.56 32.03 -26.44
CA ASP A 2434 129.29 32.16 -27.11
C ASP A 2434 129.01 33.62 -27.42
N ILE A 2435 128.56 33.89 -28.64
CA ILE A 2435 128.06 35.22 -28.95
C ILE A 2435 126.74 35.44 -28.23
N ARG A 2436 126.43 36.70 -27.94
CA ARG A 2436 125.20 37.06 -27.26
C ARG A 2436 124.57 38.22 -28.02
N ALA A 2437 123.52 37.95 -28.78
CA ALA A 2437 122.84 38.99 -29.53
C ALA A 2437 121.34 38.82 -29.41
N VAL A 2438 120.59 39.85 -29.75
CA VAL A 2438 119.14 39.81 -29.74
C VAL A 2438 118.60 40.43 -31.01
N LEU A 2439 117.68 39.73 -31.67
CA LEU A 2439 116.97 40.26 -32.82
C LEU A 2439 115.54 40.58 -32.40
N ASN A 2440 115.11 41.81 -32.67
CA ASN A 2440 113.82 42.29 -32.19
C ASN A 2440 113.07 42.97 -33.32
N TYR A 2441 111.74 42.96 -33.21
CA TYR A 2441 110.85 43.59 -34.19
C TYR A 2441 110.18 44.79 -33.53
N GLY A 2442 110.37 45.96 -34.13
CA GLY A 2442 109.87 47.19 -33.55
C GLY A 2442 108.59 47.72 -34.15
N GLY A 2443 107.85 46.87 -34.83
CA GLY A 2443 106.62 47.27 -35.50
C GLY A 2443 105.46 47.42 -34.53
N SER A 2444 104.28 47.63 -35.12
CA SER A 2444 103.07 47.86 -34.35
C SER A 2444 101.99 46.82 -34.60
N ILE A 2445 102.26 45.79 -35.40
CA ILE A 2445 101.25 44.78 -35.68
C ILE A 2445 101.10 43.86 -34.48
N VAL A 2446 99.85 43.50 -34.16
CA VAL A 2446 99.60 42.63 -33.01
C VAL A 2446 100.24 41.28 -33.26
N MET A 2447 100.92 40.77 -32.24
CA MET A 2447 101.67 39.52 -32.34
C MET A 2447 101.35 38.64 -31.15
N PRO A 2448 101.40 37.32 -31.31
CA PRO A 2448 101.26 36.44 -30.15
C PRO A 2448 102.44 36.62 -29.21
N ARG A 2449 102.20 36.32 -27.92
CA ARG A 2449 103.18 36.60 -26.89
C ARG A 2449 104.48 35.84 -27.15
N GLY A 2450 105.60 36.56 -27.06
CA GLY A 2450 106.91 35.96 -27.19
C GLY A 2450 107.34 35.62 -28.59
N CYS A 2451 106.57 36.03 -29.60
CA CYS A 2451 106.89 35.73 -30.99
C CYS A 2451 107.42 36.96 -31.73
N SER A 2452 108.08 37.87 -31.02
CA SER A 2452 108.58 39.09 -31.61
C SER A 2452 110.07 39.30 -31.45
N ALA A 2453 110.79 38.35 -30.85
CA ALA A 2453 112.22 38.50 -30.65
C ALA A 2453 112.86 37.13 -30.52
N ILE A 2454 114.12 37.04 -30.97
CA ILE A 2454 114.91 35.83 -30.87
C ILE A 2454 116.28 36.18 -30.33
N ALA A 2455 116.99 35.16 -29.85
CA ALA A 2455 118.31 35.33 -29.26
C ALA A 2455 119.34 34.60 -30.09
N LEU A 2456 120.57 35.11 -30.07
CA LEU A 2456 121.68 34.62 -30.87
C LEU A 2456 122.79 34.17 -29.95
N SER A 2457 123.17 32.89 -30.06
CA SER A 2457 124.21 32.29 -29.24
C SER A 2457 125.44 31.91 -30.05
N HIS A 2458 125.29 31.13 -31.13
CA HIS A 2458 126.41 30.68 -31.92
C HIS A 2458 126.58 31.43 -33.24
N GLY A 2459 125.49 31.89 -33.84
CA GLY A 2459 125.59 32.75 -34.99
C GLY A 2459 125.98 32.10 -36.29
N VAL A 2460 125.79 30.79 -36.43
CA VAL A 2460 126.02 30.11 -37.69
C VAL A 2460 124.69 29.60 -38.23
N ASN A 2461 124.05 30.40 -39.09
CA ASN A 2461 122.68 30.13 -39.54
C ASN A 2461 121.75 29.95 -38.34
N ASP A 2462 121.96 30.78 -37.32
CA ASP A 2462 121.22 30.63 -36.08
C ASP A 2462 119.75 30.98 -36.27
N SER A 2463 118.89 30.24 -35.57
CA SER A 2463 117.46 30.52 -35.57
C SER A 2463 116.92 30.75 -34.16
N GLY A 2464 117.77 30.69 -33.15
CA GLY A 2464 117.32 30.94 -31.80
C GLY A 2464 116.43 29.88 -31.22
N GLN A 2465 116.52 28.65 -31.72
CA GLN A 2465 115.67 27.55 -31.27
C GLN A 2465 116.51 26.31 -31.00
N PHE A 2466 115.93 25.42 -30.20
CA PHE A 2466 116.45 24.08 -30.00
C PHE A 2466 116.61 23.36 -31.33
N MET A 2467 115.49 23.13 -32.02
CA MET A 2467 115.51 22.68 -33.40
C MET A 2467 114.38 23.39 -34.14
N LEU A 2468 114.58 23.58 -35.44
CA LEU A 2468 113.63 24.29 -36.27
C LEU A 2468 112.69 23.28 -36.91
N ASP A 2469 111.40 23.40 -36.62
CA ASP A 2469 110.38 22.51 -37.15
C ASP A 2469 109.30 23.37 -37.79
N PHE A 2470 109.28 23.42 -39.12
CA PHE A 2470 108.30 24.25 -39.82
C PHE A 2470 106.89 23.71 -39.72
N ASN A 2471 106.71 22.50 -39.21
CA ASN A 2471 105.40 21.92 -38.97
C ASN A 2471 104.95 22.09 -37.52
N ASP A 2472 105.51 23.06 -36.82
CA ASP A 2472 105.15 23.28 -35.42
C ASP A 2472 103.70 23.70 -35.28
N SER A 2473 103.05 23.21 -34.23
CA SER A 2473 101.68 23.60 -33.97
C SER A 2473 101.56 25.04 -33.48
N ARG A 2474 102.66 25.65 -33.05
CA ARG A 2474 102.67 27.03 -32.63
C ARG A 2474 103.35 27.90 -33.68
N TYR A 2475 103.01 29.19 -33.65
CA TYR A 2475 103.56 30.12 -34.62
C TYR A 2475 105.06 30.29 -34.42
N LEU A 2476 105.79 30.29 -35.52
CA LEU A 2476 107.22 30.57 -35.45
C LEU A 2476 107.44 32.05 -35.18
N PRO A 2477 108.62 32.41 -34.67
CA PRO A 2477 108.91 33.83 -34.44
C PRO A 2477 108.86 34.61 -35.75
N PHE A 2478 108.35 35.85 -35.66
CA PHE A 2478 108.23 36.80 -36.77
C PHE A 2478 107.23 36.36 -37.82
N GLU A 2479 106.47 35.29 -37.58
CA GLU A 2479 105.50 34.84 -38.57
C GLU A 2479 104.32 35.81 -38.65
N GLY A 2480 103.81 36.01 -39.86
CA GLY A 2480 102.67 36.86 -40.08
C GLY A 2480 102.99 38.32 -40.37
N ILE A 2481 104.24 38.72 -40.30
CA ILE A 2481 104.61 40.11 -40.56
C ILE A 2481 104.57 40.35 -42.06
N SER A 2482 103.81 41.38 -42.47
CA SER A 2482 103.77 41.75 -43.87
C SER A 2482 105.12 42.27 -44.32
N VAL A 2483 105.55 41.85 -45.52
CA VAL A 2483 106.86 42.25 -46.00
C VAL A 2483 106.90 43.73 -46.35
N ASN A 2484 105.76 44.35 -46.62
CA ASN A 2484 105.69 45.77 -46.93
C ASN A 2484 105.46 46.62 -45.68
N ASP A 2485 105.69 46.06 -44.50
CA ASP A 2485 105.48 46.80 -43.27
C ASP A 2485 106.49 47.93 -43.13
N SER A 2486 106.09 48.97 -42.40
CA SER A 2486 106.95 50.11 -42.12
C SER A 2486 107.81 49.91 -40.88
N GLY A 2487 107.67 48.79 -40.18
CA GLY A 2487 108.46 48.54 -39.00
C GLY A 2487 109.90 48.22 -39.37
N SER A 2488 110.72 48.07 -38.32
CA SER A 2488 112.15 47.82 -38.50
C SER A 2488 112.61 46.70 -37.59
N LEU A 2489 113.59 45.95 -38.09
CA LEU A 2489 114.24 44.89 -37.32
C LEU A 2489 115.52 45.43 -36.71
N THR A 2490 115.72 45.16 -35.42
CA THR A 2490 116.85 45.69 -34.68
C THR A 2490 117.70 44.55 -34.16
N LEU A 2491 119.00 44.60 -34.44
CA LEU A 2491 119.97 43.66 -33.91
C LEU A 2491 120.76 44.37 -32.82
N SER A 2492 120.81 43.78 -31.62
CA SER A 2492 121.42 44.39 -30.46
C SER A 2492 122.50 43.46 -29.91
N PHE A 2493 123.70 44.01 -29.73
CA PHE A 2493 124.80 43.31 -29.07
C PHE A 2493 125.07 44.01 -27.75
N PRO A 2494 124.75 43.38 -26.62
CA PRO A 2494 125.02 44.01 -25.33
C PRO A 2494 126.43 43.74 -24.82
N ASP A 2495 126.88 44.62 -23.94
CA ASP A 2495 128.19 44.51 -23.30
C ASP A 2495 129.30 44.40 -24.34
N ALA A 2496 129.22 45.25 -25.36
CA ALA A 2496 130.18 45.27 -26.45
C ALA A 2496 131.14 46.44 -26.32
N THR A 2497 131.59 46.74 -25.10
CA THR A 2497 132.36 47.95 -24.84
C THR A 2497 133.74 47.71 -24.25
N ASP A 2498 133.94 46.80 -23.29
CA ASP A 2498 133.35 45.69 -22.49
C ASP A 2498 133.65 44.34 -23.12
N ARG A 2499 132.92 43.32 -22.68
CA ARG A 2499 133.33 41.94 -22.94
C ARG A 2499 133.33 41.61 -24.43
N GLN A 2500 132.29 42.00 -25.16
CA GLN A 2500 132.15 41.62 -26.55
C GLN A 2500 132.89 42.55 -27.51
N LYS A 2501 133.87 43.30 -27.02
CA LYS A 2501 134.58 44.24 -27.89
C LYS A 2501 135.41 43.51 -28.94
N ALA A 2502 136.20 42.53 -28.52
CA ALA A 2502 137.09 41.84 -29.44
C ALA A 2502 136.31 41.11 -30.53
N LEU A 2503 135.23 40.42 -30.14
CA LEU A 2503 134.43 39.70 -31.14
C LEU A 2503 133.84 40.66 -32.15
N LEU A 2504 133.34 41.81 -31.69
CA LEU A 2504 132.78 42.78 -32.62
C LEU A 2504 133.84 43.39 -33.52
N GLU A 2505 135.07 43.56 -33.01
CA GLU A 2505 136.16 43.99 -33.87
C GLU A 2505 136.45 42.95 -34.95
N SER A 2506 136.42 41.68 -34.58
CA SER A 2506 136.64 40.63 -35.57
C SER A 2506 135.49 40.47 -36.54
N LEU A 2507 134.34 41.08 -36.27
CA LEU A 2507 133.16 40.92 -37.12
C LEU A 2507 133.40 41.55 -38.49
N SER A 2508 132.93 40.86 -39.53
CA SER A 2508 133.02 41.35 -40.90
C SER A 2508 131.73 42.03 -41.33
N ASP A 2509 130.62 41.31 -41.30
CA ASP A 2509 129.31 41.87 -41.63
C ASP A 2509 128.23 40.95 -41.05
N ILE A 2510 126.99 41.21 -41.39
CA ILE A 2510 125.84 40.46 -40.90
C ILE A 2510 125.02 39.98 -42.09
N ILE A 2511 124.57 38.73 -42.04
CA ILE A 2511 123.78 38.15 -43.11
C ILE A 2511 122.43 37.71 -42.55
N LEU A 2512 121.35 38.06 -43.23
CA LEU A 2512 120.00 37.68 -42.85
C LEU A 2512 119.40 36.75 -43.89
N HIS A 2513 118.76 35.68 -43.43
CA HIS A 2513 118.04 34.75 -44.29
C HIS A 2513 116.56 34.88 -43.94
N ILE A 2514 115.76 35.35 -44.89
CA ILE A 2514 114.34 35.59 -44.69
C ILE A 2514 113.57 34.65 -45.60
N ARG A 2515 112.76 33.77 -45.00
CA ARG A 2515 111.91 32.86 -45.75
C ARG A 2515 110.48 33.34 -45.61
N TYR A 2516 109.81 33.59 -46.73
CA TYR A 2516 108.45 34.10 -46.72
C TYR A 2516 107.63 33.38 -47.78
N THR A 2517 106.33 33.68 -47.77
CA THR A 2517 105.37 33.00 -48.63
C THR A 2517 104.59 34.02 -49.45
N ILE A 2518 104.09 33.56 -50.59
CA ILE A 2518 103.29 34.38 -51.51
C ILE A 2518 101.96 33.68 -51.74
N ARG A 2519 100.87 34.44 -51.66
CA ARG A 2519 99.54 33.90 -51.89
C ARG A 2519 98.79 34.69 -52.95
N MET B 1 -65.73 49.39 -1.25
CA MET B 1 -66.80 50.26 -0.78
C MET B 1 -66.54 51.72 -1.14
N TYR B 2 -65.38 51.98 -1.74
CA TYR B 2 -65.02 53.29 -2.24
C TYR B 2 -65.06 53.30 -3.77
N SER B 3 -64.70 54.44 -4.34
CA SER B 3 -64.55 54.58 -5.79
C SER B 3 -63.20 55.24 -6.06
N THR B 4 -62.34 54.56 -6.80
CA THR B 4 -60.99 55.07 -7.03
C THR B 4 -61.01 56.39 -7.79
N ALA B 5 -61.98 56.57 -8.69
CA ALA B 5 -62.06 57.82 -9.44
C ALA B 5 -62.30 59.01 -8.52
N VAL B 6 -63.19 58.84 -7.54
CA VAL B 6 -63.48 59.93 -6.61
C VAL B 6 -62.24 60.30 -5.81
N LEU B 7 -61.52 59.28 -5.32
CA LEU B 7 -60.31 59.55 -4.53
C LEU B 7 -59.25 60.23 -5.38
N LEU B 8 -59.07 59.78 -6.63
CA LEU B 8 -58.10 60.41 -7.50
C LEU B 8 -58.48 61.87 -7.77
N ASN B 9 -59.78 62.14 -7.95
CA ASN B 9 -60.22 63.52 -8.11
C ASN B 9 -59.92 64.33 -6.86
N LYS B 10 -60.10 63.74 -5.68
CA LYS B 10 -59.77 64.44 -4.45
C LYS B 10 -58.29 64.78 -4.38
N ILE B 11 -57.43 63.85 -4.79
CA ILE B 11 -55.99 64.12 -4.78
C ILE B 11 -55.62 65.13 -5.86
N SER B 12 -56.26 65.05 -7.02
CA SER B 12 -55.89 65.89 -8.14
C SER B 12 -56.16 67.36 -7.82
N PRO B 13 -55.43 68.29 -8.46
CA PRO B 13 -54.41 68.12 -9.50
C PRO B 13 -53.05 67.73 -8.94
N THR B 14 -52.22 67.07 -9.75
CA THR B 14 -50.91 66.59 -9.28
C THR B 14 -49.81 67.61 -9.54
N ARG B 15 -50.05 68.86 -9.13
CA ARG B 15 -49.03 69.92 -9.16
C ARG B 15 -48.68 70.29 -10.60
N ASP B 16 -49.21 69.54 -11.57
CA ASP B 16 -48.91 69.76 -12.98
C ASP B 16 -50.17 70.01 -13.80
N GLY B 17 -51.27 70.37 -13.15
CA GLY B 17 -52.51 70.59 -13.86
C GLY B 17 -53.10 69.36 -14.50
N GLN B 18 -52.73 68.18 -14.01
CA GLN B 18 -53.20 66.91 -14.55
C GLN B 18 -53.93 66.13 -13.47
N THR B 19 -54.82 65.24 -13.91
CA THR B 19 -55.51 64.36 -12.99
C THR B 19 -54.53 63.34 -12.44
N MET B 20 -54.54 63.14 -11.13
CA MET B 20 -53.65 62.16 -10.51
C MET B 20 -54.00 60.76 -11.00
N THR B 21 -52.98 59.99 -11.33
CA THR B 21 -53.16 58.64 -11.85
C THR B 21 -52.45 57.65 -10.95
N LEU B 22 -52.88 56.38 -11.05
CA LEU B 22 -52.34 55.35 -10.18
C LEU B 22 -50.86 55.12 -10.42
N ALA B 23 -50.38 55.39 -11.63
CA ALA B 23 -48.97 55.18 -11.93
C ALA B 23 -48.08 56.09 -11.11
N ASP B 24 -48.51 57.34 -10.89
CA ASP B 24 -47.69 58.29 -10.16
C ASP B 24 -47.49 57.87 -8.70
N LEU B 25 -48.39 57.06 -8.16
CA LEU B 25 -48.26 56.57 -6.78
C LEU B 25 -47.71 55.15 -6.73
N GLN B 26 -46.84 54.79 -7.67
CA GLN B 26 -46.37 53.41 -7.78
C GLN B 26 -45.81 52.89 -6.45
N TYR B 27 -44.76 53.50 -5.90
CA TYR B 27 -43.72 54.53 -6.05
C TYR B 27 -43.28 54.86 -4.64
N LEU B 28 -44.27 54.93 -3.74
CA LEU B 28 -44.05 55.33 -2.36
C LEU B 28 -44.82 54.38 -1.44
N SER B 29 -44.32 54.26 -0.22
CA SER B 29 -44.88 53.33 0.75
C SER B 29 -46.21 53.85 1.29
N PHE B 30 -46.90 52.97 2.04
CA PHE B 30 -48.19 53.34 2.59
C PHE B 30 -48.06 54.48 3.58
N SER B 31 -47.02 54.46 4.41
CA SER B 31 -46.82 55.55 5.36
C SER B 31 -46.58 56.88 4.65
N GLU B 32 -45.79 56.86 3.58
CA GLU B 32 -45.59 58.07 2.79
C GLU B 32 -46.89 58.56 2.19
N LEU B 33 -47.70 57.64 1.68
CA LEU B 33 -48.98 58.02 1.08
C LEU B 33 -49.89 58.66 2.11
N ARG B 34 -49.93 58.10 3.32
CA ARG B 34 -50.76 58.68 4.36
C ARG B 34 -50.23 60.02 4.82
N LYS B 35 -48.91 60.19 4.83
CA LYS B 35 -48.33 61.44 5.31
C LYS B 35 -48.54 62.57 4.30
N ILE B 36 -48.32 62.30 3.02
CA ILE B 36 -48.40 63.37 2.01
C ILE B 36 -49.82 63.90 1.91
N PHE B 37 -50.81 63.01 1.85
CA PHE B 37 -52.22 63.38 1.70
C PHE B 37 -52.97 63.28 3.01
N ASP B 38 -52.33 63.63 4.13
CA ASP B 38 -52.97 63.51 5.43
C ASP B 38 -54.18 64.42 5.55
N ASP B 39 -54.20 65.53 4.83
CA ASP B 39 -55.27 66.50 4.98
C ASP B 39 -56.51 66.16 4.14
N GLN B 40 -56.39 65.24 3.19
CA GLN B 40 -57.48 64.97 2.26
C GLN B 40 -57.99 63.54 2.27
N LEU B 41 -57.23 62.59 2.81
CA LEU B 41 -57.63 61.19 2.81
C LEU B 41 -57.65 60.67 4.24
N SER B 42 -58.67 59.87 4.55
CA SER B 42 -58.75 59.21 5.84
C SER B 42 -57.98 57.89 5.79
N TRP B 43 -58.13 57.07 6.83
CA TRP B 43 -57.40 55.81 6.88
C TRP B 43 -57.89 54.84 5.81
N GLY B 44 -59.21 54.66 5.71
CA GLY B 44 -59.75 53.70 4.77
C GLY B 44 -59.44 54.06 3.33
N GLU B 45 -59.52 55.35 2.99
CA GLU B 45 -59.22 55.77 1.63
C GLU B 45 -57.76 55.51 1.28
N ALA B 46 -56.84 55.82 2.20
CA ALA B 46 -55.43 55.56 1.94
C ALA B 46 -55.17 54.07 1.77
N ARG B 47 -55.79 53.25 2.62
CA ARG B 47 -55.62 51.81 2.48
C ARG B 47 -56.14 51.31 1.15
N HIS B 48 -57.32 51.80 0.74
CA HIS B 48 -57.88 51.38 -0.55
C HIS B 48 -56.98 51.80 -1.70
N LEU B 49 -56.45 53.03 -1.65
CA LEU B 49 -55.58 53.50 -2.72
C LEU B 49 -54.32 52.66 -2.79
N TYR B 50 -53.75 52.31 -1.63
CA TYR B 50 -52.54 51.48 -1.62
C TYR B 50 -52.82 50.11 -2.23
N HIS B 51 -53.94 49.49 -1.84
CA HIS B 51 -54.26 48.18 -2.39
C HIS B 51 -54.47 48.26 -3.90
N GLU B 52 -55.15 49.30 -4.37
CA GLU B 52 -55.36 49.45 -5.80
C GLU B 52 -54.05 49.63 -6.54
N THR B 53 -53.13 50.41 -5.99
CA THR B 53 -51.84 50.60 -6.63
C THR B 53 -51.07 49.29 -6.72
N ILE B 54 -51.08 48.51 -5.63
CA ILE B 54 -50.38 47.23 -5.66
C ILE B 54 -50.99 46.31 -6.71
N GLU B 55 -52.31 46.27 -6.78
CA GLU B 55 -52.96 45.41 -7.78
C GLU B 55 -52.61 45.86 -9.19
N GLN B 56 -52.59 47.17 -9.43
CA GLN B 56 -52.24 47.65 -10.77
C GLN B 56 -50.81 47.27 -11.13
N LYS B 57 -49.89 47.40 -10.18
CA LYS B 57 -48.50 47.03 -10.44
C LYS B 57 -48.39 45.55 -10.79
N LYS B 58 -49.08 44.69 -10.03
CA LYS B 58 -49.01 43.27 -10.31
C LYS B 58 -49.60 42.95 -11.69
N ASN B 59 -50.72 43.57 -12.04
CA ASN B 59 -51.34 43.31 -13.33
C ASN B 59 -50.42 43.74 -14.48
N ASN B 60 -49.78 44.90 -14.33
CA ASN B 60 -48.86 45.35 -15.36
C ASN B 60 -47.69 44.37 -15.51
N ARG B 61 -47.15 43.90 -14.39
CA ARG B 61 -46.07 42.93 -14.47
C ARG B 61 -46.51 41.66 -15.19
N LEU B 62 -47.70 41.15 -14.87
CA LEU B 62 -48.18 39.95 -15.53
C LEU B 62 -48.36 40.17 -17.02
N LEU B 63 -48.92 41.32 -17.41
CA LEU B 63 -49.14 41.59 -18.82
C LEU B 63 -47.83 41.65 -19.58
N GLU B 64 -46.83 42.34 -19.03
CA GLU B 64 -45.54 42.41 -19.70
C GLU B 64 -44.91 41.03 -19.81
N ALA B 65 -45.00 40.22 -18.75
CA ALA B 65 -44.43 38.89 -18.80
C ALA B 65 -45.08 38.03 -19.86
N ARG B 66 -46.41 38.10 -19.96
CA ARG B 66 -47.11 37.33 -20.98
C ARG B 66 -46.71 37.76 -22.38
N ILE B 67 -46.65 39.07 -22.62
CA ILE B 67 -46.30 39.56 -23.94
C ILE B 67 -44.89 39.12 -24.33
N PHE B 68 -43.95 39.20 -23.39
CA PHE B 68 -42.60 38.76 -23.68
C PHE B 68 -42.53 37.26 -23.91
N THR B 69 -43.30 36.47 -23.14
CA THR B 69 -43.26 35.03 -23.31
C THR B 69 -43.76 34.61 -24.69
N ARG B 70 -44.87 35.19 -25.15
CA ARG B 70 -45.43 34.76 -26.42
C ARG B 70 -44.57 35.15 -27.62
N ALA B 71 -43.62 36.05 -27.44
CA ALA B 71 -42.80 36.54 -28.54
C ALA B 71 -41.36 36.08 -28.46
N ASN B 72 -41.07 35.04 -27.68
CA ASN B 72 -39.70 34.56 -27.52
C ASN B 72 -39.23 33.91 -28.82
N PRO B 73 -38.13 34.36 -29.41
CA PRO B 73 -37.65 33.72 -30.65
C PRO B 73 -37.21 32.28 -30.46
N GLN B 74 -36.92 31.85 -29.24
CA GLN B 74 -36.42 30.50 -29.04
C GLN B 74 -37.44 29.44 -29.41
N LEU B 75 -38.72 29.78 -29.36
CA LEU B 75 -39.79 28.82 -29.65
C LEU B 75 -40.22 28.89 -31.12
N SER B 76 -39.27 28.77 -32.04
CA SER B 76 -39.56 28.80 -33.47
C SER B 76 -38.73 27.76 -34.23
N GLY B 77 -38.76 26.50 -33.80
CA GLY B 77 -39.58 25.88 -32.77
C GLY B 77 -40.68 25.01 -33.35
N ALA B 78 -40.65 23.72 -33.03
CA ALA B 78 -41.77 22.84 -33.37
C ALA B 78 -42.98 23.12 -32.52
N ILE B 79 -42.82 23.85 -31.41
CA ILE B 79 -43.94 24.23 -30.56
C ILE B 79 -44.73 25.40 -31.14
N ARG B 80 -44.19 26.07 -32.15
CA ARG B 80 -44.83 27.25 -32.72
C ARG B 80 -46.21 26.94 -33.28
N LEU B 81 -46.50 25.67 -33.59
CA LEU B 81 -47.82 25.31 -34.07
C LEU B 81 -48.90 25.60 -33.03
N GLY B 82 -48.54 25.66 -31.75
CA GLY B 82 -49.51 25.97 -30.72
C GLY B 82 -49.36 27.36 -30.17
N ILE B 83 -49.08 28.33 -31.04
CA ILE B 83 -48.89 29.71 -30.67
C ILE B 83 -49.87 30.56 -31.46
N GLU B 84 -50.57 31.47 -30.77
CA GLU B 84 -51.53 32.34 -31.40
C GLU B 84 -51.20 33.79 -31.08
N ARG B 85 -51.39 34.67 -32.07
CA ARG B 85 -51.13 36.09 -31.90
C ARG B 85 -52.41 36.79 -31.44
N ASP B 86 -52.32 37.50 -30.32
CA ASP B 86 -53.46 38.17 -29.73
C ASP B 86 -53.49 39.64 -30.16
N SER B 87 -54.65 40.26 -29.93
CA SER B 87 -54.78 41.70 -30.23
C SER B 87 -53.88 42.52 -29.33
N VAL B 88 -53.73 42.12 -28.07
CA VAL B 88 -52.86 42.85 -27.15
C VAL B 88 -51.42 42.82 -27.63
N SER B 89 -50.98 41.68 -28.19
CA SER B 89 -49.63 41.60 -28.71
C SER B 89 -49.43 42.57 -29.86
N ARG B 90 -50.40 42.65 -30.77
CA ARG B 90 -50.29 43.59 -31.88
C ARG B 90 -50.27 45.02 -31.39
N SER B 91 -51.12 45.35 -30.42
CA SER B 91 -51.13 46.70 -29.88
C SER B 91 -49.81 47.06 -29.23
N TYR B 92 -49.25 46.13 -28.45
CA TYR B 92 -47.96 46.40 -27.80
C TYR B 92 -46.86 46.59 -28.83
N ASP B 93 -46.82 45.72 -29.86
CA ASP B 93 -45.78 45.85 -30.87
C ASP B 93 -45.91 47.17 -31.62
N GLU B 94 -47.14 47.57 -31.94
CA GLU B 94 -47.36 48.84 -32.64
C GLU B 94 -46.94 50.02 -31.77
N MET B 95 -47.26 49.98 -30.48
CA MET B 95 -46.97 51.12 -29.61
C MET B 95 -45.49 51.25 -29.33
N PHE B 96 -44.83 50.14 -28.98
CA PHE B 96 -43.45 50.19 -28.52
C PHE B 96 -42.44 49.82 -29.59
N GLY B 97 -42.86 49.70 -30.84
CA GLY B 97 -41.90 49.36 -31.89
C GLY B 97 -41.39 47.94 -31.72
N ALA B 98 -40.10 47.76 -31.98
CA ALA B 98 -39.47 46.45 -31.97
C ALA B 98 -38.88 46.09 -30.62
N ARG B 99 -39.40 46.65 -29.52
CA ARG B 99 -38.88 46.31 -28.20
C ARG B 99 -39.14 44.85 -27.87
N SER B 100 -40.33 44.36 -28.19
CA SER B 100 -40.71 43.00 -27.80
C SER B 100 -39.86 41.94 -28.49
N SER B 101 -39.25 42.26 -29.62
CA SER B 101 -38.38 41.32 -30.32
C SER B 101 -36.91 41.52 -30.02
N SER B 102 -36.57 42.45 -29.12
CA SER B 102 -35.19 42.80 -28.84
C SER B 102 -34.69 42.02 -27.63
N PHE B 103 -34.60 40.71 -27.79
CA PHE B 103 -34.07 39.86 -26.75
C PHE B 103 -32.54 39.92 -26.74
N VAL B 104 -31.96 39.64 -25.58
CA VAL B 104 -30.51 39.64 -25.44
C VAL B 104 -30.07 38.34 -24.78
N LYS B 105 -28.82 37.97 -25.03
CA LYS B 105 -28.25 36.77 -24.43
C LYS B 105 -27.95 37.02 -22.95
N PRO B 106 -28.05 36.00 -22.12
CA PRO B 106 -27.65 36.18 -20.71
C PRO B 106 -26.17 36.50 -20.60
N GLY B 107 -25.84 37.27 -19.56
CA GLY B 107 -24.50 37.75 -19.37
C GLY B 107 -24.23 39.13 -19.95
N SER B 108 -25.18 39.69 -20.69
CA SER B 108 -25.05 41.04 -21.22
C SER B 108 -25.63 42.05 -20.24
N VAL B 109 -25.10 43.27 -20.29
CA VAL B 109 -25.54 44.30 -19.36
C VAL B 109 -26.95 44.77 -19.67
N ALA B 110 -27.44 44.54 -20.88
CA ALA B 110 -28.77 45.01 -21.26
C ALA B 110 -29.89 44.15 -20.70
N SER B 111 -29.57 42.96 -20.19
CA SER B 111 -30.61 42.07 -19.68
C SER B 111 -31.26 42.66 -18.45
N MET B 112 -32.56 42.42 -18.29
CA MET B 112 -33.29 42.94 -17.14
C MET B 112 -32.88 42.25 -15.85
N PHE B 113 -32.24 41.10 -15.93
CA PHE B 113 -31.73 40.39 -14.76
C PHE B 113 -30.24 40.58 -14.56
N SER B 114 -29.61 41.46 -15.34
CA SER B 114 -28.20 41.71 -15.22
C SER B 114 -27.91 42.48 -13.94
N PRO B 115 -26.66 42.49 -13.48
CA PRO B 115 -26.32 43.30 -12.31
C PRO B 115 -26.66 44.77 -12.47
N ALA B 116 -26.74 45.27 -13.70
CA ALA B 116 -27.18 46.64 -13.91
C ALA B 116 -28.59 46.86 -13.38
N GLY B 117 -29.49 45.90 -13.64
CA GLY B 117 -30.85 46.04 -13.14
C GLY B 117 -30.91 46.01 -11.63
N TYR B 118 -30.13 45.12 -11.01
CA TYR B 118 -30.09 45.06 -9.55
C TYR B 118 -29.57 46.37 -8.97
N LEU B 119 -28.50 46.92 -9.57
CA LEU B 119 -27.95 48.18 -9.08
C LEU B 119 -28.94 49.32 -9.26
N THR B 120 -29.67 49.32 -10.37
CA THR B 120 -30.68 50.35 -10.59
C THR B 120 -31.76 50.27 -9.53
N GLU B 121 -32.23 49.05 -9.22
CA GLU B 121 -33.23 48.90 -8.18
C GLU B 121 -32.71 49.39 -6.83
N LEU B 122 -31.47 49.02 -6.50
CA LEU B 122 -30.90 49.44 -5.22
C LEU B 122 -30.80 50.96 -5.14
N TYR B 123 -30.32 51.61 -6.20
CA TYR B 123 -30.19 53.06 -6.16
C TYR B 123 -31.56 53.73 -6.10
N ARG B 124 -32.54 53.20 -6.83
CA ARG B 124 -33.86 53.81 -6.82
C ARG B 124 -34.50 53.73 -5.44
N GLU B 125 -34.34 52.59 -4.76
CA GLU B 125 -34.99 52.44 -3.47
C GLU B 125 -34.22 53.10 -2.33
N ALA B 126 -32.89 53.19 -2.44
CA ALA B 126 -32.07 53.69 -1.35
C ALA B 126 -31.74 55.17 -1.48
N LYS B 127 -32.18 55.83 -2.55
CA LYS B 127 -31.81 57.23 -2.75
C LYS B 127 -32.41 58.12 -1.66
N ASP B 128 -33.64 57.85 -1.25
CA ASP B 128 -34.37 58.70 -0.32
C ASP B 128 -34.39 58.14 1.09
N LEU B 129 -33.36 57.41 1.50
CA LEU B 129 -33.34 56.90 2.86
C LEU B 129 -33.01 57.98 3.89
N HIS B 130 -32.44 59.10 3.44
CA HIS B 130 -32.11 60.21 4.33
C HIS B 130 -32.55 61.51 3.69
N PHE B 131 -32.81 62.51 4.53
CA PHE B 131 -33.16 63.82 4.02
C PHE B 131 -31.97 64.45 3.31
N SER B 132 -32.26 65.37 2.39
CA SER B 132 -31.20 66.02 1.63
C SER B 132 -30.29 66.84 2.54
N SER B 133 -30.82 67.34 3.66
CA SER B 133 -30.01 68.15 4.55
C SER B 133 -28.97 67.31 5.31
N SER B 134 -29.29 66.06 5.60
CA SER B 134 -28.41 65.23 6.39
C SER B 134 -27.12 64.92 5.64
N ALA B 135 -26.02 64.87 6.38
CA ALA B 135 -24.73 64.54 5.78
C ALA B 135 -24.61 63.08 5.42
N TYR B 136 -25.55 62.24 5.87
CA TYR B 136 -25.54 60.82 5.54
C TYR B 136 -26.22 60.52 4.22
N HIS B 137 -26.77 61.53 3.54
CA HIS B 137 -27.48 61.29 2.29
C HIS B 137 -26.55 60.67 1.27
N LEU B 138 -27.09 59.75 0.48
CA LEU B 138 -26.25 59.01 -0.48
C LEU B 138 -25.65 59.95 -1.50
N ASP B 139 -26.42 60.92 -1.99
CA ASP B 139 -25.90 61.87 -2.97
C ASP B 139 -24.91 62.85 -2.36
N ASN B 140 -24.78 62.90 -1.04
CA ASN B 140 -23.84 63.80 -0.39
C ASN B 140 -22.48 63.14 -0.14
N ARG B 141 -22.48 61.91 0.36
CA ARG B 141 -21.22 61.25 0.66
C ARG B 141 -20.51 60.77 -0.60
N ARG B 142 -21.26 60.32 -1.60
CA ARG B 142 -20.70 59.83 -2.86
C ARG B 142 -21.45 60.48 -4.01
N PRO B 143 -21.10 61.71 -4.37
CA PRO B 143 -21.80 62.41 -5.46
C PRO B 143 -21.62 61.76 -6.82
N ASP B 144 -20.59 60.94 -7.01
CA ASP B 144 -20.32 60.38 -8.32
C ASP B 144 -21.28 59.27 -8.71
N LEU B 145 -21.97 58.66 -7.74
CA LEU B 145 -22.83 57.53 -8.05
C LEU B 145 -23.93 57.89 -9.03
N ALA B 146 -24.41 59.14 -8.98
CA ALA B 146 -25.48 59.55 -9.89
C ALA B 146 -25.01 59.62 -11.33
N ASP B 147 -23.69 59.62 -11.57
CA ASP B 147 -23.16 59.73 -12.93
C ASP B 147 -22.49 58.47 -13.41
N LEU B 148 -22.64 57.36 -12.69
CA LEU B 148 -22.04 56.09 -13.13
C LEU B 148 -22.72 55.62 -14.40
N THR B 149 -21.92 55.15 -15.36
CA THR B 149 -22.42 54.74 -16.66
C THR B 149 -22.56 53.23 -16.71
N LEU B 150 -23.76 52.77 -17.09
CA LEU B 150 -24.06 51.34 -17.13
C LEU B 150 -23.68 50.78 -18.51
N SER B 151 -22.38 50.63 -18.72
CA SER B 151 -21.85 50.10 -19.96
C SER B 151 -21.24 48.73 -19.73
N GLN B 152 -21.06 47.99 -20.82
CA GLN B 152 -20.50 46.65 -20.72
C GLN B 152 -19.08 46.66 -20.19
N SER B 153 -18.29 47.65 -20.61
CA SER B 153 -16.91 47.73 -20.13
C SER B 153 -16.86 47.93 -18.62
N ASN B 154 -17.75 48.77 -18.08
CA ASN B 154 -17.78 48.98 -16.65
C ASN B 154 -18.12 47.69 -15.90
N MET B 155 -19.00 46.88 -16.48
CA MET B 155 -19.40 45.65 -15.82
C MET B 155 -18.34 44.56 -15.93
N ASP B 156 -17.58 44.53 -17.02
CA ASP B 156 -16.67 43.41 -17.28
C ASP B 156 -15.23 43.68 -16.91
N THR B 157 -14.74 44.91 -17.04
CA THR B 157 -13.32 45.18 -16.86
C THR B 157 -12.90 44.97 -15.42
N GLU B 158 -11.79 44.26 -15.23
CA GLU B 158 -11.24 44.03 -13.90
C GLU B 158 -10.39 45.21 -13.46
N ILE B 159 -10.43 45.48 -12.16
CA ILE B 159 -9.68 46.59 -11.58
C ILE B 159 -9.48 46.30 -10.10
N SER B 160 -8.49 46.97 -9.50
CA SER B 160 -8.20 46.78 -8.09
C SER B 160 -8.99 47.76 -7.25
N THR B 161 -9.52 47.29 -6.12
CA THR B 161 -10.32 48.13 -5.25
C THR B 161 -9.50 49.30 -4.73
N LEU B 162 -8.22 49.06 -4.42
CA LEU B 162 -7.36 50.12 -3.91
C LEU B 162 -7.28 51.27 -4.91
N THR B 163 -7.30 50.96 -6.20
CA THR B 163 -7.26 52.02 -7.21
C THR B 163 -8.48 52.92 -7.10
N LEU B 164 -9.67 52.33 -6.98
CA LEU B 164 -10.88 53.13 -6.87
C LEU B 164 -10.87 53.97 -5.59
N SER B 165 -10.48 53.37 -4.47
CA SER B 165 -10.43 54.12 -3.22
C SER B 165 -9.45 55.28 -3.31
N ASN B 166 -8.27 55.02 -3.89
CA ASN B 166 -7.27 56.07 -4.03
C ASN B 166 -7.78 57.19 -4.92
N GLU B 167 -8.44 56.85 -6.02
CA GLU B 167 -8.94 57.90 -6.91
C GLU B 167 -10.01 58.73 -6.23
N LEU B 168 -10.87 58.09 -5.43
CA LEU B 168 -11.90 58.85 -4.71
C LEU B 168 -11.28 59.80 -3.70
N LEU B 169 -10.34 59.30 -2.88
CA LEU B 169 -9.71 60.14 -1.89
C LEU B 169 -8.91 61.26 -2.54
N LEU B 170 -8.22 60.96 -3.64
CA LEU B 170 -7.47 61.99 -4.35
C LEU B 170 -8.39 63.07 -4.88
N GLU B 171 -9.54 62.68 -5.43
CA GLU B 171 -10.51 63.67 -5.90
C GLU B 171 -10.95 64.57 -4.76
N HIS B 172 -11.26 63.99 -3.61
CA HIS B 172 -11.70 64.81 -2.47
C HIS B 172 -10.62 65.77 -2.03
N ILE B 173 -9.39 65.28 -1.90
CA ILE B 173 -8.29 66.12 -1.42
C ILE B 173 -8.01 67.25 -2.40
N THR B 174 -7.96 66.95 -3.70
CA THR B 174 -7.70 67.99 -4.69
C THR B 174 -8.83 69.01 -4.74
N ARG B 175 -10.07 68.57 -4.57
CA ARG B 175 -11.18 69.52 -4.49
C ARG B 175 -11.01 70.44 -3.29
N LYS B 176 -10.57 69.89 -2.16
CA LYS B 176 -10.40 70.71 -0.96
C LYS B 176 -9.28 71.72 -1.15
N THR B 177 -8.10 71.27 -1.58
CA THR B 177 -6.95 72.17 -1.69
C THR B 177 -6.97 72.99 -2.98
N GLY B 178 -7.76 72.59 -3.97
CA GLY B 178 -7.83 73.32 -5.21
C GLY B 178 -6.62 73.21 -6.10
N GLY B 179 -5.70 72.29 -5.81
CA GLY B 179 -4.49 72.13 -6.59
C GLY B 179 -4.54 70.91 -7.49
N ASP B 180 -3.37 70.58 -8.02
CA ASP B 180 -3.20 69.42 -8.87
C ASP B 180 -2.64 68.26 -8.06
N SER B 181 -2.73 67.05 -8.64
CA SER B 181 -2.22 65.87 -7.96
C SER B 181 -0.72 65.97 -7.73
N ASP B 182 0.03 66.44 -8.74
CA ASP B 182 1.48 66.58 -8.58
C ASP B 182 1.81 67.61 -7.51
N ALA B 183 1.07 68.72 -7.47
CA ALA B 183 1.25 69.69 -6.40
C ALA B 183 0.95 69.07 -5.05
N LEU B 184 -0.07 68.21 -4.98
CA LEU B 184 -0.39 67.54 -3.72
C LEU B 184 0.75 66.64 -3.27
N MET B 185 1.33 65.87 -4.19
CA MET B 185 2.45 65.01 -3.82
C MET B 185 3.65 65.84 -3.36
N GLU B 186 3.93 66.94 -4.07
CA GLU B 186 5.05 67.79 -3.67
C GLU B 186 4.82 68.38 -2.29
N SER B 187 3.58 68.79 -2.00
CA SER B 187 3.28 69.30 -0.67
C SER B 187 3.42 68.21 0.38
N LEU B 188 2.96 67.00 0.08
CA LEU B 188 3.08 65.88 1.01
C LEU B 188 4.53 65.51 1.25
N SER B 189 5.44 65.86 0.34
CA SER B 189 6.85 65.54 0.54
C SER B 189 7.45 66.26 1.74
N THR B 190 6.82 67.33 2.22
CA THR B 190 7.34 68.08 3.36
C THR B 190 6.33 68.21 4.49
N TYR B 191 5.19 67.53 4.41
CA TYR B 191 4.20 67.62 5.47
C TYR B 191 4.72 66.93 6.74
N ARG B 192 4.53 67.60 7.88
CA ARG B 192 5.04 67.10 9.15
C ARG B 192 3.97 66.85 10.20
N GLN B 193 2.76 67.34 10.02
CA GLN B 193 1.73 67.27 11.06
C GLN B 193 0.86 66.02 10.91
N ALA B 194 1.51 64.86 10.85
CA ALA B 194 0.83 63.58 10.82
C ALA B 194 1.85 62.51 11.18
N ILE B 195 1.38 61.27 11.28
CA ILE B 195 2.27 60.19 11.66
C ILE B 195 2.82 59.44 10.44
N ASP B 196 2.09 59.39 9.34
CA ASP B 196 2.57 58.73 8.14
C ASP B 196 3.26 59.69 7.18
N THR B 197 3.36 60.97 7.52
CA THR B 197 4.06 61.95 6.74
C THR B 197 5.37 62.32 7.42
N PRO B 198 6.38 62.81 6.68
CA PRO B 198 6.41 63.13 5.25
C PRO B 198 6.45 61.89 4.37
N TYR B 199 5.98 62.02 3.13
CA TYR B 199 5.91 60.92 2.18
C TYR B 199 6.59 61.35 0.90
N HIS B 200 7.87 61.02 0.74
CA HIS B 200 8.62 61.33 -0.47
C HIS B 200 8.46 60.15 -1.42
N GLN B 201 7.55 60.30 -2.39
CA GLN B 201 7.24 59.19 -3.28
C GLN B 201 8.41 58.75 -4.14
N PRO B 202 9.12 59.64 -4.86
CA PRO B 202 10.27 59.16 -5.64
C PRO B 202 11.35 58.51 -4.80
N TYR B 203 11.58 59.02 -3.59
CA TYR B 203 12.57 58.40 -2.72
C TYR B 203 12.17 56.98 -2.37
N GLU B 204 10.90 56.77 -2.03
CA GLU B 204 10.44 55.43 -1.70
C GLU B 204 10.52 54.51 -2.90
N THR B 205 10.22 55.02 -4.09
CA THR B 205 10.37 54.20 -5.29
C THR B 205 11.82 53.78 -5.50
N ILE B 206 12.75 54.71 -5.31
CA ILE B 206 14.17 54.39 -5.46
C ILE B 206 14.59 53.34 -4.44
N ARG B 207 14.17 53.51 -3.18
CA ARG B 207 14.53 52.55 -2.15
C ARG B 207 13.96 51.17 -2.46
N GLN B 208 12.72 51.12 -2.94
CA GLN B 208 12.12 49.83 -3.28
C GLN B 208 12.85 49.17 -4.43
N VAL B 209 13.25 49.94 -5.44
CA VAL B 209 14.00 49.35 -6.54
C VAL B 209 15.32 48.79 -6.04
N ILE B 210 16.02 49.54 -5.19
CA ILE B 210 17.30 49.07 -4.66
C ILE B 210 17.10 47.79 -3.86
N MET B 211 16.08 47.75 -3.01
CA MET B 211 15.83 46.55 -2.21
C MET B 211 15.48 45.35 -3.09
N THR B 212 14.68 45.58 -4.13
CA THR B 212 14.30 44.49 -5.02
C THR B 212 15.52 43.93 -5.74
N HIS B 213 16.38 44.80 -6.25
CA HIS B 213 17.51 44.34 -7.05
C HIS B 213 18.55 43.65 -6.18
N ASP B 214 18.89 44.23 -5.03
CA ASP B 214 19.92 43.68 -4.17
C ASP B 214 19.58 44.01 -2.73
N SER B 215 18.90 43.10 -2.05
CA SER B 215 18.68 43.25 -0.62
C SER B 215 19.95 42.94 0.14
N THR B 216 19.97 43.34 1.41
CA THR B 216 21.11 43.16 2.32
C THR B 216 22.35 43.90 1.88
N LEU B 217 22.28 44.69 0.80
CA LEU B 217 23.37 45.53 0.32
C LEU B 217 24.62 44.71 -0.01
N SER B 218 24.46 43.42 -0.29
CA SER B 218 25.63 42.56 -0.50
C SER B 218 26.46 43.05 -1.67
N ALA B 219 25.81 43.42 -2.77
CA ALA B 219 26.56 43.94 -3.92
C ALA B 219 27.36 45.18 -3.55
N LEU B 220 26.84 46.01 -2.65
CA LEU B 220 27.60 47.16 -2.21
C LEU B 220 28.68 46.77 -1.22
N SER B 221 28.51 45.66 -0.50
CA SER B 221 29.47 45.28 0.52
C SER B 221 30.79 44.79 -0.08
N ARG B 222 30.74 44.16 -1.24
CA ARG B 222 31.93 43.57 -1.84
C ARG B 222 32.75 44.56 -2.66
N ASN B 223 32.32 45.82 -2.74
CA ASN B 223 33.02 46.85 -3.48
C ASN B 223 33.29 48.03 -2.55
N PRO B 224 34.30 47.91 -1.69
CA PRO B 224 34.53 48.98 -0.70
C PRO B 224 34.86 50.33 -1.31
N GLU B 225 35.41 50.34 -2.52
CA GLU B 225 35.82 51.61 -3.13
C GLU B 225 34.62 52.53 -3.34
N VAL B 226 33.48 51.97 -3.74
CA VAL B 226 32.30 52.78 -3.94
C VAL B 226 31.47 52.90 -2.65
N MET B 227 31.53 51.92 -1.77
CA MET B 227 30.79 51.99 -0.52
C MET B 227 31.36 53.08 0.39
N GLY B 228 32.68 53.25 0.39
CA GLY B 228 33.30 54.22 1.28
C GLY B 228 33.01 55.66 0.94
N GLN B 229 32.34 55.92 -0.18
CA GLN B 229 32.02 57.28 -0.59
C GLN B 229 30.64 57.72 -0.13
N ALA B 230 29.93 56.90 0.64
CA ALA B 230 28.58 57.20 1.08
C ALA B 230 28.55 57.45 2.59
N GLU B 231 27.77 58.44 3.00
CA GLU B 231 27.64 58.74 4.41
C GLU B 231 26.81 57.68 5.11
N GLY B 232 27.01 57.56 6.43
CA GLY B 232 26.26 56.59 7.21
C GLY B 232 24.77 56.86 7.21
N ALA B 233 24.39 58.13 7.31
CA ALA B 233 22.97 58.47 7.31
C ALA B 233 22.31 58.10 5.98
N SER B 234 23.02 58.32 4.87
CA SER B 234 22.48 57.93 3.58
C SER B 234 22.27 56.44 3.49
N LEU B 235 23.22 55.66 3.99
CA LEU B 235 23.07 54.20 3.98
C LEU B 235 21.90 53.77 4.86
N LEU B 236 21.72 54.44 6.01
CA LEU B 236 20.56 54.14 6.84
C LEU B 236 19.27 54.43 6.10
N ALA B 237 19.20 55.57 5.41
CA ALA B 237 18.01 55.90 4.63
C ALA B 237 17.77 54.87 3.54
N ILE B 238 18.84 54.28 3.01
CA ILE B 238 18.68 53.18 2.06
C ILE B 238 18.08 51.97 2.75
N LEU B 239 18.59 51.62 3.94
CA LEU B 239 18.12 50.41 4.61
C LEU B 239 16.73 50.60 5.21
N ALA B 240 16.48 51.73 5.86
CA ALA B 240 15.23 51.99 6.53
C ALA B 240 14.58 53.25 5.97
N ASN B 241 13.25 53.29 6.00
CA ASN B 241 12.48 54.37 5.38
C ASN B 241 12.73 55.67 6.14
N ILE B 242 13.56 56.53 5.57
CA ILE B 242 13.85 57.84 6.15
C ILE B 242 13.87 58.89 5.06
N SER B 243 12.81 59.68 4.98
CA SER B 243 12.76 60.76 4.00
C SER B 243 13.69 61.89 4.43
N PRO B 244 14.11 62.74 3.50
CA PRO B 244 14.93 63.90 3.88
C PRO B 244 14.27 64.78 4.93
N GLU B 245 12.96 65.00 4.82
CA GLU B 245 12.27 65.76 5.84
C GLU B 245 12.23 65.02 7.16
N LEU B 246 12.12 63.69 7.14
CA LEU B 246 12.22 62.93 8.37
C LEU B 246 13.60 63.10 9.00
N TYR B 247 14.64 63.14 8.17
CA TYR B 247 15.98 63.40 8.69
C TYR B 247 16.07 64.77 9.34
N ASN B 248 15.48 65.79 8.71
CA ASN B 248 15.49 67.12 9.31
C ASN B 248 14.73 67.13 10.62
N ILE B 249 13.61 66.41 10.69
CA ILE B 249 12.86 66.32 11.94
C ILE B 249 13.70 65.66 13.02
N LEU B 250 14.38 64.57 12.69
CA LEU B 250 15.10 63.80 13.70
C LEU B 250 16.34 64.55 14.20
N THR B 251 17.10 65.15 13.29
CA THR B 251 18.41 65.69 13.65
C THR B 251 18.36 67.15 14.07
N GLU B 252 17.20 67.81 14.02
CA GLU B 252 17.14 69.20 14.43
C GLU B 252 17.35 69.31 15.94
N GLU B 253 18.04 70.36 16.36
CA GLU B 253 18.30 70.57 17.77
C GLU B 253 17.10 71.20 18.45
N ILE B 254 17.00 70.99 19.76
CA ILE B 254 15.92 71.52 20.57
C ILE B 254 16.54 72.35 21.69
N THR B 255 16.17 73.63 21.74
CA THR B 255 16.64 74.54 22.77
C THR B 255 15.45 75.14 23.50
N GLU B 256 15.72 75.80 24.62
CA GLU B 256 14.66 76.41 25.40
C GLU B 256 14.01 77.56 24.64
N LYS B 257 14.80 78.33 23.90
CA LYS B 257 14.28 79.53 23.26
C LYS B 257 13.34 79.19 22.11
N ASN B 258 13.69 78.19 21.28
CA ASN B 258 12.94 77.88 20.08
C ASN B 258 12.01 76.69 20.26
N ALA B 259 11.73 76.29 21.49
CA ALA B 259 10.86 75.13 21.72
C ALA B 259 9.46 75.37 21.21
N ASP B 260 8.90 76.56 21.48
CA ASP B 260 7.54 76.84 21.08
C ASP B 260 7.38 76.86 19.56
N ALA B 261 8.33 77.48 18.86
CA ALA B 261 8.26 77.50 17.41
C ALA B 261 8.36 76.10 16.82
N LEU B 262 9.26 75.28 17.36
CA LEU B 262 9.39 73.91 16.88
C LEU B 262 8.12 73.11 17.14
N PHE B 263 7.51 73.30 18.31
CA PHE B 263 6.27 72.59 18.59
C PHE B 263 5.15 73.02 17.65
N ALA B 264 5.05 74.32 17.38
CA ALA B 264 4.03 74.81 16.46
C ALA B 264 4.26 74.26 15.06
N GLN B 265 5.52 74.18 14.64
CA GLN B 265 5.83 73.67 13.31
C GLN B 265 5.58 72.16 13.20
N ASN B 266 5.82 71.42 14.28
CA ASN B 266 5.76 69.96 14.23
C ASN B 266 4.40 69.39 14.60
N PHE B 267 3.43 70.22 14.96
CA PHE B 267 2.12 69.73 15.36
C PHE B 267 1.04 70.66 14.82
N SER B 268 -0.19 70.15 14.80
CA SER B 268 -1.31 70.93 14.31
C SER B 268 -1.61 72.09 15.26
N GLU B 269 -2.35 73.07 14.75
CA GLU B 269 -2.66 74.26 15.54
C GLU B 269 -3.64 73.96 16.66
N ASN B 270 -4.38 72.85 16.59
CA ASN B 270 -5.36 72.50 17.61
C ASN B 270 -4.82 71.49 18.61
N ILE B 271 -3.51 71.28 18.65
CA ILE B 271 -2.89 70.36 19.58
C ILE B 271 -1.96 71.17 20.49
N THR B 272 -2.19 71.06 21.80
CA THR B 272 -1.45 71.78 22.81
C THR B 272 -0.50 70.82 23.54
N PRO B 273 0.59 71.33 24.12
CA PRO B 273 1.51 70.44 24.85
C PRO B 273 0.83 69.66 25.96
N GLU B 274 -0.16 70.26 26.61
CA GLU B 274 -0.87 69.55 27.69
C GLU B 274 -1.53 68.27 27.20
N ASN B 275 -1.79 68.16 25.90
CA ASN B 275 -2.36 66.92 25.36
C ASN B 275 -1.44 65.73 25.58
N PHE B 276 -0.15 65.97 25.85
CA PHE B 276 0.77 64.88 26.13
C PHE B 276 0.65 64.35 27.54
N ALA B 277 -0.23 64.92 28.35
CA ALA B 277 -0.42 64.43 29.72
C ALA B 277 -1.25 63.16 29.78
N SER B 278 -1.86 62.73 28.68
CA SER B 278 -2.70 61.54 28.65
C SER B 278 -2.06 60.49 27.76
N GLN B 279 -1.91 59.27 28.28
CA GLN B 279 -1.33 58.20 27.49
C GLN B 279 -2.29 57.72 26.40
N SER B 280 -3.60 57.76 26.67
CA SER B 280 -4.56 57.32 25.68
C SER B 280 -4.52 58.20 24.43
N TRP B 281 -4.38 59.51 24.61
CA TRP B 281 -4.28 60.40 23.46
C TRP B 281 -3.04 60.09 22.63
N ILE B 282 -1.91 59.83 23.30
CA ILE B 282 -0.69 59.51 22.57
C ILE B 282 -0.88 58.21 21.79
N ALA B 283 -1.50 57.21 22.43
CA ALA B 283 -1.72 55.94 21.74
C ALA B 283 -2.61 56.12 20.52
N LYS B 284 -3.66 56.93 20.64
CA LYS B 284 -4.53 57.18 19.50
C LYS B 284 -3.81 57.93 18.39
N TYR B 285 -3.00 58.93 18.76
CA TYR B 285 -2.36 59.77 17.75
C TYR B 285 -1.27 59.01 17.00
N TYR B 286 -0.46 58.23 17.72
CA TYR B 286 0.66 57.53 17.10
C TYR B 286 0.31 56.12 16.65
N GLY B 287 -0.93 55.69 16.82
CA GLY B 287 -1.32 54.36 16.37
C GLY B 287 -0.63 53.23 17.10
N LEU B 288 -0.55 53.31 18.43
CA LEU B 288 0.07 52.28 19.24
C LEU B 288 -0.93 51.76 20.27
N GLU B 289 -0.68 50.56 20.75
CA GLU B 289 -1.48 50.02 21.84
C GLU B 289 -1.00 50.61 23.17
N LEU B 290 -1.77 50.33 24.23
CA LEU B 290 -1.43 50.87 25.53
C LEU B 290 -0.09 50.32 26.02
N SER B 291 0.14 49.02 25.83
CA SER B 291 1.41 48.43 26.25
C SER B 291 2.58 49.02 25.49
N GLU B 292 2.41 49.22 24.18
CA GLU B 292 3.49 49.80 23.38
C GLU B 292 3.82 51.21 23.85
N VAL B 293 2.80 52.00 24.18
CA VAL B 293 3.05 53.34 24.70
C VAL B 293 3.75 53.26 26.05
N GLN B 294 3.28 52.38 26.94
CA GLN B 294 3.92 52.23 28.24
C GLN B 294 5.37 51.80 28.13
N LYS B 295 5.74 51.13 27.04
CA LYS B 295 7.15 50.82 26.81
C LYS B 295 7.99 52.08 26.78
N TYR B 296 7.43 53.19 26.31
CA TYR B 296 8.15 54.46 26.23
C TYR B 296 8.02 55.27 27.52
N LEU B 297 6.81 55.44 28.02
CA LEU B 297 6.55 56.34 29.13
C LEU B 297 6.41 55.62 30.47
N GLY B 298 5.93 54.39 30.47
CA GLY B 298 5.71 53.70 31.73
C GLY B 298 4.38 54.04 32.35
N MET B 299 4.36 54.27 33.66
CA MET B 299 3.14 54.56 34.40
C MET B 299 3.11 56.04 34.73
N LEU B 300 1.97 56.69 34.46
CA LEU B 300 1.81 58.10 34.78
C LEU B 300 1.33 58.26 36.21
N GLN B 301 2.13 58.90 37.04
CA GLN B 301 1.81 59.03 38.46
C GLN B 301 0.83 60.19 38.65
N ASN B 302 -0.33 59.91 39.25
CA ASN B 302 -1.32 60.95 39.50
C ASN B 302 -2.00 60.80 40.86
N GLY B 303 -1.37 60.13 41.83
CA GLY B 303 -1.98 59.93 43.12
C GLY B 303 -2.94 58.76 43.15
N TYR B 304 -2.43 57.58 42.82
CA TYR B 304 -3.21 56.35 42.85
C TYR B 304 -3.33 55.82 44.27
N SER B 305 -3.74 54.57 44.41
CA SER B 305 -3.86 53.93 45.71
C SER B 305 -2.51 53.90 46.42
N ASP B 306 -2.53 53.46 47.68
CA ASP B 306 -1.37 53.61 48.55
C ASP B 306 -0.15 52.87 48.01
N SER B 307 -0.31 51.61 47.58
CA SER B 307 0.86 50.92 47.07
C SER B 307 0.94 50.97 45.55
N THR B 308 0.08 50.19 44.88
CA THR B 308 -0.17 50.29 43.44
C THR B 308 1.08 50.08 42.60
N SER B 309 2.24 49.93 43.25
CA SER B 309 3.54 50.01 42.57
C SER B 309 3.67 51.34 41.83
N ALA B 310 4.81 51.59 41.18
CA ALA B 310 4.92 52.77 40.34
C ALA B 310 5.74 52.55 39.08
N TYR B 311 6.13 51.32 38.75
CA TYR B 311 7.09 51.07 37.69
C TYR B 311 6.58 49.94 36.80
N VAL B 312 6.54 50.18 35.49
CA VAL B 312 6.12 49.15 34.55
C VAL B 312 7.06 48.97 33.34
N ASP B 313 8.37 49.15 33.49
CA ASP B 313 9.32 49.30 34.60
C ASP B 313 9.86 50.72 34.70
N ASN B 314 9.14 51.68 34.12
CA ASN B 314 9.49 53.09 34.20
C ASN B 314 8.41 53.85 34.94
N ILE B 315 8.74 55.07 35.35
CA ILE B 315 7.76 55.99 35.92
C ILE B 315 7.98 57.33 35.25
N SER B 316 6.88 58.03 34.94
CA SER B 316 7.01 59.33 34.29
C SER B 316 5.74 60.12 34.54
N THR B 317 5.90 61.40 34.87
CA THR B 317 4.74 62.26 35.05
C THR B 317 5.19 63.71 35.11
N GLY B 318 4.20 64.61 35.07
CA GLY B 318 4.44 66.03 35.06
C GLY B 318 4.03 66.66 36.37
N LEU B 319 4.77 67.70 36.76
CA LEU B 319 4.49 68.45 37.97
C LEU B 319 4.83 69.91 37.73
N VAL B 320 4.23 70.79 38.54
CA VAL B 320 4.45 72.21 38.43
C VAL B 320 5.74 72.58 39.17
N VAL B 321 6.65 73.26 38.47
CA VAL B 321 7.90 73.66 39.09
C VAL B 321 7.62 74.69 40.18
N ASN B 322 8.46 74.69 41.22
CA ASN B 322 8.34 75.68 42.27
C ASN B 322 8.88 77.04 41.87
N ASN B 323 9.72 77.11 40.84
CA ASN B 323 10.30 78.39 40.43
C ASN B 323 9.23 79.32 39.85
N GLU B 324 8.37 78.79 38.99
CA GLU B 324 7.34 79.60 38.34
C GLU B 324 6.15 78.70 38.05
N SER B 325 5.27 79.15 37.16
CA SER B 325 4.01 78.46 36.89
C SER B 325 4.07 77.62 35.62
N LYS B 326 5.22 77.03 35.31
CA LYS B 326 5.37 76.16 34.16
C LYS B 326 5.46 74.71 34.62
N LEU B 327 4.83 73.81 33.85
CA LEU B 327 4.79 72.40 34.17
C LEU B 327 5.96 71.70 33.49
N GLU B 328 6.75 70.98 34.27
CA GLU B 328 7.80 70.12 33.73
C GLU B 328 7.37 68.67 33.81
N ALA B 329 8.08 67.82 33.07
CA ALA B 329 7.81 66.39 33.06
C ALA B 329 9.11 65.65 33.32
N TYR B 330 9.03 64.62 34.17
CA TYR B 330 10.19 63.85 34.56
C TYR B 330 9.93 62.37 34.33
N LYS B 331 11.01 61.63 34.10
CA LYS B 331 10.97 60.21 33.85
C LYS B 331 12.13 59.54 34.54
N ILE B 332 11.84 58.47 35.28
CA ILE B 332 12.81 57.70 36.04
C ILE B 332 12.72 56.25 35.60
N THR B 333 13.88 55.63 35.38
CA THR B 333 13.97 54.22 35.01
C THR B 333 14.82 53.49 36.02
N ARG B 334 14.41 52.25 36.33
CA ARG B 334 15.03 51.45 37.37
C ARG B 334 15.50 50.12 36.81
N VAL B 335 16.68 49.69 37.23
CA VAL B 335 17.24 48.39 36.87
C VAL B 335 17.46 47.61 38.15
N LYS B 336 16.76 46.49 38.30
CA LYS B 336 16.86 45.68 39.50
C LYS B 336 18.24 45.05 39.61
N THR B 337 18.68 44.80 40.85
CA THR B 337 20.00 44.25 41.07
C THR B 337 20.10 43.62 42.45
N ASP B 338 21.09 42.74 42.58
CA ASP B 338 21.44 42.01 43.81
C ASP B 338 20.21 41.41 44.49
N ASP B 339 19.60 40.45 43.81
CA ASP B 339 18.55 39.60 44.36
C ASP B 339 17.31 40.41 44.75
N TYR B 340 16.77 41.12 43.76
CA TYR B 340 15.56 41.89 43.98
C TYR B 340 14.33 40.99 44.05
N ASP B 341 14.34 39.87 43.32
CA ASP B 341 13.16 39.01 43.27
C ASP B 341 12.82 38.45 44.63
N LYS B 342 13.81 37.88 45.32
CA LYS B 342 13.61 37.48 46.71
C LYS B 342 13.53 38.74 47.57
N ASN B 343 12.55 38.77 48.48
CA ASN B 343 12.23 39.95 49.26
C ASN B 343 11.80 41.11 48.38
N ILE B 344 11.28 42.16 49.00
CA ILE B 344 10.90 43.40 48.30
C ILE B 344 9.81 43.14 47.27
N ASN B 345 8.55 43.35 47.65
CA ASN B 345 7.47 43.28 46.68
C ASN B 345 7.64 44.35 45.60
N TYR B 346 7.97 45.57 46.00
CA TYR B 346 8.29 46.62 45.06
C TYR B 346 9.24 47.61 45.74
N PHE B 347 9.90 48.41 44.91
CA PHE B 347 10.89 49.36 45.42
C PHE B 347 10.89 50.57 44.48
N ASP B 348 10.21 51.64 44.89
CA ASP B 348 9.97 52.77 44.03
C ASP B 348 10.68 54.01 44.56
N LEU B 349 11.31 54.76 43.65
CA LEU B 349 11.89 56.06 43.96
C LEU B 349 10.93 57.13 43.47
N MET B 350 10.50 58.01 44.37
CA MET B 350 9.48 58.99 44.08
C MET B 350 10.09 60.39 44.14
N TYR B 351 9.64 61.25 43.22
CA TYR B 351 10.17 62.60 43.04
C TYR B 351 9.09 63.62 43.37
N GLU B 352 9.51 64.79 43.85
CA GLU B 352 8.56 65.81 44.26
C GLU B 352 8.91 67.22 43.83
N GLY B 353 9.99 67.43 43.07
CA GLY B 353 10.29 68.75 42.55
C GLY B 353 11.70 69.22 42.82
N ASN B 354 12.23 68.92 43.99
CA ASN B 354 13.63 69.21 44.30
C ASN B 354 14.27 68.11 45.14
N ASN B 355 13.55 67.05 45.47
CA ASN B 355 14.00 66.05 46.42
C ASN B 355 13.23 64.76 46.15
N GLN B 356 13.77 63.65 46.64
CA GLN B 356 13.22 62.33 46.36
C GLN B 356 13.09 61.54 47.65
N PHE B 357 12.15 60.59 47.65
CA PHE B 357 11.98 59.67 48.76
C PHE B 357 11.73 58.27 48.21
N PHE B 358 11.50 57.33 49.11
CA PHE B 358 11.41 55.92 48.76
C PHE B 358 10.08 55.33 49.21
N ILE B 359 9.61 54.34 48.47
CA ILE B 359 8.42 53.57 48.82
C ILE B 359 8.78 52.09 48.68
N ARG B 360 8.44 51.30 49.70
CA ARG B 360 8.92 49.93 49.75
C ARG B 360 7.93 49.02 50.45
N ALA B 361 7.77 47.82 49.91
CA ALA B 361 7.02 46.73 50.53
C ALA B 361 7.98 45.58 50.80
N ASN B 362 7.45 44.45 51.26
CA ASN B 362 8.32 43.38 51.72
C ASN B 362 7.68 42.02 51.48
N PHE B 363 8.52 40.99 51.49
CA PHE B 363 8.09 39.60 51.41
C PHE B 363 8.03 38.94 52.78
N LYS B 364 9.10 39.09 53.57
CA LYS B 364 9.23 38.43 54.86
C LYS B 364 9.23 39.47 55.97
N VAL B 365 8.50 39.18 57.04
CA VAL B 365 8.37 40.12 58.15
C VAL B 365 9.60 40.07 59.03
N SER B 366 10.11 41.24 59.39
CA SER B 366 11.22 41.37 60.32
C SER B 366 10.90 42.47 61.33
N ARG B 367 11.54 42.40 62.49
CA ARG B 367 11.23 43.30 63.59
C ARG B 367 12.07 44.58 63.55
N GLU B 368 13.26 44.53 62.97
CA GLU B 368 14.21 45.65 63.00
C GLU B 368 13.93 46.63 61.88
N PHE B 369 14.77 47.66 61.82
CA PHE B 369 14.62 48.76 60.87
C PHE B 369 15.41 48.45 59.60
N GLY B 370 15.57 49.46 58.74
CA GLY B 370 16.40 49.31 57.56
C GLY B 370 17.12 50.60 57.25
N ALA B 371 18.25 50.46 56.56
CA ALA B 371 19.07 51.60 56.16
C ALA B 371 19.30 51.53 54.66
N THR B 372 18.92 52.59 53.96
CA THR B 372 19.18 52.70 52.53
C THR B 372 20.51 53.38 52.33
N LEU B 373 21.47 52.65 51.77
CA LEU B 373 22.82 53.13 51.52
C LEU B 373 23.00 53.38 50.03
N ARG B 374 24.18 53.89 49.66
CA ARG B 374 24.48 54.17 48.26
C ARG B 374 25.66 53.36 47.75
N LYS B 375 26.77 53.33 48.48
CA LYS B 375 27.94 52.56 48.10
C LYS B 375 28.04 51.30 48.95
N ASN B 376 29.12 50.54 48.72
CA ASN B 376 29.32 49.25 49.38
C ASN B 376 29.71 49.50 50.84
N ALA B 377 28.72 49.89 51.64
CA ALA B 377 28.88 50.08 53.08
C ALA B 377 30.02 51.05 53.39
N GLY B 378 30.12 52.10 52.58
CA GLY B 378 31.12 53.12 52.82
C GLY B 378 30.82 53.92 54.06
N PRO B 379 31.83 54.59 54.60
CA PRO B 379 31.58 55.44 55.79
C PRO B 379 30.56 56.52 55.55
N SER B 380 30.47 57.05 54.33
CA SER B 380 29.51 58.09 53.98
C SER B 380 28.43 57.59 53.03
N GLY B 381 28.23 56.28 52.95
CA GLY B 381 27.23 55.72 52.06
C GLY B 381 25.81 55.84 52.54
N ILE B 382 25.59 56.25 53.78
CA ILE B 382 24.25 56.36 54.32
C ILE B 382 23.51 57.47 53.59
N VAL B 383 22.38 57.13 52.99
CA VAL B 383 21.55 58.13 52.30
C VAL B 383 20.14 58.19 52.84
N GLY B 384 19.68 57.19 53.59
CA GLY B 384 18.37 57.29 54.20
C GLY B 384 18.13 56.12 55.13
N SER B 385 17.01 56.20 55.86
CA SER B 385 16.65 55.16 56.80
C SER B 385 15.15 54.94 56.80
N LEU B 386 14.75 53.66 56.82
CA LEU B 386 13.36 53.26 56.97
C LEU B 386 13.15 52.78 58.40
N SER B 387 12.26 53.45 59.12
CA SER B 387 11.99 53.11 60.51
C SER B 387 11.07 51.89 60.59
N GLY B 388 11.38 51.00 61.52
CA GLY B 388 10.62 49.78 61.67
C GLY B 388 9.38 49.99 62.50
N PRO B 389 8.67 48.88 62.78
CA PRO B 389 8.99 47.50 62.38
C PRO B 389 8.58 47.24 60.93
N LEU B 390 9.27 46.32 60.26
CA LEU B 390 9.04 46.07 58.83
C LEU B 390 8.17 44.82 58.69
N ILE B 391 6.87 45.03 58.64
CA ILE B 391 5.93 43.96 58.40
C ILE B 391 5.71 43.84 56.90
N ALA B 392 5.47 42.62 56.43
CA ALA B 392 5.35 42.37 55.00
C ALA B 392 4.06 42.96 54.45
N ASN B 393 4.08 43.26 53.15
CA ASN B 393 2.92 43.76 52.42
C ASN B 393 2.39 45.05 53.06
N THR B 394 3.28 45.99 53.31
CA THR B 394 2.91 47.28 53.88
C THR B 394 3.77 48.38 53.28
N ASN B 395 3.16 49.53 53.04
CA ASN B 395 3.86 50.66 52.45
C ASN B 395 4.75 51.35 53.47
N PHE B 396 5.83 51.96 53.00
CA PHE B 396 6.76 52.66 53.86
C PHE B 396 7.40 53.80 53.08
N LYS B 397 7.74 54.87 53.79
CA LYS B 397 8.40 56.04 53.21
C LYS B 397 9.74 56.25 53.91
N SER B 398 10.73 56.78 53.16
CA SER B 398 12.09 56.91 53.67
C SER B 398 12.60 58.33 53.53
N ASN B 399 12.20 59.18 54.48
CA ASN B 399 12.95 60.33 54.97
C ASN B 399 13.81 61.10 53.96
N TYR B 400 13.28 61.41 52.78
CA TYR B 400 13.81 62.44 51.90
C TYR B 400 15.33 62.36 51.74
N LEU B 401 15.78 61.31 51.05
CA LEU B 401 17.21 61.07 50.87
C LEU B 401 17.94 62.35 50.47
N SER B 402 19.11 62.55 51.05
CA SER B 402 19.82 63.81 50.87
C SER B 402 21.27 63.65 50.43
N ASN B 403 21.98 62.64 50.92
CA ASN B 403 23.42 62.52 50.67
C ASN B 403 23.66 61.97 49.27
N ILE B 404 23.32 62.79 48.28
CA ILE B 404 23.55 62.45 46.88
C ILE B 404 23.50 63.75 46.07
N SER B 405 24.22 63.75 44.95
CA SER B 405 24.34 64.94 44.12
C SER B 405 23.48 64.83 42.86
N ASP B 406 23.30 65.97 42.19
CA ASP B 406 22.50 65.99 40.98
C ASP B 406 23.21 65.29 39.83
N SER B 407 24.53 65.41 39.76
CA SER B 407 25.28 64.78 38.67
C SER B 407 25.14 63.27 38.73
N GLU B 408 25.20 62.69 39.93
CA GLU B 408 25.06 61.25 40.06
C GLU B 408 23.62 60.78 40.00
N TYR B 409 22.65 61.69 39.99
CA TYR B 409 21.27 61.29 39.78
C TYR B 409 21.06 60.70 38.40
N LYS B 410 21.93 61.03 37.45
CA LYS B 410 21.95 60.37 36.16
C LYS B 410 22.85 59.15 36.26
N ASN B 411 22.32 58.00 35.84
CA ASN B 411 22.99 56.71 35.90
C ASN B 411 23.72 56.52 37.23
N GLY B 412 22.95 56.55 38.31
CA GLY B 412 23.51 56.38 39.64
C GLY B 412 22.65 55.56 40.57
N VAL B 413 23.24 54.56 41.22
CA VAL B 413 22.51 53.70 42.14
C VAL B 413 22.01 54.54 43.30
N LYS B 414 20.83 54.18 43.83
CA LYS B 414 20.22 54.90 44.94
C LYS B 414 19.86 54.00 46.10
N ILE B 415 20.38 52.78 46.15
CA ILE B 415 19.99 51.87 47.23
C ILE B 415 21.02 50.78 47.48
N TYR B 416 21.33 50.56 48.75
CA TYR B 416 22.01 49.36 49.24
C TYR B 416 21.23 48.96 50.49
N ALA B 417 20.18 48.15 50.30
CA ALA B 417 19.19 47.94 51.36
C ALA B 417 19.76 47.12 52.51
N TYR B 418 20.42 47.78 53.45
CA TYR B 418 20.99 47.14 54.63
C TYR B 418 19.84 46.92 55.60
N ARG B 419 19.28 45.73 55.59
CA ARG B 419 18.17 45.37 56.47
C ARG B 419 18.68 44.48 57.60
N TYR B 420 18.28 44.81 58.82
CA TYR B 420 18.73 44.10 60.01
C TYR B 420 17.83 42.89 60.23
N THR B 421 18.41 41.69 60.09
CA THR B 421 17.71 40.48 60.48
C THR B 421 17.72 40.31 62.00
N SER B 422 18.83 40.65 62.63
CA SER B 422 18.96 40.64 64.08
C SER B 422 19.26 42.06 64.56
N SER B 423 19.50 42.20 65.87
CA SER B 423 19.81 43.51 66.41
C SER B 423 21.16 44.02 65.92
N THR B 424 22.06 43.11 65.51
CA THR B 424 23.37 43.50 65.01
C THR B 424 23.74 42.87 63.67
N SER B 425 22.96 41.92 63.16
CA SER B 425 23.25 41.28 61.88
C SER B 425 22.32 41.82 60.82
N ALA B 426 22.89 42.26 59.69
CA ALA B 426 22.11 42.81 58.60
C ALA B 426 22.69 42.35 57.28
N THR B 427 21.90 42.53 56.22
CA THR B 427 22.31 42.09 54.90
C THR B 427 21.65 42.95 53.83
N ASN B 428 22.18 42.84 52.62
CA ASN B 428 21.64 43.52 51.46
C ASN B 428 20.54 42.66 50.83
N GLN B 429 19.30 43.13 50.91
CA GLN B 429 18.14 42.35 50.50
C GLN B 429 17.69 42.66 49.08
N GLY B 430 18.39 43.54 48.37
CA GLY B 430 18.00 43.88 47.01
C GLY B 430 18.05 45.36 46.72
N GLY B 431 18.23 45.73 45.46
CA GLY B 431 18.30 47.14 45.14
C GLY B 431 18.06 47.39 43.67
N GLY B 432 18.33 48.62 43.26
CA GLY B 432 18.16 49.01 41.88
C GLY B 432 18.96 50.25 41.55
N ILE B 433 19.39 50.33 40.30
CA ILE B 433 20.05 51.51 39.77
C ILE B 433 19.00 52.39 39.11
N PHE B 434 18.98 53.67 39.49
CA PHE B 434 17.95 54.59 39.03
C PHE B 434 18.56 55.68 38.17
N THR B 435 17.88 56.00 37.07
CA THR B 435 18.27 57.09 36.18
C THR B 435 17.10 58.04 36.03
N PHE B 436 17.36 59.33 36.20
CA PHE B 436 16.33 60.35 36.27
C PHE B 436 16.59 61.45 35.25
N GLU B 437 15.54 61.84 34.51
CA GLU B 437 15.61 62.95 33.58
C GLU B 437 14.37 63.84 33.76
N SER B 438 14.53 65.11 33.43
CA SER B 438 13.44 66.07 33.58
C SER B 438 13.59 67.19 32.57
N TYR B 439 12.50 67.53 31.89
CA TYR B 439 12.51 68.56 30.87
C TYR B 439 11.20 69.33 30.94
N PRO B 440 11.18 70.57 30.45
CA PRO B 440 9.91 71.27 30.26
C PRO B 440 9.02 70.52 29.28
N LEU B 441 7.72 70.77 29.38
CA LEU B 441 6.74 69.91 28.71
C LEU B 441 6.94 69.88 27.21
N THR B 442 7.17 71.05 26.59
CA THR B 442 7.31 71.09 25.14
C THR B 442 8.54 70.31 24.67
N ILE B 443 9.68 70.49 25.35
CA ILE B 443 10.88 69.77 24.96
C ILE B 443 10.70 68.27 25.16
N PHE B 444 10.03 67.89 26.25
CA PHE B 444 9.75 66.48 26.48
C PHE B 444 8.90 65.90 25.36
N ALA B 445 7.87 66.63 24.94
CA ALA B 445 7.03 66.15 23.85
C ALA B 445 7.82 66.02 22.56
N LEU B 446 8.69 66.99 22.26
CA LEU B 446 9.48 66.91 21.04
C LEU B 446 10.42 65.70 21.06
N LYS B 447 11.09 65.47 22.18
CA LYS B 447 11.99 64.32 22.27
C LYS B 447 11.22 63.01 22.16
N LEU B 448 10.04 62.95 22.79
CA LEU B 448 9.21 61.76 22.66
C LEU B 448 8.79 61.52 21.22
N ASN B 449 8.44 62.60 20.51
CA ASN B 449 8.07 62.47 19.10
C ASN B 449 9.23 61.92 18.29
N LYS B 450 10.44 62.47 18.50
CA LYS B 450 11.60 61.98 17.78
C LYS B 450 11.82 60.49 18.03
N ALA B 451 11.80 60.09 19.31
CA ALA B 451 12.07 58.70 19.64
C ALA B 451 11.02 57.77 19.04
N ILE B 452 9.74 58.15 19.13
CA ILE B 452 8.69 57.30 18.60
C ILE B 452 8.80 57.14 17.10
N ARG B 453 9.07 58.25 16.39
CA ARG B 453 9.21 58.16 14.94
C ARG B 453 10.38 57.26 14.56
N LEU B 454 11.52 57.43 15.23
CA LEU B 454 12.69 56.62 14.90
C LEU B 454 12.43 55.14 15.17
N CYS B 455 11.83 54.82 16.31
CA CYS B 455 11.57 53.42 16.64
C CYS B 455 10.56 52.81 15.68
N LEU B 456 9.53 53.58 15.30
CA LEU B 456 8.56 53.05 14.35
C LEU B 456 9.19 52.79 12.99
N THR B 457 10.03 53.70 12.52
CA THR B 457 10.58 53.54 11.17
C THR B 457 11.78 52.62 11.11
N SER B 458 12.38 52.26 12.24
CA SER B 458 13.56 51.40 12.23
C SER B 458 13.31 49.99 12.74
N GLY B 459 12.32 49.79 13.60
CA GLY B 459 12.06 48.49 14.17
C GLY B 459 12.78 48.21 15.48
N LEU B 460 13.62 49.12 15.94
CA LEU B 460 14.32 48.92 17.21
C LEU B 460 13.38 49.06 18.39
N SER B 461 13.67 48.32 19.45
CA SER B 461 12.94 48.48 20.70
C SER B 461 13.31 49.80 21.36
N PRO B 462 12.40 50.38 22.14
CA PRO B 462 12.72 51.68 22.77
C PRO B 462 13.96 51.64 23.65
N ASN B 463 14.16 50.54 24.38
CA ASN B 463 15.34 50.44 25.23
C ASN B 463 16.62 50.36 24.39
N GLU B 464 16.55 49.69 23.25
CA GLU B 464 17.71 49.60 22.38
C GLU B 464 18.13 50.98 21.87
N LEU B 465 17.15 51.80 21.45
CA LEU B 465 17.48 53.16 21.05
C LEU B 465 17.99 53.96 22.24
N GLN B 466 17.41 53.74 23.41
CA GLN B 466 17.83 54.48 24.59
C GLN B 466 19.30 54.21 24.91
N THR B 467 19.70 52.94 24.86
CA THR B 467 21.09 52.62 25.15
C THR B 467 22.01 52.95 23.99
N ILE B 468 21.50 53.03 22.76
CA ILE B 468 22.32 53.49 21.65
C ILE B 468 22.66 54.95 21.83
N VAL B 469 21.67 55.77 22.20
CA VAL B 469 21.93 57.20 22.35
C VAL B 469 22.61 57.53 23.67
N ARG B 470 22.47 56.67 24.68
CA ARG B 470 23.13 56.95 25.96
C ARG B 470 24.62 56.70 25.88
N SER B 471 25.04 55.77 25.04
CA SER B 471 26.46 55.42 24.90
C SER B 471 27.20 56.33 23.93
N ASP B 472 26.51 57.29 23.32
CA ASP B 472 27.14 58.20 22.37
C ASP B 472 27.43 59.58 22.94
N ASN B 473 26.53 60.12 23.77
CA ASN B 473 26.74 61.43 24.35
C ASN B 473 25.98 61.52 25.67
N ALA B 474 26.37 62.47 26.50
CA ALA B 474 25.77 62.60 27.82
C ALA B 474 24.36 63.19 27.73
N GLN B 475 24.17 64.20 26.89
CA GLN B 475 22.89 64.89 26.81
C GLN B 475 21.78 64.04 26.21
N GLY B 476 22.12 62.90 25.60
CA GLY B 476 21.10 62.05 25.02
C GLY B 476 20.36 62.67 23.86
N ILE B 477 21.08 63.32 22.95
CA ILE B 477 20.48 63.89 21.76
C ILE B 477 20.74 62.97 20.59
N ILE B 478 20.03 63.21 19.48
CA ILE B 478 20.14 62.40 18.28
C ILE B 478 20.85 63.22 17.21
N ASN B 479 21.86 62.63 16.59
CA ASN B 479 22.64 63.31 15.57
C ASN B 479 23.09 62.27 14.55
N ASP B 480 24.10 62.63 13.74
CA ASP B 480 24.57 61.73 12.70
C ASP B 480 25.15 60.45 13.27
N SER B 481 25.85 60.55 14.40
CA SER B 481 26.49 59.37 14.98
C SER B 481 25.47 58.33 15.39
N VAL B 482 24.35 58.76 15.97
CA VAL B 482 23.31 57.83 16.38
C VAL B 482 22.73 57.11 15.17
N LEU B 483 22.45 57.85 14.10
CA LEU B 483 21.90 57.23 12.90
C LEU B 483 22.89 56.26 12.28
N THR B 484 24.18 56.62 12.27
CA THR B 484 25.19 55.72 11.76
C THR B 484 25.26 54.43 12.57
N LYS B 485 25.19 54.56 13.90
CA LYS B 485 25.20 53.38 14.76
C LYS B 485 23.98 52.51 14.51
N VAL B 486 22.82 53.13 14.31
CA VAL B 486 21.61 52.36 14.03
C VAL B 486 21.75 51.61 12.71
N PHE B 487 22.28 52.28 11.68
CA PHE B 487 22.47 51.61 10.40
C PHE B 487 23.43 50.44 10.54
N TYR B 488 24.52 50.62 11.28
CA TYR B 488 25.48 49.54 11.43
C TYR B 488 24.87 48.38 12.22
N THR B 489 24.04 48.69 13.21
CA THR B 489 23.33 47.64 13.94
C THR B 489 22.47 46.82 12.99
N LEU B 490 21.67 47.49 12.17
CA LEU B 490 20.80 46.78 11.23
C LEU B 490 21.62 45.96 10.23
N PHE B 491 22.69 46.55 9.71
CA PHE B 491 23.51 45.87 8.71
C PHE B 491 24.18 44.62 9.29
N TYR B 492 24.74 44.74 10.49
CA TYR B 492 25.36 43.58 11.12
C TYR B 492 24.34 42.50 11.43
N SER B 493 23.15 42.90 11.90
CA SER B 493 22.11 41.91 12.16
C SER B 493 21.73 41.18 10.88
N HIS B 494 21.63 41.91 9.77
CA HIS B 494 21.29 41.27 8.50
C HIS B 494 22.39 40.34 8.02
N ARG B 495 23.66 40.74 8.21
CA ARG B 495 24.76 40.00 7.61
C ARG B 495 25.17 38.80 8.44
N TYR B 496 25.45 38.99 9.72
CA TYR B 496 25.96 37.94 10.58
C TYR B 496 24.87 37.08 11.21
N ALA B 497 23.60 37.33 10.88
CA ALA B 497 22.47 36.62 11.48
C ALA B 497 22.51 36.73 13.00
N LEU B 498 22.81 37.92 13.50
CA LEU B 498 22.91 38.18 14.92
C LEU B 498 21.63 38.79 15.46
N SER B 499 21.40 38.58 16.76
CA SER B 499 20.30 39.26 17.42
C SER B 499 20.58 40.75 17.50
N PHE B 500 19.54 41.52 17.80
CA PHE B 500 19.68 42.97 17.83
C PHE B 500 20.62 43.40 18.93
N ASP B 501 20.59 42.73 20.09
CA ASP B 501 21.48 43.08 21.17
C ASP B 501 22.94 42.82 20.80
N ASP B 502 23.21 41.69 20.15
CA ASP B 502 24.59 41.38 19.78
C ASP B 502 25.13 42.38 18.76
N ALA B 503 24.34 42.71 17.75
CA ALA B 503 24.78 43.71 16.78
C ALA B 503 24.95 45.07 17.43
N GLN B 504 24.06 45.41 18.36
CA GLN B 504 24.19 46.65 19.11
C GLN B 504 25.52 46.71 19.84
N VAL B 505 25.91 45.60 20.47
CA VAL B 505 27.22 45.54 21.12
C VAL B 505 28.32 45.67 20.09
N LEU B 506 28.14 45.06 18.92
CA LEU B 506 29.17 45.07 17.89
C LEU B 506 29.47 46.49 17.43
N ASN B 507 28.44 47.31 17.25
CA ASN B 507 28.66 48.65 16.71
C ASN B 507 29.46 49.54 17.66
N GLY B 508 29.47 49.23 18.95
CA GLY B 508 30.26 50.02 19.88
C GLY B 508 29.53 50.37 21.16
N SER B 509 28.28 49.95 21.28
CA SER B 509 27.49 50.24 22.46
C SER B 509 27.85 49.26 23.58
N VAL B 510 27.40 49.60 24.80
CA VAL B 510 27.63 48.77 25.97
C VAL B 510 26.55 47.70 26.05
N ILE B 511 26.76 46.70 26.90
CA ILE B 511 25.79 45.62 27.06
C ILE B 511 24.53 46.17 27.72
N ASN B 512 23.38 45.86 27.14
CA ASN B 512 22.12 46.36 27.66
C ASN B 512 21.75 45.64 28.95
N GLN B 513 21.32 46.40 29.95
CA GLN B 513 20.91 45.84 31.22
C GLN B 513 19.44 46.08 31.57
N TYR B 514 18.73 46.92 30.81
CA TYR B 514 17.35 47.22 31.12
C TYR B 514 16.46 46.00 30.91
N ALA B 515 15.51 45.81 31.82
CA ALA B 515 14.58 44.70 31.78
C ALA B 515 13.19 45.19 31.37
N ASP B 516 12.43 44.29 30.74
CA ASP B 516 11.14 44.63 30.17
C ASP B 516 9.97 44.21 31.07
N ASP B 517 10.24 43.84 32.32
CA ASP B 517 9.26 43.38 33.30
C ASP B 517 8.63 42.04 32.94
N ASP B 518 8.93 41.49 31.77
CA ASP B 518 8.49 40.16 31.41
C ASP B 518 9.57 39.36 30.70
N SER B 519 10.78 39.90 30.56
CA SER B 519 11.87 39.20 29.89
C SER B 519 13.13 39.27 30.75
N VAL B 520 14.26 38.84 30.20
CA VAL B 520 15.53 38.82 30.90
C VAL B 520 16.49 39.76 30.19
N SER B 521 17.20 40.56 30.97
CA SER B 521 18.15 41.50 30.39
C SER B 521 19.29 40.75 29.70
N HIS B 522 19.91 41.42 28.73
CA HIS B 522 21.00 40.79 27.99
C HIS B 522 22.16 40.45 28.91
N PHE B 523 22.49 41.34 29.85
CA PHE B 523 23.57 41.07 30.78
C PHE B 523 23.28 39.83 31.61
N ASN B 524 22.06 39.71 32.14
CA ASN B 524 21.71 38.55 32.93
C ASN B 524 21.68 37.30 32.08
N ARG B 525 21.24 37.40 30.82
CA ARG B 525 21.26 36.26 29.93
C ARG B 525 22.69 35.78 29.70
N LEU B 526 23.63 36.71 29.57
CA LEU B 526 25.02 36.32 29.35
C LEU B 526 25.62 35.70 30.59
N PHE B 527 25.44 36.31 31.75
CA PHE B 527 26.24 35.96 32.92
C PHE B 527 25.47 35.27 34.04
N ASN B 528 24.14 35.30 34.04
CA ASN B 528 23.37 34.84 35.19
C ASN B 528 22.26 33.89 34.78
N THR B 529 22.57 32.94 33.92
CA THR B 529 21.60 31.94 33.45
C THR B 529 22.30 30.61 33.24
N PRO B 530 22.41 29.79 34.29
CA PRO B 530 22.04 30.07 35.68
C PRO B 530 23.24 30.60 36.45
N PRO B 531 23.02 31.26 37.58
CA PRO B 531 24.15 31.74 38.38
C PRO B 531 24.97 30.58 38.93
N LEU B 532 26.27 30.82 39.11
CA LEU B 532 27.14 29.79 39.66
C LEU B 532 26.69 29.41 41.05
N LYS B 533 26.83 30.34 41.99
CA LYS B 533 26.16 30.26 43.29
C LYS B 533 25.59 31.59 43.75
N GLY B 534 26.13 32.72 43.29
CA GLY B 534 25.61 34.03 43.64
C GLY B 534 25.38 34.86 42.39
N LYS B 535 25.24 36.17 42.55
CA LYS B 535 24.90 37.06 41.45
C LYS B 535 26.10 37.95 41.15
N ILE B 536 26.58 37.90 39.91
CA ILE B 536 27.60 38.82 39.46
C ILE B 536 26.91 40.03 38.85
N PHE B 537 27.29 41.22 39.30
CA PHE B 537 26.75 42.45 38.78
C PHE B 537 27.88 43.45 38.61
N GLU B 538 27.74 44.32 37.61
CA GLU B 538 28.78 45.29 37.30
C GLU B 538 29.00 46.29 38.43
N ALA B 539 28.01 46.50 39.29
CA ALA B 539 28.06 47.59 40.27
C ALA B 539 29.04 47.25 41.40
N ASP B 540 30.28 47.00 41.00
CA ASP B 540 31.36 46.77 41.94
C ASP B 540 32.44 47.84 41.83
N GLY B 541 32.94 48.08 40.63
CA GLY B 541 34.05 49.00 40.46
C GLY B 541 35.35 48.56 41.11
N ASN B 542 35.35 47.40 41.77
CA ASN B 542 36.56 46.91 42.42
C ASN B 542 37.52 46.32 41.39
N THR B 543 38.81 46.42 41.69
CA THR B 543 39.84 45.87 40.83
C THR B 543 39.97 44.37 41.11
N VAL B 544 39.90 43.58 40.06
CA VAL B 544 40.07 42.13 40.15
C VAL B 544 41.24 41.72 39.26
N SER B 545 42.06 40.81 39.75
CA SER B 545 43.23 40.36 39.03
C SER B 545 42.84 39.22 38.08
N ILE B 546 43.29 39.31 36.83
CA ILE B 546 43.04 38.28 35.85
C ILE B 546 44.32 37.56 35.47
N ASP B 547 45.32 37.61 36.33
CA ASP B 547 46.58 36.92 36.06
C ASP B 547 46.36 35.41 36.13
N PRO B 548 46.67 34.65 35.08
CA PRO B 548 46.45 33.21 35.13
C PRO B 548 47.24 32.52 36.22
N ASP B 549 48.43 33.00 36.53
CA ASP B 549 49.30 32.38 37.53
C ASP B 549 48.96 32.81 38.95
N GLU B 550 47.76 33.34 39.18
CA GLU B 550 47.37 33.82 40.50
C GLU B 550 46.69 32.71 41.28
N GLU B 551 47.16 32.48 42.51
CA GLU B 551 46.50 31.55 43.41
C GLU B 551 45.19 32.14 43.90
N GLN B 552 44.29 31.26 44.35
CA GLN B 552 42.99 31.61 44.92
C GLN B 552 42.26 32.66 44.07
N SER B 553 41.92 32.23 42.85
CA SER B 553 41.25 33.10 41.89
C SER B 553 39.91 33.58 42.44
N THR B 554 39.59 34.83 42.14
CA THR B 554 38.37 35.48 42.61
C THR B 554 37.17 34.92 41.87
N PHE B 555 36.03 34.85 42.56
CA PHE B 555 34.81 34.35 41.95
C PHE B 555 34.40 35.18 40.74
N ALA B 556 34.69 36.49 40.75
CA ALA B 556 34.32 37.34 39.64
C ALA B 556 35.03 36.91 38.36
N ARG B 557 36.31 36.55 38.46
CA ARG B 557 37.03 36.09 37.28
C ARG B 557 36.42 34.83 36.71
N SER B 558 36.02 33.89 37.57
CA SER B 558 35.40 32.66 37.10
C SER B 558 34.07 32.95 36.42
N ALA B 559 33.27 33.85 37.01
CA ALA B 559 31.99 34.20 36.39
C ALA B 559 32.19 34.83 35.02
N LEU B 560 33.18 35.73 34.91
CA LEU B 560 33.47 36.35 33.63
C LEU B 560 33.94 35.31 32.61
N MET B 561 34.78 34.38 33.04
CA MET B 561 35.27 33.35 32.14
C MET B 561 34.12 32.50 31.62
N ARG B 562 33.20 32.11 32.50
CA ARG B 562 32.07 31.30 32.05
C ARG B 562 31.15 32.10 31.15
N GLY B 563 31.00 33.40 31.40
CA GLY B 563 30.16 34.22 30.56
C GLY B 563 30.71 34.37 29.15
N LEU B 564 32.01 34.62 29.04
CA LEU B 564 32.61 34.84 27.72
C LEU B 564 32.97 33.53 27.02
N GLY B 565 32.90 32.40 27.70
CA GLY B 565 33.27 31.13 27.10
C GLY B 565 34.74 30.99 26.75
N VAL B 566 35.63 31.44 27.64
CA VAL B 566 37.07 31.31 27.46
C VAL B 566 37.68 30.85 28.77
N ASN B 567 38.91 30.35 28.68
CA ASN B 567 39.66 29.95 29.86
C ASN B 567 40.49 31.14 30.36
N SER B 568 41.34 30.90 31.36
CA SER B 568 42.09 32.00 31.96
C SER B 568 43.05 32.64 30.97
N GLY B 569 43.77 31.82 30.19
CA GLY B 569 44.77 32.37 29.29
C GLY B 569 44.17 33.17 28.16
N GLU B 570 43.05 32.69 27.61
CA GLU B 570 42.37 33.47 26.58
C GLU B 570 41.86 34.79 27.16
N LEU B 571 41.39 34.76 28.41
CA LEU B 571 40.94 35.99 29.05
C LEU B 571 42.12 36.97 29.21
N TYR B 572 43.28 36.46 29.58
CA TYR B 572 44.45 37.32 29.70
C TYR B 572 44.85 37.90 28.35
N GLN B 573 44.79 37.08 27.29
CA GLN B 573 45.10 37.58 25.96
C GLN B 573 44.12 38.67 25.54
N LEU B 574 42.83 38.46 25.82
CA LEU B 574 41.84 39.49 25.49
C LEU B 574 42.10 40.77 26.27
N GLY B 575 42.46 40.64 27.55
CA GLY B 575 42.76 41.82 28.33
C GLY B 575 43.96 42.59 27.80
N LYS B 576 45.02 41.87 27.42
CA LYS B 576 46.18 42.53 26.84
C LYS B 576 45.84 43.18 25.51
N LEU B 577 45.01 42.52 24.70
CA LEU B 577 44.68 43.05 23.38
C LEU B 577 43.81 44.30 23.49
N ALA B 578 42.82 44.28 24.37
CA ALA B 578 41.91 45.42 24.49
C ALA B 578 42.56 46.60 25.19
N GLY B 579 43.64 46.38 25.94
CA GLY B 579 44.32 47.45 26.62
C GLY B 579 43.71 47.87 27.95
N VAL B 580 42.64 47.22 28.39
CA VAL B 580 42.04 47.55 29.68
C VAL B 580 42.88 47.07 30.85
N LEU B 581 43.93 46.27 30.58
CA LEU B 581 44.78 45.77 31.65
C LEU B 581 45.54 46.92 32.30
N ASP B 582 45.82 46.76 33.59
CA ASP B 582 46.58 47.71 34.37
C ASP B 582 47.84 47.05 34.90
N ALA B 583 48.62 47.78 35.68
CA ALA B 583 49.76 47.21 36.35
C ALA B 583 49.31 46.14 37.34
N GLN B 584 50.18 45.15 37.56
CA GLN B 584 49.88 43.97 38.38
C GLN B 584 48.70 43.18 37.84
N ASN B 585 48.33 43.41 36.57
CA ASN B 585 47.32 42.62 35.88
C ASN B 585 45.98 42.63 36.62
N THR B 586 45.41 43.83 36.74
CA THR B 586 44.11 44.01 37.37
C THR B 586 43.23 44.86 36.48
N ILE B 587 41.93 44.57 36.48
CA ILE B 587 40.96 45.32 35.70
C ILE B 587 39.84 45.79 36.62
N THR B 588 39.18 46.86 36.19
CA THR B 588 38.07 47.45 36.94
C THR B 588 36.76 46.92 36.37
N LEU B 589 35.96 46.29 37.23
CA LEU B 589 34.70 45.68 36.80
C LEU B 589 33.66 46.78 36.59
N SER B 590 33.43 47.14 35.33
CA SER B 590 32.40 48.09 34.96
C SER B 590 31.75 47.59 33.67
N VAL B 591 30.72 48.29 33.22
CA VAL B 591 30.06 47.91 31.98
C VAL B 591 31.00 48.09 30.80
N PHE B 592 31.84 49.13 30.84
CA PHE B 592 32.68 49.44 29.70
C PHE B 592 33.70 48.34 29.43
N VAL B 593 34.39 47.89 30.47
CA VAL B 593 35.43 46.89 30.30
C VAL B 593 34.84 45.56 29.85
N ILE B 594 33.77 45.13 30.51
CA ILE B 594 33.12 43.87 30.14
C ILE B 594 32.59 43.95 28.72
N SER B 595 32.04 45.11 28.34
CA SER B 595 31.57 45.30 26.98
C SER B 595 32.71 45.17 25.98
N SER B 596 33.87 45.75 26.30
CA SER B 596 35.01 45.63 25.40
C SER B 596 35.43 44.18 25.22
N LEU B 597 35.53 43.44 26.32
CA LEU B 597 35.93 42.05 26.22
C LEU B 597 34.91 41.23 25.43
N TYR B 598 33.62 41.47 25.67
CA TYR B 598 32.60 40.74 24.93
C TYR B 598 32.61 41.12 23.46
N ARG B 599 32.94 42.38 23.14
CA ARG B 599 33.05 42.78 21.75
C ARG B 599 34.18 42.04 21.06
N LEU B 600 35.32 41.89 21.73
CA LEU B 600 36.41 41.12 21.15
C LEU B 600 36.00 39.67 20.93
N THR B 601 35.30 39.08 21.91
CA THR B 601 34.84 37.71 21.75
C THR B 601 33.87 37.59 20.57
N LEU B 602 32.99 38.57 20.41
CA LEU B 602 32.05 38.54 19.28
C LEU B 602 32.79 38.64 17.96
N LEU B 603 33.78 39.53 17.87
CA LEU B 603 34.57 39.61 16.65
C LEU B 603 35.21 38.28 16.33
N ALA B 604 35.75 37.60 17.35
CA ALA B 604 36.34 36.28 17.12
C ALA B 604 35.29 35.29 16.64
N ARG B 605 34.11 35.29 17.24
CA ARG B 605 33.13 34.25 16.98
C ARG B 605 32.48 34.40 15.61
N VAL B 606 32.12 35.61 15.22
CA VAL B 606 31.33 35.78 14.01
C VAL B 606 32.09 35.41 12.75
N HIS B 607 33.42 35.41 12.80
CA HIS B 607 34.25 35.08 11.64
C HIS B 607 34.85 33.68 11.73
N GLN B 608 34.34 32.85 12.64
CA GLN B 608 34.82 31.48 12.82
C GLN B 608 36.32 31.46 13.13
N LEU B 609 36.74 32.34 14.04
CA LEU B 609 38.12 32.43 14.46
C LEU B 609 38.22 32.21 15.97
N THR B 610 39.25 31.47 16.38
CA THR B 610 39.55 31.35 17.79
C THR B 610 40.25 32.62 18.28
N VAL B 611 40.40 32.73 19.59
CA VAL B 611 41.00 33.94 20.16
C VAL B 611 42.44 34.09 19.70
N ASN B 612 43.21 33.00 19.67
CA ASN B 612 44.59 33.09 19.22
C ASN B 612 44.68 33.52 17.77
N GLU B 613 43.82 32.96 16.92
CA GLU B 613 43.81 33.36 15.51
C GLU B 613 43.44 34.83 15.38
N LEU B 614 42.50 35.30 16.19
CA LEU B 614 42.14 36.71 16.15
C LEU B 614 43.32 37.58 16.55
N CYS B 615 44.06 37.17 17.58
CA CYS B 615 45.23 37.93 17.99
C CYS B 615 46.27 37.98 16.87
N MET B 616 46.49 36.85 16.20
CA MET B 616 47.46 36.83 15.10
C MET B 616 47.01 37.75 13.97
N LEU B 617 45.73 37.68 13.59
CA LEU B 617 45.24 38.52 12.50
C LEU B 617 45.32 40.00 12.88
N TYR B 618 45.01 40.33 14.13
CA TYR B 618 45.14 41.71 14.58
C TYR B 618 46.59 42.16 14.52
N GLY B 619 47.52 41.27 14.89
CA GLY B 619 48.93 41.61 14.76
C GLY B 619 49.32 41.89 13.32
N LEU B 620 48.78 41.13 12.38
CA LEU B 620 49.05 41.38 10.97
C LEU B 620 48.25 42.56 10.42
N SER B 621 47.21 43.01 11.12
CA SER B 621 46.32 44.03 10.61
C SER B 621 47.01 45.39 10.63
N PRO B 622 46.52 46.35 9.83
CA PRO B 622 47.04 47.72 9.91
C PRO B 622 46.69 48.43 11.20
N PHE B 623 45.87 47.82 12.06
CA PHE B 623 45.52 48.41 13.35
C PHE B 623 46.42 47.95 14.48
N ASN B 624 47.45 47.16 14.18
CA ASN B 624 48.32 46.67 15.24
C ASN B 624 49.05 47.81 15.91
N GLY B 625 49.33 47.64 17.20
CA GLY B 625 49.91 48.69 18.00
C GLY B 625 48.91 49.63 18.62
N LYS B 626 47.62 49.46 18.35
CA LYS B 626 46.56 50.25 18.94
C LYS B 626 45.60 49.33 19.68
N THR B 627 45.36 49.63 20.96
CA THR B 627 44.41 48.85 21.73
C THR B 627 42.99 49.11 21.23
N THR B 628 42.17 48.06 21.23
CA THR B 628 40.83 48.17 20.69
C THR B 628 39.95 49.10 21.51
N ALA B 629 40.19 49.18 22.82
CA ALA B 629 39.40 50.09 23.64
C ALA B 629 39.63 51.54 23.25
N SER B 630 40.87 51.90 22.94
CA SER B 630 41.20 53.26 22.50
C SER B 630 41.05 53.41 21.00
N LEU B 631 39.87 53.09 20.48
CA LEU B 631 39.56 53.20 19.07
C LEU B 631 38.43 54.20 18.88
N SER B 632 38.60 55.10 17.91
CA SER B 632 37.58 56.09 17.63
C SER B 632 36.33 55.41 17.07
N SER B 633 35.22 56.15 17.10
CA SER B 633 33.96 55.60 16.61
C SER B 633 34.03 55.30 15.12
N GLY B 634 34.86 56.02 14.39
CA GLY B 634 34.99 55.81 12.96
C GLY B 634 36.00 54.75 12.56
N GLU B 635 36.62 54.06 13.52
CA GLU B 635 37.62 53.05 13.22
C GLU B 635 37.13 51.63 13.44
N LEU B 636 36.24 51.42 14.40
CA LEU B 636 35.73 50.07 14.66
C LEU B 636 35.01 49.48 13.45
N PRO B 637 34.11 50.18 12.75
CA PRO B 637 33.54 49.59 11.53
C PRO B 637 34.58 49.28 10.48
N ARG B 638 35.62 50.11 10.37
CA ARG B 638 36.68 49.83 9.40
C ARG B 638 37.40 48.54 9.75
N LEU B 639 37.71 48.34 11.04
CA LEU B 639 38.35 47.10 11.45
C LEU B 639 37.45 45.90 11.19
N VAL B 640 36.15 46.05 11.47
CA VAL B 640 35.23 44.93 11.25
C VAL B 640 35.18 44.57 9.77
N ILE B 641 35.09 45.57 8.90
CA ILE B 641 35.00 45.29 7.46
C ILE B 641 36.31 44.69 6.96
N TRP B 642 37.44 45.15 7.50
CA TRP B 642 38.72 44.56 7.11
C TRP B 642 38.80 43.10 7.50
N LEU B 643 38.37 42.78 8.73
CA LEU B 643 38.39 41.39 9.17
C LEU B 643 37.48 40.54 8.30
N TYR B 644 36.29 41.02 7.99
CA TYR B 644 35.36 40.25 7.17
C TYR B 644 35.94 40.00 5.78
N GLN B 645 36.51 41.04 5.18
CA GLN B 645 37.07 40.88 3.84
C GLN B 645 38.24 39.91 3.84
N VAL B 646 39.14 40.02 4.82
CA VAL B 646 40.29 39.13 4.85
C VAL B 646 39.87 37.69 5.08
N THR B 647 38.94 37.46 5.99
CA THR B 647 38.48 36.09 6.23
C THR B 647 37.79 35.51 5.02
N GLN B 648 36.98 36.31 4.32
CA GLN B 648 36.34 35.82 3.10
C GLN B 648 37.37 35.46 2.05
N TRP B 649 38.40 36.30 1.89
CA TRP B 649 39.44 36.01 0.91
C TRP B 649 40.18 34.73 1.28
N LEU B 650 40.51 34.55 2.56
CA LEU B 650 41.21 33.34 2.98
C LEU B 650 40.37 32.10 2.74
N THR B 651 39.07 32.17 3.03
CA THR B 651 38.21 31.02 2.78
C THR B 651 38.12 30.72 1.30
N GLU B 652 38.00 31.75 0.46
CA GLU B 652 37.90 31.52 -0.98
C GLU B 652 39.19 30.93 -1.54
N ALA B 653 40.33 31.42 -1.08
CA ALA B 653 41.62 30.98 -1.63
C ALA B 653 42.13 29.70 -1.00
N GLU B 654 41.40 29.12 -0.04
CA GLU B 654 41.78 27.87 0.61
C GLU B 654 43.14 27.98 1.29
N ILE B 655 43.31 29.06 2.06
CA ILE B 655 44.51 29.30 2.84
C ILE B 655 44.11 29.40 4.30
N THR B 656 44.74 28.59 5.15
CA THR B 656 44.43 28.63 6.57
C THR B 656 45.09 29.84 7.22
N THR B 657 44.58 30.19 8.40
CA THR B 657 45.12 31.34 9.12
C THR B 657 46.57 31.11 9.53
N GLU B 658 46.92 29.86 9.88
CA GLU B 658 48.30 29.56 10.23
C GLU B 658 49.22 29.80 9.04
N ALA B 659 48.79 29.43 7.83
CA ALA B 659 49.62 29.63 6.65
C ALA B 659 49.86 31.11 6.40
N ILE B 660 48.82 31.93 6.49
CA ILE B 660 49.02 33.36 6.25
C ILE B 660 49.87 33.97 7.35
N TRP B 661 49.73 33.48 8.59
CA TRP B 661 50.61 33.95 9.66
C TRP B 661 52.06 33.65 9.34
N LEU B 662 52.35 32.40 8.96
CA LEU B 662 53.72 32.05 8.60
C LEU B 662 54.20 32.83 7.39
N LEU B 663 53.28 33.25 6.52
CA LEU B 663 53.67 34.00 5.34
C LEU B 663 54.05 35.43 5.69
N CYS B 664 53.30 36.08 6.58
CA CYS B 664 53.44 37.52 6.78
C CYS B 664 53.91 37.91 8.18
N THR B 665 54.32 36.96 9.01
CA THR B 665 54.79 37.31 10.33
C THR B 665 56.16 38.00 10.26
N PRO B 666 56.43 38.92 11.18
CA PRO B 666 57.77 39.51 11.25
C PRO B 666 58.69 38.76 12.19
N GLU B 667 58.12 37.89 13.02
CA GLU B 667 58.92 37.14 13.98
C GLU B 667 59.68 36.01 13.28
N PHE B 668 60.88 35.73 13.80
CA PHE B 668 61.70 34.64 13.28
C PHE B 668 62.37 33.93 14.43
N SER B 669 62.83 32.70 14.17
CA SER B 669 63.43 31.89 15.20
C SER B 669 64.71 32.52 15.73
N GLY B 670 65.54 33.07 14.85
CA GLY B 670 66.81 33.64 15.24
C GLY B 670 67.96 32.66 15.30
N ASN B 671 67.72 31.40 15.00
CA ASN B 671 68.76 30.37 15.01
C ASN B 671 69.01 29.87 13.59
N ILE B 672 70.29 29.68 13.27
CA ILE B 672 70.63 29.19 11.94
C ILE B 672 70.09 27.77 11.75
N SER B 673 69.45 27.55 10.62
CA SER B 673 68.77 26.30 10.31
C SER B 673 69.63 25.45 9.38
N PRO B 674 69.40 24.14 9.33
CA PRO B 674 70.20 23.29 8.43
C PRO B 674 70.12 23.69 6.97
N GLU B 675 68.99 24.22 6.51
CA GLU B 675 68.89 24.66 5.12
C GLU B 675 69.87 25.79 4.84
N ILE B 676 69.94 26.77 5.74
CA ILE B 676 70.87 27.88 5.56
C ILE B 676 72.31 27.38 5.62
N SER B 677 72.59 26.43 6.51
CA SER B 677 73.94 25.88 6.58
C SER B 677 74.32 25.17 5.29
N ASN B 678 73.39 24.39 4.73
CA ASN B 678 73.65 23.75 3.45
C ASN B 678 73.87 24.77 2.35
N LEU B 679 73.08 25.84 2.34
CA LEU B 679 73.24 26.88 1.33
C LEU B 679 74.62 27.52 1.43
N LEU B 680 75.05 27.85 2.65
CA LEU B 680 76.36 28.45 2.82
C LEU B 680 77.47 27.50 2.39
N ASN B 681 77.36 26.22 2.77
CA ASN B 681 78.40 25.26 2.43
C ASN B 681 78.50 25.06 0.92
N ASN B 682 77.37 25.00 0.24
CA ASN B 682 77.38 24.82 -1.21
C ASN B 682 77.72 26.11 -1.95
N LEU B 683 77.58 27.26 -1.30
CA LEU B 683 77.82 28.54 -1.97
C LEU B 683 79.23 29.05 -1.81
N ARG B 684 79.90 28.70 -0.71
CA ARG B 684 81.26 29.22 -0.49
C ARG B 684 82.24 28.85 -1.59
N PRO B 685 82.35 27.60 -2.04
CA PRO B 685 83.34 27.30 -3.08
C PRO B 685 83.11 28.02 -4.40
N SER B 686 81.85 28.23 -4.79
CA SER B 686 81.52 28.81 -6.08
C SER B 686 81.40 30.33 -6.03
N ILE B 687 82.07 30.97 -5.08
CA ILE B 687 82.01 32.41 -4.90
C ILE B 687 83.43 32.94 -4.70
N SER B 688 83.59 34.24 -4.89
CA SER B 688 84.89 34.87 -4.71
C SER B 688 84.71 36.25 -4.10
N GLU B 689 85.79 36.76 -3.51
CA GLU B 689 85.75 38.08 -2.90
C GLU B 689 85.58 39.18 -3.95
N ASP B 690 86.11 38.95 -5.15
CA ASP B 690 86.10 40.01 -6.16
C ASP B 690 84.67 40.38 -6.55
N MET B 691 83.81 39.37 -6.77
CA MET B 691 82.45 39.66 -7.18
C MET B 691 81.62 40.26 -6.05
N ALA B 692 82.05 40.09 -4.79
CA ALA B 692 81.33 40.71 -3.69
C ALA B 692 81.54 42.21 -3.66
N GLN B 693 82.67 42.70 -4.15
CA GLN B 693 82.98 44.11 -4.13
C GLN B 693 82.46 44.86 -5.35
N SER B 694 81.99 44.16 -6.38
CA SER B 694 81.45 44.82 -7.54
C SER B 694 80.13 45.50 -7.20
N HIS B 695 79.83 46.58 -7.92
CA HIS B 695 78.61 47.33 -7.69
C HIS B 695 77.47 46.90 -8.59
N ASN B 696 77.67 45.89 -9.43
CA ASN B 696 76.65 45.41 -10.36
C ASN B 696 75.78 44.40 -9.63
N ARG B 697 74.67 44.89 -9.06
CA ARG B 697 73.79 43.99 -8.31
C ARG B 697 73.08 43.01 -9.23
N GLU B 698 72.89 43.36 -10.49
CA GLU B 698 72.28 42.42 -11.44
C GLU B 698 73.18 41.21 -11.64
N LEU B 699 74.48 41.43 -11.80
CA LEU B 699 75.41 40.32 -11.95
C LEU B 699 75.43 39.43 -10.72
N GLN B 700 75.40 40.04 -9.53
CA GLN B 700 75.40 39.25 -8.31
C GLN B 700 74.12 38.43 -8.19
N ALA B 701 72.98 39.01 -8.56
CA ALA B 701 71.74 38.25 -8.56
C ALA B 701 71.81 37.09 -9.54
N GLU B 702 72.37 37.32 -10.73
CA GLU B 702 72.53 36.24 -11.69
C GLU B 702 73.42 35.13 -11.13
N ILE B 703 74.49 35.52 -10.43
CA ILE B 703 75.39 34.53 -9.85
C ILE B 703 74.69 33.71 -8.78
N LEU B 704 73.94 34.36 -7.90
CA LEU B 704 73.34 33.68 -6.76
C LEU B 704 72.03 32.99 -7.09
N ALA B 705 71.44 33.23 -8.26
CA ALA B 705 70.11 32.69 -8.54
C ALA B 705 70.00 31.18 -8.41
N PRO B 706 70.88 30.37 -9.02
CA PRO B 706 70.67 28.92 -8.95
C PRO B 706 70.66 28.35 -7.54
N PHE B 707 71.56 28.83 -6.67
CA PHE B 707 71.61 28.28 -5.32
C PHE B 707 70.38 28.67 -4.52
N ILE B 708 69.92 29.91 -4.66
CA ILE B 708 68.70 30.33 -3.97
C ILE B 708 67.51 29.54 -4.48
N ALA B 709 67.46 29.29 -5.78
CA ALA B 709 66.38 28.46 -6.33
C ALA B 709 66.43 27.06 -5.75
N ALA B 710 67.62 26.48 -5.63
CA ALA B 710 67.75 25.14 -5.09
C ALA B 710 67.31 25.09 -3.63
N THR B 711 67.70 26.07 -2.83
CA THR B 711 67.41 26.04 -1.40
C THR B 711 65.97 26.43 -1.08
N LEU B 712 65.19 26.89 -2.06
CA LEU B 712 63.82 27.29 -1.84
C LEU B 712 62.83 26.50 -2.70
N HIS B 713 63.31 25.47 -3.40
CA HIS B 713 62.45 24.62 -4.25
C HIS B 713 61.72 25.45 -5.30
N LEU B 714 62.42 26.41 -5.88
CA LEU B 714 61.84 27.26 -6.92
C LEU B 714 61.91 26.57 -8.27
N ALA B 715 61.06 27.02 -9.19
CA ALA B 715 60.94 26.36 -10.48
C ALA B 715 62.18 26.59 -11.35
N SER B 716 62.61 27.84 -11.47
CA SER B 716 63.66 28.20 -12.40
C SER B 716 64.56 29.25 -11.78
N PRO B 717 65.81 29.35 -12.23
CA PRO B 717 66.71 30.38 -11.69
C PRO B 717 66.22 31.81 -11.88
N ASP B 718 65.43 32.08 -12.92
CA ASP B 718 64.95 33.44 -13.13
C ASP B 718 64.05 33.89 -11.99
N MET B 719 63.16 33.01 -11.54
CA MET B 719 62.31 33.34 -10.40
C MET B 719 63.15 33.63 -9.16
N ALA B 720 64.20 32.86 -8.95
CA ALA B 720 65.09 33.10 -7.82
C ALA B 720 65.76 34.46 -7.95
N ARG B 721 66.20 34.81 -9.15
CA ARG B 721 66.83 36.11 -9.35
C ARG B 721 65.88 37.25 -9.01
N TYR B 722 64.63 37.13 -9.46
CA TYR B 722 63.69 38.22 -9.20
C TYR B 722 63.31 38.29 -7.73
N ILE B 723 63.23 37.13 -7.06
CA ILE B 723 62.99 37.13 -5.61
C ILE B 723 64.15 37.81 -4.90
N LEU B 724 65.39 37.53 -5.35
CA LEU B 724 66.55 38.17 -4.76
C LEU B 724 66.52 39.67 -4.95
N LEU B 725 66.14 40.13 -6.14
CA LEU B 725 66.06 41.56 -6.38
C LEU B 725 64.99 42.21 -5.50
N TRP B 726 63.85 41.54 -5.34
CA TRP B 726 62.81 42.05 -4.45
C TRP B 726 63.31 42.17 -3.02
N THR B 727 64.01 41.14 -2.54
CA THR B 727 64.53 41.19 -1.17
C THR B 727 65.56 42.30 -1.02
N ASP B 728 66.42 42.48 -2.03
CA ASP B 728 67.40 43.56 -1.96
C ASP B 728 66.72 44.91 -1.92
N ASN B 729 65.63 45.08 -2.67
CA ASN B 729 64.86 46.32 -2.58
C ASN B 729 64.27 46.50 -1.19
N LEU B 730 63.84 45.40 -0.56
CA LEU B 730 63.24 45.50 0.76
C LEU B 730 64.26 45.89 1.83
N ARG B 731 65.50 45.39 1.71
CA ARG B 731 66.54 45.58 2.71
C ARG B 731 66.03 45.15 4.08
N PRO B 732 65.90 43.84 4.32
CA PRO B 732 65.25 43.37 5.55
C PRO B 732 65.94 43.83 6.83
N GLY B 733 67.20 43.49 7.00
CA GLY B 733 67.92 43.87 8.20
C GLY B 733 69.05 44.82 7.92
N GLY B 734 68.84 45.74 6.99
CA GLY B 734 69.90 46.61 6.55
C GLY B 734 70.92 45.95 5.65
N LEU B 735 70.63 44.74 5.17
CA LEU B 735 71.55 43.99 4.34
C LEU B 735 71.09 44.05 2.89
N ASP B 736 71.98 44.47 2.01
CA ASP B 736 71.74 44.41 0.58
C ASP B 736 72.28 43.08 0.05
N ILE B 737 72.34 42.94 -1.27
CA ILE B 737 72.92 41.74 -1.86
C ILE B 737 74.41 41.64 -1.51
N ALA B 738 75.13 42.76 -1.62
CA ALA B 738 76.56 42.75 -1.33
C ALA B 738 76.83 42.43 0.13
N GLY B 739 75.99 42.93 1.03
CA GLY B 739 76.15 42.59 2.44
C GLY B 739 76.01 41.11 2.70
N PHE B 740 75.00 40.50 2.07
CA PHE B 740 74.82 39.06 2.20
C PHE B 740 76.01 38.30 1.62
N MET B 741 76.52 38.76 0.48
CA MET B 741 77.69 38.14 -0.12
C MET B 741 78.89 38.18 0.81
N THR B 742 79.13 39.35 1.42
CA THR B 742 80.27 39.48 2.34
C THR B 742 80.07 38.62 3.58
N LEU B 743 78.84 38.56 4.09
CA LEU B 743 78.57 37.75 5.27
C LEU B 743 78.78 36.27 4.99
N VAL B 744 78.43 35.81 3.80
CA VAL B 744 78.69 34.42 3.45
C VAL B 744 80.19 34.13 3.47
N LEU B 745 80.99 35.06 2.94
CA LEU B 745 82.44 34.89 2.87
C LEU B 745 83.07 35.30 4.20
N LYS B 746 82.79 34.49 5.22
CA LYS B 746 83.37 34.71 6.54
C LYS B 746 83.57 33.36 7.22
N GLU B 747 84.70 33.20 7.88
CA GLU B 747 85.04 31.94 8.55
C GLU B 747 84.40 31.91 9.94
N SER B 748 83.06 31.89 9.93
CA SER B 748 82.23 31.82 11.14
C SER B 748 82.48 32.99 12.08
N LEU B 749 83.03 34.10 11.57
CA LEU B 749 83.28 35.28 12.38
C LEU B 749 81.98 36.08 12.49
N ASN B 750 81.02 35.50 13.19
CA ASN B 750 79.66 36.03 13.26
C ASN B 750 79.28 36.24 14.73
N ALA B 751 79.38 37.49 15.18
CA ALA B 751 79.01 37.81 16.56
C ALA B 751 77.50 38.02 16.68
N ASN B 752 76.97 39.06 16.05
CA ASN B 752 75.54 39.30 16.01
C ASN B 752 75.00 39.37 14.59
N GLU B 753 75.86 39.23 13.58
CA GLU B 753 75.43 39.23 12.20
C GLU B 753 74.62 37.99 11.84
N THR B 754 74.65 36.95 12.70
CA THR B 754 73.76 35.82 12.48
C THR B 754 72.31 36.28 12.45
N THR B 755 71.96 37.28 13.27
CA THR B 755 70.62 37.82 13.25
C THR B 755 70.28 38.40 11.89
N GLN B 756 71.19 39.19 11.32
CA GLN B 756 70.96 39.75 9.99
C GLN B 756 70.83 38.66 8.94
N LEU B 757 71.70 37.65 9.01
CA LEU B 757 71.67 36.58 8.02
C LEU B 757 70.36 35.81 8.08
N VAL B 758 69.93 35.43 9.29
CA VAL B 758 68.70 34.67 9.41
C VAL B 758 67.50 35.52 9.04
N GLN B 759 67.52 36.82 9.33
CA GLN B 759 66.42 37.68 8.93
C GLN B 759 66.32 37.78 7.41
N PHE B 760 67.46 37.93 6.74
CA PHE B 760 67.47 37.97 5.28
C PHE B 760 66.92 36.68 4.70
N CYS B 761 67.39 35.53 5.22
CA CYS B 761 66.92 34.25 4.72
C CYS B 761 65.44 34.06 4.99
N HIS B 762 64.96 34.50 6.15
CA HIS B 762 63.55 34.37 6.49
C HIS B 762 62.69 35.20 5.55
N VAL B 763 63.11 36.42 5.23
CA VAL B 763 62.35 37.25 4.31
C VAL B 763 62.33 36.61 2.92
N MET B 764 63.47 36.09 2.47
CA MET B 764 63.49 35.43 1.17
C MET B 764 62.54 34.24 1.14
N ALA B 765 62.54 33.44 2.20
CA ALA B 765 61.67 32.28 2.26
C ALA B 765 60.21 32.71 2.25
N GLN B 766 59.87 33.77 2.98
CA GLN B 766 58.50 34.26 2.99
C GLN B 766 58.06 34.70 1.61
N LEU B 767 58.91 35.44 0.90
CA LEU B 767 58.53 35.90 -0.44
C LEU B 767 58.38 34.73 -1.39
N SER B 768 59.31 33.77 -1.35
CA SER B 768 59.21 32.62 -2.24
C SER B 768 57.96 31.81 -1.97
N LEU B 769 57.64 31.60 -0.69
CA LEU B 769 56.44 30.84 -0.35
C LEU B 769 55.19 31.58 -0.78
N SER B 770 55.16 32.91 -0.64
CA SER B 770 54.01 33.68 -1.08
C SER B 770 53.82 33.55 -2.59
N VAL B 771 54.91 33.65 -3.35
CA VAL B 771 54.81 33.53 -4.80
C VAL B 771 54.33 32.14 -5.18
N GLN B 772 54.87 31.11 -4.54
CA GLN B 772 54.45 29.74 -4.87
C GLN B 772 52.99 29.50 -4.54
N THR B 773 52.53 30.01 -3.39
CA THR B 773 51.13 29.86 -3.03
C THR B 773 50.22 30.61 -4.00
N LEU B 774 50.60 31.82 -4.38
CA LEU B 774 49.83 32.59 -5.35
C LEU B 774 49.87 31.99 -6.74
N ARG B 775 50.80 31.07 -7.01
CA ARG B 775 51.01 30.52 -8.35
C ARG B 775 51.28 31.62 -9.36
N LEU B 776 52.06 32.61 -8.95
CA LEU B 776 52.40 33.71 -9.82
C LEU B 776 53.34 33.24 -10.92
N SER B 777 53.05 33.66 -12.16
CA SER B 777 53.91 33.32 -13.27
C SER B 777 55.19 34.14 -13.21
N GLU B 778 56.20 33.68 -13.95
CA GLU B 778 57.47 34.38 -13.99
C GLU B 778 57.34 35.74 -14.67
N ALA B 779 56.51 35.83 -15.72
CA ALA B 779 56.38 37.08 -16.46
C ALA B 779 55.81 38.19 -15.59
N GLU B 780 54.75 37.88 -14.83
CA GLU B 780 54.16 38.90 -13.96
C GLU B 780 55.15 39.35 -12.90
N LEU B 781 55.88 38.41 -12.30
CA LEU B 781 56.87 38.77 -11.29
C LEU B 781 57.96 39.64 -11.87
N SER B 782 58.43 39.31 -13.07
CA SER B 782 59.46 40.12 -13.72
C SER B 782 58.95 41.52 -13.98
N VAL B 783 57.73 41.64 -14.51
CA VAL B 783 57.18 42.96 -14.84
C VAL B 783 57.04 43.79 -13.58
N LEU B 784 56.56 43.19 -12.49
CA LEU B 784 56.36 43.94 -11.27
C LEU B 784 57.69 44.36 -10.65
N VAL B 785 58.64 43.43 -10.53
CA VAL B 785 59.87 43.73 -9.83
C VAL B 785 60.72 44.72 -10.61
N ILE B 786 60.79 44.56 -11.94
CA ILE B 786 61.61 45.46 -12.75
C ILE B 786 61.11 46.89 -12.61
N SER B 787 59.80 47.09 -12.63
CA SER B 787 59.22 48.42 -12.51
C SER B 787 59.18 48.93 -11.08
N GLY B 788 59.74 48.20 -10.12
CA GLY B 788 59.69 48.63 -8.74
C GLY B 788 58.31 48.60 -8.13
N PHE B 789 57.46 47.67 -8.57
CA PHE B 789 56.11 47.51 -8.06
C PHE B 789 55.25 48.76 -8.28
N ALA B 790 55.65 49.63 -9.20
CA ALA B 790 54.81 50.78 -9.52
C ALA B 790 53.59 50.36 -10.31
N VAL B 791 53.68 49.25 -11.04
CA VAL B 791 52.53 48.77 -11.81
C VAL B 791 51.40 48.36 -10.87
N LEU B 792 51.73 47.62 -9.81
CA LEU B 792 50.72 47.17 -8.88
C LEU B 792 50.11 48.35 -8.12
N GLY B 793 50.93 49.32 -7.74
CA GLY B 793 50.46 50.47 -6.99
C GLY B 793 50.19 50.13 -5.53
N ALA B 794 49.87 51.17 -4.77
CA ALA B 794 49.58 50.99 -3.35
C ALA B 794 48.64 52.09 -2.90
N LYS B 795 47.95 51.84 -1.79
CA LYS B 795 46.98 52.78 -1.24
C LYS B 795 47.64 53.55 -0.11
N ASN B 796 48.14 54.74 -0.44
CA ASN B 796 48.75 55.68 0.51
C ASN B 796 50.01 55.12 1.17
N GLN B 797 50.62 54.09 0.58
CA GLN B 797 51.84 53.52 1.10
C GLN B 797 52.89 53.50 0.00
N PRO B 798 54.17 53.49 0.37
CA PRO B 798 55.20 53.25 -0.64
C PRO B 798 55.03 51.88 -1.27
N ALA B 799 55.28 51.80 -2.57
CA ALA B 799 55.08 50.55 -3.28
C ALA B 799 56.18 49.54 -2.92
N GLY B 800 55.87 48.27 -3.13
CA GLY B 800 56.82 47.20 -2.88
C GLY B 800 56.83 46.65 -1.48
N GLN B 801 55.98 47.17 -0.59
CA GLN B 801 55.91 46.64 0.77
C GLN B 801 55.35 45.23 0.76
N HIS B 802 55.73 44.45 1.77
CA HIS B 802 55.28 43.06 1.89
C HIS B 802 54.43 42.95 3.16
N ASN B 803 53.12 43.17 3.01
CA ASN B 803 52.17 42.94 4.08
C ASN B 803 50.97 42.20 3.50
N ILE B 804 49.98 41.95 4.35
CA ILE B 804 48.82 41.19 3.91
C ILE B 804 48.02 41.94 2.85
N ASP B 805 47.96 43.27 2.94
CA ASP B 805 47.19 44.05 1.99
C ASP B 805 47.78 43.96 0.58
N THR B 806 49.10 44.08 0.47
CA THR B 806 49.72 43.93 -0.84
C THR B 806 49.56 42.50 -1.36
N LEU B 807 49.53 41.51 -0.47
CA LEU B 807 49.28 40.15 -0.91
C LEU B 807 47.88 40.01 -1.49
N PHE B 808 46.88 40.62 -0.84
CA PHE B 808 45.52 40.60 -1.36
C PHE B 808 45.44 41.29 -2.72
N SER B 809 46.11 42.44 -2.85
CA SER B 809 46.12 43.14 -4.13
C SER B 809 46.79 42.30 -5.20
N LEU B 810 47.88 41.62 -4.86
CA LEU B 810 48.56 40.76 -5.81
C LEU B 810 47.66 39.62 -6.26
N TYR B 811 46.91 39.02 -5.32
CA TYR B 811 46.00 37.95 -5.68
C TYR B 811 44.94 38.44 -6.66
N ARG B 812 44.35 39.60 -6.38
CA ARG B 812 43.33 40.14 -7.28
C ARG B 812 43.93 40.46 -8.65
N PHE B 813 45.13 41.03 -8.68
CA PHE B 813 45.77 41.37 -9.93
C PHE B 813 46.04 40.13 -10.77
N HIS B 814 46.54 39.07 -10.12
CA HIS B 814 46.79 37.83 -10.85
C HIS B 814 45.50 37.23 -11.37
N GLN B 815 44.42 37.30 -10.58
CA GLN B 815 43.14 36.80 -11.05
C GLN B 815 42.69 37.54 -12.29
N TRP B 816 42.82 38.87 -12.28
CA TRP B 816 42.42 39.66 -13.45
C TRP B 816 43.26 39.30 -14.66
N ILE B 817 44.58 39.17 -14.48
CA ILE B 817 45.44 38.86 -15.62
C ILE B 817 45.11 37.50 -16.19
N ASN B 818 44.88 36.50 -15.32
CA ASN B 818 44.51 35.18 -15.80
C ASN B 818 43.19 35.21 -16.55
N GLY B 819 42.20 35.96 -16.04
CA GLY B 819 40.93 36.03 -16.72
C GLY B 819 40.94 36.89 -17.97
N LEU B 820 42.00 37.65 -18.19
CA LEU B 820 42.07 38.49 -19.38
C LEU B 820 42.03 37.65 -20.66
N GLY B 821 42.76 36.53 -20.68
CA GLY B 821 42.72 35.64 -21.82
C GLY B 821 44.01 35.58 -22.61
N ASN B 822 43.90 35.22 -23.89
CA ASN B 822 45.09 35.12 -24.73
C ASN B 822 45.82 36.43 -24.92
N PRO B 823 45.18 37.54 -25.27
CA PRO B 823 45.92 38.80 -25.46
C PRO B 823 46.38 39.45 -24.17
N GLY B 824 46.08 38.84 -23.01
CA GLY B 824 46.36 39.49 -21.74
C GLY B 824 47.81 39.87 -21.59
N SER B 825 48.72 38.98 -21.99
CA SER B 825 50.14 39.30 -21.93
C SER B 825 50.44 40.63 -22.60
N ASP B 826 49.93 40.82 -23.82
CA ASP B 826 50.14 42.07 -24.52
C ASP B 826 49.61 43.24 -23.71
N THR B 827 48.42 43.10 -23.14
CA THR B 827 47.87 44.17 -22.31
C THR B 827 48.80 44.50 -21.17
N LEU B 828 49.42 43.47 -20.56
CA LEU B 828 50.36 43.73 -19.48
C LEU B 828 51.49 44.62 -19.95
N ASP B 829 51.99 44.38 -21.16
CA ASP B 829 53.02 45.25 -21.70
C ASP B 829 52.52 46.68 -21.83
N MET B 830 51.30 46.85 -22.32
CA MET B 830 50.72 48.19 -22.39
C MET B 830 50.60 48.79 -21.00
N LEU B 831 50.39 47.96 -19.98
CA LEU B 831 50.37 48.45 -18.62
C LEU B 831 51.77 48.72 -18.09
N ARG B 832 52.77 48.02 -18.60
CA ARG B 832 54.15 48.29 -18.18
C ARG B 832 54.56 49.70 -18.59
N GLN B 833 54.20 50.10 -19.80
CA GLN B 833 54.28 51.49 -20.21
C GLN B 833 53.01 52.20 -19.76
N GLN B 834 52.78 53.41 -20.25
CA GLN B 834 51.59 54.17 -19.90
C GLN B 834 50.74 54.42 -21.13
N THR B 835 50.62 53.41 -22.00
CA THR B 835 49.89 53.54 -23.24
C THR B 835 48.52 52.85 -23.22
N LEU B 836 48.11 52.32 -22.07
CA LEU B 836 46.80 51.68 -21.99
C LEU B 836 45.71 52.74 -22.03
N THR B 837 44.72 52.51 -22.89
CA THR B 837 43.63 53.45 -23.08
C THR B 837 42.30 52.77 -22.72
N ALA B 838 41.29 53.60 -22.48
CA ALA B 838 39.99 53.07 -22.10
C ALA B 838 39.39 52.21 -23.21
N ASP B 839 39.54 52.65 -24.47
CA ASP B 839 38.99 51.88 -25.58
C ASP B 839 39.62 50.51 -25.69
N ARG B 840 40.95 50.45 -25.54
CA ARG B 840 41.63 49.17 -25.62
C ARG B 840 41.18 48.23 -24.52
N LEU B 841 41.07 48.73 -23.29
CA LEU B 841 40.62 47.90 -22.18
C LEU B 841 39.21 47.41 -22.40
N ALA B 842 38.32 48.30 -22.86
CA ALA B 842 36.94 47.90 -23.10
C ALA B 842 36.85 46.84 -24.18
N SER B 843 37.61 46.99 -25.26
CA SER B 843 37.58 46.00 -26.34
C SER B 843 38.16 44.67 -25.87
N VAL B 844 39.23 44.71 -25.08
CA VAL B 844 39.87 43.46 -24.65
C VAL B 844 38.96 42.71 -23.69
N MET B 845 38.41 43.40 -22.70
CA MET B 845 37.63 42.72 -21.67
C MET B 845 36.18 42.50 -22.07
N GLY B 846 35.74 43.01 -23.22
CA GLY B 846 34.41 42.75 -23.70
C GLY B 846 33.32 43.64 -23.15
N LEU B 847 33.67 44.71 -22.45
CA LEU B 847 32.66 45.62 -21.92
C LEU B 847 32.22 46.59 -23.02
N ASP B 848 31.38 47.55 -22.66
CA ASP B 848 30.95 48.60 -23.57
C ASP B 848 31.76 49.86 -23.30
N ILE B 849 32.10 50.58 -24.37
CA ILE B 849 32.95 51.76 -24.24
C ILE B 849 32.26 52.82 -23.39
N SER B 850 30.95 52.98 -23.55
CA SER B 850 30.23 54.00 -22.79
C SER B 850 30.30 53.72 -21.30
N MET B 851 30.11 52.45 -20.91
CA MET B 851 30.17 52.10 -19.50
C MET B 851 31.54 52.36 -18.91
N VAL B 852 32.59 52.00 -19.64
CA VAL B 852 33.95 52.21 -19.14
C VAL B 852 34.24 53.70 -19.00
N THR B 853 33.85 54.50 -20.00
CA THR B 853 34.09 55.92 -19.93
C THR B 853 33.34 56.55 -18.75
N GLN B 854 32.08 56.16 -18.55
CA GLN B 854 31.32 56.70 -17.44
C GLN B 854 31.92 56.30 -16.11
N ALA B 855 32.38 55.05 -15.98
CA ALA B 855 32.99 54.61 -14.74
C ALA B 855 34.29 55.38 -14.47
N MET B 856 35.09 55.61 -15.52
CA MET B 856 36.31 56.38 -15.34
C MET B 856 36.01 57.80 -14.90
N VAL B 857 34.99 58.42 -15.48
CA VAL B 857 34.62 59.77 -15.07
C VAL B 857 34.13 59.78 -13.62
N SER B 858 33.29 58.83 -13.25
CA SER B 858 32.73 58.82 -11.91
C SER B 858 33.79 58.57 -10.85
N ALA B 859 34.71 57.64 -11.11
CA ALA B 859 35.72 57.29 -10.13
C ALA B 859 36.78 58.38 -9.96
N GLY B 860 36.80 59.38 -10.83
CA GLY B 860 37.77 60.44 -10.73
C GLY B 860 39.13 60.13 -11.31
N VAL B 861 39.26 59.02 -12.03
CA VAL B 861 40.53 58.63 -12.65
C VAL B 861 40.49 59.00 -14.12
N ASN B 862 41.55 59.65 -14.60
CA ASN B 862 41.64 60.05 -16.00
C ASN B 862 42.72 59.31 -16.77
N GLN B 863 43.55 58.52 -16.10
CA GLN B 863 44.59 57.76 -16.77
C GLN B 863 44.78 56.44 -16.05
N LEU B 864 44.90 55.36 -16.82
CA LEU B 864 45.09 54.02 -16.25
C LEU B 864 46.57 53.79 -16.03
N GLN B 865 47.08 54.35 -14.94
CA GLN B 865 48.50 54.24 -14.63
C GLN B 865 48.81 52.91 -13.94
N CYS B 866 48.21 52.67 -12.78
CA CYS B 866 48.52 51.53 -11.94
C CYS B 866 47.31 50.60 -11.89
N TRP B 867 47.49 49.46 -11.22
CA TRP B 867 46.40 48.50 -11.05
C TRP B 867 45.29 49.06 -10.19
N GLN B 868 45.58 50.03 -9.32
CA GLN B 868 44.55 50.58 -8.46
C GLN B 868 43.44 51.25 -9.26
N ASP B 869 43.82 52.01 -10.28
CA ASP B 869 42.81 52.68 -11.10
C ASP B 869 41.92 51.68 -11.82
N ILE B 870 42.53 50.62 -12.36
CA ILE B 870 41.76 49.59 -13.04
C ILE B 870 40.82 48.91 -12.06
N ASN B 871 41.30 48.64 -10.85
CA ASN B 871 40.45 48.00 -9.85
C ASN B 871 39.28 48.88 -9.48
N THR B 872 39.51 50.18 -9.30
CA THR B 872 38.41 51.09 -8.97
C THR B 872 37.39 51.14 -10.11
N VAL B 873 37.87 51.21 -11.35
CA VAL B 873 36.96 51.25 -12.49
C VAL B 873 36.12 49.98 -12.55
N LEU B 874 36.76 48.82 -12.35
CA LEU B 874 36.02 47.57 -12.40
C LEU B 874 35.01 47.47 -11.27
N GLN B 875 35.35 47.98 -10.08
CA GLN B 875 34.39 47.96 -8.98
C GLN B 875 33.18 48.82 -9.30
N TRP B 876 33.40 50.01 -9.86
CA TRP B 876 32.28 50.86 -10.24
C TRP B 876 31.41 50.17 -11.30
N ILE B 877 32.04 49.55 -12.29
CA ILE B 877 31.30 48.87 -13.34
C ILE B 877 30.46 47.74 -12.76
N ASP B 878 31.04 46.95 -11.86
CA ASP B 878 30.32 45.84 -11.27
C ASP B 878 29.14 46.32 -10.45
N VAL B 879 29.33 47.37 -9.65
CA VAL B 879 28.21 47.87 -8.84
C VAL B 879 27.11 48.38 -9.75
N ALA B 880 27.47 49.09 -10.83
CA ALA B 880 26.46 49.57 -11.76
C ALA B 880 25.70 48.41 -12.40
N SER B 881 26.41 47.36 -12.79
CA SER B 881 25.74 46.22 -13.41
C SER B 881 24.86 45.47 -12.42
N ALA B 882 25.20 45.49 -11.13
CA ALA B 882 24.39 44.80 -10.14
C ALA B 882 23.01 45.42 -10.03
N LEU B 883 22.90 46.73 -10.20
CA LEU B 883 21.63 47.43 -10.11
C LEU B 883 20.97 47.64 -11.46
N HIS B 884 21.51 47.04 -12.52
CA HIS B 884 20.95 47.15 -13.87
C HIS B 884 20.86 48.61 -14.32
N THR B 885 21.88 49.39 -13.97
CA THR B 885 21.95 50.80 -14.36
C THR B 885 23.39 51.11 -14.72
N MET B 886 23.72 52.40 -14.81
CA MET B 886 25.02 52.85 -15.23
C MET B 886 25.73 53.66 -14.16
N PRO B 887 27.07 53.76 -14.23
CA PRO B 887 27.81 54.43 -13.15
C PRO B 887 27.45 55.89 -12.96
N SER B 888 26.90 56.56 -13.96
CA SER B 888 26.44 57.93 -13.73
C SER B 888 25.32 57.97 -12.69
N VAL B 889 24.36 57.05 -12.81
CA VAL B 889 23.27 56.99 -11.84
C VAL B 889 23.81 56.62 -10.46
N ILE B 890 24.81 55.74 -10.41
CA ILE B 890 25.40 55.35 -9.13
C ILE B 890 26.09 56.55 -8.49
N ARG B 891 26.81 57.35 -9.29
CA ARG B 891 27.44 58.55 -8.76
C ARG B 891 26.40 59.52 -8.24
N THR B 892 25.30 59.70 -8.98
CA THR B 892 24.25 60.59 -8.52
C THR B 892 23.65 60.09 -7.21
N LEU B 893 23.45 58.78 -7.10
CA LEU B 893 22.92 58.20 -5.87
C LEU B 893 23.86 58.43 -4.69
N VAL B 894 25.16 58.22 -4.91
CA VAL B 894 26.12 58.36 -3.83
C VAL B 894 26.23 59.82 -3.41
N ASN B 895 26.10 60.75 -4.36
CA ASN B 895 26.26 62.17 -4.06
C ASN B 895 25.20 62.70 -3.11
N ILE B 896 24.12 61.97 -2.88
CA ILE B 896 23.10 62.38 -1.91
C ILE B 896 23.65 62.16 -0.52
N ARG B 897 23.90 63.24 0.22
CA ARG B 897 24.49 63.16 1.55
C ARG B 897 23.59 63.86 2.55
N TYR B 898 23.55 63.31 3.76
CA TYR B 898 22.87 63.93 4.89
C TYR B 898 23.95 64.49 5.80
N VAL B 899 24.04 65.82 5.86
CA VAL B 899 25.17 66.48 6.50
C VAL B 899 24.58 67.36 7.60
N THR B 900 23.53 66.86 8.24
CA THR B 900 22.88 67.46 9.41
C THR B 900 22.18 68.77 9.11
N ALA B 901 21.90 69.06 7.84
CA ALA B 901 21.07 70.21 7.45
C ALA B 901 21.67 71.51 7.99
N LEU B 902 22.83 71.86 7.41
CA LEU B 902 23.59 73.05 7.77
C LEU B 902 24.28 72.87 9.11
N ASN B 903 24.62 73.98 9.77
CA ASN B 903 25.56 74.07 10.88
C ASN B 903 26.99 73.80 10.43
N LYS B 904 27.20 73.63 9.13
CA LYS B 904 28.50 73.36 8.52
C LYS B 904 28.46 73.93 7.11
N ALA B 905 29.36 73.45 6.25
CA ALA B 905 29.49 74.01 4.91
C ALA B 905 28.16 74.00 4.16
N GLU B 906 27.65 72.81 3.85
CA GLU B 906 26.37 72.68 3.16
C GLU B 906 25.97 71.21 3.12
N SER B 907 24.68 70.97 2.85
CA SER B 907 24.14 69.64 2.64
C SER B 907 23.66 69.53 1.20
N ASN B 908 23.98 68.41 0.56
CA ASN B 908 23.66 68.20 -0.84
C ASN B 908 22.41 67.35 -0.95
N LEU B 909 21.36 67.92 -1.57
CA LEU B 909 20.11 67.20 -1.78
C LEU B 909 19.55 67.63 -3.14
N PRO B 910 19.17 66.69 -3.98
CA PRO B 910 18.59 67.04 -5.28
C PRO B 910 17.24 67.72 -5.12
N SER B 911 16.90 68.52 -6.12
CA SER B 911 15.61 69.19 -6.14
C SER B 911 14.50 68.20 -6.49
N TRP B 912 13.26 68.70 -6.53
CA TRP B 912 12.13 67.82 -6.80
C TRP B 912 12.21 67.22 -8.19
N ASP B 913 12.52 68.04 -9.19
CA ASP B 913 12.61 67.53 -10.56
C ASP B 913 13.75 66.54 -10.70
N GLU B 914 14.88 66.80 -10.04
CA GLU B 914 16.00 65.86 -10.07
C GLU B 914 15.61 64.56 -9.39
N TRP B 915 14.85 64.63 -8.30
CA TRP B 915 14.35 63.42 -7.68
C TRP B 915 13.48 62.62 -8.63
N GLN B 916 12.60 63.30 -9.36
CA GLN B 916 11.74 62.61 -10.31
C GLN B 916 12.56 61.94 -11.40
N THR B 917 13.55 62.65 -11.95
CA THR B 917 14.37 62.08 -13.01
C THR B 917 15.16 60.88 -12.51
N LEU B 918 15.72 60.98 -11.31
CA LEU B 918 16.46 59.87 -10.73
C LEU B 918 15.55 58.66 -10.52
N ALA B 919 14.32 58.90 -10.04
CA ALA B 919 13.39 57.81 -9.84
C ALA B 919 13.06 57.13 -11.17
N GLU B 920 12.83 57.92 -12.22
CA GLU B 920 12.56 57.34 -13.53
C GLU B 920 13.74 56.50 -14.01
N ASN B 921 14.95 57.03 -13.87
CA ASN B 921 16.13 56.29 -14.33
C ASN B 921 16.29 54.98 -13.58
N MET B 922 16.10 55.00 -12.26
CA MET B 922 16.23 53.77 -11.48
C MET B 922 15.14 52.78 -11.83
N GLU B 923 13.91 53.26 -12.03
CA GLU B 923 12.80 52.37 -12.34
C GLU B 923 12.87 51.79 -13.74
N ALA B 924 13.60 52.45 -14.66
CA ALA B 924 13.67 51.97 -16.02
C ALA B 924 14.33 50.60 -16.13
N GLY B 925 15.04 50.15 -15.11
CA GLY B 925 15.75 48.89 -15.16
C GLY B 925 14.97 47.69 -14.69
N LEU B 926 13.68 47.82 -14.40
CA LEU B 926 12.91 46.72 -13.87
C LEU B 926 12.24 45.92 -14.99
N SER B 927 11.82 44.71 -14.64
CA SER B 927 11.04 43.89 -15.55
C SER B 927 9.55 44.14 -15.33
N THR B 928 8.71 43.40 -16.04
CA THR B 928 7.27 43.63 -15.95
C THR B 928 6.72 43.22 -14.59
N GLN B 929 7.07 42.02 -14.12
CA GLN B 929 6.54 41.55 -12.84
C GLN B 929 7.03 42.42 -11.69
N GLN B 930 8.30 42.82 -11.73
CA GLN B 930 8.82 43.70 -10.70
C GLN B 930 8.12 45.05 -10.73
N ALA B 931 7.83 45.56 -11.93
CA ALA B 931 7.09 46.81 -12.03
C ALA B 931 5.70 46.67 -11.44
N GLN B 932 5.04 45.54 -11.69
CA GLN B 932 3.72 45.32 -11.11
C GLN B 932 3.77 45.28 -9.59
N THR B 933 4.76 44.57 -9.05
CA THR B 933 4.89 44.50 -7.59
C THR B 933 5.16 45.88 -7.00
N LEU B 934 6.03 46.65 -7.64
CA LEU B 934 6.31 48.00 -7.16
C LEU B 934 5.06 48.86 -7.20
N ALA B 935 4.26 48.72 -8.26
CA ALA B 935 3.02 49.49 -8.36
C ALA B 935 2.06 49.13 -7.23
N ASP B 936 1.95 47.84 -6.92
CA ASP B 936 1.08 47.42 -5.82
C ASP B 936 1.54 48.02 -4.49
N TYR B 937 2.85 47.94 -4.23
CA TYR B 937 3.38 48.48 -2.99
C TYR B 937 3.13 49.98 -2.90
N THR B 938 3.34 50.71 -4.00
CA THR B 938 3.10 52.13 -4.01
C THR B 938 1.64 52.45 -3.76
N ALA B 939 0.74 51.64 -4.34
CA ALA B 939 -0.68 51.86 -4.12
C ALA B 939 -1.04 51.71 -2.65
N GLU B 940 -0.51 50.67 -1.99
CA GLU B 940 -0.82 50.48 -0.57
C GLU B 940 -0.30 51.66 0.26
N ARG B 941 0.95 52.06 0.03
CA ARG B 941 1.52 53.15 0.82
C ARG B 941 0.75 54.45 0.60
N LEU B 942 0.41 54.74 -0.66
CA LEU B 942 -0.32 55.96 -0.96
C LEU B 942 -1.70 55.94 -0.31
N SER B 943 -2.34 54.77 -0.29
CA SER B 943 -3.65 54.69 0.35
C SER B 943 -3.56 55.01 1.83
N SER B 944 -2.57 54.43 2.51
CA SER B 944 -2.43 54.70 3.93
C SER B 944 -2.16 56.19 4.19
N VAL B 945 -1.27 56.78 3.40
CA VAL B 945 -0.93 58.18 3.59
C VAL B 945 -2.14 59.07 3.35
N LEU B 946 -2.89 58.82 2.28
CA LEU B 946 -4.06 59.63 1.97
C LEU B 946 -5.14 59.50 3.04
N CYS B 947 -5.37 58.28 3.53
CA CYS B 947 -6.37 58.11 4.59
C CYS B 947 -5.96 58.88 5.83
N ASN B 948 -4.68 58.82 6.21
CA ASN B 948 -4.24 59.57 7.37
C ASN B 948 -4.40 61.07 7.17
N TRP B 949 -4.03 61.58 5.99
CA TRP B 949 -4.14 63.01 5.73
C TRP B 949 -5.59 63.47 5.79
N PHE B 950 -6.50 62.69 5.18
CA PHE B 950 -7.90 63.07 5.20
C PHE B 950 -8.46 63.04 6.61
N LEU B 951 -8.10 62.02 7.39
CA LEU B 951 -8.59 61.95 8.76
C LEU B 951 -8.06 63.11 9.59
N ALA B 952 -6.86 63.61 9.27
CA ALA B 952 -6.28 64.69 10.05
C ALA B 952 -6.79 66.07 9.65
N ASN B 953 -7.06 66.31 8.37
CA ASN B 953 -7.27 67.67 7.89
C ASN B 953 -8.71 68.03 7.54
N ILE B 954 -9.52 67.07 7.09
CA ILE B 954 -10.84 67.36 6.55
C ILE B 954 -11.89 66.70 7.42
N GLN B 955 -12.92 67.47 7.79
CA GLN B 955 -14.07 66.94 8.50
C GLN B 955 -15.32 67.32 7.72
N PRO B 956 -16.25 66.40 7.50
CA PRO B 956 -17.48 66.75 6.79
C PRO B 956 -18.38 67.67 7.60
N GLU B 957 -19.55 67.99 7.07
CA GLU B 957 -20.40 69.00 7.70
C GLU B 957 -20.92 68.52 9.05
N GLY B 958 -21.50 67.33 9.10
CA GLY B 958 -22.13 66.89 10.32
C GLY B 958 -21.86 65.44 10.69
N VAL B 959 -20.69 64.94 10.32
CA VAL B 959 -20.28 63.57 10.62
C VAL B 959 -18.92 63.62 11.29
N SER B 960 -18.80 62.90 12.41
CA SER B 960 -17.53 62.77 13.12
C SER B 960 -16.95 61.40 12.84
N LEU B 961 -15.74 61.36 12.32
CA LEU B 961 -15.05 60.12 11.98
C LEU B 961 -13.64 60.17 12.52
N HIS B 962 -13.20 59.07 13.12
CA HIS B 962 -11.95 59.06 13.88
C HIS B 962 -11.03 57.91 13.53
N SER B 963 -11.35 57.09 12.53
CA SER B 963 -10.54 55.92 12.26
C SER B 963 -10.71 55.53 10.80
N ARG B 964 -9.85 54.62 10.34
CA ARG B 964 -9.95 54.11 8.98
C ARG B 964 -11.27 53.40 8.75
N ASP B 965 -11.74 52.64 9.74
CA ASP B 965 -13.03 51.97 9.60
C ASP B 965 -14.16 52.97 9.48
N ASP B 966 -14.04 54.13 10.14
CA ASP B 966 -15.02 55.18 9.94
C ASP B 966 -15.03 55.66 8.50
N LEU B 967 -13.85 55.80 7.90
CA LEU B 967 -13.78 56.15 6.49
C LEU B 967 -14.42 55.09 5.61
N TYR B 968 -14.18 53.81 5.95
CA TYR B 968 -14.79 52.72 5.20
C TYR B 968 -16.31 52.79 5.27
N SER B 969 -16.84 53.03 6.47
CA SER B 969 -18.28 53.11 6.63
C SER B 969 -18.86 54.35 5.96
N TYR B 970 -18.10 55.44 5.89
CA TYR B 970 -18.64 56.66 5.31
C TYR B 970 -18.62 56.63 3.80
N PHE B 971 -17.49 56.26 3.20
CA PHE B 971 -17.33 56.30 1.76
C PHE B 971 -17.77 55.02 1.07
N LEU B 972 -18.20 54.01 1.84
CA LEU B 972 -18.72 52.76 1.28
C LEU B 972 -17.71 52.07 0.37
N ILE B 973 -16.44 52.12 0.75
CA ILE B 973 -15.39 51.45 -0.01
C ILE B 973 -14.23 51.19 0.93
N ASP B 974 -13.65 49.99 0.82
CA ASP B 974 -12.64 49.54 1.77
C ASP B 974 -11.27 50.04 1.33
N ASN B 975 -10.57 50.72 2.23
CA ASN B 975 -9.23 51.22 1.97
C ASN B 975 -8.16 50.41 2.67
N GLN B 976 -8.53 49.44 3.49
CA GLN B 976 -7.58 48.60 4.19
C GLN B 976 -7.27 47.31 3.46
N VAL B 977 -7.87 47.09 2.30
CA VAL B 977 -7.63 45.86 1.56
C VAL B 977 -6.23 45.88 0.96
N SER B 978 -5.73 44.68 0.66
CA SER B 978 -4.48 44.56 -0.06
C SER B 978 -4.69 44.86 -1.54
N SER B 979 -3.60 45.07 -2.25
CA SER B 979 -3.69 45.37 -3.67
C SER B 979 -3.91 44.13 -4.53
N ALA B 980 -3.86 42.94 -3.94
CA ALA B 980 -3.99 41.72 -4.74
C ALA B 980 -5.41 41.53 -5.23
N ILE B 981 -6.41 41.88 -4.41
CA ILE B 981 -7.79 41.59 -4.78
C ILE B 981 -8.26 42.51 -5.88
N LYS B 982 -9.18 42.01 -6.71
CA LYS B 982 -9.68 42.73 -7.87
C LYS B 982 -11.20 42.75 -7.84
N THR B 983 -11.77 43.73 -8.52
CA THR B 983 -13.22 43.89 -8.59
C THR B 983 -13.56 44.73 -9.81
N THR B 984 -14.85 44.89 -10.06
CA THR B 984 -15.35 45.71 -11.15
C THR B 984 -16.13 46.88 -10.56
N ARG B 985 -16.35 47.90 -11.40
CA ARG B 985 -17.00 49.11 -10.92
C ARG B 985 -18.42 48.82 -10.44
N LEU B 986 -19.17 48.05 -11.23
CA LEU B 986 -20.55 47.75 -10.86
C LEU B 986 -20.62 46.93 -9.58
N ALA B 987 -19.73 45.96 -9.43
CA ALA B 987 -19.73 45.13 -8.23
C ALA B 987 -19.44 45.96 -7.00
N GLU B 988 -18.45 46.85 -7.08
CA GLU B 988 -18.11 47.68 -5.93
C GLU B 988 -19.23 48.66 -5.61
N ALA B 989 -19.89 49.20 -6.63
CA ALA B 989 -21.02 50.08 -6.37
C ALA B 989 -22.15 49.32 -5.68
N ILE B 990 -22.42 48.09 -6.13
CA ILE B 990 -23.45 47.27 -5.51
C ILE B 990 -23.10 47.01 -4.05
N ALA B 991 -21.84 46.65 -3.78
CA ALA B 991 -21.44 46.38 -2.40
C ALA B 991 -21.58 47.62 -1.54
N GLY B 992 -21.19 48.78 -2.06
CA GLY B 992 -21.31 50.01 -1.30
C GLY B 992 -22.75 50.35 -0.96
N ILE B 993 -23.65 50.23 -1.94
CA ILE B 993 -25.05 50.56 -1.68
C ILE B 993 -25.66 49.55 -0.72
N GLN B 994 -25.30 48.27 -0.85
CA GLN B 994 -25.81 47.29 0.10
C GLN B 994 -25.34 47.60 1.51
N LEU B 995 -24.07 47.97 1.67
CA LEU B 995 -23.58 48.33 2.99
C LEU B 995 -24.32 49.54 3.54
N TYR B 996 -24.58 50.54 2.71
CA TYR B 996 -25.31 51.72 3.17
C TYR B 996 -26.72 51.35 3.62
N ILE B 997 -27.41 50.50 2.85
CA ILE B 997 -28.76 50.10 3.22
C ILE B 997 -28.74 49.32 4.53
N ASN B 998 -27.80 48.40 4.68
CA ASN B 998 -27.71 47.63 5.91
C ASN B 998 -27.45 48.54 7.11
N ARG B 999 -26.59 49.53 6.95
CA ARG B 999 -26.32 50.45 8.05
C ARG B 999 -27.53 51.30 8.39
N ALA B 1000 -28.25 51.77 7.37
CA ALA B 1000 -29.37 52.67 7.64
C ALA B 1000 -30.55 51.93 8.23
N LEU B 1001 -30.79 50.69 7.79
CA LEU B 1001 -31.96 49.96 8.25
C LEU B 1001 -31.88 49.61 9.73
N ASN B 1002 -30.71 49.18 10.20
CA ASN B 1002 -30.55 48.73 11.57
C ASN B 1002 -30.39 49.87 12.56
N ARG B 1003 -30.75 51.10 12.17
CA ARG B 1003 -30.72 52.27 13.04
C ARG B 1003 -29.31 52.54 13.56
N ILE B 1004 -28.29 52.21 12.78
CA ILE B 1004 -26.93 52.58 13.17
C ILE B 1004 -26.63 54.02 12.79
N GLU B 1005 -26.97 54.41 11.57
CA GLU B 1005 -26.86 55.80 11.18
C GLU B 1005 -28.14 56.54 11.59
N PRO B 1006 -28.05 57.58 12.40
CA PRO B 1006 -29.25 58.20 12.95
C PRO B 1006 -30.02 58.98 11.90
N ASN B 1007 -31.23 59.38 12.28
CA ASN B 1007 -32.09 60.25 11.48
C ASN B 1007 -32.49 59.61 10.16
N ALA B 1008 -32.57 58.28 10.13
CA ALA B 1008 -33.09 57.60 8.95
C ALA B 1008 -34.59 57.86 8.82
N ARG B 1009 -35.05 58.05 7.59
CA ARG B 1009 -36.46 58.32 7.35
C ARG B 1009 -37.27 57.06 7.59
N ALA B 1010 -38.16 57.11 8.58
CA ALA B 1010 -38.93 55.93 8.95
C ALA B 1010 -39.90 55.53 7.85
N ASP B 1011 -40.57 56.50 7.23
CA ASP B 1011 -41.60 56.18 6.24
C ASP B 1011 -41.00 55.50 5.02
N VAL B 1012 -39.81 55.95 4.58
CA VAL B 1012 -39.18 55.34 3.42
C VAL B 1012 -38.77 53.91 3.72
N SER B 1013 -38.33 53.64 4.94
CA SER B 1013 -37.83 52.32 5.30
C SER B 1013 -38.91 51.26 5.40
N THR B 1014 -40.18 51.60 5.13
CA THR B 1014 -41.26 50.62 5.14
C THR B 1014 -41.76 50.29 3.74
N ARG B 1015 -40.96 50.57 2.71
CA ARG B 1015 -41.36 50.24 1.36
C ARG B 1015 -41.37 48.73 1.17
N GLN B 1016 -41.97 48.30 0.06
CA GLN B 1016 -42.04 46.87 -0.22
C GLN B 1016 -40.65 46.28 -0.41
N PHE B 1017 -39.75 47.02 -1.05
CA PHE B 1017 -38.43 46.48 -1.31
C PHE B 1017 -37.68 46.19 -0.02
N PHE B 1018 -37.73 47.10 0.95
CA PHE B 1018 -37.02 46.89 2.20
C PHE B 1018 -37.72 45.88 3.10
N THR B 1019 -39.03 45.70 2.96
CA THR B 1019 -39.73 44.69 3.74
C THR B 1019 -39.21 43.30 3.43
N ASP B 1020 -38.90 43.03 2.16
CA ASP B 1020 -38.34 41.76 1.72
C ASP B 1020 -36.83 41.79 1.66
N TRP B 1021 -36.18 42.57 2.52
CA TRP B 1021 -34.73 42.67 2.50
C TRP B 1021 -34.04 41.34 2.79
N THR B 1022 -34.76 40.39 3.37
CA THR B 1022 -34.17 39.07 3.61
C THR B 1022 -33.84 38.36 2.32
N VAL B 1023 -34.54 38.68 1.24
CA VAL B 1023 -34.32 38.03 -0.05
C VAL B 1023 -33.67 38.97 -1.07
N ASN B 1024 -33.75 40.28 -0.88
CA ASN B 1024 -33.22 41.23 -1.84
C ASN B 1024 -31.79 41.67 -1.53
N ASN B 1025 -31.21 41.20 -0.43
CA ASN B 1025 -29.89 41.66 -0.03
C ASN B 1025 -28.76 40.93 -0.74
N ARG B 1026 -29.08 39.96 -1.60
CA ARG B 1026 -28.07 39.26 -2.37
C ARG B 1026 -28.52 39.18 -3.82
N TYR B 1027 -27.55 39.22 -4.73
CA TYR B 1027 -27.86 39.23 -6.15
C TYR B 1027 -28.54 37.94 -6.59
N SER B 1028 -28.08 36.80 -6.07
CA SER B 1028 -28.57 35.52 -6.55
C SER B 1028 -30.05 35.32 -6.20
N THR B 1029 -30.41 35.56 -4.94
CA THR B 1029 -31.79 35.37 -4.51
C THR B 1029 -32.72 36.33 -5.24
N TRP B 1030 -32.32 37.59 -5.38
CA TRP B 1030 -33.14 38.55 -6.10
C TRP B 1030 -33.32 38.14 -7.54
N GLY B 1031 -32.26 37.68 -8.19
CA GLY B 1031 -32.37 37.21 -9.56
C GLY B 1031 -33.32 36.05 -9.69
N GLY B 1032 -33.24 35.08 -8.77
CA GLY B 1032 -34.15 33.95 -8.82
C GLY B 1032 -35.60 34.36 -8.62
N VAL B 1033 -35.85 35.23 -7.64
CA VAL B 1033 -37.23 35.67 -7.39
C VAL B 1033 -37.78 36.41 -8.59
N SER B 1034 -36.97 37.30 -9.19
CA SER B 1034 -37.44 38.05 -10.35
C SER B 1034 -37.69 37.11 -11.54
N ARG B 1035 -36.79 36.16 -11.77
CA ARG B 1035 -36.95 35.24 -12.89
C ARG B 1035 -38.15 34.33 -12.72
N LEU B 1036 -38.59 34.08 -11.48
CA LEU B 1036 -39.70 33.16 -11.27
C LEU B 1036 -40.95 33.57 -12.04
N VAL B 1037 -41.18 34.88 -12.20
CA VAL B 1037 -42.39 35.32 -12.89
C VAL B 1037 -42.30 35.03 -14.38
N TYR B 1038 -41.14 35.26 -14.99
CA TYR B 1038 -41.06 35.22 -16.44
C TYR B 1038 -40.85 33.80 -16.97
N TYR B 1039 -40.11 32.97 -16.25
CA TYR B 1039 -39.81 31.60 -16.69
C TYR B 1039 -40.13 30.63 -15.56
N PRO B 1040 -41.41 30.46 -15.23
CA PRO B 1040 -41.76 29.51 -14.17
C PRO B 1040 -41.49 28.07 -14.53
N GLU B 1041 -41.35 27.76 -15.82
CA GLU B 1041 -41.12 26.39 -16.23
C GLU B 1041 -39.79 25.85 -15.71
N ASN B 1042 -38.86 26.73 -15.35
CA ASN B 1042 -37.60 26.28 -14.77
C ASN B 1042 -37.77 25.76 -13.36
N TYR B 1043 -38.92 26.00 -12.72
CA TYR B 1043 -39.13 25.58 -11.34
C TYR B 1043 -40.36 24.69 -11.17
N ILE B 1044 -40.98 24.26 -12.26
CA ILE B 1044 -42.13 23.37 -12.18
C ILE B 1044 -41.63 21.96 -11.90
N ASP B 1045 -42.14 21.34 -10.83
CA ASP B 1045 -41.76 19.99 -10.47
C ASP B 1045 -43.00 19.09 -10.57
N PRO B 1046 -42.99 18.07 -11.43
CA PRO B 1046 -44.19 17.22 -11.53
C PRO B 1046 -44.58 16.51 -10.26
N THR B 1047 -43.61 16.15 -9.41
CA THR B 1047 -43.91 15.30 -8.27
C THR B 1047 -44.40 16.06 -7.05
N GLN B 1048 -44.26 17.38 -7.01
CA GLN B 1048 -44.71 18.16 -5.87
C GLN B 1048 -45.24 19.51 -6.34
N ARG B 1049 -46.25 20.00 -5.65
CA ARG B 1049 -46.90 21.25 -5.99
C ARG B 1049 -47.75 21.71 -4.82
N ILE B 1050 -47.71 23.01 -4.54
CA ILE B 1050 -48.54 23.55 -3.47
C ILE B 1050 -50.00 23.44 -3.86
N GLY B 1051 -50.81 22.91 -2.95
CA GLY B 1051 -52.20 22.62 -3.24
C GLY B 1051 -52.46 21.21 -3.73
N GLN B 1052 -51.48 20.31 -3.60
CA GLN B 1052 -51.66 18.93 -4.04
C GLN B 1052 -52.74 18.25 -3.22
N THR B 1053 -53.65 17.57 -3.90
CA THR B 1053 -54.71 16.85 -3.22
C THR B 1053 -54.16 15.60 -2.55
N ARG B 1054 -54.91 15.10 -1.56
CA ARG B 1054 -54.45 13.95 -0.80
C ARG B 1054 -54.34 12.71 -1.67
N MET B 1055 -55.28 12.52 -2.60
CA MET B 1055 -55.25 11.33 -3.45
C MET B 1055 -54.02 11.32 -4.35
N MET B 1056 -53.58 12.49 -4.80
CA MET B 1056 -52.36 12.56 -5.60
C MET B 1056 -51.16 12.11 -4.78
N ASP B 1057 -51.08 12.52 -3.52
CA ASP B 1057 -50.02 12.03 -2.66
C ASP B 1057 -50.11 10.53 -2.48
N GLU B 1058 -51.31 10.00 -2.29
CA GLU B 1058 -51.46 8.57 -2.13
C GLU B 1058 -50.96 7.81 -3.35
N LEU B 1059 -51.27 8.32 -4.54
CA LEU B 1059 -50.74 7.72 -5.76
C LEU B 1059 -49.22 7.79 -5.79
N LEU B 1060 -48.66 8.94 -5.40
CA LEU B 1060 -47.21 9.11 -5.45
C LEU B 1060 -46.52 8.08 -4.56
N GLU B 1061 -47.05 7.86 -3.36
CA GLU B 1061 -46.49 6.84 -2.48
C GLU B 1061 -46.81 5.43 -2.97
N ASN B 1062 -47.87 5.27 -3.77
CA ASN B 1062 -48.11 3.96 -4.35
C ASN B 1062 -47.15 3.62 -5.48
N ILE B 1063 -46.52 4.62 -6.08
CA ILE B 1063 -45.56 4.34 -7.15
C ILE B 1063 -44.16 4.78 -6.76
N SER B 1064 -43.82 4.68 -5.48
CA SER B 1064 -42.55 5.16 -4.98
C SER B 1064 -41.47 4.09 -4.89
N GLN B 1065 -41.75 2.86 -5.30
CA GLN B 1065 -40.74 1.82 -5.22
C GLN B 1065 -39.63 2.06 -6.25
N SER B 1066 -38.52 1.36 -6.07
CA SER B 1066 -37.36 1.59 -6.93
C SER B 1066 -37.66 1.20 -8.38
N LYS B 1067 -38.27 0.05 -8.60
CA LYS B 1067 -38.54 -0.44 -9.93
C LYS B 1067 -40.04 -0.53 -10.14
N LEU B 1068 -40.47 -0.22 -11.36
CA LEU B 1068 -41.88 -0.11 -11.69
C LEU B 1068 -42.18 -0.89 -12.96
N SER B 1069 -43.37 -1.48 -12.99
CA SER B 1069 -43.90 -2.13 -14.18
C SER B 1069 -45.14 -1.40 -14.65
N ARG B 1070 -45.55 -1.70 -15.87
CA ARG B 1070 -46.76 -1.08 -16.41
C ARG B 1070 -47.98 -1.44 -15.58
N ASP B 1071 -48.07 -2.71 -15.15
CA ASP B 1071 -49.21 -3.14 -14.36
C ASP B 1071 -49.28 -2.43 -13.02
N THR B 1072 -48.13 -2.20 -12.39
CA THR B 1072 -48.13 -1.51 -11.10
C THR B 1072 -48.66 -0.08 -11.24
N VAL B 1073 -48.18 0.63 -12.25
CA VAL B 1073 -48.64 2.00 -12.48
C VAL B 1073 -50.12 2.01 -12.82
N GLU B 1074 -50.57 1.04 -13.61
CA GLU B 1074 -51.99 0.98 -13.95
C GLU B 1074 -52.84 0.73 -12.72
N ASP B 1075 -52.41 -0.16 -11.84
CA ASP B 1075 -53.16 -0.42 -10.62
C ASP B 1075 -53.21 0.80 -9.71
N ALA B 1076 -52.09 1.51 -9.59
CA ALA B 1076 -52.09 2.73 -8.80
C ALA B 1076 -53.03 3.77 -9.39
N PHE B 1077 -53.04 3.90 -10.71
CA PHE B 1077 -53.97 4.82 -11.35
C PHE B 1077 -55.41 4.40 -11.14
N LYS B 1078 -55.68 3.09 -11.11
CA LYS B 1078 -57.03 2.63 -10.85
C LYS B 1078 -57.47 2.98 -9.43
N THR B 1079 -56.57 2.84 -8.47
CA THR B 1079 -56.89 3.27 -7.10
C THR B 1079 -57.17 4.76 -7.05
N TYR B 1080 -56.35 5.55 -7.74
CA TYR B 1080 -56.62 6.99 -7.80
C TYR B 1080 -57.97 7.27 -8.43
N LEU B 1081 -58.34 6.48 -9.44
CA LEU B 1081 -59.64 6.64 -10.07
C LEU B 1081 -60.76 6.34 -9.08
N THR B 1082 -60.58 5.34 -8.24
CA THR B 1082 -61.57 5.05 -7.20
C THR B 1082 -61.74 6.25 -6.27
N ARG B 1083 -60.62 6.82 -5.82
CA ARG B 1083 -60.70 7.97 -4.94
C ARG B 1083 -61.37 9.16 -5.63
N PHE B 1084 -61.03 9.39 -6.90
CA PHE B 1084 -61.63 10.50 -7.64
C PHE B 1084 -63.13 10.30 -7.81
N GLU B 1085 -63.55 9.08 -8.10
CA GLU B 1085 -64.98 8.80 -8.24
C GLU B 1085 -65.70 9.04 -6.92
N THR B 1086 -65.08 8.64 -5.80
CA THR B 1086 -65.71 8.88 -4.51
C THR B 1086 -65.86 10.37 -4.22
N VAL B 1087 -64.82 11.15 -4.49
CA VAL B 1087 -64.87 12.57 -4.16
C VAL B 1087 -65.81 13.32 -5.09
N ALA B 1088 -65.74 13.05 -6.40
CA ALA B 1088 -66.46 13.84 -7.38
C ALA B 1088 -67.96 13.60 -7.38
N ASP B 1089 -68.45 12.58 -6.67
CA ASP B 1089 -69.87 12.30 -6.60
C ASP B 1089 -70.56 13.01 -5.45
N LEU B 1090 -69.85 13.89 -4.74
CA LEU B 1090 -70.42 14.59 -3.61
C LEU B 1090 -71.56 15.50 -4.06
N LYS B 1091 -72.56 15.63 -3.19
CA LYS B 1091 -73.67 16.54 -3.42
C LYS B 1091 -73.80 17.46 -2.22
N VAL B 1092 -73.90 18.76 -2.47
CA VAL B 1092 -73.98 19.73 -1.38
C VAL B 1092 -75.32 19.58 -0.68
N VAL B 1093 -75.30 19.49 0.64
CA VAL B 1093 -76.52 19.36 1.42
C VAL B 1093 -76.80 20.59 2.28
N SER B 1094 -75.79 21.36 2.68
CA SER B 1094 -76.09 22.53 3.49
C SER B 1094 -75.06 23.62 3.22
N ALA B 1095 -75.46 24.87 3.48
CA ALA B 1095 -74.61 26.02 3.25
C ALA B 1095 -74.86 27.07 4.32
N TYR B 1096 -73.86 27.90 4.56
CA TYR B 1096 -73.95 28.97 5.56
C TYR B 1096 -73.07 30.12 5.14
N HIS B 1097 -73.65 31.32 5.05
CA HIS B 1097 -72.92 32.52 4.66
C HIS B 1097 -72.55 33.30 5.91
N ASP B 1098 -71.25 33.55 6.08
CA ASP B 1098 -70.74 34.16 7.31
C ASP B 1098 -70.69 35.69 7.15
N ASN B 1099 -71.87 36.28 7.12
CA ASN B 1099 -72.00 37.74 7.04
C ASN B 1099 -73.47 38.09 7.29
N VAL B 1100 -73.76 39.38 7.22
CA VAL B 1100 -75.14 39.85 7.32
C VAL B 1100 -75.74 40.22 5.98
N ASN B 1101 -74.93 40.26 4.92
CA ASN B 1101 -75.42 40.54 3.57
C ASN B 1101 -74.54 39.79 2.59
N SER B 1102 -75.04 39.67 1.36
CA SER B 1102 -74.36 38.85 0.35
C SER B 1102 -73.16 39.55 -0.28
N ASN B 1103 -72.92 40.82 0.05
CA ASN B 1103 -71.85 41.57 -0.61
C ASN B 1103 -70.47 40.99 -0.29
N THR B 1104 -70.24 40.60 0.96
CA THR B 1104 -68.94 40.11 1.37
C THR B 1104 -69.10 38.88 2.25
N GLY B 1105 -67.98 38.29 2.62
CA GLY B 1105 -67.96 37.14 3.50
C GLY B 1105 -67.58 35.87 2.75
N LEU B 1106 -67.56 34.77 3.50
CA LEU B 1106 -67.25 33.45 2.98
C LEU B 1106 -68.46 32.55 3.16
N THR B 1107 -68.68 31.67 2.20
CA THR B 1107 -69.78 30.71 2.25
C THR B 1107 -69.21 29.32 2.49
N TRP B 1108 -69.74 28.63 3.50
CA TRP B 1108 -69.26 27.32 3.89
C TRP B 1108 -70.29 26.27 3.49
N PHE B 1109 -69.84 25.24 2.77
CA PHE B 1109 -70.69 24.18 2.26
C PHE B 1109 -70.34 22.86 2.93
N VAL B 1110 -71.37 22.06 3.20
CA VAL B 1110 -71.23 20.70 3.69
C VAL B 1110 -71.95 19.78 2.71
N GLY B 1111 -71.26 18.73 2.27
CA GLY B 1111 -71.80 17.84 1.27
C GLY B 1111 -71.66 16.38 1.69
N GLN B 1112 -72.46 15.54 1.05
CA GLN B 1112 -72.64 14.14 1.41
C GLN B 1112 -72.36 13.24 0.20
N THR B 1113 -71.72 12.11 0.46
CA THR B 1113 -71.35 11.20 -0.61
C THR B 1113 -72.56 10.45 -1.15
N ARG B 1114 -72.38 9.82 -2.31
CA ARG B 1114 -73.45 9.06 -2.95
C ARG B 1114 -73.66 7.70 -2.30
N GLU B 1115 -72.59 7.05 -1.84
CA GLU B 1115 -72.69 5.71 -1.28
C GLU B 1115 -73.58 5.71 -0.04
N ASN B 1116 -73.93 4.50 0.41
CA ASN B 1116 -74.80 4.33 1.57
C ASN B 1116 -73.97 4.31 2.86
N LEU B 1117 -73.24 5.40 3.08
CA LEU B 1117 -72.40 5.55 4.25
C LEU B 1117 -72.53 6.97 4.78
N PRO B 1118 -72.35 7.17 6.08
CA PRO B 1118 -72.37 8.53 6.65
C PRO B 1118 -71.01 9.22 6.56
N GLU B 1119 -70.61 9.53 5.34
CA GLU B 1119 -69.36 10.24 5.07
C GLU B 1119 -69.69 11.65 4.60
N TYR B 1120 -69.05 12.65 5.20
CA TYR B 1120 -69.36 14.04 4.92
C TYR B 1120 -68.09 14.83 4.69
N TYR B 1121 -68.20 15.86 3.85
CA TYR B 1121 -67.09 16.72 3.51
C TYR B 1121 -67.52 18.18 3.64
N TRP B 1122 -66.55 19.07 3.77
CA TRP B 1122 -66.83 20.49 3.88
C TRP B 1122 -65.84 21.28 3.05
N ARG B 1123 -66.26 22.49 2.67
CA ARG B 1123 -65.42 23.40 1.89
C ARG B 1123 -65.95 24.81 2.08
N ASN B 1124 -65.25 25.79 1.50
CA ASN B 1124 -65.73 27.16 1.53
C ASN B 1124 -65.33 27.89 0.25
N VAL B 1125 -66.08 28.95 -0.05
CA VAL B 1125 -65.84 29.78 -1.21
C VAL B 1125 -65.92 31.25 -0.79
N ASP B 1126 -65.29 32.11 -1.57
CA ASP B 1126 -65.27 33.55 -1.33
C ASP B 1126 -66.12 34.23 -2.40
N ILE B 1127 -67.36 34.56 -2.03
CA ILE B 1127 -68.30 35.12 -3.00
C ILE B 1127 -68.00 36.57 -3.35
N SER B 1128 -67.18 37.26 -2.56
CA SER B 1128 -66.85 38.64 -2.88
C SER B 1128 -66.00 38.76 -4.15
N ARG B 1129 -65.35 37.69 -4.56
CA ARG B 1129 -64.53 37.70 -5.76
C ARG B 1129 -65.35 37.69 -7.04
N MET B 1130 -66.66 37.51 -6.95
CA MET B 1130 -67.49 37.47 -8.15
C MET B 1130 -67.40 38.80 -8.89
N GLN B 1131 -67.20 38.72 -10.20
CA GLN B 1131 -67.12 39.92 -11.04
C GLN B 1131 -67.98 39.69 -12.28
N ALA B 1132 -69.18 40.26 -12.27
CA ALA B 1132 -70.08 40.22 -13.42
C ALA B 1132 -70.42 38.80 -13.84
N GLY B 1133 -70.50 37.89 -12.88
CA GLY B 1133 -71.05 36.57 -13.11
C GLY B 1133 -70.10 35.41 -12.98
N GLU B 1134 -68.86 35.54 -13.43
CA GLU B 1134 -67.92 34.42 -13.42
C GLU B 1134 -67.00 34.52 -12.22
N LEU B 1135 -66.80 33.39 -11.55
CA LEU B 1135 -65.94 33.29 -10.38
C LEU B 1135 -64.68 32.55 -10.76
N ALA B 1136 -63.53 33.11 -10.40
CA ALA B 1136 -62.27 32.45 -10.69
C ALA B 1136 -62.16 31.14 -9.93
N ALA B 1137 -61.56 30.14 -10.56
CA ALA B 1137 -61.49 28.81 -9.98
C ALA B 1137 -60.69 28.79 -8.68
N ASN B 1138 -59.80 29.75 -8.47
CA ASN B 1138 -58.97 29.76 -7.27
C ASN B 1138 -59.72 30.29 -6.05
N ALA B 1139 -60.94 30.80 -6.22
CA ALA B 1139 -61.72 31.24 -5.08
C ALA B 1139 -62.27 30.07 -4.28
N TRP B 1140 -62.35 28.89 -4.89
CA TRP B 1140 -62.90 27.72 -4.21
C TRP B 1140 -61.83 27.07 -3.33
N LYS B 1141 -62.27 26.09 -2.55
CA LYS B 1141 -61.41 25.33 -1.68
C LYS B 1141 -61.73 23.84 -1.81
N GLU B 1142 -60.71 23.01 -1.71
CA GLU B 1142 -60.88 21.58 -1.91
C GLU B 1142 -61.73 20.98 -0.79
N TRP B 1143 -62.46 19.92 -1.14
CA TRP B 1143 -63.26 19.22 -0.14
C TRP B 1143 -62.36 18.61 0.92
N THR B 1144 -62.80 18.69 2.18
CA THR B 1144 -62.06 18.10 3.29
C THR B 1144 -62.99 17.20 4.08
N LYS B 1145 -62.51 16.02 4.45
CA LYS B 1145 -63.35 15.02 5.10
C LYS B 1145 -63.63 15.39 6.55
N ILE B 1146 -64.77 14.91 7.05
CA ILE B 1146 -65.13 15.03 8.46
C ILE B 1146 -65.12 13.64 9.05
N ASP B 1147 -64.35 13.46 10.12
CA ASP B 1147 -64.23 12.15 10.79
C ASP B 1147 -64.49 12.35 12.28
N THR B 1148 -65.76 12.35 12.66
CA THR B 1148 -66.12 12.45 14.07
C THR B 1148 -67.35 11.62 14.43
N ALA B 1149 -67.70 10.63 13.59
CA ALA B 1149 -68.82 9.73 13.84
C ALA B 1149 -70.15 10.49 13.95
N VAL B 1150 -70.55 11.03 12.80
CA VAL B 1150 -71.83 11.71 12.66
C VAL B 1150 -72.85 10.74 12.07
N ASN B 1151 -74.06 10.74 12.63
CA ASN B 1151 -75.16 9.93 12.14
C ASN B 1151 -76.43 10.78 12.10
N PRO B 1152 -76.48 11.77 11.21
CA PRO B 1152 -77.62 12.69 11.22
C PRO B 1152 -78.90 12.01 10.77
N TYR B 1153 -80.02 12.60 11.16
CA TYR B 1153 -81.33 12.11 10.79
C TYR B 1153 -81.71 12.72 9.45
N LYS B 1154 -81.80 11.88 8.41
CA LYS B 1154 -82.07 12.32 7.06
C LYS B 1154 -81.00 13.30 6.58
N ASP B 1155 -81.35 14.57 6.40
CA ASP B 1155 -80.43 15.56 5.87
C ASP B 1155 -80.41 16.80 6.75
N ALA B 1156 -80.56 16.63 8.05
CA ALA B 1156 -80.60 17.76 8.98
C ALA B 1156 -79.24 17.96 9.66
N ILE B 1157 -78.24 18.30 8.85
CA ILE B 1157 -76.90 18.60 9.32
C ILE B 1157 -76.41 19.83 8.59
N ARG B 1158 -75.79 20.76 9.30
CA ARG B 1158 -75.36 22.00 8.65
C ARG B 1158 -74.18 22.58 9.41
N PRO B 1159 -73.36 23.39 8.74
CA PRO B 1159 -72.30 24.11 9.41
C PRO B 1159 -72.78 25.47 9.93
N VAL B 1160 -71.97 26.04 10.82
CA VAL B 1160 -72.27 27.33 11.42
C VAL B 1160 -70.95 27.89 11.92
N ILE B 1161 -70.93 29.19 12.20
CA ILE B 1161 -69.73 29.80 12.76
C ILE B 1161 -70.10 30.74 13.89
N PHE B 1162 -69.92 30.28 15.13
CA PHE B 1162 -69.97 31.17 16.28
C PHE B 1162 -68.71 30.94 17.09
N ARG B 1163 -68.32 31.96 17.85
CA ARG B 1163 -66.98 32.03 18.42
C ARG B 1163 -65.93 31.92 17.33
N GLU B 1164 -66.27 32.40 16.13
CA GLU B 1164 -65.31 32.65 15.06
C GLU B 1164 -64.45 31.43 14.73
N ARG B 1165 -65.02 30.25 14.86
CA ARG B 1165 -64.43 29.03 14.33
C ARG B 1165 -65.56 28.12 13.86
N LEU B 1166 -65.22 27.21 12.94
CA LEU B 1166 -66.23 26.38 12.31
C LEU B 1166 -66.87 25.43 13.31
N HIS B 1167 -68.18 25.25 13.21
CA HIS B 1167 -68.94 24.30 13.99
C HIS B 1167 -69.84 23.50 13.06
N LEU B 1168 -70.09 22.26 13.44
CA LEU B 1168 -71.02 21.39 12.74
C LEU B 1168 -72.13 21.02 13.70
N ILE B 1169 -73.38 21.19 13.27
CA ILE B 1169 -74.54 20.94 14.14
C ILE B 1169 -75.51 20.04 13.39
N TRP B 1170 -75.98 18.99 14.06
CA TRP B 1170 -76.90 18.04 13.44
C TRP B 1170 -77.84 17.47 14.50
N VAL B 1171 -78.74 16.60 14.07
CA VAL B 1171 -79.73 15.99 14.94
C VAL B 1171 -79.86 14.52 14.60
N GLU B 1172 -79.94 13.70 15.65
CA GLU B 1172 -80.02 12.25 15.52
C GLU B 1172 -81.31 11.76 16.15
N LYS B 1173 -81.78 10.60 15.69
CA LYS B 1173 -83.01 10.00 16.18
C LYS B 1173 -82.72 8.62 16.74
N GLU B 1174 -83.33 8.32 17.88
CA GLU B 1174 -83.23 7.00 18.49
C GLU B 1174 -84.63 6.53 18.90
N GLU B 1175 -84.77 5.23 19.11
CA GLU B 1175 -86.03 4.65 19.55
C GLU B 1175 -85.92 4.26 21.01
N VAL B 1176 -86.75 4.87 21.86
CA VAL B 1176 -86.68 4.69 23.29
C VAL B 1176 -88.08 4.43 23.83
N ALA B 1177 -88.19 3.58 24.84
CA ALA B 1177 -89.46 3.28 25.48
C ALA B 1177 -89.46 3.84 26.90
N LYS B 1178 -90.62 4.31 27.34
CA LYS B 1178 -90.75 4.83 28.69
C LYS B 1178 -90.77 3.68 29.69
N ASN B 1179 -89.98 3.80 30.74
CA ASN B 1179 -89.92 2.78 31.78
C ASN B 1179 -91.16 2.84 32.67
N GLY B 1180 -91.45 1.71 33.31
CA GLY B 1180 -92.55 1.65 34.26
C GLY B 1180 -93.93 1.82 33.66
N THR B 1181 -94.19 1.23 32.50
CA THR B 1181 -95.50 1.25 31.87
C THR B 1181 -95.88 -0.17 31.50
N ASP B 1182 -97.04 -0.64 31.98
CA ASP B 1182 -97.43 -2.02 31.74
C ASP B 1182 -97.57 -2.33 30.25
N PRO B 1183 -98.29 -1.54 29.44
CA PRO B 1183 -98.16 -1.70 27.98
C PRO B 1183 -96.95 -0.93 27.50
N VAL B 1184 -95.90 -1.66 27.12
CA VAL B 1184 -94.63 -1.04 26.76
C VAL B 1184 -94.83 -0.31 25.43
N GLU B 1185 -94.80 1.01 25.46
CA GLU B 1185 -94.91 1.82 24.26
C GLU B 1185 -93.58 2.52 24.00
N THR B 1186 -93.25 2.64 22.72
CA THR B 1186 -92.00 3.26 22.30
C THR B 1186 -92.28 4.60 21.65
N TYR B 1187 -91.22 5.39 21.48
CA TYR B 1187 -91.31 6.67 20.81
C TYR B 1187 -89.92 7.03 20.30
N ASP B 1188 -89.86 8.14 19.56
CA ASP B 1188 -88.63 8.60 18.95
C ASP B 1188 -88.07 9.75 19.76
N ARG B 1189 -86.82 9.63 20.17
CA ARG B 1189 -86.11 10.67 20.90
C ARG B 1189 -85.12 11.34 19.96
N PHE B 1190 -85.23 12.66 19.84
CA PHE B 1190 -84.38 13.45 18.96
C PHE B 1190 -83.35 14.20 19.78
N THR B 1191 -82.08 14.07 19.38
CA THR B 1191 -80.96 14.64 20.11
C THR B 1191 -80.19 15.57 19.21
N LEU B 1192 -79.96 16.80 19.67
CA LEU B 1192 -79.20 17.79 18.92
C LEU B 1192 -77.76 17.75 19.36
N LYS B 1193 -76.84 17.61 18.41
CA LYS B 1193 -75.42 17.49 18.68
C LYS B 1193 -74.66 18.61 18.00
N LEU B 1194 -73.68 19.16 18.70
CA LEU B 1194 -72.87 20.27 18.20
C LEU B 1194 -71.40 19.98 18.46
N ALA B 1195 -70.56 20.22 17.45
CA ALA B 1195 -69.13 20.00 17.59
C ALA B 1195 -68.38 21.11 16.88
N PHE B 1196 -67.11 21.29 17.24
CA PHE B 1196 -66.31 22.36 16.65
C PHE B 1196 -64.95 21.82 16.23
N LEU B 1197 -64.34 22.51 15.26
CA LEU B 1197 -63.07 22.10 14.69
C LEU B 1197 -61.91 22.75 15.43
N ARG B 1198 -60.94 21.95 15.85
CA ARG B 1198 -59.82 22.44 16.60
C ARG B 1198 -58.74 22.97 15.67
N HIS B 1199 -57.61 23.37 16.25
CA HIS B 1199 -56.56 24.03 15.47
C HIS B 1199 -55.89 23.06 14.50
N ASP B 1200 -55.49 21.88 14.98
CA ASP B 1200 -54.73 20.95 14.17
C ASP B 1200 -55.60 20.13 13.23
N GLY B 1201 -56.84 20.54 13.00
CA GLY B 1201 -57.71 19.85 12.08
C GLY B 1201 -58.52 18.72 12.66
N SER B 1202 -58.43 18.49 13.96
CA SER B 1202 -59.24 17.45 14.61
C SER B 1202 -60.56 18.04 15.08
N TRP B 1203 -61.54 17.15 15.24
CA TRP B 1203 -62.87 17.54 15.69
C TRP B 1203 -63.05 17.13 17.15
N SER B 1204 -63.63 18.02 17.93
CA SER B 1204 -63.76 17.80 19.37
C SER B 1204 -64.98 16.93 19.67
N ALA B 1205 -65.12 16.57 20.94
CA ALA B 1205 -66.29 15.82 21.37
C ALA B 1205 -67.53 16.72 21.32
N PRO B 1206 -68.69 16.17 20.95
CA PRO B 1206 -69.87 17.01 20.74
C PRO B 1206 -70.74 17.18 21.97
N TRP B 1207 -71.17 18.42 22.19
CA TRP B 1207 -72.21 18.69 23.17
C TRP B 1207 -73.54 18.14 22.67
N SER B 1208 -74.36 17.66 23.62
CA SER B 1208 -75.63 17.02 23.31
C SER B 1208 -76.76 17.70 24.08
N TYR B 1209 -77.91 17.84 23.42
CA TYR B 1209 -79.11 18.37 24.04
C TYR B 1209 -80.31 17.58 23.57
N ASP B 1210 -81.40 17.66 24.32
CA ASP B 1210 -82.63 16.95 24.00
C ASP B 1210 -83.64 17.95 23.46
N ILE B 1211 -84.15 17.70 22.26
CA ILE B 1211 -85.10 18.59 21.61
C ILE B 1211 -86.35 17.83 21.17
N THR B 1212 -86.67 16.75 21.87
CA THR B 1212 -87.80 15.92 21.46
C THR B 1212 -89.12 16.69 21.52
N THR B 1213 -89.32 17.46 22.60
CA THR B 1213 -90.57 18.18 22.75
C THR B 1213 -90.77 19.19 21.64
N GLN B 1214 -89.72 19.95 21.30
CA GLN B 1214 -89.84 20.94 20.24
C GLN B 1214 -90.14 20.29 18.89
N VAL B 1215 -89.47 19.18 18.59
CA VAL B 1215 -89.70 18.50 17.32
C VAL B 1215 -91.13 18.00 17.23
N GLU B 1216 -91.62 17.37 18.30
CA GLU B 1216 -92.99 16.88 18.30
C GLU B 1216 -93.99 18.02 18.22
N ALA B 1217 -93.67 19.16 18.82
CA ALA B 1217 -94.59 20.29 18.77
C ALA B 1217 -94.68 20.86 17.36
N VAL B 1218 -93.53 21.11 16.72
CA VAL B 1218 -93.56 21.73 15.40
C VAL B 1218 -93.93 20.78 14.29
N THR B 1219 -93.90 19.48 14.54
CA THR B 1219 -94.25 18.51 13.50
C THR B 1219 -95.62 17.88 13.72
N ASP B 1220 -96.24 18.11 14.88
CA ASP B 1220 -97.53 17.52 15.23
C ASP B 1220 -97.44 16.00 15.27
N LYS B 1221 -96.31 15.48 15.73
CA LYS B 1221 -96.10 14.05 15.93
C LYS B 1221 -96.28 13.25 14.65
N LYS B 1222 -95.93 13.86 13.51
CA LYS B 1222 -95.89 13.16 12.22
C LYS B 1222 -94.56 13.45 11.54
N PRO B 1223 -93.44 13.03 12.14
CA PRO B 1223 -92.14 13.31 11.52
C PRO B 1223 -91.92 12.58 10.21
N ASP B 1224 -92.68 11.52 9.94
CA ASP B 1224 -92.49 10.77 8.70
C ASP B 1224 -93.09 11.49 7.51
N THR B 1225 -94.24 12.14 7.69
CA THR B 1225 -94.91 12.82 6.59
C THR B 1225 -94.41 14.24 6.38
N GLU B 1226 -93.95 14.90 7.43
CA GLU B 1226 -93.43 16.26 7.34
C GLU B 1226 -91.92 16.23 7.28
N ARG B 1227 -91.35 17.23 6.60
CA ARG B 1227 -89.90 17.33 6.47
C ARG B 1227 -89.38 18.27 7.55
N LEU B 1228 -88.84 17.70 8.62
CA LEU B 1228 -88.24 18.50 9.67
C LEU B 1228 -87.00 19.21 9.14
N ALA B 1229 -86.84 20.48 9.50
CA ALA B 1229 -85.73 21.28 9.01
C ALA B 1229 -85.08 22.04 10.16
N LEU B 1230 -83.77 22.20 10.05
CA LEU B 1230 -82.95 22.83 11.07
C LEU B 1230 -82.21 24.02 10.47
N ALA B 1231 -82.21 25.14 11.18
CA ALA B 1231 -81.48 26.32 10.77
C ALA B 1231 -80.66 26.85 11.94
N ALA B 1232 -79.48 27.39 11.63
CA ALA B 1232 -78.57 27.86 12.67
C ALA B 1232 -77.95 29.18 12.24
N SER B 1233 -77.84 30.11 13.19
CA SER B 1233 -77.22 31.40 12.93
C SER B 1233 -76.38 31.79 14.13
N GLY B 1234 -75.43 32.69 13.90
CA GLY B 1234 -74.55 33.12 14.98
C GLY B 1234 -74.67 34.59 15.31
N PHE B 1235 -75.22 34.89 16.48
CA PHE B 1235 -75.39 36.28 16.91
C PHE B 1235 -74.08 36.73 17.54
N GLN B 1236 -73.27 37.46 16.77
CA GLN B 1236 -71.96 37.88 17.25
C GLN B 1236 -72.07 39.02 18.25
N GLY B 1237 -73.10 39.86 18.14
CA GLY B 1237 -73.23 40.98 19.06
C GLY B 1237 -73.35 40.55 20.50
N GLU B 1238 -74.18 39.56 20.77
CA GLU B 1238 -74.34 39.00 22.10
C GLU B 1238 -73.51 37.75 22.33
N ASP B 1239 -72.74 37.32 21.32
CA ASP B 1239 -71.89 36.14 21.42
C ASP B 1239 -72.71 34.90 21.80
N THR B 1240 -73.61 34.52 20.90
CA THR B 1240 -74.47 33.36 21.14
C THR B 1240 -74.80 32.70 19.82
N LEU B 1241 -75.42 31.53 19.90
CA LEU B 1241 -75.78 30.75 18.73
C LEU B 1241 -77.28 30.47 18.77
N LEU B 1242 -77.99 30.85 17.72
CA LEU B 1242 -79.43 30.65 17.62
C LEU B 1242 -79.72 29.44 16.75
N VAL B 1243 -80.60 28.57 17.23
CA VAL B 1243 -80.99 27.36 16.52
C VAL B 1243 -82.51 27.36 16.40
N PHE B 1244 -83.00 27.04 15.21
CA PHE B 1244 -84.43 26.96 14.96
C PHE B 1244 -84.76 25.62 14.32
N VAL B 1245 -85.87 25.03 14.76
CA VAL B 1245 -86.39 23.79 14.20
C VAL B 1245 -87.80 24.06 13.70
N TYR B 1246 -88.07 23.70 12.45
CA TYR B 1246 -89.35 24.04 11.86
C TYR B 1246 -89.78 22.95 10.90
N LYS B 1247 -90.98 23.13 10.33
CA LYS B 1247 -91.53 22.23 9.35
C LYS B 1247 -91.53 22.92 7.99
N THR B 1248 -90.97 22.25 6.98
CA THR B 1248 -90.83 22.86 5.67
C THR B 1248 -92.19 23.20 5.08
N GLY B 1249 -92.33 24.42 4.56
CA GLY B 1249 -93.58 24.87 3.99
C GLY B 1249 -93.31 25.90 2.91
N LYS B 1250 -94.39 26.37 2.29
CA LYS B 1250 -94.24 27.34 1.21
C LYS B 1250 -93.83 28.70 1.73
N SER B 1251 -94.39 29.12 2.86
CA SER B 1251 -94.08 30.42 3.43
C SER B 1251 -94.26 30.36 4.94
N TYR B 1252 -93.69 31.33 5.63
CA TYR B 1252 -93.71 31.39 7.08
C TYR B 1252 -94.20 32.75 7.55
N SER B 1253 -95.04 32.75 8.58
CA SER B 1253 -95.49 33.98 9.20
C SER B 1253 -94.48 34.39 10.28
N ASP B 1254 -94.84 35.40 11.08
CA ASP B 1254 -93.94 35.87 12.12
C ASP B 1254 -93.81 34.84 13.24
N PHE B 1255 -92.65 34.82 13.88
CA PHE B 1255 -92.37 33.84 14.90
C PHE B 1255 -93.10 34.18 16.19
N GLY B 1256 -93.22 33.19 17.07
CA GLY B 1256 -93.83 33.37 18.36
C GLY B 1256 -95.34 33.48 18.27
N GLY B 1257 -95.96 33.65 19.44
CA GLY B 1257 -97.39 33.77 19.49
C GLY B 1257 -98.08 32.50 19.02
N SER B 1258 -99.04 32.66 18.10
CA SER B 1258 -99.82 31.54 17.62
C SER B 1258 -99.08 30.66 16.63
N ASN B 1259 -97.95 31.13 16.10
CA ASN B 1259 -97.20 30.36 15.11
C ASN B 1259 -96.55 29.16 15.78
N LYS B 1260 -97.13 27.99 15.55
CA LYS B 1260 -96.68 26.76 16.19
C LYS B 1260 -95.69 25.98 15.33
N ASN B 1261 -95.29 26.52 14.19
CA ASN B 1261 -94.46 25.79 13.25
C ASN B 1261 -92.97 26.01 13.45
N VAL B 1262 -92.57 26.85 14.40
CA VAL B 1262 -91.17 27.17 14.62
C VAL B 1262 -90.86 27.09 16.10
N ALA B 1263 -89.78 26.40 16.45
CA ALA B 1263 -89.29 26.34 17.82
C ALA B 1263 -87.83 26.78 17.85
N GLY B 1264 -87.42 27.37 18.97
CA GLY B 1264 -86.13 28.01 19.06
C GLY B 1264 -85.26 27.45 20.18
N MET B 1265 -83.99 27.85 20.14
CA MET B 1265 -82.99 27.43 21.12
C MET B 1265 -81.82 28.40 21.06
N THR B 1266 -81.24 28.67 22.22
CA THR B 1266 -80.11 29.59 22.32
C THR B 1266 -78.97 28.91 23.06
N ILE B 1267 -77.77 28.96 22.49
CA ILE B 1267 -76.61 28.29 23.05
C ILE B 1267 -75.55 29.34 23.34
N TYR B 1268 -74.99 29.30 24.54
CA TYR B 1268 -74.00 30.29 24.97
C TYR B 1268 -72.59 29.78 24.72
N GLY B 1269 -71.60 30.56 25.18
CA GLY B 1269 -70.22 30.22 24.89
C GLY B 1269 -69.75 28.96 25.59
N ASP B 1270 -70.17 28.77 26.83
CA ASP B 1270 -69.69 27.64 27.63
C ASP B 1270 -70.42 26.34 27.33
N GLY B 1271 -71.39 26.34 26.43
CA GLY B 1271 -72.14 25.15 26.09
C GLY B 1271 -73.51 25.06 26.70
N SER B 1272 -73.83 25.91 27.68
CA SER B 1272 -75.16 25.90 28.27
C SER B 1272 -76.19 26.43 27.27
N PHE B 1273 -77.41 25.92 27.39
CA PHE B 1273 -78.49 26.28 26.49
C PHE B 1273 -79.61 26.97 27.27
N LYS B 1274 -80.61 27.43 26.52
CA LYS B 1274 -81.79 28.05 27.13
C LYS B 1274 -82.90 28.05 26.09
N LYS B 1275 -84.02 27.42 26.41
CA LYS B 1275 -85.15 27.34 25.49
C LYS B 1275 -85.81 28.71 25.42
N MET B 1276 -85.95 29.24 24.20
CA MET B 1276 -86.48 30.59 24.02
C MET B 1276 -88.00 30.61 24.23
N GLU B 1277 -88.48 31.72 24.77
CA GLU B 1277 -89.90 31.94 25.00
C GLU B 1277 -90.48 32.81 23.88
N ASN B 1278 -91.78 33.12 24.00
CA ASN B 1278 -92.46 33.86 22.94
C ASN B 1278 -91.86 35.24 22.75
N THR B 1279 -91.58 35.95 23.84
CA THR B 1279 -91.02 37.30 23.73
C THR B 1279 -89.66 37.29 23.05
N ALA B 1280 -88.81 36.33 23.42
CA ALA B 1280 -87.52 36.22 22.76
C ALA B 1280 -87.66 35.72 21.33
N LEU B 1281 -88.63 34.83 21.08
CA LEU B 1281 -88.81 34.28 19.74
C LEU B 1281 -89.25 35.37 18.77
N SER B 1282 -90.11 36.28 19.21
CA SER B 1282 -90.58 37.34 18.32
C SER B 1282 -89.47 38.29 17.91
N ARG B 1283 -88.34 38.27 18.61
CA ARG B 1283 -87.25 39.18 18.30
C ARG B 1283 -86.59 38.83 16.97
N TYR B 1284 -86.57 37.54 16.61
CA TYR B 1284 -85.85 37.07 15.43
C TYR B 1284 -86.79 36.72 14.27
N SER B 1285 -87.92 37.42 14.15
CA SER B 1285 -88.86 37.10 13.09
C SER B 1285 -88.30 37.41 11.70
N GLN B 1286 -87.27 38.25 11.62
CA GLN B 1286 -86.72 38.63 10.32
C GLN B 1286 -85.89 37.53 9.68
N LEU B 1287 -85.56 36.47 10.43
CA LEU B 1287 -84.72 35.41 9.89
C LEU B 1287 -85.49 34.41 9.06
N LYS B 1288 -86.82 34.53 8.98
CA LYS B 1288 -87.60 33.57 8.22
C LYS B 1288 -87.28 33.59 6.73
N ASN B 1289 -86.68 34.67 6.23
CA ASN B 1289 -86.33 34.75 4.82
C ASN B 1289 -85.18 33.82 4.45
N THR B 1290 -84.49 33.24 5.43
CA THR B 1290 -83.39 32.33 5.16
C THR B 1290 -83.75 30.88 5.44
N PHE B 1291 -85.04 30.56 5.52
CA PHE B 1291 -85.47 29.20 5.77
C PHE B 1291 -85.72 28.48 4.46
N ASP B 1292 -85.62 27.15 4.48
CA ASP B 1292 -85.94 26.35 3.32
C ASP B 1292 -87.43 26.42 3.03
N ILE B 1293 -87.79 26.44 1.74
CA ILE B 1293 -89.18 26.55 1.33
C ILE B 1293 -89.43 25.59 0.16
N ILE B 1294 -90.71 25.35 -0.09
CA ILE B 1294 -91.16 24.57 -1.25
C ILE B 1294 -91.56 25.56 -2.33
N HIS B 1295 -90.99 25.39 -3.53
CA HIS B 1295 -91.25 26.32 -4.61
C HIS B 1295 -92.72 26.31 -4.99
N THR B 1296 -93.28 27.50 -5.20
CA THR B 1296 -94.68 27.60 -5.59
C THR B 1296 -94.93 26.99 -6.97
N GLN B 1297 -94.06 27.30 -7.92
CA GLN B 1297 -94.17 26.75 -9.28
C GLN B 1297 -93.37 25.46 -9.33
N GLY B 1298 -94.06 24.34 -9.14
CA GLY B 1298 -93.40 23.05 -9.10
C GLY B 1298 -92.91 22.71 -7.71
N ASN B 1299 -93.32 21.56 -7.19
CA ASN B 1299 -92.99 21.17 -5.83
C ASN B 1299 -91.52 20.77 -5.76
N ASP B 1300 -90.67 21.79 -5.82
CA ASP B 1300 -89.22 21.62 -5.80
C ASP B 1300 -88.66 22.20 -4.52
N LEU B 1301 -87.88 21.40 -3.80
CA LEU B 1301 -87.27 21.86 -2.57
C LEU B 1301 -86.08 22.75 -2.87
N VAL B 1302 -86.03 23.92 -2.25
CA VAL B 1302 -84.92 24.85 -2.39
C VAL B 1302 -84.37 25.14 -1.00
N ARG B 1303 -83.05 25.07 -0.87
CA ARG B 1303 -82.37 25.32 0.39
C ARG B 1303 -81.72 26.69 0.35
N LYS B 1304 -81.94 27.48 1.39
CA LYS B 1304 -81.37 28.82 1.50
C LYS B 1304 -80.30 28.81 2.57
N ALA B 1305 -79.13 29.36 2.25
CA ALA B 1305 -78.04 29.40 3.21
C ALA B 1305 -78.37 30.36 4.36
N SER B 1306 -78.06 29.93 5.58
CA SER B 1306 -78.31 30.76 6.75
C SER B 1306 -77.30 31.91 6.82
N TYR B 1307 -77.69 32.97 7.52
CA TYR B 1307 -76.89 34.18 7.60
C TYR B 1307 -76.64 34.54 9.06
N ARG B 1308 -75.55 35.26 9.28
CA ARG B 1308 -75.29 35.82 10.60
C ARG B 1308 -76.33 36.88 10.92
N PHE B 1309 -76.83 36.85 12.15
CA PHE B 1309 -77.94 37.72 12.54
C PHE B 1309 -77.44 39.02 13.16
N ALA B 1310 -78.18 40.09 12.89
CA ALA B 1310 -77.99 41.36 13.57
C ALA B 1310 -79.33 42.08 13.57
N GLN B 1311 -79.47 43.06 14.47
CA GLN B 1311 -80.77 43.68 14.65
C GLN B 1311 -81.14 44.55 13.45
N ASP B 1312 -80.39 45.61 13.21
CA ASP B 1312 -80.57 46.41 12.01
C ASP B 1312 -79.27 46.73 11.31
N PHE B 1313 -78.20 46.98 12.06
CA PHE B 1313 -76.90 47.29 11.51
C PHE B 1313 -75.83 46.57 12.32
N GLU B 1314 -74.81 46.07 11.65
CA GLU B 1314 -73.71 45.38 12.28
C GLU B 1314 -72.52 46.32 12.40
N VAL B 1315 -72.01 46.45 13.62
CA VAL B 1315 -70.83 47.26 13.91
C VAL B 1315 -69.90 46.43 14.79
N PRO B 1316 -68.58 46.45 14.54
CA PRO B 1316 -67.67 45.65 15.36
C PRO B 1316 -67.75 46.06 16.83
N ALA B 1317 -67.62 45.06 17.71
CA ALA B 1317 -67.78 45.31 19.13
C ALA B 1317 -66.61 46.09 19.72
N SER B 1318 -65.43 46.03 19.11
CA SER B 1318 -64.27 46.69 19.66
C SER B 1318 -63.39 47.18 18.52
N LEU B 1319 -62.49 48.11 18.85
CA LEU B 1319 -61.60 48.69 17.84
C LEU B 1319 -60.29 49.08 18.50
N ASN B 1320 -59.20 48.46 18.05
CA ASN B 1320 -57.87 48.75 18.59
C ASN B 1320 -57.24 49.86 17.78
N MET B 1321 -57.07 51.03 18.41
CA MET B 1321 -56.51 52.18 17.70
C MET B 1321 -55.09 51.88 17.23
N GLY B 1322 -54.28 51.30 18.09
CA GLY B 1322 -52.88 51.08 17.79
C GLY B 1322 -51.96 51.99 18.59
N SER B 1323 -50.90 52.48 17.96
CA SER B 1323 -49.96 53.40 18.60
C SER B 1323 -49.40 54.34 17.55
N ALA B 1324 -48.87 55.46 18.02
CA ALA B 1324 -48.32 56.47 17.14
C ALA B 1324 -47.12 57.14 17.81
N ILE B 1325 -46.32 57.82 17.00
CA ILE B 1325 -45.13 58.52 17.46
C ILE B 1325 -45.34 60.01 17.30
N GLY B 1326 -45.02 60.76 18.34
CA GLY B 1326 -45.18 62.20 18.32
C GLY B 1326 -44.08 62.88 17.52
N ASP B 1327 -44.16 64.21 17.51
CA ASP B 1327 -43.19 65.01 16.77
C ASP B 1327 -41.82 64.94 17.42
N ASP B 1328 -40.78 64.92 16.60
CA ASP B 1328 -39.38 64.93 17.03
C ASP B 1328 -39.03 63.72 17.89
N SER B 1329 -39.81 62.65 17.80
CA SER B 1329 -39.58 61.42 18.55
C SER B 1329 -39.44 61.71 20.04
N LEU B 1330 -40.38 62.47 20.57
CA LEU B 1330 -40.39 62.87 21.97
C LEU B 1330 -41.47 62.15 22.78
N THR B 1331 -42.69 62.10 22.27
CA THR B 1331 -43.80 61.48 22.97
C THR B 1331 -44.34 60.31 22.18
N VAL B 1332 -45.24 59.55 22.79
CA VAL B 1332 -45.85 58.40 22.14
C VAL B 1332 -47.18 58.09 22.82
N MET B 1333 -48.19 57.80 22.02
CA MET B 1333 -49.47 57.33 22.52
C MET B 1333 -49.58 55.83 22.32
N GLU B 1334 -50.05 55.13 23.35
CA GLU B 1334 -50.14 53.68 23.34
C GLU B 1334 -51.49 53.24 23.87
N ASN B 1335 -51.78 51.95 23.66
CA ASN B 1335 -52.90 51.27 24.30
C ASN B 1335 -54.25 51.90 23.94
N GLY B 1336 -54.30 52.61 22.82
CA GLY B 1336 -55.55 53.17 22.36
C GLY B 1336 -56.52 52.05 22.01
N ASN B 1337 -57.68 52.04 22.65
CA ASN B 1337 -58.61 50.95 22.43
C ASN B 1337 -60.01 51.40 22.79
N ILE B 1338 -60.99 50.97 21.98
CA ILE B 1338 -62.40 51.16 22.29
C ILE B 1338 -63.01 49.77 22.48
N PRO B 1339 -63.22 49.33 23.72
CA PRO B 1339 -63.63 47.94 23.94
C PRO B 1339 -65.09 47.66 23.65
N GLN B 1340 -65.96 48.67 23.67
CA GLN B 1340 -67.38 48.45 23.49
C GLN B 1340 -67.96 49.48 22.53
N ILE B 1341 -68.62 49.00 21.49
CA ILE B 1341 -69.32 49.85 20.52
C ILE B 1341 -70.72 49.28 20.35
N THR B 1342 -71.73 50.10 20.61
CA THR B 1342 -73.12 49.68 20.54
C THR B 1342 -73.87 50.53 19.52
N SER B 1343 -74.92 49.94 18.95
CA SER B 1343 -75.74 50.62 17.96
C SER B 1343 -77.20 50.57 18.37
N LYS B 1344 -77.93 51.62 18.04
CA LYS B 1344 -79.36 51.69 18.32
C LYS B 1344 -80.06 52.37 17.16
N TYR B 1345 -80.96 51.64 16.51
CA TYR B 1345 -81.73 52.16 15.38
C TYR B 1345 -83.17 52.36 15.84
N SER B 1346 -83.53 53.61 16.09
CA SER B 1346 -84.87 53.95 16.56
C SER B 1346 -85.57 54.78 15.49
N SER B 1347 -86.76 54.32 15.08
CA SER B 1347 -87.49 54.94 13.98
C SER B 1347 -86.63 54.96 12.73
N ASP B 1348 -86.10 56.12 12.37
CA ASP B 1348 -85.21 56.26 11.22
C ASP B 1348 -83.89 56.91 11.59
N ASN B 1349 -83.52 56.87 12.87
CA ASN B 1349 -82.30 57.49 13.36
C ASN B 1349 -81.39 56.42 13.94
N LEU B 1350 -80.14 56.42 13.52
CA LEU B 1350 -79.13 55.48 13.98
C LEU B 1350 -78.17 56.21 14.91
N ALA B 1351 -77.98 55.66 16.11
CA ALA B 1351 -77.09 56.24 17.10
C ALA B 1351 -76.03 55.22 17.46
N ILE B 1352 -74.78 55.66 17.53
CA ILE B 1352 -73.65 54.80 17.86
C ILE B 1352 -73.03 55.28 19.16
N THR B 1353 -72.86 54.37 20.10
CA THR B 1353 -72.30 54.69 21.41
C THR B 1353 -70.95 53.99 21.57
N LEU B 1354 -69.94 54.77 21.94
CA LEU B 1354 -68.60 54.26 22.20
C LEU B 1354 -68.36 54.29 23.70
N HIS B 1355 -67.97 53.16 24.27
CA HIS B 1355 -67.80 53.02 25.71
C HIS B 1355 -66.32 52.88 26.04
N ASN B 1356 -65.85 53.70 26.98
CA ASN B 1356 -64.50 53.58 27.53
C ASN B 1356 -63.43 53.75 26.47
N ALA B 1357 -63.50 54.86 25.75
CA ALA B 1357 -62.46 55.22 24.79
C ALA B 1357 -61.24 55.72 25.56
N ALA B 1358 -60.15 54.96 25.52
CA ALA B 1358 -59.00 55.24 26.37
C ALA B 1358 -57.71 55.15 25.57
N PHE B 1359 -56.70 55.85 26.04
CA PHE B 1359 -55.35 55.81 25.46
C PHE B 1359 -54.38 56.47 26.42
N THR B 1360 -53.13 56.03 26.40
CA THR B 1360 -52.11 56.54 27.30
C THR B 1360 -51.09 57.36 26.53
N VAL B 1361 -50.65 58.47 27.13
CA VAL B 1361 -49.62 59.32 26.54
C VAL B 1361 -48.40 59.27 27.44
N ARG B 1362 -47.24 58.99 26.84
CA ARG B 1362 -46.01 58.84 27.60
C ARG B 1362 -44.86 59.54 26.88
N TYR B 1363 -44.02 60.23 27.63
CA TYR B 1363 -42.83 60.87 27.08
C TYR B 1363 -41.75 59.82 26.90
N ASP B 1364 -41.41 59.53 25.65
CA ASP B 1364 -40.43 58.50 25.33
C ASP B 1364 -40.04 58.64 23.86
N GLY B 1365 -38.77 58.41 23.57
CA GLY B 1365 -38.28 58.41 22.20
C GLY B 1365 -38.03 56.98 21.72
N SER B 1366 -38.37 56.73 20.47
CA SER B 1366 -38.28 55.37 19.91
C SER B 1366 -36.90 55.09 19.33
N GLY B 1367 -35.86 55.43 20.09
CA GLY B 1367 -34.49 55.07 19.75
C GLY B 1367 -33.71 56.20 19.11
N ASN B 1368 -32.94 56.91 19.93
CA ASN B 1368 -32.03 57.97 19.48
C ASN B 1368 -31.30 58.55 20.68
N VAL B 1369 -30.46 59.55 20.46
CA VAL B 1369 -29.84 60.27 21.56
C VAL B 1369 -30.87 61.02 22.38
N ILE B 1370 -32.00 61.38 21.78
CA ILE B 1370 -33.01 62.18 22.48
C ILE B 1370 -33.53 61.41 23.68
N ARG B 1371 -34.07 60.21 23.45
CA ARG B 1371 -34.60 59.44 24.56
C ARG B 1371 -33.51 59.08 25.55
N ASN B 1372 -32.31 58.75 25.06
CA ASN B 1372 -31.25 58.31 25.94
C ASN B 1372 -30.86 59.41 26.93
N LYS B 1373 -30.77 60.65 26.46
CA LYS B 1373 -30.21 61.72 27.28
C LYS B 1373 -31.20 62.80 27.66
N GLN B 1374 -31.85 63.43 26.68
CA GLN B 1374 -32.60 64.64 26.97
C GLN B 1374 -33.84 64.36 27.81
N ILE B 1375 -34.57 63.29 27.47
CA ILE B 1375 -35.78 62.95 28.22
C ILE B 1375 -35.42 62.62 29.67
N SER B 1376 -34.36 61.85 29.88
CA SER B 1376 -33.90 61.59 31.23
C SER B 1376 -33.46 62.87 31.92
N ALA B 1377 -32.92 63.83 31.16
CA ALA B 1377 -32.53 65.10 31.75
C ALA B 1377 -33.73 65.87 32.27
N MET B 1378 -34.81 65.93 31.49
CA MET B 1378 -35.96 66.70 31.95
C MET B 1378 -36.74 65.99 33.06
N LYS B 1379 -36.48 64.70 33.28
CA LYS B 1379 -37.16 63.98 34.35
C LYS B 1379 -36.50 64.18 35.71
N LEU B 1380 -35.33 64.80 35.76
CA LEU B 1380 -34.65 65.03 37.02
C LEU B 1380 -35.41 66.04 37.87
N THR B 1381 -35.31 65.88 39.19
CA THR B 1381 -35.96 66.79 40.12
C THR B 1381 -35.16 68.07 40.25
N GLY B 1382 -35.86 69.20 40.28
CA GLY B 1382 -35.23 70.48 40.41
C GLY B 1382 -34.84 70.81 41.84
N VAL B 1383 -34.26 71.99 42.01
CA VAL B 1383 -33.84 72.43 43.34
C VAL B 1383 -34.96 73.18 44.05
N ASP B 1384 -35.76 73.95 43.31
CA ASP B 1384 -36.89 74.65 43.91
C ASP B 1384 -38.01 73.70 44.32
N GLY B 1385 -37.81 72.39 44.18
CA GLY B 1385 -38.77 71.41 44.63
C GLY B 1385 -39.43 70.61 43.53
N LYS B 1386 -38.86 69.43 43.26
CA LYS B 1386 -39.47 68.39 42.44
C LYS B 1386 -40.03 68.90 41.12
N SER B 1387 -41.14 68.29 40.68
CA SER B 1387 -41.88 68.72 39.50
C SER B 1387 -41.05 68.64 38.22
N GLN B 1388 -40.75 69.80 37.64
CA GLN B 1388 -40.14 69.97 36.32
C GLN B 1388 -41.04 69.47 35.20
N TYR B 1389 -42.32 69.25 35.48
CA TYR B 1389 -43.30 68.91 34.46
C TYR B 1389 -44.11 70.13 34.08
N GLY B 1390 -44.40 70.26 32.79
CA GLY B 1390 -45.14 71.40 32.29
C GLY B 1390 -44.31 72.64 32.08
N ASN B 1391 -43.01 72.59 32.31
CA ASN B 1391 -42.13 73.72 32.08
C ASN B 1391 -41.74 73.80 30.61
N ALA B 1392 -41.13 74.93 30.26
CA ALA B 1392 -40.63 75.16 28.89
C ALA B 1392 -39.16 74.83 28.83
N PHE B 1393 -38.76 74.11 27.79
CA PHE B 1393 -37.39 73.62 27.66
C PHE B 1393 -36.78 74.07 26.35
N ILE B 1394 -35.45 74.19 26.36
CA ILE B 1394 -34.66 74.45 25.15
C ILE B 1394 -33.73 73.27 24.96
N ILE B 1395 -33.85 72.60 23.81
CA ILE B 1395 -33.06 71.41 23.51
C ILE B 1395 -32.37 71.62 22.16
N ALA B 1396 -31.55 70.65 21.78
CA ALA B 1396 -30.78 70.72 20.55
C ALA B 1396 -31.34 69.74 19.52
N ASN B 1397 -31.29 70.16 18.26
CA ASN B 1397 -31.80 69.32 17.18
C ASN B 1397 -31.02 68.01 17.07
N THR B 1398 -29.73 68.11 16.74
CA THR B 1398 -28.87 66.94 16.60
C THR B 1398 -27.57 67.19 17.33
N VAL B 1399 -27.20 66.27 18.22
CA VAL B 1399 -25.99 66.37 19.03
C VAL B 1399 -25.06 65.24 18.64
N LYS B 1400 -23.81 65.55 18.36
CA LYS B 1400 -22.83 64.54 17.95
C LYS B 1400 -21.54 64.72 18.73
N HIS B 1401 -20.89 63.60 19.04
CA HIS B 1401 -19.59 63.66 19.70
C HIS B 1401 -18.59 64.36 18.81
N TYR B 1402 -17.82 65.29 19.38
CA TYR B 1402 -16.89 66.11 18.61
C TYR B 1402 -15.44 65.76 18.89
N GLY B 1403 -15.05 65.67 20.16
CA GLY B 1403 -13.68 65.37 20.48
C GLY B 1403 -13.49 65.23 21.97
N GLY B 1404 -12.23 65.17 22.38
CA GLY B 1404 -11.86 65.01 23.76
C GLY B 1404 -10.92 63.84 23.96
N TYR B 1405 -10.53 63.64 25.22
CA TYR B 1405 -9.64 62.54 25.54
C TYR B 1405 -10.30 61.19 25.24
N SER B 1406 -11.58 61.06 25.58
CA SER B 1406 -12.33 59.85 25.28
C SER B 1406 -13.79 60.22 25.09
N ASP B 1407 -14.52 59.36 24.41
CA ASP B 1407 -15.95 59.59 24.16
C ASP B 1407 -16.74 58.92 25.27
N LEU B 1408 -17.11 59.71 26.28
CA LEU B 1408 -17.99 59.23 27.34
C LEU B 1408 -19.43 59.28 26.82
N GLY B 1409 -20.39 59.16 27.74
CA GLY B 1409 -21.77 59.37 27.35
C GLY B 1409 -22.04 60.79 26.87
N GLY B 1410 -21.13 61.72 27.16
CA GLY B 1410 -21.25 63.07 26.68
C GLY B 1410 -22.16 63.90 27.54
N PRO B 1411 -21.73 65.09 27.91
CA PRO B 1411 -22.60 65.96 28.70
C PRO B 1411 -23.70 66.55 27.82
N ILE B 1412 -24.91 66.03 27.98
CA ILE B 1412 -26.07 66.53 27.25
C ILE B 1412 -26.81 67.48 28.17
N THR B 1413 -27.02 68.71 27.70
CA THR B 1413 -27.56 69.78 28.52
C THR B 1413 -28.90 70.26 27.98
N VAL B 1414 -29.78 70.64 28.90
CA VAL B 1414 -31.10 71.16 28.58
C VAL B 1414 -31.39 72.34 29.48
N TYR B 1415 -32.01 73.38 28.92
CA TYR B 1415 -32.33 74.60 29.64
C TYR B 1415 -33.80 74.61 30.05
N ASN B 1416 -34.06 75.08 31.26
CA ASN B 1416 -35.41 75.25 31.78
C ASN B 1416 -35.66 76.74 31.96
N LYS B 1417 -36.49 77.31 31.09
CA LYS B 1417 -36.70 78.75 31.09
C LYS B 1417 -37.62 79.21 32.21
N THR B 1418 -38.59 78.38 32.62
CA THR B 1418 -39.52 78.78 33.66
C THR B 1418 -38.82 78.97 35.00
N LYS B 1419 -37.73 78.24 35.23
CA LYS B 1419 -36.99 78.35 36.48
C LYS B 1419 -35.51 78.67 36.27
N ASN B 1420 -35.06 78.84 35.02
CA ASN B 1420 -33.67 79.14 34.70
C ASN B 1420 -32.74 78.09 35.28
N TYR B 1421 -32.92 76.86 34.81
CA TYR B 1421 -32.12 75.72 35.24
C TYR B 1421 -31.33 75.18 34.07
N ILE B 1422 -30.18 74.59 34.36
CA ILE B 1422 -29.40 73.83 33.37
C ILE B 1422 -29.26 72.42 33.91
N ALA B 1423 -29.77 71.45 33.16
CA ALA B 1423 -29.70 70.05 33.56
C ALA B 1423 -28.78 69.30 32.58
N SER B 1424 -27.78 68.62 33.13
CA SER B 1424 -26.79 67.92 32.32
C SER B 1424 -26.76 66.45 32.69
N VAL B 1425 -26.58 65.59 31.69
CA VAL B 1425 -26.47 64.16 31.88
C VAL B 1425 -25.20 63.66 31.21
N GLN B 1426 -24.76 62.49 31.66
CA GLN B 1426 -23.53 61.87 31.17
C GLN B 1426 -23.67 60.37 31.27
N GLY B 1427 -22.83 59.65 30.53
CA GLY B 1427 -22.86 58.20 30.55
C GLY B 1427 -21.92 57.59 31.57
N HIS B 1428 -20.63 57.92 31.46
CA HIS B 1428 -19.63 57.41 32.39
C HIS B 1428 -18.68 58.54 32.77
N LEU B 1429 -17.73 58.22 33.65
CA LEU B 1429 -16.64 59.11 34.01
C LEU B 1429 -15.34 58.33 33.98
N MET B 1430 -14.26 59.01 33.60
CA MET B 1430 -12.99 58.32 33.41
C MET B 1430 -12.31 58.04 34.76
N ASN B 1431 -11.97 59.09 35.51
CA ASN B 1431 -11.28 58.96 36.78
C ASN B 1431 -11.98 59.79 37.84
N ALA B 1432 -12.16 59.19 39.01
CA ALA B 1432 -12.85 59.89 40.09
C ALA B 1432 -11.98 60.96 40.73
N ASP B 1433 -10.66 60.75 40.77
CA ASP B 1433 -9.77 61.70 41.42
C ASP B 1433 -9.69 63.02 40.68
N TYR B 1434 -9.97 63.05 39.38
CA TYR B 1434 -9.90 64.27 38.61
C TYR B 1434 -11.06 65.19 38.94
N THR B 1435 -10.76 66.48 39.07
CA THR B 1435 -11.81 67.47 39.24
C THR B 1435 -12.65 67.56 37.97
N ARG B 1436 -13.96 67.70 38.13
CA ARG B 1436 -14.89 67.71 37.01
C ARG B 1436 -15.85 68.88 37.16
N ARG B 1437 -16.11 69.56 36.05
CA ARG B 1437 -17.10 70.63 36.05
C ARG B 1437 -17.63 70.82 34.64
N LEU B 1438 -18.90 71.20 34.55
CA LEU B 1438 -19.53 71.47 33.27
C LEU B 1438 -19.09 72.83 32.76
N ILE B 1439 -18.71 72.89 31.49
CA ILE B 1439 -18.15 74.09 30.88
C ILE B 1439 -18.80 74.28 29.52
N LEU B 1440 -19.34 75.48 29.28
CA LEU B 1440 -20.01 75.83 28.03
C LEU B 1440 -19.33 77.04 27.43
N THR B 1441 -18.71 76.85 26.27
CA THR B 1441 -17.99 77.84 25.48
C THR B 1441 -18.48 77.79 24.04
N PRO B 1442 -18.46 78.94 23.35
CA PRO B 1442 -18.86 78.94 21.94
C PRO B 1442 -17.75 78.54 20.97
N VAL B 1443 -16.54 78.32 21.43
CA VAL B 1443 -15.42 78.04 20.53
C VAL B 1443 -14.76 76.69 20.79
N GLU B 1444 -14.95 76.07 21.95
CA GLU B 1444 -14.46 74.75 22.32
C GLU B 1444 -12.94 74.68 22.43
N ASN B 1445 -12.22 75.77 22.19
CA ASN B 1445 -10.77 75.76 22.26
C ASN B 1445 -10.21 76.71 23.30
N ASN B 1446 -10.77 77.91 23.41
CA ASN B 1446 -10.29 78.91 24.37
C ASN B 1446 -11.08 78.75 25.67
N TYR B 1447 -10.37 78.43 26.74
CA TYR B 1447 -11.02 78.32 28.05
C TYR B 1447 -11.57 79.67 28.50
N TYR B 1448 -10.85 80.75 28.23
CA TYR B 1448 -11.27 82.08 28.65
C TYR B 1448 -12.43 82.61 27.82
N ALA B 1449 -12.81 81.94 26.74
CA ALA B 1449 -13.97 82.31 25.95
C ALA B 1449 -15.25 81.69 26.47
N ARG B 1450 -15.19 80.96 27.59
CA ARG B 1450 -16.36 80.28 28.12
C ARG B 1450 -17.43 81.27 28.56
N LEU B 1451 -18.68 80.83 28.51
CA LEU B 1451 -19.80 81.60 29.04
C LEU B 1451 -20.51 80.93 30.20
N PHE B 1452 -20.32 79.63 30.42
CA PHE B 1452 -20.96 78.96 31.54
C PHE B 1452 -19.99 78.03 32.22
N GLU B 1453 -19.95 78.06 33.55
CA GLU B 1453 -19.12 77.15 34.33
C GLU B 1453 -19.87 76.71 35.57
N PHE B 1454 -20.01 75.41 35.76
CA PHE B 1454 -20.70 74.87 36.92
C PHE B 1454 -19.91 73.72 37.54
N PRO B 1455 -19.46 73.86 38.79
CA PRO B 1455 -18.74 72.75 39.43
C PRO B 1455 -19.69 71.72 40.00
N PHE B 1456 -19.37 70.45 39.75
CA PHE B 1456 -20.16 69.36 40.31
C PHE B 1456 -19.94 69.31 41.82
N SER B 1457 -21.01 69.54 42.59
CA SER B 1457 -20.85 69.62 44.04
C SER B 1457 -20.31 68.32 44.63
N PRO B 1458 -20.85 67.14 44.31
CA PRO B 1458 -20.06 65.92 44.51
C PRO B 1458 -19.28 65.60 43.26
N ASN B 1459 -18.06 65.08 43.39
CA ASN B 1459 -17.25 64.85 42.21
C ASN B 1459 -17.80 63.71 41.37
N THR B 1460 -18.13 62.59 42.00
CA THR B 1460 -18.55 61.38 41.29
C THR B 1460 -20.07 61.26 41.25
N ILE B 1461 -20.72 62.15 40.50
CA ILE B 1461 -22.16 62.10 40.33
C ILE B 1461 -22.49 62.52 38.91
N LEU B 1462 -23.57 61.94 38.38
CA LEU B 1462 -24.07 62.27 37.06
C LEU B 1462 -25.50 62.80 37.20
N ASN B 1463 -25.98 63.44 36.14
CA ASN B 1463 -27.38 63.88 36.04
C ASN B 1463 -27.73 64.86 37.17
N THR B 1464 -27.11 66.02 37.13
CA THR B 1464 -27.37 67.08 38.09
C THR B 1464 -27.95 68.31 37.41
N VAL B 1465 -28.51 69.20 38.22
CA VAL B 1465 -29.00 70.50 37.77
C VAL B 1465 -28.13 71.58 38.42
N PHE B 1466 -28.19 72.79 37.88
CA PHE B 1466 -27.21 73.81 38.23
C PHE B 1466 -27.77 75.19 38.56
N THR B 1467 -29.01 75.52 38.20
CA THR B 1467 -29.67 76.74 38.65
C THR B 1467 -28.87 78.00 38.28
N VAL B 1468 -28.83 78.26 36.98
CA VAL B 1468 -28.16 79.46 36.46
C VAL B 1468 -28.55 80.69 37.28
N GLY B 1469 -29.85 80.93 37.44
CA GLY B 1469 -30.34 82.00 38.27
C GLY B 1469 -30.74 83.26 37.54
N SER B 1470 -30.53 83.33 36.23
CA SER B 1470 -30.90 84.51 35.46
C SER B 1470 -31.33 84.08 34.06
N ASN B 1471 -32.10 84.95 33.41
CA ASN B 1471 -32.58 84.67 32.05
C ASN B 1471 -31.43 84.82 31.08
N LYS B 1472 -30.77 83.71 30.77
CA LYS B 1472 -29.64 83.72 29.84
C LYS B 1472 -29.94 82.82 28.65
N THR B 1473 -31.16 82.91 28.12
CA THR B 1473 -31.55 82.06 27.01
C THR B 1473 -30.69 82.31 25.77
N SER B 1474 -30.39 83.58 25.48
CA SER B 1474 -29.56 83.89 24.32
C SER B 1474 -28.17 83.30 24.46
N ASP B 1475 -27.57 83.42 25.65
CA ASP B 1475 -26.23 82.88 25.87
C ASP B 1475 -26.21 81.37 25.70
N PHE B 1476 -27.20 80.68 26.25
CA PHE B 1476 -27.28 79.24 26.08
C PHE B 1476 -27.47 78.87 24.61
N LYS B 1477 -28.30 79.63 23.89
CA LYS B 1477 -28.54 79.33 22.49
C LYS B 1477 -27.28 79.51 21.65
N LYS B 1478 -26.48 80.53 21.95
CA LYS B 1478 -25.28 80.76 21.17
C LYS B 1478 -24.07 79.96 21.64
N CYS B 1479 -24.23 79.15 22.69
CA CYS B 1479 -23.12 78.37 23.24
C CYS B 1479 -23.31 76.91 22.85
N SER B 1480 -22.54 76.46 21.86
CA SER B 1480 -22.46 75.05 21.53
C SER B 1480 -21.31 74.43 22.34
N TYR B 1481 -20.92 73.21 21.98
CA TYR B 1481 -19.72 72.58 22.53
C TYR B 1481 -19.77 72.45 24.05
N ALA B 1482 -20.70 71.61 24.52
CA ALA B 1482 -20.75 71.29 25.94
C ALA B 1482 -19.52 70.45 26.31
N VAL B 1483 -18.73 70.95 27.26
CA VAL B 1483 -17.46 70.34 27.64
C VAL B 1483 -17.57 69.80 29.06
N ASP B 1484 -17.15 68.55 29.24
CA ASP B 1484 -17.26 67.88 30.53
C ASP B 1484 -15.94 67.81 31.29
N GLY B 1485 -14.92 68.54 30.84
CA GLY B 1485 -13.64 68.53 31.52
C GLY B 1485 -13.22 69.88 32.06
N ASN B 1486 -12.25 70.50 31.38
CA ASN B 1486 -11.82 71.87 31.66
C ASN B 1486 -11.30 72.03 33.09
N ASN B 1487 -10.18 71.35 33.35
CA ASN B 1487 -9.50 71.48 34.64
C ASN B 1487 -8.63 72.74 34.62
N SER B 1488 -7.79 72.89 35.65
CA SER B 1488 -6.96 74.07 35.81
C SER B 1488 -5.49 73.83 35.45
N GLN B 1489 -5.15 72.65 34.97
CA GLN B 1489 -3.78 72.32 34.55
C GLN B 1489 -3.62 72.39 33.04
N GLY B 1490 -4.28 73.36 32.42
CA GLY B 1490 -4.35 73.46 30.98
C GLY B 1490 -5.80 73.53 30.55
N PHE B 1491 -6.22 72.63 29.66
CA PHE B 1491 -7.63 72.47 29.35
C PHE B 1491 -8.17 71.12 29.76
N GLN B 1492 -7.58 70.03 29.25
CA GLN B 1492 -7.98 68.67 29.60
C GLN B 1492 -9.48 68.46 29.33
N ILE B 1493 -9.83 68.53 28.04
CA ILE B 1493 -11.20 68.33 27.61
C ILE B 1493 -11.54 66.85 27.66
N PHE B 1494 -12.29 66.44 28.68
CA PHE B 1494 -12.67 65.03 28.80
C PHE B 1494 -13.61 64.60 27.68
N SER B 1495 -14.58 65.44 27.34
CA SER B 1495 -15.53 65.12 26.28
C SER B 1495 -16.13 66.42 25.76
N SER B 1496 -16.69 66.35 24.55
CA SER B 1496 -17.28 67.53 23.93
C SER B 1496 -18.30 67.09 22.91
N TYR B 1497 -19.43 67.80 22.87
CA TYR B 1497 -20.53 67.46 21.96
C TYR B 1497 -20.98 68.70 21.22
N GLN B 1498 -21.23 68.54 19.92
CA GLN B 1498 -21.75 69.60 19.08
C GLN B 1498 -23.28 69.53 19.06
N SER B 1499 -23.92 70.67 19.27
CA SER B 1499 -25.36 70.73 19.45
C SER B 1499 -26.13 71.04 18.18
N SER B 1500 -25.51 71.72 17.21
CA SER B 1500 -26.12 72.02 15.92
C SER B 1500 -27.36 72.88 16.16
N GLY B 1501 -28.56 72.44 15.76
CA GLY B 1501 -29.74 73.28 15.82
C GLY B 1501 -30.31 73.42 17.23
N TRP B 1502 -31.37 74.21 17.32
CA TRP B 1502 -32.02 74.49 18.58
C TRP B 1502 -33.53 74.40 18.42
N LEU B 1503 -34.19 73.83 19.43
CA LEU B 1503 -35.64 73.72 19.47
C LEU B 1503 -36.14 74.16 20.83
N ASP B 1504 -37.35 74.72 20.86
CA ASP B 1504 -38.03 75.11 22.08
C ASP B 1504 -39.31 74.31 22.20
N ILE B 1505 -39.52 73.70 23.36
CA ILE B 1505 -40.70 72.87 23.59
C ILE B 1505 -41.39 73.29 24.87
N ASP B 1506 -42.68 72.97 24.94
CA ASP B 1506 -43.49 73.22 26.13
C ASP B 1506 -44.15 71.91 26.54
N THR B 1507 -43.97 71.54 27.81
CA THR B 1507 -44.51 70.29 28.32
C THR B 1507 -45.93 70.42 28.85
N GLY B 1508 -46.39 71.65 29.10
CA GLY B 1508 -47.74 71.83 29.59
C GLY B 1508 -48.79 71.46 28.55
N ILE B 1509 -49.98 71.10 29.03
CA ILE B 1509 -51.07 70.66 28.17
C ILE B 1509 -52.35 71.34 28.62
N ASN B 1510 -53.30 71.44 27.69
CA ASN B 1510 -54.62 72.00 27.96
C ASN B 1510 -55.67 70.91 27.78
N ASN B 1511 -56.68 70.91 28.65
CA ASN B 1511 -57.72 69.89 28.55
C ASN B 1511 -58.61 70.08 27.33
N THR B 1512 -58.53 71.23 26.67
CA THR B 1512 -59.31 71.47 25.46
C THR B 1512 -58.61 71.01 24.20
N ASP B 1513 -57.34 70.60 24.27
CA ASP B 1513 -56.59 70.18 23.10
C ASP B 1513 -56.44 68.67 23.00
N ILE B 1514 -57.02 67.92 23.92
CA ILE B 1514 -57.01 66.46 23.87
C ILE B 1514 -58.40 66.04 23.41
N LYS B 1515 -58.56 65.80 22.12
CA LYS B 1515 -59.87 65.65 21.53
C LYS B 1515 -59.98 64.38 20.71
N ILE B 1516 -61.22 63.96 20.50
CA ILE B 1516 -61.57 62.86 19.61
C ILE B 1516 -62.57 63.39 18.61
N THR B 1517 -62.25 63.27 17.32
CA THR B 1517 -63.13 63.77 16.27
C THR B 1517 -63.63 62.60 15.43
N VAL B 1518 -64.93 62.58 15.20
CA VAL B 1518 -65.57 61.51 14.45
C VAL B 1518 -66.32 62.12 13.26
N MET B 1519 -66.08 61.54 12.09
CA MET B 1519 -66.74 61.95 10.86
C MET B 1519 -67.69 60.83 10.44
N ALA B 1520 -68.96 61.18 10.27
CA ALA B 1520 -70.00 60.25 9.82
C ALA B 1520 -70.75 60.93 8.69
N GLY B 1521 -70.47 60.50 7.45
CA GLY B 1521 -71.07 61.13 6.30
C GLY B 1521 -70.70 62.60 6.19
N SER B 1522 -71.67 63.47 6.43
CA SER B 1522 -71.44 64.91 6.42
C SER B 1522 -71.33 65.51 7.82
N LYS B 1523 -71.61 64.73 8.86
CA LYS B 1523 -71.57 65.25 10.23
C LYS B 1523 -70.19 65.05 10.84
N THR B 1524 -69.75 66.05 11.59
CA THR B 1524 -68.48 66.00 12.31
C THR B 1524 -68.74 66.32 13.77
N HIS B 1525 -68.33 65.42 14.66
CA HIS B 1525 -68.51 65.62 16.09
C HIS B 1525 -67.13 65.63 16.77
N THR B 1526 -66.89 66.65 17.57
CA THR B 1526 -65.65 66.78 18.33
C THR B 1526 -65.97 66.68 19.82
N PHE B 1527 -65.31 65.76 20.50
CA PHE B 1527 -65.45 65.59 21.93
C PHE B 1527 -64.11 65.87 22.58
N THR B 1528 -64.06 66.90 23.43
CA THR B 1528 -62.85 67.27 24.13
C THR B 1528 -62.86 66.71 25.54
N ALA B 1529 -61.66 66.59 26.12
CA ALA B 1529 -61.53 66.07 27.48
C ALA B 1529 -62.02 67.04 28.54
N SER B 1530 -62.30 68.30 28.17
CA SER B 1530 -62.73 69.28 29.16
C SER B 1530 -64.07 68.89 29.79
N ASP B 1531 -64.90 68.13 29.07
CA ASP B 1531 -66.22 67.78 29.57
C ASP B 1531 -66.58 66.31 29.44
N HIS B 1532 -65.84 65.53 28.66
CA HIS B 1532 -66.16 64.13 28.43
C HIS B 1532 -65.14 63.18 29.03
N ILE B 1533 -64.33 63.65 29.98
CA ILE B 1533 -63.30 62.83 30.59
C ILE B 1533 -63.88 62.11 31.79
N ALA B 1534 -63.49 60.85 31.98
CA ALA B 1534 -63.93 60.10 33.14
C ALA B 1534 -63.16 60.52 34.39
N SER B 1535 -61.83 60.55 34.30
CA SER B 1535 -60.99 60.96 35.41
C SER B 1535 -59.64 61.41 34.86
N LEU B 1536 -59.29 62.67 35.11
CA LEU B 1536 -58.03 63.19 34.60
C LEU B 1536 -56.87 62.51 35.33
N PRO B 1537 -55.90 61.97 34.59
CA PRO B 1537 -54.83 61.20 35.25
C PRO B 1537 -53.81 62.07 35.97
N ALA B 1538 -52.83 61.44 36.60
CA ALA B 1538 -51.81 62.17 37.34
C ALA B 1538 -50.90 62.93 36.38
N ASN B 1539 -50.56 64.16 36.77
CA ASN B 1539 -49.72 65.03 35.94
C ASN B 1539 -48.26 64.66 36.19
N SER B 1540 -47.72 63.79 35.33
CA SER B 1540 -46.35 63.34 35.49
C SER B 1540 -45.76 62.99 34.13
N PHE B 1541 -44.43 62.93 34.08
CA PHE B 1541 -43.72 62.58 32.86
C PHE B 1541 -43.89 61.13 32.45
N ASP B 1542 -44.38 60.28 33.35
CA ASP B 1542 -44.57 58.87 33.05
C ASP B 1542 -45.86 58.68 32.27
N ALA B 1543 -46.31 57.43 32.15
CA ALA B 1543 -47.52 57.14 31.40
C ALA B 1543 -48.74 57.82 32.04
N MET B 1544 -49.51 58.52 31.21
CA MET B 1544 -50.74 59.17 31.66
C MET B 1544 -51.91 58.59 30.88
N PRO B 1545 -52.76 57.77 31.49
CA PRO B 1545 -53.89 57.20 30.76
C PRO B 1545 -55.14 58.06 30.84
N TYR B 1546 -55.73 58.37 29.68
CA TYR B 1546 -56.98 59.10 29.59
C TYR B 1546 -58.09 58.14 29.20
N THR B 1547 -59.23 58.26 29.86
CA THR B 1547 -60.41 57.44 29.58
C THR B 1547 -61.62 58.35 29.46
N PHE B 1548 -62.56 57.97 28.62
CA PHE B 1548 -63.70 58.81 28.30
C PHE B 1548 -65.00 58.13 28.67
N LYS B 1549 -65.97 58.94 29.10
CA LYS B 1549 -67.32 58.45 29.32
C LYS B 1549 -67.97 58.13 27.97
N PRO B 1550 -69.04 57.34 27.96
CA PRO B 1550 -69.65 56.94 26.69
C PRO B 1550 -69.95 58.14 25.80
N LEU B 1551 -69.65 57.99 24.51
CA LEU B 1551 -69.80 59.03 23.52
C LEU B 1551 -70.92 58.66 22.56
N GLU B 1552 -71.77 59.62 22.24
CA GLU B 1552 -72.93 59.42 21.38
C GLU B 1552 -72.67 60.06 20.02
N ILE B 1553 -72.95 59.32 18.96
CA ILE B 1553 -72.79 59.80 17.59
C ILE B 1553 -74.11 59.61 16.87
N ASP B 1554 -74.59 60.68 16.23
CA ASP B 1554 -75.82 60.62 15.43
C ASP B 1554 -75.42 60.32 13.99
N ALA B 1555 -75.34 59.04 13.66
CA ALA B 1555 -74.93 58.61 12.33
C ALA B 1555 -76.15 58.32 11.46
N SER B 1556 -76.94 59.38 11.22
CA SER B 1556 -78.12 59.28 10.38
C SER B 1556 -77.88 59.83 8.98
N SER B 1557 -76.62 60.12 8.63
CA SER B 1557 -76.30 60.69 7.33
C SER B 1557 -75.20 59.89 6.64
N LEU B 1558 -75.11 58.60 6.93
CA LEU B 1558 -74.11 57.75 6.30
C LEU B 1558 -74.52 57.41 4.88
N ALA B 1559 -73.57 57.50 3.96
CA ALA B 1559 -73.81 57.14 2.56
C ALA B 1559 -73.55 55.65 2.39
N PHE B 1560 -74.61 54.87 2.22
CA PHE B 1560 -74.51 53.42 2.16
C PHE B 1560 -74.34 52.99 0.70
N THR B 1561 -73.15 52.54 0.36
CA THR B 1561 -72.86 51.96 -0.95
C THR B 1561 -72.54 50.48 -0.76
N ASN B 1562 -73.24 49.62 -1.49
CA ASN B 1562 -73.10 48.17 -1.35
C ASN B 1562 -73.38 47.73 0.08
N ASN B 1563 -74.36 48.36 0.73
CA ASN B 1563 -74.79 48.01 2.08
C ASN B 1563 -73.63 48.09 3.08
N ILE B 1564 -72.77 49.09 2.91
CA ILE B 1564 -71.67 49.30 3.84
C ILE B 1564 -71.22 50.75 3.71
N ALA B 1565 -71.00 51.39 4.86
CA ALA B 1565 -70.59 52.79 4.91
C ALA B 1565 -69.43 52.94 5.89
N PRO B 1566 -68.53 53.89 5.65
CA PRO B 1566 -67.41 54.11 6.55
C PRO B 1566 -67.74 55.12 7.65
N LEU B 1567 -66.89 55.13 8.66
CA LEU B 1567 -67.03 56.03 9.79
C LEU B 1567 -65.65 56.30 10.37
N ASP B 1568 -65.21 57.55 10.36
CA ASP B 1568 -63.83 57.88 10.66
C ASP B 1568 -63.68 58.39 12.09
N ILE B 1569 -62.66 57.89 12.78
CA ILE B 1569 -62.38 58.26 14.17
C ILE B 1569 -60.92 58.68 14.25
N VAL B 1570 -60.65 59.84 14.87
CA VAL B 1570 -59.30 60.35 15.01
C VAL B 1570 -59.09 60.81 16.43
N PHE B 1571 -57.99 60.36 17.04
CA PHE B 1571 -57.57 60.80 18.37
C PHE B 1571 -56.46 61.82 18.20
N GLU B 1572 -56.73 63.06 18.58
CA GLU B 1572 -55.77 64.15 18.41
C GLU B 1572 -55.36 64.69 19.77
N THR B 1573 -54.08 65.01 19.90
CA THR B 1573 -53.54 65.54 21.15
C THR B 1573 -52.36 66.44 20.84
N LYS B 1574 -52.43 67.70 21.29
CA LYS B 1574 -51.34 68.63 21.09
C LYS B 1574 -51.18 69.48 22.34
N ALA B 1575 -49.95 69.93 22.59
CA ALA B 1575 -49.64 70.74 23.74
C ALA B 1575 -49.85 72.22 23.43
N LYS B 1576 -49.54 73.08 24.40
CA LYS B 1576 -49.69 74.51 24.19
C LYS B 1576 -48.72 75.03 23.14
N ASP B 1577 -47.58 74.34 22.95
CA ASP B 1577 -46.61 74.76 21.95
C ASP B 1577 -47.07 74.49 20.53
N GLY B 1578 -48.15 73.74 20.34
CA GLY B 1578 -48.61 73.36 19.03
C GLY B 1578 -48.05 72.05 18.52
N ARG B 1579 -47.10 71.45 19.24
CA ARG B 1579 -46.57 70.15 18.84
C ARG B 1579 -47.64 69.08 18.96
N VAL B 1580 -47.72 68.21 17.96
CA VAL B 1580 -48.66 67.09 17.97
C VAL B 1580 -48.02 65.96 18.75
N LEU B 1581 -48.51 65.70 19.97
CA LEU B 1581 -47.97 64.63 20.77
C LEU B 1581 -48.25 63.25 20.18
N GLY B 1582 -49.17 63.17 19.24
CA GLY B 1582 -49.50 61.92 18.58
C GLY B 1582 -50.84 61.98 17.89
N LYS B 1583 -50.93 61.42 16.70
CA LYS B 1583 -52.17 61.40 15.93
C LYS B 1583 -52.44 59.98 15.48
N ILE B 1584 -53.66 59.50 15.74
CA ILE B 1584 -54.07 58.16 15.33
C ILE B 1584 -55.34 58.28 14.51
N LYS B 1585 -55.33 57.64 13.34
CA LYS B 1585 -56.48 57.63 12.45
C LYS B 1585 -57.01 56.20 12.31
N GLN B 1586 -58.31 56.09 12.09
CA GLN B 1586 -58.93 54.78 11.92
C GLN B 1586 -60.23 54.95 11.16
N THR B 1587 -60.71 53.84 10.61
CA THR B 1587 -61.96 53.81 9.87
C THR B 1587 -62.80 52.65 10.37
N LEU B 1588 -64.07 52.91 10.66
CA LEU B 1588 -65.00 51.90 11.14
C LEU B 1588 -65.96 51.54 10.02
N SER B 1589 -66.29 50.26 9.93
CA SER B 1589 -67.20 49.76 8.91
C SER B 1589 -68.55 49.41 9.54
N VAL B 1590 -69.62 49.98 9.00
CA VAL B 1590 -70.98 49.73 9.45
C VAL B 1590 -71.71 49.01 8.32
N LYS B 1591 -72.25 47.84 8.61
CA LYS B 1591 -72.89 47.03 7.59
C LYS B 1591 -74.40 47.04 7.78
N ARG B 1592 -75.14 47.23 6.69
CA ARG B 1592 -76.59 47.21 6.74
C ARG B 1592 -77.10 45.81 6.49
N VAL B 1593 -77.97 45.33 7.38
CA VAL B 1593 -78.54 43.99 7.24
C VAL B 1593 -79.54 43.99 6.10
N ASN B 1594 -79.38 43.05 5.18
CA ASN B 1594 -80.25 42.94 4.01
C ASN B 1594 -80.70 41.49 3.88
N TYR B 1595 -81.97 41.22 4.15
CA TYR B 1595 -82.54 39.88 4.05
C TYR B 1595 -83.61 39.82 2.95
N ASN B 1596 -83.45 40.62 1.92
CA ASN B 1596 -84.42 40.62 0.83
C ASN B 1596 -84.40 39.27 0.11
N PRO B 1597 -85.55 38.79 -0.35
CA PRO B 1597 -85.58 37.47 -1.00
C PRO B 1597 -84.69 37.38 -2.23
N GLU B 1598 -84.52 38.47 -2.96
CA GLU B 1598 -83.70 38.44 -4.16
C GLU B 1598 -82.21 38.62 -3.88
N ASP B 1599 -81.83 38.84 -2.63
CA ASP B 1599 -80.42 38.98 -2.25
C ASP B 1599 -79.94 37.84 -1.36
N ILE B 1600 -80.71 36.76 -1.27
CA ILE B 1600 -80.34 35.59 -0.48
C ILE B 1600 -80.07 34.44 -1.44
N LEU B 1601 -78.82 34.01 -1.50
CA LEU B 1601 -78.45 32.93 -2.38
C LEU B 1601 -79.04 31.61 -1.90
N PHE B 1602 -79.48 30.79 -2.84
CA PHE B 1602 -80.11 29.52 -2.49
C PHE B 1602 -79.69 28.45 -3.47
N LEU B 1603 -79.75 27.19 -3.03
CA LEU B 1603 -79.29 26.06 -3.81
C LEU B 1603 -80.49 25.33 -4.40
N ARG B 1604 -80.39 24.96 -5.68
CA ARG B 1604 -81.43 24.22 -6.36
C ARG B 1604 -80.80 23.06 -7.13
N GLU B 1605 -81.61 22.05 -7.39
CA GLU B 1605 -81.17 20.88 -8.14
C GLU B 1605 -82.17 20.59 -9.26
N THR B 1606 -81.67 20.46 -10.48
CA THR B 1606 -82.52 20.17 -11.62
C THR B 1606 -82.86 18.69 -11.66
N HIS B 1607 -83.71 18.32 -12.62
CA HIS B 1607 -84.07 16.92 -12.79
C HIS B 1607 -82.93 16.09 -13.37
N SER B 1608 -81.97 16.74 -14.04
CA SER B 1608 -80.83 16.03 -14.60
C SER B 1608 -79.75 15.74 -13.57
N GLY B 1609 -79.87 16.26 -12.35
CA GLY B 1609 -78.89 16.03 -11.32
C GLY B 1609 -77.87 17.13 -11.13
N ALA B 1610 -78.02 18.25 -11.83
CA ALA B 1610 -77.07 19.36 -11.70
C ALA B 1610 -77.51 20.29 -10.59
N GLN B 1611 -76.59 20.60 -9.68
CA GLN B 1611 -76.87 21.47 -8.55
C GLN B 1611 -76.27 22.85 -8.81
N TYR B 1612 -77.09 23.89 -8.69
CA TYR B 1612 -76.62 25.24 -8.90
C TYR B 1612 -77.04 26.14 -7.76
N MET B 1613 -76.14 27.05 -7.38
CA MET B 1613 -76.40 28.05 -6.37
C MET B 1613 -76.70 29.38 -7.08
N GLN B 1614 -77.81 30.01 -6.71
CA GLN B 1614 -78.27 31.22 -7.36
C GLN B 1614 -78.18 32.38 -6.40
N LEU B 1615 -77.64 33.50 -6.86
CA LEU B 1615 -77.59 34.74 -6.11
C LEU B 1615 -78.05 35.86 -7.03
N GLY B 1616 -79.13 36.54 -6.66
CA GLY B 1616 -79.68 37.58 -7.50
C GLY B 1616 -80.08 37.04 -8.85
N VAL B 1617 -79.29 37.36 -9.88
CA VAL B 1617 -79.53 36.86 -11.23
C VAL B 1617 -78.47 35.87 -11.67
N TYR B 1618 -77.38 35.73 -10.93
CA TYR B 1618 -76.28 34.86 -11.34
C TYR B 1618 -76.47 33.45 -10.78
N ARG B 1619 -75.98 32.46 -11.54
CA ARG B 1619 -76.03 31.07 -11.16
C ARG B 1619 -74.64 30.46 -11.29
N ILE B 1620 -74.31 29.58 -10.35
CA ILE B 1620 -72.98 28.96 -10.30
C ILE B 1620 -73.16 27.46 -10.09
N ARG B 1621 -72.50 26.67 -10.94
CA ARG B 1621 -72.57 25.22 -10.82
C ARG B 1621 -71.80 24.76 -9.59
N LEU B 1622 -72.34 23.76 -8.90
CA LEU B 1622 -71.77 23.28 -7.65
C LEU B 1622 -71.13 21.90 -7.76
N ASN B 1623 -71.82 20.94 -8.38
CA ASN B 1623 -71.34 19.57 -8.44
C ASN B 1623 -70.93 19.21 -9.86
N THR B 1624 -70.54 17.95 -10.05
CA THR B 1624 -70.11 17.44 -11.34
C THR B 1624 -70.68 16.05 -11.56
N LEU B 1625 -70.68 15.61 -12.82
CA LEU B 1625 -71.26 14.33 -13.19
C LEU B 1625 -70.33 13.48 -14.04
N LEU B 1626 -69.03 13.79 -14.04
CA LEU B 1626 -68.10 13.04 -14.87
C LEU B 1626 -67.89 11.62 -14.35
N ALA B 1627 -68.10 11.40 -13.05
CA ALA B 1627 -67.82 10.10 -12.46
C ALA B 1627 -68.71 9.01 -13.07
N SER B 1628 -69.99 9.32 -13.29
CA SER B 1628 -70.88 8.33 -13.87
C SER B 1628 -70.45 7.95 -15.28
N GLN B 1629 -69.99 8.92 -16.07
CA GLN B 1629 -69.60 8.66 -17.44
C GLN B 1629 -68.20 8.09 -17.58
N LEU B 1630 -67.40 8.12 -16.51
CA LEU B 1630 -66.06 7.55 -16.60
C LEU B 1630 -66.06 6.03 -16.70
N VAL B 1631 -67.17 5.37 -16.35
CA VAL B 1631 -67.18 3.91 -16.28
C VAL B 1631 -67.10 3.30 -17.67
N SER B 1632 -67.78 3.90 -18.65
CA SER B 1632 -67.71 3.37 -20.01
C SER B 1632 -66.28 3.36 -20.52
N ARG B 1633 -65.56 4.46 -20.30
CA ARG B 1633 -64.17 4.51 -20.72
C ARG B 1633 -63.30 3.56 -19.91
N ALA B 1634 -63.56 3.44 -18.60
CA ALA B 1634 -62.73 2.58 -17.77
C ALA B 1634 -62.97 1.11 -18.02
N ASN B 1635 -64.08 0.75 -18.67
CA ASN B 1635 -64.31 -0.66 -19.00
C ASN B 1635 -63.25 -1.18 -19.94
N THR B 1636 -62.90 -0.39 -20.95
CA THR B 1636 -61.76 -0.69 -21.81
C THR B 1636 -60.50 -0.18 -21.12
N GLY B 1637 -59.40 -0.11 -21.86
CA GLY B 1637 -58.16 0.36 -21.28
C GLY B 1637 -58.25 1.81 -20.84
N ILE B 1638 -57.30 2.20 -19.98
CA ILE B 1638 -57.28 3.57 -19.47
C ILE B 1638 -56.95 4.59 -20.55
N ASP B 1639 -56.49 4.15 -21.73
CA ASP B 1639 -56.23 5.09 -22.80
C ASP B 1639 -57.50 5.76 -23.28
N THR B 1640 -58.65 5.12 -23.08
CA THR B 1640 -59.92 5.73 -23.47
C THR B 1640 -60.32 6.86 -22.52
N ILE B 1641 -59.93 6.77 -21.25
CA ILE B 1641 -60.30 7.80 -20.29
C ILE B 1641 -59.63 9.12 -20.64
N LEU B 1642 -58.33 9.08 -20.94
CA LEU B 1642 -57.56 10.30 -21.19
C LEU B 1642 -57.56 10.60 -22.68
N THR B 1643 -58.69 11.09 -23.17
CA THR B 1643 -58.84 11.47 -24.56
C THR B 1643 -59.54 12.82 -24.64
N MET B 1644 -59.41 13.47 -25.81
CA MET B 1644 -60.01 14.78 -25.98
C MET B 1644 -61.52 14.72 -26.00
N GLU B 1645 -62.11 13.67 -26.60
CA GLU B 1645 -63.56 13.58 -26.64
C GLU B 1645 -64.13 13.39 -25.25
N THR B 1646 -63.40 12.69 -24.37
CA THR B 1646 -63.83 12.59 -22.97
C THR B 1646 -63.85 13.96 -22.31
N GLN B 1647 -62.81 14.77 -22.56
CA GLN B 1647 -62.74 16.10 -22.00
C GLN B 1647 -63.73 17.06 -22.66
N ARG B 1648 -64.30 16.70 -23.80
CA ARG B 1648 -65.28 17.52 -24.49
C ARG B 1648 -66.71 17.07 -24.23
N LEU B 1649 -66.94 16.34 -23.15
CA LEU B 1649 -68.27 15.82 -22.88
C LEU B 1649 -69.23 16.97 -22.56
N PRO B 1650 -70.47 16.89 -23.04
CA PRO B 1650 -71.45 17.94 -22.73
C PRO B 1650 -71.90 17.84 -21.28
N GLU B 1651 -72.56 18.90 -20.82
CA GLU B 1651 -73.02 18.99 -19.46
C GLU B 1651 -74.46 19.47 -19.42
N PRO B 1652 -75.25 19.01 -18.45
CA PRO B 1652 -76.64 19.45 -18.39
C PRO B 1652 -76.73 20.95 -18.16
N PRO B 1653 -77.78 21.59 -18.68
CA PRO B 1653 -77.90 23.04 -18.53
C PRO B 1653 -78.12 23.42 -17.07
N LEU B 1654 -77.66 24.63 -16.75
CA LEU B 1654 -77.73 25.14 -15.37
C LEU B 1654 -79.12 25.69 -15.12
N GLY B 1655 -80.03 24.79 -14.76
CA GLY B 1655 -81.38 25.25 -14.50
C GLY B 1655 -82.13 25.59 -15.77
N GLU B 1656 -83.11 26.48 -15.62
CA GLU B 1656 -83.95 26.89 -16.73
C GLU B 1656 -83.40 28.14 -17.38
N GLY B 1657 -83.30 28.13 -18.70
CA GLY B 1657 -82.73 29.24 -19.44
C GLY B 1657 -82.49 28.83 -20.87
N PHE B 1658 -81.64 29.59 -21.55
CA PHE B 1658 -81.29 29.27 -22.93
C PHE B 1658 -79.90 29.83 -23.24
N TYR B 1659 -79.46 29.64 -24.47
CA TYR B 1659 -78.16 30.09 -24.92
C TYR B 1659 -78.33 31.16 -26.00
N ALA B 1660 -77.29 31.97 -26.17
CA ALA B 1660 -77.35 33.03 -27.16
C ALA B 1660 -75.97 33.40 -27.67
N THR B 1661 -75.87 33.72 -28.96
CA THR B 1661 -74.64 34.14 -29.59
C THR B 1661 -74.80 35.56 -30.10
N PHE B 1662 -73.89 36.44 -29.67
CA PHE B 1662 -73.86 37.83 -30.08
C PHE B 1662 -72.59 38.10 -30.89
N VAL B 1663 -72.71 38.94 -31.90
CA VAL B 1663 -71.56 39.36 -32.70
C VAL B 1663 -71.38 40.86 -32.49
N ILE B 1664 -70.25 41.23 -31.91
CA ILE B 1664 -69.93 42.62 -31.63
C ILE B 1664 -69.11 43.17 -32.80
N PRO B 1665 -69.52 44.28 -33.42
CA PRO B 1665 -68.79 44.82 -34.56
C PRO B 1665 -67.46 45.41 -34.13
N PRO B 1666 -66.51 45.53 -35.05
CA PRO B 1666 -65.22 46.13 -34.71
C PRO B 1666 -65.35 47.61 -34.36
N TYR B 1667 -64.37 48.09 -33.61
CA TYR B 1667 -64.41 49.45 -33.11
C TYR B 1667 -64.25 50.47 -34.23
N ASN B 1668 -65.08 51.51 -34.19
CA ASN B 1668 -64.92 52.66 -35.07
C ASN B 1668 -65.16 53.92 -34.23
N LEU B 1669 -64.35 54.96 -34.51
CA LEU B 1669 -64.41 56.16 -33.69
C LEU B 1669 -65.71 56.92 -33.90
N SER B 1670 -66.28 56.85 -35.10
CA SER B 1670 -67.44 57.67 -35.42
C SER B 1670 -68.65 57.30 -34.57
N THR B 1671 -68.90 56.00 -34.38
CA THR B 1671 -70.09 55.55 -33.69
C THR B 1671 -69.84 55.13 -32.25
N HIS B 1672 -68.66 54.59 -31.95
CA HIS B 1672 -68.39 54.08 -30.61
C HIS B 1672 -67.80 55.16 -29.69
N GLY B 1673 -66.82 55.91 -30.18
CA GLY B 1673 -66.36 57.09 -29.49
C GLY B 1673 -65.18 56.86 -28.57
N ASP B 1674 -64.00 57.31 -29.00
CA ASP B 1674 -62.80 57.33 -28.18
C ASP B 1674 -62.50 55.99 -27.51
N GLU B 1675 -62.88 55.85 -26.24
CA GLU B 1675 -62.52 54.67 -25.48
C GLU B 1675 -63.19 53.42 -26.06
N ARG B 1676 -62.42 52.34 -26.13
CA ARG B 1676 -62.91 51.07 -26.68
C ARG B 1676 -63.27 50.11 -25.53
N TRP B 1677 -64.43 50.37 -24.93
CA TRP B 1677 -64.98 49.48 -23.92
C TRP B 1677 -66.48 49.34 -24.13
N PHE B 1678 -67.00 48.16 -23.80
CA PHE B 1678 -68.42 47.89 -23.95
C PHE B 1678 -68.87 46.95 -22.86
N LYS B 1679 -70.16 47.01 -22.54
CA LYS B 1679 -70.74 46.19 -21.48
C LYS B 1679 -72.12 45.71 -21.90
N LEU B 1680 -72.39 44.42 -21.65
CA LEU B 1680 -73.69 43.83 -21.94
C LEU B 1680 -74.44 43.63 -20.63
N TYR B 1681 -75.65 44.17 -20.56
CA TYR B 1681 -76.52 44.10 -19.40
C TYR B 1681 -77.79 43.33 -19.72
N ILE B 1682 -78.34 42.68 -18.70
CA ILE B 1682 -79.61 41.97 -18.79
C ILE B 1682 -80.64 42.73 -17.97
N LYS B 1683 -81.91 42.52 -18.31
CA LYS B 1683 -82.99 43.21 -17.60
C LYS B 1683 -84.26 42.38 -17.72
N HIS B 1684 -85.16 42.60 -16.74
CA HIS B 1684 -86.48 41.99 -16.67
C HIS B 1684 -86.42 40.51 -16.29
N VAL B 1685 -85.42 40.14 -15.52
CA VAL B 1685 -85.31 38.80 -14.92
C VAL B 1685 -85.24 38.98 -13.41
N VAL B 1686 -86.02 38.18 -12.69
CA VAL B 1686 -86.13 38.24 -11.24
C VAL B 1686 -86.71 39.59 -10.82
N ASP B 1687 -85.92 40.64 -10.94
CA ASP B 1687 -86.39 41.99 -10.69
C ASP B 1687 -86.45 42.76 -12.00
N ASN B 1688 -86.80 44.04 -11.91
CA ASN B 1688 -86.95 44.88 -13.09
C ASN B 1688 -85.78 45.84 -13.29
N ASN B 1689 -84.70 45.69 -12.53
CA ASN B 1689 -83.52 46.51 -12.71
C ASN B 1689 -82.60 45.86 -13.74
N SER B 1690 -81.38 46.38 -13.86
CA SER B 1690 -80.41 45.86 -14.82
C SER B 1690 -79.14 45.45 -14.10
N HIS B 1691 -78.57 44.33 -14.50
CA HIS B 1691 -77.32 43.83 -13.94
C HIS B 1691 -76.37 43.50 -15.08
N ILE B 1692 -75.09 43.84 -14.89
CA ILE B 1692 -74.10 43.62 -15.93
C ILE B 1692 -73.80 42.13 -16.03
N ILE B 1693 -73.85 41.60 -17.25
CA ILE B 1693 -73.51 40.20 -17.49
C ILE B 1693 -72.25 40.03 -18.31
N TYR B 1694 -71.75 41.07 -18.96
CA TYR B 1694 -70.50 40.93 -19.69
C TYR B 1694 -69.81 42.28 -19.82
N SER B 1695 -68.48 42.25 -19.89
CA SER B 1695 -67.69 43.44 -20.07
C SER B 1695 -66.48 43.12 -20.95
N GLY B 1696 -66.10 44.06 -21.80
CA GLY B 1696 -64.98 43.78 -22.68
C GLY B 1696 -64.49 45.03 -23.38
N GLN B 1697 -63.44 44.83 -24.18
CA GLN B 1697 -62.80 45.89 -24.94
C GLN B 1697 -63.10 45.72 -26.42
N LEU B 1698 -63.45 46.81 -27.09
CA LEU B 1698 -63.66 46.76 -28.53
C LEU B 1698 -62.33 46.63 -29.24
N THR B 1699 -62.32 45.88 -30.34
CA THR B 1699 -61.12 45.65 -31.13
C THR B 1699 -61.41 45.97 -32.59
N ASP B 1700 -60.45 45.60 -33.46
CA ASP B 1700 -60.57 45.87 -34.88
C ASP B 1700 -61.25 44.75 -35.66
N THR B 1701 -61.62 43.66 -35.01
CA THR B 1701 -62.28 42.55 -35.67
C THR B 1701 -63.58 42.21 -34.93
N ASN B 1702 -64.43 41.44 -35.59
CA ASN B 1702 -65.68 41.01 -34.99
C ASN B 1702 -65.41 40.12 -33.79
N ILE B 1703 -66.29 40.20 -32.80
CA ILE B 1703 -66.18 39.39 -31.58
C ILE B 1703 -67.40 38.50 -31.47
N ASN B 1704 -67.18 37.21 -31.24
CA ASN B 1704 -68.24 36.24 -31.06
C ASN B 1704 -68.34 35.90 -29.58
N ILE B 1705 -69.53 36.11 -28.99
CA ILE B 1705 -69.75 35.88 -27.57
C ILE B 1705 -70.90 34.90 -27.42
N THR B 1706 -70.69 33.84 -26.65
CA THR B 1706 -71.73 32.88 -26.34
C THR B 1706 -72.06 32.95 -24.86
N LEU B 1707 -73.33 33.13 -24.53
CA LEU B 1707 -73.75 33.35 -23.16
C LEU B 1707 -74.96 32.49 -22.83
N PHE B 1708 -75.13 32.24 -21.54
CA PHE B 1708 -76.28 31.50 -21.01
C PHE B 1708 -77.21 32.51 -20.36
N ILE B 1709 -78.35 32.77 -21.00
CA ILE B 1709 -79.33 33.72 -20.49
C ILE B 1709 -80.27 32.98 -19.55
N PRO B 1710 -80.35 33.37 -18.28
CA PRO B 1710 -81.29 32.71 -17.37
C PRO B 1710 -82.73 33.11 -17.66
N LEU B 1711 -83.65 32.29 -17.16
CA LEU B 1711 -85.07 32.54 -17.33
C LEU B 1711 -85.80 31.97 -16.13
N ASP B 1712 -86.64 32.80 -15.51
CA ASP B 1712 -87.41 32.34 -14.36
C ASP B 1712 -88.60 31.52 -14.82
N ASP B 1713 -89.38 31.01 -13.85
CA ASP B 1713 -90.50 30.15 -14.19
C ASP B 1713 -91.66 30.95 -14.76
N VAL B 1714 -92.11 31.97 -14.04
CA VAL B 1714 -93.20 32.83 -14.47
C VAL B 1714 -92.61 34.19 -14.82
N PRO B 1715 -92.57 34.58 -16.09
CA PRO B 1715 -91.98 35.87 -16.45
C PRO B 1715 -92.77 37.03 -15.88
N LEU B 1716 -92.05 38.10 -15.56
CA LEU B 1716 -92.71 39.30 -15.06
C LEU B 1716 -93.48 40.01 -16.16
N ASN B 1717 -92.79 40.42 -17.21
CA ASN B 1717 -93.41 41.09 -18.34
C ASN B 1717 -93.88 40.04 -19.34
N GLN B 1718 -95.16 40.05 -19.66
CA GLN B 1718 -95.71 39.04 -20.56
C GLN B 1718 -95.13 39.16 -21.96
N ASP B 1719 -94.96 40.39 -22.45
CA ASP B 1719 -94.51 40.59 -23.82
C ASP B 1719 -93.08 40.09 -24.04
N TYR B 1720 -92.15 40.56 -23.21
CA TYR B 1720 -90.75 40.18 -23.32
C TYR B 1720 -90.32 39.48 -22.05
N HIS B 1721 -89.77 38.27 -22.19
CA HIS B 1721 -89.35 37.51 -21.02
C HIS B 1721 -87.97 37.92 -20.53
N ALA B 1722 -87.12 38.43 -21.42
CA ALA B 1722 -85.84 38.95 -20.99
C ALA B 1722 -85.37 39.99 -21.99
N LYS B 1723 -84.53 40.93 -21.53
CA LYS B 1723 -84.00 41.96 -22.40
C LYS B 1723 -82.49 42.01 -22.24
N VAL B 1724 -81.78 42.14 -23.35
CA VAL B 1724 -80.33 42.29 -23.32
C VAL B 1724 -79.95 43.53 -24.11
N TYR B 1725 -79.08 44.36 -23.55
CA TYR B 1725 -78.65 45.55 -24.27
C TYR B 1725 -77.19 45.85 -23.96
N MET B 1726 -76.51 46.48 -24.93
CA MET B 1726 -75.10 46.79 -24.81
C MET B 1726 -74.90 48.30 -24.72
N THR B 1727 -73.90 48.70 -23.96
CA THR B 1727 -73.60 50.11 -23.71
C THR B 1727 -72.12 50.36 -23.92
N PHE B 1728 -71.82 51.55 -24.47
CA PHE B 1728 -70.46 52.02 -24.68
C PHE B 1728 -70.43 53.50 -24.36
N LYS B 1729 -69.35 54.18 -24.77
CA LYS B 1729 -69.17 55.58 -24.41
C LYS B 1729 -70.25 56.46 -25.03
N LYS B 1730 -70.53 56.29 -26.32
CA LYS B 1730 -71.49 57.17 -26.99
C LYS B 1730 -72.91 56.93 -26.51
N SER B 1731 -73.26 55.71 -26.11
CA SER B 1731 -74.62 55.37 -25.70
C SER B 1731 -74.58 54.67 -24.33
N PRO B 1732 -74.34 55.42 -23.26
CA PRO B 1732 -74.36 54.85 -21.91
C PRO B 1732 -75.74 54.94 -21.26
N SER B 1733 -76.76 54.44 -21.95
CA SER B 1733 -78.13 54.50 -21.47
C SER B 1733 -78.81 53.18 -21.80
N ASP B 1734 -80.14 53.15 -21.69
CA ASP B 1734 -80.91 51.95 -21.94
C ASP B 1734 -81.80 52.06 -23.17
N GLY B 1735 -82.66 53.07 -23.23
CA GLY B 1735 -83.58 53.22 -24.34
C GLY B 1735 -84.73 52.23 -24.27
N THR B 1736 -85.64 52.35 -25.23
CA THR B 1736 -86.80 51.48 -25.34
C THR B 1736 -86.69 50.64 -26.59
N TRP B 1737 -86.90 49.33 -26.45
CA TRP B 1737 -86.77 48.36 -27.53
C TRP B 1737 -85.39 48.40 -28.18
N TRP B 1738 -84.39 48.89 -27.46
CA TRP B 1738 -83.04 49.04 -28.00
C TRP B 1738 -82.18 47.84 -27.60
N GLY B 1739 -82.58 46.68 -28.10
CA GLY B 1739 -81.85 45.46 -27.85
C GLY B 1739 -82.72 44.23 -28.01
N PRO B 1740 -82.10 43.06 -28.08
CA PRO B 1740 -82.88 41.83 -28.20
C PRO B 1740 -83.80 41.63 -27.00
N HIS B 1741 -85.04 41.26 -27.31
CA HIS B 1741 -86.07 40.97 -26.32
C HIS B 1741 -86.51 39.52 -26.52
N PHE B 1742 -86.00 38.63 -25.71
CA PHE B 1742 -86.26 37.20 -25.86
C PHE B 1742 -87.56 36.82 -25.18
N VAL B 1743 -88.35 36.01 -25.88
CA VAL B 1743 -89.62 35.51 -25.38
C VAL B 1743 -89.68 34.01 -25.65
N ARG B 1744 -90.13 33.26 -24.65
CA ARG B 1744 -90.18 31.81 -24.70
C ARG B 1744 -91.60 31.34 -24.92
N ASP B 1745 -91.80 30.41 -25.85
CA ASP B 1745 -93.12 29.89 -26.15
C ASP B 1745 -93.50 28.81 -25.13
N ASP B 1746 -94.59 28.09 -25.41
CA ASP B 1746 -95.03 27.05 -24.47
C ASP B 1746 -94.08 25.87 -24.44
N LYS B 1747 -93.42 25.57 -25.56
CA LYS B 1747 -92.50 24.43 -25.66
C LYS B 1747 -91.16 24.95 -26.18
N GLY B 1748 -90.32 25.43 -25.26
CA GLY B 1748 -88.99 25.90 -25.63
C GLY B 1748 -89.05 26.97 -26.70
N ILE B 1749 -88.09 26.90 -27.63
CA ILE B 1749 -88.04 27.76 -28.80
C ILE B 1749 -88.09 29.23 -28.38
N VAL B 1750 -86.97 29.75 -27.88
CA VAL B 1750 -86.89 31.17 -27.56
C VAL B 1750 -86.79 31.94 -28.87
N THR B 1751 -87.56 33.02 -28.98
CA THR B 1751 -87.59 33.83 -30.18
C THR B 1751 -87.33 35.28 -29.82
N ILE B 1752 -86.89 36.05 -30.81
CA ILE B 1752 -86.63 37.47 -30.65
C ILE B 1752 -87.86 38.24 -31.04
N ASN B 1753 -88.28 39.17 -30.20
CA ASN B 1753 -89.42 40.01 -30.50
C ASN B 1753 -89.12 40.84 -31.75
N PRO B 1754 -89.97 40.81 -32.78
CA PRO B 1754 -89.64 41.54 -34.01
C PRO B 1754 -89.39 43.02 -33.83
N LYS B 1755 -90.13 43.68 -32.93
CA LYS B 1755 -90.00 45.11 -32.73
C LYS B 1755 -88.87 45.38 -31.75
N SER B 1756 -87.65 45.06 -32.18
CA SER B 1756 -86.47 45.26 -31.34
C SER B 1756 -85.33 45.78 -32.21
N ILE B 1757 -84.85 46.98 -31.90
CA ILE B 1757 -83.78 47.58 -32.67
C ILE B 1757 -82.47 46.87 -32.37
N LEU B 1758 -81.78 46.43 -33.43
CA LEU B 1758 -80.53 45.70 -33.29
C LEU B 1758 -79.38 46.44 -33.98
N THR B 1759 -79.45 47.77 -34.01
CA THR B 1759 -78.42 48.55 -34.69
C THR B 1759 -77.06 48.37 -34.05
N HIS B 1760 -77.01 48.36 -32.72
CA HIS B 1760 -75.74 48.25 -32.01
C HIS B 1760 -75.07 46.91 -32.29
N PHE B 1761 -75.84 45.83 -32.27
CA PHE B 1761 -75.29 44.51 -32.51
C PHE B 1761 -75.13 44.27 -34.02
N GLU B 1762 -74.24 43.34 -34.35
CA GLU B 1762 -74.12 42.91 -35.74
C GLU B 1762 -75.09 41.78 -36.04
N SER B 1763 -75.17 40.79 -35.15
CA SER B 1763 -76.12 39.69 -35.30
C SER B 1763 -76.29 39.00 -33.96
N VAL B 1764 -77.54 38.70 -33.62
CA VAL B 1764 -77.89 38.01 -32.37
C VAL B 1764 -78.70 36.78 -32.73
N ASN B 1765 -78.18 35.61 -32.39
CA ASN B 1765 -78.84 34.34 -32.67
C ASN B 1765 -79.08 33.58 -31.38
N VAL B 1766 -80.07 32.70 -31.39
CA VAL B 1766 -80.41 31.87 -30.24
C VAL B 1766 -80.14 30.42 -30.61
N LEU B 1767 -79.55 29.69 -29.67
CA LEU B 1767 -79.25 28.28 -29.87
C LEU B 1767 -80.20 27.47 -29.01
N ASN B 1768 -81.16 26.79 -29.63
CA ASN B 1768 -82.30 26.22 -28.93
C ASN B 1768 -82.00 24.84 -28.35
N ASN B 1769 -80.86 24.25 -28.68
CA ASN B 1769 -80.58 22.93 -28.14
C ASN B 1769 -79.12 22.77 -27.76
N TYR B 1770 -78.33 23.83 -27.92
CA TYR B 1770 -76.90 23.77 -27.65
C TYR B 1770 -76.64 23.41 -26.19
N SER B 1771 -75.70 22.50 -25.99
CA SER B 1771 -75.25 22.10 -24.66
C SER B 1771 -73.75 22.33 -24.57
N ALA B 1772 -73.34 23.16 -23.63
CA ALA B 1772 -71.94 23.52 -23.52
C ALA B 1772 -71.14 22.34 -23.00
N PRO B 1773 -69.88 22.20 -23.41
CA PRO B 1773 -69.04 21.12 -22.87
C PRO B 1773 -68.61 21.39 -21.43
N MET B 1774 -67.78 20.52 -20.89
CA MET B 1774 -67.30 20.71 -19.52
C MET B 1774 -66.48 21.99 -19.42
N ASP B 1775 -66.57 22.65 -18.26
CA ASP B 1775 -65.86 23.88 -18.00
C ASP B 1775 -64.65 23.62 -17.12
N PHE B 1776 -63.49 24.09 -17.54
CA PHE B 1776 -62.26 23.91 -16.79
C PHE B 1776 -61.95 25.11 -15.89
N ASN B 1777 -62.91 26.01 -15.71
CA ASN B 1777 -62.76 27.14 -14.79
C ASN B 1777 -63.85 27.15 -13.73
N SER B 1778 -64.51 26.02 -13.52
CA SER B 1778 -65.63 25.94 -12.59
C SER B 1778 -65.14 25.52 -11.21
N ALA B 1779 -66.07 25.15 -10.34
CA ALA B 1779 -65.71 24.77 -8.98
C ALA B 1779 -64.81 23.55 -8.95
N SER B 1780 -65.05 22.60 -9.84
CA SER B 1780 -64.28 21.36 -9.89
C SER B 1780 -63.10 21.44 -10.85
N ALA B 1781 -62.53 22.62 -11.05
CA ALA B 1781 -61.41 22.77 -11.97
C ALA B 1781 -60.19 21.99 -11.48
N LEU B 1782 -59.95 22.02 -10.17
CA LEU B 1782 -58.76 21.36 -9.64
C LEU B 1782 -58.77 19.88 -9.92
N TYR B 1783 -59.91 19.22 -9.70
CA TYR B 1783 -59.97 17.78 -9.92
C TYR B 1783 -59.82 17.45 -11.40
N TYR B 1784 -60.43 18.24 -12.28
CA TYR B 1784 -60.27 18.02 -13.71
C TYR B 1784 -58.81 18.14 -14.13
N TRP B 1785 -58.14 19.20 -13.67
CA TRP B 1785 -56.75 19.38 -14.04
C TRP B 1785 -55.88 18.26 -13.50
N GLU B 1786 -56.15 17.82 -12.27
CA GLU B 1786 -55.36 16.72 -11.71
C GLU B 1786 -55.57 15.44 -12.50
N LEU B 1787 -56.81 15.15 -12.87
CA LEU B 1787 -57.08 13.91 -13.59
C LEU B 1787 -56.48 13.92 -14.99
N PHE B 1788 -56.58 15.05 -15.68
CA PHE B 1788 -56.22 15.07 -17.10
C PHE B 1788 -54.81 15.54 -17.39
N TYR B 1789 -54.21 16.35 -16.53
CA TYR B 1789 -52.86 16.83 -16.79
C TYR B 1789 -51.84 16.40 -15.74
N TYR B 1790 -52.10 16.67 -14.46
CA TYR B 1790 -51.06 16.50 -13.45
C TYR B 1790 -50.70 15.03 -13.27
N THR B 1791 -51.70 14.16 -13.25
CA THR B 1791 -51.42 12.73 -13.01
C THR B 1791 -50.58 12.08 -14.10
N PRO B 1792 -50.90 12.23 -15.39
CA PRO B 1792 -49.98 11.66 -16.39
C PRO B 1792 -48.59 12.23 -16.34
N MET B 1793 -48.45 13.52 -16.03
CA MET B 1793 -47.12 14.11 -15.92
C MET B 1793 -46.35 13.52 -14.75
N MET B 1794 -47.00 13.35 -13.60
CA MET B 1794 -46.33 12.75 -12.46
C MET B 1794 -45.92 11.31 -12.76
N CYS B 1795 -46.80 10.55 -13.41
CA CYS B 1795 -46.45 9.17 -13.76
C CYS B 1795 -45.28 9.14 -14.73
N PHE B 1796 -45.28 10.04 -15.72
CA PHE B 1796 -44.17 10.09 -16.66
C PHE B 1796 -42.86 10.41 -15.96
N GLN B 1797 -42.89 11.38 -15.04
CA GLN B 1797 -41.66 11.74 -14.34
C GLN B 1797 -41.15 10.57 -13.50
N ARG B 1798 -42.05 9.91 -12.78
CA ARG B 1798 -41.63 8.78 -11.94
C ARG B 1798 -41.05 7.65 -12.80
N LEU B 1799 -41.69 7.36 -13.92
CA LEU B 1799 -41.18 6.28 -14.78
C LEU B 1799 -39.84 6.68 -15.40
N LEU B 1800 -39.67 7.94 -15.77
CA LEU B 1800 -38.41 8.38 -16.35
C LEU B 1800 -37.29 8.30 -15.32
N GLN B 1801 -37.59 8.63 -14.06
CA GLN B 1801 -36.55 8.58 -13.03
C GLN B 1801 -36.02 7.17 -12.81
N GLU B 1802 -36.76 6.14 -13.21
CA GLU B 1802 -36.33 4.77 -13.05
C GLU B 1802 -35.86 4.15 -14.37
N LYS B 1803 -35.61 4.97 -15.38
CA LYS B 1803 -35.05 4.53 -16.66
C LYS B 1803 -35.97 3.52 -17.36
N GLN B 1804 -37.29 3.69 -17.21
CA GLN B 1804 -38.25 2.93 -17.99
C GLN B 1804 -38.78 3.85 -19.09
N PHE B 1805 -38.01 3.92 -20.18
CA PHE B 1805 -38.23 4.98 -21.16
C PHE B 1805 -39.49 4.74 -21.98
N ASP B 1806 -39.74 3.49 -22.39
CA ASP B 1806 -40.90 3.23 -23.24
C ASP B 1806 -42.21 3.51 -22.51
N GLU B 1807 -42.32 3.07 -21.26
CA GLU B 1807 -43.53 3.34 -20.49
C GLU B 1807 -43.69 4.84 -20.23
N ALA B 1808 -42.58 5.54 -19.96
CA ALA B 1808 -42.67 6.97 -19.77
C ALA B 1808 -43.17 7.67 -21.03
N THR B 1809 -42.69 7.24 -22.19
CA THR B 1809 -43.18 7.80 -23.44
C THR B 1809 -44.67 7.52 -23.61
N GLN B 1810 -45.09 6.29 -23.31
CA GLN B 1810 -46.51 5.96 -23.44
C GLN B 1810 -47.36 6.84 -22.54
N TRP B 1811 -46.86 7.14 -21.34
CA TRP B 1811 -47.64 7.93 -20.39
C TRP B 1811 -47.66 9.41 -20.78
N ILE B 1812 -46.54 9.95 -21.27
CA ILE B 1812 -46.55 11.35 -21.68
C ILE B 1812 -47.33 11.54 -22.97
N ASN B 1813 -47.50 10.49 -23.77
CA ASN B 1813 -48.24 10.63 -25.02
C ASN B 1813 -49.71 10.99 -24.80
N TYR B 1814 -50.23 10.85 -23.58
CA TYR B 1814 -51.60 11.23 -23.33
C TYR B 1814 -51.79 12.74 -23.29
N VAL B 1815 -50.71 13.50 -23.21
CA VAL B 1815 -50.77 14.95 -23.11
C VAL B 1815 -50.22 15.60 -24.38
N TYR B 1816 -49.07 15.15 -24.85
CA TYR B 1816 -48.46 15.72 -26.05
C TYR B 1816 -47.78 14.62 -26.86
N ASN B 1817 -47.98 14.66 -28.15
CA ASN B 1817 -47.35 13.72 -29.06
C ASN B 1817 -47.12 14.40 -30.40
N PRO B 1818 -45.86 14.64 -30.79
CA PRO B 1818 -45.61 15.37 -32.04
C PRO B 1818 -46.16 14.66 -33.27
N ALA B 1819 -46.35 13.34 -33.20
CA ALA B 1819 -46.83 12.59 -34.35
C ALA B 1819 -48.35 12.63 -34.50
N GLY B 1820 -49.05 13.26 -33.58
CA GLY B 1820 -50.50 13.28 -33.64
C GLY B 1820 -51.13 12.11 -32.91
N TYR B 1821 -52.45 12.10 -32.90
CA TYR B 1821 -53.21 11.10 -32.17
C TYR B 1821 -54.19 10.42 -33.12
N ILE B 1822 -54.28 9.10 -33.03
CA ILE B 1822 -55.14 8.31 -33.89
C ILE B 1822 -56.51 8.20 -33.24
N VAL B 1823 -57.54 8.70 -33.92
CA VAL B 1823 -58.90 8.63 -33.43
C VAL B 1823 -59.77 8.08 -34.54
N ASN B 1824 -60.46 6.97 -34.26
CA ASN B 1824 -61.33 6.29 -35.22
C ASN B 1824 -60.61 5.89 -36.49
N GLY B 1825 -59.29 5.73 -36.43
CA GLY B 1825 -58.52 5.36 -37.59
C GLY B 1825 -57.98 6.51 -38.41
N GLU B 1826 -58.14 7.75 -37.95
CA GLU B 1826 -57.62 8.91 -38.65
C GLU B 1826 -56.90 9.83 -37.67
N ILE B 1827 -56.00 10.64 -38.22
CA ILE B 1827 -55.24 11.58 -37.40
C ILE B 1827 -56.17 12.68 -36.91
N ALA B 1828 -56.15 12.93 -35.60
CA ALA B 1828 -57.00 13.95 -35.04
C ALA B 1828 -56.52 15.35 -35.45
N PRO B 1829 -57.44 16.30 -35.60
CA PRO B 1829 -57.03 17.64 -36.03
C PRO B 1829 -56.34 18.45 -34.95
N TRP B 1830 -56.53 18.15 -33.68
CA TRP B 1830 -55.95 18.97 -32.64
C TRP B 1830 -54.47 18.65 -32.44
N ILE B 1831 -53.77 19.59 -31.81
CA ILE B 1831 -52.33 19.45 -31.59
C ILE B 1831 -52.04 18.89 -30.19
N TRP B 1832 -52.66 19.46 -29.17
CA TRP B 1832 -52.43 19.04 -27.80
C TRP B 1832 -53.64 18.24 -27.30
N ASN B 1833 -53.36 17.06 -26.74
CA ASN B 1833 -54.44 16.19 -26.27
C ASN B 1833 -55.10 16.69 -25.00
N CYS B 1834 -54.49 17.64 -24.29
CA CYS B 1834 -55.08 18.21 -23.08
C CYS B 1834 -55.92 19.42 -23.48
N ARG B 1835 -57.24 19.31 -23.30
CA ARG B 1835 -58.14 20.36 -23.77
C ARG B 1835 -57.86 21.72 -23.15
N PRO B 1836 -57.68 21.85 -21.83
CA PRO B 1836 -57.37 23.19 -21.29
C PRO B 1836 -56.10 23.80 -21.87
N LEU B 1837 -55.08 22.98 -22.11
CA LEU B 1837 -53.88 23.50 -22.77
C LEU B 1837 -54.18 23.92 -24.20
N GLU B 1838 -54.95 23.10 -24.92
CA GLU B 1838 -55.25 23.39 -26.32
C GLU B 1838 -56.01 24.71 -26.46
N GLU B 1839 -56.99 24.94 -25.59
CA GLU B 1839 -57.78 26.16 -25.66
C GLU B 1839 -57.21 27.29 -24.80
N THR B 1840 -56.17 27.02 -24.02
CA THR B 1840 -55.52 28.02 -23.16
C THR B 1840 -56.54 28.66 -22.20
N THR B 1841 -57.09 27.83 -21.33
CA THR B 1841 -58.05 28.26 -20.33
C THR B 1841 -57.32 28.63 -19.05
N SER B 1842 -57.53 29.85 -18.58
CA SER B 1842 -56.89 30.32 -17.35
C SER B 1842 -57.84 30.11 -16.19
N TRP B 1843 -57.32 29.56 -15.09
CA TRP B 1843 -58.13 29.25 -13.92
C TRP B 1843 -57.46 29.74 -12.65
N ASN B 1844 -56.93 30.96 -12.67
CA ASN B 1844 -56.34 31.57 -11.49
C ASN B 1844 -56.21 33.07 -11.74
N ALA B 1845 -56.75 33.87 -10.83
CA ALA B 1845 -56.79 35.31 -11.03
C ALA B 1845 -55.77 36.09 -10.20
N ASN B 1846 -55.21 35.48 -9.16
CA ASN B 1846 -54.26 36.13 -8.27
C ASN B 1846 -53.03 35.24 -8.12
N PRO B 1847 -52.16 35.22 -9.12
CA PRO B 1847 -51.01 34.33 -9.05
C PRO B 1847 -49.82 34.92 -8.30
N LEU B 1848 -49.78 36.25 -8.18
CA LEU B 1848 -48.63 36.92 -7.59
C LEU B 1848 -48.81 37.23 -6.12
N ASP B 1849 -49.83 36.66 -5.48
CA ASP B 1849 -50.02 36.89 -4.05
C ASP B 1849 -48.90 36.28 -3.23
N ALA B 1850 -48.27 35.22 -3.73
CA ALA B 1850 -47.17 34.58 -3.03
C ALA B 1850 -46.24 33.95 -4.05
N ILE B 1851 -45.01 33.66 -3.60
CA ILE B 1851 -44.01 33.06 -4.49
C ILE B 1851 -44.45 31.64 -4.79
N ASP B 1852 -44.92 31.41 -6.02
CA ASP B 1852 -45.44 30.12 -6.42
C ASP B 1852 -45.36 29.96 -7.94
N PRO B 1853 -44.38 29.23 -8.44
CA PRO B 1853 -44.33 29.00 -9.90
C PRO B 1853 -45.55 28.29 -10.43
N ASP B 1854 -46.13 27.36 -9.66
CA ASP B 1854 -47.32 26.66 -10.12
C ASP B 1854 -48.50 27.62 -10.30
N ALA B 1855 -48.66 28.56 -9.39
CA ALA B 1855 -49.75 29.52 -9.52
C ALA B 1855 -49.58 30.37 -10.77
N VAL B 1856 -48.35 30.83 -11.03
CA VAL B 1856 -48.11 31.64 -12.22
C VAL B 1856 -48.41 30.83 -13.48
N ALA B 1857 -47.96 29.58 -13.51
CA ALA B 1857 -48.25 28.74 -14.67
C ALA B 1857 -49.75 28.49 -14.80
N GLN B 1858 -50.47 28.42 -13.69
CA GLN B 1858 -51.91 28.25 -13.76
C GLN B 1858 -52.59 29.49 -14.34
N ASN B 1859 -52.05 30.68 -14.04
CA ASN B 1859 -52.63 31.89 -14.60
C ASN B 1859 -52.51 31.90 -16.12
N ASP B 1860 -51.38 31.47 -16.65
CA ASP B 1860 -51.17 31.37 -18.10
C ASP B 1860 -50.66 29.97 -18.43
N PRO B 1861 -51.53 29.08 -18.90
CA PRO B 1861 -51.14 27.68 -19.04
C PRO B 1861 -50.16 27.42 -20.19
N MET B 1862 -49.69 28.46 -20.84
CA MET B 1862 -48.66 28.29 -21.87
C MET B 1862 -47.38 27.73 -21.26
N HIS B 1863 -47.04 28.19 -20.05
CA HIS B 1863 -45.86 27.68 -19.38
C HIS B 1863 -45.96 26.17 -19.15
N TYR B 1864 -47.18 25.64 -19.01
CA TYR B 1864 -47.33 24.19 -18.94
C TYR B 1864 -46.94 23.53 -20.25
N LYS B 1865 -47.31 24.15 -21.38
CA LYS B 1865 -46.87 23.64 -22.67
C LYS B 1865 -45.36 23.60 -22.75
N ILE B 1866 -44.71 24.69 -22.32
CA ILE B 1866 -43.26 24.74 -22.40
C ILE B 1866 -42.64 23.69 -21.49
N ALA B 1867 -43.18 23.52 -20.28
CA ALA B 1867 -42.65 22.53 -19.36
C ALA B 1867 -42.77 21.11 -19.93
N THR B 1868 -43.91 20.80 -20.55
CA THR B 1868 -44.06 19.48 -21.17
C THR B 1868 -43.04 19.30 -22.30
N PHE B 1869 -42.84 20.33 -23.11
CA PHE B 1869 -41.87 20.23 -24.19
C PHE B 1869 -40.46 19.96 -23.66
N MET B 1870 -40.06 20.68 -22.60
CA MET B 1870 -38.74 20.47 -22.05
C MET B 1870 -38.62 19.08 -21.43
N ARG B 1871 -39.68 18.57 -20.81
CA ARG B 1871 -39.63 17.22 -20.27
C ARG B 1871 -39.40 16.21 -21.39
N LEU B 1872 -40.10 16.37 -22.52
CA LEU B 1872 -39.90 15.46 -23.64
C LEU B 1872 -38.47 15.53 -24.16
N LEU B 1873 -37.93 16.75 -24.29
CA LEU B 1873 -36.56 16.89 -24.77
C LEU B 1873 -35.57 16.24 -23.81
N ASP B 1874 -35.80 16.39 -22.51
CA ASP B 1874 -34.94 15.75 -21.52
C ASP B 1874 -34.96 14.24 -21.69
N GLN B 1875 -36.15 13.67 -21.90
CA GLN B 1875 -36.23 12.23 -22.09
C GLN B 1875 -35.45 11.79 -23.32
N LEU B 1876 -35.57 12.54 -24.41
CA LEU B 1876 -34.85 12.17 -25.63
C LEU B 1876 -33.34 12.24 -25.42
N ILE B 1877 -32.86 13.29 -24.75
CA ILE B 1877 -31.42 13.42 -24.54
C ILE B 1877 -30.90 12.31 -23.63
N LEU B 1878 -31.68 11.95 -22.61
CA LEU B 1878 -31.27 10.85 -21.74
C LEU B 1878 -31.19 9.54 -22.52
N ARG B 1879 -32.17 9.28 -23.39
CA ARG B 1879 -32.10 8.09 -24.23
C ARG B 1879 -30.83 8.10 -25.08
N GLY B 1880 -30.52 9.24 -25.68
CA GLY B 1880 -29.34 9.33 -26.50
C GLY B 1880 -28.06 9.07 -25.73
N ASP B 1881 -27.95 9.63 -24.52
CA ASP B 1881 -26.76 9.42 -23.70
C ASP B 1881 -26.64 7.95 -23.29
N MET B 1882 -27.76 7.33 -22.93
CA MET B 1882 -27.72 5.92 -22.56
C MET B 1882 -27.25 5.07 -23.72
N ALA B 1883 -27.73 5.35 -24.93
CA ALA B 1883 -27.26 4.62 -26.10
C ALA B 1883 -25.79 4.88 -26.37
N TYR B 1884 -25.35 6.13 -26.20
CA TYR B 1884 -23.96 6.48 -26.45
C TYR B 1884 -23.01 5.72 -25.53
N ARG B 1885 -23.40 5.54 -24.28
CA ARG B 1885 -22.46 4.93 -23.34
C ARG B 1885 -22.21 3.44 -23.62
N GLU B 1886 -22.66 2.84 -24.71
CA GLU B 1886 -22.44 1.42 -24.94
C GLU B 1886 -21.26 1.12 -25.86
N LEU B 1887 -20.83 2.09 -26.67
CA LEU B 1887 -19.65 2.03 -27.53
C LEU B 1887 -19.80 1.08 -28.71
N THR B 1888 -20.91 0.36 -28.82
CA THR B 1888 -21.16 -0.48 -29.98
C THR B 1888 -21.59 0.37 -31.16
N ARG B 1889 -21.18 -0.04 -32.36
CA ARG B 1889 -21.50 0.72 -33.57
C ARG B 1889 -23.00 0.94 -33.71
N ASP B 1890 -23.80 -0.10 -33.50
CA ASP B 1890 -25.24 0.07 -33.55
C ASP B 1890 -25.72 1.02 -32.46
N ALA B 1891 -25.11 0.93 -31.27
CA ALA B 1891 -25.46 1.87 -30.21
C ALA B 1891 -25.11 3.30 -30.60
N LEU B 1892 -23.97 3.49 -31.27
CA LEU B 1892 -23.61 4.82 -31.73
C LEU B 1892 -24.60 5.35 -32.75
N ASN B 1893 -25.04 4.48 -33.67
CA ASN B 1893 -26.04 4.90 -34.65
C ASN B 1893 -27.35 5.28 -33.97
N GLU B 1894 -27.76 4.50 -32.97
CA GLU B 1894 -29.00 4.82 -32.25
C GLU B 1894 -28.88 6.15 -31.52
N ALA B 1895 -27.73 6.39 -30.88
CA ALA B 1895 -27.52 7.66 -30.20
C ALA B 1895 -27.55 8.82 -31.18
N LYS B 1896 -26.94 8.63 -32.35
CA LYS B 1896 -26.97 9.67 -33.38
C LYS B 1896 -28.40 9.95 -33.81
N MET B 1897 -29.21 8.90 -33.97
CA MET B 1897 -30.60 9.11 -34.36
C MET B 1897 -31.36 9.90 -33.30
N TRP B 1898 -31.17 9.55 -32.03
CA TRP B 1898 -31.86 10.26 -30.97
C TRP B 1898 -31.45 11.73 -30.93
N TYR B 1899 -30.15 12.01 -31.07
CA TYR B 1899 -29.68 13.38 -31.05
C TYR B 1899 -30.22 14.17 -32.24
N VAL B 1900 -30.23 13.55 -33.42
CA VAL B 1900 -30.74 14.23 -34.60
C VAL B 1900 -32.21 14.55 -34.43
N ARG B 1901 -32.98 13.61 -33.87
CA ARG B 1901 -34.39 13.86 -33.65
C ARG B 1901 -34.62 15.02 -32.68
N THR B 1902 -33.84 15.04 -31.58
CA THR B 1902 -33.99 16.15 -30.64
C THR B 1902 -33.64 17.47 -31.28
N LEU B 1903 -32.56 17.51 -32.06
CA LEU B 1903 -32.16 18.74 -32.71
C LEU B 1903 -33.20 19.22 -33.70
N GLU B 1904 -33.82 18.28 -34.43
CA GLU B 1904 -34.86 18.66 -35.38
C GLU B 1904 -36.09 19.19 -34.67
N LEU B 1905 -36.44 18.59 -33.52
CA LEU B 1905 -37.57 19.10 -32.76
C LEU B 1905 -37.29 20.50 -32.23
N LEU B 1906 -36.09 20.75 -31.75
CA LEU B 1906 -35.78 22.05 -31.17
C LEU B 1906 -35.81 23.16 -32.21
N GLY B 1907 -35.23 22.92 -33.38
CA GLY B 1907 -35.10 23.95 -34.38
C GLY B 1907 -33.69 24.48 -34.45
N ASP B 1908 -33.52 25.73 -34.88
CA ASP B 1908 -32.22 26.37 -34.94
C ASP B 1908 -32.18 27.53 -33.96
N GLU B 1909 -31.15 27.58 -33.12
CA GLU B 1909 -31.08 28.56 -32.07
C GLU B 1909 -30.84 29.95 -32.65
N PRO B 1910 -31.40 30.99 -32.02
CA PRO B 1910 -31.20 32.36 -32.52
C PRO B 1910 -29.96 33.00 -31.93
N GLU B 1911 -29.71 34.25 -32.29
CA GLU B 1911 -28.56 35.01 -31.82
C GLU B 1911 -29.02 36.28 -31.12
N ASP B 1912 -28.06 36.97 -30.52
CA ASP B 1912 -28.37 38.21 -29.82
C ASP B 1912 -28.78 39.29 -30.82
N TYR B 1913 -29.81 40.04 -30.46
CA TYR B 1913 -30.35 41.09 -31.32
C TYR B 1913 -30.19 42.48 -30.74
N GLY B 1914 -30.68 42.71 -29.53
CA GLY B 1914 -30.73 44.04 -28.96
C GLY B 1914 -29.52 44.46 -28.18
N SER B 1915 -28.45 43.65 -28.13
CA SER B 1915 -27.29 44.02 -27.34
C SER B 1915 -26.62 45.28 -27.88
N GLN B 1916 -26.47 45.37 -29.20
CA GLN B 1916 -25.79 46.52 -29.80
C GLN B 1916 -26.71 47.72 -29.97
N GLN B 1917 -28.02 47.56 -29.80
CA GLN B 1917 -28.96 48.66 -29.94
C GLN B 1917 -29.18 49.41 -28.64
N TRP B 1918 -28.58 48.96 -27.55
CA TRP B 1918 -28.81 49.54 -26.24
C TRP B 1918 -27.84 50.69 -25.98
N ALA B 1919 -28.38 51.85 -25.63
CA ALA B 1919 -27.57 53.02 -25.29
C ALA B 1919 -27.41 53.08 -23.79
N ALA B 1920 -26.17 53.10 -23.32
CA ALA B 1920 -25.90 53.02 -21.89
C ALA B 1920 -26.36 54.29 -21.20
N PRO B 1921 -27.29 54.22 -20.26
CA PRO B 1921 -27.75 55.41 -19.55
C PRO B 1921 -26.98 55.61 -18.25
N SER B 1922 -27.15 56.80 -17.70
CA SER B 1922 -26.58 57.08 -16.38
C SER B 1922 -27.38 56.36 -15.31
N LEU B 1923 -26.74 56.13 -14.16
CA LEU B 1923 -27.41 55.45 -13.07
C LEU B 1923 -28.60 56.26 -12.59
N SER B 1924 -28.46 57.59 -12.49
CA SER B 1924 -29.58 58.42 -12.11
C SER B 1924 -30.69 58.39 -13.16
N GLY B 1925 -30.31 58.36 -14.44
CA GLY B 1925 -31.31 58.31 -15.49
C GLY B 1925 -32.10 57.02 -15.49
N ALA B 1926 -31.42 55.89 -15.30
CA ALA B 1926 -32.11 54.61 -15.30
C ALA B 1926 -33.05 54.47 -14.11
N ALA B 1927 -32.73 55.13 -13.00
CA ALA B 1927 -33.56 55.08 -11.80
C ALA B 1927 -34.55 56.23 -11.72
N SER B 1928 -34.66 57.04 -12.78
CA SER B 1928 -35.56 58.19 -12.75
C SER B 1928 -36.99 57.73 -12.56
N GLN B 1929 -37.72 58.44 -11.69
CA GLN B 1929 -39.11 58.07 -11.42
C GLN B 1929 -40.00 58.39 -12.61
N THR B 1930 -39.68 59.44 -13.37
CA THR B 1930 -40.53 59.83 -14.49
C THR B 1930 -40.59 58.73 -15.55
N VAL B 1931 -39.46 58.09 -15.84
CA VAL B 1931 -39.42 57.05 -16.87
C VAL B 1931 -40.30 55.88 -16.46
N GLN B 1932 -40.15 55.41 -15.23
CA GLN B 1932 -40.95 54.29 -14.75
C GLN B 1932 -42.43 54.65 -14.71
N ALA B 1933 -42.75 55.87 -14.29
CA ALA B 1933 -44.15 56.29 -14.26
C ALA B 1933 -44.74 56.33 -15.66
N ALA B 1934 -43.98 56.84 -16.64
CA ALA B 1934 -44.48 56.87 -18.01
C ALA B 1934 -44.70 55.47 -18.55
N TYR B 1935 -43.75 54.56 -18.30
CA TYR B 1935 -43.92 53.19 -18.77
C TYR B 1935 -45.13 52.53 -18.14
N GLN B 1936 -45.31 52.72 -16.83
CA GLN B 1936 -46.46 52.12 -16.15
C GLN B 1936 -47.77 52.70 -16.66
N GLN B 1937 -47.79 54.01 -16.92
CA GLN B 1937 -49.00 54.63 -17.48
C GLN B 1937 -49.33 54.05 -18.85
N ASP B 1938 -48.31 53.89 -19.69
CA ASP B 1938 -48.56 53.32 -21.02
C ASP B 1938 -49.06 51.90 -20.91
N LEU B 1939 -48.47 51.10 -20.02
CA LEU B 1939 -48.92 49.71 -19.87
C LEU B 1939 -50.36 49.66 -19.36
N THR B 1940 -50.70 50.51 -18.40
CA THR B 1940 -52.07 50.52 -17.88
C THR B 1940 -53.07 50.91 -18.95
N MET B 1941 -52.74 51.95 -19.74
CA MET B 1941 -53.63 52.35 -20.82
C MET B 1941 -53.76 51.25 -21.87
N LEU B 1942 -52.67 50.52 -22.13
CA LEU B 1942 -52.74 49.42 -23.08
C LEU B 1942 -53.64 48.31 -22.59
N GLY B 1943 -53.46 47.89 -21.34
CA GLY B 1943 -54.22 46.75 -20.83
C GLY B 1943 -55.69 47.08 -20.61
N ARG B 1944 -55.96 48.22 -20.00
CA ARG B 1944 -57.32 48.57 -19.59
C ARG B 1944 -58.09 49.32 -20.66
N GLY B 1945 -57.43 50.20 -21.40
CA GLY B 1945 -58.08 50.94 -22.46
C GLY B 1945 -57.74 50.42 -23.84
N GLY B 1946 -56.82 51.10 -24.52
CA GLY B 1946 -56.46 50.75 -25.88
C GLY B 1946 -56.22 51.98 -26.72
N VAL B 1947 -56.29 53.16 -26.09
CA VAL B 1947 -56.01 54.41 -26.79
C VAL B 1947 -54.56 54.44 -27.22
N SER B 1948 -54.31 54.82 -28.47
CA SER B 1948 -52.98 54.78 -29.08
C SER B 1948 -52.46 56.18 -29.38
N LYS B 1949 -52.67 57.12 -28.46
CA LYS B 1949 -52.10 58.45 -28.62
C LYS B 1949 -50.58 58.37 -28.63
N ASN B 1950 -49.96 59.15 -29.53
CA ASN B 1950 -48.52 59.10 -29.77
C ASN B 1950 -48.09 57.67 -30.13
N LEU B 1951 -48.61 57.23 -31.28
CA LEU B 1951 -48.46 55.84 -31.70
C LEU B 1951 -47.00 55.40 -31.68
N ARG B 1952 -46.12 56.19 -32.30
CA ARG B 1952 -44.70 55.91 -32.24
C ARG B 1952 -44.14 56.40 -30.91
N THR B 1953 -43.35 55.56 -30.25
CA THR B 1953 -42.84 55.89 -28.94
C THR B 1953 -41.59 56.75 -28.98
N ALA B 1954 -41.03 57.02 -30.17
CA ALA B 1954 -39.86 57.88 -30.32
C ALA B 1954 -38.69 57.35 -29.50
N ASN B 1955 -38.18 56.20 -29.95
CA ASN B 1955 -37.28 55.35 -29.18
C ASN B 1955 -36.09 56.08 -28.56
N SER B 1956 -35.84 57.32 -28.99
CA SER B 1956 -34.80 58.11 -28.35
C SER B 1956 -35.11 58.41 -26.88
N LEU B 1957 -36.36 58.22 -26.46
CA LEU B 1957 -36.74 58.40 -25.06
C LEU B 1957 -36.90 57.08 -24.32
N VAL B 1958 -36.16 56.06 -24.72
CA VAL B 1958 -36.21 54.75 -24.06
C VAL B 1958 -34.90 54.53 -23.33
N GLY B 1959 -34.99 54.27 -22.02
CA GLY B 1959 -33.83 53.95 -21.21
C GLY B 1959 -34.10 52.76 -20.31
N LEU B 1960 -34.92 51.83 -20.77
CA LEU B 1960 -35.31 50.66 -20.00
C LEU B 1960 -34.45 49.46 -20.38
N PHE B 1961 -34.67 48.35 -19.71
CA PHE B 1961 -33.92 47.12 -19.94
C PHE B 1961 -34.68 46.19 -20.87
N LEU B 1962 -33.95 45.21 -21.40
CA LEU B 1962 -34.46 44.31 -22.42
C LEU B 1962 -34.63 42.90 -21.87
N PRO B 1963 -35.53 42.10 -22.46
CA PRO B 1963 -35.72 40.73 -21.97
C PRO B 1963 -34.51 39.86 -22.27
N GLU B 1964 -34.48 38.71 -21.61
CA GLU B 1964 -33.35 37.80 -21.65
C GLU B 1964 -33.81 36.41 -22.08
N TYR B 1965 -32.93 35.71 -22.80
CA TYR B 1965 -33.24 34.37 -23.26
C TYR B 1965 -33.33 33.41 -22.07
N ASN B 1966 -33.93 32.25 -22.33
CA ASN B 1966 -34.04 31.22 -21.31
C ASN B 1966 -32.76 30.40 -21.29
N PRO B 1967 -32.03 30.36 -20.17
CA PRO B 1967 -30.77 29.60 -20.16
C PRO B 1967 -30.92 28.11 -20.41
N ALA B 1968 -32.05 27.50 -20.03
CA ALA B 1968 -32.20 26.06 -20.17
C ALA B 1968 -32.17 25.64 -21.64
N LEU B 1969 -32.84 26.39 -22.51
CA LEU B 1969 -32.84 26.05 -23.92
C LEU B 1969 -31.45 26.18 -24.53
N THR B 1970 -30.72 27.22 -24.14
CA THR B 1970 -29.34 27.37 -24.62
C THR B 1970 -28.48 26.22 -24.14
N ASP B 1971 -28.72 25.75 -22.91
CA ASP B 1971 -28.01 24.59 -22.40
C ASP B 1971 -28.32 23.37 -23.27
N TYR B 1972 -29.58 23.19 -23.65
CA TYR B 1972 -29.93 22.07 -24.52
C TYR B 1972 -29.19 22.15 -25.84
N TRP B 1973 -29.17 23.34 -26.45
CA TRP B 1973 -28.50 23.49 -27.73
C TRP B 1973 -27.00 23.21 -27.61
N GLN B 1974 -26.37 23.71 -26.55
CA GLN B 1974 -24.94 23.47 -26.37
C GLN B 1974 -24.66 21.99 -26.19
N THR B 1975 -25.48 21.30 -25.39
CA THR B 1975 -25.28 19.88 -25.18
C THR B 1975 -25.42 19.11 -26.49
N LEU B 1976 -26.44 19.44 -27.28
CA LEU B 1976 -26.62 18.75 -28.56
C LEU B 1976 -25.44 18.99 -29.49
N ARG B 1977 -24.96 20.24 -29.56
CA ARG B 1977 -23.84 20.54 -30.43
C ARG B 1977 -22.59 19.77 -30.01
N LEU B 1978 -22.31 19.74 -28.71
CA LEU B 1978 -21.14 19.03 -28.23
C LEU B 1978 -21.24 17.53 -28.52
N ARG B 1979 -22.41 16.94 -28.26
CA ARG B 1979 -22.57 15.51 -28.50
C ARG B 1979 -22.41 15.17 -29.97
N LEU B 1980 -23.02 15.96 -30.85
CA LEU B 1980 -22.89 15.69 -32.28
C LEU B 1980 -21.45 15.84 -32.74
N PHE B 1981 -20.76 16.87 -32.25
CA PHE B 1981 -19.37 17.05 -32.63
C PHE B 1981 -18.50 15.88 -32.18
N ASN B 1982 -18.74 15.39 -30.96
CA ASN B 1982 -17.99 14.23 -30.48
C ASN B 1982 -18.30 13.01 -31.33
N LEU B 1983 -19.57 12.82 -31.69
CA LEU B 1983 -19.94 11.65 -32.49
C LEU B 1983 -19.29 11.69 -33.87
N ARG B 1984 -19.27 12.85 -34.50
CA ARG B 1984 -18.79 12.93 -35.89
C ARG B 1984 -17.29 12.77 -36.00
N HIS B 1985 -16.54 13.04 -34.93
CA HIS B 1985 -15.08 12.99 -34.99
C HIS B 1985 -14.50 11.75 -34.32
N ASN B 1986 -15.29 10.69 -34.20
CA ASN B 1986 -14.82 9.41 -33.68
C ASN B 1986 -14.20 9.55 -32.29
N LEU B 1987 -14.90 10.26 -31.43
CA LEU B 1987 -14.48 10.42 -30.04
C LEU B 1987 -15.52 9.81 -29.12
N SER B 1988 -15.11 9.57 -27.88
CA SER B 1988 -16.00 9.05 -26.87
C SER B 1988 -16.91 10.16 -26.35
N ILE B 1989 -17.83 9.80 -25.45
CA ILE B 1989 -18.75 10.80 -24.90
C ILE B 1989 -18.01 11.83 -24.08
N ASP B 1990 -16.86 11.47 -23.52
CA ASP B 1990 -16.05 12.38 -22.72
C ASP B 1990 -14.94 13.06 -23.52
N GLY B 1991 -14.86 12.81 -24.82
CA GLY B 1991 -13.82 13.39 -25.63
C GLY B 1991 -12.56 12.57 -25.75
N GLN B 1992 -12.50 11.42 -25.11
CA GLN B 1992 -11.33 10.55 -25.25
C GLN B 1992 -11.29 9.95 -26.65
N PRO B 1993 -10.19 10.09 -27.38
CA PRO B 1993 -10.13 9.53 -28.73
C PRO B 1993 -10.24 8.01 -28.70
N LEU B 1994 -10.88 7.47 -29.73
CA LEU B 1994 -11.14 6.04 -29.84
C LEU B 1994 -10.16 5.33 -30.76
N SER B 1995 -9.19 6.04 -31.33
CA SER B 1995 -8.27 5.46 -32.29
C SER B 1995 -6.84 5.64 -31.81
N LEU B 1996 -6.02 4.62 -32.06
CA LEU B 1996 -4.62 4.66 -31.67
C LEU B 1996 -3.81 5.47 -32.67
N ALA B 1997 -2.81 6.19 -32.17
CA ALA B 1997 -1.96 7.03 -32.99
C ALA B 1997 -0.74 6.23 -33.44
N ILE B 1998 0.24 6.91 -34.02
CA ILE B 1998 1.48 6.29 -34.47
C ILE B 1998 2.65 7.07 -33.88
N TYR B 1999 3.81 6.43 -33.83
CA TYR B 1999 4.97 6.99 -33.17
C TYR B 1999 5.95 7.67 -34.11
N ALA B 2000 6.11 7.16 -35.33
CA ALA B 2000 7.06 7.70 -36.31
C ALA B 2000 8.49 7.70 -35.73
N GLU B 2001 8.98 6.47 -35.52
CA GLU B 2001 10.26 6.28 -34.87
C GLU B 2001 11.38 6.94 -35.69
N PRO B 2002 12.31 7.65 -35.05
CA PRO B 2002 13.41 8.27 -35.79
C PRO B 2002 14.34 7.23 -36.40
N THR B 2003 14.93 7.60 -37.53
CA THR B 2003 15.78 6.68 -38.29
C THR B 2003 17.26 6.95 -38.01
N ASP B 2004 17.69 6.51 -36.81
CA ASP B 2004 19.06 6.36 -36.33
C ASP B 2004 19.87 7.66 -36.33
N PRO B 2005 20.94 7.75 -35.54
CA PRO B 2005 21.82 8.93 -35.62
C PRO B 2005 22.95 8.73 -36.60
N LYS B 2006 23.78 9.75 -36.77
CA LYS B 2006 24.90 9.73 -37.71
C LYS B 2006 26.19 9.75 -36.90
N ALA B 2007 27.06 8.77 -37.14
CA ALA B 2007 28.35 8.69 -36.48
C ALA B 2007 29.45 9.15 -37.43
N LEU B 2008 30.31 10.04 -36.94
CA LEU B 2008 31.36 10.63 -37.75
C LEU B 2008 32.64 9.81 -37.66
N LEU B 2009 33.58 10.12 -38.56
CA LEU B 2009 34.88 9.47 -38.59
C LEU B 2009 35.90 10.43 -39.15
N THR B 2010 37.17 10.12 -38.93
CA THR B 2010 38.28 10.95 -39.39
C THR B 2010 39.35 10.06 -39.99
N SER B 2011 40.19 10.65 -40.86
CA SER B 2011 41.20 9.90 -41.56
C SER B 2011 42.42 10.78 -41.79
N MET B 2012 43.55 10.12 -42.07
CA MET B 2012 44.79 10.83 -42.38
C MET B 2012 44.84 11.19 -43.85
N VAL B 2013 45.48 12.33 -44.13
CA VAL B 2013 45.63 12.85 -45.49
C VAL B 2013 47.11 13.06 -45.75
N GLN B 2014 47.57 12.67 -46.94
CA GLN B 2014 48.95 12.83 -47.33
C GLN B 2014 49.04 13.55 -48.66
N ALA B 2015 50.14 14.29 -48.84
CA ALA B 2015 50.39 15.06 -50.06
C ALA B 2015 51.75 14.70 -50.61
N SER B 2016 51.94 14.95 -51.90
CA SER B 2016 53.20 14.64 -52.55
C SER B 2016 54.32 15.49 -51.98
N GLN B 2017 55.47 14.85 -51.72
CA GLN B 2017 56.62 15.52 -51.14
C GLN B 2017 57.86 15.21 -51.97
N GLY B 2018 58.69 16.24 -52.18
CA GLY B 2018 59.90 16.11 -52.97
C GLY B 2018 61.13 15.93 -52.10
N GLY B 2019 62.29 15.87 -52.76
CA GLY B 2019 63.54 15.68 -52.09
C GLY B 2019 64.58 16.69 -52.56
N SER B 2020 65.70 16.71 -51.85
CA SER B 2020 66.78 17.65 -52.15
C SER B 2020 67.51 17.23 -53.42
N ALA B 2021 68.35 18.14 -53.92
CA ALA B 2021 69.13 17.93 -55.13
C ALA B 2021 70.62 18.02 -54.82
N VAL B 2022 71.44 17.84 -55.84
CA VAL B 2022 72.88 17.81 -55.71
C VAL B 2022 73.49 18.87 -56.60
N LEU B 2023 74.38 19.67 -56.05
CA LEU B 2023 75.16 20.65 -56.79
C LEU B 2023 76.51 20.07 -57.16
N PRO B 2024 77.18 20.63 -58.17
CA PRO B 2024 78.55 20.18 -58.48
C PRO B 2024 79.48 20.43 -57.30
N GLY B 2025 80.37 19.48 -57.07
CA GLY B 2025 81.28 19.56 -55.96
C GLY B 2025 82.49 20.44 -56.23
N THR B 2026 83.31 20.62 -55.20
CA THR B 2026 84.53 21.40 -55.29
C THR B 2026 85.71 20.58 -54.78
N LEU B 2027 86.90 20.92 -55.29
CA LEU B 2027 88.11 20.19 -54.96
C LEU B 2027 88.83 20.88 -53.80
N SER B 2028 89.12 20.11 -52.76
CA SER B 2028 89.85 20.62 -51.59
C SER B 2028 91.34 20.39 -51.78
N LEU B 2029 92.11 20.55 -50.71
CA LEU B 2029 93.55 20.40 -50.76
C LEU B 2029 94.06 19.12 -50.12
N TYR B 2030 93.30 18.51 -49.23
CA TYR B 2030 93.75 17.32 -48.51
C TYR B 2030 93.42 16.06 -49.30
N ARG B 2031 94.09 14.97 -48.94
CA ARG B 2031 93.85 13.69 -49.57
C ARG B 2031 92.54 13.09 -49.08
N PHE B 2032 92.23 11.88 -49.56
CA PHE B 2032 90.92 11.29 -49.28
C PHE B 2032 90.69 10.99 -47.80
N PRO B 2033 91.58 10.28 -47.09
CA PRO B 2033 91.22 9.85 -45.73
C PRO B 2033 90.90 10.99 -44.77
N VAL B 2034 91.61 12.11 -44.88
CA VAL B 2034 91.37 13.23 -43.97
C VAL B 2034 89.97 13.80 -44.17
N MET B 2035 89.60 14.02 -45.43
CA MET B 2035 88.25 14.50 -45.72
C MET B 2035 87.21 13.48 -45.27
N LEU B 2036 87.50 12.19 -45.45
CA LEU B 2036 86.57 11.16 -45.02
C LEU B 2036 86.31 11.26 -43.52
N GLU B 2037 87.37 11.39 -42.73
CA GLU B 2037 87.20 11.45 -41.28
C GLU B 2037 86.46 12.73 -40.86
N ARG B 2038 86.77 13.86 -41.51
CA ARG B 2038 86.10 15.10 -41.15
C ARG B 2038 84.60 15.02 -41.44
N THR B 2039 84.24 14.53 -42.63
CA THR B 2039 82.83 14.37 -42.95
C THR B 2039 82.16 13.37 -42.03
N ARG B 2040 82.88 12.34 -41.60
CA ARG B 2040 82.31 11.38 -40.67
C ARG B 2040 81.94 12.05 -39.35
N ASN B 2041 82.85 12.88 -38.83
CA ASN B 2041 82.53 13.61 -37.60
C ASN B 2041 81.31 14.51 -37.79
N LEU B 2042 81.26 15.22 -38.91
CA LEU B 2042 80.15 16.13 -39.15
C LEU B 2042 78.82 15.38 -39.20
N VAL B 2043 78.78 14.24 -39.92
CA VAL B 2043 77.53 13.53 -40.03
C VAL B 2043 77.13 12.88 -38.71
N ALA B 2044 78.11 12.49 -37.89
CA ALA B 2044 77.75 12.01 -36.55
C ALA B 2044 77.06 13.11 -35.75
N GLN B 2045 77.59 14.33 -35.83
CA GLN B 2045 76.93 15.44 -35.14
C GLN B 2045 75.52 15.66 -35.67
N LEU B 2046 75.35 15.57 -36.99
CA LEU B 2046 74.03 15.75 -37.58
C LEU B 2046 73.05 14.69 -37.08
N THR B 2047 73.50 13.44 -36.98
CA THR B 2047 72.63 12.38 -36.48
C THR B 2047 72.21 12.65 -35.04
N GLN B 2048 73.14 13.13 -34.21
CA GLN B 2048 72.78 13.46 -32.84
C GLN B 2048 71.72 14.56 -32.81
N PHE B 2049 71.86 15.57 -33.67
CA PHE B 2049 70.85 16.63 -33.74
C PHE B 2049 69.48 16.06 -34.08
N GLY B 2050 69.44 15.17 -35.07
CA GLY B 2050 68.16 14.58 -35.46
C GLY B 2050 67.51 13.80 -34.33
N THR B 2051 68.30 13.02 -33.61
CA THR B 2051 67.74 12.25 -32.49
C THR B 2051 67.16 13.17 -31.43
N SER B 2052 67.89 14.25 -31.10
CA SER B 2052 67.38 15.19 -30.11
C SER B 2052 66.06 15.81 -30.57
N LEU B 2053 65.98 16.17 -31.85
CA LEU B 2053 64.76 16.76 -32.38
C LEU B 2053 63.58 15.80 -32.25
N LEU B 2054 63.80 14.52 -32.57
CA LEU B 2054 62.71 13.55 -32.48
C LEU B 2054 62.22 13.41 -31.04
N SER B 2055 63.14 13.33 -30.09
CA SER B 2055 62.73 13.20 -28.69
C SER B 2055 61.94 14.43 -28.23
N MET B 2056 62.39 15.61 -28.64
CA MET B 2056 61.70 16.83 -28.26
C MET B 2056 60.26 16.82 -28.78
N ALA B 2057 60.09 16.41 -30.04
CA ALA B 2057 58.74 16.37 -30.61
C ALA B 2057 57.85 15.40 -29.85
N GLU B 2058 58.39 14.23 -29.49
CA GLU B 2058 57.60 13.25 -28.76
C GLU B 2058 57.09 13.83 -27.44
N HIS B 2059 58.00 14.47 -26.67
CA HIS B 2059 57.58 15.00 -25.38
C HIS B 2059 56.53 16.10 -25.54
N ASP B 2060 56.71 16.96 -26.55
CA ASP B 2060 55.73 18.02 -26.78
C ASP B 2060 54.35 17.45 -27.08
N ASP B 2061 54.29 16.42 -27.92
CA ASP B 2061 53.01 15.83 -28.26
C ASP B 2061 52.33 15.21 -27.03
N ALA B 2062 53.10 14.55 -26.18
CA ALA B 2062 52.52 13.99 -24.96
C ALA B 2062 51.92 15.10 -24.09
N ASP B 2063 52.64 16.21 -23.93
CA ASP B 2063 52.12 17.31 -23.13
C ASP B 2063 50.81 17.85 -23.71
N GLU B 2064 50.76 17.99 -25.04
CA GLU B 2064 49.55 18.50 -25.67
C GLU B 2064 48.36 17.59 -25.40
N LEU B 2065 48.56 16.28 -25.48
CA LEU B 2065 47.47 15.35 -25.20
C LEU B 2065 46.99 15.50 -23.77
N THR B 2066 47.92 15.64 -22.82
CA THR B 2066 47.52 15.79 -21.42
C THR B 2066 46.67 17.05 -21.22
N THR B 2067 47.07 18.16 -21.84
CA THR B 2067 46.30 19.39 -21.70
C THR B 2067 44.88 19.23 -22.25
N LEU B 2068 44.76 18.58 -23.41
CA LEU B 2068 43.42 18.37 -23.97
C LEU B 2068 42.55 17.56 -23.02
N LEU B 2069 43.14 16.50 -22.45
CA LEU B 2069 42.39 15.68 -21.50
C LEU B 2069 41.89 16.52 -20.34
N LEU B 2070 42.74 17.40 -19.80
CA LEU B 2070 42.34 18.22 -18.68
C LEU B 2070 41.16 19.12 -19.02
N GLN B 2071 41.20 19.76 -20.20
CA GLN B 2071 40.11 20.66 -20.55
C GLN B 2071 38.78 19.91 -20.67
N GLN B 2072 38.81 18.74 -21.33
CA GLN B 2072 37.59 17.96 -21.46
C GLN B 2072 37.04 17.56 -20.09
N GLY B 2073 37.93 17.14 -19.18
CA GLY B 2073 37.48 16.82 -17.84
C GLY B 2073 36.82 17.99 -17.14
N MET B 2074 37.36 19.20 -17.35
CA MET B 2074 36.76 20.39 -16.77
C MET B 2074 35.31 20.55 -17.18
N GLU B 2075 35.05 20.52 -18.49
CA GLU B 2075 33.66 20.79 -18.89
C GLU B 2075 32.73 19.65 -18.49
N LEU B 2076 33.22 18.41 -18.48
CA LEU B 2076 32.41 17.32 -17.96
C LEU B 2076 32.06 17.55 -16.49
N ALA B 2077 33.00 18.08 -15.71
CA ALA B 2077 32.72 18.38 -14.31
C ALA B 2077 31.62 19.42 -14.18
N THR B 2078 31.62 20.43 -15.05
CA THR B 2078 30.54 21.41 -15.02
C THR B 2078 29.17 20.75 -15.22
N GLN B 2079 29.08 19.87 -16.23
CA GLN B 2079 27.81 19.20 -16.46
C GLN B 2079 27.39 18.35 -15.26
N SER B 2080 28.37 17.70 -14.60
CA SER B 2080 28.07 16.94 -13.40
C SER B 2080 27.51 17.82 -12.29
N ILE B 2081 28.05 19.04 -12.15
CA ILE B 2081 27.51 19.98 -11.17
C ILE B 2081 26.02 20.19 -11.40
N ARG B 2082 25.67 20.45 -12.66
CA ARG B 2082 24.25 20.69 -12.97
C ARG B 2082 23.39 19.47 -12.63
N ILE B 2083 23.88 18.28 -12.97
CA ILE B 2083 23.13 17.06 -12.69
C ILE B 2083 22.84 16.92 -11.20
N GLN B 2084 23.86 17.17 -10.38
CA GLN B 2084 23.69 17.00 -8.93
C GLN B 2084 22.68 18.01 -8.38
N GLN B 2085 22.74 19.25 -8.88
CA GLN B 2085 21.75 20.23 -8.41
C GLN B 2085 20.34 19.77 -8.74
N ARG B 2086 20.15 19.19 -9.92
CA ARG B 2086 18.82 18.70 -10.28
C ARG B 2086 18.37 17.58 -9.34
N THR B 2087 19.31 16.71 -8.95
CA THR B 2087 18.96 15.66 -7.98
C THR B 2087 18.48 16.24 -6.66
N VAL B 2088 19.16 17.29 -6.18
CA VAL B 2088 18.72 17.92 -4.93
C VAL B 2088 17.30 18.47 -5.08
N ASP B 2089 17.01 19.09 -6.22
CA ASP B 2089 15.66 19.60 -6.45
C ASP B 2089 14.63 18.47 -6.39
N GLU B 2090 14.97 17.31 -6.96
CA GLU B 2090 14.05 16.17 -6.90
C GLU B 2090 13.77 15.76 -5.46
N VAL B 2091 14.81 15.73 -4.62
CA VAL B 2091 14.59 15.37 -3.22
C VAL B 2091 13.65 16.37 -2.55
N ASP B 2092 13.81 17.66 -2.87
CA ASP B 2092 12.90 18.66 -2.30
C ASP B 2092 11.46 18.40 -2.72
N ALA B 2093 11.25 18.03 -3.98
CA ALA B 2093 9.89 17.71 -4.43
C ALA B 2093 9.31 16.53 -3.64
N ASP B 2094 10.14 15.52 -3.36
CA ASP B 2094 9.68 14.40 -2.55
C ASP B 2094 9.24 14.87 -1.15
N ILE B 2095 10.01 15.80 -0.57
CA ILE B 2095 9.62 16.35 0.73
C ILE B 2095 8.24 17.01 0.64
N ALA B 2096 7.99 17.75 -0.44
CA ALA B 2096 6.69 18.39 -0.60
C ALA B 2096 5.57 17.36 -0.67
N VAL B 2097 5.78 16.27 -1.40
CA VAL B 2097 4.78 15.21 -1.47
C VAL B 2097 4.47 14.68 -0.08
N LEU B 2098 5.51 14.44 0.71
CA LEU B 2098 5.30 13.94 2.07
C LEU B 2098 4.49 14.92 2.91
N ALA B 2099 4.76 16.23 2.74
CA ALA B 2099 4.00 17.22 3.49
C ALA B 2099 2.52 17.16 3.14
N GLU B 2100 2.20 16.99 1.86
CA GLU B 2100 0.78 16.87 1.48
C GLU B 2100 0.13 15.65 2.11
N SER B 2101 0.83 14.52 2.10
CA SER B 2101 0.28 13.32 2.72
C SER B 2101 0.01 13.54 4.21
N ARG B 2102 0.95 14.21 4.88
CA ARG B 2102 0.76 14.48 6.31
C ARG B 2102 -0.45 15.36 6.55
N ARG B 2103 -0.66 16.36 5.68
CA ARG B 2103 -1.85 17.21 5.83
C ARG B 2103 -3.12 16.39 5.76
N SER B 2104 -3.20 15.49 4.78
CA SER B 2104 -4.41 14.66 4.66
C SER B 2104 -4.61 13.80 5.89
N ALA B 2105 -3.54 13.18 6.40
CA ALA B 2105 -3.67 12.33 7.57
C ALA B 2105 -4.13 13.13 8.79
N GLN B 2106 -3.60 14.35 8.96
CA GLN B 2106 -4.02 15.18 10.07
C GLN B 2106 -5.49 15.53 9.99
N ASN B 2107 -5.98 15.83 8.78
CA ASN B 2107 -7.41 16.10 8.62
C ASN B 2107 -8.24 14.89 9.04
N ARG B 2108 -7.83 13.69 8.61
CA ARG B 2108 -8.56 12.48 9.01
C ARG B 2108 -8.59 12.33 10.51
N LEU B 2109 -7.45 12.55 11.16
CA LEU B 2109 -7.38 12.41 12.62
C LEU B 2109 -8.32 13.40 13.30
N GLU B 2110 -8.34 14.64 12.83
CA GLU B 2110 -9.22 15.63 13.45
C GLU B 2110 -10.68 15.24 13.31
N LYS B 2111 -11.07 14.78 12.11
CA LYS B 2111 -12.47 14.39 11.90
C LYS B 2111 -12.86 13.26 12.84
N TYR B 2112 -12.02 12.22 12.92
CA TYR B 2112 -12.39 11.06 13.73
C TYR B 2112 -12.38 11.40 15.22
N GLN B 2113 -11.44 12.25 15.65
CA GLN B 2113 -11.42 12.67 17.05
C GLN B 2113 -12.67 13.45 17.40
N GLN B 2114 -13.10 14.35 16.52
CA GLN B 2114 -14.33 15.08 16.78
C GLN B 2114 -15.52 14.14 16.88
N LEU B 2115 -15.61 13.18 15.96
CA LEU B 2115 -16.71 12.22 16.00
C LEU B 2115 -16.71 11.43 17.30
N TYR B 2116 -15.53 10.97 17.73
CA TYR B 2116 -15.44 10.18 18.95
C TYR B 2116 -15.83 11.02 20.18
N ASP B 2117 -15.38 12.27 20.22
CA ASP B 2117 -15.71 13.12 21.37
C ASP B 2117 -17.20 13.42 21.42
N GLU B 2118 -17.83 13.68 20.27
CA GLU B 2118 -19.24 14.01 20.26
C GLU B 2118 -20.09 12.88 20.83
N ASP B 2119 -19.78 11.64 20.45
CA ASP B 2119 -20.43 10.44 20.96
C ASP B 2119 -21.91 10.49 20.57
N ILE B 2120 -22.84 10.38 21.52
CA ILE B 2120 -24.26 10.29 21.20
C ILE B 2120 -24.84 11.70 21.15
N ASN B 2121 -25.45 12.04 20.00
CA ASN B 2121 -26.06 13.35 19.85
C ASN B 2121 -27.44 13.34 20.52
N HIS B 2122 -28.21 14.41 20.33
CA HIS B 2122 -29.46 14.54 21.05
C HIS B 2122 -30.58 13.70 20.46
N GLY B 2123 -30.59 13.49 19.14
CA GLY B 2123 -31.68 12.73 18.54
C GLY B 2123 -31.75 11.31 19.06
N GLU B 2124 -30.60 10.66 19.19
CA GLU B 2124 -30.57 9.29 19.69
C GLU B 2124 -31.03 9.23 21.14
N GLN B 2125 -30.62 10.20 21.95
CA GLN B 2125 -31.11 10.27 23.33
C GLN B 2125 -32.62 10.38 23.37
N ARG B 2126 -33.17 11.26 22.52
CA ARG B 2126 -34.62 11.42 22.48
C ARG B 2126 -35.31 10.13 22.06
N ALA B 2127 -34.75 9.43 21.08
CA ALA B 2127 -35.34 8.17 20.63
C ALA B 2127 -35.35 7.14 21.75
N MET B 2128 -34.24 7.01 22.48
CA MET B 2128 -34.19 6.04 23.56
C MET B 2128 -35.16 6.40 24.68
N SER B 2129 -35.25 7.69 25.00
CA SER B 2129 -36.21 8.11 26.02
C SER B 2129 -37.64 7.82 25.57
N LEU B 2130 -37.92 8.00 24.29
CA LEU B 2130 -39.26 7.70 23.78
C LEU B 2130 -39.58 6.21 23.91
N LEU B 2131 -38.61 5.35 23.57
CA LEU B 2131 -38.85 3.92 23.73
C LEU B 2131 -39.11 3.56 25.19
N ASP B 2132 -38.33 4.13 26.11
CA ASP B 2132 -38.55 3.87 27.52
C ASP B 2132 -39.95 4.32 27.96
N ALA B 2133 -40.36 5.52 27.52
CA ALA B 2133 -41.67 6.01 27.89
C ALA B 2133 -42.77 5.13 27.32
N ALA B 2134 -42.58 4.63 26.10
CA ALA B 2134 -43.56 3.74 25.51
C ALA B 2134 -43.69 2.46 26.31
N ALA B 2135 -42.56 1.90 26.74
CA ALA B 2135 -42.62 0.70 27.57
C ALA B 2135 -43.37 0.97 28.87
N GLY B 2136 -43.10 2.11 29.50
CA GLY B 2136 -43.80 2.44 30.73
C GLY B 2136 -45.30 2.59 30.54
N GLN B 2137 -45.70 3.30 29.47
CA GLN B 2137 -47.13 3.47 29.20
C GLN B 2137 -47.79 2.13 28.92
N SER B 2138 -47.12 1.25 28.19
CA SER B 2138 -47.70 -0.07 27.92
C SER B 2138 -47.88 -0.85 29.21
N LEU B 2139 -46.89 -0.78 30.11
CA LEU B 2139 -47.01 -1.50 31.38
C LEU B 2139 -48.10 -0.91 32.27
N ALA B 2140 -48.39 0.37 32.11
CA ALA B 2140 -49.29 1.05 33.07
C ALA B 2140 -50.74 0.59 32.99
N GLY B 2141 -51.14 -0.18 31.98
CA GLY B 2141 -52.54 -0.52 31.81
C GLY B 2141 -53.04 -1.77 32.51
N GLN B 2142 -52.16 -2.51 33.19
CA GLN B 2142 -52.57 -3.79 33.77
C GLN B 2142 -53.58 -3.60 34.90
N VAL B 2143 -53.36 -2.59 35.75
CA VAL B 2143 -54.28 -2.38 36.86
C VAL B 2143 -55.66 -2.00 36.34
N LEU B 2144 -55.72 -1.15 35.32
CA LEU B 2144 -57.01 -0.78 34.74
C LEU B 2144 -57.68 -1.98 34.10
N SER B 2145 -56.92 -2.84 33.42
CA SER B 2145 -57.52 -4.02 32.83
C SER B 2145 -58.13 -4.93 33.90
N ILE B 2146 -57.39 -5.15 34.99
CA ILE B 2146 -57.91 -6.00 36.06
C ILE B 2146 -59.15 -5.37 36.69
N ALA B 2147 -59.13 -4.06 36.88
CA ALA B 2147 -60.29 -3.38 37.44
C ALA B 2147 -61.51 -3.52 36.54
N GLU B 2148 -61.32 -3.39 35.22
CA GLU B 2148 -62.43 -3.58 34.30
C GLU B 2148 -62.96 -5.00 34.39
N GLY B 2149 -62.07 -5.98 34.46
CA GLY B 2149 -62.51 -7.36 34.58
C GLY B 2149 -63.32 -7.61 35.83
N VAL B 2150 -62.88 -7.06 36.96
CA VAL B 2150 -63.61 -7.30 38.19
C VAL B 2150 -64.91 -6.49 38.23
N ALA B 2151 -64.97 -5.37 37.51
CA ALA B 2151 -66.19 -4.57 37.50
C ALA B 2151 -67.25 -5.15 36.58
N ASP B 2152 -66.85 -5.83 35.50
CA ASP B 2152 -67.84 -6.33 34.56
C ASP B 2152 -68.61 -7.53 35.08
N LEU B 2153 -68.20 -8.13 36.19
CA LEU B 2153 -68.86 -9.32 36.70
C LEU B 2153 -70.19 -9.01 37.39
N VAL B 2154 -70.44 -7.75 37.73
CA VAL B 2154 -71.68 -7.38 38.43
C VAL B 2154 -72.84 -7.44 37.45
N PRO B 2155 -74.01 -7.93 37.85
CA PRO B 2155 -75.16 -7.93 36.92
C PRO B 2155 -75.57 -6.52 36.54
N ASN B 2156 -76.12 -6.39 35.33
CA ASN B 2156 -76.45 -5.08 34.79
C ASN B 2156 -77.87 -4.99 34.23
N VAL B 2157 -78.72 -5.98 34.45
CA VAL B 2157 -80.14 -5.89 34.10
C VAL B 2157 -80.96 -6.18 35.33
N PHE B 2158 -82.09 -5.48 35.45
CA PHE B 2158 -82.94 -5.57 36.62
C PHE B 2158 -84.38 -5.69 36.16
N GLY B 2159 -85.31 -5.55 37.10
CA GLY B 2159 -86.71 -5.72 36.80
C GLY B 2159 -87.14 -7.14 37.11
N LEU B 2160 -87.94 -7.74 36.23
CA LEU B 2160 -88.35 -9.13 36.40
C LEU B 2160 -87.58 -10.07 35.51
N ALA B 2161 -86.45 -9.63 34.94
CA ALA B 2161 -85.54 -10.50 34.20
C ALA B 2161 -84.13 -10.04 34.53
N CYS B 2162 -83.53 -10.64 35.56
CA CYS B 2162 -82.23 -10.22 36.06
C CYS B 2162 -81.13 -11.03 35.39
N GLY B 2163 -79.88 -10.68 35.70
CA GLY B 2163 -78.72 -11.31 35.12
C GLY B 2163 -77.84 -10.30 34.40
N GLY B 2164 -77.32 -10.71 33.25
CA GLY B 2164 -76.50 -9.84 32.44
C GLY B 2164 -75.03 -9.81 32.79
N SER B 2165 -74.59 -10.61 33.76
CA SER B 2165 -73.17 -10.66 34.08
C SER B 2165 -72.38 -11.26 32.94
N ARG B 2166 -71.12 -10.86 32.83
CA ARG B 2166 -70.18 -11.41 31.85
C ARG B 2166 -69.28 -12.39 32.57
N TRP B 2167 -69.51 -13.69 32.35
CA TRP B 2167 -68.85 -14.71 33.14
C TRP B 2167 -67.33 -14.68 32.95
N GLY B 2168 -66.87 -14.47 31.73
CA GLY B 2168 -65.45 -14.59 31.45
C GLY B 2168 -64.70 -13.29 31.38
N ALA B 2169 -65.02 -12.35 32.26
CA ALA B 2169 -64.32 -11.07 32.27
C ALA B 2169 -62.91 -11.20 32.84
N ALA B 2170 -62.77 -11.91 33.96
CA ALA B 2170 -61.49 -11.99 34.63
C ALA B 2170 -60.42 -12.66 33.76
N LEU B 2171 -60.80 -13.74 33.08
CA LEU B 2171 -59.84 -14.44 32.24
C LEU B 2171 -59.36 -13.56 31.10
N ARG B 2172 -60.28 -12.82 30.46
CA ARG B 2172 -59.87 -11.92 29.40
C ARG B 2172 -58.97 -10.82 29.93
N ALA B 2173 -59.26 -10.32 31.14
CA ALA B 2173 -58.39 -9.31 31.72
C ALA B 2173 -56.98 -9.85 31.95
N SER B 2174 -56.88 -11.08 32.45
CA SER B 2174 -55.56 -11.66 32.68
C SER B 2174 -54.81 -11.85 31.37
N ALA B 2175 -55.49 -12.31 30.33
CA ALA B 2175 -54.84 -12.43 29.03
C ALA B 2175 -54.34 -11.08 28.54
N SER B 2176 -55.15 -10.03 28.75
CA SER B 2176 -54.75 -8.70 28.32
C SER B 2176 -53.50 -8.22 29.06
N VAL B 2177 -53.44 -8.46 30.37
CA VAL B 2177 -52.27 -7.99 31.12
C VAL B 2177 -51.03 -8.76 30.69
N MET B 2178 -51.18 -10.04 30.37
CA MET B 2178 -50.01 -10.79 29.88
C MET B 2178 -49.54 -10.24 28.54
N SER B 2179 -50.46 -9.90 27.64
CA SER B 2179 -50.06 -9.31 26.37
C SER B 2179 -49.34 -7.98 26.59
N LEU B 2180 -49.85 -7.16 27.52
CA LEU B 2180 -49.20 -5.89 27.81
C LEU B 2180 -47.78 -6.10 28.33
N SER B 2181 -47.60 -7.09 29.20
CA SER B 2181 -46.26 -7.37 29.71
C SER B 2181 -45.32 -7.79 28.58
N ALA B 2182 -45.81 -8.62 27.66
CA ALA B 2182 -44.99 -9.02 26.54
C ALA B 2182 -44.57 -7.84 25.68
N THR B 2183 -45.51 -6.93 25.40
CA THR B 2183 -45.18 -5.76 24.60
C THR B 2183 -44.14 -4.88 25.30
N ALA B 2184 -44.30 -4.68 26.61
CA ALA B 2184 -43.33 -3.88 27.35
C ALA B 2184 -41.94 -4.51 27.31
N SER B 2185 -41.88 -5.83 27.45
CA SER B 2185 -40.60 -6.51 27.37
C SER B 2185 -39.95 -6.30 26.01
N GLN B 2186 -40.76 -6.38 24.94
CA GLN B 2186 -40.22 -6.15 23.60
C GLN B 2186 -39.65 -4.74 23.47
N TYR B 2187 -40.36 -3.74 23.97
CA TYR B 2187 -39.87 -2.37 23.87
C TYR B 2187 -38.56 -2.19 24.62
N SER B 2188 -38.47 -2.75 25.83
CA SER B 2188 -37.23 -2.62 26.59
C SER B 2188 -36.07 -3.31 25.88
N ALA B 2189 -36.32 -4.48 25.30
CA ALA B 2189 -35.27 -5.17 24.55
C ALA B 2189 -34.78 -4.32 23.38
N ASP B 2190 -35.72 -3.70 22.66
CA ASP B 2190 -35.32 -2.84 21.54
C ASP B 2190 -34.44 -1.69 22.02
N LYS B 2191 -34.82 -1.04 23.12
CA LYS B 2191 -34.05 0.10 23.61
C LYS B 2191 -32.63 -0.34 23.97
N ILE B 2192 -32.51 -1.46 24.69
CA ILE B 2192 -31.19 -1.91 25.12
C ILE B 2192 -30.33 -2.28 23.91
N SER B 2193 -30.92 -2.93 22.92
CA SER B 2193 -30.18 -3.29 21.72
C SER B 2193 -29.64 -2.05 21.01
N ARG B 2194 -30.47 -1.02 20.88
CA ARG B 2194 -30.01 0.21 20.25
C ARG B 2194 -28.84 0.82 21.01
N SER B 2195 -28.94 0.88 22.34
CA SER B 2195 -27.87 1.46 23.13
C SER B 2195 -26.56 0.69 22.93
N GLU B 2196 -26.63 -0.65 22.94
CA GLU B 2196 -25.41 -1.43 22.76
C GLU B 2196 -24.80 -1.21 21.39
N ALA B 2197 -25.65 -1.10 20.35
CA ALA B 2197 -25.14 -0.84 19.02
C ALA B 2197 -24.37 0.49 18.99
N TYR B 2198 -24.93 1.52 19.64
CA TYR B 2198 -24.23 2.80 19.68
C TYR B 2198 -22.88 2.66 20.37
N ARG B 2199 -22.82 1.90 21.47
CA ARG B 2199 -21.54 1.72 22.15
C ARG B 2199 -20.50 1.06 21.26
N ARG B 2200 -20.90 0.01 20.54
CA ARG B 2200 -19.94 -0.66 19.65
C ARG B 2200 -19.46 0.29 18.55
N ARG B 2201 -20.36 1.10 18.02
CA ARG B 2201 -19.97 2.06 17.00
C ARG B 2201 -18.94 3.04 17.54
N ARG B 2202 -19.12 3.49 18.79
CA ARG B 2202 -18.15 4.40 19.38
C ARG B 2202 -16.79 3.73 19.52
N GLN B 2203 -16.77 2.45 19.90
CA GLN B 2203 -15.49 1.74 20.01
C GLN B 2203 -14.78 1.68 18.67
N GLU B 2204 -15.53 1.40 17.60
CA GLU B 2204 -14.94 1.38 16.27
C GLU B 2204 -14.34 2.74 15.92
N TRP B 2205 -15.05 3.81 16.24
CA TRP B 2205 -14.52 5.15 15.98
C TRP B 2205 -13.21 5.38 16.71
N GLU B 2206 -13.14 4.93 17.97
CA GLU B 2206 -11.90 5.11 18.73
C GLU B 2206 -10.74 4.39 18.07
N ILE B 2207 -10.97 3.15 17.60
CA ILE B 2207 -9.89 2.43 16.92
C ILE B 2207 -9.42 3.20 15.70
N GLN B 2208 -10.38 3.73 14.93
CA GLN B 2208 -10.00 4.48 13.73
C GLN B 2208 -9.16 5.70 14.08
N ARG B 2209 -9.52 6.39 15.17
CA ARG B 2209 -8.75 7.55 15.60
C ARG B 2209 -7.32 7.16 15.93
N ASP B 2210 -7.14 6.04 16.63
CA ASP B 2210 -5.80 5.59 16.96
C ASP B 2210 -4.99 5.31 15.69
N ASN B 2211 -5.63 4.69 14.69
CA ASN B 2211 -4.94 4.44 13.43
C ASN B 2211 -4.47 5.73 12.78
N ALA B 2212 -5.34 6.75 12.76
CA ALA B 2212 -4.95 8.01 12.14
C ALA B 2212 -3.78 8.65 12.88
N ASP B 2213 -3.80 8.60 14.21
CA ASP B 2213 -2.70 9.17 14.98
C ASP B 2213 -1.38 8.47 14.67
N GLY B 2214 -1.41 7.14 14.58
CA GLY B 2214 -0.20 6.42 14.22
C GLY B 2214 0.32 6.81 12.85
N GLU B 2215 -0.59 6.99 11.89
CA GLU B 2215 -0.17 7.43 10.56
C GLU B 2215 0.54 8.78 10.63
N VAL B 2216 -0.02 9.71 11.39
CA VAL B 2216 0.58 11.05 11.47
C VAL B 2216 1.98 10.96 12.06
N LYS B 2217 2.16 10.18 13.13
CA LYS B 2217 3.49 10.07 13.73
C LYS B 2217 4.49 9.45 12.76
N GLN B 2218 4.08 8.41 12.03
CA GLN B 2218 4.98 7.78 11.08
C GLN B 2218 5.42 8.78 10.00
N MET B 2219 4.48 9.57 9.48
CA MET B 2219 4.85 10.55 8.47
C MET B 2219 5.78 11.61 9.04
N ASP B 2220 5.57 12.00 10.30
CA ASP B 2220 6.48 12.94 10.94
C ASP B 2220 7.90 12.41 10.97
N ALA B 2221 8.08 11.11 11.24
CA ALA B 2221 9.42 10.55 11.25
C ALA B 2221 10.02 10.47 9.84
N GLN B 2222 9.19 10.11 8.85
CA GLN B 2222 9.67 10.08 7.48
C GLN B 2222 10.19 11.43 7.04
N LEU B 2223 9.61 12.52 7.57
CA LEU B 2223 10.11 13.84 7.23
C LEU B 2223 11.58 14.01 7.64
N GLU B 2224 11.93 13.56 8.84
CA GLU B 2224 13.32 13.64 9.28
C GLU B 2224 14.23 12.81 8.38
N SER B 2225 13.79 11.62 8.02
CA SER B 2225 14.59 10.80 7.09
C SER B 2225 14.85 11.55 5.80
N LEU B 2226 13.81 12.18 5.24
CA LEU B 2226 13.95 12.87 3.97
C LEU B 2226 14.91 14.05 4.07
N LYS B 2227 14.83 14.81 5.17
CA LYS B 2227 15.72 15.97 5.26
C LYS B 2227 17.17 15.55 5.45
N ILE B 2228 17.41 14.42 6.12
CA ILE B 2228 18.78 13.91 6.18
C ILE B 2228 19.28 13.56 4.79
N ARG B 2229 18.42 12.92 3.98
CA ARG B 2229 18.84 12.60 2.61
C ARG B 2229 19.15 13.87 1.82
N ARG B 2230 18.35 14.93 2.01
CA ARG B 2230 18.61 16.18 1.31
C ARG B 2230 19.96 16.76 1.69
N GLU B 2231 20.30 16.72 2.98
CA GLU B 2231 21.61 17.20 3.41
C GLU B 2231 22.73 16.41 2.75
N ALA B 2232 22.57 15.09 2.66
CA ALA B 2232 23.58 14.27 1.99
C ALA B 2232 23.75 14.69 0.53
N ALA B 2233 22.64 14.94 -0.16
CA ALA B 2233 22.73 15.35 -1.57
C ALA B 2233 23.45 16.68 -1.71
N GLN B 2234 23.18 17.63 -0.82
CA GLN B 2234 23.87 18.90 -0.88
C GLN B 2234 25.38 18.73 -0.68
N MET B 2235 25.76 17.88 0.27
CA MET B 2235 27.19 17.61 0.46
C MET B 2235 27.81 16.99 -0.78
N GLN B 2236 27.04 16.16 -1.49
CA GLN B 2236 27.53 15.60 -2.75
C GLN B 2236 27.79 16.70 -3.78
N VAL B 2237 26.89 17.69 -3.85
CA VAL B 2237 27.09 18.80 -4.77
C VAL B 2237 28.39 19.53 -4.44
N GLU B 2238 28.62 19.78 -3.15
CA GLU B 2238 29.86 20.44 -2.74
C GLU B 2238 31.09 19.61 -3.14
N TYR B 2239 30.98 18.30 -3.00
CA TYR B 2239 32.08 17.42 -3.39
C TYR B 2239 32.40 17.57 -4.88
N GLN B 2240 31.36 17.62 -5.71
CA GLN B 2240 31.57 17.79 -7.15
C GLN B 2240 32.24 19.13 -7.44
N GLU B 2241 31.81 20.20 -6.76
CA GLU B 2241 32.44 21.50 -6.97
C GLU B 2241 33.92 21.47 -6.59
N THR B 2242 34.24 20.78 -5.49
CA THR B 2242 35.64 20.64 -5.10
C THR B 2242 36.44 19.91 -6.18
N GLN B 2243 35.86 18.87 -6.78
CA GLN B 2243 36.55 18.17 -7.86
C GLN B 2243 36.83 19.11 -9.03
N GLN B 2244 35.87 19.95 -9.39
CA GLN B 2244 36.10 20.90 -10.47
C GLN B 2244 37.24 21.86 -10.14
N ALA B 2245 37.26 22.35 -8.90
CA ALA B 2245 38.35 23.25 -8.50
C ALA B 2245 39.70 22.54 -8.57
N HIS B 2246 39.72 21.25 -8.20
CA HIS B 2246 40.95 20.48 -8.30
C HIS B 2246 41.45 20.40 -9.73
N THR B 2247 40.54 20.13 -10.67
CA THR B 2247 40.95 20.07 -12.07
C THR B 2247 41.50 21.42 -12.54
N GLN B 2248 40.85 22.50 -12.13
CA GLN B 2248 41.35 23.82 -12.49
C GLN B 2248 42.76 24.05 -11.96
N ALA B 2249 43.00 23.67 -10.70
CA ALA B 2249 44.33 23.84 -10.12
C ALA B 2249 45.37 23.00 -10.85
N GLN B 2250 45.00 21.79 -11.25
CA GLN B 2250 45.93 20.94 -12.00
C GLN B 2250 46.33 21.62 -13.30
N LEU B 2251 45.35 22.12 -14.04
CA LEU B 2251 45.66 22.79 -15.31
C LEU B 2251 46.53 24.02 -15.07
N GLU B 2252 46.22 24.80 -14.04
CA GLU B 2252 47.00 25.99 -13.74
C GLU B 2252 48.45 25.63 -13.43
N LEU B 2253 48.66 24.56 -12.65
CA LEU B 2253 50.03 24.12 -12.38
C LEU B 2253 50.72 23.69 -13.66
N LEU B 2254 49.98 23.01 -14.54
CA LEU B 2254 50.58 22.57 -15.80
C LEU B 2254 51.05 23.75 -16.63
N GLN B 2255 50.32 24.87 -16.60
CA GLN B 2255 50.71 26.01 -17.40
C GLN B 2255 51.94 26.72 -16.84
N ARG B 2256 52.12 26.73 -15.52
CA ARG B 2256 53.25 27.41 -14.89
C ARG B 2256 54.50 26.55 -14.80
N LYS B 2257 54.46 25.35 -15.39
CA LYS B 2257 55.59 24.43 -15.33
C LYS B 2257 56.81 25.06 -15.98
N PHE B 2258 58.00 24.64 -15.52
CA PHE B 2258 59.23 25.13 -16.13
C PHE B 2258 59.32 24.72 -17.59
N THR B 2259 58.98 23.47 -17.89
CA THR B 2259 58.98 22.96 -19.26
C THR B 2259 57.58 23.06 -19.86
N ASN B 2260 57.09 24.28 -19.99
CA ASN B 2260 55.76 24.51 -20.54
C ASN B 2260 55.81 24.39 -22.06
N LYS B 2261 54.69 24.73 -22.71
CA LYS B 2261 54.64 24.61 -24.16
C LYS B 2261 55.62 25.56 -24.83
N ALA B 2262 55.75 26.78 -24.30
CA ALA B 2262 56.59 27.78 -24.95
C ALA B 2262 58.05 27.34 -25.02
N LEU B 2263 58.56 26.78 -23.93
CA LEU B 2263 59.96 26.35 -23.92
C LEU B 2263 60.21 25.29 -24.98
N TYR B 2264 59.34 24.28 -25.04
CA TYR B 2264 59.52 23.23 -26.04
C TYR B 2264 59.41 23.78 -27.44
N SER B 2265 58.45 24.67 -27.68
CA SER B 2265 58.27 25.22 -29.02
C SER B 2265 59.52 25.97 -29.47
N TRP B 2266 60.00 26.90 -28.63
CA TRP B 2266 61.19 27.66 -28.99
C TRP B 2266 62.40 26.76 -29.16
N MET B 2267 62.55 25.78 -28.28
CA MET B 2267 63.70 24.87 -28.32
C MET B 2267 63.72 24.09 -29.62
N ARG B 2268 62.59 23.50 -30.00
CA ARG B 2268 62.59 22.71 -31.23
C ARG B 2268 62.65 23.59 -32.47
N GLY B 2269 62.15 24.83 -32.41
CA GLY B 2269 62.34 25.73 -33.54
C GLY B 2269 63.80 26.06 -33.77
N LYS B 2270 64.52 26.39 -32.70
CA LYS B 2270 65.95 26.66 -32.83
C LYS B 2270 66.69 25.43 -33.34
N LEU B 2271 66.34 24.25 -32.82
CA LEU B 2271 66.99 23.04 -33.30
C LEU B 2271 66.70 22.78 -34.78
N SER B 2272 65.47 23.08 -35.21
CA SER B 2272 65.14 22.88 -36.61
C SER B 2272 65.98 23.78 -37.51
N ALA B 2273 66.15 25.05 -37.11
CA ALA B 2273 67.00 25.93 -37.90
C ALA B 2273 68.43 25.44 -37.95
N ILE B 2274 68.96 25.02 -36.80
CA ILE B 2274 70.35 24.53 -36.76
C ILE B 2274 70.50 23.31 -37.65
N TYR B 2275 69.55 22.39 -37.58
CA TYR B 2275 69.58 21.20 -38.42
C TYR B 2275 69.54 21.56 -39.90
N TYR B 2276 68.69 22.54 -40.25
CA TYR B 2276 68.56 22.92 -41.65
C TYR B 2276 69.87 23.43 -42.21
N GLN B 2277 70.60 24.26 -41.45
CA GLN B 2277 71.88 24.75 -41.97
C GLN B 2277 72.96 23.67 -41.92
N PHE B 2278 72.99 22.87 -40.86
CA PHE B 2278 74.01 21.85 -40.73
C PHE B 2278 73.92 20.81 -41.84
N PHE B 2279 72.71 20.52 -42.31
CA PHE B 2279 72.56 19.57 -43.40
C PHE B 2279 73.28 20.05 -44.65
N ASP B 2280 73.10 21.32 -45.00
CA ASP B 2280 73.78 21.88 -46.16
C ASP B 2280 75.29 21.81 -45.98
N LEU B 2281 75.78 22.16 -44.79
CA LEU B 2281 77.22 22.11 -44.57
C LEU B 2281 77.76 20.69 -44.75
N THR B 2282 77.06 19.70 -44.17
CA THR B 2282 77.53 18.33 -44.26
C THR B 2282 77.47 17.81 -45.69
N GLN B 2283 76.43 18.17 -46.44
CA GLN B 2283 76.37 17.73 -47.83
C GLN B 2283 77.49 18.32 -48.65
N SER B 2284 77.83 19.58 -48.42
CA SER B 2284 78.96 20.17 -49.12
C SER B 2284 80.26 19.43 -48.79
N PHE B 2285 80.44 19.10 -47.51
CA PHE B 2285 81.63 18.34 -47.12
C PHE B 2285 81.68 16.99 -47.82
N CYS B 2286 80.55 16.29 -47.88
CA CYS B 2286 80.54 14.99 -48.53
C CYS B 2286 80.84 15.12 -50.02
N LEU B 2287 80.33 16.17 -50.66
CA LEU B 2287 80.60 16.38 -52.07
C LEU B 2287 82.09 16.61 -52.32
N MET B 2288 82.74 17.42 -51.48
CA MET B 2288 84.17 17.63 -51.72
C MET B 2288 84.98 16.37 -51.41
N ALA B 2289 84.53 15.56 -50.45
CA ALA B 2289 85.19 14.28 -50.21
C ALA B 2289 85.06 13.36 -51.42
N GLN B 2290 83.87 13.33 -52.04
CA GLN B 2290 83.68 12.52 -53.24
C GLN B 2290 84.56 13.00 -54.38
N GLU B 2291 84.70 14.33 -54.52
CA GLU B 2291 85.59 14.86 -55.53
C GLU B 2291 87.04 14.44 -55.29
N ALA B 2292 87.47 14.45 -54.02
CA ALA B 2292 88.81 13.99 -53.70
C ALA B 2292 88.99 12.53 -54.07
N LEU B 2293 88.00 11.70 -53.78
CA LEU B 2293 88.08 10.29 -54.15
C LEU B 2293 88.17 10.12 -55.67
N ARG B 2294 87.36 10.89 -56.41
CA ARG B 2294 87.40 10.80 -57.87
C ARG B 2294 88.77 11.16 -58.39
N ARG B 2295 89.37 12.21 -57.83
CA ARG B 2295 90.74 12.57 -58.23
C ARG B 2295 91.71 11.44 -57.91
N GLU B 2296 91.55 10.81 -56.75
CA GLU B 2296 92.47 9.76 -56.36
C GLU B 2296 92.39 8.56 -57.31
N LEU B 2297 91.18 8.15 -57.67
CA LEU B 2297 91.00 6.98 -58.54
C LEU B 2297 91.12 7.31 -60.02
N THR B 2298 91.18 8.58 -60.39
CA THR B 2298 91.21 9.00 -61.79
C THR B 2298 90.05 8.40 -62.58
N ASP B 2299 88.87 8.40 -61.96
CA ASP B 2299 87.66 7.86 -62.59
C ASP B 2299 86.50 8.78 -62.22
N ASN B 2300 86.13 9.67 -63.16
CA ASN B 2300 85.07 10.62 -62.91
C ASN B 2300 83.68 9.99 -62.93
N GLY B 2301 83.57 8.72 -63.31
CA GLY B 2301 82.27 8.09 -63.44
C GLY B 2301 81.63 7.65 -62.14
N VAL B 2302 82.39 7.51 -61.07
CA VAL B 2302 81.84 7.02 -59.81
C VAL B 2302 81.01 8.12 -59.16
N THR B 2303 79.80 7.77 -58.73
CA THR B 2303 78.92 8.69 -58.06
C THR B 2303 78.28 7.98 -56.88
N PHE B 2304 78.38 8.57 -55.69
CA PHE B 2304 77.87 7.94 -54.48
C PHE B 2304 76.87 8.80 -53.74
N ILE B 2305 77.01 10.13 -53.79
CA ILE B 2305 76.04 11.03 -53.18
C ILE B 2305 75.03 11.35 -54.27
N ARG B 2306 73.94 10.57 -54.31
CA ARG B 2306 72.95 10.65 -55.36
C ARG B 2306 71.79 11.58 -55.04
N GLY B 2307 71.83 12.25 -53.89
CA GLY B 2307 70.76 13.15 -53.53
C GLY B 2307 69.57 12.43 -52.95
N GLY B 2308 68.56 13.22 -52.61
CA GLY B 2308 67.38 12.68 -51.97
C GLY B 2308 67.56 12.34 -50.50
N ALA B 2309 68.68 12.75 -49.90
CA ALA B 2309 68.88 12.50 -48.47
C ALA B 2309 67.84 13.22 -47.64
N TRP B 2310 67.54 14.47 -47.98
CA TRP B 2310 66.53 15.25 -47.27
C TRP B 2310 65.19 15.02 -47.97
N ASN B 2311 64.39 14.10 -47.44
CA ASN B 2311 63.10 13.77 -48.00
C ASN B 2311 61.99 14.36 -47.15
N GLY B 2312 60.98 14.92 -47.80
CA GLY B 2312 59.90 15.56 -47.08
C GLY B 2312 59.01 14.60 -46.32
N THR B 2313 59.01 13.32 -46.68
CA THR B 2313 58.17 12.35 -45.99
C THR B 2313 58.58 12.22 -44.53
N THR B 2314 59.87 12.19 -44.25
CA THR B 2314 60.38 12.10 -42.88
C THR B 2314 60.73 13.46 -42.30
N ALA B 2315 60.30 14.54 -42.95
CA ALA B 2315 60.54 15.90 -42.48
C ALA B 2315 62.02 16.19 -42.33
N GLY B 2316 62.84 15.55 -43.15
CA GLY B 2316 64.28 15.78 -43.14
C GLY B 2316 65.05 14.95 -42.12
N LEU B 2317 64.36 14.19 -41.28
CA LEU B 2317 65.08 13.35 -40.33
C LEU B 2317 65.78 12.21 -41.05
N MET B 2318 66.78 11.66 -40.37
CA MET B 2318 67.65 10.62 -40.93
C MET B 2318 68.30 11.09 -42.23
N ALA B 2319 68.70 12.36 -42.25
CA ALA B 2319 69.60 12.80 -43.32
C ALA B 2319 71.00 12.25 -43.09
N GLY B 2320 71.42 12.16 -41.83
CA GLY B 2320 72.78 11.72 -41.54
C GLY B 2320 73.05 10.28 -41.92
N GLU B 2321 72.04 9.40 -41.77
CA GLU B 2321 72.25 7.99 -42.03
C GLU B 2321 72.59 7.73 -43.49
N THR B 2322 71.89 8.41 -44.41
CA THR B 2322 72.17 8.21 -45.82
C THR B 2322 73.59 8.66 -46.17
N LEU B 2323 74.02 9.80 -45.62
CA LEU B 2323 75.38 10.24 -45.87
C LEU B 2323 76.38 9.27 -45.28
N LEU B 2324 76.09 8.70 -44.12
CA LEU B 2324 76.99 7.71 -43.52
C LEU B 2324 77.11 6.49 -44.41
N LEU B 2325 75.99 6.01 -44.95
CA LEU B 2325 76.04 4.86 -45.86
C LEU B 2325 76.84 5.19 -47.11
N ASN B 2326 76.64 6.39 -47.66
CA ASN B 2326 77.40 6.76 -48.85
C ASN B 2326 78.90 6.83 -48.56
N LEU B 2327 79.26 7.38 -47.40
CA LEU B 2327 80.68 7.44 -47.03
C LEU B 2327 81.26 6.05 -46.84
N ALA B 2328 80.49 5.13 -46.24
CA ALA B 2328 80.97 3.77 -46.08
C ALA B 2328 81.19 3.11 -47.44
N GLU B 2329 80.27 3.32 -48.38
CA GLU B 2329 80.45 2.78 -49.72
C GLU B 2329 81.70 3.35 -50.38
N MET B 2330 81.92 4.66 -50.23
CA MET B 2330 83.10 5.28 -50.81
C MET B 2330 84.38 4.70 -50.23
N GLU B 2331 84.40 4.51 -48.91
CA GLU B 2331 85.57 3.93 -48.27
C GLU B 2331 85.82 2.51 -48.76
N LYS B 2332 84.76 1.71 -48.90
CA LYS B 2332 84.93 0.34 -49.38
C LYS B 2332 85.47 0.34 -50.80
N VAL B 2333 84.94 1.21 -51.65
CA VAL B 2333 85.43 1.27 -53.04
C VAL B 2333 86.90 1.67 -53.07
N TRP B 2334 87.29 2.64 -52.24
CA TRP B 2334 88.68 3.04 -52.19
C TRP B 2334 89.58 1.90 -51.72
N LEU B 2335 89.13 1.16 -50.70
CA LEU B 2335 89.94 0.07 -50.18
C LEU B 2335 90.11 -1.04 -51.21
N GLU B 2336 89.05 -1.39 -51.91
CA GLU B 2336 89.12 -2.54 -52.82
C GLU B 2336 89.98 -2.22 -54.04
N ARG B 2337 89.87 -1.02 -54.58
CA ARG B 2337 90.56 -0.67 -55.82
C ARG B 2337 91.90 0.00 -55.58
N ASP B 2338 92.34 0.10 -54.33
CA ASP B 2338 93.64 0.69 -54.04
C ASP B 2338 94.77 -0.18 -54.57
N GLU B 2339 95.92 0.45 -54.82
CA GLU B 2339 97.05 -0.25 -55.39
C GLU B 2339 98.33 0.51 -55.05
N ARG B 2340 99.41 -0.22 -54.87
CA ARG B 2340 100.73 0.37 -54.69
C ARG B 2340 101.32 0.65 -56.06
N ALA B 2341 101.69 1.91 -56.30
CA ALA B 2341 102.10 2.35 -57.61
C ALA B 2341 103.60 2.20 -57.80
N LEU B 2342 104.01 1.82 -59.01
CA LEU B 2342 105.43 1.79 -59.34
C LEU B 2342 105.97 3.21 -59.42
N GLU B 2343 107.22 3.37 -59.01
CA GLU B 2343 107.92 4.65 -59.03
C GLU B 2343 108.93 4.70 -60.16
N VAL B 2344 109.03 5.85 -60.81
CA VAL B 2344 110.09 6.08 -61.80
C VAL B 2344 110.55 7.52 -61.72
N THR B 2345 111.85 7.73 -61.70
CA THR B 2345 112.46 9.05 -61.75
C THR B 2345 113.15 9.25 -63.10
N ARG B 2346 112.91 10.40 -63.71
CA ARG B 2346 113.47 10.73 -65.02
C ARG B 2346 114.20 12.06 -64.95
N THR B 2347 115.38 12.11 -65.55
CA THR B 2347 116.19 13.32 -65.59
C THR B 2347 116.23 13.84 -67.03
N VAL B 2348 115.88 15.11 -67.19
CA VAL B 2348 115.80 15.74 -68.51
C VAL B 2348 116.77 16.90 -68.55
N SER B 2349 117.60 16.94 -69.58
CA SER B 2349 118.51 18.06 -69.83
C SER B 2349 117.92 18.90 -70.95
N LEU B 2350 117.69 20.18 -70.68
CA LEU B 2350 116.99 21.03 -71.64
C LEU B 2350 117.83 21.25 -72.89
N ALA B 2351 119.15 21.39 -72.73
CA ALA B 2351 120.01 21.57 -73.90
C ALA B 2351 119.93 20.38 -74.84
N GLN B 2352 120.01 19.17 -74.28
CA GLN B 2352 119.91 17.97 -75.09
C GLN B 2352 118.52 17.85 -75.72
N PHE B 2353 117.48 18.20 -74.97
CA PHE B 2353 116.13 18.11 -75.50
C PHE B 2353 115.94 19.06 -76.68
N TYR B 2354 116.45 20.28 -76.57
CA TYR B 2354 116.29 21.23 -77.66
C TYR B 2354 117.14 20.86 -78.86
N GLN B 2355 118.35 20.33 -78.62
CA GLN B 2355 119.20 19.94 -79.75
C GLN B 2355 118.64 18.75 -80.50
N ALA B 2356 117.86 17.91 -79.83
CA ALA B 2356 117.34 16.68 -80.44
C ALA B 2356 115.96 16.86 -81.06
N LEU B 2357 115.40 18.06 -81.04
CA LEU B 2357 114.09 18.28 -81.65
C LEU B 2357 114.18 18.07 -83.15
N SER B 2358 113.21 17.32 -83.69
CA SER B 2358 113.24 17.01 -85.12
C SER B 2358 112.88 18.22 -85.97
N SER B 2359 111.83 18.95 -85.59
CA SER B 2359 111.33 20.03 -86.43
C SER B 2359 112.15 21.30 -86.25
N ASP B 2360 112.17 21.86 -85.05
CA ASP B 2360 112.84 23.12 -84.77
C ASP B 2360 113.83 22.89 -83.63
N ASN B 2361 115.12 22.87 -83.97
CA ASN B 2361 116.18 22.65 -83.01
C ASN B 2361 117.11 23.86 -82.97
N PHE B 2362 117.69 24.09 -81.79
CA PHE B 2362 118.59 25.22 -81.61
C PHE B 2362 119.51 24.93 -80.43
N ASN B 2363 120.61 25.67 -80.38
CA ASN B 2363 121.57 25.56 -79.29
C ASN B 2363 121.12 26.46 -78.15
N LEU B 2364 120.97 25.88 -76.96
CA LEU B 2364 120.38 26.62 -75.85
C LEU B 2364 121.28 27.75 -75.37
N THR B 2365 122.55 27.45 -75.10
CA THR B 2365 123.42 28.46 -74.51
C THR B 2365 123.78 29.56 -75.50
N GLU B 2366 123.98 29.20 -76.76
CA GLU B 2366 124.27 30.22 -77.77
C GLU B 2366 123.10 31.17 -77.94
N LYS B 2367 121.88 30.61 -78.03
CA LYS B 2367 120.70 31.46 -78.16
C LYS B 2367 120.50 32.32 -76.91
N LEU B 2368 120.77 31.77 -75.74
CA LEU B 2368 120.64 32.53 -74.51
C LEU B 2368 121.61 33.72 -74.50
N THR B 2369 122.87 33.47 -74.87
CA THR B 2369 123.84 34.56 -74.91
C THR B 2369 123.44 35.61 -75.94
N GLN B 2370 122.98 35.18 -77.12
CA GLN B 2370 122.58 36.13 -78.15
C GLN B 2370 121.40 36.98 -77.69
N PHE B 2371 120.40 36.36 -77.07
CA PHE B 2371 119.24 37.11 -76.60
C PHE B 2371 119.56 37.97 -75.39
N LEU B 2372 120.61 37.64 -74.64
CA LEU B 2372 121.03 38.51 -73.56
C LEU B 2372 121.80 39.71 -74.09
N ARG B 2373 122.58 39.53 -75.16
CA ARG B 2373 123.35 40.63 -75.71
C ARG B 2373 122.43 41.74 -76.25
N GLU B 2374 121.38 41.35 -76.96
CA GLU B 2374 120.43 42.29 -77.53
C GLU B 2374 119.04 41.99 -77.01
N GLY B 2375 118.32 43.03 -76.57
CA GLY B 2375 117.08 42.82 -75.85
C GLY B 2375 115.90 42.39 -76.69
N LYS B 2376 116.12 41.44 -77.59
CA LYS B 2376 115.03 40.79 -78.32
C LYS B 2376 115.38 39.32 -78.47
N GLY B 2377 114.36 38.49 -78.66
CA GLY B 2377 114.60 37.08 -78.83
C GLY B 2377 113.35 36.22 -78.95
N ASN B 2378 113.40 35.26 -79.86
CA ASN B 2378 112.32 34.29 -80.03
C ASN B 2378 112.85 33.15 -80.88
N VAL B 2379 112.73 31.92 -80.38
CA VAL B 2379 113.20 30.75 -81.13
C VAL B 2379 112.36 29.55 -80.71
N GLY B 2380 112.18 28.63 -81.64
CA GLY B 2380 111.44 27.41 -81.37
C GLY B 2380 110.00 27.49 -81.83
N ALA B 2381 109.27 26.43 -81.55
CA ALA B 2381 107.87 26.31 -81.94
C ALA B 2381 106.98 26.38 -80.71
N SER B 2382 105.68 26.55 -80.97
CA SER B 2382 104.71 26.64 -79.88
C SER B 2382 104.72 25.36 -79.06
N GLY B 2383 105.02 25.50 -77.77
CA GLY B 2383 105.14 24.35 -76.91
C GLY B 2383 106.57 24.07 -76.52
N ASN B 2384 107.50 24.24 -77.46
CA ASN B 2384 108.93 24.09 -77.23
C ASN B 2384 109.58 25.37 -77.73
N GLU B 2385 109.68 26.35 -76.84
CA GLU B 2385 110.04 27.71 -77.24
C GLU B 2385 110.97 28.33 -76.21
N LEU B 2386 111.78 29.27 -76.69
CA LEU B 2386 112.64 30.09 -75.83
C LEU B 2386 112.51 31.54 -76.29
N LYS B 2387 112.10 32.42 -75.39
CA LYS B 2387 111.81 33.80 -75.78
C LYS B 2387 112.19 34.74 -74.66
N LEU B 2388 112.27 36.03 -75.01
CA LEU B 2388 112.54 37.10 -74.07
C LEU B 2388 111.36 38.08 -74.14
N SER B 2389 110.44 37.96 -73.18
CA SER B 2389 109.24 38.79 -73.16
C SER B 2389 109.40 39.86 -72.09
N ASN B 2390 109.07 41.10 -72.45
CA ASN B 2390 109.29 42.24 -71.57
C ASN B 2390 110.76 42.32 -71.18
N ARG B 2391 111.09 42.01 -69.93
CA ARG B 2391 112.47 41.94 -69.49
C ARG B 2391 112.75 40.62 -68.78
N GLN B 2392 111.97 39.59 -69.08
CA GLN B 2392 112.13 38.28 -68.46
C GLN B 2392 112.25 37.21 -69.53
N ILE B 2393 113.03 36.17 -69.21
CA ILE B 2393 113.33 35.11 -70.16
C ILE B 2393 112.46 33.91 -69.84
N GLU B 2394 111.78 33.38 -70.85
CA GLU B 2394 110.87 32.26 -70.69
C GLU B 2394 111.33 31.10 -71.55
N ALA B 2395 111.29 29.89 -70.98
CA ALA B 2395 111.59 28.66 -71.69
C ALA B 2395 110.44 27.68 -71.44
N SER B 2396 109.71 27.34 -72.50
CA SER B 2396 108.55 26.48 -72.39
C SER B 2396 108.82 25.15 -73.08
N VAL B 2397 108.48 24.05 -72.41
CA VAL B 2397 108.69 22.71 -72.91
C VAL B 2397 107.37 21.96 -72.83
N ARG B 2398 106.93 21.38 -73.94
CA ARG B 2398 105.71 20.60 -73.96
C ARG B 2398 105.93 19.27 -73.26
N LEU B 2399 104.93 18.85 -72.47
CA LEU B 2399 105.07 17.62 -71.70
C LEU B 2399 105.08 16.40 -72.60
N SER B 2400 104.13 16.31 -73.54
CA SER B 2400 104.01 15.13 -74.37
C SER B 2400 105.19 14.95 -75.30
N ASP B 2401 105.95 16.00 -75.56
CA ASP B 2401 107.10 15.90 -76.46
C ASP B 2401 108.27 15.14 -75.85
N LEU B 2402 108.22 14.85 -74.55
CA LEU B 2402 109.30 14.10 -73.91
C LEU B 2402 109.24 12.61 -74.20
N LYS B 2403 108.08 12.11 -74.66
CA LYS B 2403 107.90 10.69 -74.96
C LYS B 2403 108.23 9.82 -73.76
N ILE B 2404 107.79 10.26 -72.58
CA ILE B 2404 108.03 9.47 -71.37
C ILE B 2404 107.29 8.16 -71.44
N PHE B 2405 106.09 8.16 -72.04
CA PHE B 2405 105.29 6.95 -72.14
C PHE B 2405 106.01 5.83 -72.89
N SER B 2406 106.99 6.16 -73.73
CA SER B 2406 107.74 5.17 -74.47
C SER B 2406 108.96 4.65 -73.73
N ASP B 2407 109.22 5.14 -72.52
CA ASP B 2407 110.39 4.69 -71.77
C ASP B 2407 110.21 3.32 -71.16
N TYR B 2408 108.97 2.85 -71.04
CA TYR B 2408 108.65 1.57 -70.44
C TYR B 2408 107.62 0.85 -71.31
N PRO B 2409 107.53 -0.47 -71.19
CA PRO B 2409 106.61 -1.23 -72.04
C PRO B 2409 105.15 -0.82 -71.79
N GLU B 2410 104.32 -1.07 -72.81
CA GLU B 2410 102.92 -0.70 -72.74
C GLU B 2410 102.19 -1.38 -71.60
N SER B 2411 102.68 -2.53 -71.15
CA SER B 2411 102.10 -3.20 -70.00
C SER B 2411 102.55 -2.47 -68.74
N LEU B 2412 102.37 -3.10 -67.57
CA LEU B 2412 102.66 -2.54 -66.25
C LEU B 2412 101.69 -1.44 -65.87
N GLY B 2413 100.74 -1.09 -66.72
CA GLY B 2413 99.79 -0.04 -66.39
C GLY B 2413 99.84 1.12 -67.38
N ASN B 2414 98.69 1.69 -67.69
CA ASN B 2414 98.60 2.79 -68.63
C ASN B 2414 98.31 4.14 -67.96
N THR B 2415 98.00 4.15 -66.67
CA THR B 2415 97.70 5.39 -65.95
C THR B 2415 98.99 5.88 -65.30
N ARG B 2416 99.67 6.81 -65.96
CA ARG B 2416 100.93 7.37 -65.48
C ARG B 2416 100.77 8.85 -65.26
N GLN B 2417 100.99 9.31 -64.03
CA GLN B 2417 100.81 10.70 -63.66
C GLN B 2417 102.01 11.19 -62.88
N LEU B 2418 102.29 12.48 -62.99
CA LEU B 2418 103.40 13.07 -62.27
C LEU B 2418 103.12 13.05 -60.76
N LYS B 2419 104.19 12.99 -59.98
CA LYS B 2419 104.10 13.09 -58.54
C LYS B 2419 104.90 14.23 -57.95
N GLN B 2420 106.09 14.48 -58.48
CA GLN B 2420 106.91 15.58 -57.98
C GLN B 2420 107.85 16.05 -59.08
N VAL B 2421 108.16 17.35 -59.06
CA VAL B 2421 109.07 17.96 -60.02
C VAL B 2421 110.08 18.79 -59.27
N SER B 2422 111.35 18.65 -59.62
CA SER B 2422 112.43 19.47 -59.09
C SER B 2422 113.30 19.93 -60.25
N VAL B 2423 114.12 20.95 -60.01
CA VAL B 2423 114.92 21.52 -61.07
C VAL B 2423 116.25 21.99 -60.49
N THR B 2424 117.32 21.72 -61.23
CA THR B 2424 118.68 22.09 -60.87
C THR B 2424 119.27 22.98 -61.96
N LEU B 2425 119.95 24.05 -61.53
CA LEU B 2425 120.57 25.02 -62.43
C LEU B 2425 122.06 25.04 -62.19
N PRO B 2426 122.86 24.33 -62.97
CA PRO B 2426 124.31 24.35 -62.76
C PRO B 2426 124.94 25.64 -63.23
N ALA B 2427 124.84 26.69 -62.44
CA ALA B 2427 125.39 28.00 -62.78
C ALA B 2427 126.21 28.54 -61.61
N LEU B 2428 127.13 29.44 -61.93
CA LEU B 2428 127.96 30.07 -60.91
C LEU B 2428 127.21 31.26 -60.32
N VAL B 2429 126.90 31.16 -59.03
CA VAL B 2429 126.15 32.20 -58.32
C VAL B 2429 127.05 32.77 -57.22
N GLY B 2430 127.09 34.09 -57.12
CA GLY B 2430 127.90 34.76 -56.13
C GLY B 2430 127.38 34.52 -54.72
N PRO B 2431 128.26 34.67 -53.73
CA PRO B 2431 127.83 34.48 -52.34
C PRO B 2431 126.81 35.52 -51.93
N TYR B 2432 125.92 35.11 -51.02
CA TYR B 2432 124.85 35.96 -50.50
C TYR B 2432 123.92 36.45 -51.60
N GLU B 2433 123.83 35.69 -52.70
CA GLU B 2433 122.96 36.02 -53.81
C GLU B 2433 122.05 34.83 -54.11
N ASP B 2434 120.77 35.12 -54.35
CA ASP B 2434 119.77 34.10 -54.58
C ASP B 2434 119.24 34.19 -56.00
N ILE B 2435 119.12 33.05 -56.67
CA ILE B 2435 118.44 32.99 -57.95
C ILE B 2435 116.95 33.23 -57.72
N ARG B 2436 116.28 33.75 -58.74
CA ARG B 2436 114.84 34.00 -58.68
C ARG B 2436 114.22 33.46 -59.97
N ALA B 2437 113.53 32.33 -59.87
CA ALA B 2437 112.87 31.75 -61.03
C ALA B 2437 111.50 31.26 -60.65
N VAL B 2438 110.66 31.03 -61.65
CA VAL B 2438 109.32 30.48 -61.43
C VAL B 2438 109.07 29.36 -62.42
N LEU B 2439 108.62 28.21 -61.91
CA LEU B 2439 108.21 27.09 -62.74
C LEU B 2439 106.69 27.00 -62.71
N ASN B 2440 106.06 27.11 -63.87
CA ASN B 2440 104.62 27.20 -63.98
C ASN B 2440 104.10 26.15 -64.96
N TYR B 2441 102.86 25.74 -64.74
CA TYR B 2441 102.19 24.77 -65.60
C TYR B 2441 101.08 25.47 -66.35
N GLY B 2442 101.13 25.41 -67.68
CA GLY B 2442 100.19 26.13 -68.52
C GLY B 2442 99.06 25.28 -69.09
N GLY B 2443 98.81 24.13 -68.49
CA GLY B 2443 97.81 23.21 -68.99
C GLY B 2443 96.39 23.63 -68.62
N SER B 2444 95.45 22.74 -68.92
CA SER B 2444 94.03 23.01 -68.73
C SER B 2444 93.36 22.05 -67.76
N ILE B 2445 94.10 21.13 -67.16
CA ILE B 2445 93.50 20.19 -66.21
C ILE B 2445 93.23 20.91 -64.90
N VAL B 2446 92.06 20.64 -64.31
CA VAL B 2446 91.69 21.30 -63.07
C VAL B 2446 92.66 20.91 -61.97
N MET B 2447 93.09 21.88 -61.19
CA MET B 2447 94.07 21.68 -60.12
C MET B 2447 93.58 22.30 -58.83
N PRO B 2448 94.04 21.77 -57.68
CA PRO B 2448 93.80 22.46 -56.42
C PRO B 2448 94.53 23.79 -56.39
N ARG B 2449 94.00 24.71 -55.60
CA ARG B 2449 94.53 26.07 -55.56
C ARG B 2449 95.98 26.08 -55.12
N GLY B 2450 96.82 26.80 -55.87
CA GLY B 2450 98.21 26.98 -55.51
C GLY B 2450 99.12 25.83 -55.83
N CYS B 2451 98.62 24.77 -56.47
CA CYS B 2451 99.42 23.60 -56.79
C CYS B 2451 99.83 23.55 -58.25
N SER B 2452 100.03 24.73 -58.86
CA SER B 2452 100.36 24.81 -60.27
C SER B 2452 101.65 25.57 -60.55
N ALA B 2453 102.36 26.04 -59.54
CA ALA B 2453 103.59 26.78 -59.75
C ALA B 2453 104.46 26.70 -58.52
N ILE B 2454 105.78 26.70 -58.75
CA ILE B 2454 106.77 26.70 -57.68
C ILE B 2454 107.80 27.79 -57.96
N ALA B 2455 108.52 28.17 -56.91
CA ALA B 2455 109.50 29.23 -56.97
C ALA B 2455 110.89 28.68 -56.72
N LEU B 2456 111.86 29.21 -57.44
CA LEU B 2456 113.24 28.75 -57.40
C LEU B 2456 114.11 29.84 -56.78
N SER B 2457 114.81 29.48 -55.71
CA SER B 2457 115.68 30.39 -54.97
C SER B 2457 117.15 30.04 -55.07
N HIS B 2458 117.53 28.82 -54.71
CA HIS B 2458 118.94 28.41 -54.77
C HIS B 2458 119.27 27.54 -55.96
N GLY B 2459 118.34 26.70 -56.42
CA GLY B 2459 118.55 25.99 -57.66
C GLY B 2459 119.50 24.81 -57.60
N VAL B 2460 119.70 24.22 -56.42
CA VAL B 2460 120.48 22.99 -56.32
C VAL B 2460 119.54 21.87 -55.89
N ASN B 2461 119.00 21.14 -56.88
CA ASN B 2461 117.96 20.14 -56.64
C ASN B 2461 116.79 20.75 -55.87
N ASP B 2462 116.46 21.98 -56.21
CA ASP B 2462 115.44 22.72 -55.48
C ASP B 2462 114.06 22.14 -55.73
N SER B 2463 113.23 22.16 -54.70
CA SER B 2463 111.85 21.71 -54.78
C SER B 2463 110.86 22.81 -54.45
N GLY B 2464 111.32 24.01 -54.12
CA GLY B 2464 110.42 25.09 -53.82
C GLY B 2464 109.67 24.96 -52.52
N GLN B 2465 110.21 24.18 -51.56
CA GLN B 2465 109.56 23.98 -50.29
C GLN B 2465 110.56 24.15 -49.16
N PHE B 2466 110.03 24.38 -47.95
CA PHE B 2466 110.85 24.28 -46.75
C PHE B 2466 111.55 22.93 -46.65
N MET B 2467 110.76 21.86 -46.50
CA MET B 2467 111.27 20.51 -46.66
C MET B 2467 110.26 19.71 -47.47
N LEU B 2468 110.78 18.72 -48.19
CA LEU B 2468 109.96 17.86 -49.03
C LEU B 2468 109.56 16.62 -48.22
N ASP B 2469 108.26 16.44 -48.04
CA ASP B 2469 107.72 15.29 -47.32
C ASP B 2469 106.70 14.60 -48.21
N PHE B 2470 107.05 13.44 -48.74
CA PHE B 2470 106.17 12.72 -49.64
C PHE B 2470 104.95 12.15 -48.93
N ASN B 2471 104.93 12.14 -47.60
CA ASN B 2471 103.78 11.70 -46.84
C ASN B 2471 102.88 12.85 -46.41
N ASP B 2472 102.95 13.98 -47.12
CA ASP B 2472 102.15 15.15 -46.76
C ASP B 2472 100.67 14.85 -46.92
N SER B 2473 99.86 15.39 -46.02
CA SER B 2473 98.41 15.24 -46.12
C SER B 2473 97.83 16.06 -47.26
N ARG B 2474 98.58 17.04 -47.77
CA ARG B 2474 98.13 17.87 -48.88
C ARG B 2474 98.86 17.48 -50.15
N TYR B 2475 98.21 17.77 -51.28
CA TYR B 2475 98.79 17.41 -52.58
C TYR B 2475 100.08 18.18 -52.83
N LEU B 2476 101.06 17.49 -53.39
CA LEU B 2476 102.29 18.15 -53.79
C LEU B 2476 102.04 18.95 -55.07
N PRO B 2477 102.90 19.93 -55.36
CA PRO B 2477 102.77 20.67 -56.62
C PRO B 2477 102.92 19.75 -57.82
N PHE B 2478 102.13 20.03 -58.86
CA PHE B 2478 102.12 19.31 -60.13
C PHE B 2478 101.61 17.88 -59.99
N GLU B 2479 101.12 17.48 -58.82
CA GLU B 2479 100.63 16.12 -58.66
C GLU B 2479 99.32 15.93 -59.43
N GLY B 2480 99.19 14.77 -60.07
CA GLY B 2480 97.99 14.44 -60.81
C GLY B 2480 98.02 14.77 -62.28
N ILE B 2481 99.07 15.43 -62.77
CA ILE B 2481 99.16 15.73 -64.19
C ILE B 2481 99.47 14.45 -64.95
N SER B 2482 98.66 14.15 -65.95
CA SER B 2482 98.95 13.01 -66.82
C SER B 2482 100.23 13.28 -67.60
N VAL B 2483 101.06 12.25 -67.71
CA VAL B 2483 102.34 12.43 -68.40
C VAL B 2483 102.13 12.69 -69.88
N ASN B 2484 101.06 12.15 -70.47
CA ASN B 2484 100.76 12.34 -71.87
C ASN B 2484 99.98 13.62 -72.14
N ASP B 2485 99.98 14.56 -71.20
CA ASP B 2485 99.23 15.80 -71.38
C ASP B 2485 99.87 16.65 -72.47
N SER B 2486 99.03 17.48 -73.10
CA SER B 2486 99.46 18.40 -74.13
C SER B 2486 99.92 19.74 -73.59
N GLY B 2487 99.81 19.95 -72.27
CA GLY B 2487 100.25 21.19 -71.68
C GLY B 2487 101.76 21.33 -71.70
N SER B 2488 102.23 22.51 -71.29
CA SER B 2488 103.65 22.81 -71.30
C SER B 2488 104.07 23.41 -69.97
N LEU B 2489 105.29 23.09 -69.58
CA LEU B 2489 105.91 23.65 -68.38
C LEU B 2489 106.80 24.81 -68.78
N THR B 2490 106.66 25.93 -68.08
CA THR B 2490 107.37 27.16 -68.42
C THR B 2490 108.28 27.57 -67.25
N LEU B 2491 109.55 27.78 -67.55
CA LEU B 2491 110.50 28.32 -66.59
C LEU B 2491 110.74 29.78 -66.93
N SER B 2492 110.53 30.66 -65.96
CA SER B 2492 110.61 32.11 -66.16
C SER B 2492 111.65 32.69 -65.23
N PHE B 2493 112.58 33.46 -65.81
CA PHE B 2493 113.55 34.22 -65.05
C PHE B 2493 113.24 35.70 -65.19
N PRO B 2494 112.77 36.37 -64.15
CA PRO B 2494 112.47 37.80 -64.25
C PRO B 2494 113.70 38.65 -63.96
N ASP B 2495 113.63 39.89 -64.46
CA ASP B 2495 114.68 40.89 -64.26
C ASP B 2495 116.03 40.37 -64.71
N ALA B 2496 116.04 39.70 -65.86
CA ALA B 2496 117.25 39.12 -66.44
C ALA B 2496 117.79 39.96 -67.59
N THR B 2497 117.74 41.27 -67.43
CA THR B 2497 118.07 42.18 -68.53
C THR B 2497 119.25 43.10 -68.26
N ASP B 2498 119.39 43.73 -67.08
CA ASP B 2498 118.88 43.90 -65.70
C ASP B 2498 119.69 43.03 -64.73
N ARG B 2499 119.14 42.85 -63.52
CA ARG B 2499 119.92 42.35 -62.40
C ARG B 2499 120.47 40.96 -62.67
N GLN B 2500 119.63 40.05 -63.19
CA GLN B 2500 120.01 38.65 -63.35
C GLN B 2500 120.74 38.39 -64.66
N LYS B 2501 121.34 39.40 -65.27
CA LYS B 2501 122.03 39.19 -66.55
C LYS B 2501 123.28 38.33 -66.37
N ALA B 2502 124.12 38.67 -65.38
CA ALA B 2502 125.37 37.95 -65.21
C ALA B 2502 125.14 36.49 -64.86
N LEU B 2503 124.17 36.23 -63.98
CA LEU B 2503 123.88 34.85 -63.60
C LEU B 2503 123.43 34.03 -64.79
N LEU B 2504 122.58 34.60 -65.64
CA LEU B 2504 122.13 33.87 -66.83
C LEU B 2504 123.26 33.70 -67.84
N GLU B 2505 124.19 34.66 -67.92
CA GLU B 2505 125.36 34.47 -68.76
C GLU B 2505 126.21 33.30 -68.27
N SER B 2506 126.37 33.19 -66.95
CA SER B 2506 127.13 32.08 -66.39
C SER B 2506 126.39 30.75 -66.46
N LEU B 2507 125.10 30.77 -66.79
CA LEU B 2507 124.32 29.54 -66.81
C LEU B 2507 124.78 28.60 -67.91
N SER B 2508 124.85 27.32 -67.59
CA SER B 2508 125.23 26.28 -68.54
C SER B 2508 124.01 25.65 -69.20
N ASP B 2509 123.12 25.07 -68.41
CA ASP B 2509 121.90 24.47 -68.92
C ASP B 2509 120.93 24.29 -67.75
N ILE B 2510 119.81 23.63 -68.01
CA ILE B 2510 118.77 23.40 -67.01
C ILE B 2510 118.50 21.91 -66.92
N ILE B 2511 118.32 21.41 -65.70
CA ILE B 2511 118.06 20.00 -65.48
C ILE B 2511 116.75 19.85 -64.72
N LEU B 2512 115.90 18.94 -65.17
CA LEU B 2512 114.62 18.65 -64.51
C LEU B 2512 114.62 17.24 -63.99
N HIS B 2513 114.14 17.06 -62.76
CA HIS B 2513 113.95 15.75 -62.16
C HIS B 2513 112.46 15.54 -61.98
N ILE B 2514 111.90 14.57 -62.69
CA ILE B 2514 110.47 14.29 -62.66
C ILE B 2514 110.28 12.91 -62.03
N ARG B 2515 109.61 12.87 -60.89
CA ARG B 2515 109.28 11.60 -60.24
C ARG B 2515 107.79 11.36 -60.45
N TYR B 2516 107.46 10.22 -61.05
CA TYR B 2516 106.07 9.90 -61.34
C TYR B 2516 105.81 8.43 -61.01
N THR B 2517 104.53 8.07 -61.10
CA THR B 2517 104.04 6.76 -60.70
C THR B 2517 103.32 6.09 -61.87
N ILE B 2518 103.31 4.76 -61.83
CA ILE B 2518 102.67 3.93 -62.84
C ILE B 2518 101.73 2.96 -62.15
N ARG B 2519 100.50 2.88 -62.65
CA ARG B 2519 99.52 1.96 -62.08
C ARG B 2519 98.98 1.00 -63.13
N MET C 1 -72.18 -9.51 -38.33
CA MET C 1 -73.50 -9.27 -38.89
C MET C 1 -73.44 -9.02 -40.40
N TYR C 2 -72.27 -9.26 -40.98
CA TYR C 2 -72.06 -9.14 -42.41
C TYR C 2 -71.61 -10.48 -42.98
N SER C 3 -71.41 -10.49 -44.30
CA SER C 3 -70.87 -11.64 -45.00
C SER C 3 -69.71 -11.16 -45.86
N THR C 4 -68.52 -11.70 -45.62
CA THR C 4 -67.33 -11.23 -46.33
C THR C 4 -67.44 -11.49 -47.83
N ALA C 5 -68.13 -12.57 -48.23
CA ALA C 5 -68.29 -12.85 -49.65
C ALA C 5 -69.06 -11.74 -50.36
N VAL C 6 -70.13 -11.25 -49.73
CA VAL C 6 -70.93 -10.19 -50.35
C VAL C 6 -70.11 -8.92 -50.49
N LEU C 7 -69.36 -8.56 -49.45
CA LEU C 7 -68.54 -7.36 -49.53
C LEU C 7 -67.47 -7.48 -50.60
N LEU C 8 -66.82 -8.65 -50.69
CA LEU C 8 -65.81 -8.85 -51.72
C LEU C 8 -66.44 -8.76 -53.10
N ASN C 9 -67.64 -9.30 -53.28
CA ASN C 9 -68.33 -9.17 -54.55
C ASN C 9 -68.62 -7.70 -54.86
N LYS C 10 -69.00 -6.93 -53.85
CA LYS C 10 -69.24 -5.51 -54.06
C LYS C 10 -67.97 -4.80 -54.51
N ILE C 11 -66.83 -5.13 -53.91
CA ILE C 11 -65.58 -4.51 -54.31
C ILE C 11 -65.15 -5.00 -55.70
N SER C 12 -65.36 -6.28 -55.98
CA SER C 12 -64.88 -6.87 -57.23
C SER C 12 -65.58 -6.22 -58.43
N PRO C 13 -64.94 -6.23 -59.61
CA PRO C 13 -63.65 -6.83 -59.96
C PRO C 13 -62.46 -5.97 -59.56
N THR C 14 -61.28 -6.57 -59.40
CA THR C 14 -60.10 -5.83 -58.94
C THR C 14 -59.28 -5.29 -60.10
N ARG C 15 -59.94 -4.62 -61.04
CA ARG C 15 -59.29 -3.91 -62.14
C ARG C 15 -58.60 -4.91 -63.09
N ASP C 16 -58.60 -6.18 -62.72
CA ASP C 16 -57.93 -7.22 -63.49
C ASP C 16 -58.88 -8.34 -63.89
N GLY C 17 -60.19 -8.09 -63.82
CA GLY C 17 -61.15 -9.12 -64.16
C GLY C 17 -61.20 -10.27 -63.17
N GLN C 18 -60.71 -10.07 -61.95
CA GLN C 18 -60.68 -11.11 -60.94
C GLN C 18 -61.49 -10.67 -59.73
N THR C 19 -61.92 -11.65 -58.96
CA THR C 19 -62.64 -11.37 -57.73
C THR C 19 -61.66 -10.87 -56.66
N MET C 20 -62.05 -9.80 -55.97
CA MET C 20 -61.24 -9.27 -54.88
C MET C 20 -61.06 -10.35 -53.81
N THR C 21 -59.84 -10.48 -53.31
CA THR C 21 -59.52 -11.44 -52.27
C THR C 21 -58.85 -10.73 -51.10
N LEU C 22 -58.94 -11.36 -49.93
CA LEU C 22 -58.44 -10.74 -48.72
C LEU C 22 -56.94 -10.49 -48.77
N ALA C 23 -56.20 -11.29 -49.55
CA ALA C 23 -54.77 -11.10 -49.64
C ALA C 23 -54.41 -9.78 -50.31
N ASP C 24 -55.19 -9.37 -51.32
CA ASP C 24 -54.89 -8.13 -52.03
C ASP C 24 -55.03 -6.92 -51.12
N LEU C 25 -55.84 -7.02 -50.07
CA LEU C 25 -56.05 -5.92 -49.12
C LEU C 25 -55.23 -6.11 -47.86
N GLN C 26 -54.02 -6.67 -47.98
CA GLN C 26 -53.24 -7.02 -46.80
C GLN C 26 -53.02 -5.82 -45.88
N TYR C 27 -52.36 -4.75 -46.35
CA TYR C 27 -51.60 -4.18 -47.46
C TYR C 27 -51.67 -2.68 -47.27
N LEU C 28 -52.87 -2.22 -46.91
CA LEU C 28 -53.17 -0.81 -46.74
C LEU C 28 -53.93 -0.59 -45.44
N SER C 29 -53.78 0.60 -44.88
CA SER C 29 -54.36 0.91 -43.59
C SER C 29 -55.88 1.06 -43.70
N PHE C 30 -56.53 1.20 -42.54
CA PHE C 30 -57.98 1.34 -42.52
C PHE C 30 -58.43 2.62 -43.20
N SER C 31 -57.70 3.71 -42.98
CA SER C 31 -58.07 4.97 -43.61
C SER C 31 -57.98 4.88 -45.13
N GLU C 32 -56.93 4.25 -45.63
CA GLU C 32 -56.81 4.05 -47.08
C GLU C 32 -57.95 3.18 -47.60
N LEU C 33 -58.30 2.13 -46.86
CA LEU C 33 -59.38 1.25 -47.29
C LEU C 33 -60.70 2.00 -47.36
N ARG C 34 -60.96 2.86 -46.37
CA ARG C 34 -62.18 3.64 -46.39
C ARG C 34 -62.17 4.68 -47.50
N LYS C 35 -61.00 5.23 -47.82
CA LYS C 35 -60.91 6.26 -48.84
C LYS C 35 -61.09 5.70 -50.23
N ILE C 36 -60.45 4.56 -50.53
CA ILE C 36 -60.48 4.02 -51.88
C ILE C 36 -61.89 3.56 -52.24
N PHE C 37 -62.52 2.82 -51.35
CA PHE C 37 -63.86 2.26 -51.59
C PHE C 37 -64.94 3.08 -50.92
N ASP C 38 -64.76 4.41 -50.88
CA ASP C 38 -65.72 5.27 -50.21
C ASP C 38 -67.09 5.23 -50.86
N ASP C 39 -67.14 4.98 -52.16
CA ASP C 39 -68.41 5.02 -52.88
C ASP C 39 -69.20 3.73 -52.78
N GLN C 40 -68.58 2.65 -52.32
CA GLN C 40 -69.23 1.34 -52.32
C GLN C 40 -69.39 0.72 -50.94
N LEU C 41 -68.65 1.16 -49.94
CA LEU C 41 -68.69 0.57 -48.61
C LEU C 41 -69.00 1.64 -47.58
N SER C 42 -69.82 1.28 -46.59
CA SER C 42 -70.14 2.18 -45.49
C SER C 42 -69.09 2.00 -44.39
N TRP C 43 -69.36 2.58 -43.22
CA TRP C 43 -68.39 2.49 -42.12
C TRP C 43 -68.30 1.06 -41.60
N GLY C 44 -69.43 0.44 -41.33
CA GLY C 44 -69.42 -0.90 -40.75
C GLY C 44 -68.79 -1.92 -41.67
N GLU C 45 -69.08 -1.84 -42.96
CA GLU C 45 -68.50 -2.79 -43.91
C GLU C 45 -66.99 -2.65 -43.97
N ALA C 46 -66.48 -1.42 -44.02
CA ALA C 46 -65.04 -1.23 -44.03
C ALA C 46 -64.39 -1.74 -42.75
N ARG C 47 -65.03 -1.48 -41.61
CA ARG C 47 -64.48 -1.98 -40.35
C ARG C 47 -64.43 -3.50 -40.33
N HIS C 48 -65.51 -4.14 -40.79
CA HIS C 48 -65.53 -5.61 -40.82
C HIS C 48 -64.46 -6.15 -41.76
N LEU C 49 -64.30 -5.51 -42.92
CA LEU C 49 -63.27 -5.96 -43.86
C LEU C 49 -61.88 -5.83 -43.24
N TYR C 50 -61.62 -4.73 -42.54
CA TYR C 50 -60.32 -4.55 -41.92
C TYR C 50 -60.07 -5.61 -40.85
N HIS C 51 -61.08 -5.90 -40.03
CA HIS C 51 -60.91 -6.92 -39.00
C HIS C 51 -60.65 -8.29 -39.63
N GLU C 52 -61.37 -8.61 -40.70
CA GLU C 52 -61.16 -9.89 -41.37
C GLU C 52 -59.76 -9.98 -41.95
N THR C 53 -59.27 -8.90 -42.54
CA THR C 53 -57.91 -8.89 -43.08
C THR C 53 -56.88 -9.13 -41.99
N ILE C 54 -57.03 -8.45 -40.85
CA ILE C 54 -56.08 -8.61 -39.76
C ILE C 54 -56.10 -10.06 -39.25
N GLU C 55 -57.30 -10.62 -39.09
CA GLU C 55 -57.40 -12.00 -38.61
C GLU C 55 -56.74 -12.97 -39.60
N GLN C 56 -56.96 -12.77 -40.89
CA GLN C 56 -56.36 -13.65 -41.88
C GLN C 56 -54.84 -13.56 -41.84
N LYS C 57 -54.31 -12.34 -41.72
CA LYS C 57 -52.86 -12.18 -41.64
C LYS C 57 -52.29 -12.90 -40.43
N LYS C 58 -52.95 -12.75 -39.27
CA LYS C 58 -52.46 -13.42 -38.07
C LYS C 58 -52.50 -14.93 -38.22
N ASN C 59 -53.59 -15.46 -38.79
CA ASN C 59 -53.69 -16.90 -38.96
C ASN C 59 -52.61 -17.43 -39.91
N ASN C 60 -52.34 -16.70 -40.99
CA ASN C 60 -51.27 -17.13 -41.90
C ASN C 60 -49.92 -17.13 -41.20
N ARG C 61 -49.65 -16.10 -40.40
CA ARG C 61 -48.39 -16.06 -39.67
C ARG C 61 -48.28 -17.26 -38.73
N LEU C 62 -49.34 -17.57 -38.00
CA LEU C 62 -49.30 -18.69 -37.07
C LEU C 62 -49.08 -20.01 -37.81
N LEU C 63 -49.75 -20.20 -38.94
CA LEU C 63 -49.58 -21.43 -39.70
C LEU C 63 -48.16 -21.59 -40.19
N GLU C 64 -47.57 -20.51 -40.73
CA GLU C 64 -46.19 -20.59 -41.20
C GLU C 64 -45.24 -20.92 -40.06
N ALA C 65 -45.45 -20.27 -38.90
CA ALA C 65 -44.60 -20.54 -37.75
C ALA C 65 -44.69 -21.98 -37.32
N ARG C 66 -45.90 -22.54 -37.28
CA ARG C 66 -46.07 -23.93 -36.88
C ARG C 66 -45.37 -24.87 -37.84
N ILE C 67 -45.54 -24.64 -39.15
CA ILE C 67 -44.92 -25.52 -40.13
C ILE C 67 -43.41 -25.48 -40.02
N PHE C 68 -42.84 -24.28 -39.85
CA PHE C 68 -41.40 -24.18 -39.69
C PHE C 68 -40.93 -24.85 -38.42
N THR C 69 -41.67 -24.70 -37.32
CA THR C 69 -41.25 -25.29 -36.05
C THR C 69 -41.21 -26.81 -36.15
N ARG C 70 -42.23 -27.41 -36.75
CA ARG C 70 -42.26 -28.87 -36.79
C ARG C 70 -41.17 -29.46 -37.69
N ALA C 71 -40.58 -28.67 -38.58
CA ALA C 71 -39.61 -29.17 -39.53
C ALA C 71 -38.19 -28.71 -39.23
N ASN C 72 -37.91 -28.30 -38.01
CA ASN C 72 -36.59 -27.83 -37.64
C ASN C 72 -35.60 -28.99 -37.61
N PRO C 73 -34.51 -28.94 -38.37
CA PRO C 73 -33.52 -30.03 -38.33
C PRO C 73 -32.82 -30.17 -36.99
N GLN C 74 -32.85 -29.15 -36.14
CA GLN C 74 -32.11 -29.21 -34.89
C GLN C 74 -32.70 -30.26 -33.94
N LEU C 75 -33.98 -30.58 -34.10
CA LEU C 75 -34.63 -31.55 -33.22
C LEU C 75 -34.59 -32.96 -33.80
N SER C 76 -33.41 -33.44 -34.15
CA SER C 76 -33.24 -34.79 -34.68
C SER C 76 -32.00 -35.47 -34.11
N GLY C 77 -31.86 -35.50 -32.78
CA GLY C 77 -32.78 -35.10 -31.73
C GLY C 77 -33.41 -36.29 -31.02
N ALA C 78 -33.18 -36.40 -29.72
CA ALA C 78 -33.88 -37.39 -28.91
C ALA C 78 -35.33 -37.00 -28.69
N ILE C 79 -35.68 -35.73 -28.92
CA ILE C 79 -37.06 -35.29 -28.82
C ILE C 79 -37.88 -35.68 -30.04
N ARG C 80 -37.24 -36.16 -31.11
CA ARG C 80 -37.94 -36.48 -32.34
C ARG C 80 -38.99 -37.57 -32.13
N LEU C 81 -38.88 -38.35 -31.05
CA LEU C 81 -39.89 -39.36 -30.76
C LEU C 81 -41.26 -38.75 -30.54
N GLY C 82 -41.34 -37.46 -30.24
CA GLY C 82 -42.62 -36.80 -30.05
C GLY C 82 -42.98 -35.83 -31.15
N ILE C 83 -42.62 -36.17 -32.39
CA ILE C 83 -42.90 -35.33 -33.56
C ILE C 83 -43.75 -36.13 -34.52
N GLU C 84 -44.91 -35.59 -34.89
CA GLU C 84 -45.81 -36.23 -35.84
C GLU C 84 -45.89 -35.38 -37.11
N ARG C 85 -46.01 -36.04 -38.25
CA ARG C 85 -46.16 -35.37 -39.53
C ARG C 85 -47.64 -35.20 -39.84
N ASP C 86 -48.07 -33.95 -40.04
CA ASP C 86 -49.46 -33.64 -40.29
C ASP C 86 -49.73 -33.53 -41.79
N SER C 87 -51.01 -33.56 -42.13
CA SER C 87 -51.40 -33.41 -43.54
C SER C 87 -51.04 -32.03 -44.05
N VAL C 88 -51.19 -31.01 -43.22
CA VAL C 88 -50.86 -29.64 -43.63
C VAL C 88 -49.38 -29.53 -43.95
N SER C 89 -48.53 -30.18 -43.16
CA SER C 89 -47.09 -30.15 -43.44
C SER C 89 -46.78 -30.80 -44.78
N ARG C 90 -47.42 -31.94 -45.07
CA ARG C 90 -47.20 -32.60 -46.35
C ARG C 90 -47.66 -31.71 -47.50
N SER C 91 -48.82 -31.07 -47.35
CA SER C 91 -49.33 -30.20 -48.41
C SER C 91 -48.38 -29.02 -48.64
N TYR C 92 -47.89 -28.42 -47.56
CA TYR C 92 -46.96 -27.30 -47.70
C TYR C 92 -45.67 -27.74 -48.37
N ASP C 93 -45.12 -28.89 -47.97
CA ASP C 93 -43.89 -29.37 -48.59
C ASP C 93 -44.10 -29.65 -50.06
N GLU C 94 -45.24 -30.25 -50.42
CA GLU C 94 -45.51 -30.53 -51.82
C GLU C 94 -45.67 -29.26 -52.63
N MET C 95 -46.35 -28.25 -52.07
CA MET C 95 -46.61 -27.03 -52.84
C MET C 95 -45.35 -26.19 -53.01
N PHE C 96 -44.59 -25.99 -51.92
CA PHE C 96 -43.48 -25.05 -51.93
C PHE C 96 -42.13 -25.72 -52.11
N GLY C 97 -42.10 -27.02 -52.43
CA GLY C 97 -40.82 -27.68 -52.62
C GLY C 97 -40.05 -27.79 -51.32
N ALA C 98 -38.74 -27.66 -51.41
CA ALA C 98 -37.85 -27.84 -50.27
C ALA C 98 -37.63 -26.55 -49.49
N ARG C 99 -38.56 -25.59 -49.56
CA ARG C 99 -38.40 -24.36 -48.81
C ARG C 99 -38.41 -24.61 -47.31
N SER C 100 -39.31 -25.49 -46.84
CA SER C 100 -39.44 -25.72 -45.41
C SER C 100 -38.20 -26.35 -44.80
N SER C 101 -37.38 -27.02 -45.60
CA SER C 101 -36.15 -27.64 -45.12
C SER C 101 -34.92 -26.76 -45.32
N SER C 102 -35.09 -25.55 -45.83
CA SER C 102 -33.96 -24.70 -46.19
C SER C 102 -33.67 -23.72 -45.05
N PHE C 103 -33.24 -24.27 -43.93
CA PHE C 103 -32.85 -23.45 -42.79
C PHE C 103 -31.46 -22.86 -43.01
N VAL C 104 -31.21 -21.70 -42.40
CA VAL C 104 -29.93 -21.03 -42.50
C VAL C 104 -29.43 -20.66 -41.11
N LYS C 105 -28.12 -20.53 -40.99
CA LYS C 105 -27.52 -20.14 -39.72
C LYS C 105 -27.80 -18.66 -39.45
N PRO C 106 -27.80 -18.26 -38.17
CA PRO C 106 -27.92 -16.83 -37.87
C PRO C 106 -26.70 -16.07 -38.35
N GLY C 107 -26.92 -14.80 -38.68
CA GLY C 107 -25.88 -13.96 -39.22
C GLY C 107 -25.77 -13.97 -40.72
N SER C 108 -26.53 -14.80 -41.41
CA SER C 108 -26.55 -14.82 -42.86
C SER C 108 -27.62 -13.87 -43.39
N VAL C 109 -27.38 -13.33 -44.58
CA VAL C 109 -28.29 -12.34 -45.14
C VAL C 109 -29.63 -12.95 -45.53
N ALA C 110 -29.69 -14.25 -45.74
CA ALA C 110 -30.93 -14.89 -46.16
C ALA C 110 -31.91 -15.11 -45.02
N SER C 111 -31.46 -15.00 -43.78
CA SER C 111 -32.36 -15.23 -42.64
C SER C 111 -33.46 -14.17 -42.61
N MET C 112 -34.65 -14.58 -42.18
CA MET C 112 -35.78 -13.66 -42.15
C MET C 112 -35.64 -12.61 -41.07
N PHE C 113 -34.76 -12.81 -40.09
CA PHE C 113 -34.51 -11.84 -39.05
C PHE C 113 -33.25 -11.02 -39.29
N SER C 114 -32.62 -11.19 -40.46
CA SER C 114 -31.42 -10.44 -40.77
C SER C 114 -31.77 -8.99 -41.10
N PRO C 115 -30.79 -8.08 -41.01
CA PRO C 115 -31.06 -6.69 -41.41
C PRO C 115 -31.57 -6.54 -42.82
N ALA C 116 -31.37 -7.53 -43.69
CA ALA C 116 -32.01 -7.47 -45.00
C ALA C 116 -33.53 -7.46 -44.87
N GLY C 117 -34.07 -8.31 -44.00
CA GLY C 117 -35.51 -8.31 -43.78
C GLY C 117 -36.00 -7.01 -43.17
N TYR C 118 -35.23 -6.47 -42.23
CA TYR C 118 -35.61 -5.19 -41.63
C TYR C 118 -35.64 -4.08 -42.67
N LEU C 119 -34.62 -4.02 -43.52
CA LEU C 119 -34.59 -3.01 -44.56
C LEU C 119 -35.72 -3.20 -45.56
N THR C 120 -36.04 -4.45 -45.88
CA THR C 120 -37.16 -4.71 -46.77
C THR C 120 -38.46 -4.19 -46.18
N GLU C 121 -38.68 -4.46 -44.88
CA GLU C 121 -39.89 -3.97 -44.23
C GLU C 121 -39.93 -2.45 -44.23
N LEU C 122 -38.81 -1.80 -43.90
CA LEU C 122 -38.78 -0.35 -43.87
C LEU C 122 -39.09 0.24 -45.24
N TYR C 123 -38.47 -0.29 -46.29
CA TYR C 123 -38.73 0.25 -47.62
C TYR C 123 -40.15 -0.02 -48.06
N ARG C 124 -40.69 -1.19 -47.74
CA ARG C 124 -42.06 -1.49 -48.15
C ARG C 124 -43.04 -0.54 -47.49
N GLU C 125 -42.86 -0.26 -46.20
CA GLU C 125 -43.82 0.58 -45.50
C GLU C 125 -43.62 2.06 -45.78
N ALA C 126 -42.40 2.50 -46.01
CA ALA C 126 -42.09 3.91 -46.14
C ALA C 126 -42.05 4.40 -47.58
N LYS C 127 -42.30 3.53 -48.55
CA LYS C 127 -42.23 3.96 -49.94
C LYS C 127 -43.32 4.95 -50.30
N ASP C 128 -44.49 4.84 -49.66
CA ASP C 128 -45.65 5.64 -50.03
C ASP C 128 -45.98 6.71 -49.00
N LEU C 129 -44.98 7.21 -48.27
CA LEU C 129 -45.26 8.27 -47.30
C LEU C 129 -45.53 9.61 -47.98
N HIS C 130 -45.04 9.81 -49.19
CA HIS C 130 -45.27 11.04 -49.93
C HIS C 130 -45.76 10.70 -51.33
N PHE C 131 -46.55 11.60 -51.90
CA PHE C 131 -47.04 11.40 -53.25
C PHE C 131 -45.89 11.47 -54.26
N SER C 132 -46.08 10.82 -55.40
CA SER C 132 -45.03 10.77 -56.41
C SER C 132 -44.71 12.16 -56.94
N SER C 133 -45.68 13.06 -56.92
CA SER C 133 -45.43 14.41 -57.42
C SER C 133 -44.51 15.20 -56.50
N SER C 134 -44.58 14.95 -55.20
CA SER C 134 -43.80 15.73 -54.24
C SER C 134 -42.32 15.45 -54.40
N ALA C 135 -41.51 16.49 -54.21
CA ALA C 135 -40.06 16.36 -54.29
C ALA C 135 -39.47 15.66 -53.07
N TYR C 136 -40.26 15.43 -52.03
CA TYR C 136 -39.79 14.71 -50.85
C TYR C 136 -39.94 13.21 -50.99
N HIS C 137 -40.48 12.73 -52.11
CA HIS C 137 -40.69 11.29 -52.28
C HIS C 137 -39.37 10.55 -52.19
N LEU C 138 -39.41 9.38 -51.54
CA LEU C 138 -38.18 8.63 -51.32
C LEU C 138 -37.54 8.21 -52.63
N ASP C 139 -38.34 7.80 -53.60
CA ASP C 139 -37.81 7.41 -54.90
C ASP C 139 -37.30 8.60 -55.70
N ASN C 140 -37.58 9.83 -55.27
CA ASN C 140 -37.10 11.01 -55.98
C ASN C 140 -35.79 11.53 -55.41
N ARG C 141 -35.66 11.57 -54.08
CA ARG C 141 -34.44 12.09 -53.49
C ARG C 141 -33.28 11.10 -53.61
N ARG C 142 -33.57 9.81 -53.51
CA ARG C 142 -32.55 8.76 -53.62
C ARG C 142 -33.05 7.70 -54.59
N PRO C 143 -32.90 7.92 -55.90
CA PRO C 143 -33.39 6.95 -56.88
C PRO C 143 -32.69 5.60 -56.82
N ASP C 144 -31.48 5.55 -56.27
CA ASP C 144 -30.71 4.30 -56.30
C ASP C 144 -31.20 3.27 -55.27
N LEU C 145 -31.97 3.69 -54.28
CA LEU C 145 -32.39 2.75 -53.24
C LEU C 145 -33.19 1.58 -53.81
N ALA C 146 -33.95 1.82 -54.87
CA ALA C 146 -34.74 0.74 -55.44
C ALA C 146 -33.87 -0.34 -56.08
N ASP C 147 -32.61 -0.03 -56.38
CA ASP C 147 -31.74 -0.98 -57.07
C ASP C 147 -30.67 -1.57 -56.17
N LEU C 148 -30.76 -1.36 -54.86
CA LEU C 148 -29.78 -1.94 -53.96
C LEU C 148 -29.91 -3.45 -53.94
N THR C 149 -28.76 -4.14 -53.97
CA THR C 149 -28.74 -5.58 -54.02
C THR C 149 -28.49 -6.15 -52.63
N LEU C 150 -29.38 -7.03 -52.18
CA LEU C 150 -29.30 -7.63 -50.85
C LEU C 150 -28.41 -8.87 -50.90
N SER C 151 -27.12 -8.62 -51.09
CA SER C 151 -26.13 -9.68 -51.14
C SER C 151 -25.30 -9.67 -49.86
N GLN C 152 -24.61 -10.80 -49.62
CA GLN C 152 -23.81 -10.93 -48.42
C GLN C 152 -22.65 -9.92 -48.41
N SER C 153 -22.06 -9.68 -49.57
CA SER C 153 -20.96 -8.72 -49.65
C SER C 153 -21.41 -7.33 -49.25
N ASN C 154 -22.59 -6.91 -49.72
CA ASN C 154 -23.13 -5.61 -49.30
C ASN C 154 -23.39 -5.58 -47.80
N MET C 155 -23.75 -6.71 -47.21
CA MET C 155 -24.01 -6.76 -45.77
C MET C 155 -22.73 -6.66 -44.96
N ASP C 156 -21.66 -7.31 -45.42
CA ASP C 156 -20.49 -7.50 -44.57
C ASP C 156 -19.32 -6.56 -44.87
N THR C 157 -19.14 -6.16 -46.12
CA THR C 157 -17.97 -5.37 -46.49
C THR C 157 -17.96 -4.03 -45.77
N GLU C 158 -16.82 -3.67 -45.20
CA GLU C 158 -16.65 -2.40 -44.53
C GLU C 158 -16.32 -1.30 -45.54
N ILE C 159 -16.81 -0.09 -45.25
CA ILE C 159 -16.59 1.05 -46.13
C ILE C 159 -16.81 2.31 -45.31
N SER C 160 -16.26 3.42 -45.78
CA SER C 160 -16.37 4.69 -45.09
C SER C 160 -17.59 5.44 -45.56
N THR C 161 -18.29 6.10 -44.63
CA THR C 161 -19.49 6.84 -44.98
C THR C 161 -19.16 7.97 -45.96
N LEU C 162 -18.01 8.61 -45.77
CA LEU C 162 -17.62 9.70 -46.67
C LEU C 162 -17.50 9.22 -48.10
N THR C 163 -17.07 7.97 -48.30
CA THR C 163 -16.97 7.43 -49.64
C THR C 163 -18.33 7.36 -50.31
N LEU C 164 -19.33 6.84 -49.60
CA LEU C 164 -20.67 6.74 -50.17
C LEU C 164 -21.25 8.12 -50.44
N SER C 165 -21.08 9.05 -49.50
CA SER C 165 -21.60 10.40 -49.71
C SER C 165 -20.95 11.06 -50.92
N ASN C 166 -19.63 10.90 -51.05
CA ASN C 166 -18.92 11.49 -52.19
C ASN C 166 -19.38 10.87 -53.49
N GLU C 167 -19.58 9.55 -53.52
CA GLU C 167 -20.02 8.93 -54.76
C GLU C 167 -21.41 9.40 -55.15
N LEU C 168 -22.31 9.58 -54.17
CA LEU C 168 -23.64 10.07 -54.48
C LEU C 168 -23.60 11.48 -55.03
N LEU C 169 -22.86 12.37 -54.35
CA LEU C 169 -22.77 13.75 -54.81
C LEU C 169 -22.11 13.84 -56.17
N LEU C 170 -21.08 13.03 -56.40
CA LEU C 170 -20.42 13.02 -57.70
C LEU C 170 -21.36 12.57 -58.79
N GLU C 171 -22.17 11.55 -58.52
CA GLU C 171 -23.15 11.11 -59.49
C GLU C 171 -24.12 12.23 -59.85
N HIS C 172 -24.62 12.93 -58.83
CA HIS C 172 -25.55 14.03 -59.09
C HIS C 172 -24.90 15.13 -59.91
N ILE C 173 -23.69 15.53 -59.55
CA ILE C 173 -23.02 16.62 -60.26
C ILE C 173 -22.74 16.23 -61.70
N THR C 174 -22.24 15.01 -61.93
CA THR C 174 -21.96 14.59 -63.29
C THR C 174 -23.23 14.47 -64.12
N ARG C 175 -24.34 14.02 -63.51
CA ARG C 175 -25.60 14.00 -64.23
C ARG C 175 -26.02 15.41 -64.63
N LYS C 176 -25.83 16.39 -63.72
CA LYS C 176 -26.22 17.76 -64.03
C LYS C 176 -25.36 18.32 -65.16
N THR C 177 -24.04 18.22 -65.05
CA THR C 177 -23.16 18.81 -66.04
C THR C 177 -23.00 17.93 -67.28
N GLY C 178 -23.37 16.66 -67.19
CA GLY C 178 -23.26 15.78 -68.34
C GLY C 178 -21.84 15.41 -68.74
N GLY C 179 -20.86 15.67 -67.88
CA GLY C 179 -19.48 15.41 -68.17
C GLY C 179 -18.93 14.21 -67.42
N ASP C 180 -17.61 14.10 -67.46
CA ASP C 180 -16.88 13.04 -66.78
C ASP C 180 -16.28 13.57 -65.47
N SER C 181 -15.97 12.65 -64.57
CA SER C 181 -15.41 13.04 -63.28
C SER C 181 -14.11 13.81 -63.45
N ASP C 182 -13.24 13.35 -64.34
CA ASP C 182 -11.99 14.07 -64.60
C ASP C 182 -12.26 15.46 -65.15
N ALA C 183 -13.23 15.57 -66.07
CA ALA C 183 -13.61 16.88 -66.57
C ALA C 183 -14.16 17.76 -65.46
N LEU C 184 -14.91 17.17 -64.53
CA LEU C 184 -15.42 17.93 -63.40
C LEU C 184 -14.29 18.45 -62.53
N MET C 185 -13.28 17.61 -62.26
CA MET C 185 -12.15 18.07 -61.47
C MET C 185 -11.39 19.19 -62.18
N GLU C 186 -11.17 19.04 -63.49
CA GLU C 186 -10.47 20.09 -64.22
C GLU C 186 -11.25 21.39 -64.20
N SER C 187 -12.58 21.31 -64.34
CA SER C 187 -13.39 22.52 -64.24
C SER C 187 -13.31 23.14 -62.85
N LEU C 188 -13.34 22.31 -61.81
CA LEU C 188 -13.23 22.81 -60.45
C LEU C 188 -11.88 23.43 -60.18
N SER C 189 -10.86 23.08 -60.97
CA SER C 189 -9.55 23.68 -60.76
C SER C 189 -9.53 25.18 -60.99
N THR C 190 -10.50 25.72 -61.72
CA THR C 190 -10.55 27.14 -62.04
C THR C 190 -11.85 27.80 -61.62
N TYR C 191 -12.73 27.10 -60.91
CA TYR C 191 -13.97 27.69 -60.46
C TYR C 191 -13.70 28.75 -59.40
N ARG C 192 -14.39 29.89 -59.52
CA ARG C 192 -14.18 30.99 -58.60
C ARG C 192 -15.43 31.43 -57.85
N GLN C 193 -16.62 31.07 -58.32
CA GLN C 193 -17.86 31.57 -57.73
C GLN C 193 -18.32 30.70 -56.57
N ALA C 194 -17.46 30.61 -55.56
CA ALA C 194 -17.75 29.89 -54.32
C ALA C 194 -16.67 30.27 -53.32
N ILE C 195 -16.78 29.71 -52.11
CA ILE C 195 -15.81 30.03 -51.07
C ILE C 195 -14.75 28.94 -50.91
N ASP C 196 -15.08 27.70 -51.21
CA ASP C 196 -14.11 26.62 -51.13
C ASP C 196 -13.42 26.33 -52.46
N THR C 197 -13.74 27.10 -53.50
CA THR C 197 -13.09 26.98 -54.79
C THR C 197 -12.18 28.19 -55.03
N PRO C 198 -11.15 28.06 -55.87
CA PRO C 198 -10.76 26.91 -56.70
C PRO C 198 -10.16 25.77 -55.90
N TYR C 199 -10.26 24.55 -56.42
CA TYR C 199 -9.77 23.36 -55.73
C TYR C 199 -8.87 22.58 -56.70
N HIS C 200 -7.57 22.84 -56.61
CA HIS C 200 -6.58 22.15 -57.43
C HIS C 200 -6.17 20.88 -56.70
N GLN C 201 -6.74 19.76 -57.12
CA GLN C 201 -6.49 18.50 -56.40
C GLN C 201 -5.04 18.05 -56.45
N PRO C 202 -4.38 17.97 -57.61
CA PRO C 202 -2.96 17.56 -57.60
C PRO C 202 -2.07 18.51 -56.82
N TYR C 203 -2.35 19.81 -56.86
CA TYR C 203 -1.56 20.75 -56.08
C TYR C 203 -1.69 20.48 -54.59
N GLU C 204 -2.92 20.24 -54.12
CA GLU C 204 -3.12 19.94 -52.72
C GLU C 204 -2.46 18.63 -52.33
N THR C 205 -2.50 17.63 -53.23
CA THR C 205 -1.82 16.38 -52.95
C THR C 205 -0.32 16.59 -52.79
N ILE C 206 0.27 17.40 -53.68
CA ILE C 206 1.71 17.67 -53.60
C ILE C 206 2.04 18.39 -52.30
N ARG C 207 1.24 19.39 -51.94
CA ARG C 207 1.50 20.12 -50.71
C ARG C 207 1.39 19.21 -49.50
N GLN C 208 0.39 18.33 -49.49
CA GLN C 208 0.22 17.42 -48.37
C GLN C 208 1.40 16.45 -48.26
N VAL C 209 1.88 15.95 -49.40
CA VAL C 209 3.04 15.06 -49.36
C VAL C 209 4.25 15.80 -48.81
N ILE C 210 4.48 17.03 -49.26
CA ILE C 210 5.62 17.79 -48.79
C ILE C 210 5.53 18.02 -47.29
N MET C 211 4.35 18.42 -46.80
CA MET C 211 4.19 18.66 -45.38
C MET C 211 4.37 17.38 -44.56
N THR C 212 3.87 16.25 -45.08
CA THR C 212 4.05 14.98 -44.39
C THR C 212 5.52 14.61 -44.28
N HIS C 213 6.27 14.74 -45.37
CA HIS C 213 7.66 14.30 -45.36
C HIS C 213 8.53 15.20 -44.50
N ASP C 214 8.37 16.52 -44.64
CA ASP C 214 9.23 17.45 -43.92
C ASP C 214 8.41 18.72 -43.64
N SER C 215 7.81 18.78 -42.45
CA SER C 215 7.13 20.00 -42.04
C SER C 215 8.15 21.04 -41.61
N THR C 216 7.66 22.29 -41.48
CA THR C 216 8.47 23.44 -41.08
C THR C 216 9.58 23.74 -42.07
N LEU C 217 9.63 23.01 -43.19
CA LEU C 217 10.57 23.25 -44.28
C LEU C 217 12.02 23.18 -43.82
N SER C 218 12.27 22.45 -42.73
CA SER C 218 13.61 22.40 -42.15
C SER C 218 14.63 21.88 -43.14
N ALA C 219 14.29 20.80 -43.86
CA ALA C 219 15.19 20.25 -44.86
C ALA C 219 15.50 21.28 -45.93
N LEU C 220 14.54 22.13 -46.29
CA LEU C 220 14.80 23.17 -47.27
C LEU C 220 15.57 24.34 -46.67
N SER C 221 15.53 24.50 -45.35
CA SER C 221 16.20 25.64 -44.72
C SER C 221 17.70 25.46 -44.66
N ARG C 222 18.18 24.23 -44.51
CA ARG C 222 19.60 23.98 -44.33
C ARG C 222 20.35 23.85 -45.65
N ASN C 223 19.67 24.02 -46.79
CA ASN C 223 20.29 23.94 -48.10
C ASN C 223 19.98 25.22 -48.85
N PRO C 224 20.68 26.31 -48.55
CA PRO C 224 20.34 27.60 -49.17
C PRO C 224 20.52 27.62 -50.67
N GLU C 225 21.39 26.77 -51.22
CA GLU C 225 21.66 26.79 -52.65
C GLU C 225 20.40 26.46 -53.45
N VAL C 226 19.61 25.51 -52.97
CA VAL C 226 18.38 25.15 -53.67
C VAL C 226 17.20 26.01 -53.22
N MET C 227 17.20 26.49 -51.97
CA MET C 227 16.11 27.32 -51.50
C MET C 227 16.11 28.68 -52.19
N GLY C 228 17.29 29.21 -52.49
CA GLY C 228 17.37 30.52 -53.11
C GLY C 228 16.87 30.57 -54.55
N GLN C 229 16.53 29.43 -55.12
CA GLN C 229 16.03 29.37 -56.49
C GLN C 229 14.51 29.41 -56.57
N ALA C 230 13.82 29.55 -55.44
CA ALA C 230 12.36 29.53 -55.40
C ALA C 230 11.83 30.90 -55.04
N GLU C 231 10.76 31.32 -55.72
CA GLU C 231 10.13 32.59 -55.42
C GLU C 231 9.41 32.54 -54.09
N GLY C 232 9.24 33.72 -53.48
CA GLY C 232 8.56 33.79 -52.20
C GLY C 232 7.12 33.33 -52.27
N ALA C 233 6.42 33.70 -53.35
CA ALA C 233 5.03 33.30 -53.50
C ALA C 233 4.90 31.78 -53.61
N SER C 234 5.82 31.14 -54.31
CA SER C 234 5.79 29.68 -54.40
C SER C 234 5.99 29.05 -53.03
N LEU C 235 6.91 29.58 -52.24
CA LEU C 235 7.11 29.06 -50.89
C LEU C 235 5.87 29.26 -50.04
N LEU C 236 5.21 30.41 -50.19
CA LEU C 236 3.95 30.62 -49.48
C LEU C 236 2.91 29.58 -49.88
N ALA C 237 2.80 29.32 -51.18
CA ALA C 237 1.85 28.30 -51.65
C ALA C 237 2.19 26.94 -51.10
N ILE C 238 3.48 26.67 -50.86
CA ILE C 238 3.87 25.43 -50.20
C ILE C 238 3.40 25.43 -48.75
N LEU C 239 3.60 26.55 -48.05
CA LEU C 239 3.26 26.59 -46.63
C LEU C 239 1.76 26.66 -46.40
N ALA C 240 1.05 27.47 -47.18
CA ALA C 240 -0.38 27.67 -47.02
C ALA C 240 -1.11 27.35 -48.31
N ASN C 241 -2.36 26.91 -48.17
CA ASN C 241 -3.13 26.44 -49.31
C ASN C 241 -3.44 27.60 -50.25
N ILE C 242 -2.71 27.69 -51.36
CA ILE C 242 -2.93 28.74 -52.34
C ILE C 242 -2.82 28.14 -53.74
N SER C 243 -3.96 27.89 -54.38
CA SER C 243 -3.96 27.37 -55.73
C SER C 243 -3.54 28.45 -56.71
N PRO C 244 -3.08 28.06 -57.91
CA PRO C 244 -2.70 29.08 -58.90
C PRO C 244 -3.84 30.03 -59.24
N GLU C 245 -5.07 29.52 -59.34
CA GLU C 245 -6.21 30.40 -59.59
C GLU C 245 -6.46 31.30 -58.41
N LEU C 246 -6.25 30.81 -57.19
CA LEU C 246 -6.35 31.68 -56.02
C LEU C 246 -5.30 32.77 -56.08
N TYR C 247 -4.10 32.44 -56.56
CA TYR C 247 -3.08 33.46 -56.73
C TYR C 247 -3.52 34.51 -57.73
N ASN C 248 -4.10 34.08 -58.85
CA ASN C 248 -4.58 35.04 -59.84
C ASN C 248 -5.68 35.92 -59.26
N ILE C 249 -6.58 35.34 -58.46
CA ILE C 249 -7.62 36.13 -57.82
C ILE C 249 -7.01 37.16 -56.89
N LEU C 250 -6.02 36.76 -56.09
CA LEU C 250 -5.47 37.66 -55.10
C LEU C 250 -4.65 38.78 -55.72
N THR C 251 -3.83 38.48 -56.71
CA THR C 251 -2.88 39.46 -57.23
C THR C 251 -3.41 40.27 -58.40
N GLU C 252 -4.62 40.00 -58.88
CA GLU C 252 -5.14 40.77 -59.99
C GLU C 252 -5.44 42.20 -59.55
N GLU C 253 -5.15 43.16 -60.42
CA GLU C 253 -5.38 44.56 -60.10
C GLU C 253 -6.85 44.90 -60.31
N ILE C 254 -7.29 45.95 -59.61
CA ILE C 254 -8.66 46.44 -59.69
C ILE C 254 -8.61 47.89 -60.10
N THR C 255 -9.25 48.22 -61.21
CA THR C 255 -9.35 49.59 -61.70
C THR C 255 -10.82 49.98 -61.81
N GLU C 256 -11.04 51.28 -62.02
CA GLU C 256 -12.42 51.77 -62.16
C GLU C 256 -13.07 51.22 -63.42
N LYS C 257 -12.32 51.13 -64.51
CA LYS C 257 -12.92 50.75 -65.79
C LYS C 257 -13.34 49.29 -65.81
N ASN C 258 -12.51 48.39 -65.28
CA ASN C 258 -12.76 46.96 -65.36
C ASN C 258 -13.41 46.40 -64.10
N ALA C 259 -13.99 47.26 -63.26
CA ALA C 259 -14.59 46.78 -62.02
C ALA C 259 -15.79 45.88 -62.29
N ASP C 260 -16.66 46.28 -63.23
CA ASP C 260 -17.87 45.51 -63.47
C ASP C 260 -17.56 44.13 -64.04
N ALA C 261 -16.64 44.06 -65.00
CA ALA C 261 -16.28 42.78 -65.59
C ALA C 261 -15.66 41.86 -64.54
N LEU C 262 -14.78 42.40 -63.71
CA LEU C 262 -14.16 41.60 -62.66
C LEU C 262 -15.20 41.10 -61.67
N PHE C 263 -16.16 41.95 -61.29
CA PHE C 263 -17.19 41.51 -60.36
C PHE C 263 -18.05 40.41 -60.98
N ALA C 264 -18.40 40.56 -62.26
CA ALA C 264 -19.20 39.54 -62.92
C ALA C 264 -18.43 38.23 -63.00
N GLN C 265 -17.12 38.30 -63.24
CA GLN C 265 -16.30 37.09 -63.32
C GLN C 265 -16.17 36.42 -61.96
N ASN C 266 -16.06 37.21 -60.89
CA ASN C 266 -15.75 36.67 -59.57
C ASN C 266 -16.97 36.25 -58.77
N PHE C 267 -18.18 36.52 -59.25
CA PHE C 267 -19.38 36.20 -58.50
C PHE C 267 -20.45 35.65 -59.44
N SER C 268 -21.45 35.01 -58.85
CA SER C 268 -22.53 34.44 -59.62
C SER C 268 -23.38 35.54 -60.25
N GLU C 269 -24.14 35.16 -61.27
CA GLU C 269 -24.95 36.12 -61.99
C GLU C 269 -26.13 36.64 -61.17
N ASN C 270 -26.50 35.95 -60.09
CA ASN C 270 -27.62 36.34 -59.26
C ASN C 270 -27.19 37.10 -58.02
N ILE C 271 -25.94 37.56 -57.96
CA ILE C 271 -25.42 38.33 -56.83
C ILE C 271 -25.04 39.70 -57.34
N THR C 272 -25.60 40.73 -56.72
CA THR C 272 -25.38 42.12 -57.08
C THR C 272 -24.51 42.81 -56.02
N PRO C 273 -23.77 43.85 -56.39
CA PRO C 273 -22.94 44.54 -55.39
C PRO C 273 -23.72 45.03 -54.18
N GLU C 274 -24.98 45.43 -54.36
CA GLU C 274 -25.78 45.89 -53.24
C GLU C 274 -25.97 44.81 -52.19
N ASN C 275 -25.81 43.54 -52.56
CA ASN C 275 -25.90 42.46 -51.58
C ASN C 275 -24.84 42.61 -50.49
N PHE C 276 -23.75 43.32 -50.77
CA PHE C 276 -22.73 43.54 -49.75
C PHE C 276 -23.16 44.54 -48.69
N ALA C 277 -24.31 45.17 -48.86
CA ALA C 277 -24.78 46.13 -47.87
C ALA C 277 -25.29 45.46 -46.59
N SER C 278 -25.43 44.14 -46.57
CA SER C 278 -25.92 43.42 -45.40
C SER C 278 -24.81 42.56 -44.82
N GLN C 279 -24.55 42.74 -43.53
CA GLN C 279 -23.52 41.93 -42.88
C GLN C 279 -23.94 40.48 -42.73
N SER C 280 -25.23 40.24 -42.50
CA SER C 280 -25.70 38.86 -42.35
C SER C 280 -25.49 38.07 -43.63
N TRP C 281 -25.73 38.69 -44.78
CA TRP C 281 -25.51 38.00 -46.05
C TRP C 281 -24.04 37.64 -46.22
N ILE C 282 -23.14 38.56 -45.87
CA ILE C 282 -21.72 38.27 -45.96
C ILE C 282 -21.34 37.12 -45.05
N ALA C 283 -21.87 37.13 -43.82
CA ALA C 283 -21.56 36.06 -42.88
C ALA C 283 -22.03 34.72 -43.40
N LYS C 284 -23.23 34.68 -43.99
CA LYS C 284 -23.74 33.43 -44.55
C LYS C 284 -22.91 32.98 -45.75
N TYR C 285 -22.56 33.90 -46.63
CA TYR C 285 -21.85 33.53 -47.85
C TYR C 285 -20.43 33.03 -47.56
N TYR C 286 -19.73 33.72 -46.67
CA TYR C 286 -18.34 33.37 -46.39
C TYR C 286 -18.18 32.41 -45.21
N GLY C 287 -19.28 31.95 -44.62
CA GLY C 287 -19.18 31.00 -43.53
C GLY C 287 -18.49 31.53 -42.30
N LEU C 288 -18.85 32.74 -41.87
CA LEU C 288 -18.27 33.36 -40.69
C LEU C 288 -19.37 33.76 -39.73
N GLU C 289 -19.01 33.85 -38.45
CA GLU C 289 -19.93 34.34 -37.45
C GLU C 289 -20.04 35.86 -37.53
N LEU C 290 -21.00 36.41 -36.80
CA LEU C 290 -21.21 37.86 -36.83
C LEU C 290 -20.00 38.60 -36.28
N SER C 291 -19.41 38.09 -35.20
CA SER C 291 -18.23 38.74 -34.63
C SER C 291 -17.06 38.72 -35.60
N GLU C 292 -16.86 37.59 -36.29
CA GLU C 292 -15.76 37.51 -37.24
C GLU C 292 -15.95 38.50 -38.38
N VAL C 293 -17.19 38.67 -38.85
CA VAL C 293 -17.46 39.66 -39.89
C VAL C 293 -17.19 41.06 -39.36
N GLN C 294 -17.67 41.35 -38.15
CA GLN C 294 -17.45 42.67 -37.57
C GLN C 294 -15.97 42.97 -37.40
N LYS C 295 -15.15 41.93 -37.26
CA LYS C 295 -13.71 42.14 -37.23
C LYS C 295 -13.21 42.83 -38.50
N TYR C 296 -13.89 42.62 -39.63
CA TYR C 296 -13.51 43.23 -40.89
C TYR C 296 -14.20 44.56 -41.13
N LEU C 297 -15.53 44.57 -41.04
CA LEU C 297 -16.31 45.75 -41.42
C LEU C 297 -16.69 46.64 -40.26
N GLY C 298 -16.76 46.11 -39.05
CA GLY C 298 -17.18 46.90 -37.91
C GLY C 298 -18.68 47.06 -37.84
N MET C 299 -19.15 48.24 -37.46
CA MET C 299 -20.58 48.50 -37.30
C MET C 299 -21.08 49.29 -38.50
N LEU C 300 -22.11 48.77 -39.16
CA LEU C 300 -22.69 49.43 -40.32
C LEU C 300 -23.62 50.54 -39.85
N GLN C 301 -23.30 51.78 -40.22
CA GLN C 301 -24.06 52.94 -39.78
C GLN C 301 -25.27 53.13 -40.69
N ASN C 302 -26.47 53.15 -40.10
CA ASN C 302 -27.68 53.36 -40.87
C ASN C 302 -28.69 54.26 -40.16
N GLY C 303 -28.26 55.09 -39.23
CA GLY C 303 -29.18 55.96 -38.51
C GLY C 303 -29.80 55.29 -37.30
N TYR C 304 -28.96 54.81 -36.39
CA TYR C 304 -29.41 54.17 -35.16
C TYR C 304 -29.80 55.22 -34.13
N SER C 305 -29.93 54.79 -32.88
CA SER C 305 -30.28 55.69 -31.80
C SER C 305 -29.22 56.78 -31.63
N ASP C 306 -29.52 57.72 -30.75
CA ASP C 306 -28.71 58.94 -30.67
C ASP C 306 -27.26 58.66 -30.31
N SER C 307 -27.01 57.83 -29.29
CA SER C 307 -25.61 57.56 -28.96
C SER C 307 -25.10 56.26 -29.58
N THR C 308 -25.56 55.13 -29.05
CA THR C 308 -25.40 53.81 -29.66
C THR C 308 -23.94 53.44 -29.91
N SER C 309 -23.02 54.36 -29.62
CA SER C 309 -21.62 54.25 -30.05
C SER C 309 -21.54 54.09 -31.57
N ALA C 310 -20.33 54.10 -32.12
CA ALA C 310 -20.19 53.86 -33.56
C ALA C 310 -18.95 53.05 -33.94
N TYR C 311 -18.29 52.37 -33.01
CA TYR C 311 -17.04 51.71 -33.32
C TYR C 311 -16.96 50.39 -32.58
N VAL C 312 -16.73 49.30 -33.31
CA VAL C 312 -16.58 47.98 -32.71
C VAL C 312 -15.33 47.22 -33.18
N ASP C 313 -14.23 47.91 -33.49
CA ASP C 313 -13.72 49.26 -33.29
C ASP C 313 -13.63 50.06 -34.59
N ASN C 314 -14.46 49.71 -35.58
CA ASN C 314 -14.46 50.40 -36.86
C ASN C 314 -15.89 50.80 -37.21
N ILE C 315 -16.00 51.83 -38.07
CA ILE C 315 -17.25 52.14 -38.75
C ILE C 315 -17.05 51.91 -40.24
N SER C 316 -18.14 51.55 -40.90
CA SER C 316 -18.11 51.34 -42.35
C SER C 316 -19.54 51.30 -42.87
N THR C 317 -19.81 52.08 -43.92
CA THR C 317 -21.15 52.06 -44.51
C THR C 317 -21.12 52.72 -45.87
N GLY C 318 -22.23 52.59 -46.58
CA GLY C 318 -22.38 53.12 -47.93
C GLY C 318 -23.28 54.35 -47.93
N LEU C 319 -22.95 55.29 -48.80
CA LEU C 319 -23.74 56.50 -48.98
C LEU C 319 -23.69 56.91 -50.45
N VAL C 320 -24.70 57.66 -50.86
CA VAL C 320 -24.80 58.12 -52.25
C VAL C 320 -23.90 59.32 -52.45
N VAL C 321 -23.03 59.25 -53.44
CA VAL C 321 -22.13 60.38 -53.72
C VAL C 321 -22.96 61.57 -54.20
N ASN C 322 -22.49 62.77 -53.90
CA ASN C 322 -23.16 63.97 -54.36
C ASN C 322 -22.88 64.26 -55.84
N ASN C 323 -21.80 63.71 -56.38
CA ASN C 323 -21.46 63.98 -57.78
C ASN C 323 -22.50 63.40 -58.73
N GLU C 324 -22.93 62.16 -58.49
CA GLU C 324 -23.88 61.50 -59.37
C GLU C 324 -24.68 60.51 -58.53
N SER C 325 -25.36 59.57 -59.18
CA SER C 325 -26.27 58.64 -58.52
C SER C 325 -25.64 57.30 -58.24
N LYS C 326 -24.34 57.26 -57.94
CA LYS C 326 -23.65 56.03 -57.58
C LYS C 326 -23.41 56.00 -56.08
N LEU C 327 -23.39 54.80 -55.53
CA LEU C 327 -23.21 54.60 -54.10
C LEU C 327 -21.75 54.21 -53.84
N GLU C 328 -21.10 54.93 -52.94
CA GLU C 328 -19.77 54.59 -52.48
C GLU C 328 -19.83 54.03 -51.07
N ALA C 329 -18.75 53.38 -50.65
CA ALA C 329 -18.66 52.79 -49.33
C ALA C 329 -17.37 53.25 -48.69
N TYR C 330 -17.47 53.63 -47.41
CA TYR C 330 -16.33 54.16 -46.68
C TYR C 330 -16.16 53.39 -45.37
N LYS C 331 -14.91 53.35 -44.91
CA LYS C 331 -14.54 52.65 -43.69
C LYS C 331 -13.53 53.49 -42.92
N ILE C 332 -13.79 53.68 -41.64
CA ILE C 332 -12.95 54.46 -40.73
C ILE C 332 -12.55 53.59 -39.56
N THR C 333 -11.26 53.59 -39.23
CA THR C 333 -10.73 52.86 -38.10
C THR C 333 -10.05 53.82 -37.13
N ARG C 334 -10.20 53.54 -35.84
CA ARG C 334 -9.75 54.43 -34.77
C ARG C 334 -8.82 53.69 -33.82
N VAL C 335 -7.76 54.36 -33.41
CA VAL C 335 -6.83 53.84 -32.42
C VAL C 335 -6.81 54.81 -31.24
N LYS C 336 -7.24 54.34 -30.07
CA LYS C 336 -7.32 55.18 -28.89
C LYS C 336 -5.92 55.59 -28.44
N THR C 337 -5.84 56.74 -27.77
CA THR C 337 -4.54 57.24 -27.33
C THR C 337 -4.73 58.29 -26.23
N ASP C 338 -3.65 58.48 -25.47
CA ASP C 338 -3.50 59.45 -24.38
C ASP C 338 -4.71 59.43 -23.44
N ASP C 339 -4.85 58.31 -22.76
CA ASP C 339 -5.80 58.15 -21.64
C ASP C 339 -7.24 58.31 -22.13
N TYR C 340 -7.60 57.47 -23.10
CA TYR C 340 -8.97 57.46 -23.58
C TYR C 340 -9.92 56.82 -22.58
N ASP C 341 -9.42 55.84 -21.81
CA ASP C 341 -10.29 55.09 -20.91
C ASP C 341 -10.86 55.99 -19.82
N LYS C 342 -10.01 56.77 -19.16
CA LYS C 342 -10.50 57.79 -18.24
C LYS C 342 -11.16 58.91 -19.05
N ASN C 343 -12.33 59.33 -18.61
CA ASN C 343 -13.19 60.26 -19.36
C ASN C 343 -13.58 59.68 -20.71
N ILE C 344 -14.53 60.33 -21.39
CA ILE C 344 -14.95 59.96 -22.73
C ILE C 344 -15.55 58.56 -22.75
N ASN C 345 -16.88 58.48 -22.67
CA ASN C 345 -17.54 57.20 -22.86
C ASN C 345 -17.29 56.66 -24.26
N TYR C 346 -17.41 57.52 -25.26
CA TYR C 346 -17.07 57.17 -26.63
C TYR C 346 -16.67 58.44 -27.36
N PHE C 347 -15.93 58.26 -28.45
CA PHE C 347 -15.45 59.38 -29.26
C PHE C 347 -15.47 58.92 -30.72
N ASP C 348 -16.49 59.35 -31.46
CA ASP C 348 -16.76 58.84 -32.79
C ASP C 348 -16.58 59.92 -33.83
N LEU C 349 -15.99 59.55 -34.96
CA LEU C 349 -15.84 60.43 -36.11
C LEU C 349 -16.84 60.01 -37.17
N MET C 350 -17.67 60.95 -37.62
CA MET C 350 -18.75 60.65 -38.56
C MET C 350 -18.53 61.37 -39.87
N TYR C 351 -18.88 60.70 -40.97
CA TYR C 351 -18.66 61.16 -42.33
C TYR C 351 -19.99 61.39 -43.02
N GLU C 352 -20.02 62.34 -43.95
CA GLU C 352 -21.26 62.68 -44.63
C GLU C 352 -21.13 62.87 -46.14
N GLY C 353 -19.96 62.69 -46.73
CA GLY C 353 -19.82 62.76 -48.17
C GLY C 353 -18.72 63.68 -48.66
N ASN C 354 -18.55 64.82 -48.00
CA ASN C 354 -17.43 65.70 -48.29
C ASN C 354 -16.86 66.34 -47.04
N ASN C 355 -17.40 66.05 -45.86
CA ASN C 355 -17.04 66.71 -44.63
C ASN C 355 -17.38 65.77 -43.48
N GLN C 356 -16.77 66.04 -42.32
CA GLN C 356 -16.88 65.15 -41.18
C GLN C 356 -17.13 65.94 -39.91
N PHE C 357 -17.68 65.25 -38.90
CA PHE C 357 -17.92 65.86 -37.61
C PHE C 357 -17.68 64.83 -36.52
N PHE C 358 -17.93 65.23 -35.27
CA PHE C 358 -17.63 64.41 -34.11
C PHE C 358 -18.88 64.15 -33.28
N ILE C 359 -18.86 63.02 -32.58
CA ILE C 359 -19.88 62.67 -31.60
C ILE C 359 -19.17 62.23 -30.34
N ARG C 360 -19.60 62.74 -29.19
CA ARG C 360 -18.84 62.56 -27.96
C ARG C 360 -19.75 62.45 -26.75
N ALA C 361 -19.33 61.63 -25.79
CA ALA C 361 -19.96 61.52 -24.48
C ALA C 361 -18.87 61.61 -23.42
N ASN C 362 -19.27 61.80 -22.17
CA ASN C 362 -18.32 62.12 -21.11
C ASN C 362 -18.56 61.27 -19.88
N PHE C 363 -17.49 61.11 -19.10
CA PHE C 363 -17.55 60.43 -17.81
C PHE C 363 -17.88 61.40 -16.68
N LYS C 364 -17.13 62.50 -16.59
CA LYS C 364 -17.27 63.47 -15.51
C LYS C 364 -17.79 64.79 -16.06
N VAL C 365 -18.72 65.39 -15.33
CA VAL C 365 -19.33 66.65 -15.75
C VAL C 365 -18.36 67.79 -15.48
N SER C 366 -18.21 68.68 -16.46
CA SER C 366 -17.43 69.90 -16.31
C SER C 366 -18.27 71.09 -16.73
N ARG C 367 -17.87 72.27 -16.26
CA ARG C 367 -18.68 73.47 -16.39
C ARG C 367 -18.34 74.33 -17.60
N GLU C 368 -17.40 73.91 -18.44
CA GLU C 368 -17.00 74.75 -19.56
C GLU C 368 -17.02 74.00 -20.89
N PHE C 369 -16.56 74.66 -21.95
CA PHE C 369 -16.63 74.13 -23.30
C PHE C 369 -15.42 73.23 -23.57
N GLY C 370 -15.25 72.83 -24.82
CA GLY C 370 -14.08 72.06 -25.21
C GLY C 370 -13.63 72.43 -26.60
N ALA C 371 -12.35 72.18 -26.87
CA ALA C 371 -11.78 72.46 -28.18
C ALA C 371 -11.09 71.22 -28.71
N THR C 372 -11.47 70.81 -29.92
CA THR C 372 -10.83 69.68 -30.58
C THR C 372 -9.70 70.20 -31.44
N LEU C 373 -8.48 69.80 -31.12
CA LEU C 373 -7.26 70.22 -31.79
C LEU C 373 -6.70 69.06 -32.60
N ARG C 374 -5.65 69.33 -33.36
CA ARG C 374 -5.00 68.31 -34.17
C ARG C 374 -3.55 68.10 -33.79
N LYS C 375 -2.77 69.16 -33.65
CA LYS C 375 -1.37 69.06 -33.28
C LYS C 375 -1.21 69.35 -31.79
N ASN C 376 0.04 69.36 -31.33
CA ASN C 376 0.34 69.57 -29.91
C ASN C 376 0.19 71.05 -29.55
N ALA C 377 -1.08 71.47 -29.53
CA ALA C 377 -1.45 72.84 -29.14
C ALA C 377 -0.72 73.88 -29.99
N GLY C 378 -0.54 73.57 -31.26
CA GLY C 378 0.08 74.50 -32.18
C GLY C 378 -0.84 75.67 -32.47
N PRO C 379 -0.29 76.75 -33.01
CA PRO C 379 -1.14 77.90 -33.36
C PRO C 379 -2.20 77.58 -34.40
N SER C 380 -1.95 76.58 -35.25
CA SER C 380 -2.89 76.18 -36.28
C SER C 380 -3.54 74.84 -36.00
N GLY C 381 -3.51 74.38 -34.75
CA GLY C 381 -4.07 73.08 -34.41
C GLY C 381 -5.56 73.07 -34.21
N ILE C 382 -6.20 74.23 -34.11
CA ILE C 382 -7.65 74.28 -33.87
C ILE C 382 -8.37 73.72 -35.08
N VAL C 383 -9.12 72.64 -34.88
CA VAL C 383 -9.85 72.03 -35.98
C VAL C 383 -11.34 71.99 -35.67
N GLY C 384 -11.71 72.22 -34.41
CA GLY C 384 -13.12 72.33 -34.09
C GLY C 384 -13.32 72.69 -32.64
N SER C 385 -14.59 72.93 -32.29
CA SER C 385 -14.94 73.29 -30.93
C SER C 385 -16.27 72.65 -30.56
N LEU C 386 -16.34 72.07 -29.37
CA LEU C 386 -17.58 71.55 -28.80
C LEU C 386 -18.10 72.56 -27.80
N SER C 387 -19.28 73.12 -28.07
CA SER C 387 -19.87 74.12 -27.21
C SER C 387 -20.47 73.46 -25.96
N GLY C 388 -20.28 74.12 -24.82
CA GLY C 388 -20.78 73.61 -23.57
C GLY C 388 -22.26 73.87 -23.41
N PRO C 389 -22.81 73.43 -22.27
CA PRO C 389 -22.15 72.75 -21.16
C PRO C 389 -21.94 71.27 -21.44
N LEU C 390 -20.89 70.67 -20.88
CA LEU C 390 -20.55 69.27 -21.14
C LEU C 390 -20.95 68.44 -19.92
N ILE C 391 -22.19 67.98 -19.91
CA ILE C 391 -22.67 67.11 -18.85
C ILE C 391 -22.40 65.66 -19.26
N ALA C 392 -22.20 64.81 -18.26
CA ALA C 392 -21.84 63.42 -18.53
C ALA C 392 -23.00 62.66 -19.16
N ASN C 393 -22.65 61.66 -19.97
CA ASN C 393 -23.63 60.77 -20.61
C ASN C 393 -24.63 61.56 -21.46
N THR C 394 -24.09 62.35 -22.38
CA THR C 394 -24.92 63.13 -23.29
C THR C 394 -24.21 63.27 -24.63
N ASN C 395 -24.98 63.20 -25.70
CA ASN C 395 -24.42 63.30 -27.04
C ASN C 395 -24.08 64.74 -27.38
N PHE C 396 -23.06 64.91 -28.24
CA PHE C 396 -22.64 66.24 -28.67
C PHE C 396 -22.08 66.15 -30.07
N LYS C 397 -22.25 67.22 -30.85
CA LYS C 397 -21.73 67.32 -32.21
C LYS C 397 -20.78 68.50 -32.32
N SER C 398 -19.79 68.37 -33.21
CA SER C 398 -18.71 69.37 -33.29
C SER C 398 -18.56 69.89 -34.72
N ASN C 399 -19.42 70.84 -35.08
CA ASN C 399 -19.17 71.91 -36.03
C ASN C 399 -18.26 71.60 -37.22
N TYR C 400 -18.46 70.48 -37.90
CA TYR C 400 -17.98 70.26 -39.27
C TYR C 400 -16.51 70.69 -39.45
N LEU C 401 -15.61 69.93 -38.82
CA LEU C 401 -14.19 70.26 -38.83
C LEU C 401 -13.71 70.59 -40.24
N SER C 402 -12.82 71.57 -40.34
CA SER C 402 -12.38 72.05 -41.64
C SER C 402 -10.87 72.08 -41.81
N ASN C 403 -10.12 72.41 -40.76
CA ASN C 403 -8.68 72.62 -40.88
C ASN C 403 -7.93 71.29 -40.92
N ILE C 404 -8.18 70.53 -41.99
CA ILE C 404 -7.47 69.28 -42.23
C ILE C 404 -7.51 68.99 -43.72
N SER C 405 -6.47 68.35 -44.23
CA SER C 405 -6.38 68.07 -45.65
C SER C 405 -6.74 66.62 -45.94
N ASP C 406 -7.03 66.34 -47.22
CA ASP C 406 -7.37 64.99 -47.61
C ASP C 406 -6.17 64.05 -47.53
N SER C 407 -4.97 64.56 -47.84
CA SER C 407 -3.78 63.71 -47.79
C SER C 407 -3.49 63.25 -46.36
N GLU C 408 -3.56 64.17 -45.40
CA GLU C 408 -3.35 63.80 -44.01
C GLU C 408 -4.52 63.03 -43.42
N TYR C 409 -5.67 63.00 -44.12
CA TYR C 409 -6.82 62.30 -43.58
C TYR C 409 -6.60 60.80 -43.54
N LYS C 410 -5.67 60.30 -44.35
CA LYS C 410 -5.18 58.93 -44.21
C LYS C 410 -4.11 58.93 -43.13
N ASN C 411 -4.23 58.01 -42.19
CA ASN C 411 -3.35 57.87 -41.03
C ASN C 411 -3.00 59.23 -40.41
N GLY C 412 -4.05 59.92 -39.97
CA GLY C 412 -3.88 61.23 -39.37
C GLY C 412 -4.74 61.46 -38.14
N VAL C 413 -4.11 61.91 -37.05
CA VAL C 413 -4.83 62.17 -35.81
C VAL C 413 -5.88 63.25 -36.05
N LYS C 414 -7.01 63.15 -35.36
CA LYS C 414 -8.12 64.07 -35.54
C LYS C 414 -8.61 64.69 -34.25
N ILE C 415 -7.88 64.54 -33.16
CA ILE C 415 -8.38 65.05 -31.88
C ILE C 415 -7.24 65.29 -30.92
N TYR C 416 -7.28 66.44 -30.26
CA TYR C 416 -6.51 66.75 -29.06
C TYR C 416 -7.53 67.44 -28.13
N ALA C 417 -8.20 66.66 -27.31
CA ALA C 417 -9.38 67.15 -26.59
C ALA C 417 -8.99 68.12 -25.49
N TYR C 418 -8.79 69.39 -25.86
CA TYR C 418 -8.48 70.44 -24.89
C TYR C 418 -9.78 70.80 -24.18
N ARG C 419 -10.01 70.18 -23.03
CA ARG C 419 -11.22 70.41 -22.26
C ARG C 419 -10.90 71.35 -21.10
N TYR C 420 -11.75 72.35 -20.91
CA TYR C 420 -11.55 73.38 -19.88
C TYR C 420 -12.20 72.91 -18.58
N THR C 421 -11.38 72.47 -17.63
CA THR C 421 -11.90 72.20 -16.29
C THR C 421 -12.35 73.49 -15.61
N SER C 422 -11.57 74.56 -15.77
CA SER C 422 -11.90 75.87 -15.23
C SER C 422 -12.04 76.85 -16.40
N SER C 423 -12.17 78.14 -16.07
CA SER C 423 -12.31 79.15 -17.11
C SER C 423 -11.01 79.33 -17.89
N THR C 424 -9.86 79.10 -17.26
CA THR C 424 -8.58 79.29 -17.91
C THR C 424 -7.69 78.05 -17.88
N SER C 425 -8.10 76.98 -17.20
CA SER C 425 -7.32 75.76 -17.12
C SER C 425 -7.94 74.70 -18.02
N ALA C 426 -7.10 74.08 -18.85
CA ALA C 426 -7.56 73.05 -19.79
C ALA C 426 -6.54 71.92 -19.81
N THR C 427 -7.01 70.76 -20.26
CA THR C 427 -6.15 69.58 -20.32
C THR C 427 -6.60 68.66 -21.44
N ASN C 428 -5.72 67.75 -21.81
CA ASN C 428 -5.99 66.75 -22.83
C ASN C 428 -6.62 65.52 -22.17
N GLN C 429 -7.90 65.30 -22.45
CA GLN C 429 -8.66 64.26 -21.77
C GLN C 429 -8.72 62.94 -22.54
N GLY C 430 -8.06 62.86 -23.68
CA GLY C 430 -8.06 61.62 -24.45
C GLY C 430 -8.32 61.85 -25.92
N GLY C 431 -7.84 60.94 -26.76
CA GLY C 431 -8.05 61.11 -28.18
C GLY C 431 -7.89 59.82 -28.94
N GLY C 432 -7.81 59.95 -30.26
CA GLY C 432 -7.63 58.79 -31.11
C GLY C 432 -7.12 59.19 -32.48
N ILE C 433 -6.38 58.29 -33.10
CA ILE C 433 -5.91 58.47 -34.47
C ILE C 433 -6.87 57.76 -35.40
N PHE C 434 -7.33 58.47 -36.43
CA PHE C 434 -8.35 57.97 -37.34
C PHE C 434 -7.78 57.80 -38.74
N THR C 435 -8.15 56.68 -39.37
CA THR C 435 -7.79 56.41 -40.76
C THR C 435 -9.06 56.12 -41.55
N PHE C 436 -9.20 56.78 -42.70
CA PHE C 436 -10.43 56.74 -43.47
C PHE C 436 -10.14 56.35 -44.91
N GLU C 437 -10.94 55.42 -45.45
CA GLU C 437 -10.84 55.01 -46.84
C GLU C 437 -12.23 54.99 -47.47
N SER C 438 -12.28 55.21 -48.78
CA SER C 438 -13.55 55.24 -49.49
C SER C 438 -13.36 54.71 -50.90
N TYR C 439 -14.28 53.88 -51.35
CA TYR C 439 -14.19 53.27 -52.67
C TYR C 439 -15.60 53.10 -53.22
N PRO C 440 -15.76 53.03 -54.54
CA PRO C 440 -17.04 52.61 -55.10
C PRO C 440 -17.38 51.20 -54.66
N LEU C 441 -18.68 50.89 -54.71
CA LEU C 441 -19.17 49.68 -54.06
C LEU C 441 -18.54 48.42 -54.62
N THR C 442 -18.42 48.33 -55.95
CA THR C 442 -17.86 47.12 -56.55
C THR C 442 -16.40 46.93 -56.15
N ILE C 443 -15.61 48.00 -56.18
CA ILE C 443 -14.20 47.90 -55.79
C ILE C 443 -14.09 47.51 -54.32
N PHE C 444 -14.93 48.09 -53.48
CA PHE C 444 -14.92 47.74 -52.06
C PHE C 444 -15.24 46.26 -51.88
N ALA C 445 -16.23 45.75 -52.60
CA ALA C 445 -16.58 44.34 -52.50
C ALA C 445 -15.42 43.45 -52.95
N LEU C 446 -14.76 43.81 -54.04
CA LEU C 446 -13.65 43.00 -54.53
C LEU C 446 -12.50 42.98 -53.53
N LYS C 447 -12.16 44.14 -52.97
CA LYS C 447 -11.09 44.19 -51.98
C LYS C 447 -11.45 43.39 -50.73
N LEU C 448 -12.71 43.47 -50.30
CA LEU C 448 -13.14 42.70 -49.15
C LEU C 448 -13.04 41.20 -49.44
N ASN C 449 -13.41 40.79 -50.64
CA ASN C 449 -13.29 39.39 -51.02
C ASN C 449 -11.84 38.93 -50.96
N LYS C 450 -10.93 39.73 -51.52
CA LYS C 450 -9.52 39.37 -51.48
C LYS C 450 -9.03 39.22 -50.05
N ALA C 451 -9.34 40.20 -49.20
CA ALA C 451 -8.86 40.16 -47.82
C ALA C 451 -9.42 38.96 -47.07
N ILE C 452 -10.71 38.68 -47.24
CA ILE C 452 -11.32 37.58 -46.52
C ILE C 452 -10.72 36.25 -46.96
N ARG C 453 -10.54 36.07 -48.28
CA ARG C 453 -9.96 34.81 -48.75
C ARG C 453 -8.54 34.63 -48.23
N LEU C 454 -7.73 35.69 -48.26
CA LEU C 454 -6.35 35.57 -47.78
C LEU C 454 -6.33 35.26 -46.29
N CYS C 455 -7.14 35.95 -45.50
CA CYS C 455 -7.14 35.70 -44.05
C CYS C 455 -7.64 34.30 -43.73
N LEU C 456 -8.65 33.82 -44.45
CA LEU C 456 -9.14 32.47 -44.21
C LEU C 456 -8.08 31.43 -44.55
N THR C 457 -7.37 31.61 -45.66
CA THR C 457 -6.43 30.59 -46.10
C THR C 457 -5.07 30.69 -45.40
N SER C 458 -4.79 31.80 -44.71
CA SER C 458 -3.49 31.96 -44.07
C SER C 458 -3.53 31.88 -42.55
N GLY C 459 -4.68 32.10 -41.93
CA GLY C 459 -4.78 32.10 -40.49
C GLY C 459 -4.44 33.41 -39.83
N LEU C 460 -4.07 34.44 -40.58
CA LEU C 460 -3.74 35.73 -40.01
C LEU C 460 -4.99 36.47 -39.58
N SER C 461 -4.85 37.30 -38.55
CA SER C 461 -5.93 38.18 -38.15
C SER C 461 -6.11 39.29 -39.18
N PRO C 462 -7.33 39.82 -39.33
CA PRO C 462 -7.54 40.88 -40.32
C PRO C 462 -6.68 42.10 -40.11
N ASN C 463 -6.47 42.50 -38.84
CA ASN C 463 -5.64 43.67 -38.58
C ASN C 463 -4.18 43.38 -38.91
N GLU C 464 -3.73 42.14 -38.70
CA GLU C 464 -2.37 41.79 -39.05
C GLU C 464 -2.14 41.92 -40.55
N LEU C 465 -3.09 41.44 -41.36
CA LEU C 465 -2.97 41.65 -42.80
C LEU C 465 -3.05 43.12 -43.15
N GLN C 466 -3.89 43.86 -42.44
CA GLN C 466 -4.03 45.29 -42.71
C GLN C 466 -2.70 46.02 -42.50
N THR C 467 -2.02 45.72 -41.40
CA THR C 467 -0.74 46.37 -41.14
C THR C 467 0.38 45.79 -41.98
N ILE C 468 0.24 44.56 -42.47
CA ILE C 468 1.22 44.03 -43.42
C ILE C 468 1.15 44.79 -44.73
N VAL C 469 -0.07 44.99 -45.25
CA VAL C 469 -0.21 45.68 -46.53
C VAL C 469 -0.05 47.18 -46.39
N ARG C 470 -0.29 47.76 -45.21
CA ARG C 470 -0.14 49.19 -45.06
C ARG C 470 1.33 49.61 -45.05
N SER C 471 2.21 48.74 -44.54
CA SER C 471 3.62 49.06 -44.46
C SER C 471 4.37 48.78 -45.76
N ASP C 472 3.68 48.26 -46.79
CA ASP C 472 4.34 47.96 -48.05
C ASP C 472 4.10 49.02 -49.11
N ASN C 473 2.90 49.60 -49.18
CA ASN C 473 2.61 50.61 -50.19
C ASN C 473 1.47 51.49 -49.68
N ALA C 474 1.36 52.67 -50.29
CA ALA C 474 0.35 53.63 -49.84
C ALA C 474 -1.05 53.19 -50.23
N GLN C 475 -1.22 52.73 -51.48
CA GLN C 475 -2.54 52.37 -51.97
C GLN C 475 -3.14 51.16 -51.27
N GLY C 476 -2.35 50.40 -50.53
CA GLY C 476 -2.87 49.24 -49.83
C GLY C 476 -3.37 48.13 -50.75
N ILE C 477 -2.62 47.84 -51.80
CA ILE C 477 -2.97 46.77 -52.72
C ILE C 477 -2.14 45.53 -52.35
N ILE C 478 -2.53 44.40 -52.92
CA ILE C 478 -1.89 43.12 -52.66
C ILE C 478 -1.11 42.71 -53.90
N ASN C 479 0.15 42.34 -53.71
CA ASN C 479 1.02 41.95 -54.82
C ASN C 479 2.00 40.91 -54.30
N ASP C 480 3.09 40.69 -55.05
CA ASP C 480 4.06 39.66 -54.66
C ASP C 480 4.72 39.98 -53.34
N SER C 481 5.02 41.25 -53.09
CA SER C 481 5.72 41.63 -51.87
C SER C 481 4.91 41.28 -50.63
N VAL C 482 3.60 41.54 -50.67
CA VAL C 482 2.74 41.23 -49.53
C VAL C 482 2.73 39.73 -49.27
N LEU C 483 2.61 38.93 -50.32
CA LEU C 483 2.60 37.48 -50.14
C LEU C 483 3.93 36.97 -49.60
N THR C 484 5.03 37.54 -50.09
CA THR C 484 6.34 37.15 -49.57
C THR C 484 6.46 37.49 -48.09
N LYS C 485 5.98 38.68 -47.70
CA LYS C 485 6.02 39.05 -46.29
C LYS C 485 5.17 38.12 -45.45
N VAL C 486 4.01 37.71 -45.97
CA VAL C 486 3.16 36.78 -45.24
C VAL C 486 3.87 35.45 -45.06
N PHE C 487 4.50 34.95 -46.12
CA PHE C 487 5.24 33.70 -46.01
C PHE C 487 6.35 33.79 -44.98
N TYR C 488 7.09 34.91 -45.00
CA TYR C 488 8.19 35.04 -44.05
C TYR C 488 7.67 35.15 -42.63
N THR C 489 6.52 35.80 -42.45
CA THR C 489 5.89 35.84 -41.13
C THR C 489 5.58 34.44 -40.63
N LEU C 490 4.94 33.63 -41.47
CA LEU C 490 4.60 32.27 -41.07
C LEU C 490 5.85 31.46 -40.79
N PHE C 491 6.87 31.59 -41.64
CA PHE C 491 8.09 30.81 -41.47
C PHE C 491 8.82 31.18 -40.19
N TYR C 492 8.94 32.48 -39.90
CA TYR C 492 9.61 32.90 -38.67
C TYR C 492 8.82 32.46 -37.45
N SER C 493 7.49 32.56 -37.49
CA SER C 493 6.70 32.09 -36.37
C SER C 493 6.91 30.59 -36.13
N HIS C 494 6.97 29.82 -37.21
CA HIS C 494 7.21 28.38 -37.06
C HIS C 494 8.59 28.09 -36.51
N ARG C 495 9.60 28.83 -36.97
CA ARG C 495 10.98 28.48 -36.65
C ARG C 495 11.40 28.97 -35.27
N TYR C 496 11.22 30.27 -35.01
CA TYR C 496 11.70 30.87 -33.77
C TYR C 496 10.70 30.77 -32.62
N ALA C 497 9.56 30.10 -32.83
CA ALA C 497 8.52 29.97 -31.81
C ALA C 497 8.06 31.33 -31.31
N LEU C 498 7.93 32.28 -32.22
CA LEU C 498 7.49 33.63 -31.90
C LEU C 498 6.00 33.77 -32.12
N SER C 499 5.42 34.77 -31.47
CA SER C 499 4.04 35.12 -31.72
C SER C 499 3.92 35.76 -33.10
N PHE C 500 2.68 35.90 -33.57
CA PHE C 500 2.48 36.45 -34.90
C PHE C 500 2.92 37.91 -34.98
N ASP C 501 2.72 38.67 -33.90
CA ASP C 501 3.12 40.07 -33.91
C ASP C 501 4.64 40.22 -33.99
N ASP C 502 5.37 39.43 -33.20
CA ASP C 502 6.82 39.51 -33.24
C ASP C 502 7.37 39.11 -34.59
N ALA C 503 6.84 38.03 -35.18
CA ALA C 503 7.28 37.62 -36.50
C ALA C 503 6.95 38.67 -37.54
N GLN C 504 5.77 39.29 -37.43
CA GLN C 504 5.39 40.36 -38.34
C GLN C 504 6.37 41.51 -38.27
N VAL C 505 6.79 41.88 -37.05
CA VAL C 505 7.79 42.91 -36.88
C VAL C 505 9.11 42.47 -37.52
N LEU C 506 9.48 41.21 -37.33
CA LEU C 506 10.76 40.72 -37.85
C LEU C 506 10.81 40.79 -39.36
N ASN C 507 9.71 40.47 -40.04
CA ASN C 507 9.75 40.43 -41.49
C ASN C 507 9.97 41.81 -42.11
N GLY C 508 9.70 42.89 -41.38
CA GLY C 508 9.95 44.21 -41.90
C GLY C 508 8.81 45.19 -41.67
N SER C 509 7.72 44.73 -41.06
CA SER C 509 6.58 45.57 -40.79
C SER C 509 6.79 46.36 -39.50
N VAL C 510 5.94 47.36 -39.29
CA VAL C 510 6.00 48.19 -38.11
C VAL C 510 5.19 47.54 -36.98
N ILE C 511 5.37 48.04 -35.77
CA ILE C 511 4.67 47.48 -34.62
C ILE C 511 3.18 47.80 -34.72
N ASN C 512 2.35 46.80 -34.46
CA ASN C 512 0.91 46.97 -34.58
C ASN C 512 0.37 47.77 -33.40
N GLN C 513 -0.48 48.76 -33.70
CA GLN C 513 -1.10 49.57 -32.67
C GLN C 513 -2.61 49.40 -32.58
N TYR C 514 -3.23 48.66 -33.50
CA TYR C 514 -4.68 48.52 -33.50
C TYR C 514 -5.15 47.65 -32.35
N ALA C 515 -6.25 48.05 -31.72
CA ALA C 515 -6.84 47.33 -30.60
C ALA C 515 -8.12 46.62 -31.04
N ASP C 516 -8.44 45.53 -30.37
CA ASP C 516 -9.56 44.67 -30.74
C ASP C 516 -10.79 44.90 -29.87
N ASP C 517 -10.81 45.96 -29.06
CA ASP C 517 -11.93 46.31 -28.20
C ASP C 517 -12.11 45.29 -27.07
N ASP C 518 -11.30 44.25 -27.05
CA ASP C 518 -11.28 43.31 -25.94
C ASP C 518 -9.88 42.82 -25.61
N SER C 519 -8.84 43.36 -26.26
CA SER C 519 -7.47 42.94 -26.01
C SER C 519 -6.57 44.17 -25.89
N VAL C 520 -5.27 43.95 -25.83
CA VAL C 520 -4.30 45.02 -25.70
C VAL C 520 -3.41 45.02 -26.93
N SER C 521 -3.18 46.20 -27.50
CA SER C 521 -2.35 46.31 -28.68
C SER C 521 -0.91 45.93 -28.36
N HIS C 522 -0.17 45.54 -29.39
CA HIS C 522 1.21 45.12 -29.20
C HIS C 522 2.05 46.26 -28.65
N PHE C 523 1.84 47.48 -29.15
CA PHE C 523 2.60 48.62 -28.66
C PHE C 523 2.37 48.84 -27.17
N ASN C 524 1.11 48.79 -26.74
CA ASN C 524 0.80 48.97 -25.33
C ASN C 524 1.36 47.83 -24.49
N ARG C 525 1.32 46.61 -25.02
CA ARG C 525 1.89 45.48 -24.30
C ARG C 525 3.39 45.67 -24.10
N LEU C 526 4.06 46.23 -25.11
CA LEU C 526 5.51 46.44 -24.98
C LEU C 526 5.82 47.57 -24.02
N PHE C 527 5.13 48.71 -24.14
CA PHE C 527 5.59 49.93 -23.49
C PHE C 527 4.69 50.46 -22.38
N ASN C 528 3.47 49.97 -22.23
CA ASN C 528 2.54 50.53 -21.25
C ASN C 528 1.86 49.45 -20.43
N THR C 529 2.62 48.44 -20.02
CA THR C 529 2.08 47.37 -19.18
C THR C 529 3.11 46.97 -18.14
N PRO C 530 3.14 47.64 -16.99
CA PRO C 530 2.33 48.81 -16.63
C PRO C 530 3.06 50.11 -16.94
N PRO C 531 2.35 51.22 -17.09
CA PRO C 531 3.03 52.49 -17.35
C PRO C 531 3.89 52.90 -16.16
N LEU C 532 4.98 53.62 -16.47
CA LEU C 532 5.87 54.09 -15.42
C LEU C 532 5.14 55.03 -14.49
N LYS C 533 4.76 56.21 -15.00
CA LYS C 533 3.78 57.08 -14.34
C LYS C 533 2.78 57.68 -15.32
N GLY C 534 3.13 57.85 -16.59
CA GLY C 534 2.22 58.31 -17.61
C GLY C 534 2.25 57.36 -18.78
N LYS C 535 1.67 57.77 -19.92
CA LYS C 535 1.57 56.91 -21.09
C LYS C 535 2.50 57.43 -22.17
N ILE C 536 3.49 56.62 -22.55
CA ILE C 536 4.30 56.93 -23.72
C ILE C 536 3.49 56.57 -24.95
N PHE C 537 3.33 57.53 -25.85
CA PHE C 537 2.58 57.32 -27.07
C PHE C 537 3.39 57.80 -28.27
N GLU C 538 3.12 57.18 -29.42
CA GLU C 538 3.90 57.46 -30.62
C GLU C 538 3.77 58.91 -31.06
N ALA C 539 2.56 59.46 -31.00
CA ALA C 539 2.27 60.72 -31.68
C ALA C 539 2.98 61.89 -31.02
N ASP C 540 4.31 61.87 -31.07
CA ASP C 540 5.11 62.98 -30.58
C ASP C 540 5.89 63.64 -31.72
N GLY C 541 6.66 62.86 -32.47
CA GLY C 541 7.52 63.43 -33.49
C GLY C 541 8.62 64.32 -32.96
N ASN C 542 8.67 64.55 -31.65
CA ASN C 542 9.69 65.41 -31.07
C ASN C 542 11.03 64.68 -31.02
N THR C 543 12.09 65.45 -31.23
CA THR C 543 13.43 64.89 -31.15
C THR C 543 13.84 64.73 -29.69
N VAL C 544 14.27 63.51 -29.33
CA VAL C 544 14.75 63.22 -28.00
C VAL C 544 16.19 62.74 -28.10
N SER C 545 17.01 63.17 -27.16
CA SER C 545 18.42 62.81 -27.15
C SER C 545 18.61 61.47 -26.44
N ILE C 546 19.39 60.58 -27.05
CA ILE C 546 19.71 59.30 -26.45
C ILE C 546 21.18 59.22 -26.06
N ASP C 547 21.83 60.36 -25.89
CA ASP C 547 23.22 60.37 -25.49
C ASP C 547 23.36 59.85 -24.06
N PRO C 548 24.17 58.82 -23.82
CA PRO C 548 24.31 58.31 -22.45
C PRO C 548 24.86 59.34 -21.48
N ASP C 549 25.74 60.24 -21.94
CA ASP C 549 26.36 61.24 -21.09
C ASP C 549 25.53 62.49 -20.94
N GLU C 550 24.22 62.40 -21.13
CA GLU C 550 23.35 63.56 -21.03
C GLU C 550 22.75 63.66 -19.64
N GLU C 551 22.87 64.84 -19.04
CA GLU C 551 22.23 65.09 -17.76
C GLU C 551 20.72 65.24 -17.96
N GLN C 552 19.96 65.00 -16.89
CA GLN C 552 18.50 65.13 -16.85
C GLN C 552 17.84 64.46 -18.06
N SER C 553 17.98 63.15 -18.11
CA SER C 553 17.45 62.36 -19.21
C SER C 553 15.93 62.48 -19.28
N THR C 554 15.42 62.49 -20.51
CA THR C 554 14.00 62.65 -20.77
C THR C 554 13.25 61.37 -20.41
N PHE C 555 12.01 61.53 -19.96
CA PHE C 555 11.18 60.39 -19.61
C PHE C 555 10.98 59.44 -20.79
N ALA C 556 10.93 59.98 -22.01
CA ALA C 556 10.72 59.13 -23.18
C ALA C 556 11.86 58.13 -23.34
N ARG C 557 13.10 58.56 -23.12
CA ARG C 557 14.23 57.66 -23.22
C ARG C 557 14.14 56.55 -22.18
N SER C 558 13.73 56.87 -20.96
CA SER C 558 13.59 55.86 -19.93
C SER C 558 12.51 54.85 -20.28
N ALA C 559 11.38 55.33 -20.78
CA ALA C 559 10.31 54.41 -21.17
C ALA C 559 10.76 53.51 -22.31
N LEU C 560 11.47 54.07 -23.29
CA LEU C 560 11.98 53.26 -24.40
C LEU C 560 12.96 52.20 -23.90
N MET C 561 13.85 52.59 -22.97
CA MET C 561 14.81 51.64 -22.43
C MET C 561 14.11 50.50 -21.72
N ARG C 562 13.10 50.81 -20.91
CA ARG C 562 12.39 49.75 -20.21
C ARG C 562 11.62 48.87 -21.17
N GLY C 563 11.09 49.45 -22.24
CA GLY C 563 10.37 48.66 -23.22
C GLY C 563 11.28 47.68 -23.96
N LEU C 564 12.46 48.16 -24.37
CA LEU C 564 13.39 47.30 -25.11
C LEU C 564 14.22 46.40 -24.21
N GLY C 565 14.22 46.65 -22.90
CA GLY C 565 15.03 45.86 -21.99
C GLY C 565 16.53 46.03 -22.16
N VAL C 566 16.99 47.26 -22.39
CA VAL C 566 18.40 47.57 -22.50
C VAL C 566 18.70 48.82 -21.70
N ASN C 567 19.97 49.01 -21.39
CA ASN C 567 20.42 50.20 -20.67
C ASN C 567 20.75 51.30 -21.68
N SER C 568 21.30 52.41 -21.20
CA SER C 568 21.57 53.55 -22.08
C SER C 568 22.62 53.21 -23.13
N GLY C 569 23.67 52.49 -22.75
CA GLY C 569 24.75 52.21 -23.69
C GLY C 569 24.31 51.29 -24.81
N GLU C 570 23.55 50.26 -24.49
CA GLU C 570 23.02 49.39 -25.53
C GLU C 570 22.07 50.16 -26.44
N LEU C 571 21.29 51.07 -25.87
CA LEU C 571 20.42 51.91 -26.69
C LEU C 571 21.22 52.76 -27.65
N TYR C 572 22.32 53.35 -27.17
CA TYR C 572 23.17 54.14 -28.04
C TYR C 572 23.81 53.29 -29.13
N GLN C 573 24.23 52.08 -28.79
CA GLN C 573 24.79 51.18 -29.80
C GLN C 573 23.75 50.83 -30.85
N LEU C 574 22.52 50.55 -30.42
CA LEU C 574 21.45 50.25 -31.38
C LEU C 574 21.16 51.45 -32.27
N GLY C 575 21.17 52.65 -31.69
CA GLY C 575 20.94 53.84 -32.50
C GLY C 575 22.03 54.05 -33.54
N LYS C 576 23.29 53.84 -33.15
CA LYS C 576 24.37 53.95 -34.11
C LYS C 576 24.28 52.87 -35.19
N LEU C 577 23.90 51.65 -34.80
CA LEU C 577 23.84 50.55 -35.76
C LEU C 577 22.71 50.74 -36.75
N ALA C 578 21.54 51.18 -36.28
CA ALA C 578 20.39 51.33 -37.16
C ALA C 578 20.50 52.55 -38.07
N GLY C 579 21.33 53.52 -37.70
CA GLY C 579 21.47 54.71 -38.51
C GLY C 579 20.40 55.75 -38.31
N VAL C 580 19.43 55.52 -37.42
CA VAL C 580 18.42 56.53 -37.13
C VAL C 580 18.98 57.70 -36.35
N LEU C 581 20.21 57.60 -35.87
CA LEU C 581 20.82 58.68 -35.11
C LEU C 581 21.07 59.89 -36.00
N ASP C 582 20.91 61.06 -35.41
CA ASP C 582 21.16 62.33 -36.08
C ASP C 582 22.34 63.02 -35.39
N ALA C 583 22.64 64.24 -35.85
CA ALA C 583 23.66 65.03 -35.19
C ALA C 583 23.19 65.39 -33.78
N GLN C 584 24.17 65.57 -32.88
CA GLN C 584 23.93 65.81 -31.46
C GLN C 584 23.19 64.64 -30.80
N ASN C 585 23.19 63.48 -31.45
CA ASN C 585 22.63 62.24 -30.89
C ASN C 585 21.17 62.43 -30.47
N THR C 586 20.34 62.76 -31.45
CA THR C 586 18.91 62.90 -31.24
C THR C 586 18.15 62.09 -32.28
N ILE C 587 17.03 61.53 -31.85
CA ILE C 587 16.20 60.71 -32.73
C ILE C 587 14.77 61.23 -32.70
N THR C 588 14.05 60.97 -33.78
CA THR C 588 12.64 61.37 -33.89
C THR C 588 11.77 60.20 -33.44
N LEU C 589 10.90 60.46 -32.48
CA LEU C 589 10.04 59.41 -31.93
C LEU C 589 8.92 59.11 -32.92
N SER C 590 9.17 58.21 -33.86
CA SER C 590 8.18 57.76 -34.81
C SER C 590 8.08 56.25 -34.74
N VAL C 591 6.97 55.72 -35.25
CA VAL C 591 6.77 54.27 -35.23
C VAL C 591 7.86 53.57 -36.04
N PHE C 592 8.33 54.21 -37.12
CA PHE C 592 9.38 53.61 -37.93
C PHE C 592 10.66 53.42 -37.12
N VAL C 593 11.06 54.44 -36.37
CA VAL C 593 12.32 54.38 -35.63
C VAL C 593 12.22 53.35 -34.51
N ILE C 594 11.13 53.40 -33.74
CA ILE C 594 10.96 52.45 -32.63
C ILE C 594 10.88 51.03 -33.17
N SER C 595 10.22 50.86 -34.31
CA SER C 595 10.14 49.54 -34.93
C SER C 595 11.52 49.06 -35.35
N SER C 596 12.35 49.94 -35.89
CA SER C 596 13.71 49.55 -36.25
C SER C 596 14.49 49.09 -35.03
N LEU C 597 14.42 49.85 -33.94
CA LEU C 597 15.15 49.49 -32.74
C LEU C 597 14.65 48.16 -32.18
N TYR C 598 13.33 47.97 -32.13
CA TYR C 598 12.79 46.72 -31.62
C TYR C 598 13.13 45.56 -32.53
N ARG C 599 13.23 45.80 -33.84
CA ARG C 599 13.65 44.74 -34.75
C ARG C 599 15.07 44.32 -34.45
N LEU C 600 15.95 45.28 -34.21
CA LEU C 600 17.33 44.93 -33.84
C LEU C 600 17.36 44.12 -32.55
N THR C 601 16.56 44.54 -31.55
CA THR C 601 16.52 43.80 -30.30
C THR C 601 16.02 42.37 -30.51
N LEU C 602 14.96 42.21 -31.31
CA LEU C 602 14.43 40.87 -31.58
C LEU C 602 15.47 40.02 -32.30
N LEU C 603 16.17 40.60 -33.27
CA LEU C 603 17.19 39.87 -34.00
C LEU C 603 18.28 39.38 -33.06
N ALA C 604 18.69 40.22 -32.13
CA ALA C 604 19.67 39.79 -31.13
C ALA C 604 19.10 38.70 -30.23
N ARG C 605 17.83 38.81 -29.86
CA ARG C 605 17.27 37.93 -28.84
C ARG C 605 17.03 36.53 -29.36
N VAL C 606 16.49 36.40 -30.58
CA VAL C 606 16.08 35.09 -31.07
C VAL C 606 17.27 34.16 -31.28
N HIS C 607 18.47 34.70 -31.46
CA HIS C 607 19.67 33.90 -31.68
C HIS C 607 20.51 33.74 -30.42
N GLN C 608 19.98 34.12 -29.25
CA GLN C 608 20.71 34.05 -27.99
C GLN C 608 22.00 34.85 -28.05
N LEU C 609 21.88 36.09 -28.50
CA LEU C 609 23.02 37.01 -28.59
C LEU C 609 22.72 38.28 -27.82
N THR C 610 23.71 38.75 -27.08
CA THR C 610 23.62 40.07 -26.48
C THR C 610 23.83 41.14 -27.55
N VAL C 611 23.56 42.38 -27.18
CA VAL C 611 23.65 43.48 -28.15
C VAL C 611 25.09 43.64 -28.64
N ASN C 612 26.06 43.56 -27.73
CA ASN C 612 27.45 43.68 -28.14
C ASN C 612 27.85 42.56 -29.09
N GLU C 613 27.41 41.33 -28.80
CA GLU C 613 27.72 40.23 -29.70
C GLU C 613 27.08 40.44 -31.07
N LEU C 614 25.86 40.98 -31.09
CA LEU C 614 25.22 41.26 -32.36
C LEU C 614 25.99 42.32 -33.15
N CYS C 615 26.47 43.35 -32.45
CA CYS C 615 27.27 44.36 -33.14
C CYS C 615 28.54 43.76 -33.72
N MET C 616 29.21 42.89 -32.97
CA MET C 616 30.42 42.26 -33.49
C MET C 616 30.12 41.39 -34.70
N LEU C 617 29.08 40.57 -34.62
CA LEU C 617 28.74 39.70 -35.74
C LEU C 617 28.35 40.51 -36.96
N TYR C 618 27.58 41.58 -36.77
CA TYR C 618 27.23 42.44 -37.89
C TYR C 618 28.47 43.07 -38.51
N GLY C 619 29.43 43.47 -37.67
CA GLY C 619 30.68 43.98 -38.20
C GLY C 619 31.42 42.95 -39.03
N LEU C 620 31.38 41.69 -38.62
CA LEU C 620 31.99 40.64 -39.42
C LEU C 620 31.15 40.24 -40.62
N SER C 621 29.87 40.62 -40.65
CA SER C 621 28.98 40.18 -41.70
C SER C 621 29.27 40.91 -43.01
N PRO C 622 28.83 40.37 -44.15
CA PRO C 622 28.98 41.09 -45.42
C PRO C 622 28.11 42.33 -45.53
N PHE C 623 27.22 42.56 -44.57
CA PHE C 623 26.36 43.75 -44.58
C PHE C 623 26.96 44.91 -43.82
N ASN C 624 28.20 44.79 -43.32
CA ASN C 624 28.80 45.87 -42.56
C ASN C 624 28.99 47.10 -43.46
N GLY C 625 28.92 48.27 -42.83
CA GLY C 625 28.93 49.51 -43.57
C GLY C 625 27.58 49.96 -44.07
N LYS C 626 26.53 49.19 -43.82
CA LYS C 626 25.17 49.54 -44.22
C LYS C 626 24.29 49.55 -42.98
N THR C 627 23.63 50.68 -42.73
CA THR C 627 22.70 50.77 -41.62
C THR C 627 21.48 49.91 -41.89
N THR C 628 21.00 49.23 -40.84
CA THR C 628 19.91 48.28 -41.02
C THR C 628 18.62 48.98 -41.43
N ALA C 629 18.42 50.23 -41.02
CA ALA C 629 17.22 50.95 -41.42
C ALA C 629 17.19 51.18 -42.93
N SER C 630 18.34 51.45 -43.52
CA SER C 630 18.45 51.65 -44.97
C SER C 630 18.72 50.34 -45.69
N LEU C 631 17.87 49.35 -45.45
CA LEU C 631 18.00 48.04 -46.07
C LEU C 631 16.77 47.76 -46.93
N SER C 632 17.02 47.26 -48.14
CA SER C 632 15.93 46.95 -49.04
C SER C 632 15.11 45.78 -48.51
N SER C 633 13.90 45.63 -49.05
CA SER C 633 13.02 44.56 -48.60
C SER C 633 13.61 43.18 -48.88
N GLY C 634 14.42 43.07 -49.92
CA GLY C 634 15.04 41.81 -50.27
C GLY C 634 16.34 41.52 -49.57
N GLU C 635 16.78 42.38 -48.66
CA GLU C 635 18.05 42.20 -47.96
C GLU C 635 17.86 41.76 -46.51
N LEU C 636 16.79 42.21 -45.86
CA LEU C 636 16.56 41.82 -44.47
C LEU C 636 16.41 40.31 -44.29
N PRO C 637 15.62 39.59 -45.09
CA PRO C 637 15.60 38.13 -44.94
C PRO C 637 16.96 37.49 -45.18
N ARG C 638 17.75 38.03 -46.11
CA ARG C 638 19.09 37.50 -46.33
C ARG C 638 19.96 37.68 -45.10
N LEU C 639 19.88 38.84 -44.47
CA LEU C 639 20.65 39.06 -43.24
C LEU C 639 20.19 38.11 -42.14
N VAL C 640 18.87 37.91 -42.02
CA VAL C 640 18.37 37.01 -40.98
C VAL C 640 18.85 35.58 -41.22
N ILE C 641 18.82 35.12 -42.48
CA ILE C 641 19.26 33.77 -42.76
C ILE C 641 20.76 33.63 -42.53
N TRP C 642 21.52 34.67 -42.84
CA TRP C 642 22.96 34.63 -42.59
C TRP C 642 23.24 34.52 -41.11
N LEU C 643 22.55 35.32 -40.29
CA LEU C 643 22.75 35.26 -38.85
C LEU C 643 22.39 33.88 -38.31
N TYR C 644 21.26 33.33 -38.76
CA TYR C 644 20.83 32.03 -38.27
C TYR C 644 21.86 30.96 -38.62
N GLN C 645 22.34 30.96 -39.87
CA GLN C 645 23.29 29.96 -40.29
C GLN C 645 24.60 30.08 -39.53
N VAL C 646 25.11 31.30 -39.35
CA VAL C 646 26.37 31.48 -38.64
C VAL C 646 26.25 31.05 -37.19
N THR C 647 25.16 31.44 -36.52
CA THR C 647 24.98 31.06 -35.13
C THR C 647 24.85 29.54 -34.98
N GLN C 648 24.13 28.90 -35.91
CA GLN C 648 24.02 27.44 -35.85
C GLN C 648 25.39 26.79 -36.02
N TRP C 649 26.18 27.28 -36.97
CA TRP C 649 27.51 26.72 -37.16
C TRP C 649 28.38 26.90 -35.92
N LEU C 650 28.33 28.09 -35.32
CA LEU C 650 29.14 28.34 -34.13
C LEU C 650 28.73 27.43 -32.98
N THR C 651 27.42 27.25 -32.78
CA THR C 651 26.96 26.35 -31.73
C THR C 651 27.39 24.91 -32.00
N GLU C 652 27.31 24.48 -33.26
CA GLU C 652 27.68 23.10 -33.58
C GLU C 652 29.18 22.87 -33.40
N ALA C 653 30.00 23.83 -33.81
CA ALA C 653 31.45 23.67 -33.76
C ALA C 653 32.05 24.01 -32.41
N GLU C 654 31.23 24.42 -31.44
CA GLU C 654 31.69 24.75 -30.09
C GLU C 654 32.72 25.87 -30.11
N ILE C 655 32.39 26.95 -30.81
CA ILE C 655 33.21 28.15 -30.86
C ILE C 655 32.39 29.31 -30.33
N THR C 656 32.90 30.00 -29.32
CA THR C 656 32.20 31.15 -28.77
C THR C 656 32.30 32.33 -29.74
N THR C 657 31.39 33.28 -29.58
CA THR C 657 31.38 34.46 -30.44
C THR C 657 32.63 35.30 -30.25
N GLU C 658 33.15 35.36 -29.02
CA GLU C 658 34.38 36.11 -28.78
C GLU C 658 35.55 35.49 -29.54
N ALA C 659 35.62 34.16 -29.58
CA ALA C 659 36.70 33.50 -30.30
C ALA C 659 36.65 33.82 -31.79
N ILE C 660 35.46 33.77 -32.38
CA ILE C 660 35.36 34.07 -33.81
C ILE C 660 35.66 35.54 -34.06
N TRP C 661 35.27 36.42 -33.13
CA TRP C 661 35.63 37.82 -33.28
C TRP C 661 37.13 38.01 -33.29
N LEU C 662 37.83 37.37 -32.35
CA LEU C 662 39.28 37.45 -32.33
C LEU C 662 39.89 36.86 -33.59
N LEU C 663 39.25 35.83 -34.14
CA LEU C 663 39.78 35.18 -35.34
C LEU C 663 39.67 36.09 -36.55
N CYS C 664 38.56 36.80 -36.69
CA CYS C 664 38.25 37.48 -37.95
C CYS C 664 38.19 39.00 -37.84
N THR C 665 38.55 39.58 -36.69
CA THR C 665 38.49 41.03 -36.57
C THR C 665 39.62 41.68 -37.37
N PRO C 666 39.38 42.88 -37.91
CA PRO C 666 40.47 43.65 -38.54
C PRO C 666 41.20 44.59 -37.59
N GLU C 667 40.66 44.83 -36.40
CA GLU C 667 41.30 45.73 -35.46
C GLU C 667 42.50 45.06 -34.79
N PHE C 668 43.51 45.87 -34.48
CA PHE C 668 44.69 45.39 -33.78
C PHE C 668 45.12 46.43 -32.76
N SER C 669 45.91 45.97 -31.78
CA SER C 669 46.35 46.85 -30.70
C SER C 669 47.22 47.99 -31.23
N GLY C 670 48.11 47.68 -32.17
CA GLY C 670 49.03 48.67 -32.69
C GLY C 670 50.30 48.83 -31.88
N ASN C 671 50.44 48.09 -30.78
CA ASN C 671 51.62 48.15 -29.93
C ASN C 671 52.36 46.82 -30.02
N ILE C 672 53.69 46.90 -30.16
CA ILE C 672 54.48 45.69 -30.33
C ILE C 672 54.40 44.83 -29.08
N SER C 673 54.28 43.53 -29.29
CA SER C 673 54.05 42.59 -28.21
C SER C 673 55.33 41.88 -27.81
N PRO C 674 55.40 41.33 -26.59
CA PRO C 674 56.60 40.58 -26.20
C PRO C 674 56.89 39.39 -27.10
N GLU C 675 55.87 38.73 -27.64
CA GLU C 675 56.12 37.62 -28.56
C GLU C 675 56.83 38.10 -29.82
N ILE C 676 56.40 39.23 -30.37
CA ILE C 676 57.04 39.77 -31.55
C ILE C 676 58.46 40.20 -31.23
N SER C 677 58.68 40.78 -30.04
CA SER C 677 60.03 41.17 -29.65
C SER C 677 60.95 39.96 -29.55
N ASN C 678 60.46 38.88 -28.95
CA ASN C 678 61.25 37.65 -28.87
C ASN C 678 61.54 37.10 -30.25
N LEU C 679 60.54 37.13 -31.14
CA LEU C 679 60.73 36.63 -32.49
C LEU C 679 61.82 37.42 -33.22
N LEU C 680 61.77 38.75 -33.11
CA LEU C 680 62.78 39.57 -33.75
C LEU C 680 64.16 39.32 -33.16
N ASN C 681 64.25 39.21 -31.84
CA ASN C 681 65.54 39.00 -31.20
C ASN C 681 66.15 37.66 -31.61
N ASN C 682 65.33 36.61 -31.68
CA ASN C 682 65.83 35.32 -32.11
C ASN C 682 66.10 35.24 -33.59
N LEU C 683 65.43 36.07 -34.40
CA LEU C 683 65.56 36.00 -35.84
C LEU C 683 66.71 36.82 -36.39
N ARG C 684 67.07 37.91 -35.73
CA ARG C 684 68.11 38.79 -36.25
C ARG C 684 69.45 38.07 -36.47
N PRO C 685 69.99 37.30 -35.52
CA PRO C 685 71.29 36.66 -35.77
C PRO C 685 71.29 35.68 -36.93
N SER C 686 70.19 34.95 -37.15
CA SER C 686 70.13 33.88 -38.14
C SER C 686 69.65 34.37 -39.49
N ILE C 687 69.79 35.66 -39.78
CA ILE C 687 69.35 36.24 -41.04
C ILE C 687 70.44 37.18 -41.54
N SER C 688 70.38 37.48 -42.83
CA SER C 688 71.33 38.42 -43.42
C SER C 688 70.64 39.16 -44.55
N GLU C 689 71.21 40.30 -44.91
CA GLU C 689 70.62 41.14 -45.95
C GLU C 689 70.60 40.44 -47.30
N ASP C 690 71.52 39.49 -47.52
CA ASP C 690 71.62 38.85 -48.83
C ASP C 690 70.35 38.11 -49.19
N MET C 691 69.82 37.29 -48.26
CA MET C 691 68.59 36.58 -48.55
C MET C 691 67.38 37.49 -48.53
N ALA C 692 67.47 38.66 -47.91
CA ALA C 692 66.36 39.61 -47.95
C ALA C 692 66.18 40.20 -49.33
N GLN C 693 67.27 40.33 -50.09
CA GLN C 693 67.21 40.92 -51.41
C GLN C 693 66.94 39.91 -52.52
N SER C 694 66.97 38.62 -52.22
CA SER C 694 66.69 37.61 -53.23
C SER C 694 65.20 37.62 -53.58
N HIS C 695 64.91 37.24 -54.82
CA HIS C 695 63.54 37.21 -55.31
C HIS C 695 62.87 35.87 -55.14
N ASN C 696 63.55 34.88 -54.57
CA ASN C 696 63.00 33.55 -54.38
C ASN C 696 62.22 33.54 -53.07
N ARG C 697 60.92 33.79 -53.14
CA ARG C 697 60.11 33.85 -51.93
C ARG C 697 59.97 32.48 -51.28
N GLU C 698 60.07 31.41 -52.06
CA GLU C 698 60.03 30.07 -51.48
C GLU C 698 61.21 29.83 -50.55
N LEU C 699 62.40 30.24 -50.96
CA LEU C 699 63.57 30.08 -50.10
C LEU C 699 63.43 30.89 -48.83
N GLN C 700 62.90 32.11 -48.93
CA GLN C 700 62.72 32.94 -47.74
C GLN C 700 61.70 32.32 -46.80
N ALA C 701 60.63 31.75 -47.35
CA ALA C 701 59.66 31.06 -46.50
C ALA C 701 60.28 29.87 -45.81
N GLU C 702 61.10 29.09 -46.53
CA GLU C 702 61.78 27.97 -45.91
C GLU C 702 62.71 28.43 -44.80
N ILE C 703 63.40 29.56 -45.01
CA ILE C 703 64.31 30.08 -43.99
C ILE C 703 63.53 30.49 -42.74
N LEU C 704 62.42 31.21 -42.93
CA LEU C 704 61.70 31.79 -41.80
C LEU C 704 60.72 30.84 -41.14
N ALA C 705 60.48 29.67 -41.74
CA ALA C 705 59.44 28.78 -41.19
C ALA C 705 59.66 28.37 -39.74
N PRO C 706 60.84 27.88 -39.33
CA PRO C 706 60.96 27.38 -37.95
C PRO C 706 60.69 28.44 -36.89
N PHE C 707 61.12 29.67 -37.10
CA PHE C 707 60.91 30.71 -36.09
C PHE C 707 59.44 31.07 -35.98
N ILE C 708 58.74 31.14 -37.11
CA ILE C 708 57.31 31.40 -37.08
C ILE C 708 56.59 30.26 -36.37
N ALA C 709 56.98 29.02 -36.67
CA ALA C 709 56.37 27.88 -36.00
C ALA C 709 56.58 27.94 -34.51
N ALA C 710 57.78 28.31 -34.07
CA ALA C 710 58.06 28.42 -32.64
C ALA C 710 57.22 29.51 -32.01
N THR C 711 57.10 30.67 -32.66
CA THR C 711 56.39 31.77 -32.05
C THR C 711 54.88 31.63 -32.13
N LEU C 712 54.37 30.73 -32.95
CA LEU C 712 52.92 30.53 -33.07
C LEU C 712 52.46 29.18 -32.53
N HIS C 713 53.36 28.43 -31.88
CA HIS C 713 53.03 27.12 -31.32
C HIS C 713 52.49 26.17 -32.38
N LEU C 714 53.05 26.26 -33.58
CA LEU C 714 52.62 25.40 -34.67
C LEU C 714 53.28 24.04 -34.56
N ALA C 715 52.64 23.03 -35.17
CA ALA C 715 53.10 21.65 -35.01
C ALA C 715 54.43 21.42 -35.70
N SER C 716 54.55 21.82 -36.97
CA SER C 716 55.72 21.53 -37.77
C SER C 716 56.09 22.72 -38.63
N PRO C 717 57.35 22.83 -39.02
CA PRO C 717 57.76 23.98 -39.85
C PRO C 717 57.04 24.08 -41.19
N ASP C 718 56.56 22.97 -41.73
CA ASP C 718 55.87 23.03 -43.02
C ASP C 718 54.59 23.84 -42.92
N MET C 719 53.81 23.64 -41.86
CA MET C 719 52.60 24.43 -41.66
C MET C 719 52.95 25.91 -41.53
N ALA C 720 54.05 26.21 -40.84
CA ALA C 720 54.48 27.60 -40.73
C ALA C 720 54.82 28.18 -42.09
N ARG C 721 55.50 27.39 -42.94
CA ARG C 721 55.85 27.86 -44.26
C ARG C 721 54.61 28.16 -45.09
N TYR C 722 53.61 27.28 -45.02
CA TYR C 722 52.41 27.51 -45.82
C TYR C 722 51.60 28.67 -45.29
N ILE C 723 51.58 28.87 -43.96
CA ILE C 723 50.95 30.05 -43.39
C ILE C 723 51.65 31.30 -43.87
N LEU C 724 52.98 31.28 -43.93
CA LEU C 724 53.74 32.42 -44.42
C LEU C 724 53.40 32.72 -45.88
N LEU C 725 53.30 31.67 -46.70
CA LEU C 725 52.95 31.89 -48.10
C LEU C 725 51.56 32.48 -48.23
N TRP C 726 50.61 32.00 -47.43
CA TRP C 726 49.25 32.56 -47.46
C TRP C 726 49.27 34.02 -47.07
N THR C 727 50.01 34.38 -46.02
CA THR C 727 50.07 35.77 -45.60
C THR C 727 50.71 36.64 -46.66
N ASP C 728 51.76 36.13 -47.31
CA ASP C 728 52.39 36.88 -48.38
C ASP C 728 51.42 37.12 -49.53
N ASN C 729 50.59 36.12 -49.85
CA ASN C 729 49.56 36.33 -50.86
C ASN C 729 48.56 37.38 -50.41
N LEU C 730 48.24 37.40 -49.11
CA LEU C 730 47.26 38.37 -48.61
C LEU C 730 47.79 39.79 -48.68
N ARG C 731 49.09 39.99 -48.39
CA ARG C 731 49.69 41.32 -48.30
C ARG C 731 48.91 42.19 -47.33
N PRO C 732 49.01 41.94 -46.03
CA PRO C 732 48.14 42.64 -45.06
C PRO C 732 48.29 44.15 -45.09
N GLY C 733 49.51 44.64 -44.87
CA GLY C 733 49.73 46.07 -44.87
C GLY C 733 50.61 46.52 -46.01
N GLY C 734 50.44 45.89 -47.17
CA GLY C 734 51.35 46.14 -48.27
C GLY C 734 52.72 45.54 -48.09
N LEU C 735 52.90 44.64 -47.14
CA LEU C 735 54.18 44.03 -46.85
C LEU C 735 54.20 42.61 -47.38
N ASP C 736 55.18 42.31 -48.22
CA ASP C 736 55.41 40.94 -48.69
C ASP C 736 56.40 40.27 -47.73
N ILE C 737 56.90 39.09 -48.11
CA ILE C 737 57.91 38.43 -47.31
C ILE C 737 59.19 39.26 -47.27
N ALA C 738 59.60 39.78 -48.43
CA ALA C 738 60.83 40.57 -48.48
C ALA C 738 60.71 41.84 -47.65
N GLY C 739 59.54 42.47 -47.65
CA GLY C 739 59.35 43.65 -46.83
C GLY C 739 59.48 43.35 -45.35
N PHE C 740 58.88 42.25 -44.90
CA PHE C 740 59.03 41.83 -43.51
C PHE C 740 60.49 41.54 -43.18
N MET C 741 61.19 40.86 -44.08
CA MET C 741 62.59 40.55 -43.85
C MET C 741 63.42 41.82 -43.71
N THR C 742 63.18 42.81 -44.57
CA THR C 742 63.92 44.06 -44.47
C THR C 742 63.56 44.81 -43.20
N LEU C 743 62.28 44.79 -42.82
CA LEU C 743 61.88 45.50 -41.61
C LEU C 743 62.52 44.90 -40.37
N VAL C 744 62.67 43.57 -40.34
CA VAL C 744 63.36 42.94 -39.22
C VAL C 744 64.79 43.44 -39.13
N LEU C 745 65.46 43.56 -40.28
CA LEU C 745 66.86 43.99 -40.33
C LEU C 745 66.95 45.51 -40.27
N LYS C 746 66.58 46.05 -39.10
CA LYS C 746 66.68 47.48 -38.86
C LYS C 746 66.99 47.69 -37.38
N GLU C 747 67.86 48.66 -37.12
CA GLU C 747 68.27 48.99 -35.75
C GLU C 747 67.25 49.93 -35.12
N SER C 748 66.03 49.39 -34.97
CA SER C 748 64.91 50.12 -34.38
C SER C 748 64.58 51.39 -35.13
N LEU C 749 64.93 51.44 -36.42
CA LEU C 749 64.63 52.59 -37.26
C LEU C 749 63.19 52.49 -37.77
N ASN C 750 62.26 52.54 -36.83
CA ASN C 750 60.84 52.29 -37.10
C ASN C 750 60.04 53.51 -36.67
N ALA C 751 59.70 54.36 -37.63
CA ALA C 751 58.88 55.54 -37.34
C ALA C 751 57.40 55.19 -37.30
N ASN C 752 56.86 54.78 -38.44
CA ASN C 752 55.48 54.34 -38.52
C ASN C 752 55.33 52.94 -39.11
N GLU C 753 56.43 52.33 -39.56
CA GLU C 753 56.39 50.98 -40.08
C GLU C 753 56.09 49.95 -38.99
N THR C 754 56.15 50.36 -37.72
CA THR C 754 55.71 49.46 -36.65
C THR C 754 54.26 49.05 -36.86
N THR C 755 53.44 49.96 -37.40
CA THR C 755 52.06 49.61 -37.72
C THR C 755 52.01 48.48 -38.75
N GLN C 756 52.84 48.59 -39.80
CA GLN C 756 52.89 47.52 -40.79
C GLN C 756 53.33 46.21 -40.17
N LEU C 757 54.37 46.27 -39.33
CA LEU C 757 54.90 45.04 -38.73
C LEU C 757 53.86 44.37 -37.85
N VAL C 758 53.20 45.15 -36.98
CA VAL C 758 52.22 44.56 -36.08
C VAL C 758 51.01 44.07 -36.86
N GLN C 759 50.62 44.75 -37.94
CA GLN C 759 49.51 44.27 -38.75
C GLN C 759 49.85 42.94 -39.41
N PHE C 760 51.07 42.83 -39.96
CA PHE C 760 51.49 41.57 -40.56
C PHE C 760 51.48 40.44 -39.53
N CYS C 761 52.04 40.71 -38.35
CA CYS C 761 52.08 39.68 -37.32
C CYS C 761 50.67 39.31 -36.85
N HIS C 762 49.79 40.29 -36.74
CA HIS C 762 48.42 40.02 -36.33
C HIS C 762 47.69 39.15 -37.34
N VAL C 763 47.85 39.44 -38.63
CA VAL C 763 47.21 38.62 -39.64
C VAL C 763 47.77 37.20 -39.61
N MET C 764 49.09 37.07 -39.45
CA MET C 764 49.68 35.74 -39.35
C MET C 764 49.13 34.97 -38.15
N ALA C 765 49.02 35.63 -37.00
CA ALA C 765 48.49 34.96 -35.82
C ALA C 765 47.04 34.53 -36.03
N GLN C 766 46.24 35.40 -36.67
CA GLN C 766 44.85 35.05 -36.94
C GLN C 766 44.76 33.81 -37.82
N LEU C 767 45.57 33.77 -38.89
CA LEU C 767 45.53 32.62 -39.78
C LEU C 767 45.94 31.34 -39.07
N SER C 768 47.03 31.40 -38.29
CA SER C 768 47.50 30.22 -37.59
C SER C 768 46.46 29.73 -36.59
N LEU C 769 45.84 30.66 -35.85
CA LEU C 769 44.84 30.28 -34.87
C LEU C 769 43.63 29.66 -35.54
N SER C 770 43.19 30.22 -36.68
CA SER C 770 42.06 29.64 -37.38
C SER C 770 42.37 28.23 -37.87
N VAL C 771 43.58 28.03 -38.40
CA VAL C 771 43.95 26.69 -38.87
C VAL C 771 43.98 25.72 -37.69
N GLN C 772 44.55 26.13 -36.56
CA GLN C 772 44.63 25.25 -35.40
C GLN C 772 43.24 24.89 -34.88
N THR C 773 42.34 25.87 -34.81
CA THR C 773 40.98 25.61 -34.36
C THR C 773 40.25 24.68 -35.32
N LEU C 774 40.42 24.89 -36.62
CA LEU C 774 39.79 24.04 -37.62
C LEU C 774 40.39 22.63 -37.61
N ARG C 775 41.54 22.44 -36.97
CA ARG C 775 42.26 21.17 -36.98
C ARG C 775 42.56 20.73 -38.42
N LEU C 776 42.92 21.69 -39.26
CA LEU C 776 43.22 21.38 -40.65
C LEU C 776 44.52 20.60 -40.74
N SER C 777 44.51 19.55 -41.57
CA SER C 777 45.72 18.77 -41.79
C SER C 777 46.70 19.56 -42.65
N GLU C 778 47.96 19.11 -42.62
CA GLU C 778 48.99 19.79 -43.40
C GLU C 778 48.77 19.57 -44.89
N ALA C 779 48.32 18.38 -45.29
CA ALA C 779 48.13 18.09 -46.70
C ALA C 779 47.07 18.99 -47.32
N GLU C 780 45.94 19.16 -46.63
CA GLU C 780 44.89 20.03 -47.15
C GLU C 780 45.37 21.47 -47.29
N LEU C 781 46.10 21.96 -46.28
CA LEU C 781 46.61 23.32 -46.34
C LEU C 781 47.59 23.48 -47.49
N SER C 782 48.46 22.50 -47.69
CA SER C 782 49.41 22.57 -48.80
C SER C 782 48.69 22.60 -50.13
N VAL C 783 47.69 21.73 -50.30
CA VAL C 783 46.97 21.67 -51.57
C VAL C 783 46.25 22.99 -51.83
N LEU C 784 45.63 23.56 -50.79
CA LEU C 784 44.90 24.80 -50.98
C LEU C 784 45.82 25.96 -51.30
N VAL C 785 46.91 26.12 -50.52
CA VAL C 785 47.76 27.28 -50.68
C VAL C 785 48.53 27.22 -51.99
N ILE C 786 49.05 26.03 -52.34
CA ILE C 786 49.82 25.91 -53.58
C ILE C 786 48.97 26.27 -54.78
N SER C 787 47.72 25.81 -54.80
CA SER C 787 46.83 26.09 -55.92
C SER C 787 46.31 27.52 -55.92
N GLY C 788 46.62 28.31 -54.89
CA GLY C 788 46.08 29.66 -54.83
C GLY C 788 44.64 29.71 -54.41
N PHE C 789 44.16 28.72 -53.67
CA PHE C 789 42.79 28.63 -53.19
C PHE C 789 41.77 28.51 -54.32
N ALA C 790 42.23 28.15 -55.53
CA ALA C 790 41.28 27.89 -56.60
C ALA C 790 40.49 26.63 -56.35
N VAL C 791 41.05 25.68 -55.60
CA VAL C 791 40.33 24.45 -55.28
C VAL C 791 39.12 24.75 -54.42
N LEU C 792 39.31 25.57 -53.38
CA LEU C 792 38.20 25.89 -52.49
C LEU C 792 37.12 26.69 -53.19
N GLY C 793 37.53 27.64 -54.03
CA GLY C 793 36.58 28.47 -54.74
C GLY C 793 35.98 29.53 -53.84
N ALA C 794 35.18 30.39 -54.46
CA ALA C 794 34.51 31.46 -53.74
C ALA C 794 33.24 31.84 -54.47
N LYS C 795 32.33 32.47 -53.75
CA LYS C 795 31.03 32.89 -54.30
C LYS C 795 31.12 34.37 -54.65
N ASN C 796 31.40 34.65 -55.92
CA ASN C 796 31.44 36.00 -56.48
C ASN C 796 32.54 36.87 -55.86
N GLN C 797 33.53 36.25 -55.23
CA GLN C 797 34.65 36.97 -54.65
C GLN C 797 35.95 36.39 -55.17
N PRO C 798 37.02 37.19 -55.19
CA PRO C 798 38.34 36.62 -55.47
C PRO C 798 38.71 35.60 -54.42
N ALA C 799 39.35 34.52 -54.86
CA ALA C 799 39.71 33.44 -53.96
C ALA C 799 40.85 33.86 -53.04
N GLY C 800 40.94 33.17 -51.90
CA GLY C 800 42.00 33.43 -50.95
C GLY C 800 41.70 34.45 -49.89
N GLN C 801 40.54 35.09 -49.94
CA GLN C 801 40.18 36.07 -48.92
C GLN C 801 40.00 35.39 -47.57
N HIS C 802 40.23 36.15 -46.51
CA HIS C 802 40.11 35.64 -45.14
C HIS C 802 38.98 36.40 -44.44
N ASN C 803 37.77 35.86 -44.53
CA ASN C 803 36.63 36.36 -43.78
C ASN C 803 35.88 35.18 -43.21
N ILE C 804 34.76 35.46 -42.54
CA ILE C 804 34.02 34.41 -41.86
C ILE C 804 33.42 33.43 -42.86
N ASP C 805 33.01 33.92 -44.03
CA ASP C 805 32.39 33.03 -45.02
C ASP C 805 33.39 32.00 -45.53
N THR C 806 34.62 32.43 -45.82
CA THR C 806 35.63 31.46 -46.26
C THR C 806 35.97 30.48 -45.15
N LEU C 807 35.93 30.93 -43.89
CA LEU C 807 36.15 30.01 -42.79
C LEU C 807 35.07 28.95 -42.72
N PHE C 808 33.81 29.35 -42.91
CA PHE C 808 32.71 28.40 -42.93
C PHE C 808 32.87 27.42 -44.08
N SER C 809 33.23 27.92 -45.26
CA SER C 809 33.46 27.04 -46.40
C SER C 809 34.59 26.06 -46.13
N LEU C 810 35.66 26.54 -45.50
CA LEU C 810 36.79 25.66 -45.18
C LEU C 810 36.37 24.58 -44.20
N TYR C 811 35.57 24.93 -43.21
CA TYR C 811 35.08 23.94 -42.26
C TYR C 811 34.27 22.87 -42.96
N ARG C 812 33.36 23.27 -43.84
CA ARG C 812 32.56 22.29 -44.57
C ARG C 812 33.44 21.40 -45.45
N PHE C 813 34.42 22.00 -46.14
CA PHE C 813 35.30 21.24 -47.01
C PHE C 813 36.10 20.22 -46.22
N HIS C 814 36.63 20.63 -45.07
CA HIS C 814 37.39 19.71 -44.24
C HIS C 814 36.51 18.58 -43.72
N GLN C 815 35.27 18.90 -43.34
CA GLN C 815 34.36 17.85 -42.89
C GLN C 815 34.13 16.83 -44.00
N TRP C 816 33.91 17.30 -45.22
CA TRP C 816 33.71 16.38 -46.34
C TRP C 816 34.93 15.51 -46.57
N ILE C 817 36.12 16.12 -46.56
CA ILE C 817 37.34 15.36 -46.80
C ILE C 817 37.53 14.30 -45.72
N ASN C 818 37.32 14.67 -44.46
CA ASN C 818 37.46 13.71 -43.37
C ASN C 818 36.47 12.57 -43.53
N GLY C 819 35.22 12.89 -43.88
CA GLY C 819 34.23 11.84 -44.05
C GLY C 819 34.41 11.01 -45.29
N LEU C 820 35.26 11.44 -46.22
CA LEU C 820 35.46 10.68 -47.45
C LEU C 820 36.02 9.30 -47.16
N GLY C 821 36.98 9.21 -46.25
CA GLY C 821 37.54 7.93 -45.85
C GLY C 821 38.97 7.74 -46.31
N ASN C 822 39.34 6.47 -46.45
CA ASN C 822 40.71 6.13 -46.84
C ASN C 822 41.09 6.66 -48.21
N PRO C 823 40.32 6.45 -49.28
CA PRO C 823 40.74 6.96 -50.59
C PRO C 823 40.62 8.46 -50.72
N GLY C 824 40.15 9.16 -49.68
CA GLY C 824 39.91 10.59 -49.81
C GLY C 824 41.14 11.37 -50.24
N SER C 825 42.30 11.02 -49.68
CA SER C 825 43.55 11.67 -50.09
C SER C 825 43.70 11.63 -51.60
N ASP C 826 43.54 10.44 -52.19
CA ASP C 826 43.63 10.32 -53.64
C ASP C 826 42.61 11.23 -54.32
N THR C 827 41.38 11.24 -53.82
CA THR C 827 40.36 12.11 -54.39
C THR C 827 40.81 13.56 -54.37
N LEU C 828 41.44 13.97 -53.27
CA LEU C 828 41.94 15.34 -53.19
C LEU C 828 42.90 15.63 -54.33
N ASP C 829 43.79 14.67 -54.63
CA ASP C 829 44.70 14.85 -55.76
C ASP C 829 43.91 15.00 -57.05
N MET C 830 42.88 14.17 -57.24
CA MET C 830 42.06 14.32 -58.44
C MET C 830 41.37 15.67 -58.46
N LEU C 831 41.09 16.24 -57.29
CA LEU C 831 40.53 17.58 -57.24
C LEU C 831 41.59 18.65 -57.49
N ARG C 832 42.85 18.36 -57.14
CA ARG C 832 43.91 19.32 -57.42
C ARG C 832 44.07 19.54 -58.91
N GLN C 833 44.01 18.47 -59.69
CA GLN C 833 43.87 18.57 -61.13
C GLN C 833 42.39 18.69 -61.46
N GLN C 834 42.04 18.56 -62.73
CA GLN C 834 40.64 18.66 -63.14
C GLN C 834 40.16 17.33 -63.72
N THR C 835 40.61 16.23 -63.13
CA THR C 835 40.28 14.90 -63.63
C THR C 835 39.17 14.22 -62.85
N LEU C 836 38.54 14.91 -61.91
CA LEU C 836 37.46 14.31 -61.14
C LEU C 836 36.22 14.17 -62.02
N THR C 837 35.63 12.98 -62.01
CA THR C 837 34.46 12.68 -62.81
C THR C 837 33.29 12.31 -61.92
N ALA C 838 32.08 12.40 -62.48
CA ALA C 838 30.89 12.09 -61.70
C ALA C 838 30.88 10.64 -61.25
N ASP C 839 31.29 9.72 -62.12
CA ASP C 839 31.29 8.31 -61.77
C ASP C 839 32.25 8.03 -60.63
N ARG C 840 33.44 8.64 -60.67
CA ARG C 840 34.41 8.44 -59.60
C ARG C 840 33.88 8.94 -58.26
N LEU C 841 33.29 10.13 -58.25
CA LEU C 841 32.74 10.67 -57.02
C LEU C 841 31.60 9.80 -56.49
N ALA C 842 30.73 9.35 -57.39
CA ALA C 842 29.61 8.51 -56.97
C ALA C 842 30.11 7.20 -56.37
N SER C 843 31.11 6.58 -56.99
CA SER C 843 31.65 5.34 -56.45
C SER C 843 32.34 5.56 -55.12
N VAL C 844 33.06 6.68 -54.98
CA VAL C 844 33.81 6.93 -53.75
C VAL C 844 32.85 7.20 -52.60
N MET C 845 31.85 8.04 -52.81
CA MET C 845 30.95 8.42 -51.75
C MET C 845 29.83 7.42 -51.52
N GLY C 846 29.69 6.43 -52.39
CA GLY C 846 28.67 5.41 -52.20
C GLY C 846 27.29 5.79 -52.67
N LEU C 847 27.14 6.87 -53.41
CA LEU C 847 25.84 7.27 -53.92
C LEU C 847 25.52 6.49 -55.19
N ASP C 848 24.43 6.86 -55.85
CA ASP C 848 24.02 6.23 -57.10
C ASP C 848 24.40 7.14 -58.27
N ILE C 849 24.85 6.52 -59.36
CA ILE C 849 25.32 7.29 -60.51
C ILE C 849 24.18 8.12 -61.10
N SER C 850 22.99 7.54 -61.21
CA SER C 850 21.87 8.27 -61.78
C SER C 850 21.51 9.49 -60.93
N MET C 851 21.49 9.33 -59.62
CA MET C 851 21.17 10.45 -58.74
C MET C 851 22.18 11.57 -58.90
N VAL C 852 23.47 11.23 -58.95
CA VAL C 852 24.52 12.25 -59.08
C VAL C 852 24.40 12.95 -60.43
N THR C 853 24.17 12.20 -61.50
CA THR C 853 24.05 12.81 -62.82
C THR C 853 22.85 13.75 -62.88
N GLN C 854 21.71 13.32 -62.34
CA GLN C 854 20.54 14.19 -62.33
C GLN C 854 20.78 15.44 -61.52
N ALA C 855 21.44 15.32 -60.37
CA ALA C 855 21.74 16.49 -59.55
C ALA C 855 22.67 17.45 -60.29
N MET C 856 23.68 16.92 -60.98
CA MET C 856 24.58 17.77 -61.74
C MET C 856 23.84 18.50 -62.84
N VAL C 857 22.93 17.81 -63.54
CA VAL C 857 22.16 18.46 -64.59
C VAL C 857 21.27 19.55 -64.01
N SER C 858 20.61 19.26 -62.88
CA SER C 858 19.69 20.22 -62.31
C SER C 858 20.40 21.45 -61.79
N ALA C 859 21.55 21.28 -61.13
CA ALA C 859 22.25 22.40 -60.55
C ALA C 859 22.94 23.27 -61.58
N GLY C 860 23.01 22.83 -62.83
CA GLY C 860 23.63 23.62 -63.87
C GLY C 860 25.13 23.50 -63.96
N VAL C 861 25.75 22.61 -63.19
CA VAL C 861 27.19 22.41 -63.22
C VAL C 861 27.49 21.19 -64.09
N ASN C 862 28.47 21.33 -64.98
CA ASN C 862 28.87 20.25 -65.85
C ASN C 862 30.30 19.76 -65.59
N GLN C 863 31.04 20.42 -64.72
CA GLN C 863 32.40 20.01 -64.39
C GLN C 863 32.67 20.33 -62.93
N LEU C 864 33.29 19.39 -62.22
CA LEU C 864 33.60 19.56 -60.81
C LEU C 864 34.96 20.24 -60.66
N GLN C 865 34.98 21.52 -61.06
CA GLN C 865 36.22 22.29 -61.02
C GLN C 865 36.65 22.57 -59.58
N CYS C 866 35.73 23.07 -58.76
CA CYS C 866 36.05 23.57 -57.44
C CYS C 866 35.16 22.92 -56.41
N TRP C 867 35.38 23.28 -55.14
CA TRP C 867 34.57 22.73 -54.06
C TRP C 867 33.15 23.25 -54.10
N GLN C 868 32.93 24.43 -54.68
CA GLN C 868 31.59 24.99 -54.73
C GLN C 868 30.64 24.11 -55.51
N ASP C 869 31.10 23.59 -56.66
CA ASP C 869 30.26 22.72 -57.46
C ASP C 869 29.90 21.45 -56.69
N ILE C 870 30.87 20.86 -56.00
CA ILE C 870 30.60 19.67 -55.22
C ILE C 870 29.59 19.97 -54.12
N ASN C 871 29.74 21.13 -53.47
CA ASN C 871 28.81 21.50 -52.42
C ASN C 871 27.39 21.65 -52.95
N THR C 872 27.25 22.32 -54.10
CA THR C 872 25.93 22.48 -54.69
C THR C 872 25.31 21.13 -55.05
N VAL C 873 26.11 20.25 -55.65
CA VAL C 873 25.61 18.93 -56.01
C VAL C 873 25.15 18.17 -54.78
N LEU C 874 25.95 18.21 -53.72
CA LEU C 874 25.59 17.49 -52.50
C LEU C 874 24.34 18.07 -51.87
N GLN C 875 24.17 19.39 -51.91
CA GLN C 875 22.96 19.99 -51.37
C GLN C 875 21.73 19.52 -52.14
N TRP C 876 21.84 19.48 -53.47
CA TRP C 876 20.71 18.99 -54.26
C TRP C 876 20.41 17.54 -53.94
N ILE C 877 21.45 16.72 -53.80
CA ILE C 877 21.26 15.31 -53.48
C ILE C 877 20.55 15.15 -52.15
N ASP C 878 20.98 15.92 -51.15
CA ASP C 878 20.40 15.82 -49.82
C ASP C 878 18.94 16.26 -49.82
N VAL C 879 18.63 17.35 -50.51
CA VAL C 879 17.24 17.80 -50.55
C VAL C 879 16.37 16.75 -51.24
N ALA C 880 16.86 16.17 -52.34
CA ALA C 880 16.11 15.13 -53.01
C ALA C 880 15.89 13.94 -52.10
N SER C 881 16.91 13.53 -51.35
CA SER C 881 16.77 12.38 -50.45
C SER C 881 15.82 12.68 -49.31
N ALA C 882 15.74 13.94 -48.88
CA ALA C 882 14.84 14.27 -47.77
C ALA C 882 13.38 14.05 -48.14
N LEU C 883 13.03 14.19 -49.41
CA LEU C 883 11.68 13.99 -49.88
C LEU C 883 11.46 12.64 -50.54
N HIS C 884 12.43 11.72 -50.43
CA HIS C 884 12.33 10.39 -51.01
C HIS C 884 12.07 10.44 -52.51
N THR C 885 12.75 11.37 -53.20
CA THR C 885 12.50 11.61 -54.61
C THR C 885 13.81 11.97 -55.29
N MET C 886 13.84 11.89 -56.61
CA MET C 886 15.02 12.22 -57.40
C MET C 886 15.13 13.72 -57.64
N PRO C 887 16.36 14.21 -57.87
CA PRO C 887 16.56 15.67 -58.03
C PRO C 887 15.82 16.27 -59.21
N SER C 888 15.49 15.48 -60.24
CA SER C 888 14.75 16.05 -61.36
C SER C 888 13.37 16.53 -60.92
N VAL C 889 12.71 15.77 -60.05
CA VAL C 889 11.42 16.20 -59.52
C VAL C 889 11.57 17.46 -58.69
N ILE C 890 12.68 17.57 -57.95
CA ILE C 890 12.91 18.78 -57.17
C ILE C 890 13.10 19.99 -58.09
N ARG C 891 13.82 19.80 -59.19
CA ARG C 891 13.97 20.88 -60.15
C ARG C 891 12.63 21.27 -60.75
N THR C 892 11.81 20.28 -61.09
CA THR C 892 10.48 20.58 -61.61
C THR C 892 9.64 21.35 -60.59
N LEU C 893 9.73 20.95 -59.33
CA LEU C 893 8.99 21.64 -58.28
C LEU C 893 9.45 23.08 -58.14
N VAL C 894 10.77 23.31 -58.17
CA VAL C 894 11.29 24.66 -58.00
C VAL C 894 10.92 25.53 -59.20
N ASN C 895 10.86 24.94 -60.39
CA ASN C 895 10.61 25.73 -61.60
C ASN C 895 9.23 26.38 -61.60
N ILE C 896 8.32 25.94 -60.74
CA ILE C 896 7.01 26.57 -60.65
C ILE C 896 7.15 27.92 -59.97
N ARG C 897 6.84 28.99 -60.70
CA ARG C 897 7.01 30.34 -60.20
C ARG C 897 5.70 31.11 -60.34
N TYR C 898 5.47 32.01 -59.39
CA TYR C 898 4.36 32.95 -59.44
C TYR C 898 4.94 34.33 -59.74
N VAL C 899 4.67 34.83 -60.93
CA VAL C 899 5.35 36.03 -61.43
C VAL C 899 4.25 37.04 -61.76
N THR C 900 3.21 37.03 -60.94
CA THR C 900 2.12 38.02 -60.97
C THR C 900 1.23 37.91 -62.20
N ALA C 901 1.29 36.80 -62.93
CA ALA C 901 0.38 36.52 -64.04
C ALA C 901 0.44 37.63 -65.10
N LEU C 902 1.60 37.69 -65.76
CA LEU C 902 1.90 38.67 -66.80
C LEU C 902 2.16 40.04 -66.18
N ASN C 903 2.02 41.09 -66.99
CA ASN C 903 2.53 42.45 -66.76
C ASN C 903 4.05 42.48 -66.84
N LYS C 904 4.68 41.36 -67.21
CA LYS C 904 6.12 41.23 -67.34
C LYS C 904 6.37 40.17 -68.41
N ALA C 905 7.58 39.59 -68.40
CA ALA C 905 7.97 38.65 -69.46
C ALA C 905 6.96 37.51 -69.59
N GLU C 906 6.87 36.66 -68.56
CA GLU C 906 5.93 35.54 -68.56
C GLU C 906 5.93 34.90 -67.18
N SER C 907 4.90 34.10 -66.94
CA SER C 907 4.78 33.30 -65.72
C SER C 907 4.79 31.82 -66.09
N ASN C 908 5.54 31.03 -65.34
CA ASN C 908 5.72 29.62 -65.64
C ASN C 908 4.81 28.79 -64.76
N LEU C 909 3.91 28.03 -65.39
CA LEU C 909 3.00 27.14 -64.69
C LEU C 909 2.81 25.88 -65.53
N PRO C 910 2.92 24.70 -64.93
CA PRO C 910 2.70 23.47 -65.69
C PRO C 910 1.26 23.31 -66.10
N SER C 911 1.05 22.53 -67.16
CA SER C 911 -0.28 22.24 -67.65
C SER C 911 -0.96 21.23 -66.72
N TRP C 912 -2.22 20.92 -67.03
CA TRP C 912 -2.99 20.01 -66.20
C TRP C 912 -2.37 18.62 -66.18
N ASP C 913 -1.99 18.10 -67.35
CA ASP C 913 -1.39 16.77 -67.42
C ASP C 913 -0.05 16.75 -66.70
N GLU C 914 0.74 17.82 -66.85
CA GLU C 914 2.01 17.91 -66.13
C GLU C 914 1.77 17.93 -64.63
N TRP C 915 0.72 18.62 -64.18
CA TRP C 915 0.38 18.62 -62.76
C TRP C 915 0.05 17.21 -62.29
N GLN C 916 -0.72 16.46 -63.08
CA GLN C 916 -1.07 15.10 -62.70
C GLN C 916 0.18 14.22 -62.61
N THR C 917 1.08 14.33 -63.60
CA THR C 917 2.29 13.52 -63.59
C THR C 917 3.17 13.88 -62.39
N LEU C 918 3.30 15.16 -62.10
CA LEU C 918 4.09 15.59 -60.94
C LEU C 918 3.49 15.06 -59.65
N ALA C 919 2.15 15.10 -59.53
CA ALA C 919 1.51 14.56 -58.34
C ALA C 919 1.77 13.07 -58.20
N GLU C 920 1.68 12.33 -59.30
CA GLU C 920 1.97 10.90 -59.23
C GLU C 920 3.40 10.65 -58.79
N ASN C 921 4.35 11.39 -59.36
CA ASN C 921 5.76 11.20 -59.00
C ASN C 921 6.00 11.52 -57.53
N MET C 922 5.41 12.59 -57.03
CA MET C 922 5.61 12.96 -55.64
C MET C 922 4.95 11.95 -54.70
N GLU C 923 3.77 11.44 -55.07
CA GLU C 923 3.05 10.50 -54.23
C GLU C 923 3.66 9.10 -54.26
N ALA C 924 4.44 8.77 -55.29
CA ALA C 924 5.02 7.44 -55.37
C ALA C 924 5.99 7.14 -54.25
N GLY C 925 6.45 8.15 -53.52
CA GLY C 925 7.42 7.95 -52.47
C GLY C 925 6.86 7.70 -51.08
N LEU C 926 5.55 7.55 -50.94
CA LEU C 926 4.94 7.38 -49.63
C LEU C 926 4.83 5.90 -49.25
N SER C 927 4.67 5.66 -47.96
CA SER C 927 4.40 4.32 -47.46
C SER C 927 2.90 4.07 -47.46
N THR C 928 2.49 2.91 -46.95
CA THR C 928 1.08 2.55 -46.97
C THR C 928 0.27 3.39 -46.01
N GLN C 929 0.74 3.54 -44.77
CA GLN C 929 -0.01 4.31 -43.78
C GLN C 929 -0.12 5.77 -44.19
N GLN C 930 0.97 6.34 -44.71
CA GLN C 930 0.93 7.71 -45.19
C GLN C 930 -0.03 7.86 -46.35
N ALA C 931 -0.06 6.86 -47.24
CA ALA C 931 -1.02 6.89 -48.34
C ALA C 931 -2.44 6.85 -47.83
N GLN C 932 -2.71 6.04 -46.80
CA GLN C 932 -4.05 5.99 -46.23
C GLN C 932 -4.45 7.33 -45.61
N THR C 933 -3.53 7.94 -44.87
CA THR C 933 -3.82 9.24 -44.26
C THR C 933 -4.09 10.29 -45.34
N LEU C 934 -3.28 10.30 -46.38
CA LEU C 934 -3.49 11.25 -47.48
C LEU C 934 -4.84 11.00 -48.15
N ALA C 935 -5.22 9.74 -48.32
CA ALA C 935 -6.51 9.44 -48.92
C ALA C 935 -7.65 9.97 -48.06
N ASP C 936 -7.54 9.81 -46.74
CA ASP C 936 -8.58 10.33 -45.85
C ASP C 936 -8.69 11.85 -45.95
N TYR C 937 -7.55 12.53 -45.93
CA TYR C 937 -7.57 13.99 -46.04
C TYR C 937 -8.19 14.43 -47.36
N THR C 938 -7.82 13.76 -48.45
CA THR C 938 -8.39 14.09 -49.75
C THR C 938 -9.89 13.86 -49.76
N ALA C 939 -10.35 12.79 -49.13
CA ALA C 939 -11.78 12.53 -49.08
C ALA C 939 -12.52 13.64 -48.36
N GLU C 940 -11.98 14.09 -47.22
CA GLU C 940 -12.65 15.18 -46.49
C GLU C 940 -12.70 16.46 -47.32
N ARG C 941 -11.57 16.83 -47.93
CA ARG C 941 -11.54 18.06 -48.71
C ARG C 941 -12.50 17.99 -49.89
N LEU C 942 -12.51 16.86 -50.59
CA LEU C 942 -13.40 16.69 -51.73
C LEU C 942 -14.86 16.75 -51.29
N SER C 943 -15.17 16.16 -50.13
CA SER C 943 -16.55 16.20 -49.65
C SER C 943 -16.99 17.63 -49.40
N SER C 944 -16.15 18.43 -48.72
CA SER C 944 -16.53 19.81 -48.45
C SER C 944 -16.72 20.59 -49.75
N VAL C 945 -15.79 20.42 -50.70
CA VAL C 945 -15.88 21.16 -51.95
C VAL C 945 -17.14 20.78 -52.73
N LEU C 946 -17.43 19.48 -52.80
CA LEU C 946 -18.61 19.03 -53.53
C LEU C 946 -19.89 19.53 -52.88
N CYS C 947 -19.97 19.49 -51.55
CA CYS C 947 -21.16 19.98 -50.87
C CYS C 947 -21.36 21.46 -51.17
N ASN C 948 -20.29 22.25 -51.10
CA ASN C 948 -20.42 23.67 -51.41
C ASN C 948 -20.86 23.90 -52.85
N TRP C 949 -20.27 23.18 -53.79
CA TRP C 949 -20.63 23.36 -55.20
C TRP C 949 -22.09 23.01 -55.44
N PHE C 950 -22.56 21.89 -54.87
CA PHE C 950 -23.94 21.49 -55.06
C PHE C 950 -24.89 22.51 -54.43
N LEU C 951 -24.56 23.00 -53.24
CA LEU C 951 -25.42 23.99 -52.61
C LEU C 951 -25.47 25.28 -53.43
N ALA C 952 -24.38 25.60 -54.13
CA ALA C 952 -24.34 26.85 -54.88
C ALA C 952 -24.99 26.76 -56.26
N ASN C 953 -24.91 25.62 -56.93
CA ASN C 953 -25.27 25.56 -58.35
C ASN C 953 -26.53 24.79 -58.66
N ILE C 954 -26.97 23.86 -57.81
CA ILE C 954 -28.10 22.99 -58.11
C ILE C 954 -29.17 23.19 -57.05
N GLN C 955 -30.42 23.37 -57.51
CA GLN C 955 -31.57 23.41 -56.62
C GLN C 955 -32.59 22.40 -57.12
N PRO C 956 -33.15 21.57 -56.25
CA PRO C 956 -34.15 20.58 -56.70
C PRO C 956 -35.45 21.25 -57.13
N GLU C 957 -36.45 20.45 -57.49
CA GLU C 957 -37.66 21.00 -58.07
C GLU C 957 -38.44 21.86 -57.08
N GLY C 958 -38.70 21.33 -55.89
CA GLY C 958 -39.53 22.04 -54.95
C GLY C 958 -39.04 22.02 -53.52
N VAL C 959 -37.72 21.94 -53.33
CA VAL C 959 -37.11 21.92 -52.01
C VAL C 959 -36.08 23.04 -51.94
N SER C 960 -36.13 23.82 -50.86
CA SER C 960 -35.16 24.88 -50.63
C SER C 960 -34.21 24.42 -49.53
N LEU C 961 -32.93 24.39 -49.84
CA LEU C 961 -31.90 23.96 -48.91
C LEU C 961 -30.76 24.97 -48.92
N HIS C 962 -30.27 25.33 -47.73
CA HIS C 962 -29.33 26.43 -47.58
C HIS C 962 -28.11 26.09 -46.74
N SER C 963 -27.91 24.83 -46.37
CA SER C 963 -26.81 24.49 -45.47
C SER C 963 -26.44 23.04 -45.65
N ARG C 964 -25.29 22.67 -45.07
CA ARG C 964 -24.85 21.28 -45.12
C ARG C 964 -25.84 20.37 -44.39
N ASP C 965 -26.38 20.83 -43.27
CA ASP C 965 -27.37 20.03 -42.55
C ASP C 965 -28.62 19.81 -43.39
N ASP C 966 -28.98 20.79 -44.22
CA ASP C 966 -30.08 20.58 -45.15
C ASP C 966 -29.76 19.47 -46.13
N LEU C 967 -28.52 19.42 -46.62
CA LEU C 967 -28.11 18.34 -47.49
C LEU C 967 -28.18 17.00 -46.78
N TYR C 968 -27.76 16.97 -45.51
CA TYR C 968 -27.83 15.74 -44.73
C TYR C 968 -29.27 15.27 -44.60
N SER C 969 -30.18 16.19 -44.30
CA SER C 969 -31.58 15.82 -44.15
C SER C 969 -32.21 15.41 -45.48
N TYR C 970 -31.75 15.98 -46.60
CA TYR C 970 -32.35 15.66 -47.88
C TYR C 970 -31.86 14.33 -48.42
N PHE C 971 -30.55 14.15 -48.49
CA PHE C 971 -29.97 12.94 -49.08
C PHE C 971 -29.87 11.78 -48.09
N LEU C 972 -30.25 12.00 -46.83
CA LEU C 972 -30.29 10.94 -45.83
C LEU C 972 -28.92 10.27 -45.66
N ILE C 973 -27.86 11.08 -45.65
CA ILE C 973 -26.52 10.57 -45.42
C ILE C 973 -25.65 11.73 -44.97
N ASP C 974 -24.82 11.48 -43.95
CA ASP C 974 -24.06 12.54 -43.32
C ASP C 974 -22.79 12.80 -44.10
N ASN C 975 -22.58 14.05 -44.50
CA ASN C 975 -21.39 14.46 -45.22
C ASN C 975 -20.42 15.24 -44.36
N GLN C 976 -20.78 15.53 -43.11
CA GLN C 976 -19.91 16.26 -42.20
C GLN C 976 -19.10 15.35 -41.30
N VAL C 977 -19.20 14.04 -41.48
CA VAL C 977 -18.48 13.12 -40.63
C VAL C 977 -17.00 13.08 -41.04
N SER C 978 -16.17 12.63 -40.12
CA SER C 978 -14.77 12.39 -40.43
C SER C 978 -14.63 11.10 -41.22
N SER C 979 -13.44 10.89 -41.78
CA SER C 979 -13.19 9.70 -42.58
C SER C 979 -12.87 8.47 -41.73
N ALA C 980 -12.70 8.63 -40.43
CA ALA C 980 -12.30 7.50 -39.60
C ALA C 980 -13.41 6.47 -39.46
N ILE C 981 -14.65 6.93 -39.34
CA ILE C 981 -15.75 6.01 -39.03
C ILE C 981 -16.14 5.21 -40.27
N LYS C 982 -16.35 3.91 -40.09
CA LYS C 982 -16.68 2.99 -41.17
C LYS C 982 -18.10 2.47 -40.97
N THR C 983 -18.66 1.93 -42.05
CA THR C 983 -20.01 1.38 -42.02
C THR C 983 -20.19 0.45 -43.22
N THR C 984 -21.37 -0.14 -43.31
CA THR C 984 -21.73 -1.01 -44.42
C THR C 984 -22.89 -0.39 -45.18
N ARG C 985 -23.08 -0.84 -46.42
CA ARG C 985 -24.12 -0.26 -47.27
C ARG C 985 -25.51 -0.46 -46.66
N LEU C 986 -25.80 -1.67 -46.18
CA LEU C 986 -27.11 -1.93 -45.62
C LEU C 986 -27.36 -1.10 -44.37
N ALA C 987 -26.34 -0.95 -43.52
CA ALA C 987 -26.50 -0.17 -42.31
C ALA C 987 -26.81 1.29 -42.62
N GLU C 988 -26.10 1.87 -43.59
CA GLU C 988 -26.35 3.26 -43.91
C GLU C 988 -27.69 3.45 -44.60
N ALA C 989 -28.11 2.48 -45.42
CA ALA C 989 -29.44 2.56 -46.01
C ALA C 989 -30.52 2.51 -44.94
N ILE C 990 -30.34 1.63 -43.95
CA ILE C 990 -31.29 1.54 -42.84
C ILE C 990 -31.33 2.87 -42.09
N ALA C 991 -30.16 3.45 -41.81
CA ALA C 991 -30.13 4.72 -41.09
C ALA C 991 -30.83 5.81 -41.86
N GLY C 992 -30.59 5.87 -43.18
CA GLY C 992 -31.25 6.88 -43.99
C GLY C 992 -32.76 6.73 -44.00
N ILE C 993 -33.25 5.51 -44.16
CA ILE C 993 -34.69 5.30 -44.21
C ILE C 993 -35.33 5.60 -42.85
N GLN C 994 -34.64 5.22 -41.77
CA GLN C 994 -35.16 5.54 -40.43
C GLN C 994 -35.24 7.04 -40.23
N LEU C 995 -34.21 7.77 -40.65
CA LEU C 995 -34.24 9.22 -40.52
C LEU C 995 -35.38 9.81 -41.35
N TYR C 996 -35.59 9.29 -42.55
CA TYR C 996 -36.68 9.79 -43.39
C TYR C 996 -38.03 9.56 -42.72
N ILE C 997 -38.23 8.37 -42.14
CA ILE C 997 -39.50 8.09 -41.48
C ILE C 997 -39.69 9.00 -40.28
N ASN C 998 -38.64 9.20 -39.49
CA ASN C 998 -38.75 10.07 -38.33
C ASN C 998 -39.09 11.49 -38.74
N ARG C 999 -38.49 11.98 -39.82
CA ARG C 999 -38.80 13.33 -40.28
C ARG C 999 -40.23 13.42 -40.79
N ALA C 1000 -40.69 12.41 -41.52
CA ALA C 1000 -42.02 12.49 -42.11
C ALA C 1000 -43.11 12.36 -41.06
N LEU C 1001 -42.92 11.49 -40.07
CA LEU C 1001 -43.97 11.23 -39.09
C LEU C 1001 -44.24 12.46 -38.22
N ASN C 1002 -43.19 13.15 -37.79
CA ASN C 1002 -43.33 14.27 -36.86
C ASN C 1002 -43.77 15.55 -37.55
N ARG C 1003 -44.25 15.47 -38.79
CA ARG C 1003 -44.76 16.63 -39.52
C ARG C 1003 -43.69 17.70 -39.72
N ILE C 1004 -42.43 17.30 -39.82
CA ILE C 1004 -41.38 18.24 -40.16
C ILE C 1004 -41.35 18.50 -41.66
N GLU C 1005 -41.41 17.43 -42.45
CA GLU C 1005 -41.52 17.58 -43.89
C GLU C 1005 -43.00 17.67 -44.27
N PRO C 1006 -43.42 18.74 -44.94
CA PRO C 1006 -44.85 18.95 -45.15
C PRO C 1006 -45.41 17.99 -46.19
N ASN C 1007 -46.74 18.00 -46.29
CA ASN C 1007 -47.48 17.25 -47.31
C ASN C 1007 -47.30 15.74 -47.16
N ALA C 1008 -47.06 15.27 -45.94
CA ALA C 1008 -47.01 13.83 -45.70
C ALA C 1008 -48.40 13.24 -45.84
N ARG C 1009 -48.47 12.02 -46.35
CA ARG C 1009 -49.75 11.36 -46.57
C ARG C 1009 -50.31 10.91 -45.22
N ALA C 1010 -51.42 11.53 -44.82
CA ALA C 1010 -52.01 11.22 -43.51
C ALA C 1010 -52.51 9.79 -43.45
N ASP C 1011 -53.15 9.32 -44.52
CA ASP C 1011 -53.74 7.98 -44.49
C ASP C 1011 -52.66 6.90 -44.37
N VAL C 1012 -51.55 7.07 -45.08
CA VAL C 1012 -50.49 6.08 -45.04
C VAL C 1012 -49.84 6.04 -43.66
N SER C 1013 -49.71 7.19 -43.01
CA SER C 1013 -49.02 7.28 -41.73
C SER C 1013 -49.79 6.62 -40.58
N THR C 1014 -50.96 6.03 -40.84
CA THR C 1014 -51.72 5.34 -39.80
C THR C 1014 -51.69 3.83 -39.98
N ARG C 1015 -50.71 3.30 -40.69
CA ARG C 1015 -50.61 1.86 -40.86
C ARG C 1015 -50.20 1.21 -39.54
N GLN C 1016 -50.32 -0.12 -39.52
CA GLN C 1016 -49.95 -0.86 -38.31
C GLN C 1016 -48.48 -0.71 -37.99
N PHE C 1017 -47.64 -0.70 -39.02
CA PHE C 1017 -46.20 -0.62 -38.80
C PHE C 1017 -45.82 0.69 -38.11
N PHE C 1018 -46.36 1.81 -38.58
CA PHE C 1018 -46.01 3.10 -38.02
C PHE C 1018 -46.67 3.34 -36.66
N THR C 1019 -47.80 2.70 -36.39
CA THR C 1019 -48.43 2.83 -35.08
C THR C 1019 -47.53 2.28 -33.99
N ASP C 1020 -46.82 1.19 -34.28
CA ASP C 1020 -45.87 0.60 -33.35
C ASP C 1020 -44.45 1.12 -33.54
N TRP C 1021 -44.30 2.36 -34.01
CA TRP C 1021 -42.98 2.91 -34.26
C TRP C 1021 -42.13 2.99 -33.00
N THR C 1022 -42.75 2.94 -31.82
CA THR C 1022 -41.98 2.95 -30.58
C THR C 1022 -41.16 1.68 -30.42
N VAL C 1023 -41.47 0.63 -31.16
CA VAL C 1023 -40.71 -0.62 -31.07
C VAL C 1023 -40.06 -1.00 -32.38
N ASN C 1024 -40.46 -0.43 -33.51
CA ASN C 1024 -39.88 -0.76 -34.81
C ASN C 1024 -38.77 0.19 -35.23
N ASN C 1025 -38.50 1.23 -34.44
CA ASN C 1025 -37.49 2.21 -34.82
C ASN C 1025 -36.07 1.73 -34.57
N ARG C 1026 -35.90 0.58 -33.92
CA ARG C 1026 -34.57 0.03 -33.65
C ARG C 1026 -34.54 -1.42 -34.10
N TYR C 1027 -33.37 -1.83 -34.61
CA TYR C 1027 -33.25 -3.19 -35.15
C TYR C 1027 -33.43 -4.24 -34.06
N SER C 1028 -32.89 -4.00 -32.87
CA SER C 1028 -32.91 -5.01 -31.83
C SER C 1028 -34.32 -5.30 -31.36
N THR C 1029 -35.10 -4.25 -31.08
CA THR C 1029 -36.46 -4.46 -30.58
C THR C 1029 -37.34 -5.13 -31.62
N TRP C 1030 -37.22 -4.70 -32.89
CA TRP C 1030 -37.99 -5.32 -33.96
C TRP C 1030 -37.60 -6.79 -34.10
N GLY C 1031 -36.31 -7.08 -34.05
CA GLY C 1031 -35.88 -8.47 -34.13
C GLY C 1031 -36.44 -9.32 -33.01
N GLY C 1032 -36.42 -8.80 -31.78
CA GLY C 1032 -36.98 -9.54 -30.67
C GLY C 1032 -38.47 -9.80 -30.83
N VAL C 1033 -39.21 -8.76 -31.21
CA VAL C 1033 -40.65 -8.92 -31.38
C VAL C 1033 -40.95 -9.94 -32.48
N SER C 1034 -40.22 -9.87 -33.59
CA SER C 1034 -40.45 -10.83 -34.67
C SER C 1034 -40.11 -12.25 -34.23
N ARG C 1035 -38.99 -12.43 -33.53
CA ARG C 1035 -38.59 -13.76 -33.08
C ARG C 1035 -39.55 -14.34 -32.06
N LEU C 1036 -40.29 -13.48 -31.35
CA LEU C 1036 -41.18 -13.97 -30.30
C LEU C 1036 -42.15 -15.03 -30.82
N VAL C 1037 -42.69 -14.85 -32.02
CA VAL C 1037 -43.69 -15.78 -32.53
C VAL C 1037 -43.05 -17.14 -32.83
N TYR C 1038 -41.92 -17.15 -33.52
CA TYR C 1038 -41.36 -18.40 -34.02
C TYR C 1038 -40.67 -19.20 -32.91
N TYR C 1039 -40.00 -18.53 -31.99
CA TYR C 1039 -39.25 -19.19 -30.92
C TYR C 1039 -39.65 -18.61 -29.58
N PRO C 1040 -40.86 -18.92 -29.11
CA PRO C 1040 -41.29 -18.39 -27.81
C PRO C 1040 -40.59 -19.05 -26.64
N GLU C 1041 -40.01 -20.24 -26.84
CA GLU C 1041 -39.38 -20.95 -25.73
C GLU C 1041 -38.18 -20.21 -25.18
N ASN C 1042 -37.59 -19.29 -25.95
CA ASN C 1042 -36.49 -18.49 -25.43
C ASN C 1042 -36.95 -17.47 -24.40
N TYR C 1043 -38.26 -17.22 -24.28
CA TYR C 1043 -38.77 -16.21 -23.36
C TYR C 1043 -39.73 -16.79 -22.34
N ILE C 1044 -39.86 -18.11 -22.25
CA ILE C 1044 -40.75 -18.74 -21.28
C ILE C 1044 -40.04 -18.77 -19.93
N ASP C 1045 -40.66 -18.15 -18.92
CA ASP C 1045 -40.11 -18.14 -17.58
C ASP C 1045 -41.00 -18.96 -16.66
N PRO C 1046 -40.52 -20.05 -16.08
CA PRO C 1046 -41.40 -20.87 -15.23
C PRO C 1046 -41.97 -20.15 -14.02
N THR C 1047 -41.25 -19.18 -13.47
CA THR C 1047 -41.67 -18.56 -12.22
C THR C 1047 -42.67 -17.42 -12.42
N GLN C 1048 -42.89 -16.95 -13.64
CA GLN C 1048 -43.83 -15.86 -13.85
C GLN C 1048 -44.49 -16.04 -15.21
N ARG C 1049 -45.76 -15.63 -15.28
CA ARG C 1049 -46.55 -15.80 -16.51
C ARG C 1049 -47.78 -14.92 -16.41
N ILE C 1050 -48.15 -14.30 -17.54
CA ILE C 1050 -49.35 -13.48 -17.57
C ILE C 1050 -50.56 -14.36 -17.35
N GLY C 1051 -51.42 -13.96 -16.40
CA GLY C 1051 -52.59 -14.73 -16.07
C GLY C 1051 -52.39 -15.75 -14.96
N GLN C 1052 -51.29 -15.66 -14.22
CA GLN C 1052 -51.04 -16.60 -13.14
C GLN C 1052 -52.08 -16.44 -12.04
N THR C 1053 -52.54 -17.57 -11.51
CA THR C 1053 -53.55 -17.55 -10.46
C THR C 1053 -52.94 -17.14 -9.13
N ARG C 1054 -53.79 -16.67 -8.22
CA ARG C 1054 -53.33 -16.20 -6.92
C ARG C 1054 -52.68 -17.32 -6.12
N MET C 1055 -53.25 -18.53 -6.18
CA MET C 1055 -52.72 -19.63 -5.38
C MET C 1055 -51.31 -20.02 -5.83
N MET C 1056 -51.01 -19.91 -7.12
CA MET C 1056 -49.65 -20.18 -7.57
C MET C 1056 -48.67 -19.15 -7.03
N ASP C 1057 -49.10 -17.88 -6.98
CA ASP C 1057 -48.26 -16.86 -6.35
C ASP C 1057 -48.04 -17.17 -4.89
N GLU C 1058 -49.08 -17.65 -4.20
CA GLU C 1058 -48.91 -18.04 -2.80
C GLU C 1058 -47.91 -19.16 -2.66
N LEU C 1059 -47.96 -20.15 -3.54
CA LEU C 1059 -46.98 -21.24 -3.51
C LEU C 1059 -45.57 -20.71 -3.74
N LEU C 1060 -45.42 -19.82 -4.71
CA LEU C 1060 -44.09 -19.27 -5.02
C LEU C 1060 -43.55 -18.49 -3.83
N GLU C 1061 -44.42 -17.76 -3.13
CA GLU C 1061 -43.99 -17.08 -1.91
C GLU C 1061 -43.61 -18.10 -0.85
N ASN C 1062 -44.32 -19.21 -0.77
CA ASN C 1062 -44.03 -20.23 0.23
C ASN C 1062 -42.70 -20.93 -0.03
N ILE C 1063 -42.22 -20.95 -1.27
CA ILE C 1063 -40.94 -21.59 -1.55
C ILE C 1063 -39.90 -20.57 -2.02
N SER C 1064 -40.00 -19.34 -1.54
CA SER C 1064 -39.08 -18.28 -1.96
C SER C 1064 -37.87 -18.14 -1.06
N GLN C 1065 -37.72 -18.97 -0.04
CA GLN C 1065 -36.59 -18.85 0.87
C GLN C 1065 -35.31 -19.32 0.18
N SER C 1066 -34.17 -19.02 0.82
CA SER C 1066 -32.88 -19.25 0.19
C SER C 1066 -32.61 -20.74 0.00
N LYS C 1067 -32.77 -21.54 1.06
CA LYS C 1067 -32.48 -22.96 1.00
C LYS C 1067 -33.77 -23.75 1.19
N LEU C 1068 -33.88 -24.84 0.44
CA LEU C 1068 -35.11 -25.61 0.37
C LEU C 1068 -34.81 -27.07 0.63
N SER C 1069 -35.64 -27.71 1.45
CA SER C 1069 -35.60 -29.14 1.66
C SER C 1069 -36.74 -29.79 0.90
N ARG C 1070 -36.70 -31.12 0.82
CA ARG C 1070 -37.79 -31.85 0.17
C ARG C 1070 -39.11 -31.66 0.93
N ASP C 1071 -39.06 -31.76 2.26
CA ASP C 1071 -40.28 -31.68 3.04
C ASP C 1071 -40.93 -30.30 2.93
N THR C 1072 -40.13 -29.26 2.83
CA THR C 1072 -40.69 -27.93 2.65
C THR C 1072 -41.48 -27.83 1.35
N VAL C 1073 -40.94 -28.37 0.28
CA VAL C 1073 -41.65 -28.36 -0.99
C VAL C 1073 -42.91 -29.20 -0.92
N GLU C 1074 -42.84 -30.35 -0.24
CA GLU C 1074 -44.05 -31.17 -0.07
C GLU C 1074 -45.14 -30.40 0.68
N ASP C 1075 -44.76 -29.71 1.74
CA ASP C 1075 -45.76 -28.96 2.51
C ASP C 1075 -46.36 -27.82 1.69
N ALA C 1076 -45.52 -27.11 0.94
CA ALA C 1076 -46.04 -26.05 0.09
C ALA C 1076 -46.99 -26.59 -0.97
N PHE C 1077 -46.63 -27.73 -1.56
CA PHE C 1077 -47.52 -28.34 -2.54
C PHE C 1077 -48.82 -28.80 -1.90
N LYS C 1078 -48.76 -29.27 -0.65
CA LYS C 1078 -50.00 -29.67 0.03
C LYS C 1078 -50.91 -28.46 0.26
N THR C 1079 -50.32 -27.33 0.64
CA THR C 1079 -51.13 -26.11 0.78
C THR C 1079 -51.75 -25.71 -0.56
N TYR C 1080 -50.96 -25.78 -1.64
CA TYR C 1080 -51.51 -25.50 -2.96
C TYR C 1080 -52.65 -26.46 -3.29
N LEU C 1081 -52.51 -27.72 -2.91
CA LEU C 1081 -53.57 -28.69 -3.13
C LEU C 1081 -54.83 -28.32 -2.38
N THR C 1082 -54.67 -27.82 -1.14
CA THR C 1082 -55.83 -27.37 -0.38
C THR C 1082 -56.56 -26.24 -1.11
N ARG C 1083 -55.80 -25.26 -1.59
CA ARG C 1083 -56.41 -24.16 -2.31
C ARG C 1083 -57.11 -24.64 -3.57
N PHE C 1084 -56.46 -25.56 -4.31
CA PHE C 1084 -57.06 -26.08 -5.53
C PHE C 1084 -58.34 -26.84 -5.24
N GLU C 1085 -58.37 -27.63 -4.18
CA GLU C 1085 -59.58 -28.35 -3.81
C GLU C 1085 -60.70 -27.39 -3.46
N THR C 1086 -60.37 -26.32 -2.73
CA THR C 1086 -61.39 -25.35 -2.38
C THR C 1086 -61.96 -24.68 -3.63
N VAL C 1087 -61.10 -24.28 -4.56
CA VAL C 1087 -61.56 -23.55 -5.74
C VAL C 1087 -62.35 -24.46 -6.68
N ALA C 1088 -61.84 -25.66 -6.93
CA ALA C 1088 -62.40 -26.52 -7.97
C ALA C 1088 -63.72 -27.17 -7.58
N ASP C 1089 -64.13 -27.07 -6.33
CA ASP C 1089 -65.40 -27.65 -5.89
C ASP C 1089 -66.57 -26.69 -6.06
N LEU C 1090 -66.34 -25.52 -6.64
CA LEU C 1090 -67.39 -24.53 -6.79
C LEU C 1090 -68.51 -25.06 -7.67
N LYS C 1091 -69.74 -24.65 -7.35
CA LYS C 1091 -70.90 -24.98 -8.16
C LYS C 1091 -71.61 -23.69 -8.53
N VAL C 1092 -71.93 -23.55 -9.82
CA VAL C 1092 -72.57 -22.33 -10.31
C VAL C 1092 -73.99 -22.27 -9.75
N VAL C 1093 -74.34 -21.11 -9.19
CA VAL C 1093 -75.68 -20.92 -8.65
C VAL C 1093 -76.48 -19.87 -9.41
N SER C 1094 -75.86 -18.87 -10.03
CA SER C 1094 -76.65 -17.90 -10.78
C SER C 1094 -75.88 -17.39 -11.99
N ALA C 1095 -76.63 -16.87 -12.96
CA ALA C 1095 -76.04 -16.37 -14.19
C ALA C 1095 -76.85 -15.18 -14.70
N TYR C 1096 -76.20 -14.35 -15.51
CA TYR C 1096 -76.85 -13.19 -16.11
C TYR C 1096 -76.19 -12.88 -17.44
N HIS C 1097 -76.99 -12.75 -18.49
CA HIS C 1097 -76.49 -12.45 -19.82
C HIS C 1097 -76.71 -10.97 -20.12
N ASP C 1098 -75.64 -10.26 -20.46
CA ASP C 1098 -75.68 -8.82 -20.63
C ASP C 1098 -75.98 -8.44 -22.08
N ASN C 1099 -77.19 -8.76 -22.52
CA ASN C 1099 -77.63 -8.41 -23.86
C ASN C 1099 -79.15 -8.63 -23.91
N VAL C 1100 -79.71 -8.41 -25.10
CA VAL C 1100 -81.13 -8.68 -25.32
C VAL C 1100 -81.35 -9.97 -26.10
N ASN C 1101 -80.29 -10.65 -26.51
CA ASN C 1101 -80.40 -11.93 -27.19
C ASN C 1101 -79.10 -12.70 -26.98
N SER C 1102 -79.12 -13.96 -27.38
CA SER C 1102 -78.00 -14.86 -27.12
C SER C 1102 -76.91 -14.80 -28.17
N ASN C 1103 -77.04 -13.95 -29.19
CA ASN C 1103 -76.07 -13.94 -30.27
C ASN C 1103 -74.76 -13.29 -29.85
N THR C 1104 -74.81 -12.29 -28.98
CA THR C 1104 -73.61 -11.59 -28.54
C THR C 1104 -73.73 -11.28 -27.05
N GLY C 1105 -72.70 -10.63 -26.52
CA GLY C 1105 -72.67 -10.23 -25.13
C GLY C 1105 -71.80 -11.14 -24.30
N LEU C 1106 -71.72 -10.80 -23.01
CA LEU C 1106 -70.96 -11.57 -22.03
C LEU C 1106 -71.92 -12.16 -21.01
N THR C 1107 -71.61 -13.34 -20.51
CA THR C 1107 -72.42 -14.01 -19.51
C THR C 1107 -71.64 -14.06 -18.20
N TRP C 1108 -72.24 -13.58 -17.12
CA TRP C 1108 -71.60 -13.50 -15.82
C TRP C 1108 -72.19 -14.56 -14.90
N PHE C 1109 -71.31 -15.34 -14.29
CA PHE C 1109 -71.70 -16.44 -13.41
C PHE C 1109 -71.25 -16.16 -11.99
N VAL C 1110 -72.10 -16.54 -11.03
CA VAL C 1110 -71.78 -16.51 -9.61
C VAL C 1110 -71.93 -17.92 -9.07
N GLY C 1111 -70.92 -18.39 -8.34
CA GLY C 1111 -70.91 -19.73 -7.82
C GLY C 1111 -70.56 -19.77 -6.35
N GLN C 1112 -70.92 -20.89 -5.73
CA GLN C 1112 -70.86 -21.08 -4.29
C GLN C 1112 -70.00 -22.28 -3.95
N THR C 1113 -69.28 -22.20 -2.83
CA THR C 1113 -68.37 -23.26 -2.44
C THR C 1113 -69.14 -24.47 -1.90
N ARG C 1114 -68.38 -25.49 -1.50
CA ARG C 1114 -68.98 -26.71 -0.96
C ARG C 1114 -69.05 -26.70 0.56
N GLU C 1115 -68.05 -26.13 1.22
CA GLU C 1115 -68.02 -26.09 2.67
C GLU C 1115 -69.22 -25.32 3.22
N ASN C 1116 -69.43 -25.46 4.52
CA ASN C 1116 -70.55 -24.80 5.20
C ASN C 1116 -70.18 -23.37 5.60
N LEU C 1117 -69.78 -22.60 4.59
CA LEU C 1117 -69.39 -21.21 4.79
C LEU C 1117 -70.02 -20.36 3.70
N PRO C 1118 -70.27 -19.08 3.98
CA PRO C 1118 -70.79 -18.17 2.96
C PRO C 1118 -69.68 -17.54 2.12
N GLU C 1119 -69.04 -18.36 1.30
CA GLU C 1119 -67.98 -17.93 0.40
C GLU C 1119 -68.47 -18.02 -1.04
N TYR C 1120 -68.30 -16.94 -1.80
CA TYR C 1120 -68.85 -16.85 -3.13
C TYR C 1120 -67.80 -16.33 -4.11
N TYR C 1121 -67.88 -16.80 -5.35
CA TYR C 1121 -66.97 -16.43 -6.41
C TYR C 1121 -67.75 -16.02 -7.63
N TRP C 1122 -67.11 -15.27 -8.52
CA TRP C 1122 -67.74 -14.84 -9.76
C TRP C 1122 -66.75 -14.94 -10.91
N ARG C 1123 -67.30 -15.05 -12.12
CA ARG C 1123 -66.51 -15.12 -13.35
C ARG C 1123 -67.40 -14.71 -14.50
N ASN C 1124 -66.81 -14.65 -15.70
CA ASN C 1124 -67.62 -14.37 -16.89
C ASN C 1124 -67.03 -15.08 -18.09
N VAL C 1125 -67.87 -15.25 -19.12
CA VAL C 1125 -67.48 -15.89 -20.36
C VAL C 1125 -68.02 -15.06 -21.52
N ASP C 1126 -67.37 -15.19 -22.67
CA ASP C 1126 -67.77 -14.53 -23.90
C ASP C 1126 -68.43 -15.56 -24.80
N ILE C 1127 -69.76 -15.56 -24.85
CA ILE C 1127 -70.48 -16.60 -25.59
C ILE C 1127 -70.45 -16.39 -27.09
N SER C 1128 -70.07 -15.20 -27.56
CA SER C 1128 -70.02 -14.94 -28.99
C SER C 1128 -68.90 -15.70 -29.69
N ARG C 1129 -67.98 -16.29 -28.93
CA ARG C 1129 -66.86 -17.01 -29.52
C ARG C 1129 -67.20 -18.44 -29.90
N MET C 1130 -68.43 -18.88 -29.67
CA MET C 1130 -68.83 -20.22 -30.03
C MET C 1130 -68.65 -20.48 -31.52
N GLN C 1131 -68.14 -21.65 -31.85
CA GLN C 1131 -68.00 -22.09 -33.25
C GLN C 1131 -68.34 -23.57 -33.29
N ALA C 1132 -69.48 -23.90 -33.89
CA ALA C 1132 -69.96 -25.27 -34.03
C ALA C 1132 -70.13 -25.97 -32.68
N GLY C 1133 -70.29 -25.20 -31.61
CA GLY C 1133 -70.46 -25.75 -30.28
C GLY C 1133 -69.20 -25.83 -29.44
N GLU C 1134 -68.04 -25.56 -30.03
CA GLU C 1134 -66.78 -25.58 -29.30
C GLU C 1134 -66.44 -24.18 -28.82
N LEU C 1135 -66.10 -24.07 -27.54
CA LEU C 1135 -65.65 -22.82 -26.94
C LEU C 1135 -64.18 -22.94 -26.57
N ALA C 1136 -63.36 -22.02 -27.06
CA ALA C 1136 -61.96 -22.02 -26.70
C ALA C 1136 -61.78 -21.75 -25.22
N ALA C 1137 -60.78 -22.38 -24.62
CA ALA C 1137 -60.57 -22.24 -23.19
C ALA C 1137 -60.22 -20.82 -22.80
N ASN C 1138 -59.69 -20.03 -23.73
CA ASN C 1138 -59.31 -18.67 -23.42
C ASN C 1138 -60.49 -17.72 -23.36
N ALA C 1139 -61.67 -18.15 -23.78
CA ALA C 1139 -62.86 -17.29 -23.68
C ALA C 1139 -63.38 -17.17 -22.27
N TRP C 1140 -62.95 -18.04 -21.37
CA TRP C 1140 -63.42 -18.01 -19.99
C TRP C 1140 -62.59 -17.04 -19.16
N LYS C 1141 -62.94 -16.93 -17.88
CA LYS C 1141 -62.22 -16.09 -16.94
C LYS C 1141 -62.14 -16.82 -15.60
N GLU C 1142 -61.02 -16.62 -14.90
CA GLU C 1142 -60.78 -17.33 -13.66
C GLU C 1142 -61.75 -16.86 -12.57
N TRP C 1143 -62.04 -17.77 -11.64
CA TRP C 1143 -62.91 -17.42 -10.52
C TRP C 1143 -62.25 -16.33 -9.68
N THR C 1144 -63.07 -15.40 -9.18
CA THR C 1144 -62.59 -14.33 -8.32
C THR C 1144 -63.49 -14.24 -7.09
N LYS C 1145 -62.88 -14.10 -5.92
CA LYS C 1145 -63.62 -14.13 -4.67
C LYS C 1145 -64.40 -12.84 -4.44
N ILE C 1146 -65.51 -12.96 -3.72
CA ILE C 1146 -66.29 -11.82 -3.26
C ILE C 1146 -66.14 -11.74 -1.76
N ASP C 1147 -65.70 -10.58 -1.26
CA ASP C 1147 -65.50 -10.37 0.18
C ASP C 1147 -66.21 -9.08 0.61
N THR C 1148 -67.51 -9.19 0.88
CA THR C 1148 -68.26 -8.05 1.39
C THR C 1148 -69.30 -8.48 2.43
N ALA C 1149 -69.10 -9.62 3.08
CA ALA C 1149 -69.97 -10.10 4.15
C ALA C 1149 -71.42 -10.28 3.65
N VAL C 1150 -71.59 -11.25 2.76
CA VAL C 1150 -72.89 -11.61 2.23
C VAL C 1150 -73.42 -12.82 2.98
N ASN C 1151 -74.71 -12.78 3.32
CA ASN C 1151 -75.38 -13.90 3.99
C ASN C 1151 -76.73 -14.14 3.32
N PRO C 1152 -76.73 -14.63 2.10
CA PRO C 1152 -77.98 -14.77 1.36
C PRO C 1152 -78.87 -15.84 1.97
N TYR C 1153 -80.17 -15.69 1.74
CA TYR C 1153 -81.16 -16.65 2.21
C TYR C 1153 -81.26 -17.76 1.19
N LYS C 1154 -80.82 -18.96 1.57
CA LYS C 1154 -80.79 -20.12 0.69
C LYS C 1154 -79.91 -19.85 -0.52
N ASP C 1155 -80.52 -19.73 -1.70
CA ASP C 1155 -79.78 -19.53 -2.94
C ASP C 1155 -80.32 -18.34 -3.71
N ALA C 1156 -80.76 -17.31 -3.00
CA ALA C 1156 -81.33 -16.12 -3.63
C ALA C 1156 -80.28 -15.02 -3.74
N ILE C 1157 -79.25 -15.29 -4.53
CA ILE C 1157 -78.18 -14.33 -4.80
C ILE C 1157 -77.82 -14.41 -6.27
N ARG C 1158 -77.65 -13.26 -6.92
CA ARG C 1158 -77.36 -13.29 -8.34
C ARG C 1158 -76.66 -12.01 -8.75
N PRO C 1159 -75.89 -12.04 -9.84
CA PRO C 1159 -75.29 -10.81 -10.37
C PRO C 1159 -76.19 -10.11 -11.37
N VAL C 1160 -75.82 -8.86 -11.65
CA VAL C 1160 -76.54 -8.04 -12.61
C VAL C 1160 -75.58 -6.97 -13.08
N ILE C 1161 -75.90 -6.32 -14.19
CA ILE C 1161 -75.10 -5.21 -14.70
C ILE C 1161 -76.03 -4.02 -14.88
N PHE C 1162 -75.90 -3.05 -14.00
CA PHE C 1162 -76.69 -1.84 -14.03
C PHE C 1162 -75.75 -0.65 -13.87
N ARG C 1163 -75.99 0.39 -14.64
CA ARG C 1163 -75.00 1.47 -14.81
C ARG C 1163 -73.67 0.89 -15.27
N GLU C 1164 -73.74 -0.07 -16.20
CA GLU C 1164 -72.58 -0.61 -16.92
C GLU C 1164 -71.43 -1.01 -15.99
N ARG C 1165 -71.75 -1.48 -14.80
CA ARG C 1165 -70.77 -2.07 -13.91
C ARG C 1165 -71.44 -3.18 -13.10
N LEU C 1166 -70.62 -4.14 -12.65
CA LEU C 1166 -71.15 -5.32 -12.00
C LEU C 1166 -71.79 -5.00 -10.66
N HIS C 1167 -72.93 -5.62 -10.40
CA HIS C 1167 -73.64 -5.51 -9.14
C HIS C 1167 -74.01 -6.91 -8.66
N LEU C 1168 -74.05 -7.07 -7.35
CA LEU C 1168 -74.50 -8.31 -6.72
C LEU C 1168 -75.73 -8.01 -5.89
N ILE C 1169 -76.80 -8.78 -6.11
CA ILE C 1169 -78.07 -8.53 -5.44
C ILE C 1169 -78.53 -9.82 -4.78
N TRP C 1170 -78.93 -9.72 -3.51
CA TRP C 1170 -79.34 -10.90 -2.76
C TRP C 1170 -80.40 -10.50 -1.73
N VAL C 1171 -80.92 -11.49 -1.02
CA VAL C 1171 -81.89 -11.26 0.04
C VAL C 1171 -81.43 -11.98 1.30
N GLU C 1172 -81.88 -11.48 2.45
CA GLU C 1172 -81.51 -12.03 3.74
C GLU C 1172 -82.75 -12.12 4.61
N LYS C 1173 -82.75 -13.06 5.54
CA LYS C 1173 -83.87 -13.29 6.43
C LYS C 1173 -83.44 -13.13 7.88
N GLU C 1174 -84.26 -12.43 8.66
CA GLU C 1174 -84.05 -12.29 10.09
C GLU C 1174 -85.34 -12.61 10.81
N GLU C 1175 -85.25 -12.82 12.12
CA GLU C 1175 -86.42 -13.09 12.95
C GLU C 1175 -86.66 -11.88 13.85
N VAL C 1176 -87.86 -11.32 13.79
CA VAL C 1176 -88.17 -10.08 14.49
C VAL C 1176 -89.57 -10.20 15.08
N ALA C 1177 -89.73 -9.73 16.31
CA ALA C 1177 -91.03 -9.70 16.98
C ALA C 1177 -91.59 -8.28 16.95
N LYS C 1178 -92.91 -8.19 16.79
CA LYS C 1178 -93.57 -6.89 16.83
C LYS C 1178 -93.61 -6.36 18.26
N ASN C 1179 -93.24 -5.11 18.43
CA ASN C 1179 -93.23 -4.50 19.76
C ASN C 1179 -94.66 -4.12 20.19
N GLY C 1180 -94.84 -4.01 21.50
CA GLY C 1180 -96.11 -3.59 22.05
C GLY C 1180 -97.26 -4.56 21.83
N THR C 1181 -97.00 -5.86 21.95
CA THR C 1181 -98.05 -6.87 21.85
C THR C 1181 -97.93 -7.79 23.06
N ASP C 1182 -99.03 -7.94 23.80
CA ASP C 1182 -98.99 -8.75 25.02
C ASP C 1182 -98.61 -10.19 24.75
N PRO C 1183 -99.24 -10.92 23.81
CA PRO C 1183 -98.65 -12.19 23.37
C PRO C 1183 -97.59 -11.94 22.32
N VAL C 1184 -96.32 -12.13 22.70
CA VAL C 1184 -95.21 -11.79 21.82
C VAL C 1184 -95.20 -12.79 20.67
N GLU C 1185 -95.43 -12.31 19.45
CA GLU C 1185 -95.37 -13.14 18.26
C GLU C 1185 -94.23 -12.66 17.37
N THR C 1186 -93.58 -13.63 16.72
CA THR C 1186 -92.43 -13.34 15.87
C THR C 1186 -92.79 -13.58 14.42
N TYR C 1187 -91.96 -13.03 13.53
CA TYR C 1187 -92.15 -13.22 12.10
C TYR C 1187 -90.81 -13.03 11.42
N ASP C 1188 -90.74 -13.50 10.17
CA ASP C 1188 -89.53 -13.42 9.38
C ASP C 1188 -89.54 -12.13 8.58
N ARG C 1189 -88.47 -11.35 8.70
CA ARG C 1189 -88.30 -10.13 7.94
C ARG C 1189 -87.27 -10.37 6.84
N PHE C 1190 -87.66 -10.05 5.61
CA PHE C 1190 -86.82 -10.25 4.44
C PHE C 1190 -86.28 -8.91 3.96
N THR C 1191 -84.98 -8.85 3.71
CA THR C 1191 -84.30 -7.63 3.34
C THR C 1191 -83.55 -7.84 2.03
N LEU C 1192 -83.75 -6.97 1.07
CA LEU C 1192 -83.06 -7.03 -0.21
C LEU C 1192 -81.84 -6.12 -0.16
N LYS C 1193 -80.68 -6.67 -0.50
CA LYS C 1193 -79.42 -5.95 -0.44
C LYS C 1193 -78.77 -5.92 -1.81
N LEU C 1194 -78.22 -4.77 -2.17
CA LEU C 1194 -77.59 -4.57 -3.47
C LEU C 1194 -76.24 -3.88 -3.27
N ALA C 1195 -75.20 -4.42 -3.90
CA ALA C 1195 -73.87 -3.83 -3.82
C ALA C 1195 -73.23 -3.81 -5.20
N PHE C 1196 -72.23 -2.96 -5.37
CA PHE C 1196 -71.56 -2.86 -6.66
C PHE C 1196 -70.05 -2.89 -6.50
N LEU C 1197 -69.38 -3.44 -7.51
CA LEU C 1197 -67.93 -3.57 -7.50
C LEU C 1197 -67.28 -2.27 -7.95
N ARG C 1198 -66.30 -1.80 -7.20
CA ARG C 1198 -65.67 -0.52 -7.47
C ARG C 1198 -64.55 -0.70 -8.49
N HIS C 1199 -63.75 0.34 -8.71
CA HIS C 1199 -62.73 0.28 -9.75
C HIS C 1199 -61.58 -0.64 -9.36
N ASP C 1200 -61.08 -0.51 -8.14
CA ASP C 1200 -59.88 -1.22 -7.71
C ASP C 1200 -60.18 -2.62 -7.18
N GLY C 1201 -61.38 -3.14 -7.45
CA GLY C 1201 -61.71 -4.48 -7.01
C GLY C 1201 -62.37 -4.57 -5.65
N SER C 1202 -62.52 -3.45 -4.94
CA SER C 1202 -63.21 -3.46 -3.65
C SER C 1202 -64.71 -3.38 -3.86
N TRP C 1203 -65.45 -3.82 -2.85
CA TRP C 1203 -66.91 -3.82 -2.88
C TRP C 1203 -67.45 -2.74 -1.97
N SER C 1204 -68.44 -2.01 -2.47
CA SER C 1204 -69.00 -0.89 -1.72
C SER C 1204 -70.00 -1.38 -0.68
N ALA C 1205 -70.39 -0.47 0.21
CA ALA C 1205 -71.42 -0.79 1.19
C ALA C 1205 -72.76 -0.98 0.48
N PRO C 1206 -73.57 -1.93 0.94
CA PRO C 1206 -74.78 -2.28 0.19
C PRO C 1206 -76.02 -1.47 0.59
N TRP C 1207 -76.76 -1.05 -0.43
CA TRP C 1207 -78.08 -0.49 -0.22
C TRP C 1207 -79.04 -1.57 0.26
N SER C 1208 -79.96 -1.19 1.14
CA SER C 1208 -80.88 -2.13 1.76
C SER C 1208 -82.31 -1.65 1.61
N TYR C 1209 -83.22 -2.60 1.35
CA TYR C 1209 -84.64 -2.31 1.25
C TYR C 1209 -85.42 -3.43 1.93
N ASP C 1210 -86.65 -3.13 2.31
CA ASP C 1210 -87.53 -4.08 2.97
C ASP C 1210 -88.56 -4.58 1.97
N ILE C 1211 -88.61 -5.90 1.77
CA ILE C 1211 -89.54 -6.50 0.81
C ILE C 1211 -90.34 -7.61 1.47
N THR C 1212 -90.58 -7.50 2.78
CA THR C 1212 -91.29 -8.54 3.50
C THR C 1212 -92.70 -8.73 2.96
N THR C 1213 -93.40 -7.63 2.70
CA THR C 1213 -94.78 -7.73 2.24
C THR C 1213 -94.87 -8.45 0.91
N GLN C 1214 -93.97 -8.11 -0.03
CA GLN C 1214 -94.01 -8.76 -1.34
C GLN C 1214 -93.74 -10.26 -1.23
N VAL C 1215 -92.75 -10.65 -0.42
CA VAL C 1215 -92.43 -12.06 -0.27
C VAL C 1215 -93.60 -12.81 0.34
N GLU C 1216 -94.19 -12.25 1.39
CA GLU C 1216 -95.33 -12.91 2.01
C GLU C 1216 -96.52 -12.99 1.07
N ALA C 1217 -96.70 -11.97 0.22
CA ALA C 1217 -97.82 -12.01 -0.72
C ALA C 1217 -97.60 -13.09 -1.78
N VAL C 1218 -96.41 -13.15 -2.37
CA VAL C 1218 -96.19 -14.09 -3.46
C VAL C 1218 -96.01 -15.52 -2.97
N THR C 1219 -95.71 -15.71 -1.69
CA THR C 1219 -95.51 -17.06 -1.16
C THR C 1219 -96.69 -17.55 -0.34
N ASP C 1220 -97.68 -16.69 -0.07
CA ASP C 1220 -98.84 -17.03 0.75
C ASP C 1220 -98.42 -17.42 2.16
N LYS C 1221 -97.40 -16.76 2.69
CA LYS C 1221 -96.94 -16.97 4.06
C LYS C 1221 -96.52 -18.40 4.32
N LYS C 1222 -95.98 -19.07 3.29
CA LYS C 1222 -95.39 -20.40 3.43
C LYS C 1222 -94.02 -20.40 2.78
N PRO C 1223 -93.07 -19.62 3.30
CA PRO C 1223 -91.74 -19.57 2.67
C PRO C 1223 -90.97 -20.86 2.80
N ASP C 1224 -91.32 -21.72 3.76
CA ASP C 1224 -90.58 -22.97 3.95
C ASP C 1224 -90.93 -24.01 2.90
N THR C 1225 -92.19 -24.07 2.48
CA THR C 1225 -92.63 -25.07 1.51
C THR C 1225 -92.37 -24.66 0.07
N GLU C 1226 -92.52 -23.37 -0.24
CA GLU C 1226 -92.31 -22.87 -1.59
C GLU C 1226 -90.89 -22.36 -1.74
N ARG C 1227 -90.37 -22.46 -2.96
CA ARG C 1227 -89.01 -22.00 -3.27
C ARG C 1227 -89.11 -20.57 -3.79
N LEU C 1228 -88.80 -19.61 -2.92
CA LEU C 1228 -88.76 -18.22 -3.34
C LEU C 1228 -87.62 -17.99 -4.32
N ALA C 1229 -87.89 -17.25 -5.38
CA ALA C 1229 -86.92 -17.01 -6.43
C ALA C 1229 -86.82 -15.52 -6.73
N LEU C 1230 -85.61 -15.08 -7.05
CA LEU C 1230 -85.30 -13.69 -7.31
C LEU C 1230 -84.70 -13.55 -8.70
N ALA C 1231 -85.20 -12.59 -9.47
CA ALA C 1231 -84.67 -12.29 -10.79
C ALA C 1231 -84.40 -10.80 -10.91
N ALA C 1232 -83.36 -10.45 -11.65
CA ALA C 1232 -82.96 -9.06 -11.79
C ALA C 1232 -82.57 -8.79 -13.24
N SER C 1233 -82.99 -7.64 -13.75
CA SER C 1233 -82.66 -7.24 -15.11
C SER C 1233 -82.33 -5.75 -15.14
N GLY C 1234 -81.57 -5.34 -16.13
CA GLY C 1234 -81.18 -3.95 -16.25
C GLY C 1234 -81.77 -3.25 -17.45
N PHE C 1235 -82.72 -2.36 -17.23
CA PHE C 1235 -83.36 -1.60 -18.31
C PHE C 1235 -82.44 -0.42 -18.62
N GLN C 1236 -81.64 -0.56 -19.68
CA GLN C 1236 -80.69 0.49 -20.03
C GLN C 1236 -81.37 1.69 -20.69
N GLY C 1237 -82.47 1.45 -21.41
CA GLY C 1237 -83.13 2.55 -22.10
C GLY C 1237 -83.60 3.64 -21.15
N GLU C 1238 -84.19 3.24 -20.03
CA GLU C 1238 -84.64 4.19 -19.01
C GLU C 1238 -83.65 4.33 -17.86
N ASP C 1239 -82.52 3.62 -17.91
CA ASP C 1239 -81.48 3.67 -16.89
C ASP C 1239 -82.05 3.32 -15.51
N THR C 1240 -82.48 2.07 -15.40
CA THR C 1240 -83.04 1.60 -14.14
C THR C 1240 -82.82 0.10 -14.01
N LEU C 1241 -83.09 -0.42 -12.82
CA LEU C 1241 -82.93 -1.83 -12.51
C LEU C 1241 -84.27 -2.39 -12.08
N LEU C 1242 -84.66 -3.52 -12.67
CA LEU C 1242 -85.93 -4.16 -12.36
C LEU C 1242 -85.66 -5.43 -11.57
N VAL C 1243 -86.39 -5.62 -10.48
CA VAL C 1243 -86.24 -6.78 -9.61
C VAL C 1243 -87.60 -7.45 -9.48
N PHE C 1244 -87.63 -8.76 -9.63
CA PHE C 1244 -88.85 -9.53 -9.50
C PHE C 1244 -88.64 -10.64 -8.48
N VAL C 1245 -89.65 -10.83 -7.63
CA VAL C 1245 -89.67 -11.88 -6.63
C VAL C 1245 -90.88 -12.75 -6.90
N TYR C 1246 -90.66 -14.06 -7.02
CA TYR C 1246 -91.76 -14.93 -7.42
C TYR C 1246 -91.60 -16.30 -6.75
N LYS C 1247 -92.58 -17.16 -7.02
CA LYS C 1247 -92.59 -18.52 -6.49
C LYS C 1247 -92.34 -19.49 -7.64
N THR C 1248 -91.37 -20.38 -7.45
CA THR C 1248 -90.98 -21.30 -8.51
C THR C 1248 -92.14 -22.22 -8.88
N GLY C 1249 -92.39 -22.37 -10.18
CA GLY C 1249 -93.48 -23.18 -10.67
C GLY C 1249 -93.16 -23.69 -12.05
N LYS C 1250 -94.08 -24.50 -12.59
CA LYS C 1250 -93.86 -25.10 -13.90
C LYS C 1250 -93.97 -24.05 -15.01
N SER C 1251 -94.91 -23.12 -14.90
CA SER C 1251 -95.09 -22.09 -15.90
C SER C 1251 -95.70 -20.85 -15.25
N TYR C 1252 -95.64 -19.74 -15.97
CA TYR C 1252 -96.12 -18.47 -15.47
C TYR C 1252 -97.03 -17.81 -16.48
N SER C 1253 -98.08 -17.16 -15.99
CA SER C 1253 -98.98 -16.41 -16.85
C SER C 1253 -98.49 -14.96 -16.93
N ASP C 1254 -99.32 -14.09 -17.50
CA ASP C 1254 -98.93 -12.69 -17.65
C ASP C 1254 -98.88 -12.00 -16.28
N PHE C 1255 -97.97 -11.04 -16.16
CA PHE C 1255 -97.76 -10.36 -14.90
C PHE C 1255 -98.90 -9.39 -14.61
N GLY C 1256 -99.03 -9.02 -13.35
CA GLY C 1256 -100.01 -8.04 -12.93
C GLY C 1256 -101.41 -8.61 -12.92
N GLY C 1257 -102.35 -7.75 -12.56
CA GLY C 1257 -103.74 -8.15 -12.53
C GLY C 1257 -103.99 -9.23 -11.49
N SER C 1258 -104.64 -10.32 -11.92
CA SER C 1258 -104.99 -11.40 -11.01
C SER C 1258 -103.81 -12.28 -10.64
N ASN C 1259 -102.70 -12.20 -11.37
CA ASN C 1259 -101.55 -13.05 -11.08
C ASN C 1259 -100.89 -12.59 -9.78
N LYS C 1260 -101.03 -13.39 -8.73
CA LYS C 1260 -100.52 -13.06 -7.41
C LYS C 1260 -99.14 -13.65 -7.15
N ASN C 1261 -98.54 -14.31 -8.14
CA ASN C 1261 -97.31 -15.05 -7.94
C ASN C 1261 -96.06 -14.25 -8.24
N VAL C 1262 -96.18 -12.99 -8.68
CA VAL C 1262 -95.02 -12.18 -9.05
C VAL C 1262 -95.16 -10.81 -8.41
N ALA C 1263 -94.08 -10.33 -7.80
CA ALA C 1263 -94.02 -8.98 -7.26
C ALA C 1263 -92.80 -8.28 -7.83
N GLY C 1264 -92.91 -6.96 -8.01
CA GLY C 1264 -91.91 -6.19 -8.70
C GLY C 1264 -91.33 -5.07 -7.85
N MET C 1265 -90.21 -4.54 -8.33
CA MET C 1265 -89.50 -3.47 -7.66
C MET C 1265 -88.62 -2.76 -8.68
N THR C 1266 -88.50 -1.44 -8.56
CA THR C 1266 -87.73 -0.63 -9.49
C THR C 1266 -86.71 0.19 -8.72
N ILE C 1267 -85.46 0.17 -9.18
CA ILE C 1267 -84.37 0.86 -8.51
C ILE C 1267 -83.74 1.84 -9.49
N TYR C 1268 -83.54 3.08 -9.05
CA TYR C 1268 -83.00 4.13 -9.89
C TYR C 1268 -81.50 4.26 -9.67
N GLY C 1269 -80.90 5.24 -10.35
CA GLY C 1269 -79.46 5.41 -10.27
C GLY C 1269 -78.98 5.83 -8.88
N ASP C 1270 -79.69 6.76 -8.26
CA ASP C 1270 -79.28 7.29 -6.97
C ASP C 1270 -79.52 6.32 -5.82
N GLY C 1271 -80.20 5.21 -6.07
CA GLY C 1271 -80.51 4.24 -5.04
C GLY C 1271 -81.94 4.28 -4.55
N SER C 1272 -82.70 5.32 -4.87
CA SER C 1272 -84.10 5.36 -4.48
C SER C 1272 -84.88 4.28 -5.24
N PHE C 1273 -85.91 3.77 -4.59
CA PHE C 1273 -86.73 2.69 -5.13
C PHE C 1273 -88.17 3.15 -5.32
N LYS C 1274 -88.95 2.28 -5.94
CA LYS C 1274 -90.38 2.54 -6.15
C LYS C 1274 -91.06 1.22 -6.42
N LYS C 1275 -92.00 0.84 -5.55
CA LYS C 1275 -92.74 -0.40 -5.74
C LYS C 1275 -93.67 -0.28 -6.94
N MET C 1276 -93.65 -1.28 -7.80
CA MET C 1276 -94.41 -1.24 -9.04
C MET C 1276 -95.88 -1.54 -8.82
N GLU C 1277 -96.73 -0.95 -9.66
CA GLU C 1277 -98.16 -1.19 -9.64
C GLU C 1277 -98.55 -2.10 -10.78
N ASN C 1278 -99.85 -2.40 -10.87
CA ASN C 1278 -100.32 -3.35 -11.89
C ASN C 1278 -100.06 -2.84 -13.29
N THR C 1279 -100.32 -1.56 -13.54
CA THR C 1279 -100.10 -1.00 -14.88
C THR C 1279 -98.64 -1.09 -15.29
N ALA C 1280 -97.73 -0.76 -14.38
CA ALA C 1280 -96.31 -0.89 -14.68
C ALA C 1280 -95.89 -2.35 -14.74
N LEU C 1281 -96.50 -3.21 -13.91
CA LEU C 1281 -96.13 -4.62 -13.90
C LEU C 1281 -96.48 -5.30 -15.22
N SER C 1282 -97.63 -4.98 -15.79
CA SER C 1282 -98.03 -5.60 -17.05
C SER C 1282 -97.12 -5.22 -18.20
N ARG C 1283 -96.30 -4.18 -18.04
CA ARG C 1283 -95.41 -3.76 -19.11
C ARG C 1283 -94.31 -4.78 -19.36
N TYR C 1284 -93.88 -5.50 -18.33
CA TYR C 1284 -92.75 -6.42 -18.41
C TYR C 1284 -93.18 -7.87 -18.43
N SER C 1285 -94.34 -8.18 -19.03
CA SER C 1285 -94.82 -9.55 -19.04
C SER C 1285 -93.96 -10.47 -19.90
N GLN C 1286 -93.16 -9.91 -20.80
CA GLN C 1286 -92.36 -10.74 -21.69
C GLN C 1286 -91.13 -11.32 -21.03
N LEU C 1287 -90.80 -10.90 -19.81
CA LEU C 1287 -89.62 -11.40 -19.13
C LEU C 1287 -89.84 -12.74 -18.45
N LYS C 1288 -91.07 -13.26 -18.45
CA LYS C 1288 -91.35 -14.50 -17.75
C LYS C 1288 -90.62 -15.68 -18.37
N ASN C 1289 -90.16 -15.56 -19.62
CA ASN C 1289 -89.44 -16.66 -20.24
C ASN C 1289 -88.05 -16.85 -19.66
N THR C 1290 -87.56 -15.93 -18.82
CA THR C 1290 -86.25 -16.05 -18.22
C THR C 1290 -86.34 -16.31 -16.71
N PHE C 1291 -87.36 -17.02 -16.26
CA PHE C 1291 -87.52 -17.38 -14.87
C PHE C 1291 -87.17 -18.84 -14.66
N ASP C 1292 -86.75 -19.16 -13.44
CA ASP C 1292 -86.51 -20.56 -13.08
C ASP C 1292 -87.83 -21.33 -13.05
N ILE C 1293 -87.80 -22.54 -13.58
CA ILE C 1293 -89.00 -23.36 -13.68
C ILE C 1293 -88.69 -24.78 -13.24
N ILE C 1294 -89.75 -25.52 -12.92
CA ILE C 1294 -89.65 -26.94 -12.62
C ILE C 1294 -89.92 -27.71 -13.90
N HIS C 1295 -88.98 -28.58 -14.28
CA HIS C 1295 -89.12 -29.32 -15.52
C HIS C 1295 -90.35 -30.21 -15.49
N THR C 1296 -91.10 -30.22 -16.60
CA THR C 1296 -92.29 -31.04 -16.67
C THR C 1296 -91.94 -32.53 -16.63
N GLN C 1297 -90.94 -32.95 -17.39
CA GLN C 1297 -90.51 -34.34 -17.41
C GLN C 1297 -89.44 -34.52 -16.34
N GLY C 1298 -89.87 -34.94 -15.16
CA GLY C 1298 -88.96 -35.07 -14.04
C GLY C 1298 -88.84 -33.79 -13.25
N ASN C 1299 -89.13 -33.85 -11.95
CA ASN C 1299 -89.13 -32.67 -11.10
C ASN C 1299 -87.69 -32.23 -10.84
N ASP C 1300 -87.09 -31.67 -11.89
CA ASP C 1300 -85.71 -31.20 -11.87
C ASP C 1300 -85.70 -29.69 -12.01
N LEU C 1301 -85.05 -29.01 -11.08
CA LEU C 1301 -84.97 -27.56 -11.13
C LEU C 1301 -84.01 -27.12 -12.22
N VAL C 1302 -84.43 -26.16 -13.03
CA VAL C 1302 -83.58 -25.57 -14.06
C VAL C 1302 -83.54 -24.07 -13.85
N ARG C 1303 -82.35 -23.50 -13.88
CA ARG C 1303 -82.17 -22.08 -13.70
C ARG C 1303 -81.89 -21.43 -15.05
N LYS C 1304 -82.60 -20.35 -15.34
CA LYS C 1304 -82.43 -19.62 -16.59
C LYS C 1304 -81.77 -18.28 -16.30
N ALA C 1305 -80.74 -17.97 -17.07
CA ALA C 1305 -80.03 -16.71 -16.89
C ALA C 1305 -80.91 -15.54 -17.29
N SER C 1306 -80.85 -14.47 -16.49
CA SER C 1306 -81.63 -13.27 -16.79
C SER C 1306 -81.02 -12.52 -17.97
N TYR C 1307 -81.80 -11.60 -18.52
CA TYR C 1307 -81.40 -10.86 -19.71
C TYR C 1307 -81.70 -9.37 -19.53
N ARG C 1308 -80.95 -8.55 -20.25
CA ARG C 1308 -81.24 -7.12 -20.29
C ARG C 1308 -82.56 -6.89 -21.00
N PHE C 1309 -83.38 -6.00 -20.45
CA PHE C 1309 -84.72 -5.79 -20.97
C PHE C 1309 -84.74 -4.68 -22.01
N ALA C 1310 -85.65 -4.85 -22.98
CA ALA C 1310 -85.97 -3.82 -23.95
C ALA C 1310 -87.38 -4.06 -24.44
N GLN C 1311 -88.00 -3.03 -25.00
CA GLN C 1311 -89.41 -3.13 -25.36
C GLN C 1311 -89.62 -4.05 -26.55
N ASP C 1312 -89.10 -3.68 -27.71
CA ASP C 1312 -89.11 -4.55 -28.87
C ASP C 1312 -87.78 -4.59 -29.58
N PHE C 1313 -87.07 -3.47 -29.64
CA PHE C 1313 -85.75 -3.40 -30.25
C PHE C 1313 -84.86 -2.54 -29.38
N GLU C 1314 -83.57 -2.84 -29.39
CA GLU C 1314 -82.58 -2.11 -28.62
C GLU C 1314 -81.74 -1.27 -29.58
N VAL C 1315 -81.64 0.02 -29.28
CA VAL C 1315 -80.85 0.95 -30.09
C VAL C 1315 -80.09 1.85 -29.13
N PRO C 1316 -78.80 2.09 -29.35
CA PRO C 1316 -78.02 2.88 -28.38
C PRO C 1316 -78.59 4.28 -28.22
N ALA C 1317 -78.50 4.78 -26.99
CA ALA C 1317 -79.13 6.06 -26.66
C ALA C 1317 -78.45 7.23 -27.38
N SER C 1318 -77.14 7.18 -27.54
CA SER C 1318 -76.40 8.29 -28.12
C SER C 1318 -75.36 7.76 -29.10
N LEU C 1319 -74.88 8.65 -29.96
CA LEU C 1319 -73.89 8.26 -30.96
C LEU C 1319 -72.99 9.45 -31.25
N ASN C 1320 -71.69 9.27 -31.04
CA ASN C 1320 -70.71 10.33 -31.23
C ASN C 1320 -70.13 10.21 -32.64
N MET C 1321 -70.43 11.18 -33.50
CA MET C 1321 -69.94 11.14 -34.87
C MET C 1321 -68.42 11.18 -34.90
N GLY C 1322 -67.82 12.06 -34.10
CA GLY C 1322 -66.39 12.26 -34.13
C GLY C 1322 -65.99 13.57 -34.78
N SER C 1323 -64.96 13.55 -35.60
CA SER C 1323 -64.49 14.74 -36.30
C SER C 1323 -63.89 14.33 -37.64
N ALA C 1324 -63.78 15.31 -38.53
CA ALA C 1324 -63.25 15.05 -39.86
C ALA C 1324 -62.53 16.29 -40.37
N ILE C 1325 -61.68 16.09 -41.36
CA ILE C 1325 -60.88 17.15 -41.97
C ILE C 1325 -61.40 17.37 -43.38
N GLY C 1326 -61.62 18.63 -43.74
CA GLY C 1326 -62.11 18.97 -45.05
C GLY C 1326 -61.03 18.88 -46.11
N ASP C 1327 -61.40 19.28 -47.32
CA ASP C 1327 -60.48 19.24 -48.44
C ASP C 1327 -59.38 20.29 -48.26
N ASP C 1328 -58.17 19.94 -48.71
CA ASP C 1328 -57.02 20.84 -48.71
C ASP C 1328 -56.64 21.33 -47.32
N SER C 1329 -57.07 20.60 -46.28
CA SER C 1329 -56.76 20.93 -44.89
C SER C 1329 -57.13 22.37 -44.56
N LEU C 1330 -58.33 22.76 -44.98
CA LEU C 1330 -58.81 24.12 -44.79
C LEU C 1330 -59.80 24.25 -43.63
N THR C 1331 -60.76 23.34 -43.54
CA THR C 1331 -61.81 23.40 -42.54
C THR C 1331 -61.89 22.08 -41.78
N VAL C 1332 -62.78 22.05 -40.78
CA VAL C 1332 -62.91 20.87 -39.94
C VAL C 1332 -64.29 20.89 -39.29
N MET C 1333 -64.94 19.73 -39.27
CA MET C 1333 -66.17 19.53 -38.52
C MET C 1333 -65.85 18.85 -37.20
N GLU C 1334 -66.46 19.36 -36.12
CA GLU C 1334 -66.17 18.87 -34.78
C GLU C 1334 -67.47 18.69 -34.02
N ASN C 1335 -67.36 17.96 -32.91
CA ASN C 1335 -68.41 17.86 -31.89
C ASN C 1335 -69.70 17.28 -32.45
N GLY C 1336 -69.62 16.52 -33.54
CA GLY C 1336 -70.79 15.87 -34.08
C GLY C 1336 -71.31 14.85 -33.10
N ASN C 1337 -72.58 14.97 -32.70
CA ASN C 1337 -73.10 14.10 -31.67
C ASN C 1337 -74.62 14.02 -31.79
N ILE C 1338 -75.16 12.83 -31.55
CA ILE C 1338 -76.60 12.63 -31.45
C ILE C 1338 -76.89 12.13 -30.05
N PRO C 1339 -77.36 12.99 -29.15
CA PRO C 1339 -77.46 12.60 -27.74
C PRO C 1339 -78.63 11.69 -27.41
N GLN C 1340 -79.77 11.84 -28.09
CA GLN C 1340 -80.94 11.03 -27.84
C GLN C 1340 -81.35 10.30 -29.11
N ILE C 1341 -81.51 8.99 -29.01
CA ILE C 1341 -82.04 8.16 -30.08
C ILE C 1341 -83.14 7.28 -29.49
N THR C 1342 -84.36 7.45 -29.99
CA THR C 1342 -85.51 6.71 -29.47
C THR C 1342 -86.11 5.85 -30.55
N SER C 1343 -86.79 4.78 -30.14
CA SER C 1343 -87.40 3.83 -31.05
C SER C 1343 -88.86 3.63 -30.67
N LYS C 1344 -89.68 3.35 -31.67
CA LYS C 1344 -91.10 3.08 -31.45
C LYS C 1344 -91.56 2.02 -32.44
N TYR C 1345 -92.03 0.89 -31.93
CA TYR C 1345 -92.52 -0.21 -32.75
C TYR C 1345 -94.03 -0.27 -32.61
N SER C 1346 -94.74 0.27 -33.59
CA SER C 1346 -96.20 0.31 -33.56
C SER C 1346 -96.73 -0.62 -34.64
N SER C 1347 -97.60 -1.56 -34.23
CA SER C 1347 -98.10 -2.59 -35.13
C SER C 1347 -96.95 -3.39 -35.72
N ASP C 1348 -96.63 -3.15 -36.98
CA ASP C 1348 -95.50 -3.79 -37.64
C ASP C 1348 -94.55 -2.78 -38.28
N ASN C 1349 -94.56 -1.54 -37.78
CA ASN C 1349 -93.72 -0.48 -38.31
C ASN C 1349 -92.79 0.02 -37.22
N LEU C 1350 -91.50 0.08 -37.53
CA LEU C 1350 -90.48 0.56 -36.61
C LEU C 1350 -90.04 1.95 -37.03
N ALA C 1351 -90.12 2.90 -36.12
CA ALA C 1351 -89.72 4.28 -36.38
C ALA C 1351 -88.62 4.67 -35.41
N ILE C 1352 -87.61 5.37 -35.93
CA ILE C 1352 -86.47 5.79 -35.14
C ILE C 1352 -86.40 7.31 -35.16
N THR C 1353 -86.32 7.91 -33.98
CA THR C 1353 -86.27 9.36 -33.85
C THR C 1353 -84.90 9.77 -33.31
N LEU C 1354 -84.27 10.73 -33.97
CA LEU C 1354 -82.99 11.27 -33.56
C LEU C 1354 -83.21 12.69 -33.06
N HIS C 1355 -82.76 12.97 -31.83
CA HIS C 1355 -82.99 14.26 -31.20
C HIS C 1355 -81.68 15.03 -31.10
N ASN C 1356 -81.71 16.30 -31.53
CA ASN C 1356 -80.60 17.24 -31.35
C ASN C 1356 -79.35 16.76 -32.07
N ALA C 1357 -79.50 16.41 -33.34
CA ALA C 1357 -78.34 16.08 -34.17
C ALA C 1357 -77.60 17.38 -34.48
N ALA C 1358 -76.40 17.52 -33.93
CA ALA C 1358 -75.67 18.78 -34.01
C ALA C 1358 -74.22 18.53 -34.36
N PHE C 1359 -73.59 19.54 -34.96
CA PHE C 1359 -72.17 19.51 -35.27
C PHE C 1359 -71.70 20.93 -35.59
N THR C 1360 -70.42 21.20 -35.36
CA THR C 1360 -69.87 22.52 -35.60
C THR C 1360 -68.90 22.47 -36.76
N VAL C 1361 -68.90 23.53 -37.58
CA VAL C 1361 -67.99 23.67 -38.70
C VAL C 1361 -67.09 24.87 -38.45
N ARG C 1362 -65.78 24.68 -38.56
CA ARG C 1362 -64.84 25.74 -38.29
C ARG C 1362 -63.74 25.76 -39.34
N TYR C 1363 -63.41 26.95 -39.83
CA TYR C 1363 -62.30 27.13 -40.76
C TYR C 1363 -60.99 27.04 -39.99
N ASP C 1364 -60.24 25.97 -40.20
CA ASP C 1364 -58.99 25.75 -39.48
C ASP C 1364 -58.21 24.65 -40.16
N GLY C 1365 -56.89 24.83 -40.27
CA GLY C 1365 -56.01 23.83 -40.81
C GLY C 1365 -55.33 23.05 -39.70
N SER C 1366 -55.14 21.75 -39.92
CA SER C 1366 -54.58 20.88 -38.89
C SER C 1366 -53.05 20.80 -39.00
N GLY C 1367 -52.42 21.95 -39.12
CA GLY C 1367 -50.98 22.05 -39.06
C GLY C 1367 -50.33 22.12 -40.43
N ASN C 1368 -50.02 23.35 -40.87
CA ASN C 1368 -49.29 23.60 -42.11
C ASN C 1368 -49.12 25.10 -42.31
N VAL C 1369 -48.50 25.50 -43.41
CA VAL C 1369 -48.42 26.92 -43.75
C VAL C 1369 -49.80 27.50 -44.01
N ILE C 1370 -50.74 26.67 -44.47
CA ILE C 1370 -52.07 27.16 -44.83
C ILE C 1370 -52.75 27.77 -43.61
N ARG C 1371 -52.85 27.01 -42.52
CA ARG C 1371 -53.52 27.50 -41.33
C ARG C 1371 -52.78 28.70 -40.76
N ASN C 1372 -51.45 28.65 -40.74
CA ASN C 1372 -50.67 29.71 -40.13
C ASN C 1372 -50.86 31.03 -40.86
N LYS C 1373 -50.92 31.00 -42.19
CA LYS C 1373 -50.88 32.24 -42.96
C LYS C 1373 -52.17 32.53 -43.70
N GLN C 1374 -52.65 31.62 -44.55
CA GLN C 1374 -53.74 31.96 -45.46
C GLN C 1374 -55.04 32.15 -44.72
N ILE C 1375 -55.35 31.26 -43.77
CA ILE C 1375 -56.59 31.37 -43.03
C ILE C 1375 -56.63 32.67 -42.23
N SER C 1376 -55.53 33.00 -41.57
CA SER C 1376 -55.45 34.28 -40.87
C SER C 1376 -55.56 35.45 -41.84
N ALA C 1377 -55.08 35.27 -43.07
CA ALA C 1377 -55.20 36.33 -44.07
C ALA C 1377 -56.66 36.58 -44.43
N MET C 1378 -57.43 35.51 -44.62
CA MET C 1378 -58.84 35.70 -44.96
C MET C 1378 -59.70 36.12 -43.78
N LYS C 1379 -59.18 36.07 -42.55
CA LYS C 1379 -59.95 36.52 -41.40
C LYS C 1379 -59.79 38.02 -41.14
N LEU C 1380 -58.94 38.70 -41.91
CA LEU C 1380 -58.74 40.13 -41.72
C LEU C 1380 -59.95 40.91 -42.21
N THR C 1381 -60.11 42.11 -41.66
CA THR C 1381 -61.21 42.98 -42.07
C THR C 1381 -60.80 43.83 -43.25
N GLY C 1382 -61.70 43.97 -44.22
CA GLY C 1382 -61.44 44.77 -45.40
C GLY C 1382 -61.66 46.24 -45.12
N VAL C 1383 -61.49 47.04 -46.18
CA VAL C 1383 -61.67 48.48 -46.08
C VAL C 1383 -63.08 48.92 -46.45
N ASP C 1384 -63.82 48.12 -47.21
CA ASP C 1384 -65.21 48.43 -47.52
C ASP C 1384 -66.14 48.12 -46.36
N GLY C 1385 -65.60 47.64 -45.25
CA GLY C 1385 -66.38 47.36 -44.06
C GLY C 1385 -66.46 45.89 -43.70
N LYS C 1386 -65.57 45.47 -42.80
CA LYS C 1386 -65.62 44.18 -42.12
C LYS C 1386 -65.86 43.00 -43.05
N SER C 1387 -66.60 42.01 -42.56
CA SER C 1387 -67.03 40.86 -43.35
C SER C 1387 -65.86 40.02 -43.85
N GLN C 1388 -65.65 40.02 -45.17
CA GLN C 1388 -64.73 39.13 -45.88
C GLN C 1388 -65.12 37.67 -45.77
N TYR C 1389 -66.35 37.37 -45.38
CA TYR C 1389 -66.85 36.01 -45.32
C TYR C 1389 -67.76 35.74 -46.51
N GLY C 1390 -67.67 34.52 -47.04
CA GLY C 1390 -68.46 34.15 -48.20
C GLY C 1390 -67.95 34.69 -49.51
N ASN C 1391 -66.74 35.23 -49.54
CA ASN C 1391 -66.17 35.77 -50.77
C ASN C 1391 -65.37 34.69 -51.50
N ALA C 1392 -65.03 34.99 -52.75
CA ALA C 1392 -64.21 34.10 -53.55
C ALA C 1392 -62.74 34.47 -53.38
N PHE C 1393 -61.90 33.46 -53.16
CA PHE C 1393 -60.49 33.68 -52.86
C PHE C 1393 -59.62 32.89 -53.83
N ILE C 1394 -58.43 33.43 -54.08
CA ILE C 1394 -57.39 32.76 -54.86
C ILE C 1394 -56.20 32.55 -53.95
N ILE C 1395 -55.77 31.30 -53.80
CA ILE C 1395 -54.68 30.95 -52.91
C ILE C 1395 -53.68 30.08 -53.67
N ALA C 1396 -52.57 29.80 -53.00
CA ALA C 1396 -51.49 29.00 -53.59
C ALA C 1396 -51.51 27.60 -53.01
N ASN C 1397 -51.17 26.62 -53.84
CA ASN C 1397 -51.08 25.23 -53.40
C ASN C 1397 -50.02 25.05 -52.34
N THR C 1398 -48.76 25.26 -52.71
CA THR C 1398 -47.64 25.12 -51.79
C THR C 1398 -46.73 26.32 -51.93
N VAL C 1399 -46.43 26.97 -50.81
CA VAL C 1399 -45.55 28.13 -50.77
C VAL C 1399 -44.32 27.77 -49.97
N LYS C 1400 -43.13 28.07 -50.51
CA LYS C 1400 -41.89 27.74 -49.84
C LYS C 1400 -40.96 28.94 -49.86
N HIS C 1401 -40.19 29.10 -48.77
CA HIS C 1401 -39.20 30.16 -48.72
C HIS C 1401 -38.18 29.97 -49.83
N TYR C 1402 -37.89 31.05 -50.56
CA TYR C 1402 -37.02 30.98 -51.72
C TYR C 1402 -35.68 31.66 -51.50
N GLY C 1403 -35.69 32.85 -50.92
CA GLY C 1403 -34.44 33.57 -50.71
C GLY C 1403 -34.69 34.87 -50.01
N GLY C 1404 -33.65 35.70 -49.96
CA GLY C 1404 -33.68 36.98 -49.33
C GLY C 1404 -32.59 37.12 -48.29
N TYR C 1405 -32.55 38.30 -47.67
CA TYR C 1405 -31.55 38.56 -46.64
C TYR C 1405 -31.75 37.64 -45.44
N SER C 1406 -33.00 37.42 -45.04
CA SER C 1406 -33.32 36.52 -43.95
C SER C 1406 -34.70 35.93 -44.19
N ASP C 1407 -34.96 34.82 -43.53
CA ASP C 1407 -36.25 34.13 -43.67
C ASP C 1407 -37.18 34.62 -42.57
N LEU C 1408 -37.99 35.61 -42.89
CA LEU C 1408 -39.03 36.08 -41.99
C LEU C 1408 -40.21 35.12 -42.09
N GLY C 1409 -41.35 35.53 -41.53
CA GLY C 1409 -42.55 34.74 -41.73
C GLY C 1409 -42.98 34.63 -43.17
N GLY C 1410 -42.46 35.51 -44.03
CA GLY C 1410 -42.73 35.46 -45.44
C GLY C 1410 -44.05 36.13 -45.77
N PRO C 1411 -44.05 37.01 -46.76
CA PRO C 1411 -45.30 37.65 -47.15
C PRO C 1411 -46.19 36.67 -47.89
N ILE C 1412 -47.22 36.19 -47.22
CA ILE C 1412 -48.19 35.27 -47.81
C ILE C 1412 -49.39 36.10 -48.24
N THR C 1413 -49.73 36.03 -49.52
CA THR C 1413 -50.74 36.90 -50.11
C THR C 1413 -51.90 36.08 -50.64
N VAL C 1414 -53.10 36.65 -50.52
CA VAL C 1414 -54.33 36.03 -50.99
C VAL C 1414 -55.16 37.10 -51.70
N TYR C 1415 -55.80 36.71 -52.80
CA TYR C 1415 -56.61 37.61 -53.60
C TYR C 1415 -58.09 37.40 -53.32
N ASN C 1416 -58.82 38.48 -53.12
CA ASN C 1416 -60.26 38.46 -52.95
C ASN C 1416 -60.88 39.00 -54.23
N LYS C 1417 -61.55 38.13 -54.99
CA LYS C 1417 -62.09 38.49 -56.29
C LYS C 1417 -63.37 39.30 -56.17
N THR C 1418 -64.19 39.03 -55.15
CA THR C 1418 -65.46 39.74 -55.02
C THR C 1418 -65.27 41.23 -54.80
N LYS C 1419 -64.18 41.62 -54.14
CA LYS C 1419 -63.89 43.01 -53.88
C LYS C 1419 -62.54 43.46 -54.42
N ASN C 1420 -61.80 42.58 -55.09
CA ASN C 1420 -60.48 42.89 -55.64
C ASN C 1420 -59.54 43.42 -54.56
N TYR C 1421 -59.29 42.57 -53.57
CA TYR C 1421 -58.42 42.91 -52.45
C TYR C 1421 -57.19 42.01 -52.47
N ILE C 1422 -56.09 42.51 -51.96
CA ILE C 1422 -54.89 41.71 -51.72
C ILE C 1422 -54.59 41.76 -50.23
N ALA C 1423 -54.62 40.59 -49.59
CA ALA C 1423 -54.36 40.48 -48.16
C ALA C 1423 -53.04 39.77 -47.96
N SER C 1424 -52.12 40.40 -47.23
CA SER C 1424 -50.79 39.86 -47.02
C SER C 1424 -50.50 39.73 -45.54
N VAL C 1425 -49.84 38.64 -45.16
CA VAL C 1425 -49.45 38.38 -43.78
C VAL C 1425 -47.96 38.08 -43.74
N GLN C 1426 -47.39 38.25 -42.55
CA GLN C 1426 -45.96 38.06 -42.33
C GLN C 1426 -45.75 37.67 -40.87
N GLY C 1427 -44.56 37.12 -40.59
CA GLY C 1427 -44.25 36.70 -39.24
C GLY C 1427 -43.55 37.74 -38.40
N HIS C 1428 -42.42 38.25 -38.89
CA HIS C 1428 -41.65 39.26 -38.18
C HIS C 1428 -41.16 40.30 -39.18
N LEU C 1429 -40.43 41.28 -38.66
CA LEU C 1429 -39.75 42.29 -39.47
C LEU C 1429 -38.37 42.51 -38.89
N MET C 1430 -37.41 42.84 -39.76
CA MET C 1430 -36.02 42.99 -39.31
C MET C 1430 -35.83 44.27 -38.51
N ASN C 1431 -36.07 45.42 -39.14
CA ASN C 1431 -35.87 46.69 -38.48
C ASN C 1431 -36.87 47.69 -39.03
N ALA C 1432 -37.40 48.54 -38.15
CA ALA C 1432 -38.48 49.45 -38.53
C ALA C 1432 -38.01 50.64 -39.35
N ASP C 1433 -36.72 50.98 -39.31
CA ASP C 1433 -36.25 52.17 -40.02
C ASP C 1433 -36.31 52.00 -41.52
N TYR C 1434 -36.07 50.80 -42.03
CA TYR C 1434 -36.11 50.57 -43.47
C TYR C 1434 -37.54 50.70 -43.98
N THR C 1435 -37.67 51.31 -45.16
CA THR C 1435 -38.97 51.36 -45.82
C THR C 1435 -39.36 49.96 -46.27
N ARG C 1436 -40.65 49.65 -46.14
CA ARG C 1436 -41.16 48.32 -46.45
C ARG C 1436 -42.38 48.43 -47.35
N ARG C 1437 -42.44 47.58 -48.36
CA ARG C 1437 -43.60 47.55 -49.24
C ARG C 1437 -43.71 46.18 -49.89
N LEU C 1438 -44.95 45.74 -50.09
CA LEU C 1438 -45.21 44.48 -50.76
C LEU C 1438 -44.96 44.64 -52.25
N ILE C 1439 -44.23 43.69 -52.83
CA ILE C 1439 -43.83 43.74 -54.23
C ILE C 1439 -44.06 42.38 -54.86
N LEU C 1440 -44.79 42.35 -55.97
CA LEU C 1440 -45.12 41.12 -56.67
C LEU C 1440 -44.59 41.23 -58.10
N THR C 1441 -43.60 40.37 -58.42
CA THR C 1441 -42.92 40.30 -59.71
C THR C 1441 -42.95 38.85 -60.16
N PRO C 1442 -43.00 38.60 -61.47
CA PRO C 1442 -42.94 37.22 -61.96
C PRO C 1442 -41.53 36.66 -62.10
N VAL C 1443 -40.49 37.45 -61.87
CA VAL C 1443 -39.12 37.00 -62.09
C VAL C 1443 -38.26 37.03 -60.83
N GLU C 1444 -38.64 37.79 -59.80
CA GLU C 1444 -37.97 37.85 -58.50
C GLU C 1444 -36.58 38.49 -58.56
N ASN C 1445 -36.11 38.87 -59.74
CA ASN C 1445 -34.78 39.47 -59.85
C ASN C 1445 -34.80 40.88 -60.40
N ASN C 1446 -35.67 41.17 -61.37
CA ASN C 1446 -35.75 42.50 -61.97
C ASN C 1446 -36.84 43.30 -61.26
N TYR C 1447 -36.44 44.41 -60.65
CA TYR C 1447 -37.42 45.28 -60.00
C TYR C 1447 -38.38 45.88 -61.01
N TYR C 1448 -37.89 46.24 -62.20
CA TYR C 1448 -38.72 46.86 -63.22
C TYR C 1448 -39.67 45.88 -63.88
N ALA C 1449 -39.53 44.59 -63.63
CA ALA C 1449 -40.46 43.58 -64.13
C ALA C 1449 -41.64 43.38 -63.21
N ARG C 1450 -41.75 44.14 -62.13
CA ARG C 1450 -42.83 43.95 -61.17
C ARG C 1450 -44.18 44.25 -61.79
N LEU C 1451 -45.20 43.61 -61.24
CA LEU C 1451 -46.58 43.90 -61.62
C LEU C 1451 -47.43 44.45 -60.49
N PHE C 1452 -47.01 44.31 -59.23
CA PHE C 1452 -47.78 44.86 -58.13
C PHE C 1452 -46.85 45.50 -57.12
N GLU C 1453 -47.21 46.70 -56.65
CA GLU C 1453 -46.47 47.38 -55.59
C GLU C 1453 -47.46 48.03 -54.65
N PHE C 1454 -47.32 47.77 -53.36
CA PHE C 1454 -48.20 48.33 -52.34
C PHE C 1454 -47.38 48.79 -51.15
N PRO C 1455 -47.35 50.09 -50.85
CA PRO C 1455 -46.61 50.56 -49.67
C PRO C 1455 -47.41 50.38 -48.40
N PHE C 1456 -46.75 49.86 -47.37
CA PHE C 1456 -47.39 49.71 -46.07
C PHE C 1456 -47.63 51.11 -45.48
N SER C 1457 -48.90 51.44 -45.23
CA SER C 1457 -49.20 52.77 -44.69
C SER C 1457 -48.57 53.00 -43.33
N PRO C 1458 -48.73 52.12 -42.33
CA PRO C 1458 -47.81 52.15 -41.18
C PRO C 1458 -46.63 51.25 -41.44
N ASN C 1459 -45.41 51.76 -41.29
CA ASN C 1459 -44.24 50.96 -41.61
C ASN C 1459 -44.14 49.72 -40.72
N THR C 1460 -44.41 49.88 -39.43
CA THR C 1460 -44.30 48.79 -38.46
C THR C 1460 -45.65 48.12 -38.22
N ILE C 1461 -46.25 47.63 -39.31
CA ILE C 1461 -47.51 46.93 -39.24
C ILE C 1461 -47.43 45.64 -40.03
N LEU C 1462 -48.33 44.72 -39.74
CA LEU C 1462 -48.40 43.43 -40.40
C LEU C 1462 -49.87 43.08 -40.62
N ASN C 1463 -50.11 42.17 -41.56
CA ASN C 1463 -51.44 41.63 -41.83
C ASN C 1463 -52.41 42.75 -42.24
N THR C 1464 -52.13 43.33 -43.41
CA THR C 1464 -52.95 44.40 -43.97
C THR C 1464 -53.54 43.98 -45.30
N VAL C 1465 -54.46 44.80 -45.80
CA VAL C 1465 -55.07 44.63 -47.11
C VAL C 1465 -54.73 45.86 -47.95
N PHE C 1466 -54.83 45.71 -49.27
CA PHE C 1466 -54.28 46.71 -50.17
C PHE C 1466 -55.22 47.21 -51.26
N THR C 1467 -56.34 46.53 -51.55
CA THR C 1467 -57.40 47.08 -52.39
C THR C 1467 -56.89 47.47 -53.78
N VAL C 1468 -56.52 46.45 -54.55
CA VAL C 1468 -56.05 46.65 -55.91
C VAL C 1468 -56.96 47.60 -56.68
N GLY C 1469 -58.26 47.33 -56.66
CA GLY C 1469 -59.25 48.21 -57.25
C GLY C 1469 -59.72 47.82 -58.65
N SER C 1470 -59.08 46.84 -59.28
CA SER C 1470 -59.49 46.39 -60.60
C SER C 1470 -59.35 44.87 -60.69
N ASN C 1471 -60.08 44.29 -61.63
CA ASN C 1471 -60.04 42.85 -61.82
C ASN C 1471 -58.72 42.44 -62.47
N LYS C 1472 -57.75 42.07 -61.65
CA LYS C 1472 -56.43 41.66 -62.12
C LYS C 1472 -56.13 40.24 -61.67
N THR C 1473 -57.12 39.35 -61.80
CA THR C 1473 -56.94 37.97 -61.36
C THR C 1473 -55.86 37.27 -62.17
N SER C 1474 -55.83 37.51 -63.48
CA SER C 1474 -54.81 36.88 -64.31
C SER C 1474 -53.41 37.33 -63.92
N ASP C 1475 -53.24 38.63 -63.67
CA ASP C 1475 -51.94 39.13 -63.27
C ASP C 1475 -51.48 38.53 -61.95
N PHE C 1476 -52.39 38.43 -60.98
CA PHE C 1476 -52.04 37.79 -59.72
C PHE C 1476 -51.69 36.32 -59.92
N LYS C 1477 -52.43 35.64 -60.80
CA LYS C 1477 -52.17 34.23 -61.04
C LYS C 1477 -50.80 34.01 -61.66
N LYS C 1478 -50.39 34.89 -62.57
CA LYS C 1478 -49.10 34.72 -63.23
C LYS C 1478 -47.95 35.33 -62.45
N CYS C 1479 -48.20 35.93 -61.30
CA CYS C 1479 -47.16 36.58 -60.49
C CYS C 1479 -46.85 35.71 -59.28
N SER C 1480 -45.73 35.00 -59.35
CA SER C 1480 -45.21 34.28 -58.20
C SER C 1480 -44.25 35.21 -57.45
N TYR C 1481 -43.48 34.65 -56.52
CA TYR C 1481 -42.38 35.37 -55.87
C TYR C 1481 -42.86 36.62 -55.15
N ALA C 1482 -43.63 36.42 -54.09
CA ALA C 1482 -44.04 37.52 -53.23
C ALA C 1482 -42.82 38.05 -52.48
N VAL C 1483 -42.49 39.32 -52.69
CA VAL C 1483 -41.29 39.93 -52.14
C VAL C 1483 -41.71 40.99 -51.13
N ASP C 1484 -41.10 40.95 -49.94
CA ASP C 1484 -41.44 41.85 -48.85
C ASP C 1484 -40.42 42.96 -48.63
N GLY C 1485 -39.48 43.14 -49.55
CA GLY C 1485 -38.48 44.18 -49.40
C GLY C 1485 -38.57 45.25 -50.47
N ASN C 1486 -37.64 45.20 -51.44
CA ASN C 1486 -37.67 46.04 -52.63
C ASN C 1486 -37.65 47.53 -52.27
N ASN C 1487 -36.53 47.96 -51.70
CA ASN C 1487 -36.32 49.37 -51.43
C ASN C 1487 -35.81 50.09 -52.68
N SER C 1488 -35.41 51.34 -52.51
CA SER C 1488 -34.97 52.18 -53.61
C SER C 1488 -33.45 52.33 -53.70
N GLN C 1489 -32.70 51.66 -52.83
CA GLN C 1489 -31.24 51.71 -52.84
C GLN C 1489 -30.65 50.48 -53.50
N GLY C 1490 -31.30 49.98 -54.54
CA GLY C 1490 -30.94 48.73 -55.17
C GLY C 1490 -32.17 47.84 -55.26
N PHE C 1491 -32.08 46.62 -54.75
CA PHE C 1491 -33.26 45.78 -54.57
C PHE C 1491 -33.55 45.51 -53.10
N GLN C 1492 -32.60 44.94 -52.36
CA GLN C 1492 -32.77 44.67 -50.93
C GLN C 1492 -34.00 43.81 -50.67
N ILE C 1493 -33.95 42.58 -51.19
CA ILE C 1493 -35.05 41.63 -51.00
C ILE C 1493 -35.01 41.07 -49.58
N PHE C 1494 -35.91 41.56 -48.73
CA PHE C 1494 -35.94 41.08 -47.34
C PHE C 1494 -36.34 39.61 -47.27
N SER C 1495 -37.36 39.22 -48.03
CA SER C 1495 -37.83 37.84 -48.04
C SER C 1495 -38.55 37.58 -49.35
N SER C 1496 -38.69 36.29 -49.67
CA SER C 1496 -39.33 35.91 -50.92
C SER C 1496 -39.87 34.49 -50.80
N TYR C 1497 -41.07 34.27 -51.35
CA TYR C 1497 -41.73 32.99 -51.26
C TYR C 1497 -42.20 32.55 -52.64
N GLN C 1498 -42.00 31.27 -52.94
CA GLN C 1498 -42.47 30.66 -54.17
C GLN C 1498 -43.87 30.09 -53.95
N SER C 1499 -44.77 30.36 -54.89
CA SER C 1499 -46.18 30.04 -54.73
C SER C 1499 -46.60 28.73 -55.39
N SER C 1500 -45.90 28.30 -56.45
CA SER C 1500 -46.17 27.03 -57.12
C SER C 1500 -47.59 27.05 -57.68
N GLY C 1501 -48.47 26.15 -57.28
CA GLY C 1501 -49.78 26.04 -57.89
C GLY C 1501 -50.75 27.10 -57.42
N TRP C 1502 -51.96 27.04 -57.98
CA TRP C 1502 -53.01 28.00 -57.70
C TRP C 1502 -54.34 27.28 -57.51
N LEU C 1503 -55.12 27.73 -56.54
CA LEU C 1503 -56.45 27.21 -56.27
C LEU C 1503 -57.42 28.35 -56.10
N ASP C 1504 -58.67 28.11 -56.47
CA ASP C 1504 -59.76 29.05 -56.28
C ASP C 1504 -60.78 28.43 -55.35
N ILE C 1505 -61.19 29.18 -54.33
CA ILE C 1505 -62.13 28.68 -53.34
C ILE C 1505 -63.27 29.67 -53.17
N ASP C 1506 -64.40 29.16 -52.69
CA ASP C 1506 -65.57 29.96 -52.38
C ASP C 1506 -65.98 29.66 -50.95
N THR C 1507 -66.12 30.71 -50.14
CA THR C 1507 -66.47 30.55 -48.74
C THR C 1507 -67.96 30.54 -48.48
N GLY C 1508 -68.77 31.01 -49.43
CA GLY C 1508 -70.20 31.01 -49.25
C GLY C 1508 -70.77 29.60 -49.22
N ILE C 1509 -71.92 29.45 -48.58
CA ILE C 1509 -72.57 28.16 -48.40
C ILE C 1509 -74.05 28.29 -48.73
N ASN C 1510 -74.65 27.15 -49.07
CA ASN C 1510 -76.08 27.05 -49.34
C ASN C 1510 -76.72 26.18 -48.29
N ASN C 1511 -77.90 26.60 -47.83
CA ASN C 1511 -78.60 25.82 -46.80
C ASN C 1511 -79.11 24.48 -47.32
N THR C 1512 -79.10 24.28 -48.63
CA THR C 1512 -79.52 23.02 -49.21
C THR C 1512 -78.39 22.02 -49.36
N ASP C 1513 -77.15 22.42 -49.08
CA ASP C 1513 -75.99 21.55 -49.22
C ASP C 1513 -75.45 21.05 -47.89
N ILE C 1514 -76.11 21.37 -46.78
CA ILE C 1514 -75.73 20.88 -45.47
C ILE C 1514 -76.76 19.84 -45.07
N LYS C 1515 -76.46 18.57 -45.34
CA LYS C 1515 -77.48 17.53 -45.25
C LYS C 1515 -77.01 16.36 -44.40
N ILE C 1516 -77.99 15.58 -43.96
CA ILE C 1516 -77.77 14.33 -43.26
C ILE C 1516 -78.52 13.26 -44.02
N THR C 1517 -77.81 12.20 -44.42
CA THR C 1517 -78.41 11.11 -45.18
C THR C 1517 -78.35 9.83 -44.37
N VAL C 1518 -79.48 9.13 -44.31
CA VAL C 1518 -79.60 7.90 -43.54
C VAL C 1518 -80.06 6.79 -44.47
N MET C 1519 -79.36 5.66 -44.42
CA MET C 1519 -79.69 4.46 -45.18
C MET C 1519 -80.15 3.39 -44.20
N ALA C 1520 -81.38 2.90 -44.40
CA ALA C 1520 -81.95 1.85 -43.58
C ALA C 1520 -82.46 0.77 -44.53
N GLY C 1521 -81.73 -0.33 -44.62
CA GLY C 1521 -82.07 -1.39 -45.56
C GLY C 1521 -82.05 -0.90 -46.99
N SER C 1522 -83.23 -0.75 -47.59
CA SER C 1522 -83.35 -0.24 -48.95
C SER C 1522 -83.84 1.20 -49.00
N LYS C 1523 -84.23 1.78 -47.87
CA LYS C 1523 -84.75 3.14 -47.85
C LYS C 1523 -83.62 4.13 -47.59
N THR C 1524 -83.69 5.27 -48.29
CA THR C 1524 -82.73 6.35 -48.13
C THR C 1524 -83.49 7.63 -47.84
N HIS C 1525 -83.13 8.30 -46.75
CA HIS C 1525 -83.75 9.56 -46.39
C HIS C 1525 -82.70 10.66 -46.30
N THR C 1526 -83.01 11.80 -46.91
CA THR C 1526 -82.13 12.96 -46.88
C THR C 1526 -82.84 14.10 -46.16
N PHE C 1527 -82.17 14.66 -45.16
CA PHE C 1527 -82.70 15.80 -44.42
C PHE C 1527 -81.72 16.96 -44.59
N THR C 1528 -82.18 18.02 -45.22
CA THR C 1528 -81.37 19.20 -45.44
C THR C 1528 -81.69 20.27 -44.40
N ALA C 1529 -80.73 21.16 -44.18
CA ALA C 1529 -80.90 22.22 -43.20
C ALA C 1529 -81.90 23.29 -43.65
N SER C 1530 -82.33 23.24 -44.91
CA SER C 1530 -83.27 24.26 -45.40
C SER C 1530 -84.60 24.20 -44.67
N ASP C 1531 -84.99 23.02 -44.17
CA ASP C 1531 -86.28 22.86 -43.52
C ASP C 1531 -86.23 22.12 -42.19
N HIS C 1532 -85.09 21.57 -41.80
CA HIS C 1532 -85.00 20.79 -40.56
C HIS C 1532 -84.00 21.39 -39.58
N ILE C 1533 -83.68 22.67 -39.72
CA ILE C 1533 -82.70 23.32 -38.85
C ILE C 1533 -83.41 23.93 -37.66
N ALA C 1534 -82.84 23.74 -36.48
CA ALA C 1534 -83.40 24.36 -35.28
C ALA C 1534 -83.14 25.86 -35.26
N SER C 1535 -81.91 26.25 -35.58
CA SER C 1535 -81.54 27.68 -35.61
C SER C 1535 -80.25 27.81 -36.41
N LEU C 1536 -80.29 28.61 -37.47
CA LEU C 1536 -79.11 28.82 -38.29
C LEU C 1536 -78.10 29.65 -37.53
N PRO C 1537 -76.84 29.21 -37.42
CA PRO C 1537 -75.87 29.94 -36.59
C PRO C 1537 -75.39 31.23 -37.23
N ALA C 1538 -74.56 31.98 -36.51
CA ALA C 1538 -74.04 33.24 -37.01
C ALA C 1538 -73.08 32.99 -38.16
N ASN C 1539 -73.22 33.79 -39.22
CA ASN C 1539 -72.39 33.66 -40.41
C ASN C 1539 -71.03 34.29 -40.12
N SER C 1540 -70.03 33.46 -39.79
CA SER C 1540 -68.71 33.97 -39.46
C SER C 1540 -67.67 32.91 -39.77
N PHE C 1541 -66.42 33.36 -39.89
CA PHE C 1541 -65.30 32.45 -40.14
C PHE C 1541 -65.01 31.57 -38.95
N ASP C 1542 -65.50 31.91 -37.77
CA ASP C 1542 -65.22 31.14 -36.56
C ASP C 1542 -66.14 29.93 -36.52
N ALA C 1543 -66.21 29.27 -35.35
CA ALA C 1543 -67.01 28.07 -35.22
C ALA C 1543 -68.48 28.37 -35.43
N MET C 1544 -69.14 27.57 -36.28
CA MET C 1544 -70.56 27.70 -36.54
C MET C 1544 -71.25 26.41 -36.14
N PRO C 1545 -72.04 26.40 -35.07
CA PRO C 1545 -72.73 25.18 -34.67
C PRO C 1545 -74.11 25.04 -35.30
N TYR C 1546 -74.37 23.90 -35.93
CA TYR C 1546 -75.66 23.59 -36.54
C TYR C 1546 -76.35 22.55 -35.67
N THR C 1547 -77.64 22.76 -35.41
CA THR C 1547 -78.45 21.82 -34.64
C THR C 1547 -79.74 21.54 -35.40
N PHE C 1548 -80.23 20.32 -35.28
CA PHE C 1548 -81.38 19.86 -36.05
C PHE C 1548 -82.54 19.52 -35.13
N LYS C 1549 -83.76 19.77 -35.61
CA LYS C 1549 -84.95 19.31 -34.92
C LYS C 1549 -85.05 17.80 -35.03
N PRO C 1550 -85.85 17.16 -34.18
CA PRO C 1550 -85.94 15.69 -34.21
C PRO C 1550 -86.24 15.16 -35.60
N LEU C 1551 -85.52 14.11 -35.98
CA LEU C 1551 -85.61 13.51 -37.30
C LEU C 1551 -86.27 12.15 -37.19
N GLU C 1552 -87.20 11.87 -38.10
CA GLU C 1552 -87.95 10.63 -38.11
C GLU C 1552 -87.47 9.74 -39.25
N ILE C 1553 -87.24 8.47 -38.94
CA ILE C 1553 -86.78 7.49 -39.91
C ILE C 1553 -87.74 6.30 -39.88
N ASP C 1554 -88.25 5.92 -41.04
CA ASP C 1554 -89.12 4.76 -41.17
C ASP C 1554 -88.25 3.56 -41.50
N ALA C 1555 -87.73 2.91 -40.46
CA ALA C 1555 -86.85 1.76 -40.63
C ALA C 1555 -87.66 0.46 -40.52
N SER C 1556 -88.58 0.30 -41.47
CA SER C 1556 -89.40 -0.89 -41.55
C SER C 1556 -88.88 -1.89 -42.58
N SER C 1557 -87.70 -1.65 -43.15
CA SER C 1557 -87.16 -2.51 -44.19
C SER C 1557 -85.73 -2.95 -43.85
N LEU C 1558 -85.42 -3.07 -42.56
CA LEU C 1558 -84.09 -3.50 -42.15
C LEU C 1558 -83.95 -5.00 -42.33
N ALA C 1559 -82.82 -5.43 -42.89
CA ALA C 1559 -82.54 -6.84 -43.09
C ALA C 1559 -81.89 -7.39 -41.83
N PHE C 1560 -82.65 -8.18 -41.08
CA PHE C 1560 -82.20 -8.69 -39.78
C PHE C 1560 -81.50 -10.03 -39.97
N THR C 1561 -80.19 -10.04 -39.75
CA THR C 1561 -79.38 -11.25 -39.76
C THR C 1561 -78.79 -11.45 -38.37
N ASN C 1562 -79.01 -12.64 -37.80
CA ASN C 1562 -78.58 -12.94 -36.43
C ASN C 1562 -79.14 -11.92 -35.44
N ASN C 1563 -80.39 -11.53 -35.66
CA ASN C 1563 -81.11 -10.62 -34.75
C ASN C 1563 -80.35 -9.29 -34.58
N ILE C 1564 -79.80 -8.79 -35.67
CA ILE C 1564 -79.11 -7.49 -35.65
C ILE C 1564 -79.02 -6.98 -37.08
N ALA C 1565 -79.26 -5.68 -37.25
CA ALA C 1565 -79.24 -5.05 -38.56
C ALA C 1565 -78.51 -3.73 -38.47
N PRO C 1566 -77.86 -3.30 -39.56
CA PRO C 1566 -77.14 -2.02 -39.54
C PRO C 1566 -78.02 -0.86 -40.01
N LEU C 1567 -77.53 0.35 -39.71
CA LEU C 1567 -78.22 1.58 -40.09
C LEU C 1567 -77.15 2.65 -40.28
N ASP C 1568 -77.07 3.22 -41.48
CA ASP C 1568 -75.96 4.09 -41.84
C ASP C 1568 -76.38 5.55 -41.78
N ILE C 1569 -75.55 6.38 -41.15
CA ILE C 1569 -75.79 7.81 -41.02
C ILE C 1569 -74.56 8.55 -41.52
N VAL C 1570 -74.78 9.56 -42.37
CA VAL C 1570 -73.70 10.34 -42.94
C VAL C 1570 -74.04 11.82 -42.84
N PHE C 1571 -73.11 12.61 -42.30
CA PHE C 1571 -73.22 14.06 -42.26
C PHE C 1571 -72.40 14.63 -43.41
N GLU C 1572 -73.04 15.29 -44.36
CA GLU C 1572 -72.36 15.82 -45.53
C GLU C 1572 -72.54 17.33 -45.60
N THR C 1573 -71.49 18.02 -46.01
CA THR C 1573 -71.52 19.47 -46.14
C THR C 1573 -70.57 19.89 -47.25
N LYS C 1574 -71.03 20.80 -48.10
CA LYS C 1574 -70.19 21.31 -49.18
C LYS C 1574 -70.61 22.73 -49.51
N ALA C 1575 -69.65 23.53 -49.97
CA ALA C 1575 -69.90 24.91 -50.32
C ALA C 1575 -70.34 25.01 -51.77
N LYS C 1576 -70.59 26.25 -52.22
CA LYS C 1576 -71.00 26.46 -53.61
C LYS C 1576 -69.91 26.09 -54.60
N ASP C 1577 -68.64 26.07 -54.17
CA ASP C 1577 -67.55 25.68 -55.04
C ASP C 1577 -67.51 24.17 -55.30
N GLY C 1578 -68.28 23.38 -54.56
CA GLY C 1578 -68.25 21.95 -54.69
C GLY C 1578 -67.24 21.27 -53.79
N ARG C 1579 -66.43 22.02 -53.06
CA ARG C 1579 -65.48 21.42 -52.13
C ARG C 1579 -66.22 20.70 -51.01
N VAL C 1580 -65.76 19.50 -50.68
CA VAL C 1580 -66.34 18.73 -49.58
C VAL C 1580 -65.84 19.37 -48.28
N LEU C 1581 -66.69 20.18 -47.65
CA LEU C 1581 -66.30 20.90 -46.45
C LEU C 1581 -65.98 19.95 -45.30
N GLY C 1582 -66.42 18.71 -45.39
CA GLY C 1582 -66.19 17.71 -44.37
C GLY C 1582 -67.21 16.59 -44.44
N LYS C 1583 -66.77 15.35 -44.28
CA LYS C 1583 -67.66 14.19 -44.40
C LYS C 1583 -67.41 13.27 -43.22
N ILE C 1584 -68.50 12.84 -42.57
CA ILE C 1584 -68.43 11.93 -41.44
C ILE C 1584 -69.36 10.76 -41.70
N LYS C 1585 -68.85 9.55 -41.53
CA LYS C 1585 -69.62 8.33 -41.71
C LYS C 1585 -69.72 7.58 -40.39
N GLN C 1586 -70.84 6.87 -40.22
CA GLN C 1586 -71.04 6.08 -39.02
C GLN C 1586 -72.06 5.00 -39.31
N THR C 1587 -72.09 3.98 -38.46
CA THR C 1587 -73.00 2.87 -38.59
C THR C 1587 -73.67 2.61 -37.24
N LEU C 1588 -74.99 2.48 -37.24
CA LEU C 1588 -75.75 2.19 -36.05
C LEU C 1588 -76.20 0.74 -36.07
N SER C 1589 -76.20 0.10 -34.90
CA SER C 1589 -76.59 -1.29 -34.76
C SER C 1589 -77.91 -1.36 -34.01
N VAL C 1590 -78.90 -1.99 -34.62
CA VAL C 1590 -80.23 -2.16 -34.02
C VAL C 1590 -80.41 -3.64 -33.72
N LYS C 1591 -80.64 -3.97 -32.45
CA LYS C 1591 -80.75 -5.35 -32.02
C LYS C 1591 -82.21 -5.71 -31.80
N ARG C 1592 -82.57 -6.94 -32.13
CA ARG C 1592 -83.92 -7.43 -31.96
C ARG C 1592 -84.02 -8.26 -30.68
N VAL C 1593 -85.02 -7.97 -29.86
CA VAL C 1593 -85.23 -8.72 -28.64
C VAL C 1593 -85.78 -10.09 -28.98
N ASN C 1594 -85.16 -11.14 -28.44
CA ASN C 1594 -85.55 -12.51 -28.73
C ASN C 1594 -85.54 -13.30 -27.42
N TYR C 1595 -86.73 -13.52 -26.85
CA TYR C 1595 -86.88 -14.27 -25.62
C TYR C 1595 -87.52 -15.64 -25.87
N ASN C 1596 -87.27 -16.22 -27.03
CA ASN C 1596 -87.84 -17.52 -27.34
C ASN C 1596 -87.25 -18.58 -26.40
N PRO C 1597 -88.06 -19.56 -25.99
CA PRO C 1597 -87.56 -20.55 -25.01
C PRO C 1597 -86.35 -21.32 -25.51
N GLU C 1598 -86.26 -21.60 -26.80
CA GLU C 1598 -85.13 -22.36 -27.33
C GLU C 1598 -83.89 -21.52 -27.54
N ASP C 1599 -83.98 -20.20 -27.38
CA ASP C 1599 -82.83 -19.31 -27.51
C ASP C 1599 -82.38 -18.73 -26.18
N ILE C 1600 -82.91 -19.24 -25.08
CA ILE C 1600 -82.56 -18.78 -23.74
C ILE C 1600 -81.76 -19.88 -23.09
N LEU C 1601 -80.48 -19.61 -22.84
CA LEU C 1601 -79.61 -20.61 -22.24
C LEU C 1601 -79.97 -20.84 -20.78
N PHE C 1602 -79.88 -22.08 -20.32
CA PHE C 1602 -80.24 -22.41 -18.96
C PHE C 1602 -79.27 -23.43 -18.39
N LEU C 1603 -79.18 -23.46 -17.07
CA LEU C 1603 -78.25 -24.33 -16.37
C LEU C 1603 -78.99 -25.53 -15.78
N ARG C 1604 -78.42 -26.72 -15.94
CA ARG C 1604 -78.98 -27.93 -15.38
C ARG C 1604 -77.90 -28.73 -14.68
N GLU C 1605 -78.32 -29.58 -13.75
CA GLU C 1605 -77.42 -30.44 -13.02
C GLU C 1605 -77.93 -31.87 -13.08
N THR C 1606 -77.07 -32.79 -13.49
CA THR C 1606 -77.44 -34.19 -13.56
C THR C 1606 -77.38 -34.83 -12.18
N HIS C 1607 -77.79 -36.09 -12.10
CA HIS C 1607 -77.74 -36.81 -10.84
C HIS C 1607 -76.31 -37.15 -10.43
N SER C 1608 -75.39 -37.23 -11.39
CA SER C 1608 -74.00 -37.53 -11.07
C SER C 1608 -73.25 -36.32 -10.54
N GLY C 1609 -73.85 -35.13 -10.56
CA GLY C 1609 -73.22 -33.93 -10.07
C GLY C 1609 -72.62 -33.02 -11.11
N ALA C 1610 -72.74 -33.37 -12.40
CA ALA C 1610 -72.20 -32.55 -13.46
C ALA C 1610 -73.17 -31.41 -13.79
N GLN C 1611 -72.65 -30.20 -13.86
CA GLN C 1611 -73.44 -29.03 -14.20
C GLN C 1611 -73.14 -28.61 -15.63
N TYR C 1612 -74.19 -28.41 -16.42
CA TYR C 1612 -74.02 -28.02 -17.81
C TYR C 1612 -74.97 -26.89 -18.17
N MET C 1613 -74.49 -25.97 -19.00
CA MET C 1613 -75.26 -24.86 -19.50
C MET C 1613 -75.63 -25.15 -20.95
N GLN C 1614 -76.91 -25.02 -21.28
CA GLN C 1614 -77.44 -25.40 -22.58
C GLN C 1614 -77.96 -24.16 -23.29
N LEU C 1615 -77.59 -24.02 -24.56
CA LEU C 1615 -78.09 -22.96 -25.43
C LEU C 1615 -78.50 -23.59 -26.74
N GLY C 1616 -79.77 -23.48 -27.09
CA GLY C 1616 -80.26 -24.09 -28.31
C GLY C 1616 -80.08 -25.60 -28.29
N VAL C 1617 -79.12 -26.09 -29.06
CA VAL C 1617 -78.79 -27.51 -29.09
C VAL C 1617 -77.43 -27.80 -28.47
N TYR C 1618 -76.63 -26.79 -28.19
CA TYR C 1618 -75.28 -27.00 -27.67
C TYR C 1618 -75.28 -27.02 -26.15
N ARG C 1619 -74.35 -27.78 -25.59
CA ARG C 1619 -74.18 -27.90 -24.15
C ARG C 1619 -72.72 -27.70 -23.78
N ILE C 1620 -72.48 -27.06 -22.65
CA ILE C 1620 -71.13 -26.77 -22.18
C ILE C 1620 -71.02 -27.17 -20.73
N ARG C 1621 -69.98 -27.94 -20.40
CA ARG C 1621 -69.72 -28.31 -19.02
C ARG C 1621 -69.28 -27.09 -18.23
N LEU C 1622 -69.76 -26.99 -16.99
CA LEU C 1622 -69.50 -25.82 -16.15
C LEU C 1622 -68.55 -26.10 -15.00
N ASN C 1623 -68.73 -27.20 -14.29
CA ASN C 1623 -67.93 -27.50 -13.10
C ASN C 1623 -67.04 -28.71 -13.35
N THR C 1624 -66.32 -29.12 -12.30
CA THR C 1624 -65.42 -30.24 -12.36
C THR C 1624 -65.55 -31.07 -11.10
N LEU C 1625 -65.10 -32.32 -11.18
CA LEU C 1625 -65.23 -33.26 -10.07
C LEU C 1625 -63.89 -33.92 -9.72
N LEU C 1626 -62.78 -33.29 -10.07
CA LEU C 1626 -61.47 -33.88 -9.83
C LEU C 1626 -61.09 -33.85 -8.35
N ALA C 1627 -61.59 -32.87 -7.61
CA ALA C 1627 -61.19 -32.70 -6.22
C ALA C 1627 -61.58 -33.91 -5.37
N SER C 1628 -62.77 -34.47 -5.62
CA SER C 1628 -63.21 -35.62 -4.86
C SER C 1628 -62.29 -36.81 -5.08
N GLN C 1629 -61.85 -37.01 -6.33
CA GLN C 1629 -61.02 -38.16 -6.65
C GLN C 1629 -59.54 -37.95 -6.35
N LEU C 1630 -59.12 -36.71 -6.07
CA LEU C 1630 -57.72 -36.49 -5.74
C LEU C 1630 -57.33 -37.06 -4.39
N VAL C 1631 -58.30 -37.39 -3.53
CA VAL C 1631 -57.98 -37.78 -2.17
C VAL C 1631 -57.29 -39.14 -2.13
N SER C 1632 -57.72 -40.07 -2.98
CA SER C 1632 -57.08 -41.39 -3.02
C SER C 1632 -55.61 -41.27 -3.39
N ARG C 1633 -55.31 -40.46 -4.41
CA ARG C 1633 -53.92 -40.26 -4.78
C ARG C 1633 -53.15 -39.51 -3.70
N ALA C 1634 -53.80 -38.58 -3.01
CA ALA C 1634 -53.12 -37.81 -1.97
C ALA C 1634 -52.88 -38.62 -0.71
N ASN C 1635 -53.62 -39.70 -0.49
CA ASN C 1635 -53.38 -40.53 0.69
C ASN C 1635 -51.99 -41.15 0.65
N THR C 1636 -51.58 -41.65 -0.51
CA THR C 1636 -50.21 -42.06 -0.72
C THR C 1636 -49.37 -40.82 -1.03
N GLY C 1637 -48.14 -41.02 -1.48
CA GLY C 1637 -47.32 -39.88 -1.84
C GLY C 1637 -47.87 -39.12 -3.02
N ILE C 1638 -47.36 -37.90 -3.20
CA ILE C 1638 -47.81 -37.06 -4.30
C ILE C 1638 -47.44 -37.62 -5.66
N ASP C 1639 -46.58 -38.64 -5.72
CA ASP C 1639 -46.24 -39.24 -6.99
C ASP C 1639 -47.46 -39.87 -7.65
N THR C 1640 -48.45 -40.27 -6.87
CA THR C 1640 -49.66 -40.85 -7.44
C THR C 1640 -50.56 -39.78 -8.04
N ILE C 1641 -50.50 -38.55 -7.53
CA ILE C 1641 -51.37 -37.49 -8.04
C ILE C 1641 -50.97 -37.12 -9.46
N LEU C 1642 -49.68 -36.92 -9.70
CA LEU C 1642 -49.19 -36.50 -11.02
C LEU C 1642 -48.81 -37.72 -11.83
N THR C 1643 -49.82 -38.32 -12.45
CA THR C 1643 -49.63 -39.49 -13.30
C THR C 1643 -50.56 -39.38 -14.50
N MET C 1644 -50.25 -40.16 -15.53
CA MET C 1644 -51.14 -40.19 -16.70
C MET C 1644 -52.48 -40.80 -16.36
N GLU C 1645 -52.50 -41.78 -15.45
CA GLU C 1645 -53.75 -42.42 -15.06
C GLU C 1645 -54.69 -41.41 -14.42
N THR C 1646 -54.17 -40.52 -13.57
CA THR C 1646 -55.00 -39.49 -12.98
C THR C 1646 -55.52 -38.52 -14.03
N GLN C 1647 -54.67 -38.14 -14.97
CA GLN C 1647 -55.08 -37.22 -16.02
C GLN C 1647 -56.01 -37.86 -17.03
N ARG C 1648 -56.17 -39.18 -17.00
CA ARG C 1648 -57.05 -39.88 -17.91
C ARG C 1648 -58.34 -40.34 -17.25
N LEU C 1649 -58.73 -39.71 -16.13
CA LEU C 1649 -59.92 -40.14 -15.42
C LEU C 1649 -61.16 -39.84 -16.24
N PRO C 1650 -62.17 -40.72 -16.20
CA PRO C 1650 -63.40 -40.46 -16.95
C PRO C 1650 -64.24 -39.38 -16.29
N GLU C 1651 -65.20 -38.87 -17.05
CA GLU C 1651 -66.10 -37.82 -16.60
C GLU C 1651 -67.55 -38.26 -16.81
N PRO C 1652 -68.45 -37.79 -15.95
CA PRO C 1652 -69.86 -38.13 -16.14
C PRO C 1652 -70.39 -37.53 -17.43
N PRO C 1653 -71.37 -38.18 -18.06
CA PRO C 1653 -71.89 -37.65 -19.32
C PRO C 1653 -72.59 -36.32 -19.12
N LEU C 1654 -72.53 -35.48 -20.15
CA LEU C 1654 -73.09 -34.14 -20.10
C LEU C 1654 -74.58 -34.23 -20.40
N GLY C 1655 -75.38 -34.40 -19.36
CA GLY C 1655 -76.80 -34.50 -19.58
C GLY C 1655 -77.18 -35.83 -20.21
N GLU C 1656 -78.31 -35.82 -20.91
CA GLU C 1656 -78.85 -37.01 -21.54
C GLU C 1656 -78.46 -37.03 -23.02
N GLY C 1657 -77.91 -38.16 -23.46
CA GLY C 1657 -77.47 -38.28 -24.84
C GLY C 1657 -76.70 -39.57 -25.02
N PHE C 1658 -75.89 -39.60 -26.07
CA PHE C 1658 -75.07 -40.78 -26.34
C PHE C 1658 -73.85 -40.35 -27.14
N TYR C 1659 -73.00 -41.32 -27.46
CA TYR C 1659 -71.78 -41.09 -28.22
C TYR C 1659 -71.87 -41.78 -29.57
N ALA C 1660 -71.10 -41.27 -30.52
CA ALA C 1660 -71.12 -41.84 -31.86
C ALA C 1660 -69.75 -41.67 -32.49
N THR C 1661 -69.39 -42.60 -33.37
CA THR C 1661 -68.13 -42.58 -34.09
C THR C 1661 -68.42 -42.62 -35.59
N PHE C 1662 -67.85 -41.67 -36.32
CA PHE C 1662 -68.05 -41.55 -37.76
C PHE C 1662 -66.70 -41.68 -38.45
N VAL C 1663 -66.68 -42.39 -39.57
CA VAL C 1663 -65.49 -42.53 -40.40
C VAL C 1663 -65.75 -41.82 -41.73
N ILE C 1664 -64.99 -40.78 -41.99
CA ILE C 1664 -65.10 -39.99 -43.21
C ILE C 1664 -64.12 -40.50 -44.24
N PRO C 1665 -64.58 -40.84 -45.44
CA PRO C 1665 -63.68 -41.39 -46.47
C PRO C 1665 -62.75 -40.33 -47.01
N PRO C 1666 -61.63 -40.74 -47.60
CA PRO C 1666 -60.69 -39.76 -48.16
C PRO C 1666 -61.28 -39.02 -49.35
N TYR C 1667 -60.73 -37.84 -49.60
CA TYR C 1667 -61.23 -36.97 -50.66
C TYR C 1667 -60.98 -37.56 -52.03
N ASN C 1668 -62.01 -37.52 -52.88
CA ASN C 1668 -61.88 -37.86 -54.28
C ASN C 1668 -62.66 -36.84 -55.11
N LEU C 1669 -62.10 -36.46 -56.26
CA LEU C 1669 -62.69 -35.39 -57.05
C LEU C 1669 -64.02 -35.83 -57.66
N SER C 1670 -64.15 -37.12 -58.02
CA SER C 1670 -65.33 -37.55 -58.75
C SER C 1670 -66.60 -37.38 -57.93
N THR C 1671 -66.56 -37.71 -56.64
CA THR C 1671 -67.76 -37.70 -55.82
C THR C 1671 -67.88 -36.47 -54.93
N HIS C 1672 -66.76 -35.95 -54.41
CA HIS C 1672 -66.80 -34.83 -53.50
C HIS C 1672 -66.81 -33.49 -54.23
N GLY C 1673 -65.93 -33.34 -55.23
CA GLY C 1673 -66.00 -32.19 -56.11
C GLY C 1673 -65.13 -31.03 -55.70
N ASP C 1674 -64.01 -30.84 -56.40
CA ASP C 1674 -63.16 -29.68 -56.24
C ASP C 1674 -62.74 -29.43 -54.79
N GLU C 1675 -63.43 -28.52 -54.11
CA GLU C 1675 -63.03 -28.10 -52.77
C GLU C 1675 -63.18 -29.24 -51.78
N ARG C 1676 -62.20 -29.36 -50.88
CA ARG C 1676 -62.18 -30.41 -49.87
C ARG C 1676 -62.63 -29.83 -48.53
N TRP C 1677 -63.94 -29.64 -48.41
CA TRP C 1677 -64.54 -29.21 -47.14
C TRP C 1677 -65.82 -30.00 -46.91
N PHE C 1678 -66.10 -30.25 -45.64
CA PHE C 1678 -67.30 -31.01 -45.28
C PHE C 1678 -67.83 -30.51 -43.95
N LYS C 1679 -69.12 -30.71 -43.74
CA LYS C 1679 -69.79 -30.29 -42.51
C LYS C 1679 -70.77 -31.34 -42.07
N LEU C 1680 -70.87 -31.55 -40.76
CA LEU C 1680 -71.82 -32.49 -40.17
C LEU C 1680 -72.86 -31.69 -39.38
N TYR C 1681 -74.13 -31.88 -39.75
CA TYR C 1681 -75.26 -31.22 -39.13
C TYR C 1681 -76.13 -32.23 -38.40
N ILE C 1682 -76.85 -31.74 -37.38
CA ILE C 1682 -77.81 -32.52 -36.61
C ILE C 1682 -79.20 -31.95 -36.87
N LYS C 1683 -80.21 -32.77 -36.62
CA LYS C 1683 -81.58 -32.34 -36.85
C LYS C 1683 -82.53 -33.17 -36.01
N HIS C 1684 -83.69 -32.57 -35.71
CA HIS C 1684 -84.79 -33.19 -34.97
C HIS C 1684 -84.48 -33.29 -33.47
N VAL C 1685 -83.72 -32.35 -32.95
CA VAL C 1685 -83.50 -32.19 -31.52
C VAL C 1685 -83.95 -30.79 -31.13
N VAL C 1686 -84.72 -30.70 -30.04
CA VAL C 1686 -85.27 -29.44 -29.55
C VAL C 1686 -86.24 -28.88 -30.57
N ASP C 1687 -85.73 -28.37 -31.69
CA ASP C 1687 -86.54 -27.90 -32.80
C ASP C 1687 -86.39 -28.85 -33.98
N ASN C 1688 -87.02 -28.49 -35.09
CA ASN C 1688 -86.99 -29.31 -36.30
C ASN C 1688 -86.06 -28.74 -37.37
N ASN C 1689 -85.28 -27.72 -37.05
CA ASN C 1689 -84.33 -27.16 -38.00
C ASN C 1689 -83.00 -27.91 -37.88
N SER C 1690 -81.97 -27.40 -38.54
CA SER C 1690 -80.66 -28.03 -38.56
C SER C 1690 -79.61 -27.08 -38.02
N HIS C 1691 -78.69 -27.60 -37.22
CA HIS C 1691 -77.59 -26.82 -36.67
C HIS C 1691 -76.28 -27.57 -36.90
N ILE C 1692 -75.26 -26.84 -37.32
CA ILE C 1692 -73.97 -27.44 -37.61
C ILE C 1692 -73.32 -27.90 -36.31
N ILE C 1693 -72.85 -29.14 -36.29
CA ILE C 1693 -72.14 -29.67 -35.13
C ILE C 1693 -70.68 -29.99 -35.43
N TYR C 1694 -70.28 -30.03 -36.70
CA TYR C 1694 -68.87 -30.25 -37.00
C TYR C 1694 -68.54 -29.66 -38.36
N SER C 1695 -67.29 -29.20 -38.50
CA SER C 1695 -66.78 -28.69 -39.77
C SER C 1695 -65.34 -29.14 -39.93
N GLY C 1696 -64.95 -29.42 -41.16
CA GLY C 1696 -63.58 -29.88 -41.37
C GLY C 1696 -63.21 -29.93 -42.84
N GLN C 1697 -61.97 -30.32 -43.09
CA GLN C 1697 -61.42 -30.42 -44.42
C GLN C 1697 -61.18 -31.87 -44.78
N LEU C 1698 -61.59 -32.27 -45.98
CA LEU C 1698 -61.32 -33.60 -46.47
C LEU C 1698 -59.84 -33.76 -46.78
N THR C 1699 -59.30 -34.95 -46.52
CA THR C 1699 -57.91 -35.26 -46.75
C THR C 1699 -57.78 -36.53 -47.58
N ASP C 1700 -56.55 -37.03 -47.69
CA ASP C 1700 -56.27 -38.20 -48.50
C ASP C 1700 -56.42 -39.51 -47.73
N THR C 1701 -56.71 -39.46 -46.43
CA THR C 1701 -56.88 -40.66 -45.62
C THR C 1701 -58.21 -40.59 -44.88
N ASN C 1702 -58.59 -41.72 -44.28
CA ASN C 1702 -59.81 -41.78 -43.50
C ASN C 1702 -59.70 -40.90 -42.27
N ILE C 1703 -60.84 -40.36 -41.83
CA ILE C 1703 -60.89 -39.53 -40.63
C ILE C 1703 -61.84 -40.16 -39.63
N ASN C 1704 -61.41 -40.28 -38.38
CA ASN C 1704 -62.23 -40.82 -37.30
C ASN C 1704 -62.67 -39.68 -36.40
N ILE C 1705 -63.97 -39.54 -36.20
CA ILE C 1705 -64.52 -38.47 -35.37
C ILE C 1705 -65.44 -39.09 -34.33
N THR C 1706 -65.23 -38.74 -33.06
CA THR C 1706 -66.09 -39.16 -31.97
C THR C 1706 -66.85 -37.95 -31.45
N LEU C 1707 -68.17 -38.05 -31.40
CA LEU C 1707 -69.01 -36.92 -31.02
C LEU C 1707 -70.04 -37.36 -29.99
N PHE C 1708 -70.55 -36.37 -29.26
CA PHE C 1708 -71.60 -36.56 -28.26
C PHE C 1708 -72.89 -35.99 -28.83
N ILE C 1709 -73.82 -36.86 -29.16
CA ILE C 1709 -75.12 -36.46 -29.72
C ILE C 1709 -76.08 -36.25 -28.55
N PRO C 1710 -76.64 -35.06 -28.38
CA PRO C 1710 -77.61 -34.84 -27.30
C PRO C 1710 -78.95 -35.49 -27.63
N LEU C 1711 -79.76 -35.66 -26.60
CA LEU C 1711 -81.08 -36.27 -26.74
C LEU C 1711 -81.99 -35.67 -25.69
N ASP C 1712 -83.13 -35.14 -26.13
CA ASP C 1712 -84.10 -34.57 -25.20
C ASP C 1712 -84.90 -35.69 -24.52
N ASP C 1713 -85.66 -35.30 -23.50
CA ASP C 1713 -86.41 -36.27 -22.72
C ASP C 1713 -87.52 -36.90 -23.55
N VAL C 1714 -88.33 -36.09 -24.22
CA VAL C 1714 -89.43 -36.56 -25.04
C VAL C 1714 -89.11 -36.23 -26.49
N PRO C 1715 -88.80 -37.21 -27.33
CA PRO C 1715 -88.45 -36.91 -28.72
C PRO C 1715 -89.63 -36.33 -29.48
N LEU C 1716 -89.33 -35.47 -30.45
CA LEU C 1716 -90.37 -34.88 -31.28
C LEU C 1716 -90.93 -35.91 -32.26
N ASN C 1717 -90.06 -36.47 -33.09
CA ASN C 1717 -90.46 -37.48 -34.07
C ASN C 1717 -90.34 -38.85 -33.43
N GLN C 1718 -91.45 -39.59 -33.42
CA GLN C 1718 -91.46 -40.90 -32.77
C GLN C 1718 -90.54 -41.88 -33.47
N ASP C 1719 -90.50 -41.86 -34.80
CA ASP C 1719 -89.73 -42.84 -35.54
C ASP C 1719 -88.23 -42.65 -35.30
N TYR C 1720 -87.70 -41.48 -35.63
CA TYR C 1720 -86.29 -41.18 -35.47
C TYR C 1720 -86.11 -40.12 -34.40
N HIS C 1721 -85.33 -40.45 -33.37
CA HIS C 1721 -85.12 -39.49 -32.28
C HIS C 1721 -84.11 -38.42 -32.65
N ALA C 1722 -83.15 -38.73 -33.51
CA ALA C 1722 -82.24 -37.70 -33.99
C ALA C 1722 -81.75 -38.08 -35.37
N LYS C 1723 -81.31 -37.08 -36.13
CA LYS C 1723 -80.75 -37.33 -37.46
C LYS C 1723 -79.43 -36.60 -37.58
N VAL C 1724 -78.43 -37.27 -38.17
CA VAL C 1724 -77.15 -36.64 -38.45
C VAL C 1724 -76.85 -36.80 -39.93
N TYR C 1725 -76.43 -35.72 -40.59
CA TYR C 1725 -76.12 -35.81 -42.00
C TYR C 1725 -74.88 -34.99 -42.33
N MET C 1726 -74.30 -35.25 -43.49
CA MET C 1726 -73.06 -34.64 -43.94
C MET C 1726 -73.28 -33.92 -45.26
N THR C 1727 -72.68 -32.74 -45.39
CA THR C 1727 -72.78 -31.93 -46.58
C THR C 1727 -71.40 -31.56 -47.09
N PHE C 1728 -71.24 -31.60 -48.41
CA PHE C 1728 -70.03 -31.16 -49.08
C PHE C 1728 -70.46 -30.42 -50.36
N LYS C 1729 -69.49 -30.19 -51.25
CA LYS C 1729 -69.76 -29.36 -52.43
C LYS C 1729 -70.78 -30.00 -53.35
N LYS C 1730 -70.61 -31.29 -53.66
CA LYS C 1730 -71.51 -31.93 -54.61
C LYS C 1730 -72.91 -32.14 -54.05
N SER C 1731 -73.04 -32.27 -52.73
CA SER C 1731 -74.33 -32.51 -52.09
C SER C 1731 -74.54 -31.53 -50.94
N PRO C 1732 -74.82 -30.26 -51.27
CA PRO C 1732 -75.11 -29.26 -50.24
C PRO C 1732 -76.60 -29.18 -49.90
N SER C 1733 -77.19 -30.32 -49.58
CA SER C 1733 -78.62 -30.39 -49.28
C SER C 1733 -78.82 -31.35 -48.12
N ASP C 1734 -80.08 -31.73 -47.87
CA ASP C 1734 -80.42 -32.61 -46.78
C ASP C 1734 -80.89 -33.99 -47.25
N GLY C 1735 -81.92 -34.03 -48.09
CA GLY C 1735 -82.46 -35.29 -48.54
C GLY C 1735 -83.30 -35.98 -47.49
N THR C 1736 -83.92 -37.08 -47.90
CA THR C 1736 -84.76 -37.89 -47.02
C THR C 1736 -84.08 -39.21 -46.73
N TRP C 1737 -84.01 -39.58 -45.46
CA TRP C 1737 -83.35 -40.80 -45.01
C TRP C 1737 -81.88 -40.84 -45.42
N TRP C 1738 -81.29 -39.69 -45.71
CA TRP C 1738 -79.91 -39.62 -46.18
C TRP C 1738 -78.98 -39.31 -45.02
N GLY C 1739 -78.86 -40.29 -44.13
CA GLY C 1739 -77.98 -40.17 -42.99
C GLY C 1739 -78.43 -41.00 -41.81
N PRO C 1740 -77.55 -41.19 -40.83
CA PRO C 1740 -77.90 -41.98 -39.65
C PRO C 1740 -79.04 -41.36 -38.88
N HIS C 1741 -80.08 -42.16 -38.65
CA HIS C 1741 -81.23 -41.80 -37.83
C HIS C 1741 -81.18 -42.62 -36.54
N PHE C 1742 -80.88 -41.97 -35.43
CA PHE C 1742 -80.72 -42.65 -34.16
C PHE C 1742 -82.02 -42.67 -33.40
N VAL C 1743 -82.34 -43.85 -32.85
CA VAL C 1743 -83.54 -44.06 -32.04
C VAL C 1743 -83.13 -44.77 -30.76
N ARG C 1744 -83.66 -44.29 -29.63
CA ARG C 1744 -83.32 -44.79 -28.31
C ARG C 1744 -84.46 -45.64 -27.79
N ASP C 1745 -84.13 -46.83 -27.27
CA ASP C 1745 -85.14 -47.74 -26.75
C ASP C 1745 -85.55 -47.32 -25.35
N ASP C 1746 -86.29 -48.19 -24.65
CA ASP C 1746 -86.74 -47.85 -23.31
C ASP C 1746 -85.60 -47.86 -22.31
N LYS C 1747 -84.56 -48.66 -22.55
CA LYS C 1747 -83.41 -48.75 -21.65
C LYS C 1747 -82.14 -48.56 -22.47
N GLY C 1748 -81.76 -47.29 -22.66
CA GLY C 1748 -80.53 -46.99 -23.37
C GLY C 1748 -80.53 -47.59 -24.76
N ILE C 1749 -79.35 -48.06 -25.18
CA ILE C 1749 -79.17 -48.79 -26.43
C ILE C 1749 -79.68 -47.98 -27.61
N VAL C 1750 -78.92 -46.98 -28.03
CA VAL C 1750 -79.27 -46.23 -29.23
C VAL C 1750 -78.96 -47.08 -30.45
N THR C 1751 -79.91 -47.15 -31.39
CA THR C 1751 -79.75 -47.96 -32.58
C THR C 1751 -79.99 -47.09 -33.81
N ILE C 1752 -79.47 -47.55 -34.94
CA ILE C 1752 -79.61 -46.86 -36.21
C ILE C 1752 -80.83 -47.41 -36.93
N ASN C 1753 -81.68 -46.53 -37.41
CA ASN C 1753 -82.85 -46.95 -38.17
C ASN C 1753 -82.39 -47.65 -39.44
N PRO C 1754 -82.87 -48.88 -39.70
CA PRO C 1754 -82.37 -49.63 -40.88
C PRO C 1754 -82.56 -48.90 -42.19
N LYS C 1755 -83.66 -48.18 -42.36
CA LYS C 1755 -83.95 -47.50 -43.63
C LYS C 1755 -83.25 -46.14 -43.63
N SER C 1756 -81.92 -46.18 -43.65
CA SER C 1756 -81.12 -44.96 -43.65
C SER C 1756 -79.94 -45.15 -44.57
N ILE C 1757 -79.83 -44.29 -45.59
CA ILE C 1757 -78.75 -44.40 -46.55
C ILE C 1757 -77.47 -43.86 -45.95
N LEU C 1758 -76.41 -44.68 -45.99
CA LEU C 1758 -75.12 -44.32 -45.42
C LEU C 1758 -74.03 -44.24 -46.49
N THR C 1759 -74.40 -43.85 -47.71
CA THR C 1759 -73.44 -43.83 -48.81
C THR C 1759 -72.32 -42.83 -48.55
N HIS C 1760 -72.67 -41.64 -48.05
CA HIS C 1760 -71.66 -40.61 -47.82
C HIS C 1760 -70.65 -41.06 -46.77
N PHE C 1761 -71.13 -41.64 -45.68
CA PHE C 1761 -70.24 -42.09 -44.61
C PHE C 1761 -69.59 -43.42 -44.99
N GLU C 1762 -68.40 -43.65 -44.43
CA GLU C 1762 -67.77 -44.94 -44.57
C GLU C 1762 -68.30 -45.93 -43.55
N SER C 1763 -68.43 -45.50 -42.29
CA SER C 1763 -69.01 -46.33 -41.25
C SER C 1763 -69.43 -45.45 -40.09
N VAL C 1764 -70.62 -45.73 -39.54
CA VAL C 1764 -71.17 -44.99 -38.41
C VAL C 1764 -71.50 -45.99 -37.32
N ASN C 1765 -70.87 -45.85 -36.16
CA ASN C 1765 -71.10 -46.74 -35.04
C ASN C 1765 -71.54 -45.95 -33.82
N VAL C 1766 -72.22 -46.63 -32.90
CA VAL C 1766 -72.69 -46.02 -31.67
C VAL C 1766 -71.96 -46.68 -30.51
N LEU C 1767 -71.56 -45.87 -29.54
CA LEU C 1767 -70.87 -46.35 -28.34
C LEU C 1767 -71.82 -46.22 -27.16
N ASN C 1768 -72.35 -47.35 -26.68
CA ASN C 1768 -73.47 -47.34 -25.76
C ASN C 1768 -73.06 -47.18 -24.30
N ASN C 1769 -71.77 -47.23 -24.00
CA ASN C 1769 -71.37 -47.10 -22.60
C ASN C 1769 -70.07 -46.31 -22.47
N TYR C 1770 -69.63 -45.71 -23.56
CA TYR C 1770 -68.36 -44.98 -23.55
C TYR C 1770 -68.43 -43.81 -22.60
N SER C 1771 -67.32 -43.54 -21.92
CA SER C 1771 -67.17 -42.40 -21.03
C SER C 1771 -65.88 -41.68 -21.36
N ALA C 1772 -65.99 -40.47 -21.87
CA ALA C 1772 -64.80 -39.74 -22.32
C ALA C 1772 -63.96 -39.31 -21.12
N PRO C 1773 -62.64 -39.23 -21.27
CA PRO C 1773 -61.82 -38.72 -20.17
C PRO C 1773 -61.96 -37.22 -19.98
N MET C 1774 -61.22 -36.65 -19.05
CA MET C 1774 -61.30 -35.21 -18.83
C MET C 1774 -60.81 -34.46 -20.05
N ASP C 1775 -61.39 -33.29 -20.28
CA ASP C 1775 -61.05 -32.44 -21.40
C ASP C 1775 -60.16 -31.30 -20.93
N PHE C 1776 -58.99 -31.17 -21.55
CA PHE C 1776 -58.06 -30.10 -21.22
C PHE C 1776 -58.32 -28.84 -22.02
N ASN C 1777 -59.42 -28.78 -22.76
CA ASN C 1777 -59.85 -27.57 -23.46
C ASN C 1777 -61.20 -27.08 -22.94
N SER C 1778 -61.60 -27.50 -21.75
CA SER C 1778 -62.91 -27.17 -21.21
C SER C 1778 -62.80 -25.89 -20.38
N ALA C 1779 -63.85 -25.61 -19.60
CA ALA C 1779 -63.88 -24.39 -18.80
C ALA C 1779 -62.80 -24.39 -17.73
N SER C 1780 -62.46 -25.57 -17.20
CA SER C 1780 -61.45 -25.68 -16.15
C SER C 1780 -60.07 -26.02 -16.69
N ALA C 1781 -59.76 -25.60 -17.92
CA ALA C 1781 -58.47 -25.94 -18.50
C ALA C 1781 -57.32 -25.31 -17.73
N LEU C 1782 -57.51 -24.07 -17.29
CA LEU C 1782 -56.42 -23.35 -16.62
C LEU C 1782 -55.98 -24.08 -15.35
N TYR C 1783 -56.95 -24.53 -14.55
CA TYR C 1783 -56.60 -25.19 -13.30
C TYR C 1783 -55.91 -26.53 -13.53
N TYR C 1784 -56.39 -27.29 -14.52
CA TYR C 1784 -55.74 -28.55 -14.86
C TYR C 1784 -54.30 -28.31 -15.30
N TRP C 1785 -54.09 -27.32 -16.16
CA TRP C 1785 -52.75 -27.04 -16.65
C TRP C 1785 -51.84 -26.60 -15.51
N GLU C 1786 -52.35 -25.78 -14.60
CA GLU C 1786 -51.55 -25.35 -13.47
C GLU C 1786 -51.18 -26.53 -12.58
N LEU C 1787 -52.14 -27.41 -12.28
CA LEU C 1787 -51.87 -28.52 -11.39
C LEU C 1787 -50.89 -29.51 -12.01
N PHE C 1788 -51.03 -29.80 -13.30
CA PHE C 1788 -50.29 -30.90 -13.89
C PHE C 1788 -49.01 -30.48 -14.59
N TYR C 1789 -48.91 -29.24 -15.07
CA TYR C 1789 -47.70 -28.84 -15.79
C TYR C 1789 -46.97 -27.67 -15.12
N TYR C 1790 -47.66 -26.56 -14.86
CA TYR C 1790 -46.96 -25.35 -14.43
C TYR C 1790 -46.34 -25.53 -13.05
N THR C 1791 -47.06 -26.17 -12.13
CA THR C 1791 -46.56 -26.28 -10.76
C THR C 1791 -45.29 -27.12 -10.66
N PRO C 1792 -45.21 -28.34 -11.22
CA PRO C 1792 -43.93 -29.05 -11.15
C PRO C 1792 -42.80 -28.31 -11.83
N MET C 1793 -43.09 -27.61 -12.93
CA MET C 1793 -42.03 -26.85 -13.60
C MET C 1793 -41.52 -25.72 -12.70
N MET C 1794 -42.42 -25.01 -12.04
CA MET C 1794 -41.99 -23.94 -11.14
C MET C 1794 -41.19 -24.51 -9.97
N CYS C 1795 -41.62 -25.64 -9.42
CA CYS C 1795 -40.88 -26.25 -8.32
C CYS C 1795 -39.50 -26.69 -8.77
N PHE C 1796 -39.40 -27.27 -9.96
CA PHE C 1796 -38.10 -27.66 -10.49
C PHE C 1796 -37.20 -26.46 -10.67
N GLN C 1797 -37.74 -25.37 -11.21
CA GLN C 1797 -36.91 -24.17 -11.41
C GLN C 1797 -36.42 -23.61 -10.08
N ARG C 1798 -37.30 -23.54 -9.08
CA ARG C 1798 -36.89 -23.01 -7.79
C ARG C 1798 -35.83 -23.89 -7.15
N LEU C 1799 -36.00 -25.21 -7.22
CA LEU C 1799 -35.00 -26.10 -6.63
C LEU C 1799 -33.67 -25.99 -7.37
N LEU C 1800 -33.70 -25.90 -8.70
CA LEU C 1800 -32.47 -25.78 -9.47
C LEU C 1800 -31.74 -24.48 -9.16
N GLN C 1801 -32.49 -23.39 -8.98
CA GLN C 1801 -31.86 -22.11 -8.67
C GLN C 1801 -31.09 -22.14 -7.35
N GLU C 1802 -31.40 -23.08 -6.46
CA GLU C 1802 -30.71 -23.19 -5.19
C GLU C 1802 -29.72 -24.35 -5.15
N LYS C 1803 -29.36 -24.88 -6.33
CA LYS C 1803 -28.37 -25.94 -6.44
C LYS C 1803 -28.76 -27.18 -5.64
N GLN C 1804 -30.01 -27.59 -5.77
CA GLN C 1804 -30.49 -28.87 -5.23
C GLN C 1804 -30.86 -29.73 -6.44
N PHE C 1805 -29.87 -30.43 -6.99
CA PHE C 1805 -30.05 -31.04 -8.29
C PHE C 1805 -30.90 -32.31 -8.22
N ASP C 1806 -30.74 -33.12 -7.18
CA ASP C 1806 -31.49 -34.37 -7.10
C ASP C 1806 -32.99 -34.11 -6.92
N GLU C 1807 -33.35 -33.18 -6.04
CA GLU C 1807 -34.75 -32.85 -5.86
C GLU C 1807 -35.34 -32.23 -7.13
N ALA C 1808 -34.57 -31.39 -7.80
CA ALA C 1808 -35.04 -30.80 -9.04
C ALA C 1808 -35.30 -31.87 -10.09
N THR C 1809 -34.41 -32.85 -10.18
CA THR C 1809 -34.62 -33.95 -11.12
C THR C 1809 -35.87 -34.74 -10.76
N GLN C 1810 -36.06 -35.02 -9.46
CA GLN C 1810 -37.24 -35.75 -9.05
C GLN C 1810 -38.50 -35.00 -9.41
N TRP C 1811 -38.49 -33.67 -9.28
CA TRP C 1811 -39.68 -32.89 -9.56
C TRP C 1811 -39.93 -32.78 -11.07
N ILE C 1812 -38.88 -32.64 -11.87
CA ILE C 1812 -39.09 -32.56 -13.31
C ILE C 1812 -39.44 -33.90 -13.91
N ASN C 1813 -39.15 -35.01 -13.22
CA ASN C 1813 -39.50 -36.31 -13.76
C ASN C 1813 -41.00 -36.56 -13.82
N TYR C 1814 -41.81 -35.70 -13.19
CA TYR C 1814 -43.25 -35.87 -13.30
C TYR C 1814 -43.80 -35.44 -14.65
N VAL C 1815 -42.99 -34.78 -15.48
CA VAL C 1815 -43.42 -34.29 -16.77
C VAL C 1815 -42.69 -35.01 -17.90
N TYR C 1816 -41.36 -35.01 -17.87
CA TYR C 1816 -40.57 -35.65 -18.91
C TYR C 1816 -39.47 -36.48 -18.27
N ASN C 1817 -39.28 -37.69 -18.78
CA ASN C 1817 -38.21 -38.56 -18.32
C ASN C 1817 -37.73 -39.41 -19.49
N PRO C 1818 -36.50 -39.20 -19.96
CA PRO C 1818 -36.02 -39.99 -21.10
C PRO C 1818 -36.00 -41.47 -20.85
N ALA C 1819 -35.88 -41.90 -19.59
CA ALA C 1819 -35.79 -43.31 -19.26
C ALA C 1819 -37.15 -43.97 -19.14
N GLY C 1820 -38.24 -43.24 -19.30
CA GLY C 1820 -39.56 -43.80 -19.18
C GLY C 1820 -40.08 -43.78 -17.76
N TYR C 1821 -41.33 -44.21 -17.62
CA TYR C 1821 -42.02 -44.20 -16.34
C TYR C 1821 -42.49 -45.60 -15.99
N ILE C 1822 -42.26 -45.99 -14.74
CA ILE C 1822 -42.64 -47.32 -14.27
C ILE C 1822 -44.07 -47.26 -13.76
N VAL C 1823 -44.93 -48.08 -14.34
CA VAL C 1823 -46.33 -48.17 -13.93
C VAL C 1823 -46.66 -49.64 -13.72
N ASN C 1824 -47.14 -49.97 -12.52
CA ASN C 1824 -47.49 -51.34 -12.15
C ASN C 1824 -46.34 -52.31 -12.30
N GLY C 1825 -45.11 -51.82 -12.30
CA GLY C 1825 -43.95 -52.66 -12.46
C GLY C 1825 -43.48 -52.85 -13.89
N GLU C 1826 -44.03 -52.10 -14.84
CA GLU C 1826 -43.61 -52.18 -16.23
C GLU C 1826 -43.43 -50.78 -16.79
N ILE C 1827 -42.64 -50.70 -17.86
CA ILE C 1827 -42.41 -49.42 -18.52
C ILE C 1827 -43.67 -48.98 -19.24
N ALA C 1828 -44.10 -47.75 -18.97
CA ALA C 1828 -45.31 -47.23 -19.59
C ALA C 1828 -45.07 -46.99 -21.08
N PRO C 1829 -46.11 -47.12 -21.90
CA PRO C 1829 -45.93 -46.93 -23.35
C PRO C 1829 -45.83 -45.47 -23.78
N TRP C 1830 -46.31 -44.52 -22.98
CA TRP C 1830 -46.27 -43.13 -23.40
C TRP C 1830 -44.88 -42.54 -23.19
N ILE C 1831 -44.62 -41.44 -23.87
CA ILE C 1831 -43.33 -40.75 -23.83
C ILE C 1831 -43.35 -39.60 -22.84
N TRP C 1832 -44.37 -38.76 -22.90
CA TRP C 1832 -44.50 -37.61 -22.04
C TRP C 1832 -45.55 -37.89 -20.97
N ASN C 1833 -45.21 -37.59 -19.71
CA ASN C 1833 -46.14 -37.86 -18.62
C ASN C 1833 -47.29 -36.85 -18.55
N CYS C 1834 -47.15 -35.70 -19.19
CA CYS C 1834 -48.19 -34.68 -19.20
C CYS C 1834 -49.14 -34.98 -20.36
N ARG C 1835 -50.38 -35.31 -20.04
CA ARG C 1835 -51.32 -35.75 -21.07
C ARG C 1835 -51.58 -34.70 -22.15
N PRO C 1836 -51.85 -33.43 -21.83
CA PRO C 1836 -52.04 -32.46 -22.92
C PRO C 1836 -50.83 -32.30 -23.81
N LEU C 1837 -49.62 -32.37 -23.25
CA LEU C 1837 -48.43 -32.33 -24.10
C LEU C 1837 -48.36 -33.57 -25.00
N GLU C 1838 -48.67 -34.74 -24.43
CA GLU C 1838 -48.61 -35.97 -25.23
C GLU C 1838 -49.60 -35.93 -26.38
N GLU C 1839 -50.81 -35.44 -26.14
CA GLU C 1839 -51.84 -35.40 -27.17
C GLU C 1839 -51.84 -34.08 -27.94
N THR C 1840 -51.03 -33.09 -27.54
CA THR C 1840 -50.94 -31.80 -28.20
C THR C 1840 -52.32 -31.13 -28.29
N THR C 1841 -52.87 -30.84 -27.12
CA THR C 1841 -54.18 -30.18 -27.04
C THR C 1841 -53.98 -28.68 -27.00
N SER C 1842 -54.62 -27.98 -27.92
CA SER C 1842 -54.52 -26.53 -27.99
C SER C 1842 -55.70 -25.90 -27.26
N TRP C 1843 -55.41 -24.94 -26.38
CA TRP C 1843 -56.42 -24.29 -25.57
C TRP C 1843 -56.28 -22.78 -25.61
N ASN C 1844 -56.11 -22.22 -26.80
CA ASN C 1844 -56.07 -20.78 -26.98
C ASN C 1844 -56.24 -20.48 -28.46
N ALA C 1845 -57.22 -19.63 -28.79
CA ALA C 1845 -57.55 -19.36 -30.18
C ALA C 1845 -57.05 -18.01 -30.67
N ASN C 1846 -56.68 -17.09 -29.79
CA ASN C 1846 -56.24 -15.74 -30.17
C ASN C 1846 -54.93 -15.44 -29.45
N PRO C 1847 -53.83 -16.05 -29.87
CA PRO C 1847 -52.57 -15.86 -29.17
C PRO C 1847 -51.82 -14.61 -29.58
N LEU C 1848 -52.13 -14.01 -30.72
CA LEU C 1848 -51.40 -12.86 -31.24
C LEU C 1848 -52.07 -11.54 -30.92
N ASP C 1849 -53.08 -11.54 -30.04
CA ASP C 1849 -53.73 -10.28 -29.67
C ASP C 1849 -52.79 -9.35 -28.91
N ALA C 1850 -51.76 -9.89 -28.25
CA ALA C 1850 -50.81 -9.07 -27.52
C ALA C 1850 -49.48 -9.83 -27.43
N ILE C 1851 -48.43 -9.08 -27.10
CA ILE C 1851 -47.11 -9.68 -26.98
C ILE C 1851 -47.10 -10.56 -25.73
N ASP C 1852 -47.10 -11.87 -25.93
CA ASP C 1852 -47.16 -12.81 -24.81
C ASP C 1852 -46.62 -14.17 -25.25
N PRO C 1853 -45.38 -14.52 -24.88
CA PRO C 1853 -44.86 -15.84 -25.25
C PRO C 1853 -45.70 -16.98 -24.72
N ASP C 1854 -46.27 -16.82 -23.52
CA ASP C 1854 -47.07 -17.89 -22.95
C ASP C 1854 -48.31 -18.16 -23.78
N ALA C 1855 -48.95 -17.11 -24.30
CA ALA C 1855 -50.12 -17.32 -25.14
C ALA C 1855 -49.77 -18.10 -26.40
N VAL C 1856 -48.65 -17.74 -27.04
CA VAL C 1856 -48.23 -18.45 -28.24
C VAL C 1856 -47.94 -19.90 -27.92
N ALA C 1857 -47.24 -20.16 -26.82
CA ALA C 1857 -46.98 -21.54 -26.43
C ALA C 1857 -48.26 -22.29 -26.14
N GLN C 1858 -49.26 -21.61 -25.57
CA GLN C 1858 -50.53 -22.26 -25.30
C GLN C 1858 -51.27 -22.61 -26.59
N ASN C 1859 -51.11 -21.79 -27.63
CA ASN C 1859 -51.76 -22.10 -28.89
C ASN C 1859 -51.23 -23.40 -29.48
N ASP C 1860 -49.92 -23.61 -29.41
CA ASP C 1860 -49.28 -24.83 -29.90
C ASP C 1860 -48.36 -25.36 -28.82
N PRO C 1861 -48.76 -26.39 -28.09
CA PRO C 1861 -48.00 -26.80 -26.91
C PRO C 1861 -46.68 -27.49 -27.22
N MET C 1862 -46.28 -27.55 -28.49
CA MET C 1862 -44.97 -28.09 -28.83
C MET C 1862 -43.86 -27.25 -28.21
N HIS C 1863 -44.03 -25.93 -28.19
CA HIS C 1863 -43.05 -25.06 -27.58
C HIS C 1863 -42.86 -25.38 -26.11
N TYR C 1864 -43.90 -25.90 -25.44
CA TYR C 1864 -43.73 -26.34 -24.06
C TYR C 1864 -42.81 -27.56 -23.99
N LYS C 1865 -42.93 -28.47 -24.95
CA LYS C 1865 -42.01 -29.59 -25.01
C LYS C 1865 -40.57 -29.12 -25.17
N ILE C 1866 -40.36 -28.16 -26.07
CA ILE C 1866 -39.01 -27.66 -26.31
C ILE C 1866 -38.47 -26.96 -25.07
N ALA C 1867 -39.34 -26.20 -24.38
CA ALA C 1867 -38.89 -25.52 -23.16
C ALA C 1867 -38.50 -26.51 -22.09
N THR C 1868 -39.28 -27.58 -21.92
CA THR C 1868 -38.91 -28.60 -20.94
C THR C 1868 -37.59 -29.25 -21.29
N PHE C 1869 -37.40 -29.56 -22.57
CA PHE C 1869 -36.13 -30.16 -22.99
C PHE C 1869 -34.96 -29.22 -22.71
N MET C 1870 -35.13 -27.93 -22.98
CA MET C 1870 -34.06 -26.97 -22.73
C MET C 1870 -33.76 -26.88 -21.24
N ARG C 1871 -34.78 -26.91 -20.40
CA ARG C 1871 -34.54 -26.88 -18.96
C ARG C 1871 -33.75 -28.10 -18.51
N LEU C 1872 -34.09 -29.28 -19.03
CA LEU C 1872 -33.35 -30.49 -18.68
C LEU C 1872 -31.89 -30.37 -19.10
N LEU C 1873 -31.64 -29.88 -20.31
CA LEU C 1873 -30.26 -29.72 -20.77
C LEU C 1873 -29.50 -28.73 -19.91
N ASP C 1874 -30.16 -27.65 -19.50
CA ASP C 1874 -29.51 -26.68 -18.63
C ASP C 1874 -29.10 -27.31 -17.32
N GLN C 1875 -29.99 -28.11 -16.73
CA GLN C 1875 -29.65 -28.78 -15.47
C GLN C 1875 -28.46 -29.71 -15.65
N LEU C 1876 -28.43 -30.47 -16.74
CA LEU C 1876 -27.32 -31.39 -16.97
C LEU C 1876 -26.00 -30.63 -17.12
N ILE C 1877 -26.01 -29.54 -17.88
CA ILE C 1877 -24.78 -28.78 -18.09
C ILE C 1877 -24.30 -28.15 -16.79
N LEU C 1878 -25.23 -27.65 -15.97
CA LEU C 1878 -24.84 -27.09 -14.68
C LEU C 1878 -24.22 -28.14 -13.78
N ARG C 1879 -24.80 -29.35 -13.76
CA ARG C 1879 -24.21 -30.43 -12.99
C ARG C 1879 -22.79 -30.73 -13.47
N GLY C 1880 -22.60 -30.77 -14.79
CA GLY C 1880 -21.27 -31.03 -15.32
C GLY C 1880 -20.26 -29.97 -14.93
N ASP C 1881 -20.66 -28.70 -15.02
CA ASP C 1881 -19.75 -27.62 -14.65
C ASP C 1881 -19.40 -27.68 -13.16
N MET C 1882 -20.39 -27.94 -12.31
CA MET C 1882 -20.13 -28.02 -10.89
C MET C 1882 -19.16 -29.15 -10.57
N ALA C 1883 -19.33 -30.29 -11.23
CA ALA C 1883 -18.38 -31.39 -11.03
C ALA C 1883 -16.99 -31.03 -11.56
N TYR C 1884 -16.93 -30.32 -12.69
CA TYR C 1884 -15.65 -29.94 -13.26
C TYR C 1884 -14.87 -29.02 -12.32
N ARG C 1885 -15.56 -28.13 -11.64
CA ARG C 1885 -14.84 -27.14 -10.83
C ARG C 1885 -14.15 -27.75 -9.60
N GLU C 1886 -14.08 -29.06 -9.40
CA GLU C 1886 -13.45 -29.62 -8.21
C GLU C 1886 -12.02 -30.11 -8.44
N LEU C 1887 -11.62 -30.35 -9.70
CA LEU C 1887 -10.28 -30.72 -10.12
C LEU C 1887 -9.85 -32.11 -9.67
N THR C 1888 -10.67 -32.82 -8.90
CA THR C 1888 -10.36 -34.19 -8.53
C THR C 1888 -10.61 -35.11 -9.71
N ARG C 1889 -9.77 -36.15 -9.83
CA ARG C 1889 -9.88 -37.08 -10.95
C ARG C 1889 -11.28 -37.67 -11.05
N ASP C 1890 -11.84 -38.10 -9.91
CA ASP C 1890 -13.20 -38.62 -9.92
C ASP C 1890 -14.20 -37.55 -10.34
N ALA C 1891 -13.99 -36.31 -9.88
CA ALA C 1891 -14.84 -35.21 -10.31
C ALA C 1891 -14.73 -34.98 -11.81
N LEU C 1892 -13.51 -35.10 -12.35
CA LEU C 1892 -13.34 -34.94 -13.79
C LEU C 1892 -14.08 -36.03 -14.56
N ASN C 1893 -14.00 -37.27 -14.07
CA ASN C 1893 -14.73 -38.36 -14.73
C ASN C 1893 -16.23 -38.12 -14.67
N GLU C 1894 -16.73 -37.64 -13.53
CA GLU C 1894 -18.15 -37.36 -13.41
C GLU C 1894 -18.58 -36.26 -14.37
N ALA C 1895 -17.78 -35.21 -14.48
CA ALA C 1895 -18.09 -34.13 -15.42
C ALA C 1895 -18.09 -34.66 -16.86
N LYS C 1896 -17.13 -35.52 -17.19
CA LYS C 1896 -17.10 -36.13 -18.51
C LYS C 1896 -18.37 -36.92 -18.77
N MET C 1897 -18.83 -37.68 -17.77
CA MET C 1897 -20.05 -38.45 -17.95
C MET C 1897 -21.25 -37.54 -18.18
N TRP C 1898 -21.36 -36.46 -17.41
CA TRP C 1898 -22.49 -35.55 -17.60
C TRP C 1898 -22.47 -34.93 -18.99
N TYR C 1899 -21.30 -34.46 -19.43
CA TYR C 1899 -21.22 -33.84 -20.75
C TYR C 1899 -21.53 -34.83 -21.86
N VAL C 1900 -21.03 -36.06 -21.74
CA VAL C 1900 -21.29 -37.07 -22.77
C VAL C 1900 -22.78 -37.38 -22.82
N ARG C 1901 -23.43 -37.47 -21.65
CA ARG C 1901 -24.86 -37.73 -21.63
C ARG C 1901 -25.63 -36.61 -22.31
N THR C 1902 -25.28 -35.35 -22.01
CA THR C 1902 -25.96 -34.24 -22.64
C THR C 1902 -25.76 -34.25 -24.15
N LEU C 1903 -24.54 -34.53 -24.60
CA LEU C 1903 -24.27 -34.57 -26.03
C LEU C 1903 -25.06 -35.66 -26.71
N GLU C 1904 -25.18 -36.82 -26.07
CA GLU C 1904 -25.94 -37.92 -26.65
C GLU C 1904 -27.41 -37.58 -26.71
N LEU C 1905 -27.93 -36.89 -25.69
CA LEU C 1905 -29.32 -36.46 -25.73
C LEU C 1905 -29.57 -35.47 -26.86
N LEU C 1906 -28.66 -34.52 -27.04
CA LEU C 1906 -28.86 -33.48 -28.06
C LEU C 1906 -28.81 -34.07 -29.46
N GLY C 1907 -27.87 -34.95 -29.73
CA GLY C 1907 -27.64 -35.43 -31.08
C GLY C 1907 -26.46 -34.74 -31.73
N ASP C 1908 -26.48 -34.71 -33.06
CA ASP C 1908 -25.46 -34.07 -33.86
C ASP C 1908 -26.01 -32.82 -34.52
N GLU C 1909 -25.31 -31.71 -34.39
CA GLU C 1909 -25.81 -30.45 -34.90
C GLU C 1909 -25.76 -30.43 -36.43
N PRO C 1910 -26.70 -29.76 -37.07
CA PRO C 1910 -26.71 -29.71 -38.54
C PRO C 1910 -25.92 -28.52 -39.06
N GLU C 1911 -25.85 -28.38 -40.38
CA GLU C 1911 -25.11 -27.31 -41.03
C GLU C 1911 -26.04 -26.46 -41.86
N ASP C 1912 -25.51 -25.35 -42.37
CA ASP C 1912 -26.29 -24.46 -43.21
C ASP C 1912 -26.66 -25.13 -44.51
N TYR C 1913 -27.89 -24.93 -44.96
CA TYR C 1913 -28.38 -25.53 -46.20
C TYR C 1913 -28.75 -24.51 -47.25
N GLY C 1914 -29.61 -23.54 -46.92
CA GLY C 1914 -30.13 -22.61 -47.88
C GLY C 1914 -29.33 -21.36 -48.11
N SER C 1915 -28.15 -21.23 -47.50
CA SER C 1915 -27.35 -20.02 -47.69
C SER C 1915 -26.90 -19.85 -49.13
N GLN C 1916 -26.45 -20.94 -49.75
CA GLN C 1916 -25.93 -20.87 -51.12
C GLN C 1916 -27.01 -21.04 -52.17
N GLN C 1917 -28.25 -21.36 -51.78
CA GLN C 1917 -29.34 -21.51 -52.71
C GLN C 1917 -30.14 -20.23 -52.89
N TRP C 1918 -29.71 -19.13 -52.28
CA TRP C 1918 -30.48 -17.89 -52.27
C TRP C 1918 -29.96 -16.93 -53.32
N ALA C 1919 -30.83 -16.52 -54.23
CA ALA C 1919 -30.49 -15.53 -55.24
C ALA C 1919 -30.81 -14.14 -54.69
N ALA C 1920 -29.81 -13.28 -54.65
CA ALA C 1920 -29.98 -11.97 -54.04
C ALA C 1920 -30.90 -11.10 -54.88
N PRO C 1921 -32.03 -10.65 -54.35
CA PRO C 1921 -32.93 -9.81 -55.13
C PRO C 1921 -32.68 -8.33 -54.87
N SER C 1922 -33.23 -7.51 -55.77
CA SER C 1922 -33.18 -6.08 -55.56
C SER C 1922 -34.09 -5.68 -54.40
N LEU C 1923 -33.78 -4.52 -53.80
CA LEU C 1923 -34.59 -4.05 -52.69
C LEU C 1923 -36.03 -3.82 -53.12
N SER C 1924 -36.23 -3.23 -54.30
CA SER C 1924 -37.58 -3.03 -54.79
C SER C 1924 -38.27 -4.36 -55.07
N GLY C 1925 -37.52 -5.33 -55.61
CA GLY C 1925 -38.12 -6.63 -55.89
C GLY C 1925 -38.52 -7.38 -54.64
N ALA C 1926 -37.68 -7.32 -53.60
CA ALA C 1926 -38.01 -8.02 -52.36
C ALA C 1926 -39.19 -7.40 -51.65
N ALA C 1927 -39.36 -6.08 -51.78
CA ALA C 1927 -40.47 -5.37 -51.15
C ALA C 1927 -41.68 -5.24 -52.06
N SER C 1928 -41.69 -5.92 -53.20
CA SER C 1928 -42.81 -5.82 -54.11
C SER C 1928 -44.08 -6.32 -53.45
N GLN C 1929 -45.20 -5.65 -53.73
CA GLN C 1929 -46.46 -6.04 -53.14
C GLN C 1929 -47.01 -7.30 -53.77
N THR C 1930 -46.72 -7.54 -55.05
CA THR C 1930 -47.27 -8.71 -55.73
C THR C 1930 -46.75 -9.99 -55.13
N VAL C 1931 -45.46 -10.04 -54.77
CA VAL C 1931 -44.88 -11.25 -54.21
C VAL C 1931 -45.55 -11.59 -52.87
N GLN C 1932 -45.69 -10.59 -52.00
CA GLN C 1932 -46.32 -10.81 -50.72
C GLN C 1932 -47.78 -11.22 -50.89
N ALA C 1933 -48.49 -10.59 -51.84
CA ALA C 1933 -49.88 -10.95 -52.07
C ALA C 1933 -50.00 -12.39 -52.55
N ALA C 1934 -49.13 -12.81 -53.46
CA ALA C 1934 -49.17 -14.19 -53.95
C ALA C 1934 -48.87 -15.18 -52.83
N TYR C 1935 -47.86 -14.89 -52.01
CA TYR C 1935 -47.54 -15.79 -50.92
C TYR C 1935 -48.69 -15.90 -49.92
N GLN C 1936 -49.29 -14.77 -49.56
CA GLN C 1936 -50.42 -14.80 -48.63
C GLN C 1936 -51.60 -15.53 -49.22
N GLN C 1937 -51.86 -15.34 -50.52
CA GLN C 1937 -52.96 -16.05 -51.17
C GLN C 1937 -52.73 -17.56 -51.13
N ASP C 1938 -51.50 -17.98 -51.43
CA ASP C 1938 -51.19 -19.42 -51.38
C ASP C 1938 -51.37 -19.96 -49.97
N LEU C 1939 -50.89 -19.21 -48.96
CA LEU C 1939 -51.03 -19.67 -47.58
C LEU C 1939 -52.50 -19.79 -47.18
N THR C 1940 -53.32 -18.80 -47.57
CA THR C 1940 -54.73 -18.84 -47.22
C THR C 1940 -55.43 -20.01 -47.90
N MET C 1941 -55.12 -20.25 -49.18
CA MET C 1941 -55.72 -21.39 -49.87
C MET C 1941 -55.30 -22.70 -49.23
N LEU C 1942 -54.04 -22.79 -48.80
CA LEU C 1942 -53.57 -24.01 -48.15
C LEU C 1942 -54.28 -24.23 -46.83
N GLY C 1943 -54.38 -23.19 -46.00
CA GLY C 1943 -54.96 -23.37 -44.68
C GLY C 1943 -56.46 -23.61 -44.70
N ARG C 1944 -57.18 -22.82 -45.49
CA ARG C 1944 -58.64 -22.86 -45.49
C ARG C 1944 -59.21 -23.83 -46.52
N GLY C 1945 -58.62 -23.92 -47.69
CA GLY C 1945 -59.11 -24.82 -48.72
C GLY C 1945 -58.30 -26.09 -48.83
N GLY C 1946 -57.43 -26.14 -49.84
CA GLY C 1946 -56.64 -27.33 -50.08
C GLY C 1946 -56.39 -27.56 -51.56
N VAL C 1947 -56.90 -26.66 -52.40
CA VAL C 1947 -56.68 -26.77 -53.83
C VAL C 1947 -55.20 -26.59 -54.14
N SER C 1948 -54.66 -27.47 -54.97
CA SER C 1948 -53.23 -27.50 -55.28
C SER C 1948 -52.97 -27.14 -56.74
N LYS C 1949 -53.66 -26.13 -57.25
CA LYS C 1949 -53.40 -25.65 -58.60
C LYS C 1949 -51.97 -25.12 -58.70
N ASN C 1950 -51.32 -25.42 -59.82
CA ASN C 1950 -49.91 -25.10 -60.03
C ASN C 1950 -49.06 -25.71 -58.90
N LEU C 1951 -49.07 -27.04 -58.88
CA LEU C 1951 -48.48 -27.79 -57.77
C LEU C 1951 -47.03 -27.39 -57.53
N ARG C 1952 -46.22 -27.38 -58.58
CA ARG C 1952 -44.85 -26.93 -58.46
C ARG C 1952 -44.83 -25.41 -58.47
N THR C 1953 -44.08 -24.82 -57.53
CA THR C 1953 -44.08 -23.37 -57.38
C THR C 1953 -43.13 -22.68 -58.34
N ALA C 1954 -42.30 -23.41 -59.08
CA ALA C 1954 -41.39 -22.84 -60.08
C ALA C 1954 -40.46 -21.81 -59.42
N ASN C 1955 -39.57 -22.34 -58.59
CA ASN C 1955 -38.80 -21.54 -57.63
C ASN C 1955 -38.11 -20.31 -58.21
N SER C 1956 -38.02 -20.21 -59.54
CA SER C 1956 -37.49 -19.00 -60.15
C SER C 1956 -38.31 -17.77 -59.82
N LEU C 1957 -39.55 -17.94 -59.38
CA LEU C 1957 -40.40 -16.84 -58.97
C LEU C 1957 -40.44 -16.66 -57.45
N VAL C 1958 -39.37 -17.05 -56.76
CA VAL C 1958 -39.27 -16.93 -55.32
C VAL C 1958 -38.23 -15.88 -54.97
N GLY C 1959 -38.62 -14.89 -54.18
CA GLY C 1959 -37.70 -13.89 -53.68
C GLY C 1959 -37.93 -13.62 -52.21
N LEU C 1960 -38.34 -14.64 -51.47
CA LEU C 1960 -38.66 -14.52 -50.06
C LEU C 1960 -37.45 -14.87 -49.21
N PHE C 1961 -37.61 -14.78 -47.89
CA PHE C 1961 -36.54 -15.07 -46.96
C PHE C 1961 -36.72 -16.44 -46.34
N LEU C 1962 -35.63 -16.96 -45.78
CA LEU C 1962 -35.58 -18.33 -45.29
C LEU C 1962 -35.60 -18.37 -43.76
N PRO C 1963 -36.10 -19.45 -43.17
CA PRO C 1963 -36.12 -19.56 -41.72
C PRO C 1963 -34.72 -19.65 -41.14
N GLU C 1964 -34.62 -19.34 -39.85
CA GLU C 1964 -33.34 -19.26 -39.16
C GLU C 1964 -33.29 -20.26 -38.02
N TYR C 1965 -32.08 -20.73 -37.72
CA TYR C 1965 -31.87 -21.67 -36.63
C TYR C 1965 -32.10 -20.99 -35.28
N ASN C 1966 -32.24 -21.81 -34.25
CA ASN C 1966 -32.40 -21.31 -32.90
C ASN C 1966 -31.04 -21.08 -32.27
N PRO C 1967 -30.71 -19.84 -31.89
CA PRO C 1967 -29.37 -19.59 -31.32
C PRO C 1967 -29.08 -20.35 -30.04
N ALA C 1968 -30.08 -20.63 -29.21
CA ALA C 1968 -29.83 -21.26 -27.92
C ALA C 1968 -29.27 -22.67 -28.08
N LEU C 1969 -29.83 -23.45 -29.00
CA LEU C 1969 -29.32 -24.80 -29.21
C LEU C 1969 -27.90 -24.79 -29.74
N THR C 1970 -27.60 -23.85 -30.66
CA THR C 1970 -26.23 -23.73 -31.14
C THR C 1970 -25.29 -23.36 -30.01
N ASP C 1971 -25.75 -22.53 -29.08
CA ASP C 1971 -24.94 -22.21 -27.91
C ASP C 1971 -24.68 -23.44 -27.06
N TYR C 1972 -25.70 -24.29 -26.89
CA TYR C 1972 -25.49 -25.53 -26.15
C TYR C 1972 -24.43 -26.39 -26.83
N TRP C 1973 -24.53 -26.53 -28.15
CA TRP C 1973 -23.55 -27.35 -28.86
C TRP C 1973 -22.15 -26.79 -28.74
N GLN C 1974 -22.01 -25.47 -28.87
CA GLN C 1974 -20.70 -24.85 -28.76
C GLN C 1974 -20.11 -25.05 -27.37
N THR C 1975 -20.92 -24.87 -26.34
CA THR C 1975 -20.44 -25.07 -24.97
C THR C 1975 -20.00 -26.51 -24.75
N LEU C 1976 -20.79 -27.46 -25.24
CA LEU C 1976 -20.40 -28.86 -25.08
C LEU C 1976 -19.10 -29.17 -25.79
N ARG C 1977 -18.94 -28.66 -27.01
CA ARG C 1977 -17.70 -28.90 -27.74
C ARG C 1977 -16.50 -28.33 -27.00
N LEU C 1978 -16.63 -27.09 -26.51
CA LEU C 1978 -15.51 -26.48 -25.80
C LEU C 1978 -15.17 -27.24 -24.53
N ARG C 1979 -16.18 -27.65 -23.76
CA ARG C 1979 -15.92 -28.36 -22.51
C ARG C 1979 -15.26 -29.70 -22.78
N LEU C 1980 -15.74 -30.44 -23.78
CA LEU C 1980 -15.14 -31.73 -24.08
C LEU C 1980 -13.70 -31.56 -24.55
N PHE C 1981 -13.44 -30.55 -25.39
CA PHE C 1981 -12.08 -30.32 -25.85
C PHE C 1981 -11.16 -29.97 -24.69
N ASN C 1982 -11.63 -29.14 -23.76
CA ASN C 1982 -10.80 -28.82 -22.60
C ASN C 1982 -10.54 -30.06 -21.75
N LEU C 1983 -11.55 -30.90 -21.58
CA LEU C 1983 -11.39 -32.10 -20.77
C LEU C 1983 -10.38 -33.06 -21.39
N ARG C 1984 -10.43 -33.23 -22.70
CA ARG C 1984 -9.59 -34.24 -23.33
C ARG C 1984 -8.12 -33.84 -23.37
N HIS C 1985 -7.82 -32.54 -23.32
CA HIS C 1985 -6.46 -32.06 -23.47
C HIS C 1985 -5.83 -31.68 -22.14
N ASN C 1986 -6.35 -32.18 -21.03
CA ASN C 1986 -5.76 -31.99 -19.70
C ASN C 1986 -5.62 -30.50 -19.37
N LEU C 1987 -6.72 -29.77 -19.48
CA LEU C 1987 -6.75 -28.36 -19.13
C LEU C 1987 -7.85 -28.11 -18.12
N SER C 1988 -7.75 -26.97 -17.43
CA SER C 1988 -8.77 -26.55 -16.50
C SER C 1988 -10.02 -26.10 -17.25
N ILE C 1989 -11.06 -25.75 -16.50
CA ILE C 1989 -12.30 -25.31 -17.13
C ILE C 1989 -12.14 -23.99 -17.86
N ASP C 1990 -11.13 -23.19 -17.49
CA ASP C 1990 -10.89 -21.90 -18.12
C ASP C 1990 -9.82 -21.95 -19.20
N GLY C 1991 -9.29 -23.13 -19.51
CA GLY C 1991 -8.23 -23.25 -20.49
C GLY C 1991 -6.83 -23.18 -19.93
N GLN C 1992 -6.67 -22.93 -18.63
CA GLN C 1992 -5.34 -22.92 -18.03
C GLN C 1992 -4.76 -24.33 -18.03
N PRO C 1993 -3.54 -24.52 -18.54
CA PRO C 1993 -2.95 -25.86 -18.51
C PRO C 1993 -2.70 -26.33 -17.09
N LEU C 1994 -2.84 -27.64 -16.89
CA LEU C 1994 -2.69 -28.25 -15.58
C LEU C 1994 -1.34 -28.93 -15.38
N SER C 1995 -0.44 -28.82 -16.35
CA SER C 1995 0.85 -29.49 -16.30
C SER C 1995 1.97 -28.49 -16.47
N LEU C 1996 3.06 -28.74 -15.76
CA LEU C 1996 4.23 -27.87 -15.80
C LEU C 1996 5.10 -28.22 -17.00
N ALA C 1997 5.66 -27.18 -17.63
CA ALA C 1997 6.51 -27.36 -18.79
C ALA C 1997 7.96 -27.52 -18.36
N ILE C 1998 8.88 -27.46 -19.32
CA ILE C 1998 10.31 -27.56 -19.06
C ILE C 1998 11.00 -26.35 -19.68
N TYR C 1999 12.21 -26.07 -19.20
CA TYR C 1999 12.93 -24.87 -19.60
C TYR C 1999 13.97 -25.11 -20.69
N ALA C 2000 14.60 -26.28 -20.72
CA ALA C 2000 15.64 -26.60 -21.69
C ALA C 2000 16.79 -25.58 -21.62
N GLU C 2001 17.46 -25.60 -20.48
CA GLU C 2001 18.51 -24.64 -20.19
C GLU C 2001 19.62 -24.72 -21.23
N PRO C 2002 20.10 -23.60 -21.74
CA PRO C 2002 21.21 -23.64 -22.71
C PRO C 2002 22.49 -24.16 -22.08
N THR C 2003 23.31 -24.80 -22.92
CA THR C 2003 24.54 -25.45 -22.46
C THR C 2003 25.74 -24.57 -22.76
N ASP C 2004 25.89 -23.51 -21.97
CA ASP C 2004 27.05 -22.63 -21.81
C ASP C 2004 27.48 -21.94 -23.10
N PRO C 2005 28.24 -20.85 -23.01
CA PRO C 2005 28.79 -20.21 -24.21
C PRO C 2005 30.19 -20.74 -24.50
N LYS C 2006 30.71 -20.33 -25.65
CA LYS C 2006 32.03 -20.74 -26.11
C LYS C 2006 32.99 -19.57 -25.99
N ALA C 2007 34.07 -19.76 -25.26
CA ALA C 2007 35.10 -18.73 -25.09
C ALA C 2007 36.27 -18.99 -26.03
N LEU C 2008 36.75 -17.93 -26.66
CA LEU C 2008 37.82 -18.02 -27.63
C LEU C 2008 39.16 -17.71 -26.99
N LEU C 2009 40.23 -18.15 -27.67
CA LEU C 2009 41.59 -17.88 -27.23
C LEU C 2009 42.48 -17.80 -28.46
N THR C 2010 43.67 -17.21 -28.26
CA THR C 2010 44.61 -17.01 -29.35
C THR C 2010 46.01 -17.35 -28.86
N SER C 2011 46.89 -17.68 -29.82
CA SER C 2011 48.24 -18.10 -29.49
C SER C 2011 49.21 -17.60 -30.56
N MET C 2012 50.47 -17.49 -30.18
CA MET C 2012 51.52 -17.08 -31.10
C MET C 2012 51.90 -18.23 -32.03
N VAL C 2013 52.32 -17.87 -33.24
CA VAL C 2013 52.75 -18.83 -34.25
C VAL C 2013 54.15 -18.46 -34.69
N GLN C 2014 55.02 -19.46 -34.77
CA GLN C 2014 56.40 -19.27 -35.22
C GLN C 2014 56.69 -20.17 -36.41
N ALA C 2015 57.65 -19.76 -37.23
CA ALA C 2015 58.02 -20.49 -38.43
C ALA C 2015 59.54 -20.59 -38.52
N SER C 2016 60.00 -21.53 -39.32
CA SER C 2016 61.44 -21.75 -39.48
C SER C 2016 62.08 -20.54 -40.14
N GLN C 2017 63.25 -20.14 -39.61
CA GLN C 2017 63.97 -18.99 -40.12
C GLN C 2017 65.43 -19.36 -40.34
N GLY C 2018 66.03 -18.78 -41.38
CA GLY C 2018 67.40 -19.06 -41.73
C GLY C 2018 68.35 -17.93 -41.36
N GLY C 2019 69.64 -18.15 -41.69
CA GLY C 2019 70.66 -17.18 -41.39
C GLY C 2019 71.50 -16.89 -42.62
N SER C 2020 72.35 -15.87 -42.50
CA SER C 2020 73.19 -15.44 -43.59
C SER C 2020 74.34 -16.41 -43.82
N ALA C 2021 75.01 -16.24 -44.96
CA ALA C 2021 76.14 -17.08 -45.36
C ALA C 2021 77.39 -16.22 -45.47
N VAL C 2022 78.52 -16.86 -45.74
CA VAL C 2022 79.82 -16.21 -45.81
C VAL C 2022 80.40 -16.43 -47.20
N LEU C 2023 80.86 -15.36 -47.82
CA LEU C 2023 81.58 -15.39 -49.08
C LEU C 2023 83.07 -15.40 -48.83
N PRO C 2024 83.87 -15.87 -49.79
CA PRO C 2024 85.33 -15.76 -49.62
C PRO C 2024 85.77 -14.31 -49.53
N GLY C 2025 86.76 -14.06 -48.67
CA GLY C 2025 87.22 -12.71 -48.44
C GLY C 2025 88.21 -12.24 -49.48
N THR C 2026 88.59 -10.97 -49.36
CA THR C 2026 89.55 -10.34 -50.25
C THR C 2026 90.71 -9.76 -49.44
N LEU C 2027 91.86 -9.65 -50.09
CA LEU C 2027 93.08 -9.16 -49.46
C LEU C 2027 93.23 -7.67 -49.71
N SER C 2028 93.36 -6.89 -48.64
CA SER C 2028 93.54 -5.46 -48.73
C SER C 2028 95.04 -5.14 -48.77
N LEU C 2029 95.38 -3.86 -48.61
CA LEU C 2029 96.76 -3.42 -48.66
C LEU C 2029 97.35 -3.07 -47.31
N TYR C 2030 96.53 -2.77 -46.31
CA TYR C 2030 97.02 -2.36 -45.01
C TYR C 2030 97.25 -3.57 -44.10
N ARG C 2031 98.03 -3.35 -43.05
CA ARG C 2031 98.31 -4.40 -42.09
C ARG C 2031 97.09 -4.65 -41.20
N PHE C 2032 97.25 -5.57 -40.25
CA PHE C 2032 96.10 -5.99 -39.44
C PHE C 2032 95.52 -4.88 -38.58
N PRO C 2033 96.28 -4.16 -37.75
CA PRO C 2033 95.64 -3.26 -36.77
C PRO C 2033 94.79 -2.17 -37.40
N VAL C 2034 95.22 -1.62 -38.54
CA VAL C 2034 94.47 -0.54 -39.17
C VAL C 2034 93.12 -1.06 -39.64
N MET C 2035 93.10 -2.21 -40.31
CA MET C 2035 91.84 -2.79 -40.74
C MET C 2035 90.97 -3.14 -39.54
N LEU C 2036 91.58 -3.62 -38.46
CA LEU C 2036 90.82 -3.94 -37.27
C LEU C 2036 90.10 -2.69 -36.74
N GLU C 2037 90.81 -1.57 -36.66
CA GLU C 2037 90.19 -0.36 -36.12
C GLU C 2037 89.09 0.16 -37.06
N ARG C 2038 89.31 0.09 -38.37
CA ARG C 2038 88.28 0.55 -39.29
C ARG C 2038 87.01 -0.29 -39.17
N THR C 2039 87.17 -1.61 -39.14
CA THR C 2039 86.02 -2.49 -38.97
C THR C 2039 85.34 -2.25 -37.63
N ARG C 2040 86.11 -1.96 -36.58
CA ARG C 2040 85.52 -1.67 -35.29
C ARG C 2040 84.61 -0.44 -35.36
N ASN C 2041 85.10 0.63 -36.02
CA ASN C 2041 84.26 1.81 -36.16
C ASN C 2041 82.98 1.50 -36.93
N LEU C 2042 83.10 0.76 -38.02
CA LEU C 2042 81.92 0.43 -38.82
C LEU C 2042 80.91 -0.37 -38.00
N VAL C 2043 81.39 -1.34 -37.23
CA VAL C 2043 80.48 -2.17 -36.44
C VAL C 2043 79.81 -1.35 -35.34
N ALA C 2044 80.54 -0.39 -34.76
CA ALA C 2044 79.92 0.49 -33.78
C ALA C 2044 78.77 1.28 -34.40
N GLN C 2045 78.99 1.80 -35.61
CA GLN C 2045 77.91 2.51 -36.30
C GLN C 2045 76.71 1.60 -36.53
N LEU C 2046 76.97 0.35 -36.94
CA LEU C 2046 75.88 -0.59 -37.18
C LEU C 2046 75.08 -0.84 -35.90
N THR C 2047 75.78 -0.96 -34.76
CA THR C 2047 75.09 -1.17 -33.50
C THR C 2047 74.19 0.01 -33.16
N GLN C 2048 74.68 1.24 -33.40
CA GLN C 2048 73.84 2.41 -33.18
C GLN C 2048 72.58 2.35 -34.03
N PHE C 2049 72.73 1.95 -35.30
CA PHE C 2049 71.56 1.84 -36.18
C PHE C 2049 70.55 0.85 -35.61
N GLY C 2050 71.03 -0.30 -35.16
CA GLY C 2050 70.12 -1.31 -34.63
C GLY C 2050 69.36 -0.81 -33.41
N THR C 2051 70.06 -0.14 -32.50
CA THR C 2051 69.40 0.38 -31.32
C THR C 2051 68.31 1.39 -31.68
N SER C 2052 68.61 2.28 -32.63
CA SER C 2052 67.60 3.26 -33.05
C SER C 2052 66.39 2.55 -33.64
N LEU C 2053 66.61 1.52 -34.45
CA LEU C 2053 65.50 0.78 -35.04
C LEU C 2053 64.61 0.19 -33.95
N LEU C 2054 65.21 -0.43 -32.95
CA LEU C 2054 64.43 -1.06 -31.90
C LEU C 2054 63.57 -0.04 -31.15
N SER C 2055 64.18 1.10 -30.80
CA SER C 2055 63.44 2.11 -30.05
C SER C 2055 62.26 2.65 -30.87
N MET C 2056 62.50 2.92 -32.16
CA MET C 2056 61.44 3.45 -33.00
C MET C 2056 60.29 2.45 -33.12
N ALA C 2057 60.61 1.16 -33.26
CA ALA C 2057 59.56 0.15 -33.33
C ALA C 2057 58.73 0.12 -32.05
N GLU C 2058 59.40 0.23 -30.89
CA GLU C 2058 58.66 0.24 -29.62
C GLU C 2058 57.67 1.40 -29.58
N HIS C 2059 58.13 2.60 -29.94
CA HIS C 2059 57.24 3.75 -29.89
C HIS C 2059 56.05 3.59 -30.84
N ASP C 2060 56.31 3.06 -32.03
CA ASP C 2060 55.22 2.85 -32.99
C ASP C 2060 54.17 1.89 -32.43
N ASP C 2061 54.62 0.80 -31.80
CA ASP C 2061 53.68 -0.15 -31.24
C ASP C 2061 52.82 0.49 -30.15
N ALA C 2062 53.43 1.30 -29.29
CA ALA C 2062 52.65 1.98 -28.25
C ALA C 2062 51.57 2.87 -28.87
N ASP C 2063 51.93 3.62 -29.92
CA ASP C 2063 50.96 4.48 -30.57
C ASP C 2063 49.80 3.67 -31.14
N GLU C 2064 50.10 2.54 -31.77
CA GLU C 2064 49.05 1.71 -32.35
C GLU C 2064 48.09 1.22 -31.27
N LEU C 2065 48.63 0.80 -30.13
CA LEU C 2065 47.75 0.35 -29.05
C LEU C 2065 46.83 1.48 -28.58
N THR C 2066 47.37 2.69 -28.45
CA THR C 2066 46.54 3.81 -28.02
C THR C 2066 45.40 4.06 -29.01
N THR C 2067 45.69 4.01 -30.31
CA THR C 2067 44.65 4.23 -31.30
C THR C 2067 43.55 3.18 -31.20
N LEU C 2068 43.93 1.91 -31.03
CA LEU C 2068 42.93 0.87 -30.90
C LEU C 2068 42.04 1.11 -29.69
N LEU C 2069 42.64 1.50 -28.56
CA LEU C 2069 41.86 1.81 -27.37
C LEU C 2069 40.84 2.90 -27.65
N LEU C 2070 41.25 3.95 -28.36
CA LEU C 2070 40.33 5.05 -28.64
C LEU C 2070 39.14 4.59 -29.46
N GLN C 2071 39.38 3.78 -30.50
CA GLN C 2071 38.27 3.33 -31.33
C GLN C 2071 37.27 2.49 -30.53
N GLN C 2072 37.79 1.57 -29.72
CA GLN C 2072 36.89 0.75 -28.91
C GLN C 2072 36.06 1.60 -27.96
N GLY C 2073 36.70 2.59 -27.33
CA GLY C 2073 35.95 3.49 -26.46
C GLY C 2073 34.85 4.23 -27.19
N MET C 2074 35.12 4.62 -28.44
CA MET C 2074 34.09 5.28 -29.24
C MET C 2074 32.85 4.41 -29.38
N GLU C 2075 33.02 3.17 -29.83
CA GLU C 2075 31.80 2.40 -30.07
C GLU C 2075 31.07 2.05 -28.77
N LEU C 2076 31.84 1.86 -27.68
CA LEU C 2076 31.19 1.69 -26.38
C LEU C 2076 30.36 2.91 -26.01
N ALA C 2077 30.86 4.11 -26.31
CA ALA C 2077 30.12 5.32 -26.02
C ALA C 2077 28.82 5.37 -26.80
N THR C 2078 28.84 4.93 -28.05
CA THR C 2078 27.60 4.88 -28.83
C THR C 2078 26.55 4.00 -28.14
N GLN C 2079 26.97 2.80 -27.72
CA GLN C 2079 26.02 1.92 -27.04
C GLN C 2079 25.50 2.56 -25.76
N SER C 2080 26.35 3.29 -25.04
CA SER C 2080 25.89 3.97 -23.84
C SER C 2080 24.84 5.02 -24.16
N ILE C 2081 25.01 5.74 -25.27
CA ILE C 2081 23.99 6.70 -25.71
C ILE C 2081 22.64 6.01 -25.81
N ARG C 2082 22.62 4.86 -26.50
CA ARG C 2082 21.35 4.15 -26.68
C ARG C 2082 20.75 3.75 -25.34
N ILE C 2083 21.58 3.24 -24.43
CA ILE C 2083 21.09 2.81 -23.12
C ILE C 2083 20.42 3.97 -22.39
N GLN C 2084 21.06 5.14 -22.40
CA GLN C 2084 20.50 6.29 -21.69
C GLN C 2084 19.17 6.72 -22.29
N GLN C 2085 19.06 6.70 -23.63
CA GLN C 2085 17.78 7.04 -24.24
C GLN C 2085 16.68 6.10 -23.76
N ARG C 2086 17.01 4.81 -23.65
CA ARG C 2086 16.00 3.85 -23.18
C ARG C 2086 15.59 4.16 -21.75
N THR C 2087 16.53 4.58 -20.90
CA THR C 2087 16.18 4.96 -19.54
C THR C 2087 15.19 6.13 -19.53
N VAL C 2088 15.43 7.13 -20.37
CA VAL C 2088 14.49 8.26 -20.44
C VAL C 2088 13.10 7.78 -20.82
N ASP C 2089 13.02 6.87 -21.80
CA ASP C 2089 11.72 6.35 -22.19
C ASP C 2089 11.03 5.66 -21.02
N GLU C 2090 11.79 4.94 -20.21
CA GLU C 2090 11.20 4.29 -19.04
C GLU C 2090 10.59 5.32 -18.09
N VAL C 2091 11.30 6.42 -17.85
CA VAL C 2091 10.77 7.46 -16.98
C VAL C 2091 9.46 8.01 -17.54
N ASP C 2092 9.39 8.19 -18.86
CA ASP C 2092 8.15 8.67 -19.47
C ASP C 2092 7.00 7.69 -19.24
N ALA C 2093 7.27 6.39 -19.35
CA ALA C 2093 6.24 5.40 -19.08
C ALA C 2093 5.74 5.51 -17.64
N ASP C 2094 6.66 5.73 -16.69
CA ASP C 2094 6.26 5.90 -15.30
C ASP C 2094 5.32 7.11 -15.15
N ILE C 2095 5.63 8.20 -15.84
CA ILE C 2095 4.75 9.37 -15.81
C ILE C 2095 3.35 9.00 -16.29
N ALA C 2096 3.28 8.21 -17.38
CA ALA C 2096 1.97 7.81 -17.89
C ALA C 2096 1.19 7.00 -16.86
N VAL C 2097 1.87 6.09 -16.16
CA VAL C 2097 1.20 5.31 -15.12
C VAL C 2097 0.62 6.23 -14.05
N LEU C 2098 1.41 7.22 -13.64
CA LEU C 2098 0.92 8.16 -12.63
C LEU C 2098 -0.31 8.91 -13.14
N ALA C 2099 -0.31 9.28 -14.42
CA ALA C 2099 -1.48 9.98 -14.97
C ALA C 2099 -2.73 9.12 -14.87
N GLU C 2100 -2.61 7.83 -15.20
CA GLU C 2100 -3.78 6.95 -15.11
C GLU C 2100 -4.29 6.85 -13.67
N SER C 2101 -3.37 6.71 -12.71
CA SER C 2101 -3.79 6.64 -11.31
C SER C 2101 -4.51 7.91 -10.89
N ARG C 2102 -4.01 9.07 -11.31
CA ARG C 2102 -4.66 10.33 -10.97
C ARG C 2102 -6.06 10.40 -11.57
N ARG C 2103 -6.23 9.88 -12.78
CA ARG C 2103 -7.58 9.86 -13.37
C ARG C 2103 -8.54 9.06 -12.51
N SER C 2104 -8.10 7.89 -12.05
CA SER C 2104 -8.98 7.08 -11.19
C SER C 2104 -9.33 7.82 -9.90
N ALA C 2105 -8.33 8.46 -9.28
CA ALA C 2105 -8.59 9.17 -8.04
C ALA C 2105 -9.58 10.32 -8.25
N GLN C 2106 -9.44 11.04 -9.36
CA GLN C 2106 -10.37 12.13 -9.66
C GLN C 2106 -11.78 11.61 -9.83
N ASN C 2107 -11.94 10.45 -10.50
CA ASN C 2107 -13.27 9.88 -10.64
C ASN C 2107 -13.88 9.56 -9.28
N ARG C 2108 -13.08 8.97 -8.38
CA ARG C 2108 -13.58 8.68 -7.05
C ARG C 2108 -14.02 9.93 -6.33
N LEU C 2109 -13.22 11.00 -6.42
CA LEU C 2109 -13.57 12.25 -5.76
C LEU C 2109 -14.87 12.81 -6.28
N GLU C 2110 -15.06 12.79 -7.61
CA GLU C 2110 -16.30 13.31 -8.17
C GLU C 2110 -17.50 12.52 -7.69
N LYS C 2111 -17.40 11.18 -7.68
CA LYS C 2111 -18.52 10.36 -7.24
C LYS C 2111 -18.89 10.67 -5.80
N TYR C 2112 -17.90 10.71 -4.92
CA TYR C 2112 -18.20 10.93 -3.51
C TYR C 2112 -18.71 12.34 -3.26
N GLN C 2113 -18.18 13.33 -3.98
CA GLN C 2113 -18.69 14.69 -3.82
C GLN C 2113 -20.14 14.78 -4.24
N GLN C 2114 -20.49 14.14 -5.35
CA GLN C 2114 -21.89 14.14 -5.79
C GLN C 2114 -22.79 13.47 -4.75
N LEU C 2115 -22.35 12.34 -4.21
CA LEU C 2115 -23.15 11.66 -3.19
C LEU C 2115 -23.35 12.53 -1.96
N TYR C 2116 -22.29 13.20 -1.51
CA TYR C 2116 -22.39 14.05 -0.33
C TYR C 2116 -23.30 15.24 -0.59
N ASP C 2117 -23.21 15.85 -1.78
CA ASP C 2117 -24.05 17.00 -2.08
C ASP C 2117 -25.51 16.62 -2.18
N GLU C 2118 -25.81 15.46 -2.77
CA GLU C 2118 -27.21 15.06 -2.93
C GLU C 2118 -27.89 14.91 -1.58
N ASP C 2119 -27.20 14.31 -0.61
CA ASP C 2119 -27.69 14.13 0.76
C ASP C 2119 -28.93 13.24 0.72
N ILE C 2120 -30.07 13.67 1.25
CA ILE C 2120 -31.26 12.83 1.36
C ILE C 2120 -32.12 13.05 0.13
N ASN C 2121 -32.42 11.97 -0.60
CA ASN C 2121 -33.25 12.07 -1.78
C ASN C 2121 -34.71 12.13 -1.35
N HIS C 2122 -35.63 12.00 -2.30
CA HIS C 2122 -37.05 12.20 -2.01
C HIS C 2122 -37.68 11.00 -1.31
N GLY C 2123 -37.24 9.78 -1.62
CA GLY C 2123 -37.88 8.61 -1.04
C GLY C 2123 -37.76 8.58 0.47
N GLU C 2124 -36.57 8.91 0.99
CA GLU C 2124 -36.39 8.91 2.44
C GLU C 2124 -37.24 10.00 3.10
N GLN C 2125 -37.34 11.16 2.47
CA GLN C 2125 -38.22 12.20 2.99
C GLN C 2125 -39.66 11.71 3.07
N ARG C 2126 -40.11 11.03 2.01
CA ARG C 2126 -41.47 10.51 2.01
C ARG C 2126 -41.67 9.48 3.11
N ALA C 2127 -40.67 8.61 3.33
CA ALA C 2127 -40.79 7.61 4.38
C ALA C 2127 -40.89 8.26 5.76
N MET C 2128 -40.05 9.26 6.02
CA MET C 2128 -40.12 9.93 7.32
C MET C 2128 -41.44 10.66 7.51
N SER C 2129 -41.94 11.30 6.45
CA SER C 2129 -43.23 11.96 6.55
C SER C 2129 -44.33 10.94 6.82
N LEU C 2130 -44.24 9.76 6.21
CA LEU C 2130 -45.24 8.72 6.46
C LEU C 2130 -45.21 8.27 7.91
N LEU C 2131 -44.02 8.09 8.48
CA LEU C 2131 -43.94 7.70 9.88
C LEU C 2131 -44.53 8.76 10.78
N ASP C 2132 -44.24 10.03 10.51
CA ASP C 2132 -44.81 11.12 11.30
C ASP C 2132 -46.34 11.11 11.21
N ALA C 2133 -46.86 10.94 9.99
CA ALA C 2133 -48.31 10.91 9.81
C ALA C 2133 -48.93 9.74 10.55
N ALA C 2134 -48.27 8.58 10.52
CA ALA C 2134 -48.77 7.42 11.24
C ALA C 2134 -48.84 7.68 12.74
N ALA C 2135 -47.79 8.33 13.28
CA ALA C 2135 -47.82 8.67 14.69
C ALA C 2135 -48.99 9.60 15.01
N GLY C 2136 -49.21 10.59 14.16
CA GLY C 2136 -50.32 11.50 14.38
C GLY C 2136 -51.67 10.79 14.36
N GLN C 2137 -51.89 9.94 13.37
CA GLN C 2137 -53.16 9.22 13.28
C GLN C 2137 -53.35 8.29 14.48
N SER C 2138 -52.28 7.63 14.92
CA SER C 2138 -52.40 6.79 16.11
C SER C 2138 -52.78 7.61 17.33
N LEU C 2139 -52.18 8.79 17.48
CA LEU C 2139 -52.52 9.63 18.63
C LEU C 2139 -53.93 10.18 18.57
N ALA C 2140 -54.47 10.36 17.36
CA ALA C 2140 -55.73 11.08 17.21
C ALA C 2140 -56.94 10.35 17.76
N GLY C 2141 -56.83 9.07 18.12
CA GLY C 2141 -58.00 8.30 18.52
C GLY C 2141 -58.36 8.33 19.99
N GLN C 2142 -57.58 9.02 20.82
CA GLN C 2142 -57.81 8.97 22.26
C GLN C 2142 -59.13 9.65 22.64
N VAL C 2143 -59.43 10.79 22.02
CA VAL C 2143 -60.67 11.49 22.34
C VAL C 2143 -61.87 10.64 21.97
N LEU C 2144 -61.81 9.99 20.81
CA LEU C 2144 -62.91 9.13 20.39
C LEU C 2144 -63.07 7.94 21.33
N SER C 2145 -61.95 7.35 21.77
CA SER C 2145 -62.06 6.25 22.71
C SER C 2145 -62.70 6.68 24.03
N ILE C 2146 -62.29 7.83 24.56
CA ILE C 2146 -62.86 8.32 25.80
C ILE C 2146 -64.35 8.60 25.63
N ALA C 2147 -64.73 9.21 24.50
CA ALA C 2147 -66.14 9.51 24.28
C ALA C 2147 -66.97 8.24 24.16
N GLU C 2148 -66.43 7.21 23.48
CA GLU C 2148 -67.14 5.94 23.42
C GLU C 2148 -67.32 5.35 24.80
N GLY C 2149 -66.28 5.40 25.62
CA GLY C 2149 -66.39 4.87 26.97
C GLY C 2149 -67.44 5.58 27.78
N VAL C 2150 -67.48 6.91 27.70
CA VAL C 2150 -68.47 7.64 28.50
C VAL C 2150 -69.87 7.45 27.93
N ALA C 2151 -69.99 7.20 26.62
CA ALA C 2151 -71.31 7.02 26.04
C ALA C 2151 -71.89 5.64 26.36
N ASP C 2152 -71.05 4.61 26.41
CA ASP C 2152 -71.57 3.26 26.60
C ASP C 2152 -72.13 3.03 28.00
N LEU C 2153 -71.91 3.94 28.95
CA LEU C 2153 -72.39 3.73 30.30
C LEU C 2153 -73.89 3.93 30.44
N VAL C 2154 -74.52 4.60 29.48
CA VAL C 2154 -75.96 4.87 29.57
C VAL C 2154 -76.73 3.57 29.35
N PRO C 2155 -77.75 3.27 30.14
CA PRO C 2155 -78.54 2.05 29.91
C PRO C 2155 -79.20 2.06 28.55
N ASN C 2156 -79.35 0.87 27.98
CA ASN C 2156 -79.86 0.74 26.62
C ASN C 2156 -81.03 -0.22 26.46
N VAL C 2157 -81.60 -0.74 27.55
CA VAL C 2157 -82.82 -1.53 27.46
C VAL C 2157 -83.89 -0.82 28.27
N PHE C 2158 -85.13 -0.94 27.82
CA PHE C 2158 -86.24 -0.22 28.42
C PHE C 2158 -87.42 -1.17 28.55
N GLY C 2159 -88.59 -0.61 28.83
CA GLY C 2159 -89.76 -1.43 29.03
C GLY C 2159 -89.93 -1.78 30.49
N LEU C 2160 -90.23 -3.05 30.78
CA LEU C 2160 -90.38 -3.51 32.14
C LEU C 2160 -89.20 -4.36 32.60
N ALA C 2161 -88.05 -4.25 31.91
CA ALA C 2161 -86.82 -4.88 32.37
C ALA C 2161 -85.67 -3.97 31.92
N CYS C 2162 -85.26 -3.08 32.82
CA CYS C 2162 -84.30 -2.04 32.48
C CYS C 2162 -82.89 -2.47 32.87
N GLY C 2163 -81.92 -1.67 32.43
CA GLY C 2163 -80.53 -1.96 32.67
C GLY C 2163 -79.70 -1.92 31.40
N GLY C 2164 -78.77 -2.85 31.24
CA GLY C 2164 -77.97 -2.94 30.04
C GLY C 2164 -76.72 -2.11 30.03
N SER C 2165 -76.43 -1.36 31.09
CA SER C 2165 -75.22 -0.56 31.12
C SER C 2165 -73.99 -1.45 31.15
N ARG C 2166 -72.92 -1.00 30.51
CA ARG C 2166 -71.63 -1.68 30.53
C ARG C 2166 -70.78 -1.00 31.60
N TRP C 2167 -70.63 -1.64 32.75
CA TRP C 2167 -70.03 -0.97 33.90
C TRP C 2167 -68.59 -0.55 33.63
N GLY C 2168 -67.80 -1.42 33.01
CA GLY C 2168 -66.39 -1.15 32.87
C GLY C 2168 -65.98 -0.53 31.55
N ALA C 2169 -66.77 0.42 31.05
CA ALA C 2169 -66.44 1.06 29.78
C ALA C 2169 -65.28 2.05 29.96
N ALA C 2170 -65.31 2.84 31.02
CA ALA C 2170 -64.31 3.89 31.19
C ALA C 2170 -62.91 3.31 31.35
N LEU C 2171 -62.79 2.23 32.12
CA LEU C 2171 -61.48 1.61 32.33
C LEU C 2171 -60.91 1.07 31.02
N ARG C 2172 -61.75 0.41 30.23
CA ARG C 2172 -61.29 -0.08 28.93
C ARG C 2172 -60.87 1.07 28.03
N ALA C 2173 -61.62 2.17 28.06
CA ALA C 2173 -61.24 3.33 27.25
C ALA C 2173 -59.88 3.88 27.68
N SER C 2174 -59.63 3.96 28.99
CA SER C 2174 -58.35 4.44 29.46
C SER C 2174 -57.21 3.53 29.03
N ALA C 2175 -57.42 2.21 29.14
CA ALA C 2175 -56.40 1.28 28.68
C ALA C 2175 -56.12 1.47 27.19
N SER C 2176 -57.17 1.66 26.40
CA SER C 2176 -57.00 1.86 24.96
C SER C 2176 -56.19 3.12 24.67
N VAL C 2177 -56.50 4.22 25.35
CA VAL C 2177 -55.79 5.46 25.06
C VAL C 2177 -54.32 5.33 25.46
N MET C 2178 -54.04 4.61 26.54
CA MET C 2178 -52.64 4.45 26.92
C MET C 2178 -51.89 3.58 25.92
N SER C 2179 -52.54 2.54 25.40
CA SER C 2179 -51.91 1.73 24.35
C SER C 2179 -51.64 2.58 23.11
N LEU C 2180 -52.58 3.44 22.74
CA LEU C 2180 -52.37 4.32 21.60
C LEU C 2180 -51.18 5.24 21.82
N SER C 2181 -51.05 5.78 23.04
CA SER C 2181 -49.90 6.63 23.34
C SER C 2181 -48.60 5.87 23.19
N ALA C 2182 -48.57 4.62 23.67
CA ALA C 2182 -47.36 3.82 23.52
C ALA C 2182 -47.01 3.61 22.05
N THR C 2183 -48.01 3.29 21.23
CA THR C 2183 -47.73 3.07 19.81
C THR C 2183 -47.21 4.33 19.14
N ALA C 2184 -47.80 5.48 19.46
CA ALA C 2184 -47.32 6.72 18.87
C ALA C 2184 -45.89 7.02 19.29
N SER C 2185 -45.56 6.76 20.55
CA SER C 2185 -44.18 6.95 21.00
C SER C 2185 -43.23 6.06 20.21
N GLN C 2186 -43.61 4.81 19.98
CA GLN C 2186 -42.76 3.91 19.22
C GLN C 2186 -42.53 4.43 17.81
N TYR C 2187 -43.59 4.92 17.15
CA TYR C 2187 -43.43 5.43 15.79
C TYR C 2187 -42.50 6.63 15.75
N SER C 2188 -42.66 7.55 16.71
CA SER C 2188 -41.78 8.72 16.73
C SER C 2188 -40.33 8.31 16.94
N ALA C 2189 -40.10 7.34 17.83
CA ALA C 2189 -38.73 6.87 18.05
C ALA C 2189 -38.14 6.29 16.78
N ASP C 2190 -38.94 5.52 16.04
CA ASP C 2190 -38.43 4.95 14.79
C ASP C 2190 -38.04 6.05 13.81
N LYS C 2191 -38.88 7.08 13.68
CA LYS C 2191 -38.58 8.16 12.74
C LYS C 2191 -37.27 8.86 13.12
N ILE C 2192 -37.11 9.17 14.40
CA ILE C 2192 -35.91 9.88 14.83
C ILE C 2192 -34.66 9.02 14.61
N SER C 2193 -34.77 7.72 14.89
CA SER C 2193 -33.62 6.83 14.68
C SER C 2193 -33.22 6.81 13.21
N ARG C 2194 -34.19 6.73 12.31
CA ARG C 2194 -33.86 6.73 10.89
C ARG C 2194 -33.16 8.02 10.49
N SER C 2195 -33.67 9.16 10.96
CA SER C 2195 -33.03 10.43 10.62
C SER C 2195 -31.59 10.49 11.09
N GLU C 2196 -31.33 10.03 12.32
CA GLU C 2196 -29.97 10.07 12.84
C GLU C 2196 -29.05 9.15 12.04
N ALA C 2197 -29.55 7.98 11.64
CA ALA C 2197 -28.73 7.10 10.81
C ALA C 2197 -28.36 7.77 9.50
N TYR C 2198 -29.31 8.48 8.90
CA TYR C 2198 -28.99 9.20 7.66
C TYR C 2198 -27.90 10.24 7.88
N ARG C 2199 -27.98 10.97 9.00
CA ARG C 2199 -26.97 11.98 9.29
C ARG C 2199 -25.59 11.35 9.43
N ARG C 2200 -25.49 10.23 10.16
CA ARG C 2200 -24.19 9.58 10.32
C ARG C 2200 -23.64 9.12 8.97
N ARG C 2201 -24.50 8.57 8.12
CA ARG C 2201 -24.05 8.15 6.80
C ARG C 2201 -23.50 9.32 6.00
N ARG C 2202 -24.17 10.48 6.08
CA ARG C 2202 -23.66 11.65 5.37
C ARG C 2202 -22.29 12.07 5.88
N GLN C 2203 -22.08 12.00 7.19
CA GLN C 2203 -20.77 12.35 7.73
C GLN C 2203 -19.69 11.41 7.20
N GLU C 2204 -20.00 10.12 7.13
CA GLU C 2204 -19.03 9.18 6.57
C GLU C 2204 -18.69 9.53 5.12
N TRP C 2205 -19.72 9.89 4.34
CA TRP C 2205 -19.47 10.28 2.95
C TRP C 2205 -18.54 11.49 2.88
N GLU C 2206 -18.73 12.46 3.78
CA GLU C 2206 -17.85 13.63 3.79
C GLU C 2206 -16.40 13.23 4.05
N ILE C 2207 -16.19 12.32 5.00
CA ILE C 2207 -14.82 11.88 5.29
C ILE C 2207 -14.21 11.23 4.04
N GLN C 2208 -14.98 10.39 3.35
CA GLN C 2208 -14.46 9.76 2.14
C GLN C 2208 -14.08 10.78 1.09
N ARG C 2209 -14.91 11.81 0.93
CA ARG C 2209 -14.61 12.87 -0.03
C ARG C 2209 -13.28 13.56 0.30
N ASP C 2210 -13.07 13.86 1.59
CA ASP C 2210 -11.82 14.49 1.97
C ASP C 2210 -10.62 13.60 1.65
N ASN C 2211 -10.76 12.29 1.91
CA ASN C 2211 -9.67 11.36 1.59
C ASN C 2211 -9.34 11.39 0.11
N ALA C 2212 -10.37 11.36 -0.75
CA ALA C 2212 -10.13 11.36 -2.18
C ALA C 2212 -9.43 12.65 -2.62
N ASP C 2213 -9.86 13.79 -2.07
CA ASP C 2213 -9.22 15.05 -2.43
C ASP C 2213 -7.74 15.05 -2.05
N GLY C 2214 -7.42 14.58 -0.84
CA GLY C 2214 -6.04 14.52 -0.43
C GLY C 2214 -5.21 13.63 -1.34
N GLU C 2215 -5.78 12.50 -1.75
CA GLU C 2215 -5.08 11.61 -2.67
C GLU C 2215 -4.78 12.31 -3.99
N VAL C 2216 -5.75 13.06 -4.52
CA VAL C 2216 -5.53 13.76 -5.79
C VAL C 2216 -4.40 14.77 -5.65
N LYS C 2217 -4.39 15.54 -4.56
CA LYS C 2217 -3.33 16.54 -4.39
C LYS C 2217 -1.96 15.87 -4.30
N GLN C 2218 -1.87 14.78 -3.56
CA GLN C 2218 -0.59 14.08 -3.45
C GLN C 2218 -0.12 13.59 -4.80
N MET C 2219 -1.03 13.05 -5.61
CA MET C 2219 -0.64 12.55 -6.92
C MET C 2219 -0.17 13.69 -7.82
N ASP C 2220 -0.83 14.85 -7.72
CA ASP C 2220 -0.39 16.01 -8.48
C ASP C 2220 1.04 16.39 -8.13
N ALA C 2221 1.40 16.35 -6.86
CA ALA C 2221 2.78 16.69 -6.49
C ALA C 2221 3.77 15.64 -6.99
N GLN C 2222 3.39 14.35 -6.93
CA GLN C 2222 4.25 13.31 -7.46
C GLN C 2222 4.53 13.55 -8.94
N LEU C 2223 3.58 14.14 -9.67
CA LEU C 2223 3.84 14.47 -11.07
C LEU C 2223 5.03 15.41 -11.23
N GLU C 2224 5.09 16.44 -10.39
CA GLU C 2224 6.22 17.38 -10.45
C GLU C 2224 7.53 16.65 -10.18
N SER C 2225 7.53 15.79 -9.17
CA SER C 2225 8.75 15.04 -8.88
C SER C 2225 9.19 14.21 -10.09
N LEU C 2226 8.24 13.52 -10.73
CA LEU C 2226 8.58 12.66 -11.85
C LEU C 2226 9.16 13.47 -13.01
N LYS C 2227 8.58 14.64 -13.30
CA LYS C 2227 9.12 15.38 -14.44
C LYS C 2227 10.50 15.96 -14.14
N ILE C 2228 10.77 16.30 -12.88
CA ILE C 2228 12.14 16.71 -12.53
C ILE C 2228 13.11 15.56 -12.80
N ARG C 2229 12.73 14.34 -12.41
CA ARG C 2229 13.59 13.20 -12.68
C ARG C 2229 13.83 13.02 -14.18
N ARG C 2230 12.77 13.20 -14.98
CA ARG C 2230 12.92 13.07 -16.42
C ARG C 2230 13.92 14.09 -16.98
N GLU C 2231 13.84 15.33 -16.49
CA GLU C 2231 14.80 16.34 -16.93
C GLU C 2231 16.22 15.94 -16.59
N ALA C 2232 16.42 15.39 -15.39
CA ALA C 2232 17.76 14.94 -15.00
C ALA C 2232 18.26 13.86 -15.95
N ALA C 2233 17.39 12.91 -16.31
CA ALA C 2233 17.81 11.85 -17.23
C ALA C 2233 18.19 12.41 -18.59
N GLN C 2234 17.43 13.39 -19.09
CA GLN C 2234 17.78 14.00 -20.37
C GLN C 2234 19.15 14.67 -20.31
N MET C 2235 19.43 15.36 -19.21
CA MET C 2235 20.74 15.97 -19.05
C MET C 2235 21.84 14.91 -19.04
N GLN C 2236 21.55 13.75 -18.46
CA GLN C 2236 22.51 12.65 -18.50
C GLN C 2236 22.80 12.20 -19.93
N VAL C 2237 21.75 12.12 -20.76
CA VAL C 2237 21.95 11.75 -22.16
C VAL C 2237 22.88 12.76 -22.84
N GLU C 2238 22.63 14.05 -22.59
CA GLU C 2238 23.49 15.07 -23.18
C GLU C 2238 24.94 14.93 -22.72
N TYR C 2239 25.13 14.57 -21.44
CA TYR C 2239 26.48 14.35 -20.92
C TYR C 2239 27.18 13.23 -21.67
N GLN C 2240 26.46 12.12 -21.91
CA GLN C 2240 27.06 11.02 -22.65
C GLN C 2240 27.44 11.43 -24.07
N GLU C 2241 26.58 12.22 -24.73
CA GLU C 2241 26.90 12.69 -26.07
C GLU C 2241 28.16 13.55 -26.05
N THR C 2242 28.30 14.41 -25.04
CA THR C 2242 29.50 15.22 -24.93
C THR C 2242 30.74 14.34 -24.77
N GLN C 2243 30.63 13.27 -23.99
CA GLN C 2243 31.76 12.36 -23.85
C GLN C 2243 32.17 11.75 -25.20
N GLN C 2244 31.18 11.34 -25.99
CA GLN C 2244 31.49 10.79 -27.31
C GLN C 2244 32.20 11.82 -28.19
N ALA C 2245 31.72 13.07 -28.16
CA ALA C 2245 32.38 14.12 -28.95
C ALA C 2245 33.81 14.33 -28.48
N HIS C 2246 34.05 14.24 -27.18
CA HIS C 2246 35.40 14.37 -26.65
C HIS C 2246 36.31 13.28 -27.19
N THR C 2247 35.81 12.04 -27.21
CA THR C 2247 36.61 10.95 -27.76
C THR C 2247 36.95 11.21 -29.22
N GLN C 2248 35.97 11.71 -29.99
CA GLN C 2248 36.23 12.04 -31.38
C GLN C 2248 37.33 13.09 -31.50
N ALA C 2249 37.27 14.13 -30.67
CA ALA C 2249 38.30 15.16 -30.72
C ALA C 2249 39.67 14.60 -30.39
N GLN C 2250 39.74 13.72 -29.39
CA GLN C 2250 41.01 13.10 -29.03
C GLN C 2250 41.59 12.33 -30.21
N LEU C 2251 40.78 11.51 -30.87
CA LEU C 2251 41.27 10.73 -31.99
C LEU C 2251 41.74 11.63 -33.13
N GLU C 2252 40.96 12.67 -33.43
CA GLU C 2252 41.35 13.57 -34.51
C GLU C 2252 42.67 14.27 -34.20
N LEU C 2253 42.86 14.68 -32.95
CA LEU C 2253 44.14 15.28 -32.57
C LEU C 2253 45.26 14.27 -32.73
N LEU C 2254 45.01 13.01 -32.36
CA LEU C 2254 46.05 11.99 -32.50
C LEU C 2254 46.46 11.81 -33.96
N GLN C 2255 45.51 11.91 -34.88
CA GLN C 2255 45.83 11.71 -36.29
C GLN C 2255 46.62 12.88 -36.88
N ARG C 2256 46.40 14.09 -36.39
CA ARG C 2256 47.06 15.28 -36.93
C ARG C 2256 48.39 15.57 -36.25
N LYS C 2257 48.84 14.69 -35.36
CA LYS C 2257 50.09 14.88 -34.65
C LYS C 2257 51.26 15.00 -35.62
N PHE C 2258 52.35 15.61 -35.15
CA PHE C 2258 53.56 15.65 -35.97
C PHE C 2258 54.16 14.26 -36.14
N THR C 2259 54.24 13.50 -35.04
CA THR C 2259 54.77 12.15 -35.09
C THR C 2259 53.64 11.13 -35.26
N ASN C 2260 52.94 11.25 -36.38
CA ASN C 2260 51.82 10.38 -36.67
C ASN C 2260 52.34 9.03 -37.16
N LYS C 2261 51.42 8.16 -37.60
CA LYS C 2261 51.81 6.83 -38.05
C LYS C 2261 52.69 6.89 -39.29
N ALA C 2262 52.37 7.79 -40.22
CA ALA C 2262 53.10 7.83 -41.49
C ALA C 2262 54.56 8.17 -41.28
N LEU C 2263 54.85 9.15 -40.41
CA LEU C 2263 56.23 9.53 -40.17
C LEU C 2263 57.04 8.36 -39.62
N TYR C 2264 56.49 7.68 -38.62
CA TYR C 2264 57.20 6.55 -38.04
C TYR C 2264 57.41 5.44 -39.06
N SER C 2265 56.39 5.16 -39.87
CA SER C 2265 56.50 4.09 -40.86
C SER C 2265 57.60 4.40 -41.85
N TRP C 2266 57.61 5.62 -42.41
CA TRP C 2266 58.64 5.98 -43.37
C TRP C 2266 60.03 5.97 -42.73
N MET C 2267 60.12 6.47 -41.49
CA MET C 2267 61.39 6.53 -40.80
C MET C 2267 61.97 5.12 -40.63
N ARG C 2268 61.15 4.18 -40.16
CA ARG C 2268 61.67 2.84 -39.94
C ARG C 2268 61.91 2.09 -41.24
N GLY C 2269 61.15 2.37 -42.29
CA GLY C 2269 61.47 1.76 -43.58
C GLY C 2269 62.82 2.20 -44.10
N LYS C 2270 63.08 3.51 -44.05
CA LYS C 2270 64.38 4.02 -44.49
C LYS C 2270 65.51 3.44 -43.65
N LEU C 2271 65.31 3.39 -42.32
CA LEU C 2271 66.36 2.85 -41.47
C LEU C 2271 66.59 1.37 -41.75
N SER C 2272 65.52 0.62 -42.05
CA SER C 2272 65.68 -0.79 -42.35
C SER C 2272 66.51 -0.98 -43.61
N ALA C 2273 66.24 -0.18 -44.65
CA ALA C 2273 67.05 -0.30 -45.86
C ALA C 2273 68.51 0.06 -45.58
N ILE C 2274 68.75 1.13 -44.83
CA ILE C 2274 70.12 1.55 -44.54
C ILE C 2274 70.84 0.44 -43.77
N TYR C 2275 70.17 -0.14 -42.78
CA TYR C 2275 70.76 -1.22 -42.00
C TYR C 2275 71.07 -2.43 -42.86
N TYR C 2276 70.16 -2.77 -43.78
CA TYR C 2276 70.38 -3.92 -44.63
C TYR C 2276 71.61 -3.76 -45.50
N GLN C 2277 71.83 -2.56 -46.04
CA GLN C 2277 73.03 -2.38 -46.85
C GLN C 2277 74.30 -2.28 -45.98
N PHE C 2278 74.20 -1.59 -44.84
CA PHE C 2278 75.36 -1.43 -43.98
C PHE C 2278 75.86 -2.76 -43.44
N PHE C 2279 74.96 -3.73 -43.23
CA PHE C 2279 75.40 -5.03 -42.77
C PHE C 2279 76.30 -5.70 -43.79
N ASP C 2280 75.93 -5.64 -45.07
CA ASP C 2280 76.78 -6.21 -46.10
C ASP C 2280 78.13 -5.52 -46.13
N LEU C 2281 78.13 -4.18 -46.04
CA LEU C 2281 79.39 -3.45 -46.07
C LEU C 2281 80.30 -3.88 -44.92
N THR C 2282 79.76 -3.92 -43.71
CA THR C 2282 80.61 -4.22 -42.56
C THR C 2282 81.05 -5.68 -42.55
N GLN C 2283 80.23 -6.59 -43.07
CA GLN C 2283 80.68 -7.98 -43.18
C GLN C 2283 81.83 -8.10 -44.16
N SER C 2284 81.76 -7.38 -45.29
CA SER C 2284 82.90 -7.38 -46.20
C SER C 2284 84.15 -6.85 -45.52
N PHE C 2285 84.01 -5.78 -44.75
CA PHE C 2285 85.16 -5.22 -44.04
C PHE C 2285 85.75 -6.24 -43.07
N CYS C 2286 84.90 -6.93 -42.31
CA CYS C 2286 85.40 -7.92 -41.38
C CYS C 2286 86.10 -9.06 -42.11
N LEU C 2287 85.58 -9.46 -43.26
CA LEU C 2287 86.21 -10.53 -44.02
C LEU C 2287 87.60 -10.13 -44.50
N MET C 2288 87.76 -8.90 -44.99
CA MET C 2288 89.09 -8.50 -45.43
C MET C 2288 90.05 -8.36 -44.24
N ALA C 2289 89.53 -7.93 -43.08
CA ALA C 2289 90.38 -7.90 -41.89
C ALA C 2289 90.84 -9.30 -41.51
N GLN C 2290 89.94 -10.28 -41.57
CA GLN C 2290 90.31 -11.65 -41.27
C GLN C 2290 91.34 -12.18 -42.25
N GLU C 2291 91.19 -11.85 -43.53
CA GLU C 2291 92.20 -12.25 -44.51
C GLU C 2291 93.56 -11.64 -44.20
N ALA C 2292 93.57 -10.37 -43.80
CA ALA C 2292 94.84 -9.75 -43.40
C ALA C 2292 95.47 -10.46 -42.22
N LEU C 2293 94.66 -10.82 -41.22
CA LEU C 2293 95.20 -11.56 -40.08
C LEU C 2293 95.76 -12.91 -40.51
N ARG C 2294 95.04 -13.62 -41.38
CA ARG C 2294 95.51 -14.92 -41.84
C ARG C 2294 96.85 -14.79 -42.53
N ARG C 2295 97.00 -13.76 -43.37
CA ARG C 2295 98.30 -13.53 -44.01
C ARG C 2295 99.37 -13.22 -42.98
N GLU C 2296 99.02 -12.45 -41.95
CA GLU C 2296 100.01 -12.06 -40.95
C GLU C 2296 100.53 -13.28 -40.18
N LEU C 2297 99.62 -14.17 -39.77
CA LEU C 2297 100.02 -15.34 -39.00
C LEU C 2297 100.47 -16.51 -39.85
N THR C 2298 100.33 -16.43 -41.18
CA THR C 2298 100.69 -17.51 -42.09
C THR C 2298 100.01 -18.82 -41.71
N ASP C 2299 98.73 -18.72 -41.34
CA ASP C 2299 97.93 -19.89 -40.95
C ASP C 2299 96.55 -19.72 -41.55
N ASN C 2300 96.28 -20.45 -42.63
CA ASN C 2300 94.99 -20.34 -43.31
C ASN C 2300 93.86 -21.04 -42.57
N GLY C 2301 94.17 -21.80 -41.51
CA GLY C 2301 93.15 -22.57 -40.83
C GLY C 2301 92.29 -21.81 -39.84
N VAL C 2302 92.71 -20.61 -39.44
CA VAL C 2302 91.95 -19.85 -38.45
C VAL C 2302 90.72 -19.25 -39.11
N THR C 2303 89.56 -19.46 -38.50
CA THR C 2303 88.31 -18.92 -39.01
C THR C 2303 87.49 -18.42 -37.83
N PHE C 2304 87.07 -17.16 -37.90
CA PHE C 2304 86.33 -16.54 -36.81
C PHE C 2304 84.98 -16.00 -37.24
N ILE C 2305 84.88 -15.45 -38.45
CA ILE C 2305 83.58 -15.03 -38.99
C ILE C 2305 82.92 -16.28 -39.54
N ARG C 2306 82.04 -16.88 -38.75
CA ARG C 2306 81.44 -18.16 -39.08
C ARG C 2306 80.05 -18.05 -39.68
N GLY C 2307 79.56 -16.83 -39.91
CA GLY C 2307 78.25 -16.66 -40.48
C GLY C 2307 77.16 -16.80 -39.45
N GLY C 2308 75.93 -16.63 -39.91
CA GLY C 2308 74.80 -16.65 -39.02
C GLY C 2308 74.61 -15.40 -38.20
N ALA C 2309 75.37 -14.33 -38.48
CA ALA C 2309 75.23 -13.09 -37.73
C ALA C 2309 73.85 -12.49 -37.94
N TRP C 2310 73.37 -12.49 -39.19
CA TRP C 2310 72.04 -11.97 -39.50
C TRP C 2310 71.07 -13.14 -39.41
N ASN C 2311 70.41 -13.27 -38.26
CA ASN C 2311 69.47 -14.35 -38.03
C ASN C 2311 68.04 -13.84 -38.13
N GLY C 2312 67.21 -14.61 -38.83
CA GLY C 2312 65.83 -14.20 -39.04
C GLY C 2312 64.99 -14.17 -37.79
N THR C 2313 65.41 -14.89 -36.75
CA THR C 2313 64.63 -14.91 -35.51
C THR C 2313 64.58 -13.53 -34.87
N THR C 2314 65.72 -12.83 -34.86
CA THR C 2314 65.80 -11.50 -34.29
C THR C 2314 65.61 -10.40 -35.33
N ALA C 2315 65.21 -10.78 -36.55
CA ALA C 2315 64.97 -9.82 -37.63
C ALA C 2315 66.20 -9.00 -37.95
N GLY C 2316 67.38 -9.60 -37.77
CA GLY C 2316 68.61 -8.94 -38.11
C GLY C 2316 69.18 -8.02 -37.05
N LEU C 2317 68.45 -7.81 -35.96
CA LEU C 2317 68.98 -6.98 -34.89
C LEU C 2317 70.10 -7.69 -34.16
N MET C 2318 70.95 -6.90 -33.50
CA MET C 2318 72.14 -7.40 -32.82
C MET C 2318 73.06 -8.17 -33.75
N ALA C 2319 73.14 -7.73 -35.00
CA ALA C 2319 74.18 -8.26 -35.88
C ALA C 2319 75.55 -7.71 -35.51
N GLY C 2320 75.59 -6.46 -35.03
CA GLY C 2320 76.87 -5.85 -34.69
C GLY C 2320 77.57 -6.53 -33.54
N GLU C 2321 76.82 -7.06 -32.57
CA GLU C 2321 77.44 -7.66 -31.39
C GLU C 2321 78.27 -8.88 -31.77
N THR C 2322 77.75 -9.72 -32.66
CA THR C 2322 78.51 -10.91 -33.08
C THR C 2322 79.80 -10.52 -33.79
N LEU C 2323 79.73 -9.49 -34.63
CA LEU C 2323 80.94 -9.04 -35.31
C LEU C 2323 81.94 -8.47 -34.31
N LEU C 2324 81.45 -7.74 -33.31
CA LEU C 2324 82.35 -7.22 -32.28
C LEU C 2324 83.03 -8.35 -31.53
N LEU C 2325 82.28 -9.40 -31.19
CA LEU C 2325 82.88 -10.53 -30.49
C LEU C 2325 83.93 -11.22 -31.37
N ASN C 2326 83.63 -11.39 -32.66
CA ASN C 2326 84.59 -12.01 -33.55
C ASN C 2326 85.86 -11.17 -33.68
N LEU C 2327 85.71 -9.85 -33.77
CA LEU C 2327 86.88 -8.98 -33.84
C LEU C 2327 87.70 -9.04 -32.56
N ALA C 2328 87.03 -9.11 -31.41
CA ALA C 2328 87.76 -9.22 -30.15
C ALA C 2328 88.53 -10.53 -30.10
N GLU C 2329 87.92 -11.63 -30.55
CA GLU C 2329 88.62 -12.91 -30.60
C GLU C 2329 89.83 -12.83 -31.51
N MET C 2330 89.67 -12.20 -32.68
CA MET C 2330 90.79 -12.08 -33.60
C MET C 2330 91.92 -11.28 -33.00
N GLU C 2331 91.59 -10.18 -32.32
CA GLU C 2331 92.63 -9.36 -31.68
C GLU C 2331 93.35 -10.15 -30.59
N LYS C 2332 92.60 -10.90 -29.79
CA LYS C 2332 93.25 -11.68 -28.73
C LYS C 2332 94.17 -12.75 -29.31
N VAL C 2333 93.72 -13.43 -30.37
CA VAL C 2333 94.57 -14.44 -31.00
C VAL C 2333 95.83 -13.80 -31.55
N TRP C 2334 95.71 -12.63 -32.18
CA TRP C 2334 96.88 -11.96 -32.70
C TRP C 2334 97.84 -11.57 -31.58
N LEU C 2335 97.31 -11.08 -30.46
CA LEU C 2335 98.17 -10.67 -29.36
C LEU C 2335 98.90 -11.86 -28.74
N GLU C 2336 98.20 -12.98 -28.56
CA GLU C 2336 98.82 -14.10 -27.85
C GLU C 2336 99.92 -14.75 -28.68
N ARG C 2337 99.72 -14.90 -29.98
CA ARG C 2337 100.66 -15.61 -30.84
C ARG C 2337 101.67 -14.69 -31.51
N ASP C 2338 101.66 -13.39 -31.18
CA ASP C 2338 102.61 -12.47 -31.77
C ASP C 2338 104.03 -12.77 -31.26
N GLU C 2339 105.02 -12.41 -32.07
CA GLU C 2339 106.40 -12.72 -31.76
C GLU C 2339 107.31 -11.74 -32.49
N ARG C 2340 108.41 -11.39 -31.85
CA ARG C 2340 109.43 -10.57 -32.48
C ARG C 2340 110.31 -11.46 -33.34
N ALA C 2341 110.43 -11.14 -34.63
CA ALA C 2341 111.08 -12.00 -35.59
C ALA C 2341 112.55 -11.65 -35.75
N LEU C 2342 113.37 -12.66 -35.96
CA LEU C 2342 114.78 -12.43 -36.24
C LEU C 2342 114.95 -11.85 -37.64
N GLU C 2343 115.96 -11.00 -37.78
CA GLU C 2343 116.29 -10.36 -39.05
C GLU C 2343 117.54 -10.98 -39.63
N VAL C 2344 117.53 -11.22 -40.94
CA VAL C 2344 118.73 -11.65 -41.65
C VAL C 2344 118.81 -10.90 -42.97
N THR C 2345 120.00 -10.40 -43.30
CA THR C 2345 120.28 -9.75 -44.57
C THR C 2345 121.24 -10.61 -45.37
N ARG C 2346 120.91 -10.85 -46.64
CA ARG C 2346 121.72 -11.67 -47.52
C ARG C 2346 122.09 -10.90 -48.77
N THR C 2347 123.35 -11.01 -49.18
CA THR C 2347 123.85 -10.36 -50.39
C THR C 2347 124.20 -11.42 -51.41
N VAL C 2348 123.63 -11.29 -52.60
CA VAL C 2348 123.79 -12.27 -53.68
C VAL C 2348 124.44 -11.58 -54.87
N SER C 2349 125.52 -12.16 -55.38
CA SER C 2349 126.16 -11.70 -56.59
C SER C 2349 125.73 -12.62 -57.73
N LEU C 2350 125.08 -12.04 -58.75
CA LEU C 2350 124.52 -12.86 -59.81
C LEU C 2350 125.61 -13.56 -60.61
N ALA C 2351 126.75 -12.89 -60.84
CA ALA C 2351 127.84 -13.53 -61.57
C ALA C 2351 128.34 -14.77 -60.83
N GLN C 2352 128.56 -14.62 -59.52
CA GLN C 2352 129.05 -15.75 -58.72
C GLN C 2352 128.01 -16.86 -58.68
N PHE C 2353 126.73 -16.51 -58.52
CA PHE C 2353 125.69 -17.52 -58.48
C PHE C 2353 125.60 -18.29 -59.79
N TYR C 2354 125.70 -17.59 -60.92
CA TYR C 2354 125.65 -18.27 -62.21
C TYR C 2354 126.87 -19.15 -62.41
N GLN C 2355 128.04 -18.67 -61.99
CA GLN C 2355 129.26 -19.48 -62.15
C GLN C 2355 129.22 -20.73 -61.29
N ALA C 2356 128.61 -20.65 -60.11
CA ALA C 2356 128.60 -21.75 -59.16
C ALA C 2356 127.48 -22.76 -59.42
N LEU C 2357 126.65 -22.53 -60.44
CA LEU C 2357 125.57 -23.48 -60.73
C LEU C 2357 126.16 -24.83 -61.12
N SER C 2358 125.61 -25.89 -60.54
CA SER C 2358 126.13 -27.23 -60.77
C SER C 2358 125.80 -27.73 -62.17
N SER C 2359 124.55 -27.55 -62.60
CA SER C 2359 124.09 -28.15 -63.86
C SER C 2359 124.45 -27.30 -65.06
N ASP C 2360 123.98 -26.06 -65.10
CA ASP C 2360 124.20 -25.16 -66.24
C ASP C 2360 124.83 -23.87 -65.72
N ASN C 2361 126.12 -23.70 -65.97
CA ASN C 2361 126.86 -22.54 -65.51
C ASN C 2361 127.42 -21.78 -66.71
N PHE C 2362 127.52 -20.46 -66.57
CA PHE C 2362 128.03 -19.62 -67.64
C PHE C 2362 128.60 -18.36 -67.03
N ASN C 2363 129.46 -17.69 -67.80
CA ASN C 2363 130.06 -16.43 -67.40
C ASN C 2363 129.08 -15.30 -67.74
N LEU C 2364 128.72 -14.51 -66.73
CA LEU C 2364 127.65 -13.53 -66.91
C LEU C 2364 128.07 -12.43 -67.88
N THR C 2365 129.23 -11.81 -67.64
CA THR C 2365 129.61 -10.65 -68.44
C THR C 2365 129.97 -11.05 -69.87
N GLU C 2366 130.63 -12.19 -70.05
CA GLU C 2366 130.95 -12.64 -71.40
C GLU C 2366 129.68 -12.92 -72.21
N LYS C 2367 128.73 -13.62 -71.58
CA LYS C 2367 127.46 -13.90 -72.27
C LYS C 2367 126.71 -12.61 -72.56
N LEU C 2368 126.74 -11.65 -71.63
CA LEU C 2368 126.06 -10.38 -71.86
C LEU C 2368 126.67 -9.64 -73.05
N THR C 2369 128.00 -9.59 -73.11
CA THR C 2369 128.65 -8.92 -74.24
C THR C 2369 128.32 -9.64 -75.55
N GLN C 2370 128.36 -10.97 -75.54
CA GLN C 2370 128.08 -11.72 -76.76
C GLN C 2370 126.64 -11.49 -77.23
N PHE C 2371 125.68 -11.51 -76.31
CA PHE C 2371 124.29 -11.29 -76.69
C PHE C 2371 124.02 -9.84 -77.07
N LEU C 2372 124.84 -8.90 -76.59
CA LEU C 2372 124.69 -7.52 -77.03
C LEU C 2372 125.27 -7.31 -78.41
N ARG C 2373 126.35 -8.00 -78.75
CA ARG C 2373 126.96 -7.84 -80.06
C ARG C 2373 126.03 -8.31 -81.16
N GLU C 2374 125.37 -9.44 -80.97
CA GLU C 2374 124.43 -10.00 -81.94
C GLU C 2374 123.07 -10.16 -81.28
N GLY C 2375 122.03 -9.70 -81.96
CA GLY C 2375 120.72 -9.61 -81.35
C GLY C 2375 119.98 -10.92 -81.14
N LYS C 2376 120.70 -11.93 -80.66
CA LYS C 2376 120.08 -13.19 -80.25
C LYS C 2376 120.80 -13.68 -79.01
N GLY C 2377 120.12 -14.51 -78.23
CA GLY C 2377 120.74 -15.05 -77.04
C GLY C 2377 119.81 -15.86 -76.15
N ASN C 2378 120.33 -16.96 -75.62
CA ASN C 2378 119.59 -17.80 -74.68
C ASN C 2378 120.58 -18.72 -74.01
N VAL C 2379 120.73 -18.60 -72.68
CA VAL C 2379 121.64 -19.45 -71.94
C VAL C 2379 121.02 -19.78 -70.59
N GLY C 2380 121.39 -20.93 -70.06
CA GLY C 2380 120.89 -21.38 -68.76
C GLY C 2380 119.68 -22.29 -68.90
N ALA C 2381 119.14 -22.64 -67.74
CA ALA C 2381 117.99 -23.53 -67.66
C ALA C 2381 116.80 -22.78 -67.09
N SER C 2382 115.62 -23.40 -67.20
CA SER C 2382 114.40 -22.79 -66.71
C SER C 2382 114.49 -22.51 -65.22
N GLY C 2383 114.35 -21.24 -64.85
CA GLY C 2383 114.50 -20.84 -63.47
C GLY C 2383 115.78 -20.06 -63.24
N ASN C 2384 116.85 -20.46 -63.91
CA ASN C 2384 118.14 -19.77 -63.85
C ASN C 2384 118.57 -19.56 -65.29
N GLU C 2385 118.18 -18.42 -65.86
CA GLU C 2385 118.29 -18.20 -67.29
C GLU C 2385 118.69 -16.76 -67.59
N LEU C 2386 119.35 -16.58 -68.73
CA LEU C 2386 119.67 -15.25 -69.25
C LEU C 2386 119.35 -15.26 -70.73
N LYS C 2387 118.46 -14.36 -71.15
CA LYS C 2387 117.96 -14.38 -72.51
C LYS C 2387 117.75 -12.96 -73.02
N LEU C 2388 117.58 -12.85 -74.33
CA LEU C 2388 117.29 -11.59 -75.00
C LEU C 2388 115.99 -11.78 -75.77
N SER C 2389 114.89 -11.28 -75.21
CA SER C 2389 113.57 -11.42 -75.82
C SER C 2389 113.15 -10.08 -76.40
N ASN C 2390 112.69 -10.10 -77.66
CA ASN C 2390 112.34 -8.90 -78.40
C ASN C 2390 113.57 -8.01 -78.44
N ARG C 2391 113.59 -6.84 -77.79
CA ARG C 2391 114.77 -6.01 -77.70
C ARG C 2391 115.15 -5.73 -76.26
N GLN C 2392 114.73 -6.61 -75.35
CA GLN C 2392 115.00 -6.43 -73.92
C GLN C 2392 115.69 -7.66 -73.36
N ILE C 2393 116.54 -7.43 -72.37
CA ILE C 2393 117.36 -8.48 -71.78
C ILE C 2393 116.74 -8.91 -70.46
N GLU C 2394 116.56 -10.21 -70.28
CA GLU C 2394 115.94 -10.76 -69.10
C GLU C 2394 116.91 -11.71 -68.39
N ALA C 2395 116.96 -11.60 -67.07
CA ALA C 2395 117.75 -12.49 -66.23
C ALA C 2395 116.86 -13.02 -65.12
N SER C 2396 116.61 -14.33 -65.12
CA SER C 2396 115.71 -14.96 -64.17
C SER C 2396 116.50 -15.85 -63.24
N VAL C 2397 116.24 -15.71 -61.94
CA VAL C 2397 116.90 -16.50 -60.89
C VAL C 2397 115.84 -17.14 -60.03
N ARG C 2398 115.93 -18.46 -59.85
CA ARG C 2398 114.97 -19.17 -59.02
C ARG C 2398 115.26 -18.90 -57.54
N LEU C 2399 114.20 -18.72 -56.76
CA LEU C 2399 114.37 -18.40 -55.35
C LEU C 2399 114.98 -19.57 -54.58
N SER C 2400 114.41 -20.77 -54.74
CA SER C 2400 114.86 -21.91 -53.95
C SER C 2400 116.28 -22.33 -54.27
N ASP C 2401 116.81 -21.94 -55.44
CA ASP C 2401 118.16 -22.32 -55.80
C ASP C 2401 119.21 -21.57 -55.01
N LEU C 2402 118.83 -20.54 -54.26
CA LEU C 2402 119.79 -19.81 -53.45
C LEU C 2402 120.18 -20.56 -52.19
N LYS C 2403 119.40 -21.55 -51.78
CA LYS C 2403 119.65 -22.33 -50.57
C LYS C 2403 119.79 -21.43 -49.35
N ILE C 2404 118.93 -20.43 -49.24
CA ILE C 2404 118.96 -19.53 -48.09
C ILE C 2404 118.61 -20.30 -46.82
N PHE C 2405 117.70 -21.27 -46.93
CA PHE C 2405 117.26 -22.03 -45.76
C PHE C 2405 118.41 -22.79 -45.11
N SER C 2406 119.51 -23.01 -45.81
CA SER C 2406 120.67 -23.70 -45.26
C SER C 2406 121.69 -22.77 -44.64
N ASP C 2407 121.45 -21.46 -44.64
CA ASP C 2407 122.40 -20.52 -44.07
C ASP C 2407 122.38 -20.50 -42.55
N TYR C 2408 121.33 -21.02 -41.93
CA TYR C 2408 121.18 -21.02 -40.49
C TYR C 2408 120.68 -22.40 -40.04
N PRO C 2409 120.89 -22.75 -38.77
CA PRO C 2409 120.47 -24.08 -38.31
C PRO C 2409 118.97 -24.28 -38.41
N GLU C 2410 118.58 -25.55 -38.48
CA GLU C 2410 117.17 -25.90 -38.64
C GLU C 2410 116.32 -25.38 -37.49
N SER C 2411 116.91 -25.18 -36.31
CA SER C 2411 116.18 -24.59 -35.20
C SER C 2411 116.02 -23.09 -35.45
N LEU C 2412 115.67 -22.34 -34.42
CA LEU C 2412 115.39 -20.90 -34.46
C LEU C 2412 114.11 -20.58 -35.21
N GLY C 2413 113.41 -21.58 -35.74
CA GLY C 2413 112.19 -21.32 -36.47
C GLY C 2413 112.25 -21.80 -37.91
N ASN C 2414 111.12 -22.25 -38.44
CA ASN C 2414 111.04 -22.74 -39.81
C ASN C 2414 110.28 -21.81 -40.74
N THR C 2415 109.56 -20.82 -40.20
CA THR C 2415 108.78 -19.90 -41.02
C THR C 2415 109.68 -18.73 -41.40
N ARG C 2416 110.25 -18.78 -42.60
CA ARG C 2416 111.15 -17.75 -43.09
C ARG C 2416 110.56 -17.15 -44.36
N GLN C 2417 110.32 -15.85 -44.35
CA GLN C 2417 109.71 -15.15 -45.47
C GLN C 2417 110.46 -13.86 -45.74
N LEU C 2418 110.44 -13.43 -47.00
CA LEU C 2418 111.10 -12.20 -47.39
C LEU C 2418 110.39 -11.01 -46.77
N LYS C 2419 111.15 -9.94 -46.58
CA LYS C 2419 110.61 -8.66 -46.11
C LYS C 2419 110.88 -7.51 -47.05
N GLN C 2420 112.08 -7.45 -47.63
CA GLN C 2420 112.41 -6.37 -48.55
C GLN C 2420 113.52 -6.81 -49.49
N VAL C 2421 113.50 -6.27 -50.70
CA VAL C 2421 114.50 -6.59 -51.72
C VAL C 2421 115.01 -5.28 -52.32
N SER C 2422 116.32 -5.17 -52.45
CA SER C 2422 116.96 -4.04 -53.11
C SER C 2422 118.01 -4.58 -54.06
N VAL C 2423 118.39 -3.78 -55.04
CA VAL C 2423 119.33 -4.23 -56.06
C VAL C 2423 120.30 -3.10 -56.40
N THR C 2424 121.57 -3.44 -56.53
CA THR C 2424 122.63 -2.52 -56.88
C THR C 2424 123.30 -2.95 -58.18
N LEU C 2425 123.52 -1.99 -59.07
CA LEU C 2425 124.15 -2.23 -60.37
C LEU C 2425 125.45 -1.46 -60.45
N PRO C 2426 126.59 -2.08 -60.21
CA PRO C 2426 127.88 -1.37 -60.33
C PRO C 2426 128.29 -1.17 -61.79
N ALA C 2427 127.73 -0.14 -62.40
CA ALA C 2427 128.00 0.19 -63.79
C ALA C 2427 128.27 1.68 -63.94
N LEU C 2428 129.00 2.03 -64.99
CA LEU C 2428 129.30 3.43 -65.27
C LEU C 2428 128.14 4.04 -66.07
N VAL C 2429 127.50 5.04 -65.49
CA VAL C 2429 126.36 5.71 -66.12
C VAL C 2429 126.71 7.18 -66.32
N GLY C 2430 126.34 7.72 -67.47
CA GLY C 2430 126.61 9.09 -67.80
C GLY C 2430 125.80 10.06 -66.96
N PRO C 2431 126.28 11.29 -66.83
CA PRO C 2431 125.52 12.28 -66.05
C PRO C 2431 124.19 12.60 -66.71
N TYR C 2432 123.21 12.94 -65.87
CA TYR C 2432 121.85 13.25 -66.31
C TYR C 2432 121.21 12.10 -67.07
N GLU C 2433 121.64 10.86 -66.80
CA GLU C 2433 121.10 9.67 -67.43
C GLU C 2433 120.63 8.71 -66.36
N ASP C 2434 119.46 8.11 -66.58
CA ASP C 2434 118.84 7.21 -65.61
C ASP C 2434 118.77 5.81 -66.19
N ILE C 2435 119.12 4.81 -65.38
CA ILE C 2435 118.89 3.43 -65.75
C ILE C 2435 117.40 3.14 -65.71
N ARG C 2436 116.97 2.15 -66.47
CA ARG C 2436 115.57 1.74 -66.51
C ARG C 2436 115.51 0.22 -66.45
N ALA C 2437 115.09 -0.31 -65.31
CA ALA C 2437 114.97 -1.76 -65.16
C ALA C 2437 113.70 -2.08 -64.40
N VAL C 2438 113.27 -3.34 -64.51
CA VAL C 2438 112.09 -3.81 -63.80
C VAL C 2438 112.43 -5.12 -63.11
N LEU C 2439 112.14 -5.20 -61.81
CA LEU C 2439 112.30 -6.44 -61.04
C LEU C 2439 110.91 -7.00 -60.76
N ASN C 2440 110.66 -8.21 -61.26
CA ASN C 2440 109.34 -8.80 -61.21
C ASN C 2440 109.40 -10.18 -60.57
N TYR C 2441 108.28 -10.61 -59.99
CA TYR C 2441 108.17 -11.91 -59.35
C TYR C 2441 107.21 -12.77 -60.16
N GLY C 2442 107.69 -13.94 -60.60
CA GLY C 2442 106.91 -14.80 -61.47
C GLY C 2442 106.25 -15.97 -60.78
N GLY C 2443 106.09 -15.89 -59.46
CA GLY C 2443 105.53 -16.99 -58.70
C GLY C 2443 104.03 -17.07 -58.80
N SER C 2444 103.45 -17.91 -57.95
CA SER C 2444 102.02 -18.16 -57.97
C SER C 2444 101.33 -17.85 -56.64
N ILE C 2445 102.07 -17.38 -55.64
CA ILE C 2445 101.45 -17.05 -54.36
C ILE C 2445 100.68 -15.76 -54.48
N VAL C 2446 99.47 -15.73 -53.92
CA VAL C 2446 98.62 -14.54 -54.01
C VAL C 2446 99.27 -13.39 -53.26
N MET C 2447 99.32 -12.23 -53.91
CA MET C 2447 99.94 -11.04 -53.37
C MET C 2447 99.01 -9.85 -53.52
N PRO C 2448 99.12 -8.85 -52.64
CA PRO C 2448 98.30 -7.65 -52.79
C PRO C 2448 98.65 -6.91 -54.07
N ARG C 2449 97.69 -6.14 -54.57
CA ARG C 2449 97.85 -5.48 -55.86
C ARG C 2449 99.04 -4.52 -55.83
N GLY C 2450 99.89 -4.63 -56.86
CA GLY C 2450 101.02 -3.73 -57.01
C GLY C 2450 102.21 -4.06 -56.15
N CYS C 2451 102.18 -5.15 -55.38
CA CYS C 2451 103.27 -5.51 -54.49
C CYS C 2451 104.11 -6.65 -55.05
N SER C 2452 104.14 -6.82 -56.37
CA SER C 2452 104.86 -7.91 -56.99
C SER C 2452 105.95 -7.45 -57.95
N ALA C 2453 106.19 -6.16 -58.08
CA ALA C 2453 107.22 -5.66 -58.98
C ALA C 2453 107.70 -4.30 -58.51
N ILE C 2454 108.95 -3.99 -58.84
CA ILE C 2454 109.55 -2.69 -58.55
C ILE C 2454 110.29 -2.20 -59.79
N ALA C 2455 110.55 -0.90 -59.81
CA ALA C 2455 111.23 -0.26 -60.91
C ALA C 2455 112.57 0.30 -60.45
N LEU C 2456 113.54 0.28 -61.36
CA LEU C 2456 114.93 0.64 -61.07
C LEU C 2456 115.31 1.83 -61.92
N SER C 2457 115.73 2.91 -61.26
CA SER C 2457 116.09 4.17 -61.91
C SER C 2457 117.56 4.51 -61.80
N HIS C 2458 118.10 4.59 -60.58
CA HIS C 2458 119.50 4.94 -60.40
C HIS C 2458 120.39 3.76 -60.07
N GLY C 2459 119.87 2.73 -59.40
CA GLY C 2459 120.62 1.50 -59.23
C GLY C 2459 121.73 1.53 -58.22
N VAL C 2460 121.69 2.44 -57.25
CA VAL C 2460 122.67 2.44 -56.16
C VAL C 2460 121.94 2.09 -54.87
N ASN C 2461 121.90 0.80 -54.54
CA ASN C 2461 121.11 0.31 -53.40
C ASN C 2461 119.66 0.77 -53.52
N ASP C 2462 119.15 0.77 -54.74
CA ASP C 2462 117.81 1.29 -54.99
C ASP C 2462 116.75 0.35 -54.45
N SER C 2463 115.73 0.93 -53.83
CA SER C 2463 114.56 0.19 -53.36
C SER C 2463 113.32 0.48 -54.19
N GLY C 2464 113.42 1.36 -55.19
CA GLY C 2464 112.27 1.64 -56.02
C GLY C 2464 111.19 2.46 -55.35
N GLN C 2465 111.52 3.22 -54.31
CA GLN C 2465 110.54 4.01 -53.59
C GLN C 2465 111.06 5.44 -53.40
N PHE C 2466 110.13 6.32 -53.05
CA PHE C 2466 110.50 7.66 -52.59
C PHE C 2466 111.48 7.58 -51.42
N MET C 2467 111.01 7.05 -50.30
CA MET C 2467 111.86 6.73 -49.17
C MET C 2467 111.40 5.40 -48.59
N LEU C 2468 112.34 4.67 -48.01
CA LEU C 2468 112.07 3.35 -47.46
C LEU C 2468 111.75 3.49 -45.98
N ASP C 2469 110.53 3.12 -45.60
CA ASP C 2469 110.07 3.20 -44.22
C ASP C 2469 109.54 1.82 -43.84
N PHE C 2470 110.35 1.06 -43.10
CA PHE C 2470 109.94 -0.29 -42.72
C PHE C 2470 108.77 -0.31 -41.75
N ASN C 2471 108.41 0.83 -41.17
CA ASN C 2471 107.23 0.94 -40.34
C ASN C 2471 106.00 1.37 -41.13
N ASP C 2472 106.00 1.12 -42.43
CA ASP C 2472 104.89 1.54 -43.27
C ASP C 2472 103.62 0.80 -42.90
N SER C 2473 102.49 1.52 -42.93
CA SER C 2473 101.21 0.90 -42.65
C SER C 2473 100.79 -0.07 -43.74
N ARG C 2474 101.35 0.04 -44.94
CA ARG C 2474 101.05 -0.87 -46.03
C ARG C 2474 102.22 -1.82 -46.25
N TYR C 2475 101.91 -2.95 -46.89
CA TYR C 2475 102.93 -3.97 -47.13
C TYR C 2475 104.01 -3.46 -48.06
N LEU C 2476 105.25 -3.81 -47.77
CA LEU C 2476 106.35 -3.52 -48.67
C LEU C 2476 106.30 -4.47 -49.86
N PRO C 2477 106.93 -4.11 -50.97
CA PRO C 2477 107.01 -5.04 -52.11
C PRO C 2477 107.72 -6.32 -51.73
N PHE C 2478 107.23 -7.44 -52.29
CA PHE C 2478 107.76 -8.78 -52.11
C PHE C 2478 107.59 -9.31 -50.69
N GLU C 2479 106.86 -8.60 -49.83
CA GLU C 2479 106.69 -9.06 -48.46
C GLU C 2479 105.77 -10.27 -48.43
N GLY C 2480 106.12 -11.24 -47.58
CA GLY C 2480 105.33 -12.43 -47.41
C GLY C 2480 105.70 -13.60 -48.30
N ILE C 2481 106.58 -13.40 -49.27
CA ILE C 2481 106.99 -14.48 -50.16
C ILE C 2481 107.92 -15.42 -49.39
N SER C 2482 107.56 -16.70 -49.37
CA SER C 2482 108.40 -17.68 -48.69
C SER C 2482 109.74 -17.80 -49.39
N VAL C 2483 110.80 -17.95 -48.58
CA VAL C 2483 112.14 -18.06 -49.16
C VAL C 2483 112.29 -19.37 -49.92
N ASN C 2484 111.66 -20.44 -49.45
CA ASN C 2484 111.75 -21.74 -50.09
C ASN C 2484 110.80 -21.88 -51.27
N ASP C 2485 110.26 -20.78 -51.78
CA ASP C 2485 109.34 -20.84 -52.89
C ASP C 2485 110.04 -21.31 -54.17
N SER C 2486 109.26 -21.92 -55.06
CA SER C 2486 109.75 -22.38 -56.34
C SER C 2486 109.70 -21.31 -57.42
N GLY C 2487 109.17 -20.13 -57.10
CA GLY C 2487 109.08 -19.06 -58.07
C GLY C 2487 110.46 -18.48 -58.38
N SER C 2488 110.47 -17.55 -59.34
CA SER C 2488 111.71 -16.94 -59.79
C SER C 2488 111.54 -15.43 -59.88
N LEU C 2489 112.64 -14.73 -59.65
CA LEU C 2489 112.71 -13.28 -59.79
C LEU C 2489 113.37 -12.94 -61.10
N THR C 2490 112.77 -12.01 -61.85
CA THR C 2490 113.24 -11.66 -63.18
C THR C 2490 113.61 -10.18 -63.22
N LEU C 2491 114.82 -9.90 -63.68
CA LEU C 2491 115.29 -8.54 -63.92
C LEU C 2491 115.25 -8.29 -65.42
N SER C 2492 114.55 -7.24 -65.82
CA SER C 2492 114.33 -6.93 -67.22
C SER C 2492 114.88 -5.54 -67.53
N PHE C 2493 115.73 -5.47 -68.54
CA PHE C 2493 116.24 -4.20 -69.07
C PHE C 2493 115.65 -3.97 -70.45
N PRO C 2494 114.74 -3.02 -70.61
CA PRO C 2494 114.15 -2.76 -71.93
C PRO C 2494 115.00 -1.79 -72.74
N ASP C 2495 114.81 -1.87 -74.06
CA ASP C 2495 115.49 -0.98 -75.01
C ASP C 2495 117.00 -1.05 -74.84
N ALA C 2496 117.52 -2.27 -74.68
CA ALA C 2496 118.94 -2.52 -74.49
C ALA C 2496 119.60 -3.04 -75.76
N THR C 2497 119.22 -2.50 -76.90
CA THR C 2497 119.62 -3.05 -78.19
C THR C 2497 120.38 -2.08 -79.09
N ASP C 2498 119.98 -0.80 -79.21
CA ASP C 2498 119.06 0.26 -78.76
C ASP C 2498 119.71 1.13 -77.69
N ARG C 2499 118.88 1.91 -77.00
CA ARG C 2499 119.37 3.02 -76.20
C ARG C 2499 120.30 2.56 -75.08
N GLN C 2500 119.91 1.52 -74.35
CA GLN C 2500 120.64 1.09 -73.17
C GLN C 2500 121.77 0.11 -73.50
N LYS C 2501 122.27 0.11 -74.74
CA LYS C 2501 123.32 -0.82 -75.10
C LYS C 2501 124.64 -0.47 -74.41
N ALA C 2502 125.02 0.81 -74.46
CA ALA C 2502 126.32 1.21 -73.90
C ALA C 2502 126.35 0.99 -72.39
N LEU C 2503 125.27 1.32 -71.70
CA LEU C 2503 125.24 1.13 -70.25
C LEU C 2503 125.37 -0.34 -69.89
N LEU C 2504 124.69 -1.21 -70.63
CA LEU C 2504 124.79 -2.64 -70.35
C LEU C 2504 126.16 -3.19 -70.69
N GLU C 2505 126.81 -2.64 -71.72
CA GLU C 2505 128.20 -3.01 -71.98
C GLU C 2505 129.10 -2.62 -70.82
N SER C 2506 128.88 -1.43 -70.26
CA SER C 2506 129.68 -1.00 -69.12
C SER C 2506 129.34 -1.76 -67.84
N LEU C 2507 128.24 -2.51 -67.82
CA LEU C 2507 127.83 -3.21 -66.61
C LEU C 2507 128.81 -4.30 -66.25
N SER C 2508 129.09 -4.44 -64.95
CA SER C 2508 129.98 -5.47 -64.43
C SER C 2508 129.19 -6.70 -63.97
N ASP C 2509 128.27 -6.52 -63.04
CA ASP C 2509 127.42 -7.60 -62.56
C ASP C 2509 126.23 -6.98 -61.82
N ILE C 2510 125.44 -7.83 -61.18
CA ILE C 2510 124.24 -7.40 -60.46
C ILE C 2510 124.34 -7.91 -59.03
N ILE C 2511 123.93 -7.08 -58.08
CA ILE C 2511 123.97 -7.43 -56.66
C ILE C 2511 122.57 -7.29 -56.08
N LEU C 2512 122.12 -8.29 -55.33
CA LEU C 2512 120.83 -8.28 -54.67
C LEU C 2512 121.02 -8.28 -53.16
N HIS C 2513 120.24 -7.44 -52.48
CA HIS C 2513 120.19 -7.41 -51.02
C HIS C 2513 118.80 -7.84 -50.61
N ILE C 2514 118.69 -8.97 -49.92
CA ILE C 2514 117.41 -9.50 -49.49
C ILE C 2514 117.38 -9.48 -47.96
N ARG C 2515 116.43 -8.76 -47.40
CA ARG C 2515 116.22 -8.72 -45.97
C ARG C 2515 114.97 -9.53 -45.65
N TYR C 2516 115.12 -10.55 -44.81
CA TYR C 2516 114.02 -11.45 -44.50
C TYR C 2516 114.01 -11.73 -43.00
N THR C 2517 112.95 -12.42 -42.56
CA THR C 2517 112.70 -12.65 -41.16
C THR C 2517 112.60 -14.14 -40.87
N ILE C 2518 112.86 -14.49 -39.61
CA ILE C 2518 112.79 -15.86 -39.13
C ILE C 2518 111.91 -15.90 -37.90
N ARG C 2519 110.99 -16.86 -37.85
CA ARG C 2519 110.10 -17.02 -36.72
C ARG C 2519 110.13 -18.44 -36.17
N MET D 1 -52.46 -63.19 2.58
CA MET D 1 -53.64 -64.01 2.31
C MET D 1 -53.29 -65.26 1.52
N TYR D 2 -52.03 -65.35 1.09
CA TYR D 2 -51.49 -66.53 0.44
C TYR D 2 -50.60 -67.29 1.40
N SER D 3 -50.00 -68.37 0.91
CA SER D 3 -48.99 -69.12 1.64
C SER D 3 -47.77 -69.29 0.75
N THR D 4 -46.61 -68.87 1.23
CA THR D 4 -45.41 -68.92 0.41
C THR D 4 -45.01 -70.34 0.08
N ALA D 5 -45.24 -71.28 0.99
CA ALA D 5 -44.88 -72.68 0.72
C ALA D 5 -45.66 -73.22 -0.47
N VAL D 6 -46.96 -72.91 -0.55
CA VAL D 6 -47.77 -73.40 -1.65
C VAL D 6 -47.28 -72.86 -2.98
N LEU D 7 -46.98 -71.55 -3.03
CA LEU D 7 -46.50 -70.95 -4.27
C LEU D 7 -45.16 -71.53 -4.67
N LEU D 8 -44.26 -71.72 -3.70
CA LEU D 8 -42.96 -72.31 -4.01
C LEU D 8 -43.13 -73.73 -4.54
N ASN D 9 -44.05 -74.50 -3.97
CA ASN D 9 -44.33 -75.84 -4.48
C ASN D 9 -44.85 -75.76 -5.91
N LYS D 10 -45.70 -74.78 -6.21
CA LYS D 10 -46.20 -74.62 -7.56
C LYS D 10 -45.07 -74.32 -8.54
N ILE D 11 -44.14 -73.46 -8.15
CA ILE D 11 -43.00 -73.15 -9.03
C ILE D 11 -42.06 -74.34 -9.14
N SER D 12 -41.86 -75.06 -8.04
CA SER D 12 -40.89 -76.15 -8.03
C SER D 12 -41.32 -77.25 -8.99
N PRO D 13 -40.37 -78.05 -9.51
CA PRO D 13 -38.93 -78.08 -9.22
C PRO D 13 -38.14 -77.02 -9.97
N THR D 14 -36.97 -76.64 -9.47
CA THR D 14 -36.17 -75.57 -10.07
C THR D 14 -35.18 -76.10 -11.11
N ARG D 15 -35.67 -76.93 -12.03
CA ARG D 15 -34.89 -77.42 -13.16
C ARG D 15 -33.75 -78.31 -12.70
N ASP D 16 -33.57 -78.42 -11.38
CA ASP D 16 -32.47 -79.19 -10.80
C ASP D 16 -32.97 -80.24 -9.82
N GLY D 17 -34.26 -80.58 -9.88
CA GLY D 17 -34.81 -81.54 -8.95
C GLY D 17 -34.89 -81.06 -7.52
N GLN D 18 -34.85 -79.76 -7.30
CA GLN D 18 -34.90 -79.18 -5.96
C GLN D 18 -36.13 -78.29 -5.84
N THR D 19 -36.50 -78.02 -4.59
CA THR D 19 -37.61 -77.11 -4.32
C THR D 19 -37.13 -75.67 -4.48
N MET D 20 -37.92 -74.87 -5.18
CA MET D 20 -37.59 -73.46 -5.34
C MET D 20 -37.54 -72.78 -3.98
N THR D 21 -36.54 -71.93 -3.78
CA THR D 21 -36.38 -71.21 -2.54
C THR D 21 -36.28 -69.71 -2.81
N LEU D 22 -36.57 -68.92 -1.78
CA LEU D 22 -36.63 -67.47 -1.94
C LEU D 22 -35.29 -66.89 -2.38
N ALA D 23 -34.20 -67.55 -2.04
CA ALA D 23 -32.88 -67.04 -2.42
C ALA D 23 -32.69 -67.07 -3.93
N ASP D 24 -33.20 -68.11 -4.59
CA ASP D 24 -33.02 -68.25 -6.03
C ASP D 24 -33.69 -67.14 -6.81
N LEU D 25 -34.72 -66.49 -6.24
CA LEU D 25 -35.40 -65.39 -6.89
C LEU D 25 -35.00 -64.05 -6.29
N GLN D 26 -33.73 -63.90 -5.90
CA GLN D 26 -33.28 -62.70 -5.20
C GLN D 26 -33.63 -61.43 -5.98
N TYR D 27 -33.13 -61.26 -7.21
CA TYR D 27 -32.23 -61.78 -8.25
C TYR D 27 -32.72 -61.16 -9.55
N LEU D 28 -34.04 -61.15 -9.70
CA LEU D 28 -34.70 -60.70 -10.91
C LEU D 28 -35.85 -59.78 -10.55
N SER D 29 -36.17 -58.88 -11.48
CA SER D 29 -37.18 -57.86 -11.24
C SER D 29 -38.57 -58.47 -11.24
N PHE D 30 -39.55 -57.64 -10.83
CA PHE D 30 -40.93 -58.12 -10.77
C PHE D 30 -41.44 -58.48 -12.16
N SER D 31 -41.09 -57.68 -13.17
CA SER D 31 -41.53 -57.99 -14.52
C SER D 31 -40.97 -59.31 -15.01
N GLU D 32 -39.68 -59.57 -14.73
CA GLU D 32 -39.10 -60.85 -15.10
C GLU D 32 -39.80 -62.00 -14.39
N LEU D 33 -40.11 -61.82 -13.11
CA LEU D 33 -40.80 -62.86 -12.36
C LEU D 33 -42.17 -63.15 -12.94
N ARG D 34 -42.90 -62.10 -13.33
CA ARG D 34 -44.21 -62.30 -13.91
C ARG D 34 -44.11 -62.94 -15.29
N LYS D 35 -43.06 -62.61 -16.04
CA LYS D 35 -42.92 -63.17 -17.39
C LYS D 35 -42.53 -64.64 -17.36
N ILE D 36 -41.58 -65.01 -16.51
CA ILE D 36 -41.07 -66.38 -16.52
C ILE D 36 -42.15 -67.36 -16.06
N PHE D 37 -42.82 -67.04 -14.95
CA PHE D 37 -43.85 -67.91 -14.38
C PHE D 37 -45.25 -67.45 -14.76
N ASP D 38 -45.41 -66.93 -15.98
CA ASP D 38 -46.71 -66.42 -16.40
C ASP D 38 -47.75 -67.52 -16.44
N ASP D 39 -47.35 -68.75 -16.77
CA ASP D 39 -48.31 -69.84 -16.90
C ASP D 39 -48.79 -70.39 -15.56
N GLN D 40 -48.02 -70.19 -14.48
CA GLN D 40 -48.32 -70.83 -13.21
C GLN D 40 -48.71 -69.86 -12.10
N LEU D 41 -48.38 -68.58 -12.21
CA LEU D 41 -48.69 -67.61 -11.17
C LEU D 41 -49.56 -66.50 -11.73
N SER D 42 -50.54 -66.08 -10.93
CA SER D 42 -51.39 -64.96 -11.28
C SER D 42 -50.73 -63.66 -10.84
N TRP D 43 -51.48 -62.55 -10.92
CA TRP D 43 -50.92 -61.26 -10.55
C TRP D 43 -50.65 -61.18 -9.05
N GLY D 44 -51.64 -61.55 -8.25
CA GLY D 44 -51.48 -61.46 -6.81
C GLY D 44 -50.39 -62.35 -6.28
N GLU D 45 -50.28 -63.56 -6.83
CA GLU D 45 -49.24 -64.48 -6.39
C GLU D 45 -47.86 -63.94 -6.71
N ALA D 46 -47.67 -63.39 -7.91
CA ALA D 46 -46.39 -62.81 -8.26
C ALA D 46 -46.05 -61.62 -7.36
N ARG D 47 -47.04 -60.77 -7.08
CA ARG D 47 -46.81 -59.64 -6.20
C ARG D 47 -46.40 -60.10 -4.80
N HIS D 48 -47.09 -61.12 -4.28
CA HIS D 48 -46.76 -61.62 -2.95
C HIS D 48 -45.36 -62.22 -2.93
N LEU D 49 -45.00 -62.96 -3.98
CA LEU D 49 -43.66 -63.54 -4.04
C LEU D 49 -42.60 -62.45 -4.06
N TYR D 50 -42.84 -61.39 -4.84
CA TYR D 50 -41.88 -60.29 -4.91
C TYR D 50 -41.72 -59.62 -3.54
N HIS D 51 -42.83 -59.36 -2.86
CA HIS D 51 -42.75 -58.72 -1.55
C HIS D 51 -42.00 -59.60 -0.56
N GLU D 52 -42.27 -60.91 -0.58
CA GLU D 52 -41.57 -61.82 0.32
C GLU D 52 -40.08 -61.84 0.04
N THR D 53 -39.69 -61.86 -1.24
CA THR D 53 -38.28 -61.86 -1.57
C THR D 53 -37.60 -60.58 -1.07
N ILE D 54 -38.24 -59.44 -1.27
CA ILE D 54 -37.64 -58.18 -0.81
C ILE D 54 -37.48 -58.20 0.71
N GLU D 55 -38.50 -58.67 1.42
CA GLU D 55 -38.40 -58.72 2.88
C GLU D 55 -37.28 -59.64 3.33
N GLN D 56 -37.14 -60.79 2.69
CA GLN D 56 -36.07 -61.71 3.05
C GLN D 56 -34.71 -61.09 2.81
N LYS D 57 -34.54 -60.40 1.68
CA LYS D 57 -33.27 -59.76 1.40
C LYS D 57 -32.93 -58.71 2.47
N LYS D 58 -33.91 -57.90 2.84
CA LYS D 58 -33.66 -56.88 3.85
C LYS D 58 -33.30 -57.51 5.19
N ASN D 59 -34.01 -58.57 5.58
CA ASN D 59 -33.71 -59.21 6.85
C ASN D 59 -32.30 -59.80 6.86
N ASN D 60 -31.89 -60.43 5.75
CA ASN D 60 -30.54 -60.97 5.69
C ASN D 60 -29.51 -59.86 5.79
N ARG D 61 -29.74 -58.74 5.11
CA ARG D 61 -28.80 -57.62 5.21
C ARG D 61 -28.69 -57.12 6.64
N LEU D 62 -29.82 -56.97 7.32
CA LEU D 62 -29.79 -56.49 8.70
C LEU D 62 -29.05 -57.46 9.61
N LEU D 63 -29.29 -58.77 9.43
CA LEU D 63 -28.62 -59.75 10.27
C LEU D 63 -27.11 -59.72 10.06
N GLU D 64 -26.67 -59.64 8.81
CA GLU D 64 -25.24 -59.57 8.55
C GLU D 64 -24.63 -58.32 9.15
N ALA D 65 -25.32 -57.19 9.03
CA ALA D 65 -24.80 -55.94 9.59
C ALA D 65 -24.67 -56.03 11.11
N ARG D 66 -25.68 -56.61 11.78
CA ARG D 66 -25.61 -56.73 13.22
C ARG D 66 -24.46 -57.64 13.65
N ILE D 67 -24.29 -58.78 12.96
CA ILE D 67 -23.22 -59.70 13.31
C ILE D 67 -21.86 -59.03 13.14
N PHE D 68 -21.68 -58.30 12.05
CA PHE D 68 -20.42 -57.60 11.84
C PHE D 68 -20.19 -56.53 12.89
N THR D 69 -21.24 -55.80 13.26
CA THR D 69 -21.09 -54.74 14.25
C THR D 69 -20.65 -55.29 15.60
N ARG D 70 -21.26 -56.38 16.04
CA ARG D 70 -20.93 -56.89 17.36
C ARG D 70 -19.53 -57.49 17.43
N ALA D 71 -18.87 -57.70 16.30
CA ALA D 71 -17.58 -58.36 16.25
C ALA D 71 -16.45 -57.42 15.82
N ASN D 72 -16.67 -56.12 15.89
CA ASN D 72 -15.66 -55.16 15.46
C ASN D 72 -14.50 -55.15 16.45
N PRO D 73 -13.27 -55.40 16.01
CA PRO D 73 -12.12 -55.33 16.93
C PRO D 73 -11.85 -53.94 17.46
N GLN D 74 -12.37 -52.90 16.82
CA GLN D 74 -12.07 -51.53 17.24
C GLN D 74 -12.64 -51.23 18.62
N LEU D 75 -13.71 -51.90 19.01
CA LEU D 75 -14.36 -51.65 20.29
C LEU D 75 -13.83 -52.58 21.38
N SER D 76 -12.52 -52.64 21.55
CA SER D 76 -11.91 -53.49 22.56
C SER D 76 -10.76 -52.78 23.27
N GLY D 77 -11.00 -51.58 23.80
CA GLY D 77 -12.24 -50.86 23.95
C GLY D 77 -12.76 -50.85 25.36
N ALA D 78 -12.91 -49.66 25.95
CA ALA D 78 -13.57 -49.55 27.24
C ALA D 78 -15.07 -49.77 27.13
N ILE D 79 -15.62 -49.72 25.92
CA ILE D 79 -17.04 -50.00 25.70
C ILE D 79 -17.33 -51.49 25.67
N ARG D 80 -16.30 -52.34 25.63
CA ARG D 80 -16.50 -53.78 25.53
C ARG D 80 -17.26 -54.33 26.73
N LEU D 81 -17.30 -53.59 27.84
CA LEU D 81 -18.07 -54.03 29.00
C LEU D 81 -19.56 -54.16 28.68
N GLY D 82 -20.04 -53.44 27.66
CA GLY D 82 -21.44 -53.51 27.31
C GLY D 82 -21.70 -54.33 26.05
N ILE D 83 -20.90 -55.37 25.84
CA ILE D 83 -21.01 -56.24 24.67
C ILE D 83 -21.32 -57.65 25.15
N GLU D 84 -22.31 -58.28 24.54
CA GLU D 84 -22.71 -59.64 24.88
C GLU D 84 -22.68 -60.50 23.63
N ARG D 85 -22.19 -61.74 23.78
CA ARG D 85 -22.15 -62.68 22.68
C ARG D 85 -23.47 -63.46 22.61
N ASP D 86 -24.09 -63.44 21.44
CA ASP D 86 -25.37 -64.08 21.24
C ASP D 86 -25.19 -65.46 20.62
N SER D 87 -26.27 -66.25 20.67
CA SER D 87 -26.24 -67.57 20.04
C SER D 87 -26.09 -67.44 18.52
N VAL D 88 -26.72 -66.43 17.92
CA VAL D 88 -26.62 -66.24 16.48
C VAL D 88 -25.18 -65.94 16.08
N SER D 89 -24.48 -65.15 16.89
CA SER D 89 -23.08 -64.86 16.60
C SER D 89 -22.23 -66.12 16.64
N ARG D 90 -22.46 -66.98 17.64
CA ARG D 90 -21.72 -68.24 17.72
C ARG D 90 -22.02 -69.12 16.51
N SER D 91 -23.29 -69.19 16.12
CA SER D 91 -23.65 -70.01 14.97
C SER D 91 -22.99 -69.51 13.70
N TYR D 92 -22.98 -68.19 13.49
CA TYR D 92 -22.34 -67.62 12.32
C TYR D 92 -20.85 -67.89 12.32
N ASP D 93 -20.19 -67.70 13.47
CA ASP D 93 -18.76 -67.94 13.54
C ASP D 93 -18.43 -69.40 13.27
N GLU D 94 -19.24 -70.31 13.81
CA GLU D 94 -19.01 -71.72 13.56
C GLU D 94 -19.22 -72.08 12.10
N MET D 95 -20.24 -71.51 11.46
CA MET D 95 -20.54 -71.88 10.08
C MET D 95 -19.51 -71.31 9.11
N PHE D 96 -19.17 -70.03 9.25
CA PHE D 96 -18.35 -69.35 8.26
C PHE D 96 -16.89 -69.22 8.67
N GLY D 97 -16.47 -69.92 9.72
CA GLY D 97 -15.08 -69.82 10.14
C GLY D 97 -14.74 -68.44 10.66
N ALA D 98 -13.55 -67.96 10.29
CA ALA D 98 -13.04 -66.69 10.79
C ALA D 98 -13.38 -65.52 9.87
N ARG D 99 -14.45 -65.63 9.09
CA ARG D 99 -14.84 -64.54 8.21
C ARG D 99 -15.25 -63.30 9.01
N SER D 100 -15.98 -63.49 10.10
CA SER D 100 -16.50 -62.36 10.86
C SER D 100 -15.40 -61.56 11.54
N SER D 101 -14.23 -62.14 11.77
CA SER D 101 -13.12 -61.45 12.39
C SER D 101 -12.11 -60.92 11.37
N SER D 102 -12.39 -61.07 10.08
CA SER D 102 -11.45 -60.70 9.03
C SER D 102 -11.75 -59.29 8.50
N PHE D 103 -11.57 -58.30 9.37
CA PHE D 103 -11.76 -56.91 8.98
C PHE D 103 -10.55 -56.43 8.18
N VAL D 104 -10.79 -55.45 7.33
CA VAL D 104 -9.72 -54.86 6.51
C VAL D 104 -9.76 -53.34 6.65
N LYS D 105 -8.61 -52.73 6.42
CA LYS D 105 -8.51 -51.29 6.50
C LYS D 105 -9.19 -50.64 5.30
N PRO D 106 -9.67 -49.41 5.45
CA PRO D 106 -10.22 -48.70 4.29
C PRO D 106 -9.14 -48.43 3.26
N GLY D 107 -9.54 -48.42 1.99
CA GLY D 107 -8.61 -48.26 0.90
C GLY D 107 -8.07 -49.54 0.31
N SER D 108 -8.36 -50.68 0.92
CA SER D 108 -7.95 -51.97 0.37
C SER D 108 -9.02 -52.49 -0.58
N VAL D 109 -8.58 -53.24 -1.59
CA VAL D 109 -9.51 -53.74 -2.61
C VAL D 109 -10.46 -54.77 -2.04
N ALA D 110 -10.11 -55.42 -0.93
CA ALA D 110 -10.97 -56.46 -0.37
C ALA D 110 -12.18 -55.90 0.36
N SER D 111 -12.20 -54.61 0.66
CA SER D 111 -13.31 -54.04 1.41
C SER D 111 -14.59 -54.08 0.58
N MET D 112 -15.71 -54.30 1.26
CA MET D 112 -16.99 -54.38 0.57
C MET D 112 -17.43 -53.04 0.02
N PHE D 113 -16.85 -51.95 0.47
CA PHE D 113 -17.15 -50.62 -0.06
C PHE D 113 -16.09 -50.13 -1.02
N SER D 114 -15.10 -50.96 -1.33
CA SER D 114 -14.05 -50.58 -2.27
C SER D 114 -14.62 -50.52 -3.67
N PRO D 115 -13.92 -49.83 -4.59
CA PRO D 115 -14.40 -49.80 -5.98
C PRO D 115 -14.57 -51.17 -6.60
N ALA D 116 -13.92 -52.20 -6.06
CA ALA D 116 -14.15 -53.55 -6.55
C ALA D 116 -15.60 -53.96 -6.34
N GLY D 117 -16.17 -53.65 -5.18
CA GLY D 117 -17.56 -53.99 -4.94
C GLY D 117 -18.51 -53.24 -5.85
N TYR D 118 -18.23 -51.95 -6.07
CA TYR D 118 -19.06 -51.16 -6.98
C TYR D 118 -19.01 -51.72 -8.38
N LEU D 119 -17.81 -52.08 -8.85
CA LEU D 119 -17.68 -52.65 -10.18
C LEU D 119 -18.39 -54.00 -10.28
N THR D 120 -18.31 -54.82 -9.24
CA THR D 120 -19.01 -56.10 -9.23
C THR D 120 -20.51 -55.88 -9.33
N GLU D 121 -21.04 -54.93 -8.56
CA GLU D 121 -22.48 -54.65 -8.62
C GLU D 121 -22.88 -54.17 -10.01
N LEU D 122 -22.09 -53.27 -10.59
CA LEU D 122 -22.42 -52.77 -11.93
C LEU D 122 -22.42 -53.89 -12.95
N TYR D 123 -21.41 -54.76 -12.90
CA TYR D 123 -21.36 -55.85 -13.87
C TYR D 123 -22.50 -56.83 -13.66
N ARG D 124 -22.83 -57.13 -12.39
CA ARG D 124 -23.90 -58.07 -12.13
C ARG D 124 -25.23 -57.55 -12.64
N GLU D 125 -25.51 -56.27 -12.42
CA GLU D 125 -26.81 -55.75 -12.83
C GLU D 125 -26.88 -55.45 -14.32
N ALA D 126 -25.77 -55.07 -14.93
CA ALA D 126 -25.77 -54.62 -16.32
C ALA D 126 -25.43 -55.72 -17.32
N LYS D 127 -25.17 -56.94 -16.85
CA LYS D 127 -24.78 -58.00 -17.77
C LYS D 127 -25.93 -58.39 -18.70
N ASP D 128 -27.16 -58.37 -18.20
CA ASP D 128 -28.31 -58.85 -18.94
C ASP D 128 -29.18 -57.73 -19.48
N LEU D 129 -28.59 -56.58 -19.79
CA LEU D 129 -29.38 -55.48 -20.34
C LEU D 129 -29.73 -55.70 -21.80
N HIS D 130 -29.02 -56.58 -22.50
CA HIS D 130 -29.32 -56.90 -23.89
C HIS D 130 -29.28 -58.41 -24.07
N PHE D 131 -30.03 -58.89 -25.06
CA PHE D 131 -30.04 -60.30 -25.35
C PHE D 131 -28.69 -60.74 -25.89
N SER D 132 -28.39 -62.03 -25.72
CA SER D 132 -27.10 -62.55 -26.18
C SER D 132 -26.97 -62.48 -27.69
N SER D 133 -28.09 -62.48 -28.41
CA SER D 133 -28.04 -62.40 -29.86
C SER D 133 -27.62 -61.02 -30.34
N SER D 134 -28.04 -59.97 -29.65
CA SER D 134 -27.76 -58.61 -30.09
C SER D 134 -26.27 -58.31 -30.02
N ALA D 135 -25.82 -57.49 -30.96
CA ALA D 135 -24.42 -57.07 -31.01
C ALA D 135 -24.08 -56.00 -29.99
N TYR D 136 -25.07 -55.45 -29.29
CA TYR D 136 -24.84 -54.48 -28.24
C TYR D 136 -24.58 -55.13 -26.89
N HIS D 137 -24.64 -56.45 -26.81
CA HIS D 137 -24.44 -57.14 -25.55
C HIS D 137 -23.07 -56.83 -24.98
N LEU D 138 -23.01 -56.66 -23.65
CA LEU D 138 -21.77 -56.24 -23.02
C LEU D 138 -20.67 -57.28 -23.23
N ASP D 139 -21.00 -58.55 -23.13
CA ASP D 139 -20.02 -59.60 -23.34
C ASP D 139 -19.61 -59.74 -24.81
N ASN D 140 -20.31 -59.08 -25.73
CA ASN D 140 -19.94 -59.15 -27.14
C ASN D 140 -19.03 -58.01 -27.56
N ARG D 141 -19.31 -56.79 -27.10
CA ARG D 141 -18.48 -55.66 -27.51
C ARG D 141 -17.14 -55.64 -26.78
N ARG D 142 -17.13 -56.05 -25.52
CA ARG D 142 -15.91 -56.10 -24.71
C ARG D 142 -15.82 -57.46 -24.03
N PRO D 143 -15.35 -58.48 -24.74
CA PRO D 143 -15.29 -59.82 -24.15
C PRO D 143 -14.34 -59.94 -22.98
N ASP D 144 -13.36 -59.04 -22.85
CA ASP D 144 -12.35 -59.18 -21.81
C ASP D 144 -12.85 -58.80 -20.42
N LEU D 145 -13.96 -58.06 -20.34
CA LEU D 145 -14.44 -57.60 -19.04
C LEU D 145 -14.74 -58.75 -18.09
N ALA D 146 -15.15 -59.90 -18.63
CA ALA D 146 -15.45 -61.04 -17.78
C ALA D 146 -14.21 -61.62 -17.12
N ASP D 147 -13.02 -61.33 -17.65
CA ASP D 147 -11.79 -61.92 -17.14
C ASP D 147 -10.93 -60.94 -16.37
N LEU D 148 -11.46 -59.75 -16.06
CA LEU D 148 -10.68 -58.77 -15.31
C LEU D 148 -10.45 -59.27 -13.89
N THR D 149 -9.21 -59.12 -13.42
CA THR D 149 -8.81 -59.60 -12.11
C THR D 149 -8.87 -58.46 -11.10
N LEU D 150 -9.65 -58.65 -10.04
CA LEU D 150 -9.82 -57.64 -9.00
C LEU D 150 -8.70 -57.76 -7.97
N SER D 151 -7.51 -57.34 -8.39
CA SER D 151 -6.34 -57.35 -7.53
C SER D 151 -5.96 -55.93 -7.15
N GLN D 152 -5.14 -55.82 -6.10
CA GLN D 152 -4.73 -54.51 -5.62
C GLN D 152 -3.91 -53.76 -6.66
N SER D 153 -3.06 -54.49 -7.39
CA SER D 153 -2.25 -53.85 -8.43
C SER D 153 -3.12 -53.20 -9.49
N ASN D 154 -4.18 -53.89 -9.89
CA ASN D 154 -5.10 -53.31 -10.87
C ASN D 154 -5.78 -52.07 -10.32
N MET D 155 -6.11 -52.07 -9.03
CA MET D 155 -6.80 -50.94 -8.44
C MET D 155 -5.89 -49.75 -8.19
N ASP D 156 -4.58 -49.98 -8.09
CA ASP D 156 -3.65 -48.93 -7.69
C ASP D 156 -2.73 -48.45 -8.79
N THR D 157 -2.24 -49.34 -9.66
CA THR D 157 -1.23 -48.94 -10.64
C THR D 157 -1.77 -47.90 -11.60
N GLU D 158 -0.99 -46.86 -11.83
CA GLU D 158 -1.36 -45.81 -12.77
C GLU D 158 -1.01 -46.22 -14.18
N ILE D 159 -1.81 -45.75 -15.14
CA ILE D 159 -1.61 -46.06 -16.55
C ILE D 159 -2.37 -45.03 -17.37
N SER D 160 -1.96 -44.86 -18.62
CA SER D 160 -2.60 -43.90 -19.51
C SER D 160 -3.73 -44.57 -20.28
N THR D 161 -4.83 -43.83 -20.45
CA THR D 161 -5.99 -44.38 -21.14
C THR D 161 -5.67 -44.75 -22.58
N LEU D 162 -4.83 -43.95 -23.24
CA LEU D 162 -4.46 -44.23 -24.62
C LEU D 162 -3.81 -45.60 -24.73
N THR D 163 -3.04 -46.00 -23.73
CA THR D 163 -2.41 -47.32 -23.75
C THR D 163 -3.46 -48.42 -23.78
N LEU D 164 -4.47 -48.32 -22.92
CA LEU D 164 -5.51 -49.34 -22.89
C LEU D 164 -6.30 -49.37 -24.20
N SER D 165 -6.64 -48.19 -24.73
CA SER D 165 -7.39 -48.15 -25.97
C SER D 165 -6.57 -48.75 -27.12
N ASN D 166 -5.29 -48.42 -27.19
CA ASN D 166 -4.44 -48.96 -28.23
C ASN D 166 -4.30 -50.47 -28.11
N GLU D 167 -4.16 -50.98 -26.88
CA GLU D 167 -4.03 -52.42 -26.72
C GLU D 167 -5.31 -53.13 -27.13
N LEU D 168 -6.47 -52.56 -26.83
CA LEU D 168 -7.73 -53.17 -27.23
C LEU D 168 -7.87 -53.19 -28.75
N LEU D 169 -7.60 -52.05 -29.39
CA LEU D 169 -7.71 -51.99 -30.85
C LEU D 169 -6.72 -52.92 -31.52
N LEU D 170 -5.49 -53.00 -30.97
CA LEU D 170 -4.49 -53.89 -31.53
C LEU D 170 -4.92 -55.34 -31.41
N GLU D 171 -5.51 -55.71 -30.27
CA GLU D 171 -6.00 -57.07 -30.11
C GLU D 171 -7.07 -57.37 -31.16
N HIS D 172 -8.00 -56.45 -31.37
CA HIS D 172 -9.05 -56.69 -32.36
C HIS D 172 -8.47 -56.84 -33.76
N ILE D 173 -7.54 -55.95 -34.12
CA ILE D 173 -6.97 -55.99 -35.47
C ILE D 173 -6.19 -57.27 -35.68
N THR D 174 -5.36 -57.67 -34.72
CA THR D 174 -4.59 -58.89 -34.86
C THR D 174 -5.49 -60.12 -34.92
N ARG D 175 -6.59 -60.12 -34.15
CA ARG D 175 -7.54 -61.22 -34.26
C ARG D 175 -8.14 -61.28 -35.65
N LYS D 176 -8.46 -60.11 -36.23
CA LYS D 176 -9.06 -60.10 -37.56
C LYS D 176 -8.08 -60.60 -38.62
N THR D 177 -6.86 -60.05 -38.63
CA THR D 177 -5.91 -60.41 -39.68
C THR D 177 -5.17 -61.70 -39.37
N GLY D 178 -5.18 -62.16 -38.13
CA GLY D 178 -4.51 -63.40 -37.79
C GLY D 178 -3.00 -63.32 -37.76
N GLY D 179 -2.43 -62.12 -37.81
CA GLY D 179 -1.00 -61.94 -37.82
C GLY D 179 -0.46 -61.42 -36.50
N ASP D 180 0.81 -61.07 -36.52
CA ASP D 180 1.49 -60.51 -35.36
C ASP D 180 1.47 -58.99 -35.42
N SER D 181 1.77 -58.36 -34.29
CA SER D 181 1.79 -56.90 -34.23
C SER D 181 2.85 -56.31 -35.16
N ASP D 182 4.04 -56.92 -35.19
CA ASP D 182 5.09 -56.43 -36.08
C ASP D 182 4.68 -56.59 -37.54
N ALA D 183 4.04 -57.71 -37.87
CA ALA D 183 3.53 -57.89 -39.23
C ALA D 183 2.49 -56.83 -39.55
N LEU D 184 1.64 -56.50 -38.58
CA LEU D 184 0.64 -55.45 -38.79
C LEU D 184 1.30 -54.11 -39.07
N MET D 185 2.34 -53.75 -38.31
CA MET D 185 3.03 -52.50 -38.54
C MET D 185 3.68 -52.48 -39.92
N GLU D 186 4.33 -53.59 -40.30
CA GLU D 186 4.95 -53.65 -41.62
C GLU D 186 3.92 -53.51 -42.72
N SER D 187 2.75 -54.13 -42.54
CA SER D 187 1.68 -53.97 -43.52
C SER D 187 1.19 -52.53 -43.59
N LEU D 188 1.04 -51.89 -42.43
CA LEU D 188 0.61 -50.50 -42.39
C LEU D 188 1.64 -49.57 -43.02
N SER D 189 2.91 -50.00 -43.10
CA SER D 189 3.92 -49.16 -43.71
C SER D 189 3.64 -48.88 -45.18
N THR D 190 2.82 -49.71 -45.85
CA THR D 190 2.54 -49.54 -47.26
C THR D 190 1.06 -49.45 -47.57
N TYR D 191 0.21 -49.30 -46.56
CA TYR D 191 -1.22 -49.20 -46.79
C TYR D 191 -1.57 -47.85 -47.39
N ARG D 192 -2.42 -47.85 -48.41
CA ARG D 192 -2.79 -46.63 -49.11
C ARG D 192 -4.27 -46.31 -49.09
N GLN D 193 -5.13 -47.27 -48.77
CA GLN D 193 -6.57 -47.08 -48.87
C GLN D 193 -7.16 -46.46 -47.61
N ALA D 194 -6.59 -45.34 -47.19
CA ALA D 194 -7.08 -44.58 -46.04
C ALA D 194 -6.45 -43.20 -46.08
N ILE D 195 -6.87 -42.34 -45.17
CA ILE D 195 -6.38 -40.97 -45.19
C ILE D 195 -5.18 -40.78 -44.25
N ASP D 196 -5.09 -41.54 -43.18
CA ASP D 196 -3.95 -41.44 -42.27
C ASP D 196 -2.85 -42.44 -42.57
N THR D 197 -2.98 -43.23 -43.63
CA THR D 197 -1.98 -44.17 -44.06
C THR D 197 -1.31 -43.68 -45.34
N PRO D 198 -0.08 -44.11 -45.64
CA PRO D 198 0.77 -45.07 -44.92
C PRO D 198 1.36 -44.50 -43.65
N TYR D 199 1.70 -45.36 -42.70
CA TYR D 199 2.25 -44.95 -41.41
C TYR D 199 3.56 -45.69 -41.18
N HIS D 200 4.67 -45.03 -41.49
CA HIS D 200 5.99 -45.63 -41.31
C HIS D 200 6.48 -45.26 -39.92
N GLN D 201 6.34 -46.20 -38.98
CA GLN D 201 6.67 -45.88 -37.59
C GLN D 201 8.14 -45.54 -37.37
N PRO D 202 9.11 -46.33 -37.83
CA PRO D 202 10.51 -45.91 -37.65
C PRO D 202 10.85 -44.60 -38.32
N TYR D 203 10.27 -44.34 -39.50
CA TYR D 203 10.54 -43.07 -40.17
C TYR D 203 10.05 -41.90 -39.34
N GLU D 204 8.83 -42.01 -38.79
CA GLU D 204 8.31 -40.93 -37.97
C GLU D 204 9.11 -40.77 -36.69
N THR D 205 9.58 -41.88 -36.12
CA THR D 205 10.42 -41.78 -34.93
C THR D 205 11.72 -41.04 -35.24
N ILE D 206 12.34 -41.35 -36.38
CA ILE D 206 13.57 -40.65 -36.77
C ILE D 206 13.30 -39.17 -36.98
N ARG D 207 12.20 -38.84 -37.66
CA ARG D 207 11.88 -37.43 -37.89
C ARG D 207 11.64 -36.70 -36.58
N GLN D 208 10.95 -37.35 -35.64
CA GLN D 208 10.69 -36.71 -34.36
C GLN D 208 11.97 -36.50 -33.57
N VAL D 209 12.89 -37.47 -33.62
CA VAL D 209 14.17 -37.28 -32.93
C VAL D 209 14.93 -36.12 -33.52
N ILE D 210 14.98 -36.04 -34.86
CA ILE D 210 15.70 -34.94 -35.50
C ILE D 210 15.08 -33.61 -35.14
N MET D 211 13.74 -33.53 -35.15
CA MET D 211 13.07 -32.29 -34.81
C MET D 211 13.34 -31.89 -33.36
N THR D 212 13.33 -32.85 -32.45
CA THR D 212 13.59 -32.56 -31.04
C THR D 212 15.01 -32.04 -30.84
N HIS D 213 15.99 -32.70 -31.45
CA HIS D 213 17.37 -32.32 -31.22
C HIS D 213 17.70 -30.97 -31.84
N ASP D 214 17.25 -30.74 -33.07
CA ASP D 214 17.59 -29.51 -33.77
C ASP D 214 16.45 -29.18 -34.73
N SER D 215 15.54 -28.31 -34.28
CA SER D 215 14.49 -27.82 -35.16
C SER D 215 15.05 -26.74 -36.08
N THR D 216 14.28 -26.41 -37.11
CA THR D 216 14.63 -25.39 -38.09
C THR D 216 15.89 -25.74 -38.88
N LEU D 217 16.42 -26.94 -38.65
CA LEU D 217 17.58 -27.47 -39.38
C LEU D 217 18.80 -26.57 -39.28
N SER D 218 18.87 -25.73 -38.24
CA SER D 218 19.94 -24.75 -38.15
C SER D 218 21.31 -25.41 -38.15
N ALA D 219 21.47 -26.49 -37.37
CA ALA D 219 22.74 -27.19 -37.34
C ALA D 219 23.11 -27.72 -38.72
N LEU D 220 22.13 -28.15 -39.51
CA LEU D 220 22.41 -28.59 -40.87
C LEU D 220 22.66 -27.42 -41.81
N SER D 221 22.17 -26.23 -41.48
CA SER D 221 22.32 -25.10 -42.39
C SER D 221 23.73 -24.53 -42.36
N ARG D 222 24.41 -24.59 -41.22
CA ARG D 222 25.72 -23.97 -41.07
C ARG D 222 26.85 -24.87 -41.56
N ASN D 223 26.55 -26.07 -42.03
CA ASN D 223 27.57 -27.02 -42.51
C ASN D 223 27.19 -27.42 -43.93
N PRO D 224 27.48 -26.56 -44.92
CA PRO D 224 27.05 -26.86 -46.29
C PRO D 224 27.69 -28.12 -46.86
N GLU D 225 28.88 -28.50 -46.39
CA GLU D 225 29.57 -29.64 -46.98
C GLU D 225 28.80 -30.93 -46.79
N VAL D 226 28.00 -31.03 -45.73
CA VAL D 226 27.19 -32.22 -45.53
C VAL D 226 25.76 -32.02 -46.01
N MET D 227 25.26 -30.79 -45.99
CA MET D 227 23.89 -30.53 -46.46
C MET D 227 23.79 -30.70 -47.96
N GLY D 228 24.85 -30.34 -48.69
CA GLY D 228 24.82 -30.43 -50.14
C GLY D 228 24.74 -31.84 -50.69
N GLN D 229 24.91 -32.85 -49.84
CA GLN D 229 24.84 -34.24 -50.26
C GLN D 229 23.45 -34.83 -50.14
N ALA D 230 22.46 -34.04 -49.74
CA ALA D 230 21.10 -34.54 -49.51
C ALA D 230 20.16 -34.00 -50.58
N GLU D 231 19.30 -34.87 -51.09
CA GLU D 231 18.32 -34.47 -52.09
C GLU D 231 17.26 -33.57 -51.46
N GLY D 232 16.63 -32.76 -52.31
CA GLY D 232 15.60 -31.86 -51.81
C GLY D 232 14.40 -32.60 -51.23
N ALA D 233 13.99 -33.69 -51.87
CA ALA D 233 12.85 -34.44 -51.37
C ALA D 233 13.14 -35.05 -50.00
N SER D 234 14.38 -35.51 -49.78
CA SER D 234 14.73 -36.04 -48.47
C SER D 234 14.64 -34.96 -47.40
N LEU D 235 15.11 -33.75 -47.73
CA LEU D 235 15.00 -32.65 -46.77
C LEU D 235 13.55 -32.30 -46.50
N LEU D 236 12.70 -32.34 -47.53
CA LEU D 236 11.28 -32.10 -47.31
C LEU D 236 10.70 -33.16 -46.38
N ALA D 237 11.07 -34.43 -46.59
CA ALA D 237 10.58 -35.49 -45.72
C ALA D 237 11.06 -35.29 -44.29
N ILE D 238 12.23 -34.69 -44.12
CA ILE D 238 12.68 -34.34 -42.77
C ILE D 238 11.80 -33.22 -42.20
N LEU D 239 11.49 -32.21 -43.00
CA LEU D 239 10.71 -31.08 -42.50
C LEU D 239 9.23 -31.41 -42.36
N ALA D 240 8.67 -32.18 -43.29
CA ALA D 240 7.25 -32.49 -43.29
C ALA D 240 7.05 -34.00 -43.36
N ASN D 241 5.94 -34.45 -42.79
CA ASN D 241 5.67 -35.88 -42.66
C ASN D 241 5.39 -36.47 -44.02
N ILE D 242 6.40 -37.11 -44.62
CA ILE D 242 6.26 -37.76 -45.92
C ILE D 242 6.93 -39.12 -45.89
N SER D 243 6.12 -40.17 -45.80
CA SER D 243 6.66 -41.52 -45.83
C SER D 243 7.10 -41.89 -47.24
N PRO D 244 7.97 -42.88 -47.38
CA PRO D 244 8.37 -43.30 -48.74
C PRO D 244 7.20 -43.70 -49.62
N GLU D 245 6.21 -44.39 -49.05
CA GLU D 245 5.04 -44.74 -49.83
C GLU D 245 4.22 -43.51 -50.18
N LEU D 246 4.17 -42.51 -49.29
CA LEU D 246 3.53 -41.25 -49.64
C LEU D 246 4.24 -40.58 -50.79
N TYR D 247 5.58 -40.65 -50.81
CA TYR D 247 6.33 -40.12 -51.94
C TYR D 247 5.97 -40.85 -53.22
N ASN D 248 5.86 -42.18 -53.16
CA ASN D 248 5.48 -42.93 -54.35
C ASN D 248 4.09 -42.56 -54.83
N ILE D 249 3.16 -42.36 -53.89
CA ILE D 249 1.81 -41.95 -54.25
C ILE D 249 1.84 -40.59 -54.93
N LEU D 250 2.61 -39.65 -54.38
CA LEU D 250 2.59 -38.28 -54.89
C LEU D 250 3.26 -38.18 -56.26
N THR D 251 4.40 -38.83 -56.44
CA THR D 251 5.20 -38.61 -57.64
C THR D 251 4.89 -39.60 -58.76
N GLU D 252 3.99 -40.55 -58.56
CA GLU D 252 3.66 -41.48 -59.63
C GLU D 252 2.92 -40.75 -60.75
N GLU D 253 3.24 -41.11 -61.98
CA GLU D 253 2.60 -40.50 -63.14
C GLU D 253 1.21 -41.08 -63.35
N ILE D 254 0.36 -40.30 -64.00
CA ILE D 254 -1.00 -40.70 -64.32
C ILE D 254 -1.18 -40.60 -65.82
N THR D 255 -1.53 -41.73 -66.45
CA THR D 255 -1.80 -41.77 -67.88
C THR D 255 -3.21 -42.32 -68.10
N GLU D 256 -3.66 -42.21 -69.35
CA GLU D 256 -5.00 -42.68 -69.68
C GLU D 256 -5.10 -44.20 -69.58
N LYS D 257 -4.04 -44.90 -69.96
CA LYS D 257 -4.13 -46.36 -70.05
C LYS D 257 -4.11 -47.03 -68.67
N ASN D 258 -3.41 -46.43 -67.71
CA ASN D 258 -3.25 -47.03 -66.40
C ASN D 258 -4.09 -46.35 -65.33
N ALA D 259 -5.06 -45.53 -65.73
CA ALA D 259 -5.87 -44.82 -64.75
C ALA D 259 -6.69 -45.77 -63.90
N ASP D 260 -7.30 -46.78 -64.53
CA ASP D 260 -8.16 -47.69 -63.79
C ASP D 260 -7.37 -48.51 -62.77
N ALA D 261 -6.21 -49.03 -63.18
CA ALA D 261 -5.39 -49.81 -62.25
C ALA D 261 -4.93 -48.95 -61.08
N LEU D 262 -4.49 -47.72 -61.37
CA LEU D 262 -4.06 -46.83 -60.30
C LEU D 262 -5.20 -46.51 -59.34
N PHE D 263 -6.40 -46.28 -59.88
CA PHE D 263 -7.54 -46.00 -59.01
C PHE D 263 -7.88 -47.20 -58.15
N ALA D 264 -7.84 -48.41 -58.73
CA ALA D 264 -8.11 -49.61 -57.96
C ALA D 264 -7.08 -49.79 -56.86
N GLN D 265 -5.81 -49.49 -57.14
CA GLN D 265 -4.77 -49.64 -56.14
C GLN D 265 -4.89 -48.58 -55.04
N ASN D 266 -5.32 -47.37 -55.39
CA ASN D 266 -5.31 -46.25 -54.46
C ASN D 266 -6.58 -46.14 -53.64
N PHE D 267 -7.61 -46.92 -53.93
CA PHE D 267 -8.88 -46.82 -53.21
C PHE D 267 -9.43 -48.20 -52.94
N SER D 268 -10.38 -48.27 -52.01
CA SER D 268 -10.99 -49.53 -51.65
C SER D 268 -11.84 -50.06 -52.81
N GLU D 269 -12.14 -51.36 -52.75
CA GLU D 269 -12.90 -51.99 -53.82
C GLU D 269 -14.35 -51.52 -53.85
N ASN D 270 -14.85 -50.94 -52.77
CA ASN D 270 -16.24 -50.50 -52.69
C ASN D 270 -16.40 -49.01 -52.97
N ILE D 271 -15.37 -48.36 -53.50
CA ILE D 271 -15.42 -46.95 -53.84
C ILE D 271 -15.23 -46.81 -55.33
N THR D 272 -16.18 -46.19 -55.99
CA THR D 272 -16.24 -45.96 -57.43
C THR D 272 -15.91 -44.51 -57.74
N PRO D 273 -15.38 -44.22 -58.94
CA PRO D 273 -15.08 -42.82 -59.28
C PRO D 273 -16.29 -41.90 -59.18
N GLU D 274 -17.50 -42.40 -59.47
CA GLU D 274 -18.68 -41.57 -59.37
C GLU D 274 -18.90 -41.05 -57.96
N ASN D 275 -18.34 -41.71 -56.95
CA ASN D 275 -18.44 -41.22 -55.58
C ASN D 275 -17.84 -39.83 -55.43
N PHE D 276 -16.92 -39.44 -56.33
CA PHE D 276 -16.34 -38.12 -56.25
C PHE D 276 -17.30 -37.03 -56.72
N ALA D 277 -18.47 -37.40 -57.25
CA ALA D 277 -19.42 -36.40 -57.69
C ALA D 277 -20.11 -35.68 -56.55
N SER D 278 -19.95 -36.13 -55.31
CA SER D 278 -20.58 -35.52 -54.15
C SER D 278 -19.52 -34.88 -53.27
N GLN D 279 -19.69 -33.59 -52.98
CA GLN D 279 -18.74 -32.90 -52.12
C GLN D 279 -18.85 -33.36 -50.66
N SER D 280 -20.05 -33.70 -50.21
CA SER D 280 -20.21 -34.18 -48.85
C SER D 280 -19.45 -35.48 -48.62
N TRP D 281 -19.47 -36.38 -49.59
CA TRP D 281 -18.72 -37.62 -49.46
C TRP D 281 -17.23 -37.35 -49.36
N ILE D 282 -16.72 -36.42 -50.17
CA ILE D 282 -15.30 -36.07 -50.10
C ILE D 282 -14.96 -35.50 -48.75
N ALA D 283 -15.81 -34.61 -48.24
CA ALA D 283 -15.56 -34.02 -46.93
C ALA D 283 -15.53 -35.08 -45.83
N LYS D 284 -16.45 -36.03 -45.89
CA LYS D 284 -16.45 -37.10 -44.89
C LYS D 284 -15.21 -37.99 -45.02
N TYR D 285 -14.84 -38.34 -46.26
CA TYR D 285 -13.74 -39.28 -46.46
C TYR D 285 -12.41 -38.67 -46.06
N TYR D 286 -12.16 -37.42 -46.44
CA TYR D 286 -10.88 -36.79 -46.18
C TYR D 286 -10.84 -36.04 -44.85
N GLY D 287 -11.93 -36.05 -44.08
CA GLY D 287 -11.96 -35.38 -42.80
C GLY D 287 -11.80 -33.87 -42.89
N LEU D 288 -12.55 -33.25 -43.80
CA LEU D 288 -12.52 -31.81 -43.97
C LEU D 288 -13.92 -31.24 -43.83
N GLU D 289 -13.99 -29.96 -43.48
CA GLU D 289 -15.25 -29.26 -43.45
C GLU D 289 -15.69 -28.91 -44.87
N LEU D 290 -16.94 -28.44 -44.99
CA LEU D 290 -17.47 -28.08 -46.30
C LEU D 290 -16.69 -26.93 -46.92
N SER D 291 -16.37 -25.91 -46.11
CA SER D 291 -15.62 -24.77 -46.63
C SER D 291 -14.24 -25.19 -47.10
N GLU D 292 -13.58 -26.06 -46.33
CA GLU D 292 -12.25 -26.51 -46.72
C GLU D 292 -12.31 -27.27 -48.05
N VAL D 293 -13.33 -28.09 -48.24
CA VAL D 293 -13.47 -28.80 -49.51
C VAL D 293 -13.73 -27.81 -50.64
N GLN D 294 -14.62 -26.84 -50.41
CA GLN D 294 -14.90 -25.83 -51.42
C GLN D 294 -13.67 -25.02 -51.78
N LYS D 295 -12.71 -24.90 -50.87
CA LYS D 295 -11.44 -24.27 -51.23
C LYS D 295 -10.76 -25.00 -52.38
N TYR D 296 -10.96 -26.32 -52.48
CA TYR D 296 -10.36 -27.11 -53.55
C TYR D 296 -11.23 -27.17 -54.79
N LEU D 297 -12.48 -27.59 -54.64
CA LEU D 297 -13.36 -27.85 -55.77
C LEU D 297 -14.25 -26.68 -56.13
N GLY D 298 -14.55 -25.80 -55.18
CA GLY D 298 -15.47 -24.72 -55.45
C GLY D 298 -16.92 -25.13 -55.32
N MET D 299 -17.76 -24.70 -56.25
CA MET D 299 -19.18 -24.99 -56.22
C MET D 299 -19.52 -25.92 -57.37
N LEU D 300 -20.21 -27.02 -57.06
CA LEU D 300 -20.58 -28.00 -58.06
C LEU D 300 -21.84 -27.53 -58.78
N GLN D 301 -21.79 -27.50 -60.11
CA GLN D 301 -22.90 -27.01 -60.92
C GLN D 301 -23.78 -28.18 -61.32
N ASN D 302 -25.07 -28.12 -60.97
CA ASN D 302 -26.00 -29.17 -61.33
C ASN D 302 -27.36 -28.62 -61.75
N GLY D 303 -27.40 -27.38 -62.22
CA GLY D 303 -28.66 -26.79 -62.64
C GLY D 303 -29.46 -26.16 -61.51
N TYR D 304 -28.84 -25.22 -60.81
CA TYR D 304 -29.48 -24.53 -59.69
C TYR D 304 -30.38 -23.42 -60.22
N SER D 305 -30.79 -22.51 -59.35
CA SER D 305 -31.65 -21.41 -59.72
C SER D 305 -30.96 -20.51 -60.76
N ASP D 306 -31.72 -19.54 -61.26
CA ASP D 306 -31.30 -18.80 -62.45
C ASP D 306 -30.00 -18.03 -62.23
N SER D 307 -29.88 -17.31 -61.12
CA SER D 307 -28.63 -16.59 -60.92
C SER D 307 -27.65 -17.34 -60.04
N THR D 308 -27.94 -17.40 -58.74
CA THR D 308 -27.31 -18.32 -57.80
C THR D 308 -25.79 -18.14 -57.72
N SER D 309 -25.23 -17.28 -58.59
CA SER D 309 -23.79 -17.21 -58.81
C SER D 309 -23.25 -18.58 -59.24
N ALA D 310 -21.96 -18.65 -59.59
CA ALA D 310 -21.38 -19.96 -59.89
C ALA D 310 -19.94 -20.10 -59.41
N TYR D 311 -19.46 -19.21 -58.55
CA TYR D 311 -18.04 -19.18 -58.21
C TYR D 311 -17.88 -18.89 -56.72
N VAL D 312 -17.13 -19.74 -56.02
CA VAL D 312 -16.86 -19.53 -54.61
C VAL D 312 -15.37 -19.68 -54.23
N ASP D 313 -14.43 -19.31 -55.10
CA ASP D 313 -14.35 -18.54 -56.34
C ASP D 313 -14.03 -19.42 -57.54
N ASN D 314 -14.33 -20.71 -57.42
CA ASN D 314 -14.08 -21.67 -58.49
C ASN D 314 -15.40 -22.35 -58.85
N ILE D 315 -15.44 -22.92 -60.05
CA ILE D 315 -16.56 -23.74 -60.47
C ILE D 315 -16.01 -25.06 -60.97
N SER D 316 -16.70 -26.15 -60.65
CA SER D 316 -16.23 -27.46 -61.07
C SER D 316 -17.36 -28.46 -61.10
N THR D 317 -17.50 -29.19 -62.21
CA THR D 317 -18.54 -30.21 -62.27
C THR D 317 -18.25 -31.17 -63.43
N GLY D 318 -19.03 -32.23 -63.47
CA GLY D 318 -18.86 -33.29 -64.46
C GLY D 318 -19.99 -33.27 -65.46
N LEU D 319 -19.66 -33.61 -66.71
CA LEU D 319 -20.62 -33.71 -67.79
C LEU D 319 -20.23 -34.86 -68.70
N VAL D 320 -21.22 -35.38 -69.43
CA VAL D 320 -21.00 -36.49 -70.34
C VAL D 320 -20.41 -35.95 -71.63
N VAL D 321 -19.27 -36.50 -72.05
CA VAL D 321 -18.65 -36.06 -73.29
C VAL D 321 -19.54 -36.43 -74.47
N ASN D 322 -19.48 -35.62 -75.52
CA ASN D 322 -20.24 -35.90 -76.73
C ASN D 322 -19.59 -37.00 -77.57
N ASN D 323 -18.30 -37.26 -77.37
CA ASN D 323 -17.61 -38.26 -78.17
C ASN D 323 -18.14 -39.67 -77.88
N GLU D 324 -18.32 -39.99 -76.61
CA GLU D 324 -18.78 -41.32 -76.21
C GLU D 324 -19.53 -41.18 -74.89
N SER D 325 -19.72 -42.30 -74.19
CA SER D 325 -20.55 -42.33 -72.98
C SER D 325 -19.72 -42.27 -71.71
N LYS D 326 -18.59 -41.56 -71.72
CA LYS D 326 -17.76 -41.38 -70.55
C LYS D 326 -17.96 -39.97 -70.00
N LEU D 327 -17.89 -39.86 -68.67
CA LEU D 327 -18.10 -38.57 -67.99
C LEU D 327 -16.75 -37.94 -67.71
N GLU D 328 -16.60 -36.67 -68.08
CA GLU D 328 -15.43 -35.89 -67.75
C GLU D 328 -15.79 -34.86 -66.70
N ALA D 329 -14.77 -34.34 -66.02
CA ALA D 329 -14.93 -33.34 -64.99
C ALA D 329 -14.06 -32.14 -65.35
N TYR D 330 -14.62 -30.94 -65.23
CA TYR D 330 -13.91 -29.72 -65.57
C TYR D 330 -13.97 -28.76 -64.40
N LYS D 331 -12.92 -27.93 -64.31
CA LYS D 331 -12.78 -26.94 -63.25
C LYS D 331 -12.27 -25.64 -63.87
N ILE D 332 -12.94 -24.54 -63.52
CA ILE D 332 -12.61 -23.20 -64.01
C ILE D 332 -12.39 -22.30 -62.80
N THR D 333 -11.31 -21.53 -62.84
CA THR D 333 -11.00 -20.58 -61.79
C THR D 333 -10.90 -19.17 -62.37
N ARG D 334 -11.35 -18.20 -61.58
CA ARG D 334 -11.49 -16.82 -62.04
C ARG D 334 -10.74 -15.88 -61.12
N VAL D 335 -10.07 -14.89 -61.70
CA VAL D 335 -9.38 -13.84 -60.97
C VAL D 335 -10.00 -12.51 -61.40
N LYS D 336 -10.61 -11.81 -60.45
CA LYS D 336 -11.24 -10.52 -60.75
C LYS D 336 -10.19 -9.49 -61.11
N THR D 337 -10.59 -8.52 -61.94
CA THR D 337 -9.64 -7.50 -62.37
C THR D 337 -10.39 -6.28 -62.91
N ASP D 338 -9.66 -5.15 -62.91
CA ASP D 338 -10.09 -3.85 -63.41
C ASP D 338 -11.49 -3.47 -62.89
N ASP D 339 -11.54 -3.28 -61.58
CA ASP D 339 -12.70 -2.71 -60.89
C ASP D 339 -13.94 -3.60 -61.05
N TYR D 340 -13.78 -4.85 -60.61
CA TYR D 340 -14.90 -5.79 -60.62
C TYR D 340 -15.90 -5.49 -59.52
N ASP D 341 -15.44 -4.94 -58.39
CA ASP D 341 -16.32 -4.71 -57.26
C ASP D 341 -17.41 -3.70 -57.61
N LYS D 342 -17.02 -2.56 -58.17
CA LYS D 342 -18.00 -1.63 -58.70
C LYS D 342 -18.61 -2.22 -59.95
N ASN D 343 -19.94 -2.14 -60.07
CA ASN D 343 -20.71 -2.81 -61.12
C ASN D 343 -20.53 -4.32 -61.06
N ILE D 344 -21.36 -5.05 -61.81
CA ILE D 344 -21.27 -6.49 -61.93
C ILE D 344 -21.51 -7.18 -60.59
N ASN D 345 -22.75 -7.60 -60.34
CA ASN D 345 -23.03 -8.42 -59.16
C ASN D 345 -22.25 -9.73 -59.22
N TYR D 346 -22.26 -10.38 -60.39
CA TYR D 346 -21.47 -11.57 -60.61
C TYR D 346 -21.16 -11.67 -62.09
N PHE D 347 -20.14 -12.46 -62.42
CA PHE D 347 -19.65 -12.59 -63.79
C PHE D 347 -19.11 -14.00 -63.95
N ASP D 348 -19.92 -14.89 -64.50
CA ASP D 348 -19.61 -16.31 -64.55
C ASP D 348 -19.39 -16.75 -65.98
N LEU D 349 -18.38 -17.60 -66.17
CA LEU D 349 -18.11 -18.25 -67.44
C LEU D 349 -18.55 -19.70 -67.34
N MET D 350 -19.44 -20.12 -68.24
CA MET D 350 -20.05 -21.43 -68.17
C MET D 350 -19.64 -22.28 -69.36
N TYR D 351 -19.47 -23.58 -69.12
CA TYR D 351 -18.98 -24.54 -70.10
C TYR D 351 -20.06 -25.57 -70.40
N GLU D 352 -20.04 -26.10 -71.62
CA GLU D 352 -21.07 -27.05 -72.02
C GLU D 352 -20.56 -28.25 -72.80
N GLY D 353 -19.25 -28.39 -73.01
CA GLY D 353 -18.72 -29.59 -73.64
C GLY D 353 -17.78 -29.33 -74.79
N ASN D 354 -18.08 -28.31 -75.59
CA ASN D 354 -17.18 -27.88 -76.65
C ASN D 354 -17.17 -26.37 -76.83
N ASN D 355 -17.93 -25.63 -76.05
CA ASN D 355 -18.08 -24.20 -76.23
C ASN D 355 -18.52 -23.59 -74.90
N GLN D 356 -18.32 -22.29 -74.78
CA GLN D 356 -18.57 -21.59 -73.52
C GLN D 356 -19.49 -20.39 -73.76
N PHE D 357 -20.21 -20.01 -72.70
CA PHE D 357 -21.03 -18.80 -72.73
C PHE D 357 -20.86 -18.07 -71.42
N PHE D 358 -21.60 -16.98 -71.25
CA PHE D 358 -21.42 -16.08 -70.13
C PHE D 358 -22.74 -15.82 -69.41
N ILE D 359 -22.64 -15.55 -68.11
CA ILE D 359 -23.78 -15.16 -67.29
C ILE D 359 -23.37 -13.95 -66.48
N ARG D 360 -24.24 -12.95 -66.40
CA ARG D 360 -23.85 -11.68 -65.81
C ARG D 360 -25.04 -10.93 -65.25
N ALA D 361 -24.83 -10.30 -64.10
CA ALA D 361 -25.77 -9.37 -63.49
C ALA D 361 -25.10 -8.01 -63.37
N ASN D 362 -25.86 -7.02 -62.90
CA ASN D 362 -25.40 -5.65 -62.91
C ASN D 362 -25.75 -4.93 -61.62
N PHE D 363 -25.01 -3.85 -61.36
CA PHE D 363 -25.27 -2.96 -60.24
C PHE D 363 -26.16 -1.79 -60.65
N LYS D 364 -25.80 -1.10 -61.74
CA LYS D 364 -26.48 0.10 -62.19
C LYS D 364 -27.15 -0.18 -63.53
N VAL D 365 -28.37 0.33 -63.68
CA VAL D 365 -29.15 0.10 -64.89
C VAL D 365 -28.64 1.02 -65.99
N SER D 366 -28.51 0.48 -67.20
CA SER D 366 -28.19 1.25 -68.39
C SER D 366 -29.06 0.75 -69.54
N ARG D 367 -29.26 1.61 -70.53
CA ARG D 367 -30.19 1.32 -71.61
C ARG D 367 -29.52 0.56 -72.77
N GLU D 368 -28.24 0.79 -73.01
CA GLU D 368 -27.54 0.25 -74.17
C GLU D 368 -27.13 -1.20 -73.95
N PHE D 369 -26.43 -1.74 -74.94
CA PHE D 369 -26.00 -3.13 -74.94
C PHE D 369 -24.59 -3.23 -74.34
N GLY D 370 -23.97 -4.40 -74.48
CA GLY D 370 -22.60 -4.57 -74.03
C GLY D 370 -21.84 -5.46 -74.98
N ALA D 371 -20.52 -5.27 -75.03
CA ALA D 371 -19.65 -6.07 -75.89
C ALA D 371 -18.56 -6.69 -75.03
N THR D 372 -18.47 -8.01 -75.06
CA THR D 372 -17.42 -8.73 -74.35
C THR D 372 -16.23 -8.88 -75.29
N LEU D 373 -15.14 -8.17 -74.98
CA LEU D 373 -13.92 -8.20 -75.75
C LEU D 373 -12.89 -9.08 -75.05
N ARG D 374 -11.75 -9.29 -75.70
CA ARG D 374 -10.67 -10.10 -75.14
C ARG D 374 -9.41 -9.31 -74.89
N LYS D 375 -8.91 -8.58 -75.89
CA LYS D 375 -7.71 -7.78 -75.73
C LYS D 375 -8.10 -6.31 -75.53
N ASN D 376 -7.08 -5.45 -75.46
CA ASN D 376 -7.29 -4.02 -75.19
C ASN D 376 -7.85 -3.34 -76.44
N ALA D 377 -9.14 -3.60 -76.68
CA ALA D 377 -9.89 -2.98 -77.76
C ALA D 377 -9.20 -3.19 -79.11
N GLY D 378 -8.66 -4.38 -79.31
CA GLY D 378 -8.03 -4.71 -80.56
C GLY D 378 -9.06 -4.85 -81.67
N PRO D 379 -8.60 -4.76 -82.92
CA PRO D 379 -9.55 -4.93 -84.04
C PRO D 379 -10.22 -6.28 -84.06
N SER D 380 -9.55 -7.32 -83.56
CA SER D 380 -10.11 -8.67 -83.54
C SER D 380 -10.40 -9.15 -82.12
N GLY D 381 -10.48 -8.23 -81.16
CA GLY D 381 -10.74 -8.60 -79.79
C GLY D 381 -12.18 -8.94 -79.47
N ILE D 382 -13.10 -8.69 -80.41
CA ILE D 382 -14.51 -8.97 -80.18
C ILE D 382 -14.70 -10.47 -80.04
N VAL D 383 -15.18 -10.91 -78.88
CA VAL D 383 -15.48 -12.33 -78.66
C VAL D 383 -16.92 -12.59 -78.32
N GLY D 384 -17.72 -11.56 -78.02
CA GLY D 384 -19.14 -11.78 -77.85
C GLY D 384 -19.86 -10.48 -77.60
N SER D 385 -21.20 -10.57 -77.56
CA SER D 385 -22.03 -9.40 -77.33
C SER D 385 -23.23 -9.79 -76.48
N LEU D 386 -23.50 -8.96 -75.47
CA LEU D 386 -24.69 -9.09 -74.64
C LEU D 386 -25.72 -8.07 -75.11
N SER D 387 -26.88 -8.56 -75.54
CA SER D 387 -27.93 -7.69 -76.05
C SER D 387 -28.68 -7.02 -74.90
N GLY D 388 -28.98 -5.75 -75.07
CA GLY D 388 -29.67 -4.98 -74.06
C GLY D 388 -31.16 -5.19 -74.09
N PRO D 389 -31.87 -4.43 -73.25
CA PRO D 389 -31.36 -3.44 -72.30
C PRO D 389 -30.81 -4.10 -71.04
N LEU D 390 -29.83 -3.48 -70.38
CA LEU D 390 -29.15 -4.07 -69.24
C LEU D 390 -29.73 -3.47 -67.96
N ILE D 391 -30.74 -4.11 -67.42
CA ILE D 391 -31.34 -3.71 -66.15
C ILE D 391 -30.61 -4.43 -65.03
N ALA D 392 -30.45 -3.73 -63.91
CA ALA D 392 -29.68 -4.28 -62.79
C ALA D 392 -30.39 -5.48 -62.16
N ASN D 393 -29.59 -6.37 -61.58
CA ASN D 393 -30.09 -7.55 -60.89
C ASN D 393 -30.94 -8.42 -61.82
N THR D 394 -30.37 -8.78 -62.97
CA THR D 394 -31.06 -9.62 -63.93
C THR D 394 -30.03 -10.49 -64.65
N ASN D 395 -30.40 -11.74 -64.91
CA ASN D 395 -29.52 -12.67 -65.59
C ASN D 395 -29.44 -12.36 -67.08
N PHE D 396 -28.30 -12.70 -67.68
CA PHE D 396 -28.08 -12.48 -69.11
C PHE D 396 -27.12 -13.54 -69.64
N LYS D 397 -27.30 -13.92 -70.90
CA LYS D 397 -26.44 -14.90 -71.56
C LYS D 397 -25.79 -14.25 -72.77
N SER D 398 -24.59 -14.74 -73.12
CA SER D 398 -23.80 -14.11 -74.18
C SER D 398 -23.35 -15.14 -75.22
N ASN D 399 -24.25 -15.47 -76.14
CA ASN D 399 -23.98 -15.87 -77.52
C ASN D 399 -22.70 -16.66 -77.79
N TYR D 400 -22.41 -17.68 -76.98
CA TYR D 400 -21.45 -18.73 -77.34
C TYR D 400 -20.15 -18.18 -77.93
N LEU D 401 -19.37 -17.52 -77.06
CA LEU D 401 -18.12 -16.91 -77.48
C LEU D 401 -17.31 -17.84 -78.37
N SER D 402 -16.72 -17.28 -79.42
CA SER D 402 -16.06 -18.10 -80.43
C SER D 402 -14.63 -17.67 -80.75
N ASN D 403 -14.36 -16.37 -80.79
CA ASN D 403 -13.06 -15.88 -81.25
C ASN D 403 -12.01 -16.08 -80.15
N ILE D 404 -11.70 -17.35 -79.91
CA ILE D 404 -10.67 -17.71 -78.93
C ILE D 404 -10.26 -19.15 -79.20
N SER D 405 -9.03 -19.47 -78.85
CA SER D 405 -8.45 -20.79 -79.13
C SER D 405 -8.38 -21.62 -77.86
N ASP D 406 -8.15 -22.92 -78.05
CA ASP D 406 -8.06 -23.83 -76.92
C ASP D 406 -6.77 -23.61 -76.12
N SER D 407 -5.68 -23.28 -76.80
CA SER D 407 -4.41 -23.07 -76.10
C SER D 407 -4.51 -21.89 -75.14
N GLU D 408 -5.16 -20.80 -75.56
CA GLU D 408 -5.31 -19.65 -74.69
C GLU D 408 -6.40 -19.81 -73.65
N TYR D 409 -7.22 -20.86 -73.75
CA TYR D 409 -8.20 -21.11 -72.69
C TYR D 409 -7.52 -21.41 -71.37
N LYS D 410 -6.28 -21.90 -71.39
CA LYS D 410 -5.48 -22.01 -70.20
C LYS D 410 -4.80 -20.67 -69.95
N ASN D 411 -4.94 -20.17 -68.73
CA ASN D 411 -4.40 -18.87 -68.30
C ASN D 411 -4.61 -17.79 -69.35
N GLY D 412 -5.88 -17.55 -69.66
CA GLY D 412 -6.22 -16.55 -70.65
C GLY D 412 -7.46 -15.74 -70.31
N VAL D 413 -7.34 -14.41 -70.40
CA VAL D 413 -8.46 -13.53 -70.09
C VAL D 413 -9.59 -13.80 -71.08
N LYS D 414 -10.83 -13.58 -70.62
CA LYS D 414 -12.00 -13.86 -71.44
C LYS D 414 -13.00 -12.71 -71.46
N ILE D 415 -12.61 -11.53 -70.99
CA ILE D 415 -13.57 -10.42 -70.94
C ILE D 415 -12.84 -9.09 -70.91
N TYR D 416 -13.32 -8.16 -71.73
CA TYR D 416 -13.03 -6.73 -71.63
C TYR D 416 -14.39 -6.05 -71.79
N ALA D 417 -15.11 -5.89 -70.68
CA ALA D 417 -16.53 -5.54 -70.74
C ALA D 417 -16.76 -4.11 -71.22
N TYR D 418 -16.85 -3.94 -72.54
CA TYR D 418 -17.12 -2.64 -73.14
C TYR D 418 -18.61 -2.39 -73.03
N ARG D 419 -19.02 -1.64 -72.01
CA ARG D 419 -20.43 -1.32 -71.79
C ARG D 419 -20.69 0.12 -72.21
N TYR D 420 -21.76 0.32 -72.97
CA TYR D 420 -22.09 1.63 -73.53
C TYR D 420 -22.95 2.39 -72.53
N THR D 421 -22.37 3.40 -71.89
CA THR D 421 -23.17 4.31 -71.08
C THR D 421 -24.08 5.16 -71.96
N SER D 422 -23.54 5.68 -73.06
CA SER D 422 -24.30 6.43 -74.05
C SER D 422 -24.31 5.65 -75.36
N SER D 423 -24.93 6.24 -76.39
CA SER D 423 -25.00 5.57 -77.67
C SER D 423 -23.63 5.42 -78.32
N THR D 424 -22.68 6.29 -77.97
CA THR D 424 -21.34 6.23 -78.53
C THR D 424 -20.23 6.18 -77.49
N SER D 425 -20.55 6.37 -76.21
CA SER D 425 -19.55 6.32 -75.15
C SER D 425 -19.65 5.01 -74.40
N ALA D 426 -18.53 4.31 -74.27
CA ALA D 426 -18.48 3.03 -73.58
C ALA D 426 -17.22 2.97 -72.73
N THR D 427 -17.24 2.08 -71.75
CA THR D 427 -16.13 1.95 -70.82
C THR D 427 -16.00 0.51 -70.36
N ASN D 428 -14.86 0.21 -69.74
CA ASN D 428 -14.58 -1.09 -69.18
C ASN D 428 -15.11 -1.15 -67.75
N GLN D 429 -16.12 -1.97 -67.51
CA GLN D 429 -16.82 -2.01 -66.23
C GLN D 429 -16.35 -3.14 -65.33
N GLY D 430 -15.30 -3.86 -65.71
CA GLY D 430 -14.81 -4.94 -64.88
C GLY D 430 -14.61 -6.23 -65.65
N GLY D 431 -13.72 -7.09 -65.18
CA GLY D 431 -13.49 -8.33 -65.90
C GLY D 431 -12.81 -9.35 -65.03
N GLY D 432 -12.38 -10.43 -65.66
CA GLY D 432 -11.71 -11.50 -64.95
C GLY D 432 -10.88 -12.34 -65.88
N ILE D 433 -9.81 -12.91 -65.34
CA ILE D 433 -8.98 -13.88 -66.05
C ILE D 433 -9.43 -15.27 -65.66
N PHE D 434 -9.70 -16.10 -66.67
CA PHE D 434 -10.28 -17.41 -66.47
C PHE D 434 -9.30 -18.51 -66.91
N THR D 435 -9.17 -19.54 -66.08
CA THR D 435 -8.36 -20.71 -66.39
C THR D 435 -9.23 -21.95 -66.32
N PHE D 436 -9.11 -22.81 -67.33
CA PHE D 436 -10.00 -23.95 -67.50
C PHE D 436 -9.20 -25.23 -67.64
N GLU D 437 -9.61 -26.27 -66.91
CA GLU D 437 -9.01 -27.59 -67.03
C GLU D 437 -10.12 -28.63 -67.14
N SER D 438 -9.83 -29.71 -67.86
CA SER D 438 -10.80 -30.80 -68.03
C SER D 438 -10.07 -32.12 -68.08
N TYR D 439 -10.58 -33.12 -67.36
CA TYR D 439 -9.94 -34.43 -67.30
C TYR D 439 -11.03 -35.48 -67.20
N PRO D 440 -10.75 -36.71 -67.64
CA PRO D 440 -11.65 -37.82 -67.33
C PRO D 440 -11.75 -38.02 -65.82
N LEU D 441 -12.87 -38.60 -65.40
CA LEU D 441 -13.23 -38.57 -63.98
C LEU D 441 -12.17 -39.24 -63.11
N THR D 442 -11.66 -40.39 -63.53
CA THR D 442 -10.69 -41.11 -62.71
C THR D 442 -9.40 -40.30 -62.53
N ILE D 443 -8.91 -39.71 -63.61
CA ILE D 443 -7.69 -38.90 -63.51
C ILE D 443 -7.93 -37.69 -62.63
N PHE D 444 -9.11 -37.08 -62.74
CA PHE D 444 -9.45 -35.95 -61.88
C PHE D 444 -9.43 -36.37 -60.42
N ALA D 445 -10.01 -37.54 -60.11
CA ALA D 445 -10.02 -38.02 -58.74
C ALA D 445 -8.61 -38.26 -58.23
N LEU D 446 -7.75 -38.86 -59.06
CA LEU D 446 -6.38 -39.13 -58.63
C LEU D 446 -5.63 -37.84 -58.35
N LYS D 447 -5.76 -36.85 -59.25
CA LYS D 447 -5.07 -35.59 -59.04
C LYS D 447 -5.59 -34.87 -57.80
N LEU D 448 -6.90 -34.91 -57.57
CA LEU D 448 -7.47 -34.32 -56.37
C LEU D 448 -6.93 -35.01 -55.12
N ASN D 449 -6.81 -36.34 -55.16
CA ASN D 449 -6.26 -37.07 -54.04
C ASN D 449 -4.83 -36.63 -53.75
N LYS D 450 -4.00 -36.54 -54.79
CA LYS D 450 -2.63 -36.10 -54.61
C LYS D 450 -2.58 -34.71 -53.97
N ALA D 451 -3.36 -33.78 -54.51
CA ALA D 451 -3.33 -32.41 -54.02
C ALA D 451 -3.78 -32.33 -52.56
N ILE D 452 -4.85 -33.04 -52.21
CA ILE D 452 -5.35 -32.99 -50.84
C ILE D 452 -4.35 -33.59 -49.88
N ARG D 453 -3.74 -34.72 -50.24
CA ARG D 453 -2.75 -35.32 -49.36
C ARG D 453 -1.56 -34.39 -49.15
N LEU D 454 -1.06 -33.79 -50.23
CA LEU D 454 0.09 -32.89 -50.10
C LEU D 454 -0.25 -31.68 -49.24
N CYS D 455 -1.42 -31.08 -49.46
CA CYS D 455 -1.80 -29.91 -48.69
C CYS D 455 -2.01 -30.24 -47.23
N LEU D 456 -2.60 -31.40 -46.94
CA LEU D 456 -2.80 -31.80 -45.55
C LEU D 456 -1.47 -32.04 -44.85
N THR D 457 -0.53 -32.71 -45.52
CA THR D 457 0.73 -33.04 -44.86
C THR D 457 1.73 -31.90 -44.84
N SER D 458 1.53 -30.85 -45.63
CA SER D 458 2.49 -29.75 -45.67
C SER D 458 2.01 -28.49 -44.97
N GLY D 459 0.71 -28.24 -44.92
CA GLY D 459 0.18 -27.02 -44.34
C GLY D 459 -0.02 -25.90 -45.33
N LEU D 460 0.36 -26.08 -46.59
CA LEU D 460 0.16 -25.04 -47.60
C LEU D 460 -1.32 -24.91 -47.93
N SER D 461 -1.71 -23.69 -48.32
CA SER D 461 -3.05 -23.47 -48.84
C SER D 461 -3.17 -24.10 -50.22
N PRO D 462 -4.39 -24.50 -50.62
CA PRO D 462 -4.54 -25.11 -51.95
C PRO D 462 -4.09 -24.21 -53.08
N ASN D 463 -4.34 -22.91 -53.00
CA ASN D 463 -3.90 -22.00 -54.05
C ASN D 463 -2.39 -21.86 -54.07
N GLU D 464 -1.75 -21.92 -52.90
CA GLU D 464 -0.29 -21.86 -52.87
C GLU D 464 0.32 -23.05 -53.60
N LEU D 465 -0.19 -24.25 -53.35
CA LEU D 465 0.28 -25.40 -54.10
C LEU D 465 -0.05 -25.27 -55.58
N GLN D 466 -1.22 -24.72 -55.90
CA GLN D 466 -1.60 -24.56 -57.29
C GLN D 466 -0.63 -23.66 -58.04
N THR D 467 -0.25 -22.53 -57.43
CA THR D 467 0.69 -21.64 -58.08
C THR D 467 2.12 -22.15 -58.01
N ILE D 468 2.45 -23.00 -57.05
CA ILE D 468 3.76 -23.64 -57.05
C ILE D 468 3.89 -24.58 -58.24
N VAL D 469 2.87 -25.42 -58.45
CA VAL D 469 2.95 -26.38 -59.55
C VAL D 469 2.70 -25.74 -60.91
N ARG D 470 1.99 -24.61 -60.95
CA ARG D 470 1.73 -23.97 -62.24
C ARG D 470 2.97 -23.28 -62.78
N SER D 471 3.80 -22.74 -61.89
CA SER D 471 5.00 -22.02 -62.31
C SER D 471 6.15 -22.96 -62.65
N ASP D 472 6.01 -24.26 -62.42
CA ASP D 472 7.07 -25.22 -62.69
C ASP D 472 6.92 -25.90 -64.04
N ASN D 473 5.71 -26.26 -64.45
CA ASN D 473 5.50 -26.92 -65.73
C ASN D 473 4.10 -26.62 -66.22
N ALA D 474 3.89 -26.82 -67.52
CA ALA D 474 2.61 -26.48 -68.12
C ALA D 474 1.53 -27.49 -67.76
N GLN D 475 1.87 -28.78 -67.77
CA GLN D 475 0.88 -29.82 -67.53
C GLN D 475 0.37 -29.85 -66.09
N GLY D 476 1.01 -29.13 -65.18
CA GLY D 476 0.56 -29.12 -63.81
C GLY D 476 0.67 -30.46 -63.10
N ILE D 477 1.77 -31.17 -63.28
CA ILE D 477 2.01 -32.43 -62.61
C ILE D 477 2.94 -32.18 -61.44
N ILE D 478 3.04 -33.17 -60.55
CA ILE D 478 3.87 -33.10 -59.36
C ILE D 478 5.06 -34.03 -59.54
N ASN D 479 6.25 -33.52 -59.28
CA ASN D 479 7.48 -34.29 -59.45
C ASN D 479 8.47 -33.81 -58.39
N ASP D 480 9.76 -34.14 -58.59
CA ASP D 480 10.77 -33.80 -57.61
C ASP D 480 10.92 -32.28 -57.47
N SER D 481 10.82 -31.55 -58.58
CA SER D 481 11.01 -30.11 -58.53
C SER D 481 9.96 -29.43 -57.65
N VAL D 482 8.71 -29.87 -57.75
CA VAL D 482 7.65 -29.28 -56.93
C VAL D 482 7.92 -29.52 -55.45
N LEU D 483 8.31 -30.75 -55.11
CA LEU D 483 8.60 -31.05 -53.71
C LEU D 483 9.80 -30.24 -53.20
N THR D 484 10.82 -30.07 -54.04
CA THR D 484 11.96 -29.25 -53.66
C THR D 484 11.53 -27.82 -53.41
N LYS D 485 10.68 -27.28 -54.28
CA LYS D 485 10.19 -25.91 -54.09
C LYS D 485 9.39 -25.79 -52.81
N VAL D 486 8.56 -26.80 -52.51
CA VAL D 486 7.78 -26.78 -51.28
C VAL D 486 8.70 -26.79 -50.06
N PHE D 487 9.73 -27.63 -50.08
CA PHE D 487 10.67 -27.66 -48.98
C PHE D 487 11.36 -26.33 -48.80
N TYR D 488 11.78 -25.71 -49.90
CA TYR D 488 12.46 -24.43 -49.80
C TYR D 488 11.52 -23.34 -49.29
N THR D 489 10.25 -23.42 -49.68
CA THR D 489 9.26 -22.49 -49.14
C THR D 489 9.18 -22.61 -47.62
N LEU D 490 9.05 -23.85 -47.13
CA LEU D 490 8.94 -24.04 -45.69
C LEU D 490 10.21 -23.59 -44.99
N PHE D 491 11.38 -23.90 -45.56
CA PHE D 491 12.65 -23.55 -44.93
C PHE D 491 12.84 -22.04 -44.87
N TYR D 492 12.55 -21.33 -45.95
CA TYR D 492 12.67 -19.88 -45.93
C TYR D 492 11.68 -19.26 -44.96
N SER D 493 10.45 -19.77 -44.91
CA SER D 493 9.49 -19.25 -43.95
C SER D 493 9.99 -19.43 -42.53
N HIS D 494 10.56 -20.59 -42.22
CA HIS D 494 11.07 -20.83 -40.89
C HIS D 494 12.26 -19.93 -40.57
N ARG D 495 13.16 -19.73 -41.53
CA ARG D 495 14.42 -19.05 -41.24
C ARG D 495 14.26 -17.53 -41.22
N TYR D 496 13.71 -16.96 -42.30
CA TYR D 496 13.62 -15.53 -42.44
C TYR D 496 12.36 -14.94 -41.82
N ALA D 497 11.53 -15.76 -41.19
CA ALA D 497 10.28 -15.31 -40.58
C ALA D 497 9.40 -14.57 -41.58
N LEU D 498 9.31 -15.11 -42.79
CA LEU D 498 8.50 -14.53 -43.84
C LEU D 498 7.14 -15.22 -43.91
N SER D 499 6.18 -14.52 -44.51
CA SER D 499 4.90 -15.12 -44.80
C SER D 499 5.06 -16.17 -45.89
N PHE D 500 4.04 -17.01 -46.05
CA PHE D 500 4.13 -18.08 -47.02
C PHE D 500 4.20 -17.55 -48.44
N ASP D 501 3.51 -16.45 -48.72
CA ASP D 501 3.58 -15.85 -50.05
C ASP D 501 4.98 -15.33 -50.35
N ASP D 502 5.61 -14.67 -49.39
CA ASP D 502 6.95 -14.14 -49.61
C ASP D 502 7.95 -15.27 -49.83
N ALA D 503 7.88 -16.33 -49.02
CA ALA D 503 8.78 -17.46 -49.22
C ALA D 503 8.52 -18.12 -50.57
N GLN D 504 7.25 -18.24 -50.96
CA GLN D 504 6.91 -18.82 -52.24
C GLN D 504 7.52 -18.03 -53.38
N VAL D 505 7.47 -16.71 -53.30
CA VAL D 505 8.11 -15.86 -54.30
C VAL D 505 9.62 -16.07 -54.27
N LEU D 506 10.19 -16.16 -53.08
CA LEU D 506 11.64 -16.29 -52.95
C LEU D 506 12.15 -17.58 -53.59
N ASN D 507 11.41 -18.67 -53.46
CA ASN D 507 11.89 -19.94 -54.00
C ASN D 507 11.96 -19.93 -55.52
N GLY D 508 11.21 -19.06 -56.19
CA GLY D 508 11.28 -18.99 -57.64
C GLY D 508 9.93 -18.89 -58.30
N SER D 509 8.86 -18.92 -57.51
CA SER D 509 7.51 -18.83 -58.05
C SER D 509 7.13 -17.38 -58.31
N VAL D 510 6.04 -17.20 -59.04
CA VAL D 510 5.53 -15.87 -59.38
C VAL D 510 4.61 -15.38 -58.27
N ILE D 511 4.29 -14.09 -58.29
CA ILE D 511 3.41 -13.53 -57.27
C ILE D 511 2.00 -14.07 -57.45
N ASN D 512 1.41 -14.51 -56.34
CA ASN D 512 0.07 -15.10 -56.40
C ASN D 512 -0.99 -14.02 -56.57
N GLN D 513 -1.93 -14.27 -57.48
CA GLN D 513 -3.03 -13.35 -57.73
C GLN D 513 -4.40 -13.88 -57.34
N TYR D 514 -4.52 -15.16 -57.02
CA TYR D 514 -5.82 -15.74 -56.72
C TYR D 514 -6.37 -15.19 -55.41
N ALA D 515 -7.67 -14.94 -55.39
CA ALA D 515 -8.36 -14.40 -54.23
C ALA D 515 -9.23 -15.48 -53.59
N ASP D 516 -9.47 -15.34 -52.30
CA ASP D 516 -10.18 -16.34 -51.51
C ASP D 516 -11.63 -15.96 -51.24
N ASP D 517 -12.15 -14.93 -51.93
CA ASP D 517 -13.53 -14.48 -51.79
C ASP D 517 -13.80 -13.87 -50.42
N ASP D 518 -12.80 -13.88 -49.55
CA ASP D 518 -12.90 -13.20 -48.26
C ASP D 518 -11.59 -12.54 -47.85
N SER D 519 -10.56 -12.58 -48.70
CA SER D 519 -9.28 -11.97 -48.39
C SER D 519 -8.80 -11.14 -49.57
N VAL D 520 -7.56 -10.66 -49.51
CA VAL D 520 -6.97 -9.83 -50.55
C VAL D 520 -5.78 -10.58 -51.14
N SER D 521 -5.70 -10.62 -52.46
CA SER D 521 -4.60 -11.29 -53.12
C SER D 521 -3.28 -10.62 -52.81
N HIS D 522 -2.19 -11.38 -52.93
CA HIS D 522 -0.88 -10.84 -52.64
C HIS D 522 -0.53 -9.69 -53.58
N PHE D 523 -0.85 -9.84 -54.86
CA PHE D 523 -0.56 -8.78 -55.83
C PHE D 523 -1.29 -7.49 -55.46
N ASN D 524 -2.57 -7.61 -55.11
CA ASN D 524 -3.33 -6.42 -54.73
C ASN D 524 -2.83 -5.83 -53.42
N ARG D 525 -2.41 -6.68 -52.48
CA ARG D 525 -1.84 -6.18 -51.24
C ARG D 525 -0.56 -5.40 -51.51
N LEU D 526 0.25 -5.86 -52.46
CA LEU D 526 1.50 -5.17 -52.75
C LEU D 526 1.25 -3.85 -53.48
N PHE D 527 0.38 -3.86 -54.50
CA PHE D 527 0.32 -2.74 -55.42
C PHE D 527 -0.97 -1.94 -55.39
N ASN D 528 -2.00 -2.37 -54.66
CA ASN D 528 -3.29 -1.71 -54.73
C ASN D 528 -3.90 -1.55 -53.34
N THR D 529 -3.08 -1.20 -52.35
CA THR D 529 -3.56 -0.98 -50.99
C THR D 529 -2.84 0.20 -50.36
N PRO D 530 -3.35 1.42 -50.56
CA PRO D 530 -4.48 1.78 -51.41
C PRO D 530 -4.02 2.18 -52.80
N PRO D 531 -4.90 2.13 -53.80
CA PRO D 531 -4.49 2.53 -55.15
C PRO D 531 -4.16 4.02 -55.19
N LEU D 532 -3.26 4.38 -56.11
CA LEU D 532 -2.88 5.78 -56.27
C LEU D 532 -4.08 6.61 -56.68
N LYS D 533 -4.58 6.37 -57.88
CA LYS D 533 -5.90 6.83 -58.30
C LYS D 533 -6.69 5.78 -59.07
N GLY D 534 -6.02 4.85 -59.74
CA GLY D 534 -6.67 3.74 -60.42
C GLY D 534 -6.00 2.44 -60.04
N LYS D 535 -6.35 1.35 -60.73
CA LYS D 535 -5.82 0.04 -60.40
C LYS D 535 -4.77 -0.38 -61.41
N ILE D 536 -3.57 -0.70 -60.92
CA ILE D 536 -2.53 -1.28 -61.75
C ILE D 536 -2.78 -2.79 -61.82
N PHE D 537 -2.88 -3.30 -63.03
CA PHE D 537 -3.04 -4.74 -63.24
C PHE D 537 -2.01 -5.21 -64.25
N GLU D 538 -1.50 -6.41 -64.03
CA GLU D 538 -0.42 -6.95 -64.86
C GLU D 538 -0.84 -7.14 -66.31
N ALA D 539 -2.12 -7.39 -66.56
CA ALA D 539 -2.58 -7.80 -67.89
C ALA D 539 -2.51 -6.62 -68.87
N ASP D 540 -1.27 -6.17 -69.10
CA ASP D 540 -1.00 -5.12 -70.06
C ASP D 540 -0.11 -5.59 -71.20
N GLY D 541 1.04 -6.17 -70.88
CA GLY D 541 2.01 -6.52 -71.90
C GLY D 541 2.61 -5.34 -72.62
N ASN D 542 2.15 -4.12 -72.36
CA ASN D 542 2.69 -2.95 -73.02
C ASN D 542 4.07 -2.62 -72.46
N THR D 543 4.95 -2.18 -73.35
CA THR D 543 6.31 -1.79 -72.96
C THR D 543 6.26 -0.44 -72.28
N VAL D 544 6.84 -0.36 -71.09
CA VAL D 544 6.95 0.88 -70.34
C VAL D 544 8.41 1.19 -70.12
N SER D 545 8.78 2.45 -70.24
CA SER D 545 10.15 2.88 -70.08
C SER D 545 10.44 3.18 -68.62
N ILE D 546 11.55 2.65 -68.12
CA ILE D 546 11.96 2.89 -66.75
C ILE D 546 13.22 3.73 -66.69
N ASP D 547 13.52 4.47 -67.75
CA ASP D 547 14.68 5.34 -67.76
C ASP D 547 14.50 6.46 -66.76
N PRO D 548 15.42 6.64 -65.80
CA PRO D 548 15.26 7.73 -64.82
C PRO D 548 15.23 9.10 -65.44
N ASP D 549 15.96 9.31 -66.54
CA ASP D 549 16.06 10.61 -67.19
C ASP D 549 14.94 10.85 -68.20
N GLU D 550 13.82 10.15 -68.06
CA GLU D 550 12.71 10.29 -69.00
C GLU D 550 11.72 11.31 -68.49
N GLU D 551 11.36 12.25 -69.35
CA GLU D 551 10.31 13.22 -69.03
C GLU D 551 8.95 12.52 -69.07
N GLN D 552 7.98 13.11 -68.37
CA GLN D 552 6.60 12.65 -68.31
C GLN D 552 6.52 11.14 -68.06
N SER D 553 6.98 10.76 -66.87
CA SER D 553 6.98 9.35 -66.48
C SER D 553 5.57 8.78 -66.45
N THR D 554 5.48 7.49 -66.75
CA THR D 554 4.20 6.80 -66.85
C THR D 554 3.68 6.43 -65.46
N PHE D 555 2.36 6.43 -65.33
CA PHE D 555 1.74 6.06 -64.05
C PHE D 555 2.14 4.66 -63.62
N ALA D 556 2.27 3.75 -64.58
CA ALA D 556 2.64 2.37 -64.25
C ALA D 556 3.98 2.31 -63.55
N ARG D 557 4.95 3.09 -64.05
CA ARG D 557 6.27 3.11 -63.41
C ARG D 557 6.18 3.58 -61.97
N SER D 558 5.42 4.66 -61.74
CA SER D 558 5.30 5.20 -60.40
C SER D 558 4.63 4.20 -59.45
N ALA D 559 3.59 3.52 -59.93
CA ALA D 559 2.96 2.49 -59.12
C ALA D 559 3.95 1.38 -58.80
N LEU D 560 4.78 1.02 -59.78
CA LEU D 560 5.79 -0.02 -59.54
C LEU D 560 6.77 0.40 -58.46
N MET D 561 7.27 1.63 -58.53
CA MET D 561 8.21 2.08 -57.50
C MET D 561 7.55 2.11 -56.13
N ARG D 562 6.31 2.57 -56.05
CA ARG D 562 5.64 2.60 -54.75
C ARG D 562 5.43 1.20 -54.21
N GLY D 563 5.12 0.24 -55.09
CA GLY D 563 4.96 -1.13 -54.63
C GLY D 563 6.26 -1.73 -54.13
N LEU D 564 7.35 -1.54 -54.85
CA LEU D 564 8.62 -2.14 -54.47
C LEU D 564 9.35 -1.35 -53.39
N GLY D 565 8.92 -0.14 -53.09
CA GLY D 565 9.60 0.67 -52.09
C GLY D 565 10.99 1.13 -52.49
N VAL D 566 11.17 1.52 -53.75
CA VAL D 566 12.43 2.05 -54.24
C VAL D 566 12.15 3.29 -55.06
N ASN D 567 13.20 4.08 -55.29
CA ASN D 567 13.10 5.26 -56.13
C ASN D 567 13.42 4.88 -57.57
N SER D 568 13.50 5.88 -58.46
CA SER D 568 13.73 5.60 -59.87
C SER D 568 15.11 4.98 -60.11
N GLY D 569 16.14 5.49 -59.45
CA GLY D 569 17.48 4.98 -59.68
C GLY D 569 17.63 3.54 -59.24
N GLU D 570 17.09 3.20 -58.08
CA GLU D 570 17.14 1.81 -57.63
C GLU D 570 16.36 0.91 -58.57
N LEU D 571 15.24 1.40 -59.09
CA LEU D 571 14.47 0.61 -60.06
C LEU D 571 15.28 0.36 -61.32
N TYR D 572 16.00 1.37 -61.80
CA TYR D 572 16.84 1.18 -62.97
C TYR D 572 17.97 0.18 -62.68
N GLN D 573 18.56 0.28 -61.50
CA GLN D 573 19.60 -0.68 -61.13
C GLN D 573 19.06 -2.10 -61.08
N LEU D 574 17.87 -2.28 -60.52
CA LEU D 574 17.27 -3.60 -60.47
C LEU D 574 16.97 -4.12 -61.87
N GLY D 575 16.49 -3.24 -62.75
CA GLY D 575 16.24 -3.65 -64.12
C GLY D 575 17.50 -4.10 -64.84
N LYS D 576 18.59 -3.36 -64.64
CA LYS D 576 19.86 -3.77 -65.24
C LYS D 576 20.36 -5.08 -64.65
N LEU D 577 20.19 -5.26 -63.33
CA LEU D 577 20.71 -6.45 -62.67
C LEU D 577 19.94 -7.70 -63.08
N ALA D 578 18.61 -7.61 -63.12
CA ALA D 578 17.79 -8.77 -63.44
C ALA D 578 17.85 -9.15 -64.91
N GLY D 579 18.26 -8.22 -65.78
CA GLY D 579 18.37 -8.51 -67.19
C GLY D 579 17.10 -8.40 -67.98
N VAL D 580 15.98 -8.03 -67.34
CA VAL D 580 14.72 -7.85 -68.07
C VAL D 580 14.72 -6.59 -68.93
N LEU D 581 15.72 -5.73 -68.77
CA LEU D 581 15.77 -4.51 -69.56
C LEU D 581 16.00 -4.82 -71.03
N ASP D 582 15.36 -4.02 -71.88
CA ASP D 582 15.50 -4.12 -73.32
C ASP D 582 16.21 -2.87 -73.84
N ALA D 583 16.36 -2.77 -75.15
CA ALA D 583 16.90 -1.57 -75.75
C ALA D 583 15.96 -0.40 -75.50
N GLN D 584 16.53 0.80 -75.45
CA GLN D 584 15.83 2.03 -75.11
C GLN D 584 15.22 1.97 -73.71
N ASN D 585 15.67 1.03 -72.89
CA ASN D 585 15.28 0.93 -71.47
C ASN D 585 13.76 0.81 -71.33
N THR D 586 13.21 -0.26 -71.89
CA THR D 586 11.79 -0.56 -71.79
C THR D 586 11.61 -1.99 -71.31
N ILE D 587 10.58 -2.20 -70.50
CA ILE D 587 10.26 -3.53 -69.97
C ILE D 587 8.81 -3.85 -70.29
N THR D 588 8.52 -5.15 -70.38
CA THR D 588 7.18 -5.63 -70.66
C THR D 588 6.48 -5.95 -69.35
N LEU D 589 5.39 -5.25 -69.07
CA LEU D 589 4.66 -5.42 -67.81
C LEU D 589 3.93 -6.75 -67.83
N SER D 590 4.50 -7.74 -67.15
CA SER D 590 3.89 -9.04 -66.98
C SER D 590 4.15 -9.53 -65.56
N VAL D 591 3.53 -10.65 -65.21
CA VAL D 591 3.73 -11.20 -63.87
C VAL D 591 5.17 -11.66 -63.69
N PHE D 592 5.78 -12.18 -64.75
CA PHE D 592 7.14 -12.72 -64.65
C PHE D 592 8.15 -11.63 -64.31
N VAL D 593 8.12 -10.52 -65.04
CA VAL D 593 9.08 -9.46 -64.83
C VAL D 593 8.91 -8.82 -63.46
N ILE D 594 7.67 -8.53 -63.09
CA ILE D 594 7.40 -7.94 -61.79
C ILE D 594 7.81 -8.88 -60.67
N SER D 595 7.58 -10.18 -60.87
CA SER D 595 8.02 -11.16 -59.88
C SER D 595 9.53 -11.17 -59.74
N SER D 596 10.25 -11.06 -60.86
CA SER D 596 11.70 -11.02 -60.78
C SER D 596 12.19 -9.80 -59.99
N LEU D 597 11.62 -8.63 -60.29
CA LEU D 597 12.03 -7.43 -59.58
C LEU D 597 11.71 -7.52 -58.10
N TYR D 598 10.51 -8.02 -57.76
CA TYR D 598 10.16 -8.18 -56.36
C TYR D 598 11.04 -9.21 -55.67
N ARG D 599 11.46 -10.25 -56.38
CA ARG D 599 12.38 -11.22 -55.80
C ARG D 599 13.71 -10.56 -55.45
N LEU D 600 14.22 -9.72 -56.34
CA LEU D 600 15.46 -9.01 -56.04
C LEU D 600 15.29 -8.12 -54.82
N THR D 601 14.16 -7.41 -54.74
CA THR D 601 13.92 -6.55 -53.58
C THR D 601 13.84 -7.36 -52.30
N LEU D 602 13.17 -8.51 -52.35
CA LEU D 602 13.09 -9.38 -51.18
C LEU D 602 14.47 -9.86 -50.75
N LEU D 603 15.30 -10.25 -51.73
CA LEU D 603 16.66 -10.68 -51.43
C LEU D 603 17.42 -9.57 -50.72
N ALA D 604 17.28 -8.34 -51.19
CA ALA D 604 17.94 -7.23 -50.52
C ALA D 604 17.41 -7.03 -49.11
N ARG D 605 16.10 -7.15 -48.92
CA ARG D 605 15.50 -6.81 -47.63
C ARG D 605 15.81 -7.84 -46.56
N VAL D 606 15.72 -9.13 -46.89
CA VAL D 606 15.83 -10.16 -45.86
C VAL D 606 17.20 -10.21 -45.23
N HIS D 607 18.23 -9.72 -45.92
CA HIS D 607 19.59 -9.73 -45.42
C HIS D 607 20.05 -8.39 -44.88
N GLN D 608 19.12 -7.45 -44.67
CA GLN D 608 19.44 -6.13 -44.16
C GLN D 608 20.46 -5.42 -45.05
N LEU D 609 20.19 -5.43 -46.36
CA LEU D 609 21.05 -4.78 -47.33
C LEU D 609 20.25 -3.81 -48.17
N THR D 610 20.83 -2.65 -48.44
CA THR D 610 20.26 -1.74 -49.42
C THR D 610 20.50 -2.28 -50.82
N VAL D 611 19.83 -1.68 -51.80
CA VAL D 611 19.93 -2.17 -53.17
C VAL D 611 21.35 -2.03 -53.69
N ASN D 612 22.00 -0.90 -53.40
CA ASN D 612 23.38 -0.70 -53.86
C ASN D 612 24.31 -1.74 -53.27
N GLU D 613 24.16 -2.04 -51.98
CA GLU D 613 24.99 -3.05 -51.35
C GLU D 613 24.76 -4.42 -51.97
N LEU D 614 23.51 -4.74 -52.29
CA LEU D 614 23.22 -6.01 -52.94
C LEU D 614 23.86 -6.07 -54.32
N CYS D 615 23.83 -4.98 -55.06
CA CYS D 615 24.48 -4.96 -56.37
C CYS D 615 25.98 -5.18 -56.23
N MET D 616 26.61 -4.55 -55.23
CA MET D 616 28.04 -4.73 -55.01
C MET D 616 28.35 -6.18 -54.65
N LEU D 617 27.58 -6.76 -53.73
CA LEU D 617 27.83 -8.14 -53.33
C LEU D 617 27.63 -9.10 -54.50
N TYR D 618 26.61 -8.86 -55.31
CA TYR D 618 26.42 -9.68 -56.51
C TYR D 618 27.60 -9.54 -57.46
N GLY D 619 28.13 -8.33 -57.58
CA GLY D 619 29.32 -8.14 -58.39
C GLY D 619 30.50 -8.95 -57.88
N LEU D 620 30.68 -8.99 -56.56
CA LEU D 620 31.75 -9.79 -55.99
C LEU D 620 31.43 -11.28 -55.95
N SER D 621 30.17 -11.66 -56.13
CA SER D 621 29.77 -13.04 -56.00
C SER D 621 30.27 -13.87 -57.18
N PRO D 622 30.34 -15.19 -57.02
CA PRO D 622 30.69 -16.06 -58.17
C PRO D 622 29.61 -16.07 -59.25
N PHE D 623 28.44 -15.50 -59.00
CA PHE D 623 27.37 -15.47 -59.98
C PHE D 623 27.40 -14.21 -60.84
N ASN D 624 28.41 -13.37 -60.69
CA ASN D 624 28.46 -12.14 -61.47
C ASN D 624 28.61 -12.47 -62.95
N GLY D 625 28.10 -11.57 -63.79
CA GLY D 625 28.05 -11.82 -65.21
C GLY D 625 26.85 -12.60 -65.68
N LYS D 626 25.97 -13.01 -64.77
CA LYS D 626 24.75 -13.74 -65.12
C LYS D 626 23.55 -12.97 -64.57
N THR D 627 22.62 -12.65 -65.46
CA THR D 627 21.39 -12.00 -65.04
C THR D 627 20.56 -12.94 -64.19
N THR D 628 19.91 -12.38 -63.16
CA THR D 628 19.15 -13.21 -62.22
C THR D 628 17.94 -13.86 -62.88
N ALA D 629 17.34 -13.19 -63.87
CA ALA D 629 16.20 -13.78 -64.56
C ALA D 629 16.60 -15.05 -65.31
N SER D 630 17.79 -15.05 -65.91
CA SER D 630 18.29 -16.22 -66.62
C SER D 630 19.07 -17.14 -65.70
N LEU D 631 18.44 -17.55 -64.60
CA LEU D 631 19.05 -18.46 -63.64
C LEU D 631 18.25 -19.75 -63.61
N SER D 632 18.94 -20.89 -63.63
CA SER D 632 18.29 -22.18 -63.57
C SER D 632 17.63 -22.38 -62.20
N SER D 633 16.71 -23.34 -62.16
CA SER D 633 16.00 -23.62 -60.91
C SER D 633 16.95 -24.11 -59.83
N GLY D 634 18.05 -24.74 -60.22
CA GLY D 634 19.01 -25.24 -59.26
C GLY D 634 20.08 -24.26 -58.84
N GLU D 635 20.01 -23.01 -59.29
CA GLU D 635 21.02 -22.02 -58.97
C GLU D 635 20.55 -20.94 -58.01
N LEU D 636 19.26 -20.60 -58.04
CA LEU D 636 18.74 -19.59 -57.13
C LEU D 636 18.91 -19.96 -55.66
N PRO D 637 18.61 -21.18 -55.22
CA PRO D 637 18.92 -21.53 -53.82
C PRO D 637 20.40 -21.43 -53.50
N ARG D 638 21.27 -21.78 -54.45
CA ARG D 638 22.69 -21.63 -54.21
C ARG D 638 23.07 -20.17 -53.99
N LEU D 639 22.51 -19.28 -54.82
CA LEU D 639 22.79 -17.86 -54.64
C LEU D 639 22.30 -17.36 -53.30
N VAL D 640 21.10 -17.77 -52.89
CA VAL D 640 20.56 -17.28 -51.63
C VAL D 640 21.36 -17.81 -50.45
N ILE D 641 21.81 -19.06 -50.52
CA ILE D 641 22.61 -19.61 -49.43
C ILE D 641 23.98 -18.93 -49.37
N TRP D 642 24.56 -18.61 -50.53
CA TRP D 642 25.81 -17.89 -50.55
C TRP D 642 25.65 -16.50 -49.92
N LEU D 643 24.56 -15.82 -50.27
CA LEU D 643 24.31 -14.50 -49.69
C LEU D 643 24.14 -14.57 -48.18
N TYR D 644 23.37 -15.55 -47.71
CA TYR D 644 23.14 -15.68 -46.28
C TYR D 644 24.45 -15.94 -45.54
N GLN D 645 25.26 -16.87 -46.07
CA GLN D 645 26.52 -17.20 -45.42
C GLN D 645 27.46 -16.00 -45.40
N VAL D 646 27.56 -15.27 -46.52
CA VAL D 646 28.48 -14.14 -46.57
C VAL D 646 28.04 -13.05 -45.61
N THR D 647 26.75 -12.72 -45.59
CA THR D 647 26.26 -11.69 -44.69
C THR D 647 26.46 -12.08 -43.22
N GLN D 648 26.22 -13.35 -42.90
CA GLN D 648 26.45 -13.80 -41.53
C GLN D 648 27.91 -13.67 -41.14
N TRP D 649 28.82 -14.06 -42.05
CA TRP D 649 30.24 -13.91 -41.75
C TRP D 649 30.63 -12.45 -41.57
N LEU D 650 30.12 -11.58 -42.42
CA LEU D 650 30.45 -10.16 -42.30
C LEU D 650 29.94 -9.59 -40.98
N THR D 651 28.73 -9.98 -40.57
CA THR D 651 28.22 -9.50 -39.29
C THR D 651 29.04 -10.02 -38.13
N GLU D 652 29.44 -11.30 -38.18
CA GLU D 652 30.22 -11.88 -37.09
C GLU D 652 31.60 -11.24 -36.99
N ALA D 653 32.25 -11.00 -38.13
CA ALA D 653 33.60 -10.47 -38.13
C ALA D 653 33.67 -8.96 -38.01
N GLU D 654 32.52 -8.29 -37.92
CA GLU D 654 32.45 -6.84 -37.77
C GLU D 654 33.14 -6.13 -38.94
N ILE D 655 32.79 -6.55 -40.15
CA ILE D 655 33.26 -5.92 -41.37
C ILE D 655 32.06 -5.39 -42.13
N THR D 656 32.06 -4.10 -42.44
CA THR D 656 30.96 -3.52 -43.19
C THR D 656 31.05 -3.91 -44.66
N THR D 657 29.93 -3.77 -45.35
CA THR D 657 29.89 -4.13 -46.77
C THR D 657 30.81 -3.24 -47.59
N GLU D 658 30.91 -1.97 -47.22
CA GLU D 658 31.81 -1.07 -47.93
C GLU D 658 33.26 -1.52 -47.79
N ALA D 659 33.65 -1.97 -46.60
CA ALA D 659 35.02 -2.42 -46.38
C ALA D 659 35.34 -3.63 -47.25
N ILE D 660 34.43 -4.60 -47.30
CA ILE D 660 34.68 -5.78 -48.11
C ILE D 660 34.68 -5.41 -49.59
N TRP D 661 33.86 -4.44 -49.98
CA TRP D 661 33.89 -3.98 -51.37
C TRP D 661 35.26 -3.40 -51.70
N LEU D 662 35.75 -2.49 -50.86
CA LEU D 662 37.08 -1.92 -51.10
C LEU D 662 38.16 -2.99 -51.07
N LEU D 663 37.96 -4.05 -50.29
CA LEU D 663 38.96 -5.10 -50.20
C LEU D 663 39.01 -5.93 -51.48
N CYS D 664 37.86 -6.25 -52.06
CA CYS D 664 37.80 -7.26 -53.12
C CYS D 664 37.35 -6.71 -54.47
N THR D 665 37.17 -5.40 -54.61
CA THR D 665 36.74 -4.86 -55.88
C THR D 665 37.88 -4.94 -56.91
N PRO D 666 37.54 -5.12 -58.19
CA PRO D 666 38.55 -5.04 -59.25
C PRO D 666 38.71 -3.65 -59.84
N GLU D 667 37.80 -2.73 -59.56
CA GLU D 667 37.89 -1.38 -60.12
C GLU D 667 38.95 -0.57 -59.37
N PHE D 668 39.58 0.35 -60.09
CA PHE D 668 40.57 1.24 -59.49
C PHE D 668 40.41 2.63 -60.10
N SER D 669 40.98 3.62 -59.39
CA SER D 669 40.83 5.00 -59.82
C SER D 669 41.51 5.25 -61.16
N GLY D 670 42.69 4.67 -61.37
CA GLY D 670 43.43 4.87 -62.58
C GLY D 670 44.34 6.08 -62.58
N ASN D 671 44.41 6.81 -61.48
CA ASN D 671 45.26 7.99 -61.36
C ASN D 671 46.34 7.71 -60.32
N ILE D 672 47.54 8.22 -60.59
CA ILE D 672 48.62 8.07 -59.62
C ILE D 672 48.30 8.86 -58.36
N SER D 673 48.40 8.19 -57.22
CA SER D 673 48.09 8.78 -55.93
C SER D 673 49.35 9.31 -55.27
N PRO D 674 49.20 10.24 -54.31
CA PRO D 674 50.41 10.77 -53.64
C PRO D 674 51.24 9.71 -52.95
N GLU D 675 50.62 8.65 -52.43
CA GLU D 675 51.39 7.59 -51.79
C GLU D 675 52.31 6.90 -52.79
N ILE D 676 51.81 6.62 -53.99
CA ILE D 676 52.63 5.99 -55.00
C ILE D 676 53.75 6.93 -55.44
N SER D 677 53.46 8.23 -55.54
CA SER D 677 54.49 9.19 -55.90
C SER D 677 55.59 9.23 -54.85
N ASN D 678 55.22 9.24 -53.57
CA ASN D 678 56.22 9.21 -52.51
C ASN D 678 57.03 7.94 -52.57
N LEU D 679 56.37 6.80 -52.81
CA LEU D 679 57.08 5.53 -52.89
C LEU D 679 58.11 5.55 -54.01
N LEU D 680 57.71 6.05 -55.19
CA LEU D 680 58.64 6.10 -56.31
C LEU D 680 59.80 7.04 -56.02
N ASN D 681 59.51 8.21 -55.44
CA ASN D 681 60.57 9.17 -55.15
C ASN D 681 61.57 8.62 -54.15
N ASN D 682 61.08 7.93 -53.12
CA ASN D 682 61.99 7.35 -52.13
C ASN D 682 62.71 6.11 -52.64
N LEU D 683 62.13 5.41 -53.61
CA LEU D 683 62.71 4.17 -54.10
C LEU D 683 63.74 4.39 -55.20
N ARG D 684 63.61 5.45 -55.98
CA ARG D 684 64.52 5.66 -57.10
C ARG D 684 65.99 5.74 -56.69
N PRO D 685 66.39 6.54 -55.69
CA PRO D 685 67.82 6.61 -55.36
C PRO D 685 68.40 5.30 -54.88
N SER D 686 67.63 4.49 -54.14
CA SER D 686 68.13 3.28 -53.51
C SER D 686 68.03 2.07 -54.42
N ILE D 687 67.96 2.27 -55.74
CA ILE D 687 67.80 1.20 -56.70
C ILE D 687 68.71 1.49 -57.88
N SER D 688 68.95 0.46 -58.68
CA SER D 688 69.75 0.61 -59.89
C SER D 688 69.31 -0.42 -60.92
N GLU D 689 69.72 -0.19 -62.17
CA GLU D 689 69.31 -1.03 -63.27
C GLU D 689 69.86 -2.45 -63.13
N ASP D 690 70.96 -2.62 -62.39
CA ASP D 690 71.61 -3.92 -62.31
C ASP D 690 70.69 -4.96 -61.68
N MET D 691 70.13 -4.66 -60.50
CA MET D 691 69.24 -5.63 -59.87
C MET D 691 67.90 -5.74 -60.57
N ALA D 692 67.55 -4.79 -61.44
CA ALA D 692 66.30 -4.91 -62.18
C ALA D 692 66.36 -6.04 -63.19
N GLN D 693 67.55 -6.33 -63.73
CA GLN D 693 67.71 -7.38 -64.74
C GLN D 693 68.05 -8.74 -64.13
N SER D 694 68.31 -8.81 -62.83
CA SER D 694 68.61 -10.08 -62.21
C SER D 694 67.36 -10.97 -62.20
N HIS D 695 67.58 -12.26 -62.33
CA HIS D 695 66.47 -13.22 -62.37
C HIS D 695 66.10 -13.76 -61.00
N ASN D 696 66.80 -13.34 -59.95
CA ASN D 696 66.52 -13.79 -58.59
C ASN D 696 65.42 -12.92 -58.00
N ARG D 697 64.17 -13.37 -58.13
CA ARG D 697 63.05 -12.57 -57.64
C ARG D 697 63.04 -12.49 -56.12
N GLU D 698 63.62 -13.49 -55.44
CA GLU D 698 63.72 -13.41 -53.99
C GLU D 698 64.59 -12.24 -53.54
N LEU D 699 65.72 -12.04 -54.22
CA LEU D 699 66.58 -10.91 -53.89
C LEU D 699 65.87 -9.59 -54.12
N GLN D 700 65.13 -9.48 -55.23
CA GLN D 700 64.40 -8.25 -55.51
C GLN D 700 63.33 -7.99 -54.46
N ALA D 701 62.64 -9.05 -54.03
CA ALA D 701 61.65 -8.88 -52.96
C ALA D 701 62.32 -8.42 -51.67
N GLU D 702 63.47 -9.00 -51.34
CA GLU D 702 64.19 -8.56 -50.15
C GLU D 702 64.60 -7.09 -50.26
N ILE D 703 65.02 -6.67 -51.46
CA ILE D 703 65.42 -5.29 -51.67
C ILE D 703 64.23 -4.35 -51.48
N LEU D 704 63.08 -4.69 -52.07
CA LEU D 704 61.95 -3.78 -52.07
C LEU D 704 61.12 -3.85 -50.79
N ALA D 705 61.34 -4.85 -49.93
CA ALA D 705 60.44 -5.04 -48.80
C ALA D 705 60.32 -3.83 -47.87
N PRO D 706 61.41 -3.19 -47.41
CA PRO D 706 61.22 -2.09 -46.44
C PRO D 706 60.38 -0.93 -46.97
N PHE D 707 60.56 -0.56 -48.23
CA PHE D 707 59.81 0.58 -48.77
C PHE D 707 58.34 0.24 -48.92
N ILE D 708 58.04 -0.98 -49.37
CA ILE D 708 56.64 -1.41 -49.47
C ILE D 708 56.01 -1.44 -48.09
N ALA D 709 56.75 -1.92 -47.09
CA ALA D 709 56.23 -1.94 -45.72
C ALA D 709 55.95 -0.52 -45.24
N ALA D 710 56.85 0.41 -45.56
CA ALA D 710 56.64 1.80 -45.14
C ALA D 710 55.41 2.40 -45.80
N THR D 711 55.21 2.13 -47.09
CA THR D 711 54.11 2.76 -47.81
C THR D 711 52.78 2.08 -47.57
N LEU D 712 52.74 0.97 -46.84
CA LEU D 712 51.50 0.26 -46.54
C LEU D 712 51.25 0.10 -45.05
N HIS D 713 52.07 0.73 -44.21
CA HIS D 713 51.91 0.67 -42.76
C HIS D 713 51.96 -0.77 -42.25
N LEU D 714 52.82 -1.58 -42.86
CA LEU D 714 52.94 -2.98 -42.46
C LEU D 714 53.83 -3.09 -41.22
N ALA D 715 53.68 -4.21 -40.51
CA ALA D 715 54.37 -4.37 -39.24
C ALA D 715 55.88 -4.53 -39.42
N SER D 716 56.29 -5.43 -40.31
CA SER D 716 57.69 -5.77 -40.45
C SER D 716 58.04 -5.97 -41.91
N PRO D 717 59.32 -5.83 -42.28
CA PRO D 717 59.71 -6.04 -43.67
C PRO D 717 59.41 -7.43 -44.20
N ASP D 718 59.43 -8.46 -43.35
CA ASP D 718 59.16 -9.81 -43.82
C ASP D 718 57.74 -9.94 -44.36
N MET D 719 56.77 -9.36 -43.66
CA MET D 719 55.39 -9.39 -44.14
C MET D 719 55.27 -8.69 -45.48
N ALA D 720 55.98 -7.57 -45.64
CA ALA D 720 55.97 -6.87 -46.92
C ALA D 720 56.57 -7.74 -48.02
N ARG D 721 57.64 -8.46 -47.72
CA ARG D 721 58.26 -9.32 -48.71
C ARG D 721 57.29 -10.41 -49.15
N TYR D 722 56.59 -11.02 -48.19
CA TYR D 722 55.66 -12.08 -48.56
C TYR D 722 54.46 -11.54 -49.33
N ILE D 723 54.00 -10.34 -48.99
CA ILE D 723 52.95 -9.70 -49.77
C ILE D 723 53.42 -9.46 -51.20
N LEU D 724 54.67 -8.99 -51.35
CA LEU D 724 55.21 -8.77 -52.69
C LEU D 724 55.28 -10.07 -53.48
N LEU D 725 55.71 -11.15 -52.83
CA LEU D 725 55.77 -12.43 -53.53
C LEU D 725 54.39 -12.91 -53.95
N TRP D 726 53.40 -12.74 -53.07
CA TRP D 726 52.04 -13.12 -53.43
C TRP D 726 51.55 -12.31 -54.63
N THR D 727 51.81 -11.00 -54.63
CA THR D 727 51.39 -10.18 -55.76
C THR D 727 52.10 -10.60 -57.04
N ASP D 728 53.39 -10.91 -56.96
CA ASP D 728 54.12 -11.36 -58.14
C ASP D 728 53.53 -12.65 -58.68
N ASN D 729 53.11 -13.56 -57.79
CA ASN D 729 52.41 -14.74 -58.25
C ASN D 729 51.10 -14.39 -58.92
N LEU D 730 50.41 -13.36 -58.41
CA LEU D 730 49.13 -12.96 -58.99
C LEU D 730 49.30 -12.41 -60.40
N ARG D 731 50.35 -11.62 -60.63
CA ARG D 731 50.57 -10.91 -61.88
C ARG D 731 49.35 -10.08 -62.24
N PRO D 732 49.12 -8.96 -61.54
CA PRO D 732 47.86 -8.21 -61.71
C PRO D 732 47.64 -7.71 -63.13
N GLY D 733 48.55 -6.89 -63.64
CA GLY D 733 48.40 -6.35 -64.97
C GLY D 733 49.45 -6.87 -65.92
N GLY D 734 49.81 -8.13 -65.76
CA GLY D 734 50.91 -8.68 -66.54
C GLY D 734 52.27 -8.21 -66.08
N LEU D 735 52.37 -7.59 -64.92
CA LEU D 735 53.61 -7.05 -64.40
C LEU D 735 54.14 -7.97 -63.30
N ASP D 736 55.33 -8.50 -63.50
CA ASP D 736 56.02 -9.24 -62.45
C ASP D 736 56.80 -8.26 -61.58
N ILE D 737 57.67 -8.77 -60.72
CA ILE D 737 58.51 -7.88 -59.91
C ILE D 737 59.45 -7.10 -60.81
N ALA D 738 60.09 -7.77 -61.77
CA ALA D 738 61.06 -7.10 -62.63
C ALA D 738 60.41 -6.00 -63.47
N GLY D 739 59.18 -6.25 -63.94
CA GLY D 739 58.47 -5.22 -64.67
C GLY D 739 58.24 -3.98 -63.83
N PHE D 740 57.83 -4.16 -62.56
CA PHE D 740 57.65 -3.04 -61.67
C PHE D 740 58.96 -2.31 -61.43
N MET D 741 60.05 -3.06 -61.25
CA MET D 741 61.36 -2.44 -61.08
C MET D 741 61.73 -1.59 -62.28
N THR D 742 61.53 -2.11 -63.48
CA THR D 742 61.86 -1.33 -64.68
C THR D 742 60.97 -0.11 -64.82
N LEU D 743 59.68 -0.25 -64.50
CA LEU D 743 58.77 0.88 -64.61
C LEU D 743 59.16 1.99 -63.64
N VAL D 744 59.59 1.63 -62.44
CA VAL D 744 60.05 2.64 -61.49
C VAL D 744 61.25 3.39 -62.06
N LEU D 745 62.18 2.65 -62.68
CA LEU D 745 63.40 3.24 -63.23
C LEU D 745 63.13 3.84 -64.62
N LYS D 746 62.25 4.84 -64.64
CA LYS D 746 61.92 5.54 -65.88
C LYS D 746 61.69 7.01 -65.56
N GLU D 747 62.18 7.87 -66.44
CA GLU D 747 62.07 9.32 -66.26
C GLU D 747 60.71 9.80 -66.76
N SER D 748 59.66 9.28 -66.11
CA SER D 748 58.28 9.64 -66.39
C SER D 748 57.89 9.33 -67.84
N LEU D 749 58.58 8.38 -68.45
CA LEU D 749 58.26 7.95 -69.81
C LEU D 749 57.13 6.92 -69.80
N ASN D 750 55.98 7.37 -69.30
CA ASN D 750 54.84 6.50 -69.04
C ASN D 750 53.67 6.95 -69.91
N ALA D 751 53.45 6.24 -71.02
CA ALA D 751 52.32 6.56 -71.89
C ALA D 751 51.02 5.94 -71.37
N ASN D 752 50.97 4.61 -71.36
CA ASN D 752 49.83 3.89 -70.79
C ASN D 752 50.26 2.94 -69.69
N GLU D 753 51.55 2.81 -69.41
CA GLU D 753 52.04 1.97 -68.33
C GLU D 753 51.63 2.49 -66.96
N THR D 754 51.17 3.74 -66.87
CA THR D 754 50.61 4.21 -65.62
C THR D 754 49.47 3.32 -65.16
N THR D 755 48.68 2.82 -66.12
CA THR D 755 47.60 1.89 -65.77
C THR D 755 48.15 0.64 -65.11
N GLN D 756 49.20 0.06 -65.68
CA GLN D 756 49.81 -1.13 -65.08
C GLN D 756 50.35 -0.82 -63.69
N LEU D 757 51.03 0.32 -63.54
CA LEU D 757 51.63 0.66 -62.26
C LEU D 757 50.55 0.83 -61.18
N VAL D 758 49.49 1.58 -61.50
CA VAL D 758 48.46 1.82 -60.51
C VAL D 758 47.69 0.54 -60.22
N GLN D 759 47.51 -0.34 -61.22
CA GLN D 759 46.85 -1.61 -60.95
C GLN D 759 47.69 -2.47 -60.01
N PHE D 760 49.01 -2.51 -60.24
CA PHE D 760 49.88 -3.27 -59.35
C PHE D 760 49.81 -2.73 -57.92
N CYS D 761 49.90 -1.40 -57.78
CA CYS D 761 49.85 -0.82 -56.45
C CYS D 761 48.49 -1.06 -55.80
N HIS D 762 47.42 -1.00 -56.57
CA HIS D 762 46.08 -1.22 -56.03
C HIS D 762 45.93 -2.65 -55.53
N VAL D 763 46.42 -3.63 -56.29
CA VAL D 763 46.33 -5.02 -55.85
C VAL D 763 47.17 -5.23 -54.59
N MET D 764 48.36 -4.65 -54.55
CA MET D 764 49.20 -4.77 -53.37
C MET D 764 48.51 -4.18 -52.15
N ALA D 765 47.90 -3.01 -52.30
CA ALA D 765 47.20 -2.38 -51.18
C ALA D 765 46.04 -3.23 -50.72
N GLN D 766 45.29 -3.81 -51.67
CA GLN D 766 44.17 -4.66 -51.29
C GLN D 766 44.65 -5.86 -50.48
N LEU D 767 45.74 -6.50 -50.93
CA LEU D 767 46.25 -7.66 -50.20
C LEU D 767 46.72 -7.28 -48.81
N SER D 768 47.46 -6.17 -48.69
CA SER D 768 47.96 -5.76 -47.39
C SER D 768 46.82 -5.43 -46.44
N LEU D 769 45.80 -4.72 -46.95
CA LEU D 769 44.65 -4.38 -46.13
C LEU D 769 43.89 -5.61 -45.68
N SER D 770 43.73 -6.60 -46.58
CA SER D 770 43.06 -7.83 -46.19
C SER D 770 43.83 -8.56 -45.10
N VAL D 771 45.15 -8.62 -45.24
CA VAL D 771 45.97 -9.29 -44.23
C VAL D 771 45.86 -8.57 -42.89
N GLN D 772 45.93 -7.25 -42.91
CA GLN D 772 45.83 -6.49 -41.66
C GLN D 772 44.48 -6.67 -41.00
N THR D 773 43.40 -6.65 -41.78
CA THR D 773 42.06 -6.83 -41.22
C THR D 773 41.91 -8.23 -40.64
N LEU D 774 42.40 -9.25 -41.36
CA LEU D 774 42.34 -10.61 -40.87
C LEU D 774 43.21 -10.83 -39.63
N ARG D 775 44.12 -9.91 -39.35
CA ARG D 775 45.10 -10.05 -38.27
C ARG D 775 45.91 -11.33 -38.43
N LEU D 776 46.26 -11.64 -39.67
CA LEU D 776 47.02 -12.85 -39.95
C LEU D 776 48.45 -12.70 -39.44
N SER D 777 48.95 -13.73 -38.78
CA SER D 777 50.32 -13.71 -38.30
C SER D 777 51.30 -13.87 -39.46
N GLU D 778 52.55 -13.49 -39.21
CA GLU D 778 53.57 -13.60 -40.24
C GLU D 778 53.88 -15.05 -40.57
N ALA D 779 53.86 -15.93 -39.57
CA ALA D 779 54.19 -17.34 -39.81
C ALA D 779 53.20 -18.00 -40.75
N GLU D 780 51.91 -17.77 -40.53
CA GLU D 780 50.89 -18.35 -41.41
C GLU D 780 51.04 -17.84 -42.83
N LEU D 781 51.28 -16.54 -42.99
CA LEU D 781 51.45 -15.98 -44.31
C LEU D 781 52.67 -16.57 -45.01
N SER D 782 53.77 -16.72 -44.28
CA SER D 782 54.95 -17.33 -44.86
C SER D 782 54.68 -18.76 -45.31
N VAL D 783 54.03 -19.54 -44.45
CA VAL D 783 53.75 -20.94 -44.79
C VAL D 783 52.86 -21.02 -46.02
N LEU D 784 51.83 -20.17 -46.09
CA LEU D 784 50.92 -20.24 -47.22
C LEU D 784 51.58 -19.78 -48.51
N VAL D 785 52.29 -18.66 -48.49
CA VAL D 785 52.84 -18.11 -49.73
C VAL D 785 53.98 -18.98 -50.24
N ILE D 786 54.83 -19.48 -49.34
CA ILE D 786 55.96 -20.30 -49.78
C ILE D 786 55.48 -21.54 -50.50
N SER D 787 54.44 -22.19 -49.98
CA SER D 787 53.90 -23.40 -50.58
C SER D 787 53.01 -23.12 -51.78
N GLY D 788 52.84 -21.86 -52.18
CA GLY D 788 51.98 -21.55 -53.30
C GLY D 788 50.51 -21.71 -53.01
N PHE D 789 50.10 -21.55 -51.75
CA PHE D 789 48.71 -21.67 -51.33
C PHE D 789 48.15 -23.08 -51.52
N ALA D 790 49.02 -24.07 -51.74
CA ALA D 790 48.55 -25.45 -51.81
C ALA D 790 48.04 -25.92 -50.46
N VAL D 791 48.57 -25.38 -49.37
CA VAL D 791 48.12 -25.78 -48.03
C VAL D 791 46.66 -25.38 -47.84
N LEU D 792 46.33 -24.14 -48.20
CA LEU D 792 44.96 -23.67 -48.01
C LEU D 792 43.99 -24.43 -48.89
N GLY D 793 44.36 -24.69 -50.14
CA GLY D 793 43.50 -25.40 -51.06
C GLY D 793 42.41 -24.50 -51.62
N ALA D 794 41.67 -25.05 -52.57
CA ALA D 794 40.57 -24.34 -53.19
C ALA D 794 39.54 -25.33 -53.70
N LYS D 795 38.31 -24.84 -53.89
CA LYS D 795 37.21 -25.68 -54.35
C LYS D 795 37.04 -25.48 -55.84
N ASN D 796 37.62 -26.40 -56.62
CA ASN D 796 37.50 -26.43 -58.07
C ASN D 796 38.12 -25.22 -58.76
N GLN D 797 38.99 -24.49 -58.05
CA GLN D 797 39.67 -23.35 -58.63
C GLN D 797 41.17 -23.50 -58.42
N PRO D 798 41.98 -22.88 -59.27
CA PRO D 798 43.42 -22.82 -58.99
C PRO D 798 43.67 -22.08 -57.68
N ALA D 799 44.64 -22.56 -56.93
CA ALA D 799 44.93 -21.97 -55.63
C ALA D 799 45.61 -20.62 -55.79
N GLY D 800 45.54 -19.81 -54.74
CA GLY D 800 46.18 -18.51 -54.73
C GLY D 800 45.34 -17.37 -55.25
N GLN D 801 44.13 -17.64 -55.73
CA GLN D 801 43.27 -16.57 -56.21
C GLN D 801 42.85 -15.67 -55.05
N HIS D 802 42.52 -14.43 -55.39
CA HIS D 802 42.11 -13.43 -54.39
C HIS D 802 40.69 -13.00 -54.69
N ASN D 803 39.72 -13.69 -54.09
CA ASN D 803 38.32 -13.29 -54.15
C ASN D 803 37.74 -13.43 -52.75
N ILE D 804 36.44 -13.18 -52.64
CA ILE D 804 35.80 -13.19 -51.33
C ILE D 804 35.80 -14.59 -50.74
N ASP D 805 35.66 -15.62 -51.59
CA ASP D 805 35.62 -16.98 -51.09
C ASP D 805 36.95 -17.38 -50.44
N THR D 806 38.07 -17.03 -51.09
CA THR D 806 39.36 -17.32 -50.47
C THR D 806 39.56 -16.54 -49.19
N LEU D 807 39.02 -15.32 -49.12
CA LEU D 807 39.11 -14.56 -47.89
C LEU D 807 38.34 -15.26 -46.77
N PHE D 808 37.16 -15.78 -47.07
CA PHE D 808 36.38 -16.51 -46.07
C PHE D 808 37.12 -17.77 -45.63
N SER D 809 37.70 -18.50 -46.58
CA SER D 809 38.47 -19.69 -46.23
C SER D 809 39.66 -19.34 -45.36
N LEU D 810 40.35 -18.25 -45.68
CA LEU D 810 41.49 -17.81 -44.88
C LEU D 810 41.06 -17.45 -43.47
N TYR D 811 39.92 -16.77 -43.34
CA TYR D 811 39.43 -16.43 -42.00
C TYR D 811 39.15 -17.68 -41.18
N ARG D 812 38.49 -18.67 -41.79
CA ARG D 812 38.21 -19.90 -41.06
C ARG D 812 39.49 -20.63 -40.69
N PHE D 813 40.46 -20.68 -41.61
CA PHE D 813 41.71 -21.37 -41.35
C PHE D 813 42.46 -20.70 -40.21
N HIS D 814 42.51 -19.38 -40.21
CA HIS D 814 43.17 -18.66 -39.13
C HIS D 814 42.47 -18.89 -37.80
N GLN D 815 41.14 -18.94 -37.81
CA GLN D 815 40.41 -19.23 -36.58
C GLN D 815 40.78 -20.59 -36.03
N TRP D 816 40.85 -21.60 -36.91
CA TRP D 816 41.22 -22.94 -36.47
C TRP D 816 42.63 -22.96 -35.90
N ILE D 817 43.58 -22.30 -36.58
CA ILE D 817 44.96 -22.30 -36.11
C ILE D 817 45.05 -21.62 -34.75
N ASN D 818 44.36 -20.50 -34.58
CA ASN D 818 44.38 -19.80 -33.30
C ASN D 818 43.80 -20.66 -32.20
N GLY D 819 42.69 -21.34 -32.49
CA GLY D 819 42.09 -22.20 -31.49
C GLY D 819 42.83 -23.50 -31.23
N LEU D 820 43.81 -23.83 -32.08
CA LEU D 820 44.56 -25.07 -31.88
C LEU D 820 45.30 -25.07 -30.56
N GLY D 821 45.92 -23.95 -30.19
CA GLY D 821 46.59 -23.82 -28.93
C GLY D 821 48.09 -23.69 -29.08
N ASN D 822 48.79 -24.09 -28.01
CA ASN D 822 50.25 -23.99 -28.01
C ASN D 822 50.92 -24.87 -29.06
N PRO D 823 50.57 -26.16 -29.23
CA PRO D 823 51.24 -26.96 -30.25
C PRO D 823 50.80 -26.63 -31.66
N GLY D 824 49.89 -25.68 -31.84
CA GLY D 824 49.35 -25.42 -33.17
C GLY D 824 50.41 -25.14 -34.20
N SER D 825 51.40 -24.30 -33.85
CA SER D 825 52.49 -24.01 -34.76
C SER D 825 53.12 -25.30 -35.28
N ASP D 826 53.44 -26.22 -34.36
CA ASP D 826 54.02 -27.48 -34.77
C ASP D 826 53.09 -28.21 -35.73
N THR D 827 51.80 -28.24 -35.42
CA THR D 827 50.84 -28.88 -36.32
C THR D 827 50.90 -28.25 -37.70
N LEU D 828 51.02 -26.92 -37.75
CA LEU D 828 51.13 -26.26 -39.05
C LEU D 828 52.29 -26.80 -39.84
N ASP D 829 53.43 -27.03 -39.17
CA ASP D 829 54.57 -27.62 -39.86
C ASP D 829 54.22 -28.99 -40.42
N MET D 830 53.54 -29.82 -39.62
CA MET D 830 53.11 -31.12 -40.12
C MET D 830 52.15 -30.96 -41.28
N LEU D 831 51.39 -29.86 -41.31
CA LEU D 831 50.52 -29.58 -42.44
C LEU D 831 51.30 -29.05 -43.63
N ARG D 832 52.43 -28.38 -43.38
CA ARG D 832 53.24 -27.90 -44.50
C ARG D 832 53.78 -29.07 -45.31
N GLN D 833 54.23 -30.12 -44.63
CA GLN D 833 54.51 -31.39 -45.27
C GLN D 833 53.21 -32.19 -45.32
N GLN D 834 53.30 -33.46 -45.65
CA GLN D 834 52.13 -34.33 -45.72
C GLN D 834 52.19 -35.41 -44.66
N THR D 835 52.68 -35.07 -43.47
CA THR D 835 52.86 -36.02 -42.40
C THR D 835 51.75 -35.96 -41.36
N LEU D 836 50.69 -35.19 -41.60
CA LEU D 836 49.60 -35.10 -40.64
C LEU D 836 48.76 -36.37 -40.71
N THR D 837 48.48 -36.94 -39.54
CA THR D 837 47.72 -38.17 -39.44
C THR D 837 46.47 -37.95 -38.60
N ALA D 838 45.50 -38.85 -38.76
CA ALA D 838 44.24 -38.70 -38.04
C ALA D 838 44.45 -38.79 -36.53
N ASP D 839 45.31 -39.70 -36.09
CA ASP D 839 45.56 -39.85 -34.66
C ASP D 839 46.17 -38.58 -34.06
N ARG D 840 47.13 -37.98 -34.76
CA ARG D 840 47.75 -36.76 -34.26
C ARG D 840 46.73 -35.63 -34.16
N LEU D 841 45.89 -35.45 -35.18
CA LEU D 841 44.88 -34.41 -35.14
C LEU D 841 43.89 -34.65 -34.01
N ALA D 842 43.45 -35.90 -33.84
CA ALA D 842 42.50 -36.20 -32.79
C ALA D 842 43.09 -35.93 -31.41
N SER D 843 44.36 -36.29 -31.21
CA SER D 843 45.00 -36.03 -29.92
C SER D 843 45.18 -34.53 -29.70
N VAL D 844 45.54 -33.78 -30.74
CA VAL D 844 45.79 -32.36 -30.57
C VAL D 844 44.51 -31.62 -30.25
N MET D 845 43.44 -31.90 -30.99
CA MET D 845 42.20 -31.16 -30.82
C MET D 845 41.30 -31.73 -29.73
N GLY D 846 41.69 -32.84 -29.11
CA GLY D 846 40.95 -33.38 -28.00
C GLY D 846 39.72 -34.18 -28.37
N LEU D 847 39.55 -34.55 -29.63
CA LEU D 847 38.40 -35.35 -30.04
C LEU D 847 38.68 -36.83 -29.77
N ASP D 848 37.76 -37.69 -30.19
CA ASP D 848 37.92 -39.12 -30.07
C ASP D 848 38.44 -39.69 -31.39
N ILE D 849 39.33 -40.67 -31.30
CA ILE D 849 39.93 -41.24 -32.49
C ILE D 849 38.87 -41.91 -33.35
N SER D 850 37.94 -42.63 -32.73
CA SER D 850 36.90 -43.31 -33.49
C SER D 850 36.04 -42.33 -34.26
N MET D 851 35.65 -41.23 -33.63
CA MET D 851 34.83 -40.23 -34.31
C MET D 851 35.56 -39.64 -35.51
N VAL D 852 36.84 -39.31 -35.33
CA VAL D 852 37.61 -38.72 -36.43
C VAL D 852 37.75 -39.72 -37.57
N THR D 853 38.05 -40.98 -37.25
CA THR D 853 38.18 -41.99 -38.30
C THR D 853 36.87 -42.18 -39.06
N GLN D 854 35.74 -42.24 -38.34
CA GLN D 854 34.46 -42.42 -38.99
C GLN D 854 34.12 -41.22 -39.86
N ALA D 855 34.39 -40.00 -39.39
CA ALA D 855 34.12 -38.83 -40.20
C ALA D 855 34.99 -38.80 -41.45
N MET D 856 36.26 -39.20 -41.31
CA MET D 856 37.14 -39.26 -42.47
C MET D 856 36.64 -40.27 -43.49
N VAL D 857 36.17 -41.43 -43.03
CA VAL D 857 35.63 -42.42 -43.95
C VAL D 857 34.38 -41.90 -44.64
N SER D 858 33.48 -41.28 -43.87
CA SER D 858 32.22 -40.80 -44.43
C SER D 858 32.43 -39.70 -45.46
N ALA D 859 33.30 -38.74 -45.16
CA ALA D 859 33.51 -37.62 -46.07
C ALA D 859 34.25 -38.01 -47.34
N GLY D 860 34.80 -39.21 -47.41
CA GLY D 860 35.49 -39.65 -48.60
C GLY D 860 36.92 -39.17 -48.72
N VAL D 861 37.52 -38.68 -47.64
CA VAL D 861 38.89 -38.23 -47.63
C VAL D 861 39.74 -39.23 -46.88
N ASN D 862 40.86 -39.65 -47.48
CA ASN D 862 41.76 -40.60 -46.86
C ASN D 862 43.10 -39.99 -46.46
N GLN D 863 43.39 -38.76 -46.88
CA GLN D 863 44.63 -38.08 -46.52
C GLN D 863 44.34 -36.61 -46.30
N LEU D 864 44.93 -36.04 -45.25
CA LEU D 864 44.72 -34.64 -44.91
C LEU D 864 45.76 -33.78 -45.62
N GLN D 865 45.58 -33.66 -46.93
CA GLN D 865 46.53 -32.92 -47.75
C GLN D 865 46.43 -31.42 -47.51
N CYS D 866 45.22 -30.88 -47.51
CA CYS D 866 45.01 -29.44 -47.50
C CYS D 866 44.01 -29.07 -46.41
N TRP D 867 43.71 -27.78 -46.32
CA TRP D 867 42.76 -27.30 -45.32
C TRP D 867 41.33 -27.72 -45.66
N GLN D 868 41.04 -27.95 -46.94
CA GLN D 868 39.69 -28.33 -47.33
C GLN D 868 39.28 -29.65 -46.70
N ASP D 869 40.18 -30.64 -46.69
CA ASP D 869 39.86 -31.92 -46.09
C ASP D 869 39.59 -31.79 -44.60
N ILE D 870 40.43 -31.01 -43.92
CA ILE D 870 40.22 -30.80 -42.48
C ILE D 870 38.88 -30.11 -42.24
N ASN D 871 38.55 -29.13 -43.07
CA ASN D 871 37.28 -28.42 -42.89
C ASN D 871 36.10 -29.37 -43.07
N THR D 872 36.16 -30.22 -44.10
CA THR D 872 35.07 -31.18 -44.32
C THR D 872 34.94 -32.14 -43.16
N VAL D 873 36.07 -32.65 -42.67
CA VAL D 873 36.02 -33.59 -41.55
C VAL D 873 35.44 -32.92 -40.32
N LEU D 874 35.84 -31.68 -40.05
CA LEU D 874 35.33 -30.98 -38.88
C LEU D 874 33.84 -30.70 -39.02
N GLN D 875 33.37 -30.38 -40.23
CA GLN D 875 31.95 -30.17 -40.43
C GLN D 875 31.16 -31.44 -40.16
N TRP D 876 31.66 -32.58 -40.64
CA TRP D 876 30.99 -33.85 -40.36
C TRP D 876 30.95 -34.13 -38.87
N ILE D 877 32.07 -33.90 -38.18
CA ILE D 877 32.13 -34.14 -36.74
C ILE D 877 31.13 -33.27 -36.01
N ASP D 878 31.06 -31.99 -36.38
CA ASP D 878 30.15 -31.06 -35.71
C ASP D 878 28.69 -31.46 -35.94
N VAL D 879 28.35 -31.85 -37.17
CA VAL D 879 26.97 -32.26 -37.44
C VAL D 879 26.63 -33.50 -36.62
N ALA D 880 27.55 -34.46 -36.54
CA ALA D 880 27.29 -35.65 -35.74
C ALA D 880 27.12 -35.29 -34.27
N SER D 881 27.92 -34.37 -33.76
CA SER D 881 27.81 -33.98 -32.35
C SER D 881 26.53 -33.23 -32.08
N ALA D 882 26.01 -32.49 -33.07
CA ALA D 882 24.77 -31.75 -32.86
C ALA D 882 23.60 -32.68 -32.58
N LEU D 883 23.56 -33.83 -33.25
CA LEU D 883 22.49 -34.79 -33.09
C LEU D 883 22.82 -35.87 -32.07
N HIS D 884 23.91 -35.71 -31.31
CA HIS D 884 24.29 -36.67 -30.28
C HIS D 884 24.52 -38.07 -30.88
N THR D 885 25.09 -38.12 -32.07
CA THR D 885 25.27 -39.37 -32.79
C THR D 885 26.65 -39.33 -33.42
N MET D 886 26.98 -40.29 -34.26
CA MET D 886 28.30 -40.41 -34.86
C MET D 886 28.19 -40.42 -36.38
N PRO D 887 29.27 -40.05 -37.08
CA PRO D 887 29.16 -39.77 -38.53
C PRO D 887 28.67 -40.95 -39.36
N SER D 888 28.83 -42.18 -38.91
CA SER D 888 28.31 -43.31 -39.68
C SER D 888 26.80 -43.21 -39.84
N VAL D 889 26.10 -42.90 -38.75
CA VAL D 889 24.65 -42.77 -38.81
C VAL D 889 24.25 -41.58 -39.67
N ILE D 890 25.02 -40.50 -39.62
CA ILE D 890 24.72 -39.34 -40.45
C ILE D 890 24.87 -39.69 -41.92
N ARG D 891 25.91 -40.45 -42.27
CA ARG D 891 26.07 -40.89 -43.65
C ARG D 891 24.92 -41.80 -44.07
N THR D 892 24.50 -42.70 -43.18
CA THR D 892 23.35 -43.55 -43.51
C THR D 892 22.10 -42.72 -43.74
N LEU D 893 21.90 -41.70 -42.91
CA LEU D 893 20.74 -40.83 -43.05
C LEU D 893 20.76 -40.08 -44.38
N VAL D 894 21.93 -39.55 -44.75
CA VAL D 894 22.05 -38.80 -45.99
C VAL D 894 21.85 -39.72 -47.19
N ASN D 895 22.32 -40.97 -47.09
CA ASN D 895 22.25 -41.89 -48.21
C ASN D 895 20.82 -42.21 -48.64
N ILE D 896 19.83 -41.92 -47.80
CA ILE D 896 18.44 -42.13 -48.18
C ILE D 896 18.04 -41.07 -49.18
N ARG D 897 17.74 -41.49 -50.41
CA ARG D 897 17.44 -40.56 -51.49
C ARG D 897 16.08 -40.90 -52.10
N TYR D 898 15.35 -39.85 -52.47
CA TYR D 898 14.11 -39.98 -53.22
C TYR D 898 14.41 -39.58 -54.66
N VAL D 899 14.42 -40.57 -55.56
CA VAL D 899 14.92 -40.36 -56.91
C VAL D 899 13.77 -40.75 -57.85
N THR D 900 12.55 -40.44 -57.42
CA THR D 900 11.32 -40.57 -58.20
C THR D 900 10.92 -42.01 -58.48
N ALA D 901 11.48 -42.98 -57.74
CA ALA D 901 11.04 -44.37 -57.79
C ALA D 901 11.14 -44.91 -59.22
N LEU D 902 12.40 -45.04 -59.66
CA LEU D 902 12.76 -45.53 -60.99
C LEU D 902 12.49 -44.47 -62.05
N ASN D 903 12.35 -44.90 -63.31
CA ASN D 903 12.42 -44.08 -64.52
C ASN D 903 13.84 -43.59 -64.75
N LYS D 904 14.80 -44.02 -63.94
CA LYS D 904 16.20 -43.65 -64.04
C LYS D 904 17.01 -44.82 -63.49
N ALA D 905 18.27 -44.55 -63.11
CA ALA D 905 19.15 -45.62 -62.67
C ALA D 905 18.54 -46.45 -61.54
N GLU D 906 18.34 -45.84 -60.38
CA GLU D 906 17.75 -46.53 -59.25
C GLU D 906 17.48 -45.52 -58.14
N SER D 907 16.62 -45.92 -57.20
CA SER D 907 16.33 -45.15 -56.00
C SER D 907 16.80 -45.94 -54.79
N ASN D 908 17.47 -45.26 -53.87
CA ASN D 908 18.07 -45.91 -52.70
C ASN D 908 17.15 -45.74 -51.50
N LEU D 909 16.69 -46.87 -50.96
CA LEU D 909 15.85 -46.87 -49.77
C LEU D 909 16.23 -48.09 -48.93
N PRO D 910 16.43 -47.92 -47.62
CA PRO D 910 16.76 -49.06 -46.77
C PRO D 910 15.57 -49.99 -46.61
N SER D 911 15.89 -51.25 -46.29
CA SER D 911 14.87 -52.25 -46.04
C SER D 911 14.20 -52.00 -44.69
N TRP D 912 13.21 -52.84 -44.36
CA TRP D 912 12.48 -52.68 -43.11
C TRP D 912 13.40 -52.85 -41.91
N ASP D 913 14.22 -53.91 -41.93
CA ASP D 913 15.13 -54.15 -40.81
C ASP D 913 16.15 -53.03 -40.67
N GLU D 914 16.66 -52.53 -41.80
CA GLU D 914 17.59 -51.41 -41.75
C GLU D 914 16.90 -50.17 -41.18
N TRP D 915 15.63 -49.96 -41.53
CA TRP D 915 14.88 -48.85 -40.95
C TRP D 915 14.77 -49.00 -39.45
N GLN D 916 14.48 -50.21 -38.96
CA GLN D 916 14.38 -50.42 -37.52
C GLN D 916 15.71 -50.15 -36.83
N THR D 917 16.81 -50.65 -37.42
CA THR D 917 18.12 -50.43 -36.81
C THR D 917 18.48 -48.95 -36.78
N LEU D 918 18.19 -48.24 -37.87
CA LEU D 918 18.46 -46.81 -37.90
C LEU D 918 17.63 -46.07 -36.87
N ALA D 919 16.37 -46.45 -36.70
CA ALA D 919 15.53 -45.82 -35.69
C ALA D 919 16.08 -46.07 -34.29
N GLU D 920 16.53 -47.29 -34.02
CA GLU D 920 17.12 -47.59 -32.71
C GLU D 920 18.37 -46.74 -32.48
N ASN D 921 19.23 -46.65 -33.48
CA ASN D 921 20.45 -45.86 -33.33
C ASN D 921 20.14 -44.40 -33.08
N MET D 922 19.18 -43.83 -33.82
CA MET D 922 18.82 -42.44 -33.62
C MET D 922 18.20 -42.22 -32.24
N GLU D 923 17.35 -43.15 -31.79
CA GLU D 923 16.68 -42.99 -30.50
C GLU D 923 17.62 -43.20 -29.32
N ALA D 924 18.73 -43.92 -29.53
CA ALA D 924 19.63 -44.20 -28.42
C ALA D 924 20.25 -42.95 -27.82
N GLY D 925 20.22 -41.83 -28.53
CA GLY D 925 20.83 -40.61 -28.07
C GLY D 925 19.95 -39.67 -27.27
N LEU D 926 18.75 -40.10 -26.90
CA LEU D 926 17.82 -39.24 -26.20
C LEU D 926 17.95 -39.38 -24.69
N SER D 927 17.45 -38.39 -23.97
CA SER D 927 17.36 -38.44 -22.53
C SER D 927 16.05 -39.10 -22.11
N THR D 928 15.81 -39.16 -20.79
CA THR D 928 14.62 -39.84 -20.31
C THR D 928 13.35 -39.02 -20.60
N GLN D 929 13.40 -37.72 -20.34
CA GLN D 929 12.22 -36.88 -20.58
C GLN D 929 11.88 -36.83 -22.06
N GLN D 930 12.90 -36.69 -22.91
CA GLN D 930 12.66 -36.70 -24.34
C GLN D 930 12.10 -38.05 -24.79
N ALA D 931 12.58 -39.14 -24.19
CA ALA D 931 12.02 -40.45 -24.49
C ALA D 931 10.55 -40.53 -24.12
N GLN D 932 10.19 -39.98 -22.96
CA GLN D 932 8.79 -39.98 -22.54
C GLN D 932 7.93 -39.18 -23.50
N THR D 933 8.41 -38.00 -23.90
CA THR D 933 7.66 -37.18 -24.85
C THR D 933 7.49 -37.90 -26.18
N LEU D 934 8.55 -38.55 -26.66
CA LEU D 934 8.46 -39.31 -27.90
C LEU D 934 7.46 -40.44 -27.78
N ALA D 935 7.45 -41.13 -26.63
CA ALA D 935 6.49 -42.20 -26.42
C ALA D 935 5.06 -41.68 -26.46
N ASP D 936 4.81 -40.53 -25.84
CA ASP D 936 3.46 -39.97 -25.86
C ASP D 936 3.04 -39.62 -27.29
N TYR D 937 3.92 -38.97 -28.04
CA TYR D 937 3.59 -38.61 -29.41
C TYR D 937 3.31 -39.86 -30.25
N THR D 938 4.14 -40.90 -30.10
CA THR D 938 3.93 -42.13 -30.83
C THR D 938 2.59 -42.77 -30.46
N ALA D 939 2.24 -42.73 -29.17
CA ALA D 939 0.97 -43.29 -28.75
C ALA D 939 -0.20 -42.58 -29.43
N GLU D 940 -0.16 -41.24 -29.46
CA GLU D 940 -1.25 -40.50 -30.10
C GLU D 940 -1.35 -40.84 -31.59
N ARG D 941 -0.22 -40.83 -32.29
CA ARG D 941 -0.25 -41.10 -33.72
C ARG D 941 -0.76 -42.51 -34.00
N LEU D 942 -0.29 -43.48 -33.23
CA LEU D 942 -0.72 -44.86 -33.42
C LEU D 942 -2.20 -45.00 -33.15
N SER D 943 -2.72 -44.30 -32.13
CA SER D 943 -4.14 -44.36 -31.85
C SER D 943 -4.97 -43.85 -33.02
N SER D 944 -4.57 -42.71 -33.59
CA SER D 944 -5.32 -42.16 -34.70
C SER D 944 -5.30 -43.12 -35.89
N VAL D 945 -4.11 -43.67 -36.21
CA VAL D 945 -4.00 -44.57 -37.35
C VAL D 945 -4.84 -45.83 -37.13
N LEU D 946 -4.78 -46.40 -35.94
CA LEU D 946 -5.53 -47.62 -35.67
C LEU D 946 -7.03 -47.39 -35.74
N CYS D 947 -7.50 -46.26 -35.19
CA CYS D 947 -8.92 -45.97 -35.27
C CYS D 947 -9.37 -45.83 -36.72
N ASN D 948 -8.57 -45.13 -37.53
CA ASN D 948 -8.92 -45.00 -38.94
C ASN D 948 -8.96 -46.34 -39.64
N TRP D 949 -7.96 -47.19 -39.40
CA TRP D 949 -7.92 -48.49 -40.05
C TRP D 949 -9.12 -49.34 -39.65
N PHE D 950 -9.45 -49.37 -38.36
CA PHE D 950 -10.59 -50.16 -37.91
C PHE D 950 -11.89 -49.64 -38.52
N LEU D 951 -12.06 -48.32 -38.56
CA LEU D 951 -13.27 -47.78 -39.14
C LEU D 951 -13.38 -48.12 -40.63
N ALA D 952 -12.25 -48.16 -41.32
CA ALA D 952 -12.27 -48.44 -42.75
C ALA D 952 -12.47 -49.92 -43.09
N ASN D 953 -11.92 -50.84 -42.30
CA ASN D 953 -11.82 -52.23 -42.73
C ASN D 953 -12.72 -53.19 -41.99
N ILE D 954 -13.12 -52.90 -40.76
CA ILE D 954 -13.85 -53.85 -39.92
C ILE D 954 -15.21 -53.27 -39.58
N GLN D 955 -16.26 -54.08 -39.77
CA GLN D 955 -17.60 -53.71 -39.36
C GLN D 955 -18.16 -54.85 -38.50
N PRO D 956 -18.71 -54.57 -37.33
CA PRO D 956 -19.27 -55.64 -36.49
C PRO D 956 -20.51 -56.26 -37.12
N GLU D 957 -21.14 -57.19 -36.40
CA GLU D 957 -22.23 -57.96 -36.99
C GLU D 957 -23.44 -57.10 -37.29
N GLY D 958 -23.90 -56.33 -36.31
CA GLY D 958 -25.12 -55.59 -36.49
C GLY D 958 -25.08 -54.14 -36.02
N VAL D 959 -23.90 -53.55 -36.00
CA VAL D 959 -23.73 -52.16 -35.60
C VAL D 959 -23.07 -51.39 -36.74
N SER D 960 -23.62 -50.23 -37.06
CA SER D 960 -23.07 -49.35 -38.07
C SER D 960 -22.44 -48.16 -37.37
N LEU D 961 -21.13 -47.99 -37.56
CA LEU D 961 -20.38 -46.92 -36.93
C LEU D 961 -19.56 -46.19 -37.99
N HIS D 962 -19.54 -44.86 -37.90
CA HIS D 962 -19.00 -44.03 -38.97
C HIS D 962 -18.03 -42.96 -38.49
N SER D 963 -17.68 -42.94 -37.21
CA SER D 963 -16.84 -41.87 -36.70
C SER D 963 -16.10 -42.36 -35.46
N ARG D 964 -15.12 -41.56 -35.03
CA ARG D 964 -14.37 -41.89 -33.83
C ARG D 964 -15.27 -41.88 -32.60
N ASP D 965 -16.22 -40.95 -32.54
CA ASP D 965 -17.16 -40.93 -31.43
C ASP D 965 -18.01 -42.19 -31.40
N ASP D 966 -18.34 -42.74 -32.56
CA ASP D 966 -19.03 -44.03 -32.59
C ASP D 966 -18.16 -45.12 -31.98
N LEU D 967 -16.86 -45.09 -32.27
CA LEU D 967 -15.94 -46.04 -31.65
C LEU D 967 -15.91 -45.87 -30.13
N TYR D 968 -15.91 -44.62 -29.66
CA TYR D 968 -15.92 -44.36 -28.22
C TYR D 968 -17.18 -44.92 -27.59
N SER D 969 -18.33 -44.69 -28.23
CA SER D 969 -19.58 -45.18 -27.69
C SER D 969 -19.66 -46.70 -27.74
N TYR D 970 -19.01 -47.33 -28.72
CA TYR D 970 -19.12 -48.78 -28.86
C TYR D 970 -18.18 -49.51 -27.91
N PHE D 971 -16.92 -49.12 -27.87
CA PHE D 971 -15.92 -49.83 -27.08
C PHE D 971 -15.82 -49.32 -25.66
N LEU D 972 -16.60 -48.31 -25.29
CA LEU D 972 -16.67 -47.81 -23.92
C LEU D 972 -15.30 -47.36 -23.41
N ILE D 973 -14.53 -46.72 -24.27
CA ILE D 973 -13.24 -46.17 -23.87
C ILE D 973 -12.86 -45.07 -24.86
N ASP D 974 -12.40 -43.95 -24.33
CA ASP D 974 -12.11 -42.78 -25.16
C ASP D 974 -10.75 -42.93 -25.84
N ASN D 975 -10.73 -42.75 -27.16
CA ASN D 975 -9.51 -42.85 -27.93
C ASN D 975 -9.02 -41.49 -28.41
N GLN D 976 -9.78 -40.42 -28.16
CA GLN D 976 -9.40 -39.08 -28.57
C GLN D 976 -8.71 -38.30 -27.48
N VAL D 977 -8.48 -38.91 -26.31
CA VAL D 977 -7.84 -38.20 -25.21
C VAL D 977 -6.35 -38.01 -25.50
N SER D 978 -5.78 -36.98 -24.88
CA SER D 978 -4.34 -36.79 -24.95
C SER D 978 -3.65 -37.81 -24.06
N SER D 979 -2.33 -37.95 -24.26
CA SER D 979 -1.57 -38.93 -23.51
C SER D 979 -1.26 -38.49 -22.09
N ALA D 980 -1.55 -37.24 -21.74
CA ALA D 980 -1.17 -36.74 -20.42
C ALA D 980 -2.00 -37.37 -19.31
N ILE D 981 -3.29 -37.58 -19.55
CA ILE D 981 -4.19 -38.00 -18.48
C ILE D 981 -4.01 -39.48 -18.20
N LYS D 982 -3.81 -39.82 -16.93
CA LYS D 982 -3.59 -41.19 -16.48
C LYS D 982 -4.84 -41.69 -15.79
N THR D 983 -4.91 -43.00 -15.60
CA THR D 983 -6.04 -43.64 -14.95
C THR D 983 -5.63 -45.03 -14.50
N THR D 984 -6.57 -45.75 -13.90
CA THR D 984 -6.36 -47.13 -13.47
C THR D 984 -7.36 -48.02 -14.20
N ARG D 985 -7.07 -49.32 -14.22
CA ARG D 985 -7.91 -50.25 -14.96
C ARG D 985 -9.32 -50.31 -14.38
N LEU D 986 -9.43 -50.38 -13.05
CA LEU D 986 -10.76 -50.47 -12.44
C LEU D 986 -11.56 -49.21 -12.68
N ALA D 987 -10.93 -48.04 -12.60
CA ALA D 987 -11.64 -46.80 -12.85
C ALA D 987 -12.16 -46.74 -14.29
N GLU D 988 -11.33 -47.16 -15.25
CA GLU D 988 -11.76 -47.15 -16.64
C GLU D 988 -12.89 -48.13 -16.88
N ALA D 989 -12.82 -49.31 -16.25
CA ALA D 989 -13.92 -50.26 -16.38
C ALA D 989 -15.20 -49.72 -15.80
N ILE D 990 -15.11 -49.05 -14.64
CA ILE D 990 -16.29 -48.44 -14.04
C ILE D 990 -16.88 -47.40 -14.96
N ALA D 991 -16.03 -46.54 -15.54
CA ALA D 991 -16.53 -45.51 -16.44
C ALA D 991 -17.19 -46.12 -17.66
N GLY D 992 -16.59 -47.16 -18.22
CA GLY D 992 -17.18 -47.80 -19.38
C GLY D 992 -18.55 -48.40 -19.09
N ILE D 993 -18.66 -49.10 -17.96
CA ILE D 993 -19.95 -49.72 -17.64
C ILE D 993 -21.00 -48.66 -17.33
N GLN D 994 -20.61 -47.58 -16.65
CA GLN D 994 -21.55 -46.50 -16.39
C GLN D 994 -22.04 -45.89 -17.69
N LEU D 995 -21.12 -45.66 -18.64
CA LEU D 995 -21.52 -45.10 -19.93
C LEU D 995 -22.47 -46.05 -20.65
N TYR D 996 -22.19 -47.35 -20.62
CA TYR D 996 -23.06 -48.30 -21.27
C TYR D 996 -24.46 -48.30 -20.66
N ILE D 997 -24.53 -48.26 -19.32
CA ILE D 997 -25.84 -48.25 -18.67
C ILE D 997 -26.59 -46.97 -19.03
N ASN D 998 -25.90 -45.84 -19.02
CA ASN D 998 -26.57 -44.58 -19.36
C ASN D 998 -27.10 -44.61 -20.79
N ARG D 999 -26.32 -45.17 -21.72
CA ARG D 999 -26.79 -45.26 -23.10
C ARG D 999 -27.99 -46.20 -23.22
N ALA D 1000 -27.96 -47.32 -22.52
CA ALA D 1000 -29.02 -48.32 -22.68
C ALA D 1000 -30.31 -47.86 -22.02
N LEU D 1001 -30.21 -47.18 -20.88
CA LEU D 1001 -31.41 -46.80 -20.14
C LEU D 1001 -32.23 -45.75 -20.89
N ASN D 1002 -31.57 -44.79 -21.52
CA ASN D 1002 -32.24 -43.69 -22.18
C ASN D 1002 -32.75 -44.04 -23.57
N ARG D 1003 -32.82 -45.33 -23.89
CA ARG D 1003 -33.35 -45.80 -25.17
C ARG D 1003 -32.56 -45.26 -26.36
N ILE D 1004 -31.26 -45.03 -26.16
CA ILE D 1004 -30.41 -44.66 -27.30
C ILE D 1004 -29.98 -45.90 -28.07
N GLU D 1005 -29.49 -46.90 -27.37
CA GLU D 1005 -29.19 -48.17 -28.00
C GLU D 1005 -30.48 -48.99 -28.10
N PRO D 1006 -30.88 -49.41 -29.29
CA PRO D 1006 -32.18 -50.07 -29.44
C PRO D 1006 -32.18 -51.48 -28.87
N ASN D 1007 -33.40 -52.02 -28.75
CA ASN D 1007 -33.62 -53.40 -28.35
C ASN D 1007 -33.13 -53.69 -26.94
N ALA D 1008 -33.13 -52.68 -26.07
CA ALA D 1008 -32.82 -52.92 -24.67
C ALA D 1008 -33.95 -53.71 -24.02
N ARG D 1009 -33.58 -54.64 -23.14
CA ARG D 1009 -34.57 -55.48 -22.48
C ARG D 1009 -35.36 -54.64 -21.48
N ALA D 1010 -36.65 -54.49 -21.75
CA ALA D 1010 -37.48 -53.64 -20.89
C ALA D 1010 -37.62 -54.21 -19.49
N ASP D 1011 -37.80 -55.53 -19.37
CA ASP D 1011 -38.01 -56.12 -18.06
C ASP D 1011 -36.79 -55.98 -17.17
N VAL D 1012 -35.60 -56.14 -17.73
CA VAL D 1012 -34.38 -56.05 -16.94
C VAL D 1012 -34.18 -54.64 -16.41
N SER D 1013 -34.57 -53.63 -17.20
CA SER D 1013 -34.32 -52.24 -16.83
C SER D 1013 -35.21 -51.75 -15.71
N THR D 1014 -36.08 -52.59 -15.14
CA THR D 1014 -36.93 -52.19 -14.03
C THR D 1014 -36.48 -52.79 -12.71
N ARG D 1015 -35.25 -53.28 -12.63
CA ARG D 1015 -34.75 -53.85 -11.39
C ARG D 1015 -34.61 -52.77 -10.33
N GLN D 1016 -34.42 -53.21 -9.10
CA GLN D 1016 -34.29 -52.25 -8.00
C GLN D 1016 -33.04 -51.39 -8.16
N PHE D 1017 -31.95 -51.98 -8.67
CA PHE D 1017 -30.71 -51.23 -8.85
C PHE D 1017 -30.90 -50.08 -9.83
N PHE D 1018 -31.56 -50.34 -10.95
CA PHE D 1018 -31.74 -49.31 -11.96
C PHE D 1018 -32.81 -48.30 -11.60
N THR D 1019 -33.79 -48.68 -10.77
CA THR D 1019 -34.79 -47.71 -10.33
C THR D 1019 -34.14 -46.58 -9.54
N ASP D 1020 -33.13 -46.90 -8.73
CA ASP D 1020 -32.40 -45.92 -7.95
C ASP D 1020 -31.16 -45.42 -8.67
N TRP D 1021 -31.18 -45.39 -10.00
CA TRP D 1021 -30.01 -44.96 -10.75
C TRP D 1021 -29.65 -43.50 -10.47
N THR D 1022 -30.57 -42.72 -9.90
CA THR D 1022 -30.25 -41.35 -9.55
C THR D 1022 -29.23 -41.26 -8.42
N VAL D 1023 -29.01 -42.36 -7.69
CA VAL D 1023 -28.03 -42.37 -6.61
C VAL D 1023 -26.93 -43.40 -6.82
N ASN D 1024 -27.07 -44.33 -7.77
CA ASN D 1024 -26.07 -45.35 -8.00
C ASN D 1024 -25.14 -45.03 -9.16
N ASN D 1025 -25.32 -43.90 -9.84
CA ASN D 1025 -24.48 -43.57 -10.98
C ASN D 1025 -23.17 -42.92 -10.59
N ARG D 1026 -22.95 -42.64 -9.31
CA ARG D 1026 -21.72 -42.07 -8.83
C ARG D 1026 -21.20 -42.89 -7.67
N TYR D 1027 -19.87 -43.06 -7.62
CA TYR D 1027 -19.28 -43.93 -6.61
C TYR D 1027 -19.52 -43.39 -5.20
N SER D 1028 -19.43 -42.07 -5.03
CA SER D 1028 -19.54 -41.49 -3.69
C SER D 1028 -20.92 -41.72 -3.10
N THR D 1029 -21.97 -41.46 -3.88
CA THR D 1029 -23.32 -41.60 -3.37
C THR D 1029 -23.65 -43.05 -3.05
N TRP D 1030 -23.26 -43.98 -3.93
CA TRP D 1030 -23.49 -45.39 -3.66
C TRP D 1030 -22.74 -45.81 -2.41
N GLY D 1031 -21.50 -45.36 -2.25
CA GLY D 1031 -20.75 -45.69 -1.06
C GLY D 1031 -21.42 -45.19 0.21
N GLY D 1032 -21.90 -43.95 0.20
CA GLY D 1032 -22.57 -43.41 1.36
C GLY D 1032 -23.85 -44.17 1.70
N VAL D 1033 -24.66 -44.44 0.68
CA VAL D 1033 -25.92 -45.15 0.92
C VAL D 1033 -25.64 -46.55 1.47
N SER D 1034 -24.66 -47.25 0.91
CA SER D 1034 -24.33 -48.58 1.40
C SER D 1034 -23.79 -48.53 2.82
N ARG D 1035 -22.91 -47.56 3.12
CA ARG D 1035 -22.34 -47.48 4.45
C ARG D 1035 -23.37 -47.12 5.50
N LEU D 1036 -24.45 -46.45 5.11
CA LEU D 1036 -25.44 -46.01 6.10
C LEU D 1036 -25.95 -47.17 6.96
N VAL D 1037 -26.13 -48.34 6.38
CA VAL D 1037 -26.68 -49.46 7.13
C VAL D 1037 -25.69 -49.95 8.18
N TYR D 1038 -24.43 -50.14 7.79
CA TYR D 1038 -23.48 -50.75 8.69
C TYR D 1038 -22.98 -49.80 9.76
N TYR D 1039 -22.81 -48.52 9.43
CA TYR D 1039 -22.29 -47.53 10.35
C TYR D 1039 -23.21 -46.31 10.38
N PRO D 1040 -24.39 -46.45 11.01
CA PRO D 1040 -25.30 -45.30 11.09
C PRO D 1040 -24.83 -44.22 12.03
N GLU D 1041 -23.95 -44.55 12.98
CA GLU D 1041 -23.50 -43.56 13.95
C GLU D 1041 -22.75 -42.41 13.30
N ASN D 1042 -22.21 -42.60 12.11
CA ASN D 1042 -21.55 -41.51 11.41
C ASN D 1042 -22.52 -40.46 10.91
N TYR D 1043 -23.82 -40.75 10.88
CA TYR D 1043 -24.81 -39.80 10.37
C TYR D 1043 -25.89 -39.48 11.39
N ILE D 1044 -25.68 -39.80 12.66
CA ILE D 1044 -26.66 -39.48 13.70
C ILE D 1044 -26.41 -38.06 14.19
N ASP D 1045 -27.42 -37.20 14.05
CA ASP D 1045 -27.33 -35.82 14.51
C ASP D 1045 -28.25 -35.64 15.70
N PRO D 1046 -27.72 -35.30 16.87
CA PRO D 1046 -28.59 -35.20 18.06
C PRO D 1046 -29.65 -34.12 17.95
N THR D 1047 -29.43 -33.09 17.14
CA THR D 1047 -30.34 -31.95 17.10
C THR D 1047 -31.45 -32.10 16.07
N GLN D 1048 -31.43 -33.13 15.23
CA GLN D 1048 -32.48 -33.33 14.25
C GLN D 1048 -32.66 -34.82 13.98
N ARG D 1049 -33.89 -35.23 13.73
CA ARG D 1049 -34.21 -36.63 13.54
C ARG D 1049 -35.59 -36.72 12.92
N ILE D 1050 -35.76 -37.65 11.98
CA ILE D 1050 -37.05 -37.86 11.35
C ILE D 1050 -38.04 -38.38 12.38
N GLY D 1051 -39.18 -37.72 12.48
CA GLY D 1051 -40.17 -38.07 13.48
C GLY D 1051 -40.05 -37.33 14.79
N GLN D 1052 -39.29 -36.24 14.83
CA GLN D 1052 -39.12 -35.48 16.05
C GLN D 1052 -40.46 -34.88 16.49
N THR D 1053 -40.74 -34.99 17.79
CA THR D 1053 -41.99 -34.47 18.32
C THR D 1053 -41.94 -32.95 18.42
N ARG D 1054 -43.13 -32.34 18.44
CA ARG D 1054 -43.21 -30.88 18.44
C ARG D 1054 -42.58 -30.28 19.68
N MET D 1055 -42.82 -30.87 20.85
CA MET D 1055 -42.28 -30.32 22.09
C MET D 1055 -40.76 -30.36 22.09
N MET D 1056 -40.15 -31.38 21.48
CA MET D 1056 -38.70 -31.42 21.37
C MET D 1056 -38.19 -30.24 20.56
N ASP D 1057 -38.87 -29.91 19.46
CA ASP D 1057 -38.49 -28.73 18.69
C ASP D 1057 -38.67 -27.46 19.51
N GLU D 1058 -39.77 -27.35 20.27
CA GLU D 1058 -39.98 -26.17 21.09
C GLU D 1058 -38.84 -25.98 22.06
N LEU D 1059 -38.39 -27.07 22.70
CA LEU D 1059 -37.20 -27.01 23.54
C LEU D 1059 -35.98 -26.57 22.73
N LEU D 1060 -35.88 -27.05 21.49
CA LEU D 1060 -34.71 -26.72 20.67
C LEU D 1060 -34.60 -25.21 20.44
N GLU D 1061 -35.71 -24.55 20.10
CA GLU D 1061 -35.64 -23.09 19.99
C GLU D 1061 -35.55 -22.42 21.34
N ASN D 1062 -36.02 -23.08 22.40
CA ASN D 1062 -35.83 -22.49 23.72
C ASN D 1062 -34.37 -22.46 24.15
N ILE D 1063 -33.53 -23.32 23.59
CA ILE D 1063 -32.10 -23.28 23.95
C ILE D 1063 -31.24 -22.93 22.75
N SER D 1064 -31.74 -22.09 21.85
CA SER D 1064 -31.05 -21.78 20.62
C SER D 1064 -30.23 -20.49 20.66
N GLN D 1065 -30.17 -19.81 21.81
CA GLN D 1065 -29.37 -18.59 21.85
C GLN D 1065 -27.88 -18.93 21.85
N SER D 1066 -27.06 -17.89 21.70
CA SER D 1066 -25.62 -18.11 21.54
C SER D 1066 -25.00 -18.60 22.83
N LYS D 1067 -25.30 -17.95 23.95
CA LYS D 1067 -24.70 -18.30 25.23
C LYS D 1067 -25.77 -18.83 26.18
N LEU D 1068 -25.40 -19.85 26.94
CA LEU D 1068 -26.35 -20.61 27.74
C LEU D 1068 -25.82 -20.75 29.17
N SER D 1069 -26.73 -20.81 30.11
CA SER D 1069 -26.42 -21.05 31.51
C SER D 1069 -27.16 -22.29 32.00
N ARG D 1070 -26.73 -22.79 33.15
CA ARG D 1070 -27.39 -23.96 33.73
C ARG D 1070 -28.86 -23.68 34.03
N ASP D 1071 -29.15 -22.49 34.57
CA ASP D 1071 -30.53 -22.16 34.90
C ASP D 1071 -31.40 -22.09 33.66
N THR D 1072 -30.87 -21.55 32.55
CA THR D 1072 -31.64 -21.46 31.32
C THR D 1072 -32.01 -22.85 30.81
N VAL D 1073 -31.04 -23.75 30.79
CA VAL D 1073 -31.30 -25.11 30.31
C VAL D 1073 -32.28 -25.81 31.24
N GLU D 1074 -32.16 -25.58 32.54
CA GLU D 1074 -33.08 -26.20 33.49
C GLU D 1074 -34.50 -25.68 33.27
N ASP D 1075 -34.66 -24.38 33.02
CA ASP D 1075 -35.99 -23.84 32.78
C ASP D 1075 -36.59 -24.39 31.48
N ALA D 1076 -35.76 -24.51 30.44
CA ALA D 1076 -36.26 -25.10 29.20
C ALA D 1076 -36.69 -26.54 29.42
N PHE D 1077 -35.91 -27.30 30.19
CA PHE D 1077 -36.30 -28.67 30.48
C PHE D 1077 -37.58 -28.72 31.29
N LYS D 1078 -37.78 -27.76 32.19
CA LYS D 1078 -39.02 -27.74 32.96
C LYS D 1078 -40.23 -27.47 32.05
N THR D 1079 -40.08 -26.57 31.09
CA THR D 1079 -41.15 -26.35 30.13
C THR D 1079 -41.43 -27.61 29.32
N TYR D 1080 -40.37 -28.28 28.88
CA TYR D 1080 -40.56 -29.55 28.17
C TYR D 1080 -41.27 -30.56 29.04
N LEU D 1081 -40.96 -30.59 30.34
CA LEU D 1081 -41.64 -31.50 31.25
C LEU D 1081 -43.12 -31.17 31.37
N THR D 1082 -43.45 -29.88 31.38
CA THR D 1082 -44.86 -29.49 31.39
C THR D 1082 -45.58 -30.03 30.15
N ARG D 1083 -44.97 -29.86 28.98
CA ARG D 1083 -45.58 -30.36 27.76
C ARG D 1083 -45.73 -31.88 27.81
N PHE D 1084 -44.70 -32.57 28.29
CA PHE D 1084 -44.76 -34.03 28.36
C PHE D 1084 -45.85 -34.49 29.32
N GLU D 1085 -45.99 -33.83 30.47
CA GLU D 1085 -47.03 -34.20 31.40
C GLU D 1085 -48.40 -33.99 30.80
N THR D 1086 -48.58 -32.90 30.06
CA THR D 1086 -49.86 -32.67 29.41
C THR D 1086 -50.16 -33.77 28.40
N VAL D 1087 -49.19 -34.14 27.57
CA VAL D 1087 -49.44 -35.09 26.49
C VAL D 1087 -49.66 -36.50 27.03
N ALA D 1088 -48.82 -36.92 27.98
CA ALA D 1088 -48.80 -38.31 28.41
C ALA D 1088 -49.98 -38.68 29.30
N ASP D 1089 -50.78 -37.72 29.73
CA ASP D 1089 -51.94 -38.00 30.58
C ASP D 1089 -53.20 -38.29 29.77
N LEU D 1090 -53.09 -38.39 28.45
CA LEU D 1090 -54.25 -38.59 27.61
C LEU D 1090 -54.89 -39.95 27.87
N LYS D 1091 -56.22 -40.00 27.72
CA LYS D 1091 -56.97 -41.23 27.84
C LYS D 1091 -57.83 -41.40 26.60
N VAL D 1092 -57.78 -42.58 25.99
CA VAL D 1092 -58.53 -42.82 24.76
C VAL D 1092 -60.01 -42.84 25.08
N VAL D 1093 -60.79 -42.08 24.32
CA VAL D 1093 -62.22 -42.03 24.51
C VAL D 1093 -62.99 -42.67 23.36
N SER D 1094 -62.47 -42.64 22.14
CA SER D 1094 -63.21 -43.25 21.03
C SER D 1094 -62.26 -43.89 20.03
N ALA D 1095 -62.78 -44.87 19.30
CA ALA D 1095 -61.98 -45.58 18.30
C ALA D 1095 -62.86 -45.96 17.13
N TYR D 1096 -62.20 -46.17 15.98
CA TYR D 1096 -62.90 -46.56 14.77
C TYR D 1096 -61.97 -47.38 13.90
N HIS D 1097 -62.45 -48.52 13.40
CA HIS D 1097 -61.64 -49.40 12.57
C HIS D 1097 -62.09 -49.29 11.12
N ASP D 1098 -61.15 -48.97 10.23
CA ASP D 1098 -61.47 -48.69 8.82
C ASP D 1098 -61.36 -49.98 8.00
N ASN D 1099 -62.33 -50.87 8.22
CA ASN D 1099 -62.41 -52.11 7.47
C ASN D 1099 -63.75 -52.75 7.79
N VAL D 1100 -63.99 -53.93 7.19
CA VAL D 1100 -65.17 -54.72 7.52
C VAL D 1100 -64.84 -55.89 8.44
N ASN D 1101 -63.57 -56.12 8.73
CA ASN D 1101 -63.17 -57.17 9.67
C ASN D 1101 -61.87 -56.74 10.32
N SER D 1102 -61.46 -57.48 11.35
CA SER D 1102 -60.32 -57.09 12.17
C SER D 1102 -58.99 -57.58 11.62
N ASN D 1103 -58.98 -58.23 10.46
CA ASN D 1103 -57.74 -58.81 9.96
C ASN D 1103 -56.80 -57.75 9.40
N THR D 1104 -57.34 -56.71 8.78
CA THR D 1104 -56.52 -55.67 8.18
C THR D 1104 -57.14 -54.30 8.48
N GLY D 1105 -56.53 -53.26 7.93
CA GLY D 1105 -57.01 -51.90 8.09
C GLY D 1105 -56.25 -51.15 9.16
N LEU D 1106 -56.62 -49.89 9.32
CA LEU D 1106 -56.03 -49.00 10.31
C LEU D 1106 -57.08 -48.63 11.34
N THR D 1107 -56.66 -48.52 12.60
CA THR D 1107 -57.54 -48.14 13.69
C THR D 1107 -57.22 -46.72 14.11
N TRP D 1108 -58.25 -45.89 14.26
CA TRP D 1108 -58.08 -44.48 14.59
C TRP D 1108 -58.63 -44.23 15.97
N PHE D 1109 -57.83 -43.60 16.83
CA PHE D 1109 -58.20 -43.30 18.20
C PHE D 1109 -58.28 -41.79 18.41
N VAL D 1110 -59.28 -41.37 19.18
CA VAL D 1110 -59.41 -40.00 19.65
C VAL D 1110 -59.38 -40.04 21.17
N GLY D 1111 -58.54 -39.18 21.76
CA GLY D 1111 -58.36 -39.15 23.19
C GLY D 1111 -58.47 -37.74 23.74
N GLN D 1112 -58.71 -37.69 25.05
CA GLN D 1112 -59.04 -36.46 25.76
C GLN D 1112 -58.08 -36.25 26.93
N THR D 1113 -57.75 -35.00 27.20
CA THR D 1113 -56.78 -34.65 28.24
C THR D 1113 -57.38 -34.84 29.62
N ARG D 1114 -56.51 -34.71 30.63
CA ARG D 1114 -56.95 -34.83 32.02
C ARG D 1114 -57.48 -33.52 32.57
N GLU D 1115 -56.90 -32.39 32.18
CA GLU D 1115 -57.30 -31.09 32.68
C GLU D 1115 -58.76 -30.80 32.34
N ASN D 1116 -59.29 -29.73 32.93
CA ASN D 1116 -60.68 -29.35 32.74
C ASN D 1116 -60.82 -28.40 31.54
N LEU D 1117 -60.31 -28.87 30.40
CA LEU D 1117 -60.38 -28.12 29.17
C LEU D 1117 -60.85 -29.01 28.03
N PRO D 1118 -61.48 -28.44 27.02
CA PRO D 1118 -61.89 -29.24 25.84
C PRO D 1118 -60.76 -29.35 24.81
N GLU D 1119 -59.72 -30.08 25.19
CA GLU D 1119 -58.56 -30.33 24.32
C GLU D 1119 -58.56 -31.79 23.92
N TYR D 1120 -58.40 -32.05 22.62
CA TYR D 1120 -58.50 -33.41 22.10
C TYR D 1120 -57.36 -33.71 21.15
N TYR D 1121 -56.98 -34.98 21.10
CA TYR D 1121 -55.91 -35.43 20.23
C TYR D 1121 -56.37 -36.69 19.48
N TRP D 1122 -55.66 -37.02 18.40
CA TRP D 1122 -55.98 -38.21 17.63
C TRP D 1122 -54.70 -38.88 17.17
N ARG D 1123 -54.82 -40.17 16.88
CA ARG D 1123 -53.71 -40.99 16.39
C ARG D 1123 -54.28 -42.20 15.67
N ASN D 1124 -53.40 -42.98 15.05
CA ASN D 1124 -53.82 -44.22 14.42
C ASN D 1124 -52.75 -45.29 14.58
N VAL D 1125 -53.18 -46.55 14.46
CA VAL D 1125 -52.30 -47.70 14.54
C VAL D 1125 -52.65 -48.67 13.42
N ASP D 1126 -51.70 -49.52 13.08
CA ASP D 1126 -51.86 -50.52 12.01
C ASP D 1126 -51.93 -51.89 12.68
N ILE D 1127 -53.15 -52.37 12.91
CA ILE D 1127 -53.33 -53.62 13.63
C ILE D 1127 -52.88 -54.83 12.83
N SER D 1128 -52.72 -54.69 11.52
CA SER D 1128 -52.28 -55.81 10.70
C SER D 1128 -50.84 -56.21 10.98
N ARG D 1129 -50.06 -55.35 11.63
CA ARG D 1129 -48.68 -55.66 11.95
C ARG D 1129 -48.55 -56.57 13.16
N MET D 1130 -49.65 -56.85 13.86
CA MET D 1130 -49.62 -57.77 14.98
C MET D 1130 -49.15 -59.14 14.54
N GLN D 1131 -48.25 -59.73 15.31
CA GLN D 1131 -47.80 -61.11 15.10
C GLN D 1131 -47.48 -61.68 16.48
N ALA D 1132 -48.12 -62.80 16.81
CA ALA D 1132 -47.87 -63.52 18.06
C ALA D 1132 -48.08 -62.64 19.29
N GLY D 1133 -49.01 -61.71 19.20
CA GLY D 1133 -49.49 -60.98 20.37
C GLY D 1133 -48.98 -59.57 20.51
N GLU D 1134 -47.70 -59.32 20.26
CA GLU D 1134 -47.08 -58.03 20.53
C GLU D 1134 -46.95 -57.22 19.24
N LEU D 1135 -47.04 -55.91 19.36
CA LEU D 1135 -46.97 -54.98 18.24
C LEU D 1135 -45.66 -54.21 18.29
N ALA D 1136 -45.01 -54.07 17.14
CA ALA D 1136 -43.81 -53.25 17.06
C ALA D 1136 -44.16 -51.80 17.35
N ALA D 1137 -43.25 -51.10 18.02
CA ALA D 1137 -43.54 -49.74 18.45
C ALA D 1137 -43.71 -48.78 17.28
N ASN D 1138 -43.17 -49.11 16.10
CA ASN D 1138 -43.27 -48.22 14.96
C ASN D 1138 -44.61 -48.29 14.27
N ALA D 1139 -45.45 -49.25 14.60
CA ALA D 1139 -46.78 -49.32 14.00
C ALA D 1139 -47.70 -48.22 14.49
N TRP D 1140 -47.34 -47.56 15.59
CA TRP D 1140 -48.18 -46.52 16.16
C TRP D 1140 -47.88 -45.17 15.50
N LYS D 1141 -48.62 -44.15 15.91
CA LYS D 1141 -48.44 -42.80 15.42
C LYS D 1141 -48.55 -41.84 16.59
N GLU D 1142 -47.79 -40.76 16.53
CA GLU D 1142 -47.78 -39.78 17.61
C GLU D 1142 -49.11 -39.06 17.71
N TRP D 1143 -49.44 -38.62 18.91
CA TRP D 1143 -50.67 -37.86 19.12
C TRP D 1143 -50.59 -36.55 18.36
N THR D 1144 -51.72 -36.15 17.76
CA THR D 1144 -51.80 -34.87 17.06
C THR D 1144 -53.01 -34.11 17.56
N LYS D 1145 -52.82 -32.82 17.83
CA LYS D 1145 -53.86 -32.01 18.45
C LYS D 1145 -54.97 -31.68 17.45
N ILE D 1146 -56.17 -31.45 17.98
CA ILE D 1146 -57.30 -30.97 17.21
C ILE D 1146 -57.63 -29.56 17.70
N ASP D 1147 -57.65 -28.60 16.79
CA ASP D 1147 -57.94 -27.20 17.13
C ASP D 1147 -59.04 -26.69 16.20
N THR D 1148 -60.28 -26.99 16.56
CA THR D 1148 -61.42 -26.52 15.78
C THR D 1148 -62.60 -26.10 16.66
N ALA D 1149 -62.37 -25.87 17.96
CA ALA D 1149 -63.40 -25.43 18.89
C ALA D 1149 -64.51 -26.47 19.01
N VAL D 1150 -64.15 -27.63 19.57
CA VAL D 1150 -65.09 -28.69 19.87
C VAL D 1150 -65.55 -28.56 21.31
N ASN D 1151 -66.85 -28.68 21.54
CA ASN D 1151 -67.44 -28.66 22.88
C ASN D 1151 -68.45 -29.79 23.00
N PRO D 1152 -67.98 -31.03 23.00
CA PRO D 1152 -68.90 -32.17 22.99
C PRO D 1152 -69.63 -32.30 24.31
N TYR D 1153 -70.78 -32.97 24.25
CA TYR D 1153 -71.59 -33.23 25.42
C TYR D 1153 -71.11 -34.54 26.05
N LYS D 1154 -70.55 -34.45 27.25
CA LYS D 1154 -69.97 -35.59 27.94
C LYS D 1154 -68.85 -36.22 27.12
N ASP D 1155 -69.08 -37.43 26.59
CA ASP D 1155 -68.06 -38.15 25.85
C ASP D 1155 -68.61 -38.69 24.54
N ALA D 1156 -69.50 -37.95 23.90
CA ALA D 1156 -70.09 -38.37 22.63
C ALA D 1156 -69.38 -37.70 21.45
N ILE D 1157 -68.10 -38.03 21.30
CA ILE D 1157 -67.28 -37.53 20.21
C ILE D 1157 -66.46 -38.69 19.67
N ARG D 1158 -66.41 -38.83 18.35
CA ARG D 1158 -65.70 -39.98 17.81
C ARG D 1158 -65.22 -39.70 16.40
N PRO D 1159 -64.17 -40.39 15.94
CA PRO D 1159 -63.71 -40.25 14.56
C PRO D 1159 -64.43 -41.21 13.64
N VAL D 1160 -64.31 -40.94 12.34
CA VAL D 1160 -64.87 -41.78 11.29
C VAL D 1160 -64.08 -41.49 10.03
N ILE D 1161 -64.18 -42.38 9.05
CA ILE D 1161 -63.56 -42.17 7.75
C ILE D 1161 -64.65 -42.30 6.71
N PHE D 1162 -65.14 -41.18 6.21
CA PHE D 1162 -66.16 -41.14 5.17
C PHE D 1162 -65.64 -40.25 4.06
N ARG D 1163 -65.88 -40.67 2.83
CA ARG D 1163 -65.17 -40.12 1.67
C ARG D 1163 -63.66 -40.21 1.86
N GLU D 1164 -63.21 -41.30 2.48
CA GLU D 1164 -61.80 -41.70 2.49
C GLU D 1164 -60.87 -40.60 3.02
N ARG D 1165 -61.42 -39.72 3.88
CA ARG D 1165 -60.61 -38.79 4.64
C ARG D 1165 -61.21 -38.67 6.04
N LEU D 1166 -60.36 -38.32 6.99
CA LEU D 1166 -60.75 -38.35 8.40
C LEU D 1166 -61.85 -37.32 8.68
N HIS D 1167 -62.81 -37.72 9.51
CA HIS D 1167 -63.87 -36.85 9.98
C HIS D 1167 -64.03 -37.01 11.48
N LEU D 1168 -64.42 -35.93 12.14
CA LEU D 1168 -64.77 -35.93 13.55
C LEU D 1168 -66.24 -35.61 13.68
N ILE D 1169 -66.96 -36.42 14.46
CA ILE D 1169 -68.39 -36.22 14.63
C ILE D 1169 -68.71 -36.23 16.12
N TRP D 1170 -69.47 -35.23 16.57
CA TRP D 1170 -69.78 -35.09 17.99
C TRP D 1170 -71.16 -34.47 18.14
N VAL D 1171 -71.61 -34.35 19.39
CA VAL D 1171 -72.89 -33.72 19.70
C VAL D 1171 -72.66 -32.63 20.74
N GLU D 1172 -73.55 -31.65 20.74
CA GLU D 1172 -73.47 -30.53 21.66
C GLU D 1172 -74.86 -30.27 22.23
N LYS D 1173 -74.89 -29.71 23.43
CA LYS D 1173 -76.14 -29.44 24.13
C LYS D 1173 -76.25 -27.97 24.47
N GLU D 1174 -77.41 -27.39 24.23
CA GLU D 1174 -77.69 -26.00 24.58
C GLU D 1174 -79.02 -25.94 25.31
N GLU D 1175 -79.21 -24.88 26.08
CA GLU D 1175 -80.46 -24.66 26.81
C GLU D 1175 -81.26 -23.57 26.11
N VAL D 1176 -82.44 -23.93 25.62
CA VAL D 1176 -83.26 -23.04 24.80
C VAL D 1176 -84.69 -23.10 25.30
N ALA D 1177 -85.38 -21.97 25.29
CA ALA D 1177 -86.77 -21.89 25.67
C ALA D 1177 -87.64 -21.63 24.45
N LYS D 1178 -88.82 -22.24 24.44
CA LYS D 1178 -89.75 -22.02 23.33
C LYS D 1178 -90.35 -20.63 23.42
N ASN D 1179 -90.36 -19.92 22.29
CA ASN D 1179 -90.90 -18.58 22.26
C ASN D 1179 -92.42 -18.60 22.24
N GLY D 1180 -93.02 -17.49 22.65
CA GLY D 1180 -94.46 -17.34 22.62
C GLY D 1180 -95.23 -18.26 23.56
N THR D 1181 -94.73 -18.44 24.78
CA THR D 1181 -95.43 -19.22 25.80
C THR D 1181 -95.48 -18.40 27.07
N ASP D 1182 -96.69 -18.22 27.62
CA ASP D 1182 -96.81 -17.40 28.82
C ASP D 1182 -96.04 -17.94 30.00
N PRO D 1183 -96.15 -19.23 30.37
CA PRO D 1183 -95.16 -19.80 31.30
C PRO D 1183 -93.92 -20.23 30.52
N VAL D 1184 -92.83 -19.48 30.69
CA VAL D 1184 -91.62 -19.74 29.91
C VAL D 1184 -90.99 -21.02 30.41
N GLU D 1185 -90.98 -22.05 29.57
CA GLU D 1185 -90.35 -23.32 29.90
C GLU D 1185 -89.13 -23.52 29.01
N THR D 1186 -88.09 -24.12 29.58
CA THR D 1186 -86.85 -24.37 28.86
C THR D 1186 -86.71 -25.85 28.56
N TYR D 1187 -85.77 -26.17 27.67
CA TYR D 1187 -85.47 -27.55 27.34
C TYR D 1187 -84.07 -27.59 26.75
N ASP D 1188 -83.59 -28.80 26.51
CA ASP D 1188 -82.24 -29.01 26.00
C ASP D 1188 -82.32 -29.33 24.51
N ARG D 1189 -81.58 -28.57 23.71
CA ARG D 1189 -81.48 -28.80 22.27
C ARG D 1189 -80.13 -29.45 21.97
N PHE D 1190 -80.18 -30.58 21.28
CA PHE D 1190 -78.98 -31.33 20.94
C PHE D 1190 -78.66 -31.13 19.46
N THR D 1191 -77.41 -30.82 19.17
CA THR D 1191 -76.96 -30.51 17.82
C THR D 1191 -75.83 -31.44 17.44
N LEU D 1192 -75.95 -32.10 16.29
CA LEU D 1192 -74.91 -32.98 15.79
C LEU D 1192 -73.99 -32.20 14.87
N LYS D 1193 -72.69 -32.26 15.13
CA LYS D 1193 -71.70 -31.51 14.37
C LYS D 1193 -70.70 -32.46 13.74
N LEU D 1194 -70.37 -32.20 12.48
CA LEU D 1194 -69.44 -33.03 11.72
C LEU D 1194 -68.44 -32.15 11.01
N ALA D 1195 -67.15 -32.51 11.09
CA ALA D 1195 -66.10 -31.76 10.42
C ALA D 1195 -65.09 -32.73 9.82
N PHE D 1196 -64.28 -32.25 8.90
CA PHE D 1196 -63.30 -33.10 8.24
C PHE D 1196 -61.94 -32.41 8.16
N LEU D 1197 -60.90 -33.22 8.08
CA LEU D 1197 -59.53 -32.73 8.06
C LEU D 1197 -59.08 -32.44 6.63
N ARG D 1198 -58.54 -31.25 6.42
CA ARG D 1198 -58.15 -30.83 5.08
C ARG D 1198 -56.77 -31.39 4.75
N HIS D 1199 -56.20 -30.97 3.62
CA HIS D 1199 -54.93 -31.52 3.18
C HIS D 1199 -53.78 -31.05 4.06
N ASP D 1200 -53.71 -29.75 4.32
CA ASP D 1200 -52.58 -29.17 5.03
C ASP D 1200 -52.69 -29.29 6.54
N GLY D 1201 -53.57 -30.14 7.05
CA GLY D 1201 -53.68 -30.34 8.48
C GLY D 1201 -54.67 -29.45 9.19
N SER D 1202 -55.28 -28.50 8.50
CA SER D 1202 -56.30 -27.68 9.12
C SER D 1202 -57.65 -28.40 9.12
N TRP D 1203 -58.56 -27.92 9.96
CA TRP D 1203 -59.90 -28.48 10.07
C TRP D 1203 -60.91 -27.49 9.52
N SER D 1204 -61.87 -28.01 8.75
CA SER D 1204 -62.84 -27.17 8.08
C SER D 1204 -63.99 -26.81 9.02
N ALA D 1205 -64.85 -25.91 8.56
CA ALA D 1205 -66.01 -25.54 9.35
C ALA D 1205 -66.99 -26.72 9.39
N PRO D 1206 -67.70 -26.90 10.51
CA PRO D 1206 -68.52 -28.10 10.66
C PRO D 1206 -69.96 -27.94 10.20
N TRP D 1207 -70.46 -28.97 9.55
CA TRP D 1207 -71.89 -29.10 9.28
C TRP D 1207 -72.64 -29.37 10.57
N SER D 1208 -73.86 -28.85 10.65
CA SER D 1208 -74.69 -28.92 11.84
C SER D 1208 -76.06 -29.47 11.50
N TYR D 1209 -76.59 -30.32 12.39
CA TYR D 1209 -77.91 -30.88 12.24
C TYR D 1209 -78.61 -30.90 13.60
N ASP D 1210 -79.93 -30.94 13.58
CA ASP D 1210 -80.73 -30.98 14.79
C ASP D 1210 -81.24 -32.40 15.02
N ILE D 1211 -80.89 -32.98 16.17
CA ILE D 1211 -81.28 -34.35 16.48
C ILE D 1211 -81.96 -34.40 17.84
N THR D 1212 -82.60 -33.32 18.25
CA THR D 1212 -83.23 -33.28 19.57
C THR D 1212 -84.32 -34.33 19.70
N THR D 1213 -85.16 -34.48 18.68
CA THR D 1213 -86.26 -35.43 18.76
C THR D 1213 -85.76 -36.85 18.92
N GLN D 1214 -84.71 -37.23 18.17
CA GLN D 1214 -84.18 -38.58 18.27
C GLN D 1214 -83.63 -38.86 19.65
N VAL D 1215 -82.88 -37.91 20.22
CA VAL D 1215 -82.31 -38.11 21.56
C VAL D 1215 -83.42 -38.24 22.59
N GLU D 1216 -84.42 -37.36 22.51
CA GLU D 1216 -85.54 -37.44 23.46
C GLU D 1216 -86.29 -38.75 23.31
N ALA D 1217 -86.42 -39.26 22.09
CA ALA D 1217 -87.13 -40.51 21.88
C ALA D 1217 -86.35 -41.69 22.46
N VAL D 1218 -85.06 -41.79 22.16
CA VAL D 1218 -84.30 -42.95 22.60
C VAL D 1218 -83.96 -42.89 24.08
N THR D 1219 -84.03 -41.72 24.70
CA THR D 1219 -83.68 -41.61 26.11
C THR D 1219 -84.90 -41.48 27.01
N ASP D 1220 -86.09 -41.31 26.44
CA ASP D 1220 -87.33 -41.13 27.19
C ASP D 1220 -87.27 -39.87 28.06
N LYS D 1221 -86.62 -38.82 27.52
CA LYS D 1221 -86.55 -37.52 28.19
C LYS D 1221 -85.89 -37.60 29.55
N LYS D 1222 -84.94 -38.52 29.72
CA LYS D 1222 -84.13 -38.60 30.93
C LYS D 1222 -82.67 -38.70 30.53
N PRO D 1223 -82.11 -37.67 29.89
CA PRO D 1223 -80.71 -37.74 29.47
C PRO D 1223 -79.73 -37.71 30.63
N ASP D 1224 -80.15 -37.27 31.81
CA ASP D 1224 -79.24 -37.22 32.95
C ASP D 1224 -79.01 -38.60 33.56
N THR D 1225 -80.04 -39.44 33.58
CA THR D 1225 -79.90 -40.76 34.19
C THR D 1225 -79.38 -41.80 33.22
N GLU D 1226 -79.67 -41.67 31.94
CA GLU D 1226 -79.22 -42.62 30.93
C GLU D 1226 -78.01 -42.07 30.21
N ARG D 1227 -77.10 -42.97 29.81
CA ARG D 1227 -75.89 -42.58 29.10
C ARG D 1227 -76.18 -42.63 27.61
N LEU D 1228 -76.38 -41.46 27.00
CA LEU D 1228 -76.54 -41.39 25.56
C LEU D 1228 -75.25 -41.76 24.87
N ALA D 1229 -75.35 -42.56 23.80
CA ALA D 1229 -74.18 -43.02 23.08
C ALA D 1229 -74.37 -42.81 21.59
N LEU D 1230 -73.26 -42.56 20.91
CA LEU D 1230 -73.23 -42.24 19.49
C LEU D 1230 -72.30 -43.19 18.76
N ALA D 1231 -72.74 -43.68 17.61
CA ALA D 1231 -71.92 -44.53 16.76
C ALA D 1231 -71.99 -44.05 15.32
N ALA D 1232 -70.90 -44.21 14.59
CA ALA D 1232 -70.82 -43.75 13.21
C ALA D 1232 -70.08 -44.78 12.38
N SER D 1233 -70.59 -45.02 11.17
CA SER D 1233 -69.96 -45.97 10.26
C SER D 1233 -70.02 -45.41 8.85
N GLY D 1234 -69.10 -45.87 8.00
CA GLY D 1234 -69.04 -45.38 6.64
C GLY D 1234 -69.40 -46.42 5.60
N PHE D 1235 -70.58 -46.29 5.00
CA PHE D 1235 -71.01 -47.23 3.98
C PHE D 1235 -70.37 -46.82 2.66
N GLN D 1236 -69.28 -47.50 2.30
CA GLN D 1236 -68.54 -47.12 1.10
C GLN D 1236 -69.27 -47.55 -0.17
N GLY D 1237 -70.02 -48.65 -0.11
CA GLY D 1237 -70.70 -49.14 -1.31
C GLY D 1237 -71.65 -48.11 -1.90
N GLU D 1238 -72.44 -47.45 -1.05
CA GLU D 1238 -73.34 -46.40 -1.50
C GLU D 1238 -72.78 -45.01 -1.27
N ASP D 1239 -71.55 -44.90 -0.77
CA ASP D 1239 -70.91 -43.61 -0.50
C ASP D 1239 -71.76 -42.74 0.41
N THR D 1240 -71.93 -43.20 1.64
CA THR D 1240 -72.73 -42.47 2.61
C THR D 1240 -72.20 -42.74 4.01
N LEU D 1241 -72.69 -41.96 4.97
CA LEU D 1241 -72.30 -42.08 6.37
C LEU D 1241 -73.53 -42.38 7.20
N LEU D 1242 -73.47 -43.45 8.00
CA LEU D 1242 -74.56 -43.84 8.86
C LEU D 1242 -74.25 -43.44 10.29
N VAL D 1243 -75.22 -42.80 10.95
CA VAL D 1243 -75.07 -42.35 12.33
C VAL D 1243 -76.20 -42.96 13.15
N PHE D 1244 -75.85 -43.49 14.31
CA PHE D 1244 -76.82 -44.08 15.21
C PHE D 1244 -76.68 -43.47 16.59
N VAL D 1245 -77.82 -43.18 17.21
CA VAL D 1245 -77.87 -42.64 18.56
C VAL D 1245 -78.70 -43.60 19.39
N TYR D 1246 -78.15 -44.04 20.53
CA TYR D 1246 -78.83 -45.06 21.31
C TYR D 1246 -78.57 -44.84 22.80
N LYS D 1247 -79.18 -45.70 23.60
CA LYS D 1247 -79.02 -45.70 25.05
C LYS D 1247 -78.21 -46.91 25.46
N THR D 1248 -77.15 -46.67 26.24
CA THR D 1248 -76.26 -47.74 26.65
C THR D 1248 -77.01 -48.77 27.48
N GLY D 1249 -76.78 -50.05 27.18
CA GLY D 1249 -77.45 -51.12 27.88
C GLY D 1249 -76.62 -52.38 27.81
N LYS D 1250 -77.13 -53.45 28.43
CA LYS D 1250 -76.39 -54.70 28.45
C LYS D 1250 -76.41 -55.38 27.08
N SER D 1251 -77.53 -55.29 26.36
CA SER D 1251 -77.65 -55.92 25.06
C SER D 1251 -78.69 -55.18 24.25
N TYR D 1252 -78.70 -55.45 22.94
CA TYR D 1252 -79.60 -54.78 22.01
C TYR D 1252 -80.30 -55.80 21.14
N SER D 1253 -81.55 -55.52 20.82
CA SER D 1253 -82.32 -56.35 19.90
C SER D 1253 -82.19 -55.80 18.48
N ASP D 1254 -82.97 -56.34 17.55
CA ASP D 1254 -82.90 -55.88 16.18
C ASP D 1254 -83.46 -54.48 16.05
N PHE D 1255 -82.87 -53.70 15.13
CA PHE D 1255 -83.25 -52.32 14.97
C PHE D 1255 -84.63 -52.19 14.33
N GLY D 1256 -85.22 -51.02 14.47
CA GLY D 1256 -86.50 -50.73 13.85
C GLY D 1256 -87.65 -51.41 14.55
N GLY D 1257 -88.85 -51.15 14.01
CA GLY D 1257 -90.04 -51.76 14.59
C GLY D 1257 -90.29 -51.29 16.00
N SER D 1258 -90.46 -52.24 16.91
CA SER D 1258 -90.79 -51.92 18.29
C SER D 1258 -89.59 -51.41 19.09
N ASN D 1259 -88.38 -51.61 18.59
CA ASN D 1259 -87.19 -51.20 19.33
C ASN D 1259 -87.07 -49.69 19.31
N LYS D 1260 -87.39 -49.06 20.44
CA LYS D 1260 -87.38 -47.61 20.57
C LYS D 1260 -86.05 -47.07 21.08
N ASN D 1261 -85.06 -47.93 21.28
CA ASN D 1261 -83.81 -47.53 21.91
C ASN D 1261 -82.75 -47.05 20.92
N VAL D 1262 -83.01 -47.14 19.61
CA VAL D 1262 -82.01 -46.79 18.61
C VAL D 1262 -82.66 -45.88 17.57
N ALA D 1263 -81.99 -44.79 17.24
CA ALA D 1263 -82.42 -43.89 16.18
C ALA D 1263 -81.29 -43.73 15.18
N GLY D 1264 -81.67 -43.51 13.91
CA GLY D 1264 -80.73 -43.50 12.83
C GLY D 1264 -80.70 -42.19 12.06
N MET D 1265 -79.65 -42.04 11.25
CA MET D 1265 -79.45 -40.84 10.45
C MET D 1265 -78.50 -41.19 9.31
N THR D 1266 -78.72 -40.59 8.15
CA THR D 1266 -77.92 -40.86 6.96
C THR D 1266 -77.41 -39.54 6.39
N ILE D 1267 -76.13 -39.48 6.07
CA ILE D 1267 -75.48 -38.28 5.57
C ILE D 1267 -74.85 -38.60 4.23
N TYR D 1268 -75.12 -37.77 3.22
CA TYR D 1268 -74.61 -37.98 1.88
C TYR D 1268 -73.34 -37.16 1.66
N GLY D 1269 -72.81 -37.24 0.44
CA GLY D 1269 -71.54 -36.59 0.16
C GLY D 1269 -71.59 -35.08 0.23
N ASP D 1270 -72.70 -34.49 -0.22
CA ASP D 1270 -72.78 -33.05 -0.31
C ASP D 1270 -73.15 -32.38 1.02
N GLY D 1271 -73.38 -33.14 2.07
CA GLY D 1271 -73.74 -32.60 3.36
C GLY D 1271 -75.20 -32.71 3.71
N SER D 1272 -76.07 -33.03 2.75
CA SER D 1272 -77.47 -33.21 3.06
C SER D 1272 -77.69 -34.48 3.87
N PHE D 1273 -78.76 -34.47 4.66
CA PHE D 1273 -79.06 -35.59 5.55
C PHE D 1273 -80.43 -36.16 5.22
N LYS D 1274 -80.77 -37.26 5.91
CA LYS D 1274 -82.06 -37.90 5.74
C LYS D 1274 -82.31 -38.81 6.93
N LYS D 1275 -83.40 -38.56 7.64
CA LYS D 1275 -83.75 -39.37 8.81
C LYS D 1275 -84.25 -40.73 8.34
N MET D 1276 -83.71 -41.80 8.93
CA MET D 1276 -84.02 -43.14 8.47
C MET D 1276 -85.35 -43.63 9.05
N GLU D 1277 -86.07 -44.41 8.26
CA GLU D 1277 -87.34 -44.98 8.65
C GLU D 1277 -87.15 -46.44 9.09
N ASN D 1278 -88.25 -47.09 9.47
CA ASN D 1278 -88.17 -48.44 10.01
C ASN D 1278 -87.62 -49.42 8.97
N THR D 1279 -88.08 -49.32 7.72
CA THR D 1279 -87.62 -50.24 6.70
C THR D 1279 -86.13 -50.10 6.45
N ALA D 1280 -85.64 -48.86 6.38
CA ALA D 1280 -84.21 -48.64 6.22
C ALA D 1280 -83.45 -49.01 7.49
N LEU D 1281 -84.04 -48.77 8.66
CA LEU D 1281 -83.38 -49.08 9.91
C LEU D 1281 -83.14 -50.57 10.06
N SER D 1282 -84.11 -51.39 9.68
CA SER D 1282 -83.97 -52.83 9.81
C SER D 1282 -82.85 -53.39 8.94
N ARG D 1283 -82.39 -52.63 7.96
CA ARG D 1283 -81.34 -53.10 7.08
C ARG D 1283 -80.00 -53.22 7.80
N TYR D 1284 -79.77 -52.37 8.81
CA TYR D 1284 -78.48 -52.31 9.49
C TYR D 1284 -78.50 -52.96 10.86
N SER D 1285 -79.34 -53.98 11.05
CA SER D 1285 -79.44 -54.61 12.36
C SER D 1285 -78.16 -55.34 12.74
N GLN D 1286 -77.32 -55.69 11.78
CA GLN D 1286 -76.11 -56.43 12.08
C GLN D 1286 -75.03 -55.58 12.71
N LEU D 1287 -75.19 -54.26 12.73
CA LEU D 1287 -74.18 -53.38 13.31
C LEU D 1287 -74.27 -53.30 14.83
N LYS D 1288 -75.30 -53.89 15.43
CA LYS D 1288 -75.47 -53.79 16.87
C LYS D 1288 -74.33 -54.44 17.64
N ASN D 1289 -73.55 -55.32 17.00
CA ASN D 1289 -72.44 -55.96 17.68
C ASN D 1289 -71.27 -55.01 17.92
N THR D 1290 -71.28 -53.83 17.32
CA THR D 1290 -70.22 -52.84 17.51
C THR D 1290 -70.66 -51.68 18.38
N PHE D 1291 -71.60 -51.90 19.29
CA PHE D 1291 -72.10 -50.86 20.17
C PHE D 1291 -71.48 -51.01 21.56
N ASP D 1292 -71.43 -49.90 22.28
CA ASP D 1292 -70.98 -49.93 23.67
C ASP D 1292 -72.02 -50.66 24.52
N ILE D 1293 -71.53 -51.42 25.51
CA ILE D 1293 -72.39 -52.20 26.38
C ILE D 1293 -71.91 -52.08 27.81
N ILE D 1294 -72.77 -52.47 28.74
CA ILE D 1294 -72.43 -52.60 30.15
C ILE D 1294 -72.12 -54.05 30.42
N HIS D 1295 -70.93 -54.33 30.96
CA HIS D 1295 -70.51 -55.70 31.18
C HIS D 1295 -71.44 -56.41 32.15
N THR D 1296 -71.79 -57.65 31.83
CA THR D 1296 -72.67 -58.42 32.70
C THR D 1296 -72.00 -58.73 34.04
N GLN D 1297 -70.74 -59.16 34.00
CA GLN D 1297 -69.99 -59.44 35.22
C GLN D 1297 -69.30 -58.16 35.67
N GLY D 1298 -69.95 -57.44 36.58
CA GLY D 1298 -69.42 -56.17 37.03
C GLY D 1298 -69.87 -55.04 36.12
N ASN D 1299 -70.49 -54.02 36.70
CA ASN D 1299 -71.03 -52.92 35.91
C ASN D 1299 -69.89 -52.05 35.39
N ASP D 1300 -69.13 -52.57 34.44
CA ASP D 1300 -68.00 -51.87 33.85
C ASP D 1300 -68.33 -51.50 32.41
N LEU D 1301 -68.16 -50.23 32.08
CA LEU D 1301 -68.44 -49.76 30.72
C LEU D 1301 -67.32 -50.22 29.79
N VAL D 1302 -67.70 -50.82 28.66
CA VAL D 1302 -66.76 -51.23 27.64
C VAL D 1302 -67.15 -50.56 26.33
N ARG D 1303 -66.18 -49.96 25.66
CA ARG D 1303 -66.41 -49.27 24.39
C ARG D 1303 -65.89 -50.15 23.26
N LYS D 1304 -66.70 -50.33 22.23
CA LYS D 1304 -66.33 -51.12 21.07
C LYS D 1304 -66.14 -50.19 19.89
N ALA D 1305 -65.02 -50.35 19.18
CA ALA D 1305 -64.74 -49.51 18.02
C ALA D 1305 -65.70 -49.81 16.88
N SER D 1306 -66.16 -48.76 16.21
CA SER D 1306 -67.07 -48.92 15.10
C SER D 1306 -66.34 -49.49 13.88
N TYR D 1307 -67.11 -50.00 12.94
CA TYR D 1307 -66.57 -50.66 11.76
C TYR D 1307 -67.25 -50.14 10.51
N ARG D 1308 -66.54 -50.21 9.39
CA ARG D 1308 -67.14 -49.89 8.10
C ARG D 1308 -68.19 -50.93 7.75
N PHE D 1309 -69.32 -50.48 7.24
CA PHE D 1309 -70.45 -51.35 6.99
C PHE D 1309 -70.42 -51.94 5.59
N ALA D 1310 -70.93 -53.17 5.48
CA ALA D 1310 -71.16 -53.82 4.19
C ALA D 1310 -72.27 -54.85 4.39
N GLN D 1311 -72.88 -55.26 3.29
CA GLN D 1311 -74.06 -56.12 3.42
C GLN D 1311 -73.68 -57.55 3.80
N ASP D 1312 -72.97 -58.24 2.92
CA ASP D 1312 -72.47 -59.56 3.24
C ASP D 1312 -71.00 -59.74 2.87
N PHE D 1313 -70.56 -59.14 1.76
CA PHE D 1313 -69.17 -59.18 1.34
C PHE D 1313 -68.81 -57.82 0.78
N GLU D 1314 -67.54 -57.47 0.88
CA GLU D 1314 -67.03 -56.20 0.38
C GLU D 1314 -66.17 -56.45 -0.84
N VAL D 1315 -66.48 -55.73 -1.93
CA VAL D 1315 -65.71 -55.79 -3.17
C VAL D 1315 -65.42 -54.36 -3.60
N PRO D 1316 -64.26 -54.08 -4.17
CA PRO D 1316 -63.98 -52.70 -4.60
C PRO D 1316 -64.95 -52.25 -5.68
N ALA D 1317 -65.29 -50.97 -5.65
CA ALA D 1317 -66.29 -50.44 -6.56
C ALA D 1317 -65.79 -50.38 -8.01
N SER D 1318 -64.48 -50.33 -8.22
CA SER D 1318 -63.94 -50.21 -9.56
C SER D 1318 -62.55 -50.82 -9.59
N LEU D 1319 -62.06 -51.08 -10.80
CA LEU D 1319 -60.75 -51.71 -10.98
C LEU D 1319 -60.10 -51.14 -12.25
N ASN D 1320 -58.92 -50.55 -12.09
CA ASN D 1320 -58.20 -49.96 -13.20
C ASN D 1320 -57.22 -51.00 -13.76
N MET D 1321 -57.54 -51.54 -14.94
CA MET D 1321 -56.71 -52.58 -15.53
C MET D 1321 -55.30 -52.08 -15.76
N GLY D 1322 -55.16 -50.89 -16.35
CA GLY D 1322 -53.87 -50.37 -16.73
C GLY D 1322 -53.64 -50.44 -18.23
N SER D 1323 -52.40 -50.70 -18.63
CA SER D 1323 -52.05 -50.81 -20.03
C SER D 1323 -50.98 -51.89 -20.20
N ALA D 1324 -50.87 -52.39 -21.42
CA ALA D 1324 -49.91 -53.45 -21.73
C ALA D 1324 -49.39 -53.24 -23.14
N ILE D 1325 -48.23 -53.84 -23.42
CA ILE D 1325 -47.56 -53.75 -24.71
C ILE D 1325 -47.67 -55.10 -25.40
N GLY D 1326 -48.06 -55.08 -26.67
CA GLY D 1326 -48.22 -56.30 -27.44
C GLY D 1326 -46.88 -56.85 -27.91
N ASP D 1327 -46.98 -57.91 -28.70
CA ASP D 1327 -45.79 -58.58 -29.21
C ASP D 1327 -45.08 -57.71 -30.24
N ASP D 1328 -43.75 -57.76 -30.22
CA ASP D 1328 -42.89 -57.05 -31.17
C ASP D 1328 -43.11 -55.55 -31.15
N SER D 1329 -43.65 -55.02 -30.05
CA SER D 1329 -43.88 -53.58 -29.88
C SER D 1329 -44.68 -53.00 -31.05
N LEU D 1330 -45.77 -53.68 -31.39
CA LEU D 1330 -46.62 -53.29 -32.49
C LEU D 1330 -47.94 -52.66 -32.05
N THR D 1331 -48.65 -53.31 -31.12
CA THR D 1331 -49.94 -52.83 -30.65
C THR D 1331 -49.85 -52.52 -29.16
N VAL D 1332 -50.94 -51.96 -28.64
CA VAL D 1332 -51.00 -51.58 -27.23
C VAL D 1332 -52.47 -51.48 -26.82
N MET D 1333 -52.79 -52.04 -25.67
CA MET D 1333 -54.11 -51.88 -25.06
C MET D 1333 -54.04 -50.83 -23.96
N GLU D 1334 -55.01 -49.94 -23.94
CA GLU D 1334 -55.05 -48.83 -23.01
C GLU D 1334 -56.44 -48.70 -22.40
N ASN D 1335 -56.50 -47.89 -21.34
CA ASN D 1335 -57.76 -47.44 -20.74
C ASN D 1335 -58.62 -48.60 -20.27
N GLY D 1336 -58.02 -49.75 -20.00
CA GLY D 1336 -58.76 -50.86 -19.43
C GLY D 1336 -59.32 -50.48 -18.08
N ASN D 1337 -60.62 -50.59 -17.90
CA ASN D 1337 -61.23 -50.15 -16.66
C ASN D 1337 -62.56 -50.84 -16.46
N ILE D 1338 -62.84 -51.22 -15.22
CA ILE D 1338 -64.15 -51.71 -14.83
C ILE D 1338 -64.71 -50.75 -13.79
N PRO D 1339 -65.60 -49.85 -14.18
CA PRO D 1339 -66.01 -48.77 -13.28
C PRO D 1339 -66.99 -49.19 -12.20
N GLN D 1340 -67.74 -50.26 -12.44
CA GLN D 1340 -68.78 -50.68 -11.50
C GLN D 1340 -68.68 -52.18 -11.26
N ILE D 1341 -68.58 -52.55 -9.98
CA ILE D 1341 -68.57 -53.95 -9.56
C ILE D 1341 -69.57 -54.09 -8.42
N THR D 1342 -70.53 -54.99 -8.58
CA THR D 1342 -71.57 -55.21 -7.58
C THR D 1342 -71.57 -56.67 -7.15
N SER D 1343 -72.07 -56.91 -5.94
CA SER D 1343 -72.15 -58.24 -5.38
C SER D 1343 -73.55 -58.48 -4.83
N LYS D 1344 -73.98 -59.74 -4.89
CA LYS D 1344 -75.28 -60.14 -4.38
C LYS D 1344 -75.15 -61.51 -3.73
N TYR D 1345 -75.48 -61.59 -2.45
CA TYR D 1345 -75.42 -62.83 -1.69
C TYR D 1345 -76.85 -63.26 -1.41
N SER D 1346 -77.34 -64.25 -2.18
CA SER D 1346 -78.69 -64.75 -2.03
C SER D 1346 -78.62 -66.19 -1.53
N SER D 1347 -79.32 -66.45 -0.42
CA SER D 1347 -79.25 -67.76 0.25
C SER D 1347 -77.81 -68.09 0.61
N ASP D 1348 -77.20 -69.00 -0.14
CA ASP D 1348 -75.80 -69.37 0.08
C ASP D 1348 -74.97 -69.22 -1.19
N ASN D 1349 -75.44 -68.43 -2.15
CA ASN D 1349 -74.76 -68.22 -3.41
C ASN D 1349 -74.37 -66.75 -3.54
N LEU D 1350 -73.10 -66.52 -3.83
CA LEU D 1350 -72.57 -65.18 -4.04
C LEU D 1350 -72.33 -64.97 -5.53
N ALA D 1351 -72.89 -63.90 -6.08
CA ALA D 1351 -72.75 -63.57 -7.49
C ALA D 1351 -72.15 -62.18 -7.63
N ILE D 1352 -71.23 -62.04 -8.59
CA ILE D 1352 -70.54 -60.78 -8.82
C ILE D 1352 -70.86 -60.30 -10.23
N THR D 1353 -71.26 -59.04 -10.34
CA THR D 1353 -71.62 -58.44 -11.61
C THR D 1353 -70.64 -57.33 -11.94
N LEU D 1354 -70.06 -57.39 -13.13
CA LEU D 1354 -69.16 -56.36 -13.64
C LEU D 1354 -69.88 -55.55 -14.70
N HIS D 1355 -69.84 -54.22 -14.56
CA HIS D 1355 -70.56 -53.33 -15.46
C HIS D 1355 -69.56 -52.53 -16.30
N ASN D 1356 -69.77 -52.52 -17.61
CA ASN D 1356 -69.02 -51.66 -18.53
C ASN D 1356 -67.53 -51.95 -18.50
N ALA D 1357 -67.19 -53.23 -18.65
CA ALA D 1357 -65.79 -53.63 -18.78
C ALA D 1357 -65.29 -53.24 -20.16
N ALA D 1358 -64.39 -52.27 -20.24
CA ALA D 1358 -63.99 -51.69 -21.52
C ALA D 1358 -62.47 -51.54 -21.59
N PHE D 1359 -61.97 -51.52 -22.82
CA PHE D 1359 -60.55 -51.29 -23.08
C PHE D 1359 -60.38 -50.97 -24.56
N THR D 1360 -59.35 -50.20 -24.87
CA THR D 1360 -59.09 -49.78 -26.24
C THR D 1360 -57.83 -50.46 -26.76
N VAL D 1361 -57.84 -50.83 -28.05
CA VAL D 1361 -56.70 -51.44 -28.71
C VAL D 1361 -56.24 -50.52 -29.82
N ARG D 1362 -54.94 -50.21 -29.85
CA ARG D 1362 -54.41 -49.29 -30.84
C ARG D 1362 -53.08 -49.78 -31.36
N TYR D 1363 -52.88 -49.67 -32.67
CA TYR D 1363 -51.61 -50.05 -33.30
C TYR D 1363 -50.60 -48.92 -33.08
N ASP D 1364 -49.60 -49.19 -32.26
CA ASP D 1364 -48.58 -48.19 -31.93
C ASP D 1364 -47.43 -48.87 -31.22
N GLY D 1365 -46.21 -48.42 -31.52
CA GLY D 1365 -45.02 -48.93 -30.85
C GLY D 1365 -44.54 -47.96 -29.78
N SER D 1366 -43.96 -48.51 -28.72
CA SER D 1366 -43.52 -47.68 -27.60
C SER D 1366 -42.07 -47.23 -27.77
N GLY D 1367 -41.76 -46.70 -28.95
CA GLY D 1367 -40.48 -46.06 -29.20
C GLY D 1367 -39.47 -46.96 -29.88
N ASN D 1368 -39.39 -46.86 -31.21
CA ASN D 1368 -38.40 -47.58 -32.01
C ASN D 1368 -38.57 -47.22 -33.48
N VAL D 1369 -37.76 -47.81 -34.35
CA VAL D 1369 -37.95 -47.63 -35.79
C VAL D 1369 -39.28 -48.19 -36.26
N ILE D 1370 -39.82 -49.18 -35.54
CA ILE D 1370 -41.07 -49.81 -35.97
C ILE D 1370 -42.20 -48.78 -36.04
N ARG D 1371 -42.51 -48.17 -34.90
CA ARG D 1371 -43.58 -47.18 -34.89
C ARG D 1371 -43.23 -45.98 -35.75
N ASN D 1372 -41.95 -45.62 -35.83
CA ASN D 1372 -41.56 -44.47 -36.62
C ASN D 1372 -41.89 -44.67 -38.10
N LYS D 1373 -41.61 -45.86 -38.64
CA LYS D 1373 -41.70 -46.05 -40.08
C LYS D 1373 -42.74 -47.08 -40.49
N GLN D 1374 -42.68 -48.30 -39.95
CA GLN D 1374 -43.51 -49.37 -40.49
C GLN D 1374 -44.98 -49.15 -40.19
N ILE D 1375 -45.31 -48.68 -38.98
CA ILE D 1375 -46.71 -48.47 -38.63
C ILE D 1375 -47.31 -47.40 -39.52
N SER D 1376 -46.60 -46.30 -39.73
CA SER D 1376 -47.05 -45.30 -40.69
C SER D 1376 -47.11 -45.87 -42.11
N ALA D 1377 -46.25 -46.85 -42.41
CA ALA D 1377 -46.25 -47.45 -43.73
C ALA D 1377 -47.54 -48.21 -43.99
N MET D 1378 -48.00 -49.00 -43.03
CA MET D 1378 -49.24 -49.73 -43.27
C MET D 1378 -50.49 -48.91 -43.00
N LYS D 1379 -50.36 -47.67 -42.54
CA LYS D 1379 -51.51 -46.80 -42.43
C LYS D 1379 -51.81 -46.04 -43.72
N LEU D 1380 -50.95 -46.16 -44.73
CA LEU D 1380 -51.17 -45.47 -45.99
C LEU D 1380 -52.33 -46.10 -46.76
N THR D 1381 -53.04 -45.27 -47.52
CA THR D 1381 -54.13 -45.75 -48.35
C THR D 1381 -53.59 -46.44 -49.59
N GLY D 1382 -54.23 -47.55 -49.96
CA GLY D 1382 -53.83 -48.30 -51.13
C GLY D 1382 -54.36 -47.69 -52.42
N VAL D 1383 -53.99 -48.32 -53.52
CA VAL D 1383 -54.46 -47.86 -54.83
C VAL D 1383 -55.79 -48.50 -55.19
N ASP D 1384 -56.01 -49.77 -54.85
CA ASP D 1384 -57.28 -50.41 -55.11
C ASP D 1384 -58.41 -49.85 -54.26
N GLY D 1385 -58.14 -48.83 -53.46
CA GLY D 1385 -59.17 -48.16 -52.69
C GLY D 1385 -59.03 -48.31 -51.20
N LYS D 1386 -58.41 -47.32 -50.57
CA LYS D 1386 -58.37 -47.14 -49.12
C LYS D 1386 -58.03 -48.40 -48.35
N SER D 1387 -58.64 -48.56 -47.18
CA SER D 1387 -58.52 -49.77 -46.35
C SER D 1387 -57.08 -50.01 -45.89
N GLN D 1388 -56.46 -51.07 -46.41
CA GLN D 1388 -55.18 -51.62 -45.98
C GLN D 1388 -55.25 -52.18 -44.56
N TYR D 1389 -56.43 -52.34 -43.99
CA TYR D 1389 -56.58 -52.93 -42.67
C TYR D 1389 -57.00 -54.39 -42.79
N GLY D 1390 -56.50 -55.21 -41.87
CA GLY D 1390 -56.80 -56.63 -41.89
C GLY D 1390 -56.04 -57.42 -42.93
N ASN D 1391 -55.05 -56.83 -43.57
CA ASN D 1391 -54.27 -57.52 -44.58
C ASN D 1391 -53.06 -58.21 -43.95
N ALA D 1392 -52.40 -59.04 -44.74
CA ALA D 1392 -51.19 -59.73 -44.30
C ALA D 1392 -49.96 -58.95 -44.75
N PHE D 1393 -49.04 -58.71 -43.83
CA PHE D 1393 -47.87 -57.88 -44.08
C PHE D 1393 -46.59 -58.66 -43.83
N ILE D 1394 -45.55 -58.28 -44.56
CA ILE D 1394 -44.20 -58.81 -44.38
C ILE D 1394 -43.31 -57.64 -43.98
N ILE D 1395 -42.72 -57.71 -42.79
CA ILE D 1395 -41.90 -56.64 -42.24
C ILE D 1395 -40.55 -57.20 -41.86
N ALA D 1396 -39.65 -56.31 -41.43
CA ALA D 1396 -38.30 -56.68 -41.07
C ALA D 1396 -38.12 -56.66 -39.57
N ASN D 1397 -37.30 -57.58 -39.06
CA ASN D 1397 -37.00 -57.62 -37.63
C ASN D 1397 -36.31 -56.34 -37.18
N THR D 1398 -35.11 -56.10 -37.68
CA THR D 1398 -34.32 -54.94 -37.29
C THR D 1398 -33.69 -54.33 -38.53
N VAL D 1399 -33.97 -53.05 -38.77
CA VAL D 1399 -33.43 -52.32 -39.92
C VAL D 1399 -32.45 -51.28 -39.39
N LYS D 1400 -31.26 -51.23 -40.00
CA LYS D 1400 -30.23 -50.29 -39.59
C LYS D 1400 -29.66 -49.57 -40.81
N HIS D 1401 -29.33 -48.30 -40.62
CA HIS D 1401 -28.69 -47.56 -41.69
C HIS D 1401 -27.36 -48.20 -42.05
N TYR D 1402 -27.11 -48.38 -43.35
CA TYR D 1402 -25.92 -49.09 -43.81
C TYR D 1402 -24.93 -48.17 -44.50
N GLY D 1403 -25.39 -47.28 -45.37
CA GLY D 1403 -24.48 -46.41 -46.07
C GLY D 1403 -25.22 -45.50 -47.02
N GLY D 1404 -24.45 -44.80 -47.84
CA GLY D 1404 -24.98 -43.87 -48.81
C GLY D 1404 -24.34 -42.50 -48.66
N TYR D 1405 -24.78 -41.58 -49.51
CA TYR D 1405 -24.25 -40.23 -49.48
C TYR D 1405 -24.57 -39.55 -48.16
N SER D 1406 -25.79 -39.75 -47.66
CA SER D 1406 -26.18 -39.21 -46.36
C SER D 1406 -27.25 -40.12 -45.78
N ASP D 1407 -27.43 -40.02 -44.46
CA ASP D 1407 -28.42 -40.83 -43.75
C ASP D 1407 -29.71 -40.03 -43.65
N LEU D 1408 -30.60 -40.26 -44.60
CA LEU D 1408 -31.93 -39.68 -44.54
C LEU D 1408 -32.78 -40.51 -43.58
N GLY D 1409 -34.09 -40.30 -43.59
CA GLY D 1409 -34.97 -41.17 -42.84
C GLY D 1409 -34.90 -42.61 -43.27
N GLY D 1410 -34.39 -42.86 -44.47
CA GLY D 1410 -34.19 -44.20 -44.96
C GLY D 1410 -35.46 -44.78 -45.52
N PRO D 1411 -35.37 -45.37 -46.71
CA PRO D 1411 -36.57 -45.99 -47.29
C PRO D 1411 -36.91 -47.27 -46.56
N ILE D 1412 -37.94 -47.22 -45.73
CA ILE D 1412 -38.44 -48.39 -45.01
C ILE D 1412 -39.60 -48.96 -45.80
N THR D 1413 -39.50 -50.23 -46.18
CA THR D 1413 -40.45 -50.85 -47.08
C THR D 1413 -41.21 -51.97 -46.38
N VAL D 1414 -42.48 -52.12 -46.75
CA VAL D 1414 -43.33 -53.16 -46.22
C VAL D 1414 -44.15 -53.75 -47.37
N TYR D 1415 -44.34 -55.07 -47.35
CA TYR D 1415 -45.03 -55.79 -48.40
C TYR D 1415 -46.42 -56.18 -47.92
N ASN D 1416 -47.42 -55.93 -48.76
CA ASN D 1416 -48.81 -56.32 -48.51
C ASN D 1416 -49.12 -57.49 -49.43
N LYS D 1417 -49.29 -58.68 -48.85
CA LYS D 1417 -49.47 -59.90 -49.63
C LYS D 1417 -50.86 -60.02 -50.20
N THR D 1418 -51.89 -59.55 -49.49
CA THR D 1418 -53.26 -59.72 -49.96
C THR D 1418 -53.50 -58.97 -51.25
N LYS D 1419 -52.79 -57.87 -51.47
CA LYS D 1419 -52.93 -57.08 -52.69
C LYS D 1419 -51.63 -56.90 -53.45
N ASN D 1420 -50.54 -57.49 -52.97
CA ASN D 1420 -49.23 -57.39 -53.62
C ASN D 1420 -48.82 -55.92 -53.80
N TYR D 1421 -48.69 -55.23 -52.68
CA TYR D 1421 -48.31 -53.83 -52.66
C TYR D 1421 -46.95 -53.68 -51.96
N ILE D 1422 -46.20 -52.67 -52.37
CA ILE D 1422 -44.99 -52.27 -51.67
C ILE D 1422 -45.17 -50.84 -51.20
N ALA D 1423 -45.08 -50.63 -49.89
CA ALA D 1423 -45.23 -49.31 -49.30
C ALA D 1423 -43.89 -48.89 -48.70
N SER D 1424 -43.41 -47.72 -49.12
CA SER D 1424 -42.11 -47.23 -48.69
C SER D 1424 -42.27 -45.86 -48.04
N VAL D 1425 -41.54 -45.65 -46.95
CA VAL D 1425 -41.54 -44.37 -46.24
C VAL D 1425 -40.11 -43.86 -46.13
N GLN D 1426 -40.00 -42.55 -45.88
CA GLN D 1426 -38.72 -41.88 -45.79
C GLN D 1426 -38.86 -40.67 -44.89
N GLY D 1427 -37.72 -40.17 -44.41
CA GLY D 1427 -37.73 -39.02 -43.54
C GLY D 1427 -37.57 -37.69 -44.27
N HIS D 1428 -36.51 -37.56 -45.06
CA HIS D 1428 -36.25 -36.34 -45.81
C HIS D 1428 -35.76 -36.71 -47.20
N LEU D 1429 -35.50 -35.68 -48.01
CA LEU D 1429 -34.87 -35.84 -49.31
C LEU D 1429 -33.79 -34.77 -49.45
N MET D 1430 -32.72 -35.12 -50.16
CA MET D 1430 -31.57 -34.21 -50.25
C MET D 1430 -31.84 -33.07 -51.22
N ASN D 1431 -32.08 -33.38 -52.49
CA ASN D 1431 -32.30 -32.37 -53.51
C ASN D 1431 -33.50 -32.74 -54.36
N ALA D 1432 -34.32 -31.74 -54.69
CA ALA D 1432 -35.52 -31.98 -55.46
C ALA D 1432 -35.22 -32.25 -56.94
N ASP D 1433 -34.18 -31.63 -57.49
CA ASP D 1433 -33.90 -31.77 -58.92
C ASP D 1433 -33.45 -33.18 -59.29
N TYR D 1434 -32.83 -33.90 -58.37
CA TYR D 1434 -32.35 -35.25 -58.66
C TYR D 1434 -33.52 -36.21 -58.86
N THR D 1435 -33.39 -37.08 -59.85
CA THR D 1435 -34.37 -38.14 -60.03
C THR D 1435 -34.26 -39.13 -58.88
N ARG D 1436 -35.40 -39.63 -58.42
CA ARG D 1436 -35.45 -40.54 -57.28
C ARG D 1436 -36.34 -41.73 -57.61
N ARG D 1437 -35.90 -42.91 -57.19
CA ARG D 1437 -36.70 -44.11 -57.38
C ARG D 1437 -36.28 -45.16 -56.36
N LEU D 1438 -37.26 -45.92 -55.89
CA LEU D 1438 -36.99 -47.02 -54.97
C LEU D 1438 -36.35 -48.18 -55.71
N ILE D 1439 -35.28 -48.72 -55.14
CA ILE D 1439 -34.50 -49.77 -55.77
C ILE D 1439 -34.19 -50.84 -54.71
N LEU D 1440 -34.51 -52.09 -55.03
CA LEU D 1440 -34.31 -53.21 -54.12
C LEU D 1440 -33.40 -54.22 -54.81
N THR D 1441 -32.20 -54.41 -54.25
CA THR D 1441 -31.16 -55.30 -54.72
C THR D 1441 -30.69 -56.18 -53.57
N PRO D 1442 -30.29 -57.42 -53.86
CA PRO D 1442 -29.75 -58.29 -52.80
C PRO D 1442 -28.28 -58.08 -52.50
N VAL D 1443 -27.59 -57.22 -53.24
CA VAL D 1443 -26.15 -57.05 -53.05
C VAL D 1443 -25.74 -55.63 -52.69
N GLU D 1444 -26.59 -54.63 -52.91
CA GLU D 1444 -26.38 -53.22 -52.55
C GLU D 1444 -25.25 -52.57 -53.33
N ASN D 1445 -24.57 -53.28 -54.21
CA ASN D 1445 -23.47 -52.71 -54.96
C ASN D 1445 -23.70 -52.71 -56.47
N ASN D 1446 -24.19 -53.82 -57.02
CA ASN D 1446 -24.40 -53.94 -58.45
C ASN D 1446 -25.80 -53.47 -58.79
N TYR D 1447 -25.89 -52.44 -59.64
CA TYR D 1447 -27.19 -51.96 -60.08
C TYR D 1447 -27.92 -53.01 -60.90
N TYR D 1448 -27.20 -53.73 -61.75
CA TYR D 1448 -27.80 -54.73 -62.62
C TYR D 1448 -28.25 -55.98 -61.86
N ALA D 1449 -27.90 -56.11 -60.59
CA ALA D 1449 -28.36 -57.22 -59.76
C ALA D 1449 -29.68 -56.91 -59.06
N ARG D 1450 -30.29 -55.77 -59.35
CA ARG D 1450 -31.52 -55.37 -58.69
C ARG D 1450 -32.66 -56.33 -59.04
N LEU D 1451 -33.60 -56.46 -58.10
CA LEU D 1451 -34.81 -57.21 -58.34
C LEU D 1451 -36.07 -56.37 -58.33
N PHE D 1452 -36.04 -55.15 -57.78
CA PHE D 1452 -37.21 -54.29 -57.77
C PHE D 1452 -36.83 -52.86 -58.11
N GLU D 1453 -37.61 -52.21 -58.97
CA GLU D 1453 -37.40 -50.81 -59.30
C GLU D 1453 -38.75 -50.12 -59.43
N PHE D 1454 -38.94 -49.02 -58.72
CA PHE D 1454 -40.19 -48.27 -58.76
C PHE D 1454 -39.93 -46.78 -58.82
N PRO D 1455 -40.31 -46.10 -59.89
CA PRO D 1455 -40.09 -44.65 -59.97
C PRO D 1455 -41.18 -43.89 -59.25
N PHE D 1456 -40.77 -42.89 -58.46
CA PHE D 1456 -41.71 -42.03 -57.77
C PHE D 1456 -42.46 -41.17 -58.79
N SER D 1457 -43.77 -41.36 -58.91
CA SER D 1457 -44.52 -40.64 -59.94
C SER D 1457 -44.46 -39.13 -59.72
N PRO D 1458 -44.57 -38.57 -58.49
CA PRO D 1458 -44.04 -37.24 -58.26
C PRO D 1458 -42.63 -37.32 -57.72
N ASN D 1459 -41.75 -36.39 -58.09
CA ASN D 1459 -40.37 -36.48 -57.60
C ASN D 1459 -40.30 -36.16 -56.11
N THR D 1460 -41.01 -35.12 -55.67
CA THR D 1460 -40.97 -34.67 -54.28
C THR D 1460 -42.17 -35.20 -53.50
N ILE D 1461 -42.20 -36.51 -53.28
CA ILE D 1461 -43.24 -37.14 -52.50
C ILE D 1461 -42.60 -38.17 -51.58
N LEU D 1462 -43.23 -38.37 -50.43
CA LEU D 1462 -42.80 -39.39 -49.47
C LEU D 1462 -44.00 -40.25 -49.13
N ASN D 1463 -43.71 -41.48 -48.70
CA ASN D 1463 -44.74 -42.42 -48.22
C ASN D 1463 -45.75 -42.73 -49.33
N THR D 1464 -45.27 -43.44 -50.36
CA THR D 1464 -46.11 -43.89 -51.45
C THR D 1464 -46.20 -45.41 -51.47
N VAL D 1465 -47.05 -45.91 -52.37
CA VAL D 1465 -47.22 -47.34 -52.62
C VAL D 1465 -46.98 -47.57 -54.12
N PHE D 1466 -46.68 -48.82 -54.47
CA PHE D 1466 -46.14 -49.10 -55.80
C PHE D 1466 -46.81 -50.23 -56.56
N THR D 1467 -47.60 -51.10 -55.93
CA THR D 1467 -48.43 -52.08 -56.63
C THR D 1467 -47.59 -52.98 -57.54
N VAL D 1468 -46.77 -53.82 -56.89
CA VAL D 1468 -45.95 -54.80 -57.61
C VAL D 1468 -46.76 -55.51 -58.69
N GLY D 1469 -47.91 -56.07 -58.31
CA GLY D 1469 -48.83 -56.66 -59.26
C GLY D 1469 -48.75 -58.18 -59.37
N SER D 1470 -47.77 -58.81 -58.73
CA SER D 1470 -47.63 -60.26 -58.79
C SER D 1470 -47.12 -60.76 -57.45
N ASN D 1471 -47.38 -62.05 -57.19
CA ASN D 1471 -46.93 -62.66 -55.94
C ASN D 1471 -45.42 -62.87 -55.96
N LYS D 1472 -44.68 -61.91 -55.43
CA LYS D 1472 -43.23 -61.97 -55.37
C LYS D 1472 -42.73 -61.92 -53.94
N THR D 1473 -43.41 -62.67 -53.06
CA THR D 1473 -43.05 -62.66 -51.65
C THR D 1473 -41.64 -63.20 -51.43
N SER D 1474 -41.28 -64.26 -52.15
CA SER D 1474 -39.94 -64.82 -52.01
C SER D 1474 -38.88 -63.82 -52.44
N ASP D 1475 -39.11 -63.12 -53.56
CA ASP D 1475 -38.14 -62.14 -54.04
C ASP D 1475 -37.97 -61.01 -53.04
N PHE D 1476 -39.08 -60.52 -52.47
CA PHE D 1476 -38.99 -59.48 -51.45
C PHE D 1476 -38.25 -59.99 -50.22
N LYS D 1477 -38.50 -61.24 -49.84
CA LYS D 1477 -37.86 -61.79 -48.65
C LYS D 1477 -36.35 -61.91 -48.85
N LYS D 1478 -35.91 -62.28 -50.04
CA LYS D 1478 -34.48 -62.45 -50.28
C LYS D 1478 -33.77 -61.15 -50.65
N CYS D 1479 -34.49 -60.03 -50.73
CA CYS D 1479 -33.91 -58.76 -51.12
C CYS D 1479 -33.80 -57.85 -49.89
N SER D 1480 -32.59 -57.69 -49.39
CA SER D 1480 -32.28 -56.71 -48.37
C SER D 1480 -31.85 -55.41 -49.05
N TYR D 1481 -31.31 -54.47 -48.28
CA TYR D 1481 -30.66 -53.28 -48.80
C TYR D 1481 -31.61 -52.44 -49.67
N ALA D 1482 -32.63 -51.89 -49.01
CA ALA D 1482 -33.50 -50.93 -49.65
C ALA D 1482 -32.71 -49.67 -49.99
N VAL D 1483 -32.73 -49.28 -51.26
CA VAL D 1483 -31.92 -48.17 -51.76
C VAL D 1483 -32.86 -47.08 -52.28
N ASP D 1484 -32.63 -45.85 -51.85
CA ASP D 1484 -33.47 -44.73 -52.21
C ASP D 1484 -32.86 -43.82 -53.27
N GLY D 1485 -31.77 -44.24 -53.90
CA GLY D 1485 -31.14 -43.43 -54.93
C GLY D 1485 -31.16 -44.07 -56.30
N ASN D 1486 -30.01 -44.59 -56.73
CA ASN D 1486 -29.88 -45.38 -57.96
C ASN D 1486 -30.33 -44.59 -59.19
N ASN D 1487 -29.57 -43.55 -59.50
CA ASN D 1487 -29.79 -42.76 -60.70
C ASN D 1487 -29.12 -43.44 -61.89
N SER D 1488 -29.05 -42.75 -63.03
CA SER D 1488 -28.51 -43.30 -64.26
C SER D 1488 -27.14 -42.76 -64.60
N GLN D 1489 -26.52 -41.97 -63.72
CA GLN D 1489 -25.18 -41.42 -63.94
C GLN D 1489 -24.13 -42.14 -63.10
N GLY D 1490 -24.27 -43.46 -62.99
CA GLY D 1490 -23.46 -44.25 -62.09
C GLY D 1490 -24.36 -45.09 -61.20
N PHE D 1491 -24.16 -45.00 -59.89
CA PHE D 1491 -25.10 -45.60 -58.95
C PHE D 1491 -25.76 -44.55 -58.06
N GLN D 1492 -24.97 -43.73 -57.35
CA GLN D 1492 -25.50 -42.62 -56.56
C GLN D 1492 -26.52 -43.10 -55.53
N ILE D 1493 -26.02 -43.89 -54.57
CA ILE D 1493 -26.87 -44.38 -53.50
C ILE D 1493 -27.13 -43.25 -52.52
N PHE D 1494 -28.35 -42.71 -52.52
CA PHE D 1494 -28.70 -41.66 -51.57
C PHE D 1494 -28.76 -42.21 -50.15
N SER D 1495 -29.35 -43.38 -49.96
CA SER D 1495 -29.46 -44.00 -48.66
C SER D 1495 -29.64 -45.50 -48.83
N SER D 1496 -29.36 -46.25 -47.76
CA SER D 1496 -29.46 -47.69 -47.81
C SER D 1496 -29.67 -48.23 -46.41
N TYR D 1497 -30.56 -49.22 -46.28
CA TYR D 1497 -30.90 -49.78 -44.99
C TYR D 1497 -30.82 -51.30 -45.05
N GLN D 1498 -30.17 -51.90 -44.05
CA GLN D 1498 -30.11 -53.34 -43.90
C GLN D 1498 -31.33 -53.82 -43.14
N SER D 1499 -31.94 -54.90 -43.62
CA SER D 1499 -33.22 -55.38 -43.09
C SER D 1499 -33.08 -56.51 -42.07
N SER D 1500 -32.03 -57.33 -42.17
CA SER D 1500 -31.77 -58.43 -41.24
C SER D 1500 -32.94 -59.41 -41.30
N GLY D 1501 -33.66 -59.65 -40.22
CA GLY D 1501 -34.65 -60.70 -40.19
C GLY D 1501 -35.95 -60.33 -40.89
N TRP D 1502 -36.87 -61.29 -40.92
CA TRP D 1502 -38.16 -61.13 -41.57
C TRP D 1502 -39.26 -61.68 -40.68
N LEU D 1503 -40.40 -60.99 -40.65
CA LEU D 1503 -41.56 -61.40 -39.91
C LEU D 1503 -42.81 -61.26 -40.78
N ASP D 1504 -43.78 -62.12 -40.53
CA ASP D 1504 -45.07 -62.07 -41.20
C ASP D 1504 -46.16 -61.83 -40.15
N ILE D 1505 -47.02 -60.84 -40.42
CA ILE D 1505 -48.06 -60.48 -39.47
C ILE D 1505 -49.40 -60.43 -40.20
N ASP D 1506 -50.47 -60.57 -39.43
CA ASP D 1506 -51.82 -60.46 -39.92
C ASP D 1506 -52.58 -59.44 -39.08
N THR D 1507 -53.19 -58.47 -39.74
CA THR D 1507 -53.91 -57.41 -39.04
C THR D 1507 -55.37 -57.76 -38.78
N GLY D 1508 -55.91 -58.78 -39.43
CA GLY D 1508 -57.28 -59.17 -39.19
C GLY D 1508 -57.46 -59.77 -37.81
N ILE D 1509 -58.70 -59.70 -37.31
CA ILE D 1509 -59.03 -60.16 -35.98
C ILE D 1509 -60.33 -60.97 -36.04
N ASN D 1510 -60.51 -61.83 -35.05
CA ASN D 1510 -61.72 -62.63 -34.90
C ASN D 1510 -62.42 -62.23 -33.61
N ASN D 1511 -63.76 -62.14 -33.66
CA ASN D 1511 -64.51 -61.74 -32.49
C ASN D 1511 -64.50 -62.82 -31.40
N THR D 1512 -64.05 -64.03 -31.72
CA THR D 1512 -63.97 -65.10 -30.73
C THR D 1512 -62.63 -65.13 -30.00
N ASP D 1513 -61.67 -64.32 -30.40
CA ASP D 1513 -60.35 -64.29 -29.77
C ASP D 1513 -60.15 -63.10 -28.85
N ILE D 1514 -61.15 -62.24 -28.71
CA ILE D 1514 -61.10 -61.11 -27.80
C ILE D 1514 -61.92 -61.50 -26.58
N LYS D 1515 -61.26 -62.00 -25.55
CA LYS D 1515 -61.96 -62.64 -24.44
C LYS D 1515 -61.52 -62.08 -23.10
N ILE D 1516 -62.37 -62.29 -22.11
CA ILE D 1516 -62.09 -61.97 -20.72
C ILE D 1516 -62.30 -63.25 -19.92
N THR D 1517 -61.27 -63.68 -19.21
CA THR D 1517 -61.34 -64.91 -18.42
C THR D 1517 -61.23 -64.57 -16.94
N VAL D 1518 -62.11 -65.16 -16.14
CA VAL D 1518 -62.16 -64.92 -14.70
C VAL D 1518 -62.04 -66.24 -13.98
N MET D 1519 -61.15 -66.29 -13.00
CA MET D 1519 -60.94 -67.46 -12.15
C MET D 1519 -61.44 -67.13 -10.75
N ALA D 1520 -62.40 -67.91 -10.27
CA ALA D 1520 -62.94 -67.77 -8.92
C ALA D 1520 -62.84 -69.14 -8.25
N GLY D 1521 -61.85 -69.28 -7.37
CA GLY D 1521 -61.62 -70.55 -6.73
C GLY D 1521 -61.28 -71.64 -7.73
N SER D 1522 -62.21 -72.57 -7.93
CA SER D 1522 -62.03 -73.64 -8.90
C SER D 1522 -62.80 -73.41 -10.19
N LYS D 1523 -63.67 -72.40 -10.24
CA LYS D 1523 -64.46 -72.13 -11.43
C LYS D 1523 -63.73 -71.17 -12.35
N THR D 1524 -63.84 -71.41 -13.65
CA THR D 1524 -63.26 -70.55 -14.68
C THR D 1524 -64.35 -70.19 -15.67
N HIS D 1525 -64.56 -68.89 -15.88
CA HIS D 1525 -65.56 -68.40 -16.82
C HIS D 1525 -64.86 -67.60 -17.91
N THR D 1526 -65.19 -67.90 -19.16
CA THR D 1526 -64.66 -67.19 -20.31
C THR D 1526 -65.79 -66.48 -21.02
N PHE D 1527 -65.65 -65.17 -21.21
CA PHE D 1527 -66.63 -64.37 -21.92
C PHE D 1527 -65.96 -63.80 -23.17
N THR D 1528 -66.43 -64.21 -24.34
CA THR D 1528 -65.90 -63.74 -25.60
C THR D 1528 -66.77 -62.61 -26.14
N ALA D 1529 -66.16 -61.78 -26.99
CA ALA D 1529 -66.87 -60.64 -27.57
C ALA D 1529 -67.89 -61.05 -28.60
N SER D 1530 -67.92 -62.32 -29.00
CA SER D 1530 -68.86 -62.76 -30.02
C SER D 1530 -70.31 -62.63 -29.54
N ASP D 1531 -70.54 -62.67 -28.23
CA ASP D 1531 -71.89 -62.63 -27.70
C ASP D 1531 -72.08 -61.68 -26.52
N HIS D 1532 -71.00 -61.14 -25.95
CA HIS D 1532 -71.10 -60.27 -24.78
C HIS D 1532 -70.62 -58.86 -25.08
N ILE D 1533 -70.58 -58.46 -26.34
CA ILE D 1533 -70.11 -57.14 -26.72
C ILE D 1533 -71.29 -56.17 -26.74
N ALA D 1534 -71.06 -54.96 -26.25
CA ALA D 1534 -72.11 -53.94 -26.30
C ALA D 1534 -72.23 -53.34 -27.70
N SER D 1535 -71.10 -52.97 -28.30
CA SER D 1535 -71.10 -52.39 -29.65
C SER D 1535 -69.71 -52.58 -30.23
N LEU D 1536 -69.62 -53.29 -31.34
CA LEU D 1536 -68.34 -53.52 -31.97
C LEU D 1536 -67.82 -52.22 -32.59
N PRO D 1537 -66.59 -51.80 -32.28
CA PRO D 1537 -66.13 -50.49 -32.76
C PRO D 1537 -65.76 -50.48 -34.23
N ALA D 1538 -65.36 -49.32 -34.74
CA ALA D 1538 -65.00 -49.18 -36.14
C ALA D 1538 -63.73 -49.96 -36.44
N ASN D 1539 -63.70 -50.59 -37.61
CA ASN D 1539 -62.56 -51.40 -38.03
C ASN D 1539 -61.53 -50.48 -38.67
N SER D 1540 -60.58 -50.00 -37.86
CA SER D 1540 -59.58 -49.06 -38.35
C SER D 1540 -58.28 -49.25 -37.57
N PHE D 1541 -57.19 -48.77 -38.17
CA PHE D 1541 -55.87 -48.84 -37.55
C PHE D 1541 -55.74 -47.96 -36.32
N ASP D 1542 -56.65 -47.02 -36.11
CA ASP D 1542 -56.58 -46.12 -34.97
C ASP D 1542 -57.14 -46.83 -33.74
N ALA D 1543 -57.40 -46.07 -32.68
CA ALA D 1543 -57.91 -46.65 -31.44
C ALA D 1543 -59.27 -47.28 -31.66
N MET D 1544 -59.43 -48.51 -31.19
CA MET D 1544 -60.70 -49.22 -31.26
C MET D 1544 -61.14 -49.55 -29.83
N PRO D 1545 -62.16 -48.91 -29.31
CA PRO D 1545 -62.61 -49.22 -27.94
C PRO D 1545 -63.67 -50.31 -27.90
N TYR D 1546 -63.46 -51.33 -27.08
CA TYR D 1546 -64.40 -52.41 -26.87
C TYR D 1546 -65.03 -52.24 -25.50
N THR D 1547 -66.36 -52.34 -25.45
CA THR D 1547 -67.12 -52.26 -24.21
C THR D 1547 -68.03 -53.48 -24.11
N PHE D 1548 -68.26 -53.94 -22.89
CA PHE D 1548 -68.98 -55.19 -22.66
C PHE D 1548 -70.24 -54.92 -21.84
N LYS D 1549 -71.27 -55.73 -22.12
CA LYS D 1549 -72.46 -55.72 -21.29
C LYS D 1549 -72.15 -56.35 -19.95
N PRO D 1550 -72.99 -56.12 -18.94
CA PRO D 1550 -72.69 -56.65 -17.60
C PRO D 1550 -72.40 -58.15 -17.62
N LEU D 1551 -71.37 -58.54 -16.89
CA LEU D 1551 -70.91 -59.92 -16.83
C LEU D 1551 -71.24 -60.49 -15.47
N GLU D 1552 -71.74 -61.73 -15.46
CA GLU D 1552 -72.16 -62.42 -14.24
C GLU D 1552 -71.15 -63.51 -13.91
N ILE D 1553 -70.72 -63.55 -12.65
CA ILE D 1553 -69.77 -64.54 -12.16
C ILE D 1553 -70.38 -65.23 -10.95
N ASP D 1554 -70.41 -66.56 -10.97
CA ASP D 1554 -70.91 -67.35 -9.85
C ASP D 1554 -69.71 -67.70 -8.97
N ALA D 1555 -69.44 -66.83 -8.00
CA ALA D 1555 -68.30 -67.00 -7.11
C ALA D 1555 -68.76 -67.65 -5.80
N SER D 1556 -69.25 -68.88 -5.93
CA SER D 1556 -69.68 -69.67 -4.79
C SER D 1556 -68.65 -70.71 -4.36
N SER D 1557 -67.44 -70.63 -4.90
CA SER D 1557 -66.40 -71.61 -4.59
C SER D 1557 -65.09 -70.93 -4.20
N LEU D 1558 -65.17 -69.76 -3.57
CA LEU D 1558 -63.99 -69.05 -3.16
C LEU D 1558 -63.46 -69.61 -1.85
N ALA D 1559 -62.13 -69.73 -1.76
CA ALA D 1559 -61.47 -70.23 -0.56
C ALA D 1559 -61.12 -69.05 0.32
N PHE D 1560 -61.84 -68.89 1.43
CA PHE D 1560 -61.67 -67.74 2.31
C PHE D 1560 -60.67 -68.09 3.40
N THR D 1561 -59.49 -67.50 3.32
CA THR D 1561 -58.48 -67.59 4.36
C THR D 1561 -58.30 -66.22 4.98
N ASN D 1562 -58.39 -66.15 6.31
CA ASN D 1562 -58.35 -64.88 7.04
C ASN D 1562 -59.43 -63.92 6.53
N ASN D 1563 -60.61 -64.47 6.21
CA ASN D 1563 -61.76 -63.69 5.78
C ASN D 1563 -61.44 -62.85 4.55
N ILE D 1564 -60.68 -63.40 3.62
CA ILE D 1564 -60.38 -62.72 2.37
C ILE D 1564 -59.97 -63.76 1.34
N ALA D 1565 -60.50 -63.61 0.12
CA ALA D 1565 -60.24 -64.54 -0.96
C ALA D 1565 -59.94 -63.75 -2.24
N PRO D 1566 -59.11 -64.30 -3.12
CA PRO D 1566 -58.79 -63.61 -4.36
C PRO D 1566 -59.71 -64.02 -5.51
N LEU D 1567 -59.73 -63.15 -6.53
CA LEU D 1567 -60.52 -63.37 -7.74
C LEU D 1567 -59.76 -62.81 -8.91
N ASP D 1568 -59.45 -63.64 -9.89
CA ASP D 1568 -58.50 -63.27 -10.94
C ASP D 1568 -59.23 -62.92 -12.23
N ILE D 1569 -58.80 -61.83 -12.86
CA ILE D 1569 -59.39 -61.34 -14.10
C ILE D 1569 -58.27 -61.11 -15.11
N VAL D 1570 -58.46 -61.61 -16.33
CA VAL D 1570 -57.47 -61.46 -17.38
C VAL D 1570 -58.16 -61.05 -18.66
N PHE D 1571 -57.66 -59.99 -19.30
CA PHE D 1571 -58.10 -59.57 -20.62
C PHE D 1571 -57.11 -60.12 -21.65
N GLU D 1572 -57.61 -60.89 -22.61
CA GLU D 1572 -56.77 -61.50 -23.62
C GLU D 1572 -57.28 -61.12 -25.01
N THR D 1573 -56.35 -60.85 -25.91
CA THR D 1573 -56.68 -60.45 -27.28
C THR D 1573 -55.57 -60.90 -28.21
N LYS D 1574 -55.92 -61.68 -29.22
CA LYS D 1574 -54.95 -62.14 -30.19
C LYS D 1574 -55.59 -62.16 -31.58
N ALA D 1575 -54.75 -61.92 -32.59
CA ALA D 1575 -55.22 -61.88 -33.97
C ALA D 1575 -55.23 -63.28 -34.56
N LYS D 1576 -55.58 -63.37 -35.85
CA LYS D 1576 -55.60 -64.66 -36.52
C LYS D 1576 -54.21 -65.26 -36.64
N ASP D 1577 -53.17 -64.42 -36.63
CA ASP D 1577 -51.80 -64.91 -36.72
C ASP D 1577 -51.33 -65.56 -35.44
N GLY D 1578 -52.06 -65.44 -34.35
CA GLY D 1578 -51.64 -65.94 -33.06
C GLY D 1578 -50.85 -64.95 -32.22
N ARG D 1579 -50.51 -63.79 -32.77
CA ARG D 1579 -49.83 -62.77 -31.99
C ARG D 1579 -50.74 -62.23 -30.91
N VAL D 1580 -50.18 -62.06 -29.72
CA VAL D 1580 -50.92 -61.50 -28.59
C VAL D 1580 -50.83 -59.98 -28.67
N LEU D 1581 -51.95 -59.34 -28.98
CA LEU D 1581 -51.98 -57.88 -29.06
C LEU D 1581 -51.79 -57.23 -27.71
N GLY D 1582 -51.93 -57.99 -26.62
CA GLY D 1582 -51.76 -57.47 -25.28
C GLY D 1582 -52.43 -58.34 -24.25
N LYS D 1583 -51.80 -58.48 -23.08
CA LYS D 1583 -52.32 -59.30 -22.01
C LYS D 1583 -52.26 -58.51 -20.71
N ILE D 1584 -53.39 -58.46 -20.00
CA ILE D 1584 -53.47 -57.73 -18.75
C ILE D 1584 -53.99 -58.67 -17.67
N LYS D 1585 -53.27 -58.75 -16.55
CA LYS D 1585 -53.63 -59.59 -15.43
C LYS D 1585 -53.91 -58.74 -14.21
N GLN D 1586 -54.78 -59.24 -13.34
CA GLN D 1586 -55.13 -58.52 -12.12
C GLN D 1586 -55.70 -59.51 -11.12
N THR D 1587 -55.74 -59.08 -9.87
CA THR D 1587 -56.34 -59.85 -8.79
C THR D 1587 -57.28 -58.97 -8.01
N LEU D 1588 -58.51 -59.43 -7.81
CA LEU D 1588 -59.50 -58.70 -7.04
C LEU D 1588 -59.58 -59.29 -5.63
N SER D 1589 -59.83 -58.44 -4.65
CA SER D 1589 -59.91 -58.85 -3.26
C SER D 1589 -61.37 -58.80 -2.81
N VAL D 1590 -61.86 -59.92 -2.29
CA VAL D 1590 -63.22 -60.02 -1.75
C VAL D 1590 -63.11 -60.27 -0.26
N LYS D 1591 -63.70 -59.39 0.54
CA LYS D 1591 -63.58 -59.47 1.99
C LYS D 1591 -64.88 -59.92 2.60
N ARG D 1592 -64.80 -60.85 3.55
CA ARG D 1592 -65.98 -61.35 4.25
C ARG D 1592 -66.24 -60.51 5.48
N VAL D 1593 -67.49 -60.06 5.61
CA VAL D 1593 -67.86 -59.27 6.78
C VAL D 1593 -67.95 -60.18 7.99
N ASN D 1594 -67.29 -59.79 9.08
CA ASN D 1594 -67.25 -60.57 10.30
C ASN D 1594 -67.48 -59.64 11.49
N TYR D 1595 -68.65 -59.74 12.10
CA TYR D 1595 -69.00 -58.96 13.27
C TYR D 1595 -69.19 -59.84 14.50
N ASN D 1596 -68.45 -60.94 14.58
CA ASN D 1596 -68.58 -61.83 15.72
C ASN D 1596 -68.10 -61.14 16.99
N PRO D 1597 -68.73 -61.41 18.14
CA PRO D 1597 -68.35 -60.71 19.37
C PRO D 1597 -66.90 -60.91 19.76
N GLU D 1598 -66.33 -62.07 19.47
CA GLU D 1598 -64.94 -62.34 19.86
C GLU D 1598 -63.94 -61.81 18.85
N ASP D 1599 -64.38 -61.23 17.74
CA ASP D 1599 -63.49 -60.66 16.74
C ASP D 1599 -63.61 -59.14 16.65
N ILE D 1600 -64.28 -58.52 17.62
CA ILE D 1600 -64.46 -57.08 17.65
C ILE D 1600 -63.63 -56.52 18.80
N LEU D 1601 -62.59 -55.76 18.47
CA LEU D 1601 -61.73 -55.21 19.50
C LEU D 1601 -62.46 -54.14 20.30
N PHE D 1602 -62.23 -54.13 21.61
CA PHE D 1602 -62.91 -53.19 22.48
C PHE D 1602 -61.97 -52.68 23.56
N LEU D 1603 -62.27 -51.50 24.09
CA LEU D 1603 -61.42 -50.84 25.06
C LEU D 1603 -62.01 -50.97 26.45
N ARG D 1604 -61.15 -51.28 27.42
CA ARG D 1604 -61.56 -51.38 28.81
C ARG D 1604 -60.58 -50.63 29.69
N GLU D 1605 -61.05 -50.24 30.86
CA GLU D 1605 -60.23 -49.51 31.83
C GLU D 1605 -60.34 -50.18 33.19
N THR D 1606 -59.20 -50.51 33.78
CA THR D 1606 -59.18 -51.16 35.08
C THR D 1606 -59.38 -50.14 36.20
N HIS D 1607 -59.52 -50.65 37.42
CA HIS D 1607 -59.66 -49.77 38.58
C HIS D 1607 -58.37 -49.03 38.90
N SER D 1608 -57.22 -49.53 38.42
CA SER D 1608 -55.95 -48.87 38.65
C SER D 1608 -55.70 -47.73 37.68
N GLY D 1609 -56.56 -47.56 36.68
CA GLY D 1609 -56.41 -46.47 35.72
C GLY D 1609 -55.76 -46.86 34.41
N ALA D 1610 -55.40 -48.12 34.22
CA ALA D 1610 -54.75 -48.57 33.00
C ALA D 1610 -55.81 -48.92 31.96
N GLN D 1611 -55.62 -48.43 30.74
CA GLN D 1611 -56.54 -48.70 29.64
C GLN D 1611 -55.92 -49.74 28.72
N TYR D 1612 -56.69 -50.76 28.38
CA TYR D 1612 -56.21 -51.79 27.47
C TYR D 1612 -57.25 -52.08 26.40
N MET D 1613 -56.77 -52.30 25.19
CA MET D 1613 -57.61 -52.66 24.05
C MET D 1613 -57.43 -54.14 23.79
N GLN D 1614 -58.55 -54.86 23.72
CA GLN D 1614 -58.56 -56.31 23.59
C GLN D 1614 -59.09 -56.70 22.22
N LEU D 1615 -58.38 -57.61 21.56
CA LEU D 1615 -58.83 -58.22 20.31
C LEU D 1615 -58.69 -59.72 20.44
N GLY D 1616 -59.82 -60.43 20.37
CA GLY D 1616 -59.79 -61.87 20.56
C GLY D 1616 -59.25 -62.25 21.91
N VAL D 1617 -58.03 -62.77 21.94
CA VAL D 1617 -57.36 -63.11 23.19
C VAL D 1617 -56.29 -62.08 23.56
N TYR D 1618 -55.75 -61.35 22.60
CA TYR D 1618 -54.63 -60.46 22.85
C TYR D 1618 -55.09 -59.14 23.46
N ARG D 1619 -54.21 -58.54 24.26
CA ARG D 1619 -54.46 -57.26 24.91
C ARG D 1619 -53.28 -56.35 24.67
N ILE D 1620 -53.56 -55.05 24.53
CA ILE D 1620 -52.54 -54.04 24.27
C ILE D 1620 -52.76 -52.87 25.21
N ARG D 1621 -51.69 -52.43 25.88
CA ARG D 1621 -51.78 -51.26 26.72
C ARG D 1621 -51.89 -50.00 25.86
N LEU D 1622 -52.77 -49.08 26.27
CA LEU D 1622 -53.06 -47.88 25.49
C LEU D 1622 -52.47 -46.62 26.08
N ASN D 1623 -52.60 -46.39 27.38
CA ASN D 1623 -52.16 -45.17 28.02
C ASN D 1623 -50.96 -45.45 28.91
N THR D 1624 -50.52 -44.41 29.62
CA THR D 1624 -49.38 -44.49 30.52
C THR D 1624 -49.67 -43.68 31.77
N LEU D 1625 -48.92 -43.98 32.84
CA LEU D 1625 -49.14 -43.35 34.13
C LEU D 1625 -47.86 -42.77 34.71
N LEU D 1626 -46.87 -42.45 33.88
CA LEU D 1626 -45.61 -41.94 34.39
C LEU D 1626 -45.72 -40.50 34.85
N ALA D 1627 -46.66 -39.74 34.29
CA ALA D 1627 -46.76 -38.33 34.62
C ALA D 1627 -47.07 -38.11 36.09
N SER D 1628 -47.97 -38.94 36.65
CA SER D 1628 -48.32 -38.79 38.06
C SER D 1628 -47.12 -39.04 38.97
N GLN D 1629 -46.30 -40.03 38.62
CA GLN D 1629 -45.16 -40.40 39.45
C GLN D 1629 -43.94 -39.52 39.20
N LEU D 1630 -43.92 -38.73 38.14
CA LEU D 1630 -42.77 -37.86 37.90
C LEU D 1630 -42.67 -36.72 38.90
N VAL D 1631 -43.74 -36.42 39.65
CA VAL D 1631 -43.74 -35.26 40.51
C VAL D 1631 -42.78 -35.43 41.68
N SER D 1632 -42.69 -36.64 42.23
CA SER D 1632 -41.78 -36.87 43.34
C SER D 1632 -40.34 -36.61 42.93
N ARG D 1633 -39.96 -37.04 41.74
CA ARG D 1633 -38.61 -36.77 41.26
C ARG D 1633 -38.44 -35.30 40.89
N ALA D 1634 -39.49 -34.66 40.40
CA ALA D 1634 -39.38 -33.26 40.00
C ALA D 1634 -39.33 -32.31 41.19
N ASN D 1635 -39.83 -32.74 42.36
CA ASN D 1635 -39.76 -31.89 43.55
C ASN D 1635 -38.30 -31.64 43.94
N THR D 1636 -37.48 -32.66 43.87
CA THR D 1636 -36.04 -32.50 44.03
C THR D 1636 -35.48 -32.04 42.68
N GLY D 1637 -34.16 -32.05 42.53
CA GLY D 1637 -33.57 -31.67 41.27
C GLY D 1637 -33.90 -32.66 40.17
N ILE D 1638 -33.68 -32.22 38.93
CA ILE D 1638 -33.95 -33.08 37.78
C ILE D 1638 -33.05 -34.30 37.74
N ASP D 1639 -31.98 -34.33 38.53
CA ASP D 1639 -31.13 -35.52 38.57
C ASP D 1639 -31.90 -36.72 39.10
N THR D 1640 -32.95 -36.49 39.88
CA THR D 1640 -33.76 -37.60 40.37
C THR D 1640 -34.65 -38.17 39.27
N ILE D 1641 -35.05 -37.33 38.31
CA ILE D 1641 -35.94 -37.80 37.26
C ILE D 1641 -35.22 -38.79 36.35
N LEU D 1642 -34.01 -38.46 35.92
CA LEU D 1642 -33.28 -39.28 34.96
C LEU D 1642 -32.38 -40.25 35.72
N THR D 1643 -33.00 -41.32 36.21
CA THR D 1643 -32.28 -42.37 36.91
C THR D 1643 -32.82 -43.71 36.46
N MET D 1644 -31.99 -44.75 36.62
CA MET D 1644 -32.45 -46.09 36.28
C MET D 1644 -33.58 -46.53 37.19
N GLU D 1645 -33.59 -46.06 38.44
CA GLU D 1645 -34.68 -46.40 39.34
C GLU D 1645 -36.01 -45.86 38.82
N THR D 1646 -36.02 -44.64 38.29
CA THR D 1646 -37.24 -44.10 37.72
C THR D 1646 -37.69 -44.91 36.52
N GLN D 1647 -36.76 -45.30 35.66
CA GLN D 1647 -37.10 -46.04 34.45
C GLN D 1647 -37.49 -47.48 34.75
N ARG D 1648 -37.20 -47.99 35.94
CA ARG D 1648 -37.58 -49.34 36.32
C ARG D 1648 -38.89 -49.39 37.10
N LEU D 1649 -39.72 -48.36 36.98
CA LEU D 1649 -40.95 -48.32 37.76
C LEU D 1649 -41.93 -49.39 37.27
N PRO D 1650 -42.68 -50.01 38.17
CA PRO D 1650 -43.65 -51.02 37.77
C PRO D 1650 -44.90 -50.38 37.18
N GLU D 1651 -45.71 -51.22 36.55
CA GLU D 1651 -46.95 -50.80 35.93
C GLU D 1651 -48.10 -51.66 36.43
N PRO D 1652 -49.32 -51.11 36.46
CA PRO D 1652 -50.46 -51.91 36.87
C PRO D 1652 -50.71 -53.04 35.88
N PRO D 1653 -51.24 -54.17 36.34
CA PRO D 1653 -51.46 -55.29 35.43
C PRO D 1653 -52.50 -54.95 34.36
N LEU D 1654 -52.33 -55.56 33.20
CA LEU D 1654 -53.19 -55.32 32.05
C LEU D 1654 -54.46 -56.15 32.21
N GLY D 1655 -55.44 -55.59 32.91
CA GLY D 1655 -56.67 -56.32 33.09
C GLY D 1655 -56.51 -57.46 34.10
N GLU D 1656 -57.38 -58.46 33.95
CA GLU D 1656 -57.39 -59.61 34.84
C GLU D 1656 -56.58 -60.74 34.24
N GLY D 1657 -55.68 -61.31 35.03
CA GLY D 1657 -54.82 -62.36 34.55
C GLY D 1657 -53.72 -62.63 35.57
N PHE D 1658 -52.65 -63.27 35.10
CA PHE D 1658 -51.52 -63.56 35.97
C PHE D 1658 -50.25 -63.65 35.13
N TYR D 1659 -49.14 -63.91 35.80
CA TYR D 1659 -47.85 -64.04 35.16
C TYR D 1659 -47.35 -65.47 35.29
N ALA D 1660 -46.46 -65.86 34.40
CA ALA D 1660 -45.94 -67.22 34.41
C ALA D 1660 -44.52 -67.22 33.88
N THR D 1661 -43.74 -68.20 34.31
CA THR D 1661 -42.36 -68.38 33.88
C THR D 1661 -42.18 -69.82 33.40
N PHE D 1662 -41.63 -69.97 32.20
CA PHE D 1662 -41.41 -71.27 31.58
C PHE D 1662 -39.92 -71.42 31.29
N VAL D 1663 -39.40 -72.63 31.50
CA VAL D 1663 -38.03 -72.95 31.18
C VAL D 1663 -38.04 -73.97 30.05
N ILE D 1664 -37.50 -73.55 28.90
CA ILE D 1664 -37.46 -74.40 27.72
C ILE D 1664 -36.11 -75.13 27.71
N PRO D 1665 -36.09 -76.46 27.62
CA PRO D 1665 -34.83 -77.20 27.63
C PRO D 1665 -34.06 -76.99 26.35
N PRO D 1666 -32.75 -77.20 26.36
CA PRO D 1666 -31.95 -77.03 25.15
C PRO D 1666 -32.29 -78.08 24.11
N TYR D 1667 -31.96 -77.74 22.87
CA TYR D 1667 -32.31 -78.59 21.73
C TYR D 1667 -31.52 -79.88 21.74
N ASN D 1668 -32.21 -80.99 21.51
CA ASN D 1668 -31.59 -82.29 21.26
C ASN D 1668 -32.30 -82.95 20.09
N LEU D 1669 -31.52 -83.63 19.25
CA LEU D 1669 -32.08 -84.20 18.03
C LEU D 1669 -33.04 -85.34 18.33
N SER D 1670 -32.77 -86.13 19.38
CA SER D 1670 -33.54 -87.32 19.64
C SER D 1670 -35.01 -87.01 19.92
N THR D 1671 -35.26 -85.98 20.73
CA THR D 1671 -36.62 -85.69 21.18
C THR D 1671 -37.27 -84.54 20.43
N HIS D 1672 -36.50 -83.54 20.01
CA HIS D 1672 -37.07 -82.37 19.36
C HIS D 1672 -37.20 -82.57 17.84
N GLY D 1673 -36.14 -83.07 17.21
CA GLY D 1673 -36.24 -83.49 15.83
C GLY D 1673 -35.84 -82.45 14.81
N ASP D 1674 -34.65 -82.62 14.23
CA ASP D 1674 -34.18 -81.81 13.11
C ASP D 1674 -34.30 -80.31 13.35
N GLU D 1675 -35.35 -79.69 12.82
CA GLU D 1675 -35.49 -78.25 12.89
C GLU D 1675 -35.67 -77.77 14.32
N ARG D 1676 -35.00 -76.67 14.66
CA ARG D 1676 -35.04 -76.11 16.01
C ARG D 1676 -35.99 -74.91 16.02
N TRP D 1677 -37.28 -75.21 16.00
CA TRP D 1677 -38.30 -74.18 16.16
C TRP D 1677 -39.38 -74.70 17.09
N PHE D 1678 -39.92 -73.82 17.93
CA PHE D 1678 -40.95 -74.21 18.88
C PHE D 1678 -41.95 -73.08 19.04
N LYS D 1679 -43.16 -73.44 19.45
CA LYS D 1679 -44.24 -72.50 19.63
C LYS D 1679 -45.00 -72.81 20.91
N LEU D 1680 -45.57 -71.79 21.53
CA LEU D 1680 -46.39 -71.92 22.73
C LEU D 1680 -47.77 -71.36 22.44
N TYR D 1681 -48.80 -72.17 22.66
CA TYR D 1681 -50.19 -71.83 22.39
C TYR D 1681 -50.98 -71.82 23.70
N ILE D 1682 -52.03 -71.01 23.71
CA ILE D 1682 -52.97 -70.93 24.82
C ILE D 1682 -54.29 -71.54 24.37
N LYS D 1683 -55.10 -71.95 25.34
CA LYS D 1683 -56.38 -72.55 25.02
C LYS D 1683 -57.32 -72.41 26.21
N HIS D 1684 -58.63 -72.39 25.90
CA HIS D 1684 -59.71 -72.33 26.87
C HIS D 1684 -59.84 -70.95 27.51
N VAL D 1685 -59.49 -69.91 26.77
CA VAL D 1685 -59.73 -68.53 27.15
C VAL D 1685 -60.60 -67.90 26.07
N VAL D 1686 -61.65 -67.20 26.48
CA VAL D 1686 -62.61 -66.57 25.59
C VAL D 1686 -63.34 -67.65 24.80
N ASP D 1687 -62.65 -68.28 23.85
CA ASP D 1687 -63.21 -69.38 23.10
C ASP D 1687 -62.48 -70.67 23.46
N ASN D 1688 -62.85 -71.76 22.79
CA ASN D 1688 -62.28 -73.06 23.05
C ASN D 1688 -61.24 -73.49 22.01
N ASN D 1689 -60.85 -72.59 21.11
CA ASN D 1689 -59.82 -72.91 20.14
C ASN D 1689 -58.45 -72.56 20.72
N SER D 1690 -57.42 -72.59 19.88
CA SER D 1690 -56.05 -72.33 20.30
C SER D 1690 -55.48 -71.17 19.50
N HIS D 1691 -54.75 -70.30 20.19
CA HIS D 1691 -54.07 -69.18 19.56
C HIS D 1691 -52.60 -69.17 19.97
N ILE D 1692 -51.73 -68.85 19.01
CA ILE D 1692 -50.30 -68.82 19.29
C ILE D 1692 -49.97 -67.60 20.13
N ILE D 1693 -49.28 -67.82 21.25
CA ILE D 1693 -48.84 -66.73 22.11
C ILE D 1693 -47.34 -66.56 22.14
N TYR D 1694 -46.56 -67.54 21.65
CA TYR D 1694 -45.12 -67.34 21.57
C TYR D 1694 -44.54 -68.22 20.49
N SER D 1695 -43.44 -67.75 19.89
CA SER D 1695 -42.72 -68.50 18.87
C SER D 1695 -41.24 -68.23 19.02
N GLY D 1696 -40.41 -69.25 18.82
CA GLY D 1696 -38.99 -69.05 19.00
C GLY D 1696 -38.18 -70.21 18.46
N GLN D 1697 -36.87 -70.10 18.66
CA GLN D 1697 -35.91 -71.08 18.17
C GLN D 1697 -35.26 -71.79 19.35
N LEU D 1698 -35.16 -73.11 19.25
CA LEU D 1698 -34.44 -73.88 20.26
C LEU D 1698 -32.94 -73.65 20.12
N THR D 1699 -32.26 -73.57 21.25
CA THR D 1699 -30.82 -73.34 21.29
C THR D 1699 -30.14 -74.42 22.14
N ASP D 1700 -28.86 -74.22 22.42
CA ASP D 1700 -28.08 -75.19 23.17
C ASP D 1700 -28.13 -74.97 24.67
N THR D 1701 -28.82 -73.92 25.15
CA THR D 1701 -28.94 -73.64 26.56
C THR D 1701 -30.41 -73.47 26.92
N ASN D 1702 -30.68 -73.50 28.22
CA ASN D 1702 -32.04 -73.30 28.71
C ASN D 1702 -32.53 -71.90 28.37
N ILE D 1703 -33.84 -71.77 28.15
CA ILE D 1703 -34.44 -70.49 27.83
C ILE D 1703 -35.47 -70.15 28.91
N ASN D 1704 -35.40 -68.94 29.44
CA ASN D 1704 -36.34 -68.45 30.44
C ASN D 1704 -37.32 -67.49 29.77
N ILE D 1705 -38.60 -67.80 29.83
CA ILE D 1705 -39.65 -67.01 29.19
C ILE D 1705 -40.65 -66.58 30.25
N THR D 1706 -40.90 -65.29 30.33
CA THR D 1706 -41.89 -64.73 31.24
C THR D 1706 -43.06 -64.17 30.43
N LEU D 1707 -44.27 -64.60 30.75
CA LEU D 1707 -45.44 -64.24 29.96
C LEU D 1707 -46.58 -63.81 30.87
N PHE D 1708 -47.50 -63.06 30.28
CA PHE D 1708 -48.72 -62.62 30.95
C PHE D 1708 -49.89 -63.41 30.38
N ILE D 1709 -50.43 -64.33 31.17
CA ILE D 1709 -51.56 -65.16 30.75
C ILE D 1709 -52.84 -64.43 31.10
N PRO D 1710 -53.69 -64.11 30.13
CA PRO D 1710 -54.97 -63.46 30.44
C PRO D 1710 -55.95 -64.44 31.07
N LEU D 1711 -56.99 -63.88 31.69
CA LEU D 1711 -58.01 -64.68 32.33
C LEU D 1711 -59.34 -63.93 32.28
N ASP D 1712 -60.36 -64.59 31.77
CA ASP D 1712 -61.68 -63.97 31.72
C ASP D 1712 -62.36 -64.01 33.09
N ASP D 1713 -63.47 -63.27 33.20
CA ASP D 1713 -64.16 -63.17 34.49
C ASP D 1713 -64.77 -64.51 34.90
N VAL D 1714 -65.52 -65.14 34.00
CA VAL D 1714 -66.16 -66.41 34.26
C VAL D 1714 -65.52 -67.45 33.36
N PRO D 1715 -64.75 -68.40 33.89
CA PRO D 1715 -64.09 -69.39 33.03
C PRO D 1715 -65.10 -70.30 32.35
N LEU D 1716 -64.73 -70.76 31.16
CA LEU D 1716 -65.59 -71.69 30.43
C LEU D 1716 -65.56 -73.07 31.06
N ASN D 1717 -64.38 -73.67 31.14
CA ASN D 1717 -64.21 -74.98 31.76
C ASN D 1717 -63.96 -74.79 33.25
N GLN D 1718 -64.79 -75.41 34.07
CA GLN D 1718 -64.68 -75.22 35.52
C GLN D 1718 -63.36 -75.79 36.04
N ASP D 1719 -62.96 -76.96 35.55
CA ASP D 1719 -61.77 -77.62 36.08
C ASP D 1719 -60.51 -76.79 35.82
N TYR D 1720 -60.19 -76.55 34.54
CA TYR D 1720 -59.01 -75.81 34.16
C TYR D 1720 -59.44 -74.46 33.61
N HIS D 1721 -58.97 -73.38 34.23
CA HIS D 1721 -59.33 -72.05 33.76
C HIS D 1721 -58.57 -71.65 32.51
N ALA D 1722 -57.33 -72.11 32.36
CA ALA D 1722 -56.59 -71.85 31.13
C ALA D 1722 -55.62 -73.00 30.90
N LYS D 1723 -55.21 -73.19 29.64
CA LYS D 1723 -54.26 -74.23 29.31
C LYS D 1723 -53.18 -73.65 28.42
N VAL D 1724 -51.93 -74.05 28.67
CA VAL D 1724 -50.82 -73.63 27.82
C VAL D 1724 -50.06 -74.87 27.39
N TYR D 1725 -49.77 -74.98 26.09
CA TYR D 1725 -49.04 -76.13 25.61
C TYR D 1725 -47.97 -75.71 24.60
N MET D 1726 -47.02 -76.61 24.37
CA MET D 1726 -45.85 -76.35 23.56
C MET D 1726 -45.79 -77.33 22.40
N THR D 1727 -45.43 -76.85 21.22
CA THR D 1727 -45.36 -77.66 20.02
C THR D 1727 -44.02 -77.47 19.32
N PHE D 1728 -43.49 -78.58 18.79
CA PHE D 1728 -42.29 -78.57 17.97
C PHE D 1728 -42.49 -79.58 16.84
N LYS D 1729 -41.40 -79.92 16.16
CA LYS D 1729 -41.50 -80.77 14.98
C LYS D 1729 -41.99 -82.17 15.34
N LYS D 1730 -41.41 -82.79 16.37
CA LYS D 1730 -41.78 -84.16 16.71
C LYS D 1730 -43.19 -84.27 17.24
N SER D 1731 -43.70 -83.23 17.90
CA SER D 1731 -45.03 -83.24 18.52
C SER D 1731 -45.79 -82.01 18.08
N PRO D 1732 -46.26 -81.97 16.83
CA PRO D 1732 -47.07 -80.84 16.34
C PRO D 1732 -48.57 -81.06 16.54
N SER D 1733 -48.95 -81.38 17.77
CA SER D 1733 -50.35 -81.66 18.09
C SER D 1733 -50.67 -81.01 19.43
N ASP D 1734 -51.81 -81.38 20.00
CA ASP D 1734 -52.26 -80.81 21.27
C ASP D 1734 -52.22 -81.82 22.40
N GLY D 1735 -52.89 -82.97 22.26
CA GLY D 1735 -52.94 -83.97 23.30
C GLY D 1735 -53.89 -83.59 24.42
N THR D 1736 -54.03 -84.51 25.36
CA THR D 1736 -54.89 -84.31 26.52
C THR D 1736 -54.05 -84.21 27.78
N TRP D 1737 -54.30 -83.16 28.57
CA TRP D 1737 -53.56 -82.90 29.80
C TRP D 1737 -52.05 -82.75 29.55
N TRP D 1738 -51.66 -82.42 28.33
CA TRP D 1738 -50.26 -82.33 27.96
C TRP D 1738 -49.80 -80.88 28.04
N GLY D 1739 -49.80 -80.35 29.25
CA GLY D 1739 -49.32 -79.01 29.50
C GLY D 1739 -49.92 -78.41 30.75
N PRO D 1740 -49.33 -77.29 31.20
CA PRO D 1740 -49.84 -76.63 32.40
C PRO D 1740 -51.30 -76.18 32.23
N HIS D 1741 -52.11 -76.56 33.20
CA HIS D 1741 -53.52 -76.19 33.28
C HIS D 1741 -53.72 -75.33 34.52
N PHE D 1742 -53.81 -74.02 34.32
CA PHE D 1742 -53.90 -73.08 35.43
C PHE D 1742 -55.35 -72.92 35.88
N VAL D 1743 -55.54 -72.93 37.19
CA VAL D 1743 -56.84 -72.73 37.81
C VAL D 1743 -56.69 -71.69 38.92
N ARG D 1744 -57.63 -70.74 38.96
CA ARG D 1744 -57.58 -69.64 39.91
C ARG D 1744 -58.60 -69.86 41.01
N ASP D 1745 -58.16 -69.67 42.26
CA ASP D 1745 -59.03 -69.87 43.41
C ASP D 1745 -59.94 -68.66 43.60
N ASP D 1746 -60.63 -68.59 44.74
CA ASP D 1746 -61.53 -67.48 45.00
C ASP D 1746 -60.76 -66.19 45.25
N LYS D 1747 -59.55 -66.27 45.80
CA LYS D 1747 -58.72 -65.09 46.10
C LYS D 1747 -57.37 -65.28 45.43
N GLY D 1748 -57.27 -64.90 44.16
CA GLY D 1748 -56.00 -64.98 43.45
C GLY D 1748 -55.42 -66.38 43.48
N ILE D 1749 -54.10 -66.45 43.60
CA ILE D 1749 -53.38 -67.70 43.78
C ILE D 1749 -53.69 -68.67 42.65
N VAL D 1750 -53.12 -68.44 41.47
CA VAL D 1750 -53.25 -69.39 40.38
C VAL D 1750 -52.39 -70.61 40.68
N THR D 1751 -52.96 -71.79 40.49
CA THR D 1751 -52.26 -73.04 40.75
C THR D 1751 -52.30 -73.94 39.53
N ILE D 1752 -51.33 -74.84 39.45
CA ILE D 1752 -51.25 -75.80 38.37
C ILE D 1752 -52.03 -77.04 38.75
N ASN D 1753 -52.88 -77.51 37.85
CA ASN D 1753 -53.62 -78.73 38.09
C ASN D 1753 -52.65 -79.91 38.22
N PRO D 1754 -52.72 -80.69 39.30
CA PRO D 1754 -51.74 -81.78 39.47
C PRO D 1754 -51.69 -82.77 38.32
N LYS D 1755 -52.83 -83.09 37.71
CA LYS D 1755 -52.87 -84.07 36.63
C LYS D 1755 -52.55 -83.38 35.31
N SER D 1756 -51.31 -82.89 35.20
CA SER D 1756 -50.87 -82.21 34.00
C SER D 1756 -49.45 -82.65 33.68
N ILE D 1757 -49.26 -83.24 32.51
CA ILE D 1757 -47.94 -83.74 32.11
C ILE D 1757 -47.08 -82.56 31.68
N LEU D 1758 -45.88 -82.45 32.26
CA LEU D 1758 -44.96 -81.37 31.96
C LEU D 1758 -43.65 -81.89 31.37
N THR D 1759 -43.72 -82.98 30.60
CA THR D 1759 -42.51 -83.58 30.08
C THR D 1759 -41.79 -82.64 29.13
N HIS D 1760 -42.53 -81.95 28.25
CA HIS D 1760 -41.90 -81.07 27.28
C HIS D 1760 -41.17 -79.92 27.97
N PHE D 1761 -41.82 -79.30 28.94
CA PHE D 1761 -41.20 -78.19 29.66
C PHE D 1761 -40.18 -78.71 30.65
N GLU D 1762 -39.25 -77.83 31.01
CA GLU D 1762 -38.30 -78.15 32.08
C GLU D 1762 -38.87 -77.77 33.44
N SER D 1763 -39.47 -76.58 33.55
CA SER D 1763 -40.11 -76.15 34.77
C SER D 1763 -41.05 -74.99 34.45
N VAL D 1764 -42.25 -75.04 35.04
CA VAL D 1764 -43.27 -74.02 34.86
C VAL D 1764 -43.67 -73.50 36.23
N ASN D 1765 -43.48 -72.20 36.46
CA ASN D 1765 -43.80 -71.58 37.72
C ASN D 1765 -44.76 -70.42 37.50
N VAL D 1766 -45.50 -70.07 38.55
CA VAL D 1766 -46.44 -68.97 38.51
C VAL D 1766 -45.99 -67.90 39.48
N LEU D 1767 -46.11 -66.64 39.09
CA LEU D 1767 -45.74 -65.50 39.90
C LEU D 1767 -47.01 -64.77 40.30
N ASN D 1768 -47.37 -64.82 41.59
CA ASN D 1768 -48.70 -64.43 42.04
C ASN D 1768 -48.80 -62.95 42.37
N ASN D 1769 -47.69 -62.23 42.44
CA ASN D 1769 -47.77 -60.82 42.77
C ASN D 1769 -46.85 -59.98 41.89
N TYR D 1770 -46.10 -60.63 41.01
CA TYR D 1770 -45.11 -59.95 40.18
C TYR D 1770 -45.74 -58.86 39.35
N SER D 1771 -45.11 -57.70 39.34
CA SER D 1771 -45.53 -56.57 38.51
C SER D 1771 -44.41 -56.20 37.56
N ALA D 1772 -44.70 -56.26 36.26
CA ALA D 1772 -43.67 -56.00 35.27
C ALA D 1772 -43.26 -54.54 35.29
N PRO D 1773 -42.00 -54.23 35.03
CA PRO D 1773 -41.59 -52.82 34.94
C PRO D 1773 -42.11 -52.15 33.68
N MET D 1774 -41.74 -50.88 33.49
CA MET D 1774 -42.17 -50.15 32.30
C MET D 1774 -41.63 -50.80 31.05
N ASP D 1775 -42.43 -50.75 29.98
CA ASP D 1775 -42.07 -51.34 28.70
C ASP D 1775 -41.65 -50.25 27.73
N PHE D 1776 -40.46 -50.38 27.17
CA PHE D 1776 -39.94 -49.43 26.19
C PHE D 1776 -40.25 -49.86 24.76
N ASN D 1777 -41.14 -50.83 24.57
CA ASN D 1777 -41.59 -51.23 23.25
C ASN D 1777 -43.11 -51.12 23.11
N SER D 1778 -43.74 -50.35 23.97
CA SER D 1778 -45.19 -50.23 23.98
C SER D 1778 -45.62 -49.06 23.10
N ALA D 1779 -46.89 -48.66 23.22
CA ALA D 1779 -47.41 -47.58 22.39
C ALA D 1779 -46.70 -46.26 22.67
N SER D 1780 -46.35 -46.01 23.94
CA SER D 1780 -45.72 -44.77 24.34
C SER D 1780 -44.21 -44.85 24.34
N ALA D 1781 -43.62 -45.71 23.51
CA ALA D 1781 -42.18 -45.87 23.51
C ALA D 1781 -41.48 -44.60 23.05
N LEU D 1782 -42.08 -43.88 22.10
CA LEU D 1782 -41.44 -42.68 21.57
C LEU D 1782 -41.24 -41.63 22.66
N TYR D 1783 -42.26 -41.42 23.49
CA TYR D 1783 -42.15 -40.41 24.54
C TYR D 1783 -41.14 -40.81 25.60
N TYR D 1784 -41.10 -42.10 25.95
CA TYR D 1784 -40.10 -42.57 26.90
C TYR D 1784 -38.69 -42.34 26.37
N TRP D 1785 -38.46 -42.70 25.11
CA TRP D 1785 -37.14 -42.53 24.53
C TRP D 1785 -36.76 -41.06 24.46
N GLU D 1786 -37.71 -40.21 24.10
CA GLU D 1786 -37.41 -38.77 24.05
C GLU D 1786 -37.07 -38.22 25.42
N LEU D 1787 -37.84 -38.60 26.45
CA LEU D 1787 -37.58 -38.07 27.78
C LEU D 1787 -36.24 -38.57 28.32
N PHE D 1788 -35.91 -39.83 28.11
CA PHE D 1788 -34.78 -40.44 28.79
C PHE D 1788 -33.50 -40.45 27.97
N TYR D 1789 -33.56 -40.49 26.65
CA TYR D 1789 -32.35 -40.53 25.85
C TYR D 1789 -32.16 -39.30 24.99
N TYR D 1790 -33.11 -38.98 24.11
CA TYR D 1790 -32.88 -37.95 23.11
C TYR D 1790 -32.69 -36.58 23.72
N THR D 1791 -33.49 -36.24 24.74
CA THR D 1791 -33.43 -34.90 25.31
C THR D 1791 -32.09 -34.58 25.98
N PRO D 1792 -31.56 -35.41 26.89
CA PRO D 1792 -30.24 -35.08 27.43
C PRO D 1792 -29.15 -35.04 26.39
N MET D 1793 -29.22 -35.89 25.36
CA MET D 1793 -28.21 -35.83 24.30
C MET D 1793 -28.29 -34.52 23.54
N MET D 1794 -29.51 -34.06 23.22
CA MET D 1794 -29.64 -32.78 22.53
C MET D 1794 -29.13 -31.63 23.39
N CYS D 1795 -29.46 -31.64 24.69
CA CYS D 1795 -28.98 -30.59 25.57
C CYS D 1795 -27.45 -30.60 25.66
N PHE D 1796 -26.86 -31.79 25.74
CA PHE D 1796 -25.41 -31.89 25.78
C PHE D 1796 -24.79 -31.37 24.51
N GLN D 1797 -25.37 -31.70 23.35
CA GLN D 1797 -24.82 -31.22 22.09
C GLN D 1797 -24.89 -29.70 22.00
N ARG D 1798 -26.02 -29.12 22.42
CA ARG D 1798 -26.15 -27.67 22.37
C ARG D 1798 -25.15 -27.00 23.31
N LEU D 1799 -24.97 -27.55 24.51
CA LEU D 1799 -24.02 -26.97 25.44
C LEU D 1799 -22.59 -27.10 24.92
N LEU D 1800 -22.26 -28.23 24.30
CA LEU D 1800 -20.93 -28.41 23.74
C LEU D 1800 -20.66 -27.45 22.61
N GLN D 1801 -21.67 -27.19 21.77
CA GLN D 1801 -21.49 -26.28 20.65
C GLN D 1801 -21.16 -24.86 21.10
N GLU D 1802 -21.46 -24.51 22.34
CA GLU D 1802 -21.17 -23.18 22.88
C GLU D 1802 -20.00 -23.19 23.85
N LYS D 1803 -19.19 -24.25 23.85
CA LYS D 1803 -17.98 -24.34 24.67
C LYS D 1803 -18.29 -24.21 26.16
N GLN D 1804 -19.38 -24.82 26.60
CA GLN D 1804 -19.70 -24.95 28.02
C GLN D 1804 -19.46 -26.40 28.39
N PHE D 1805 -18.21 -26.72 28.73
CA PHE D 1805 -17.80 -28.12 28.83
C PHE D 1805 -18.33 -28.79 30.09
N ASP D 1806 -18.27 -28.11 31.23
CA ASP D 1806 -18.67 -28.74 32.49
C ASP D 1806 -20.15 -29.07 32.49
N GLU D 1807 -20.99 -28.13 32.03
CA GLU D 1807 -22.42 -28.39 31.96
C GLU D 1807 -22.73 -29.48 30.95
N ALA D 1808 -22.00 -29.51 29.84
CA ALA D 1808 -22.20 -30.58 28.86
C ALA D 1808 -21.87 -31.94 29.46
N THR D 1809 -20.78 -32.03 30.22
CA THR D 1809 -20.46 -33.29 30.87
C THR D 1809 -21.53 -33.68 31.88
N GLN D 1810 -22.02 -32.71 32.65
CA GLN D 1810 -23.07 -33.01 33.62
C GLN D 1810 -24.31 -33.53 32.93
N TRP D 1811 -24.66 -32.95 31.78
CA TRP D 1811 -25.87 -33.38 31.09
C TRP D 1811 -25.69 -34.74 30.44
N ILE D 1812 -24.51 -35.03 29.89
CA ILE D 1812 -24.31 -36.34 29.28
C ILE D 1812 -24.12 -37.44 30.31
N ASN D 1813 -23.78 -37.09 31.55
CA ASN D 1813 -23.63 -38.11 32.58
C ASN D 1813 -24.94 -38.80 32.95
N TYR D 1814 -26.08 -38.25 32.53
CA TYR D 1814 -27.34 -38.91 32.80
C TYR D 1814 -27.53 -40.16 31.95
N VAL D 1815 -26.72 -40.32 30.90
CA VAL D 1815 -26.83 -41.44 29.99
C VAL D 1815 -25.65 -42.39 30.13
N TYR D 1816 -24.43 -41.86 30.13
CA TYR D 1816 -23.24 -42.67 30.24
C TYR D 1816 -22.21 -41.96 31.10
N ASN D 1817 -21.54 -42.72 31.97
CA ASN D 1817 -20.49 -42.19 32.81
C ASN D 1817 -19.52 -43.32 33.13
N PRO D 1818 -18.28 -43.27 32.63
CA PRO D 1818 -17.36 -44.39 32.84
C PRO D 1818 -17.03 -44.63 34.30
N ALA D 1819 -17.21 -43.64 35.16
CA ALA D 1819 -16.87 -43.76 36.57
C ALA D 1819 -17.98 -44.37 37.40
N GLY D 1820 -19.09 -44.75 36.79
CA GLY D 1820 -20.21 -45.31 37.54
C GLY D 1820 -21.13 -44.23 38.06
N TYR D 1821 -22.23 -44.68 38.67
CA TYR D 1821 -23.24 -43.78 39.18
C TYR D 1821 -23.47 -44.04 40.66
N ILE D 1822 -23.56 -42.96 41.43
CA ILE D 1822 -23.73 -43.05 42.87
C ILE D 1822 -25.22 -43.13 43.18
N VAL D 1823 -25.63 -44.25 43.78
CA VAL D 1823 -27.02 -44.46 44.18
C VAL D 1823 -27.03 -44.85 45.64
N ASN D 1824 -27.74 -44.09 46.47
CA ASN D 1824 -27.85 -44.32 47.90
C ASN D 1824 -26.48 -44.34 48.59
N GLY D 1825 -25.47 -43.74 47.98
CA GLY D 1825 -24.15 -43.73 48.56
C GLY D 1825 -23.24 -44.86 48.13
N GLU D 1826 -23.65 -45.68 47.17
CA GLU D 1826 -22.83 -46.77 46.66
C GLU D 1826 -22.86 -46.77 45.15
N ILE D 1827 -21.81 -47.36 44.56
CA ILE D 1827 -21.71 -47.45 43.11
C ILE D 1827 -22.77 -48.40 42.58
N ALA D 1828 -23.53 -47.95 41.59
CA ALA D 1828 -24.58 -48.77 41.03
C ALA D 1828 -24.00 -49.91 40.21
N PRO D 1829 -24.65 -51.08 40.21
CA PRO D 1829 -24.10 -52.21 39.45
C PRO D 1829 -24.18 -52.06 37.94
N TRP D 1830 -25.13 -51.28 37.43
CA TRP D 1830 -25.27 -51.18 35.99
C TRP D 1830 -24.19 -50.29 35.38
N ILE D 1831 -24.03 -50.41 34.07
CA ILE D 1831 -23.02 -49.67 33.33
C ILE D 1831 -23.61 -48.46 32.63
N TRP D 1832 -24.74 -48.63 31.94
CA TRP D 1832 -25.39 -47.56 31.22
C TRP D 1832 -26.62 -47.10 32.00
N ASN D 1833 -26.76 -45.79 32.18
CA ASN D 1833 -27.88 -45.26 32.95
C ASN D 1833 -29.19 -45.31 32.18
N CYS D 1834 -29.14 -45.47 30.86
CA CYS D 1834 -30.34 -45.56 30.05
C CYS D 1834 -30.80 -47.01 30.00
N ARG D 1835 -31.97 -47.30 30.57
CA ARG D 1835 -32.44 -48.67 30.65
C ARG D 1835 -32.63 -49.32 29.28
N PRO D 1836 -33.26 -48.69 28.30
CA PRO D 1836 -33.36 -49.35 26.98
C PRO D 1836 -32.00 -49.64 26.35
N LEU D 1837 -31.02 -48.76 26.55
CA LEU D 1837 -29.68 -49.06 26.06
C LEU D 1837 -29.06 -50.21 26.84
N GLU D 1838 -29.23 -50.22 28.17
CA GLU D 1838 -28.63 -51.27 28.98
C GLU D 1838 -29.17 -52.64 28.61
N GLU D 1839 -30.49 -52.74 28.40
CA GLU D 1839 -31.11 -54.01 28.07
C GLU D 1839 -31.19 -54.28 26.57
N THR D 1840 -30.82 -53.31 25.73
CA THR D 1840 -30.87 -53.44 24.27
C THR D 1840 -32.27 -53.85 23.82
N THR D 1841 -33.22 -52.93 24.04
CA THR D 1841 -34.60 -53.14 23.66
C THR D 1841 -34.83 -52.56 22.28
N SER D 1842 -35.25 -53.39 21.34
CA SER D 1842 -35.50 -52.96 19.97
C SER D 1842 -36.95 -52.55 19.82
N TRP D 1843 -37.18 -51.38 19.22
CA TRP D 1843 -38.52 -50.84 19.06
C TRP D 1843 -38.74 -50.35 17.64
N ASN D 1844 -38.36 -51.18 16.67
CA ASN D 1844 -38.61 -50.87 15.26
C ASN D 1844 -38.43 -52.14 14.46
N ALA D 1845 -39.41 -52.46 13.62
CA ALA D 1845 -39.39 -53.71 12.88
C ALA D 1845 -39.07 -53.56 11.41
N ASN D 1846 -39.21 -52.36 10.85
CA ASN D 1846 -38.96 -52.10 9.43
C ASN D 1846 -38.04 -50.91 9.30
N PRO D 1847 -36.74 -51.10 9.59
CA PRO D 1847 -35.83 -49.95 9.54
C PRO D 1847 -35.34 -49.61 8.15
N LEU D 1848 -35.48 -50.50 7.18
CA LEU D 1848 -34.94 -50.27 5.84
C LEU D 1848 -35.99 -49.82 4.84
N ASP D 1849 -37.18 -49.42 5.30
CA ASP D 1849 -38.20 -48.95 4.38
C ASP D 1849 -37.80 -47.65 3.69
N ALA D 1850 -36.89 -46.88 4.29
CA ALA D 1850 -36.42 -45.64 3.69
C ALA D 1850 -35.04 -45.34 4.24
N ILE D 1851 -34.33 -44.44 3.56
CA ILE D 1851 -32.98 -44.06 3.98
C ILE D 1851 -33.11 -43.24 5.26
N ASP D 1852 -32.76 -43.84 6.39
CA ASP D 1852 -32.90 -43.19 7.69
C ASP D 1852 -31.96 -43.81 8.71
N PRO D 1853 -30.83 -43.15 9.01
CA PRO D 1853 -29.93 -43.71 10.03
C PRO D 1853 -30.58 -43.86 11.39
N ASP D 1854 -31.50 -42.96 11.74
CA ASP D 1854 -32.15 -43.05 13.04
C ASP D 1854 -32.99 -44.32 13.14
N ALA D 1855 -33.68 -44.69 12.07
CA ALA D 1855 -34.48 -45.91 12.11
C ALA D 1855 -33.60 -47.14 12.30
N VAL D 1856 -32.47 -47.20 11.59
CA VAL D 1856 -31.56 -48.32 11.75
C VAL D 1856 -31.03 -48.38 13.18
N ALA D 1857 -30.66 -47.24 13.73
CA ALA D 1857 -30.18 -47.22 15.11
C ALA D 1857 -31.27 -47.65 16.09
N GLN D 1858 -32.52 -47.30 15.79
CA GLN D 1858 -33.62 -47.71 16.64
C GLN D 1858 -33.82 -49.21 16.59
N ASN D 1859 -33.64 -49.82 15.42
CA ASN D 1859 -33.79 -51.26 15.32
C ASN D 1859 -32.78 -51.99 16.18
N ASP D 1860 -31.53 -51.53 16.19
CA ASP D 1860 -30.47 -52.11 17.01
C ASP D 1860 -29.84 -50.99 17.83
N PRO D 1861 -30.21 -50.84 19.11
CA PRO D 1861 -29.77 -49.68 19.87
C PRO D 1861 -28.30 -49.68 20.25
N MET D 1862 -27.52 -50.66 19.80
CA MET D 1862 -26.08 -50.63 20.05
C MET D 1862 -25.43 -49.43 19.36
N HIS D 1863 -25.93 -49.08 18.18
CA HIS D 1863 -25.41 -47.92 17.48
C HIS D 1863 -25.58 -46.66 18.31
N TYR D 1864 -26.63 -46.58 19.14
CA TYR D 1864 -26.76 -45.45 20.04
C TYR D 1864 -25.64 -45.44 21.08
N LYS D 1865 -25.26 -46.61 21.58
CA LYS D 1865 -24.12 -46.69 22.49
C LYS D 1865 -22.86 -46.16 21.82
N ILE D 1866 -22.61 -46.59 20.59
CA ILE D 1866 -21.41 -46.14 19.89
C ILE D 1866 -21.46 -44.63 19.65
N ALA D 1867 -22.63 -44.11 19.29
CA ALA D 1867 -22.75 -42.67 19.06
C ALA D 1867 -22.47 -41.88 20.33
N THR D 1868 -23.00 -42.33 21.47
CA THR D 1868 -22.72 -41.65 22.72
C THR D 1868 -21.24 -41.69 23.05
N PHE D 1869 -20.60 -42.84 22.83
CA PHE D 1869 -19.17 -42.95 23.09
C PHE D 1869 -18.38 -41.97 22.23
N MET D 1870 -18.72 -41.89 20.94
CA MET D 1870 -18.01 -40.96 20.06
C MET D 1870 -18.24 -39.52 20.46
N ARG D 1871 -19.45 -39.19 20.92
CA ARG D 1871 -19.70 -37.83 21.41
C ARG D 1871 -18.82 -37.51 22.60
N LEU D 1872 -18.70 -38.45 23.54
CA LEU D 1872 -17.83 -38.23 24.69
C LEU D 1872 -16.38 -38.01 24.26
N LEU D 1873 -15.90 -38.84 23.32
CA LEU D 1873 -14.53 -38.67 22.85
C LEU D 1873 -14.33 -37.33 22.18
N ASP D 1874 -15.32 -36.87 21.41
CA ASP D 1874 -15.23 -35.56 20.79
C ASP D 1874 -15.10 -34.46 21.84
N GLN D 1875 -15.91 -34.55 22.89
CA GLN D 1875 -15.82 -33.54 23.94
C GLN D 1875 -14.43 -33.54 24.59
N LEU D 1876 -13.89 -34.72 24.86
CA LEU D 1876 -12.57 -34.78 25.48
C LEU D 1876 -11.49 -34.19 24.58
N ILE D 1877 -11.53 -34.51 23.29
CA ILE D 1877 -10.52 -34.01 22.38
C ILE D 1877 -10.63 -32.48 22.23
N LEU D 1878 -11.86 -31.96 22.20
CA LEU D 1878 -12.04 -30.52 22.13
C LEU D 1878 -11.48 -29.83 23.38
N ARG D 1879 -11.72 -30.43 24.56
CA ARG D 1879 -11.13 -29.88 25.78
C ARG D 1879 -9.61 -29.85 25.68
N GLY D 1880 -9.03 -30.96 25.20
CA GLY D 1880 -7.58 -31.02 25.08
C GLY D 1880 -7.02 -29.96 24.15
N ASP D 1881 -7.67 -29.78 22.99
CA ASP D 1881 -7.20 -28.78 22.04
C ASP D 1881 -7.32 -27.37 22.62
N MET D 1882 -8.43 -27.10 23.32
CA MET D 1882 -8.61 -25.79 23.93
C MET D 1882 -7.51 -25.51 24.95
N ALA D 1883 -7.18 -26.51 25.77
CA ALA D 1883 -6.11 -26.33 26.75
C ALA D 1883 -4.76 -26.15 26.05
N TYR D 1884 -4.51 -26.91 24.98
CA TYR D 1884 -3.25 -26.81 24.27
C TYR D 1884 -3.04 -25.43 23.69
N ARG D 1885 -4.10 -24.81 23.19
CA ARG D 1885 -3.90 -23.53 22.51
C ARG D 1885 -3.51 -22.39 23.45
N GLU D 1886 -3.21 -22.59 24.73
CA GLU D 1886 -2.86 -21.49 25.62
C GLU D 1886 -1.36 -21.30 25.79
N LEU D 1887 -0.55 -22.33 25.53
CA LEU D 1887 0.90 -22.32 25.54
C LEU D 1887 1.50 -22.23 26.94
N THR D 1888 0.70 -22.04 27.99
CA THR D 1888 1.23 -22.03 29.34
C THR D 1888 1.56 -23.46 29.77
N ARG D 1889 2.62 -23.59 30.57
CA ARG D 1889 3.08 -24.91 31.00
C ARG D 1889 1.95 -25.69 31.67
N ASP D 1890 1.20 -25.04 32.55
CA ASP D 1890 0.08 -25.72 33.19
C ASP D 1890 -0.98 -26.10 32.16
N ALA D 1891 -1.23 -25.22 31.19
CA ALA D 1891 -2.16 -25.57 30.12
C ALA D 1891 -1.66 -26.77 29.32
N LEU D 1892 -0.34 -26.83 29.08
CA LEU D 1892 0.22 -27.97 28.37
C LEU D 1892 0.03 -29.26 29.17
N ASN D 1893 0.23 -29.20 30.48
CA ASN D 1893 0.02 -30.38 31.31
C ASN D 1893 -1.44 -30.81 31.28
N GLU D 1894 -2.36 -29.85 31.34
CA GLU D 1894 -3.77 -30.18 31.28
C GLU D 1894 -4.14 -30.83 29.95
N ALA D 1895 -3.61 -30.29 28.85
CA ALA D 1895 -3.87 -30.90 27.54
C ALA D 1895 -3.32 -32.31 27.48
N LYS D 1896 -2.12 -32.51 28.04
CA LYS D 1896 -1.55 -33.85 28.07
C LYS D 1896 -2.43 -34.81 28.85
N MET D 1897 -2.98 -34.35 29.98
CA MET D 1897 -3.87 -35.20 30.76
C MET D 1897 -5.11 -35.57 29.98
N TRP D 1898 -5.71 -34.60 29.29
CA TRP D 1898 -6.92 -34.89 28.52
C TRP D 1898 -6.62 -35.91 27.42
N TYR D 1899 -5.52 -35.72 26.69
CA TYR D 1899 -5.19 -36.65 25.62
C TYR D 1899 -4.91 -38.04 26.15
N VAL D 1900 -4.19 -38.14 27.27
CA VAL D 1900 -3.89 -39.43 27.85
C VAL D 1900 -5.17 -40.14 28.27
N ARG D 1901 -6.10 -39.39 28.88
CA ARG D 1901 -7.37 -39.98 29.29
C ARG D 1901 -8.14 -40.50 28.09
N THR D 1902 -8.20 -39.72 27.01
CA THR D 1902 -8.90 -40.17 25.81
C THR D 1902 -8.26 -41.43 25.24
N LEU D 1903 -6.92 -41.46 25.19
CA LEU D 1903 -6.23 -42.62 24.65
C LEU D 1903 -6.50 -43.86 25.50
N GLU D 1904 -6.52 -43.69 26.81
CA GLU D 1904 -6.80 -44.84 27.69
C GLU D 1904 -8.24 -45.33 27.49
N LEU D 1905 -9.17 -44.40 27.31
CA LEU D 1905 -10.55 -44.80 27.05
C LEU D 1905 -10.67 -45.59 25.75
N LEU D 1906 -9.99 -45.12 24.70
CA LEU D 1906 -10.11 -45.77 23.40
C LEU D 1906 -9.51 -47.17 23.41
N GLY D 1907 -8.33 -47.32 24.00
CA GLY D 1907 -7.62 -48.59 23.94
C GLY D 1907 -6.49 -48.54 22.95
N ASP D 1908 -6.11 -49.69 22.39
CA ASP D 1908 -5.06 -49.78 21.40
C ASP D 1908 -5.66 -50.17 20.06
N GLU D 1909 -5.34 -49.41 19.02
CA GLU D 1909 -5.95 -49.63 17.72
C GLU D 1909 -5.44 -50.94 17.10
N PRO D 1910 -6.29 -51.63 16.36
CA PRO D 1910 -5.87 -52.90 15.74
C PRO D 1910 -5.27 -52.69 14.36
N GLU D 1911 -4.83 -53.76 13.73
CA GLU D 1911 -4.22 -53.72 12.41
C GLU D 1911 -5.03 -54.54 11.43
N ASP D 1912 -4.66 -54.44 10.15
CA ASP D 1912 -5.35 -55.18 9.11
C ASP D 1912 -5.11 -56.67 9.26
N TYR D 1913 -6.16 -57.46 9.05
CA TYR D 1913 -6.08 -58.91 9.20
C TYR D 1913 -6.35 -59.66 7.91
N GLY D 1914 -7.46 -59.39 7.25
CA GLY D 1914 -7.88 -60.15 6.09
C GLY D 1914 -7.39 -59.63 4.75
N SER D 1915 -6.53 -58.62 4.72
CA SER D 1915 -6.06 -58.08 3.45
C SER D 1915 -5.25 -59.11 2.68
N GLN D 1916 -4.36 -59.83 3.36
CA GLN D 1916 -3.50 -60.79 2.68
C GLN D 1916 -4.12 -62.16 2.52
N GLN D 1917 -5.28 -62.41 3.13
CA GLN D 1917 -5.96 -63.69 3.01
C GLN D 1917 -6.93 -63.73 1.84
N TRP D 1918 -7.02 -62.66 1.06
CA TRP D 1918 -8.02 -62.55 0.01
C TRP D 1918 -7.43 -63.03 -1.32
N ALA D 1919 -8.08 -64.02 -1.92
CA ALA D 1919 -7.71 -64.50 -3.24
C ALA D 1919 -8.47 -63.71 -4.29
N ALA D 1920 -7.76 -63.02 -5.16
CA ALA D 1920 -8.41 -62.11 -6.10
C ALA D 1920 -9.23 -62.90 -7.11
N PRO D 1921 -10.54 -62.69 -7.18
CA PRO D 1921 -11.37 -63.45 -8.11
C PRO D 1921 -11.57 -62.70 -9.42
N SER D 1922 -11.99 -63.45 -10.43
CA SER D 1922 -12.34 -62.84 -11.70
C SER D 1922 -13.64 -62.06 -11.56
N LEU D 1923 -13.81 -61.06 -12.43
CA LEU D 1923 -15.00 -60.22 -12.35
C LEU D 1923 -16.26 -61.05 -12.59
N SER D 1924 -16.21 -61.99 -13.54
CA SER D 1924 -17.36 -62.85 -13.76
C SER D 1924 -17.61 -63.74 -12.55
N GLY D 1925 -16.54 -64.24 -11.91
CA GLY D 1925 -16.72 -65.08 -10.75
C GLY D 1925 -17.30 -64.33 -9.56
N ALA D 1926 -16.83 -63.10 -9.33
CA ALA D 1926 -17.32 -62.33 -8.19
C ALA D 1926 -18.77 -61.94 -8.37
N ALA D 1927 -19.23 -61.78 -9.61
CA ALA D 1927 -20.60 -61.42 -9.90
C ALA D 1927 -21.47 -62.62 -10.21
N SER D 1928 -20.96 -63.83 -10.00
CA SER D 1928 -21.74 -65.03 -10.31
C SER D 1928 -22.99 -65.08 -9.44
N GLN D 1929 -24.12 -65.44 -10.05
CA GLN D 1929 -25.36 -65.53 -9.31
C GLN D 1929 -25.38 -66.69 -8.34
N THR D 1930 -24.67 -67.78 -8.66
CA THR D 1930 -24.69 -68.96 -7.80
C THR D 1930 -24.08 -68.65 -6.44
N VAL D 1931 -22.99 -67.89 -6.42
CA VAL D 1931 -22.32 -67.58 -5.15
C VAL D 1931 -23.25 -66.78 -4.26
N GLN D 1932 -23.88 -65.74 -4.81
CA GLN D 1932 -24.80 -64.92 -4.05
C GLN D 1932 -25.99 -65.74 -3.57
N ALA D 1933 -26.52 -66.62 -4.43
CA ALA D 1933 -27.64 -67.45 -4.02
C ALA D 1933 -27.26 -68.37 -2.87
N ALA D 1934 -26.08 -68.98 -2.94
CA ALA D 1934 -25.64 -69.86 -1.85
C ALA D 1934 -25.47 -69.09 -0.54
N TYR D 1935 -24.86 -67.90 -0.63
CA TYR D 1935 -24.67 -67.10 0.59
C TYR D 1935 -26.01 -66.68 1.18
N GLN D 1936 -26.95 -66.25 0.34
CA GLN D 1936 -28.27 -65.84 0.83
C GLN D 1936 -29.01 -67.02 1.45
N GLN D 1937 -28.89 -68.20 0.83
CA GLN D 1937 -29.54 -69.38 1.37
C GLN D 1937 -28.97 -69.72 2.75
N ASP D 1938 -27.65 -69.65 2.89
CA ASP D 1938 -27.04 -69.92 4.18
C ASP D 1938 -27.49 -68.91 5.23
N LEU D 1939 -27.54 -67.63 4.85
CA LEU D 1939 -27.99 -66.60 5.80
C LEU D 1939 -29.44 -66.82 6.22
N THR D 1940 -30.31 -67.16 5.27
CA THR D 1940 -31.69 -67.42 5.60
C THR D 1940 -31.83 -68.63 6.52
N MET D 1941 -31.08 -69.69 6.23
CA MET D 1941 -31.13 -70.87 7.08
C MET D 1941 -30.65 -70.56 8.48
N LEU D 1942 -29.62 -69.71 8.60
CA LEU D 1942 -29.12 -69.33 9.91
C LEU D 1942 -30.14 -68.51 10.68
N GLY D 1943 -30.71 -67.49 10.04
CA GLY D 1943 -31.64 -66.61 10.74
C GLY D 1943 -32.95 -67.29 11.10
N ARG D 1944 -33.49 -68.09 10.19
CA ARG D 1944 -34.83 -68.66 10.38
C ARG D 1944 -34.80 -70.06 10.97
N GLY D 1945 -33.74 -70.83 10.70
CA GLY D 1945 -33.61 -72.18 11.24
C GLY D 1945 -32.46 -72.31 12.21
N GLY D 1946 -31.34 -72.84 11.74
CA GLY D 1946 -30.21 -73.11 12.59
C GLY D 1946 -29.56 -74.43 12.26
N VAL D 1947 -30.04 -75.08 11.21
CA VAL D 1947 -29.44 -76.33 10.76
C VAL D 1947 -28.02 -76.06 10.28
N SER D 1948 -27.08 -76.91 10.69
CA SER D 1948 -25.66 -76.72 10.43
C SER D 1948 -25.10 -77.79 9.50
N LYS D 1949 -25.86 -78.14 8.45
CA LYS D 1949 -25.35 -79.06 7.45
C LYS D 1949 -24.14 -78.45 6.75
N ASN D 1950 -23.11 -79.29 6.56
CA ASN D 1950 -21.83 -78.85 6.02
C ASN D 1950 -21.23 -77.74 6.90
N LEU D 1951 -20.93 -78.15 8.14
CA LEU D 1951 -20.53 -77.20 9.17
C LEU D 1951 -19.37 -76.32 8.71
N ARG D 1952 -18.31 -76.94 8.20
CA ARG D 1952 -17.19 -76.18 7.65
C ARG D 1952 -17.57 -75.67 6.26
N THR D 1953 -17.28 -74.39 6.01
CA THR D 1953 -17.70 -73.78 4.75
C THR D 1953 -16.71 -74.03 3.60
N ALA D 1954 -15.56 -74.64 3.88
CA ALA D 1954 -14.58 -74.99 2.85
C ALA D 1954 -14.14 -73.74 2.07
N ASN D 1955 -13.43 -72.87 2.78
CA ASN D 1955 -13.17 -71.50 2.35
C ASN D 1955 -12.65 -71.36 0.92
N SER D 1956 -12.21 -72.46 0.31
CA SER D 1956 -11.80 -72.41 -1.08
C SER D 1956 -12.95 -72.04 -2.01
N LEU D 1957 -14.20 -72.13 -1.53
CA LEU D 1957 -15.35 -71.75 -2.31
C LEU D 1957 -15.84 -70.33 -1.98
N VAL D 1958 -15.07 -69.57 -1.21
CA VAL D 1958 -15.45 -68.22 -0.82
C VAL D 1958 -14.81 -67.24 -1.80
N GLY D 1959 -15.64 -66.38 -2.38
CA GLY D 1959 -15.17 -65.32 -3.25
C GLY D 1959 -15.89 -64.02 -2.97
N LEU D 1960 -16.32 -63.84 -1.71
CA LEU D 1960 -17.07 -62.68 -1.30
C LEU D 1960 -16.13 -61.56 -0.84
N PHE D 1961 -16.71 -60.50 -0.29
CA PHE D 1961 -15.95 -59.37 0.19
C PHE D 1961 -15.94 -59.33 1.71
N LEU D 1962 -15.01 -58.56 2.26
CA LEU D 1962 -14.75 -58.52 3.69
C LEU D 1962 -15.20 -57.20 4.29
N PRO D 1963 -15.56 -57.18 5.57
CA PRO D 1963 -15.99 -55.93 6.21
C PRO D 1963 -14.83 -54.93 6.31
N GLU D 1964 -15.19 -53.70 6.65
CA GLU D 1964 -14.26 -52.59 6.67
C GLU D 1964 -14.32 -51.88 8.01
N TYR D 1965 -13.18 -51.31 8.40
CA TYR D 1965 -13.12 -50.58 9.66
C TYR D 1965 -13.91 -49.28 9.57
N ASN D 1966 -14.14 -48.67 10.74
CA ASN D 1966 -14.84 -47.40 10.80
C ASN D 1966 -13.84 -46.26 10.66
N PRO D 1967 -13.94 -45.43 9.63
CA PRO D 1967 -12.94 -44.37 9.45
C PRO D 1967 -12.89 -43.36 10.59
N ALA D 1968 -14.00 -43.10 11.27
CA ALA D 1968 -14.01 -42.07 12.31
C ALA D 1968 -13.09 -42.45 13.48
N LEU D 1969 -13.15 -43.71 13.91
CA LEU D 1969 -12.31 -44.12 15.03
C LEU D 1969 -10.83 -44.08 14.65
N THR D 1970 -10.50 -44.47 13.42
CA THR D 1970 -9.12 -44.36 12.97
C THR D 1970 -8.68 -42.91 12.93
N ASP D 1971 -9.58 -42.00 12.57
CA ASP D 1971 -9.26 -40.58 12.61
C ASP D 1971 -8.98 -40.13 14.05
N TYR D 1972 -9.78 -40.62 15.00
CA TYR D 1972 -9.50 -40.28 16.41
C TYR D 1972 -8.13 -40.76 16.82
N TRP D 1973 -7.78 -41.99 16.47
CA TRP D 1973 -6.46 -42.52 16.83
C TRP D 1973 -5.34 -41.72 16.18
N GLN D 1974 -5.50 -41.37 14.92
CA GLN D 1974 -4.47 -40.59 14.23
C GLN D 1974 -4.30 -39.23 14.88
N THR D 1975 -5.40 -38.57 15.20
CA THR D 1975 -5.31 -37.26 15.84
C THR D 1975 -4.63 -37.36 17.20
N LEU D 1976 -4.98 -38.37 17.99
CA LEU D 1976 -4.35 -38.55 19.29
C LEU D 1976 -2.85 -38.78 19.16
N ARG D 1977 -2.45 -39.64 18.22
CA ARG D 1977 -1.03 -39.92 18.03
C ARG D 1977 -0.28 -38.65 17.63
N LEU D 1978 -0.84 -37.89 16.69
CA LEU D 1978 -0.17 -36.67 16.25
C LEU D 1978 -0.04 -35.66 17.39
N ARG D 1979 -1.12 -35.48 18.17
CA ARG D 1979 -1.07 -34.52 19.26
C ARG D 1979 -0.06 -34.92 20.32
N LEU D 1980 -0.03 -36.21 20.67
CA LEU D 1980 0.93 -36.67 21.67
C LEU D 1980 2.36 -36.50 21.17
N PHE D 1981 2.59 -36.82 19.90
CA PHE D 1981 3.94 -36.66 19.35
C PHE D 1981 4.36 -35.20 19.36
N ASN D 1982 3.46 -34.29 19.01
CA ASN D 1982 3.79 -32.88 19.05
C ASN D 1982 4.07 -32.42 20.48
N LEU D 1983 3.29 -32.91 21.44
CA LEU D 1983 3.49 -32.51 22.83
C LEU D 1983 4.82 -32.99 23.37
N ARG D 1984 5.21 -34.22 23.05
CA ARG D 1984 6.40 -34.79 23.66
C ARG D 1984 7.68 -34.18 23.11
N HIS D 1985 7.64 -33.59 21.92
CA HIS D 1985 8.83 -33.07 21.28
C HIS D 1985 8.93 -31.55 21.35
N ASN D 1986 8.19 -30.92 22.26
CA ASN D 1986 8.27 -29.49 22.51
C ASN D 1986 7.96 -28.68 21.24
N LEU D 1987 6.78 -28.91 20.70
CA LEU D 1987 6.30 -28.20 19.52
C LEU D 1987 4.92 -27.65 19.77
N SER D 1988 4.54 -26.65 18.98
CA SER D 1988 3.22 -26.07 19.08
C SER D 1988 2.19 -27.04 18.51
N ILE D 1989 0.92 -26.64 18.56
CA ILE D 1989 -0.15 -27.49 18.07
C ILE D 1989 -0.06 -27.67 16.56
N ASP D 1990 0.51 -26.70 15.85
CA ASP D 1990 0.63 -26.76 14.41
C ASP D 1990 1.96 -27.34 13.94
N GLY D 1991 2.82 -27.74 14.88
CA GLY D 1991 4.13 -28.27 14.52
C GLY D 1991 5.25 -27.25 14.51
N GLN D 1992 4.96 -25.98 14.77
CA GLN D 1992 6.00 -24.97 14.82
C GLN D 1992 6.88 -25.21 16.03
N PRO D 1993 8.21 -25.23 15.87
CA PRO D 1993 9.09 -25.42 17.03
C PRO D 1993 8.99 -24.25 18.00
N LEU D 1994 9.14 -24.57 19.28
CA LEU D 1994 9.01 -23.59 20.35
C LEU D 1994 10.36 -23.16 20.92
N SER D 1995 11.47 -23.62 20.33
CA SER D 1995 12.79 -23.32 20.84
C SER D 1995 13.65 -22.72 19.73
N LEU D 1996 14.43 -21.71 20.09
CA LEU D 1996 15.32 -21.05 19.14
C LEU D 1996 16.54 -21.91 18.88
N ALA D 1997 17.04 -21.85 17.64
CA ALA D 1997 18.21 -22.62 17.25
C ALA D 1997 19.46 -21.77 17.39
N ILE D 1998 20.60 -22.28 16.92
CA ILE D 1998 21.86 -21.56 16.96
C ILE D 1998 22.40 -21.48 15.53
N TYR D 1999 23.32 -20.54 15.33
CA TYR D 1999 23.83 -20.25 13.99
C TYR D 1999 25.17 -20.90 13.69
N ALA D 2000 26.05 -21.04 14.68
CA ALA D 2000 27.39 -21.61 14.50
C ALA D 2000 28.17 -20.81 13.46
N GLU D 2001 28.46 -19.57 13.83
CA GLU D 2001 29.11 -18.63 12.94
C GLU D 2001 30.47 -19.15 12.49
N PRO D 2002 30.81 -19.06 11.21
CA PRO D 2002 32.13 -19.53 10.76
C PRO D 2002 33.25 -18.68 11.33
N THR D 2003 34.41 -19.31 11.51
CA THR D 2003 35.56 -18.68 12.14
C THR D 2003 36.55 -18.21 11.07
N ASP D 2004 36.18 -17.12 10.40
CA ASP D 2004 37.00 -16.28 9.52
C ASP D 2004 37.61 -17.01 8.32
N PRO D 2005 38.00 -16.29 7.27
CA PRO D 2005 38.73 -16.93 6.17
C PRO D 2005 40.23 -16.84 6.34
N LYS D 2006 40.97 -17.48 5.45
CA LYS D 2006 42.43 -17.53 5.52
C LYS D 2006 42.96 -16.72 4.34
N ALA D 2007 43.79 -15.72 4.63
CA ALA D 2007 44.42 -14.88 3.62
C ALA D 2007 45.87 -15.30 3.41
N LEU D 2008 46.25 -15.50 2.16
CA LEU D 2008 47.58 -15.98 1.81
C LEU D 2008 48.55 -14.82 1.65
N LEU D 2009 49.83 -15.17 1.57
CA LEU D 2009 50.89 -14.20 1.37
C LEU D 2009 52.06 -14.89 0.67
N THR D 2010 52.96 -14.08 0.12
CA THR D 2010 54.12 -14.59 -0.59
C THR D 2010 55.35 -13.77 -0.24
N SER D 2011 56.53 -14.37 -0.44
CA SER D 2011 57.78 -13.72 -0.07
C SER D 2011 58.87 -14.14 -1.04
N MET D 2012 59.94 -13.34 -1.08
CA MET D 2012 61.08 -13.64 -1.93
C MET D 2012 61.99 -14.66 -1.25
N VAL D 2013 62.63 -15.49 -2.07
CA VAL D 2013 63.56 -16.51 -1.61
C VAL D 2013 64.89 -16.30 -2.32
N GLN D 2014 65.98 -16.30 -1.57
CA GLN D 2014 67.32 -16.15 -2.12
C GLN D 2014 68.17 -17.35 -1.76
N ALA D 2015 69.20 -17.59 -2.56
CA ALA D 2015 70.11 -18.71 -2.36
C ALA D 2015 71.54 -18.24 -2.46
N SER D 2016 72.46 -19.05 -1.95
CA SER D 2016 73.88 -18.71 -1.98
C SER D 2016 74.38 -18.66 -3.41
N GLN D 2017 75.21 -17.66 -3.70
CA GLN D 2017 75.74 -17.45 -5.04
C GLN D 2017 77.25 -17.29 -4.97
N GLY D 2018 77.93 -17.79 -6.02
CA GLY D 2018 79.37 -17.74 -6.10
C GLY D 2018 79.87 -16.63 -7.01
N GLY D 2019 81.19 -16.59 -7.17
CA GLY D 2019 81.83 -15.60 -7.99
C GLY D 2019 82.88 -16.23 -8.88
N SER D 2020 83.39 -15.42 -9.82
CA SER D 2020 84.40 -15.87 -10.76
C SER D 2020 85.75 -16.00 -10.07
N ALA D 2021 86.67 -16.70 -10.76
CA ALA D 2021 88.02 -16.92 -10.27
C ALA D 2021 89.02 -16.30 -11.23
N VAL D 2022 90.29 -16.35 -10.85
CA VAL D 2022 91.38 -15.74 -11.61
C VAL D 2022 92.39 -16.83 -11.99
N LEU D 2023 92.76 -16.87 -13.25
CA LEU D 2023 93.81 -17.74 -13.75
C LEU D 2023 95.12 -16.98 -13.83
N PRO D 2024 96.26 -17.68 -13.86
CA PRO D 2024 97.53 -16.98 -14.05
C PRO D 2024 97.55 -16.26 -15.40
N GLY D 2025 98.13 -15.06 -15.41
CA GLY D 2025 98.16 -14.26 -16.60
C GLY D 2025 99.29 -14.62 -17.53
N THR D 2026 99.27 -14.01 -18.72
CA THR D 2026 100.30 -14.21 -19.74
C THR D 2026 100.95 -12.89 -20.10
N LEU D 2027 102.17 -12.97 -20.61
CA LEU D 2027 102.97 -11.80 -20.94
C LEU D 2027 102.83 -11.48 -22.42
N SER D 2028 102.48 -10.24 -22.73
CA SER D 2028 102.33 -9.78 -24.09
C SER D 2028 103.65 -9.18 -24.59
N LEU D 2029 103.61 -8.51 -25.74
CA LEU D 2029 104.81 -7.92 -26.32
C LEU D 2029 104.85 -6.41 -26.22
N TYR D 2030 103.71 -5.75 -26.06
CA TYR D 2030 103.68 -4.30 -25.98
C TYR D 2030 103.86 -3.82 -24.55
N ARG D 2031 104.26 -2.56 -24.42
CA ARG D 2031 104.48 -1.98 -23.10
C ARG D 2031 103.15 -1.69 -22.43
N PHE D 2032 103.22 -1.12 -21.22
CA PHE D 2032 102.02 -0.98 -20.39
C PHE D 2032 100.95 -0.07 -20.99
N PRO D 2033 101.25 1.16 -21.45
CA PRO D 2033 100.15 2.05 -21.86
C PRO D 2033 99.29 1.50 -22.99
N VAL D 2034 99.89 0.81 -23.96
CA VAL D 2034 99.14 0.29 -25.09
C VAL D 2034 98.14 -0.75 -24.62
N MET D 2035 98.58 -1.69 -23.78
CA MET D 2035 97.67 -2.68 -23.24
C MET D 2035 96.60 -2.03 -22.40
N LEU D 2036 96.97 -1.00 -21.64
CA LEU D 2036 95.98 -0.29 -20.84
C LEU D 2036 94.87 0.27 -21.71
N GLU D 2037 95.24 0.93 -22.81
CA GLU D 2037 94.22 1.54 -23.68
C GLU D 2037 93.36 0.48 -24.35
N ARG D 2038 93.97 -0.64 -24.79
CA ARG D 2038 93.18 -1.68 -25.43
C ARG D 2038 92.18 -2.29 -24.46
N THR D 2039 92.62 -2.60 -23.25
CA THR D 2039 91.71 -3.14 -22.26
C THR D 2039 90.62 -2.13 -21.89
N ARG D 2040 90.96 -0.85 -21.88
CA ARG D 2040 89.95 0.17 -21.60
C ARG D 2040 88.86 0.16 -22.66
N ASN D 2041 89.25 0.08 -23.93
CA ASN D 2041 88.24 0.01 -24.99
C ASN D 2041 87.37 -1.24 -24.82
N LEU D 2042 87.99 -2.38 -24.53
CA LEU D 2042 87.22 -3.61 -24.40
C LEU D 2042 86.21 -3.52 -23.26
N VAL D 2043 86.64 -2.99 -22.10
CA VAL D 2043 85.72 -2.92 -20.98
C VAL D 2043 84.62 -1.90 -21.22
N ALA D 2044 84.91 -0.83 -21.97
CA ALA D 2044 83.83 0.08 -22.36
C ALA D 2044 82.78 -0.64 -23.18
N GLN D 2045 83.22 -1.46 -24.14
CA GLN D 2045 82.26 -2.23 -24.92
C GLN D 2045 81.45 -3.16 -24.04
N LEU D 2046 82.10 -3.79 -23.06
CA LEU D 2046 81.40 -4.68 -22.14
C LEU D 2046 80.33 -3.93 -21.36
N THR D 2047 80.64 -2.72 -20.91
CA THR D 2047 79.66 -1.93 -20.18
C THR D 2047 78.46 -1.60 -21.05
N GLN D 2048 78.70 -1.27 -22.32
CA GLN D 2048 77.59 -1.03 -23.23
C GLN D 2048 76.70 -2.26 -23.33
N PHE D 2049 77.31 -3.44 -23.46
CA PHE D 2049 76.52 -4.67 -23.55
C PHE D 2049 75.65 -4.85 -22.31
N GLY D 2050 76.23 -4.62 -21.13
CA GLY D 2050 75.47 -4.79 -19.90
C GLY D 2050 74.28 -3.85 -19.82
N THR D 2051 74.49 -2.59 -20.21
CA THR D 2051 73.38 -1.62 -20.18
C THR D 2051 72.26 -2.06 -21.12
N SER D 2052 72.62 -2.49 -22.33
CA SER D 2052 71.60 -2.95 -23.27
C SER D 2052 70.81 -4.12 -22.70
N LEU D 2053 71.51 -5.07 -22.07
CA LEU D 2053 70.84 -6.22 -21.48
C LEU D 2053 69.83 -5.78 -20.42
N LEU D 2054 70.24 -4.86 -19.55
CA LEU D 2054 69.33 -4.42 -18.49
C LEU D 2054 68.08 -3.77 -19.07
N SER D 2055 68.24 -2.90 -20.08
CA SER D 2055 67.08 -2.24 -20.66
C SER D 2055 66.13 -3.25 -21.30
N MET D 2056 66.67 -4.22 -22.04
CA MET D 2056 65.82 -5.23 -22.66
C MET D 2056 65.05 -6.03 -21.62
N ALA D 2057 65.71 -6.40 -20.52
CA ALA D 2057 65.01 -7.13 -19.46
C ALA D 2057 63.85 -6.31 -18.90
N GLU D 2058 64.08 -5.02 -18.67
CA GLU D 2058 63.01 -4.18 -18.14
C GLU D 2058 61.80 -4.17 -19.08
N HIS D 2059 62.05 -3.96 -20.37
CA HIS D 2059 60.94 -3.90 -21.32
C HIS D 2059 60.18 -5.23 -21.37
N ASP D 2060 60.91 -6.35 -21.36
CA ASP D 2060 60.25 -7.65 -21.39
C ASP D 2060 59.35 -7.84 -20.17
N ASP D 2061 59.83 -7.45 -19.00
CA ASP D 2061 59.01 -7.61 -17.80
C ASP D 2061 57.74 -6.77 -17.87
N ALA D 2062 57.85 -5.54 -18.38
CA ALA D 2062 56.66 -4.71 -18.52
C ALA D 2062 55.64 -5.38 -19.45
N ASP D 2063 56.11 -5.93 -20.57
CA ASP D 2063 55.19 -6.60 -21.49
C ASP D 2063 54.50 -7.78 -20.82
N GLU D 2064 55.25 -8.57 -20.04
CA GLU D 2064 54.65 -9.71 -19.36
C GLU D 2064 53.55 -9.26 -18.41
N LEU D 2065 53.80 -8.19 -17.65
CA LEU D 2065 52.77 -7.69 -16.74
C LEU D 2065 51.51 -7.28 -17.51
N THR D 2066 51.68 -6.59 -18.64
CA THR D 2066 50.52 -6.17 -19.41
C THR D 2066 49.70 -7.36 -19.89
N THR D 2067 50.38 -8.41 -20.38
CA THR D 2067 49.67 -9.59 -20.85
C THR D 2067 48.86 -10.23 -19.72
N LEU D 2068 49.47 -10.35 -18.53
CA LEU D 2068 48.74 -10.95 -17.42
C LEU D 2068 47.50 -10.13 -17.08
N LEU D 2069 47.64 -8.80 -17.07
CA LEU D 2069 46.49 -7.95 -16.80
C LEU D 2069 45.37 -8.20 -17.79
N LEU D 2070 45.71 -8.33 -19.07
CA LEU D 2070 44.68 -8.55 -20.08
C LEU D 2070 43.94 -9.86 -19.85
N GLN D 2071 44.67 -10.94 -19.54
CA GLN D 2071 44.01 -12.22 -19.32
C GLN D 2071 43.03 -12.15 -18.14
N GLN D 2072 43.47 -11.54 -17.03
CA GLN D 2072 42.58 -11.42 -15.88
C GLN D 2072 41.34 -10.60 -16.24
N GLY D 2073 41.51 -9.53 -17.00
CA GLY D 2073 40.36 -8.75 -17.42
C GLY D 2073 39.37 -9.56 -18.22
N MET D 2074 39.87 -10.43 -19.11
CA MET D 2074 38.97 -11.27 -19.90
C MET D 2074 38.13 -12.18 -19.01
N GLU D 2075 38.77 -12.82 -18.03
CA GLU D 2075 38.00 -13.70 -17.15
C GLU D 2075 36.93 -12.93 -16.37
N LEU D 2076 37.29 -11.76 -15.86
CA LEU D 2076 36.30 -10.95 -15.14
C LEU D 2076 35.15 -10.56 -16.05
N ALA D 2077 35.44 -10.30 -17.33
CA ALA D 2077 34.38 -9.96 -18.27
C ALA D 2077 33.40 -11.11 -18.43
N THR D 2078 33.91 -12.34 -18.50
CA THR D 2078 33.01 -13.49 -18.59
C THR D 2078 32.07 -13.55 -17.39
N GLN D 2079 32.61 -13.36 -16.19
CA GLN D 2079 31.76 -13.40 -15.01
C GLN D 2079 30.70 -12.28 -15.04
N SER D 2080 31.09 -11.11 -15.54
CA SER D 2080 30.13 -10.01 -15.66
C SER D 2080 29.00 -10.37 -16.62
N ILE D 2081 29.33 -11.08 -17.71
CA ILE D 2081 28.31 -11.54 -18.64
C ILE D 2081 27.26 -12.36 -17.90
N ARG D 2082 27.73 -13.31 -17.09
CA ARG D 2082 26.78 -14.17 -16.38
C ARG D 2082 25.91 -13.34 -15.42
N ILE D 2083 26.53 -12.39 -14.72
CA ILE D 2083 25.77 -11.57 -13.77
C ILE D 2083 24.65 -10.82 -14.49
N GLN D 2084 24.96 -10.23 -15.64
CA GLN D 2084 23.96 -9.46 -16.35
C GLN D 2084 22.80 -10.34 -16.84
N GLN D 2085 23.12 -11.54 -17.31
CA GLN D 2085 22.03 -12.45 -17.70
C GLN D 2085 21.11 -12.73 -16.52
N ARG D 2086 21.70 -12.92 -15.33
CA ARG D 2086 20.87 -13.16 -14.16
C ARG D 2086 19.96 -11.96 -13.86
N THR D 2087 20.47 -10.75 -14.05
CA THR D 2087 19.64 -9.56 -13.84
C THR D 2087 18.44 -9.55 -14.79
N VAL D 2088 18.67 -9.90 -16.05
CA VAL D 2088 17.56 -9.96 -17.00
C VAL D 2088 16.51 -10.97 -16.54
N ASP D 2089 16.95 -12.13 -16.05
CA ASP D 2089 16.01 -13.12 -15.55
C ASP D 2089 15.17 -12.56 -14.40
N GLU D 2090 15.82 -11.79 -13.51
CA GLU D 2090 15.07 -11.18 -12.40
C GLU D 2090 13.98 -10.25 -12.92
N VAL D 2091 14.29 -9.45 -13.93
CA VAL D 2091 13.28 -8.56 -14.48
C VAL D 2091 12.11 -9.36 -15.06
N ASP D 2092 12.41 -10.49 -15.71
CA ASP D 2092 11.33 -11.33 -16.22
C ASP D 2092 10.43 -11.84 -15.10
N ALA D 2093 11.03 -12.23 -13.98
CA ALA D 2093 10.23 -12.67 -12.84
C ALA D 2093 9.31 -11.56 -12.34
N ASP D 2094 9.82 -10.33 -12.31
CA ASP D 2094 8.98 -9.20 -11.91
C ASP D 2094 7.79 -9.04 -12.86
N ILE D 2095 8.02 -9.21 -14.16
CA ILE D 2095 6.92 -9.15 -15.12
C ILE D 2095 5.86 -10.20 -14.79
N ALA D 2096 6.31 -11.42 -14.45
CA ALA D 2096 5.35 -12.47 -14.10
C ALA D 2096 4.51 -12.09 -12.89
N VAL D 2097 5.14 -11.49 -11.88
CA VAL D 2097 4.40 -11.03 -10.69
C VAL D 2097 3.32 -10.04 -11.11
N LEU D 2098 3.68 -9.10 -11.97
CA LEU D 2098 2.71 -8.11 -12.41
C LEU D 2098 1.54 -8.78 -13.14
N ALA D 2099 1.83 -9.79 -13.95
CA ALA D 2099 0.76 -10.49 -14.64
C ALA D 2099 -0.22 -11.13 -13.67
N GLU D 2100 0.31 -11.75 -12.60
CA GLU D 2100 -0.59 -12.33 -11.60
C GLU D 2100 -1.47 -11.28 -10.94
N SER D 2101 -0.88 -10.13 -10.59
CA SER D 2101 -1.68 -9.07 -9.99
C SER D 2101 -2.79 -8.61 -10.93
N ARG D 2102 -2.47 -8.48 -12.23
CA ARG D 2102 -3.48 -8.07 -13.19
C ARG D 2102 -4.61 -9.09 -13.27
N ARG D 2103 -4.28 -10.37 -13.21
CA ARG D 2103 -5.33 -11.38 -13.24
C ARG D 2103 -6.28 -11.24 -12.05
N SER D 2104 -5.72 -11.02 -10.86
CA SER D 2104 -6.59 -10.85 -9.69
C SER D 2104 -7.49 -9.62 -9.85
N ALA D 2105 -6.92 -8.51 -10.33
CA ALA D 2105 -7.72 -7.30 -10.50
C ALA D 2105 -8.84 -7.51 -11.51
N GLN D 2106 -8.54 -8.22 -12.60
CA GLN D 2106 -9.57 -8.49 -13.61
C GLN D 2106 -10.69 -9.33 -13.03
N ASN D 2107 -10.36 -10.32 -12.20
CA ASN D 2107 -11.41 -11.11 -11.57
C ASN D 2107 -12.30 -10.23 -10.70
N ARG D 2108 -11.69 -9.33 -9.91
CA ARG D 2108 -12.48 -8.44 -9.08
C ARG D 2108 -13.42 -7.58 -9.93
N LEU D 2109 -12.91 -7.04 -11.03
CA LEU D 2109 -13.74 -6.19 -11.89
C LEU D 2109 -14.91 -6.98 -12.45
N GLU D 2110 -14.68 -8.21 -12.92
CA GLU D 2110 -15.77 -8.99 -13.46
C GLU D 2110 -16.84 -9.26 -12.42
N LYS D 2111 -16.42 -9.62 -11.20
CA LYS D 2111 -17.38 -9.90 -10.15
C LYS D 2111 -18.24 -8.67 -9.85
N TYR D 2112 -17.60 -7.51 -9.69
CA TYR D 2112 -18.38 -6.33 -9.32
C TYR D 2112 -19.26 -5.87 -10.47
N GLN D 2113 -18.80 -6.01 -11.71
CA GLN D 2113 -19.63 -5.65 -12.84
C GLN D 2113 -20.87 -6.54 -12.91
N GLN D 2114 -20.69 -7.84 -12.70
CA GLN D 2114 -21.84 -8.73 -12.68
C GLN D 2114 -22.83 -8.35 -11.59
N LEU D 2115 -22.32 -8.04 -10.39
CA LEU D 2115 -23.20 -7.66 -9.30
C LEU D 2115 -23.96 -6.39 -9.62
N TYR D 2116 -23.28 -5.39 -10.19
CA TYR D 2116 -23.93 -4.13 -10.53
C TYR D 2116 -24.99 -4.32 -11.60
N ASP D 2117 -24.70 -5.13 -12.62
CA ASP D 2117 -25.65 -5.33 -13.70
C ASP D 2117 -26.87 -6.11 -13.23
N GLU D 2118 -26.68 -7.08 -12.34
CA GLU D 2118 -27.81 -7.86 -11.86
C GLU D 2118 -28.81 -6.98 -11.12
N ASP D 2119 -28.31 -6.07 -10.28
CA ASP D 2119 -29.14 -5.09 -9.55
C ASP D 2119 -30.05 -5.84 -8.60
N ILE D 2120 -31.37 -5.68 -8.68
CA ILE D 2120 -32.29 -6.28 -7.72
C ILE D 2120 -32.78 -7.61 -8.25
N ASN D 2121 -32.58 -8.68 -7.48
CA ASN D 2121 -33.00 -10.00 -7.89
C ASN D 2121 -34.50 -10.14 -7.65
N HIS D 2122 -35.02 -11.37 -7.81
CA HIS D 2122 -36.46 -11.55 -7.73
C HIS D 2122 -36.99 -11.56 -6.30
N GLY D 2123 -36.21 -12.06 -5.35
CA GLY D 2123 -36.70 -12.15 -3.98
C GLY D 2123 -37.03 -10.80 -3.39
N GLU D 2124 -36.17 -9.81 -3.64
CA GLU D 2124 -36.44 -8.47 -3.14
C GLU D 2124 -37.68 -7.86 -3.79
N GLN D 2125 -37.86 -8.09 -5.09
CA GLN D 2125 -39.08 -7.64 -5.75
C GLN D 2125 -40.31 -8.25 -5.10
N ARG D 2126 -40.25 -9.56 -4.82
CA ARG D 2126 -41.39 -10.22 -4.18
C ARG D 2126 -41.65 -9.63 -2.79
N ALA D 2127 -40.60 -9.37 -2.03
CA ALA D 2127 -40.79 -8.80 -0.70
C ALA D 2127 -41.44 -7.44 -0.76
N MET D 2128 -40.98 -6.58 -1.67
CA MET D 2128 -41.57 -5.24 -1.77
C MET D 2128 -43.01 -5.31 -2.23
N SER D 2129 -43.31 -6.18 -3.20
CA SER D 2129 -44.69 -6.33 -3.64
C SER D 2129 -45.58 -6.84 -2.52
N LEU D 2130 -45.05 -7.75 -1.69
CA LEU D 2130 -45.82 -8.26 -0.56
C LEU D 2130 -46.12 -7.15 0.44
N LEU D 2131 -45.14 -6.29 0.72
CA LEU D 2131 -45.39 -5.18 1.63
C LEU D 2131 -46.46 -4.25 1.07
N ASP D 2132 -46.40 -3.97 -0.23
CA ASP D 2132 -47.43 -3.14 -0.85
C ASP D 2132 -48.81 -3.79 -0.70
N ALA D 2133 -48.89 -5.10 -0.95
CA ALA D 2133 -50.18 -5.79 -0.83
C ALA D 2133 -50.68 -5.76 0.62
N ALA D 2134 -49.77 -5.88 1.57
CA ALA D 2134 -50.17 -5.81 2.98
C ALA D 2134 -50.74 -4.44 3.31
N ALA D 2135 -50.10 -3.38 2.83
CA ALA D 2135 -50.64 -2.05 3.06
C ALA D 2135 -52.02 -1.89 2.46
N GLY D 2136 -52.21 -2.39 1.24
CA GLY D 2136 -53.53 -2.30 0.62
C GLY D 2136 -54.60 -3.06 1.39
N GLN D 2137 -54.27 -4.28 1.82
CA GLN D 2137 -55.23 -5.07 2.58
C GLN D 2137 -55.58 -4.40 3.90
N SER D 2138 -54.58 -3.82 4.57
CA SER D 2138 -54.86 -3.12 5.82
C SER D 2138 -55.77 -1.92 5.58
N LEU D 2139 -55.53 -1.17 4.51
CA LEU D 2139 -56.37 -0.01 4.23
C LEU D 2139 -57.78 -0.40 3.82
N ALA D 2140 -57.96 -1.61 3.30
CA ALA D 2140 -59.27 -1.98 2.73
C ALA D 2140 -60.36 -2.18 3.79
N GLY D 2141 -60.04 -2.21 5.07
CA GLY D 2141 -61.02 -2.52 6.09
C GLY D 2141 -61.85 -1.38 6.62
N GLN D 2142 -61.56 -0.15 6.20
CA GLN D 2142 -62.22 1.01 6.80
C GLN D 2142 -63.70 1.04 6.47
N VAL D 2143 -64.08 0.72 5.22
CA VAL D 2143 -65.48 0.76 4.84
C VAL D 2143 -66.26 -0.29 5.62
N LEU D 2144 -65.69 -1.48 5.79
CA LEU D 2144 -66.37 -2.51 6.55
C LEU D 2144 -66.52 -2.12 8.01
N SER D 2145 -65.49 -1.48 8.59
CA SER D 2145 -65.61 -1.03 9.98
C SER D 2145 -66.72 0.00 10.12
N ILE D 2146 -66.79 0.96 9.20
CA ILE D 2146 -67.84 1.98 9.26
C ILE D 2146 -69.22 1.35 9.12
N ALA D 2147 -69.35 0.39 8.20
CA ALA D 2147 -70.64 -0.26 8.00
C ALA D 2147 -71.05 -1.05 9.23
N GLU D 2148 -70.10 -1.73 9.88
CA GLU D 2148 -70.42 -2.43 11.13
C GLU D 2148 -70.87 -1.45 12.19
N GLY D 2149 -70.19 -0.32 12.32
CA GLY D 2149 -70.58 0.66 13.31
C GLY D 2149 -71.97 1.19 13.08
N VAL D 2150 -72.31 1.51 11.83
CA VAL D 2150 -73.63 2.06 11.56
C VAL D 2150 -74.70 0.98 11.68
N ALA D 2151 -74.34 -0.29 11.46
CA ALA D 2151 -75.33 -1.36 11.57
C ALA D 2151 -75.62 -1.72 13.01
N ASP D 2152 -74.62 -1.64 13.90
CA ASP D 2152 -74.83 -2.07 15.28
C ASP D 2152 -75.73 -1.11 16.07
N LEU D 2153 -76.05 0.06 15.54
CA LEU D 2153 -76.88 1.01 16.28
C LEU D 2153 -78.35 0.61 16.33
N VAL D 2154 -78.79 -0.22 15.41
CA VAL D 2154 -80.21 -0.62 15.37
C VAL D 2154 -80.52 -1.49 16.58
N PRO D 2155 -81.67 -1.31 17.24
CA PRO D 2155 -82.01 -2.18 18.37
C PRO D 2155 -82.16 -3.62 17.94
N ASN D 2156 -81.86 -4.54 18.86
CA ASN D 2156 -81.84 -5.96 18.54
C ASN D 2156 -82.69 -6.83 19.47
N VAL D 2157 -83.40 -6.25 20.42
CA VAL D 2157 -84.33 -7.01 21.25
C VAL D 2157 -85.74 -6.46 21.01
N PHE D 2158 -86.73 -7.32 21.17
CA PHE D 2158 -88.10 -6.96 20.88
C PHE D 2158 -89.00 -7.58 21.95
N GLY D 2159 -90.30 -7.59 21.68
CA GLY D 2159 -91.25 -8.09 22.65
C GLY D 2159 -91.75 -7.00 23.55
N LEU D 2160 -91.94 -7.30 24.83
CA LEU D 2160 -92.34 -6.31 25.81
C LEU D 2160 -91.16 -5.79 26.63
N ALA D 2161 -89.94 -5.93 26.11
CA ALA D 2161 -88.76 -5.32 26.72
C ALA D 2161 -87.80 -4.98 25.58
N CYS D 2162 -87.92 -3.78 25.04
CA CYS D 2162 -87.20 -3.40 23.84
C CYS D 2162 -85.90 -2.69 24.21
N GLY D 2163 -85.14 -2.31 23.19
CA GLY D 2163 -83.84 -1.67 23.36
C GLY D 2163 -82.73 -2.51 22.74
N GLY D 2164 -81.58 -2.53 23.41
CA GLY D 2164 -80.46 -3.34 22.97
C GLY D 2164 -79.48 -2.66 22.05
N SER D 2165 -79.68 -1.38 21.73
CA SER D 2165 -78.75 -0.68 20.86
C SER D 2165 -77.41 -0.49 21.55
N ARG D 2166 -76.35 -0.43 20.76
CA ARG D 2166 -75.01 -0.17 21.26
C ARG D 2166 -74.69 1.30 20.97
N TRP D 2167 -74.71 2.12 22.02
CA TRP D 2167 -74.64 3.56 21.80
C TRP D 2167 -73.31 3.99 21.18
N GLY D 2168 -72.21 3.40 21.62
CA GLY D 2168 -70.91 3.87 21.19
C GLY D 2168 -70.27 3.08 20.06
N ALA D 2169 -71.07 2.64 19.10
CA ALA D 2169 -70.52 1.87 17.99
C ALA D 2169 -69.76 2.74 17.00
N ALA D 2170 -70.31 3.91 16.67
CA ALA D 2170 -69.72 4.75 15.64
C ALA D 2170 -68.33 5.24 16.04
N LEU D 2171 -68.17 5.63 17.30
CA LEU D 2171 -66.88 6.12 17.76
C LEU D 2171 -65.83 5.02 17.72
N ARG D 2172 -66.20 3.80 18.12
CA ARG D 2172 -65.27 2.69 18.04
C ARG D 2172 -64.90 2.41 16.59
N ALA D 2173 -65.86 2.48 15.69
CA ALA D 2173 -65.54 2.29 14.27
C ALA D 2173 -64.56 3.33 13.77
N SER D 2174 -64.75 4.58 14.16
CA SER D 2174 -63.83 5.64 13.73
C SER D 2174 -62.42 5.41 14.27
N ALA D 2175 -62.32 5.02 15.54
CA ALA D 2175 -61.02 4.71 16.11
C ALA D 2175 -60.36 3.56 15.34
N SER D 2176 -61.15 2.54 14.99
CA SER D 2176 -60.59 1.41 14.26
C SER D 2176 -60.07 1.82 12.89
N VAL D 2177 -60.82 2.65 12.17
CA VAL D 2177 -60.37 3.03 10.84
C VAL D 2177 -59.11 3.89 10.93
N MET D 2178 -59.01 4.74 11.97
CA MET D 2178 -57.79 5.53 12.10
C MET D 2178 -56.58 4.67 12.43
N SER D 2179 -56.77 3.65 13.28
CA SER D 2179 -55.68 2.72 13.55
C SER D 2179 -55.25 1.98 12.29
N LEU D 2180 -56.22 1.57 11.47
CA LEU D 2180 -55.89 0.89 10.22
C LEU D 2180 -55.09 1.81 9.30
N SER D 2181 -55.47 3.09 9.23
CA SER D 2181 -54.72 4.03 8.43
C SER D 2181 -53.28 4.15 8.92
N ALA D 2182 -53.11 4.21 10.24
CA ALA D 2182 -51.75 4.29 10.79
C ALA D 2182 -50.91 3.07 10.40
N THR D 2183 -51.51 1.88 10.50
CA THR D 2183 -50.77 0.67 10.14
C THR D 2183 -50.39 0.68 8.66
N ALA D 2184 -51.32 1.10 7.79
CA ALA D 2184 -50.99 1.18 6.37
C ALA D 2184 -49.84 2.14 6.11
N SER D 2185 -49.86 3.29 6.80
CA SER D 2185 -48.77 4.25 6.63
C SER D 2185 -47.44 3.64 7.05
N GLN D 2186 -47.44 2.90 8.15
CA GLN D 2186 -46.20 2.25 8.60
C GLN D 2186 -45.68 1.26 7.56
N TYR D 2187 -46.58 0.45 6.98
CA TYR D 2187 -46.15 -0.51 5.97
C TYR D 2187 -45.55 0.18 4.76
N SER D 2188 -46.20 1.25 4.28
CA SER D 2188 -45.68 1.96 3.12
C SER D 2188 -44.30 2.57 3.42
N ALA D 2189 -44.13 3.11 4.63
CA ALA D 2189 -42.83 3.65 5.01
C ALA D 2189 -41.76 2.57 4.97
N ASP D 2190 -42.08 1.38 5.49
CA ASP D 2190 -41.10 0.30 5.46
C ASP D 2190 -40.71 -0.06 4.03
N LYS D 2191 -41.69 -0.16 3.14
CA LYS D 2191 -41.39 -0.52 1.76
C LYS D 2191 -40.48 0.51 1.10
N ILE D 2192 -40.79 1.79 1.29
CA ILE D 2192 -39.97 2.84 0.67
C ILE D 2192 -38.56 2.82 1.23
N SER D 2193 -38.42 2.62 2.54
CA SER D 2193 -37.09 2.57 3.14
C SER D 2193 -36.27 1.43 2.55
N ARG D 2194 -36.87 0.25 2.40
CA ARG D 2194 -36.14 -0.87 1.82
C ARG D 2194 -35.68 -0.56 0.40
N SER D 2195 -36.57 0.03 -0.41
CA SER D 2195 -36.20 0.35 -1.78
C SER D 2195 -35.02 1.33 -1.82
N GLU D 2196 -35.06 2.36 -0.99
CA GLU D 2196 -33.96 3.33 -0.98
C GLU D 2196 -32.65 2.68 -0.54
N ALA D 2197 -32.71 1.78 0.44
CA ALA D 2197 -31.49 1.09 0.86
C ALA D 2197 -30.89 0.29 -0.30
N TYR D 2198 -31.75 -0.38 -1.07
CA TYR D 2198 -31.25 -1.12 -2.23
C TYR D 2198 -30.58 -0.19 -3.22
N ARG D 2199 -31.18 0.98 -3.46
CA ARG D 2199 -30.57 1.93 -4.40
C ARG D 2199 -29.19 2.37 -3.94
N ARG D 2200 -29.05 2.69 -2.65
CA ARG D 2200 -27.74 3.11 -2.15
C ARG D 2200 -26.72 2.00 -2.28
N ARG D 2201 -27.12 0.76 -2.01
CA ARG D 2201 -26.21 -0.36 -2.17
C ARG D 2201 -25.74 -0.49 -3.61
N ARG D 2202 -26.65 -0.30 -4.57
CA ARG D 2202 -26.25 -0.36 -5.96
C ARG D 2202 -25.24 0.72 -6.31
N GLN D 2203 -25.44 1.93 -5.78
CA GLN D 2203 -24.47 3.01 -6.03
C GLN D 2203 -23.09 2.64 -5.51
N GLU D 2204 -23.05 2.05 -4.31
CA GLU D 2204 -21.76 1.61 -3.77
C GLU D 2204 -21.09 0.57 -4.67
N TRP D 2205 -21.88 -0.36 -5.19
CA TRP D 2205 -21.32 -1.36 -6.09
C TRP D 2205 -20.73 -0.71 -7.33
N GLU D 2206 -21.42 0.30 -7.87
CA GLU D 2206 -20.90 1.00 -9.04
C GLU D 2206 -19.55 1.66 -8.75
N ILE D 2207 -19.42 2.30 -7.59
CA ILE D 2207 -18.15 2.92 -7.23
C ILE D 2207 -17.05 1.86 -7.17
N GLN D 2208 -17.35 0.71 -6.56
CA GLN D 2208 -16.34 -0.34 -6.45
C GLN D 2208 -15.91 -0.83 -7.84
N ARG D 2209 -16.86 -0.96 -8.76
CA ARG D 2209 -16.54 -1.37 -10.12
C ARG D 2209 -15.58 -0.37 -10.78
N ASP D 2210 -15.85 0.92 -10.60
CA ASP D 2210 -14.95 1.93 -11.17
C ASP D 2210 -13.55 1.80 -10.60
N ASN D 2211 -13.45 1.55 -9.29
CA ASN D 2211 -12.12 1.38 -8.69
C ASN D 2211 -11.38 0.20 -9.31
N ALA D 2212 -12.08 -0.93 -9.49
CA ALA D 2212 -11.42 -2.09 -10.07
C ALA D 2212 -10.94 -1.80 -11.49
N ASP D 2213 -11.76 -1.10 -12.28
CA ASP D 2213 -11.36 -0.77 -13.64
C ASP D 2213 -10.10 0.10 -13.64
N GLY D 2214 -10.05 1.09 -12.77
CA GLY D 2214 -8.86 1.93 -12.68
C GLY D 2214 -7.62 1.12 -12.34
N GLU D 2215 -7.77 0.18 -11.40
CA GLU D 2215 -6.63 -0.67 -11.04
C GLU D 2215 -6.14 -1.47 -12.23
N VAL D 2216 -7.07 -2.02 -13.02
CA VAL D 2216 -6.66 -2.81 -14.18
C VAL D 2216 -5.88 -1.97 -15.17
N LYS D 2217 -6.38 -0.75 -15.45
CA LYS D 2217 -5.68 0.12 -16.39
C LYS D 2217 -4.28 0.47 -15.90
N GLN D 2218 -4.15 0.77 -14.60
CA GLN D 2218 -2.84 1.11 -14.05
C GLN D 2218 -1.86 -0.05 -14.21
N MET D 2219 -2.32 -1.27 -13.92
CA MET D 2219 -1.43 -2.42 -14.08
C MET D 2219 -1.04 -2.63 -15.54
N ASP D 2220 -1.99 -2.38 -16.46
CA ASP D 2220 -1.66 -2.50 -17.88
C ASP D 2220 -0.54 -1.55 -18.28
N ALA D 2221 -0.55 -0.32 -17.75
CA ALA D 2221 0.53 0.61 -18.07
C ALA D 2221 1.85 0.20 -17.41
N GLN D 2222 1.79 -0.30 -16.18
CA GLN D 2222 3.01 -0.77 -15.53
C GLN D 2222 3.66 -1.88 -16.33
N LEU D 2223 2.87 -2.68 -17.04
CA LEU D 2223 3.44 -3.72 -17.89
C LEU D 2223 4.37 -3.13 -18.95
N GLU D 2224 3.93 -2.04 -19.60
CA GLU D 2224 4.76 -1.39 -20.60
C GLU D 2224 6.05 -0.87 -19.98
N SER D 2225 5.94 -0.26 -18.81
CA SER D 2225 7.15 0.21 -18.13
C SER D 2225 8.13 -0.94 -17.91
N LEU D 2226 7.62 -2.08 -17.42
CA LEU D 2226 8.47 -3.22 -17.13
C LEU D 2226 9.16 -3.75 -18.38
N LYS D 2227 8.42 -3.85 -19.50
CA LYS D 2227 9.06 -4.40 -20.69
C LYS D 2227 10.12 -3.45 -21.24
N ILE D 2228 9.92 -2.13 -21.10
CA ILE D 2228 10.98 -1.20 -21.48
C ILE D 2228 12.24 -1.46 -20.64
N ARG D 2229 12.05 -1.65 -19.33
CA ARG D 2229 13.21 -1.94 -18.49
C ARG D 2229 13.91 -3.22 -18.92
N ARG D 2230 13.14 -4.24 -19.29
CA ARG D 2230 13.74 -5.50 -19.74
C ARG D 2230 14.58 -5.28 -20.99
N GLU D 2231 14.07 -4.49 -21.94
CA GLU D 2231 14.85 -4.20 -23.14
C GLU D 2231 16.16 -3.50 -22.79
N ALA D 2232 16.10 -2.56 -21.85
CA ALA D 2232 17.33 -1.88 -21.43
C ALA D 2232 18.34 -2.86 -20.86
N ALA D 2233 17.88 -3.80 -20.03
CA ALA D 2233 18.79 -4.78 -19.45
C ALA D 2233 19.42 -5.65 -20.53
N GLN D 2234 18.64 -6.05 -21.54
CA GLN D 2234 19.21 -6.85 -22.63
C GLN D 2234 20.29 -6.06 -23.37
N MET D 2235 20.06 -4.78 -23.64
CA MET D 2235 21.09 -3.98 -24.29
C MET D 2235 22.34 -3.90 -23.41
N GLN D 2236 22.15 -3.86 -22.08
CA GLN D 2236 23.32 -3.87 -21.20
C GLN D 2236 24.13 -5.14 -21.35
N VAL D 2237 23.45 -6.29 -21.47
CA VAL D 2237 24.16 -7.55 -21.68
C VAL D 2237 24.95 -7.50 -22.97
N GLU D 2238 24.35 -6.99 -24.03
CA GLU D 2238 25.07 -6.88 -25.31
C GLU D 2238 26.30 -5.98 -25.17
N TYR D 2239 26.18 -4.89 -24.40
CA TYR D 2239 27.30 -4.00 -24.16
C TYR D 2239 28.45 -4.75 -23.46
N GLN D 2240 28.12 -5.57 -22.46
CA GLN D 2240 29.15 -6.33 -21.78
C GLN D 2240 29.85 -7.31 -22.72
N GLU D 2241 29.07 -7.96 -23.59
CA GLU D 2241 29.67 -8.88 -24.57
C GLU D 2241 30.62 -8.14 -25.50
N THR D 2242 30.24 -6.94 -25.93
CA THR D 2242 31.12 -6.14 -26.77
C THR D 2242 32.43 -5.82 -26.05
N GLN D 2243 32.33 -5.50 -24.75
CA GLN D 2243 33.55 -5.23 -23.98
C GLN D 2243 34.47 -6.44 -23.95
N GLN D 2244 33.89 -7.63 -23.75
CA GLN D 2244 34.72 -8.84 -23.76
C GLN D 2244 35.41 -9.03 -25.10
N ALA D 2245 34.67 -8.82 -26.19
CA ALA D 2245 35.27 -8.94 -27.51
C ALA D 2245 36.41 -7.94 -27.69
N HIS D 2246 36.25 -6.73 -27.17
CA HIS D 2246 37.30 -5.74 -27.25
C HIS D 2246 38.56 -6.19 -26.53
N THR D 2247 38.40 -6.75 -25.33
CA THR D 2247 39.56 -7.25 -24.60
C THR D 2247 40.27 -8.35 -25.39
N GLN D 2248 39.49 -9.25 -25.99
CA GLN D 2248 40.09 -10.32 -26.79
C GLN D 2248 40.87 -9.74 -27.96
N ALA D 2249 40.31 -8.73 -28.64
CA ALA D 2249 41.01 -8.13 -29.77
C ALA D 2249 42.30 -7.44 -29.32
N GLN D 2250 42.26 -6.78 -28.16
CA GLN D 2250 43.47 -6.15 -27.62
C GLN D 2250 44.56 -7.18 -27.41
N LEU D 2251 44.23 -8.30 -26.78
CA LEU D 2251 45.22 -9.33 -26.55
C LEU D 2251 45.77 -9.88 -27.87
N GLU D 2252 44.87 -10.10 -28.84
CA GLU D 2252 45.31 -10.61 -30.13
C GLU D 2252 46.27 -9.66 -30.82
N LEU D 2253 45.98 -8.36 -30.75
CA LEU D 2253 46.92 -7.38 -31.32
C LEU D 2253 48.26 -7.42 -30.59
N LEU D 2254 48.21 -7.59 -29.27
CA LEU D 2254 49.45 -7.65 -28.50
C LEU D 2254 50.30 -8.84 -28.93
N GLN D 2255 49.66 -9.95 -29.33
CA GLN D 2255 50.42 -11.13 -29.72
C GLN D 2255 51.07 -10.98 -31.10
N ARG D 2256 50.44 -10.23 -32.01
CA ARG D 2256 50.93 -10.08 -33.37
C ARG D 2256 51.92 -8.93 -33.52
N LYS D 2257 52.29 -8.29 -32.41
CA LYS D 2257 53.20 -7.15 -32.45
C LYS D 2257 54.55 -7.54 -33.04
N PHE D 2258 55.21 -6.57 -33.66
CA PHE D 2258 56.56 -6.83 -34.16
C PHE D 2258 57.51 -7.16 -33.02
N THR D 2259 57.43 -6.41 -31.92
CA THR D 2259 58.25 -6.65 -30.75
C THR D 2259 57.50 -7.52 -29.74
N ASN D 2260 57.15 -8.73 -30.17
CA ASN D 2260 56.41 -9.65 -29.32
C ASN D 2260 57.37 -10.30 -28.33
N LYS D 2261 56.86 -11.28 -27.58
CA LYS D 2261 57.67 -11.94 -26.57
C LYS D 2261 58.84 -12.70 -27.18
N ALA D 2262 58.61 -13.36 -28.32
CA ALA D 2262 59.63 -14.21 -28.92
C ALA D 2262 60.86 -13.40 -29.32
N LEU D 2263 60.65 -12.23 -29.94
CA LEU D 2263 61.78 -11.41 -30.35
C LEU D 2263 62.62 -10.99 -29.17
N TYR D 2264 61.97 -10.54 -28.10
CA TYR D 2264 62.70 -10.11 -26.91
C TYR D 2264 63.46 -11.28 -26.30
N SER D 2265 62.84 -12.45 -26.20
CA SER D 2265 63.50 -13.59 -25.61
C SER D 2265 64.74 -13.98 -26.39
N TRP D 2266 64.60 -14.07 -27.72
CA TRP D 2266 65.74 -14.44 -28.55
C TRP D 2266 66.85 -13.40 -28.46
N MET D 2267 66.49 -12.12 -28.50
CA MET D 2267 67.49 -11.08 -28.47
C MET D 2267 68.26 -11.09 -27.15
N ARG D 2268 67.55 -11.22 -26.03
CA ARG D 2268 68.27 -11.22 -24.76
C ARG D 2268 69.08 -12.49 -24.57
N GLY D 2269 68.63 -13.63 -25.11
CA GLY D 2269 69.45 -14.83 -25.03
C GLY D 2269 70.75 -14.68 -25.80
N LYS D 2270 70.66 -14.17 -27.03
CA LYS D 2270 71.87 -13.95 -27.81
C LYS D 2270 72.81 -12.97 -27.12
N LEU D 2271 72.25 -11.88 -26.58
CA LEU D 2271 73.10 -10.90 -25.90
C LEU D 2271 73.74 -11.50 -24.65
N SER D 2272 73.02 -12.37 -23.94
CA SER D 2272 73.59 -13.01 -22.77
C SER D 2272 74.77 -13.89 -23.15
N ALA D 2273 74.64 -14.65 -24.23
CA ALA D 2273 75.78 -15.47 -24.67
C ALA D 2273 76.97 -14.60 -25.07
N ILE D 2274 76.70 -13.52 -25.80
CA ILE D 2274 77.78 -12.63 -26.23
C ILE D 2274 78.47 -12.04 -25.02
N TYR D 2275 77.69 -11.59 -24.03
CA TYR D 2275 78.26 -11.04 -22.81
C TYR D 2275 79.10 -12.06 -22.08
N TYR D 2276 78.63 -13.31 -22.02
CA TYR D 2276 79.37 -14.35 -21.32
C TYR D 2276 80.73 -14.58 -21.93
N GLN D 2277 80.82 -14.57 -23.27
CA GLN D 2277 82.14 -14.76 -23.89
C GLN D 2277 83.00 -13.50 -23.77
N PHE D 2278 82.40 -12.34 -23.96
CA PHE D 2278 83.16 -11.09 -23.94
C PHE D 2278 83.78 -10.84 -22.56
N PHE D 2279 83.09 -11.23 -21.50
CA PHE D 2279 83.65 -11.04 -20.16
C PHE D 2279 84.96 -11.79 -20.00
N ASP D 2280 84.99 -13.04 -20.46
CA ASP D 2280 86.22 -13.83 -20.39
C ASP D 2280 87.31 -13.19 -21.22
N LEU D 2281 86.97 -12.71 -22.42
CA LEU D 2281 87.99 -12.06 -23.25
C LEU D 2281 88.59 -10.85 -22.54
N THR D 2282 87.75 -9.97 -22.00
CA THR D 2282 88.27 -8.78 -21.34
C THR D 2282 89.04 -9.12 -20.07
N GLN D 2283 88.64 -10.16 -19.35
CA GLN D 2283 89.40 -10.54 -18.17
C GLN D 2283 90.80 -11.01 -18.56
N SER D 2284 90.91 -11.79 -19.64
CA SER D 2284 92.23 -12.18 -20.10
C SER D 2284 93.07 -10.97 -20.49
N PHE D 2285 92.44 -9.99 -21.14
CA PHE D 2285 93.16 -8.77 -21.52
C PHE D 2285 93.65 -8.03 -20.27
N CYS D 2286 92.80 -7.92 -19.25
CA CYS D 2286 93.20 -7.24 -18.02
C CYS D 2286 94.36 -7.97 -17.36
N LEU D 2287 94.33 -9.31 -17.38
CA LEU D 2287 95.40 -10.08 -16.77
C LEU D 2287 96.73 -9.84 -17.49
N MET D 2288 96.72 -9.82 -18.82
CA MET D 2288 97.99 -9.57 -19.51
C MET D 2288 98.47 -8.14 -19.28
N ALA D 2289 97.54 -7.18 -19.17
CA ALA D 2289 97.96 -5.82 -18.83
C ALA D 2289 98.60 -5.76 -17.45
N GLN D 2290 98.03 -6.46 -16.48
CA GLN D 2290 98.61 -6.49 -15.15
C GLN D 2290 99.99 -7.14 -15.16
N GLU D 2291 100.15 -8.20 -15.95
CA GLU D 2291 101.48 -8.81 -16.08
C GLU D 2291 102.48 -7.84 -16.68
N ALA D 2292 102.06 -7.06 -17.68
CA ALA D 2292 102.94 -6.06 -18.26
C ALA D 2292 103.35 -5.03 -17.21
N LEU D 2293 102.40 -4.57 -16.39
CA LEU D 2293 102.74 -3.62 -15.34
C LEU D 2293 103.72 -4.23 -14.34
N ARG D 2294 103.49 -5.48 -13.96
CA ARG D 2294 104.39 -6.14 -13.01
C ARG D 2294 105.80 -6.21 -13.57
N ARG D 2295 105.93 -6.54 -14.85
CA ARG D 2295 107.25 -6.54 -15.47
C ARG D 2295 107.86 -5.14 -15.47
N GLU D 2296 107.04 -4.12 -15.74
CA GLU D 2296 107.57 -2.76 -15.79
C GLU D 2296 108.11 -2.31 -14.44
N LEU D 2297 107.38 -2.60 -13.37
CA LEU D 2297 107.79 -2.16 -12.04
C LEU D 2297 108.74 -3.14 -11.35
N THR D 2298 108.96 -4.32 -11.93
CA THR D 2298 109.82 -5.35 -11.34
C THR D 2298 109.38 -5.67 -9.91
N ASP D 2299 108.07 -5.76 -9.71
CA ASP D 2299 107.51 -6.07 -8.40
C ASP D 2299 106.35 -7.03 -8.62
N ASN D 2300 106.59 -8.32 -8.36
CA ASN D 2300 105.58 -9.33 -8.57
C ASN D 2300 104.48 -9.31 -7.52
N GLY D 2301 104.63 -8.54 -6.46
CA GLY D 2301 103.67 -8.56 -5.36
C GLY D 2301 102.40 -7.77 -5.59
N VAL D 2302 102.38 -6.88 -6.57
CA VAL D 2302 101.19 -6.05 -6.80
C VAL D 2302 100.12 -6.89 -7.47
N THR D 2303 98.90 -6.81 -6.94
CA THR D 2303 97.77 -7.54 -7.48
C THR D 2303 96.56 -6.63 -7.45
N PHE D 2304 95.93 -6.44 -8.61
CA PHE D 2304 94.79 -5.53 -8.72
C PHE D 2304 93.53 -6.21 -9.22
N ILE D 2305 93.66 -7.22 -10.08
CA ILE D 2305 92.51 -8.00 -10.52
C ILE D 2305 92.36 -9.16 -9.52
N ARG D 2306 91.47 -8.98 -8.55
CA ARG D 2306 91.33 -9.91 -7.44
C ARG D 2306 90.20 -10.90 -7.62
N GLY D 2307 89.54 -10.90 -8.78
CA GLY D 2307 88.44 -11.81 -9.01
C GLY D 2307 87.16 -11.34 -8.37
N GLY D 2308 86.12 -12.15 -8.54
CA GLY D 2308 84.82 -11.78 -8.06
C GLY D 2308 84.10 -10.73 -8.87
N ALA D 2309 84.63 -10.39 -10.05
CA ALA D 2309 83.96 -9.42 -10.92
C ALA D 2309 82.61 -9.95 -11.37
N TRP D 2310 82.54 -11.22 -11.73
CA TRP D 2310 81.29 -11.85 -12.13
C TRP D 2310 80.65 -12.47 -10.90
N ASN D 2311 79.70 -11.76 -10.29
CA ASN D 2311 79.02 -12.22 -9.09
C ASN D 2311 77.61 -12.64 -9.44
N GLY D 2312 77.20 -13.80 -8.94
CA GLY D 2312 75.89 -14.32 -9.28
C GLY D 2312 74.73 -13.51 -8.75
N THR D 2313 74.98 -12.67 -7.75
CA THR D 2313 73.90 -11.86 -7.19
C THR D 2313 73.34 -10.90 -8.24
N THR D 2314 74.22 -10.27 -9.01
CA THR D 2314 73.81 -9.35 -10.06
C THR D 2314 73.69 -10.02 -11.41
N ALA D 2315 73.77 -11.34 -11.46
CA ALA D 2315 73.63 -12.11 -12.70
C ALA D 2315 74.68 -11.69 -13.73
N GLY D 2316 75.86 -11.29 -13.26
CA GLY D 2316 76.94 -10.93 -14.14
C GLY D 2316 76.96 -9.48 -14.58
N LEU D 2317 75.92 -8.71 -14.28
CA LEU D 2317 75.94 -7.31 -14.63
C LEU D 2317 76.93 -6.56 -13.74
N MET D 2318 77.21 -5.32 -14.14
CA MET D 2318 78.19 -4.48 -13.46
C MET D 2318 79.56 -5.14 -13.40
N ALA D 2319 79.85 -6.02 -14.35
CA ALA D 2319 81.18 -6.61 -14.42
C ALA D 2319 82.21 -5.59 -14.87
N GLY D 2320 81.90 -4.85 -15.94
CA GLY D 2320 82.87 -3.94 -16.52
C GLY D 2320 83.33 -2.83 -15.60
N GLU D 2321 82.47 -2.41 -14.67
CA GLU D 2321 82.85 -1.34 -13.75
C GLU D 2321 84.01 -1.76 -12.87
N THR D 2322 84.02 -3.02 -12.42
CA THR D 2322 85.11 -3.49 -11.57
C THR D 2322 86.43 -3.48 -12.33
N LEU D 2323 86.43 -3.94 -13.59
CA LEU D 2323 87.66 -3.88 -14.37
C LEU D 2323 88.08 -2.44 -14.62
N LEU D 2324 87.12 -1.53 -14.84
CA LEU D 2324 87.48 -0.14 -15.02
C LEU D 2324 88.15 0.42 -13.77
N LEU D 2325 87.61 0.10 -12.59
CA LEU D 2325 88.21 0.58 -11.35
C LEU D 2325 89.61 -0.02 -11.17
N ASN D 2326 89.77 -1.30 -11.46
CA ASN D 2326 91.09 -1.93 -11.33
C ASN D 2326 92.10 -1.30 -12.26
N LEU D 2327 91.68 -1.02 -13.50
CA LEU D 2327 92.59 -0.37 -14.45
C LEU D 2327 92.95 1.03 -14.00
N ALA D 2328 91.99 1.76 -13.42
CA ALA D 2328 92.30 3.08 -12.89
C ALA D 2328 93.31 3.00 -11.77
N GLU D 2329 93.15 2.03 -10.87
CA GLU D 2329 94.12 1.85 -9.79
C GLU D 2329 95.49 1.52 -10.34
N MET D 2330 95.55 0.65 -11.35
CA MET D 2330 96.83 0.29 -11.96
C MET D 2330 97.50 1.52 -12.57
N GLU D 2331 96.72 2.34 -13.29
CA GLU D 2331 97.29 3.54 -13.89
C GLU D 2331 97.81 4.49 -12.83
N LYS D 2332 97.07 4.68 -11.74
CA LYS D 2332 97.53 5.56 -10.68
C LYS D 2332 98.82 5.05 -10.05
N VAL D 2333 98.90 3.74 -9.80
CA VAL D 2333 100.11 3.16 -9.23
C VAL D 2333 101.29 3.37 -10.17
N TRP D 2334 101.07 3.16 -11.47
CA TRP D 2334 102.15 3.36 -12.43
C TRP D 2334 102.60 4.82 -12.45
N LEU D 2335 101.65 5.75 -12.42
CA LEU D 2335 102.02 7.17 -12.47
C LEU D 2335 102.80 7.59 -11.23
N GLU D 2336 102.36 7.13 -10.05
CA GLU D 2336 103.00 7.60 -8.83
C GLU D 2336 104.42 7.07 -8.68
N ARG D 2337 104.65 5.81 -9.04
CA ARG D 2337 105.93 5.17 -8.84
C ARG D 2337 106.83 5.22 -10.07
N ASP D 2338 106.43 5.93 -11.11
CA ASP D 2338 107.26 6.06 -12.29
C ASP D 2338 108.49 6.90 -12.00
N GLU D 2339 109.55 6.68 -12.76
CA GLU D 2339 110.81 7.35 -12.53
C GLU D 2339 111.62 7.38 -13.82
N ARG D 2340 112.39 8.44 -13.99
CA ARG D 2340 113.32 8.55 -15.12
C ARG D 2340 114.63 7.89 -14.73
N ALA D 2341 115.00 6.84 -15.44
CA ALA D 2341 116.15 6.01 -15.07
C ALA D 2341 117.44 6.59 -15.62
N LEU D 2342 118.52 6.35 -14.88
CA LEU D 2342 119.85 6.72 -15.35
C LEU D 2342 120.31 5.77 -16.44
N GLU D 2343 121.11 6.29 -17.37
CA GLU D 2343 121.66 5.55 -18.50
C GLU D 2343 123.14 5.29 -18.26
N VAL D 2344 123.58 4.05 -18.49
CA VAL D 2344 125.01 3.75 -18.50
C VAL D 2344 125.28 2.83 -19.68
N THR D 2345 126.36 3.12 -20.41
CA THR D 2345 126.80 2.31 -21.53
C THR D 2345 128.16 1.70 -21.20
N ARG D 2346 128.30 0.40 -21.45
CA ARG D 2346 129.51 -0.33 -21.13
C ARG D 2346 130.02 -1.05 -22.37
N THR D 2347 131.33 -0.96 -22.59
CA THR D 2347 131.97 -1.65 -23.70
C THR D 2347 132.86 -2.76 -23.14
N VAL D 2348 132.67 -3.97 -23.64
CA VAL D 2348 133.39 -5.15 -23.17
C VAL D 2348 134.17 -5.74 -24.34
N SER D 2349 135.46 -5.96 -24.12
CA SER D 2349 136.30 -6.64 -25.09
C SER D 2349 136.49 -8.08 -24.62
N LEU D 2350 136.09 -9.04 -25.46
CA LEU D 2350 136.09 -10.43 -25.03
C LEU D 2350 137.52 -10.94 -24.81
N ALA D 2351 138.46 -10.49 -25.63
CA ALA D 2351 139.85 -10.91 -25.46
C ALA D 2351 140.39 -10.48 -24.09
N GLN D 2352 140.17 -9.22 -23.74
CA GLN D 2352 140.62 -8.72 -22.44
C GLN D 2352 139.88 -9.42 -21.31
N PHE D 2353 138.58 -9.66 -21.47
CA PHE D 2353 137.81 -10.33 -20.43
C PHE D 2353 138.33 -11.74 -20.18
N TYR D 2354 138.63 -12.47 -21.25
CA TYR D 2354 139.14 -13.83 -21.08
C TYR D 2354 140.54 -13.82 -20.50
N GLN D 2355 141.39 -12.87 -20.92
CA GLN D 2355 142.75 -12.83 -20.40
C GLN D 2355 142.77 -12.43 -18.92
N ALA D 2356 141.75 -11.72 -18.45
CA ALA D 2356 141.73 -11.23 -17.09
C ALA D 2356 141.01 -12.17 -16.13
N LEU D 2357 140.55 -13.33 -16.59
CA LEU D 2357 139.87 -14.27 -15.70
C LEU D 2357 140.86 -14.81 -14.68
N SER D 2358 140.42 -14.87 -13.42
CA SER D 2358 141.32 -15.30 -12.36
C SER D 2358 141.54 -16.81 -12.38
N SER D 2359 140.48 -17.58 -12.59
CA SER D 2359 140.57 -19.03 -12.47
C SER D 2359 141.06 -19.68 -13.76
N ASP D 2360 140.34 -19.48 -14.86
CA ASP D 2360 140.67 -20.10 -16.14
C ASP D 2360 140.78 -19.02 -17.19
N ASN D 2361 142.00 -18.65 -17.55
CA ASN D 2361 142.26 -17.61 -18.53
C ASN D 2361 142.96 -18.21 -19.74
N PHE D 2362 142.72 -17.61 -20.90
CA PHE D 2362 143.31 -18.09 -22.14
C PHE D 2362 143.35 -16.93 -23.13
N ASN D 2363 144.19 -17.09 -24.15
CA ASN D 2363 144.31 -16.12 -25.22
C ASN D 2363 143.26 -16.45 -26.28
N LEU D 2364 142.42 -15.47 -26.60
CA LEU D 2364 141.26 -15.73 -27.46
C LEU D 2364 141.70 -16.08 -28.88
N THR D 2365 142.54 -15.24 -29.49
CA THR D 2365 142.85 -15.44 -30.91
C THR D 2365 143.70 -16.69 -31.13
N GLU D 2366 144.64 -16.96 -30.23
CA GLU D 2366 145.45 -18.16 -30.37
C GLU D 2366 144.60 -19.42 -30.27
N LYS D 2367 143.70 -19.46 -29.29
CA LYS D 2367 142.81 -20.60 -29.16
C LYS D 2367 141.89 -20.73 -30.36
N LEU D 2368 141.41 -19.60 -30.89
CA LEU D 2368 140.55 -19.64 -32.06
C LEU D 2368 141.28 -20.22 -33.25
N THR D 2369 142.51 -19.78 -33.49
CA THR D 2369 143.29 -20.31 -34.60
C THR D 2369 143.56 -21.80 -34.41
N GLN D 2370 143.91 -22.20 -33.19
CA GLN D 2370 144.20 -23.61 -32.93
C GLN D 2370 142.96 -24.48 -33.17
N PHE D 2371 141.80 -24.02 -32.69
CA PHE D 2371 140.58 -24.80 -32.87
C PHE D 2371 140.10 -24.77 -34.31
N LEU D 2372 140.48 -23.75 -35.09
CA LEU D 2372 140.15 -23.75 -36.51
C LEU D 2372 141.05 -24.71 -37.28
N ARG D 2373 142.32 -24.81 -36.89
CA ARG D 2373 143.25 -25.69 -37.59
C ARG D 2373 142.83 -27.15 -37.47
N GLU D 2374 142.43 -27.58 -36.28
CA GLU D 2374 141.98 -28.94 -36.03
C GLU D 2374 140.55 -28.91 -35.50
N GLY D 2375 139.68 -29.74 -36.06
CA GLY D 2375 138.27 -29.65 -35.77
C GLY D 2375 137.86 -30.16 -34.40
N LYS D 2376 138.61 -29.80 -33.37
CA LYS D 2376 138.23 -30.06 -31.99
C LYS D 2376 138.61 -28.86 -31.15
N GLY D 2377 137.95 -28.70 -30.02
CA GLY D 2377 138.27 -27.61 -29.13
C GLY D 2377 137.35 -27.43 -27.95
N ASN D 2378 137.93 -27.13 -26.80
CA ASN D 2378 137.15 -26.84 -25.59
C ASN D 2378 138.09 -26.18 -24.60
N VAL D 2379 137.82 -24.93 -24.23
CA VAL D 2379 138.64 -24.21 -23.27
C VAL D 2379 137.74 -23.36 -22.39
N GLY D 2380 138.19 -23.13 -21.17
CA GLY D 2380 137.45 -22.31 -20.22
C GLY D 2380 136.61 -23.15 -19.27
N ALA D 2381 135.83 -22.45 -18.46
CA ALA D 2381 134.97 -23.07 -17.47
C ALA D 2381 133.51 -22.79 -17.80
N SER D 2382 132.62 -23.51 -17.12
CA SER D 2382 131.20 -23.36 -17.36
C SER D 2382 130.76 -21.93 -17.08
N GLY D 2383 130.21 -21.27 -18.09
CA GLY D 2383 129.83 -19.89 -17.98
C GLY D 2383 130.74 -18.97 -18.76
N ASN D 2384 132.03 -19.28 -18.77
CA ASN D 2384 133.03 -18.54 -19.53
C ASN D 2384 133.81 -19.57 -20.33
N GLU D 2385 133.35 -19.84 -21.54
CA GLU D 2385 133.85 -20.99 -22.30
C GLU D 2385 133.96 -20.64 -23.77
N LEU D 2386 134.88 -21.32 -24.44
CA LEU D 2386 135.03 -21.24 -25.90
C LEU D 2386 135.17 -22.66 -26.42
N LYS D 2387 134.26 -23.07 -27.30
CA LYS D 2387 134.21 -24.45 -27.75
C LYS D 2387 133.83 -24.51 -29.22
N LEU D 2388 134.05 -25.68 -29.81
CA LEU D 2388 133.69 -25.97 -31.19
C LEU D 2388 132.78 -27.18 -31.19
N SER D 2389 131.47 -26.95 -31.27
CA SER D 2389 130.48 -28.01 -31.21
C SER D 2389 129.94 -28.27 -32.60
N ASN D 2390 129.90 -29.53 -33.00
CA ASN D 2390 129.49 -29.95 -34.35
C ASN D 2390 130.42 -29.25 -35.33
N ARG D 2391 129.96 -28.31 -36.16
CA ARG D 2391 130.82 -27.54 -37.03
C ARG D 2391 130.65 -26.05 -36.79
N GLN D 2392 130.22 -25.67 -35.59
CA GLN D 2392 129.99 -24.27 -35.25
C GLN D 2392 130.74 -23.91 -33.99
N ILE D 2393 131.18 -22.65 -33.93
CA ILE D 2393 132.01 -22.16 -32.83
C ILE D 2393 131.13 -21.38 -31.87
N GLU D 2394 131.24 -21.71 -30.58
CA GLU D 2394 130.43 -21.08 -29.54
C GLU D 2394 131.35 -20.41 -28.52
N ALA D 2395 130.96 -19.20 -28.11
CA ALA D 2395 131.67 -18.45 -27.08
C ALA D 2395 130.64 -17.97 -26.06
N SER D 2396 130.70 -18.49 -24.85
CA SER D 2396 129.74 -18.18 -23.80
C SER D 2396 130.40 -17.36 -22.72
N VAL D 2397 129.74 -16.28 -22.30
CA VAL D 2397 130.24 -15.39 -21.25
C VAL D 2397 129.14 -15.23 -20.20
N ARG D 2398 129.49 -15.49 -18.94
CA ARG D 2398 128.52 -15.32 -17.87
C ARG D 2398 128.28 -13.84 -17.59
N LEU D 2399 127.02 -13.49 -17.34
CA LEU D 2399 126.68 -12.10 -17.13
C LEU D 2399 127.26 -11.56 -15.83
N SER D 2400 127.07 -12.30 -14.73
CA SER D 2400 127.48 -11.80 -13.42
C SER D 2400 128.99 -11.69 -13.29
N ASP D 2401 129.75 -12.35 -14.16
CA ASP D 2401 131.21 -12.30 -14.08
C ASP D 2401 131.78 -10.98 -14.58
N LEU D 2402 130.97 -10.14 -15.22
CA LEU D 2402 131.44 -8.85 -15.70
C LEU D 2402 131.59 -7.83 -14.57
N LYS D 2403 130.98 -8.07 -13.41
CA LYS D 2403 131.03 -7.16 -12.28
C LYS D 2403 130.60 -5.76 -12.66
N ILE D 2404 129.52 -5.68 -13.44
CA ILE D 2404 128.99 -4.38 -13.85
C ILE D 2404 128.46 -3.62 -12.63
N PHE D 2405 127.87 -4.35 -11.68
CA PHE D 2405 127.31 -3.72 -10.50
C PHE D 2405 128.36 -2.95 -9.70
N SER D 2406 129.63 -3.28 -9.85
CA SER D 2406 130.70 -2.59 -9.13
C SER D 2406 131.23 -1.37 -9.87
N ASP D 2407 130.70 -1.07 -11.05
CA ASP D 2407 131.20 0.08 -11.80
C ASP D 2407 130.68 1.41 -11.25
N TYR D 2408 129.67 1.38 -10.41
CA TYR D 2408 129.06 2.57 -9.84
C TYR D 2408 128.80 2.34 -8.37
N PRO D 2409 128.69 3.41 -7.57
CA PRO D 2409 128.49 3.24 -6.13
C PRO D 2409 127.17 2.53 -5.83
N GLU D 2410 127.13 1.91 -4.65
CA GLU D 2410 125.95 1.15 -4.23
C GLU D 2410 124.70 2.02 -4.18
N SER D 2411 124.84 3.32 -3.98
CA SER D 2411 123.70 4.22 -4.00
C SER D 2411 123.27 4.44 -5.46
N LEU D 2412 122.45 5.46 -5.69
CA LEU D 2412 121.88 5.79 -6.99
C LEU D 2412 120.85 4.76 -7.46
N GLY D 2413 120.56 3.74 -6.66
CA GLY D 2413 119.60 2.74 -7.05
C GLY D 2413 120.22 1.35 -7.18
N ASN D 2414 119.45 0.33 -6.82
CA ASN D 2414 119.92 -1.04 -6.88
C ASN D 2414 119.28 -1.87 -7.98
N THR D 2415 118.22 -1.36 -8.61
CA THR D 2415 117.54 -2.08 -9.68
C THR D 2415 118.18 -1.68 -11.01
N ARG D 2416 119.12 -2.50 -11.48
CA ARG D 2416 119.83 -2.26 -12.73
C ARG D 2416 119.54 -3.42 -13.67
N GLN D 2417 118.97 -3.11 -14.84
CA GLN D 2417 118.60 -4.11 -15.82
C GLN D 2417 119.07 -3.68 -17.19
N LEU D 2418 119.35 -4.65 -18.05
CA LEU D 2418 119.77 -4.36 -19.41
C LEU D 2418 118.65 -3.69 -20.19
N LYS D 2419 119.04 -2.88 -21.17
CA LYS D 2419 118.08 -2.28 -22.08
C LYS D 2419 118.36 -2.61 -23.54
N GLN D 2420 119.63 -2.64 -23.94
CA GLN D 2420 119.95 -2.97 -25.32
C GLN D 2420 121.35 -3.54 -25.40
N VAL D 2421 121.57 -4.44 -26.36
CA VAL D 2421 122.85 -5.07 -26.59
C VAL D 2421 123.19 -4.98 -28.06
N SER D 2422 124.42 -4.59 -28.37
CA SER D 2422 124.94 -4.60 -29.72
C SER D 2422 126.34 -5.20 -29.71
N VAL D 2423 126.78 -5.69 -30.87
CA VAL D 2423 128.07 -6.37 -30.95
C VAL D 2423 128.77 -5.95 -32.23
N THR D 2424 130.08 -5.69 -32.11
CA THR D 2424 130.94 -5.30 -33.22
C THR D 2424 132.06 -6.32 -33.38
N LEU D 2425 132.30 -6.72 -34.63
CA LEU D 2425 133.33 -7.70 -34.97
C LEU D 2425 134.38 -7.06 -35.86
N PRO D 2426 135.50 -6.62 -35.31
CA PRO D 2426 136.54 -6.02 -36.14
C PRO D 2426 137.30 -7.06 -36.94
N ALA D 2427 136.72 -7.51 -38.05
CA ALA D 2427 137.32 -8.52 -38.90
C ALA D 2427 137.24 -8.10 -40.35
N LEU D 2428 138.18 -8.61 -41.16
CA LEU D 2428 138.21 -8.31 -42.58
C LEU D 2428 137.24 -9.24 -43.31
N VAL D 2429 136.23 -8.67 -43.95
CA VAL D 2429 135.23 -9.43 -44.68
C VAL D 2429 135.26 -9.02 -46.14
N GLY D 2430 135.14 -10.01 -47.03
CA GLY D 2430 135.16 -9.76 -48.45
C GLY D 2430 133.92 -9.04 -48.92
N PRO D 2431 134.01 -8.37 -50.06
CA PRO D 2431 132.85 -7.66 -50.61
C PRO D 2431 131.75 -8.64 -50.99
N TYR D 2432 130.51 -8.17 -50.88
CA TYR D 2432 129.31 -8.96 -51.18
C TYR D 2432 129.21 -10.21 -50.32
N GLU D 2433 129.87 -10.21 -49.17
CA GLU D 2433 129.85 -11.34 -48.25
C GLU D 2433 129.35 -10.87 -46.89
N ASP D 2434 128.44 -11.63 -46.31
CA ASP D 2434 127.83 -11.27 -45.04
C ASP D 2434 128.25 -12.25 -43.95
N ILE D 2435 128.59 -11.72 -42.78
CA ILE D 2435 128.80 -12.56 -41.62
C ILE D 2435 127.48 -13.17 -41.18
N ARG D 2436 127.54 -14.31 -40.51
CA ARG D 2436 126.35 -14.99 -40.01
C ARG D 2436 126.62 -15.43 -38.59
N ALA D 2437 126.02 -14.73 -37.62
CA ALA D 2437 126.21 -15.08 -36.22
C ALA D 2437 124.88 -15.02 -35.49
N VAL D 2438 124.82 -15.65 -34.33
CA VAL D 2438 123.64 -15.61 -33.48
C VAL D 2438 124.06 -15.29 -32.06
N LEU D 2439 123.41 -14.31 -31.45
CA LEU D 2439 123.61 -13.98 -30.04
C LEU D 2439 122.39 -14.43 -29.26
N ASN D 2440 122.59 -15.29 -28.27
CA ASN D 2440 121.50 -15.93 -27.56
C ASN D 2440 121.70 -15.79 -26.06
N TYR D 2441 120.59 -15.82 -25.32
CA TYR D 2441 120.58 -15.72 -23.87
C TYR D 2441 120.16 -17.06 -23.30
N GLY D 2442 121.01 -17.63 -22.45
CA GLY D 2442 120.77 -18.97 -21.92
C GLY D 2442 120.23 -19.00 -20.51
N GLY D 2443 119.67 -17.89 -20.04
CA GLY D 2443 119.19 -17.79 -18.68
C GLY D 2443 117.83 -18.45 -18.50
N SER D 2444 117.26 -18.23 -17.31
CA SER D 2444 116.01 -18.85 -16.93
C SER D 2444 114.89 -17.85 -16.63
N ILE D 2445 115.15 -16.56 -16.76
CA ILE D 2445 114.13 -15.55 -16.47
C ILE D 2445 113.11 -15.53 -17.59
N VAL D 2446 111.83 -15.40 -17.23
CA VAL D 2446 110.77 -15.39 -18.23
C VAL D 2446 110.94 -14.17 -19.14
N MET D 2447 110.80 -14.40 -20.45
CA MET D 2447 111.00 -13.36 -21.45
C MET D 2447 109.87 -13.39 -22.46
N PRO D 2448 109.48 -12.25 -23.02
CA PRO D 2448 108.50 -12.25 -24.10
C PRO D 2448 109.04 -12.98 -25.32
N ARG D 2449 108.12 -13.52 -26.11
CA ARG D 2449 108.49 -14.37 -27.24
C ARG D 2449 109.38 -13.62 -28.22
N GLY D 2450 110.47 -14.26 -28.62
CA GLY D 2450 111.35 -13.71 -29.63
C GLY D 2450 112.29 -12.63 -29.13
N CYS D 2451 112.33 -12.36 -27.83
CA CYS D 2451 113.16 -11.31 -27.27
C CYS D 2451 114.39 -11.88 -26.56
N SER D 2452 114.83 -13.07 -26.95
CA SER D 2452 115.94 -13.73 -26.30
C SER D 2452 117.13 -14.00 -27.21
N ALA D 2453 117.05 -13.62 -28.48
CA ALA D 2453 118.15 -13.85 -29.40
C ALA D 2453 118.11 -12.85 -30.54
N ILE D 2454 119.27 -12.58 -31.11
CA ILE D 2454 119.40 -11.69 -32.27
C ILE D 2454 120.35 -12.32 -33.27
N ALA D 2455 120.26 -11.85 -34.52
CA ALA D 2455 121.07 -12.36 -35.60
C ALA D 2455 122.02 -11.28 -36.10
N LEU D 2456 123.23 -11.69 -36.44
CA LEU D 2456 124.31 -10.79 -36.86
C LEU D 2456 124.61 -11.05 -38.34
N SER D 2457 124.57 -9.97 -39.13
CA SER D 2457 124.83 -10.03 -40.56
C SER D 2457 126.09 -9.28 -40.96
N HIS D 2458 126.20 -8.00 -40.62
CA HIS D 2458 127.36 -7.20 -41.01
C HIS D 2458 128.36 -6.97 -39.88
N GLY D 2459 127.92 -6.91 -38.64
CA GLY D 2459 128.83 -6.86 -37.52
C GLY D 2459 129.56 -5.55 -37.31
N VAL D 2460 129.01 -4.44 -37.79
CA VAL D 2460 129.59 -3.13 -37.51
C VAL D 2460 128.61 -2.35 -36.64
N ASN D 2461 128.79 -2.45 -35.32
CA ASN D 2461 127.84 -1.89 -34.36
C ASN D 2461 126.43 -2.42 -34.63
N ASP D 2462 126.35 -3.68 -35.04
CA ASP D 2462 125.08 -4.26 -35.44
C ASP D 2462 124.18 -4.47 -34.23
N SER D 2463 122.89 -4.23 -34.42
CA SER D 2463 121.88 -4.46 -33.39
C SER D 2463 120.90 -5.54 -33.78
N GLY D 2464 121.05 -6.16 -34.96
CA GLY D 2464 120.14 -7.20 -35.37
C GLY D 2464 118.75 -6.71 -35.71
N GLN D 2465 118.60 -5.44 -36.05
CA GLN D 2465 117.30 -4.87 -36.37
C GLN D 2465 117.39 -4.07 -37.66
N PHE D 2466 116.22 -3.87 -38.28
CA PHE D 2466 116.13 -2.98 -39.43
C PHE D 2466 116.63 -1.59 -39.09
N MET D 2467 115.96 -0.92 -38.15
CA MET D 2467 116.48 0.28 -37.53
C MET D 2467 116.23 0.18 -36.04
N LEU D 2468 117.06 0.86 -35.25
CA LEU D 2468 116.95 0.84 -33.80
C LEU D 2468 116.15 2.06 -33.36
N ASP D 2469 115.02 1.80 -32.71
CA ASP D 2469 114.16 2.87 -32.19
C ASP D 2469 113.88 2.58 -30.73
N PHE D 2470 114.50 3.36 -29.84
CA PHE D 2470 114.34 3.12 -28.41
C PHE D 2470 112.95 3.49 -27.92
N ASN D 2471 112.14 4.17 -28.73
CA ASN D 2471 110.77 4.51 -28.38
C ASN D 2471 109.77 3.48 -28.92
N ASP D 2472 110.24 2.28 -29.24
CA ASP D 2472 109.37 1.24 -29.78
C ASP D 2472 108.31 0.84 -28.76
N SER D 2473 107.09 0.60 -29.23
CA SER D 2473 106.03 0.15 -28.35
C SER D 2473 106.24 -1.28 -27.88
N ARG D 2474 107.07 -2.05 -28.57
CA ARG D 2474 107.38 -3.41 -28.17
C ARG D 2474 108.73 -3.47 -27.48
N TYR D 2475 108.92 -4.50 -26.66
CA TYR D 2475 110.14 -4.63 -25.90
C TYR D 2475 111.32 -4.90 -26.83
N LEU D 2476 112.44 -4.24 -26.55
CA LEU D 2476 113.66 -4.49 -27.29
C LEU D 2476 114.24 -5.84 -26.87
N PRO D 2477 115.07 -6.45 -27.72
CA PRO D 2477 115.70 -7.72 -27.34
C PRO D 2477 116.57 -7.54 -26.10
N PHE D 2478 116.57 -8.58 -25.26
CA PHE D 2478 117.33 -8.64 -24.01
C PHE D 2478 116.89 -7.64 -22.97
N GLU D 2479 115.79 -6.94 -23.19
CA GLU D 2479 115.30 -5.97 -22.21
C GLU D 2479 114.74 -6.68 -20.99
N GLY D 2480 114.99 -6.12 -19.82
CA GLY D 2480 114.50 -6.67 -18.58
C GLY D 2480 115.41 -7.67 -17.90
N ILE D 2481 116.54 -8.02 -18.51
CA ILE D 2481 117.48 -8.95 -17.89
C ILE D 2481 118.26 -8.22 -16.82
N SER D 2482 118.24 -8.75 -15.60
CA SER D 2482 119.02 -8.16 -14.52
C SER D 2482 120.50 -8.31 -14.81
N VAL D 2483 121.26 -7.26 -14.52
CA VAL D 2483 122.70 -7.30 -14.79
C VAL D 2483 123.42 -8.23 -13.85
N ASN D 2484 122.83 -8.56 -12.70
CA ASN D 2484 123.42 -9.49 -11.75
C ASN D 2484 122.97 -10.92 -11.98
N ASP D 2485 122.35 -11.21 -13.12
CA ASP D 2485 121.85 -12.54 -13.39
C ASP D 2485 123.00 -13.53 -13.53
N SER D 2486 122.70 -14.79 -13.21
CA SER D 2486 123.67 -15.88 -13.32
C SER D 2486 123.68 -16.51 -14.71
N GLY D 2487 122.82 -16.06 -15.61
CA GLY D 2487 122.79 -16.60 -16.96
C GLY D 2487 124.00 -16.16 -17.77
N SER D 2488 124.09 -16.72 -18.97
CA SER D 2488 125.23 -16.47 -19.84
C SER D 2488 124.74 -16.12 -21.25
N LEU D 2489 125.51 -15.27 -21.91
CA LEU D 2489 125.27 -14.89 -23.29
C LEU D 2489 126.19 -15.69 -24.19
N THR D 2490 125.63 -16.29 -25.24
CA THR D 2490 126.37 -17.17 -26.13
C THR D 2490 126.38 -16.60 -27.53
N LEU D 2491 127.57 -16.49 -28.12
CA LEU D 2491 127.73 -16.09 -29.51
C LEU D 2491 128.10 -17.32 -30.32
N SER D 2492 127.33 -17.59 -31.38
CA SER D 2492 127.48 -18.79 -32.17
C SER D 2492 127.73 -18.43 -33.62
N PHE D 2493 128.82 -18.95 -34.17
CA PHE D 2493 129.13 -18.83 -35.59
C PHE D 2493 128.94 -20.19 -36.24
N PRO D 2494 127.93 -20.37 -37.08
CA PRO D 2494 127.72 -21.66 -37.75
C PRO D 2494 128.53 -21.78 -39.03
N ASP D 2495 128.75 -23.03 -39.42
CA ASP D 2495 129.46 -23.35 -40.66
C ASP D 2495 130.82 -22.69 -40.71
N ALA D 2496 131.55 -22.77 -39.61
CA ALA D 2496 132.85 -22.15 -39.46
C ALA D 2496 133.97 -23.18 -39.55
N THR D 2497 133.82 -24.13 -40.46
CA THR D 2497 134.72 -25.28 -40.50
C THR D 2497 135.47 -25.45 -41.82
N ASP D 2498 134.84 -25.29 -43.01
CA ASP D 2498 133.60 -24.90 -43.70
C ASP D 2498 133.66 -23.44 -44.15
N ARG D 2499 132.50 -22.88 -44.49
CA ARG D 2499 132.47 -21.63 -45.25
C ARG D 2499 133.09 -20.48 -44.48
N GLN D 2500 132.77 -20.34 -43.21
CA GLN D 2500 133.20 -19.18 -42.43
C GLN D 2500 134.57 -19.36 -41.80
N LYS D 2501 135.39 -20.25 -42.35
CA LYS D 2501 136.72 -20.48 -41.77
C LYS D 2501 137.63 -19.27 -41.96
N ALA D 2502 137.69 -18.75 -43.19
CA ALA D 2502 138.60 -17.64 -43.47
C ALA D 2502 138.23 -16.40 -42.69
N LEU D 2503 136.92 -16.10 -42.59
CA LEU D 2503 136.49 -14.93 -41.85
C LEU D 2503 136.88 -15.03 -40.38
N LEU D 2504 136.71 -16.21 -39.79
CA LEU D 2504 137.08 -16.39 -38.40
C LEU D 2504 138.59 -16.34 -38.21
N GLU D 2505 139.35 -16.80 -39.21
CA GLU D 2505 140.80 -16.65 -39.14
C GLU D 2505 141.20 -15.17 -39.15
N SER D 2506 140.53 -14.37 -39.97
CA SER D 2506 140.82 -12.95 -40.02
C SER D 2506 140.29 -12.20 -38.79
N LEU D 2507 139.47 -12.85 -37.96
CA LEU D 2507 138.88 -12.16 -36.82
C LEU D 2507 139.94 -11.82 -35.79
N SER D 2508 139.83 -10.60 -35.22
CA SER D 2508 140.73 -10.14 -34.18
C SER D 2508 140.16 -10.42 -32.79
N ASP D 2509 138.99 -9.86 -32.49
CA ASP D 2509 138.31 -10.09 -31.22
C ASP D 2509 136.84 -9.70 -31.38
N ILE D 2510 136.11 -9.69 -30.27
CA ILE D 2510 134.69 -9.37 -30.26
C ILE D 2510 134.46 -8.25 -29.27
N ILE D 2511 133.59 -7.31 -29.63
CA ILE D 2511 133.28 -6.16 -28.77
C ILE D 2511 131.78 -6.13 -28.52
N LEU D 2512 131.39 -5.94 -27.27
CA LEU D 2512 129.99 -5.85 -26.88
C LEU D 2512 129.70 -4.47 -26.32
N HIS D 2513 128.62 -3.85 -26.80
CA HIS D 2513 128.11 -2.59 -26.26
C HIS D 2513 126.81 -2.90 -25.54
N ILE D 2514 126.79 -2.71 -24.23
CA ILE D 2514 125.61 -2.99 -23.41
C ILE D 2514 125.12 -1.67 -22.84
N ARG D 2515 123.90 -1.29 -23.17
CA ARG D 2515 123.28 -0.08 -22.64
C ARG D 2515 122.22 -0.51 -21.64
N TYR D 2516 122.33 -0.01 -20.40
CA TYR D 2516 121.39 -0.39 -19.36
C TYR D 2516 121.01 0.82 -18.52
N THR D 2517 120.03 0.61 -17.64
CA THR D 2517 119.43 1.66 -16.86
C THR D 2517 119.60 1.37 -15.38
N ILE D 2518 119.56 2.44 -14.58
CA ILE D 2518 119.69 2.37 -13.13
C ILE D 2518 118.52 3.10 -12.51
N ARG D 2519 117.86 2.48 -11.54
CA ARG D 2519 116.75 3.09 -10.84
C ARG D 2519 116.97 3.10 -9.34
N MET E 1 -34.11 -37.20 64.88
CA MET E 1 -34.89 -38.09 65.71
C MET E 1 -34.00 -39.04 66.51
N TYR E 2 -32.69 -38.83 66.41
CA TYR E 2 -31.70 -39.57 67.17
C TYR E 2 -30.99 -38.63 68.14
N SER E 3 -30.03 -39.19 68.87
CA SER E 3 -29.15 -38.42 69.73
C SER E 3 -27.71 -38.80 69.41
N THR E 4 -26.90 -37.82 69.03
CA THR E 4 -25.54 -38.13 68.62
C THR E 4 -24.71 -38.69 69.76
N ALA E 5 -24.99 -38.29 70.99
CA ALA E 5 -24.25 -38.83 72.14
C ALA E 5 -24.46 -40.33 72.26
N VAL E 6 -25.70 -40.80 72.08
CA VAL E 6 -25.98 -42.22 72.19
C VAL E 6 -25.24 -43.01 71.11
N LEU E 7 -25.26 -42.51 69.88
CA LEU E 7 -24.58 -43.21 68.79
C LEU E 7 -23.08 -43.24 69.03
N LEU E 8 -22.51 -42.12 69.48
CA LEU E 8 -21.08 -42.10 69.77
C LEU E 8 -20.73 -43.08 70.89
N ASN E 9 -21.59 -43.18 71.91
CA ASN E 9 -21.36 -44.17 72.95
C ASN E 9 -21.41 -45.58 72.39
N LYS E 10 -22.35 -45.83 71.47
CA LYS E 10 -22.44 -47.16 70.86
C LYS E 10 -21.18 -47.50 70.09
N ILE E 11 -20.63 -46.53 69.33
CA ILE E 11 -19.42 -46.79 68.56
C ILE E 11 -18.22 -46.94 69.48
N SER E 12 -18.17 -46.15 70.56
CA SER E 12 -17.00 -46.13 71.44
C SER E 12 -16.80 -47.48 72.11
N PRO E 13 -15.56 -47.80 72.53
CA PRO E 13 -14.33 -47.00 72.49
C PRO E 13 -13.61 -47.06 71.15
N THR E 14 -12.69 -46.12 70.90
CA THR E 14 -11.98 -46.06 69.63
C THR E 14 -10.67 -46.85 69.65
N ARG E 15 -10.74 -48.09 70.12
CA ARG E 15 -9.59 -49.00 70.11
C ARG E 15 -8.47 -48.46 71.01
N ASP E 16 -8.69 -47.26 71.57
CA ASP E 16 -7.68 -46.57 72.36
C ASP E 16 -8.20 -46.15 73.72
N GLY E 17 -9.33 -46.72 74.17
CA GLY E 17 -9.87 -46.35 75.46
C GLY E 17 -10.46 -44.96 75.51
N GLN E 18 -10.85 -44.40 74.36
CA GLN E 18 -11.41 -43.06 74.30
C GLN E 18 -12.78 -43.10 73.63
N THR E 19 -13.58 -42.10 73.94
CA THR E 19 -14.92 -41.99 73.35
C THR E 19 -14.82 -41.52 71.91
N MET E 20 -15.73 -42.01 71.08
CA MET E 20 -15.85 -41.53 69.72
C MET E 20 -16.11 -40.02 69.70
N THR E 21 -15.47 -39.34 68.77
CA THR E 21 -15.74 -37.92 68.53
C THR E 21 -15.92 -37.71 67.04
N LEU E 22 -16.70 -36.68 66.70
CA LEU E 22 -17.04 -36.43 65.30
C LEU E 22 -15.81 -36.11 64.46
N ALA E 23 -14.72 -35.67 65.08
CA ALA E 23 -13.51 -35.37 64.33
C ALA E 23 -12.87 -36.63 63.78
N ASP E 24 -12.92 -37.73 64.54
CA ASP E 24 -12.28 -38.97 64.10
C ASP E 24 -12.93 -39.54 62.86
N LEU E 25 -14.21 -39.26 62.64
CA LEU E 25 -14.93 -39.73 61.46
C LEU E 25 -15.06 -38.64 60.41
N GLN E 26 -14.03 -37.78 60.29
CA GLN E 26 -14.11 -36.62 59.40
C GLN E 26 -14.51 -37.02 57.98
N TYR E 27 -13.73 -37.85 57.28
CA TYR E 27 -12.46 -38.60 57.24
C TYR E 27 -12.69 -39.72 56.25
N LEU E 28 -13.88 -40.32 56.35
CA LEU E 28 -14.25 -41.49 55.56
C LEU E 28 -15.63 -41.28 54.98
N SER E 29 -15.87 -41.92 53.83
CA SER E 29 -17.12 -41.75 53.11
C SER E 29 -18.27 -42.47 53.82
N PHE E 30 -19.48 -42.23 53.33
CA PHE E 30 -20.65 -42.85 53.94
C PHE E 30 -20.61 -44.36 53.81
N SER E 31 -20.17 -44.87 52.66
CA SER E 31 -20.09 -46.31 52.47
C SER E 31 -19.08 -46.93 53.44
N GLU E 32 -17.94 -46.28 53.64
CA GLU E 32 -16.97 -46.77 54.61
C GLU E 32 -17.56 -46.79 56.01
N LEU E 33 -18.28 -45.73 56.38
CA LEU E 33 -18.87 -45.66 57.70
C LEU E 33 -19.90 -46.78 57.90
N ARG E 34 -20.70 -47.05 56.87
CA ARG E 34 -21.69 -48.12 56.98
C ARG E 34 -21.02 -49.48 57.04
N LYS E 35 -19.91 -49.66 56.32
CA LYS E 35 -19.24 -50.95 56.29
C LYS E 35 -18.53 -51.25 57.60
N ILE E 36 -17.82 -50.26 58.16
CA ILE E 36 -17.01 -50.52 59.35
C ILE E 36 -17.89 -50.84 60.54
N PHE E 37 -18.93 -50.05 60.77
CA PHE E 37 -19.83 -50.22 61.91
C PHE E 37 -21.11 -50.94 61.51
N ASP E 38 -21.02 -51.88 60.57
CA ASP E 38 -22.21 -52.57 60.10
C ASP E 38 -22.91 -53.37 61.19
N ASP E 39 -22.18 -53.80 62.22
CA ASP E 39 -22.76 -54.61 63.27
C ASP E 39 -23.43 -53.81 64.37
N GLN E 40 -23.22 -52.50 64.42
CA GLN E 40 -23.71 -51.67 65.51
C GLN E 40 -24.66 -50.56 65.08
N LEU E 41 -24.66 -50.16 63.81
CA LEU E 41 -25.47 -49.06 63.34
C LEU E 41 -26.39 -49.52 62.22
N SER E 42 -27.63 -49.03 62.25
CA SER E 42 -28.57 -49.29 61.18
C SER E 42 -28.39 -48.25 60.08
N TRP E 43 -29.31 -48.23 59.12
CA TRP E 43 -29.20 -47.28 58.02
C TRP E 43 -29.41 -45.85 58.50
N GLY E 44 -30.48 -45.62 59.26
CA GLY E 44 -30.79 -44.28 59.71
C GLY E 44 -29.70 -43.71 60.61
N GLU E 45 -29.15 -44.54 61.49
CA GLU E 45 -28.09 -44.07 62.38
C GLU E 45 -26.85 -43.67 61.58
N ALA E 46 -26.47 -44.46 60.60
CA ALA E 46 -25.30 -44.12 59.78
C ALA E 46 -25.56 -42.83 59.00
N ARG E 47 -26.76 -42.68 58.44
CA ARG E 47 -27.08 -41.47 57.72
C ARG E 47 -27.01 -40.24 58.62
N HIS E 48 -27.56 -40.36 59.84
CA HIS E 48 -27.51 -39.25 60.79
C HIS E 48 -26.08 -38.91 61.16
N LEU E 49 -25.25 -39.93 61.40
CA LEU E 49 -23.86 -39.68 61.76
C LEU E 49 -23.13 -38.98 60.62
N TYR E 50 -23.37 -39.41 59.38
CA TYR E 50 -22.72 -38.78 58.24
C TYR E 50 -23.14 -37.32 58.11
N HIS E 51 -24.43 -37.04 58.26
CA HIS E 51 -24.90 -35.66 58.16
C HIS E 51 -24.30 -34.80 59.26
N GLU E 52 -24.23 -35.33 60.48
CA GLU E 52 -23.65 -34.58 61.58
C GLU E 52 -22.18 -34.28 61.32
N THR E 53 -21.44 -35.26 60.81
CA THR E 53 -20.03 -35.03 60.52
C THR E 53 -19.85 -33.94 59.46
N ILE E 54 -20.66 -33.98 58.41
CA ILE E 54 -20.56 -32.97 57.36
C ILE E 54 -20.86 -31.58 57.93
N GLU E 55 -21.91 -31.49 58.75
CA GLU E 55 -22.25 -30.20 59.34
C GLU E 55 -21.12 -29.68 60.23
N GLN E 56 -20.51 -30.57 61.02
CA GLN E 56 -19.42 -30.14 61.89
C GLN E 56 -18.24 -29.64 61.07
N LYS E 57 -17.91 -30.35 59.98
CA LYS E 57 -16.81 -29.92 59.12
C LYS E 57 -17.09 -28.54 58.53
N LYS E 58 -18.29 -28.32 58.04
CA LYS E 58 -18.63 -27.02 57.46
C LYS E 58 -18.54 -25.92 58.52
N ASN E 59 -19.05 -26.18 59.72
CA ASN E 59 -19.00 -25.17 60.77
C ASN E 59 -17.57 -24.83 61.15
N ASN E 60 -16.70 -25.83 61.24
CA ASN E 60 -15.31 -25.57 61.56
C ASN E 60 -14.66 -24.73 60.47
N ARG E 61 -14.94 -25.05 59.21
CA ARG E 61 -14.38 -24.26 58.11
C ARG E 61 -14.83 -22.81 58.20
N LEU E 62 -16.12 -22.59 58.45
CA LEU E 62 -16.62 -21.22 58.54
C LEU E 62 -15.97 -20.47 59.69
N LEU E 63 -15.83 -21.13 60.85
CA LEU E 63 -15.22 -20.46 62.00
C LEU E 63 -13.78 -20.07 61.71
N GLU E 64 -13.00 -20.98 61.12
CA GLU E 64 -11.62 -20.66 60.80
C GLU E 64 -11.53 -19.51 59.80
N ALA E 65 -12.40 -19.52 58.78
CA ALA E 65 -12.39 -18.45 57.80
C ALA E 65 -12.71 -17.11 58.45
N ARG E 66 -13.71 -17.09 59.33
CA ARG E 66 -14.06 -15.84 60.01
C ARG E 66 -12.91 -15.32 60.85
N ILE E 67 -12.27 -16.21 61.61
CA ILE E 67 -11.16 -15.78 62.47
C ILE E 67 -10.03 -15.22 61.61
N PHE E 68 -9.69 -15.89 60.51
CA PHE E 68 -8.64 -15.39 59.65
C PHE E 68 -9.01 -14.04 59.03
N THR E 69 -10.26 -13.89 58.61
CA THR E 69 -10.68 -12.64 57.99
C THR E 69 -10.56 -11.46 58.95
N ARG E 70 -11.01 -11.64 60.19
CA ARG E 70 -11.00 -10.51 61.11
C ARG E 70 -9.59 -10.09 61.51
N ALA E 71 -8.59 -10.94 61.31
CA ALA E 71 -7.23 -10.65 61.74
C ALA E 71 -6.27 -10.40 60.59
N ASN E 72 -6.78 -9.94 59.45
CA ASN E 72 -5.94 -9.66 58.31
C ASN E 72 -5.15 -8.38 58.53
N PRO E 73 -3.82 -8.41 58.46
CA PRO E 73 -3.04 -7.17 58.60
C PRO E 73 -3.28 -6.15 57.50
N GLN E 74 -3.83 -6.57 56.36
CA GLN E 74 -4.01 -5.64 55.26
C GLN E 74 -5.04 -4.57 55.58
N LEU E 75 -5.96 -4.84 56.49
CA LEU E 75 -7.01 -3.89 56.85
C LEU E 75 -6.60 -3.03 58.05
N SER E 76 -5.44 -2.40 57.98
CA SER E 76 -4.97 -1.54 59.06
C SER E 76 -4.31 -0.27 58.52
N GLY E 77 -5.00 0.46 57.65
CA GLY E 77 -6.37 0.34 57.19
C GLY E 77 -7.28 1.40 57.78
N ALA E 78 -7.88 2.21 56.91
CA ALA E 78 -8.91 3.14 57.35
C ALA E 78 -10.20 2.41 57.71
N ILE E 79 -10.37 1.17 57.23
CA ILE E 79 -11.54 0.37 57.57
C ILE E 79 -11.45 -0.20 58.97
N ARG E 80 -10.29 -0.11 59.62
CA ARG E 80 -10.10 -0.71 60.94
C ARG E 80 -11.02 -0.12 61.99
N LEU E 81 -11.58 1.06 61.73
CA LEU E 81 -12.54 1.65 62.66
C LEU E 81 -13.79 0.79 62.81
N GLY E 82 -14.08 -0.07 61.84
CA GLY E 82 -15.24 -0.94 61.92
C GLY E 82 -14.88 -2.39 62.20
N ILE E 83 -13.90 -2.60 63.07
CA ILE E 83 -13.42 -3.93 63.43
C ILE E 83 -13.56 -4.10 64.94
N GLU E 84 -14.12 -5.23 65.35
CA GLU E 84 -14.32 -5.54 66.76
C GLU E 84 -13.67 -6.88 67.08
N ARG E 85 -12.99 -6.95 68.22
CA ARG E 85 -12.32 -8.17 68.65
C ARG E 85 -13.28 -9.01 69.49
N ASP E 86 -13.65 -10.18 68.98
CA ASP E 86 -14.58 -11.05 69.67
C ASP E 86 -13.86 -11.92 70.69
N SER E 87 -14.65 -12.53 71.59
CA SER E 87 -14.08 -13.45 72.57
C SER E 87 -13.51 -14.68 71.88
N VAL E 88 -14.15 -15.16 70.83
CA VAL E 88 -13.66 -16.34 70.11
C VAL E 88 -12.28 -16.06 69.53
N SER E 89 -12.07 -14.84 69.03
CA SER E 89 -10.76 -14.48 68.50
C SER E 89 -9.69 -14.54 69.58
N ARG E 90 -10.00 -14.02 70.77
CA ARG E 90 -9.04 -14.08 71.87
C ARG E 90 -8.75 -15.52 72.26
N SER E 91 -9.78 -16.36 72.32
CA SER E 91 -9.57 -17.76 72.68
C SER E 91 -8.71 -18.46 71.66
N TYR E 92 -8.96 -18.22 70.36
CA TYR E 92 -8.15 -18.84 69.33
C TYR E 92 -6.71 -18.38 69.41
N ASP E 93 -6.49 -17.07 69.59
CA ASP E 93 -5.13 -16.56 69.68
C ASP E 93 -4.40 -17.16 70.88
N GLU E 94 -5.08 -17.28 72.01
CA GLU E 94 -4.46 -17.85 73.19
C GLU E 94 -4.13 -19.33 72.98
N MET E 95 -5.03 -20.07 72.34
CA MET E 95 -4.81 -21.51 72.19
C MET E 95 -3.72 -21.82 71.18
N PHE E 96 -3.76 -21.15 70.02
CA PHE E 96 -2.89 -21.50 68.91
C PHE E 96 -1.69 -20.58 68.76
N GLY E 97 -1.42 -19.74 69.76
CA GLY E 97 -0.26 -18.86 69.65
C GLY E 97 -0.44 -17.83 68.56
N ALA E 98 0.64 -17.52 67.86
CA ALA E 98 0.65 -16.49 66.83
C ALA E 98 0.33 -17.02 65.45
N ARG E 99 -0.43 -18.12 65.36
CA ARG E 99 -0.78 -18.67 64.05
C ARG E 99 -1.67 -17.72 63.28
N SER E 100 -2.63 -17.09 63.96
CA SER E 100 -3.61 -16.25 63.26
C SER E 100 -2.96 -15.03 62.63
N SER E 101 -1.83 -14.57 63.16
CA SER E 101 -1.14 -13.40 62.64
C SER E 101 -0.04 -13.76 61.65
N SER E 102 0.13 -15.04 61.33
CA SER E 102 1.24 -15.48 60.49
C SER E 102 0.78 -15.62 59.04
N PHE E 103 0.45 -14.50 58.44
CA PHE E 103 0.07 -14.49 57.03
C PHE E 103 1.30 -14.62 56.15
N VAL E 104 1.09 -15.07 54.92
CA VAL E 104 2.18 -15.21 53.96
C VAL E 104 1.79 -14.55 52.65
N LYS E 105 2.80 -14.10 51.92
CA LYS E 105 2.58 -13.53 50.60
C LYS E 105 2.16 -14.63 49.63
N PRO E 106 1.28 -14.34 48.67
CA PRO E 106 0.94 -15.34 47.68
C PRO E 106 2.14 -15.72 46.83
N GLY E 107 2.14 -16.97 46.35
CA GLY E 107 3.26 -17.51 45.64
C GLY E 107 4.26 -18.25 46.49
N SER E 108 4.11 -18.22 47.81
CA SER E 108 4.97 -18.97 48.71
C SER E 108 4.41 -20.36 48.94
N VAL E 109 5.29 -21.30 49.25
CA VAL E 109 4.88 -22.69 49.43
C VAL E 109 4.02 -22.87 50.67
N ALA E 110 4.17 -22.01 51.68
CA ALA E 110 3.44 -22.19 52.92
C ALA E 110 1.98 -21.77 52.82
N SER E 111 1.59 -21.09 51.74
CA SER E 111 0.22 -20.65 51.60
C SER E 111 -0.72 -21.84 51.48
N MET E 112 -1.91 -21.72 52.09
CA MET E 112 -2.84 -22.83 52.07
C MET E 112 -3.42 -23.09 50.69
N PHE E 113 -3.26 -22.16 49.76
CA PHE E 113 -3.70 -22.35 48.38
C PHE E 113 -2.54 -22.68 47.45
N SER E 114 -1.34 -22.86 47.98
CA SER E 114 -0.19 -23.16 47.17
C SER E 114 -0.30 -24.58 46.62
N PRO E 115 0.46 -24.90 45.56
CA PRO E 115 0.44 -26.27 45.04
C PRO E 115 0.80 -27.32 46.08
N ALA E 116 1.50 -26.94 47.15
CA ALA E 116 1.75 -27.89 48.23
C ALA E 116 0.45 -28.35 48.86
N GLY E 117 -0.49 -27.43 49.09
CA GLY E 117 -1.77 -27.83 49.64
C GLY E 117 -2.56 -28.73 48.71
N TYR E 118 -2.55 -28.41 47.41
CA TYR E 118 -3.23 -29.25 46.44
C TYR E 118 -2.64 -30.66 46.43
N LEU E 119 -1.31 -30.75 46.44
CA LEU E 119 -0.65 -32.06 46.43
C LEU E 119 -0.96 -32.82 47.72
N THR E 120 -0.98 -32.12 48.85
CA THR E 120 -1.32 -32.78 50.11
C THR E 120 -2.73 -33.34 50.08
N GLU E 121 -3.69 -32.57 49.57
CA GLU E 121 -5.05 -33.07 49.47
C GLU E 121 -5.13 -34.28 48.55
N LEU E 122 -4.44 -34.21 47.40
CA LEU E 122 -4.46 -35.32 46.46
C LEU E 122 -3.89 -36.58 47.10
N TYR E 123 -2.75 -36.46 47.78
CA TYR E 123 -2.15 -37.63 48.40
C TYR E 123 -3.03 -38.18 49.51
N ARG E 124 -3.64 -37.30 50.31
CA ARG E 124 -4.48 -37.77 51.40
C ARG E 124 -5.68 -38.53 50.87
N GLU E 125 -6.32 -38.03 49.82
CA GLU E 125 -7.52 -38.69 49.33
C GLU E 125 -7.20 -39.93 48.49
N ALA E 126 -6.08 -39.95 47.78
CA ALA E 126 -5.77 -41.03 46.86
C ALA E 126 -4.91 -42.12 47.44
N LYS E 127 -4.53 -42.01 48.71
CA LYS E 127 -3.63 -43.01 49.28
C LYS E 127 -4.30 -44.36 49.41
N ASP E 128 -5.60 -44.39 49.72
CA ASP E 128 -6.31 -45.63 50.01
C ASP E 128 -7.21 -46.08 48.87
N LEU E 129 -6.86 -45.74 47.63
CA LEU E 129 -7.68 -46.19 46.51
C LEU E 129 -7.51 -47.67 46.23
N HIS E 130 -6.43 -48.29 46.68
CA HIS E 130 -6.19 -49.71 46.50
C HIS E 130 -5.75 -50.32 47.82
N PHE E 131 -6.02 -51.62 47.98
CA PHE E 131 -5.60 -52.31 49.17
C PHE E 131 -4.07 -52.42 49.22
N SER E 132 -3.55 -52.58 50.43
CA SER E 132 -2.09 -52.65 50.59
C SER E 132 -1.52 -53.90 49.93
N SER E 133 -2.34 -54.94 49.77
CA SER E 133 -1.84 -56.16 49.12
C SER E 133 -1.68 -55.98 47.62
N SER E 134 -2.52 -55.14 47.01
CA SER E 134 -2.49 -54.99 45.55
C SER E 134 -1.19 -54.32 45.10
N ALA E 135 -0.68 -54.78 43.96
CA ALA E 135 0.51 -54.18 43.39
C ALA E 135 0.26 -52.81 42.78
N TYR E 136 -0.99 -52.40 42.65
CA TYR E 136 -1.33 -51.08 42.13
C TYR E 136 -1.33 -50.01 43.21
N HIS E 137 -1.07 -50.38 44.46
CA HIS E 137 -1.12 -49.41 45.55
C HIS E 137 -0.12 -48.29 45.32
N LEU E 138 -0.51 -47.07 45.66
CA LEU E 138 0.33 -45.92 45.39
C LEU E 138 1.65 -46.01 46.14
N ASP E 139 1.61 -46.47 47.39
CA ASP E 139 2.84 -46.62 48.15
C ASP E 139 3.69 -47.80 47.69
N ASN E 140 3.17 -48.64 46.81
CA ASN E 140 3.95 -49.77 46.30
C ASN E 140 4.65 -49.47 44.99
N ARG E 141 3.97 -48.78 44.07
CA ARG E 141 4.59 -48.47 42.80
C ARG E 141 5.62 -47.36 42.93
N ARG E 142 5.35 -46.36 43.76
CA ARG E 142 6.25 -45.22 43.96
C ARG E 142 6.43 -45.00 45.46
N PRO E 143 7.32 -45.77 46.09
CA PRO E 143 7.50 -45.63 47.55
C PRO E 143 8.07 -44.28 47.96
N ASP E 144 8.72 -43.56 47.06
CA ASP E 144 9.39 -42.32 47.45
C ASP E 144 8.42 -41.18 47.71
N LEU E 145 7.18 -41.28 47.20
CA LEU E 145 6.24 -40.17 47.35
C LEU E 145 5.97 -39.84 48.81
N ALA E 146 6.00 -40.84 49.68
CA ALA E 146 5.74 -40.59 51.09
C ALA E 146 6.84 -39.78 51.75
N ASP E 147 8.01 -39.65 51.12
CA ASP E 147 9.13 -38.95 51.71
C ASP E 147 9.46 -37.64 51.00
N LEU E 148 8.60 -37.19 50.09
CA LEU E 148 8.85 -35.94 49.39
C LEU E 148 8.80 -34.78 50.36
N THR E 149 9.79 -33.89 50.29
CA THR E 149 9.87 -32.75 51.19
C THR E 149 9.22 -31.53 50.55
N LEU E 150 8.25 -30.95 51.24
CA LEU E 150 7.51 -29.81 50.73
C LEU E 150 8.24 -28.51 51.10
N SER E 151 9.31 -28.25 50.36
CA SER E 151 10.13 -27.06 50.57
C SER E 151 10.03 -26.14 49.37
N GLN E 152 10.46 -24.88 49.58
CA GLN E 152 10.36 -23.90 48.51
C GLN E 152 11.25 -24.26 47.32
N SER E 153 12.44 -24.80 47.60
CA SER E 153 13.34 -25.17 46.52
C SER E 153 12.72 -26.26 45.64
N ASN E 154 12.05 -27.23 46.26
CA ASN E 154 11.40 -28.28 45.48
C ASN E 154 10.30 -27.69 44.59
N MET E 155 9.61 -26.67 45.07
CA MET E 155 8.51 -26.09 44.31
C MET E 155 9.00 -25.19 43.19
N ASP E 156 10.12 -24.50 43.38
CA ASP E 156 10.56 -23.48 42.42
C ASP E 156 11.63 -23.95 41.45
N THR E 157 12.55 -24.82 41.87
CA THR E 157 13.70 -25.17 41.05
C THR E 157 13.26 -25.90 39.78
N GLU E 158 13.83 -25.50 38.64
CA GLU E 158 13.54 -26.14 37.38
C GLU E 158 14.41 -27.39 37.19
N ILE E 159 13.85 -28.36 36.48
CA ILE E 159 14.55 -29.62 36.22
C ILE E 159 13.87 -30.29 35.04
N SER E 160 14.59 -31.20 34.40
CA SER E 160 14.06 -31.91 33.24
C SER E 160 13.39 -33.21 33.68
N THR E 161 12.26 -33.52 33.04
CA THR E 161 11.51 -34.72 33.41
C THR E 161 12.33 -35.98 33.17
N LEU E 162 13.10 -35.99 32.09
CA LEU E 162 13.93 -37.16 31.78
C LEU E 162 14.90 -37.45 32.92
N THR E 163 15.39 -36.42 33.59
CA THR E 163 16.29 -36.63 34.72
C THR E 163 15.59 -37.40 35.83
N LEU E 164 14.37 -36.99 36.18
CA LEU E 164 13.64 -37.68 37.24
C LEU E 164 13.33 -39.12 36.84
N SER E 165 12.90 -39.33 35.60
CA SER E 165 12.59 -40.68 35.16
C SER E 165 13.83 -41.57 35.19
N ASN E 166 14.97 -41.03 34.73
CA ASN E 166 16.21 -41.79 34.76
C ASN E 166 16.63 -42.12 36.17
N GLU E 167 16.50 -41.16 37.10
CA GLU E 167 16.91 -41.43 38.47
C GLU E 167 16.02 -42.50 39.10
N LEU E 168 14.72 -42.47 38.81
CA LEU E 168 13.83 -43.50 39.35
C LEU E 168 14.17 -44.87 38.81
N LEU E 169 14.35 -44.98 37.49
CA LEU E 169 14.68 -46.27 36.89
C LEU E 169 16.04 -46.77 37.39
N LEU E 170 17.01 -45.87 37.53
CA LEU E 170 18.31 -46.25 38.03
C LEU E 170 18.22 -46.78 39.45
N GLU E 171 17.42 -46.13 40.29
CA GLU E 171 17.23 -46.60 41.65
C GLU E 171 16.65 -48.00 41.65
N HIS E 172 15.63 -48.24 40.82
CA HIS E 172 15.01 -49.57 40.78
C HIS E 172 16.02 -50.63 40.32
N ILE E 173 16.77 -50.33 39.26
CA ILE E 173 17.70 -51.30 38.72
C ILE E 173 18.80 -51.61 39.72
N THR E 174 19.35 -50.57 40.37
CA THR E 174 20.41 -50.81 41.34
C THR E 174 19.90 -51.56 42.56
N ARG E 175 18.67 -51.30 42.98
CA ARG E 175 18.09 -52.09 44.06
C ARG E 175 17.96 -53.56 43.66
N LYS E 176 17.56 -53.82 42.41
CA LYS E 176 17.43 -55.19 41.95
C LYS E 176 18.78 -55.90 41.91
N THR E 177 19.78 -55.28 41.27
CA THR E 177 21.07 -55.93 41.11
C THR E 177 21.97 -55.78 42.33
N GLY E 178 21.65 -54.87 43.24
CA GLY E 178 22.45 -54.69 44.42
C GLY E 178 23.82 -54.10 44.18
N GLY E 179 24.07 -53.54 43.01
CA GLY E 179 25.35 -52.97 42.66
C GLY E 179 25.35 -51.46 42.69
N ASP E 180 26.35 -50.89 42.02
CA ASP E 180 26.51 -49.45 41.90
C ASP E 180 26.16 -49.01 40.49
N SER E 181 25.97 -47.69 40.33
CA SER E 181 25.65 -47.16 39.01
C SER E 181 26.77 -47.42 38.02
N ASP E 182 28.03 -47.22 38.44
CA ASP E 182 29.15 -47.47 37.55
C ASP E 182 29.24 -48.94 37.18
N ALA E 183 29.01 -49.83 38.15
CA ALA E 183 28.98 -51.25 37.84
C ALA E 183 27.86 -51.57 36.87
N LEU E 184 26.72 -50.90 37.03
CA LEU E 184 25.61 -51.13 36.10
C LEU E 184 25.98 -50.71 34.69
N MET E 185 26.63 -49.55 34.53
CA MET E 185 27.05 -49.13 33.20
C MET E 185 28.06 -50.09 32.60
N GLU E 186 29.02 -50.54 33.41
CA GLU E 186 30.01 -51.48 32.90
C GLU E 186 29.35 -52.79 32.46
N SER E 187 28.36 -53.26 33.23
CA SER E 187 27.64 -54.46 32.83
C SER E 187 26.86 -54.23 31.54
N LEU E 188 26.22 -53.06 31.42
CA LEU E 188 25.47 -52.74 30.22
C LEU E 188 26.38 -52.63 28.99
N SER E 189 27.67 -52.36 29.20
CA SER E 189 28.59 -52.28 28.07
C SER E 189 28.74 -53.60 27.34
N THR E 190 28.37 -54.72 27.96
CA THR E 190 28.51 -56.03 27.34
C THR E 190 27.21 -56.82 27.31
N TYR E 191 26.08 -56.20 27.66
CA TYR E 191 24.81 -56.90 27.63
C TYR E 191 24.36 -57.12 26.18
N ARG E 192 23.90 -58.33 25.89
CA ARG E 192 23.51 -58.69 24.54
C ARG E 192 22.04 -59.09 24.40
N GLN E 193 21.36 -59.43 25.49
CA GLN E 193 20.01 -59.97 25.40
C GLN E 193 18.94 -58.88 25.39
N ALA E 194 19.08 -57.93 24.47
CA ALA E 194 18.09 -56.89 24.28
C ALA E 194 18.35 -56.25 22.92
N ILE E 195 17.46 -55.37 22.51
CA ILE E 195 17.58 -54.75 21.20
C ILE E 195 18.36 -53.44 21.24
N ASP E 196 18.30 -52.71 22.36
CA ASP E 196 19.06 -51.47 22.49
C ASP E 196 20.42 -51.66 23.13
N THR E 197 20.78 -52.87 23.50
CA THR E 197 22.08 -53.18 24.07
C THR E 197 22.93 -53.92 23.06
N PRO E 198 24.26 -53.86 23.17
CA PRO E 198 25.08 -53.22 24.20
C PRO E 198 25.10 -51.69 24.10
N TYR E 199 25.34 -51.01 25.22
CA TYR E 199 25.35 -49.55 25.28
C TYR E 199 26.67 -49.13 25.91
N HIS E 200 27.66 -48.86 25.07
CA HIS E 200 28.97 -48.40 25.52
C HIS E 200 28.90 -46.88 25.66
N GLN E 201 28.71 -46.40 26.89
CA GLN E 201 28.50 -44.97 27.09
C GLN E 201 29.70 -44.13 26.69
N PRO E 202 30.94 -44.40 27.15
CA PRO E 202 32.06 -43.56 26.72
C PRO E 202 32.29 -43.58 25.22
N TYR E 203 32.09 -44.74 24.58
CA TYR E 203 32.24 -44.81 23.14
C TYR E 203 31.23 -43.91 22.44
N GLU E 204 29.98 -43.93 22.90
CA GLU E 204 28.96 -43.09 22.30
C GLU E 204 29.28 -41.61 22.52
N THR E 205 29.79 -41.27 23.71
CA THR E 205 30.19 -39.89 23.96
C THR E 205 31.29 -39.46 23.00
N ILE E 206 32.28 -40.31 22.78
CA ILE E 206 33.37 -39.99 21.86
C ILE E 206 32.83 -39.79 20.44
N ARG E 207 31.96 -40.70 20.00
CA ARG E 207 31.39 -40.58 18.66
C ARG E 207 30.59 -39.29 18.50
N GLN E 208 29.80 -38.95 19.52
CA GLN E 208 29.02 -37.72 19.44
C GLN E 208 29.92 -36.49 19.39
N VAL E 209 31.01 -36.49 20.17
CA VAL E 209 31.93 -35.36 20.12
C VAL E 209 32.54 -35.24 18.73
N ILE E 210 32.96 -36.36 18.15
CA ILE E 210 33.55 -36.32 16.81
C ILE E 210 32.55 -35.81 15.79
N MET E 211 31.31 -36.29 15.86
CA MET E 211 30.29 -35.84 14.92
C MET E 211 30.01 -34.35 15.08
N THR E 212 29.96 -33.87 16.32
CA THR E 212 29.72 -32.44 16.56
C THR E 212 30.83 -31.60 15.99
N HIS E 213 32.09 -31.99 16.24
CA HIS E 213 33.21 -31.16 15.83
C HIS E 213 33.37 -31.12 14.32
N ASP E 214 33.27 -32.28 13.67
CA ASP E 214 33.49 -32.37 12.23
C ASP E 214 32.61 -33.48 11.67
N SER E 215 31.43 -33.12 11.20
CA SER E 215 30.59 -34.07 10.51
C SER E 215 31.14 -34.35 9.12
N THR E 216 30.69 -35.45 8.53
CA THR E 216 31.09 -35.92 7.20
C THR E 216 32.58 -36.24 7.11
N LEU E 217 33.30 -36.19 8.23
CA LEU E 217 34.71 -36.57 8.30
C LEU E 217 35.59 -35.78 7.34
N SER E 218 35.16 -34.57 6.96
CA SER E 218 35.89 -33.80 5.97
C SER E 218 37.31 -33.50 6.44
N ALA E 219 37.46 -33.08 7.71
CA ALA E 219 38.79 -32.80 8.24
C ALA E 219 39.67 -34.05 8.20
N LEU E 220 39.07 -35.23 8.31
CA LEU E 220 39.84 -36.46 8.20
C LEU E 220 40.08 -36.87 6.76
N SER E 221 39.26 -36.39 5.82
CA SER E 221 39.40 -36.79 4.43
C SER E 221 40.56 -36.08 3.75
N ARG E 222 40.88 -34.87 4.16
CA ARG E 222 41.90 -34.07 3.50
C ARG E 222 43.31 -34.37 4.00
N ASN E 223 43.47 -35.28 4.94
CA ASN E 223 44.77 -35.64 5.49
C ASN E 223 44.96 -37.14 5.33
N PRO E 224 45.31 -37.60 4.13
CA PRO E 224 45.42 -39.06 3.91
C PRO E 224 46.48 -39.71 4.77
N GLU E 225 47.52 -38.99 5.17
CA GLU E 225 48.60 -39.59 5.95
C GLU E 225 48.08 -40.12 7.28
N VAL E 226 47.03 -39.52 7.83
CA VAL E 226 46.45 -40.01 9.07
C VAL E 226 45.21 -40.87 8.84
N MET E 227 44.49 -40.66 7.74
CA MET E 227 43.36 -41.54 7.43
C MET E 227 43.84 -42.96 7.15
N GLY E 228 44.97 -43.10 6.46
CA GLY E 228 45.46 -44.40 6.07
C GLY E 228 45.86 -45.30 7.22
N GLN E 229 45.96 -44.76 8.43
CA GLN E 229 46.34 -45.54 9.59
C GLN E 229 45.14 -46.13 10.34
N ALA E 230 43.93 -45.92 9.84
CA ALA E 230 42.72 -46.38 10.51
C ALA E 230 42.05 -47.49 9.71
N GLU E 231 41.57 -48.52 10.42
CA GLU E 231 40.89 -49.61 9.77
C GLU E 231 39.50 -49.18 9.30
N GLY E 232 38.99 -49.90 8.30
CA GLY E 232 37.67 -49.57 7.78
C GLY E 232 36.57 -49.74 8.80
N ALA E 233 36.66 -50.80 9.60
CA ALA E 233 35.64 -51.04 10.63
C ALA E 233 35.63 -49.93 11.68
N SER E 234 36.82 -49.43 12.04
CA SER E 234 36.88 -48.33 12.99
C SER E 234 36.21 -47.08 12.42
N LEU E 235 36.45 -46.79 11.14
CA LEU E 235 35.80 -45.65 10.52
C LEU E 235 34.29 -45.84 10.46
N LEU E 236 33.84 -47.07 10.20
CA LEU E 236 32.41 -47.34 10.23
C LEU E 236 31.83 -47.07 11.62
N ALA E 237 32.54 -47.52 12.66
CA ALA E 237 32.08 -47.26 14.02
C ALA E 237 32.05 -45.79 14.33
N ILE E 238 32.95 -45.01 13.71
CA ILE E 238 32.89 -43.56 13.85
C ILE E 238 31.63 -43.01 13.17
N LEU E 239 31.33 -43.51 11.96
CA LEU E 239 30.20 -42.98 11.21
C LEU E 239 28.86 -43.49 11.74
N ALA E 240 28.79 -44.74 12.15
CA ALA E 240 27.55 -45.35 12.61
C ALA E 240 27.75 -45.98 13.97
N ASN E 241 26.66 -46.06 14.74
CA ASN E 241 26.72 -46.52 16.12
C ASN E 241 27.02 -48.02 16.14
N ILE E 242 28.28 -48.37 16.39
CA ILE E 242 28.68 -49.76 16.50
C ILE E 242 29.62 -49.93 17.69
N SER E 243 29.11 -50.51 18.77
CA SER E 243 29.93 -50.75 19.95
C SER E 243 30.87 -51.92 19.70
N PRO E 244 31.96 -52.02 20.47
CA PRO E 244 32.83 -53.19 20.31
C PRO E 244 32.12 -54.50 20.49
N GLU E 245 31.20 -54.58 21.45
CA GLU E 245 30.44 -55.81 21.63
C GLU E 245 29.50 -56.05 20.45
N LEU E 246 28.94 -54.99 19.88
CA LEU E 246 28.14 -55.16 18.67
C LEU E 246 29.01 -55.67 17.53
N TYR E 247 30.26 -55.21 17.45
CA TYR E 247 31.17 -55.74 16.45
C TYR E 247 31.40 -57.23 16.65
N ASN E 248 31.61 -57.65 17.91
CA ASN E 248 31.80 -59.07 18.18
C ASN E 248 30.57 -59.87 17.81
N ILE E 249 29.39 -59.32 18.09
CA ILE E 249 28.15 -60.00 17.73
C ILE E 249 28.04 -60.15 16.21
N LEU E 250 28.37 -59.09 15.48
CA LEU E 250 28.18 -59.11 14.03
C LEU E 250 29.18 -60.01 13.33
N THR E 251 30.44 -59.98 13.74
CA THR E 251 31.49 -60.66 13.01
C THR E 251 31.77 -62.07 13.51
N GLU E 252 31.09 -62.54 14.55
CA GLU E 252 31.32 -63.89 15.02
C GLU E 252 30.82 -64.91 14.01
N GLU E 253 31.52 -66.02 13.90
CA GLU E 253 31.15 -67.06 12.95
C GLU E 253 30.09 -67.97 13.56
N ILE E 254 29.32 -68.61 12.69
CA ILE E 254 28.25 -69.52 13.09
C ILE E 254 28.50 -70.87 12.43
N THR E 255 28.63 -71.91 13.24
CA THR E 255 28.81 -73.26 12.75
C THR E 255 27.70 -74.15 13.32
N GLU E 256 27.62 -75.36 12.78
CA GLU E 256 26.60 -76.30 13.24
C GLU E 256 26.86 -76.74 14.67
N LYS E 257 28.12 -76.91 15.04
CA LYS E 257 28.44 -77.45 16.36
C LYS E 257 28.13 -76.44 17.47
N ASN E 258 28.48 -75.18 17.27
CA ASN E 258 28.38 -74.17 18.33
C ASN E 258 27.11 -73.32 18.20
N ALA E 259 26.14 -73.75 17.40
CA ALA E 259 24.94 -72.95 17.20
C ALA E 259 24.14 -72.81 18.50
N ASP E 260 24.00 -73.91 19.25
CA ASP E 260 23.20 -73.86 20.46
C ASP E 260 23.81 -72.96 21.52
N ALA E 261 25.13 -73.04 21.72
CA ALA E 261 25.79 -72.19 22.69
C ALA E 261 25.67 -70.72 22.30
N LEU E 262 25.85 -70.42 21.02
CA LEU E 262 25.72 -69.03 20.57
C LEU E 262 24.29 -68.52 20.77
N PHE E 263 23.29 -69.36 20.48
CA PHE E 263 21.92 -68.95 20.69
C PHE E 263 21.63 -68.70 22.16
N ALA E 264 22.13 -69.57 23.04
CA ALA E 264 21.92 -69.37 24.46
C ALA E 264 22.58 -68.09 24.94
N GLN E 265 23.77 -67.79 24.41
CA GLN E 265 24.47 -66.58 24.81
C GLN E 265 23.78 -65.33 24.27
N ASN E 266 23.19 -65.41 23.08
CA ASN E 266 22.66 -64.24 22.40
C ASN E 266 21.20 -63.94 22.69
N PHE E 267 20.54 -64.74 23.53
CA PHE E 267 19.13 -64.53 23.83
C PHE E 267 18.86 -64.92 25.27
N SER E 268 17.71 -64.48 25.76
CA SER E 268 17.31 -64.81 27.12
C SER E 268 17.02 -66.30 27.26
N GLU E 269 17.03 -66.77 28.50
CA GLU E 269 16.82 -68.19 28.76
C GLU E 269 15.38 -68.63 28.49
N ASN E 270 14.44 -67.69 28.41
CA ASN E 270 13.03 -68.02 28.20
C ASN E 270 12.62 -67.88 26.74
N ILE E 271 13.58 -67.75 25.83
CA ILE E 271 13.30 -67.62 24.40
C ILE E 271 13.88 -68.84 23.70
N THR E 272 13.03 -69.54 22.96
CA THR E 272 13.38 -70.74 22.22
C THR E 272 13.43 -70.43 20.72
N PRO E 273 14.22 -71.18 19.94
CA PRO E 273 14.26 -70.92 18.49
C PRO E 273 12.90 -70.99 17.83
N GLU E 274 12.00 -71.85 18.31
CA GLU E 274 10.67 -71.93 17.74
C GLU E 274 9.91 -70.62 17.81
N ASN E 275 10.30 -69.73 18.74
CA ASN E 275 9.66 -68.42 18.81
C ASN E 275 9.84 -67.62 17.53
N PHE E 276 10.84 -67.97 16.72
CA PHE E 276 11.04 -67.27 15.45
C PHE E 276 10.05 -67.70 14.39
N ALA E 277 9.20 -68.70 14.66
CA ALA E 277 8.22 -69.12 13.68
C ALA E 277 7.07 -68.14 13.54
N SER E 278 6.97 -67.14 14.41
CA SER E 278 5.89 -66.16 14.36
C SER E 278 6.46 -64.79 14.00
N GLN E 279 5.89 -64.17 12.97
CA GLN E 279 6.34 -62.85 12.57
C GLN E 279 5.93 -61.79 13.57
N SER E 280 4.78 -61.95 14.21
CA SER E 280 4.33 -60.97 15.19
C SER E 280 5.28 -60.89 16.37
N TRP E 281 5.77 -62.04 16.84
CA TRP E 281 6.73 -62.03 17.93
C TRP E 281 8.02 -61.32 17.54
N ILE E 282 8.50 -61.55 16.32
CA ILE E 282 9.70 -60.87 15.86
C ILE E 282 9.47 -59.37 15.81
N ALA E 283 8.32 -58.95 15.30
CA ALA E 283 8.03 -57.52 15.22
C ALA E 283 7.99 -56.90 16.61
N LYS E 284 7.36 -57.58 17.56
CA LYS E 284 7.31 -57.06 18.92
C LYS E 284 8.70 -56.99 19.55
N TYR E 285 9.51 -58.04 19.36
CA TYR E 285 10.81 -58.09 20.01
C TYR E 285 11.77 -57.05 19.44
N TYR E 286 11.79 -56.89 18.12
CA TYR E 286 12.74 -55.99 17.49
C TYR E 286 12.18 -54.58 17.27
N GLY E 287 10.95 -54.32 17.71
CA GLY E 287 10.39 -52.99 17.56
C GLY E 287 10.18 -52.54 16.14
N LEU E 288 9.61 -53.41 15.31
CA LEU E 288 9.33 -53.09 13.91
C LEU E 288 7.86 -53.30 13.61
N GLU E 289 7.39 -52.62 12.57
CA GLU E 289 6.03 -52.83 12.08
C GLU E 289 5.98 -54.14 11.28
N LEU E 290 4.76 -54.55 10.94
CA LEU E 290 4.60 -55.78 10.17
C LEU E 290 5.22 -55.67 8.79
N SER E 291 5.04 -54.53 8.13
CA SER E 291 5.62 -54.34 6.80
C SER E 291 7.14 -54.38 6.86
N GLU E 292 7.73 -53.75 7.87
CA GLU E 292 9.18 -53.75 8.00
C GLU E 292 9.71 -55.16 8.21
N VAL E 293 9.01 -55.96 9.02
CA VAL E 293 9.42 -57.35 9.21
C VAL E 293 9.29 -58.12 7.91
N GLN E 294 8.18 -57.95 7.19
CA GLN E 294 8.00 -58.65 5.93
C GLN E 294 9.05 -58.25 4.90
N LYS E 295 9.64 -57.06 5.03
CA LYS E 295 10.76 -56.71 4.17
C LYS E 295 11.90 -57.71 4.31
N TYR E 296 12.06 -58.30 5.50
CA TYR E 296 13.12 -59.26 5.74
C TYR E 296 12.70 -60.68 5.40
N LEU E 297 11.55 -61.11 5.91
CA LEU E 297 11.13 -62.51 5.81
C LEU E 297 10.12 -62.77 4.72
N GLY E 298 9.31 -61.79 4.35
CA GLY E 298 8.28 -62.03 3.36
C GLY E 298 7.03 -62.64 3.97
N MET E 299 6.43 -63.59 3.27
CA MET E 299 5.21 -64.24 3.73
C MET E 299 5.52 -65.63 4.24
N LEU E 300 5.00 -65.97 5.41
CA LEU E 300 5.24 -67.26 6.03
C LEU E 300 4.21 -68.26 5.50
N GLN E 301 4.66 -69.24 4.73
CA GLN E 301 3.77 -70.19 4.09
C GLN E 301 3.33 -71.26 5.08
N ASN E 302 2.02 -71.31 5.37
CA ASN E 302 1.51 -72.29 6.32
C ASN E 302 0.25 -73.00 5.82
N GLY E 303 0.06 -73.09 4.51
CA GLY E 303 -1.13 -73.74 3.98
C GLY E 303 -2.33 -72.82 3.95
N TYR E 304 -2.19 -71.69 3.27
CA TYR E 304 -3.28 -70.72 3.13
C TYR E 304 -4.25 -71.20 2.05
N SER E 305 -5.11 -70.28 1.59
CA SER E 305 -6.06 -70.61 0.53
C SER E 305 -5.33 -71.01 -0.74
N ASP E 306 -6.11 -71.42 -1.74
CA ASP E 306 -5.53 -72.08 -2.91
C ASP E 306 -4.57 -71.17 -3.68
N SER E 307 -4.96 -69.92 -3.93
CA SER E 307 -4.04 -69.06 -4.66
C SER E 307 -3.23 -68.17 -3.74
N THR E 308 -3.89 -67.16 -3.15
CA THR E 308 -3.38 -66.37 -2.03
C THR E 308 -2.07 -65.67 -2.36
N SER E 309 -1.49 -65.95 -3.54
CA SER E 309 -0.12 -65.55 -3.88
C SER E 309 0.87 -66.12 -2.86
N ALA E 310 2.16 -66.03 -3.14
CA ALA E 310 3.15 -66.48 -2.17
C ALA E 310 4.39 -65.61 -2.10
N TYR E 311 4.33 -64.35 -2.49
CA TYR E 311 5.53 -63.52 -2.51
C TYR E 311 5.16 -62.08 -2.19
N VAL E 312 5.81 -61.51 -1.19
CA VAL E 312 5.60 -60.10 -0.83
C VAL E 312 6.90 -59.31 -0.68
N ASP E 313 7.95 -59.60 -1.44
CA ASP E 313 8.21 -60.40 -2.65
C ASP E 313 9.06 -61.64 -2.36
N ASN E 314 9.04 -62.11 -1.11
CA ASN E 314 9.80 -63.28 -0.70
C ASN E 314 8.90 -64.27 0.01
N ILE E 315 9.27 -65.54 -0.04
CA ILE E 315 8.71 -66.55 0.84
C ILE E 315 9.78 -67.04 1.79
N SER E 316 9.36 -67.46 2.97
CA SER E 316 10.26 -68.03 3.96
C SER E 316 9.45 -68.78 5.01
N THR E 317 9.76 -70.07 5.21
CA THR E 317 9.05 -70.83 6.22
C THR E 317 9.90 -72.03 6.64
N GLY E 318 9.51 -72.64 7.75
CA GLY E 318 10.18 -73.80 8.28
C GLY E 318 9.42 -75.07 7.95
N LEU E 319 10.16 -76.17 7.86
CA LEU E 319 9.60 -77.48 7.61
C LEU E 319 10.49 -78.53 8.26
N VAL E 320 9.92 -79.69 8.52
CA VAL E 320 10.65 -80.78 9.15
C VAL E 320 11.44 -81.53 8.09
N VAL E 321 12.75 -81.65 8.29
CA VAL E 321 13.58 -82.36 7.34
C VAL E 321 13.21 -83.84 7.33
N ASN E 322 13.36 -84.47 6.17
CA ASN E 322 13.09 -85.90 6.06
C ASN E 322 14.19 -86.75 6.68
N ASN E 323 15.39 -86.18 6.85
CA ASN E 323 16.50 -86.96 7.39
C ASN E 323 16.27 -87.32 8.85
N GLU E 324 15.81 -86.38 9.65
CA GLU E 324 15.61 -86.61 11.08
C GLU E 324 14.49 -85.68 11.54
N SER E 325 14.38 -85.49 12.86
CA SER E 325 13.27 -84.75 13.45
C SER E 325 13.65 -83.31 13.80
N LYS E 326 14.51 -82.69 13.02
CA LYS E 326 14.88 -81.29 13.21
C LYS E 326 14.20 -80.42 12.17
N LEU E 327 13.82 -79.22 12.60
CA LEU E 327 13.11 -78.29 11.74
C LEU E 327 14.12 -77.34 11.10
N GLU E 328 14.09 -77.25 9.77
CA GLU E 328 14.88 -76.28 9.04
C GLU E 328 13.98 -75.16 8.54
N ALA E 329 14.61 -74.08 8.07
CA ALA E 329 13.88 -72.93 7.55
C ALA E 329 14.52 -72.54 6.22
N TYR E 330 13.67 -72.26 5.24
CA TYR E 330 14.12 -71.91 3.90
C TYR E 330 13.49 -70.59 3.49
N LYS E 331 14.25 -69.82 2.70
CA LYS E 331 13.81 -68.54 2.18
C LYS E 331 14.11 -68.46 0.69
N ILE E 332 13.12 -68.05 -0.07
CA ILE E 332 13.21 -67.94 -1.52
C ILE E 332 12.84 -66.52 -1.93
N THR E 333 13.65 -65.93 -2.80
CA THR E 333 13.43 -64.59 -3.31
C THR E 333 13.36 -64.63 -4.83
N ARG E 334 12.47 -63.80 -5.40
CA ARG E 334 12.18 -63.81 -6.82
C ARG E 334 12.36 -62.42 -7.40
N VAL E 335 12.96 -62.36 -8.59
CA VAL E 335 13.11 -61.12 -9.36
C VAL E 335 12.38 -61.30 -10.67
N LYS E 336 11.36 -60.47 -10.90
CA LYS E 336 10.56 -60.58 -12.12
C LYS E 336 11.38 -60.18 -13.34
N THR E 337 11.01 -60.74 -14.50
CA THR E 337 11.76 -60.45 -15.71
C THR E 337 10.93 -60.80 -16.94
N ASP E 338 11.34 -60.20 -18.06
CA ASP E 338 10.79 -60.38 -19.40
C ASP E 338 9.26 -60.33 -19.39
N ASP E 339 8.74 -59.15 -19.06
CA ASP E 339 7.33 -58.80 -19.19
C ASP E 339 6.46 -59.69 -18.29
N TYR E 340 6.78 -59.63 -17.00
CA TYR E 340 5.99 -60.36 -16.01
C TYR E 340 4.65 -59.68 -15.75
N ASP E 341 4.59 -58.36 -15.90
CA ASP E 341 3.36 -57.63 -15.59
C ASP E 341 2.23 -58.02 -16.52
N LYS E 342 2.48 -57.99 -17.83
CA LYS E 342 1.52 -58.53 -18.78
C LYS E 342 1.48 -60.04 -18.64
N ASN E 343 0.27 -60.60 -18.61
CA ASN E 343 0.05 -62.01 -18.31
C ASN E 343 0.57 -62.38 -16.93
N ILE E 344 0.21 -63.57 -16.45
CA ILE E 344 0.69 -64.12 -15.19
C ILE E 344 0.26 -63.24 -14.02
N ASN E 345 -0.87 -63.59 -13.39
CA ASN E 345 -1.27 -62.91 -12.17
C ASN E 345 -0.22 -63.08 -11.08
N TYR E 346 0.27 -64.30 -10.91
CA TYR E 346 1.37 -64.57 -10.00
C TYR E 346 2.11 -65.80 -10.50
N PHE E 347 3.37 -65.91 -10.12
CA PHE E 347 4.23 -67.02 -10.51
C PHE E 347 5.10 -67.38 -9.31
N ASP E 348 4.75 -68.46 -8.63
CA ASP E 348 5.37 -68.81 -7.35
C ASP E 348 6.12 -70.12 -7.47
N LEU E 349 7.30 -70.17 -6.87
CA LEU E 349 8.08 -71.40 -6.79
C LEU E 349 7.96 -71.94 -5.37
N MET E 350 7.51 -73.18 -5.24
CA MET E 350 7.23 -73.78 -3.94
C MET E 350 8.18 -74.93 -3.67
N TYR E 351 8.58 -75.06 -2.41
CA TYR E 351 9.55 -76.04 -1.96
C TYR E 351 8.90 -77.01 -0.98
N GLU E 352 9.39 -78.24 -0.96
CA GLU E 352 8.80 -79.27 -0.12
C GLU E 352 9.78 -80.13 0.65
N GLY E 353 11.09 -79.88 0.55
CA GLY E 353 12.05 -80.61 1.34
C GLY E 353 13.20 -81.19 0.54
N ASN E 354 12.92 -81.68 -0.67
CA ASN E 354 13.97 -82.14 -1.56
C ASN E 354 13.67 -81.81 -3.02
N ASN E 355 12.55 -81.16 -3.32
CA ASN E 355 12.14 -80.91 -4.69
C ASN E 355 11.22 -79.70 -4.70
N GLN E 356 11.09 -79.10 -5.88
CA GLN E 356 10.34 -77.86 -6.02
C GLN E 356 9.33 -77.99 -7.16
N PHE E 357 8.29 -77.17 -7.10
CA PHE E 357 7.30 -77.12 -8.17
C PHE E 357 6.81 -75.69 -8.32
N PHE E 358 5.82 -75.50 -9.20
CA PHE E 358 5.37 -74.17 -9.60
C PHE E 358 3.88 -74.01 -9.35
N ILE E 359 3.48 -72.76 -9.08
CA ILE E 359 2.09 -72.37 -8.96
C ILE E 359 1.91 -71.12 -9.83
N ARG E 360 0.83 -71.09 -10.61
CA ARG E 360 0.70 -70.02 -11.59
C ARG E 360 -0.77 -69.71 -11.87
N ALA E 361 -1.06 -68.43 -12.06
CA ALA E 361 -2.32 -67.94 -12.61
C ALA E 361 -2.03 -67.10 -13.84
N ASN E 362 -3.07 -66.78 -14.60
CA ASN E 362 -2.90 -66.13 -15.89
C ASN E 362 -3.88 -64.99 -16.06
N PHE E 363 -3.52 -64.08 -16.95
CA PHE E 363 -4.36 -62.95 -17.31
C PHE E 363 -5.35 -63.30 -18.42
N LYS E 364 -4.86 -63.85 -19.52
CA LYS E 364 -5.68 -64.12 -20.70
C LYS E 364 -5.78 -65.63 -20.92
N VAL E 365 -6.96 -66.06 -21.36
CA VAL E 365 -7.25 -67.49 -21.50
C VAL E 365 -6.64 -68.02 -22.78
N SER E 366 -6.08 -69.22 -22.71
CA SER E 366 -5.59 -69.94 -23.88
C SER E 366 -5.98 -71.41 -23.75
N ARG E 367 -6.09 -72.09 -24.88
CA ARG E 367 -6.54 -73.47 -24.90
C ARG E 367 -5.40 -74.47 -24.75
N GLU E 368 -4.19 -74.10 -25.17
CA GLU E 368 -3.05 -75.00 -25.23
C GLU E 368 -2.39 -75.13 -23.86
N PHE E 369 -1.30 -75.90 -23.84
CA PHE E 369 -0.56 -76.17 -22.61
C PHE E 369 0.58 -75.15 -22.46
N GLY E 370 1.48 -75.40 -21.53
CA GLY E 370 2.64 -74.55 -21.37
C GLY E 370 3.85 -75.38 -20.98
N ALA E 371 5.03 -74.89 -21.35
CA ALA E 371 6.28 -75.56 -21.02
C ALA E 371 7.17 -74.59 -20.26
N THR E 372 7.61 -75.00 -19.07
CA THR E 372 8.53 -74.20 -18.28
C THR E 372 9.95 -74.63 -18.60
N LEU E 373 10.70 -73.73 -19.24
CA LEU E 373 12.08 -73.95 -19.64
C LEU E 373 13.01 -73.19 -18.70
N ARG E 374 14.31 -73.38 -18.88
CA ARG E 374 15.30 -72.73 -18.05
C ARG E 374 16.22 -71.81 -18.84
N LYS E 375 16.80 -72.30 -19.94
CA LYS E 375 17.66 -71.46 -20.76
C LYS E 375 16.89 -71.02 -22.00
N ASN E 376 17.58 -70.32 -22.90
CA ASN E 376 16.96 -69.72 -24.08
C ASN E 376 16.64 -70.82 -25.10
N ALA E 377 15.59 -71.59 -24.77
CA ALA E 377 15.05 -72.62 -25.65
C ALA E 377 16.13 -73.60 -26.07
N GLY E 378 17.02 -73.94 -25.15
CA GLY E 378 18.06 -74.91 -25.43
C GLY E 378 17.48 -76.30 -25.59
N PRO E 379 18.24 -77.19 -26.20
CA PRO E 379 17.75 -78.58 -26.35
C PRO E 379 17.49 -79.26 -25.03
N SER E 380 18.25 -78.94 -23.99
CA SER E 380 18.08 -79.53 -22.67
C SER E 380 17.47 -78.56 -21.66
N GLY E 381 16.84 -77.49 -22.14
CA GLY E 381 16.26 -76.50 -21.24
C GLY E 381 14.93 -76.86 -20.65
N ILE E 382 14.32 -77.96 -21.10
CA ILE E 382 13.00 -78.36 -20.60
C ILE E 382 13.14 -78.77 -19.14
N VAL E 383 12.45 -78.06 -18.26
CA VAL E 383 12.45 -78.42 -16.85
C VAL E 383 11.07 -78.78 -16.32
N GLY E 384 9.98 -78.41 -17.01
CA GLY E 384 8.68 -78.86 -16.56
C GLY E 384 7.61 -78.49 -17.57
N SER E 385 6.40 -78.96 -17.29
CA SER E 385 5.27 -78.71 -18.17
C SER E 385 4.00 -78.51 -17.35
N LEU E 386 3.21 -77.51 -17.74
CA LEU E 386 1.89 -77.27 -17.17
C LEU E 386 0.84 -77.73 -18.18
N SER E 387 0.03 -78.69 -17.79
CA SER E 387 -0.99 -79.25 -18.67
C SER E 387 -2.18 -78.29 -18.78
N GLY E 388 -2.66 -78.11 -20.01
CA GLY E 388 -3.76 -77.22 -20.26
C GLY E 388 -5.11 -77.86 -20.01
N PRO E 389 -6.19 -77.15 -20.32
CA PRO E 389 -6.23 -75.80 -20.90
C PRO E 389 -5.96 -74.74 -19.85
N LEU E 390 -5.37 -73.61 -20.24
CA LEU E 390 -4.96 -72.57 -19.30
C LEU E 390 -6.03 -71.48 -19.30
N ILE E 391 -6.95 -71.59 -18.37
CA ILE E 391 -8.00 -70.58 -18.19
C ILE E 391 -7.52 -69.54 -17.20
N ALA E 392 -7.93 -68.29 -17.40
CA ALA E 392 -7.46 -67.20 -16.57
C ALA E 392 -7.98 -67.32 -15.15
N ASN E 393 -7.19 -66.80 -14.21
CA ASN E 393 -7.56 -66.76 -12.79
C ASN E 393 -7.84 -68.16 -12.25
N THR E 394 -6.88 -69.05 -12.41
CA THR E 394 -6.99 -70.41 -11.91
C THR E 394 -5.62 -70.91 -11.47
N ASN E 395 -5.60 -71.65 -10.37
CA ASN E 395 -4.35 -72.19 -9.87
C ASN E 395 -3.90 -73.39 -10.70
N PHE E 396 -2.58 -73.58 -10.78
CA PHE E 396 -2.02 -74.69 -11.53
C PHE E 396 -0.71 -75.13 -10.89
N LYS E 397 -0.43 -76.43 -10.94
CA LYS E 397 0.78 -77.01 -10.41
C LYS E 397 1.58 -77.65 -11.54
N SER E 398 2.91 -77.68 -11.39
CA SER E 398 3.78 -78.14 -12.46
C SER E 398 4.72 -79.25 -11.98
N ASN E 399 4.19 -80.47 -11.91
CA ASN E 399 4.91 -81.73 -12.10
C ASN E 399 6.35 -81.79 -11.61
N TYR E 400 6.63 -81.29 -10.41
CA TYR E 400 7.88 -81.57 -9.68
C TYR E 400 9.11 -81.45 -10.58
N LEU E 401 9.37 -80.22 -11.01
CA LEU E 401 10.48 -79.95 -11.92
C LEU E 401 11.77 -80.61 -11.44
N SER E 402 12.55 -81.10 -12.39
CA SER E 402 13.70 -81.93 -12.03
C SER E 402 15.02 -81.50 -12.67
N ASN E 403 15.00 -81.10 -13.94
CA ASN E 403 16.24 -80.90 -14.69
C ASN E 403 16.93 -79.60 -14.25
N ILE E 404 17.48 -79.66 -13.04
CA ILE E 404 18.27 -78.54 -12.50
C ILE E 404 19.08 -79.06 -11.33
N SER E 405 20.22 -78.45 -11.10
CA SER E 405 21.16 -78.86 -10.07
C SER E 405 21.03 -77.98 -8.83
N ASP E 406 21.61 -78.46 -7.73
CA ASP E 406 21.55 -77.73 -6.48
C ASP E 406 22.44 -76.50 -6.49
N SER E 407 23.59 -76.57 -7.17
CA SER E 407 24.50 -75.43 -7.21
C SER E 407 23.85 -74.24 -7.89
N GLU E 408 23.12 -74.47 -8.98
CA GLU E 408 22.47 -73.39 -9.70
C GLU E 408 21.16 -72.95 -9.05
N TYR E 409 20.68 -73.66 -8.02
CA TYR E 409 19.51 -73.18 -7.30
C TYR E 409 19.79 -71.84 -6.62
N LYS E 410 21.04 -71.58 -6.28
CA LYS E 410 21.45 -70.26 -5.84
C LYS E 410 21.68 -69.39 -7.07
N ASN E 411 21.07 -68.20 -7.07
CA ASN E 411 21.13 -67.23 -8.15
C ASN E 411 20.98 -67.92 -9.52
N GLY E 412 19.84 -68.56 -9.71
CA GLY E 412 19.57 -69.25 -10.95
C GLY E 412 18.15 -69.11 -11.46
N VAL E 413 18.01 -68.77 -12.74
CA VAL E 413 16.68 -68.61 -13.33
C VAL E 413 15.96 -69.96 -13.30
N LYS E 414 14.63 -69.90 -13.28
CA LYS E 414 13.83 -71.10 -13.13
C LYS E 414 12.67 -71.17 -14.12
N ILE E 415 12.56 -70.24 -15.05
CA ILE E 415 11.38 -70.23 -15.91
C ILE E 415 11.62 -69.54 -17.24
N TYR E 416 11.19 -70.19 -18.31
CA TYR E 416 11.03 -69.58 -19.63
C TYR E 416 9.64 -70.04 -20.08
N ALA E 417 8.61 -69.28 -19.72
CA ALA E 417 7.22 -69.74 -19.85
C ALA E 417 6.85 -69.79 -21.33
N TYR E 418 7.26 -70.87 -21.98
CA TYR E 418 6.94 -71.11 -23.38
C TYR E 418 5.47 -71.51 -23.42
N ARG E 419 4.60 -70.54 -23.65
CA ARG E 419 3.16 -70.78 -23.69
C ARG E 419 2.69 -70.76 -25.15
N TYR E 420 1.89 -71.76 -25.51
CA TYR E 420 1.44 -71.95 -26.88
C TYR E 420 0.17 -71.15 -27.12
N THR E 421 0.27 -70.08 -27.91
CA THR E 421 -0.94 -69.39 -28.35
C THR E 421 -1.70 -70.22 -29.37
N SER E 422 -0.99 -70.85 -30.30
CA SER E 422 -1.57 -71.74 -31.29
C SER E 422 -1.02 -73.13 -31.08
N SER E 423 -1.40 -74.06 -31.96
CA SER E 423 -0.93 -75.43 -31.84
C SER E 423 0.56 -75.54 -32.10
N THR E 424 1.14 -74.60 -32.84
CA THR E 424 2.56 -74.60 -33.13
C THR E 424 3.27 -73.30 -32.80
N SER E 425 2.54 -72.22 -32.53
CA SER E 425 3.13 -70.94 -32.21
C SER E 425 3.11 -70.74 -30.70
N ALA E 426 4.25 -70.35 -30.13
CA ALA E 426 4.38 -70.15 -28.71
C ALA E 426 5.31 -68.98 -28.44
N THR E 427 5.26 -68.46 -27.22
CA THR E 427 6.04 -67.29 -26.86
C THR E 427 6.37 -67.31 -25.37
N ASN E 428 7.32 -66.47 -25.00
CA ASN E 428 7.72 -66.30 -23.60
C ASN E 428 6.84 -65.24 -22.97
N GLN E 429 6.01 -65.65 -22.01
CA GLN E 429 5.00 -64.78 -21.42
C GLN E 429 5.44 -64.14 -20.11
N GLY E 430 6.69 -64.35 -19.70
CA GLY E 430 7.16 -63.76 -18.46
C GLY E 430 7.85 -64.76 -17.56
N GLY E 431 8.72 -64.28 -16.68
CA GLY E 431 9.41 -65.19 -15.79
C GLY E 431 10.04 -64.49 -14.61
N GLY E 432 10.90 -65.22 -13.91
CA GLY E 432 11.58 -64.67 -12.75
C GLY E 432 12.81 -65.49 -12.42
N ILE E 433 13.80 -64.82 -11.84
CA ILE E 433 14.99 -65.47 -11.33
C ILE E 433 14.80 -65.72 -9.84
N PHE E 434 15.04 -66.96 -9.42
CA PHE E 434 14.78 -67.39 -8.05
C PHE E 434 16.07 -67.76 -7.34
N THR E 435 16.18 -67.33 -6.10
CA THR E 435 17.30 -67.67 -5.23
C THR E 435 16.76 -68.32 -3.96
N PHE E 436 17.37 -69.44 -3.57
CA PHE E 436 16.88 -70.27 -2.48
C PHE E 436 17.98 -70.51 -1.46
N GLU E 437 17.66 -70.33 -0.18
CA GLU E 437 18.59 -70.62 0.90
C GLU E 437 17.87 -71.43 1.98
N SER E 438 18.61 -72.29 2.66
CA SER E 438 18.02 -73.13 3.70
C SER E 438 19.03 -73.34 4.82
N TYR E 439 18.58 -73.20 6.05
CA TYR E 439 19.44 -73.34 7.22
C TYR E 439 18.65 -73.96 8.36
N PRO E 440 19.32 -74.63 9.30
CA PRO E 440 18.65 -75.03 10.53
C PRO E 440 18.13 -73.82 11.28
N LEU E 441 17.11 -74.05 12.11
CA LEU E 441 16.35 -72.95 12.68
C LEU E 441 17.22 -72.02 13.52
N THR E 442 18.13 -72.58 14.32
CA THR E 442 18.96 -71.75 15.17
C THR E 442 19.90 -70.86 14.35
N ILE E 443 20.52 -71.43 13.32
CA ILE E 443 21.41 -70.65 12.47
C ILE E 443 20.63 -69.58 11.72
N PHE E 444 19.43 -69.92 11.27
CA PHE E 444 18.59 -68.94 10.61
C PHE E 444 18.26 -67.79 11.54
N ALA E 445 17.92 -68.09 12.79
CA ALA E 445 17.61 -67.04 13.75
C ALA E 445 18.82 -66.16 14.01
N LEU E 446 20.00 -66.77 14.14
CA LEU E 446 21.20 -65.98 14.39
C LEU E 446 21.51 -65.05 13.22
N LYS E 447 21.42 -65.56 12.00
CA LYS E 447 21.69 -64.73 10.83
C LYS E 447 20.67 -63.61 10.71
N LEU E 448 19.39 -63.91 10.99
CA LEU E 448 18.37 -62.87 10.96
C LEU E 448 18.66 -61.80 12.00
N ASN E 449 19.08 -62.21 13.19
CA ASN E 449 19.43 -61.25 14.23
C ASN E 449 20.56 -60.33 13.78
N LYS E 450 21.62 -60.92 13.21
CA LYS E 450 22.74 -60.12 12.72
C LYS E 450 22.27 -59.11 11.69
N ALA E 451 21.49 -59.57 10.71
CA ALA E 451 21.04 -58.68 9.64
C ALA E 451 20.16 -57.56 10.18
N ILE E 452 19.25 -57.88 11.09
CA ILE E 452 18.35 -56.87 11.63
C ILE E 452 19.13 -55.82 12.41
N ARG E 453 20.08 -56.26 13.24
CA ARG E 453 20.86 -55.29 13.99
C ARG E 453 21.66 -54.38 13.07
N LEU E 454 22.30 -54.96 12.05
CA LEU E 454 23.10 -54.15 11.14
C LEU E 454 22.24 -53.14 10.39
N CYS E 455 21.09 -53.59 9.88
CA CYS E 455 20.22 -52.68 9.13
C CYS E 455 19.66 -51.59 10.03
N LEU E 456 19.31 -51.92 11.26
CA LEU E 456 18.79 -50.91 12.18
C LEU E 456 19.85 -49.88 12.51
N THR E 457 21.08 -50.32 12.77
CA THR E 457 22.10 -49.37 13.18
C THR E 457 22.75 -48.63 12.03
N SER E 458 22.57 -49.08 10.79
CA SER E 458 23.21 -48.42 9.65
C SER E 458 22.26 -47.60 8.80
N GLY E 459 20.98 -47.95 8.76
CA GLY E 459 20.02 -47.27 7.90
C GLY E 459 19.87 -47.86 6.52
N LEU E 460 20.65 -48.87 6.17
CA LEU E 460 20.52 -49.51 4.87
C LEU E 460 19.23 -50.31 4.78
N SER E 461 18.69 -50.40 3.57
CA SER E 461 17.56 -51.26 3.33
C SER E 461 18.01 -52.73 3.37
N PRO E 462 17.12 -53.64 3.75
CA PRO E 462 17.53 -55.06 3.83
C PRO E 462 18.06 -55.61 2.53
N ASN E 463 17.47 -55.24 1.40
CA ASN E 463 17.97 -55.72 0.12
C ASN E 463 19.32 -55.15 -0.20
N GLU E 464 19.59 -53.90 0.20
CA GLU E 464 20.91 -53.32 -0.03
C GLU E 464 21.99 -54.10 0.71
N LEU E 465 21.73 -54.44 1.98
CA LEU E 465 22.68 -55.26 2.70
C LEU E 465 22.80 -56.64 2.08
N GLN E 466 21.68 -57.19 1.60
CA GLN E 466 21.71 -58.51 1.00
C GLN E 466 22.60 -58.53 -0.23
N THR E 467 22.48 -57.53 -1.09
CA THR E 467 23.32 -57.47 -2.28
C THR E 467 24.74 -57.01 -1.98
N ILE E 468 24.96 -56.32 -0.85
CA ILE E 468 26.33 -56.02 -0.44
C ILE E 468 27.05 -57.31 -0.03
N VAL E 469 26.39 -58.13 0.79
CA VAL E 469 27.03 -59.36 1.24
C VAL E 469 27.07 -60.43 0.14
N ARG E 470 26.13 -60.39 -0.81
CA ARG E 470 26.14 -61.39 -1.87
C ARG E 470 27.27 -61.16 -2.85
N SER E 471 27.66 -59.90 -3.06
CA SER E 471 28.72 -59.57 -4.00
C SER E 471 30.12 -59.71 -3.40
N ASP E 472 30.22 -60.05 -2.12
CA ASP E 472 31.50 -60.22 -1.47
C ASP E 472 31.95 -61.67 -1.36
N ASN E 473 31.04 -62.57 -1.04
CA ASN E 473 31.38 -63.98 -0.91
C ASN E 473 30.16 -64.83 -1.20
N ALA E 474 30.42 -66.11 -1.50
CA ALA E 474 29.33 -67.00 -1.88
C ALA E 474 28.47 -67.37 -0.69
N GLN E 475 29.09 -67.68 0.45
CA GLN E 475 28.35 -68.14 1.62
C GLN E 475 27.46 -67.07 2.23
N GLY E 476 27.64 -65.81 1.85
CA GLY E 476 26.82 -64.74 2.39
C GLY E 476 27.00 -64.50 3.88
N ILE E 477 28.23 -64.48 4.36
CA ILE E 477 28.52 -64.21 5.74
C ILE E 477 28.97 -62.75 5.87
N ILE E 478 29.02 -62.26 7.11
CA ILE E 478 29.39 -60.89 7.40
C ILE E 478 30.76 -60.91 8.05
N ASN E 479 31.67 -60.09 7.55
CA ASN E 479 33.04 -60.03 8.06
C ASN E 479 33.55 -58.60 7.91
N ASP E 480 34.86 -58.43 7.98
CA ASP E 480 35.45 -57.09 7.91
C ASP E 480 35.17 -56.44 6.56
N SER E 481 35.22 -57.22 5.48
CA SER E 481 35.04 -56.65 4.14
C SER E 481 33.65 -56.05 3.99
N VAL E 482 32.62 -56.73 4.51
CA VAL E 482 31.27 -56.21 4.39
C VAL E 482 31.13 -54.90 5.14
N LEU E 483 31.69 -54.82 6.35
CA LEU E 483 31.61 -53.60 7.13
C LEU E 483 32.36 -52.46 6.44
N THR E 484 33.52 -52.78 5.85
CA THR E 484 34.27 -51.77 5.11
C THR E 484 33.46 -51.25 3.92
N LYS E 485 32.81 -52.16 3.19
CA LYS E 485 31.99 -51.74 2.06
C LYS E 485 30.82 -50.88 2.51
N VAL E 486 30.21 -51.23 3.65
CA VAL E 486 29.10 -50.44 4.17
C VAL E 486 29.57 -49.04 4.54
N PHE E 487 30.73 -48.95 5.20
CA PHE E 487 31.27 -47.64 5.55
C PHE E 487 31.54 -46.82 4.31
N TYR E 488 32.12 -47.43 3.28
CA TYR E 488 32.43 -46.69 2.07
C TYR E 488 31.15 -46.24 1.38
N THR E 489 30.10 -47.07 1.42
CA THR E 489 28.81 -46.67 0.87
C THR E 489 28.29 -45.42 1.58
N LEU E 490 28.30 -45.44 2.91
CA LEU E 490 27.82 -44.28 3.66
C LEU E 490 28.67 -43.05 3.37
N PHE E 491 29.99 -43.23 3.31
CA PHE E 491 30.89 -42.10 3.09
C PHE E 491 30.69 -41.47 1.73
N TYR E 492 30.58 -42.30 0.68
CA TYR E 492 30.36 -41.76 -0.66
C TYR E 492 28.99 -41.09 -0.76
N SER E 493 27.97 -41.68 -0.12
CA SER E 493 26.66 -41.04 -0.13
C SER E 493 26.72 -39.68 0.53
N HIS E 494 27.44 -39.56 1.64
CA HIS E 494 27.56 -38.28 2.31
C HIS E 494 28.34 -37.27 1.48
N ARG E 495 29.41 -37.71 0.82
CA ARG E 495 30.32 -36.77 0.17
C ARG E 495 29.82 -36.34 -1.19
N TYR E 496 29.49 -37.29 -2.06
CA TYR E 496 29.11 -36.99 -3.43
C TYR E 496 27.63 -36.72 -3.61
N ALA E 497 26.86 -36.72 -2.52
CA ALA E 497 25.42 -36.48 -2.57
C ALA E 497 24.73 -37.45 -3.53
N LEU E 498 25.14 -38.70 -3.48
CA LEU E 498 24.56 -39.76 -4.30
C LEU E 498 23.51 -40.53 -3.52
N SER E 499 22.65 -41.22 -4.26
CA SER E 499 21.70 -42.13 -3.64
C SER E 499 22.45 -43.35 -3.10
N PHE E 500 21.75 -44.13 -2.27
CA PHE E 500 22.39 -45.30 -1.68
C PHE E 500 22.77 -46.32 -2.73
N ASP E 501 21.94 -46.49 -3.76
CA ASP E 501 22.26 -47.45 -4.82
C ASP E 501 23.51 -47.03 -5.58
N ASP E 502 23.64 -45.75 -5.89
CA ASP E 502 24.82 -45.29 -6.62
C ASP E 502 26.08 -45.47 -5.80
N ALA E 503 26.04 -45.13 -4.51
CA ALA E 503 27.20 -45.34 -3.66
C ALA E 503 27.53 -46.82 -3.54
N GLN E 504 26.51 -47.67 -3.44
CA GLN E 504 26.74 -49.10 -3.37
C GLN E 504 27.44 -49.61 -4.62
N VAL E 505 27.02 -49.12 -5.79
CA VAL E 505 27.71 -49.49 -7.03
C VAL E 505 29.14 -48.98 -7.01
N LEU E 506 29.34 -47.77 -6.51
CA LEU E 506 30.68 -47.18 -6.50
C LEU E 506 31.64 -47.99 -5.65
N ASN E 507 31.20 -48.48 -4.49
CA ASN E 507 32.13 -49.17 -3.61
C ASN E 507 32.61 -50.50 -4.19
N GLY E 508 31.91 -51.06 -5.17
CA GLY E 508 32.35 -52.28 -5.80
C GLY E 508 31.26 -53.31 -6.00
N SER E 509 30.08 -53.05 -5.44
CA SER E 509 28.97 -53.97 -5.58
C SER E 509 28.36 -53.88 -6.97
N VAL E 510 27.54 -54.87 -7.31
CA VAL E 510 26.86 -54.91 -8.61
C VAL E 510 25.56 -54.12 -8.52
N ILE E 511 24.96 -53.83 -9.67
CA ILE E 511 23.72 -53.06 -9.70
C ILE E 511 22.59 -53.89 -9.10
N ASN E 512 21.83 -53.29 -8.20
CA ASN E 512 20.75 -53.98 -7.54
C ASN E 512 19.59 -54.22 -8.49
N GLN E 513 19.05 -55.44 -8.47
CA GLN E 513 17.90 -55.79 -9.30
C GLN E 513 16.65 -56.14 -8.52
N TYR E 514 16.73 -56.28 -7.20
CA TYR E 514 15.59 -56.69 -6.41
C TYR E 514 14.51 -55.60 -6.40
N ALA E 515 13.26 -56.03 -6.42
CA ALA E 515 12.12 -55.13 -6.44
C ALA E 515 11.37 -55.21 -5.11
N ASP E 516 10.80 -54.08 -4.70
CA ASP E 516 10.16 -53.94 -3.40
C ASP E 516 8.66 -54.18 -3.44
N ASP E 517 8.12 -54.59 -4.59
CA ASP E 517 6.70 -54.83 -4.85
C ASP E 517 5.90 -53.54 -4.87
N ASP E 518 6.51 -52.39 -4.59
CA ASP E 518 5.84 -51.10 -4.74
C ASP E 518 6.76 -50.06 -5.34
N SER E 519 7.98 -50.43 -5.72
CA SER E 519 8.93 -49.51 -6.34
C SER E 519 9.55 -50.15 -7.57
N VAL E 520 10.54 -49.50 -8.15
CA VAL E 520 11.21 -49.99 -9.35
C VAL E 520 12.65 -50.29 -9.01
N SER E 521 13.16 -51.40 -9.52
CA SER E 521 14.54 -51.78 -9.28
C SER E 521 15.49 -50.77 -9.92
N HIS E 522 16.70 -50.72 -9.38
CA HIS E 522 17.70 -49.79 -9.91
C HIS E 522 18.02 -50.10 -11.36
N PHE E 523 18.16 -51.38 -11.69
CA PHE E 523 18.47 -51.77 -13.06
C PHE E 523 17.39 -51.30 -14.02
N ASN E 524 16.12 -51.51 -13.65
CA ASN E 524 15.02 -51.09 -14.51
C ASN E 524 14.96 -49.57 -14.62
N ARG E 525 15.27 -48.87 -13.53
CA ARG E 525 15.29 -47.40 -13.59
C ARG E 525 16.38 -46.93 -14.54
N LEU E 526 17.52 -47.60 -14.56
CA LEU E 526 18.60 -47.20 -15.46
C LEU E 526 18.25 -47.50 -16.91
N PHE E 527 17.76 -48.70 -17.20
CA PHE E 527 17.70 -49.18 -18.57
C PHE E 527 16.30 -49.35 -19.14
N ASN E 528 15.25 -49.27 -18.34
CA ASN E 528 13.91 -49.59 -18.82
C ASN E 528 12.89 -48.56 -18.34
N THR E 529 13.25 -47.27 -18.41
CA THR E 529 12.34 -46.19 -18.01
C THR E 529 12.53 -45.00 -18.93
N PRO E 530 11.82 -44.98 -20.07
CA PRO E 530 10.96 -46.03 -20.61
C PRO E 530 11.73 -46.95 -21.54
N PRO E 531 11.22 -48.14 -21.82
CA PRO E 531 11.90 -49.04 -22.76
C PRO E 531 11.90 -48.45 -24.16
N LEU E 532 12.93 -48.80 -24.93
CA LEU E 532 13.03 -48.33 -26.31
C LEU E 532 11.86 -48.84 -27.12
N LYS E 533 11.82 -50.15 -27.33
CA LYS E 533 10.60 -50.83 -27.78
C LYS E 533 10.32 -52.12 -27.04
N GLY E 534 11.34 -52.83 -26.56
CA GLY E 534 11.17 -53.99 -25.73
C GLY E 534 11.98 -53.84 -24.45
N LYS E 535 12.09 -54.88 -23.65
CA LYS E 535 12.78 -54.81 -22.37
C LYS E 535 14.14 -55.47 -22.49
N ILE E 536 15.20 -54.70 -22.24
CA ILE E 536 16.54 -55.27 -22.12
C ILE E 536 16.66 -55.90 -20.74
N PHE E 537 17.03 -57.17 -20.70
CA PHE E 537 17.21 -57.87 -19.45
C PHE E 537 18.55 -58.59 -19.43
N GLU E 538 19.07 -58.78 -18.22
CA GLU E 538 20.41 -59.34 -18.03
C GLU E 538 20.53 -60.75 -18.58
N ALA E 539 19.53 -61.60 -18.37
CA ALA E 539 19.70 -63.04 -18.54
C ALA E 539 19.84 -63.39 -20.03
N ASP E 540 20.95 -62.93 -20.60
CA ASP E 540 21.32 -63.26 -21.95
C ASP E 540 22.61 -64.09 -22.00
N GLY E 541 23.69 -63.59 -21.41
CA GLY E 541 24.97 -64.24 -21.52
C GLY E 541 25.51 -64.32 -22.93
N ASN E 542 24.89 -63.64 -23.88
CA ASN E 542 25.31 -63.71 -25.28
C ASN E 542 26.31 -62.60 -25.58
N THR E 543 27.31 -62.94 -26.37
CA THR E 543 28.32 -61.98 -26.77
C THR E 543 27.72 -60.98 -27.75
N VAL E 544 27.92 -59.71 -27.47
CA VAL E 544 27.49 -58.62 -28.34
C VAL E 544 28.71 -57.79 -28.71
N SER E 545 28.78 -57.38 -29.97
CA SER E 545 29.89 -56.59 -30.46
C SER E 545 29.64 -55.12 -30.17
N ILE E 546 30.64 -54.44 -29.63
CA ILE E 546 30.55 -53.01 -29.36
C ILE E 546 31.51 -52.23 -30.24
N ASP E 547 31.93 -52.81 -31.35
CA ASP E 547 32.81 -52.11 -32.28
C ASP E 547 32.06 -50.95 -32.91
N PRO E 548 32.57 -49.72 -32.81
CA PRO E 548 31.85 -48.58 -33.43
C PRO E 548 31.70 -48.71 -34.93
N ASP E 549 32.66 -49.34 -35.60
CA ASP E 549 32.64 -49.49 -37.05
C ASP E 549 31.85 -50.70 -37.52
N GLU E 550 30.90 -51.17 -36.71
CA GLU E 550 30.12 -52.36 -37.05
C GLU E 550 28.81 -51.94 -37.70
N GLU E 551 28.52 -52.53 -38.85
CA GLU E 551 27.23 -52.34 -39.49
C GLU E 551 26.15 -53.10 -38.73
N GLN E 552 24.90 -52.65 -38.89
CA GLN E 552 23.71 -53.26 -38.28
C GLN E 552 23.94 -53.56 -36.79
N SER E 553 24.11 -52.50 -36.03
CA SER E 553 24.35 -52.63 -34.60
C SER E 553 23.18 -53.30 -33.90
N THR E 554 23.51 -54.09 -32.88
CA THR E 554 22.51 -54.86 -32.14
C THR E 554 21.72 -53.93 -31.22
N PHE E 555 20.45 -54.28 -31.01
CA PHE E 555 19.59 -53.48 -30.13
C PHE E 555 20.16 -53.41 -28.71
N ALA E 556 20.81 -54.48 -28.25
CA ALA E 556 21.35 -54.47 -26.90
C ALA E 556 22.40 -53.38 -26.73
N ARG E 557 23.25 -53.19 -27.74
CA ARG E 557 24.25 -52.13 -27.67
C ARG E 557 23.60 -50.76 -27.56
N SER E 558 22.54 -50.53 -28.33
CA SER E 558 21.85 -49.25 -28.27
C SER E 558 21.21 -49.02 -26.91
N ALA E 559 20.59 -50.06 -26.35
CA ALA E 559 19.99 -49.93 -25.02
C ALA E 559 21.05 -49.62 -23.97
N LEU E 560 22.20 -50.31 -24.05
CA LEU E 560 23.29 -50.03 -23.12
C LEU E 560 23.80 -48.61 -23.28
N MET E 561 23.92 -48.15 -24.52
CA MET E 561 24.37 -46.79 -24.77
C MET E 561 23.43 -45.77 -24.17
N ARG E 562 22.13 -45.96 -24.35
CA ARG E 562 21.17 -45.01 -23.78
C ARG E 562 21.16 -45.07 -22.27
N GLY E 563 21.34 -46.26 -21.70
CA GLY E 563 21.40 -46.37 -20.25
C GLY E 563 22.58 -45.65 -19.66
N LEU E 564 23.76 -45.83 -20.24
CA LEU E 564 24.96 -45.19 -19.71
C LEU E 564 25.11 -43.75 -20.14
N GLY E 565 24.32 -43.29 -21.11
CA GLY E 565 24.43 -41.93 -21.59
C GLY E 565 25.71 -41.60 -22.31
N VAL E 566 26.20 -42.51 -23.15
CA VAL E 566 27.40 -42.29 -23.95
C VAL E 566 27.13 -42.76 -25.36
N ASN E 567 27.96 -42.28 -26.30
CA ASN E 567 27.87 -42.70 -27.68
C ASN E 567 28.74 -43.94 -27.91
N SER E 568 28.82 -44.37 -29.17
CA SER E 568 29.54 -45.60 -29.48
C SER E 568 31.02 -45.49 -29.17
N GLY E 569 31.64 -44.36 -29.51
CA GLY E 569 33.06 -44.21 -29.26
C GLY E 569 33.40 -44.22 -27.78
N GLU E 570 32.60 -43.53 -26.98
CA GLU E 570 32.81 -43.55 -25.53
C GLU E 570 32.60 -44.94 -24.97
N LEU E 571 31.62 -45.68 -25.49
CA LEU E 571 31.41 -47.04 -25.03
C LEU E 571 32.61 -47.92 -25.36
N TYR E 572 33.19 -47.76 -26.56
CA TYR E 572 34.38 -48.52 -26.90
C TYR E 572 35.54 -48.15 -25.99
N GLN E 573 35.71 -46.86 -25.69
CA GLN E 573 36.77 -46.46 -24.78
C GLN E 573 36.57 -47.06 -23.39
N LEU E 574 35.34 -47.06 -22.90
CA LEU E 574 35.07 -47.64 -21.59
C LEU E 574 35.36 -49.14 -21.59
N GLY E 575 34.98 -49.83 -22.66
CA GLY E 575 35.28 -51.25 -22.75
C GLY E 575 36.78 -51.52 -22.75
N LYS E 576 37.53 -50.71 -23.48
CA LYS E 576 38.99 -50.89 -23.48
C LYS E 576 39.58 -50.60 -22.11
N LEU E 577 39.08 -49.57 -21.43
CA LEU E 577 39.64 -49.20 -20.13
C LEU E 577 39.32 -50.24 -19.07
N ALA E 578 38.09 -50.75 -19.04
CA ALA E 578 37.72 -51.73 -18.04
C ALA E 578 38.33 -53.10 -18.30
N GLY E 579 38.72 -53.39 -19.54
CA GLY E 579 39.31 -54.67 -19.86
C GLY E 579 38.33 -55.80 -20.10
N VAL E 580 37.03 -55.54 -20.04
CA VAL E 580 36.04 -56.56 -20.34
C VAL E 580 35.98 -56.90 -21.81
N LEU E 581 36.65 -56.13 -22.66
CA LEU E 581 36.65 -56.39 -24.09
C LEU E 581 37.37 -57.70 -24.39
N ASP E 582 36.89 -58.38 -25.42
CA ASP E 582 37.49 -59.64 -25.89
C ASP E 582 37.99 -59.43 -27.31
N ALA E 583 38.50 -60.50 -27.91
CA ALA E 583 38.89 -60.46 -29.31
C ALA E 583 37.67 -60.22 -30.18
N GLN E 584 37.90 -59.62 -31.34
CA GLN E 584 36.84 -59.19 -32.26
C GLN E 584 35.88 -58.20 -31.61
N ASN E 585 36.29 -57.58 -30.50
CA ASN E 585 35.52 -56.52 -29.84
C ASN E 585 34.11 -56.98 -29.49
N THR E 586 34.03 -58.01 -28.65
CA THR E 586 32.76 -58.53 -28.18
C THR E 586 32.80 -58.64 -26.66
N ILE E 587 31.66 -58.39 -26.04
CA ILE E 587 31.55 -58.48 -24.58
C ILE E 587 30.38 -59.40 -24.23
N THR E 588 30.49 -60.03 -23.07
CA THR E 588 29.44 -60.91 -22.56
C THR E 588 28.52 -60.10 -21.66
N LEU E 589 27.23 -60.12 -21.97
CA LEU E 589 26.26 -59.33 -21.22
C LEU E 589 26.02 -59.98 -19.87
N SER E 590 26.87 -59.65 -18.90
CA SER E 590 26.71 -60.12 -17.54
C SER E 590 26.53 -58.92 -16.63
N VAL E 591 25.90 -59.16 -15.47
CA VAL E 591 25.71 -58.08 -14.51
C VAL E 591 27.06 -57.52 -14.07
N PHE E 592 28.08 -58.39 -13.99
CA PHE E 592 29.41 -57.93 -13.62
C PHE E 592 29.94 -56.91 -14.62
N VAL E 593 29.81 -57.20 -15.91
CA VAL E 593 30.37 -56.32 -16.94
C VAL E 593 29.63 -55.00 -16.97
N ILE E 594 28.29 -55.05 -16.95
CA ILE E 594 27.50 -53.83 -16.97
C ILE E 594 27.77 -53.00 -15.72
N SER E 595 27.93 -53.66 -14.58
CA SER E 595 28.27 -52.95 -13.36
C SER E 595 29.61 -52.27 -13.47
N SER E 596 30.60 -52.93 -14.08
CA SER E 596 31.90 -52.30 -14.27
C SER E 596 31.79 -51.05 -15.13
N LEU E 597 31.08 -51.15 -16.25
CA LEU E 597 30.95 -50.00 -17.14
C LEU E 597 30.21 -48.85 -16.45
N TYR E 598 29.13 -49.16 -15.74
CA TYR E 598 28.40 -48.11 -15.05
C TYR E 598 29.23 -47.51 -13.92
N ARG E 599 30.10 -48.31 -13.28
CA ARG E 599 30.99 -47.77 -12.27
C ARG E 599 31.96 -46.77 -12.88
N LEU E 600 32.51 -47.09 -14.06
CA LEU E 600 33.39 -46.13 -14.73
C LEU E 600 32.64 -44.86 -15.07
N THR E 601 31.42 -44.98 -15.56
CA THR E 601 30.62 -43.79 -15.87
C THR E 601 30.36 -42.95 -14.62
N LEU E 602 30.04 -43.61 -13.51
CA LEU E 602 29.81 -42.88 -12.26
C LEU E 602 31.07 -42.16 -11.81
N LEU E 603 32.22 -42.84 -11.90
CA LEU E 603 33.48 -42.22 -11.53
C LEU E 603 33.73 -40.97 -12.35
N ALA E 604 33.46 -41.04 -13.66
CA ALA E 604 33.63 -39.86 -14.49
C ALA E 604 32.65 -38.75 -14.09
N ARG E 605 31.41 -39.12 -13.79
CA ARG E 605 30.37 -38.10 -13.58
C ARG E 605 30.56 -37.37 -12.26
N VAL E 606 30.90 -38.09 -11.19
CA VAL E 606 30.92 -37.47 -9.87
C VAL E 606 31.99 -36.38 -9.76
N HIS E 607 33.04 -36.45 -10.57
CA HIS E 607 34.12 -35.48 -10.52
C HIS E 607 34.04 -34.45 -11.63
N GLN E 608 32.90 -34.37 -12.33
CA GLN E 608 32.70 -33.42 -13.43
C GLN E 608 33.77 -33.60 -14.51
N LEU E 609 33.96 -34.86 -14.92
CA LEU E 609 34.90 -35.20 -15.97
C LEU E 609 34.20 -35.95 -17.07
N THR E 610 34.52 -35.61 -18.32
CA THR E 610 34.05 -36.40 -19.44
C THR E 610 34.84 -37.71 -19.52
N VAL E 611 34.38 -38.61 -20.38
CA VAL E 611 35.02 -39.92 -20.49
C VAL E 611 36.45 -39.78 -20.97
N ASN E 612 36.68 -38.91 -21.97
CA ASN E 612 38.04 -38.72 -22.47
C ASN E 612 38.96 -38.18 -21.38
N GLU E 613 38.48 -37.21 -20.61
CA GLU E 613 39.29 -36.65 -19.53
C GLU E 613 39.60 -37.72 -18.49
N LEU E 614 38.62 -38.58 -18.19
CA LEU E 614 38.86 -39.67 -17.25
C LEU E 614 39.91 -40.63 -17.78
N CYS E 615 39.87 -40.94 -19.07
CA CYS E 615 40.88 -41.81 -19.65
C CYS E 615 42.26 -41.19 -19.56
N MET E 616 42.37 -39.90 -19.85
CA MET E 616 43.66 -39.23 -19.75
C MET E 616 44.17 -39.23 -18.31
N LEU E 617 43.30 -38.92 -17.35
CA LEU E 617 43.72 -38.89 -15.96
C LEU E 617 44.14 -40.27 -15.48
N TYR E 618 43.40 -41.31 -15.89
CA TYR E 618 43.79 -42.66 -15.56
C TYR E 618 45.14 -43.02 -16.15
N GLY E 619 45.40 -42.58 -17.39
CA GLY E 619 46.71 -42.79 -17.97
C GLY E 619 47.81 -42.14 -17.17
N LEU E 620 47.55 -40.94 -16.66
CA LEU E 620 48.53 -40.27 -15.81
C LEU E 620 48.61 -40.87 -14.42
N SER E 621 47.60 -41.62 -14.00
CA SER E 621 47.54 -42.14 -12.64
C SER E 621 48.55 -43.26 -12.42
N PRO E 622 48.89 -43.55 -11.16
CA PRO E 622 49.77 -44.71 -10.90
C PRO E 622 49.09 -46.05 -11.16
N PHE E 623 47.80 -46.06 -11.47
CA PHE E 623 47.10 -47.30 -11.77
C PHE E 623 47.09 -47.62 -13.25
N ASN E 624 47.79 -46.85 -14.07
CA ASN E 624 47.79 -47.10 -15.51
C ASN E 624 48.44 -48.45 -15.81
N GLY E 625 47.97 -49.08 -16.88
CA GLY E 625 48.40 -50.42 -17.20
C GLY E 625 47.63 -51.52 -16.48
N LYS E 626 46.65 -51.17 -15.66
CA LYS E 626 45.83 -52.14 -14.96
C LYS E 626 44.37 -51.87 -15.30
N THR E 627 43.68 -52.88 -15.82
CA THR E 627 42.26 -52.74 -16.12
C THR E 627 41.47 -52.62 -14.83
N THR E 628 40.46 -51.75 -14.84
CA THR E 628 39.70 -51.49 -13.62
C THR E 628 38.92 -52.71 -13.16
N ALA E 629 38.52 -53.58 -14.08
CA ALA E 629 37.80 -54.79 -13.67
C ALA E 629 38.68 -55.69 -12.81
N SER E 630 39.95 -55.82 -13.18
CA SER E 630 40.90 -56.64 -12.42
C SER E 630 41.57 -55.84 -11.30
N LEU E 631 40.75 -55.22 -10.46
CA LEU E 631 41.24 -54.44 -9.33
C LEU E 631 40.79 -55.10 -8.03
N SER E 632 41.72 -55.19 -7.08
CA SER E 632 41.41 -55.77 -5.79
C SER E 632 40.45 -54.88 -5.02
N SER E 633 39.78 -55.48 -4.03
CA SER E 633 38.83 -54.73 -3.23
C SER E 633 39.49 -53.58 -2.47
N GLY E 634 40.77 -53.71 -2.17
CA GLY E 634 41.49 -52.67 -1.47
C GLY E 634 42.11 -51.61 -2.35
N GLU E 635 41.91 -51.68 -3.67
CA GLU E 635 42.51 -50.74 -4.60
C GLU E 635 41.51 -49.75 -5.17
N LEU E 636 40.25 -50.15 -5.34
CA LEU E 636 39.25 -49.23 -5.88
C LEU E 636 39.06 -48.00 -4.99
N PRO E 637 38.93 -48.10 -3.67
CA PRO E 637 38.87 -46.88 -2.86
C PRO E 637 40.12 -46.02 -2.98
N ARG E 638 41.29 -46.64 -3.13
CA ARG E 638 42.50 -45.86 -3.32
C ARG E 638 42.43 -45.08 -4.63
N LEU E 639 41.97 -45.72 -5.69
CA LEU E 639 41.84 -45.01 -6.96
C LEU E 639 40.85 -43.87 -6.86
N VAL E 640 39.71 -44.09 -6.19
CA VAL E 640 38.71 -43.05 -6.12
C VAL E 640 39.20 -41.88 -5.27
N ILE E 641 39.94 -42.16 -4.20
CA ILE E 641 40.46 -41.08 -3.36
C ILE E 641 41.53 -40.31 -4.12
N TRP E 642 42.35 -41.01 -4.91
CA TRP E 642 43.35 -40.32 -5.71
C TRP E 642 42.69 -39.41 -6.73
N LEU E 643 41.64 -39.90 -7.39
CA LEU E 643 40.94 -39.07 -8.36
C LEU E 643 40.33 -37.84 -7.71
N TYR E 644 39.69 -38.02 -6.56
CA TYR E 644 39.07 -36.89 -5.87
C TYR E 644 40.12 -35.86 -5.48
N GLN E 645 41.24 -36.32 -4.92
CA GLN E 645 42.28 -35.39 -4.50
C GLN E 645 42.87 -34.64 -5.69
N VAL E 646 43.15 -35.34 -6.79
CA VAL E 646 43.73 -34.68 -7.95
C VAL E 646 42.78 -33.66 -8.54
N THR E 647 41.50 -34.02 -8.67
CA THR E 647 40.53 -33.07 -9.22
C THR E 647 40.38 -31.85 -8.32
N GLN E 648 40.35 -32.06 -7.01
CA GLN E 648 40.25 -30.92 -6.10
C GLN E 648 41.46 -30.00 -6.24
N TRP E 649 42.66 -30.57 -6.32
CA TRP E 649 43.85 -29.75 -6.47
C TRP E 649 43.81 -28.98 -7.79
N LEU E 650 43.39 -29.63 -8.87
CA LEU E 650 43.33 -28.96 -10.16
C LEU E 650 42.33 -27.81 -10.13
N THR E 651 41.17 -28.02 -9.50
CA THR E 651 40.19 -26.96 -9.40
C THR E 651 40.73 -25.79 -8.57
N GLU E 652 41.41 -26.10 -7.46
CA GLU E 652 41.93 -25.04 -6.60
C GLU E 652 43.02 -24.24 -7.31
N ALA E 653 43.91 -24.91 -8.03
CA ALA E 653 45.03 -24.25 -8.68
C ALA E 653 44.70 -23.66 -10.04
N GLU E 654 43.45 -23.81 -10.49
CA GLU E 654 43.00 -23.24 -11.77
C GLU E 654 43.81 -23.79 -12.94
N ILE E 655 43.96 -25.11 -12.97
CA ILE E 655 44.63 -25.81 -14.06
C ILE E 655 43.62 -26.76 -14.69
N THR E 656 43.40 -26.61 -15.99
CA THR E 656 42.47 -27.50 -16.67
C THR E 656 43.10 -28.87 -16.90
N THR E 657 42.25 -29.86 -17.16
CA THR E 657 42.74 -31.21 -17.39
C THR E 657 43.61 -31.30 -18.63
N GLU E 658 43.28 -30.51 -19.66
CA GLU E 658 44.12 -30.50 -20.85
C GLU E 658 45.53 -30.00 -20.54
N ALA E 659 45.64 -28.96 -19.72
CA ALA E 659 46.94 -28.42 -19.38
C ALA E 659 47.79 -29.44 -18.64
N ILE E 660 47.21 -30.10 -17.64
CA ILE E 660 47.99 -31.09 -16.89
C ILE E 660 48.32 -32.29 -17.77
N TRP E 661 47.43 -32.65 -18.68
CA TRP E 661 47.75 -33.72 -19.62
C TRP E 661 48.95 -33.36 -20.47
N LEU E 662 48.95 -32.15 -21.04
CA LEU E 662 50.09 -31.71 -21.84
C LEU E 662 51.35 -31.62 -20.99
N LEU E 663 51.20 -31.33 -19.70
CA LEU E 663 52.37 -31.20 -18.83
C LEU E 663 53.00 -32.56 -18.53
N CYS E 664 52.18 -33.59 -18.32
CA CYS E 664 52.69 -34.85 -17.81
C CYS E 664 52.57 -36.03 -18.77
N THR E 665 52.09 -35.82 -19.99
CA THR E 665 51.98 -36.92 -20.92
C THR E 665 53.36 -37.39 -21.38
N PRO E 666 53.50 -38.69 -21.67
CA PRO E 666 54.74 -39.17 -22.28
C PRO E 666 54.73 -39.17 -23.80
N GLU E 667 53.56 -39.00 -24.43
CA GLU E 667 53.49 -39.02 -25.88
C GLU E 667 54.03 -37.72 -26.47
N PHE E 668 54.63 -37.85 -27.65
CA PHE E 668 55.16 -36.70 -28.36
C PHE E 668 54.86 -36.85 -29.85
N SER E 669 54.93 -35.72 -30.56
CA SER E 669 54.58 -35.72 -31.98
C SER E 669 55.54 -36.60 -32.78
N GLY E 670 56.83 -36.55 -32.47
CA GLY E 670 57.81 -37.29 -33.21
C GLY E 670 58.37 -36.57 -34.42
N ASN E 671 57.86 -35.37 -34.72
CA ASN E 671 58.35 -34.58 -35.83
C ASN E 671 59.07 -33.36 -35.28
N ILE E 672 60.18 -32.99 -35.93
CA ILE E 672 60.92 -31.81 -35.51
C ILE E 672 60.06 -30.58 -35.71
N SER E 673 60.22 -29.61 -34.83
CA SER E 673 59.36 -28.44 -34.80
C SER E 673 60.15 -27.19 -35.20
N PRO E 674 59.46 -26.14 -35.64
CA PRO E 674 60.18 -24.90 -36.00
C PRO E 674 60.97 -24.31 -34.85
N GLU E 675 60.48 -24.43 -33.60
CA GLU E 675 61.25 -23.92 -32.47
C GLU E 675 62.57 -24.68 -32.33
N ILE E 676 62.54 -26.00 -32.47
CA ILE E 676 63.76 -26.78 -32.36
C ILE E 676 64.69 -26.46 -33.52
N SER E 677 64.15 -26.26 -34.72
CA SER E 677 64.98 -25.89 -35.86
C SER E 677 65.67 -24.55 -35.62
N ASN E 678 64.93 -23.56 -35.11
CA ASN E 678 65.54 -22.28 -34.79
C ASN E 678 66.61 -22.43 -33.72
N LEU E 679 66.35 -23.26 -32.71
CA LEU E 679 67.34 -23.46 -31.66
C LEU E 679 68.62 -24.05 -32.23
N LEU E 680 68.49 -25.06 -33.08
CA LEU E 680 69.68 -25.68 -33.67
C LEU E 680 70.43 -24.69 -34.55
N ASN E 681 69.70 -23.91 -35.36
CA ASN E 681 70.35 -22.96 -36.26
C ASN E 681 71.09 -21.89 -35.49
N ASN E 682 70.50 -21.38 -34.40
CA ASN E 682 71.16 -20.37 -33.61
C ASN E 682 72.25 -20.94 -32.71
N LEU E 683 72.22 -22.24 -32.45
CA LEU E 683 73.19 -22.84 -31.53
C LEU E 683 74.42 -23.38 -32.23
N ARG E 684 74.31 -23.81 -33.49
CA ARG E 684 75.45 -24.39 -34.18
C ARG E 684 76.66 -23.46 -34.25
N PRO E 685 76.54 -22.20 -34.66
CA PRO E 685 77.75 -21.36 -34.75
C PRO E 685 78.45 -21.13 -33.43
N SER E 686 77.72 -21.03 -32.33
CA SER E 686 78.29 -20.69 -31.03
C SER E 686 78.72 -21.91 -30.24
N ILE E 687 78.97 -23.04 -30.91
CA ILE E 687 79.36 -24.27 -30.25
C ILE E 687 80.50 -24.90 -31.04
N SER E 688 81.22 -25.81 -30.39
CA SER E 688 82.32 -26.50 -31.04
C SER E 688 82.44 -27.90 -30.46
N GLU E 689 83.14 -28.77 -31.20
CA GLU E 689 83.28 -30.15 -30.77
C GLU E 689 84.09 -30.26 -29.48
N ASP E 690 84.99 -29.31 -29.23
CA ASP E 690 85.88 -29.40 -28.08
C ASP E 690 85.08 -29.42 -26.78
N MET E 691 84.12 -28.51 -26.63
CA MET E 691 83.31 -28.50 -25.41
C MET E 691 82.30 -29.64 -25.39
N ALA E 692 81.98 -30.22 -26.55
CA ALA E 692 81.09 -31.37 -26.56
C ALA E 692 81.75 -32.60 -25.96
N GLN E 693 83.07 -32.73 -26.11
CA GLN E 693 83.80 -33.88 -25.60
C GLN E 693 84.27 -33.72 -24.16
N SER E 694 84.15 -32.52 -23.59
CA SER E 694 84.55 -32.33 -22.20
C SER E 694 83.60 -33.06 -21.26
N HIS E 695 84.13 -33.51 -20.14
CA HIS E 695 83.35 -34.24 -19.16
C HIS E 695 82.73 -33.35 -18.10
N ASN E 696 82.97 -32.05 -18.15
CA ASN E 696 82.42 -31.10 -17.18
C ASN E 696 81.02 -30.73 -17.63
N ARG E 697 80.01 -31.44 -17.11
CA ARG E 697 78.64 -31.16 -17.52
C ARG E 697 78.16 -29.80 -17.01
N GLU E 698 78.73 -29.31 -15.91
CA GLU E 698 78.38 -27.99 -15.42
C GLU E 698 78.76 -26.91 -16.43
N LEU E 699 79.96 -27.01 -17.01
CA LEU E 699 80.37 -26.04 -18.01
C LEU E 699 79.48 -26.10 -19.24
N GLN E 700 79.11 -27.30 -19.66
CA GLN E 700 78.22 -27.43 -20.82
C GLN E 700 76.85 -26.83 -20.53
N ALA E 701 76.33 -27.04 -19.32
CA ALA E 701 75.06 -26.43 -18.96
C ALA E 701 75.17 -24.91 -18.96
N GLU E 702 76.27 -24.37 -18.43
CA GLU E 702 76.46 -22.92 -18.47
C GLU E 702 76.52 -22.41 -19.89
N ILE E 703 77.18 -23.15 -20.79
CA ILE E 703 77.28 -22.74 -22.18
C ILE E 703 75.91 -22.73 -22.84
N LEU E 704 75.12 -23.79 -22.63
CA LEU E 704 73.85 -23.94 -23.32
C LEU E 704 72.70 -23.21 -22.68
N ALA E 705 72.88 -22.66 -21.48
CA ALA E 705 71.75 -22.06 -20.77
C ALA E 705 71.05 -20.94 -21.54
N PRO E 706 71.74 -19.92 -22.06
CA PRO E 706 71.01 -18.79 -22.66
C PRO E 706 70.13 -19.17 -23.83
N PHE E 707 70.58 -20.10 -24.68
CA PHE E 707 69.77 -20.47 -25.83
C PHE E 707 68.54 -21.25 -25.41
N ILE E 708 68.68 -22.14 -24.43
CA ILE E 708 67.53 -22.86 -23.91
C ILE E 708 66.54 -21.88 -23.28
N ALA E 709 67.05 -20.89 -22.56
CA ALA E 709 66.16 -19.89 -21.98
C ALA E 709 65.43 -19.12 -23.06
N ALA E 710 66.13 -18.77 -24.15
CA ALA E 710 65.49 -18.04 -25.23
C ALA E 710 64.40 -18.87 -25.90
N THR E 711 64.67 -20.15 -26.14
CA THR E 711 63.71 -20.98 -26.86
C THR E 711 62.55 -21.46 -26.00
N LEU E 712 62.58 -21.22 -24.69
CA LEU E 712 61.52 -21.64 -23.79
C LEU E 712 60.89 -20.47 -23.04
N HIS E 713 61.23 -19.24 -23.40
CA HIS E 713 60.67 -18.04 -22.77
C HIS E 713 60.90 -18.03 -21.26
N LEU E 714 62.07 -18.51 -20.84
CA LEU E 714 62.39 -18.55 -19.43
C LEU E 714 62.85 -17.17 -18.96
N ALA E 715 62.77 -16.96 -17.65
CA ALA E 715 63.06 -15.64 -17.09
C ALA E 715 64.54 -15.30 -17.18
N SER E 716 65.40 -16.20 -16.75
CA SER E 716 66.83 -15.92 -16.64
C SER E 716 67.61 -17.15 -17.05
N PRO E 717 68.87 -16.96 -17.47
CA PRO E 717 69.70 -18.12 -17.85
C PRO E 717 69.90 -19.13 -16.74
N ASP E 718 69.86 -18.70 -15.47
CA ASP E 718 70.06 -19.65 -14.38
C ASP E 718 68.94 -20.68 -14.33
N MET E 719 67.70 -20.24 -14.53
CA MET E 719 66.59 -21.19 -14.59
C MET E 719 66.78 -22.18 -15.71
N ALA E 720 67.25 -21.72 -16.87
CA ALA E 720 67.52 -22.62 -17.97
C ALA E 720 68.60 -23.63 -17.63
N ARG E 721 69.65 -23.17 -16.94
CA ARG E 721 70.73 -24.09 -16.56
C ARG E 721 70.22 -25.17 -15.62
N TYR E 722 69.39 -24.79 -14.65
CA TYR E 722 68.89 -25.79 -13.71
C TYR E 722 67.90 -26.74 -14.37
N ILE E 723 67.09 -26.23 -15.30
CA ILE E 723 66.22 -27.11 -16.07
C ILE E 723 67.04 -28.10 -16.89
N LEU E 724 68.14 -27.63 -17.47
CA LEU E 724 69.01 -28.52 -18.24
C LEU E 724 69.61 -29.59 -17.34
N LEU E 725 70.05 -29.22 -16.14
CA LEU E 725 70.61 -30.20 -15.23
C LEU E 725 69.56 -31.24 -14.83
N TRP E 726 68.34 -30.78 -14.56
CA TRP E 726 67.27 -31.71 -14.22
C TRP E 726 67.00 -32.69 -15.36
N THR E 727 66.94 -32.17 -16.59
CA THR E 727 66.71 -33.05 -17.74
C THR E 727 67.85 -34.03 -17.92
N ASP E 728 69.09 -33.58 -17.71
CA ASP E 728 70.23 -34.49 -17.83
C ASP E 728 70.14 -35.59 -16.78
N ASN E 729 69.71 -35.25 -15.57
CA ASN E 729 69.50 -36.28 -14.56
C ASN E 729 68.40 -37.25 -14.99
N LEU E 730 67.36 -36.74 -15.64
CA LEU E 730 66.27 -37.60 -16.08
C LEU E 730 66.70 -38.58 -17.15
N ARG E 731 67.56 -38.13 -18.08
CA ARG E 731 67.97 -38.92 -19.25
C ARG E 731 66.75 -39.43 -20.00
N PRO E 732 66.05 -38.55 -20.72
CA PRO E 732 64.77 -38.94 -21.35
C PRO E 732 64.88 -40.11 -22.31
N GLY E 733 65.70 -39.97 -23.34
CA GLY E 733 65.84 -41.04 -24.32
C GLY E 733 67.22 -41.62 -24.33
N GLY E 734 67.82 -41.76 -23.15
CA GLY E 734 69.20 -42.19 -23.07
C GLY E 734 70.20 -41.13 -23.45
N LEU E 735 69.76 -39.88 -23.59
CA LEU E 735 70.62 -38.79 -24.00
C LEU E 735 71.00 -37.94 -22.80
N ASP E 736 72.30 -37.76 -22.59
CA ASP E 736 72.79 -36.83 -21.60
C ASP E 736 73.03 -35.48 -22.26
N ILE E 737 73.68 -34.56 -21.55
CA ILE E 737 74.01 -33.27 -22.15
C ILE E 737 75.00 -33.45 -23.29
N ALA E 738 76.02 -34.30 -23.09
CA ALA E 738 77.01 -34.51 -24.15
C ALA E 738 76.39 -35.13 -25.38
N GLY E 739 75.47 -36.07 -25.20
CA GLY E 739 74.80 -36.66 -26.35
C GLY E 739 74.00 -35.65 -27.14
N PHE E 740 73.29 -34.76 -26.45
CA PHE E 740 72.55 -33.70 -27.12
C PHE E 740 73.50 -32.76 -27.86
N MET E 741 74.62 -32.43 -27.23
CA MET E 741 75.60 -31.57 -27.89
C MET E 741 76.14 -32.20 -29.15
N THR E 742 76.46 -33.49 -29.11
CA THR E 742 76.97 -34.17 -30.30
C THR E 742 75.89 -34.26 -31.37
N LEU E 743 74.64 -34.50 -30.97
CA LEU E 743 73.56 -34.57 -31.94
C LEU E 743 73.37 -33.24 -32.65
N VAL E 744 73.49 -32.13 -31.92
CA VAL E 744 73.37 -30.82 -32.56
C VAL E 744 74.47 -30.64 -33.61
N LEU E 745 75.69 -31.07 -33.29
CA LEU E 745 76.83 -30.92 -34.19
C LEU E 745 76.84 -32.07 -35.20
N LYS E 746 75.83 -32.05 -36.07
CA LYS E 746 75.72 -33.03 -37.14
C LYS E 746 75.09 -32.37 -38.35
N GLU E 747 75.60 -32.69 -39.53
CA GLU E 747 75.11 -32.11 -40.78
C GLU E 747 73.88 -32.90 -41.25
N SER E 748 72.84 -32.85 -40.42
CA SER E 748 71.56 -33.51 -40.70
C SER E 748 71.71 -35.01 -40.90
N LEU E 749 72.77 -35.59 -40.33
CA LEU E 749 72.99 -37.03 -40.40
C LEU E 749 72.17 -37.71 -39.31
N ASN E 750 70.85 -37.61 -39.45
CA ASN E 750 69.91 -38.03 -38.41
C ASN E 750 68.99 -39.09 -39.02
N ALA E 751 69.30 -40.37 -38.76
CA ALA E 751 68.45 -41.45 -39.25
C ALA E 751 67.25 -41.68 -38.34
N ASN E 752 67.52 -42.11 -37.11
CA ASN E 752 66.47 -42.27 -36.11
C ASN E 752 66.75 -41.46 -34.85
N GLU E 753 67.89 -40.80 -34.77
CA GLU E 753 68.21 -39.95 -33.64
C GLU E 753 67.32 -38.72 -33.56
N THR E 754 66.57 -38.43 -34.63
CA THR E 754 65.55 -37.39 -34.53
C THR E 754 64.56 -37.71 -33.41
N THR E 755 64.25 -38.99 -33.22
CA THR E 755 63.37 -39.37 -32.12
C THR E 755 63.97 -38.99 -30.78
N GLN E 756 65.26 -39.28 -30.59
CA GLN E 756 65.91 -38.91 -29.33
C GLN E 756 65.92 -37.39 -29.15
N LEU E 757 66.22 -36.65 -30.21
CA LEU E 757 66.29 -35.20 -30.11
C LEU E 757 64.94 -34.61 -29.75
N VAL E 758 63.88 -35.04 -30.44
CA VAL E 758 62.57 -34.48 -30.16
C VAL E 758 62.09 -34.91 -28.79
N GLN E 759 62.43 -36.13 -28.35
CA GLN E 759 62.04 -36.54 -27.00
C GLN E 759 62.73 -35.69 -25.94
N PHE E 760 64.02 -35.43 -26.12
CA PHE E 760 64.75 -34.57 -25.18
C PHE E 760 64.14 -33.18 -25.14
N CYS E 761 63.87 -32.60 -26.32
CA CYS E 761 63.28 -31.27 -26.36
C CYS E 761 61.90 -31.26 -25.71
N HIS E 762 61.10 -32.30 -25.95
CA HIS E 762 59.76 -32.37 -25.37
C HIS E 762 59.82 -32.45 -23.85
N VAL E 763 60.72 -33.27 -23.32
CA VAL E 763 60.83 -33.37 -21.86
C VAL E 763 61.29 -32.04 -21.27
N MET E 764 62.25 -31.39 -21.91
CA MET E 764 62.71 -30.09 -21.43
C MET E 764 61.58 -29.07 -21.43
N ALA E 765 60.79 -29.04 -22.51
CA ALA E 765 59.67 -28.11 -22.57
C ALA E 765 58.64 -28.42 -21.49
N GLN E 766 58.37 -29.70 -21.25
CA GLN E 766 57.42 -30.06 -20.19
C GLN E 766 57.89 -29.56 -18.84
N LEU E 767 59.18 -29.77 -18.53
CA LEU E 767 59.69 -29.32 -17.23
C LEU E 767 59.62 -27.80 -17.11
N SER E 768 60.02 -27.08 -18.17
CA SER E 768 60.00 -25.63 -18.10
C SER E 768 58.58 -25.11 -17.94
N LEU E 769 57.63 -25.68 -18.67
CA LEU E 769 56.24 -25.26 -18.54
C LEU E 769 55.68 -25.56 -17.16
N SER E 770 56.04 -26.71 -16.59
CA SER E 770 55.59 -27.03 -15.24
C SER E 770 56.12 -26.02 -14.23
N VAL E 771 57.41 -25.68 -14.34
CA VAL E 771 57.98 -24.70 -13.43
C VAL E 771 57.32 -23.34 -13.60
N GLN E 772 57.09 -22.93 -14.84
CA GLN E 772 56.45 -21.63 -15.08
C GLN E 772 55.04 -21.59 -14.52
N THR E 773 54.27 -22.67 -14.71
CA THR E 773 52.92 -22.70 -14.15
C THR E 773 52.94 -22.70 -12.63
N LEU E 774 53.85 -23.46 -12.03
CA LEU E 774 53.97 -23.49 -10.58
C LEU E 774 54.45 -22.15 -10.02
N ARG E 775 54.98 -21.27 -10.86
CA ARG E 775 55.58 -20.01 -10.43
C ARG E 775 56.69 -20.26 -9.41
N LEU E 776 57.47 -21.31 -9.65
CA LEU E 776 58.56 -21.66 -8.75
C LEU E 776 59.65 -20.61 -8.83
N SER E 777 60.20 -20.24 -7.68
CA SER E 777 61.30 -19.29 -7.64
C SER E 777 62.59 -19.96 -8.08
N GLU E 778 63.57 -19.14 -8.43
CA GLU E 778 64.87 -19.67 -8.84
C GLU E 778 65.60 -20.32 -7.68
N ALA E 779 65.48 -19.75 -6.48
CA ALA E 779 66.19 -20.29 -5.33
C ALA E 779 65.71 -21.69 -4.98
N GLU E 780 64.39 -21.90 -4.96
CA GLU E 780 63.86 -23.22 -4.65
C GLU E 780 64.31 -24.24 -5.68
N LEU E 781 64.25 -23.87 -6.96
CA LEU E 781 64.68 -24.78 -8.02
C LEU E 781 66.15 -25.13 -7.88
N SER E 782 66.99 -24.14 -7.58
CA SER E 782 68.40 -24.40 -7.39
C SER E 782 68.64 -25.35 -6.24
N VAL E 783 67.98 -25.11 -5.11
CA VAL E 783 68.17 -25.95 -3.93
C VAL E 783 67.73 -27.37 -4.22
N LEU E 784 66.60 -27.54 -4.90
CA LEU E 784 66.11 -28.89 -5.17
C LEU E 784 67.00 -29.63 -6.16
N VAL E 785 67.39 -28.96 -7.25
CA VAL E 785 68.14 -29.65 -8.29
C VAL E 785 69.55 -29.98 -7.81
N ILE E 786 70.20 -29.04 -7.12
CA ILE E 786 71.56 -29.27 -6.65
C ILE E 786 71.59 -30.47 -5.70
N SER E 787 70.63 -30.53 -4.79
CA SER E 787 70.56 -31.64 -3.84
C SER E 787 70.13 -32.95 -4.49
N GLY E 788 69.72 -32.93 -5.75
CA GLY E 788 69.23 -34.14 -6.38
C GLY E 788 67.85 -34.54 -5.94
N PHE E 789 67.03 -33.57 -5.54
CA PHE E 789 65.65 -33.78 -5.11
C PHE E 789 65.56 -34.64 -3.85
N ALA E 790 66.65 -34.74 -3.10
CA ALA E 790 66.58 -35.40 -1.80
C ALA E 790 65.79 -34.57 -0.81
N VAL E 791 65.78 -33.26 -0.98
CA VAL E 791 65.04 -32.38 -0.08
C VAL E 791 63.54 -32.64 -0.21
N LEU E 792 63.04 -32.68 -1.44
CA LEU E 792 61.62 -32.90 -1.66
C LEU E 792 61.18 -34.28 -1.19
N GLY E 793 61.99 -35.29 -1.46
CA GLY E 793 61.65 -36.64 -1.07
C GLY E 793 60.59 -37.24 -1.95
N ALA E 794 60.31 -38.53 -1.72
CA ALA E 794 59.31 -39.24 -2.48
C ALA E 794 58.76 -40.38 -1.64
N LYS E 795 57.58 -40.84 -2.02
CA LYS E 795 56.90 -41.93 -1.30
C LYS E 795 57.15 -43.23 -2.04
N ASN E 796 58.15 -43.98 -1.57
CA ASN E 796 58.49 -45.31 -2.08
C ASN E 796 58.98 -45.28 -3.53
N GLN E 797 59.39 -44.11 -4.01
CA GLN E 797 59.91 -43.98 -5.36
C GLN E 797 61.27 -43.29 -5.31
N PRO E 798 62.13 -43.54 -6.30
CA PRO E 798 63.36 -42.75 -6.40
C PRO E 798 63.03 -41.28 -6.62
N ALA E 799 63.81 -40.41 -6.00
CA ALA E 799 63.56 -38.99 -6.10
C ALA E 799 63.90 -38.46 -7.49
N GLY E 800 63.30 -37.33 -7.84
CA GLY E 800 63.57 -36.68 -9.11
C GLY E 800 62.69 -37.11 -10.25
N GLN E 801 61.78 -38.06 -10.05
CA GLN E 801 60.87 -38.46 -11.10
C GLN E 801 59.92 -37.32 -11.43
N HIS E 802 59.44 -37.30 -12.67
CA HIS E 802 58.52 -36.27 -13.14
C HIS E 802 57.19 -36.92 -13.48
N ASN E 803 56.29 -36.93 -12.50
CA ASN E 803 54.92 -37.38 -12.71
C ASN E 803 53.99 -36.43 -11.99
N ILE E 804 52.69 -36.74 -12.03
CA ILE E 804 51.71 -35.84 -11.43
C ILE E 804 51.86 -35.79 -9.91
N ASP E 805 52.24 -36.90 -9.28
CA ASP E 805 52.37 -36.91 -7.83
C ASP E 805 53.49 -35.99 -7.37
N THR E 806 54.64 -36.04 -8.04
CA THR E 806 55.71 -35.12 -7.68
C THR E 806 55.33 -33.68 -7.96
N LEU E 807 54.52 -33.43 -8.99
CA LEU E 807 54.05 -32.08 -9.24
C LEU E 807 53.16 -31.58 -8.10
N PHE E 808 52.27 -32.44 -7.61
CA PHE E 808 51.44 -32.08 -6.48
C PHE E 808 52.28 -31.81 -5.24
N SER E 809 53.28 -32.66 -4.99
CA SER E 809 54.16 -32.45 -3.85
C SER E 809 54.91 -31.13 -3.99
N LEU E 810 55.38 -30.81 -5.19
CA LEU E 810 56.09 -29.56 -5.41
C LEU E 810 55.19 -28.37 -5.17
N TYR E 811 53.93 -28.46 -5.61
CA TYR E 811 52.99 -27.36 -5.37
C TYR E 811 52.79 -27.14 -3.87
N ARG E 812 52.60 -28.22 -3.12
CA ARG E 812 52.40 -28.08 -1.68
C ARG E 812 53.65 -27.51 -1.01
N PHE E 813 54.83 -27.99 -1.42
CA PHE E 813 56.07 -27.51 -0.83
C PHE E 813 56.27 -26.02 -1.10
N HIS E 814 56.00 -25.59 -2.33
CA HIS E 814 56.12 -24.17 -2.65
C HIS E 814 55.13 -23.33 -1.86
N GLN E 815 53.91 -23.85 -1.69
CA GLN E 815 52.93 -23.12 -0.88
C GLN E 815 53.42 -22.94 0.55
N TRP E 816 53.99 -24.00 1.14
CA TRP E 816 54.50 -23.90 2.50
C TRP E 816 55.65 -22.90 2.58
N ILE E 817 56.57 -22.94 1.61
CA ILE E 817 57.70 -22.01 1.64
C ILE E 817 57.22 -20.58 1.52
N ASN E 818 56.27 -20.32 0.62
CA ASN E 818 55.74 -18.98 0.46
C ASN E 818 55.06 -18.52 1.75
N GLY E 819 54.29 -19.38 2.38
CA GLY E 819 53.62 -19.00 3.61
C GLY E 819 54.54 -18.91 4.80
N LEU E 820 55.77 -19.39 4.70
CA LEU E 820 56.70 -19.31 5.81
C LEU E 820 56.99 -17.86 6.20
N GLY E 821 57.19 -17.01 5.21
CA GLY E 821 57.42 -15.60 5.49
C GLY E 821 58.83 -15.13 5.20
N ASN E 822 59.25 -14.07 5.89
CA ASN E 822 60.58 -13.51 5.64
C ASN E 822 61.71 -14.48 5.98
N PRO E 823 61.74 -15.15 7.15
CA PRO E 823 62.86 -16.05 7.42
C PRO E 823 62.80 -17.35 6.63
N GLY E 824 61.80 -17.54 5.79
CA GLY E 824 61.63 -18.82 5.12
C GLY E 824 62.86 -19.24 4.33
N SER E 825 63.47 -18.30 3.61
CA SER E 825 64.69 -18.59 2.86
C SER E 825 65.72 -19.24 3.78
N ASP E 826 65.96 -18.63 4.95
CA ASP E 826 66.92 -19.20 5.88
C ASP E 826 66.52 -20.62 6.26
N THR E 827 65.24 -20.84 6.54
CA THR E 827 64.79 -22.18 6.88
C THR E 827 65.12 -23.17 5.77
N LEU E 828 64.95 -22.74 4.52
CA LEU E 828 65.28 -23.62 3.40
C LEU E 828 66.73 -24.06 3.47
N ASP E 829 67.63 -23.13 3.82
CA ASP E 829 69.03 -23.51 3.98
C ASP E 829 69.18 -24.57 5.04
N MET E 830 68.51 -24.40 6.18
CA MET E 830 68.57 -25.41 7.23
C MET E 830 67.96 -26.72 6.76
N LEU E 831 67.01 -26.66 5.82
CA LEU E 831 66.49 -27.88 5.23
C LEU E 831 67.45 -28.47 4.21
N ARG E 832 68.25 -27.62 3.55
CA ARG E 832 69.25 -28.12 2.62
C ARG E 832 70.29 -28.98 3.34
N GLN E 833 70.72 -28.52 4.50
CA GLN E 833 71.50 -29.35 5.41
C GLN E 833 70.52 -30.17 6.25
N GLN E 834 71.01 -30.81 7.30
CA GLN E 834 70.16 -31.60 8.18
C GLN E 834 70.15 -31.03 9.59
N THR E 835 70.13 -29.70 9.69
CA THR E 835 70.20 -29.03 10.98
C THR E 835 68.85 -28.49 11.43
N LEU E 836 67.76 -28.82 10.74
CA LEU E 836 66.45 -28.36 11.14
C LEU E 836 65.98 -29.12 12.36
N THR E 837 65.55 -28.39 13.39
CA THR E 837 65.10 -28.98 14.63
C THR E 837 63.63 -28.66 14.87
N ALA E 838 62.99 -29.46 15.71
CA ALA E 838 61.57 -29.26 15.99
C ALA E 838 61.30 -27.91 16.64
N ASP E 839 62.17 -27.51 17.58
CA ASP E 839 61.97 -26.24 18.26
C ASP E 839 62.07 -25.07 17.29
N ARG E 840 63.05 -25.12 16.39
CA ARG E 840 63.20 -24.05 15.41
C ARG E 840 61.98 -23.96 14.50
N LEU E 841 61.48 -25.10 14.02
CA LEU E 841 60.31 -25.10 13.17
C LEU E 841 59.09 -24.56 13.90
N ALA E 842 58.90 -24.98 15.15
CA ALA E 842 57.76 -24.50 15.92
C ALA E 842 57.85 -22.99 16.14
N SER E 843 59.03 -22.48 16.45
CA SER E 843 59.18 -21.04 16.64
C SER E 843 58.94 -20.27 15.35
N VAL E 844 59.42 -20.81 14.22
CA VAL E 844 59.28 -20.11 12.95
C VAL E 844 57.82 -20.06 12.52
N MET E 845 57.13 -21.19 12.60
CA MET E 845 55.75 -21.26 12.14
C MET E 845 54.75 -20.79 13.19
N GLY E 846 55.20 -20.48 14.40
CA GLY E 846 54.31 -19.97 15.41
C GLY E 846 53.44 -20.98 16.10
N LEU E 847 53.73 -22.27 15.97
CA LEU E 847 52.98 -23.29 16.67
C LEU E 847 53.48 -23.41 18.10
N ASP E 848 52.95 -24.38 18.84
CA ASP E 848 53.40 -24.68 20.19
C ASP E 848 54.41 -25.82 20.15
N ILE E 849 55.45 -25.72 20.98
CA ILE E 849 56.50 -26.73 20.97
C ILE E 849 55.97 -28.09 21.40
N SER E 850 55.07 -28.10 22.40
CA SER E 850 54.52 -29.36 22.87
C SER E 850 53.72 -30.05 21.77
N MET E 851 52.90 -29.29 21.04
CA MET E 851 52.12 -29.89 19.96
C MET E 851 53.02 -30.46 18.88
N VAL E 852 54.08 -29.74 18.51
CA VAL E 852 54.98 -30.22 17.47
C VAL E 852 55.69 -31.49 17.93
N THR E 853 56.16 -31.51 19.17
CA THR E 853 56.84 -32.71 19.68
C THR E 853 55.90 -33.91 19.71
N GLN E 854 54.67 -33.70 20.17
CA GLN E 854 53.71 -34.80 20.20
C GLN E 854 53.40 -35.31 18.80
N ALA E 855 53.25 -34.39 17.84
CA ALA E 855 52.98 -34.81 16.47
C ALA E 855 54.16 -35.60 15.89
N MET E 856 55.37 -35.15 16.18
CA MET E 856 56.55 -35.89 15.71
C MET E 856 56.60 -37.28 16.30
N VAL E 857 56.29 -37.41 17.59
CA VAL E 857 56.29 -38.73 18.21
C VAL E 857 55.22 -39.61 17.62
N SER E 858 54.01 -39.07 17.43
CA SER E 858 52.90 -39.87 16.93
C SER E 858 53.13 -40.33 15.50
N ALA E 859 53.64 -39.44 14.65
CA ALA E 859 53.83 -39.77 13.24
C ALA E 859 54.98 -40.75 13.02
N GLY E 860 55.79 -41.02 14.04
CA GLY E 860 56.89 -41.95 13.90
C GLY E 860 58.13 -41.38 13.28
N VAL E 861 58.23 -40.07 13.14
CA VAL E 861 59.40 -39.41 12.56
C VAL E 861 60.21 -38.80 13.70
N ASN E 862 61.53 -39.03 13.69
CA ASN E 862 62.42 -38.49 14.69
C ASN E 862 63.38 -37.46 14.14
N GLN E 863 63.45 -37.28 12.83
CA GLN E 863 64.34 -36.30 12.22
C GLN E 863 63.67 -35.72 10.99
N LEU E 864 63.76 -34.40 10.83
CA LEU E 864 63.14 -33.72 9.70
C LEU E 864 64.12 -33.69 8.52
N GLN E 865 64.32 -34.88 7.95
CA GLN E 865 65.27 -35.01 6.84
C GLN E 865 64.74 -34.36 5.57
N CYS E 866 63.48 -34.64 5.22
CA CYS E 866 62.93 -34.27 3.92
C CYS E 866 61.59 -33.57 4.12
N TRP E 867 61.02 -33.10 3.01
CA TRP E 867 59.72 -32.45 3.05
C TRP E 867 58.60 -33.40 3.43
N GLN E 868 58.76 -34.71 3.19
CA GLN E 868 57.72 -35.66 3.53
C GLN E 868 57.46 -35.68 5.03
N ASP E 869 58.52 -35.66 5.83
CA ASP E 869 58.35 -35.66 7.28
C ASP E 869 57.64 -34.41 7.76
N ILE E 870 58.01 -33.26 7.21
CA ILE E 870 57.35 -32.01 7.58
C ILE E 870 55.88 -32.06 7.20
N ASN E 871 55.58 -32.59 6.02
CA ASN E 871 54.20 -32.69 5.59
C ASN E 871 53.38 -33.58 6.51
N THR E 872 53.95 -34.72 6.89
CA THR E 872 53.24 -35.63 7.79
C THR E 872 53.00 -34.97 9.15
N VAL E 873 54.01 -34.29 9.68
CA VAL E 873 53.86 -33.61 10.96
C VAL E 873 52.76 -32.56 10.88
N LEU E 874 52.76 -31.78 9.80
CA LEU E 874 51.75 -30.74 9.65
C LEU E 874 50.36 -31.35 9.53
N GLN E 875 50.23 -32.47 8.82
CA GLN E 875 48.93 -33.12 8.73
C GLN E 875 48.43 -33.57 10.08
N TRP E 876 49.31 -34.16 10.89
CA TRP E 876 48.91 -34.56 12.23
C TRP E 876 48.49 -33.36 13.06
N ILE E 877 49.25 -32.26 12.97
CA ILE E 877 48.93 -31.06 13.74
C ILE E 877 47.55 -30.53 13.33
N ASP E 878 47.30 -30.49 12.02
CA ASP E 878 46.03 -29.97 11.53
C ASP E 878 44.85 -30.83 11.97
N VAL E 879 45.01 -32.16 11.90
CA VAL E 879 43.93 -33.03 12.34
C VAL E 879 43.66 -32.85 13.81
N ALA E 880 44.72 -32.74 14.61
CA ALA E 880 44.53 -32.51 16.05
C ALA E 880 43.82 -31.20 16.32
N SER E 881 44.19 -30.15 15.58
CA SER E 881 43.55 -28.85 15.79
C SER E 881 42.11 -28.84 15.32
N ALA E 882 41.76 -29.69 14.36
CA ALA E 882 40.38 -29.72 13.87
C ALA E 882 39.44 -30.22 14.96
N LEU E 883 39.89 -31.16 15.78
CA LEU E 883 39.08 -31.74 16.85
C LEU E 883 39.32 -31.06 18.20
N HIS E 884 40.06 -29.96 18.23
CA HIS E 884 40.31 -29.21 19.46
C HIS E 884 40.99 -30.08 20.52
N THR E 885 41.93 -30.91 20.09
CA THR E 885 42.65 -31.79 20.99
C THR E 885 44.11 -31.84 20.57
N MET E 886 44.85 -32.79 21.12
CA MET E 886 46.29 -32.91 20.90
C MET E 886 46.59 -34.18 20.12
N PRO E 887 47.73 -34.23 19.42
CA PRO E 887 48.02 -35.40 18.58
C PRO E 887 48.10 -36.71 19.35
N SER E 888 48.41 -36.69 20.64
CA SER E 888 48.44 -37.93 21.41
C SER E 888 47.07 -38.57 21.44
N VAL E 889 46.02 -37.77 21.65
CA VAL E 889 44.67 -38.30 21.66
C VAL E 889 44.30 -38.86 20.30
N ILE E 890 44.75 -38.20 19.22
CA ILE E 890 44.46 -38.71 17.88
C ILE E 890 45.15 -40.05 17.67
N ARG E 891 46.39 -40.18 18.13
CA ARG E 891 47.07 -41.47 18.02
C ARG E 891 46.34 -42.55 18.80
N THR E 892 45.88 -42.22 20.01
CA THR E 892 45.14 -43.19 20.80
C THR E 892 43.85 -43.60 20.09
N LEU E 893 43.16 -42.62 19.49
CA LEU E 893 41.93 -42.91 18.78
C LEU E 893 42.19 -43.83 17.58
N VAL E 894 43.26 -43.55 16.83
CA VAL E 894 43.55 -44.35 15.65
C VAL E 894 43.97 -45.76 16.05
N ASN E 895 44.65 -45.90 17.18
CA ASN E 895 45.14 -47.21 17.59
C ASN E 895 44.02 -48.19 17.89
N ILE E 896 42.79 -47.72 18.04
CA ILE E 896 41.66 -48.62 18.25
C ILE E 896 41.33 -49.29 16.93
N ARG E 897 41.51 -50.61 16.88
CA ARG E 897 41.31 -51.37 15.65
C ARG E 897 40.35 -52.51 15.89
N TYR E 898 39.57 -52.82 14.85
CA TYR E 898 38.69 -53.98 14.84
C TYR E 898 39.31 -55.01 13.90
N VAL E 899 39.83 -56.09 14.47
CA VAL E 899 40.65 -57.04 13.71
C VAL E 899 39.95 -58.40 13.84
N THR E 900 38.62 -58.37 13.83
CA THR E 900 37.76 -59.55 13.79
C THR E 900 37.80 -60.39 15.07
N ALA E 901 38.33 -59.83 16.17
CA ALA E 901 38.28 -60.48 17.48
C ALA E 901 38.93 -61.87 17.43
N LEU E 902 40.25 -61.85 17.24
CA LEU E 902 41.09 -63.04 17.13
C LEU E 902 40.90 -63.72 15.78
N ASN E 903 41.25 -65.00 15.70
CA ASN E 903 41.49 -65.76 14.48
C ASN E 903 42.75 -65.29 13.77
N LYS E 904 43.48 -64.37 14.37
CA LYS E 904 44.71 -63.81 13.83
C LYS E 904 45.58 -63.40 15.02
N ALA E 905 46.56 -62.52 14.78
CA ALA E 905 47.51 -62.15 15.83
C ALA E 905 46.80 -61.66 17.09
N GLU E 906 46.12 -60.52 17.01
CA GLU E 906 45.40 -59.97 18.14
C GLU E 906 44.59 -58.77 17.68
N SER E 907 43.59 -58.40 18.50
CA SER E 907 42.80 -57.20 18.31
C SER E 907 43.06 -56.24 19.46
N ASN E 908 43.25 -54.97 19.12
CA ASN E 908 43.61 -53.95 20.09
C ASN E 908 42.37 -53.17 20.51
N LEU E 909 42.03 -53.23 21.79
CA LEU E 909 40.90 -52.51 22.34
C LEU E 909 41.28 -52.01 23.73
N PRO E 910 41.02 -50.75 24.03
CA PRO E 910 41.35 -50.23 25.37
C PRO E 910 40.43 -50.82 26.42
N SER E 911 40.92 -50.81 27.66
CA SER E 911 40.15 -51.29 28.79
C SER E 911 39.07 -50.27 29.16
N TRP E 912 38.26 -50.62 30.16
CA TRP E 912 37.17 -49.74 30.57
C TRP E 912 37.70 -48.41 31.10
N ASP E 913 38.71 -48.45 31.95
CA ASP E 913 39.26 -47.22 32.51
C ASP E 913 39.90 -46.36 31.42
N GLU E 914 40.59 -46.99 30.48
CA GLU E 914 41.16 -46.26 29.36
C GLU E 914 40.07 -45.62 28.53
N TRP E 915 38.95 -46.33 28.33
CA TRP E 915 37.82 -45.75 27.62
C TRP E 915 37.30 -44.52 28.34
N GLN E 916 37.17 -44.60 29.67
CA GLN E 916 36.70 -43.45 30.43
C GLN E 916 37.65 -42.26 30.30
N THR E 917 38.96 -42.51 30.42
CA THR E 917 39.92 -41.42 30.32
C THR E 917 39.91 -40.80 28.94
N LEU E 918 39.81 -41.63 27.90
CA LEU E 918 39.73 -41.11 26.54
C LEU E 918 38.48 -40.28 26.34
N ALA E 919 37.35 -40.72 26.89
CA ALA E 919 36.12 -39.95 26.78
C ALA E 919 36.25 -38.61 27.47
N GLU E 920 36.87 -38.58 28.66
CA GLU E 920 37.08 -37.31 29.35
C GLU E 920 37.97 -36.39 28.53
N ASN E 921 39.05 -36.92 27.96
CA ASN E 921 39.95 -36.09 27.17
C ASN E 921 39.25 -35.51 25.96
N MET E 922 38.46 -36.32 25.26
CA MET E 922 37.73 -35.83 24.09
C MET E 922 36.70 -34.80 24.48
N GLU E 923 35.99 -35.01 25.60
CA GLU E 923 34.94 -34.10 26.00
C GLU E 923 35.50 -32.79 26.55
N ALA E 924 36.74 -32.78 27.01
CA ALA E 924 37.32 -31.57 27.58
C ALA E 924 37.38 -30.40 26.59
N GLY E 925 37.31 -30.68 25.29
CA GLY E 925 37.44 -29.65 24.29
C GLY E 925 36.15 -29.00 23.85
N LEU E 926 35.03 -29.26 24.51
CA LEU E 926 33.75 -28.73 24.08
C LEU E 926 33.46 -27.40 24.77
N SER E 927 32.53 -26.65 24.19
CA SER E 927 32.03 -25.43 24.79
C SER E 927 30.83 -25.75 25.68
N THR E 928 30.22 -24.71 26.24
CA THR E 928 29.12 -24.92 27.18
C THR E 928 27.87 -25.41 26.46
N GLN E 929 27.51 -24.77 25.35
CA GLN E 929 26.31 -25.17 24.62
C GLN E 929 26.45 -26.58 24.06
N GLN E 930 27.62 -26.90 23.52
CA GLN E 930 27.86 -28.25 23.02
C GLN E 930 27.80 -29.26 24.15
N ALA E 931 28.31 -28.89 25.32
CA ALA E 931 28.22 -29.79 26.48
C ALA E 931 26.77 -30.03 26.86
N GLN E 932 25.94 -28.99 26.84
CA GLN E 932 24.53 -29.15 27.16
C GLN E 932 23.83 -30.05 26.14
N THR E 933 24.11 -29.85 24.86
CA THR E 933 23.50 -30.69 23.84
C THR E 933 23.91 -32.15 24.00
N LEU E 934 25.20 -32.38 24.27
CA LEU E 934 25.67 -33.74 24.50
C LEU E 934 25.00 -34.36 25.71
N ALA E 935 24.82 -33.57 26.77
CA ALA E 935 24.15 -34.08 27.95
C ALA E 935 22.71 -34.48 27.65
N ASP E 936 22.01 -33.66 26.86
CA ASP E 936 20.63 -34.01 26.50
C ASP E 936 20.58 -35.30 25.69
N TYR E 937 21.48 -35.43 24.71
CA TYR E 937 21.50 -36.64 23.90
C TYR E 937 21.79 -37.86 24.76
N THR E 938 22.74 -37.74 25.68
CA THR E 938 23.05 -38.85 26.57
C THR E 938 21.85 -39.20 27.44
N ALA E 939 21.13 -38.20 27.92
CA ALA E 939 19.95 -38.46 28.74
C ALA E 939 18.92 -39.26 27.97
N GLU E 940 18.65 -38.86 26.72
CA GLU E 940 17.65 -39.59 25.92
C GLU E 940 18.08 -41.03 25.68
N ARG E 941 19.35 -41.23 25.27
CA ARG E 941 19.81 -42.58 24.99
C ARG E 941 19.77 -43.45 26.23
N LEU E 942 20.20 -42.90 27.37
CA LEU E 942 20.19 -43.66 28.61
C LEU E 942 18.77 -44.01 29.01
N SER E 943 17.83 -43.09 28.83
CA SER E 943 16.44 -43.38 29.16
C SER E 943 15.92 -44.54 28.34
N SER E 944 16.16 -44.53 27.03
CA SER E 944 15.68 -45.63 26.19
C SER E 944 16.30 -46.96 26.61
N VAL E 945 17.61 -46.96 26.85
CA VAL E 945 18.28 -48.20 27.23
C VAL E 945 17.75 -48.74 28.55
N LEU E 946 17.58 -47.84 29.53
CA LEU E 946 17.11 -48.28 30.84
C LEU E 946 15.68 -48.81 30.77
N CYS E 947 14.81 -48.15 30.01
CA CYS E 947 13.45 -48.64 29.86
C CYS E 947 13.44 -50.03 29.23
N ASN E 948 14.25 -50.23 28.19
CA ASN E 948 14.30 -51.55 27.57
C ASN E 948 14.81 -52.61 28.54
N TRP E 949 15.87 -52.30 29.29
CA TRP E 949 16.41 -53.27 30.23
C TRP E 949 15.40 -53.63 31.31
N PHE E 950 14.70 -52.62 31.85
CA PHE E 950 13.69 -52.89 32.87
C PHE E 950 12.57 -53.75 32.31
N LEU E 951 12.10 -53.43 31.10
CA LEU E 951 11.03 -54.21 30.51
C LEU E 951 11.46 -55.65 30.25
N ALA E 952 12.74 -55.87 29.98
CA ALA E 952 13.21 -57.20 29.67
C ALA E 952 13.53 -58.03 30.91
N ASN E 953 13.97 -57.42 32.00
CA ASN E 953 14.54 -58.19 33.11
C ASN E 953 13.67 -58.24 34.36
N ILE E 954 12.90 -57.20 34.65
CA ILE E 954 12.19 -57.07 35.93
C ILE E 954 10.70 -57.07 35.67
N GLN E 955 9.97 -57.90 36.41
CA GLN E 955 8.52 -57.88 36.42
C GLN E 955 8.04 -57.71 37.85
N PRO E 956 7.10 -56.81 38.11
CA PRO E 956 6.60 -56.63 39.47
C PRO E 956 5.80 -57.83 39.95
N GLU E 957 5.22 -57.73 41.15
CA GLU E 957 4.59 -58.89 41.76
C GLU E 957 3.35 -59.33 40.99
N GLY E 958 2.44 -58.40 40.69
CA GLY E 958 1.20 -58.79 40.05
C GLY E 958 0.74 -57.88 38.93
N VAL E 959 1.68 -57.23 38.25
CA VAL E 959 1.38 -56.34 37.14
C VAL E 959 2.14 -56.82 35.92
N SER E 960 1.44 -56.96 34.80
CA SER E 960 2.05 -57.35 33.53
C SER E 960 2.14 -56.12 32.64
N LEU E 961 3.35 -55.80 32.21
CA LEU E 961 3.59 -54.64 31.36
C LEU E 961 4.47 -55.05 30.19
N HIS E 962 4.17 -54.54 29.01
CA HIS E 962 4.79 -55.01 27.78
C HIS E 962 5.30 -53.90 26.89
N SER E 963 5.23 -52.65 27.31
CA SER E 963 5.60 -51.54 26.43
C SER E 963 6.01 -50.35 27.27
N ARG E 964 6.58 -49.35 26.58
CA ARG E 964 6.99 -48.12 27.25
C ARG E 964 5.79 -47.39 27.82
N ASP E 965 4.67 -47.40 27.10
CA ASP E 965 3.46 -46.77 27.62
C ASP E 965 2.98 -47.45 28.89
N ASP E 966 3.15 -48.76 28.99
CA ASP E 966 2.82 -49.45 30.24
C ASP E 966 3.70 -48.94 31.37
N LEU E 967 5.00 -48.72 31.10
CA LEU E 967 5.87 -48.16 32.11
C LEU E 967 5.42 -46.76 32.51
N TYR E 968 5.01 -45.96 31.54
CA TYR E 968 4.51 -44.61 31.83
C TYR E 968 3.29 -44.67 32.74
N SER E 969 2.36 -45.58 32.43
CA SER E 969 1.15 -45.68 33.24
C SER E 969 1.44 -46.28 34.61
N TYR E 970 2.51 -47.06 34.74
CA TYR E 970 2.80 -47.70 36.02
C TYR E 970 3.55 -46.75 36.96
N PHE E 971 4.61 -46.12 36.47
CA PHE E 971 5.43 -45.26 37.31
C PHE E 971 4.97 -43.82 37.34
N LEU E 972 3.90 -43.48 36.61
CA LEU E 972 3.30 -42.15 36.65
C LEU E 972 4.30 -41.06 36.29
N ILE E 973 5.16 -41.34 35.31
CA ILE E 973 6.10 -40.34 34.83
C ILE E 973 6.51 -40.69 33.41
N ASP E 974 6.51 -39.72 32.51
CA ASP E 974 6.73 -39.97 31.10
C ASP E 974 8.22 -40.14 30.83
N ASN E 975 8.57 -41.24 30.18
CA ASN E 975 9.95 -41.51 29.80
C ASN E 975 10.19 -41.36 28.30
N GLN E 976 9.15 -41.07 27.52
CA GLN E 976 9.29 -40.87 26.09
C GLN E 976 9.43 -39.41 25.70
N VAL E 977 9.47 -38.50 26.67
CA VAL E 977 9.56 -37.09 26.38
C VAL E 977 10.98 -36.74 25.90
N SER E 978 11.09 -35.61 25.21
CA SER E 978 12.39 -35.08 24.85
C SER E 978 13.00 -34.36 26.06
N SER E 979 14.32 -34.17 25.99
CA SER E 979 15.02 -33.52 27.09
C SER E 979 14.79 -32.01 27.15
N ALA E 980 14.16 -31.43 26.14
CA ALA E 980 14.01 -29.97 26.11
C ALA E 980 13.06 -29.49 27.19
N ILE E 981 11.99 -30.23 27.45
CA ILE E 981 10.96 -29.74 28.35
C ILE E 981 11.41 -29.83 29.80
N LYS E 982 11.05 -28.83 30.60
CA LYS E 982 11.47 -28.71 31.99
C LYS E 982 10.23 -28.66 32.87
N THR E 983 10.42 -29.05 34.13
CA THR E 983 9.34 -29.05 35.11
C THR E 983 9.95 -29.02 36.51
N THR E 984 9.08 -28.98 37.51
CA THR E 984 9.48 -28.99 38.90
C THR E 984 9.00 -30.28 39.57
N ARG E 985 9.60 -30.58 40.72
CA ARG E 985 9.27 -31.84 41.41
C ARG E 985 7.80 -31.88 41.83
N LEU E 986 7.31 -30.79 42.40
CA LEU E 986 5.93 -30.76 42.86
C LEU E 986 4.95 -30.89 41.70
N ALA E 987 5.22 -30.20 40.59
CA ALA E 987 4.34 -30.31 39.44
C ALA E 987 4.31 -31.72 38.90
N GLU E 988 5.47 -32.38 38.83
CA GLU E 988 5.50 -33.75 38.34
C GLU E 988 4.75 -34.69 39.27
N ALA E 989 4.90 -34.50 40.58
CA ALA E 989 4.16 -35.33 41.53
C ALA E 989 2.66 -35.12 41.37
N ILE E 990 2.24 -33.87 41.20
CA ILE E 990 0.82 -33.58 40.99
C ILE E 990 0.31 -34.28 39.74
N ALA E 991 1.08 -34.19 38.65
CA ALA E 991 0.65 -34.82 37.40
C ALA E 991 0.55 -36.34 37.57
N GLY E 992 1.52 -36.94 38.24
CA GLY E 992 1.48 -38.38 38.46
C GLY E 992 0.28 -38.82 39.27
N ILE E 993 -0.01 -38.10 40.36
CA ILE E 993 -1.14 -38.48 41.20
C ILE E 993 -2.45 -38.26 40.46
N GLN E 994 -2.55 -37.19 39.67
CA GLN E 994 -3.76 -36.97 38.89
C GLN E 994 -3.97 -38.10 37.89
N LEU E 995 -2.89 -38.54 37.23
CA LEU E 995 -3.00 -39.65 36.31
C LEU E 995 -3.44 -40.92 37.02
N TYR E 996 -2.90 -41.16 38.22
CA TYR E 996 -3.28 -42.36 38.96
C TYR E 996 -4.75 -42.32 39.34
N ILE E 997 -5.24 -41.17 39.80
CA ILE E 997 -6.64 -41.06 40.18
C ILE E 997 -7.53 -41.25 38.97
N ASN E 998 -7.18 -40.64 37.84
CA ASN E 998 -7.99 -40.79 36.64
C ASN E 998 -8.04 -42.25 36.19
N ARG E 999 -6.91 -42.95 36.27
CA ARG E 999 -6.90 -44.35 35.88
C ARG E 999 -7.74 -45.19 36.84
N ALA E 1000 -7.64 -44.93 38.15
CA ALA E 1000 -8.35 -45.76 39.10
C ALA E 1000 -9.86 -45.53 39.04
N LEU E 1001 -10.28 -44.28 38.86
CA LEU E 1001 -11.70 -43.97 38.90
C LEU E 1001 -12.45 -44.61 37.73
N ASN E 1002 -11.89 -44.56 36.53
CA ASN E 1002 -12.57 -45.03 35.33
C ASN E 1002 -12.52 -46.54 35.19
N ARG E 1003 -12.18 -47.27 36.25
CA ARG E 1003 -12.18 -48.73 36.25
C ARG E 1003 -11.24 -49.30 35.21
N ILE E 1004 -10.14 -48.62 34.93
CA ILE E 1004 -9.12 -49.19 34.06
C ILE E 1004 -8.19 -50.10 34.84
N GLU E 1005 -7.76 -49.66 36.01
CA GLU E 1005 -6.98 -50.52 36.88
C GLU E 1005 -7.93 -51.33 37.76
N PRO E 1006 -7.84 -52.66 37.75
CA PRO E 1006 -8.83 -53.48 38.44
C PRO E 1006 -8.66 -53.42 39.95
N ASN E 1007 -9.66 -53.97 40.65
CA ASN E 1007 -9.63 -54.14 42.10
C ASN E 1007 -9.56 -52.81 42.84
N ALA E 1008 -10.08 -51.75 42.24
CA ALA E 1008 -10.18 -50.48 42.95
C ALA E 1008 -11.20 -50.58 44.06
N ARG E 1009 -10.93 -49.88 45.17
CA ARG E 1009 -11.84 -49.92 46.31
C ARG E 1009 -13.06 -49.05 46.01
N ALA E 1010 -14.22 -49.70 45.89
CA ALA E 1010 -15.43 -48.96 45.54
C ALA E 1010 -15.83 -47.97 46.63
N ASP E 1011 -15.72 -48.39 47.90
CA ASP E 1011 -16.16 -47.53 49.00
C ASP E 1011 -15.33 -46.26 49.08
N VAL E 1012 -14.03 -46.36 48.85
CA VAL E 1012 -13.17 -45.18 48.90
C VAL E 1012 -13.52 -44.21 47.78
N SER E 1013 -13.84 -44.74 46.60
CA SER E 1013 -14.09 -43.91 45.43
C SER E 1013 -15.39 -43.14 45.51
N THR E 1014 -16.11 -43.17 46.63
CA THR E 1014 -17.33 -42.38 46.80
C THR E 1014 -17.17 -41.28 47.84
N ARG E 1015 -15.94 -40.85 48.10
CA ARG E 1015 -15.73 -39.76 49.04
C ARG E 1015 -16.20 -38.44 48.44
N GLN E 1016 -16.26 -37.41 49.29
CA GLN E 1016 -16.68 -36.10 48.81
C GLN E 1016 -15.70 -35.55 47.80
N PHE E 1017 -14.41 -35.81 47.98
CA PHE E 1017 -13.41 -35.28 47.07
C PHE E 1017 -13.57 -35.86 45.67
N PHE E 1018 -13.78 -37.17 45.57
CA PHE E 1018 -13.89 -37.79 44.25
C PHE E 1018 -15.22 -37.52 43.59
N THR E 1019 -16.28 -37.27 44.37
CA THR E 1019 -17.57 -36.95 43.78
C THR E 1019 -17.50 -35.65 42.98
N ASP E 1020 -16.75 -34.68 43.47
CA ASP E 1020 -16.55 -33.41 42.77
C ASP E 1020 -15.28 -33.42 41.93
N TRP E 1021 -14.89 -34.57 41.38
CA TRP E 1021 -13.67 -34.65 40.59
C TRP E 1021 -13.74 -33.77 39.36
N THR E 1022 -14.94 -33.37 38.92
CA THR E 1022 -15.05 -32.51 37.77
C THR E 1022 -14.47 -31.13 38.02
N VAL E 1023 -14.31 -30.74 39.28
CA VAL E 1023 -13.74 -29.45 39.62
C VAL E 1023 -12.40 -29.57 40.36
N ASN E 1024 -12.07 -30.74 40.89
CA ASN E 1024 -10.83 -30.94 41.62
C ASN E 1024 -9.71 -31.50 40.76
N ASN E 1025 -9.97 -31.80 39.49
CA ASN E 1025 -8.96 -32.42 38.64
C ASN E 1025 -7.98 -31.41 38.06
N ARG E 1026 -8.21 -30.12 38.25
CA ARG E 1026 -7.31 -29.09 37.76
C ARG E 1026 -6.98 -28.13 38.90
N TYR E 1027 -5.74 -27.64 38.90
CA TYR E 1027 -5.30 -26.80 40.01
C TYR E 1027 -6.07 -25.49 40.07
N SER E 1028 -6.35 -24.88 38.91
CA SER E 1028 -6.98 -23.57 38.88
C SER E 1028 -8.39 -23.63 39.48
N THR E 1029 -9.20 -24.60 39.05
CA THR E 1029 -10.57 -24.69 39.54
C THR E 1029 -10.61 -24.99 41.03
N TRP E 1030 -9.76 -25.91 41.50
CA TRP E 1030 -9.72 -26.21 42.92
C TRP E 1030 -9.29 -24.99 43.71
N GLY E 1031 -8.29 -24.25 43.23
CA GLY E 1031 -7.89 -23.04 43.90
C GLY E 1031 -9.01 -22.03 44.01
N GLY E 1032 -9.74 -21.83 42.91
CA GLY E 1032 -10.85 -20.89 42.95
C GLY E 1032 -11.94 -21.30 43.92
N VAL E 1033 -12.32 -22.58 43.89
CA VAL E 1033 -13.37 -23.05 44.78
C VAL E 1033 -12.95 -22.91 46.23
N SER E 1034 -11.70 -23.26 46.54
CA SER E 1034 -11.24 -23.13 47.92
C SER E 1034 -11.17 -21.67 48.34
N ARG E 1035 -10.71 -20.78 47.45
CA ARG E 1035 -10.59 -19.37 47.81
C ARG E 1035 -11.94 -18.72 48.02
N LEU E 1036 -12.99 -19.24 47.37
CA LEU E 1036 -14.29 -18.59 47.46
C LEU E 1036 -14.77 -18.46 48.90
N VAL E 1037 -14.43 -19.40 49.76
CA VAL E 1037 -14.91 -19.34 51.15
C VAL E 1037 -14.23 -18.22 51.92
N TYR E 1038 -12.92 -18.05 51.72
CA TYR E 1038 -12.16 -17.11 52.53
C TYR E 1038 -12.24 -15.68 52.01
N TYR E 1039 -12.33 -15.50 50.69
CA TYR E 1039 -12.33 -14.18 50.08
C TYR E 1039 -13.50 -14.07 49.11
N PRO E 1040 -14.73 -14.03 49.63
CA PRO E 1040 -15.89 -13.90 48.74
C PRO E 1040 -15.98 -12.55 48.06
N GLU E 1041 -15.35 -11.51 48.61
CA GLU E 1041 -15.46 -10.18 48.02
C GLU E 1041 -14.85 -10.11 46.63
N ASN E 1042 -13.95 -11.04 46.29
CA ASN E 1042 -13.40 -11.05 44.94
C ASN E 1042 -14.39 -11.55 43.91
N TYR E 1043 -15.53 -12.10 44.32
CA TYR E 1043 -16.52 -12.63 43.39
C TYR E 1043 -17.89 -11.99 43.56
N ILE E 1044 -18.02 -10.96 44.37
CA ILE E 1044 -19.30 -10.29 44.56
C ILE E 1044 -19.53 -9.34 43.40
N ASP E 1045 -20.66 -9.51 42.71
CA ASP E 1045 -21.03 -8.66 41.59
C ASP E 1045 -22.30 -7.90 41.96
N PRO E 1046 -22.27 -6.57 42.03
CA PRO E 1046 -23.47 -5.83 42.44
C PRO E 1046 -24.66 -6.04 41.52
N THR E 1047 -24.43 -6.21 40.23
CA THR E 1047 -25.54 -6.26 39.27
C THR E 1047 -26.28 -7.59 39.29
N GLN E 1048 -25.62 -8.69 39.59
CA GLN E 1048 -26.27 -10.00 39.57
C GLN E 1048 -25.99 -10.73 40.87
N ARG E 1049 -26.97 -11.52 41.30
CA ARG E 1049 -26.87 -12.24 42.56
C ARG E 1049 -27.94 -13.32 42.59
N ILE E 1050 -27.59 -14.48 43.13
CA ILE E 1050 -28.54 -15.58 43.23
C ILE E 1050 -29.64 -15.20 44.21
N GLY E 1051 -30.89 -15.37 43.79
CA GLY E 1051 -32.02 -14.97 44.60
C GLY E 1051 -32.49 -13.56 44.39
N GLN E 1052 -32.06 -12.91 43.31
CA GLN E 1052 -32.47 -11.55 43.03
C GLN E 1052 -33.97 -11.47 42.83
N THR E 1053 -34.60 -10.48 43.46
CA THR E 1053 -36.05 -10.31 43.36
C THR E 1053 -36.41 -9.72 42.00
N ARG E 1054 -37.67 -9.90 41.61
CA ARG E 1054 -38.12 -9.42 40.31
C ARG E 1054 -38.02 -7.91 40.20
N MET E 1055 -38.35 -7.19 41.27
CA MET E 1055 -38.29 -5.73 41.22
C MET E 1055 -36.88 -5.24 40.99
N MET E 1056 -35.89 -5.88 41.60
CA MET E 1056 -34.50 -5.50 41.38
C MET E 1056 -34.11 -5.69 39.93
N ASP E 1057 -34.52 -6.82 39.33
CA ASP E 1057 -34.27 -7.04 37.91
C ASP E 1057 -34.92 -5.95 37.07
N GLU E 1058 -36.17 -5.60 37.38
CA GLU E 1058 -36.87 -4.58 36.60
C GLU E 1058 -36.17 -3.24 36.69
N LEU E 1059 -35.68 -2.89 37.88
CA LEU E 1059 -34.89 -1.67 38.02
C LEU E 1059 -33.63 -1.73 37.17
N LEU E 1060 -32.95 -2.88 37.18
CA LEU E 1060 -31.75 -3.03 36.36
C LEU E 1060 -32.06 -2.83 34.89
N GLU E 1061 -33.19 -3.35 34.42
CA GLU E 1061 -33.60 -3.11 33.04
C GLU E 1061 -33.86 -1.63 32.81
N ASN E 1062 -34.49 -0.97 33.78
CA ASN E 1062 -34.83 0.43 33.63
C ASN E 1062 -33.61 1.34 33.58
N ILE E 1063 -32.46 0.90 34.12
CA ILE E 1063 -31.27 1.74 34.09
C ILE E 1063 -30.18 1.12 33.23
N SER E 1064 -30.57 0.42 32.16
CA SER E 1064 -29.63 -0.29 31.32
C SER E 1064 -29.18 0.48 30.08
N GLN E 1065 -29.64 1.72 29.90
CA GLN E 1065 -29.21 2.47 28.73
C GLN E 1065 -27.77 2.93 28.89
N SER E 1066 -27.16 3.34 27.77
CA SER E 1066 -25.74 3.68 27.77
C SER E 1066 -25.47 4.91 28.61
N LYS E 1067 -26.29 5.94 28.51
CA LYS E 1067 -26.06 7.19 29.22
C LYS E 1067 -27.19 7.43 30.22
N LEU E 1068 -26.83 7.91 31.40
CA LEU E 1068 -27.74 8.03 32.52
C LEU E 1068 -27.64 9.41 33.13
N SER E 1069 -28.78 9.95 33.54
CA SER E 1069 -28.85 11.20 34.28
C SER E 1069 -29.33 10.92 35.69
N ARG E 1070 -29.20 11.92 36.56
CA ARG E 1070 -29.69 11.78 37.92
C ARG E 1070 -31.19 11.55 37.95
N ASP E 1071 -31.93 12.28 37.11
CA ASP E 1071 -33.38 12.17 37.11
C ASP E 1071 -33.83 10.78 36.66
N THR E 1072 -33.13 10.19 35.69
CA THR E 1072 -33.50 8.86 35.22
C THR E 1072 -33.36 7.83 36.33
N VAL E 1073 -32.23 7.86 37.03
CA VAL E 1073 -32.01 6.92 38.13
C VAL E 1073 -33.02 7.16 39.24
N GLU E 1074 -33.34 8.43 39.51
CA GLU E 1074 -34.34 8.73 40.54
C GLU E 1074 -35.70 8.19 40.17
N ASP E 1075 -36.10 8.31 38.90
CA ASP E 1075 -37.39 7.79 38.47
C ASP E 1075 -37.42 6.27 38.54
N ALA E 1076 -36.33 5.62 38.14
CA ALA E 1076 -36.27 4.17 38.26
C ALA E 1076 -36.37 3.74 39.71
N PHE E 1077 -35.70 4.47 40.61
CA PHE E 1077 -35.81 4.16 42.03
C PHE E 1077 -37.24 4.38 42.53
N LYS E 1078 -37.92 5.39 42.01
CA LYS E 1078 -39.30 5.61 42.42
C LYS E 1078 -40.20 4.45 41.99
N THR E 1079 -39.99 3.94 40.78
CA THR E 1079 -40.75 2.77 40.34
C THR E 1079 -40.46 1.57 41.22
N TYR E 1080 -39.18 1.36 41.57
CA TYR E 1080 -38.84 0.28 42.48
C TYR E 1080 -39.52 0.46 43.82
N LEU E 1081 -39.61 1.71 44.29
CA LEU E 1081 -40.29 1.98 45.55
C LEU E 1081 -41.76 1.63 45.46
N THR E 1082 -42.39 1.93 44.32
CA THR E 1082 -43.79 1.54 44.14
C THR E 1082 -43.95 0.03 44.26
N ARG E 1083 -43.07 -0.72 43.59
CA ARG E 1083 -43.15 -2.18 43.67
C ARG E 1083 -42.94 -2.66 45.10
N PHE E 1084 -41.97 -2.08 45.80
CA PHE E 1084 -41.68 -2.49 47.17
C PHE E 1084 -42.86 -2.20 48.08
N GLU E 1085 -43.49 -1.04 47.91
CA GLU E 1085 -44.66 -0.72 48.73
C GLU E 1085 -45.80 -1.70 48.45
N THR E 1086 -46.00 -2.06 47.19
CA THR E 1086 -47.05 -3.01 46.87
C THR E 1086 -46.79 -4.36 47.53
N VAL E 1087 -45.55 -4.86 47.43
CA VAL E 1087 -45.26 -6.20 47.96
C VAL E 1087 -45.27 -6.20 49.48
N ALA E 1088 -44.65 -5.19 50.11
CA ALA E 1088 -44.44 -5.20 51.55
C ALA E 1088 -45.72 -4.99 52.36
N ASP E 1089 -46.82 -4.64 51.72
CA ASP E 1089 -48.08 -4.44 52.42
C ASP E 1089 -48.92 -5.70 52.51
N LEU E 1090 -48.39 -6.83 52.06
CA LEU E 1090 -49.16 -8.06 52.04
C LEU E 1090 -49.54 -8.50 53.44
N LYS E 1091 -50.72 -9.09 53.58
CA LYS E 1091 -51.19 -9.63 54.83
C LYS E 1091 -51.55 -11.09 54.62
N VAL E 1092 -51.01 -11.97 55.45
CA VAL E 1092 -51.26 -13.40 55.30
C VAL E 1092 -52.71 -13.69 55.62
N VAL E 1093 -53.37 -14.44 54.74
CA VAL E 1093 -54.76 -14.81 54.95
C VAL E 1093 -54.96 -16.30 55.19
N SER E 1094 -54.12 -17.18 54.64
CA SER E 1094 -54.32 -18.60 54.89
C SER E 1094 -52.98 -19.32 54.98
N ALA E 1095 -53.00 -20.47 55.64
CA ALA E 1095 -51.78 -21.26 55.82
C ALA E 1095 -52.13 -22.74 55.85
N TYR E 1096 -51.15 -23.56 55.49
CA TYR E 1096 -51.32 -25.01 55.48
C TYR E 1096 -49.99 -25.66 55.83
N HIS E 1097 -50.02 -26.62 56.74
CA HIS E 1097 -48.81 -27.33 57.17
C HIS E 1097 -48.84 -28.74 56.59
N ASP E 1098 -47.79 -29.08 55.84
CA ASP E 1098 -47.75 -30.33 55.08
C ASP E 1098 -47.10 -31.44 55.91
N ASN E 1099 -47.80 -31.85 56.95
CA ASN E 1099 -47.37 -32.95 57.80
C ASN E 1099 -48.53 -33.33 58.71
N VAL E 1100 -48.27 -34.29 59.60
CA VAL E 1100 -49.26 -34.69 60.59
C VAL E 1100 -48.96 -34.15 61.97
N ASN E 1101 -47.84 -33.44 62.13
CA ASN E 1101 -47.50 -32.80 63.39
C ASN E 1101 -46.57 -31.63 63.11
N SER E 1102 -46.34 -30.81 64.12
CA SER E 1102 -45.60 -29.58 63.96
C SER E 1102 -44.09 -29.75 63.99
N ASN E 1103 -43.60 -30.98 64.20
CA ASN E 1103 -42.16 -31.17 64.37
C ASN E 1103 -41.41 -30.95 63.06
N THR E 1104 -41.97 -31.36 61.94
CA THR E 1104 -41.29 -31.25 60.65
C THR E 1104 -42.29 -30.79 59.60
N GLY E 1105 -41.83 -30.73 58.36
CA GLY E 1105 -42.65 -30.33 57.23
C GLY E 1105 -42.42 -28.88 56.85
N LEU E 1106 -43.16 -28.46 55.83
CA LEU E 1106 -43.13 -27.09 55.34
C LEU E 1106 -44.49 -26.45 55.54
N THR E 1107 -44.50 -25.14 55.79
CA THR E 1107 -45.73 -24.39 55.97
C THR E 1107 -45.89 -23.44 54.79
N TRP E 1108 -47.04 -23.52 54.12
CA TRP E 1108 -47.31 -22.72 52.93
C TRP E 1108 -48.31 -21.64 53.29
N PHE E 1109 -47.96 -20.39 52.96
CA PHE E 1109 -48.76 -19.22 53.28
C PHE E 1109 -49.28 -18.58 52.01
N VAL E 1110 -50.52 -18.08 52.08
CA VAL E 1110 -51.14 -17.31 51.01
C VAL E 1110 -51.59 -15.99 51.59
N GLY E 1111 -51.22 -14.89 50.92
CA GLY E 1111 -51.50 -13.56 51.42
C GLY E 1111 -52.11 -12.68 50.34
N GLN E 1112 -52.72 -11.59 50.81
CA GLN E 1112 -53.54 -10.70 49.99
C GLN E 1112 -53.03 -9.26 50.11
N THR E 1113 -53.09 -8.54 48.99
CA THR E 1113 -52.61 -7.17 48.95
C THR E 1113 -53.57 -6.22 49.65
N ARG E 1114 -53.08 -5.01 49.93
CA ARG E 1114 -53.88 -3.99 50.60
C ARG E 1114 -54.85 -3.29 49.65
N GLU E 1115 -54.44 -3.08 48.40
CA GLU E 1115 -55.28 -2.36 47.44
C GLU E 1115 -56.59 -3.11 47.20
N ASN E 1116 -57.55 -2.41 46.62
CA ASN E 1116 -58.86 -2.99 46.33
C ASN E 1116 -58.84 -3.75 45.00
N LEU E 1117 -57.99 -4.77 44.95
CA LEU E 1117 -57.86 -5.61 43.77
C LEU E 1117 -57.73 -7.06 44.21
N PRO E 1118 -58.14 -8.00 43.37
CA PRO E 1118 -57.94 -9.43 43.68
C PRO E 1118 -56.56 -9.92 43.26
N GLU E 1119 -55.54 -9.49 44.01
CA GLU E 1119 -54.16 -9.90 43.79
C GLU E 1119 -53.70 -10.73 44.97
N TYR E 1120 -53.11 -11.88 44.70
CA TYR E 1120 -52.73 -12.83 45.74
C TYR E 1120 -51.31 -13.34 45.52
N TYR E 1121 -50.63 -13.62 46.63
CA TYR E 1121 -49.27 -14.11 46.60
C TYR E 1121 -49.16 -15.33 47.50
N TRP E 1122 -48.14 -16.14 47.25
CA TRP E 1122 -47.89 -17.33 48.05
C TRP E 1122 -46.41 -17.47 48.35
N ARG E 1123 -46.10 -18.19 49.43
CA ARG E 1123 -44.74 -18.45 49.84
C ARG E 1123 -44.74 -19.65 50.79
N ASN E 1124 -43.55 -20.06 51.22
CA ASN E 1124 -43.47 -21.16 52.17
C ASN E 1124 -42.26 -20.98 53.08
N VAL E 1125 -42.31 -21.65 54.23
CA VAL E 1125 -41.23 -21.62 55.21
C VAL E 1125 -40.99 -23.04 55.70
N ASP E 1126 -39.78 -23.27 56.22
CA ASP E 1126 -39.37 -24.56 56.76
C ASP E 1126 -39.31 -24.43 58.27
N ILE E 1127 -40.37 -24.85 58.96
CA ILE E 1127 -40.46 -24.66 60.40
C ILE E 1127 -39.54 -25.59 61.18
N SER E 1128 -39.03 -26.65 60.56
CA SER E 1128 -38.15 -27.56 61.26
C SER E 1128 -36.81 -26.93 61.61
N ARG E 1129 -36.48 -25.78 61.03
CA ARG E 1129 -35.22 -25.12 61.30
C ARG E 1129 -35.23 -24.29 62.57
N MET E 1130 -36.36 -24.22 63.27
CA MET E 1130 -36.43 -23.43 64.50
C MET E 1130 -35.48 -23.99 65.54
N GLN E 1131 -34.75 -23.09 66.19
CA GLN E 1131 -33.80 -23.47 67.24
C GLN E 1131 -33.99 -22.50 68.40
N ALA E 1132 -34.66 -22.97 69.46
CA ALA E 1132 -34.87 -22.19 70.67
C ALA E 1132 -35.66 -20.92 70.43
N GLY E 1133 -36.38 -20.83 69.32
CA GLY E 1133 -37.30 -19.74 69.08
C GLY E 1133 -36.93 -18.81 67.94
N GLU E 1134 -35.66 -18.76 67.55
CA GLU E 1134 -35.24 -17.89 66.45
C GLU E 1134 -35.15 -18.69 65.16
N LEU E 1135 -35.69 -18.13 64.09
CA LEU E 1135 -35.65 -18.72 62.76
C LEU E 1135 -34.66 -17.93 61.90
N ALA E 1136 -33.75 -18.64 61.25
CA ALA E 1136 -32.84 -17.97 60.33
C ALA E 1136 -33.62 -17.40 59.15
N ALA E 1137 -33.19 -16.21 58.69
CA ALA E 1137 -33.91 -15.53 57.63
C ALA E 1137 -33.89 -16.31 56.32
N ASN E 1138 -32.95 -17.21 56.15
CA ASN E 1138 -32.86 -17.97 54.91
C ASN E 1138 -33.85 -19.12 54.85
N ALA E 1139 -34.53 -19.43 55.96
CA ALA E 1139 -35.52 -20.50 55.93
C ALA E 1139 -36.80 -20.09 55.22
N TRP E 1140 -36.99 -18.81 54.96
CA TRP E 1140 -38.20 -18.32 54.31
C TRP E 1140 -38.05 -18.35 52.80
N LYS E 1141 -39.10 -17.96 52.09
CA LYS E 1141 -39.11 -17.90 50.64
C LYS E 1141 -39.81 -16.62 50.22
N GLU E 1142 -39.34 -16.03 49.12
CA GLU E 1142 -39.90 -14.78 48.64
C GLU E 1142 -41.33 -14.97 48.17
N TRP E 1143 -42.11 -13.89 48.26
CA TRP E 1143 -43.47 -13.92 47.77
C TRP E 1143 -43.50 -14.14 46.27
N THR E 1144 -44.46 -14.93 45.80
CA THR E 1144 -44.65 -15.15 44.37
C THR E 1144 -46.10 -14.89 44.01
N LYS E 1145 -46.33 -14.18 42.92
CA LYS E 1145 -47.67 -13.80 42.51
C LYS E 1145 -48.44 -14.99 41.99
N ILE E 1146 -49.77 -14.90 42.07
CA ILE E 1146 -50.67 -15.88 41.46
C ILE E 1146 -51.46 -15.15 40.39
N ASP E 1147 -51.44 -15.67 39.16
CA ASP E 1147 -52.14 -15.06 38.03
C ASP E 1147 -53.00 -16.12 37.33
N THR E 1148 -54.18 -16.37 37.89
CA THR E 1148 -55.11 -17.31 37.28
C THR E 1148 -56.56 -16.82 37.38
N ALA E 1149 -56.77 -15.52 37.61
CA ALA E 1149 -58.11 -14.93 37.69
C ALA E 1149 -58.92 -15.54 38.83
N VAL E 1150 -58.48 -15.27 40.06
CA VAL E 1150 -59.19 -15.68 41.25
C VAL E 1150 -60.07 -14.54 41.73
N ASN E 1151 -61.31 -14.85 42.08
CA ASN E 1151 -62.26 -13.89 42.64
C ASN E 1151 -62.94 -14.52 43.85
N PRO E 1152 -62.20 -14.74 44.93
CA PRO E 1152 -62.79 -15.42 46.08
C PRO E 1152 -63.83 -14.55 46.77
N TYR E 1153 -64.74 -15.23 47.47
CA TYR E 1153 -65.77 -14.56 48.24
C TYR E 1153 -65.24 -14.28 49.63
N LYS E 1154 -65.12 -13.00 49.98
CA LYS E 1154 -64.53 -12.56 51.25
C LYS E 1154 -63.11 -13.06 51.39
N ASP E 1155 -62.87 -14.01 52.28
CA ASP E 1155 -61.53 -14.52 52.54
C ASP E 1155 -61.52 -16.04 52.58
N ALA E 1156 -62.31 -16.68 51.73
CA ALA E 1156 -62.38 -18.14 51.68
C ALA E 1156 -61.49 -18.68 50.55
N ILE E 1157 -60.20 -18.45 50.69
CA ILE E 1157 -59.20 -18.95 49.75
C ILE E 1157 -58.03 -19.48 50.53
N ARG E 1158 -57.54 -20.66 50.15
CA ARG E 1158 -56.44 -21.24 50.92
C ARG E 1158 -55.65 -22.19 50.06
N PRO E 1159 -54.38 -22.43 50.38
CA PRO E 1159 -53.59 -23.45 49.69
C PRO E 1159 -53.76 -24.82 50.32
N VAL E 1160 -53.35 -25.83 49.57
CA VAL E 1160 -53.41 -27.22 50.02
C VAL E 1160 -52.41 -28.00 49.19
N ILE E 1161 -52.06 -29.19 49.65
CA ILE E 1161 -51.16 -30.05 48.89
C ILE E 1161 -51.67 -31.48 48.91
N PHE E 1162 -52.31 -31.90 47.81
CA PHE E 1162 -52.57 -33.32 47.60
C PHE E 1162 -52.06 -33.66 46.21
N ARG E 1163 -51.76 -34.94 46.00
CA ARG E 1163 -50.95 -35.37 44.88
C ARG E 1163 -49.63 -34.61 44.88
N GLU E 1164 -49.18 -34.23 46.08
CA GLU E 1164 -47.81 -33.79 46.34
C GLU E 1164 -47.37 -32.64 45.42
N ARG E 1165 -48.33 -31.83 44.99
CA ARG E 1165 -48.04 -30.56 44.33
C ARG E 1165 -49.03 -29.52 44.83
N LEU E 1166 -48.61 -28.26 44.79
CA LEU E 1166 -49.39 -27.19 45.39
C LEU E 1166 -50.71 -26.99 44.64
N HIS E 1167 -51.79 -26.78 45.41
CA HIS E 1167 -53.10 -26.45 44.87
C HIS E 1167 -53.64 -25.24 45.61
N LEU E 1168 -54.47 -24.47 44.91
CA LEU E 1168 -55.18 -23.33 45.48
C LEU E 1168 -56.67 -23.61 45.37
N ILE E 1169 -57.39 -23.49 46.48
CA ILE E 1169 -58.81 -23.81 46.52
C ILE E 1169 -59.56 -22.65 47.15
N TRP E 1170 -60.65 -22.22 46.51
CA TRP E 1170 -61.40 -21.07 47.00
C TRP E 1170 -62.87 -21.26 46.62
N VAL E 1171 -63.70 -20.29 47.03
CA VAL E 1171 -65.11 -20.30 46.70
C VAL E 1171 -65.49 -18.95 46.11
N GLU E 1172 -66.55 -18.95 45.32
CA GLU E 1172 -67.04 -17.76 44.65
C GLU E 1172 -68.56 -17.70 44.80
N LYS E 1173 -69.10 -16.49 44.78
CA LYS E 1173 -70.52 -16.26 44.94
C LYS E 1173 -71.06 -15.52 43.72
N GLU E 1174 -72.19 -15.99 43.21
CA GLU E 1174 -72.88 -15.34 42.10
C GLU E 1174 -74.35 -15.19 42.45
N GLU E 1175 -75.03 -14.26 41.78
CA GLU E 1175 -76.45 -14.02 41.99
C GLU E 1175 -77.21 -14.61 40.81
N VAL E 1176 -78.06 -15.59 41.08
CA VAL E 1176 -78.77 -16.33 40.05
C VAL E 1176 -80.23 -16.44 40.44
N ALA E 1177 -81.12 -16.33 39.46
CA ALA E 1177 -82.55 -16.47 39.68
C ALA E 1177 -83.04 -17.78 39.08
N LYS E 1178 -84.02 -18.39 39.73
CA LYS E 1178 -84.60 -19.62 39.22
C LYS E 1178 -85.52 -19.32 38.04
N ASN E 1179 -85.37 -20.08 36.96
CA ASN E 1179 -86.19 -19.88 35.78
C ASN E 1179 -87.57 -20.49 35.99
N GLY E 1180 -88.53 -20.02 35.19
CA GLY E 1180 -89.87 -20.54 35.22
C GLY E 1180 -90.63 -20.29 36.51
N THR E 1181 -90.51 -19.10 37.08
CA THR E 1181 -91.25 -18.71 38.27
C THR E 1181 -91.88 -17.35 38.03
N ASP E 1182 -93.20 -17.26 38.21
CA ASP E 1182 -93.88 -16.01 37.92
C ASP E 1182 -93.39 -14.85 38.79
N PRO E 1183 -93.30 -14.97 40.12
CA PRO E 1183 -92.53 -13.98 40.88
C PRO E 1183 -91.05 -14.34 40.85
N VAL E 1184 -90.27 -13.55 40.09
CA VAL E 1184 -88.87 -13.87 39.88
C VAL E 1184 -88.12 -13.60 41.18
N GLU E 1185 -87.63 -14.66 41.81
CA GLU E 1185 -86.84 -14.55 43.03
C GLU E 1185 -85.41 -14.97 42.74
N THR E 1186 -84.48 -14.30 43.41
CA THR E 1186 -83.06 -14.55 43.22
C THR E 1186 -82.48 -15.24 44.44
N TYR E 1187 -81.28 -15.78 44.28
CA TYR E 1187 -80.55 -16.40 45.38
C TYR E 1187 -79.07 -16.39 45.03
N ASP E 1188 -78.26 -16.83 45.99
CA ASP E 1188 -76.81 -16.80 45.85
C ASP E 1188 -76.32 -18.22 45.58
N ARG E 1189 -75.63 -18.40 44.47
CA ARG E 1189 -75.04 -19.67 44.10
C ARG E 1189 -73.55 -19.64 44.45
N PHE E 1190 -73.11 -20.63 45.22
CA PHE E 1190 -71.73 -20.72 45.70
C PHE E 1190 -71.02 -21.83 44.94
N THR E 1191 -69.85 -21.51 44.41
CA THR E 1191 -69.09 -22.43 43.57
C THR E 1191 -67.70 -22.62 44.14
N LEU E 1192 -67.30 -23.87 44.32
CA LEU E 1192 -65.96 -24.19 44.83
C LEU E 1192 -65.03 -24.45 43.66
N LYS E 1193 -63.91 -23.74 43.63
CA LYS E 1193 -62.96 -23.84 42.54
C LYS E 1193 -61.61 -24.32 43.07
N LEU E 1194 -60.97 -25.20 42.30
CA LEU E 1194 -59.69 -25.78 42.68
C LEU E 1194 -58.76 -25.77 41.48
N ALA E 1195 -57.54 -25.26 41.67
CA ALA E 1195 -56.54 -25.25 40.61
C ALA E 1195 -55.20 -25.69 41.17
N PHE E 1196 -54.28 -26.08 40.29
CA PHE E 1196 -52.98 -26.56 40.71
C PHE E 1196 -51.87 -25.92 39.90
N LEU E 1197 -50.69 -25.88 40.51
CA LEU E 1197 -49.52 -25.24 39.92
C LEU E 1197 -48.74 -26.25 39.09
N ARG E 1198 -48.43 -25.88 37.85
CA ARG E 1198 -47.73 -26.77 36.94
C ARG E 1198 -46.21 -26.61 37.11
N HIS E 1199 -45.47 -27.33 36.27
CA HIS E 1199 -44.02 -27.37 36.43
C HIS E 1199 -43.37 -26.03 36.16
N ASP E 1200 -43.70 -25.41 35.03
CA ASP E 1200 -43.04 -24.18 34.61
C ASP E 1200 -43.59 -22.94 35.31
N GLY E 1201 -44.34 -23.10 36.39
CA GLY E 1201 -44.86 -21.98 37.13
C GLY E 1201 -46.22 -21.47 36.70
N SER E 1202 -46.78 -22.01 35.63
CA SER E 1202 -48.12 -21.60 35.22
C SER E 1202 -49.18 -22.34 36.05
N TRP E 1203 -50.38 -21.79 36.05
CA TRP E 1203 -51.51 -22.36 36.77
C TRP E 1203 -52.51 -22.93 35.79
N SER E 1204 -53.03 -24.12 36.10
CA SER E 1204 -53.92 -24.81 35.20
C SER E 1204 -55.34 -24.25 35.32
N ALA E 1205 -56.20 -24.70 34.41
CA ALA E 1205 -57.61 -24.31 34.48
C ALA E 1205 -58.26 -24.96 35.69
N PRO E 1206 -59.20 -24.27 36.34
CA PRO E 1206 -59.73 -24.77 37.61
C PRO E 1206 -60.95 -25.67 37.46
N TRP E 1207 -60.94 -26.76 38.23
CA TRP E 1207 -62.13 -27.56 38.40
C TRP E 1207 -63.15 -26.81 39.24
N SER E 1208 -64.43 -27.01 38.92
CA SER E 1208 -65.52 -26.30 39.58
C SER E 1208 -66.57 -27.27 40.09
N TYR E 1209 -67.11 -26.98 41.26
CA TYR E 1209 -68.17 -27.78 41.86
C TYR E 1209 -69.19 -26.85 42.49
N ASP E 1210 -70.41 -27.37 42.69
CA ASP E 1210 -71.49 -26.60 43.26
C ASP E 1210 -71.70 -27.03 44.70
N ILE E 1211 -71.62 -26.09 45.63
CA ILE E 1211 -71.75 -26.38 47.05
C ILE E 1211 -72.78 -25.48 47.70
N THR E 1212 -73.76 -25.02 46.91
CA THR E 1212 -74.75 -24.08 47.44
C THR E 1212 -75.56 -24.70 48.58
N THR E 1213 -75.97 -25.95 48.41
CA THR E 1213 -76.80 -26.60 49.42
C THR E 1213 -76.06 -26.73 50.74
N GLN E 1214 -74.79 -27.14 50.69
CA GLN E 1214 -74.01 -27.29 51.92
C GLN E 1214 -73.83 -25.95 52.62
N VAL E 1215 -73.54 -24.89 51.85
CA VAL E 1215 -73.34 -23.57 52.44
C VAL E 1215 -74.61 -23.09 53.11
N GLU E 1216 -75.75 -23.23 52.42
CA GLU E 1216 -77.01 -22.82 53.01
C GLU E 1216 -77.37 -23.65 54.22
N ALA E 1217 -77.02 -24.94 54.23
CA ALA E 1217 -77.33 -25.78 55.38
C ALA E 1217 -76.51 -25.38 56.59
N VAL E 1218 -75.20 -25.21 56.42
CA VAL E 1218 -74.35 -24.91 57.58
C VAL E 1218 -74.50 -23.48 58.04
N THR E 1219 -74.97 -22.58 57.19
CA THR E 1219 -75.11 -21.18 57.60
C THR E 1219 -76.54 -20.80 57.97
N ASP E 1220 -77.50 -21.72 57.78
CA ASP E 1220 -78.91 -21.46 58.05
C ASP E 1220 -79.43 -20.28 57.21
N LYS E 1221 -78.95 -20.19 55.98
CA LYS E 1221 -79.40 -19.19 55.01
C LYS E 1221 -79.20 -17.77 55.52
N LYS E 1222 -78.15 -17.55 56.30
CA LYS E 1222 -77.74 -16.21 56.73
C LYS E 1222 -76.24 -16.05 56.49
N PRO E 1223 -75.81 -16.07 55.22
CA PRO E 1223 -74.37 -15.94 54.95
C PRO E 1223 -73.82 -14.57 55.28
N ASP E 1224 -74.67 -13.54 55.37
CA ASP E 1224 -74.19 -12.20 55.64
C ASP E 1224 -73.80 -12.02 57.11
N THR E 1225 -74.57 -12.60 58.03
CA THR E 1225 -74.30 -12.45 59.45
C THR E 1225 -73.25 -13.42 59.96
N GLU E 1226 -73.20 -14.63 59.43
CA GLU E 1226 -72.25 -15.64 59.85
C GLU E 1226 -71.03 -15.60 58.94
N ARG E 1227 -69.89 -15.98 59.50
CA ARG E 1227 -68.63 -16.03 58.75
C ARG E 1227 -68.41 -17.45 58.25
N LEU E 1228 -68.69 -17.67 56.97
CA LEU E 1228 -68.42 -18.96 56.36
C LEU E 1228 -66.92 -19.22 56.32
N ALA E 1229 -66.53 -20.46 56.62
CA ALA E 1229 -65.11 -20.80 56.68
C ALA E 1229 -64.87 -22.12 55.95
N LEU E 1230 -63.69 -22.21 55.33
CA LEU E 1230 -63.31 -23.32 54.49
C LEU E 1230 -62.00 -23.92 54.97
N ALA E 1231 -61.97 -25.23 55.11
CA ALA E 1231 -60.75 -25.94 55.50
C ALA E 1231 -60.48 -27.07 54.52
N ALA E 1232 -59.22 -27.28 54.17
CA ALA E 1232 -58.84 -28.29 53.21
C ALA E 1232 -57.67 -29.10 53.75
N SER E 1233 -57.74 -30.41 53.60
CA SER E 1233 -56.68 -31.29 54.05
C SER E 1233 -56.41 -32.36 53.00
N GLY E 1234 -55.21 -32.90 53.01
CA GLY E 1234 -54.84 -33.91 52.03
C GLY E 1234 -54.61 -35.27 52.65
N PHE E 1235 -55.54 -36.21 52.41
CA PHE E 1235 -55.42 -37.57 52.93
C PHE E 1235 -54.53 -38.34 51.98
N GLN E 1236 -53.24 -38.46 52.31
CA GLN E 1236 -52.30 -39.11 51.42
C GLN E 1236 -52.46 -40.62 51.42
N GLY E 1237 -52.91 -41.20 52.55
CA GLY E 1237 -53.04 -42.65 52.62
C GLY E 1237 -53.99 -43.20 51.58
N GLU E 1238 -55.15 -42.56 51.44
CA GLU E 1238 -56.12 -42.96 50.43
C GLU E 1238 -56.02 -42.13 49.16
N ASP E 1239 -55.07 -41.20 49.08
CA ASP E 1239 -54.85 -40.36 47.91
C ASP E 1239 -56.13 -39.59 47.55
N THR E 1240 -56.52 -38.70 48.45
CA THR E 1240 -57.74 -37.91 48.25
C THR E 1240 -57.59 -36.58 48.96
N LEU E 1241 -58.53 -35.68 48.68
CA LEU E 1241 -58.56 -34.35 49.27
C LEU E 1241 -59.88 -34.18 50.01
N LEU E 1242 -59.81 -33.73 51.26
CA LEU E 1242 -61.00 -33.51 52.08
C LEU E 1242 -61.23 -32.02 52.23
N VAL E 1243 -62.48 -31.60 52.02
CA VAL E 1243 -62.87 -30.20 52.13
C VAL E 1243 -64.02 -30.09 53.10
N PHE E 1244 -63.91 -29.15 54.03
CA PHE E 1244 -64.95 -28.91 55.02
C PHE E 1244 -65.39 -27.46 54.95
N VAL E 1245 -66.70 -27.24 55.01
CA VAL E 1245 -67.29 -25.92 55.03
C VAL E 1245 -68.07 -25.80 56.32
N TYR E 1246 -67.80 -24.75 57.10
CA TYR E 1246 -68.41 -24.65 58.41
C TYR E 1246 -68.66 -23.19 58.76
N LYS E 1247 -69.27 -22.98 59.93
CA LYS E 1247 -69.56 -21.66 60.45
C LYS E 1247 -68.64 -21.37 61.62
N THR E 1248 -67.96 -20.23 61.58
CA THR E 1248 -67.00 -19.88 62.61
C THR E 1248 -67.69 -19.75 63.96
N GLY E 1249 -67.10 -20.37 64.98
CA GLY E 1249 -67.66 -20.34 66.31
C GLY E 1249 -66.57 -20.54 67.34
N LYS E 1250 -66.96 -20.48 68.61
CA LYS E 1250 -65.98 -20.60 69.69
C LYS E 1250 -65.42 -22.02 69.78
N SER E 1251 -66.26 -23.02 69.56
CA SER E 1251 -65.82 -24.41 69.64
C SER E 1251 -66.74 -25.27 68.78
N TYR E 1252 -66.28 -26.50 68.51
CA TYR E 1252 -67.01 -27.43 67.67
C TYR E 1252 -67.13 -28.78 68.35
N SER E 1253 -68.26 -29.42 68.16
CA SER E 1253 -68.48 -30.77 68.67
C SER E 1253 -68.06 -31.78 67.59
N ASP E 1254 -68.36 -33.06 67.80
CA ASP E 1254 -67.99 -34.08 66.85
C ASP E 1254 -68.80 -33.94 65.57
N PHE E 1255 -68.18 -34.29 64.44
CA PHE E 1255 -68.84 -34.14 63.16
C PHE E 1255 -69.92 -35.18 62.97
N GLY E 1256 -70.82 -34.91 62.01
CA GLY E 1256 -71.87 -35.83 61.67
C GLY E 1256 -72.98 -35.85 62.69
N GLY E 1257 -73.99 -36.66 62.40
CA GLY E 1257 -75.11 -36.78 63.32
C GLY E 1257 -75.88 -35.48 63.44
N SER E 1258 -76.08 -35.04 64.67
CA SER E 1258 -76.87 -33.84 64.93
C SER E 1258 -76.11 -32.55 64.66
N ASN E 1259 -74.79 -32.61 64.50
CA ASN E 1259 -74.01 -31.40 64.28
C ASN E 1259 -74.26 -30.88 62.87
N LYS E 1260 -75.04 -29.81 62.77
CA LYS E 1260 -75.42 -29.23 61.49
C LYS E 1260 -74.50 -28.12 61.04
N ASN E 1261 -73.41 -27.87 61.77
CA ASN E 1261 -72.55 -26.73 61.52
C ASN E 1261 -71.37 -27.07 60.61
N VAL E 1262 -71.24 -28.32 60.15
CA VAL E 1262 -70.12 -28.73 59.33
C VAL E 1262 -70.62 -29.58 58.18
N ALA E 1263 -70.16 -29.26 56.97
CA ALA E 1263 -70.46 -30.08 55.79
C ALA E 1263 -69.16 -30.48 55.13
N GLY E 1264 -69.18 -31.66 54.50
CA GLY E 1264 -67.96 -32.26 53.98
C GLY E 1264 -68.02 -32.49 52.48
N MET E 1265 -66.85 -32.77 51.92
CA MET E 1265 -66.70 -33.00 50.50
C MET E 1265 -65.39 -33.76 50.28
N THR E 1266 -65.39 -34.67 49.32
CA THR E 1266 -64.22 -35.50 49.00
C THR E 1266 -63.89 -35.39 47.52
N ILE E 1267 -62.62 -35.15 47.21
CA ILE E 1267 -62.16 -34.97 45.84
C ILE E 1267 -61.09 -36.01 45.54
N TYR E 1268 -61.24 -36.70 44.41
CA TYR E 1268 -60.33 -37.77 44.05
C TYR E 1268 -59.27 -37.27 43.09
N GLY E 1269 -58.42 -38.19 42.62
CA GLY E 1269 -57.31 -37.81 41.77
C GLY E 1269 -57.74 -37.26 40.43
N ASP E 1270 -58.76 -37.86 39.82
CA ASP E 1270 -59.16 -37.49 38.47
C ASP E 1270 -60.05 -36.26 38.42
N GLY E 1271 -60.39 -35.68 39.57
CA GLY E 1271 -61.24 -34.51 39.62
C GLY E 1271 -62.68 -34.79 40.02
N SER E 1272 -63.12 -36.04 39.99
CA SER E 1272 -64.46 -36.37 40.43
C SER E 1272 -64.60 -36.15 41.93
N PHE E 1273 -65.81 -35.79 42.35
CA PHE E 1273 -66.08 -35.50 43.75
C PHE E 1273 -67.10 -36.49 44.29
N LYS E 1274 -67.36 -36.36 45.60
CA LYS E 1274 -68.35 -37.19 46.26
C LYS E 1274 -68.72 -36.56 47.59
N LYS E 1275 -70.01 -36.24 47.76
CA LYS E 1275 -70.49 -35.64 49.00
C LYS E 1275 -70.48 -36.69 50.10
N MET E 1276 -69.93 -36.33 51.26
CA MET E 1276 -69.76 -37.28 52.34
C MET E 1276 -71.02 -37.39 53.19
N GLU E 1277 -71.32 -38.60 53.64
CA GLU E 1277 -72.47 -38.89 54.48
C GLU E 1277 -72.05 -38.88 55.95
N ASN E 1278 -73.02 -39.13 56.83
CA ASN E 1278 -72.77 -39.05 58.26
C ASN E 1278 -71.73 -40.07 58.71
N THR E 1279 -71.83 -41.31 58.21
CA THR E 1279 -70.89 -42.34 58.62
C THR E 1279 -69.46 -41.98 58.21
N ALA E 1280 -69.28 -41.49 56.99
CA ALA E 1280 -67.96 -41.05 56.57
C ALA E 1280 -67.54 -39.77 57.28
N LEU E 1281 -68.50 -38.89 57.58
CA LEU E 1281 -68.17 -37.63 58.24
C LEU E 1281 -67.64 -37.87 59.64
N SER E 1282 -68.22 -38.83 60.37
CA SER E 1282 -67.79 -39.09 61.74
C SER E 1282 -66.35 -39.60 61.80
N ARG E 1283 -65.81 -40.07 60.68
CA ARG E 1283 -64.46 -40.60 60.67
C ARG E 1283 -63.41 -39.52 60.92
N TYR E 1284 -63.69 -38.28 60.50
CA TYR E 1284 -62.73 -37.19 60.56
C TYR E 1284 -63.03 -36.19 61.67
N SER E 1285 -63.63 -36.65 62.78
CA SER E 1285 -63.96 -35.73 63.86
C SER E 1285 -62.72 -35.13 64.51
N GLN E 1286 -61.58 -35.81 64.44
CA GLN E 1286 -60.38 -35.32 65.11
C GLN E 1286 -59.80 -34.08 64.45
N LEU E 1287 -60.25 -33.73 63.26
CA LEU E 1287 -59.71 -32.58 62.55
C LEU E 1287 -60.28 -31.25 63.04
N LYS E 1288 -61.25 -31.28 63.95
CA LYS E 1288 -61.87 -30.04 64.42
C LYS E 1288 -60.89 -29.15 65.15
N ASN E 1289 -59.78 -29.68 65.63
CA ASN E 1289 -58.80 -28.87 66.34
C ASN E 1289 -58.05 -27.92 65.42
N THR E 1290 -58.18 -28.07 64.11
CA THR E 1290 -57.49 -27.21 63.15
C THR E 1290 -58.44 -26.26 62.43
N PHE E 1291 -59.56 -25.90 63.06
CA PHE E 1291 -60.50 -24.97 62.47
C PHE E 1291 -60.31 -23.58 63.07
N ASP E 1292 -60.72 -22.57 62.31
CA ASP E 1292 -60.70 -21.21 62.83
C ASP E 1292 -61.75 -21.06 63.93
N ILE E 1293 -61.40 -20.32 64.98
CA ILE E 1293 -62.28 -20.14 66.12
C ILE E 1293 -62.27 -18.68 66.55
N ILE E 1294 -63.29 -18.30 67.29
CA ILE E 1294 -63.36 -16.99 67.92
C ILE E 1294 -62.79 -17.10 69.33
N HIS E 1295 -61.82 -16.26 69.65
CA HIS E 1295 -61.16 -16.35 70.94
C HIS E 1295 -62.14 -16.07 72.07
N THR E 1296 -62.06 -16.89 73.13
CA THR E 1296 -62.94 -16.71 74.27
C THR E 1296 -62.68 -15.38 74.98
N GLN E 1297 -61.41 -15.07 75.22
CA GLN E 1297 -61.04 -13.80 75.86
C GLN E 1297 -60.85 -12.76 74.77
N GLY E 1298 -61.90 -11.98 74.53
CA GLY E 1298 -61.86 -10.98 73.47
C GLY E 1298 -62.25 -11.58 72.14
N ASN E 1299 -63.25 -10.99 71.48
CA ASN E 1299 -63.78 -11.52 70.22
C ASN E 1299 -62.77 -11.24 69.10
N ASP E 1300 -61.65 -11.96 69.17
CA ASP E 1300 -60.56 -11.83 68.22
C ASP E 1300 -60.49 -13.10 67.37
N LEU E 1301 -60.56 -12.93 66.06
CA LEU E 1301 -60.51 -14.08 65.15
C LEU E 1301 -59.09 -14.61 65.06
N VAL E 1302 -58.94 -15.93 65.20
CA VAL E 1302 -57.66 -16.61 65.04
C VAL E 1302 -57.82 -17.65 63.95
N ARG E 1303 -56.83 -17.74 63.07
CA ARG E 1303 -56.82 -18.71 62.00
C ARG E 1303 -55.79 -19.79 62.29
N LYS E 1304 -56.21 -21.04 62.18
CA LYS E 1304 -55.33 -22.18 62.43
C LYS E 1304 -55.01 -22.87 61.11
N ALA E 1305 -53.73 -23.13 60.90
CA ALA E 1305 -53.30 -23.77 59.66
C ALA E 1305 -53.80 -25.22 59.60
N SER E 1306 -54.29 -25.62 58.44
CA SER E 1306 -54.76 -26.98 58.26
C SER E 1306 -53.57 -27.95 58.23
N TYR E 1307 -53.87 -29.22 58.47
CA TYR E 1307 -52.85 -30.26 58.55
C TYR E 1307 -53.22 -31.42 57.66
N ARG E 1308 -52.21 -32.17 57.23
CA ARG E 1308 -52.44 -33.42 56.54
C ARG E 1308 -53.04 -34.43 57.50
N PHE E 1309 -54.05 -35.16 57.03
CA PHE E 1309 -54.79 -36.07 57.90
C PHE E 1309 -54.23 -37.48 57.85
N ALA E 1310 -54.31 -38.17 58.99
CA ALA E 1310 -54.02 -39.59 59.08
C ALA E 1310 -54.85 -40.14 60.23
N GLN E 1311 -55.03 -41.46 60.23
CA GLN E 1311 -55.94 -42.06 61.20
C GLN E 1311 -55.36 -42.01 62.61
N ASP E 1312 -54.26 -42.69 62.83
CA ASP E 1312 -53.56 -42.59 64.11
C ASP E 1312 -52.06 -42.44 63.94
N PHE E 1313 -51.47 -43.10 62.95
CA PHE E 1313 -50.04 -43.01 62.68
C PHE E 1313 -49.85 -42.97 61.18
N GLU E 1314 -48.86 -42.21 60.73
CA GLU E 1314 -48.53 -42.08 59.33
C GLU E 1314 -47.31 -42.93 59.00
N VAL E 1315 -47.44 -43.79 58.00
CA VAL E 1315 -46.35 -44.61 57.50
C VAL E 1315 -46.31 -44.47 55.99
N PRO E 1316 -45.13 -44.39 55.38
CA PRO E 1316 -45.07 -44.24 53.92
C PRO E 1316 -45.72 -45.42 53.23
N ALA E 1317 -46.39 -45.15 52.11
CA ALA E 1317 -47.14 -46.18 51.41
C ALA E 1317 -46.25 -47.21 50.73
N SER E 1318 -45.01 -46.85 50.43
CA SER E 1318 -44.12 -47.77 49.73
C SER E 1318 -42.68 -47.49 50.15
N LEU E 1319 -41.81 -48.47 49.91
CA LEU E 1319 -40.41 -48.35 50.28
C LEU E 1319 -39.55 -49.02 49.22
N ASN E 1320 -38.67 -48.25 48.58
CA ASN E 1320 -37.78 -48.77 47.56
C ASN E 1320 -36.48 -49.21 48.24
N MET E 1321 -36.31 -50.52 48.40
CA MET E 1321 -35.15 -51.05 49.10
C MET E 1321 -33.86 -50.67 48.38
N GLY E 1322 -33.84 -50.77 47.05
CA GLY E 1322 -32.67 -50.42 46.28
C GLY E 1322 -31.98 -51.63 45.66
N SER E 1323 -30.65 -51.63 45.70
CA SER E 1323 -29.87 -52.73 45.15
C SER E 1323 -28.56 -52.83 45.91
N ALA E 1324 -27.91 -53.99 45.79
CA ALA E 1324 -26.66 -54.23 46.50
C ALA E 1324 -25.82 -55.21 45.70
N ILE E 1325 -24.54 -55.27 46.01
CA ILE E 1325 -23.58 -56.15 45.35
C ILE E 1325 -23.14 -57.21 46.34
N GLY E 1326 -23.13 -58.46 45.89
CA GLY E 1326 -22.73 -59.57 46.74
C GLY E 1326 -21.23 -59.65 46.91
N ASP E 1327 -20.81 -60.69 47.62
CA ASP E 1327 -19.39 -60.88 47.88
C ASP E 1327 -18.64 -61.25 46.61
N ASP E 1328 -17.42 -60.74 46.49
CA ASP E 1328 -16.51 -61.02 45.38
C ASP E 1328 -17.08 -60.61 44.03
N SER E 1329 -18.04 -59.69 44.03
CA SER E 1329 -18.65 -59.18 42.80
C SER E 1329 -19.17 -60.32 41.93
N LEU E 1330 -19.88 -61.25 42.56
CA LEU E 1330 -20.42 -62.42 41.88
C LEU E 1330 -21.92 -62.33 41.64
N THR E 1331 -22.68 -61.95 42.66
CA THR E 1331 -24.13 -61.87 42.57
C THR E 1331 -24.59 -60.43 42.81
N VAL E 1332 -25.88 -60.20 42.62
CA VAL E 1332 -26.46 -58.87 42.82
C VAL E 1332 -27.95 -59.02 43.06
N MET E 1333 -28.44 -58.29 44.07
CA MET E 1333 -29.86 -58.18 44.35
C MET E 1333 -30.39 -56.88 43.78
N GLU E 1334 -31.52 -56.96 43.09
CA GLU E 1334 -32.11 -55.82 42.41
C GLU E 1334 -33.60 -55.76 42.68
N ASN E 1335 -34.18 -54.59 42.34
CA ASN E 1335 -35.63 -54.41 42.28
C ASN E 1335 -36.30 -54.66 43.63
N GLY E 1336 -35.56 -54.53 44.72
CA GLY E 1336 -36.13 -54.68 46.04
C GLY E 1336 -37.14 -53.58 46.29
N ASN E 1337 -38.39 -53.94 46.55
CA ASN E 1337 -39.43 -52.94 46.69
C ASN E 1337 -40.57 -53.50 47.53
N ILE E 1338 -41.11 -52.67 48.41
CA ILE E 1338 -42.33 -52.99 49.14
C ILE E 1338 -43.39 -51.98 48.70
N PRO E 1339 -44.30 -52.36 47.83
CA PRO E 1339 -45.20 -51.38 47.23
C PRO E 1339 -46.33 -50.93 48.14
N GLN E 1340 -46.71 -51.76 49.10
CA GLN E 1340 -47.84 -51.46 49.97
C GLN E 1340 -47.45 -51.67 51.43
N ILE E 1341 -47.66 -50.63 52.24
CA ILE E 1341 -47.45 -50.70 53.68
C ILE E 1341 -48.68 -50.12 54.35
N THR E 1342 -49.33 -50.90 55.20
CA THR E 1342 -50.55 -50.48 55.87
C THR E 1342 -50.35 -50.54 57.38
N SER E 1343 -51.13 -49.74 58.10
CA SER E 1343 -51.06 -49.66 59.54
C SER E 1343 -52.45 -49.84 60.14
N LYS E 1344 -52.48 -50.38 61.36
CA LYS E 1344 -53.74 -50.56 62.07
C LYS E 1344 -53.49 -50.38 63.56
N TYR E 1345 -54.15 -49.40 64.16
CA TYR E 1345 -54.03 -49.11 65.58
C TYR E 1345 -55.31 -49.55 66.26
N SER E 1346 -55.29 -50.70 66.90
CA SER E 1346 -56.47 -51.26 67.56
C SER E 1346 -56.22 -51.24 69.07
N SER E 1347 -57.14 -50.62 69.81
CA SER E 1347 -56.98 -50.43 71.25
C SER E 1347 -55.68 -49.69 71.54
N ASP E 1348 -54.68 -50.40 72.04
CA ASP E 1348 -53.37 -49.83 72.31
C ASP E 1348 -52.25 -50.59 71.60
N ASN E 1349 -52.58 -51.32 70.55
CA ASN E 1349 -51.61 -52.12 69.81
C ASN E 1349 -51.55 -51.63 68.37
N LEU E 1350 -50.33 -51.38 67.90
CA LEU E 1350 -50.08 -50.93 66.55
C LEU E 1350 -49.51 -52.08 65.74
N ALA E 1351 -50.14 -52.39 64.61
CA ALA E 1351 -49.71 -53.46 63.73
C ALA E 1351 -49.41 -52.90 62.35
N ILE E 1352 -48.31 -53.36 61.76
CA ILE E 1352 -47.86 -52.90 60.46
C ILE E 1352 -47.85 -54.10 59.51
N THR E 1353 -48.47 -53.94 58.36
CA THR E 1353 -48.55 -54.99 57.35
C THR E 1353 -47.80 -54.57 56.11
N LEU E 1354 -46.88 -55.44 55.65
CA LEU E 1354 -46.12 -55.22 54.43
C LEU E 1354 -46.65 -56.17 53.36
N HIS E 1355 -47.03 -55.63 52.21
CA HIS E 1355 -47.62 -56.41 51.14
C HIS E 1355 -46.66 -56.51 49.97
N ASN E 1356 -46.46 -57.73 49.48
CA ASN E 1356 -45.71 -57.99 48.25
C ASN E 1356 -44.26 -57.52 48.37
N ALA E 1357 -43.61 -57.90 49.46
CA ALA E 1357 -42.18 -57.65 49.61
C ALA E 1357 -41.41 -58.56 48.66
N ALA E 1358 -40.80 -57.97 47.63
CA ALA E 1358 -40.19 -58.74 46.56
C ALA E 1358 -38.80 -58.20 46.24
N PHE E 1359 -37.97 -59.08 45.70
CA PHE E 1359 -36.64 -58.70 45.24
C PHE E 1359 -36.10 -59.80 44.33
N THR E 1360 -35.23 -59.43 43.40
CA THR E 1360 -34.66 -60.39 42.46
C THR E 1360 -33.18 -60.60 42.77
N VAL E 1361 -32.72 -61.83 42.61
CA VAL E 1361 -31.32 -62.18 42.80
C VAL E 1361 -30.78 -62.73 41.49
N ARG E 1362 -29.65 -62.18 41.03
CA ARG E 1362 -29.09 -62.57 39.75
C ARG E 1362 -27.58 -62.71 39.86
N TYR E 1363 -27.04 -63.75 39.22
CA TYR E 1363 -25.59 -63.94 39.16
C TYR E 1363 -25.02 -63.02 38.10
N ASP E 1364 -24.24 -62.03 38.53
CA ASP E 1364 -23.67 -61.05 37.60
C ASP E 1364 -22.59 -60.27 38.35
N GLY E 1365 -21.54 -59.91 37.63
CA GLY E 1365 -20.47 -59.10 38.19
C GLY E 1365 -20.54 -57.68 37.65
N SER E 1366 -20.30 -56.71 38.54
CA SER E 1366 -20.42 -55.31 38.17
C SER E 1366 -19.11 -54.76 37.59
N GLY E 1367 -18.56 -55.47 36.61
CA GLY E 1367 -17.44 -54.99 35.85
C GLY E 1367 -16.10 -55.53 36.31
N ASN E 1368 -15.65 -56.61 35.67
CA ASN E 1368 -14.34 -57.20 35.90
C ASN E 1368 -14.15 -58.41 35.00
N VAL E 1369 -13.00 -59.07 35.09
CA VAL E 1369 -12.79 -60.33 34.37
C VAL E 1369 -13.76 -61.40 34.86
N ILE E 1370 -14.20 -61.32 36.11
CA ILE E 1370 -15.08 -62.34 36.67
C ILE E 1370 -16.36 -62.46 35.85
N ARG E 1371 -17.10 -61.36 35.73
CA ARG E 1371 -18.35 -61.40 34.98
C ARG E 1371 -18.12 -61.79 33.53
N ASN E 1372 -17.06 -61.25 32.92
CA ASN E 1372 -16.81 -61.50 31.51
C ASN E 1372 -16.57 -62.99 31.24
N LYS E 1373 -15.81 -63.66 32.11
CA LYS E 1373 -15.34 -65.00 31.79
C LYS E 1373 -15.91 -66.08 32.72
N GLN E 1374 -15.74 -65.93 34.03
CA GLN E 1374 -16.04 -67.03 34.94
C GLN E 1374 -17.54 -67.30 35.00
N ILE E 1375 -18.35 -66.24 35.09
CA ILE E 1375 -19.79 -66.42 35.15
C ILE E 1375 -20.31 -67.07 33.88
N SER E 1376 -19.86 -66.60 32.72
CA SER E 1376 -20.23 -67.24 31.47
C SER E 1376 -19.76 -68.68 31.41
N ALA E 1377 -18.62 -68.98 32.03
CA ALA E 1377 -18.15 -70.36 32.08
C ALA E 1377 -19.09 -71.24 32.89
N MET E 1378 -19.56 -70.73 34.02
CA MET E 1378 -20.50 -71.50 34.85
C MET E 1378 -21.90 -71.57 34.26
N LYS E 1379 -22.23 -70.73 33.29
CA LYS E 1379 -23.54 -70.81 32.66
C LYS E 1379 -23.59 -71.81 31.52
N LEU E 1380 -22.45 -72.39 31.15
CA LEU E 1380 -22.42 -73.37 30.07
C LEU E 1380 -23.08 -74.66 30.51
N THR E 1381 -23.58 -75.42 29.54
CA THR E 1381 -24.21 -76.70 29.83
C THR E 1381 -23.17 -77.81 29.84
N GLY E 1382 -23.33 -78.76 30.75
CA GLY E 1382 -22.42 -79.88 30.86
C GLY E 1382 -22.78 -80.99 29.90
N VAL E 1383 -22.06 -82.10 30.02
CA VAL E 1383 -22.29 -83.25 29.16
C VAL E 1383 -23.22 -84.29 29.81
N ASP E 1384 -23.31 -84.31 31.14
CA ASP E 1384 -24.25 -85.21 31.80
C ASP E 1384 -25.68 -84.71 31.74
N GLY E 1385 -25.92 -83.58 31.07
CA GLY E 1385 -27.25 -83.05 30.89
C GLY E 1385 -27.48 -81.73 31.60
N LYS E 1386 -27.31 -80.64 30.85
CA LYS E 1386 -27.73 -79.29 31.22
C LYS E 1386 -27.34 -78.91 32.65
N SER E 1387 -28.21 -78.17 33.31
CA SER E 1387 -28.06 -77.79 34.72
C SER E 1387 -26.81 -76.95 34.97
N GLN E 1388 -25.84 -77.50 35.69
CA GLN E 1388 -24.67 -76.83 36.22
C GLN E 1388 -25.03 -75.78 37.28
N TYR E 1389 -26.25 -75.79 37.79
CA TYR E 1389 -26.66 -74.90 38.86
C TYR E 1389 -26.73 -75.66 40.17
N GLY E 1390 -26.34 -74.99 41.25
CA GLY E 1390 -26.30 -75.63 42.56
C GLY E 1390 -25.07 -76.47 42.80
N ASN E 1391 -24.06 -76.38 41.93
CA ASN E 1391 -22.85 -77.17 42.07
C ASN E 1391 -21.78 -76.38 42.82
N ALA E 1392 -20.68 -77.06 43.13
CA ALA E 1392 -19.53 -76.44 43.79
C ALA E 1392 -18.46 -76.14 42.75
N PHE E 1393 -17.90 -74.94 42.83
CA PHE E 1393 -16.96 -74.46 41.83
C PHE E 1393 -15.66 -74.01 42.48
N ILE E 1394 -14.57 -74.11 41.72
CA ILE E 1394 -13.27 -73.58 42.10
C ILE E 1394 -12.89 -72.52 41.09
N ILE E 1395 -12.64 -71.30 41.56
CA ILE E 1395 -12.29 -70.19 40.69
C ILE E 1395 -11.02 -69.53 41.21
N ALA E 1396 -10.53 -68.56 40.45
CA ALA E 1396 -9.30 -67.84 40.80
C ALA E 1396 -9.63 -66.45 41.33
N ASN E 1397 -8.83 -66.02 42.30
CA ASN E 1397 -8.99 -64.69 42.87
C ASN E 1397 -8.78 -63.60 41.82
N THR E 1398 -7.55 -63.49 41.32
CA THR E 1398 -7.19 -62.51 40.30
C THR E 1398 -6.39 -63.21 39.22
N VAL E 1399 -6.85 -63.09 37.98
CA VAL E 1399 -6.22 -63.73 36.84
C VAL E 1399 -5.80 -62.64 35.86
N LYS E 1400 -4.54 -62.70 35.41
CA LYS E 1400 -3.99 -61.68 34.53
C LYS E 1400 -3.25 -62.32 33.37
N HIS E 1401 -3.28 -61.64 32.22
CA HIS E 1401 -2.52 -62.10 31.07
C HIS E 1401 -1.04 -62.12 31.41
N TYR E 1402 -0.36 -63.20 31.04
CA TYR E 1402 1.05 -63.38 31.38
C TYR E 1402 1.96 -63.31 30.16
N GLY E 1403 1.59 -63.96 29.07
CA GLY E 1403 2.43 -63.95 27.89
C GLY E 1403 1.82 -64.79 26.79
N GLY E 1404 2.61 -65.01 25.75
CA GLY E 1404 2.22 -65.78 24.60
C GLY E 1404 2.45 -65.00 23.33
N TYR E 1405 2.07 -65.61 22.20
CA TYR E 1405 2.24 -64.94 20.91
C TYR E 1405 1.38 -63.69 20.83
N SER E 1406 0.15 -63.75 21.33
CA SER E 1406 -0.73 -62.60 21.35
C SER E 1406 -1.68 -62.75 22.54
N ASP E 1407 -2.27 -61.64 22.95
CA ASP E 1407 -3.20 -61.63 24.08
C ASP E 1407 -4.62 -61.76 23.53
N LEU E 1408 -5.11 -62.99 23.47
CA LEU E 1408 -6.50 -63.24 23.12
C LEU E 1408 -7.37 -62.95 24.33
N GLY E 1409 -8.62 -63.40 24.28
CA GLY E 1409 -9.46 -63.32 25.46
C GLY E 1409 -8.93 -64.12 26.63
N GLY E 1410 -8.02 -65.06 26.35
CA GLY E 1410 -7.39 -65.84 27.39
C GLY E 1410 -8.24 -67.00 27.83
N PRO E 1411 -7.64 -68.17 27.92
CA PRO E 1411 -8.41 -69.34 28.40
C PRO E 1411 -8.65 -69.24 29.88
N ILE E 1412 -9.88 -68.90 30.26
CA ILE E 1412 -10.28 -68.82 31.66
C ILE E 1412 -10.97 -70.12 32.00
N THR E 1413 -10.47 -70.80 33.03
CA THR E 1413 -10.92 -72.13 33.38
C THR E 1413 -11.57 -72.14 34.76
N VAL E 1414 -12.58 -72.97 34.91
CA VAL E 1414 -13.28 -73.14 36.18
C VAL E 1414 -13.54 -74.64 36.38
N TYR E 1415 -13.39 -75.09 37.62
CA TYR E 1415 -13.55 -76.50 37.98
C TYR E 1415 -14.89 -76.72 38.65
N ASN E 1416 -15.59 -77.77 38.24
CA ASN E 1416 -16.85 -78.19 38.84
C ASN E 1416 -16.57 -79.47 39.62
N LYS E 1417 -16.65 -79.38 40.95
CA LYS E 1417 -16.30 -80.51 41.82
C LYS E 1417 -17.38 -81.57 41.84
N THR E 1418 -18.66 -81.17 41.81
CA THR E 1418 -19.74 -82.14 41.94
C THR E 1418 -19.77 -83.11 40.77
N LYS E 1419 -19.28 -82.70 39.60
CA LYS E 1419 -19.24 -83.55 38.43
C LYS E 1419 -17.85 -83.70 37.84
N ASN E 1420 -16.83 -83.07 38.43
CA ASN E 1420 -15.45 -83.13 37.94
C ASN E 1420 -15.37 -82.67 36.48
N TYR E 1421 -15.73 -81.41 36.28
CA TYR E 1421 -15.71 -80.81 34.95
C TYR E 1421 -14.71 -79.66 34.93
N ILE E 1422 -14.15 -79.40 33.75
CA ILE E 1422 -13.33 -78.23 33.51
C ILE E 1422 -13.99 -77.44 32.39
N ALA E 1423 -14.39 -76.21 32.68
CA ALA E 1423 -15.04 -75.34 31.69
C ALA E 1423 -14.09 -74.19 31.37
N SER E 1424 -13.79 -74.02 30.09
CA SER E 1424 -12.85 -73.00 29.64
C SER E 1424 -13.52 -72.07 28.64
N VAL E 1425 -13.22 -70.78 28.75
CA VAL E 1425 -13.74 -69.77 27.86
C VAL E 1425 -12.58 -68.97 27.27
N GLN E 1426 -12.86 -68.31 26.15
CA GLN E 1426 -11.87 -67.53 25.44
C GLN E 1426 -12.56 -66.41 24.68
N GLY E 1427 -11.79 -65.40 24.31
CA GLY E 1427 -12.35 -64.27 23.58
C GLY E 1427 -12.29 -64.41 22.08
N HIS E 1428 -11.10 -64.68 21.54
CA HIS E 1428 -10.92 -64.85 20.10
C HIS E 1428 -9.93 -65.99 19.87
N LEU E 1429 -9.64 -66.23 18.59
CA LEU E 1429 -8.64 -67.20 18.18
C LEU E 1429 -7.81 -66.60 17.05
N MET E 1430 -6.56 -67.02 16.95
CA MET E 1430 -5.67 -66.45 15.94
C MET E 1430 -6.02 -66.94 14.54
N ASN E 1431 -5.94 -68.24 14.31
CA ASN E 1431 -6.23 -68.81 13.01
C ASN E 1431 -6.74 -70.23 13.18
N ALA E 1432 -7.70 -70.61 12.33
CA ALA E 1432 -8.38 -71.89 12.50
C ALA E 1432 -7.52 -73.08 12.08
N ASP E 1433 -6.51 -72.88 11.23
CA ASP E 1433 -5.75 -74.00 10.72
C ASP E 1433 -4.88 -74.64 11.80
N TYR E 1434 -4.35 -73.85 12.72
CA TYR E 1434 -3.51 -74.41 13.79
C TYR E 1434 -4.34 -75.27 14.73
N THR E 1435 -3.76 -76.40 15.13
CA THR E 1435 -4.39 -77.24 16.14
C THR E 1435 -4.41 -76.50 17.47
N ARG E 1436 -5.50 -76.66 18.21
CA ARG E 1436 -5.70 -75.95 19.47
C ARG E 1436 -6.12 -76.93 20.54
N ARG E 1437 -5.54 -76.79 21.74
CA ARG E 1437 -5.94 -77.62 22.86
C ARG E 1437 -5.61 -76.89 24.15
N LEU E 1438 -6.47 -77.08 25.16
CA LEU E 1438 -6.24 -76.51 26.48
C LEU E 1438 -5.16 -77.29 27.20
N ILE E 1439 -4.21 -76.58 27.79
CA ILE E 1439 -3.06 -77.17 28.45
C ILE E 1439 -2.84 -76.48 29.78
N LEU E 1440 -2.75 -77.26 30.85
CA LEU E 1440 -2.56 -76.74 32.21
C LEU E 1440 -1.27 -77.34 32.77
N THR E 1441 -0.28 -76.48 33.01
CA THR E 1441 1.03 -76.82 33.54
C THR E 1441 1.32 -75.90 34.71
N PRO E 1442 2.07 -76.35 35.73
CA PRO E 1442 2.44 -75.47 36.84
C PRO E 1442 3.65 -74.60 36.57
N VAL E 1443 4.33 -74.76 35.43
CA VAL E 1443 5.56 -74.02 35.19
C VAL E 1443 5.49 -73.11 33.96
N GLU E 1444 4.53 -73.32 33.05
CA GLU E 1444 4.28 -72.49 31.88
C GLU E 1444 5.41 -72.54 30.84
N ASN E 1445 6.48 -73.28 31.10
CA ASN E 1445 7.59 -73.35 30.16
C ASN E 1445 7.87 -74.75 29.64
N ASN E 1446 7.81 -75.75 30.51
CA ASN E 1446 8.09 -77.13 30.12
C ASN E 1446 6.78 -77.80 29.73
N TYR E 1447 6.71 -78.23 28.46
CA TYR E 1447 5.53 -78.94 27.99
C TYR E 1447 5.35 -80.26 28.73
N TYR E 1448 6.45 -80.96 29.00
CA TYR E 1448 6.38 -82.26 29.67
C TYR E 1448 6.04 -82.14 31.15
N ALA E 1449 6.01 -80.94 31.70
CA ALA E 1449 5.60 -80.72 33.08
C ALA E 1449 4.09 -80.50 33.21
N ARG E 1450 3.35 -80.61 32.11
CA ARG E 1450 1.91 -80.38 32.15
C ARG E 1450 1.20 -81.41 33.01
N LEU E 1451 0.07 -81.00 33.58
CA LEU E 1451 -0.79 -81.91 34.31
C LEU E 1451 -2.16 -82.10 33.68
N PHE E 1452 -2.59 -81.20 32.78
CA PHE E 1452 -3.89 -81.36 32.14
C PHE E 1452 -3.77 -81.05 30.66
N GLU E 1453 -4.39 -81.89 29.83
CA GLU E 1453 -4.41 -81.68 28.39
C GLU E 1453 -5.79 -82.07 27.85
N PHE E 1454 -6.44 -81.15 27.17
CA PHE E 1454 -7.76 -81.43 26.58
C PHE E 1454 -7.83 -80.90 25.16
N PRO E 1455 -8.04 -81.75 24.16
CA PRO E 1455 -8.17 -81.27 22.79
C PRO E 1455 -9.58 -80.80 22.49
N PHE E 1456 -9.68 -79.67 21.80
CA PHE E 1456 -10.97 -79.15 21.38
C PHE E 1456 -11.54 -80.05 20.29
N SER E 1457 -12.69 -80.68 20.56
CA SER E 1457 -13.26 -81.61 19.58
C SER E 1457 -13.56 -80.93 18.24
N PRO E 1458 -14.25 -79.78 18.19
CA PRO E 1458 -14.14 -78.94 16.99
C PRO E 1458 -13.00 -77.94 17.18
N ASN E 1459 -12.28 -77.62 16.10
CA ASN E 1459 -11.15 -76.71 16.26
C ASN E 1459 -11.62 -75.28 16.50
N THR E 1460 -12.61 -74.83 15.74
CA THR E 1460 -13.08 -73.45 15.80
C THR E 1460 -14.32 -73.34 16.70
N ILE E 1461 -14.15 -73.67 17.98
CA ILE E 1461 -15.22 -73.54 18.96
C ILE E 1461 -14.63 -72.93 20.22
N LEU E 1462 -15.49 -72.24 20.97
CA LEU E 1462 -15.10 -71.60 22.22
C LEU E 1462 -16.11 -71.98 23.28
N ASN E 1463 -15.71 -71.80 24.55
CA ASN E 1463 -16.58 -72.01 25.70
C ASN E 1463 -17.10 -73.46 25.75
N THR E 1464 -16.16 -74.37 25.99
CA THR E 1464 -16.47 -75.79 26.07
C THR E 1464 -16.16 -76.33 27.46
N VAL E 1465 -16.63 -77.56 27.70
CA VAL E 1465 -16.33 -78.31 28.92
C VAL E 1465 -15.55 -79.56 28.51
N PHE E 1466 -14.87 -80.16 29.49
CA PHE E 1466 -13.90 -81.21 29.17
C PHE E 1466 -14.01 -82.48 29.99
N THR E 1467 -14.69 -82.48 31.13
CA THR E 1467 -15.04 -83.71 31.85
C THR E 1467 -13.79 -84.52 32.22
N VAL E 1468 -13.02 -83.95 33.16
CA VAL E 1468 -11.82 -84.61 33.66
C VAL E 1468 -12.10 -86.08 33.98
N GLY E 1469 -13.14 -86.34 34.75
CA GLY E 1469 -13.57 -87.69 35.04
C GLY E 1469 -13.08 -88.26 36.36
N SER E 1470 -12.27 -87.53 37.11
CA SER E 1470 -11.78 -87.99 38.40
C SER E 1470 -11.57 -86.80 39.33
N ASN E 1471 -11.56 -87.08 40.62
CA ASN E 1471 -11.36 -86.03 41.61
C ASN E 1471 -9.91 -85.57 41.63
N LYS E 1472 -9.62 -84.51 40.88
CA LYS E 1472 -8.28 -83.95 40.78
C LYS E 1472 -8.27 -82.51 41.24
N THR E 1473 -8.96 -82.23 42.35
CA THR E 1473 -9.06 -80.86 42.86
C THR E 1473 -7.69 -80.31 43.25
N SER E 1474 -6.86 -81.14 43.89
CA SER E 1474 -5.54 -80.67 44.29
C SER E 1474 -4.69 -80.32 43.08
N ASP E 1475 -4.73 -81.16 42.04
CA ASP E 1475 -3.95 -80.89 40.84
C ASP E 1475 -4.38 -79.60 40.17
N PHE E 1476 -5.69 -79.37 40.08
CA PHE E 1476 -6.18 -78.12 39.50
C PHE E 1476 -5.76 -76.93 40.36
N LYS E 1477 -5.80 -77.10 41.68
CA LYS E 1477 -5.42 -76.00 42.57
C LYS E 1477 -3.96 -75.62 42.42
N LYS E 1478 -3.09 -76.63 42.27
CA LYS E 1478 -1.66 -76.34 42.17
C LYS E 1478 -1.21 -76.01 40.75
N CYS E 1479 -2.12 -76.03 39.78
CA CYS E 1479 -1.77 -75.76 38.37
C CYS E 1479 -2.24 -74.36 38.00
N SER E 1480 -1.31 -73.43 37.92
CA SER E 1480 -1.57 -72.12 37.37
C SER E 1480 -1.30 -72.14 35.88
N TYR E 1481 -1.25 -70.97 35.24
CA TYR E 1481 -0.78 -70.83 33.86
C TYR E 1481 -1.62 -71.66 32.89
N ALA E 1482 -2.88 -71.27 32.74
CA ALA E 1482 -3.72 -71.85 31.71
C ALA E 1482 -3.20 -71.46 30.33
N VAL E 1483 -2.91 -72.45 29.49
CA VAL E 1483 -2.28 -72.24 28.19
C VAL E 1483 -3.24 -72.70 27.11
N ASP E 1484 -3.45 -71.86 26.10
CA ASP E 1484 -4.37 -72.14 25.02
C ASP E 1484 -3.69 -72.56 23.72
N GLY E 1485 -2.40 -72.87 23.77
CA GLY E 1485 -1.68 -73.27 22.57
C GLY E 1485 -1.14 -74.68 22.63
N ASN E 1486 0.18 -74.80 22.82
CA ASN E 1486 0.85 -76.08 23.04
C ASN E 1486 0.64 -77.06 21.88
N ASN E 1487 1.16 -76.68 20.72
CA ASN E 1487 1.14 -77.56 19.57
C ASN E 1487 2.27 -78.58 19.66
N SER E 1488 2.47 -79.33 18.57
CA SER E 1488 3.45 -80.40 18.51
C SER E 1488 4.72 -80.02 17.75
N GLN E 1489 4.82 -78.77 17.29
CA GLN E 1489 6.00 -78.29 16.56
C GLN E 1489 6.88 -77.41 17.43
N GLY E 1490 7.03 -77.78 18.70
CA GLY E 1490 7.69 -76.94 19.68
C GLY E 1490 6.77 -76.74 20.86
N PHE E 1491 6.55 -75.48 21.24
CA PHE E 1491 5.52 -75.17 22.22
C PHE E 1491 4.40 -74.32 21.63
N GLN E 1492 4.72 -73.16 21.06
CA GLN E 1492 3.73 -72.29 20.43
C GLN E 1492 2.60 -71.92 21.38
N ILE E 1493 2.97 -71.20 22.44
CA ILE E 1493 2.02 -70.76 23.45
C ILE E 1493 1.21 -69.61 22.86
N PHE E 1494 -0.02 -69.88 22.44
CA PHE E 1494 -0.87 -68.83 21.88
C PHE E 1494 -1.22 -67.79 22.93
N SER E 1495 -1.56 -68.23 24.14
CA SER E 1495 -1.92 -67.33 25.22
C SER E 1495 -1.69 -68.03 26.55
N SER E 1496 -1.56 -67.23 27.61
CA SER E 1496 -1.31 -67.78 28.94
C SER E 1496 -1.78 -66.79 29.98
N TYR E 1497 -2.41 -67.31 31.04
CA TYR E 1497 -2.98 -66.47 32.09
C TYR E 1497 -2.55 -66.99 33.45
N GLN E 1498 -2.14 -66.07 34.32
CA GLN E 1498 -1.77 -66.38 35.69
C GLN E 1498 -3.00 -66.29 36.58
N SER E 1499 -3.18 -67.28 37.45
CA SER E 1499 -4.40 -67.41 38.24
C SER E 1499 -4.28 -66.86 39.65
N SER E 1500 -3.08 -66.87 40.24
CA SER E 1500 -2.82 -66.32 41.58
C SER E 1500 -3.66 -67.08 42.59
N GLY E 1501 -4.57 -66.45 43.32
CA GLY E 1501 -5.27 -67.10 44.41
C GLY E 1501 -6.35 -68.06 43.95
N TRP E 1502 -6.96 -68.71 44.93
CA TRP E 1502 -8.00 -69.71 44.68
C TRP E 1502 -9.16 -69.50 45.64
N LEU E 1503 -10.38 -69.65 45.13
CA LEU E 1503 -11.59 -69.59 45.93
C LEU E 1503 -12.48 -70.76 45.60
N ASP E 1504 -13.25 -71.21 46.59
CA ASP E 1504 -14.24 -72.26 46.42
C ASP E 1504 -15.61 -71.68 46.74
N ILE E 1505 -16.56 -71.91 45.85
CA ILE E 1505 -17.91 -71.36 46.00
C ILE E 1505 -18.93 -72.46 45.83
N ASP E 1506 -20.11 -72.22 46.39
CA ASP E 1506 -21.26 -73.11 46.25
C ASP E 1506 -22.45 -72.27 45.81
N THR E 1507 -23.01 -72.61 44.65
CA THR E 1507 -24.13 -71.84 44.11
C THR E 1507 -25.49 -72.33 44.60
N GLY E 1508 -25.53 -73.45 45.32
CA GLY E 1508 -26.77 -73.92 45.89
C GLY E 1508 -27.24 -73.01 47.02
N ILE E 1509 -28.54 -73.02 47.26
CA ILE E 1509 -29.15 -72.16 48.26
C ILE E 1509 -30.15 -72.96 49.09
N ASN E 1510 -30.42 -72.46 50.30
CA ASN E 1510 -31.41 -73.05 51.20
C ASN E 1510 -32.53 -72.05 51.41
N ASN E 1511 -33.77 -72.57 51.45
CA ASN E 1511 -34.92 -71.69 51.63
C ASN E 1511 -34.97 -71.08 53.03
N THR E 1512 -34.18 -71.58 53.97
CA THR E 1512 -34.15 -71.02 55.31
C THR E 1512 -33.13 -69.91 55.47
N ASP E 1513 -32.30 -69.65 54.47
CA ASP E 1513 -31.28 -68.60 54.54
C ASP E 1513 -31.66 -67.36 53.77
N ILE E 1514 -32.84 -67.30 53.19
CA ILE E 1514 -33.33 -66.13 52.48
C ILE E 1514 -34.37 -65.47 53.38
N LYS E 1515 -33.95 -64.49 54.17
CA LYS E 1515 -34.79 -64.00 55.25
C LYS E 1515 -34.92 -62.48 55.20
N ILE E 1516 -35.96 -61.99 55.86
CA ILE E 1516 -36.19 -60.58 56.09
C ILE E 1516 -36.32 -60.37 57.58
N THR E 1517 -35.49 -59.49 58.14
CA THR E 1517 -35.50 -59.23 59.57
C THR E 1517 -35.91 -57.79 59.82
N VAL E 1518 -36.81 -57.59 60.78
CA VAL E 1518 -37.34 -56.27 61.10
C VAL E 1518 -37.12 -56.00 62.58
N MET E 1519 -36.59 -54.84 62.88
CA MET E 1519 -36.37 -54.35 64.24
C MET E 1519 -37.38 -53.25 64.51
N ALA E 1520 -38.18 -53.42 65.56
CA ALA E 1520 -39.16 -52.43 65.99
C ALA E 1520 -38.96 -52.21 67.48
N GLY E 1521 -38.28 -51.13 67.82
CA GLY E 1521 -37.94 -50.87 69.20
C GLY E 1521 -37.07 -51.95 69.79
N SER E 1522 -37.63 -52.76 70.69
CA SER E 1522 -36.93 -53.88 71.28
C SER E 1522 -37.31 -55.22 70.68
N LYS E 1523 -38.29 -55.25 69.77
CA LYS E 1523 -38.74 -56.50 69.18
C LYS E 1523 -38.01 -56.78 67.86
N THR E 1524 -37.68 -58.05 67.65
CA THR E 1524 -37.04 -58.51 66.43
C THR E 1524 -37.89 -59.61 65.82
N HIS E 1525 -38.23 -59.47 64.55
CA HIS E 1525 -39.00 -60.48 63.84
C HIS E 1525 -38.24 -60.93 62.61
N THR E 1526 -38.10 -62.25 62.46
CA THR E 1526 -37.42 -62.84 61.32
C THR E 1526 -38.42 -63.66 60.52
N PHE E 1527 -38.51 -63.39 59.23
CA PHE E 1527 -39.39 -64.13 58.33
C PHE E 1527 -38.55 -64.77 57.25
N THR E 1528 -38.56 -66.10 57.21
CA THR E 1528 -37.82 -66.86 56.22
C THR E 1528 -38.72 -67.28 55.07
N ALA E 1529 -38.11 -67.53 53.91
CA ALA E 1529 -38.87 -67.94 52.74
C ALA E 1529 -39.41 -69.36 52.84
N SER E 1530 -38.99 -70.13 53.86
CA SER E 1530 -39.46 -71.50 53.98
C SER E 1530 -40.96 -71.57 54.23
N ASP E 1531 -41.56 -70.51 54.76
CA ASP E 1531 -42.97 -70.52 55.09
C ASP E 1531 -43.72 -69.27 54.68
N HIS E 1532 -43.04 -68.19 54.30
CA HIS E 1532 -43.69 -66.94 53.95
C HIS E 1532 -43.51 -66.56 52.48
N ILE E 1533 -43.19 -67.53 51.63
CA ILE E 1533 -42.94 -67.26 50.22
C ILE E 1533 -44.23 -67.41 49.45
N ALA E 1534 -44.51 -66.45 48.56
CA ALA E 1534 -45.69 -66.57 47.71
C ALA E 1534 -45.51 -67.68 46.68
N SER E 1535 -44.38 -67.67 45.97
CA SER E 1535 -44.09 -68.70 44.98
C SER E 1535 -42.58 -68.73 44.76
N LEU E 1536 -41.98 -69.90 44.96
CA LEU E 1536 -40.55 -70.05 44.78
C LEU E 1536 -40.21 -69.99 43.30
N PRO E 1537 -39.25 -69.17 42.88
CA PRO E 1537 -38.99 -68.96 41.46
C PRO E 1537 -38.24 -70.13 40.84
N ALA E 1538 -38.00 -70.02 39.53
CA ALA E 1538 -37.30 -71.07 38.81
C ALA E 1538 -35.83 -71.11 39.19
N ASN E 1539 -35.34 -72.31 39.50
CA ASN E 1539 -33.96 -72.50 39.91
C ASN E 1539 -33.07 -72.40 38.68
N SER E 1540 -32.52 -71.21 38.45
CA SER E 1540 -31.67 -70.98 37.29
C SER E 1540 -30.64 -69.92 37.61
N PHE E 1541 -29.57 -69.91 36.81
CA PHE E 1541 -28.50 -68.93 36.99
C PHE E 1541 -28.95 -67.51 36.64
N ASP E 1542 -30.07 -67.37 35.94
CA ASP E 1542 -30.55 -66.06 35.52
C ASP E 1542 -31.28 -65.39 36.69
N ALA E 1543 -32.01 -64.32 36.39
CA ALA E 1543 -32.72 -63.58 37.43
C ALA E 1543 -33.76 -64.47 38.10
N MET E 1544 -33.75 -64.48 39.42
CA MET E 1544 -34.71 -65.22 40.22
C MET E 1544 -35.48 -64.25 41.09
N PRO E 1545 -36.76 -63.99 40.81
CA PRO E 1545 -37.54 -63.07 41.66
C PRO E 1545 -38.26 -63.78 42.80
N TYR E 1546 -38.06 -63.28 44.02
CA TYR E 1546 -38.73 -63.78 45.20
C TYR E 1546 -39.80 -62.77 45.61
N THR E 1547 -40.99 -63.27 45.95
CA THR E 1547 -42.09 -62.45 46.43
C THR E 1547 -42.66 -63.08 47.69
N PHE E 1548 -43.10 -62.23 48.62
CA PHE E 1548 -43.53 -62.68 49.93
C PHE E 1548 -45.00 -62.34 50.16
N LYS E 1549 -45.69 -63.22 50.87
CA LYS E 1549 -47.05 -62.94 51.30
C LYS E 1549 -47.02 -61.86 52.37
N PRO E 1550 -48.16 -61.20 52.62
CA PRO E 1550 -48.18 -60.08 53.58
C PRO E 1550 -47.56 -60.48 54.91
N LEU E 1551 -46.73 -59.58 55.44
CA LEU E 1551 -46.00 -59.79 56.68
C LEU E 1551 -46.59 -58.89 57.76
N GLU E 1552 -46.79 -59.45 58.95
CA GLU E 1552 -47.37 -58.74 60.07
C GLU E 1552 -46.29 -58.44 61.10
N ILE E 1553 -46.25 -57.19 61.58
CA ILE E 1553 -45.30 -56.75 62.58
C ILE E 1553 -46.06 -56.13 63.73
N ASP E 1554 -45.78 -56.57 64.95
CA ASP E 1554 -46.37 -56.01 66.16
C ASP E 1554 -45.44 -54.92 66.67
N ALA E 1555 -45.67 -53.68 66.22
CA ALA E 1555 -44.83 -52.56 66.61
C ALA E 1555 -45.48 -51.78 67.75
N SER E 1556 -45.62 -52.47 68.89
CA SER E 1556 -46.18 -51.87 70.09
C SER E 1556 -45.11 -51.44 71.07
N SER E 1557 -43.84 -51.46 70.68
CA SER E 1557 -42.74 -51.11 71.57
C SER E 1557 -41.83 -50.07 70.93
N LEU E 1558 -42.36 -49.26 70.03
CA LEU E 1558 -41.57 -48.22 69.40
C LEU E 1558 -41.34 -47.07 70.38
N ALA E 1559 -40.11 -46.59 70.43
CA ALA E 1559 -39.75 -45.45 71.28
C ALA E 1559 -39.96 -44.16 70.49
N PHE E 1560 -40.99 -43.41 70.87
CA PHE E 1560 -41.38 -42.21 70.12
C PHE E 1560 -40.68 -41.00 70.71
N THR E 1561 -39.74 -40.43 69.96
CA THR E 1561 -39.07 -39.18 70.31
C THR E 1561 -39.45 -38.14 69.28
N ASN E 1562 -39.97 -37.00 69.74
CA ASN E 1562 -40.47 -35.94 68.86
C ASN E 1562 -41.54 -36.48 67.91
N ASN E 1563 -42.39 -37.37 68.42
CA ASN E 1563 -43.51 -37.94 67.67
C ASN E 1563 -43.04 -38.61 66.38
N ILE E 1564 -41.91 -39.31 66.44
CA ILE E 1564 -41.41 -40.06 65.30
C ILE E 1564 -40.47 -41.14 65.81
N ALA E 1565 -40.63 -42.35 65.30
CA ALA E 1565 -39.82 -43.49 65.70
C ALA E 1565 -39.34 -44.25 64.48
N PRO E 1566 -38.17 -44.86 64.55
CA PRO E 1566 -37.64 -45.61 63.41
C PRO E 1566 -38.04 -47.08 63.44
N LEU E 1567 -37.99 -47.69 62.26
CA LEU E 1567 -38.29 -49.10 62.09
C LEU E 1567 -37.32 -49.66 61.05
N ASP E 1568 -36.57 -50.69 61.42
CA ASP E 1568 -35.46 -51.16 60.60
C ASP E 1568 -35.85 -52.43 59.85
N ILE E 1569 -35.55 -52.46 58.55
CA ILE E 1569 -35.84 -53.59 57.69
C ILE E 1569 -34.56 -54.00 56.99
N VAL E 1570 -34.23 -55.29 57.02
CA VAL E 1570 -33.04 -55.82 56.38
C VAL E 1570 -33.39 -57.06 55.59
N PHE E 1571 -32.98 -57.08 54.32
CA PHE E 1571 -33.10 -58.25 53.46
C PHE E 1571 -31.77 -58.97 53.45
N GLU E 1572 -31.74 -60.22 53.88
CA GLU E 1572 -30.50 -61.00 53.94
C GLU E 1572 -30.65 -62.27 53.13
N THR E 1573 -29.58 -62.62 52.40
CA THR E 1573 -29.58 -63.82 51.57
C THR E 1573 -28.16 -64.36 51.52
N LYS E 1574 -27.98 -65.62 51.91
CA LYS E 1574 -26.69 -66.26 51.86
C LYS E 1574 -26.85 -67.70 51.39
N ALA E 1575 -25.83 -68.22 50.73
CA ALA E 1575 -25.86 -69.57 50.22
C ALA E 1575 -25.35 -70.55 51.28
N LYS E 1576 -25.30 -71.84 50.91
CA LYS E 1576 -24.80 -72.85 51.83
C LYS E 1576 -23.33 -72.64 52.15
N ASP E 1577 -22.58 -72.03 51.23
CA ASP E 1577 -21.17 -71.77 51.47
C ASP E 1577 -20.94 -70.67 52.49
N GLY E 1578 -21.97 -69.94 52.89
CA GLY E 1578 -21.84 -68.83 53.79
C GLY E 1578 -21.59 -67.49 53.13
N ARG E 1579 -21.42 -67.46 51.82
CA ARG E 1579 -21.26 -66.20 51.10
C ARG E 1579 -22.55 -65.39 51.16
N VAL E 1580 -22.41 -64.09 51.41
CA VAL E 1580 -23.56 -63.20 51.42
C VAL E 1580 -23.83 -62.76 49.99
N LEU E 1581 -24.93 -63.26 49.41
CA LEU E 1581 -25.27 -62.87 48.05
C LEU E 1581 -25.68 -61.41 47.94
N GLY E 1582 -25.93 -60.76 49.07
CA GLY E 1582 -26.29 -59.35 49.07
C GLY E 1582 -27.03 -58.97 50.34
N LYS E 1583 -26.78 -57.76 50.82
CA LYS E 1583 -27.42 -57.25 52.03
C LYS E 1583 -27.95 -55.85 51.76
N ILE E 1584 -29.21 -55.62 52.07
CA ILE E 1584 -29.85 -54.32 51.86
C ILE E 1584 -30.44 -53.86 53.18
N LYS E 1585 -30.14 -52.63 53.57
CA LYS E 1585 -30.62 -52.05 54.81
C LYS E 1585 -31.44 -50.80 54.52
N GLN E 1586 -32.48 -50.59 55.32
CA GLN E 1586 -33.29 -49.39 55.19
C GLN E 1586 -33.94 -49.11 56.54
N THR E 1587 -34.38 -47.87 56.70
CA THR E 1587 -35.05 -47.43 57.92
C THR E 1587 -36.37 -46.79 57.54
N LEU E 1588 -37.44 -47.19 58.22
CA LEU E 1588 -38.76 -46.63 57.99
C LEU E 1588 -39.10 -45.65 59.10
N SER E 1589 -39.77 -44.56 58.72
CA SER E 1589 -40.15 -43.51 59.66
C SER E 1589 -41.64 -43.59 59.92
N VAL E 1590 -42.01 -43.74 61.19
CA VAL E 1590 -43.40 -43.80 61.62
C VAL E 1590 -43.70 -42.52 62.38
N LYS E 1591 -44.65 -41.74 61.89
CA LYS E 1591 -44.98 -40.46 62.51
C LYS E 1591 -46.28 -40.59 63.30
N ARG E 1592 -46.33 -39.92 64.46
CA ARG E 1592 -47.50 -39.94 65.31
C ARG E 1592 -48.34 -38.70 65.06
N VAL E 1593 -49.64 -38.90 64.86
CA VAL E 1593 -50.54 -37.77 64.65
C VAL E 1593 -50.76 -37.06 65.98
N ASN E 1594 -50.54 -35.74 65.99
CA ASN E 1594 -50.66 -34.94 67.21
C ASN E 1594 -51.43 -33.67 66.85
N TYR E 1595 -52.70 -33.62 67.24
CA TYR E 1595 -53.56 -32.47 67.02
C TYR E 1595 -53.89 -31.74 68.31
N ASN E 1596 -52.97 -31.74 69.27
CA ASN E 1596 -53.22 -31.06 70.53
C ASN E 1596 -53.32 -29.56 70.31
N PRO E 1597 -54.20 -28.87 71.03
CA PRO E 1597 -54.38 -27.43 70.79
C PRO E 1597 -53.12 -26.61 71.00
N GLU E 1598 -52.22 -27.05 71.87
CA GLU E 1598 -51.00 -26.30 72.12
C GLU E 1598 -49.87 -26.63 71.16
N ASP E 1599 -50.11 -27.50 70.18
CA ASP E 1599 -49.09 -27.89 69.21
C ASP E 1599 -49.52 -27.57 67.78
N ILE E 1600 -50.42 -26.60 67.62
CA ILE E 1600 -50.95 -26.22 66.32
C ILE E 1600 -50.62 -24.75 66.09
N LEU E 1601 -49.95 -24.46 64.98
CA LEU E 1601 -49.67 -23.07 64.63
C LEU E 1601 -50.96 -22.32 64.37
N PHE E 1602 -51.08 -21.13 64.94
CA PHE E 1602 -52.23 -20.28 64.61
C PHE E 1602 -51.77 -18.86 64.43
N LEU E 1603 -52.46 -18.14 63.55
CA LEU E 1603 -52.10 -16.77 63.18
C LEU E 1603 -53.03 -15.79 63.87
N ARG E 1604 -52.44 -14.77 64.51
CA ARG E 1604 -53.21 -13.74 65.17
C ARG E 1604 -52.74 -12.38 64.69
N GLU E 1605 -53.60 -11.38 64.86
CA GLU E 1605 -53.30 -10.01 64.47
C GLU E 1605 -53.65 -9.09 65.62
N THR E 1606 -52.70 -8.22 65.99
CA THR E 1606 -52.94 -7.27 67.06
C THR E 1606 -53.71 -6.06 66.53
N HIS E 1607 -54.09 -5.18 67.46
CA HIS E 1607 -54.80 -3.96 67.07
C HIS E 1607 -53.89 -2.97 66.37
N SER E 1608 -52.58 -3.12 66.50
CA SER E 1608 -51.65 -2.23 65.82
C SER E 1608 -51.38 -2.63 64.38
N GLY E 1609 -51.89 -3.77 63.94
CA GLY E 1609 -51.70 -4.22 62.58
C GLY E 1609 -50.59 -5.22 62.37
N ALA E 1610 -49.97 -5.72 63.44
CA ALA E 1610 -48.90 -6.69 63.33
C ALA E 1610 -49.46 -8.10 63.37
N GLN E 1611 -49.05 -8.93 62.42
CA GLN E 1611 -49.50 -10.31 62.34
C GLN E 1611 -48.39 -11.23 62.83
N TYR E 1612 -48.74 -12.14 63.73
CA TYR E 1612 -47.77 -13.09 64.26
C TYR E 1612 -48.35 -14.49 64.27
N MET E 1613 -47.50 -15.46 63.95
CA MET E 1613 -47.86 -16.86 63.99
C MET E 1613 -47.27 -17.49 65.23
N GLN E 1614 -48.10 -18.18 66.00
CA GLN E 1614 -47.72 -18.74 67.28
C GLN E 1614 -47.72 -20.26 67.20
N LEU E 1615 -46.66 -20.88 67.72
CA LEU E 1615 -46.57 -22.32 67.86
C LEU E 1615 -46.11 -22.62 69.28
N GLY E 1616 -46.95 -23.33 70.04
CA GLY E 1616 -46.62 -23.62 71.42
C GLY E 1616 -46.43 -22.36 72.23
N VAL E 1617 -45.19 -22.05 72.57
CA VAL E 1617 -44.85 -20.81 73.27
C VAL E 1617 -44.24 -19.77 72.35
N TYR E 1618 -43.63 -20.17 71.25
CA TYR E 1618 -42.89 -19.27 70.39
C TYR E 1618 -43.82 -18.48 69.47
N ARG E 1619 -43.43 -17.24 69.19
CA ARG E 1619 -44.15 -16.35 68.28
C ARG E 1619 -43.19 -15.85 67.22
N ILE E 1620 -43.68 -15.74 65.98
CA ILE E 1620 -42.86 -15.31 64.86
C ILE E 1620 -43.63 -14.25 64.08
N ARG E 1621 -42.98 -13.11 63.82
CA ARG E 1621 -43.60 -12.04 63.07
C ARG E 1621 -43.76 -12.44 61.61
N LEU E 1622 -44.87 -12.00 61.00
CA LEU E 1622 -45.20 -12.39 59.63
C LEU E 1622 -45.11 -11.24 58.64
N ASN E 1623 -45.71 -10.10 58.95
CA ASN E 1623 -45.79 -8.98 58.01
C ASN E 1623 -44.89 -7.84 58.48
N THR E 1624 -44.95 -6.73 57.74
CA THR E 1624 -44.15 -5.55 58.03
C THR E 1624 -44.99 -4.31 57.83
N LEU E 1625 -44.54 -3.20 58.43
CA LEU E 1625 -45.29 -1.95 58.39
C LEU E 1625 -44.42 -0.78 57.93
N LEU E 1626 -43.35 -1.05 57.17
CA LEU E 1626 -42.45 0.01 56.76
C LEU E 1626 -43.04 0.87 55.66
N ALA E 1627 -43.91 0.31 54.83
CA ALA E 1627 -44.44 1.04 53.68
C ALA E 1627 -45.24 2.26 54.11
N SER E 1628 -46.02 2.13 55.18
CA SER E 1628 -46.80 3.26 55.65
C SER E 1628 -45.92 4.41 56.08
N GLN E 1629 -44.80 4.12 56.72
CA GLN E 1629 -43.90 5.16 57.20
C GLN E 1629 -42.92 5.64 56.15
N LEU E 1630 -42.82 4.95 55.01
CA LEU E 1630 -41.90 5.41 53.97
C LEU E 1630 -42.39 6.66 53.26
N VAL E 1631 -43.68 6.99 53.36
CA VAL E 1631 -44.23 8.09 52.57
C VAL E 1631 -43.70 9.43 53.07
N SER E 1632 -43.58 9.60 54.39
CA SER E 1632 -43.03 10.85 54.92
C SER E 1632 -41.64 11.10 54.39
N ARG E 1633 -40.79 10.07 54.41
CA ARG E 1633 -39.43 10.22 53.89
C ARG E 1633 -39.44 10.45 52.39
N ALA E 1634 -40.34 9.80 51.66
CA ALA E 1634 -40.37 9.96 50.21
C ALA E 1634 -40.96 11.29 49.78
N ASN E 1635 -41.65 11.99 50.68
CA ASN E 1635 -42.21 13.30 50.33
C ASN E 1635 -41.09 14.28 50.01
N THR E 1636 -40.03 14.28 50.80
CA THR E 1636 -38.83 15.03 50.47
C THR E 1636 -37.98 14.17 49.52
N GLY E 1637 -36.72 14.56 49.34
CA GLY E 1637 -35.83 13.78 48.49
C GLY E 1637 -35.62 12.37 49.01
N ILE E 1638 -35.15 11.50 48.11
CA ILE E 1638 -34.93 10.11 48.46
C ILE E 1638 -33.78 9.93 49.44
N ASP E 1639 -32.96 10.96 49.66
CA ASP E 1639 -31.88 10.85 50.63
C ASP E 1639 -32.42 10.67 52.04
N THR E 1640 -33.63 11.16 52.30
CA THR E 1640 -34.24 10.98 53.62
C THR E 1640 -34.62 9.53 53.86
N ILE E 1641 -35.02 8.81 52.81
CA ILE E 1641 -35.41 7.42 52.96
C ILE E 1641 -34.24 6.57 53.45
N LEU E 1642 -33.08 6.75 52.84
CA LEU E 1642 -31.91 5.92 53.16
C LEU E 1642 -31.08 6.62 54.23
N THR E 1643 -31.52 6.45 55.48
CA THR E 1643 -30.83 7.02 56.63
C THR E 1643 -30.86 6.02 57.77
N MET E 1644 -29.97 6.21 58.73
CA MET E 1644 -29.96 5.35 59.91
C MET E 1644 -31.24 5.51 60.74
N GLU E 1645 -31.79 6.72 60.77
CA GLU E 1645 -33.02 6.95 61.52
C GLU E 1645 -34.16 6.11 60.96
N THR E 1646 -34.25 6.02 59.63
CA THR E 1646 -35.30 5.20 59.01
C THR E 1646 -35.12 3.73 59.35
N GLN E 1647 -33.88 3.25 59.32
CA GLN E 1647 -33.61 1.85 59.61
C GLN E 1647 -33.70 1.53 61.09
N ARG E 1648 -33.76 2.54 61.95
CA ARG E 1648 -33.87 2.34 63.39
C ARG E 1648 -35.30 2.54 63.88
N LEU E 1649 -36.29 2.50 62.99
CA LEU E 1649 -37.66 2.77 63.39
C LEU E 1649 -38.17 1.67 64.31
N PRO E 1650 -38.97 2.01 65.31
CA PRO E 1650 -39.52 0.99 66.21
C PRO E 1650 -40.62 0.19 65.53
N GLU E 1651 -40.98 -0.92 66.15
CA GLU E 1651 -41.99 -1.82 65.62
C GLU E 1651 -42.98 -2.17 66.72
N PRO E 1652 -44.25 -2.41 66.38
CA PRO E 1652 -45.22 -2.74 67.40
C PRO E 1652 -44.88 -4.06 68.07
N PRO E 1653 -45.24 -4.22 69.33
CA PRO E 1653 -44.89 -5.46 70.04
C PRO E 1653 -45.60 -6.67 69.44
N LEU E 1654 -44.97 -7.82 69.55
CA LEU E 1654 -45.47 -9.06 68.97
C LEU E 1654 -46.51 -9.65 69.91
N GLY E 1655 -47.73 -9.14 69.80
CA GLY E 1655 -48.80 -9.61 70.65
C GLY E 1655 -48.67 -9.11 72.07
N GLU E 1656 -49.23 -9.88 73.00
CA GLU E 1656 -49.24 -9.51 74.40
C GLU E 1656 -48.03 -10.11 75.11
N GLY E 1657 -47.32 -9.26 75.85
CA GLY E 1657 -46.12 -9.70 76.53
C GLY E 1657 -45.36 -8.49 77.07
N PHE E 1658 -44.08 -8.71 77.38
CA PHE E 1658 -43.24 -7.61 77.86
C PHE E 1658 -41.80 -7.90 77.49
N TYR E 1659 -40.92 -6.98 77.87
CA TYR E 1659 -39.49 -7.10 77.59
C TYR E 1659 -38.72 -7.26 78.90
N ALA E 1660 -37.53 -7.84 78.80
CA ALA E 1660 -36.71 -8.07 79.98
C ALA E 1660 -35.23 -8.04 79.64
N THR E 1661 -34.41 -7.54 80.57
CA THR E 1661 -32.96 -7.50 80.42
C THR E 1661 -32.33 -8.33 81.52
N PHE E 1662 -31.47 -9.25 81.12
CA PHE E 1662 -30.76 -10.13 82.05
C PHE E 1662 -29.27 -9.88 81.91
N VAL E 1663 -28.57 -9.88 83.04
CA VAL E 1663 -27.12 -9.76 83.06
C VAL E 1663 -26.54 -11.07 83.60
N ILE E 1664 -25.72 -11.71 82.78
CA ILE E 1664 -25.11 -13.00 83.11
C ILE E 1664 -23.70 -12.76 83.60
N PRO E 1665 -23.33 -13.26 84.77
CA PRO E 1665 -21.99 -13.02 85.31
C PRO E 1665 -20.93 -13.78 84.53
N PRO E 1666 -19.68 -13.35 84.60
CA PRO E 1666 -18.61 -14.07 83.90
C PRO E 1666 -18.37 -15.45 84.50
N TYR E 1667 -17.78 -16.31 83.67
CA TYR E 1667 -17.57 -17.71 84.05
C TYR E 1667 -16.54 -17.82 85.15
N ASN E 1668 -16.85 -18.64 86.16
CA ASN E 1668 -15.89 -19.02 87.19
C ASN E 1668 -16.03 -20.52 87.43
N LEU E 1669 -14.90 -21.18 87.65
CA LEU E 1669 -14.91 -22.63 87.78
C LEU E 1669 -15.58 -23.08 89.07
N SER E 1670 -15.47 -22.28 90.14
CA SER E 1670 -15.96 -22.71 91.44
C SER E 1670 -17.47 -22.90 91.44
N THR E 1671 -18.21 -22.00 90.81
CA THR E 1671 -19.67 -22.04 90.85
C THR E 1671 -20.31 -22.60 89.60
N HIS E 1672 -19.71 -22.36 88.43
CA HIS E 1672 -20.32 -22.80 87.17
C HIS E 1672 -19.92 -24.22 86.82
N GLY E 1673 -18.63 -24.54 86.90
CA GLY E 1673 -18.20 -25.92 86.79
C GLY E 1673 -17.78 -26.34 85.40
N ASP E 1674 -16.47 -26.46 85.19
CA ASP E 1674 -15.90 -27.02 83.96
C ASP E 1674 -16.44 -26.37 82.70
N GLU E 1675 -17.42 -27.01 82.06
CA GLU E 1675 -17.92 -26.53 80.78
C GLU E 1675 -18.61 -25.18 80.92
N ARG E 1676 -18.35 -24.29 79.96
CA ARG E 1676 -18.89 -22.94 79.97
C ARG E 1676 -20.07 -22.87 79.01
N TRP E 1677 -21.20 -23.42 79.43
CA TRP E 1677 -22.44 -23.31 78.67
C TRP E 1677 -23.59 -23.04 79.63
N PHE E 1678 -24.59 -22.31 79.15
CA PHE E 1678 -25.74 -21.98 79.97
C PHE E 1678 -26.98 -21.89 79.09
N LYS E 1679 -28.13 -22.10 79.71
CA LYS E 1679 -29.41 -22.07 79.02
C LYS E 1679 -30.43 -21.32 79.88
N LEU E 1680 -31.37 -20.66 79.23
CA LEU E 1680 -32.45 -19.95 79.89
C LEU E 1680 -33.78 -20.54 79.43
N TYR E 1681 -34.59 -20.98 80.39
CA TYR E 1681 -35.88 -21.61 80.15
C TYR E 1681 -36.99 -20.75 80.74
N ILE E 1682 -38.18 -20.90 80.15
CA ILE E 1682 -39.39 -20.24 80.61
C ILE E 1682 -40.35 -21.32 81.09
N LYS E 1683 -41.27 -20.92 81.97
CA LYS E 1683 -42.23 -21.87 82.52
C LYS E 1683 -43.48 -21.13 82.97
N HIS E 1684 -44.60 -21.87 82.98
CA HIS E 1684 -45.91 -21.40 83.43
C HIS E 1684 -46.57 -20.48 82.41
N VAL E 1685 -46.28 -20.70 81.14
CA VAL E 1685 -46.96 -20.01 80.04
C VAL E 1685 -47.58 -21.07 79.14
N VAL E 1686 -48.83 -20.85 78.74
CA VAL E 1686 -49.60 -21.77 77.92
C VAL E 1686 -49.80 -23.08 78.67
N ASP E 1687 -48.73 -23.85 78.83
CA ASP E 1687 -48.74 -25.07 79.62
C ASP E 1687 -47.88 -24.88 80.86
N ASN E 1688 -47.73 -25.95 81.64
CA ASN E 1688 -46.96 -25.92 82.87
C ASN E 1688 -45.60 -26.58 82.73
N ASN E 1689 -45.20 -26.94 81.51
CA ASN E 1689 -43.88 -27.52 81.29
C ASN E 1689 -42.87 -26.40 81.07
N SER E 1690 -41.66 -26.75 80.65
CA SER E 1690 -40.59 -25.79 80.44
C SER E 1690 -40.05 -25.91 79.02
N HIS E 1691 -39.79 -24.76 78.40
CA HIS E 1691 -39.22 -24.72 77.06
C HIS E 1691 -38.01 -23.82 77.06
N ILE E 1692 -36.96 -24.24 76.36
CA ILE E 1692 -35.73 -23.45 76.28
C ILE E 1692 -35.98 -22.22 75.43
N ILE E 1693 -35.61 -21.06 75.95
CA ILE E 1693 -35.73 -19.81 75.21
C ILE E 1693 -34.39 -19.18 74.88
N TYR E 1694 -33.29 -19.59 75.51
CA TYR E 1694 -31.99 -19.05 75.12
C TYR E 1694 -30.90 -20.06 75.46
N SER E 1695 -29.82 -20.02 74.68
CA SER E 1695 -28.67 -20.87 74.92
C SER E 1695 -27.41 -20.11 74.55
N GLY E 1696 -26.35 -20.28 75.34
CA GLY E 1696 -25.13 -19.56 75.05
C GLY E 1696 -23.95 -20.11 75.81
N GLN E 1697 -22.81 -19.48 75.61
CA GLN E 1697 -21.55 -19.87 76.23
C GLN E 1697 -21.13 -18.82 77.23
N LEU E 1698 -20.75 -19.25 78.43
CA LEU E 1698 -20.21 -18.34 79.42
C LEU E 1698 -18.84 -17.85 79.00
N THR E 1699 -18.57 -16.58 79.23
CA THR E 1699 -17.30 -15.95 78.89
C THR E 1699 -16.69 -15.32 80.14
N ASP E 1700 -15.61 -14.57 79.92
CA ASP E 1700 -14.89 -13.93 81.02
C ASP E 1700 -15.44 -12.57 81.39
N THR E 1701 -16.45 -12.06 80.67
CA THR E 1701 -17.05 -10.77 80.96
C THR E 1701 -18.56 -10.93 81.13
N ASN E 1702 -19.18 -9.87 81.63
CA ASN E 1702 -20.63 -9.86 81.80
C ASN E 1702 -21.32 -9.91 80.44
N ILE E 1703 -22.50 -10.50 80.40
CA ILE E 1703 -23.28 -10.60 79.18
C ILE E 1703 -24.64 -9.94 79.40
N ASN E 1704 -25.07 -9.14 78.44
CA ASN E 1704 -26.37 -8.48 78.49
C ASN E 1704 -27.29 -9.10 77.45
N ILE E 1705 -28.47 -9.53 77.87
CA ILE E 1705 -29.43 -10.16 76.98
C ILE E 1705 -30.78 -9.49 77.14
N THR E 1706 -31.38 -9.09 76.03
CA THR E 1706 -32.72 -8.52 76.01
C THR E 1706 -33.66 -9.48 75.32
N LEU E 1707 -34.75 -9.84 75.99
CA LEU E 1707 -35.67 -10.84 75.49
C LEU E 1707 -37.10 -10.33 75.58
N PHE E 1708 -37.97 -10.93 74.77
CA PHE E 1708 -39.39 -10.64 74.79
C PHE E 1708 -40.12 -11.82 75.42
N ILE E 1709 -40.60 -11.64 76.64
CA ILE E 1709 -41.32 -12.69 77.35
C ILE E 1709 -42.80 -12.63 76.99
N PRO E 1710 -43.35 -13.70 76.42
CA PRO E 1710 -44.79 -13.71 76.11
C PRO E 1710 -45.63 -13.82 77.36
N LEU E 1711 -46.90 -13.45 77.21
CA LEU E 1711 -47.85 -13.51 78.30
C LEU E 1711 -49.23 -13.80 77.74
N ASP E 1712 -49.87 -14.87 78.23
CA ASP E 1712 -51.21 -15.19 77.78
C ASP E 1712 -52.23 -14.27 78.43
N ASP E 1713 -53.46 -14.33 77.92
CA ASP E 1713 -54.50 -13.43 78.39
C ASP E 1713 -54.87 -13.72 79.84
N VAL E 1714 -55.14 -14.98 80.17
CA VAL E 1714 -55.51 -15.39 81.51
C VAL E 1714 -54.40 -16.29 82.05
N PRO E 1715 -53.63 -15.84 83.03
CA PRO E 1715 -52.53 -16.66 83.53
C PRO E 1715 -53.02 -17.93 84.21
N LEU E 1716 -52.21 -18.98 84.12
CA LEU E 1716 -52.56 -20.24 84.77
C LEU E 1716 -52.38 -20.13 86.29
N ASN E 1717 -51.17 -19.83 86.74
CA ASN E 1717 -50.90 -19.64 88.15
C ASN E 1717 -51.18 -18.19 88.52
N GLN E 1718 -52.06 -17.99 89.50
CA GLN E 1718 -52.46 -16.63 89.87
C GLN E 1718 -51.30 -15.85 90.46
N ASP E 1719 -50.45 -16.52 91.24
CA ASP E 1719 -49.38 -15.81 91.92
C ASP E 1719 -48.33 -15.29 90.94
N TYR E 1720 -47.69 -16.19 90.20
CA TYR E 1720 -46.65 -15.83 89.25
C TYR E 1720 -47.17 -16.05 87.84
N HIS E 1721 -47.17 -14.99 87.04
CA HIS E 1721 -47.68 -15.10 85.68
C HIS E 1721 -46.69 -15.80 84.75
N ALA E 1722 -45.39 -15.63 84.99
CA ALA E 1722 -44.41 -16.40 84.23
C ALA E 1722 -43.17 -16.57 85.07
N LYS E 1723 -42.38 -17.60 84.77
CA LYS E 1723 -41.16 -17.86 85.49
C LYS E 1723 -40.01 -18.06 84.52
N VAL E 1724 -38.85 -17.50 84.83
CA VAL E 1724 -37.66 -17.66 83.99
C VAL E 1724 -36.53 -18.17 84.86
N TYR E 1725 -35.82 -19.19 84.40
CA TYR E 1725 -34.71 -19.72 85.17
C TYR E 1725 -33.54 -20.09 84.26
N MET E 1726 -32.37 -20.23 84.87
CA MET E 1726 -31.13 -20.50 84.17
C MET E 1726 -30.54 -21.82 84.64
N THR E 1727 -30.01 -22.59 83.69
CA THR E 1727 -29.38 -23.88 83.99
C THR E 1727 -27.99 -23.93 83.39
N PHE E 1728 -27.06 -24.50 84.17
CA PHE E 1728 -25.70 -24.74 83.73
C PHE E 1728 -25.27 -26.10 84.25
N LYS E 1729 -23.97 -26.38 84.20
CA LYS E 1729 -23.48 -27.71 84.55
C LYS E 1729 -23.71 -28.02 86.02
N LYS E 1730 -23.35 -27.11 86.91
CA LYS E 1730 -23.47 -27.39 88.34
C LYS E 1730 -24.92 -27.47 88.80
N SER E 1731 -25.82 -26.73 88.15
CA SER E 1731 -27.23 -26.69 88.54
C SER E 1731 -28.11 -26.97 87.33
N PRO E 1732 -28.18 -28.22 86.87
CA PRO E 1732 -29.05 -28.59 85.75
C PRO E 1732 -30.44 -29.02 86.21
N SER E 1733 -31.10 -28.17 87.01
CA SER E 1733 -32.40 -28.50 87.56
C SER E 1733 -33.26 -27.23 87.52
N ASP E 1734 -34.39 -27.27 88.21
CA ASP E 1734 -35.33 -26.15 88.24
C ASP E 1734 -35.39 -25.47 89.60
N GLY E 1735 -35.69 -26.22 90.66
CA GLY E 1735 -35.81 -25.66 91.98
C GLY E 1735 -37.10 -24.90 92.17
N THR E 1736 -37.31 -24.43 93.39
CA THR E 1736 -38.49 -23.66 93.75
C THR E 1736 -38.10 -22.21 94.01
N TRP E 1737 -38.84 -21.28 93.39
CA TRP E 1737 -38.57 -19.85 93.49
C TRP E 1737 -37.18 -19.47 93.03
N TRP E 1738 -36.52 -20.35 92.28
CA TRP E 1738 -35.13 -20.13 91.88
C TRP E 1738 -35.09 -19.45 90.50
N GLY E 1739 -35.59 -18.23 90.47
CA GLY E 1739 -35.58 -17.43 89.27
C GLY E 1739 -36.61 -16.32 89.32
N PRO E 1740 -36.48 -15.35 88.43
CA PRO E 1740 -37.47 -14.25 88.38
C PRO E 1740 -38.85 -14.78 88.03
N HIS E 1741 -39.83 -14.42 88.85
CA HIS E 1741 -41.23 -14.75 88.63
C HIS E 1741 -41.97 -13.44 88.34
N PHE E 1742 -42.28 -13.21 87.08
CA PHE E 1742 -42.93 -11.97 86.69
C PHE E 1742 -44.44 -12.07 86.84
N VAL E 1743 -45.03 -11.00 87.38
CA VAL E 1743 -46.47 -10.88 87.55
C VAL E 1743 -46.91 -9.52 87.01
N ARG E 1744 -48.01 -9.52 86.27
CA ARG E 1744 -48.52 -8.33 85.62
C ARG E 1744 -49.74 -7.80 86.37
N ASP E 1745 -49.76 -6.50 86.63
CA ASP E 1745 -50.86 -5.88 87.35
C ASP E 1745 -52.04 -5.67 86.41
N ASP E 1746 -53.04 -4.91 86.87
CA ASP E 1746 -54.22 -4.67 86.05
C ASP E 1746 -53.92 -3.78 84.86
N LYS E 1747 -52.96 -2.86 84.98
CA LYS E 1747 -52.60 -1.93 83.91
C LYS E 1747 -51.10 -2.04 83.67
N GLY E 1748 -50.71 -2.99 82.83
CA GLY E 1748 -49.31 -3.15 82.48
C GLY E 1748 -48.45 -3.34 83.71
N ILE E 1749 -47.24 -2.78 83.66
CA ILE E 1749 -46.31 -2.74 84.79
C ILE E 1749 -46.04 -4.15 85.30
N VAL E 1750 -45.18 -4.89 84.60
CA VAL E 1750 -44.77 -6.19 85.09
C VAL E 1750 -43.76 -6.00 86.22
N THR E 1751 -43.93 -6.77 87.30
CA THR E 1751 -43.07 -6.68 88.45
C THR E 1751 -42.53 -8.05 88.81
N ILE E 1752 -41.36 -8.06 89.44
CA ILE E 1752 -40.73 -9.30 89.90
C ILE E 1752 -41.28 -9.63 91.28
N ASN E 1753 -41.68 -10.88 91.47
CA ASN E 1753 -42.16 -11.32 92.77
C ASN E 1753 -41.02 -11.24 93.77
N PRO E 1754 -41.21 -10.58 94.91
CA PRO E 1754 -40.10 -10.40 95.86
C PRO E 1754 -39.48 -11.71 96.33
N LYS E 1755 -40.28 -12.75 96.54
CA LYS E 1755 -39.77 -14.02 97.06
C LYS E 1755 -39.24 -14.84 95.88
N SER E 1756 -38.07 -14.45 95.39
CA SER E 1756 -37.46 -15.15 94.25
C SER E 1756 -35.95 -14.99 94.35
N ILE E 1757 -35.25 -16.11 94.50
CA ILE E 1757 -33.80 -16.07 94.62
C ILE E 1757 -33.18 -15.79 93.25
N LEU E 1758 -32.29 -14.80 93.21
CA LEU E 1758 -31.64 -14.39 91.97
C LEU E 1758 -30.12 -14.55 92.05
N THR E 1759 -29.66 -15.58 92.77
CA THR E 1759 -28.23 -15.77 92.95
C THR E 1759 -27.53 -16.06 91.62
N HIS E 1760 -28.15 -16.88 90.77
CA HIS E 1760 -27.53 -17.24 89.51
C HIS E 1760 -27.35 -16.01 88.62
N PHE E 1761 -28.36 -15.15 88.56
CA PHE E 1761 -28.28 -13.96 87.75
C PHE E 1761 -27.49 -12.87 88.46
N GLU E 1762 -27.02 -11.90 87.68
CA GLU E 1762 -26.39 -10.72 88.26
C GLU E 1762 -27.41 -9.61 88.48
N SER E 1763 -28.26 -9.37 87.49
CA SER E 1763 -29.33 -8.38 87.61
C SER E 1763 -30.38 -8.66 86.55
N VAL E 1764 -31.65 -8.60 86.95
CA VAL E 1764 -32.78 -8.83 86.06
C VAL E 1764 -33.70 -7.63 86.15
N ASN E 1765 -33.88 -6.93 85.04
CA ASN E 1765 -34.72 -5.74 84.99
C ASN E 1765 -35.82 -5.94 83.96
N VAL E 1766 -36.91 -5.21 84.13
CA VAL E 1766 -38.05 -5.26 83.21
C VAL E 1766 -38.16 -3.91 82.53
N LEU E 1767 -38.41 -3.93 81.23
CA LEU E 1767 -38.59 -2.70 80.45
C LEU E 1767 -40.07 -2.58 80.11
N ASN E 1768 -40.74 -1.60 80.69
CA ASN E 1768 -42.20 -1.53 80.67
C ASN E 1768 -42.74 -0.80 79.44
N ASN E 1769 -41.90 -0.14 78.68
CA ASN E 1769 -42.41 0.58 77.51
C ASN E 1769 -41.46 0.47 76.32
N TYR E 1770 -40.36 -0.26 76.49
CA TYR E 1770 -39.36 -0.38 75.44
C TYR E 1770 -39.95 -1.03 74.20
N SER E 1771 -39.61 -0.47 73.04
CA SER E 1771 -40.03 -1.01 71.75
C SER E 1771 -38.79 -1.23 70.90
N ALA E 1772 -38.62 -2.46 70.43
CA ALA E 1772 -37.44 -2.79 69.66
C ALA E 1772 -37.53 -2.24 68.24
N PRO E 1773 -36.40 -1.91 67.63
CA PRO E 1773 -36.43 -1.47 66.22
C PRO E 1773 -36.69 -2.62 65.27
N MET E 1774 -36.67 -2.35 63.97
CA MET E 1774 -36.90 -3.41 63.00
C MET E 1774 -35.80 -4.44 63.07
N ASP E 1775 -36.17 -5.70 62.80
CA ASP E 1775 -35.23 -6.81 62.83
C ASP E 1775 -34.79 -7.13 61.41
N PHE E 1776 -33.48 -7.13 61.20
CA PHE E 1776 -32.91 -7.48 59.91
C PHE E 1776 -32.66 -8.96 59.77
N ASN E 1777 -33.20 -9.78 60.67
CA ASN E 1777 -33.12 -11.24 60.59
C ASN E 1777 -34.50 -11.87 60.60
N SER E 1778 -35.54 -11.10 60.31
CA SER E 1778 -36.91 -11.58 60.38
C SER E 1778 -37.35 -12.13 59.02
N ALA E 1779 -38.65 -12.34 58.86
CA ALA E 1779 -39.16 -12.92 57.62
C ALA E 1779 -38.89 -11.99 56.44
N SER E 1780 -38.99 -10.68 56.64
CA SER E 1780 -38.79 -9.70 55.58
C SER E 1780 -37.37 -9.17 55.54
N ALA E 1781 -36.38 -9.97 55.95
CA ALA E 1781 -35.01 -9.50 55.94
C ALA E 1781 -34.53 -9.24 54.52
N LEU E 1782 -34.96 -10.06 53.57
CA LEU E 1782 -34.50 -9.91 52.19
C LEU E 1782 -34.90 -8.56 51.62
N TYR E 1783 -36.14 -8.15 51.84
CA TYR E 1783 -36.61 -6.89 51.30
C TYR E 1783 -35.89 -5.71 51.95
N TYR E 1784 -35.66 -5.77 53.26
CA TYR E 1784 -34.91 -4.71 53.93
C TYR E 1784 -33.51 -4.60 53.35
N TRP E 1785 -32.84 -5.72 53.18
CA TRP E 1785 -31.49 -5.70 52.64
C TRP E 1785 -31.46 -5.16 51.22
N GLU E 1786 -32.44 -5.56 50.40
CA GLU E 1786 -32.48 -5.05 49.03
C GLU E 1786 -32.72 -3.54 49.00
N LEU E 1787 -33.63 -3.05 49.84
CA LEU E 1787 -33.94 -1.63 49.83
C LEU E 1787 -32.76 -0.80 50.33
N PHE E 1788 -32.12 -1.24 51.41
CA PHE E 1788 -31.14 -0.39 52.08
C PHE E 1788 -29.70 -0.63 51.64
N TYR E 1789 -29.38 -1.81 51.12
CA TYR E 1789 -28.00 -2.08 50.71
C TYR E 1789 -27.84 -2.37 49.23
N TYR E 1790 -28.63 -3.31 48.69
CA TYR E 1790 -28.34 -3.81 47.35
C TYR E 1790 -28.66 -2.77 46.28
N THR E 1791 -29.78 -2.07 46.40
CA THR E 1791 -30.15 -1.11 45.36
C THR E 1791 -29.18 0.06 45.24
N PRO E 1792 -28.74 0.73 46.31
CA PRO E 1792 -27.73 1.78 46.11
C PRO E 1792 -26.44 1.25 45.52
N MET E 1793 -26.02 0.05 45.90
CA MET E 1793 -24.81 -0.53 45.33
C MET E 1793 -24.97 -0.78 43.84
N MET E 1794 -26.11 -1.33 43.43
CA MET E 1794 -26.35 -1.57 42.02
C MET E 1794 -26.38 -0.27 41.23
N CYS E 1795 -27.04 0.76 41.77
CA CYS E 1795 -27.09 2.04 41.08
C CYS E 1795 -25.71 2.66 40.97
N PHE E 1796 -24.92 2.56 42.03
CA PHE E 1796 -23.56 3.09 41.99
C PHE E 1796 -22.73 2.37 40.94
N GLN E 1797 -22.83 1.04 40.88
CA GLN E 1797 -22.07 0.29 39.89
C GLN E 1797 -22.48 0.66 38.49
N ARG E 1798 -23.79 0.78 38.23
CA ARG E 1798 -24.25 1.13 36.90
C ARG E 1798 -23.77 2.51 36.50
N LEU E 1799 -23.84 3.48 37.41
CA LEU E 1799 -23.38 4.82 37.09
C LEU E 1799 -21.87 4.85 36.86
N LEU E 1800 -21.12 4.09 37.66
CA LEU E 1800 -19.67 4.05 37.48
C LEU E 1800 -19.29 3.44 36.14
N GLN E 1801 -20.04 2.42 35.70
CA GLN E 1801 -19.76 1.80 34.41
C GLN E 1801 -19.93 2.77 33.25
N GLU E 1802 -20.68 3.85 33.43
CA GLU E 1802 -20.89 4.85 32.39
C GLU E 1802 -20.08 6.12 32.63
N LYS E 1803 -19.11 6.07 33.53
CA LYS E 1803 -18.21 7.20 33.80
C LYS E 1803 -18.97 8.44 34.25
N GLN E 1804 -20.00 8.25 35.06
CA GLN E 1804 -20.69 9.34 35.75
C GLN E 1804 -20.23 9.30 37.20
N PHE E 1805 -19.09 9.94 37.47
CA PHE E 1805 -18.40 9.72 38.74
C PHE E 1805 -19.10 10.42 39.89
N ASP E 1806 -19.56 11.66 39.69
CA ASP E 1806 -20.17 12.41 40.79
C ASP E 1806 -21.46 11.77 41.26
N GLU E 1807 -22.30 11.35 40.32
CA GLU E 1807 -23.55 10.68 40.70
C GLU E 1807 -23.27 9.35 41.38
N ALA E 1808 -22.26 8.62 40.91
CA ALA E 1808 -21.90 7.37 41.57
C ALA E 1808 -21.45 7.62 43.00
N THR E 1809 -20.66 8.67 43.23
CA THR E 1809 -20.25 9.00 44.58
C THR E 1809 -21.46 9.36 45.45
N GLN E 1810 -22.38 10.14 44.90
CA GLN E 1810 -23.57 10.50 45.66
C GLN E 1810 -24.37 9.27 46.03
N TRP E 1811 -24.47 8.31 45.13
CA TRP E 1811 -25.27 7.12 45.40
C TRP E 1811 -24.57 6.19 46.39
N ILE E 1812 -23.25 6.07 46.32
CA ILE E 1812 -22.54 5.21 47.25
C ILE E 1812 -22.45 5.84 48.64
N ASN E 1813 -22.57 7.15 48.74
CA ASN E 1813 -22.50 7.79 50.06
C ASN E 1813 -23.66 7.37 50.96
N TYR E 1814 -24.72 6.79 50.41
CA TYR E 1814 -25.81 6.34 51.26
C TYR E 1814 -25.45 5.12 52.09
N VAL E 1815 -24.32 4.47 51.80
CA VAL E 1815 -23.88 3.28 52.51
C VAL E 1815 -22.60 3.55 53.29
N TYR E 1816 -21.61 4.15 52.65
CA TYR E 1816 -20.33 4.42 53.31
C TYR E 1816 -19.81 5.77 52.87
N ASN E 1817 -19.29 6.53 53.82
CA ASN E 1817 -18.70 7.83 53.55
C ASN E 1817 -17.64 8.12 54.60
N PRO E 1818 -16.36 8.17 54.22
CA PRO E 1818 -15.31 8.37 55.23
C PRO E 1818 -15.42 9.69 55.97
N ALA E 1819 -16.07 10.69 55.38
CA ALA E 1819 -16.19 12.00 55.99
C ALA E 1819 -17.32 12.09 56.99
N GLY E 1820 -18.09 11.02 57.17
CA GLY E 1820 -19.22 11.05 58.07
C GLY E 1820 -20.48 11.53 57.39
N TYR E 1821 -21.56 11.55 58.17
CA TYR E 1821 -22.87 11.92 57.66
C TYR E 1821 -23.46 13.04 58.51
N ILE E 1822 -24.00 14.04 57.84
CA ILE E 1822 -24.56 15.21 58.52
C ILE E 1822 -26.00 14.90 58.89
N VAL E 1823 -26.28 14.80 60.18
CA VAL E 1823 -27.62 14.56 60.69
C VAL E 1823 -27.98 15.69 61.63
N ASN E 1824 -29.08 16.39 61.32
CA ASN E 1824 -29.56 17.53 62.11
C ASN E 1824 -28.54 18.64 62.23
N GLY E 1825 -27.57 18.71 61.32
CA GLY E 1825 -26.54 19.72 61.37
C GLY E 1825 -25.30 19.34 62.13
N GLU E 1826 -25.17 18.09 62.57
CA GLU E 1826 -23.98 17.64 63.27
C GLU E 1826 -23.54 16.30 62.69
N ILE E 1827 -22.26 15.99 62.89
CA ILE E 1827 -21.70 14.74 62.40
C ILE E 1827 -22.27 13.58 63.20
N ALA E 1828 -22.80 12.59 62.50
CA ALA E 1828 -23.40 11.44 63.15
C ALA E 1828 -22.33 10.57 63.80
N PRO E 1829 -22.65 9.93 64.93
CA PRO E 1829 -21.64 9.12 65.62
C PRO E 1829 -21.33 7.79 64.95
N TRP E 1830 -22.20 7.29 64.08
CA TRP E 1830 -21.96 5.99 63.49
C TRP E 1830 -21.00 6.10 62.30
N ILE E 1831 -20.41 4.97 61.94
CA ILE E 1831 -19.44 4.92 60.85
C ILE E 1831 -20.08 4.52 59.54
N TRP E 1832 -20.85 3.44 59.54
CA TRP E 1832 -21.52 2.94 58.34
C TRP E 1832 -22.98 3.32 58.38
N ASN E 1833 -23.50 3.84 57.26
CA ASN E 1833 -24.88 4.26 57.21
C ASN E 1833 -25.85 3.10 57.08
N CYS E 1834 -25.39 1.93 56.65
CA CYS E 1834 -26.24 0.75 56.52
C CYS E 1834 -26.28 0.04 57.87
N ARG E 1835 -27.46 0.01 58.50
CA ARG E 1835 -27.56 -0.48 59.86
C ARG E 1835 -27.12 -1.94 60.03
N PRO E 1836 -27.55 -2.89 59.20
CA PRO E 1836 -27.07 -4.26 59.40
C PRO E 1836 -25.56 -4.39 59.31
N LEU E 1837 -24.93 -3.64 58.40
CA LEU E 1837 -23.47 -3.65 58.35
C LEU E 1837 -22.87 -3.09 59.62
N GLU E 1838 -23.43 -1.99 60.13
CA GLU E 1838 -22.91 -1.38 61.34
C GLU E 1838 -23.00 -2.34 62.53
N GLU E 1839 -24.12 -3.03 62.67
CA GLU E 1839 -24.30 -3.95 63.78
C GLU E 1839 -23.84 -5.37 63.48
N THR E 1840 -23.47 -5.66 62.23
CA THR E 1840 -23.01 -6.99 61.83
C THR E 1840 -24.05 -8.05 62.18
N THR E 1841 -25.21 -7.94 61.53
CA THR E 1841 -26.31 -8.87 61.73
C THR E 1841 -26.25 -9.96 60.67
N SER E 1842 -26.19 -11.21 61.11
CA SER E 1842 -26.11 -12.34 60.20
C SER E 1842 -27.50 -12.88 59.92
N TRP E 1843 -27.83 -13.08 58.65
CA TRP E 1843 -29.14 -13.55 58.26
C TRP E 1843 -29.04 -14.73 57.30
N ASN E 1844 -28.18 -15.68 57.62
CA ASN E 1844 -28.06 -16.91 56.84
C ASN E 1844 -27.30 -17.94 57.67
N ALA E 1845 -27.89 -19.12 57.83
CA ALA E 1845 -27.31 -20.13 58.70
C ALA E 1845 -26.64 -21.28 57.96
N ASN E 1846 -26.91 -21.46 56.67
CA ASN E 1846 -26.34 -22.56 55.89
C ASN E 1846 -25.75 -21.99 54.61
N PRO E 1847 -24.60 -21.32 54.69
CA PRO E 1847 -24.03 -20.69 53.50
C PRO E 1847 -23.23 -21.63 52.63
N LEU E 1848 -22.82 -22.79 53.13
CA LEU E 1848 -21.96 -23.70 52.37
C LEU E 1848 -22.74 -24.82 51.69
N ASP E 1849 -24.06 -24.73 51.65
CA ASP E 1849 -24.84 -25.76 50.97
C ASP E 1849 -24.57 -25.79 49.48
N ALA E 1850 -24.15 -24.67 48.90
CA ALA E 1850 -23.83 -24.60 47.49
C ALA E 1850 -22.82 -23.50 47.27
N ILE E 1851 -22.13 -23.57 46.13
CA ILE E 1851 -21.12 -22.58 45.80
C ILE E 1851 -21.84 -21.25 45.53
N ASP E 1852 -21.72 -20.31 46.45
CA ASP E 1852 -22.40 -19.03 46.32
C ASP E 1852 -21.70 -17.98 47.17
N PRO E 1853 -20.89 -17.11 46.56
CA PRO E 1853 -20.21 -16.07 47.36
C PRO E 1853 -21.17 -15.16 48.08
N ASP E 1854 -22.33 -14.87 47.49
CA ASP E 1854 -23.30 -14.00 48.16
C ASP E 1854 -23.81 -14.64 49.44
N ALA E 1855 -24.02 -15.96 49.43
CA ALA E 1855 -24.47 -16.63 50.66
C ALA E 1855 -23.43 -16.52 51.76
N VAL E 1856 -22.15 -16.71 51.41
CA VAL E 1856 -21.09 -16.59 52.40
C VAL E 1856 -21.04 -15.18 52.96
N ALA E 1857 -21.14 -14.18 52.08
CA ALA E 1857 -21.13 -12.80 52.55
C ALA E 1857 -22.33 -12.52 53.45
N GLN E 1858 -23.48 -13.10 53.13
CA GLN E 1858 -24.65 -12.93 53.98
C GLN E 1858 -24.45 -13.56 55.35
N ASN E 1859 -23.73 -14.68 55.41
CA ASN E 1859 -23.48 -15.31 56.70
C ASN E 1859 -22.65 -14.40 57.60
N ASP E 1860 -21.67 -13.70 57.03
CA ASP E 1860 -20.82 -12.76 57.77
C ASP E 1860 -20.72 -11.47 56.99
N PRO E 1861 -21.50 -10.44 57.36
CA PRO E 1861 -21.57 -9.23 56.52
C PRO E 1861 -20.31 -8.38 56.52
N MET E 1862 -19.23 -8.81 57.17
CA MET E 1862 -17.98 -8.07 57.09
C MET E 1862 -17.46 -8.05 55.65
N HIS E 1863 -17.63 -9.16 54.93
CA HIS E 1863 -17.21 -9.20 53.54
C HIS E 1863 -17.95 -8.16 52.71
N TYR E 1864 -19.17 -7.80 53.09
CA TYR E 1864 -19.86 -6.71 52.41
C TYR E 1864 -19.15 -5.38 52.67
N LYS E 1865 -18.67 -5.17 53.89
CA LYS E 1865 -17.87 -3.99 54.18
C LYS E 1865 -16.65 -3.93 53.28
N ILE E 1866 -15.93 -5.05 53.17
CA ILE E 1866 -14.72 -5.06 52.37
C ILE E 1866 -15.04 -4.84 50.89
N ALA E 1867 -16.16 -5.41 50.42
CA ALA E 1867 -16.55 -5.22 49.03
C ALA E 1867 -16.86 -3.75 48.74
N THR E 1868 -17.59 -3.09 49.64
CA THR E 1868 -17.89 -1.68 49.45
C THR E 1868 -16.61 -0.84 49.44
N PHE E 1869 -15.69 -1.14 50.37
CA PHE E 1869 -14.43 -0.42 50.40
C PHE E 1869 -13.67 -0.59 49.09
N MET E 1870 -13.63 -1.82 48.57
CA MET E 1870 -12.92 -2.07 47.33
C MET E 1870 -13.56 -1.33 46.17
N ARG E 1871 -14.89 -1.27 46.14
CA ARG E 1871 -15.58 -0.51 45.09
C ARG E 1871 -15.20 0.97 45.16
N LEU E 1872 -15.15 1.52 46.37
CA LEU E 1872 -14.77 2.93 46.51
C LEU E 1872 -13.35 3.16 46.01
N LEU E 1873 -12.42 2.27 46.35
CA LEU E 1873 -11.04 2.41 45.87
C LEU E 1873 -10.97 2.32 44.36
N ASP E 1874 -11.77 1.41 43.76
CA ASP E 1874 -11.81 1.32 42.31
C ASP E 1874 -12.25 2.63 41.68
N GLN E 1875 -13.31 3.24 42.24
CA GLN E 1875 -13.77 4.50 41.70
C GLN E 1875 -12.70 5.57 41.79
N LEU E 1876 -12.00 5.64 42.93
CA LEU E 1876 -10.96 6.64 43.08
C LEU E 1876 -9.83 6.45 42.07
N ILE E 1877 -9.39 5.20 41.87
CA ILE E 1877 -8.31 4.95 40.93
C ILE E 1877 -8.75 5.27 39.50
N LEU E 1878 -10.00 4.96 39.16
CA LEU E 1878 -10.49 5.31 37.83
C LEU E 1878 -10.51 6.81 37.61
N ARG E 1879 -10.96 7.57 38.62
CA ARG E 1879 -10.92 9.02 38.50
C ARG E 1879 -9.50 9.51 38.28
N GLY E 1880 -8.55 8.96 39.03
CA GLY E 1880 -7.17 9.35 38.88
C GLY E 1880 -6.63 9.07 37.48
N ASP E 1881 -6.93 7.89 36.94
CA ASP E 1881 -6.45 7.56 35.60
C ASP E 1881 -7.08 8.47 34.56
N MET E 1882 -8.37 8.77 34.69
CA MET E 1882 -9.03 9.67 33.76
C MET E 1882 -8.38 11.04 33.78
N ALA E 1883 -8.08 11.56 34.98
CA ALA E 1883 -7.40 12.84 35.07
C ALA E 1883 -6.01 12.79 34.47
N TYR E 1884 -5.29 11.69 34.71
CA TYR E 1884 -3.92 11.55 34.19
C TYR E 1884 -3.91 11.57 32.68
N ARG E 1885 -4.88 10.95 32.05
CA ARG E 1885 -4.82 10.84 30.59
C ARG E 1885 -5.01 12.17 29.86
N GLU E 1886 -5.07 13.33 30.51
CA GLU E 1886 -5.27 14.59 29.80
C GLU E 1886 -3.96 15.33 29.50
N LEU E 1887 -2.90 15.05 30.26
CA LEU E 1887 -1.56 15.59 30.10
C LEU E 1887 -1.43 17.07 30.44
N THR E 1888 -2.52 17.74 30.79
CA THR E 1888 -2.44 19.12 31.23
C THR E 1888 -1.91 19.17 32.66
N ARG E 1889 -1.17 20.25 32.98
CA ARG E 1889 -0.57 20.36 34.30
C ARG E 1889 -1.61 20.30 35.41
N ASP E 1890 -2.73 21.01 35.24
CA ASP E 1890 -3.80 20.94 36.23
C ASP E 1890 -4.37 19.53 36.31
N ALA E 1891 -4.51 18.87 35.16
CA ALA E 1891 -4.97 17.48 35.17
C ALA E 1891 -3.98 16.59 35.90
N LEU E 1892 -2.69 16.82 35.72
CA LEU E 1892 -1.68 16.04 36.44
C LEU E 1892 -1.79 16.26 37.94
N ASN E 1893 -2.00 17.52 38.36
CA ASN E 1893 -2.18 17.79 39.78
C ASN E 1893 -3.41 17.10 40.33
N GLU E 1894 -4.51 17.11 39.58
CA GLU E 1894 -5.72 16.43 40.02
C GLU E 1894 -5.50 14.93 40.14
N ALA E 1895 -4.81 14.33 39.18
CA ALA E 1895 -4.51 12.91 39.25
C ALA E 1895 -3.65 12.60 40.46
N LYS E 1896 -2.66 13.44 40.74
CA LYS E 1896 -1.82 13.26 41.91
C LYS E 1896 -2.65 13.32 43.18
N MET E 1897 -3.59 14.25 43.26
CA MET E 1897 -4.44 14.36 44.43
C MET E 1897 -5.28 13.10 44.62
N TRP E 1898 -5.86 12.59 43.54
CA TRP E 1898 -6.67 11.37 43.64
C TRP E 1898 -5.83 10.19 44.11
N TYR E 1899 -4.64 10.03 43.54
CA TYR E 1899 -3.78 8.91 43.93
C TYR E 1899 -3.35 9.03 45.39
N VAL E 1900 -2.99 10.24 45.82
CA VAL E 1900 -2.58 10.43 47.21
C VAL E 1900 -3.73 10.11 48.16
N ARG E 1901 -4.94 10.54 47.80
CA ARG E 1901 -6.10 10.24 48.65
C ARG E 1901 -6.33 8.74 48.75
N THR E 1902 -6.24 8.02 47.63
CA THR E 1902 -6.42 6.58 47.68
C THR E 1902 -5.35 5.92 48.53
N LEU E 1903 -4.10 6.35 48.38
CA LEU E 1903 -3.02 5.77 49.16
C LEU E 1903 -3.21 6.01 50.65
N GLU E 1904 -3.66 7.21 51.01
CA GLU E 1904 -3.89 7.51 52.42
C GLU E 1904 -5.04 6.69 52.97
N LEU E 1905 -6.08 6.46 52.16
CA LEU E 1905 -7.17 5.61 52.61
C LEU E 1905 -6.71 4.18 52.83
N LEU E 1906 -5.87 3.66 51.92
CA LEU E 1906 -5.44 2.27 52.02
C LEU E 1906 -4.56 2.03 53.24
N GLY E 1907 -3.62 2.94 53.50
CA GLY E 1907 -2.63 2.73 54.53
C GLY E 1907 -1.29 2.29 53.97
N ASP E 1908 -0.52 1.62 54.82
CA ASP E 1908 0.78 1.09 54.43
C ASP E 1908 0.71 -0.43 54.36
N GLU E 1909 1.15 -0.99 53.23
CA GLU E 1909 1.03 -2.41 53.03
C GLU E 1909 2.00 -3.18 53.93
N PRO E 1910 1.61 -4.36 54.38
CA PRO E 1910 2.50 -5.16 55.24
C PRO E 1910 3.42 -6.06 54.42
N GLU E 1911 4.24 -6.85 55.11
CA GLU E 1911 5.18 -7.75 54.46
C GLU E 1911 4.94 -9.17 54.96
N ASP E 1912 5.69 -10.11 54.37
CA ASP E 1912 5.56 -11.51 54.75
C ASP E 1912 6.08 -11.73 56.16
N TYR E 1913 5.36 -12.55 56.92
CA TYR E 1913 5.72 -12.83 58.31
C TYR E 1913 6.07 -14.30 58.54
N GLY E 1914 5.17 -15.21 58.20
CA GLY E 1914 5.34 -16.61 58.54
C GLY E 1914 6.07 -17.46 57.52
N SER E 1915 6.58 -16.87 56.44
CA SER E 1915 7.27 -17.68 55.43
C SER E 1915 8.53 -18.34 55.99
N GLN E 1916 9.32 -17.59 56.75
CA GLN E 1916 10.56 -18.13 57.29
C GLN E 1916 10.35 -18.93 58.57
N GLN E 1917 9.17 -18.86 59.17
CA GLN E 1917 8.88 -19.63 60.37
C GLN E 1917 8.34 -21.01 60.07
N TRP E 1918 8.10 -21.34 58.81
CA TRP E 1918 7.48 -22.60 58.43
C TRP E 1918 8.54 -23.66 58.23
N ALA E 1919 8.36 -24.80 58.90
CA ALA E 1919 9.24 -25.94 58.74
C ALA E 1919 8.66 -26.88 57.70
N ALA E 1920 9.47 -27.26 56.71
CA ALA E 1920 8.96 -28.06 55.61
C ALA E 1920 8.70 -29.48 56.07
N PRO E 1921 7.47 -29.97 56.01
CA PRO E 1921 7.16 -31.33 56.44
C PRO E 1921 7.19 -32.31 55.28
N SER E 1922 7.25 -33.59 55.62
CA SER E 1922 7.16 -34.63 54.61
C SER E 1922 5.74 -34.72 54.08
N LEU E 1923 5.61 -35.23 52.85
CA LEU E 1923 4.30 -35.36 52.25
C LEU E 1923 3.39 -36.27 53.06
N SER E 1924 3.93 -37.38 53.55
CA SER E 1924 3.14 -38.27 54.39
C SER E 1924 2.78 -37.60 55.71
N GLY E 1925 3.70 -36.82 56.28
CA GLY E 1925 3.41 -36.14 57.52
C GLY E 1925 2.34 -35.09 57.38
N ALA E 1926 2.40 -34.31 56.29
CA ALA E 1926 1.41 -33.24 56.10
C ALA E 1926 0.03 -33.80 55.82
N ALA E 1927 -0.05 -34.99 55.23
CA ALA E 1927 -1.32 -35.63 54.92
C ALA E 1927 -1.75 -36.62 55.99
N SER E 1928 -1.06 -36.65 57.14
CA SER E 1928 -1.41 -37.58 58.19
C SER E 1928 -2.82 -37.31 58.70
N GLN E 1929 -3.56 -38.38 59.00
CA GLN E 1929 -4.91 -38.23 59.50
C GLN E 1929 -4.93 -37.74 60.94
N THR E 1930 -3.91 -38.11 61.73
CA THR E 1930 -3.90 -37.72 63.14
C THR E 1930 -3.84 -36.21 63.30
N VAL E 1931 -3.02 -35.54 62.48
CA VAL E 1931 -2.88 -34.09 62.59
C VAL E 1931 -4.20 -33.40 62.29
N GLN E 1932 -4.84 -33.81 61.20
CA GLN E 1932 -6.12 -33.22 60.83
C GLN E 1932 -7.18 -33.48 61.90
N ALA E 1933 -7.20 -34.71 62.44
CA ALA E 1933 -8.17 -35.02 63.48
C ALA E 1933 -7.94 -34.17 64.72
N ALA E 1934 -6.69 -33.99 65.13
CA ALA E 1934 -6.39 -33.17 66.30
C ALA E 1934 -6.80 -31.72 66.08
N TYR E 1935 -6.49 -31.18 64.90
CA TYR E 1935 -6.86 -29.80 64.62
C TYR E 1935 -8.38 -29.63 64.60
N GLN E 1936 -9.10 -30.56 63.98
CA GLN E 1936 -10.55 -30.47 63.94
C GLN E 1936 -11.15 -30.61 65.33
N GLN E 1937 -10.60 -31.50 66.15
CA GLN E 1937 -11.10 -31.64 67.52
C GLN E 1937 -10.90 -30.35 68.30
N ASP E 1938 -9.72 -29.73 68.17
CA ASP E 1938 -9.48 -28.47 68.86
C ASP E 1938 -10.45 -27.39 68.39
N LEU E 1939 -10.68 -27.31 67.08
CA LEU E 1939 -11.60 -26.30 66.56
C LEU E 1939 -13.01 -26.53 67.06
N THR E 1940 -13.46 -27.77 67.08
CA THR E 1940 -14.81 -28.06 67.55
C THR E 1940 -14.96 -27.74 69.03
N MET E 1941 -13.96 -28.10 69.83
CA MET E 1941 -14.01 -27.77 71.26
C MET E 1941 -14.01 -26.26 71.47
N LEU E 1942 -13.24 -25.53 70.66
CA LEU E 1942 -13.22 -24.08 70.77
C LEU E 1942 -14.58 -23.48 70.43
N GLY E 1943 -15.17 -23.92 69.32
CA GLY E 1943 -16.43 -23.32 68.88
C GLY E 1943 -17.61 -23.67 69.77
N ARG E 1944 -17.73 -24.94 70.14
CA ARG E 1944 -18.89 -25.42 70.87
C ARG E 1944 -18.73 -25.34 72.38
N GLY E 1945 -17.55 -25.64 72.89
CA GLY E 1945 -17.31 -25.59 74.32
C GLY E 1945 -16.53 -24.35 74.73
N GLY E 1946 -15.23 -24.50 74.95
CA GLY E 1946 -14.41 -23.41 75.38
C GLY E 1946 -13.34 -23.85 76.37
N VAL E 1947 -13.25 -25.16 76.60
CA VAL E 1947 -12.23 -25.70 77.48
C VAL E 1947 -10.86 -25.45 76.87
N SER E 1948 -9.92 -25.00 77.70
CA SER E 1948 -8.58 -24.61 77.25
C SER E 1948 -7.51 -25.55 77.80
N LYS E 1949 -7.78 -26.85 77.82
CA LYS E 1949 -6.77 -27.81 78.22
C LYS E 1949 -5.59 -27.78 77.26
N ASN E 1950 -4.39 -27.87 77.82
CA ASN E 1950 -3.14 -27.73 77.06
C ASN E 1950 -3.13 -26.38 76.32
N LEU E 1951 -3.11 -25.32 77.14
CA LEU E 1951 -3.28 -23.96 76.63
C LEU E 1951 -2.29 -23.65 75.52
N ARG E 1952 -1.01 -23.93 75.77
CA ARG E 1952 0.00 -23.76 74.73
C ARG E 1952 -0.01 -24.97 73.81
N THR E 1953 -0.01 -24.70 72.50
CA THR E 1953 -0.12 -25.79 71.53
C THR E 1953 1.21 -26.46 71.23
N ALA E 1954 2.32 -25.94 71.76
CA ALA E 1954 3.64 -26.56 71.58
C ALA E 1954 3.98 -26.70 70.09
N ASN E 1955 4.20 -25.53 69.47
CA ASN E 1955 4.23 -25.38 68.02
C ASN E 1955 5.12 -26.39 67.30
N SER E 1956 5.98 -27.09 68.04
CA SER E 1956 6.78 -28.15 67.44
C SER E 1956 5.91 -29.26 66.87
N LEU E 1957 4.64 -29.35 67.29
CA LEU E 1957 3.70 -30.33 66.74
C LEU E 1957 2.74 -29.71 65.73
N VAL E 1958 3.20 -28.70 65.00
CA VAL E 1958 2.38 -28.04 63.98
C VAL E 1958 3.00 -28.31 62.62
N GLY E 1959 2.21 -28.89 61.71
CA GLY E 1959 2.62 -29.11 60.35
C GLY E 1959 1.54 -28.67 59.38
N LEU E 1960 0.75 -27.68 59.76
CA LEU E 1960 -0.36 -27.19 58.97
C LEU E 1960 0.09 -26.08 58.04
N PHE E 1961 -0.84 -25.52 57.29
CA PHE E 1961 -0.57 -24.45 56.35
C PHE E 1961 -1.03 -23.11 56.90
N LEU E 1962 -0.55 -22.04 56.28
CA LEU E 1962 -0.74 -20.69 56.77
C LEU E 1962 -1.66 -19.90 55.85
N PRO E 1963 -2.38 -18.91 56.38
CA PRO E 1963 -3.27 -18.12 55.53
C PRO E 1963 -2.48 -17.24 54.56
N GLU E 1964 -3.19 -16.78 53.53
CA GLU E 1964 -2.58 -16.05 52.44
C GLU E 1964 -3.22 -14.68 52.29
N TYR E 1965 -2.42 -13.70 51.87
CA TYR E 1965 -2.92 -12.35 51.66
C TYR E 1965 -3.91 -12.31 50.50
N ASN E 1966 -4.67 -11.21 50.44
CA ASN E 1966 -5.62 -11.00 49.36
C ASN E 1966 -4.90 -10.41 48.16
N PRO E 1967 -4.90 -11.08 47.01
CA PRO E 1967 -4.18 -10.55 45.84
C PRO E 1967 -4.69 -9.21 45.36
N ALA E 1968 -6.00 -8.93 45.47
CA ALA E 1968 -6.54 -7.70 44.92
C ALA E 1968 -5.98 -6.46 45.61
N LEU E 1969 -5.84 -6.52 46.93
CA LEU E 1969 -5.30 -5.38 47.66
C LEU E 1969 -3.83 -5.14 47.29
N THR E 1970 -3.06 -6.21 47.16
CA THR E 1970 -1.67 -6.06 46.72
C THR E 1970 -1.61 -5.47 45.33
N ASP E 1971 -2.57 -5.84 44.47
CA ASP E 1971 -2.65 -5.25 43.14
C ASP E 1971 -2.90 -3.74 43.25
N TYR E 1972 -3.80 -3.34 44.14
CA TYR E 1972 -4.06 -1.90 44.33
C TYR E 1972 -2.79 -1.18 44.77
N TRP E 1973 -2.08 -1.75 45.74
CA TRP E 1973 -0.85 -1.11 46.21
C TRP E 1973 0.18 -1.00 45.09
N GLN E 1974 0.34 -2.06 44.30
CA GLN E 1974 1.31 -2.03 43.21
C GLN E 1974 0.94 -0.96 42.18
N THR E 1975 -0.33 -0.89 41.82
CA THR E 1975 -0.77 0.12 40.86
C THR E 1975 -0.52 1.53 41.39
N LEU E 1976 -0.84 1.76 42.66
CA LEU E 1976 -0.61 3.09 43.24
C LEU E 1976 0.87 3.44 43.24
N ARG E 1977 1.72 2.50 43.61
CA ARG E 1977 3.15 2.77 43.63
C ARG E 1977 3.66 3.10 42.23
N LEU E 1978 3.25 2.32 41.24
CA LEU E 1978 3.71 2.57 39.88
C LEU E 1978 3.24 3.93 39.36
N ARG E 1979 1.96 4.26 39.62
CA ARG E 1979 1.45 5.54 39.15
C ARG E 1979 2.16 6.71 39.82
N LEU E 1980 2.39 6.62 41.14
CA LEU E 1980 3.07 7.70 41.82
C LEU E 1980 4.50 7.85 41.32
N PHE E 1981 5.19 6.74 41.08
CA PHE E 1981 6.55 6.82 40.56
C PHE E 1981 6.57 7.45 39.18
N ASN E 1982 5.62 7.09 38.32
CA ASN E 1982 5.56 7.71 37.00
C ASN E 1982 5.29 9.20 37.10
N LEU E 1983 4.39 9.60 38.00
CA LEU E 1983 4.07 11.01 38.14
C LEU E 1983 5.26 11.81 38.63
N ARG E 1984 6.00 11.27 39.59
CA ARG E 1984 7.08 12.04 40.22
C ARG E 1984 8.28 12.22 39.32
N HIS E 1985 8.43 11.38 38.29
CA HIS E 1985 9.62 11.43 37.43
C HIS E 1985 9.32 11.99 36.05
N ASN E 1986 8.23 12.72 35.90
CA ASN E 1986 7.89 13.40 34.64
C ASN E 1986 7.79 12.41 33.48
N LEU E 1987 6.91 11.42 33.63
CA LEU E 1987 6.66 10.44 32.60
C LEU E 1987 5.16 10.33 32.34
N SER E 1988 4.82 9.85 31.15
CA SER E 1988 3.42 9.63 30.80
C SER E 1988 2.89 8.44 31.59
N ILE E 1989 1.59 8.16 31.41
CA ILE E 1989 0.97 7.06 32.14
C ILE E 1989 1.52 5.71 31.71
N ASP E 1990 2.10 5.63 30.52
CA ASP E 1990 2.67 4.39 30.01
C ASP E 1990 4.18 4.29 30.22
N GLY E 1991 4.78 5.25 30.90
CA GLY E 1991 6.21 5.27 31.08
C GLY E 1991 7.00 5.95 29.98
N GLN E 1992 6.32 6.49 28.97
CA GLN E 1992 7.02 7.24 27.93
C GLN E 1992 7.54 8.54 28.51
N PRO E 1993 8.81 8.89 28.29
CA PRO E 1993 9.32 10.16 28.78
C PRO E 1993 8.66 11.34 28.08
N LEU E 1994 8.52 12.44 28.81
CA LEU E 1994 7.86 13.64 28.30
C LEU E 1994 8.83 14.77 28.01
N SER E 1995 10.14 14.52 28.11
CA SER E 1995 11.13 15.56 27.88
C SER E 1995 12.11 15.11 26.81
N LEU E 1996 12.45 16.02 25.90
CA LEU E 1996 13.38 15.71 24.84
C LEU E 1996 14.81 15.68 25.37
N ALA E 1997 15.61 14.78 24.81
CA ALA E 1997 16.99 14.62 25.23
C ALA E 1997 17.91 15.52 24.38
N ILE E 1998 19.22 15.31 24.49
CA ILE E 1998 20.20 16.05 23.71
C ILE E 1998 21.11 15.03 23.03
N TYR E 1999 21.80 15.49 21.98
CA TYR E 1999 22.59 14.61 21.15
C TYR E 1999 24.08 14.63 21.45
N ALA E 2000 24.63 15.78 21.87
CA ALA E 2000 26.06 15.93 22.16
C ALA E 2000 26.90 15.56 20.94
N GLU E 2001 26.74 16.38 19.91
CA GLU E 2001 27.38 16.13 18.62
C GLU E 2001 28.90 16.07 18.77
N PRO E 2002 29.56 15.10 18.16
CA PRO E 2002 31.03 15.03 18.26
C PRO E 2002 31.69 16.22 17.55
N THR E 2003 32.84 16.62 18.09
CA THR E 2003 33.54 17.80 17.61
C THR E 2003 34.70 17.40 16.69
N ASP E 2004 34.33 17.02 15.46
CA ASP E 2004 35.17 16.83 14.28
C ASP E 2004 36.28 15.80 14.46
N PRO E 2005 36.83 15.25 13.36
CA PRO E 2005 37.98 14.35 13.50
C PRO E 2005 39.32 15.06 13.33
N LYS E 2006 40.41 14.32 13.55
CA LYS E 2006 41.76 14.87 13.43
C LYS E 2006 42.36 14.35 12.14
N ALA E 2007 42.82 15.26 11.28
CA ALA E 2007 43.46 14.91 10.03
C ALA E 2007 44.98 15.05 10.18
N LEU E 2008 45.70 13.99 9.84
CA LEU E 2008 47.15 13.95 9.99
C LEU E 2008 47.82 14.53 8.75
N LEU E 2009 49.11 14.86 8.91
CA LEU E 2009 49.91 15.39 7.83
C LEU E 2009 51.36 15.00 8.06
N THR E 2010 52.16 15.08 7.00
CA THR E 2010 53.56 14.72 7.04
C THR E 2010 54.38 15.74 6.28
N SER E 2011 55.67 15.82 6.62
CA SER E 2011 56.55 16.82 6.04
C SER E 2011 57.94 16.24 5.86
N MET E 2012 58.72 16.88 4.99
CA MET E 2012 60.09 16.48 4.76
C MET E 2012 61.00 17.11 5.80
N VAL E 2013 62.04 16.37 6.19
CA VAL E 2013 63.01 16.81 7.18
C VAL E 2013 64.39 16.75 6.56
N GLN E 2014 65.18 17.80 6.78
CA GLN E 2014 66.54 17.87 6.28
C GLN E 2014 67.51 18.11 7.43
N ALA E 2015 68.76 17.67 7.24
CA ALA E 2015 69.79 17.81 8.25
C ALA E 2015 71.04 18.40 7.62
N SER E 2016 71.92 18.92 8.47
CA SER E 2016 73.16 19.53 8.00
C SER E 2016 74.06 18.48 7.36
N GLN E 2017 74.69 18.86 6.25
CA GLN E 2017 75.57 17.96 5.51
C GLN E 2017 76.88 18.65 5.21
N GLY E 2018 77.96 17.86 5.22
CA GLY E 2018 79.29 18.38 4.97
C GLY E 2018 79.78 18.04 3.56
N GLY E 2019 81.01 18.47 3.29
CA GLY E 2019 81.63 18.25 2.00
C GLY E 2019 83.03 17.68 2.16
N SER E 2020 83.59 17.27 1.02
CA SER E 2020 84.92 16.67 1.01
C SER E 2020 86.00 17.72 1.21
N ALA E 2021 87.21 17.25 1.49
CA ALA E 2021 88.37 18.10 1.71
C ALA E 2021 89.42 17.84 0.64
N VAL E 2022 90.48 18.63 0.67
CA VAL E 2022 91.56 18.55 -0.32
C VAL E 2022 92.87 18.26 0.39
N LEU E 2023 93.57 17.24 -0.07
CA LEU E 2023 94.90 16.92 0.40
C LEU E 2023 95.95 17.58 -0.47
N PRO E 2024 97.17 17.79 0.02
CA PRO E 2024 98.22 18.33 -0.82
C PRO E 2024 98.51 17.40 -1.99
N GLY E 2025 98.75 17.98 -3.15
CA GLY E 2025 98.97 17.21 -4.36
C GLY E 2025 100.38 16.69 -4.49
N THR E 2026 100.56 15.81 -5.47
CA THR E 2026 101.86 15.25 -5.80
C THR E 2026 102.27 15.66 -7.19
N LEU E 2027 103.58 15.59 -7.45
CA LEU E 2027 104.15 15.97 -8.74
C LEU E 2027 104.46 14.73 -9.56
N SER E 2028 103.91 14.68 -10.78
CA SER E 2028 104.13 13.56 -11.67
C SER E 2028 105.34 13.85 -12.56
N LEU E 2029 105.54 13.01 -13.58
CA LEU E 2029 106.67 13.15 -14.48
C LEU E 2029 106.32 13.74 -15.83
N TYR E 2030 105.07 13.61 -16.27
CA TYR E 2030 104.66 14.10 -17.57
C TYR E 2030 104.34 15.59 -17.52
N ARG E 2031 104.27 16.21 -18.69
CA ARG E 2031 103.94 17.63 -18.77
C ARG E 2031 102.44 17.83 -18.55
N PHE E 2032 101.97 19.04 -18.82
CA PHE E 2032 100.60 19.37 -18.47
C PHE E 2032 99.57 18.75 -19.41
N PRO E 2033 99.62 18.94 -20.73
CA PRO E 2033 98.49 18.53 -21.57
C PRO E 2033 98.13 17.05 -21.48
N VAL E 2034 99.14 16.18 -21.38
CA VAL E 2034 98.85 14.75 -21.32
C VAL E 2034 98.13 14.40 -20.02
N MET E 2035 98.58 14.98 -18.90
CA MET E 2035 97.89 14.75 -17.64
C MET E 2035 96.47 15.30 -17.70
N LEU E 2036 96.30 16.44 -18.36
CA LEU E 2036 94.97 17.02 -18.52
C LEU E 2036 94.05 16.05 -19.25
N GLU E 2037 94.55 15.46 -20.34
CA GLU E 2037 93.71 14.54 -21.13
C GLU E 2037 93.38 13.28 -20.32
N ARG E 2038 94.35 12.76 -19.56
CA ARG E 2038 94.08 11.57 -18.75
C ARG E 2038 93.01 11.85 -17.71
N THR E 2039 93.14 12.97 -17.00
CA THR E 2039 92.14 13.33 -16.01
C THR E 2039 90.79 13.56 -16.66
N ARG E 2040 90.76 14.13 -17.87
CA ARG E 2040 89.50 14.32 -18.56
C ARG E 2040 88.80 12.99 -18.83
N ASN E 2041 89.57 11.99 -19.31
CA ASN E 2041 88.97 10.68 -19.53
C ASN E 2041 88.42 10.09 -18.24
N LEU E 2042 89.19 10.19 -17.16
CA LEU E 2042 88.72 9.64 -15.89
C LEU E 2042 87.44 10.32 -15.42
N VAL E 2043 87.37 11.65 -15.57
CA VAL E 2043 86.19 12.37 -15.13
C VAL E 2043 84.97 12.00 -15.98
N ALA E 2044 85.18 11.80 -17.28
CA ALA E 2044 84.07 11.35 -18.12
C ALA E 2044 83.53 10.01 -17.62
N GLN E 2045 84.43 9.09 -17.29
CA GLN E 2045 84.00 7.79 -16.75
C GLN E 2045 83.19 7.98 -15.47
N LEU E 2046 83.67 8.86 -14.58
CA LEU E 2046 82.96 9.12 -13.34
C LEU E 2046 81.55 9.66 -13.59
N THR E 2047 81.43 10.56 -14.56
CA THR E 2047 80.11 11.12 -14.88
C THR E 2047 79.17 10.03 -15.37
N GLN E 2048 79.67 9.13 -16.21
CA GLN E 2048 78.82 8.03 -16.67
C GLN E 2048 78.36 7.17 -15.49
N PHE E 2049 79.26 6.91 -14.54
CA PHE E 2049 78.87 6.13 -13.36
C PHE E 2049 77.74 6.83 -12.61
N GLY E 2050 77.85 8.14 -12.42
CA GLY E 2050 76.82 8.87 -11.71
C GLY E 2050 75.47 8.80 -12.41
N THR E 2051 75.48 8.96 -13.73
CA THR E 2051 74.23 8.88 -14.49
C THR E 2051 73.56 7.52 -14.34
N SER E 2052 74.36 6.45 -14.43
CA SER E 2052 73.80 5.11 -14.26
C SER E 2052 73.18 4.95 -12.88
N LEU E 2053 73.88 5.43 -11.85
CA LEU E 2053 73.36 5.37 -10.49
C LEU E 2053 71.99 6.03 -10.40
N LEU E 2054 71.88 7.24 -10.96
CA LEU E 2054 70.61 7.97 -10.86
C LEU E 2054 69.48 7.20 -11.55
N SER E 2055 69.75 6.67 -12.74
CA SER E 2055 68.70 5.95 -13.46
C SER E 2055 68.24 4.72 -12.68
N MET E 2056 69.18 3.95 -12.13
CA MET E 2056 68.79 2.77 -11.37
C MET E 2056 67.98 3.13 -10.15
N ALA E 2057 68.35 4.22 -9.46
CA ALA E 2057 67.58 4.65 -8.30
C ALA E 2057 66.14 4.98 -8.69
N GLU E 2058 65.97 5.69 -9.81
CA GLU E 2058 64.62 6.04 -10.25
C GLU E 2058 63.78 4.78 -10.50
N HIS E 2059 64.35 3.81 -11.21
CA HIS E 2059 63.59 2.59 -11.51
C HIS E 2059 63.23 1.84 -10.23
N ASP E 2060 64.16 1.76 -9.29
CA ASP E 2060 63.87 1.06 -8.03
C ASP E 2060 62.73 1.73 -7.28
N ASP E 2061 62.74 3.06 -7.22
CA ASP E 2061 61.67 3.75 -6.51
C ASP E 2061 60.31 3.51 -7.16
N ALA E 2062 60.26 3.51 -8.50
CA ALA E 2062 59.00 3.22 -9.18
C ALA E 2062 58.49 1.83 -8.83
N ASP E 2063 59.38 0.84 -8.82
CA ASP E 2063 58.97 -0.52 -8.49
C ASP E 2063 58.42 -0.59 -7.07
N GLU E 2064 59.07 0.08 -6.12
CA GLU E 2064 58.61 0.06 -4.74
C GLU E 2064 57.21 0.65 -4.62
N LEU E 2065 56.96 1.76 -5.32
CA LEU E 2065 55.63 2.35 -5.29
C LEU E 2065 54.58 1.38 -5.83
N THR E 2066 54.90 0.69 -6.93
CA THR E 2066 53.95 -0.27 -7.49
C THR E 2066 53.63 -1.38 -6.49
N THR E 2067 54.65 -1.90 -5.80
CA THR E 2067 54.40 -2.95 -4.82
C THR E 2067 53.49 -2.48 -3.70
N LEU E 2068 53.72 -1.26 -3.21
CA LEU E 2068 52.86 -0.73 -2.15
C LEU E 2068 51.41 -0.62 -2.62
N LEU E 2069 51.22 -0.15 -3.85
CA LEU E 2069 49.87 -0.06 -4.42
C LEU E 2069 49.20 -1.43 -4.42
N LEU E 2070 49.92 -2.46 -4.82
CA LEU E 2070 49.33 -3.80 -4.89
C LEU E 2070 48.90 -4.28 -3.51
N GLN E 2071 49.74 -4.07 -2.49
CA GLN E 2071 49.36 -4.52 -1.15
C GLN E 2071 48.10 -3.82 -0.65
N GLN E 2072 48.02 -2.51 -0.85
CA GLN E 2072 46.83 -1.79 -0.42
C GLN E 2072 45.58 -2.29 -1.14
N GLY E 2073 45.72 -2.55 -2.45
CA GLY E 2073 44.59 -3.11 -3.19
C GLY E 2073 44.12 -4.44 -2.62
N MET E 2074 45.06 -5.27 -2.20
CA MET E 2074 44.68 -6.57 -1.61
C MET E 2074 43.85 -6.37 -0.36
N GLU E 2075 44.28 -5.47 0.52
CA GLU E 2075 43.52 -5.24 1.75
C GLU E 2075 42.10 -4.74 1.44
N LEU E 2076 41.99 -3.79 0.51
CA LEU E 2076 40.68 -3.29 0.14
C LEU E 2076 39.80 -4.40 -0.43
N ALA E 2077 40.41 -5.33 -1.17
CA ALA E 2077 39.64 -6.45 -1.71
C ALA E 2077 39.06 -7.31 -0.59
N THR E 2078 39.85 -7.56 0.46
CA THR E 2078 39.31 -8.33 1.59
C THR E 2078 38.09 -7.65 2.19
N GLN E 2079 38.19 -6.34 2.42
CA GLN E 2079 37.05 -5.63 3.00
C GLN E 2079 35.82 -5.70 2.08
N SER E 2080 36.04 -5.62 0.77
CA SER E 2080 34.93 -5.74 -0.17
C SER E 2080 34.27 -7.11 -0.08
N ILE E 2081 35.08 -8.16 0.10
CA ILE E 2081 34.52 -9.50 0.29
C ILE E 2081 33.52 -9.49 1.45
N ARG E 2082 33.94 -8.92 2.58
CA ARG E 2082 33.05 -8.91 3.74
C ARG E 2082 31.76 -8.13 3.45
N ILE E 2083 31.89 -6.98 2.78
CA ILE E 2083 30.71 -6.17 2.47
C ILE E 2083 29.71 -6.97 1.64
N GLN E 2084 30.20 -7.68 0.62
CA GLN E 2084 29.31 -8.43 -0.25
C GLN E 2084 28.60 -9.54 0.50
N GLN E 2085 29.32 -10.24 1.39
CA GLN E 2085 28.67 -11.26 2.19
C GLN E 2085 27.53 -10.67 3.01
N ARG E 2086 27.74 -9.47 3.57
CA ARG E 2086 26.68 -8.84 4.34
C ARG E 2086 25.47 -8.52 3.47
N THR E 2087 25.71 -8.10 2.23
CA THR E 2087 24.59 -7.85 1.32
C THR E 2087 23.77 -9.11 1.08
N VAL E 2088 24.45 -10.24 0.88
CA VAL E 2088 23.73 -11.50 0.68
C VAL E 2088 22.86 -11.83 1.90
N ASP E 2089 23.42 -11.61 3.10
CA ASP E 2089 22.63 -11.85 4.31
C ASP E 2089 21.37 -10.98 4.35
N GLU E 2090 21.51 -9.72 3.91
CA GLU E 2090 20.34 -8.84 3.87
C GLU E 2090 19.27 -9.40 2.94
N VAL E 2091 19.67 -9.90 1.78
CA VAL E 2091 18.69 -10.47 0.85
C VAL E 2091 17.97 -11.66 1.48
N ASP E 2092 18.71 -12.48 2.23
CA ASP E 2092 18.08 -13.60 2.93
C ASP E 2092 17.03 -13.12 3.93
N ALA E 2093 17.35 -12.05 4.66
CA ALA E 2093 16.36 -11.50 5.59
C ALA E 2093 15.11 -11.05 4.87
N ASP E 2094 15.27 -10.42 3.69
CA ASP E 2094 14.10 -10.02 2.91
C ASP E 2094 13.25 -11.23 2.53
N ILE E 2095 13.90 -12.33 2.16
CA ILE E 2095 13.16 -13.55 1.85
C ILE E 2095 12.34 -14.00 3.06
N ALA E 2096 12.93 -13.93 4.26
CA ALA E 2096 12.19 -14.32 5.46
C ALA E 2096 10.96 -13.45 5.66
N VAL E 2097 11.10 -12.14 5.45
CA VAL E 2097 9.95 -11.24 5.57
C VAL E 2097 8.84 -11.67 4.63
N LEU E 2098 9.20 -11.98 3.38
CA LEU E 2098 8.20 -12.42 2.42
C LEU E 2098 7.50 -13.70 2.87
N ALA E 2099 8.26 -14.62 3.47
CA ALA E 2099 7.65 -15.85 3.95
C ALA E 2099 6.60 -15.57 5.02
N GLU E 2100 6.91 -14.65 5.94
CA GLU E 2100 5.93 -14.31 6.97
C GLU E 2100 4.66 -13.71 6.36
N SER E 2101 4.83 -12.82 5.38
CA SER E 2101 3.66 -12.23 4.74
C SER E 2101 2.80 -13.30 4.06
N ARG E 2102 3.45 -14.27 3.41
CA ARG E 2102 2.69 -15.35 2.77
C ARG E 2102 1.94 -16.17 3.79
N ARG E 2103 2.54 -16.40 4.96
CA ARG E 2103 1.84 -17.15 6.01
C ARG E 2103 0.56 -16.43 6.42
N SER E 2104 0.64 -15.11 6.62
CA SER E 2104 -0.56 -14.36 7.00
C SER E 2104 -1.63 -14.44 5.91
N ALA E 2105 -1.22 -14.29 4.65
CA ALA E 2105 -2.20 -14.35 3.57
C ALA E 2105 -2.87 -15.72 3.49
N GLN E 2106 -2.09 -16.78 3.69
CA GLN E 2106 -2.66 -18.13 3.67
C GLN E 2106 -3.68 -18.31 4.79
N ASN E 2107 -3.38 -17.79 5.97
CA ASN E 2107 -4.36 -17.88 7.07
C ASN E 2107 -5.65 -17.16 6.71
N ARG E 2108 -5.55 -15.97 6.13
CA ARG E 2108 -6.75 -15.24 5.72
C ARG E 2108 -7.57 -16.03 4.71
N LEU E 2109 -6.88 -16.63 3.73
CA LEU E 2109 -7.60 -17.42 2.73
C LEU E 2109 -8.32 -18.60 3.36
N GLU E 2110 -7.65 -19.29 4.29
CA GLU E 2110 -8.30 -20.43 4.93
C GLU E 2110 -9.54 -19.99 5.70
N LYS E 2111 -9.45 -18.89 6.44
CA LYS E 2111 -10.60 -18.42 7.21
C LYS E 2111 -11.77 -18.09 6.29
N TYR E 2112 -11.51 -17.33 5.22
CA TYR E 2112 -12.61 -16.91 4.36
C TYR E 2112 -13.19 -18.09 3.60
N GLN E 2113 -12.35 -19.05 3.19
CA GLN E 2113 -12.86 -20.24 2.51
C GLN E 2113 -13.76 -21.04 3.42
N GLN E 2114 -13.37 -21.20 4.69
CA GLN E 2114 -14.22 -21.92 5.63
C GLN E 2114 -15.55 -21.20 5.81
N LEU E 2115 -15.52 -19.87 5.96
CA LEU E 2115 -16.75 -19.12 6.14
C LEU E 2115 -17.67 -19.25 4.93
N TYR E 2116 -17.11 -19.17 3.73
CA TYR E 2116 -17.92 -19.29 2.52
C TYR E 2116 -18.50 -20.70 2.38
N ASP E 2117 -17.72 -21.73 2.71
CA ASP E 2117 -18.23 -23.09 2.60
C ASP E 2117 -19.33 -23.37 3.60
N GLU E 2118 -19.20 -22.85 4.82
CA GLU E 2118 -20.21 -23.12 5.84
C GLU E 2118 -21.57 -22.56 5.43
N ASP E 2119 -21.58 -21.35 4.86
CA ASP E 2119 -22.79 -20.70 4.35
C ASP E 2119 -23.75 -20.46 5.50
N ILE E 2120 -24.99 -20.91 5.43
CA ILE E 2120 -25.99 -20.60 6.45
C ILE E 2120 -25.94 -21.68 7.52
N ASN E 2121 -25.74 -21.27 8.77
CA ASN E 2121 -25.68 -22.22 9.87
C ASN E 2121 -27.10 -22.61 10.28
N HIS E 2122 -27.24 -23.29 11.41
CA HIS E 2122 -28.54 -23.81 11.80
C HIS E 2122 -29.46 -22.75 12.40
N GLY E 2123 -28.91 -21.78 13.13
CA GLY E 2123 -29.75 -20.79 13.78
C GLY E 2123 -30.56 -19.97 12.79
N GLU E 2124 -29.93 -19.58 11.67
CA GLU E 2124 -30.64 -18.82 10.66
C GLU E 2124 -31.75 -19.65 10.01
N GLN E 2125 -31.49 -20.94 9.76
CA GLN E 2125 -32.53 -21.82 9.26
C GLN E 2125 -33.70 -21.88 10.23
N ARG E 2126 -33.40 -22.01 11.52
CA ARG E 2126 -34.47 -22.07 12.51
C ARG E 2126 -35.27 -20.78 12.54
N ALA E 2127 -34.60 -19.64 12.44
CA ALA E 2127 -35.30 -18.37 12.45
C ALA E 2127 -36.23 -18.24 11.24
N MET E 2128 -35.74 -18.61 10.05
CA MET E 2128 -36.58 -18.53 8.87
C MET E 2128 -37.77 -19.48 8.97
N SER E 2129 -37.54 -20.69 9.47
CA SER E 2129 -38.64 -21.63 9.63
C SER E 2129 -39.68 -21.11 10.61
N LEU E 2130 -39.21 -20.46 11.69
CA LEU E 2130 -40.15 -19.88 12.65
C LEU E 2130 -40.99 -18.78 12.02
N LEU E 2131 -40.37 -17.93 11.20
CA LEU E 2131 -41.14 -16.88 10.54
C LEU E 2131 -42.18 -17.48 9.60
N ASP E 2132 -41.79 -18.51 8.85
CA ASP E 2132 -42.75 -19.16 7.95
C ASP E 2132 -43.92 -19.74 8.74
N ALA E 2133 -43.61 -20.40 9.86
CA ALA E 2133 -44.67 -20.99 10.68
C ALA E 2133 -45.58 -19.90 11.25
N ALA E 2134 -45.00 -18.77 11.64
CA ALA E 2134 -45.81 -17.67 12.15
C ALA E 2134 -46.76 -17.15 11.09
N ALA E 2135 -46.27 -17.00 9.86
CA ALA E 2135 -47.15 -16.57 8.77
C ALA E 2135 -48.28 -17.56 8.56
N GLY E 2136 -47.97 -18.85 8.58
CA GLY E 2136 -49.02 -19.86 8.41
C GLY E 2136 -50.06 -19.81 9.51
N GLN E 2137 -49.60 -19.72 10.76
CA GLN E 2137 -50.54 -19.67 11.88
C GLN E 2137 -51.42 -18.43 11.82
N SER E 2138 -50.83 -17.29 11.43
CA SER E 2138 -51.63 -16.08 11.29
C SER E 2138 -52.68 -16.24 10.21
N LEU E 2139 -52.32 -16.87 9.09
CA LEU E 2139 -53.29 -17.06 8.01
C LEU E 2139 -54.37 -18.07 8.39
N ALA E 2140 -54.08 -18.97 9.33
CA ALA E 2140 -55.01 -20.06 9.59
C ALA E 2140 -56.30 -19.63 10.31
N GLY E 2141 -56.40 -18.39 10.79
CA GLY E 2141 -57.55 -17.99 11.58
C GLY E 2141 -58.74 -17.44 10.82
N GLN E 2142 -58.64 -17.29 9.51
CA GLN E 2142 -59.71 -16.66 8.75
C GLN E 2142 -60.99 -17.49 8.76
N VAL E 2143 -60.86 -18.81 8.64
CA VAL E 2143 -62.05 -19.67 8.62
C VAL E 2143 -62.76 -19.60 9.96
N LEU E 2144 -62.00 -19.61 11.06
CA LEU E 2144 -62.62 -19.50 12.38
C LEU E 2144 -63.29 -18.15 12.56
N SER E 2145 -62.68 -17.07 12.08
CA SER E 2145 -63.31 -15.77 12.18
C SER E 2145 -64.63 -15.73 11.41
N ILE E 2146 -64.64 -16.28 10.19
CA ILE E 2146 -65.86 -16.29 9.40
C ILE E 2146 -66.94 -17.12 10.10
N ALA E 2147 -66.54 -18.27 10.66
CA ALA E 2147 -67.51 -19.12 11.35
C ALA E 2147 -68.09 -18.41 12.57
N GLU E 2148 -67.26 -17.70 13.34
CA GLU E 2148 -67.76 -16.96 14.49
C GLU E 2148 -68.73 -15.89 14.05
N GLY E 2149 -68.40 -15.17 12.97
CA GLY E 2149 -69.30 -14.15 12.47
C GLY E 2149 -70.65 -14.71 12.06
N VAL E 2150 -70.65 -15.83 11.34
CA VAL E 2150 -71.91 -16.38 10.87
C VAL E 2150 -72.69 -17.02 12.02
N ALA E 2151 -72.00 -17.48 13.07
CA ALA E 2151 -72.70 -18.06 14.21
C ALA E 2151 -73.32 -17.02 15.12
N ASP E 2152 -72.66 -15.88 15.30
CA ASP E 2152 -73.17 -14.87 16.23
C ASP E 2152 -74.45 -14.20 15.77
N LEU E 2153 -74.87 -14.40 14.52
CA LEU E 2153 -76.06 -13.74 14.01
C LEU E 2153 -77.35 -14.37 14.53
N VAL E 2154 -77.28 -15.60 15.03
CA VAL E 2154 -78.49 -16.28 15.51
C VAL E 2154 -78.97 -15.62 16.80
N PRO E 2155 -80.28 -15.44 16.98
CA PRO E 2155 -80.75 -14.88 18.26
C PRO E 2155 -80.40 -15.76 19.44
N ASN E 2156 -80.16 -15.12 20.59
CA ASN E 2156 -79.70 -15.82 21.77
C ASN E 2156 -80.52 -15.58 23.02
N VAL E 2157 -81.65 -14.88 22.93
CA VAL E 2157 -82.57 -14.75 24.06
C VAL E 2157 -83.93 -15.27 23.64
N PHE E 2158 -84.68 -15.76 24.62
CA PHE E 2158 -85.96 -16.40 24.36
C PHE E 2158 -86.94 -15.95 25.43
N GLY E 2159 -88.05 -16.66 25.54
CA GLY E 2159 -89.08 -16.30 26.49
C GLY E 2159 -90.09 -15.37 25.85
N LEU E 2160 -90.53 -14.35 26.58
CA LEU E 2160 -91.43 -13.35 26.03
C LEU E 2160 -90.71 -12.05 25.70
N ALA E 2161 -89.39 -12.11 25.50
CA ALA E 2161 -88.63 -10.97 24.98
C ALA E 2161 -87.47 -11.55 24.16
N CYS E 2162 -87.70 -11.72 22.87
CA CYS E 2162 -86.76 -12.39 22.00
C CYS E 2162 -85.85 -11.38 21.32
N GLY E 2163 -84.84 -11.90 20.60
CA GLY E 2163 -83.87 -11.08 19.90
C GLY E 2163 -82.45 -11.42 20.33
N GLY E 2164 -81.63 -10.40 20.50
CA GLY E 2164 -80.28 -10.57 20.94
C GLY E 2164 -79.26 -10.79 19.84
N SER E 2165 -79.67 -10.79 18.58
CA SER E 2165 -78.73 -10.99 17.48
C SER E 2165 -77.76 -9.82 17.38
N ARG E 2166 -76.51 -10.13 17.11
CA ARG E 2166 -75.49 -9.11 16.86
C ARG E 2166 -75.48 -8.81 15.36
N TRP E 2167 -76.02 -7.65 14.98
CA TRP E 2167 -76.26 -7.39 13.57
C TRP E 2167 -74.95 -7.30 12.78
N GLY E 2168 -73.92 -6.68 13.34
CA GLY E 2168 -72.72 -6.44 12.58
C GLY E 2168 -71.61 -7.45 12.79
N ALA E 2169 -71.96 -8.72 12.91
CA ALA E 2169 -70.94 -9.74 13.12
C ALA E 2169 -70.15 -10.03 11.85
N ALA E 2170 -70.83 -10.14 10.71
CA ALA E 2170 -70.17 -10.55 9.48
C ALA E 2170 -69.13 -9.53 9.05
N LEU E 2171 -69.45 -8.24 9.15
CA LEU E 2171 -68.51 -7.21 8.73
C LEU E 2171 -67.28 -7.20 9.61
N ARG E 2172 -67.46 -7.37 10.93
CA ARG E 2172 -66.31 -7.46 11.82
C ARG E 2172 -65.45 -8.67 11.48
N ALA E 2173 -66.09 -9.80 11.16
CA ALA E 2173 -65.33 -10.97 10.76
C ALA E 2173 -64.50 -10.69 9.51
N SER E 2174 -65.09 -10.02 8.52
CA SER E 2174 -64.35 -9.71 7.31
C SER E 2174 -63.17 -8.78 7.59
N ALA E 2175 -63.37 -7.78 8.44
CA ALA E 2175 -62.27 -6.91 8.81
C ALA E 2175 -61.16 -7.70 9.49
N SER E 2176 -61.53 -8.63 10.36
CA SER E 2176 -60.53 -9.44 11.05
C SER E 2176 -59.73 -10.29 10.07
N VAL E 2177 -60.41 -10.92 9.10
CA VAL E 2177 -59.68 -11.78 8.18
C VAL E 2177 -58.75 -10.95 7.30
N MET E 2178 -59.15 -9.74 6.94
CA MET E 2178 -58.26 -8.92 6.13
C MET E 2178 -57.05 -8.46 6.92
N SER E 2179 -57.24 -8.14 8.20
CA SER E 2179 -56.09 -7.81 9.04
C SER E 2179 -55.14 -9.00 9.17
N LEU E 2180 -55.69 -10.20 9.34
CA LEU E 2180 -54.85 -11.38 9.41
C LEU E 2180 -54.05 -11.58 8.12
N SER E 2181 -54.69 -11.34 6.98
CA SER E 2181 -53.97 -11.45 5.71
C SER E 2181 -52.82 -10.45 5.64
N ALA E 2182 -53.06 -9.21 6.10
CA ALA E 2182 -51.99 -8.23 6.10
C ALA E 2182 -50.82 -8.67 6.97
N THR E 2183 -51.11 -9.19 8.16
CA THR E 2183 -50.04 -9.65 9.05
C THR E 2183 -49.26 -10.79 8.42
N ALA E 2184 -49.94 -11.74 7.79
CA ALA E 2184 -49.24 -12.84 7.14
C ALA E 2184 -48.34 -12.34 6.02
N SER E 2185 -48.83 -11.39 5.24
CA SER E 2185 -48.00 -10.82 4.17
C SER E 2185 -46.75 -10.17 4.75
N GLN E 2186 -46.90 -9.44 5.86
CA GLN E 2186 -45.74 -8.81 6.47
C GLN E 2186 -44.72 -9.85 6.92
N TYR E 2187 -45.18 -10.93 7.54
CA TYR E 2187 -44.25 -11.96 8.01
C TYR E 2187 -43.50 -12.59 6.84
N SER E 2188 -44.21 -12.92 5.76
CA SER E 2188 -43.54 -13.52 4.61
C SER E 2188 -42.52 -12.57 4.00
N ALA E 2189 -42.86 -11.28 3.92
CA ALA E 2189 -41.90 -10.30 3.40
C ALA E 2189 -40.64 -10.26 4.26
N ASP E 2190 -40.81 -10.30 5.58
CA ASP E 2190 -39.64 -10.30 6.46
C ASP E 2190 -38.76 -11.52 6.20
N LYS E 2191 -39.38 -12.69 6.07
CA LYS E 2191 -38.60 -13.90 5.83
C LYS E 2191 -37.80 -13.81 4.54
N ILE E 2192 -38.44 -13.36 3.46
CA ILE E 2192 -37.75 -13.28 2.17
C ILE E 2192 -36.62 -12.26 2.23
N SER E 2193 -36.85 -11.14 2.91
CA SER E 2193 -35.79 -10.15 3.03
C SER E 2193 -34.58 -10.70 3.76
N ARG E 2194 -34.81 -11.43 4.86
CA ARG E 2194 -33.68 -12.02 5.58
C ARG E 2194 -32.90 -12.99 4.70
N SER E 2195 -33.62 -13.83 3.95
CA SER E 2195 -32.94 -14.77 3.07
C SER E 2195 -32.07 -14.06 2.04
N GLU E 2196 -32.60 -13.00 1.43
CA GLU E 2196 -31.83 -12.28 0.43
C GLU E 2196 -30.59 -11.63 1.04
N ALA E 2197 -30.73 -11.10 2.26
CA ALA E 2197 -29.56 -10.51 2.92
C ALA E 2197 -28.47 -11.56 3.12
N TYR E 2198 -28.88 -12.77 3.54
CA TYR E 2198 -27.88 -13.84 3.72
C TYR E 2198 -27.19 -14.16 2.41
N ARG E 2199 -27.95 -14.21 1.30
CA ARG E 2199 -27.33 -14.51 0.02
C ARG E 2199 -26.30 -13.45 -0.37
N ARG E 2200 -26.64 -12.18 -0.19
CA ARG E 2200 -25.68 -11.12 -0.52
C ARG E 2200 -24.43 -11.22 0.33
N ARG E 2201 -24.60 -11.53 1.61
CA ARG E 2201 -23.44 -11.69 2.49
C ARG E 2201 -22.54 -12.82 2.00
N ARG E 2202 -23.13 -13.93 1.55
CA ARG E 2202 -22.32 -15.03 1.03
C ARG E 2202 -21.54 -14.60 -0.21
N GLN E 2203 -22.16 -13.84 -1.10
CA GLN E 2203 -21.44 -13.37 -2.28
C GLN E 2203 -20.25 -12.50 -1.88
N GLU E 2204 -20.45 -11.63 -0.90
CA GLU E 2204 -19.38 -10.76 -0.42
C GLU E 2204 -18.21 -11.59 0.11
N TRP E 2205 -18.53 -12.65 0.88
CA TRP E 2205 -17.49 -13.55 1.37
C TRP E 2205 -16.73 -14.21 0.22
N GLU E 2206 -17.45 -14.62 -0.82
CA GLU E 2206 -16.77 -15.23 -1.96
C GLU E 2206 -15.77 -14.28 -2.60
N ILE E 2207 -16.14 -13.01 -2.74
CA ILE E 2207 -15.22 -12.03 -3.30
C ILE E 2207 -13.97 -11.92 -2.43
N GLN E 2208 -14.16 -11.88 -1.10
CA GLN E 2208 -12.99 -11.82 -0.22
C GLN E 2208 -12.08 -13.03 -0.40
N ARG E 2209 -12.67 -14.22 -0.53
CA ARG E 2209 -11.86 -15.42 -0.71
C ARG E 2209 -11.03 -15.32 -1.98
N ASP E 2210 -11.63 -14.84 -3.07
CA ASP E 2210 -10.87 -14.70 -4.31
C ASP E 2210 -9.71 -13.72 -4.14
N ASN E 2211 -9.95 -12.60 -3.44
CA ASN E 2211 -8.88 -11.63 -3.23
C ASN E 2211 -7.72 -12.26 -2.46
N ALA E 2212 -8.03 -13.02 -1.40
CA ALA E 2212 -6.95 -13.65 -0.63
C ALA E 2212 -6.16 -14.64 -1.47
N ASP E 2213 -6.85 -15.41 -2.32
CA ASP E 2213 -6.16 -16.35 -3.18
C ASP E 2213 -5.19 -15.63 -4.12
N GLY E 2214 -5.66 -14.53 -4.72
CA GLY E 2214 -4.78 -13.77 -5.59
C GLY E 2214 -3.56 -13.25 -4.86
N GLU E 2215 -3.75 -12.79 -3.62
CA GLU E 2215 -2.61 -12.32 -2.83
C GLU E 2215 -1.60 -13.44 -2.61
N VAL E 2216 -2.08 -14.64 -2.28
CA VAL E 2216 -1.17 -15.75 -2.03
C VAL E 2216 -0.35 -16.07 -3.29
N LYS E 2217 -1.02 -16.10 -4.45
CA LYS E 2217 -0.29 -16.40 -5.68
C LYS E 2217 0.76 -15.33 -5.98
N GLN E 2218 0.41 -14.07 -5.79
CA GLN E 2218 1.37 -13.00 -6.05
C GLN E 2218 2.59 -13.13 -5.15
N MET E 2219 2.39 -13.44 -3.87
CA MET E 2219 3.52 -13.61 -2.98
C MET E 2219 4.37 -14.80 -3.38
N ASP E 2220 3.73 -15.88 -3.87
CA ASP E 2220 4.48 -17.02 -4.35
C ASP E 2220 5.41 -16.64 -5.49
N ALA E 2221 4.94 -15.79 -6.41
CA ALA E 2221 5.80 -15.35 -7.50
C ALA E 2221 6.93 -14.44 -7.02
N GLN E 2222 6.62 -13.55 -6.07
CA GLN E 2222 7.66 -12.70 -5.51
C GLN E 2222 8.78 -13.53 -4.89
N LEU E 2223 8.45 -14.70 -4.34
CA LEU E 2223 9.49 -15.55 -3.77
C LEU E 2223 10.52 -15.96 -4.83
N GLU E 2224 10.05 -16.34 -6.02
CA GLU E 2224 10.96 -16.70 -7.09
C GLU E 2224 11.83 -15.52 -7.49
N SER E 2225 11.23 -14.34 -7.59
CA SER E 2225 12.04 -13.15 -7.90
C SER E 2225 13.14 -12.96 -6.87
N LEU E 2226 12.79 -13.09 -5.58
CA LEU E 2226 13.77 -12.86 -4.53
C LEU E 2226 14.91 -13.88 -4.59
N LYS E 2227 14.60 -15.14 -4.85
CA LYS E 2227 15.68 -16.13 -4.88
C LYS E 2227 16.59 -15.92 -6.09
N ILE E 2228 16.05 -15.47 -7.22
CA ILE E 2228 16.92 -15.11 -8.33
C ILE E 2228 17.88 -13.99 -7.93
N ARG E 2229 17.36 -12.98 -7.23
CA ARG E 2229 18.23 -11.90 -6.77
C ARG E 2229 19.32 -12.43 -5.84
N ARG E 2230 18.97 -13.36 -4.96
CA ARG E 2230 19.97 -13.92 -4.04
C ARG E 2230 21.07 -14.65 -4.81
N GLU E 2231 20.70 -15.40 -5.85
CA GLU E 2231 21.71 -16.07 -6.66
C GLU E 2231 22.63 -15.05 -7.31
N ALA E 2232 22.08 -13.94 -7.81
CA ALA E 2232 22.93 -12.92 -8.41
C ALA E 2232 23.91 -12.36 -7.39
N ALA E 2233 23.46 -12.11 -6.17
CA ALA E 2233 24.35 -11.58 -5.14
C ALA E 2233 25.48 -12.56 -4.82
N GLN E 2234 25.15 -13.86 -4.74
CA GLN E 2234 26.19 -14.84 -4.48
C GLN E 2234 27.24 -14.86 -5.59
N MET E 2235 26.78 -14.78 -6.85
CA MET E 2235 27.75 -14.71 -7.95
C MET E 2235 28.61 -13.46 -7.85
N GLN E 2236 28.05 -12.35 -7.37
CA GLN E 2236 28.85 -11.15 -7.17
C GLN E 2236 29.94 -11.38 -6.13
N VAL E 2237 29.61 -12.08 -5.05
CA VAL E 2237 30.64 -12.39 -4.04
C VAL E 2237 31.75 -13.21 -4.66
N GLU E 2238 31.41 -14.21 -5.46
CA GLU E 2238 32.43 -15.01 -6.12
C GLU E 2238 33.30 -14.16 -7.03
N TYR E 2239 32.69 -13.20 -7.72
CA TYR E 2239 33.45 -12.29 -8.58
C TYR E 2239 34.48 -11.50 -7.77
N GLN E 2240 34.06 -11.00 -6.61
CA GLN E 2240 35.01 -10.26 -5.77
C GLN E 2240 36.16 -11.15 -5.31
N GLU E 2241 35.86 -12.40 -4.95
CA GLU E 2241 36.92 -13.32 -4.55
C GLU E 2241 37.90 -13.56 -5.69
N THR E 2242 37.39 -13.70 -6.92
CA THR E 2242 38.28 -13.85 -8.06
C THR E 2242 39.17 -12.64 -8.23
N GLN E 2243 38.62 -11.44 -8.02
CA GLN E 2243 39.45 -10.24 -8.10
C GLN E 2243 40.59 -10.27 -7.08
N GLN E 2244 40.28 -10.68 -5.86
CA GLN E 2244 41.34 -10.77 -4.84
C GLN E 2244 42.42 -11.77 -5.25
N ALA E 2245 42.01 -12.92 -5.79
CA ALA E 2245 42.98 -13.90 -6.25
C ALA E 2245 43.86 -13.33 -7.37
N HIS E 2246 43.26 -12.55 -8.26
CA HIS E 2246 44.03 -11.94 -9.35
C HIS E 2246 45.08 -10.97 -8.81
N THR E 2247 44.69 -10.16 -7.82
CA THR E 2247 45.67 -9.25 -7.22
C THR E 2247 46.81 -10.04 -6.58
N GLN E 2248 46.49 -11.12 -5.88
CA GLN E 2248 47.53 -11.94 -5.28
C GLN E 2248 48.48 -12.49 -6.34
N ALA E 2249 47.94 -12.97 -7.46
CA ALA E 2249 48.78 -13.50 -8.53
C ALA E 2249 49.66 -12.42 -9.12
N GLN E 2250 49.13 -11.21 -9.28
CA GLN E 2250 49.94 -10.09 -9.78
C GLN E 2250 51.13 -9.84 -8.87
N LEU E 2251 50.88 -9.78 -7.56
CA LEU E 2251 51.99 -9.54 -6.63
C LEU E 2251 53.01 -10.67 -6.70
N GLU E 2252 52.54 -11.92 -6.78
CA GLU E 2252 53.45 -13.06 -6.84
C GLU E 2252 54.32 -12.98 -8.09
N LEU E 2253 53.73 -12.62 -9.23
CA LEU E 2253 54.53 -12.45 -10.44
C LEU E 2253 55.55 -11.33 -10.27
N LEU E 2254 55.14 -10.23 -9.62
CA LEU E 2254 56.07 -9.13 -9.43
C LEU E 2254 57.26 -9.54 -8.59
N GLN E 2255 57.06 -10.46 -7.66
CA GLN E 2255 58.18 -10.88 -6.80
C GLN E 2255 59.13 -11.82 -7.53
N ARG E 2256 58.65 -12.60 -8.50
CA ARG E 2256 59.48 -13.57 -9.21
C ARG E 2256 60.14 -12.98 -10.45
N LYS E 2257 60.02 -11.67 -10.65
CA LYS E 2257 60.59 -11.02 -11.81
C LYS E 2257 62.11 -11.18 -11.82
N PHE E 2258 62.68 -11.17 -13.02
CA PHE E 2258 64.15 -11.18 -13.12
C PHE E 2258 64.75 -9.95 -12.50
N THR E 2259 64.15 -8.78 -12.76
CA THR E 2259 64.64 -7.52 -12.20
C THR E 2259 63.82 -7.17 -10.95
N ASN E 2260 63.96 -8.02 -9.94
CA ASN E 2260 63.23 -7.83 -8.69
C ASN E 2260 63.97 -6.83 -7.81
N LYS E 2261 63.53 -6.70 -6.56
CA LYS E 2261 64.13 -5.72 -5.66
C LYS E 2261 65.57 -6.07 -5.33
N ALA E 2262 65.86 -7.35 -5.11
CA ALA E 2262 67.19 -7.76 -4.68
C ALA E 2262 68.23 -7.43 -5.73
N LEU E 2263 67.93 -7.68 -7.00
CA LEU E 2263 68.89 -7.38 -8.06
C LEU E 2263 69.22 -5.90 -8.09
N TYR E 2264 68.19 -5.05 -8.06
CA TYR E 2264 68.43 -3.61 -8.10
C TYR E 2264 69.23 -3.15 -6.90
N SER E 2265 68.90 -3.67 -5.72
CA SER E 2265 69.63 -3.27 -4.51
C SER E 2265 71.10 -3.64 -4.63
N TRP E 2266 71.40 -4.86 -5.08
CA TRP E 2266 72.79 -5.26 -5.21
C TRP E 2266 73.52 -4.42 -6.24
N MET E 2267 72.88 -4.17 -7.39
CA MET E 2267 73.52 -3.37 -8.43
C MET E 2267 73.85 -1.97 -7.93
N ARG E 2268 72.90 -1.32 -7.25
CA ARG E 2268 73.18 0.04 -6.82
C ARG E 2268 74.18 0.07 -5.66
N GLY E 2269 74.21 -0.95 -4.81
CA GLY E 2269 75.24 -1.01 -3.79
C GLY E 2269 76.63 -1.13 -4.38
N LYS E 2270 76.80 -2.05 -5.34
CA LYS E 2270 78.09 -2.21 -5.97
C LYS E 2270 78.51 -0.95 -6.71
N LEU E 2271 77.56 -0.31 -7.41
CA LEU E 2271 77.88 0.92 -8.13
C LEU E 2271 78.25 2.03 -7.16
N SER E 2272 77.59 2.10 -6.01
CA SER E 2272 77.93 3.12 -5.03
C SER E 2272 79.35 2.94 -4.53
N ALA E 2273 79.75 1.69 -4.24
CA ALA E 2273 81.12 1.45 -3.81
C ALA E 2273 82.12 1.84 -4.89
N ILE E 2274 81.84 1.44 -6.14
CA ILE E 2274 82.74 1.75 -7.24
C ILE E 2274 82.87 3.27 -7.40
N TYR E 2275 81.75 3.98 -7.32
CA TYR E 2275 81.76 5.43 -7.43
C TYR E 2275 82.57 6.06 -6.32
N TYR E 2276 82.41 5.55 -5.10
CA TYR E 2276 83.13 6.11 -3.96
C TYR E 2276 84.63 5.99 -4.14
N GLN E 2277 85.11 4.85 -4.66
CA GLN E 2277 86.55 4.72 -4.85
C GLN E 2277 87.03 5.53 -6.05
N PHE E 2278 86.25 5.52 -7.15
CA PHE E 2278 86.65 6.24 -8.34
C PHE E 2278 86.75 7.73 -8.10
N PHE E 2279 85.91 8.27 -7.20
CA PHE E 2279 86.00 9.70 -6.91
C PHE E 2279 87.35 10.06 -6.30
N ASP E 2280 87.81 9.25 -5.36
CA ASP E 2280 89.13 9.49 -4.78
C ASP E 2280 90.22 9.41 -5.83
N LEU E 2281 90.14 8.39 -6.70
CA LEU E 2281 91.17 8.25 -7.73
C LEU E 2281 91.21 9.48 -8.64
N THR E 2282 90.04 9.92 -9.11
CA THR E 2282 90.02 11.02 -10.06
C THR E 2282 90.38 12.34 -9.39
N GLN E 2283 90.06 12.51 -8.11
CA GLN E 2283 90.49 13.72 -7.42
C GLN E 2283 92.01 13.76 -7.28
N SER E 2284 92.62 12.61 -6.98
CA SER E 2284 94.08 12.58 -6.94
C SER E 2284 94.66 12.92 -8.30
N PHE E 2285 94.07 12.41 -9.38
CA PHE E 2285 94.54 12.75 -10.71
C PHE E 2285 94.44 14.24 -10.99
N CYS E 2286 93.31 14.85 -10.62
CA CYS E 2286 93.15 16.29 -10.83
C CYS E 2286 94.18 17.07 -10.03
N LEU E 2287 94.48 16.62 -8.81
CA LEU E 2287 95.47 17.30 -8.00
C LEU E 2287 96.86 17.25 -8.63
N MET E 2288 97.25 16.09 -9.16
CA MET E 2288 98.57 16.06 -9.79
C MET E 2288 98.60 16.88 -11.07
N ALA E 2289 97.48 16.93 -11.80
CA ALA E 2289 97.43 17.81 -12.96
C ALA E 2289 97.59 19.28 -12.56
N GLN E 2290 96.94 19.69 -11.47
CA GLN E 2290 97.09 21.06 -10.99
C GLN E 2290 98.52 21.35 -10.57
N GLU E 2291 99.17 20.38 -9.92
CA GLU E 2291 100.58 20.56 -9.56
C GLU E 2291 101.45 20.72 -10.79
N ALA E 2292 101.17 19.94 -11.84
CA ALA E 2292 101.92 20.09 -13.08
C ALA E 2292 101.73 21.47 -13.68
N LEU E 2293 100.49 21.98 -13.67
CA LEU E 2293 100.26 23.32 -14.18
C LEU E 2293 101.00 24.37 -13.36
N ARG E 2294 100.98 24.23 -12.04
CA ARG E 2294 101.68 25.17 -11.18
C ARG E 2294 103.17 25.18 -11.49
N ARG E 2295 103.75 24.00 -11.70
CA ARG E 2295 105.16 23.94 -12.08
C ARG E 2295 105.40 24.61 -13.42
N GLU E 2296 104.49 24.40 -14.38
CA GLU E 2296 104.66 24.98 -15.70
C GLU E 2296 104.64 26.50 -15.66
N LEU E 2297 103.68 27.07 -14.93
CA LEU E 2297 103.56 28.52 -14.88
C LEU E 2297 104.49 29.16 -13.85
N THR E 2298 105.15 28.37 -13.02
CA THR E 2298 106.02 28.88 -11.95
C THR E 2298 105.27 29.86 -11.05
N ASP E 2299 104.02 29.53 -10.74
CA ASP E 2299 103.17 30.36 -9.88
C ASP E 2299 102.40 29.43 -8.96
N ASN E 2300 102.88 29.30 -7.73
CA ASN E 2300 102.24 28.41 -6.76
C ASN E 2300 100.91 28.94 -6.25
N GLY E 2301 100.56 30.18 -6.56
CA GLY E 2301 99.36 30.78 -6.01
C GLY E 2301 98.06 30.37 -6.67
N VAL E 2302 98.11 29.80 -7.86
CA VAL E 2302 96.88 29.43 -8.57
C VAL E 2302 96.29 28.19 -7.93
N THR E 2303 94.99 28.23 -7.66
CA THR E 2303 94.29 27.10 -7.05
C THR E 2303 92.94 26.96 -7.73
N PHE E 2304 92.65 25.75 -8.22
CA PHE E 2304 91.42 25.49 -8.94
C PHE E 2304 90.57 24.38 -8.34
N ILE E 2305 91.18 23.37 -7.73
CA ILE E 2305 90.44 22.35 -7.01
C ILE E 2305 90.25 22.87 -5.59
N ARG E 2306 89.08 23.44 -5.33
CA ARG E 2306 88.79 24.07 -4.06
C ARG E 2306 88.03 23.17 -3.10
N GLY E 2307 87.81 21.90 -3.45
CA GLY E 2307 87.08 21.01 -2.58
C GLY E 2307 85.58 21.22 -2.68
N GLY E 2308 84.86 20.46 -1.88
CA GLY E 2308 83.42 20.52 -1.92
C GLY E 2308 82.79 19.85 -3.11
N ALA E 2309 83.56 19.12 -3.91
CA ALA E 2309 82.99 18.41 -5.05
C ALA E 2309 82.02 17.34 -4.60
N TRP E 2310 82.36 16.60 -3.55
CA TRP E 2310 81.48 15.58 -2.99
C TRP E 2310 80.66 16.23 -1.88
N ASN E 2311 79.48 16.72 -2.24
CA ASN E 2311 78.59 17.37 -1.29
C ASN E 2311 77.51 16.39 -0.87
N GLY E 2312 77.27 16.31 0.44
CA GLY E 2312 76.31 15.35 0.96
C GLY E 2312 74.88 15.64 0.58
N THR E 2313 74.57 16.87 0.18
CA THR E 2313 73.21 17.20 -0.20
C THR E 2313 72.77 16.40 -1.41
N THR E 2314 73.64 16.25 -2.40
CA THR E 2314 73.35 15.49 -3.60
C THR E 2314 73.82 14.05 -3.52
N ALA E 2315 74.25 13.62 -2.33
CA ALA E 2315 74.73 12.26 -2.11
C ALA E 2315 75.92 11.93 -3.00
N GLY E 2316 76.70 12.95 -3.35
CA GLY E 2316 77.88 12.75 -4.16
C GLY E 2316 77.64 12.72 -5.65
N LEU E 2317 76.39 12.80 -6.11
CA LEU E 2317 76.14 12.77 -7.53
C LEU E 2317 76.63 14.06 -8.18
N MET E 2318 76.80 13.99 -9.50
CA MET E 2318 77.40 15.05 -10.32
C MET E 2318 78.61 15.68 -9.63
N ALA E 2319 79.45 14.83 -9.03
CA ALA E 2319 80.75 15.30 -8.57
C ALA E 2319 81.67 15.57 -9.75
N GLY E 2320 81.55 14.77 -10.81
CA GLY E 2320 82.48 14.90 -11.93
C GLY E 2320 82.32 16.20 -12.69
N GLU E 2321 81.14 16.82 -12.64
CA GLU E 2321 80.94 18.07 -13.35
C GLU E 2321 81.83 19.17 -12.79
N THR E 2322 81.99 19.21 -11.47
CA THR E 2322 82.86 20.22 -10.87
C THR E 2322 84.30 20.02 -11.31
N LEU E 2323 84.76 18.77 -11.37
CA LEU E 2323 86.12 18.52 -11.86
C LEU E 2323 86.25 18.93 -13.32
N LEU E 2324 85.22 18.68 -14.13
CA LEU E 2324 85.27 19.09 -15.53
C LEU E 2324 85.39 20.60 -15.64
N LEU E 2325 84.61 21.34 -14.84
CA LEU E 2325 84.69 22.79 -14.88
C LEU E 2325 86.06 23.28 -14.42
N ASN E 2326 86.61 22.67 -13.38
CA ASN E 2326 87.92 23.07 -12.90
C ASN E 2326 88.99 22.81 -13.94
N LEU E 2327 88.92 21.68 -14.63
CA LEU E 2327 89.89 21.39 -15.68
C LEU E 2327 89.75 22.36 -16.83
N ALA E 2328 88.51 22.74 -17.17
CA ALA E 2328 88.31 23.73 -18.22
C ALA E 2328 88.95 25.06 -17.84
N GLU E 2329 88.77 25.49 -16.59
CA GLU E 2329 89.40 26.72 -16.13
C GLU E 2329 90.92 26.61 -16.19
N MET E 2330 91.46 25.46 -15.79
CA MET E 2330 92.90 25.26 -15.86
C MET E 2330 93.41 25.40 -17.29
N GLU E 2331 92.71 24.77 -18.24
CA GLU E 2331 93.12 24.82 -19.63
C GLU E 2331 93.05 26.25 -20.16
N LYS E 2332 91.99 26.98 -19.81
CA LYS E 2332 91.87 28.37 -20.26
C LYS E 2332 92.99 29.23 -19.72
N VAL E 2333 93.31 29.07 -18.44
CA VAL E 2333 94.40 29.84 -17.84
C VAL E 2333 95.72 29.51 -18.52
N TRP E 2334 95.96 28.22 -18.79
CA TRP E 2334 97.20 27.83 -19.45
C TRP E 2334 97.28 28.42 -20.86
N LEU E 2335 96.17 28.41 -21.58
CA LEU E 2335 96.17 28.95 -22.94
C LEU E 2335 96.41 30.45 -22.95
N GLU E 2336 95.77 31.19 -22.04
CA GLU E 2336 95.87 32.64 -22.09
C GLU E 2336 97.26 33.13 -21.69
N ARG E 2337 97.85 32.52 -20.67
CA ARG E 2337 99.13 32.98 -20.14
C ARG E 2337 100.32 32.27 -20.74
N ASP E 2338 100.11 31.41 -21.74
CA ASP E 2338 101.22 30.73 -22.39
C ASP E 2338 102.05 31.73 -23.20
N GLU E 2339 103.31 31.37 -23.42
CA GLU E 2339 104.23 32.25 -24.12
C GLU E 2339 105.37 31.42 -24.69
N ARG E 2340 105.88 31.86 -25.84
CA ARG E 2340 107.05 31.25 -26.46
C ARG E 2340 108.29 31.88 -25.85
N ALA E 2341 109.12 31.06 -25.21
CA ALA E 2341 110.26 31.55 -24.45
C ALA E 2341 111.48 31.74 -25.34
N LEU E 2342 112.27 32.76 -25.01
CA LEU E 2342 113.56 32.95 -25.67
C LEU E 2342 114.53 31.86 -25.25
N GLU E 2343 115.42 31.49 -26.16
CA GLU E 2343 116.38 30.43 -25.94
C GLU E 2343 117.79 30.99 -25.84
N VAL E 2344 118.57 30.52 -24.87
CA VAL E 2344 119.96 30.93 -24.74
C VAL E 2344 120.80 29.72 -24.38
N THR E 2345 121.94 29.57 -25.06
CA THR E 2345 122.91 28.53 -24.76
C THR E 2345 124.19 29.17 -24.21
N ARG E 2346 124.74 28.61 -23.15
CA ARG E 2346 125.92 29.14 -22.50
C ARG E 2346 126.95 28.02 -22.33
N THR E 2347 128.20 28.33 -22.65
CA THR E 2347 129.30 27.39 -22.52
C THR E 2347 130.23 27.85 -21.40
N VAL E 2348 130.50 26.95 -20.47
CA VAL E 2348 131.31 27.25 -19.29
C VAL E 2348 132.51 26.32 -19.28
N SER E 2349 133.70 26.89 -19.15
CA SER E 2349 134.93 26.14 -18.95
C SER E 2349 135.30 26.18 -17.48
N LEU E 2350 135.43 25.00 -16.87
CA LEU E 2350 135.63 24.95 -15.42
C LEU E 2350 136.98 25.51 -15.01
N ALA E 2351 138.02 25.28 -15.81
CA ALA E 2351 139.33 25.81 -15.46
C ALA E 2351 139.32 27.33 -15.44
N GLN E 2352 138.71 27.94 -16.46
CA GLN E 2352 138.61 29.39 -16.50
C GLN E 2352 137.77 29.92 -15.35
N PHE E 2353 136.67 29.23 -15.03
CA PHE E 2353 135.81 29.67 -13.94
C PHE E 2353 136.54 29.62 -12.61
N TYR E 2354 137.32 28.56 -12.37
CA TYR E 2354 138.06 28.47 -11.12
C TYR E 2354 139.18 29.49 -11.06
N GLN E 2355 139.86 29.74 -12.18
CA GLN E 2355 140.94 30.71 -12.17
C GLN E 2355 140.42 32.13 -11.95
N ALA E 2356 139.21 32.42 -12.40
CA ALA E 2356 138.65 33.76 -12.31
C ALA E 2356 137.94 34.04 -11.00
N LEU E 2357 137.88 33.07 -10.09
CA LEU E 2357 137.22 33.30 -8.82
C LEU E 2357 137.95 34.37 -8.02
N SER E 2358 137.20 35.32 -7.48
CA SER E 2358 137.80 36.44 -6.76
C SER E 2358 138.35 36.01 -5.41
N SER E 2359 137.58 35.24 -4.65
CA SER E 2359 137.96 34.91 -3.28
C SER E 2359 138.99 33.79 -3.24
N ASP E 2360 138.61 32.61 -3.74
CA ASP E 2360 139.46 31.42 -3.68
C ASP E 2360 139.61 30.89 -5.10
N ASN E 2361 140.79 31.11 -5.69
CA ASN E 2361 141.08 30.68 -7.04
C ASN E 2361 142.23 29.68 -7.02
N PHE E 2362 142.21 28.75 -7.97
CA PHE E 2362 143.25 27.73 -8.05
C PHE E 2362 143.31 27.21 -9.48
N ASN E 2363 144.45 26.59 -9.81
CA ASN E 2363 144.66 26.00 -11.12
C ASN E 2363 144.07 24.60 -11.11
N LEU E 2364 143.15 24.34 -12.05
CA LEU E 2364 142.40 23.09 -12.03
C LEU E 2364 143.30 21.89 -12.32
N THR E 2365 144.07 21.94 -13.39
CA THR E 2365 144.83 20.75 -13.80
C THR E 2365 145.98 20.48 -12.84
N GLU E 2366 146.64 21.53 -12.35
CA GLU E 2366 147.72 21.33 -11.38
C GLU E 2366 147.20 20.70 -10.10
N LYS E 2367 146.07 21.21 -9.59
CA LYS E 2367 145.49 20.64 -8.39
C LYS E 2367 145.04 19.21 -8.63
N LEU E 2368 144.49 18.93 -9.81
CA LEU E 2368 144.06 17.57 -10.12
C LEU E 2368 145.24 16.61 -10.12
N THR E 2369 146.34 17.01 -10.76
CA THR E 2369 147.53 16.16 -10.77
C THR E 2369 148.08 15.95 -9.37
N GLN E 2370 148.12 17.03 -8.57
CA GLN E 2370 148.64 16.91 -7.21
C GLN E 2370 147.78 15.98 -6.36
N PHE E 2371 146.46 16.11 -6.47
CA PHE E 2371 145.57 15.25 -5.69
C PHE E 2371 145.56 13.82 -6.22
N LEU E 2372 145.91 13.61 -7.48
CA LEU E 2372 146.05 12.25 -7.98
C LEU E 2372 147.34 11.60 -7.51
N ARG E 2373 148.41 12.40 -7.39
CA ARG E 2373 149.69 11.84 -6.95
C ARG E 2373 149.61 11.32 -5.52
N GLU E 2374 148.96 12.06 -4.63
CA GLU E 2374 148.82 11.67 -3.24
C GLU E 2374 147.33 11.58 -2.90
N GLY E 2375 146.95 10.52 -2.20
CA GLY E 2375 145.54 10.25 -1.98
C GLY E 2375 144.87 11.16 -0.96
N LYS E 2376 145.14 12.46 -1.05
CA LYS E 2376 144.46 13.45 -0.24
C LYS E 2376 144.25 14.69 -1.09
N GLY E 2377 143.27 15.50 -0.72
CA GLY E 2377 143.03 16.72 -1.46
C GLY E 2377 141.78 17.48 -1.06
N ASN E 2378 141.90 18.80 -1.01
CA ASN E 2378 140.78 19.68 -0.74
C ASN E 2378 141.19 21.10 -1.11
N VAL E 2379 140.42 21.76 -1.97
CA VAL E 2379 140.74 23.13 -2.36
C VAL E 2379 139.43 23.83 -2.71
N GLY E 2380 139.41 25.14 -2.52
CA GLY E 2380 138.24 25.95 -2.82
C GLY E 2380 137.37 26.18 -1.61
N ALA E 2381 136.26 26.86 -1.86
CA ALA E 2381 135.30 27.21 -0.82
C ALA E 2381 134.01 26.44 -1.03
N SER E 2382 133.16 26.46 0.00
CA SER E 2382 131.89 25.74 -0.07
C SER E 2382 131.04 26.28 -1.21
N GLY E 2383 130.69 25.40 -2.14
CA GLY E 2383 129.95 25.79 -3.32
C GLY E 2383 130.81 25.77 -4.57
N ASN E 2384 132.08 26.15 -4.42
CA ASN E 2384 133.06 26.12 -5.52
C ASN E 2384 134.26 25.39 -4.97
N GLU E 2385 134.27 24.06 -5.11
CA GLU E 2385 135.23 23.23 -4.40
C GLU E 2385 135.70 22.09 -5.30
N LEU E 2386 136.92 21.63 -5.03
CA LEU E 2386 137.48 20.44 -5.67
C LEU E 2386 138.11 19.59 -4.58
N LYS E 2387 137.64 18.36 -4.44
CA LYS E 2387 138.07 17.51 -3.34
C LYS E 2387 138.18 16.07 -3.80
N LEU E 2388 138.84 15.26 -2.97
CA LEU E 2388 139.00 13.82 -3.21
C LEU E 2388 138.45 13.11 -1.98
N SER E 2389 137.22 12.61 -2.07
CA SER E 2389 136.56 11.95 -0.96
C SER E 2389 136.54 10.46 -1.20
N ASN E 2390 136.93 9.69 -0.19
CA ASN E 2390 137.05 8.23 -0.29
C ASN E 2390 138.04 7.93 -1.41
N ARG E 2391 137.62 7.35 -2.54
CA ARG E 2391 138.49 7.15 -3.69
C ARG E 2391 137.89 7.78 -4.94
N GLN E 2392 137.04 8.78 -4.78
CA GLN E 2392 136.39 9.44 -5.88
C GLN E 2392 136.62 10.95 -5.81
N ILE E 2393 136.72 11.57 -6.99
CA ILE E 2393 137.04 12.98 -7.10
C ILE E 2393 135.75 13.75 -7.36
N GLU E 2394 135.51 14.79 -6.58
CA GLU E 2394 134.30 15.60 -6.68
C GLU E 2394 134.68 17.04 -7.02
N ALA E 2395 133.94 17.64 -7.94
CA ALA E 2395 134.10 19.04 -8.31
C ALA E 2395 132.72 19.69 -8.26
N SER E 2396 132.53 20.63 -7.34
CA SER E 2396 131.25 21.27 -7.13
C SER E 2396 131.33 22.74 -7.53
N VAL E 2397 130.34 23.19 -8.28
CA VAL E 2397 130.25 24.57 -8.77
C VAL E 2397 128.89 25.14 -8.37
N ARG E 2398 128.90 26.28 -7.70
CA ARG E 2398 127.65 26.92 -7.33
C ARG E 2398 126.98 27.52 -8.55
N LEU E 2399 125.65 27.38 -8.63
CA LEU E 2399 124.93 27.87 -9.80
C LEU E 2399 124.94 29.39 -9.88
N SER E 2400 124.63 30.07 -8.78
CA SER E 2400 124.50 31.52 -8.81
C SER E 2400 125.84 32.21 -9.02
N ASP E 2401 126.95 31.51 -8.83
CA ASP E 2401 128.26 32.14 -9.01
C ASP E 2401 128.62 32.35 -10.47
N LEU E 2402 127.84 31.80 -11.40
CA LEU E 2402 128.13 31.98 -12.82
C LEU E 2402 127.67 33.33 -13.35
N LYS E 2403 126.82 34.03 -12.60
CA LYS E 2403 126.31 35.35 -13.00
C LYS E 2403 125.68 35.29 -14.39
N ILE E 2404 124.91 34.23 -14.63
CA ILE E 2404 124.22 34.09 -15.92
C ILE E 2404 123.20 35.20 -16.09
N PHE E 2405 122.54 35.59 -15.00
CA PHE E 2405 121.52 36.64 -15.07
C PHE E 2405 122.06 37.95 -15.62
N SER E 2406 123.36 38.19 -15.46
CA SER E 2406 123.98 39.42 -15.94
C SER E 2406 124.41 39.34 -17.40
N ASP E 2407 124.21 38.20 -18.06
CA ASP E 2407 124.62 38.07 -19.45
C ASP E 2407 123.66 38.76 -20.41
N TYR E 2408 122.47 39.13 -19.95
CA TYR E 2408 121.47 39.77 -20.78
C TYR E 2408 120.82 40.89 -19.99
N PRO E 2409 120.23 41.87 -20.67
CA PRO E 2409 119.63 43.01 -19.96
C PRO E 2409 118.49 42.57 -19.06
N GLU E 2410 118.23 43.40 -18.04
CA GLU E 2410 117.19 43.09 -17.06
C GLU E 2410 115.81 42.95 -17.70
N SER E 2411 115.59 43.59 -18.84
CA SER E 2411 114.33 43.44 -19.56
C SER E 2411 114.32 42.08 -20.25
N LEU E 2412 113.40 41.87 -21.19
CA LEU E 2412 113.16 40.63 -21.90
C LEU E 2412 112.59 39.54 -21.00
N GLY E 2413 112.35 39.83 -19.72
CA GLY E 2413 111.83 38.84 -18.81
C GLY E 2413 112.76 38.58 -17.63
N ASN E 2414 112.18 38.18 -16.51
CA ASN E 2414 112.95 37.89 -15.31
C ASN E 2414 112.91 36.43 -14.89
N THR E 2415 112.03 35.62 -15.50
CA THR E 2415 111.91 34.21 -15.16
C THR E 2415 112.81 33.41 -16.10
N ARG E 2416 113.98 33.04 -15.62
CA ARG E 2416 114.95 32.29 -16.40
C ARG E 2416 115.25 30.99 -15.67
N GLN E 2417 115.02 29.86 -16.35
CA GLN E 2417 115.18 28.54 -15.75
C GLN E 2417 115.94 27.63 -16.70
N LEU E 2418 116.69 26.71 -16.13
CA LEU E 2418 117.44 25.75 -16.94
C LEU E 2418 116.49 24.84 -17.70
N LYS E 2419 116.92 24.43 -18.88
CA LYS E 2419 116.16 23.48 -19.67
C LYS E 2419 116.94 22.20 -19.95
N GLN E 2420 118.22 22.29 -20.26
CA GLN E 2420 119.01 21.10 -20.51
C GLN E 2420 120.48 21.38 -20.20
N VAL E 2421 121.18 20.34 -19.78
CA VAL E 2421 122.60 20.42 -19.45
C VAL E 2421 123.33 19.29 -20.16
N SER E 2422 124.44 19.62 -20.81
CA SER E 2422 125.32 18.64 -21.41
C SER E 2422 126.74 18.96 -20.97
N VAL E 2423 127.66 18.01 -21.18
CA VAL E 2423 129.01 18.15 -20.66
C VAL E 2423 129.97 17.42 -21.59
N THR E 2424 131.11 18.05 -21.85
CA THR E 2424 132.16 17.52 -22.71
C THR E 2424 133.46 17.48 -21.93
N LEU E 2425 134.19 16.37 -22.08
CA LEU E 2425 135.47 16.16 -21.41
C LEU E 2425 136.56 15.97 -22.43
N PRO E 2426 137.34 17.00 -22.75
CA PRO E 2426 138.42 16.82 -23.73
C PRO E 2426 139.60 16.05 -23.14
N ALA E 2427 139.49 14.73 -23.10
CA ALA E 2427 140.52 13.87 -22.55
C ALA E 2427 140.79 12.72 -23.49
N LEU E 2428 142.00 12.16 -23.41
CA LEU E 2428 142.38 11.02 -24.22
C LEU E 2428 141.91 9.73 -23.54
N VAL E 2429 141.03 9.00 -24.21
CA VAL E 2429 140.47 7.76 -23.69
C VAL E 2429 140.84 6.63 -24.63
N GLY E 2430 141.31 5.52 -24.07
CA GLY E 2430 141.70 4.38 -24.86
C GLY E 2430 140.53 3.72 -25.55
N PRO E 2431 140.79 2.99 -26.64
CA PRO E 2431 139.71 2.32 -27.35
C PRO E 2431 139.05 1.26 -26.49
N TYR E 2432 137.76 1.05 -26.73
CA TYR E 2432 136.94 0.09 -25.99
C TYR E 2432 136.91 0.39 -24.50
N GLU E 2433 137.08 1.66 -24.13
CA GLU E 2433 137.06 2.09 -22.74
C GLU E 2433 136.06 3.23 -22.58
N ASP E 2434 135.27 3.18 -21.51
CA ASP E 2434 134.22 4.15 -21.26
C ASP E 2434 134.55 4.95 -20.01
N ILE E 2435 134.37 6.27 -20.08
CA ILE E 2435 134.43 7.09 -18.88
C ILE E 2435 133.22 6.79 -18.01
N ARG E 2436 133.35 7.05 -16.72
CA ARG E 2436 132.26 6.83 -15.76
C ARG E 2436 132.19 8.05 -14.85
N ALA E 2437 131.19 8.91 -15.07
CA ALA E 2437 131.03 10.09 -14.25
C ALA E 2437 129.56 10.28 -13.89
N VAL E 2438 129.30 11.05 -12.84
CA VAL E 2438 127.95 11.36 -12.43
C VAL E 2438 127.82 12.86 -12.22
N LEU E 2439 126.82 13.47 -12.84
CA LEU E 2439 126.49 14.87 -12.60
C LEU E 2439 125.24 14.93 -11.75
N ASN E 2440 125.31 15.65 -10.64
CA ASN E 2440 124.25 15.66 -9.65
C ASN E 2440 123.94 17.10 -9.24
N TYR E 2441 122.71 17.32 -8.79
CA TYR E 2441 122.24 18.62 -8.32
C TYR E 2441 121.97 18.54 -6.83
N GLY E 2442 122.63 19.41 -6.06
CA GLY E 2442 122.53 19.35 -4.62
C GLY E 2442 121.64 20.41 -4.00
N GLY E 2443 120.69 20.92 -4.78
CA GLY E 2443 119.81 21.97 -4.32
C GLY E 2443 118.68 21.45 -3.45
N SER E 2444 117.72 22.34 -3.20
CA SER E 2444 116.59 22.04 -2.32
C SER E 2444 115.24 22.23 -3.00
N ILE E 2445 115.22 22.53 -4.30
CA ILE E 2445 113.97 22.73 -5.02
C ILE E 2445 113.37 21.37 -5.35
N VAL E 2446 112.04 21.27 -5.25
CA VAL E 2446 111.37 20.01 -5.52
C VAL E 2446 111.59 19.61 -6.97
N MET E 2447 111.92 18.33 -7.19
CA MET E 2447 112.29 17.79 -8.49
C MET E 2447 111.57 16.47 -8.70
N PRO E 2448 110.95 16.26 -9.86
CA PRO E 2448 110.35 14.94 -10.12
C PRO E 2448 111.40 13.83 -10.09
N ARG E 2449 110.94 12.64 -9.73
CA ARG E 2449 111.85 11.53 -9.45
C ARG E 2449 112.74 11.23 -10.65
N GLY E 2450 114.04 11.09 -10.38
CA GLY E 2450 114.99 10.73 -11.40
C GLY E 2450 115.45 11.87 -12.28
N CYS E 2451 115.00 13.10 -12.02
CA CYS E 2451 115.34 14.25 -12.85
C CYS E 2451 116.37 15.15 -12.19
N SER E 2452 117.19 14.59 -11.30
CA SER E 2452 118.17 15.37 -10.57
C SER E 2452 119.61 14.93 -10.82
N ALA E 2453 119.83 13.95 -11.68
CA ALA E 2453 121.20 13.49 -11.94
C ALA E 2453 121.26 12.83 -13.30
N ILE E 2454 122.45 12.87 -13.90
CA ILE E 2454 122.72 12.20 -15.16
C ILE E 2454 124.06 11.47 -15.04
N ALA E 2455 124.27 10.51 -15.94
CA ALA E 2455 125.47 9.71 -15.96
C ALA E 2455 126.24 9.96 -17.25
N LEU E 2456 127.56 9.84 -17.18
CA LEU E 2456 128.46 10.16 -18.26
C LEU E 2456 129.26 8.91 -18.61
N SER E 2457 129.19 8.50 -19.88
CA SER E 2457 129.88 7.32 -20.39
C SER E 2457 130.96 7.65 -21.40
N HIS E 2458 130.65 8.41 -22.44
CA HIS E 2458 131.63 8.75 -23.47
C HIS E 2458 132.19 10.16 -23.33
N GLY E 2459 131.38 11.12 -22.90
CA GLY E 2459 131.89 12.44 -22.60
C GLY E 2459 132.19 13.33 -23.79
N VAL E 2460 131.54 13.10 -24.93
CA VAL E 2460 131.66 14.00 -26.06
C VAL E 2460 130.31 14.64 -26.32
N ASN E 2461 130.11 15.83 -25.76
CA ASN E 2461 128.80 16.48 -25.76
C ASN E 2461 127.73 15.54 -25.19
N ASP E 2462 128.09 14.83 -24.14
CA ASP E 2462 127.23 13.81 -23.58
C ASP E 2462 125.99 14.43 -22.94
N SER E 2463 124.85 13.78 -23.13
CA SER E 2463 123.60 14.17 -22.49
C SER E 2463 123.07 13.11 -21.55
N GLY E 2464 123.72 11.97 -21.46
CA GLY E 2464 123.28 10.93 -20.55
C GLY E 2464 121.99 10.24 -20.95
N GLN E 2465 121.64 10.28 -22.24
CA GLN E 2465 120.40 9.68 -22.73
C GLN E 2465 120.68 8.85 -23.98
N PHE E 2466 119.72 7.98 -24.30
CA PHE E 2466 119.73 7.30 -25.59
C PHE E 2466 119.81 8.31 -26.72
N MET E 2467 118.73 9.07 -26.91
CA MET E 2467 118.70 10.20 -27.83
C MET E 2467 118.03 11.36 -27.11
N LEU E 2468 118.38 12.57 -27.54
CA LEU E 2468 117.86 13.78 -26.94
C LEU E 2468 116.72 14.31 -27.80
N ASP E 2469 115.50 14.27 -27.26
CA ASP E 2469 114.32 14.76 -27.95
C ASP E 2469 113.69 15.84 -27.08
N PHE E 2470 113.88 17.10 -27.49
CA PHE E 2470 113.40 18.21 -26.68
C PHE E 2470 111.88 18.30 -26.65
N ASN E 2471 111.19 17.56 -27.51
CA ASN E 2471 109.73 17.49 -27.50
C ASN E 2471 109.21 16.33 -26.65
N ASP E 2472 110.02 15.85 -25.70
CA ASP E 2472 109.62 14.73 -24.89
C ASP E 2472 108.41 15.06 -24.03
N SER E 2473 107.51 14.10 -23.89
CA SER E 2473 106.35 14.28 -23.03
C SER E 2473 106.72 14.33 -21.56
N ARG E 2474 107.90 13.86 -21.20
CA ARG E 2474 108.37 13.90 -19.83
C ARG E 2474 109.44 14.98 -19.66
N TYR E 2475 109.59 15.44 -18.42
CA TYR E 2475 110.55 16.50 -18.13
C TYR E 2475 111.98 16.02 -18.40
N LEU E 2476 112.78 16.90 -18.99
CA LEU E 2476 114.18 16.62 -19.17
C LEU E 2476 114.92 16.75 -17.83
N PRO E 2477 116.08 16.12 -17.70
CA PRO E 2477 116.86 16.30 -16.46
C PRO E 2477 117.25 17.75 -16.25
N PHE E 2478 117.22 18.17 -14.99
CA PHE E 2478 117.56 19.51 -14.53
C PHE E 2478 116.59 20.58 -15.01
N GLU E 2479 115.47 20.19 -15.61
CA GLU E 2479 114.51 21.17 -16.10
C GLU E 2479 113.78 21.83 -14.94
N GLY E 2480 113.55 23.14 -15.05
CA GLY E 2480 112.83 23.87 -14.05
C GLY E 2480 113.68 24.47 -12.94
N ILE E 2481 114.97 24.18 -12.92
CA ILE E 2481 115.85 24.75 -11.91
C ILE E 2481 116.12 26.20 -12.24
N SER E 2482 115.85 27.09 -11.29
CA SER E 2482 116.11 28.50 -11.51
C SER E 2482 117.59 28.77 -11.68
N VAL E 2483 117.93 29.68 -12.59
CA VAL E 2483 119.32 30.00 -12.83
C VAL E 2483 119.95 30.70 -11.64
N ASN E 2484 119.19 31.53 -10.94
CA ASN E 2484 119.69 32.27 -9.78
C ASN E 2484 119.67 31.44 -8.50
N ASP E 2485 119.53 30.12 -8.61
CA ASP E 2485 119.47 29.27 -7.44
C ASP E 2485 120.81 29.26 -6.71
N SER E 2486 120.75 29.03 -5.40
CA SER E 2486 121.94 28.91 -4.57
C SER E 2486 122.50 27.50 -4.53
N GLY E 2487 121.86 26.55 -5.20
CA GLY E 2487 122.35 25.19 -5.21
C GLY E 2487 123.62 25.07 -6.04
N SER E 2488 124.21 23.87 -5.98
CA SER E 2488 125.47 23.60 -6.66
C SER E 2488 125.37 22.31 -7.46
N LEU E 2489 126.05 22.30 -8.60
CA LEU E 2489 126.15 21.12 -9.44
C LEU E 2489 127.48 20.43 -9.15
N THR E 2490 127.43 19.12 -8.93
CA THR E 2490 128.59 18.34 -8.55
C THR E 2490 128.89 17.29 -9.61
N LEU E 2491 130.14 17.25 -10.06
CA LEU E 2491 130.62 16.22 -10.97
C LEU E 2491 131.49 15.26 -10.18
N SER E 2492 131.17 13.97 -10.24
CA SER E 2492 131.84 12.95 -9.44
C SER E 2492 132.43 11.90 -10.37
N PHE E 2493 133.73 11.64 -10.20
CA PHE E 2493 134.42 10.56 -10.88
C PHE E 2493 134.77 9.48 -9.87
N PRO E 2494 134.12 8.32 -9.91
CA PRO E 2494 134.45 7.25 -8.96
C PRO E 2494 135.59 6.38 -9.46
N ASP E 2495 136.24 5.73 -8.50
CA ASP E 2495 137.33 4.79 -8.76
C ASP E 2495 138.44 5.45 -9.59
N ALA E 2496 138.78 6.68 -9.21
CA ALA E 2496 139.82 7.45 -9.88
C ALA E 2496 141.10 7.48 -9.08
N THR E 2497 141.48 6.35 -8.49
CA THR E 2497 142.59 6.30 -7.55
C THR E 2497 143.72 5.35 -7.95
N ASP E 2498 143.46 4.14 -8.45
CA ASP E 2498 142.44 3.20 -8.94
C ASP E 2498 142.28 3.29 -10.46
N ARG E 2499 141.20 2.71 -10.97
CA ARG E 2499 141.10 2.43 -12.40
C ARG E 2499 141.15 3.70 -13.25
N GLN E 2500 140.42 4.73 -12.85
CA GLN E 2500 140.29 5.94 -13.66
C GLN E 2500 141.42 6.93 -13.44
N LYS E 2501 142.56 6.48 -12.91
CA LYS E 2501 143.66 7.40 -12.63
C LYS E 2501 144.27 7.93 -13.92
N ALA E 2502 144.58 7.04 -14.86
CA ALA E 2502 145.25 7.46 -16.09
C ALA E 2502 144.39 8.40 -16.91
N LEU E 2503 143.09 8.09 -17.02
CA LEU E 2503 142.20 8.95 -17.79
C LEU E 2503 142.12 10.34 -17.17
N LEU E 2504 142.03 10.41 -15.84
CA LEU E 2504 141.98 11.71 -15.19
C LEU E 2504 143.29 12.47 -15.31
N GLU E 2505 144.42 11.75 -15.33
CA GLU E 2505 145.69 12.42 -15.62
C GLU E 2505 145.70 13.02 -17.02
N SER E 2506 145.15 12.28 -17.99
CA SER E 2506 145.08 12.80 -19.35
C SER E 2506 144.07 13.92 -19.50
N LEU E 2507 143.21 14.13 -18.52
CA LEU E 2507 142.16 15.14 -18.64
C LEU E 2507 142.76 16.54 -18.66
N SER E 2508 142.19 17.40 -19.50
CA SER E 2508 142.61 18.80 -19.60
C SER E 2508 141.72 19.71 -18.76
N ASP E 2509 140.42 19.72 -19.03
CA ASP E 2509 139.46 20.50 -18.27
C ASP E 2509 138.06 19.98 -18.57
N ILE E 2510 137.05 20.69 -18.08
CA ILE E 2510 135.66 20.26 -18.20
C ILE E 2510 134.85 21.37 -18.85
N ILE E 2511 134.01 21.00 -19.82
CA ILE E 2511 133.16 21.94 -20.54
C ILE E 2511 131.71 21.62 -20.22
N LEU E 2512 130.92 22.64 -19.91
CA LEU E 2512 129.49 22.50 -19.66
C LEU E 2512 128.72 23.33 -20.68
N HIS E 2513 127.64 22.75 -21.22
CA HIS E 2513 126.74 23.44 -22.13
C HIS E 2513 125.37 23.50 -21.45
N ILE E 2514 124.93 24.70 -21.11
CA ILE E 2514 123.65 24.90 -20.42
C ILE E 2514 122.72 25.63 -21.36
N ARG E 2515 121.60 24.99 -21.70
CA ARG E 2515 120.57 25.60 -22.52
C ARG E 2515 119.39 25.95 -21.63
N TYR E 2516 118.99 27.22 -21.64
CA TYR E 2516 117.91 27.69 -20.77
C TYR E 2516 117.02 28.65 -21.54
N THR E 2517 115.95 29.07 -20.88
CA THR E 2517 114.91 29.87 -21.49
C THR E 2517 114.68 31.14 -20.69
N ILE E 2518 114.15 32.15 -21.37
CA ILE E 2518 113.84 33.45 -20.79
C ILE E 2518 112.39 33.79 -21.10
N ARG E 2519 111.65 34.20 -20.08
CA ARG E 2519 110.26 34.57 -20.25
C ARG E 2519 109.98 35.98 -19.73
#